data_7D0J
#
_entry.id   7D0J
#
_cell.length_a   1.00
_cell.length_b   1.00
_cell.length_c   1.00
_cell.angle_alpha   90.00
_cell.angle_beta   90.00
_cell.angle_gamma   90.00
#
_symmetry.space_group_name_H-M   'P 1'
#
loop_
_entity.id
_entity.type
_entity.pdbx_description
1 polymer 'Photosystem I P700 chlorophyll a apoprotein A1'
2 polymer 'Photosystem I P700 chlorophyll a apoprotein A2'
3 polymer 'Photosystem I iron-sulfur center'
4 polymer 'Photosystem I reaction center subunit II, chloroplastic'
5 polymer 'Photosystem I reaction center subunit IV, chloroplastic'
6 polymer 'Photosystem I reaction center subunit F, Photosystem I reaction center subunit III, chloroplastic'
7 polymer 'Photosystem I reaction center subunit V, chloroplastic'
8 polymer 'Photosystem I reaction center subunit VI, chloroplastic'
9 polymer 'Photosystem I reaction center subunit VIII'
10 polymer 'Photosystem I reaction center subunit IX'
11 polymer 'Photosystem I reaction center subunit psaK, chloroplastic'
12 polymer 'PSI subunit V'
13 polymer 'Photosystem I subunit O'
14 polymer 'Chlorophyll a-b binding protein, chloroplastic'
15 polymer 'Chlorophyll a-b binding protein, chloroplastic'
16 polymer 'Chlorophyll a-b binding protein, chloroplastic'
17 polymer 'Chlorophyll a-b binding protein, chloroplastic'
18 polymer 'Chlorophyll a-b binding protein, chloroplastic'
19 polymer 'Chlorophyll a-b binding protein, chloroplastic'
20 polymer 'Chlorophyll a-b binding protein, chloroplastic'
21 polymer 'Chlorophyll a-b binding protein, chloroplastic'
22 polymer 'Chlorophyll a-b binding protein, chloroplastic'
23 polymer 'Chlorophyll a-b binding protein, chloroplastic'
24 polymer 'Chlorophyll a-b binding protein, chloroplastic'
25 non-polymer 'CHLOROPHYLL A'
26 non-polymer PHYLLOQUINONE
27 non-polymer 1,2-DIPALMITOYL-PHOSPHATIDYL-GLYCEROLE
28 non-polymer BETA-CAROTENE
29 non-polymer 'IRON/SULFUR CLUSTER'
30 non-polymer 'DIGALACTOSYL DIACYL GLYCEROL (DGDG)'
31 non-polymer 1,2-DI-O-ACYL-3-O-[6-DEOXY-6-SULFO-ALPHA-D-GLUCOPYRANOSYL]-SN-GLYCEROL
32 non-polymer 1,2-DISTEAROYL-MONOGALACTOSYL-DIGLYCERIDE
33 non-polymer 'CHLOROPHYLL B'
34 non-polymer "(3R,3'R,6S)-4,5-DIDEHYDRO-5,6-DIHYDRO-BETA,BETA-CAROTENE-3,3'-DIOL"
35 non-polymer "(3S,5R,6S,3'S,5'R,6'S)-5,6,5',6'-DIEPOXY-5,6,5',6'- TETRAHYDRO-BETA,BETA-CAROTENE-3,3'-DIOL"
36 non-polymer (1R,3R)-6-{(3E,5E,7E,9E,11E,13E,15E,17E)-18-[(1S,4R,6R)-4-HYDROXY-2,2,6-TRIMETHYL-7-OXABICYCLO[4.1.0]HEPT-1-YL]-3,7,12,16-TETRAMETHYLOCTADECA-1,3,5,7,9,11,13,15,17-NONAENYLIDENE}-1,5,5-TRIMETHYLCYCLOHEXANE-1,3-DIOL
#
loop_
_entity_poly.entity_id
_entity_poly.type
_entity_poly.pdbx_seq_one_letter_code
_entity_poly.pdbx_strand_id
1 'polypeptide(L)'
;KVKIAVDRNPVETSFEKWAKPGHFSRTLSKGPNTTTWIWNLHADAHDFDSHTSDLEEISRKVFSAHFGQLGIIFIWLSGM
YFHGARFSNYEAWLSDPTHIKPSAQVVWPIVGQEILNGDVGGGFQGIQITSGFFQLWRASGITSELQLYTTAIGGLVMAA
AMFFAGWFHYHKAAPKLEWFQNVESMLNHHLGGLLGLGSLAWAGHQIHVSLPVNKLLDAGVDPKEIPLPHDLLLNRAIMA
DLYPSFAKGIAPFFTLNWSEYSDFLTFKGGLNPVTGGLWLSDTAHHHVAIAVLFLVAGHMYRTNWGIGHSMKEILEAHRG
PFTGEGHVGLYEILTTSWHAQLAINLALFGSLSIIVAHHMYAMPPYPYLATDYGTQLSLFTHHTWIGGFCIVGAGAHAAI
FMVRDYDPTNNYNNLLDRVIRHRDAIISHLNWVCIFLGFHSFGLYIHNDTMSALGRPQDMFSDTAIQLQPVFAQWIQNTH
FLAPQLTAPNALAATSLTWGGDLVAVGGKVAMMPISLGTSDFMVHHIHAFTIHVTVLILLKGVLFARSSRLIPDKANLGF
RFPCDGPGRGGTCQVSAWDHVFLGLFWMYNSLSIVIFHFSWKMQSDVWGTVTASGVSHITGGNFAQSANTINGWLRDFLW
AQSSQVIQSYGSALSAYGLIFLGAHFVWAFSLMFLFSGRGYWQELIESIVWAHNKLKVAPAIQPRALSITQGRAVGVAHY
LLGGIATTWSFFLARIISVG
;
A
2 'polypeptide(L)'
;ATKLFPKFSQGLAQDPTTRRIWYGLAMAHDFESHDGMTEENLYQKIFASHFGQLSIIFLWTSGNLFHVAWQGNFEQWVTD
PVHIRPIAHAIWDPHFGQPAVEAFTRGGASGPVNISTSGVYQWWYTIGMRTNQDLYVGSVFLALVSAIFLFAGWLHLQPN
FQPSLSWFKDAESRLNHHLSGLFGVSSLAWTGHLVHVAIPESRGQHVGWDNFLSVLPHPQGLTPFFTGNWAAYAQSPDTA
SHVFGTAQGSGQAILTFLGGFHPQTQSLWLTDMAHHHLAIAVIFIVAGHMYRTNFGIGHRMQAILEAHTPPSGSLGAGHK
GLFDTVNNSLHFQLGLALASVGTITSLVAQHMYSLPPYAFQAIDFTTQAALYTHHQYIAGFIMCGAFAHGAIFFIRDYDP
EQNKGNVLARMLDHKEALISHLSWVSLFLGFHTLGLYVHNDVMQAFGTPEKQILIEPVFAQWIQAAHGKALYGFDFLLSS
KTSAAFANGQSLWLPGWLDAINNNQNSLFLTIGPGDFLVHHAIALGLHTTTLILVKGALDARGSKLMPDKKDFGYSFPCD
GPGRGGTCDISAYDAFYLAVFWMLNTIGWVTFYWHWKHLTLWQGNVAQFDESSTYLMGWLRDYLWLNSSQLINGYNPFGM
NSLSVWAWTFLFGHLIYATGFMFLISWRGYWQELIETLVWAHEKTPLANLVYWKDKPVALSIVQARLVGLAHFSVGYIFT
YAAFLIASTSGRFG
;
B
3 'polypeptide(L)' AHIVKIYDTCIGCTQCVRACPLDVLEMVPWDGCKASQMASAPRTEDCVGCKRCETACPTDFLSVRVYLGSESTRSMGLSY C
4 'polypeptide(L)'
;WTVPTLNPDTPSPIFGGSTGGLLRKAQTEEFYVITWEAKKEQIFEMPTGGAAIMRQGPNLLKFGKKEQCLALTTQLRNKF
KLTPCFYRVFPDGKVQYLHPADGVYPEKVNAGRVGANQNMRRIGQNVNPIKVKFSGRMMSPAEI
;
D
5 'polypeptide(L)' EVGPKRGSLVKILRPESYWFNQVGKVVSVDQSGVRYPVVVRFENQNYAGVTTNNYALDEVVAA E
6 'polypeptide(L)'
;DIAGLTPCSESKAYAKLEKKELKTLEKRLKQYEADSAPAVALKATMERTKARFANYAKAGLLCGNDGLPHLIADPGLALK
YGHAGEVFIPTFGFLYVAGYIGYVGRQYLIAVKGEAKPTDKEIIIDVPLATKLAWQGAGWPLAAVQELQRGTLLEKEENI
TVSPR
;
F
7 'polypeptide(L)'
;LDPQIVISGSTAAFLAIGRFVFLGYQRREANFDSTVGPKTTGATYFDDLQKNSTIFATNDPAGFNIIDVAGWGALGHAVG
FAVLAINSLQG
;
G
8 'polypeptide(L)'
;KYGENSRYFDLQDMENTTGSWDMYGVDEKKRYPDNQAKFFTQATDIISRRESLRALVALSGIAAIVTYGLKGAKDADLPI
TKGPQTTGENGKGGSVRSRL
;
H
9 'polypeptide(L)' PFVPPSWAPSVFVPLTGLVLPAIAMATLFVYIEKEAP I
10 'polypeptide(L)' MKDFTTYLSTAPVIATIWFTFTAGLLIEINRYFPDPLVFSF J
11 'polypeptide(L)'
;FIGSSTNLIMVASTTATLAAARFGLAPTVKKNTTAGLKLVDSKNSAGVISNDPAGFTIVDVLAMGAAGHGLGVGIVLGLK
GIGAL
;
K
12 'polypeptide(L)'
;KKAQVISPVNGDPFVGMLETPVTSAPIVATYLSNLPAYRTGVAPVLRGVEIGLAHGFLLAGPFIKLGPLRNVPETAEIAG
SLSAAGLVLILALCLSIYGSAQFQSTPSIGVKTLSGRSVARDPLFSADGWSEFAAGFLVGGEAGVAWAYVCTQILPYYS
;
L
13 'polypeptide(L)'
;ASNKSFPRDWVKTDPLVPVLGFAGWTIPANIGVSAFGGQSLFGLFTQSIGENLAHFPTGPALDDKFWLYLITYHLGLFLT
ITLGQIGVQGRKQ
;
O
14 'polypeptide(L)'
;IEFYGPNRAKWLGPYSENATPAYLTGEFPGDYGWDTAGLSADPETFKRYRELELIHARWAMLGALGCITPELLAKSGTQF
GEAVWFKAGAQIFSEGGLDYLGNPSLVHAQNIVATLAVQVILMGLVEGYRVNGGPAGEGLDPLYPGESFDPLGLADDPDT
FAELKVKEIKNGRLAMFSMFGFFVQAIVTGKGPIQNLDDHLSNPTVNNAFAFATKFTPS
;
P,Q,R,T,U
15 'polypeptide(L)'
;KK(TPO)AAKAAAPKSSGVEFYGPNRAKWLGPYSENSTPAYLTGEFPGDYGWDTAGLSADPETFKRYRELELIHARWAML
GALGCLTPELLAKNGTKFGEAVWFKAGAQIFSEGGLDYLGNPSLVHAQNIVATLAVQVILMGLIEGYRVNGGPAGEGLDP
LYPGESFDPLGLADDPDTFAELKVKEIKNGRLAMFSMFGFFVQAIVTGKGPVQNLDDHLANPTVNNAFAFATKFTPSA
;
S
16 'polypeptide(L)'
;KAGNWLPGSDAPAWLPDDLPGNYGFDPLSLGKEPASLKRFTESEVIHGRWAMLGVAGSLAVELLGYGNWYDAPLWAVNGG
KATWFGIEVPFDLNALLAFEFVAMAAAEGQRGDAGGVVYPGGAFDPLGFAKDSSKSGELKLKEIKNGRLAMVAFLGFVAQ
HAATGKGPIAALGEHLANPWGANFATNGISVPFF
;
1,a
17 'polypeptide(L)'
;RPMWYPGATAPAHLDGSMLGDYGFDPLRLGVNKDNLKWFREAELTNGRWAMAAVVGILFTDAVGLPKFWTAGAEKYALDN
QTLALIEVAVFAVLEGKRYEIYKKTGETGFLSFAPFDPMGMKSEEMKLKELKNGRLAMLAFLGFCSQAAVYGKGPIETLQ
LHLADPGHNNIYTSSVGPETAVTVAVLCVLPMIIEATKTLN
;
2
18 'polypeptide(L)'
;LPGDFGFDPLGLLDPVNSGGFIEPKWLQYSEVIHARWAMLGAAGCIAPEVLGAAGLIPDATNIKWFESGVIPPAGSYNGY
WADPYTIFFVEIVAMQFAELRRLQDFRYPGSMGQQYFLGLEAIFKGSGDAAYPGGPFFNLFNLGKTEAAMKELKLKEIKN
GRLAMLAMLGYGAQAVMTGKGPFQNLVEHLADPVNNNILTNFA
;
3
19 'polypeptide(L)'
;LPSWMPGADLPGYLNGTLPGDFGFDPLYLGQDPVKLKWYAQAELMNARFAMLAVAGILVPELLSNIGFSWPGAGVAWYDA
GKFEYFAPASSLFGVQMLLFAWVEIRRYQDFVKPGSANQDPIFTNNKLPDGNEPGYPGGIFDPFGWSKGDIKSLKLKEIK
NGRLAMLAFAGFIGQAYTTGTTPLKNLSTHLADPWSTTVWQNDLA
;
4
20 'polypeptide(L)'
;RKLWAPGVVAPEYLKGDLAGDYGWDPLGLGADPTALKWYRQSELQHARWAMLGVAGVLVQEIVKPDVYFYEAGLPQNLPE
PFTNINMGGLLAWEFILMHWVEVRRWQDYKNFGSVNEDPIFKGNKVPNPEMGYPGGIFDPFGFSKGNLKELQTKEIKNGR
LAMIAYMAFILQAQATGKGPLAALSAHLSNPFGNNILKNIGTCTVPHSVDVQGLTIPLTCLWPGS
;
5
21 'polypeptide(L)'
;SRPLWLPGSTPPAHLKGDLPGDFGFDPLGLGANAESLKWFKESELVHSRWAMAAVAGILVQEIVRPDVFWYNAGKEVESP
LGPLGLLAVEFFLMHWVEVRRWQDLRKPGSVDQDPIFSQYKLPPHEVGYPGGVFAPFIPGDLAELKVKEIKNGRLAMLAF
VGFVMAAQVTGKGPIAALQEHLADPWGTTIFSKAAVVPGQAVAPPCKIPASVSYKGIEIPTPCFLQGLWP
;
6
22 'polypeptide(L)'
;VRPVWFPGNPPPAHLDGSLAGDYGFDPLFLGQEPQTLKWYVQAELVHGRFAMLGAAGIILTSIGAKVGLGFPEWYDAGKV
VVEKNNIDFPTLMVIQFYLMGWAETKRWYDFKNPGSQADGSFLGFTEEFKGLENGYPGGRFFDPMGLSRGDAAKYQEYKQ
KEVKNGRLAMIACLGFAAQYAATGKGPLDNLADHLADPNHVNFATNGVSNPIA
;
7
23 'polypeptide(L)'
;RQSWLPGSQIPAHLDTPAAQALAGNFGFDPLGLGKDPVALRWYQQAELIHCRTAMAGVAGILIPGLLTKAGALNVPEWYD
AGKVAIENSFAPWGSLLAVQLFLCGFVEAKRWQDIRKPGSQGEPGSFLGFEASLKGTSELGYPGGPFDPLGLSKEADKWA
DWKLKEVKNGRLAMLAFLGFVAQKYATGAGPVDNLAAHLKDPWHVNYATNGVSLPFL
;
8
24 'polypeptide(L)'
;PTWLPGLNPPAHLKGALAGDNGFDPLGLGQDEGRLKWYAEAEKTNGRWAMMAVAGILGQELLGVTPAWWEAGAKEYDIPA
QALTPIEFIVMGFLEIKRYQGFKQTGTSGFINSFPFDPAGMNSPSMATKEVKNGRLAMVAFIGFCVQALATRTQPIEGLT
AHLADPFGKNITYYLTHLPETL
;
9
#
loop_
_chem_comp.id
_chem_comp.type
_chem_comp.name
_chem_comp.formula
BCR non-polymer BETA-CAROTENE 'C40 H56'
CHL non-polymer 'CHLOROPHYLL B' 'C55 H70 Mg N4 O6 2'
CLA non-polymer 'CHLOROPHYLL A' 'C55 H72 Mg N4 O5'
DGD saccharide 'DIGALACTOSYL DIACYL GLYCEROL (DGDG)' 'C51 H96 O15'
LHG non-polymer 1,2-DIPALMITOYL-PHOSPHATIDYL-GLYCEROLE 'C38 H75 O10 P'
LMG non-polymer 1,2-DISTEAROYL-MONOGALACTOSYL-DIGLYCERIDE 'C45 H86 O10'
LUT non-polymer (3R,3'R,6S)-4,5-DIDEHYDRO-5,6-DIHYDRO-BETA,BETA-CAROTENE-3,3'-DIOL 'C40 H56 O2'
NEX non-polymer (1R,3R)-6-{(3E,5E,7E,9E,11E,13E,15E,17E)-18-[(1S,4R,6R)-4-HYDROXY-2,2,6-TRIMETHYL-7-OXABICYCLO[4.1.0]HEPT-1-YL]-3,7,12,16-TETRAMETHYLOCTADECA-1,3,5,7,9,11,13,15,17-NONAENYLIDENE}-1,5,5-TRIMETHYLCYCLOHEXANE-1,3-DIOL 'C40 H56 O4'
PQN non-polymer PHYLLOQUINONE 'C31 H46 O2'
SF4 non-polymer 'IRON/SULFUR CLUSTER' 'Fe4 S4'
SQD non-polymer 1,2-DI-O-ACYL-3-O-[6-DEOXY-6-SULFO-ALPHA-D-GLUCOPYRANOSYL]-SN-GLYCEROL 'C41 H78 O12 S'
XAT non-polymer '(3S,5R,6S,3'S,5'R,6'S)-5,6,5',6'-DIEPOXY-5,6,5',6'- TETRAHYDRO-BETA,BETA-CAROTENE-3,3'-DIOL' 'C40 H56 O4'
#
# COMPACT_ATOMS: atom_id res chain seq x y z
N LYS A 1 -52.35 6.97 -5.94
CA LYS A 1 -53.03 5.68 -5.92
C LYS A 1 -52.03 4.54 -5.99
N VAL A 2 -51.65 4.02 -4.82
CA VAL A 2 -50.69 2.93 -4.72
C VAL A 2 -51.48 1.63 -4.65
N LYS A 3 -51.08 0.66 -5.46
CA LYS A 3 -51.88 -0.55 -5.64
C LYS A 3 -50.97 -1.65 -6.18
N ILE A 4 -51.55 -2.81 -6.40
CA ILE A 4 -50.83 -3.95 -6.94
C ILE A 4 -50.94 -3.94 -8.45
N ALA A 5 -49.82 -4.19 -9.13
CA ALA A 5 -49.79 -4.21 -10.59
C ALA A 5 -48.84 -5.33 -11.01
N VAL A 6 -49.41 -6.46 -11.42
CA VAL A 6 -48.65 -7.66 -11.71
C VAL A 6 -49.03 -8.16 -13.10
N ASP A 7 -48.03 -8.60 -13.85
CA ASP A 7 -48.23 -9.25 -15.14
C ASP A 7 -48.15 -10.76 -14.98
N ARG A 8 -48.71 -11.45 -15.97
CA ARG A 8 -48.96 -12.88 -15.91
C ARG A 8 -48.08 -13.61 -16.92
N ASN A 9 -47.34 -14.59 -16.45
CA ASN A 9 -46.57 -15.51 -17.29
C ASN A 9 -45.69 -14.80 -18.28
N PRO A 10 -44.76 -13.96 -17.89
CA PRO A 10 -43.93 -13.26 -18.88
C PRO A 10 -42.89 -14.16 -19.51
N VAL A 11 -42.26 -15.04 -18.75
CA VAL A 11 -41.15 -15.86 -19.25
C VAL A 11 -41.45 -17.31 -18.90
N GLU A 12 -41.52 -18.17 -19.92
CA GLU A 12 -41.86 -19.55 -19.68
C GLU A 12 -40.69 -20.30 -19.06
N THR A 13 -40.99 -21.49 -18.54
CA THR A 13 -40.02 -22.27 -17.77
C THR A 13 -39.58 -23.46 -18.61
N SER A 14 -38.34 -23.42 -19.10
CA SER A 14 -37.80 -24.53 -19.87
C SER A 14 -36.29 -24.51 -19.75
N PHE A 15 -35.68 -25.67 -19.95
CA PHE A 15 -34.23 -25.77 -19.87
C PHE A 15 -33.54 -25.31 -21.14
N GLU A 16 -34.29 -24.71 -22.07
CA GLU A 16 -33.77 -24.50 -23.42
C GLU A 16 -32.56 -23.61 -23.42
N LYS A 17 -32.57 -22.55 -22.61
CA LYS A 17 -31.47 -21.62 -22.61
C LYS A 17 -30.34 -22.06 -21.69
N TRP A 18 -30.48 -23.17 -20.98
CA TRP A 18 -29.35 -23.64 -20.20
C TRP A 18 -28.30 -24.33 -21.06
N ALA A 19 -28.68 -24.81 -22.23
CA ALA A 19 -27.73 -25.44 -23.14
C ALA A 19 -27.13 -24.44 -24.12
N LYS A 20 -27.43 -23.16 -23.95
CA LYS A 20 -26.95 -22.10 -24.84
C LYS A 20 -26.25 -21.07 -23.96
N PRO A 21 -24.99 -21.30 -23.64
CA PRO A 21 -24.28 -20.39 -22.74
C PRO A 21 -24.17 -19.00 -23.34
N GLY A 22 -24.21 -18.00 -22.48
CA GLY A 22 -24.13 -16.62 -22.94
C GLY A 22 -25.32 -16.20 -23.77
N HIS A 23 -26.50 -16.66 -23.40
CA HIS A 23 -27.69 -16.29 -24.14
C HIS A 23 -28.15 -14.87 -23.84
N PHE A 24 -27.66 -14.26 -22.77
CA PHE A 24 -28.29 -13.04 -22.29
C PHE A 24 -27.96 -11.82 -23.14
N SER A 25 -26.76 -11.74 -23.71
CA SER A 25 -26.36 -10.54 -24.40
C SER A 25 -26.19 -10.79 -25.90
N ARG A 26 -26.22 -9.70 -26.66
CA ARG A 26 -26.05 -9.80 -28.10
C ARG A 26 -24.61 -10.12 -28.47
N THR A 27 -23.66 -9.57 -27.74
CA THR A 27 -22.25 -9.78 -28.07
C THR A 27 -21.82 -11.20 -27.75
N LEU A 28 -22.20 -11.69 -26.57
CA LEU A 28 -21.73 -12.99 -26.10
C LEU A 28 -22.33 -14.16 -26.86
N SER A 29 -23.48 -13.96 -27.51
CA SER A 29 -24.30 -15.08 -27.93
C SER A 29 -23.65 -15.94 -29.00
N LYS A 30 -22.83 -15.35 -29.86
CA LYS A 30 -22.43 -16.05 -31.07
C LYS A 30 -21.45 -17.20 -30.83
N GLY A 31 -21.02 -17.44 -29.61
CA GLY A 31 -20.15 -18.56 -29.34
C GLY A 31 -18.71 -18.13 -29.20
N PRO A 32 -17.89 -18.99 -28.63
CA PRO A 32 -16.50 -18.61 -28.36
C PRO A 32 -15.64 -18.68 -29.60
N ASN A 33 -14.62 -17.83 -29.61
CA ASN A 33 -13.48 -18.00 -30.50
C ASN A 33 -12.15 -17.79 -29.81
N THR A 34 -12.13 -17.17 -28.63
CA THR A 34 -10.94 -16.99 -27.83
C THR A 34 -11.26 -17.42 -26.42
N THR A 35 -10.27 -17.40 -25.54
CA THR A 35 -10.57 -17.62 -24.15
C THR A 35 -10.96 -16.36 -23.41
N THR A 36 -10.97 -15.21 -24.09
CA THR A 36 -11.54 -14.02 -23.47
C THR A 36 -13.03 -14.16 -23.29
N TRP A 37 -13.66 -15.00 -24.11
CA TRP A 37 -15.11 -15.08 -24.09
C TRP A 37 -15.61 -15.79 -22.84
N ILE A 38 -14.83 -16.71 -22.27
CA ILE A 38 -15.26 -17.33 -21.03
C ILE A 38 -15.30 -16.31 -19.91
N TRP A 39 -14.23 -15.53 -19.77
CA TRP A 39 -14.21 -14.52 -18.73
C TRP A 39 -15.24 -13.43 -18.99
N ASN A 40 -15.59 -13.19 -20.25
CA ASN A 40 -16.68 -12.26 -20.52
C ASN A 40 -18.03 -12.86 -20.17
N LEU A 41 -18.17 -14.18 -20.30
CA LEU A 41 -19.39 -14.82 -19.88
C LEU A 41 -19.59 -14.69 -18.38
N HIS A 42 -18.51 -14.83 -17.61
CA HIS A 42 -18.66 -14.68 -16.17
C HIS A 42 -18.66 -13.23 -15.70
N ALA A 43 -18.08 -12.32 -16.47
CA ALA A 43 -17.99 -10.95 -16.00
C ALA A 43 -19.32 -10.22 -16.10
N ASP A 44 -20.12 -10.52 -17.11
CA ASP A 44 -21.34 -9.76 -17.36
C ASP A 44 -22.60 -10.52 -16.99
N ALA A 45 -22.49 -11.49 -16.08
CA ALA A 45 -23.65 -12.31 -15.76
C ALA A 45 -24.68 -11.52 -14.96
N HIS A 46 -24.25 -10.75 -13.99
CA HIS A 46 -25.15 -9.97 -13.16
C HIS A 46 -25.24 -8.52 -13.56
N ASP A 47 -24.57 -8.12 -14.65
CA ASP A 47 -24.66 -6.74 -15.09
C ASP A 47 -26.01 -6.55 -15.76
N PHE A 48 -27.04 -6.42 -14.93
CA PHE A 48 -28.39 -6.44 -15.45
C PHE A 48 -28.73 -5.22 -16.31
N ASP A 49 -27.91 -4.18 -16.27
CA ASP A 49 -28.11 -3.06 -17.18
C ASP A 49 -27.54 -3.32 -18.56
N SER A 50 -26.78 -4.41 -18.73
CA SER A 50 -26.11 -4.69 -20.00
C SER A 50 -26.77 -5.82 -20.77
N HIS A 51 -27.96 -6.24 -20.36
CA HIS A 51 -28.77 -7.10 -21.21
C HIS A 51 -29.74 -6.25 -22.04
N THR A 52 -30.58 -5.50 -21.36
CA THR A 52 -31.61 -4.67 -21.98
C THR A 52 -31.41 -3.22 -21.58
N SER A 53 -32.40 -2.40 -21.89
CA SER A 53 -32.37 -0.99 -21.52
C SER A 53 -33.68 -0.51 -20.91
N ASP A 54 -34.46 -1.42 -20.34
CA ASP A 54 -35.76 -1.09 -19.77
C ASP A 54 -35.72 -1.29 -18.26
N LEU A 55 -36.34 -0.37 -17.53
CA LEU A 55 -36.34 -0.42 -16.07
C LEU A 55 -37.10 -1.64 -15.57
N GLU A 56 -38.26 -1.95 -16.14
CA GLU A 56 -39.13 -2.96 -15.57
C GLU A 56 -38.45 -4.31 -15.51
N GLU A 57 -37.84 -4.70 -16.61
CA GLU A 57 -37.22 -6.01 -16.68
C GLU A 57 -36.05 -6.10 -15.70
N ILE A 58 -35.26 -5.03 -15.60
CA ILE A 58 -34.17 -5.03 -14.64
C ILE A 58 -34.70 -5.18 -13.23
N SER A 59 -35.80 -4.49 -12.93
CA SER A 59 -36.35 -4.56 -11.59
C SER A 59 -36.83 -5.95 -11.26
N ARG A 60 -37.51 -6.61 -12.20
CA ARG A 60 -37.95 -7.97 -11.95
C ARG A 60 -36.75 -8.89 -11.72
N LYS A 61 -35.69 -8.69 -12.51
CA LYS A 61 -34.50 -9.51 -12.33
C LYS A 61 -33.93 -9.35 -10.93
N VAL A 62 -33.77 -8.12 -10.47
CA VAL A 62 -33.13 -7.91 -9.18
C VAL A 62 -34.02 -8.40 -8.06
N PHE A 63 -35.34 -8.32 -8.24
CA PHE A 63 -36.27 -8.86 -7.24
C PHE A 63 -36.08 -10.36 -7.07
N SER A 64 -36.12 -11.10 -8.17
CA SER A 64 -35.98 -12.54 -8.01
C SER A 64 -34.59 -12.93 -7.54
N ALA A 65 -33.56 -12.19 -7.96
CA ALA A 65 -32.23 -12.48 -7.47
C ALA A 65 -32.15 -12.29 -5.96
N HIS A 66 -32.81 -11.25 -5.45
CA HIS A 66 -32.87 -11.08 -4.00
C HIS A 66 -33.46 -12.31 -3.35
N PHE A 67 -34.51 -12.86 -3.93
CA PHE A 67 -35.06 -14.08 -3.35
C PHE A 67 -34.03 -15.20 -3.32
N GLY A 68 -33.25 -15.33 -4.39
CA GLY A 68 -32.22 -16.35 -4.39
C GLY A 68 -31.22 -16.16 -3.25
N GLN A 69 -30.79 -14.91 -3.04
CA GLN A 69 -29.84 -14.66 -1.96
C GLN A 69 -30.43 -15.04 -0.61
N LEU A 70 -31.68 -14.68 -0.38
CA LEU A 70 -32.32 -15.04 0.89
C LEU A 70 -32.37 -16.55 1.06
N GLY A 71 -32.69 -17.27 -0.01
CA GLY A 71 -32.73 -18.71 0.09
C GLY A 71 -31.40 -19.31 0.51
N ILE A 72 -30.31 -18.82 -0.09
CA ILE A 72 -29.02 -19.40 0.27
C ILE A 72 -28.68 -19.07 1.71
N ILE A 73 -29.05 -17.88 2.17
CA ILE A 73 -28.81 -17.57 3.58
C ILE A 73 -29.56 -18.53 4.48
N PHE A 74 -30.79 -18.88 4.11
CA PHE A 74 -31.53 -19.82 4.96
C PHE A 74 -30.89 -21.19 4.95
N ILE A 75 -30.39 -21.63 3.81
CA ILE A 75 -29.69 -22.91 3.79
C ILE A 75 -28.49 -22.85 4.73
N TRP A 76 -27.79 -21.73 4.75
CA TRP A 76 -26.64 -21.59 5.63
C TRP A 76 -27.04 -21.65 7.10
N LEU A 77 -28.07 -20.90 7.49
CA LEU A 77 -28.51 -20.92 8.87
C LEU A 77 -28.96 -22.31 9.27
N SER A 78 -29.68 -22.98 8.38
CA SER A 78 -30.13 -24.33 8.67
C SER A 78 -28.95 -25.25 8.88
N GLY A 79 -27.91 -25.12 8.07
CA GLY A 79 -26.72 -25.89 8.30
C GLY A 79 -26.10 -25.63 9.67
N MET A 80 -26.06 -24.37 10.08
CA MET A 80 -25.46 -24.06 11.37
C MET A 80 -26.25 -24.70 12.51
N TYR A 81 -27.58 -24.57 12.47
CA TYR A 81 -28.36 -25.16 13.54
C TYR A 81 -28.27 -26.68 13.53
N PHE A 82 -28.22 -27.27 12.34
CA PHE A 82 -28.09 -28.73 12.27
C PHE A 82 -26.77 -29.19 12.86
N HIS A 83 -25.67 -28.55 12.47
CA HIS A 83 -24.37 -28.94 13.00
C HIS A 83 -24.30 -28.71 14.49
N GLY A 84 -24.98 -27.68 15.00
CA GLY A 84 -25.07 -27.53 16.43
C GLY A 84 -25.83 -28.67 17.07
N ALA A 85 -26.86 -29.16 16.40
CA ALA A 85 -27.70 -30.20 16.97
C ALA A 85 -27.00 -31.54 17.02
N ARG A 86 -26.35 -31.94 15.93
CA ARG A 86 -25.89 -33.31 15.79
C ARG A 86 -24.43 -33.52 16.13
N PHE A 87 -23.54 -32.63 15.69
CA PHE A 87 -22.11 -32.87 15.77
C PHE A 87 -21.42 -31.97 16.78
N SER A 88 -22.07 -31.65 17.89
CA SER A 88 -21.46 -30.71 18.83
C SER A 88 -21.49 -31.24 20.25
N ASN A 89 -21.15 -30.40 21.21
CA ASN A 89 -21.27 -30.72 22.62
C ASN A 89 -22.01 -29.60 23.33
N TYR A 90 -23.13 -29.19 22.74
CA TYR A 90 -23.87 -28.05 23.27
C TYR A 90 -24.42 -28.34 24.66
N GLU A 91 -24.97 -29.54 24.87
CA GLU A 91 -25.54 -29.82 26.17
C GLU A 91 -24.45 -29.92 27.24
N ALA A 92 -23.33 -30.55 26.91
CA ALA A 92 -22.21 -30.57 27.84
C ALA A 92 -21.68 -29.17 28.09
N TRP A 93 -21.87 -28.25 27.14
CA TRP A 93 -21.46 -26.87 27.38
C TRP A 93 -22.43 -26.18 28.33
N LEU A 94 -23.73 -26.42 28.16
CA LEU A 94 -24.70 -25.83 29.06
C LEU A 94 -24.50 -26.33 30.48
N SER A 95 -24.06 -27.57 30.65
CA SER A 95 -23.85 -28.06 32.00
C SER A 95 -22.74 -27.30 32.71
N ASP A 96 -21.73 -26.84 31.98
CA ASP A 96 -20.61 -26.10 32.57
C ASP A 96 -19.97 -25.23 31.49
N PRO A 97 -20.31 -23.94 31.44
CA PRO A 97 -19.78 -23.09 30.37
C PRO A 97 -18.29 -22.85 30.48
N THR A 98 -17.78 -22.62 31.68
CA THR A 98 -16.33 -22.52 31.84
C THR A 98 -15.71 -23.91 31.72
N HIS A 99 -14.44 -23.93 31.33
CA HIS A 99 -13.61 -25.13 31.27
C HIS A 99 -14.07 -26.11 30.20
N ILE A 100 -15.13 -25.83 29.46
CA ILE A 100 -15.58 -26.68 28.37
C ILE A 100 -15.68 -25.81 27.14
N LYS A 101 -14.84 -26.07 26.15
CA LYS A 101 -14.76 -25.09 25.08
C LYS A 101 -15.71 -25.45 23.95
N PRO A 102 -16.31 -24.45 23.31
CA PRO A 102 -17.33 -24.73 22.29
C PRO A 102 -16.72 -25.40 21.07
N SER A 103 -17.34 -26.51 20.65
CA SER A 103 -16.90 -27.25 19.47
C SER A 103 -18.11 -27.68 18.66
N ALA A 104 -18.08 -27.46 17.35
CA ALA A 104 -19.23 -27.79 16.54
C ALA A 104 -18.86 -28.37 15.18
N GLN A 105 -17.75 -29.10 15.09
CA GLN A 105 -17.34 -29.66 13.82
C GLN A 105 -16.44 -30.87 14.07
N VAL A 106 -16.68 -31.95 13.35
CA VAL A 106 -15.94 -33.20 13.54
C VAL A 106 -15.43 -33.66 12.19
N VAL A 107 -14.15 -33.99 12.11
CA VAL A 107 -13.54 -34.43 10.88
C VAL A 107 -13.47 -35.96 10.87
N TRP A 108 -13.32 -36.53 9.67
CA TRP A 108 -13.34 -37.95 9.39
C TRP A 108 -11.94 -38.55 9.54
N PRO A 109 -11.85 -39.75 10.08
CA PRO A 109 -10.55 -40.41 10.29
C PRO A 109 -9.95 -40.98 9.02
N ILE A 110 -9.20 -40.13 8.32
CA ILE A 110 -8.50 -40.45 7.08
C ILE A 110 -7.06 -40.00 7.31
N VAL A 111 -6.32 -39.74 6.23
CA VAL A 111 -4.86 -39.77 6.14
C VAL A 111 -4.10 -39.24 7.35
N GLY A 112 -4.80 -38.60 8.28
CA GLY A 112 -4.12 -38.16 9.49
C GLY A 112 -4.71 -36.87 10.01
N GLN A 113 -5.71 -36.37 9.28
CA GLN A 113 -6.41 -35.17 9.71
C GLN A 113 -7.14 -35.37 11.03
N GLU A 114 -7.20 -36.58 11.55
CA GLU A 114 -7.90 -36.80 12.81
C GLU A 114 -7.17 -36.20 13.99
N ILE A 115 -5.92 -35.77 13.81
CA ILE A 115 -5.27 -35.01 14.86
C ILE A 115 -5.86 -33.62 15.01
N LEU A 116 -6.64 -33.16 14.02
CA LEU A 116 -7.30 -31.88 14.16
C LEU A 116 -8.43 -31.92 15.16
N ASN A 117 -8.94 -33.10 15.51
CA ASN A 117 -9.97 -33.20 16.52
C ASN A 117 -9.37 -32.92 17.88
N GLY A 118 -9.65 -31.73 18.43
CA GLY A 118 -9.05 -31.33 19.67
C GLY A 118 -9.81 -31.79 20.89
N ASP A 119 -9.13 -31.76 22.03
CA ASP A 119 -9.75 -32.11 23.31
C ASP A 119 -10.46 -30.87 23.86
N VAL A 120 -11.68 -30.67 23.36
CA VAL A 120 -12.45 -29.48 23.70
C VAL A 120 -13.19 -29.60 25.02
N GLY A 121 -13.08 -30.73 25.69
CA GLY A 121 -13.76 -30.87 26.97
C GLY A 121 -15.18 -31.37 26.82
N GLY A 122 -15.59 -32.16 27.81
CA GLY A 122 -16.93 -32.74 27.79
C GLY A 122 -17.04 -34.09 27.14
N GLY A 123 -15.94 -34.85 27.07
CA GLY A 123 -15.98 -36.14 26.41
C GLY A 123 -16.22 -36.06 24.92
N PHE A 124 -15.75 -34.99 24.29
CA PHE A 124 -16.02 -34.71 22.90
C PHE A 124 -14.71 -34.35 22.20
N GLN A 125 -14.68 -34.53 20.89
CA GLN A 125 -13.49 -34.22 20.12
C GLN A 125 -13.88 -33.51 18.84
N GLY A 126 -13.15 -32.45 18.50
CA GLY A 126 -13.46 -31.71 17.30
C GLY A 126 -12.72 -30.39 17.26
N ILE A 127 -13.22 -29.50 16.40
CA ILE A 127 -12.57 -28.23 16.12
C ILE A 127 -13.30 -27.13 16.86
N GLN A 128 -12.57 -26.33 17.62
CA GLN A 128 -13.22 -25.29 18.41
C GLN A 128 -13.78 -24.21 17.50
N ILE A 129 -14.99 -23.83 17.72
CA ILE A 129 -15.60 -22.76 16.95
C ILE A 129 -15.42 -21.45 17.70
N THR A 130 -15.19 -20.38 16.96
CA THR A 130 -15.23 -19.05 17.52
C THR A 130 -16.43 -18.26 17.03
N SER A 131 -17.26 -18.84 16.16
CA SER A 131 -18.38 -18.10 15.64
C SER A 131 -19.39 -17.74 16.71
N GLY A 132 -19.34 -18.40 17.86
CA GLY A 132 -20.17 -18.02 18.98
C GLY A 132 -21.66 -18.24 18.78
N PHE A 133 -22.05 -19.36 18.20
CA PHE A 133 -23.46 -19.69 18.21
C PHE A 133 -23.92 -20.20 19.56
N PHE A 134 -23.03 -20.74 20.37
CA PHE A 134 -23.48 -21.33 21.63
C PHE A 134 -23.99 -20.26 22.58
N GLN A 135 -23.29 -19.15 22.66
CA GLN A 135 -23.76 -18.07 23.52
C GLN A 135 -25.07 -17.49 22.98
N LEU A 136 -25.21 -17.41 21.67
CA LEU A 136 -26.47 -16.94 21.09
C LEU A 136 -27.61 -17.86 21.47
N TRP A 137 -27.40 -19.18 21.37
CA TRP A 137 -28.46 -20.13 21.68
C TRP A 137 -28.82 -20.10 23.16
N ARG A 138 -27.82 -19.95 24.03
CA ARG A 138 -28.18 -19.82 25.43
C ARG A 138 -28.91 -18.51 25.70
N ALA A 139 -28.63 -17.47 24.92
CA ALA A 139 -29.37 -16.24 25.10
C ALA A 139 -30.81 -16.37 24.64
N SER A 140 -31.07 -17.25 23.68
CA SER A 140 -32.45 -17.42 23.26
C SER A 140 -33.23 -18.36 24.17
N GLY A 141 -32.56 -19.15 24.99
CA GLY A 141 -33.23 -20.07 25.88
C GLY A 141 -33.18 -21.53 25.47
N ILE A 142 -32.43 -21.86 24.43
CA ILE A 142 -32.39 -23.23 23.92
C ILE A 142 -31.63 -24.11 24.89
N THR A 143 -32.28 -25.19 25.34
CA THR A 143 -31.69 -26.09 26.32
C THR A 143 -31.42 -27.48 25.79
N SER A 144 -32.00 -27.86 24.66
CA SER A 144 -31.91 -29.22 24.17
C SER A 144 -31.48 -29.22 22.72
N GLU A 145 -30.89 -30.34 22.29
CA GLU A 145 -30.53 -30.49 20.89
C GLU A 145 -31.74 -30.71 20.00
N LEU A 146 -32.85 -31.18 20.56
CA LEU A 146 -34.04 -31.40 19.76
C LEU A 146 -34.57 -30.09 19.20
N GLN A 147 -34.56 -29.03 20.01
CA GLN A 147 -35.03 -27.75 19.51
C GLN A 147 -34.12 -27.22 18.41
N LEU A 148 -32.82 -27.46 18.52
CA LEU A 148 -31.91 -27.09 17.44
C LEU A 148 -32.25 -27.85 16.18
N TYR A 149 -32.52 -29.15 16.29
CA TYR A 149 -32.86 -29.92 15.10
C TYR A 149 -34.15 -29.42 14.45
N THR A 150 -35.15 -29.08 15.28
CA THR A 150 -36.39 -28.54 14.74
C THR A 150 -36.14 -27.22 14.03
N THR A 151 -35.30 -26.38 14.63
CA THR A 151 -34.98 -25.11 13.97
C THR A 151 -34.28 -25.36 12.64
N ALA A 152 -33.44 -26.39 12.57
CA ALA A 152 -32.77 -26.71 11.32
C ALA A 152 -33.79 -27.08 10.25
N ILE A 153 -34.74 -27.94 10.59
CA ILE A 153 -35.74 -28.33 9.60
C ILE A 153 -36.56 -27.13 9.17
N GLY A 154 -36.92 -26.26 10.12
CA GLY A 154 -37.66 -25.06 9.77
C GLY A 154 -36.88 -24.17 8.83
N GLY A 155 -35.59 -24.01 9.08
CA GLY A 155 -34.77 -23.21 8.19
C GLY A 155 -34.74 -23.76 6.78
N LEU A 156 -34.57 -25.07 6.65
CA LEU A 156 -34.56 -25.66 5.32
C LEU A 156 -35.89 -25.44 4.61
N VAL A 157 -37.00 -25.57 5.34
CA VAL A 157 -38.31 -25.37 4.72
C VAL A 157 -38.45 -23.93 4.24
N MET A 158 -38.03 -22.98 5.07
CA MET A 158 -38.10 -21.58 4.63
C MET A 158 -37.22 -21.34 3.42
N ALA A 159 -36.10 -22.05 3.31
CA ALA A 159 -35.23 -21.89 2.14
C ALA A 159 -35.95 -22.33 0.87
N ALA A 160 -36.59 -23.49 0.93
CA ALA A 160 -37.36 -23.94 -0.23
C ALA A 160 -38.46 -22.94 -0.55
N ALA A 161 -39.08 -22.38 0.48
CA ALA A 161 -40.09 -21.36 0.25
C ALA A 161 -39.50 -20.18 -0.52
N MET A 162 -38.30 -19.77 -0.16
CA MET A 162 -37.71 -18.60 -0.81
C MET A 162 -37.38 -18.88 -2.26
N PHE A 163 -36.81 -20.05 -2.56
CA PHE A 163 -36.52 -20.34 -3.96
C PHE A 163 -37.81 -20.43 -4.79
N PHE A 164 -38.85 -21.06 -4.23
CA PHE A 164 -40.12 -21.07 -4.95
C PHE A 164 -40.65 -19.66 -5.15
N ALA A 165 -40.50 -18.81 -4.14
CA ALA A 165 -40.98 -17.45 -4.27
C ALA A 165 -40.28 -16.75 -5.41
N GLY A 166 -38.97 -16.93 -5.51
CA GLY A 166 -38.24 -16.30 -6.61
C GLY A 166 -38.72 -16.80 -7.96
N TRP A 167 -38.89 -18.11 -8.09
CA TRP A 167 -39.40 -18.64 -9.33
C TRP A 167 -40.76 -18.06 -9.66
N PHE A 168 -41.63 -17.98 -8.66
CA PHE A 168 -42.97 -17.47 -8.88
C PHE A 168 -42.94 -16.05 -9.37
N HIS A 169 -42.14 -15.21 -8.74
CA HIS A 169 -42.19 -13.79 -9.09
C HIS A 169 -41.37 -13.44 -10.31
N TYR A 170 -40.55 -14.34 -10.83
CA TYR A 170 -40.01 -14.01 -12.14
C TYR A 170 -40.85 -14.61 -13.26
N HIS A 171 -41.38 -15.83 -13.07
CA HIS A 171 -42.00 -16.53 -14.19
C HIS A 171 -43.51 -16.48 -14.20
N LYS A 172 -44.18 -16.53 -13.05
CA LYS A 172 -45.63 -16.65 -13.05
C LYS A 172 -46.33 -15.32 -12.78
N ALA A 173 -45.95 -14.62 -11.72
CA ALA A 173 -46.57 -13.34 -11.38
C ALA A 173 -45.46 -12.31 -11.21
N ALA A 174 -45.15 -11.62 -12.28
CA ALA A 174 -44.03 -10.69 -12.18
C ALA A 174 -44.55 -9.27 -12.09
N PRO A 175 -44.13 -8.48 -11.11
CA PRO A 175 -44.73 -7.16 -10.93
C PRO A 175 -44.37 -6.22 -12.06
N LYS A 176 -45.16 -5.16 -12.20
CA LYS A 176 -44.87 -4.16 -13.20
C LYS A 176 -43.86 -3.17 -12.61
N LEU A 177 -43.56 -2.11 -13.35
CA LEU A 177 -42.65 -1.09 -12.85
C LEU A 177 -43.25 -0.32 -11.71
N GLU A 178 -44.43 0.23 -11.91
CA GLU A 178 -44.94 1.18 -10.93
C GLU A 178 -45.25 0.51 -9.61
N TRP A 179 -45.20 -0.82 -9.53
CA TRP A 179 -45.14 -1.44 -8.23
C TRP A 179 -43.86 -1.05 -7.51
N PHE A 180 -42.73 -1.06 -8.22
CA PHE A 180 -41.44 -0.78 -7.59
C PHE A 180 -41.31 0.68 -7.21
N GLN A 181 -41.80 1.58 -8.05
CA GLN A 181 -41.57 2.99 -7.87
C GLN A 181 -42.43 3.62 -6.79
N ASN A 182 -43.07 2.83 -5.94
CA ASN A 182 -43.81 3.37 -4.80
C ASN A 182 -42.91 3.25 -3.58
N VAL A 183 -41.93 4.15 -3.51
CA VAL A 183 -40.95 4.07 -2.44
C VAL A 183 -41.57 4.44 -1.11
N GLU A 184 -42.58 5.30 -1.10
CA GLU A 184 -43.15 5.70 0.18
C GLU A 184 -43.87 4.55 0.85
N SER A 185 -44.61 3.76 0.09
CA SER A 185 -45.24 2.58 0.67
C SER A 185 -44.19 1.60 1.16
N MET A 186 -43.09 1.47 0.42
CA MET A 186 -42.03 0.57 0.86
C MET A 186 -41.42 1.06 2.17
N LEU A 187 -41.24 2.37 2.32
CA LEU A 187 -40.69 2.90 3.57
C LEU A 187 -41.64 2.60 4.72
N ASN A 188 -42.93 2.88 4.53
CA ASN A 188 -43.87 2.61 5.60
C ASN A 188 -43.83 1.14 6.00
N HIS A 189 -43.87 0.25 5.01
CA HIS A 189 -43.97 -1.15 5.37
C HIS A 189 -42.67 -1.67 5.95
N HIS A 190 -41.53 -1.23 5.45
CA HIS A 190 -40.30 -1.70 6.07
C HIS A 190 -40.17 -1.17 7.49
N LEU A 191 -40.19 0.15 7.66
CA LEU A 191 -40.05 0.73 8.98
C LEU A 191 -41.05 0.15 9.97
N GLY A 192 -42.33 0.14 9.62
CA GLY A 192 -43.26 -0.48 10.54
C GLY A 192 -43.08 -1.97 10.58
N GLY A 193 -43.50 -2.67 9.55
CA GLY A 193 -43.52 -4.11 9.55
C GLY A 193 -42.19 -4.73 9.91
N LEU A 194 -41.18 -4.64 9.05
CA LEU A 194 -40.01 -5.45 9.26
C LEU A 194 -39.32 -5.10 10.57
N LEU A 195 -38.75 -3.90 10.65
CA LEU A 195 -38.02 -3.52 11.84
C LEU A 195 -38.92 -3.50 13.07
N GLY A 196 -40.01 -2.75 13.01
CA GLY A 196 -40.83 -2.65 14.20
C GLY A 196 -41.44 -3.94 14.67
N LEU A 197 -42.23 -4.63 13.84
CA LEU A 197 -42.87 -5.84 14.30
C LEU A 197 -41.87 -6.93 14.59
N GLY A 198 -40.70 -6.95 13.92
CA GLY A 198 -39.68 -7.86 14.34
C GLY A 198 -39.20 -7.57 15.75
N SER A 199 -39.01 -6.29 16.06
CA SER A 199 -38.59 -5.96 17.41
C SER A 199 -39.66 -6.36 18.42
N LEU A 200 -40.91 -6.08 18.10
CA LEU A 200 -41.98 -6.40 19.04
C LEU A 200 -42.11 -7.90 19.25
N ALA A 201 -42.06 -8.68 18.17
CA ALA A 201 -42.13 -10.12 18.30
C ALA A 201 -40.95 -10.67 19.10
N TRP A 202 -39.75 -10.18 18.82
CA TRP A 202 -38.61 -10.70 19.56
C TRP A 202 -38.68 -10.27 21.03
N ALA A 203 -39.23 -9.10 21.31
CA ALA A 203 -39.46 -8.74 22.70
C ALA A 203 -40.38 -9.75 23.34
N GLY A 204 -41.42 -10.15 22.62
CA GLY A 204 -42.31 -11.17 23.14
C GLY A 204 -41.56 -12.43 23.48
N HIS A 205 -40.71 -12.89 22.55
CA HIS A 205 -40.01 -14.13 22.79
C HIS A 205 -39.07 -14.02 23.98
N GLN A 206 -38.39 -12.89 24.11
CA GLN A 206 -37.52 -12.73 25.26
C GLN A 206 -38.31 -12.79 26.55
N ILE A 207 -39.37 -11.98 26.64
CA ILE A 207 -40.13 -11.89 27.89
C ILE A 207 -40.69 -13.24 28.28
N HIS A 208 -41.11 -14.04 27.30
CA HIS A 208 -41.80 -15.27 27.65
C HIS A 208 -40.93 -16.52 27.60
N VAL A 209 -39.71 -16.45 27.08
CA VAL A 209 -38.87 -17.64 27.10
C VAL A 209 -37.49 -17.32 27.67
N SER A 210 -36.85 -16.27 27.15
CA SER A 210 -35.43 -16.07 27.43
C SER A 210 -35.19 -15.51 28.82
N LEU A 211 -36.07 -14.66 29.34
CA LEU A 211 -35.90 -14.19 30.70
C LEU A 211 -35.98 -15.31 31.72
N PRO A 212 -37.05 -16.14 31.74
CA PRO A 212 -37.14 -17.12 32.84
C PRO A 212 -36.16 -18.26 32.70
N VAL A 213 -35.94 -18.77 31.50
CA VAL A 213 -35.02 -19.88 31.34
C VAL A 213 -33.62 -19.46 31.75
N ASN A 214 -33.18 -18.28 31.32
CA ASN A 214 -31.86 -17.82 31.73
C ASN A 214 -31.82 -17.48 33.21
N LYS A 215 -32.95 -17.04 33.78
CA LYS A 215 -32.98 -16.82 35.22
C LYS A 215 -32.75 -18.12 35.98
N LEU A 216 -33.34 -19.21 35.50
CA LEU A 216 -33.10 -20.49 36.14
C LEU A 216 -31.69 -21.00 35.90
N LEU A 217 -31.19 -20.85 34.67
CA LEU A 217 -29.84 -21.34 34.38
C LEU A 217 -28.81 -20.61 35.20
N ASP A 218 -28.95 -19.29 35.34
CA ASP A 218 -28.04 -18.53 36.19
C ASP A 218 -28.33 -18.72 37.67
N ALA A 219 -29.51 -19.23 38.01
CA ALA A 219 -29.79 -19.57 39.39
C ALA A 219 -29.04 -20.82 39.83
N GLY A 220 -28.61 -21.66 38.90
CA GLY A 220 -27.78 -22.81 39.22
C GLY A 220 -28.38 -24.16 38.92
N VAL A 221 -29.65 -24.28 38.58
CA VAL A 221 -30.25 -25.58 38.30
C VAL A 221 -29.81 -26.04 36.92
N ASP A 222 -29.58 -27.33 36.76
CA ASP A 222 -29.11 -27.85 35.49
C ASP A 222 -30.23 -27.79 34.45
N PRO A 223 -29.89 -27.73 33.16
CA PRO A 223 -30.88 -27.35 32.15
C PRO A 223 -32.03 -28.33 31.98
N LYS A 224 -31.87 -29.60 32.36
CA LYS A 224 -32.93 -30.56 32.10
C LYS A 224 -34.13 -30.35 33.02
N GLU A 225 -33.89 -29.99 34.27
CA GLU A 225 -34.96 -29.78 35.24
C GLU A 225 -35.75 -28.52 34.98
N ILE A 226 -35.22 -27.64 34.14
CA ILE A 226 -35.92 -26.38 33.85
C ILE A 226 -37.16 -26.67 33.02
N PRO A 227 -38.30 -26.06 33.34
CA PRO A 227 -39.52 -26.36 32.59
C PRO A 227 -39.43 -25.95 31.14
N LEU A 228 -40.12 -26.69 30.29
CA LEU A 228 -40.16 -26.35 28.89
C LEU A 228 -40.92 -25.05 28.71
N PRO A 229 -40.59 -24.28 27.68
CA PRO A 229 -41.19 -22.94 27.54
C PRO A 229 -42.69 -22.94 27.31
N HIS A 230 -43.27 -24.00 26.74
CA HIS A 230 -44.72 -23.95 26.59
C HIS A 230 -45.41 -24.09 27.93
N ASP A 231 -44.75 -24.71 28.91
CA ASP A 231 -45.27 -24.65 30.27
C ASP A 231 -45.19 -23.24 30.83
N LEU A 232 -44.26 -22.44 30.36
CA LEU A 232 -44.18 -21.05 30.78
C LEU A 232 -45.24 -20.20 30.11
N LEU A 233 -45.60 -20.52 28.87
CA LEU A 233 -46.71 -19.82 28.23
C LEU A 233 -48.05 -20.18 28.86
N LEU A 234 -48.27 -21.47 29.08
CA LEU A 234 -49.59 -21.94 29.48
C LEU A 234 -49.86 -21.68 30.95
N ASN A 235 -48.88 -21.90 31.81
CA ASN A 235 -49.05 -21.77 33.24
C ASN A 235 -48.63 -20.36 33.66
N ARG A 236 -49.59 -19.53 34.04
CA ARG A 236 -49.22 -18.19 34.49
C ARG A 236 -48.52 -18.22 35.84
N ALA A 237 -48.92 -19.14 36.71
CA ALA A 237 -48.45 -19.11 38.09
C ALA A 237 -46.94 -19.36 38.22
N ILE A 238 -46.32 -20.04 37.26
CA ILE A 238 -44.87 -20.19 37.30
C ILE A 238 -44.20 -18.85 37.06
N MET A 239 -44.66 -18.12 36.04
CA MET A 239 -44.19 -16.76 35.85
C MET A 239 -44.48 -15.90 37.06
N ALA A 240 -45.62 -16.14 37.73
CA ALA A 240 -45.91 -15.39 38.94
C ALA A 240 -44.94 -15.74 40.05
N ASP A 241 -44.44 -16.97 40.07
CA ASP A 241 -43.39 -17.30 41.01
C ASP A 241 -42.11 -16.55 40.69
N LEU A 242 -41.74 -16.47 39.42
CA LEU A 242 -40.48 -15.83 39.07
C LEU A 242 -40.59 -14.31 39.18
N TYR A 243 -41.49 -13.70 38.43
CA TYR A 243 -41.68 -12.25 38.46
C TYR A 243 -43.11 -11.93 38.85
N PRO A 244 -43.36 -11.40 40.05
CA PRO A 244 -44.74 -11.29 40.54
C PRO A 244 -45.62 -10.34 39.73
N SER A 245 -45.05 -9.50 38.87
CA SER A 245 -45.89 -8.65 38.04
C SER A 245 -46.81 -9.46 37.16
N PHE A 246 -46.35 -10.63 36.71
CA PHE A 246 -47.19 -11.44 35.84
C PHE A 246 -48.44 -11.93 36.54
N ALA A 247 -48.48 -11.91 37.87
CA ALA A 247 -49.72 -12.34 38.50
C ALA A 247 -50.84 -11.35 38.27
N LYS A 248 -50.53 -10.13 37.90
CA LYS A 248 -51.58 -9.17 37.60
C LYS A 248 -51.97 -9.18 36.13
N GLY A 249 -51.31 -10.00 35.32
CA GLY A 249 -51.69 -10.12 33.94
C GLY A 249 -51.38 -8.87 33.15
N ILE A 250 -52.25 -8.58 32.19
CA ILE A 250 -52.07 -7.46 31.29
C ILE A 250 -52.97 -6.29 31.69
N ALA A 251 -53.37 -6.23 32.94
CA ALA A 251 -54.14 -5.10 33.41
C ALA A 251 -53.29 -3.84 33.55
N PRO A 252 -52.06 -3.93 34.08
CA PRO A 252 -51.24 -2.71 34.15
C PRO A 252 -50.98 -2.08 32.80
N PHE A 253 -50.86 -2.86 31.74
CA PHE A 253 -50.52 -2.27 30.45
C PHE A 253 -51.64 -1.38 29.94
N PHE A 254 -52.88 -1.86 29.98
CA PHE A 254 -53.96 -1.13 29.35
C PHE A 254 -54.50 0.02 30.18
N THR A 255 -54.10 0.15 31.45
CA THR A 255 -54.52 1.29 32.26
C THR A 255 -53.36 2.23 32.56
N LEU A 256 -52.30 2.16 31.77
CA LEU A 256 -51.16 3.07 31.86
C LEU A 256 -50.46 3.01 33.20
N ASN A 257 -50.61 1.93 33.95
CA ASN A 257 -49.90 1.77 35.20
C ASN A 257 -48.63 0.96 34.98
N TRP A 258 -47.77 1.46 34.10
CA TRP A 258 -46.63 0.65 33.67
C TRP A 258 -45.59 0.47 34.76
N SER A 259 -45.66 1.24 35.83
CA SER A 259 -44.63 1.15 36.86
C SER A 259 -44.60 -0.20 37.54
N GLU A 260 -45.66 -1.00 37.39
CA GLU A 260 -45.67 -2.32 38.00
C GLU A 260 -44.93 -3.36 37.18
N TYR A 261 -44.46 -3.01 36.00
CA TYR A 261 -43.64 -3.94 35.23
C TYR A 261 -42.16 -3.75 35.50
N SER A 262 -41.79 -3.28 36.68
CA SER A 262 -40.40 -3.02 36.96
C SER A 262 -39.62 -4.27 37.32
N ASP A 263 -40.23 -5.44 37.21
CA ASP A 263 -39.53 -6.67 37.56
C ASP A 263 -38.88 -7.33 36.36
N PHE A 264 -39.40 -7.11 35.17
CA PHE A 264 -38.83 -7.71 33.98
C PHE A 264 -38.58 -6.72 32.86
N LEU A 265 -38.77 -5.42 33.10
CA LEU A 265 -38.42 -4.36 32.16
C LEU A 265 -37.62 -3.35 32.96
N THR A 266 -36.31 -3.50 33.01
CA THR A 266 -35.48 -2.72 33.91
C THR A 266 -34.65 -1.71 33.15
N PHE A 267 -33.79 -1.01 33.90
CA PHE A 267 -32.88 -0.01 33.36
C PHE A 267 -31.52 -0.06 34.05
N LYS A 268 -31.22 -1.13 34.78
CA LYS A 268 -29.92 -1.26 35.42
C LYS A 268 -28.82 -1.35 34.37
N GLY A 269 -27.63 -0.90 34.73
CA GLY A 269 -26.67 -0.60 33.68
C GLY A 269 -25.63 -1.62 33.26
N GLY A 270 -24.80 -2.08 34.18
CA GLY A 270 -23.51 -2.60 33.75
C GLY A 270 -23.49 -3.95 33.06
N LEU A 271 -23.68 -5.01 33.82
CA LEU A 271 -23.46 -6.37 33.33
C LEU A 271 -24.06 -7.32 34.35
N ASN A 272 -24.17 -8.59 33.95
CA ASN A 272 -24.58 -9.62 34.88
C ASN A 272 -23.33 -10.16 35.53
N PRO A 273 -23.12 -9.93 36.83
CA PRO A 273 -21.83 -10.31 37.44
C PRO A 273 -21.60 -11.80 37.50
N VAL A 274 -22.66 -12.61 37.51
CA VAL A 274 -22.48 -14.07 37.53
C VAL A 274 -22.29 -14.64 36.13
N THR A 275 -22.52 -13.84 35.09
CA THR A 275 -22.54 -14.33 33.72
C THR A 275 -21.52 -13.65 32.82
N GLY A 276 -21.45 -12.33 32.85
CA GLY A 276 -20.58 -11.60 31.96
C GLY A 276 -21.27 -10.98 30.77
N GLY A 277 -22.58 -11.14 30.65
CA GLY A 277 -23.36 -10.51 29.60
C GLY A 277 -24.23 -9.39 30.12
N LEU A 278 -25.05 -8.86 29.22
CA LEU A 278 -25.99 -7.83 29.59
C LEU A 278 -27.16 -8.42 30.36
N TRP A 279 -27.85 -7.57 31.11
CA TRP A 279 -29.08 -8.01 31.76
C TRP A 279 -30.16 -8.19 30.71
N LEU A 280 -30.82 -9.34 30.74
CA LEU A 280 -31.82 -9.60 29.71
C LEU A 280 -33.08 -8.78 29.91
N SER A 281 -33.36 -8.35 31.13
CA SER A 281 -34.50 -7.46 31.31
C SER A 281 -34.27 -6.16 30.55
N ASP A 282 -33.04 -5.63 30.61
CA ASP A 282 -32.73 -4.46 29.80
C ASP A 282 -32.96 -4.74 28.33
N THR A 283 -32.58 -5.92 27.88
CA THR A 283 -32.72 -6.26 26.46
C THR A 283 -34.17 -6.29 26.04
N ALA A 284 -35.04 -6.85 26.87
CA ALA A 284 -36.46 -6.87 26.54
C ALA A 284 -37.05 -5.47 26.56
N HIS A 285 -36.75 -4.69 27.59
CA HIS A 285 -37.22 -3.32 27.64
C HIS A 285 -36.75 -2.57 26.42
N HIS A 286 -35.53 -2.85 25.98
CA HIS A 286 -34.95 -2.18 24.83
C HIS A 286 -35.73 -2.47 23.58
N HIS A 287 -36.03 -3.74 23.32
CA HIS A 287 -36.76 -4.05 22.11
C HIS A 287 -38.17 -3.52 22.16
N VAL A 288 -38.79 -3.45 23.33
CA VAL A 288 -40.12 -2.86 23.41
C VAL A 288 -40.06 -1.40 22.99
N ALA A 289 -39.09 -0.65 23.53
CA ALA A 289 -39.01 0.76 23.18
C ALA A 289 -38.67 0.93 21.71
N ILE A 290 -37.79 0.07 21.19
CA ILE A 290 -37.46 0.12 19.78
C ILE A 290 -38.70 -0.08 18.92
N ALA A 291 -39.51 -1.08 19.28
CA ALA A 291 -40.69 -1.37 18.48
C ALA A 291 -41.66 -0.21 18.51
N VAL A 292 -41.89 0.38 19.67
CA VAL A 292 -42.78 1.54 19.71
C VAL A 292 -42.22 2.66 18.84
N LEU A 293 -40.91 2.88 18.91
CA LEU A 293 -40.31 3.96 18.12
C LEU A 293 -40.51 3.72 16.62
N PHE A 294 -40.22 2.51 16.16
CA PHE A 294 -40.29 2.26 14.72
C PHE A 294 -41.72 2.20 14.22
N LEU A 295 -42.63 1.61 15.01
CA LEU A 295 -44.03 1.61 14.61
C LEU A 295 -44.58 3.02 14.55
N VAL A 296 -44.07 3.92 15.39
CA VAL A 296 -44.48 5.31 15.25
C VAL A 296 -43.89 5.91 13.99
N ALA A 297 -42.63 5.59 13.69
CA ALA A 297 -41.98 6.19 12.54
C ALA A 297 -42.54 5.71 11.22
N GLY A 298 -43.20 4.56 11.21
CA GLY A 298 -43.66 4.01 9.96
C GLY A 298 -44.92 4.59 9.36
N HIS A 299 -45.54 5.57 10.00
CA HIS A 299 -46.77 6.17 9.50
C HIS A 299 -46.51 7.58 8.97
N MET A 300 -45.35 7.77 8.36
CA MET A 300 -44.91 9.12 8.03
C MET A 300 -45.27 9.54 6.61
N TYR A 301 -45.45 8.60 5.70
CA TYR A 301 -45.53 8.92 4.29
C TYR A 301 -46.93 8.69 3.75
N ARG A 302 -47.24 9.40 2.67
CA ARG A 302 -48.57 9.37 2.07
C ARG A 302 -48.66 8.22 1.08
N THR A 303 -49.62 7.31 1.28
CA THR A 303 -49.79 6.21 0.35
C THR A 303 -51.12 6.29 -0.39
N ASN A 304 -52.24 6.26 0.32
CA ASN A 304 -53.54 6.31 -0.34
C ASN A 304 -54.47 7.31 0.29
N TRP A 305 -54.24 7.71 1.52
CA TRP A 305 -55.10 8.66 2.21
C TRP A 305 -54.35 9.96 2.41
N GLY A 306 -55.11 11.02 2.68
CA GLY A 306 -54.54 12.36 2.59
C GLY A 306 -53.39 12.59 3.55
N ILE A 307 -53.36 11.88 4.67
CA ILE A 307 -52.34 12.15 5.67
C ILE A 307 -50.99 11.65 5.17
N GLY A 308 -49.93 12.17 5.78
CA GLY A 308 -48.57 11.74 5.49
C GLY A 308 -47.83 12.71 4.60
N HIS A 309 -46.53 12.45 4.47
CA HIS A 309 -45.64 13.28 3.68
C HIS A 309 -45.48 12.74 2.27
N SER A 310 -45.06 13.62 1.37
CA SER A 310 -44.57 13.23 0.06
C SER A 310 -43.07 13.47 0.04
N MET A 311 -42.33 12.58 -0.62
CA MET A 311 -40.88 12.76 -0.66
C MET A 311 -40.50 13.94 -1.52
N LYS A 312 -41.20 14.14 -2.64
CA LYS A 312 -40.84 15.24 -3.53
C LYS A 312 -41.00 16.59 -2.85
N GLU A 313 -42.06 16.75 -2.07
CA GLU A 313 -42.30 18.02 -1.38
C GLU A 313 -41.20 18.29 -0.35
N ILE A 314 -40.85 17.28 0.45
CA ILE A 314 -39.80 17.43 1.44
C ILE A 314 -38.49 17.80 0.78
N LEU A 315 -38.13 17.10 -0.29
CA LEU A 315 -36.86 17.40 -0.96
C LEU A 315 -36.88 18.80 -1.57
N GLU A 316 -37.94 19.15 -2.28
CA GLU A 316 -37.95 20.43 -2.96
C GLU A 316 -38.10 21.61 -2.02
N ALA A 317 -38.45 21.39 -0.76
CA ALA A 317 -38.54 22.54 0.12
C ALA A 317 -37.19 22.98 0.69
N HIS A 318 -36.18 22.14 0.64
CA HIS A 318 -34.88 22.44 1.26
C HIS A 318 -33.93 23.01 0.22
N ARG A 319 -33.83 24.34 0.18
CA ARG A 319 -32.85 24.98 -0.70
C ARG A 319 -32.48 26.32 -0.11
N GLY A 320 -31.18 26.59 -0.02
CA GLY A 320 -30.69 27.77 0.67
C GLY A 320 -30.02 28.77 -0.24
N PRO A 321 -29.31 29.71 0.34
CA PRO A 321 -28.59 30.69 -0.46
C PRO A 321 -27.29 30.15 -1.01
N PHE A 322 -26.59 29.32 -0.25
CA PHE A 322 -25.31 28.85 -0.72
C PHE A 322 -25.42 27.72 -1.74
N THR A 323 -26.61 27.18 -1.98
CA THR A 323 -26.72 25.99 -2.83
C THR A 323 -27.79 26.10 -3.90
N GLY A 324 -28.18 27.31 -4.28
CA GLY A 324 -28.97 27.45 -5.49
C GLY A 324 -30.35 26.85 -5.40
N GLU A 325 -30.58 25.72 -6.09
CA GLU A 325 -31.87 25.08 -6.08
C GLU A 325 -31.95 23.91 -5.12
N GLY A 326 -30.86 23.53 -4.50
CA GLY A 326 -30.95 22.59 -3.40
C GLY A 326 -31.18 21.20 -3.90
N HIS A 327 -32.19 20.54 -3.37
CA HIS A 327 -32.39 19.13 -3.61
C HIS A 327 -33.33 18.86 -4.77
N VAL A 328 -33.69 19.87 -5.54
CA VAL A 328 -34.65 19.68 -6.62
C VAL A 328 -34.04 18.74 -7.65
N GLY A 329 -34.61 17.55 -7.79
CA GLY A 329 -34.17 16.61 -8.80
C GLY A 329 -33.48 15.38 -8.26
N LEU A 330 -33.43 15.22 -6.94
CA LEU A 330 -32.88 14.00 -6.37
C LEU A 330 -33.90 12.89 -6.30
N TYR A 331 -35.19 13.21 -6.28
CA TYR A 331 -36.21 12.17 -6.24
C TYR A 331 -36.25 11.40 -7.55
N GLU A 332 -36.15 12.12 -8.67
CA GLU A 332 -36.10 11.45 -9.95
C GLU A 332 -34.82 10.63 -10.10
N ILE A 333 -33.74 11.03 -9.45
CA ILE A 333 -32.53 10.24 -9.48
C ILE A 333 -32.70 8.97 -8.68
N LEU A 334 -33.29 9.08 -7.50
CA LEU A 334 -33.32 7.97 -6.56
C LEU A 334 -34.52 7.06 -6.74
N THR A 335 -35.40 7.33 -7.69
CA THR A 335 -36.43 6.34 -8.04
C THR A 335 -36.23 5.69 -9.40
N THR A 336 -35.27 6.15 -10.23
CA THR A 336 -35.10 5.59 -11.55
C THR A 336 -33.76 4.92 -11.75
N SER A 337 -32.93 4.83 -10.73
CA SER A 337 -31.63 4.20 -10.87
C SER A 337 -31.41 3.24 -9.71
N TRP A 338 -30.85 2.08 -10.01
CA TRP A 338 -30.58 1.10 -8.97
C TRP A 338 -29.19 1.25 -8.40
N HIS A 339 -28.24 1.74 -9.18
CA HIS A 339 -26.89 1.87 -8.67
C HIS A 339 -26.78 2.98 -7.63
N ALA A 340 -27.53 4.06 -7.77
CA ALA A 340 -27.53 5.07 -6.71
C ALA A 340 -28.01 4.47 -5.40
N GLN A 341 -29.11 3.72 -5.45
CA GLN A 341 -29.61 3.08 -4.25
C GLN A 341 -28.58 2.12 -3.68
N LEU A 342 -27.93 1.35 -4.54
CA LEU A 342 -26.94 0.40 -4.06
C LEU A 342 -25.79 1.14 -3.39
N ALA A 343 -25.43 2.30 -3.91
CA ALA A 343 -24.35 3.08 -3.30
C ALA A 343 -24.74 3.52 -1.89
N ILE A 344 -25.90 4.18 -1.76
CA ILE A 344 -26.28 4.68 -0.44
C ILE A 344 -26.44 3.54 0.54
N ASN A 345 -27.08 2.45 0.11
CA ASN A 345 -27.39 1.37 1.02
C ASN A 345 -26.13 0.62 1.42
N LEU A 346 -25.19 0.41 0.50
CA LEU A 346 -23.94 -0.22 0.89
C LEU A 346 -23.15 0.66 1.86
N ALA A 347 -23.15 1.97 1.62
CA ALA A 347 -22.46 2.87 2.53
C ALA A 347 -22.98 2.72 3.95
N LEU A 348 -24.27 3.02 4.15
CA LEU A 348 -24.80 2.99 5.50
C LEU A 348 -24.78 1.58 6.06
N PHE A 349 -24.89 0.56 5.22
CA PHE A 349 -24.87 -0.81 5.69
C PHE A 349 -23.49 -1.18 6.25
N GLY A 350 -22.43 -0.85 5.53
CA GLY A 350 -21.10 -1.17 6.03
C GLY A 350 -20.75 -0.40 7.28
N SER A 351 -21.06 0.90 7.29
CA SER A 351 -20.78 1.66 8.50
C SER A 351 -21.55 1.09 9.67
N LEU A 352 -22.78 0.65 9.43
CA LEU A 352 -23.57 0.01 10.47
C LEU A 352 -22.88 -1.25 10.98
N SER A 353 -22.27 -2.01 10.07
CA SER A 353 -21.56 -3.21 10.51
C SER A 353 -20.41 -2.85 11.45
N ILE A 354 -19.67 -1.80 11.14
CA ILE A 354 -18.54 -1.46 11.99
C ILE A 354 -19.03 -1.00 13.36
N ILE A 355 -20.11 -0.24 13.39
CA ILE A 355 -20.67 0.16 14.68
C ILE A 355 -21.12 -1.07 15.46
N VAL A 356 -21.63 -2.08 14.75
CA VAL A 356 -21.99 -3.33 15.41
C VAL A 356 -20.78 -3.92 16.09
N ALA A 357 -19.66 -3.96 15.40
CA ALA A 357 -18.44 -4.52 15.99
C ALA A 357 -18.03 -3.77 17.24
N HIS A 358 -18.08 -2.44 17.19
CA HIS A 358 -17.61 -1.66 18.33
C HIS A 358 -18.51 -1.85 19.55
N HIS A 359 -19.81 -1.70 19.38
CA HIS A 359 -20.70 -1.94 20.50
C HIS A 359 -20.61 -3.37 20.98
N MET A 360 -20.33 -4.31 20.09
CA MET A 360 -20.34 -5.71 20.48
C MET A 360 -19.12 -6.09 21.30
N TYR A 361 -17.99 -5.41 21.14
CA TYR A 361 -16.95 -5.70 22.15
C TYR A 361 -17.14 -4.87 23.40
N ALA A 362 -17.69 -3.65 23.28
CA ALA A 362 -17.76 -2.79 24.46
C ALA A 362 -18.78 -3.30 25.47
N MET A 363 -19.96 -3.72 25.02
CA MET A 363 -21.06 -4.14 25.89
C MET A 363 -21.51 -5.53 25.49
N PRO A 364 -20.91 -6.58 26.05
CA PRO A 364 -21.14 -7.93 25.54
C PRO A 364 -22.56 -8.39 25.84
N PRO A 365 -23.34 -8.69 24.83
CA PRO A 365 -24.75 -9.00 25.07
C PRO A 365 -25.02 -10.47 25.36
N TYR A 366 -24.19 -11.31 24.98
CA TYR A 366 -24.61 -12.68 25.16
C TYR A 366 -24.02 -13.28 26.42
N PRO A 367 -24.73 -14.22 27.04
CA PRO A 367 -24.22 -14.81 28.29
C PRO A 367 -22.95 -15.60 28.05
N TYR A 368 -22.00 -15.43 28.96
CA TYR A 368 -20.69 -16.09 28.89
C TYR A 368 -20.01 -15.81 27.56
N LEU A 369 -20.10 -14.57 27.10
CA LEU A 369 -19.40 -14.16 25.89
C LEU A 369 -18.07 -13.49 26.17
N ALA A 370 -18.02 -12.68 27.22
CA ALA A 370 -16.85 -11.83 27.44
C ALA A 370 -15.63 -12.61 27.91
N THR A 371 -15.81 -13.81 28.44
CA THR A 371 -14.67 -14.59 28.89
C THR A 371 -14.24 -15.64 27.88
N ASP A 372 -14.84 -15.65 26.70
CA ASP A 372 -14.35 -16.48 25.61
C ASP A 372 -13.61 -15.55 24.66
N TYR A 373 -12.31 -15.43 24.88
CA TYR A 373 -11.54 -14.39 24.20
C TYR A 373 -11.59 -14.55 22.70
N GLY A 374 -11.45 -15.78 22.21
CA GLY A 374 -11.43 -16.00 20.78
C GLY A 374 -12.70 -15.52 20.11
N THR A 375 -13.84 -15.72 20.77
CA THR A 375 -15.10 -15.26 20.21
C THR A 375 -15.13 -13.75 20.10
N GLN A 376 -14.65 -13.07 21.14
CA GLN A 376 -14.62 -11.61 21.10
C GLN A 376 -13.78 -11.12 19.93
N LEU A 377 -12.55 -11.63 19.83
CA LEU A 377 -11.65 -11.18 18.77
C LEU A 377 -12.21 -11.49 17.40
N SER A 378 -12.72 -12.71 17.21
CA SER A 378 -13.23 -13.10 15.90
C SER A 378 -14.43 -12.27 15.51
N LEU A 379 -15.36 -12.03 16.42
CA LEU A 379 -16.55 -11.28 16.04
C LEU A 379 -16.19 -9.83 15.69
N PHE A 380 -15.37 -9.19 16.51
CA PHE A 380 -15.01 -7.82 16.18
C PHE A 380 -14.28 -7.75 14.84
N THR A 381 -13.32 -8.65 14.63
CA THR A 381 -12.56 -8.62 13.38
C THR A 381 -13.45 -8.86 12.17
N HIS A 382 -14.34 -9.84 12.28
CA HIS A 382 -15.17 -10.19 11.15
C HIS A 382 -16.08 -9.04 10.75
N HIS A 383 -16.73 -8.42 11.73
CA HIS A 383 -17.63 -7.33 11.35
C HIS A 383 -16.87 -6.12 10.86
N THR A 384 -15.66 -5.90 11.38
CA THR A 384 -14.82 -4.83 10.84
C THR A 384 -14.59 -5.03 9.35
N TRP A 385 -14.14 -6.22 8.98
CA TRP A 385 -13.81 -6.46 7.57
C TRP A 385 -15.04 -6.32 6.68
N ILE A 386 -16.17 -6.85 7.12
CA ILE A 386 -17.36 -6.77 6.27
C ILE A 386 -17.76 -5.32 6.07
N GLY A 387 -17.68 -4.51 7.13
CA GLY A 387 -17.96 -3.10 6.96
C GLY A 387 -17.06 -2.46 5.93
N GLY A 388 -15.76 -2.76 6.00
CA GLY A 388 -14.84 -2.15 5.05
C GLY A 388 -15.19 -2.48 3.61
N PHE A 389 -15.41 -3.76 3.34
CA PHE A 389 -15.72 -4.15 1.96
C PHE A 389 -16.98 -3.46 1.48
N CYS A 390 -18.00 -3.40 2.33
CA CYS A 390 -19.25 -2.78 1.88
C CYS A 390 -19.05 -1.32 1.55
N ILE A 391 -18.23 -0.61 2.33
CA ILE A 391 -18.04 0.81 2.03
C ILE A 391 -17.33 1.01 0.70
N VAL A 392 -16.33 0.18 0.43
CA VAL A 392 -15.67 0.28 -0.87
C VAL A 392 -16.66 0.01 -2.00
N GLY A 393 -17.57 -0.93 -1.78
CA GLY A 393 -18.61 -1.16 -2.78
C GLY A 393 -19.47 0.07 -3.00
N ALA A 394 -19.77 0.80 -1.92
CA ALA A 394 -20.52 2.03 -2.07
C ALA A 394 -19.80 2.97 -3.01
N GLY A 395 -18.49 3.09 -2.83
CA GLY A 395 -17.72 3.92 -3.75
C GLY A 395 -17.88 3.47 -5.19
N ALA A 396 -17.76 2.16 -5.42
CA ALA A 396 -17.80 1.66 -6.78
C ALA A 396 -19.13 1.96 -7.47
N HIS A 397 -20.23 1.73 -6.77
CA HIS A 397 -21.50 1.91 -7.44
C HIS A 397 -21.90 3.38 -7.54
N ALA A 398 -21.45 4.23 -6.63
CA ALA A 398 -21.62 5.65 -6.90
C ALA A 398 -20.90 6.04 -8.19
N ALA A 399 -19.71 5.48 -8.41
CA ALA A 399 -19.03 5.76 -9.67
C ALA A 399 -19.82 5.27 -10.86
N ILE A 400 -20.42 4.08 -10.76
CA ILE A 400 -21.18 3.54 -11.89
C ILE A 400 -22.39 4.42 -12.17
N PHE A 401 -23.03 4.95 -11.14
CA PHE A 401 -24.10 5.89 -11.42
C PHE A 401 -23.57 7.13 -12.11
N MET A 402 -22.36 7.57 -11.73
CA MET A 402 -21.83 8.76 -12.39
C MET A 402 -21.61 8.50 -13.86
N VAL A 403 -21.18 7.30 -14.22
CA VAL A 403 -20.87 7.02 -15.61
C VAL A 403 -22.14 6.80 -16.43
N ARG A 404 -23.00 5.88 -15.99
CA ARG A 404 -24.07 5.39 -16.86
C ARG A 404 -25.35 6.19 -16.79
N ASP A 405 -25.95 6.29 -15.62
CA ASP A 405 -27.32 6.76 -15.48
C ASP A 405 -27.44 8.25 -15.21
N TYR A 406 -26.35 9.00 -15.30
CA TYR A 406 -26.40 10.43 -15.03
C TYR A 406 -26.80 11.17 -16.29
N ASP A 407 -27.84 11.98 -16.22
CA ASP A 407 -28.29 12.78 -17.34
C ASP A 407 -28.30 14.23 -16.89
N PRO A 408 -27.50 15.11 -17.50
CA PRO A 408 -27.44 16.50 -17.01
C PRO A 408 -28.63 17.33 -17.42
N THR A 409 -29.48 16.85 -18.32
CA THR A 409 -30.63 17.64 -18.74
C THR A 409 -31.70 17.71 -17.67
N ASN A 410 -31.86 16.64 -16.89
CA ASN A 410 -32.81 16.64 -15.78
C ASN A 410 -32.20 17.17 -14.50
N ASN A 411 -30.95 17.64 -14.56
CA ASN A 411 -30.16 17.91 -13.37
C ASN A 411 -29.27 19.11 -13.68
N TYR A 412 -29.79 20.31 -13.42
CA TYR A 412 -29.19 21.51 -13.97
C TYR A 412 -28.43 22.34 -12.94
N ASN A 413 -29.10 22.83 -11.91
CA ASN A 413 -28.44 23.59 -10.85
C ASN A 413 -28.91 22.98 -9.54
N ASN A 414 -27.99 22.38 -8.82
CA ASN A 414 -28.37 21.26 -7.97
C ASN A 414 -27.17 20.94 -7.10
N LEU A 415 -27.42 20.19 -6.03
CA LEU A 415 -26.30 19.82 -5.17
C LEU A 415 -25.29 18.95 -5.91
N LEU A 416 -25.77 17.98 -6.68
CA LEU A 416 -24.86 17.13 -7.43
C LEU A 416 -24.08 17.93 -8.45
N ASP A 417 -24.75 18.84 -9.13
CA ASP A 417 -24.06 19.66 -10.12
C ASP A 417 -22.97 20.51 -9.48
N ARG A 418 -23.28 21.13 -8.36
CA ARG A 418 -22.29 22.02 -7.75
C ARG A 418 -21.11 21.23 -7.18
N VAL A 419 -21.35 20.02 -6.68
CA VAL A 419 -20.24 19.20 -6.24
C VAL A 419 -19.32 18.87 -7.42
N ILE A 420 -19.91 18.51 -8.55
CA ILE A 420 -19.10 18.29 -9.73
C ILE A 420 -18.38 19.56 -10.14
N ARG A 421 -18.99 20.71 -9.92
CA ARG A 421 -18.44 21.97 -10.40
C ARG A 421 -17.38 22.55 -9.49
N HIS A 422 -17.15 22.01 -8.30
CA HIS A 422 -15.94 22.39 -7.58
C HIS A 422 -15.17 21.19 -7.04
N ARG A 423 -15.27 20.06 -7.75
CA ARG A 423 -14.40 18.93 -7.47
C ARG A 423 -12.93 19.29 -7.29
N ASP A 424 -12.43 20.33 -7.96
CA ASP A 424 -11.02 20.62 -7.83
C ASP A 424 -10.68 21.10 -6.43
N ALA A 425 -11.48 22.01 -5.88
CA ALA A 425 -11.29 22.44 -4.51
C ALA A 425 -11.45 21.27 -3.56
N ILE A 426 -12.47 20.44 -3.79
CA ILE A 426 -12.69 19.32 -2.89
C ILE A 426 -11.46 18.42 -2.83
N ILE A 427 -11.02 17.94 -4.00
CA ILE A 427 -9.93 16.98 -4.02
C ILE A 427 -8.62 17.62 -3.58
N SER A 428 -8.39 18.89 -3.91
CA SER A 428 -7.15 19.52 -3.47
C SER A 428 -7.08 19.56 -1.96
N HIS A 429 -8.15 20.01 -1.29
CA HIS A 429 -8.05 20.10 0.16
C HIS A 429 -8.00 18.73 0.79
N LEU A 430 -8.70 17.74 0.23
CA LEU A 430 -8.60 16.41 0.80
C LEU A 430 -7.18 15.89 0.66
N ASN A 431 -6.52 16.20 -0.46
CA ASN A 431 -5.13 15.83 -0.62
C ASN A 431 -4.25 16.49 0.42
N TRP A 432 -4.49 17.78 0.69
CA TRP A 432 -3.68 18.47 1.67
C TRP A 432 -3.81 17.81 3.03
N VAL A 433 -5.04 17.55 3.45
CA VAL A 433 -5.20 17.01 4.80
C VAL A 433 -4.64 15.61 4.88
N CYS A 434 -4.70 14.86 3.79
CA CYS A 434 -4.04 13.55 3.80
C CYS A 434 -2.55 13.69 4.03
N ILE A 435 -1.90 14.64 3.35
CA ILE A 435 -0.46 14.77 3.51
C ILE A 435 -0.11 15.25 4.90
N PHE A 436 -0.91 16.18 5.43
CA PHE A 436 -0.64 16.69 6.78
C PHE A 436 -0.70 15.56 7.79
N LEU A 437 -1.81 14.82 7.78
CA LEU A 437 -1.89 13.69 8.69
C LEU A 437 -0.79 12.69 8.43
N GLY A 438 -0.38 12.52 7.18
CA GLY A 438 0.66 11.56 6.92
C GLY A 438 1.93 11.93 7.63
N PHE A 439 2.42 13.13 7.35
CA PHE A 439 3.67 13.56 7.95
C PHE A 439 3.59 13.44 9.46
N HIS A 440 2.56 13.99 10.08
CA HIS A 440 2.59 14.00 11.53
C HIS A 440 2.35 12.62 12.12
N SER A 441 1.28 11.95 11.71
CA SER A 441 0.91 10.68 12.32
C SER A 441 1.97 9.61 12.14
N PHE A 442 2.68 9.59 11.01
CA PHE A 442 3.71 8.57 10.83
C PHE A 442 5.10 9.04 11.21
N GLY A 443 5.40 10.32 11.00
CA GLY A 443 6.68 10.84 11.43
C GLY A 443 6.85 10.81 12.92
N LEU A 444 5.76 10.86 13.68
CA LEU A 444 5.94 10.67 15.12
C LEU A 444 6.56 9.32 15.40
N TYR A 445 6.12 8.28 14.70
CA TYR A 445 6.70 6.96 14.93
C TYR A 445 8.13 6.91 14.45
N ILE A 446 8.42 7.53 13.30
CA ILE A 446 9.80 7.50 12.81
C ILE A 446 10.73 8.25 13.78
N HIS A 447 10.25 9.37 14.31
CA HIS A 447 11.04 10.14 15.26
C HIS A 447 11.27 9.37 16.54
N ASN A 448 10.23 8.74 17.08
CA ASN A 448 10.43 7.94 18.28
C ASN A 448 11.40 6.81 18.01
N ASP A 449 11.32 6.21 16.83
CA ASP A 449 12.25 5.15 16.49
C ASP A 449 13.68 5.66 16.47
N THR A 450 13.91 6.78 15.80
CA THR A 450 15.25 7.32 15.70
C THR A 450 15.80 7.69 17.07
N MET A 451 15.02 8.43 17.87
CA MET A 451 15.48 8.82 19.18
C MET A 451 15.75 7.60 20.06
N SER A 452 14.89 6.58 19.97
CA SER A 452 15.10 5.44 20.83
C SER A 452 16.27 4.60 20.37
N ALA A 453 16.74 4.78 19.15
CA ALA A 453 17.93 4.04 18.71
C ALA A 453 19.22 4.82 18.89
N LEU A 454 19.16 6.13 19.07
CA LEU A 454 20.34 6.97 19.17
C LEU A 454 20.84 7.15 20.59
N GLY A 455 20.29 6.42 21.55
CA GLY A 455 20.76 6.52 22.90
C GLY A 455 20.02 7.50 23.76
N ARG A 456 19.17 8.33 23.18
CA ARG A 456 18.44 9.31 23.98
C ARG A 456 16.96 9.00 23.95
N PRO A 457 16.44 8.29 24.96
CA PRO A 457 15.00 8.04 25.03
C PRO A 457 14.22 9.17 25.66
N GLN A 458 14.88 10.26 26.00
CA GLN A 458 14.24 11.40 26.61
C GLN A 458 13.73 12.40 25.59
N ASP A 459 14.03 12.20 24.31
CA ASP A 459 13.56 13.10 23.26
C ASP A 459 12.52 12.44 22.37
N MET A 460 11.86 11.40 22.85
CA MET A 460 10.83 10.74 22.07
C MET A 460 9.47 11.01 22.70
N PHE A 461 8.42 10.81 21.93
CA PHE A 461 7.07 11.05 22.39
C PHE A 461 6.56 9.83 23.14
N SER A 462 6.27 9.99 24.42
CA SER A 462 5.87 8.85 25.22
C SER A 462 5.12 9.38 26.43
N ASP A 463 4.82 8.48 27.38
CA ASP A 463 4.11 8.89 28.57
C ASP A 463 5.02 9.55 29.60
N THR A 464 6.32 9.29 29.56
CA THR A 464 7.24 9.85 30.53
C THR A 464 8.09 10.99 29.99
N ALA A 465 8.45 10.93 28.71
CA ALA A 465 9.12 12.00 28.00
C ALA A 465 8.08 13.01 27.51
N ILE A 466 8.39 13.79 26.49
CA ILE A 466 7.41 14.65 25.85
C ILE A 466 6.10 13.89 25.68
N GLN A 467 5.01 14.44 26.21
CA GLN A 467 3.76 13.72 26.34
C GLN A 467 2.73 14.27 25.36
N LEU A 468 1.91 13.37 24.84
CA LEU A 468 0.77 13.72 23.99
C LEU A 468 -0.43 13.04 24.61
N GLN A 469 -1.26 13.79 25.30
CA GLN A 469 -2.36 13.17 26.01
C GLN A 469 -3.65 13.38 25.25
N PRO A 470 -4.45 12.33 25.03
CA PRO A 470 -5.78 12.53 24.45
C PRO A 470 -6.71 13.08 25.52
N VAL A 471 -6.66 14.40 25.70
CA VAL A 471 -7.45 15.00 26.75
C VAL A 471 -8.94 14.90 26.45
N PHE A 472 -9.32 14.99 25.17
CA PHE A 472 -10.73 14.98 24.81
C PHE A 472 -11.38 13.64 25.14
N ALA A 473 -10.76 12.55 24.70
CA ALA A 473 -11.36 11.25 24.95
C ALA A 473 -11.40 10.93 26.43
N GLN A 474 -10.38 11.34 27.18
CA GLN A 474 -10.43 11.12 28.62
C GLN A 474 -11.56 11.93 29.26
N TRP A 475 -11.77 13.15 28.81
CA TRP A 475 -12.87 13.92 29.38
C TRP A 475 -14.20 13.28 29.06
N ILE A 476 -14.37 12.78 27.85
CA ILE A 476 -15.63 12.15 27.49
C ILE A 476 -15.82 10.87 28.30
N GLN A 477 -14.72 10.15 28.53
CA GLN A 477 -14.76 8.95 29.35
C GLN A 477 -15.28 9.26 30.74
N ASN A 478 -14.75 10.32 31.35
CA ASN A 478 -15.22 10.67 32.69
C ASN A 478 -16.66 11.19 32.65
N THR A 479 -17.04 11.92 31.60
CA THR A 479 -18.41 12.38 31.50
C THR A 479 -19.38 11.22 31.54
N HIS A 480 -19.12 10.19 30.75
CA HIS A 480 -20.06 9.09 30.72
C HIS A 480 -19.98 8.25 31.98
N PHE A 481 -18.80 8.15 32.59
CA PHE A 481 -18.74 7.42 33.85
C PHE A 481 -19.50 8.13 34.95
N LEU A 482 -19.56 9.46 34.92
CA LEU A 482 -20.33 10.23 35.88
C LEU A 482 -21.80 10.37 35.50
N ALA A 483 -22.17 9.97 34.29
CA ALA A 483 -23.55 10.15 33.84
C ALA A 483 -24.63 9.57 34.74
N PRO A 484 -24.50 8.38 35.34
CA PRO A 484 -25.59 7.86 36.18
C PRO A 484 -25.94 8.67 37.40
N GLN A 485 -25.24 9.76 37.68
CA GLN A 485 -25.53 10.54 38.87
C GLN A 485 -26.10 11.90 38.57
N LEU A 486 -25.84 12.46 37.40
CA LEU A 486 -26.44 13.73 37.05
C LEU A 486 -27.31 13.65 35.80
N THR A 487 -26.79 13.10 34.71
CA THR A 487 -27.46 13.15 33.43
C THR A 487 -28.13 11.84 33.05
N ALA A 488 -28.26 10.91 33.99
CA ALA A 488 -29.07 9.71 33.79
C ALA A 488 -29.56 9.23 35.15
N PRO A 489 -30.46 9.97 35.77
CA PRO A 489 -30.74 9.74 37.19
C PRO A 489 -31.36 8.39 37.49
N ASN A 490 -31.87 7.68 36.50
CA ASN A 490 -32.62 6.46 36.74
C ASN A 490 -31.84 5.19 36.43
N ALA A 491 -30.63 5.30 35.89
CA ALA A 491 -29.80 4.12 35.73
C ALA A 491 -29.04 3.83 37.02
N LEU A 492 -28.71 2.57 37.24
CA LEU A 492 -27.97 2.21 38.42
C LEU A 492 -26.47 2.13 38.18
N ALA A 493 -26.05 2.09 36.92
CA ALA A 493 -24.64 1.97 36.58
C ALA A 493 -24.42 2.60 35.21
N ALA A 494 -23.16 2.63 34.80
CA ALA A 494 -22.85 3.16 33.49
C ALA A 494 -23.25 2.15 32.43
N THR A 495 -23.24 2.60 31.17
CA THR A 495 -23.63 1.70 30.11
C THR A 495 -22.57 0.67 29.79
N SER A 496 -21.34 0.86 30.24
CA SER A 496 -20.31 -0.15 30.03
C SER A 496 -19.21 0.07 31.05
N LEU A 497 -18.34 -0.91 31.16
CA LEU A 497 -17.24 -0.79 32.10
C LEU A 497 -16.01 -0.15 31.50
N THR A 498 -15.96 0.06 30.18
CA THR A 498 -14.82 0.76 29.61
C THR A 498 -14.84 2.24 29.93
N TRP A 499 -15.94 2.77 30.43
CA TRP A 499 -15.96 4.17 30.79
C TRP A 499 -15.31 4.40 32.15
N GLY A 500 -14.99 3.34 32.88
CA GLY A 500 -14.42 3.45 34.20
C GLY A 500 -15.24 2.67 35.21
N GLY A 501 -14.62 2.47 36.38
CA GLY A 501 -15.31 1.85 37.50
C GLY A 501 -14.63 0.55 37.92
N ASP A 502 -15.43 -0.44 38.27
CA ASP A 502 -14.92 -1.65 38.89
C ASP A 502 -14.68 -2.73 37.84
N LEU A 503 -14.38 -3.93 38.31
CA LEU A 503 -13.98 -5.06 37.48
C LEU A 503 -14.99 -6.18 37.63
N VAL A 504 -15.35 -6.81 36.52
CA VAL A 504 -16.27 -7.93 36.52
C VAL A 504 -15.50 -9.16 36.08
N ALA A 505 -15.43 -10.15 36.97
CA ALA A 505 -14.66 -11.36 36.72
C ALA A 505 -15.59 -12.56 36.75
N VAL A 506 -15.55 -13.37 35.69
CA VAL A 506 -16.38 -14.54 35.57
C VAL A 506 -15.47 -15.75 35.43
N GLY A 507 -15.44 -16.60 36.45
CA GLY A 507 -14.64 -17.80 36.38
C GLY A 507 -13.15 -17.55 36.31
N GLY A 508 -12.65 -16.59 37.08
CA GLY A 508 -11.24 -16.29 37.11
C GLY A 508 -10.78 -15.33 36.05
N LYS A 509 -11.40 -15.33 34.88
CA LYS A 509 -11.01 -14.43 33.81
C LYS A 509 -11.74 -13.10 33.95
N VAL A 510 -11.28 -12.12 33.18
CA VAL A 510 -11.82 -10.76 33.23
C VAL A 510 -12.84 -10.59 32.13
N ALA A 511 -14.03 -10.14 32.50
CA ALA A 511 -15.03 -9.83 31.49
C ALA A 511 -14.74 -8.49 30.83
N MET A 512 -14.65 -7.44 31.65
CA MET A 512 -14.29 -6.11 31.16
C MET A 512 -13.77 -5.29 32.32
N MET A 513 -12.71 -4.54 32.07
CA MET A 513 -12.08 -3.63 33.00
C MET A 513 -11.98 -2.27 32.33
N PRO A 514 -11.95 -1.19 33.10
CA PRO A 514 -11.80 0.14 32.48
C PRO A 514 -10.55 0.23 31.63
N ILE A 515 -10.67 0.97 30.52
CA ILE A 515 -9.58 1.17 29.59
C ILE A 515 -9.07 2.60 29.75
N SER A 516 -7.75 2.75 29.88
CA SER A 516 -7.13 4.05 29.97
C SER A 516 -6.57 4.44 28.62
N LEU A 517 -6.44 5.75 28.40
CA LEU A 517 -5.96 6.28 27.13
C LEU A 517 -4.71 7.11 27.36
N GLY A 518 -3.61 6.72 26.71
CA GLY A 518 -2.35 7.41 26.85
C GLY A 518 -1.77 7.88 25.53
N THR A 519 -0.45 8.04 25.47
CA THR A 519 0.15 8.63 24.27
C THR A 519 0.12 7.67 23.10
N SER A 520 0.36 6.39 23.34
CA SER A 520 0.29 5.42 22.27
C SER A 520 -1.09 5.38 21.66
N ASP A 521 -2.13 5.56 22.48
CA ASP A 521 -3.48 5.63 21.94
C ASP A 521 -3.68 6.84 21.06
N PHE A 522 -3.18 8.00 21.48
CA PHE A 522 -3.23 9.19 20.66
C PHE A 522 -2.65 8.91 19.29
N MET A 523 -1.45 8.34 19.26
CA MET A 523 -0.78 8.16 17.99
C MET A 523 -1.51 7.15 17.10
N VAL A 524 -1.98 6.04 17.68
CA VAL A 524 -2.65 5.08 16.80
C VAL A 524 -3.98 5.63 16.31
N HIS A 525 -4.68 6.42 17.11
CA HIS A 525 -5.92 7.01 16.63
C HIS A 525 -5.66 7.91 15.45
N HIS A 526 -4.59 8.69 15.50
CA HIS A 526 -4.34 9.54 14.35
C HIS A 526 -3.87 8.73 13.15
N ILE A 527 -3.26 7.57 13.37
CA ILE A 527 -2.98 6.68 12.25
C ILE A 527 -4.29 6.26 11.58
N HIS A 528 -5.27 5.89 12.39
CA HIS A 528 -6.56 5.47 11.84
C HIS A 528 -7.18 6.58 11.03
N ALA A 529 -7.19 7.80 11.59
CA ALA A 529 -7.76 8.93 10.87
C ALA A 529 -7.04 9.15 9.54
N PHE A 530 -5.72 8.99 9.55
CA PHE A 530 -4.95 9.20 8.33
C PHE A 530 -5.36 8.22 7.24
N THR A 531 -5.39 6.92 7.56
CA THR A 531 -5.70 5.94 6.51
C THR A 531 -7.14 6.09 6.03
N ILE A 532 -8.05 6.42 6.94
CA ILE A 532 -9.43 6.63 6.51
C ILE A 532 -9.50 7.79 5.52
N HIS A 533 -8.81 8.88 5.82
CA HIS A 533 -8.87 10.01 4.90
C HIS A 533 -8.25 9.66 3.56
N VAL A 534 -7.19 8.86 3.55
CA VAL A 534 -6.61 8.50 2.26
C VAL A 534 -7.59 7.68 1.43
N THR A 535 -8.26 6.72 2.05
CA THR A 535 -9.22 5.93 1.29
C THR A 535 -10.37 6.79 0.79
N VAL A 536 -10.83 7.73 1.61
CA VAL A 536 -11.85 8.66 1.15
C VAL A 536 -11.35 9.43 -0.05
N LEU A 537 -10.09 9.86 -0.01
CA LEU A 537 -9.53 10.59 -1.13
C LEU A 537 -9.64 9.78 -2.41
N ILE A 538 -9.18 8.54 -2.37
CA ILE A 538 -9.16 7.75 -3.59
C ILE A 538 -10.57 7.52 -4.12
N LEU A 539 -11.48 7.10 -3.25
CA LEU A 539 -12.82 6.76 -3.74
C LEU A 539 -13.57 7.99 -4.22
N LEU A 540 -13.54 9.07 -3.43
CA LEU A 540 -14.25 10.28 -3.83
C LEU A 540 -13.65 10.86 -5.10
N LYS A 541 -12.34 10.76 -5.27
CA LYS A 541 -11.73 11.21 -6.51
C LYS A 541 -12.22 10.38 -7.67
N GLY A 542 -12.36 9.07 -7.47
CA GLY A 542 -12.93 8.24 -8.52
C GLY A 542 -14.34 8.65 -8.90
N VAL A 543 -15.16 8.98 -7.91
CA VAL A 543 -16.54 9.37 -8.20
C VAL A 543 -16.57 10.68 -8.96
N LEU A 544 -15.81 11.67 -8.51
CA LEU A 544 -15.93 13.01 -9.10
C LEU A 544 -15.31 13.08 -10.49
N PHE A 545 -14.21 12.38 -10.71
CA PHE A 545 -13.53 12.36 -11.99
C PHE A 545 -13.91 11.14 -12.81
N ALA A 546 -15.16 10.72 -12.72
CA ALA A 546 -15.63 9.57 -13.48
C ALA A 546 -16.16 9.95 -14.83
N ARG A 547 -16.70 11.16 -14.98
CA ARG A 547 -17.26 11.55 -16.27
C ARG A 547 -16.22 12.24 -17.14
N SER A 548 -15.47 13.17 -16.59
CA SER A 548 -14.47 13.87 -17.37
C SER A 548 -13.47 14.52 -16.42
N SER A 549 -12.36 14.95 -16.98
CA SER A 549 -11.31 15.62 -16.21
C SER A 549 -10.55 16.53 -17.15
N ARG A 550 -9.55 17.23 -16.59
CA ARG A 550 -8.68 18.02 -17.45
C ARG A 550 -7.83 17.14 -18.35
N LEU A 551 -7.49 15.94 -17.89
CA LEU A 551 -6.68 15.05 -18.71
C LEU A 551 -7.49 14.49 -19.88
N ILE A 552 -8.60 13.83 -19.57
CA ILE A 552 -9.48 13.24 -20.59
C ILE A 552 -10.79 14.01 -20.57
N PRO A 553 -11.10 14.80 -21.61
CA PRO A 553 -12.37 15.52 -21.62
C PRO A 553 -13.59 14.67 -21.94
N ASP A 554 -13.42 13.44 -22.41
CA ASP A 554 -14.55 12.58 -22.76
C ASP A 554 -14.41 11.23 -22.09
N LYS A 555 -14.10 11.22 -20.81
CA LYS A 555 -13.97 9.96 -20.10
C LYS A 555 -15.31 9.26 -19.91
N ALA A 556 -16.42 9.97 -20.12
CA ALA A 556 -17.72 9.35 -19.96
C ALA A 556 -18.01 8.38 -21.09
N ASN A 557 -17.60 8.72 -22.31
CA ASN A 557 -17.91 7.90 -23.47
C ASN A 557 -17.09 6.63 -23.53
N LEU A 558 -16.01 6.53 -22.74
CA LEU A 558 -15.26 5.30 -22.68
C LEU A 558 -15.87 4.29 -21.72
N GLY A 559 -16.82 4.70 -20.90
CA GLY A 559 -17.53 3.77 -20.05
C GLY A 559 -16.96 3.73 -18.64
N PHE A 560 -17.52 2.84 -17.84
CA PHE A 560 -17.06 2.69 -16.47
C PHE A 560 -15.74 1.93 -16.41
N ARG A 561 -15.66 0.79 -17.07
CA ARG A 561 -14.52 -0.10 -16.96
C ARG A 561 -13.76 -0.06 -18.27
N PHE A 562 -12.57 0.55 -18.27
CA PHE A 562 -11.70 0.54 -19.43
C PHE A 562 -10.26 0.70 -18.94
N PRO A 563 -9.30 0.13 -19.65
CA PRO A 563 -7.93 0.10 -19.14
C PRO A 563 -7.15 1.40 -19.24
N CYS A 564 -7.20 2.10 -20.37
CA CYS A 564 -6.36 3.28 -20.55
C CYS A 564 -6.95 4.14 -21.66
N ASP A 565 -6.18 5.12 -22.08
CA ASP A 565 -6.39 5.82 -23.34
C ASP A 565 -5.07 5.94 -24.08
N GLY A 566 -4.32 4.86 -24.12
CA GLY A 566 -3.07 4.82 -24.84
C GLY A 566 -1.93 5.39 -24.04
N PRO A 567 -0.72 5.28 -24.58
CA PRO A 567 0.44 5.90 -23.94
C PRO A 567 0.57 7.39 -24.23
N GLY A 568 -0.37 7.98 -24.93
CA GLY A 568 -0.25 9.36 -25.32
C GLY A 568 -0.38 10.32 -24.16
N ARG A 569 -0.26 11.61 -24.48
CA ARG A 569 -0.25 12.71 -23.52
C ARG A 569 0.51 12.33 -22.27
N GLY A 570 1.62 11.63 -22.43
CA GLY A 570 2.44 11.23 -21.32
C GLY A 570 2.24 9.78 -20.94
N GLY A 571 0.99 9.34 -20.97
CA GLY A 571 0.64 8.00 -20.53
C GLY A 571 -0.57 8.06 -19.63
N THR A 572 -1.63 7.33 -19.97
CA THR A 572 -2.88 7.43 -19.22
C THR A 572 -3.32 6.09 -18.70
N CYS A 573 -2.42 5.35 -18.07
CA CYS A 573 -2.82 4.11 -17.42
C CYS A 573 -3.75 4.42 -16.25
N GLN A 574 -4.77 3.59 -16.06
CA GLN A 574 -5.63 3.61 -14.88
C GLN A 574 -6.33 4.95 -14.69
N VAL A 575 -7.16 5.34 -15.66
CA VAL A 575 -7.94 6.56 -15.50
C VAL A 575 -9.41 6.30 -15.29
N SER A 576 -9.86 5.05 -15.37
CA SER A 576 -11.25 4.76 -15.13
C SER A 576 -11.56 4.90 -13.65
N ALA A 577 -12.85 5.05 -13.33
CA ALA A 577 -13.25 5.01 -11.93
C ALA A 577 -13.03 3.63 -11.34
N TRP A 578 -13.04 2.61 -12.19
CA TRP A 578 -12.86 1.25 -11.72
C TRP A 578 -11.50 1.09 -11.06
N ASP A 579 -10.47 1.68 -11.64
CA ASP A 579 -9.15 1.55 -11.04
C ASP A 579 -9.03 2.34 -9.75
N HIS A 580 -9.79 3.43 -9.63
CA HIS A 580 -9.88 4.08 -8.33
C HIS A 580 -10.46 3.13 -7.29
N VAL A 581 -11.47 2.35 -7.67
CA VAL A 581 -11.97 1.34 -6.75
C VAL A 581 -10.88 0.34 -6.39
N PHE A 582 -10.08 -0.03 -7.38
CA PHE A 582 -8.99 -0.99 -7.19
C PHE A 582 -7.99 -0.51 -6.12
N LEU A 583 -7.46 0.68 -6.31
CA LEU A 583 -6.53 1.22 -5.31
C LEU A 583 -7.23 1.44 -3.98
N GLY A 584 -8.52 1.79 -4.01
CA GLY A 584 -9.26 1.88 -2.77
C GLY A 584 -9.28 0.57 -2.02
N LEU A 585 -9.38 -0.54 -2.75
CA LEU A 585 -9.34 -1.84 -2.09
C LEU A 585 -8.04 -2.04 -1.35
N PHE A 586 -6.93 -1.67 -1.99
CA PHE A 586 -5.66 -1.82 -1.29
C PHE A 586 -5.64 -1.00 0.00
N TRP A 587 -6.07 0.25 -0.07
CA TRP A 587 -5.98 1.07 1.14
C TRP A 587 -6.96 0.63 2.21
N MET A 588 -8.12 0.11 1.81
CA MET A 588 -9.03 -0.46 2.79
C MET A 588 -8.35 -1.58 3.55
N TYR A 589 -7.65 -2.44 2.82
CA TYR A 589 -6.90 -3.50 3.48
C TYR A 589 -5.96 -2.93 4.51
N ASN A 590 -5.22 -1.89 4.13
CA ASN A 590 -4.24 -1.32 5.05
C ASN A 590 -4.90 -0.79 6.31
N SER A 591 -5.92 0.06 6.14
CA SER A 591 -6.53 0.71 7.30
C SER A 591 -7.13 -0.32 8.24
N LEU A 592 -7.85 -1.29 7.70
CA LEU A 592 -8.50 -2.26 8.59
C LEU A 592 -7.49 -3.18 9.24
N SER A 593 -6.38 -3.51 8.57
CA SER A 593 -5.35 -4.27 9.24
C SER A 593 -4.85 -3.54 10.46
N ILE A 594 -4.61 -2.23 10.32
CA ILE A 594 -4.16 -1.48 11.48
C ILE A 594 -5.21 -1.49 12.58
N VAL A 595 -6.49 -1.36 12.21
CA VAL A 595 -7.53 -1.30 13.23
C VAL A 595 -7.56 -2.59 14.04
N ILE A 596 -7.53 -3.73 13.36
CA ILE A 596 -7.67 -4.97 14.11
C ILE A 596 -6.38 -5.30 14.87
N PHE A 597 -5.22 -4.89 14.37
CA PHE A 597 -4.02 -5.02 15.18
C PHE A 597 -4.13 -4.20 16.46
N HIS A 598 -4.60 -2.96 16.33
CA HIS A 598 -4.78 -2.11 17.50
C HIS A 598 -5.68 -2.79 18.52
N PHE A 599 -6.82 -3.30 18.05
CA PHE A 599 -7.74 -3.94 18.99
C PHE A 599 -7.09 -5.15 19.65
N SER A 600 -6.46 -6.02 18.87
CA SER A 600 -5.91 -7.24 19.43
C SER A 600 -4.88 -6.93 20.51
N TRP A 601 -3.90 -6.08 20.19
CA TRP A 601 -2.84 -5.84 21.16
C TRP A 601 -3.36 -5.05 22.35
N LYS A 602 -4.24 -4.09 22.13
CA LYS A 602 -4.74 -3.33 23.26
C LYS A 602 -5.52 -4.21 24.21
N MET A 603 -6.34 -5.12 23.69
CA MET A 603 -7.08 -6.00 24.58
C MET A 603 -6.15 -6.95 25.30
N GLN A 604 -5.21 -7.57 24.59
CA GLN A 604 -4.33 -8.50 25.27
C GLN A 604 -3.42 -7.82 26.28
N SER A 605 -3.24 -6.51 26.18
CA SER A 605 -2.34 -5.84 27.09
C SER A 605 -3.02 -5.13 28.24
N ASP A 606 -4.27 -4.70 28.08
CA ASP A 606 -4.90 -3.88 29.10
C ASP A 606 -6.25 -4.37 29.60
N VAL A 607 -6.83 -5.41 29.01
CA VAL A 607 -8.15 -5.82 29.45
C VAL A 607 -8.17 -7.28 29.89
N TRP A 608 -7.86 -8.18 28.97
CA TRP A 608 -8.00 -9.60 29.27
C TRP A 608 -6.92 -10.04 30.25
N GLY A 609 -6.92 -11.32 30.56
CA GLY A 609 -6.06 -11.90 31.56
C GLY A 609 -6.84 -12.53 32.68
N THR A 610 -6.10 -13.10 33.63
CA THR A 610 -6.71 -13.83 34.73
C THR A 610 -6.72 -12.98 36.00
N VAL A 611 -7.79 -13.10 36.78
CA VAL A 611 -7.85 -12.53 38.11
C VAL A 611 -7.31 -13.59 39.06
N THR A 612 -6.03 -13.51 39.38
CA THR A 612 -5.39 -14.49 40.23
C THR A 612 -5.49 -14.14 41.70
N ALA A 613 -6.40 -13.22 42.06
CA ALA A 613 -6.53 -12.72 43.43
C ALA A 613 -5.22 -12.14 43.93
N SER A 614 -4.40 -11.63 43.01
CA SER A 614 -3.18 -10.91 43.32
C SER A 614 -3.08 -9.70 42.41
N GLY A 615 -4.18 -8.98 42.26
CA GLY A 615 -4.30 -8.05 41.16
C GLY A 615 -4.68 -8.80 39.90
N VAL A 616 -4.38 -8.20 38.77
CA VAL A 616 -4.70 -8.76 37.47
C VAL A 616 -3.40 -9.01 36.72
N SER A 617 -3.23 -10.22 36.23
CA SER A 617 -2.09 -10.58 35.40
C SER A 617 -2.62 -10.73 33.97
N HIS A 618 -2.32 -9.75 33.13
CA HIS A 618 -2.80 -9.79 31.76
C HIS A 618 -2.01 -10.81 30.96
N ILE A 619 -2.43 -11.01 29.71
CA ILE A 619 -1.81 -12.04 28.90
C ILE A 619 -0.39 -11.65 28.51
N THR A 620 -0.19 -10.40 28.10
CA THR A 620 1.13 -9.93 27.69
C THR A 620 1.74 -8.97 28.70
N GLY A 621 1.21 -8.89 29.90
CA GLY A 621 1.87 -8.15 30.95
C GLY A 621 1.71 -6.65 30.92
N GLY A 622 0.94 -6.11 29.97
CA GLY A 622 0.70 -4.69 29.96
C GLY A 622 1.86 -3.87 29.42
N ASN A 623 2.22 -4.10 28.16
CA ASN A 623 3.33 -3.40 27.54
C ASN A 623 2.88 -2.47 26.43
N PHE A 624 1.60 -2.12 26.37
CA PHE A 624 1.13 -1.31 25.26
C PHE A 624 1.55 0.15 25.40
N ALA A 625 1.54 0.68 26.62
CA ALA A 625 1.81 2.10 26.79
C ALA A 625 3.27 2.44 26.55
N GLN A 626 4.17 1.47 26.65
CA GLN A 626 5.60 1.71 26.51
C GLN A 626 6.15 1.33 25.15
N SER A 627 5.44 0.51 24.38
CA SER A 627 6.00 -0.03 23.17
C SER A 627 5.30 0.39 21.90
N ALA A 628 4.10 0.93 21.97
CA ALA A 628 3.34 1.25 20.77
C ALA A 628 3.66 2.61 20.21
N ASN A 629 4.85 3.15 20.49
CA ASN A 629 5.30 4.35 19.82
C ASN A 629 6.51 4.13 18.94
N THR A 630 7.04 2.91 18.88
CA THR A 630 8.15 2.60 18.00
C THR A 630 7.73 1.50 17.05
N ILE A 631 8.10 1.62 15.78
CA ILE A 631 7.82 0.56 14.82
C ILE A 631 8.53 -0.71 15.26
N ASN A 632 9.72 -0.57 15.81
CA ASN A 632 10.38 -1.72 16.40
C ASN A 632 9.52 -2.31 17.50
N GLY A 633 8.78 -1.47 18.23
CA GLY A 633 7.91 -2.00 19.26
C GLY A 633 6.85 -2.92 18.70
N TRP A 634 6.19 -2.50 17.62
CA TRP A 634 5.19 -3.36 17.01
C TRP A 634 5.83 -4.61 16.46
N LEU A 635 6.89 -4.45 15.67
CA LEU A 635 7.49 -5.59 15.01
C LEU A 635 8.01 -6.62 16.00
N ARG A 636 8.59 -6.17 17.12
CA ARG A 636 9.08 -7.13 18.10
C ARG A 636 7.95 -7.63 18.99
N ASP A 637 7.38 -6.74 19.80
CA ASP A 637 6.47 -7.17 20.86
C ASP A 637 5.16 -7.73 20.31
N PHE A 638 4.72 -7.28 19.14
CA PHE A 638 3.49 -7.82 18.60
C PHE A 638 3.74 -8.95 17.61
N LEU A 639 4.36 -8.64 16.48
CA LEU A 639 4.46 -9.66 15.43
C LEU A 639 5.44 -10.76 15.81
N TRP A 640 6.59 -10.41 16.39
CA TRP A 640 7.57 -11.44 16.65
C TRP A 640 7.29 -12.17 17.94
N ALA A 641 6.77 -11.48 18.96
CA ALA A 641 6.52 -12.16 20.22
C ALA A 641 5.25 -13.00 20.17
N GLN A 642 4.21 -12.53 19.48
CA GLN A 642 2.94 -13.21 19.50
C GLN A 642 2.78 -14.26 18.43
N SER A 643 3.81 -14.53 17.65
CA SER A 643 3.72 -15.58 16.65
C SER A 643 4.29 -16.90 17.13
N SER A 644 4.68 -16.99 18.40
CA SER A 644 5.28 -18.24 18.89
C SER A 644 4.30 -19.39 18.88
N GLN A 645 3.00 -19.13 18.96
CA GLN A 645 2.04 -20.21 18.99
C GLN A 645 1.63 -20.67 17.61
N VAL A 646 1.56 -19.76 16.65
CA VAL A 646 1.18 -20.16 15.30
C VAL A 646 2.31 -20.85 14.56
N ILE A 647 3.57 -20.60 14.95
CA ILE A 647 4.68 -21.28 14.28
C ILE A 647 5.04 -22.61 14.93
N GLN A 648 4.63 -22.85 16.17
CA GLN A 648 4.96 -24.06 16.88
C GLN A 648 3.74 -24.94 17.10
N SER A 649 2.75 -24.82 16.24
CA SER A 649 1.51 -25.57 16.40
C SER A 649 1.59 -26.95 15.79
N TYR A 650 2.71 -27.33 15.21
CA TYR A 650 2.81 -28.63 14.55
C TYR A 650 2.82 -29.75 15.58
N GLY A 651 2.05 -30.79 15.31
CA GLY A 651 1.96 -31.94 16.17
C GLY A 651 0.84 -31.88 17.18
N SER A 652 0.33 -30.69 17.48
CA SER A 652 -0.78 -30.55 18.39
C SER A 652 -2.08 -30.60 17.61
N ALA A 653 -3.18 -30.30 18.29
CA ALA A 653 -4.49 -30.26 17.65
C ALA A 653 -4.80 -28.90 17.07
N LEU A 654 -3.77 -28.15 16.72
CA LEU A 654 -3.91 -26.77 16.30
C LEU A 654 -3.08 -26.52 15.05
N SER A 655 -2.59 -27.58 14.40
CA SER A 655 -1.63 -27.42 13.34
C SER A 655 -2.26 -26.92 12.06
N ALA A 656 -3.58 -27.00 11.93
CA ALA A 656 -4.20 -26.48 10.72
C ALA A 656 -3.91 -25.01 10.56
N TYR A 657 -3.89 -24.27 11.66
CA TYR A 657 -3.56 -22.86 11.56
C TYR A 657 -2.11 -22.66 11.18
N GLY A 658 -1.20 -23.40 11.80
CA GLY A 658 0.19 -23.27 11.45
C GLY A 658 0.54 -23.81 10.08
N LEU A 659 -0.43 -24.43 9.42
CA LEU A 659 -0.25 -24.91 8.05
C LEU A 659 -0.98 -24.05 7.05
N ILE A 660 -2.00 -23.31 7.47
CA ILE A 660 -2.67 -22.39 6.58
C ILE A 660 -2.01 -21.02 6.62
N PHE A 661 -1.25 -20.74 7.67
CA PHE A 661 -0.33 -19.60 7.71
C PHE A 661 0.51 -19.52 6.44
N LEU A 662 1.30 -20.56 6.19
CA LEU A 662 2.22 -20.54 5.07
C LEU A 662 1.49 -20.44 3.75
N GLY A 663 0.37 -21.13 3.60
CA GLY A 663 -0.39 -21.03 2.36
C GLY A 663 -0.89 -19.62 2.13
N ALA A 664 -1.31 -18.95 3.20
CA ALA A 664 -1.72 -17.57 3.05
C ALA A 664 -0.58 -16.71 2.54
N HIS A 665 0.62 -16.91 3.10
CA HIS A 665 1.78 -16.20 2.58
C HIS A 665 1.95 -16.48 1.10
N PHE A 666 1.82 -17.75 0.71
CA PHE A 666 2.08 -18.13 -0.67
C PHE A 666 1.13 -17.40 -1.61
N VAL A 667 -0.15 -17.35 -1.27
CA VAL A 667 -1.09 -16.65 -2.14
C VAL A 667 -0.78 -15.16 -2.16
N TRP A 668 -0.40 -14.60 -1.02
CA TRP A 668 -0.06 -13.18 -1.00
C TRP A 668 1.07 -12.89 -1.98
N ALA A 669 2.14 -13.68 -1.92
CA ALA A 669 3.26 -13.46 -2.82
C ALA A 669 2.93 -13.86 -4.25
N PHE A 670 1.91 -14.68 -4.43
CA PHE A 670 1.50 -15.06 -5.77
C PHE A 670 0.75 -13.94 -6.46
N SER A 671 0.11 -13.07 -5.69
CA SER A 671 -0.59 -11.96 -6.31
C SER A 671 0.36 -11.02 -7.05
N LEU A 672 1.62 -10.98 -6.65
CA LEU A 672 2.51 -9.96 -7.15
C LEU A 672 2.80 -10.15 -8.64
N MET A 673 2.78 -11.39 -9.13
CA MET A 673 2.97 -11.58 -10.55
C MET A 673 1.89 -10.87 -11.34
N PHE A 674 0.66 -10.97 -10.88
CA PHE A 674 -0.43 -10.34 -11.58
C PHE A 674 -0.37 -8.83 -11.43
N LEU A 675 0.11 -8.35 -10.28
CA LEU A 675 0.12 -6.90 -10.09
C LEU A 675 1.24 -6.24 -10.87
N PHE A 676 2.46 -6.76 -10.77
CA PHE A 676 3.63 -6.06 -11.30
C PHE A 676 3.68 -6.08 -12.82
N SER A 677 3.45 -7.24 -13.42
CA SER A 677 3.79 -7.46 -14.82
C SER A 677 2.67 -6.97 -15.74
N GLY A 678 2.76 -7.29 -17.03
CA GLY A 678 1.81 -6.82 -18.00
C GLY A 678 1.51 -7.90 -19.02
N ARG A 679 0.45 -7.69 -19.78
CA ARG A 679 -0.09 -8.79 -20.55
C ARG A 679 0.61 -9.02 -21.88
N GLY A 680 1.39 -8.07 -22.37
CA GLY A 680 2.07 -8.31 -23.63
C GLY A 680 3.09 -9.42 -23.52
N TYR A 681 3.86 -9.41 -22.44
CA TYR A 681 4.84 -10.46 -22.22
C TYR A 681 4.17 -11.82 -22.16
N TRP A 682 3.09 -11.92 -21.40
CA TRP A 682 2.41 -13.19 -21.30
C TRP A 682 1.78 -13.58 -22.61
N GLN A 683 1.30 -12.62 -23.39
CA GLN A 683 0.76 -12.94 -24.70
C GLN A 683 1.82 -13.60 -25.58
N GLU A 684 3.04 -13.04 -25.58
CA GLU A 684 4.08 -13.63 -26.42
C GLU A 684 4.49 -15.00 -25.92
N LEU A 685 4.63 -15.16 -24.61
CA LEU A 685 5.00 -16.47 -24.08
C LEU A 685 3.95 -17.51 -24.42
N ILE A 686 2.68 -17.14 -24.25
CA ILE A 686 1.58 -18.04 -24.58
C ILE A 686 1.60 -18.37 -26.06
N GLU A 687 2.01 -17.42 -26.89
CA GLU A 687 2.14 -17.72 -28.31
C GLU A 687 3.21 -18.77 -28.58
N SER A 688 4.35 -18.68 -27.89
CA SER A 688 5.37 -19.69 -28.13
C SER A 688 4.90 -21.07 -27.68
N ILE A 689 4.21 -21.14 -26.55
CA ILE A 689 3.69 -22.45 -26.13
C ILE A 689 2.63 -22.93 -27.11
N VAL A 690 1.86 -22.02 -27.71
CA VAL A 690 0.94 -22.42 -28.75
C VAL A 690 1.67 -23.02 -29.92
N TRP A 691 2.86 -22.51 -30.23
CA TRP A 691 3.66 -23.17 -31.26
C TRP A 691 4.02 -24.58 -30.85
N ALA A 692 4.46 -24.74 -29.60
CA ALA A 692 4.84 -26.08 -29.14
C ALA A 692 3.67 -27.03 -29.20
N HIS A 693 2.44 -26.53 -29.16
CA HIS A 693 1.30 -27.41 -29.40
C HIS A 693 1.00 -27.58 -30.88
N ASN A 694 1.25 -26.57 -31.69
CA ASN A 694 1.02 -26.73 -33.12
C ASN A 694 1.94 -27.79 -33.70
N LYS A 695 3.09 -28.02 -33.08
CA LYS A 695 3.99 -29.04 -33.59
C LYS A 695 3.38 -30.43 -33.45
N LEU A 696 2.72 -30.71 -32.33
CA LEU A 696 2.19 -32.03 -32.05
C LEU A 696 0.71 -32.16 -32.40
N LYS A 697 0.18 -31.24 -33.18
CA LYS A 697 -1.22 -31.27 -33.62
C LYS A 697 -2.20 -31.26 -32.47
N VAL A 698 -1.88 -30.55 -31.39
CA VAL A 698 -2.80 -30.37 -30.27
C VAL A 698 -3.16 -28.89 -30.20
N ALA A 699 -3.26 -28.26 -31.35
CA ALA A 699 -3.73 -26.88 -31.36
C ALA A 699 -5.15 -26.85 -30.81
N PRO A 700 -5.41 -26.13 -29.72
CA PRO A 700 -6.77 -26.00 -29.25
C PRO A 700 -7.58 -25.20 -30.25
N ALA A 701 -8.79 -25.66 -30.56
CA ALA A 701 -9.51 -24.90 -31.56
C ALA A 701 -10.15 -23.65 -30.98
N ILE A 702 -10.29 -23.56 -29.65
CA ILE A 702 -10.49 -22.26 -29.02
C ILE A 702 -9.12 -21.62 -28.84
N GLN A 703 -9.06 -20.32 -28.91
CA GLN A 703 -7.72 -19.75 -29.01
C GLN A 703 -7.23 -19.29 -27.65
N PRO A 704 -6.02 -19.67 -27.24
CA PRO A 704 -5.49 -19.16 -25.98
C PRO A 704 -5.12 -17.69 -26.11
N ARG A 705 -5.70 -16.87 -25.25
CA ARG A 705 -5.37 -15.46 -25.15
C ARG A 705 -5.03 -15.13 -23.72
N ALA A 706 -4.11 -14.20 -23.53
CA ALA A 706 -3.79 -13.78 -22.18
C ALA A 706 -4.94 -12.95 -21.62
N LEU A 707 -4.92 -12.76 -20.30
CA LEU A 707 -5.99 -12.01 -19.66
C LEU A 707 -5.94 -10.56 -20.11
N SER A 708 -7.10 -9.92 -20.11
CA SER A 708 -7.11 -8.51 -20.40
C SER A 708 -6.56 -7.73 -19.22
N ILE A 709 -6.19 -6.48 -19.49
CA ILE A 709 -5.51 -5.68 -18.48
C ILE A 709 -6.34 -5.61 -17.21
N THR A 710 -7.61 -5.26 -17.35
CA THR A 710 -8.46 -5.09 -16.19
C THR A 710 -8.58 -6.39 -15.41
N GLN A 711 -8.68 -7.50 -16.11
CA GLN A 711 -8.81 -8.76 -15.40
C GLN A 711 -7.53 -9.11 -14.66
N GLY A 712 -6.38 -8.86 -15.27
CA GLY A 712 -5.13 -9.11 -14.58
C GLY A 712 -5.04 -8.33 -13.29
N ARG A 713 -5.38 -7.04 -13.35
CA ARG A 713 -5.39 -6.25 -12.13
C ARG A 713 -6.34 -6.82 -11.10
N ALA A 714 -7.56 -7.17 -11.53
CA ALA A 714 -8.57 -7.65 -10.59
C ALA A 714 -8.13 -8.93 -9.91
N VAL A 715 -7.58 -9.87 -10.68
CA VAL A 715 -7.09 -11.11 -10.11
C VAL A 715 -5.95 -10.82 -9.14
N GLY A 716 -5.11 -9.85 -9.47
CA GLY A 716 -4.05 -9.48 -8.55
C GLY A 716 -4.61 -9.04 -7.21
N VAL A 717 -5.59 -8.14 -7.23
CA VAL A 717 -6.08 -7.66 -5.94
C VAL A 717 -6.85 -8.75 -5.21
N ALA A 718 -7.50 -9.65 -5.95
CA ALA A 718 -8.18 -10.75 -5.30
C ALA A 718 -7.20 -11.60 -4.52
N HIS A 719 -6.13 -12.04 -5.18
CA HIS A 719 -5.14 -12.85 -4.47
C HIS A 719 -4.51 -12.07 -3.33
N TYR A 720 -4.26 -10.78 -3.53
CA TYR A 720 -3.64 -9.98 -2.49
C TYR A 720 -4.49 -9.99 -1.22
N LEU A 721 -5.76 -9.63 -1.35
CA LEU A 721 -6.62 -9.60 -0.18
C LEU A 721 -6.78 -10.98 0.42
N LEU A 722 -6.94 -12.01 -0.41
CA LEU A 722 -7.11 -13.35 0.12
C LEU A 722 -5.92 -13.75 0.96
N GLY A 723 -4.72 -13.58 0.43
CA GLY A 723 -3.53 -13.99 1.16
C GLY A 723 -3.36 -13.21 2.45
N GLY A 724 -3.48 -11.88 2.38
CA GLY A 724 -3.26 -11.09 3.57
C GLY A 724 -4.27 -11.41 4.66
N ILE A 725 -5.55 -11.44 4.30
CA ILE A 725 -6.58 -11.66 5.30
C ILE A 725 -6.51 -13.07 5.86
N ALA A 726 -6.18 -14.05 5.02
CA ALA A 726 -6.02 -15.41 5.52
C ALA A 726 -4.86 -15.50 6.50
N THR A 727 -3.77 -14.78 6.23
CA THR A 727 -2.66 -14.78 7.17
C THR A 727 -3.11 -14.24 8.52
N THR A 728 -3.79 -13.08 8.50
CA THR A 728 -4.21 -12.50 9.75
C THR A 728 -5.19 -13.40 10.49
N TRP A 729 -6.09 -14.04 9.75
CA TRP A 729 -7.02 -15.00 10.33
C TRP A 729 -6.29 -16.11 11.06
N SER A 730 -5.36 -16.76 10.36
CA SER A 730 -4.63 -17.85 10.97
C SER A 730 -3.89 -17.39 12.22
N PHE A 731 -3.22 -16.25 12.13
CA PHE A 731 -2.44 -15.77 13.25
C PHE A 731 -3.31 -15.50 14.46
N PHE A 732 -4.40 -14.76 14.27
CA PHE A 732 -5.27 -14.42 15.38
C PHE A 732 -5.82 -15.66 16.03
N LEU A 733 -6.35 -16.58 15.22
CA LEU A 733 -7.03 -17.72 15.81
C LEU A 733 -6.05 -18.61 16.53
N ALA A 734 -4.89 -18.89 15.95
CA ALA A 734 -3.92 -19.71 16.66
C ALA A 734 -3.53 -19.07 17.98
N ARG A 735 -3.21 -17.78 17.95
CA ARG A 735 -2.76 -17.12 19.17
C ARG A 735 -3.82 -17.20 20.26
N ILE A 736 -5.01 -16.70 19.97
CA ILE A 736 -5.97 -16.52 21.06
C ILE A 736 -6.70 -17.79 21.41
N ILE A 737 -6.74 -18.78 20.51
CA ILE A 737 -7.24 -20.08 20.89
C ILE A 737 -6.19 -20.82 21.72
N SER A 738 -4.91 -20.51 21.51
CA SER A 738 -3.88 -21.19 22.26
C SER A 738 -3.77 -20.67 23.70
N VAL A 739 -3.70 -19.34 23.86
CA VAL A 739 -3.45 -18.79 25.19
C VAL A 739 -4.69 -18.20 25.85
N GLY A 740 -5.76 -17.99 25.10
CA GLY A 740 -6.95 -17.39 25.67
C GLY A 740 -7.86 -18.37 26.38
N ALA B 1 10.56 27.77 -24.33
CA ALA B 1 11.95 27.96 -23.96
C ALA B 1 12.82 26.82 -24.51
N THR B 2 14.12 27.01 -24.50
CA THR B 2 15.03 26.07 -25.15
C THR B 2 16.29 25.84 -24.31
N LYS B 3 16.10 25.49 -23.03
CA LYS B 3 17.15 25.47 -22.01
C LYS B 3 18.44 24.77 -22.39
N LEU B 4 19.53 25.07 -21.66
CA LEU B 4 20.82 24.47 -21.93
C LEU B 4 20.84 22.99 -21.59
N PHE B 5 20.39 22.64 -20.40
CA PHE B 5 20.55 21.27 -19.94
C PHE B 5 19.47 20.37 -20.54
N PRO B 6 19.83 19.27 -21.17
CA PRO B 6 21.21 18.87 -21.40
C PRO B 6 21.61 19.13 -22.83
N LYS B 7 22.90 19.22 -23.10
CA LYS B 7 23.36 19.59 -24.43
C LYS B 7 23.49 18.41 -25.38
N PHE B 8 23.43 17.17 -24.88
CA PHE B 8 23.67 16.05 -25.77
C PHE B 8 22.45 15.74 -26.64
N SER B 9 21.25 16.07 -26.18
CA SER B 9 20.03 15.77 -26.92
C SER B 9 19.21 17.03 -27.06
N GLN B 10 19.03 17.49 -28.30
CA GLN B 10 18.31 18.74 -28.49
C GLN B 10 16.82 18.55 -28.28
N GLY B 11 16.26 17.44 -28.77
CA GLY B 11 14.84 17.22 -28.58
C GLY B 11 14.46 17.07 -27.13
N LEU B 12 15.40 16.62 -26.30
CA LEU B 12 15.12 16.50 -24.87
C LEU B 12 15.16 17.84 -24.18
N ALA B 13 16.09 18.71 -24.56
CA ALA B 13 16.18 20.04 -23.97
C ALA B 13 15.26 21.01 -24.68
N GLN B 14 14.04 20.60 -24.84
CA GLN B 14 13.06 21.40 -25.56
C GLN B 14 11.75 21.54 -24.82
N ASP B 15 11.32 20.51 -24.11
CA ASP B 15 9.99 20.49 -23.55
C ASP B 15 9.94 21.25 -22.22
N PRO B 16 8.85 21.92 -21.94
CA PRO B 16 8.70 22.62 -20.65
C PRO B 16 8.04 21.75 -19.59
N THR B 17 8.64 20.60 -19.33
CA THR B 17 8.18 19.76 -18.23
C THR B 17 9.35 19.44 -17.33
N THR B 18 9.11 18.62 -16.32
CA THR B 18 10.18 18.09 -15.50
C THR B 18 10.66 16.75 -16.03
N ARG B 19 10.15 16.32 -17.18
CA ARG B 19 10.67 15.12 -17.80
C ARG B 19 12.10 15.32 -18.27
N ARG B 20 12.47 16.55 -18.61
CA ARG B 20 13.81 16.78 -19.12
C ARG B 20 14.87 16.54 -18.05
N ILE B 21 14.59 16.85 -16.79
CA ILE B 21 15.58 16.60 -15.76
C ILE B 21 15.85 15.12 -15.61
N TRP B 22 14.80 14.32 -15.43
CA TRP B 22 15.00 12.90 -15.23
C TRP B 22 15.60 12.24 -16.46
N TYR B 23 15.11 12.59 -17.65
CA TYR B 23 15.66 11.97 -18.84
C TYR B 23 17.08 12.44 -19.12
N GLY B 24 17.42 13.68 -18.78
CA GLY B 24 18.79 14.12 -18.92
C GLY B 24 19.72 13.39 -17.99
N LEU B 25 19.23 13.02 -16.81
CA LEU B 25 20.03 12.13 -15.98
C LEU B 25 20.08 10.72 -16.54
N ALA B 26 19.09 10.33 -17.35
CA ALA B 26 19.00 8.93 -17.74
C ALA B 26 19.70 8.60 -19.05
N MET B 27 19.83 9.56 -19.96
CA MET B 27 20.41 9.30 -21.27
C MET B 27 21.83 9.84 -21.40
N ALA B 28 22.52 10.04 -20.28
CA ALA B 28 23.85 10.65 -20.36
C ALA B 28 24.89 9.67 -20.85
N HIS B 29 24.83 8.42 -20.42
CA HIS B 29 25.80 7.43 -20.84
C HIS B 29 25.31 6.61 -22.01
N ASP B 30 24.31 7.11 -22.74
CA ASP B 30 23.87 6.47 -23.96
C ASP B 30 24.54 7.18 -25.14
N PHE B 31 25.85 7.02 -25.22
CA PHE B 31 26.65 7.79 -26.17
C PHE B 31 26.16 7.57 -27.59
N GLU B 32 25.59 6.40 -27.89
CA GLU B 32 25.25 6.07 -29.26
C GLU B 32 24.12 6.92 -29.82
N SER B 33 23.42 7.66 -28.99
CA SER B 33 22.23 8.37 -29.44
C SER B 33 22.23 9.82 -29.01
N HIS B 34 23.39 10.43 -28.94
CA HIS B 34 23.46 11.87 -28.72
C HIS B 34 23.38 12.58 -30.05
N ASP B 35 23.43 13.91 -30.01
CA ASP B 35 23.40 14.68 -31.23
C ASP B 35 24.77 14.73 -31.87
N GLY B 36 24.81 14.48 -33.18
CA GLY B 36 26.05 14.59 -33.93
C GLY B 36 27.09 13.55 -33.60
N MET B 37 26.68 12.39 -33.11
CA MET B 37 27.64 11.38 -32.69
C MET B 37 28.08 10.57 -33.90
N THR B 38 29.35 10.71 -34.27
CA THR B 38 29.97 9.83 -35.26
C THR B 38 30.40 8.54 -34.58
N GLU B 39 31.27 7.76 -35.22
CA GLU B 39 31.78 6.53 -34.64
C GLU B 39 33.12 6.72 -33.93
N GLU B 40 34.03 7.48 -34.55
CA GLU B 40 35.29 7.79 -33.89
C GLU B 40 35.03 8.49 -32.57
N ASN B 41 34.12 9.46 -32.56
CA ASN B 41 33.82 10.19 -31.33
C ASN B 41 33.28 9.25 -30.26
N LEU B 42 32.49 8.27 -30.67
CA LEU B 42 31.97 7.29 -29.73
C LEU B 42 33.10 6.52 -29.05
N TYR B 43 34.02 5.98 -29.85
CA TYR B 43 35.10 5.19 -29.27
C TYR B 43 35.96 6.05 -28.36
N GLN B 44 36.23 7.29 -28.74
CA GLN B 44 37.09 8.13 -27.91
C GLN B 44 36.42 8.45 -26.57
N LYS B 45 35.12 8.74 -26.58
CA LYS B 45 34.45 8.99 -25.30
C LYS B 45 34.48 7.76 -24.42
N ILE B 46 34.29 6.57 -25.02
CA ILE B 46 34.32 5.36 -24.21
C ILE B 46 35.70 5.16 -23.60
N PHE B 47 36.75 5.45 -24.36
CA PHE B 47 38.12 5.33 -23.86
C PHE B 47 38.35 6.24 -22.65
N ALA B 48 38.03 7.51 -22.79
CA ALA B 48 38.24 8.43 -21.68
C ALA B 48 37.40 8.02 -20.47
N SER B 49 36.19 7.53 -20.70
CA SER B 49 35.36 7.11 -19.57
C SER B 49 36.00 5.95 -18.83
N HIS B 50 36.60 5.01 -19.56
CA HIS B 50 37.32 3.93 -18.89
C HIS B 50 38.38 4.50 -17.97
N PHE B 51 39.10 5.52 -18.43
CA PHE B 51 40.10 6.11 -17.55
C PHE B 51 39.47 6.68 -16.30
N GLY B 52 38.32 7.33 -16.44
CA GLY B 52 37.63 7.83 -15.26
C GLY B 52 37.33 6.73 -14.26
N GLN B 53 36.82 5.61 -14.76
CA GLN B 53 36.46 4.50 -13.88
C GLN B 53 37.68 3.95 -13.14
N LEU B 54 38.82 3.83 -13.85
CA LEU B 54 40.03 3.36 -13.19
C LEU B 54 40.46 4.33 -12.09
N SER B 55 40.37 5.62 -12.36
CA SER B 55 40.73 6.59 -11.34
C SER B 55 39.89 6.41 -10.09
N ILE B 56 38.58 6.24 -10.26
CA ILE B 56 37.72 6.09 -9.09
C ILE B 56 38.07 4.83 -8.32
N ILE B 57 38.35 3.73 -9.02
CA ILE B 57 38.67 2.49 -8.31
C ILE B 57 39.92 2.67 -7.45
N PHE B 58 40.99 3.19 -8.04
CA PHE B 58 42.22 3.30 -7.27
C PHE B 58 42.08 4.30 -6.14
N LEU B 59 41.33 5.38 -6.35
CA LEU B 59 41.12 6.32 -5.27
C LEU B 59 40.38 5.67 -4.12
N TRP B 60 39.37 4.86 -4.43
CA TRP B 60 38.63 4.16 -3.38
C TRP B 60 39.52 3.25 -2.58
N THR B 61 40.38 2.49 -3.25
CA THR B 61 41.27 1.60 -2.49
C THR B 61 42.21 2.40 -1.61
N SER B 62 42.69 3.54 -2.10
CA SER B 62 43.52 4.38 -1.24
C SER B 62 42.74 4.82 -0.01
N GLY B 63 41.46 5.10 -0.19
CA GLY B 63 40.64 5.47 0.95
C GLY B 63 40.57 4.38 1.99
N ASN B 64 40.37 3.14 1.55
CA ASN B 64 40.32 2.04 2.52
C ASN B 64 41.64 1.90 3.27
N LEU B 65 42.75 1.98 2.54
CA LEU B 65 44.04 1.89 3.21
C LEU B 65 44.22 3.02 4.23
N PHE B 66 43.84 4.24 3.86
CA PHE B 66 44.04 5.38 4.74
C PHE B 66 43.23 5.24 6.01
N HIS B 67 41.94 4.90 5.89
CA HIS B 67 41.13 4.82 7.10
C HIS B 67 41.55 3.65 7.98
N VAL B 68 41.87 2.50 7.40
CA VAL B 68 42.36 1.40 8.22
C VAL B 68 43.64 1.80 8.93
N ALA B 69 44.53 2.49 8.23
CA ALA B 69 45.81 2.82 8.84
C ALA B 69 45.67 3.89 9.90
N TRP B 70 44.69 4.77 9.77
CA TRP B 70 44.60 5.86 10.73
C TRP B 70 43.70 5.54 11.92
N GLN B 71 42.47 5.12 11.66
CA GLN B 71 41.52 4.95 12.74
C GLN B 71 41.39 3.51 13.21
N GLY B 72 42.00 2.55 12.52
CA GLY B 72 41.90 1.16 12.89
C GLY B 72 42.93 0.78 13.94
N ASN B 73 43.05 -0.52 14.15
CA ASN B 73 44.02 -1.07 15.08
C ASN B 73 44.76 -2.23 14.42
N PHE B 74 45.24 -2.02 13.20
CA PHE B 74 45.94 -3.08 12.51
C PHE B 74 47.27 -3.41 13.18
N GLU B 75 47.86 -2.46 13.90
CA GLU B 75 49.10 -2.75 14.58
C GLU B 75 48.90 -3.72 15.73
N GLN B 76 47.75 -3.65 16.39
CA GLN B 76 47.44 -4.55 17.48
C GLN B 76 46.77 -5.82 17.04
N TRP B 77 46.14 -5.81 15.86
CA TRP B 77 45.42 -7.00 15.42
C TRP B 77 46.37 -8.11 15.02
N VAL B 78 47.57 -7.77 14.54
CA VAL B 78 48.47 -8.80 14.04
C VAL B 78 49.14 -9.60 15.15
N THR B 79 48.99 -9.18 16.41
CA THR B 79 49.55 -9.98 17.48
C THR B 79 48.64 -11.13 17.87
N ASP B 80 47.33 -10.96 17.74
CA ASP B 80 46.39 -11.99 18.16
C ASP B 80 45.08 -11.82 17.40
N PRO B 81 44.92 -12.47 16.25
CA PRO B 81 43.72 -12.28 15.43
C PRO B 81 42.58 -13.25 15.66
N VAL B 82 42.67 -14.14 16.66
CA VAL B 82 41.54 -14.98 17.03
C VAL B 82 40.79 -14.30 18.16
N HIS B 83 41.03 -13.00 18.28
CA HIS B 83 40.75 -12.12 19.39
C HIS B 83 40.49 -10.77 18.75
N ILE B 84 40.99 -9.69 19.36
CA ILE B 84 40.55 -8.32 19.13
C ILE B 84 40.05 -8.07 17.72
N ARG B 85 38.84 -7.52 17.62
CA ARG B 85 38.11 -7.46 16.37
C ARG B 85 38.72 -6.44 15.42
N PRO B 86 38.49 -6.61 14.12
CA PRO B 86 38.93 -5.59 13.16
C PRO B 86 38.17 -4.30 13.35
N ILE B 87 38.79 -3.21 12.93
CA ILE B 87 38.20 -1.88 13.07
C ILE B 87 38.18 -1.23 11.69
N ALA B 88 36.99 -0.81 11.24
CA ALA B 88 36.87 -0.22 9.92
C ALA B 88 37.21 1.26 9.93
N HIS B 89 36.44 2.05 10.66
CA HIS B 89 36.76 3.47 10.78
C HIS B 89 36.02 4.01 11.99
N ALA B 90 36.27 5.29 12.30
CA ALA B 90 35.70 5.89 13.48
C ALA B 90 34.56 6.82 13.10
N ILE B 91 33.65 7.02 14.04
CA ILE B 91 32.43 7.76 13.82
C ILE B 91 32.53 9.09 14.55
N TRP B 92 32.09 10.15 13.90
CA TRP B 92 31.81 11.42 14.58
C TRP B 92 30.45 11.86 14.10
N ASP B 93 29.42 11.53 14.87
CA ASP B 93 28.05 11.90 14.57
C ASP B 93 27.52 12.79 15.69
N PRO B 94 27.16 14.05 15.44
CA PRO B 94 26.65 14.87 16.56
C PRO B 94 25.28 14.48 17.01
N HIS B 95 24.61 13.54 16.34
CA HIS B 95 23.30 13.13 16.78
C HIS B 95 23.32 12.09 17.88
N PHE B 96 24.49 11.59 18.27
CA PHE B 96 24.51 10.52 19.23
C PHE B 96 24.16 11.01 20.61
N GLY B 97 23.73 10.08 21.47
CA GLY B 97 23.56 10.32 22.87
C GLY B 97 24.61 9.56 23.67
N GLN B 98 24.53 9.71 24.99
CA GLN B 98 25.57 9.13 25.83
C GLN B 98 25.68 7.61 25.72
N PRO B 99 24.62 6.82 25.89
CA PRO B 99 24.80 5.37 25.81
C PRO B 99 25.13 4.92 24.41
N ALA B 100 24.81 5.71 23.40
CA ALA B 100 25.16 5.33 22.04
C ALA B 100 26.66 5.23 21.87
N VAL B 101 27.36 6.32 22.17
CA VAL B 101 28.81 6.31 22.05
C VAL B 101 29.42 5.37 23.08
N GLU B 102 28.84 5.30 24.27
CA GLU B 102 29.36 4.32 25.23
C GLU B 102 29.24 2.91 24.69
N ALA B 103 28.26 2.66 23.81
CA ALA B 103 28.06 1.32 23.28
C ALA B 103 28.98 1.04 22.10
N PHE B 104 29.06 1.97 21.16
CA PHE B 104 29.80 1.72 19.94
C PHE B 104 31.30 1.58 20.18
N THR B 105 31.82 2.10 21.28
CA THR B 105 33.25 2.05 21.53
C THR B 105 33.66 0.63 21.84
N ARG B 106 34.14 -0.08 20.82
CA ARG B 106 34.44 -1.50 20.96
C ARG B 106 35.62 -1.85 20.10
N GLY B 107 36.27 -2.95 20.44
CA GLY B 107 37.47 -3.37 19.73
C GLY B 107 38.75 -2.81 20.26
N GLY B 108 38.75 -2.25 21.47
CA GLY B 108 39.94 -1.68 22.05
C GLY B 108 40.19 -0.23 21.71
N ALA B 109 39.29 0.41 20.97
CA ALA B 109 39.52 1.77 20.53
C ALA B 109 39.17 2.74 21.66
N SER B 110 39.12 4.03 21.32
CA SER B 110 38.83 5.07 22.29
C SER B 110 37.61 5.89 21.93
N GLY B 111 36.87 5.49 20.91
CA GLY B 111 35.70 6.22 20.50
C GLY B 111 34.75 5.36 19.70
N PRO B 112 33.81 5.97 19.06
CA PRO B 112 32.82 5.19 18.30
C PRO B 112 33.38 4.62 17.01
N VAL B 113 34.00 3.45 17.06
CA VAL B 113 34.45 2.77 15.85
C VAL B 113 33.45 1.67 15.53
N ASN B 114 33.46 1.20 14.29
CA ASN B 114 32.61 0.09 13.92
C ASN B 114 33.43 -0.99 13.23
N ILE B 115 33.02 -2.23 13.43
CA ILE B 115 33.84 -3.38 13.10
C ILE B 115 33.94 -3.53 11.59
N SER B 116 35.10 -4.00 11.12
CA SER B 116 35.36 -4.15 9.70
C SER B 116 35.05 -5.57 9.28
N THR B 117 33.86 -5.76 8.74
CA THR B 117 33.48 -7.05 8.17
C THR B 117 33.75 -7.09 6.69
N SER B 118 34.99 -6.80 6.30
CA SER B 118 35.35 -6.72 4.90
C SER B 118 36.46 -7.66 4.50
N GLY B 119 37.23 -8.18 5.44
CA GLY B 119 38.34 -9.03 5.08
C GLY B 119 39.56 -8.30 4.56
N VAL B 120 39.65 -7.00 4.74
CA VAL B 120 40.88 -6.32 4.34
C VAL B 120 42.00 -6.64 5.32
N TYR B 121 41.68 -6.83 6.60
CA TYR B 121 42.75 -7.08 7.55
C TYR B 121 43.45 -8.38 7.25
N GLN B 122 42.70 -9.43 6.94
CA GLN B 122 43.35 -10.71 6.65
C GLN B 122 44.14 -10.64 5.35
N TRP B 123 43.60 -9.97 4.35
CA TRP B 123 44.33 -9.80 3.10
C TRP B 123 45.67 -9.13 3.34
N TRP B 124 45.66 -8.00 4.04
CA TRP B 124 46.89 -7.25 4.24
C TRP B 124 47.82 -7.92 5.22
N TYR B 125 47.31 -8.78 6.11
CA TYR B 125 48.23 -9.51 6.95
C TYR B 125 48.87 -10.66 6.21
N THR B 126 48.14 -11.27 5.29
CA THR B 126 48.73 -12.37 4.54
C THR B 126 49.77 -11.85 3.57
N ILE B 127 49.46 -10.78 2.83
CA ILE B 127 50.38 -10.38 1.78
C ILE B 127 51.68 -9.81 2.33
N GLY B 128 51.71 -9.40 3.59
CA GLY B 128 52.99 -8.99 4.13
C GLY B 128 53.07 -7.62 4.78
N MET B 129 51.95 -6.93 4.95
CA MET B 129 51.95 -5.75 5.80
C MET B 129 52.12 -6.16 7.25
N ARG B 130 52.75 -5.30 8.03
CA ARG B 130 52.77 -5.53 9.47
C ARG B 130 52.48 -4.30 10.31
N THR B 131 52.76 -3.10 9.84
CA THR B 131 52.61 -1.90 10.65
C THR B 131 51.66 -0.93 9.96
N ASN B 132 51.45 0.22 10.58
CA ASN B 132 50.66 1.27 9.96
C ASN B 132 51.42 1.94 8.83
N GLN B 133 52.71 2.19 9.03
CA GLN B 133 53.47 2.97 8.08
C GLN B 133 53.37 2.41 6.68
N ASP B 134 53.43 1.09 6.56
CA ASP B 134 53.32 0.47 5.25
C ASP B 134 51.97 0.75 4.62
N LEU B 135 50.91 0.71 5.42
CA LEU B 135 49.59 1.03 4.90
C LEU B 135 49.52 2.47 4.41
N TYR B 136 50.08 3.41 5.17
CA TYR B 136 50.08 4.78 4.70
C TYR B 136 50.82 4.91 3.38
N VAL B 137 51.96 4.24 3.27
CA VAL B 137 52.74 4.31 2.03
C VAL B 137 51.90 3.80 0.87
N GLY B 138 51.20 2.68 1.08
CA GLY B 138 50.33 2.16 0.05
C GLY B 138 49.24 3.14 -0.34
N SER B 139 48.64 3.81 0.64
CA SER B 139 47.57 4.74 0.34
C SER B 139 48.08 5.91 -0.49
N VAL B 140 49.23 6.47 -0.12
CA VAL B 140 49.78 7.57 -0.89
C VAL B 140 50.08 7.13 -2.30
N PHE B 141 50.66 5.94 -2.44
CA PHE B 141 51.00 5.44 -3.76
C PHE B 141 49.75 5.29 -4.63
N LEU B 142 48.69 4.69 -4.09
CA LEU B 142 47.50 4.48 -4.90
C LEU B 142 46.81 5.78 -5.23
N ALA B 143 46.80 6.75 -4.31
CA ALA B 143 46.24 8.05 -4.69
C ALA B 143 47.02 8.66 -5.84
N LEU B 144 48.34 8.56 -5.80
CA LEU B 144 49.15 9.09 -6.88
C LEU B 144 48.81 8.41 -8.20
N VAL B 145 48.68 7.09 -8.17
CA VAL B 145 48.36 6.34 -9.39
C VAL B 145 47.00 6.76 -9.93
N SER B 146 46.04 6.99 -9.02
CA SER B 146 44.73 7.43 -9.47
C SER B 146 44.83 8.78 -10.16
N ALA B 147 45.64 9.68 -9.62
CA ALA B 147 45.83 10.97 -10.27
C ALA B 147 46.44 10.79 -11.66
N ILE B 148 47.37 9.85 -11.79
CA ILE B 148 47.98 9.60 -13.09
C ILE B 148 46.92 9.15 -14.09
N PHE B 149 46.06 8.22 -13.67
CA PHE B 149 45.04 7.74 -14.61
C PHE B 149 44.06 8.85 -14.98
N LEU B 150 43.69 9.69 -14.02
CA LEU B 150 42.81 10.80 -14.36
C LEU B 150 43.46 11.73 -15.38
N PHE B 151 44.75 12.03 -15.18
CA PHE B 151 45.41 12.91 -16.14
C PHE B 151 45.47 12.28 -17.51
N ALA B 152 45.76 10.98 -17.59
CA ALA B 152 45.80 10.34 -18.90
C ALA B 152 44.44 10.38 -19.57
N GLY B 153 43.38 10.19 -18.78
CA GLY B 153 42.04 10.29 -19.35
C GLY B 153 41.78 11.66 -19.92
N TRP B 154 42.29 12.70 -19.26
CA TRP B 154 42.18 14.02 -19.87
C TRP B 154 43.08 14.13 -21.10
N LEU B 155 44.22 13.46 -21.09
CA LEU B 155 45.19 13.62 -22.16
C LEU B 155 44.62 13.12 -23.48
N HIS B 156 44.10 11.90 -23.47
CA HIS B 156 43.72 11.28 -24.73
C HIS B 156 42.42 11.84 -25.30
N LEU B 157 41.88 12.91 -24.73
CA LEU B 157 40.83 13.66 -25.41
C LEU B 157 41.38 14.84 -26.18
N GLN B 158 42.61 15.26 -25.89
CA GLN B 158 43.16 16.43 -26.53
C GLN B 158 43.46 16.14 -28.00
N PRO B 159 43.14 17.07 -28.90
CA PRO B 159 42.96 16.70 -30.32
C PRO B 159 44.22 16.24 -31.01
N ASN B 160 45.38 16.33 -30.39
CA ASN B 160 46.55 15.80 -31.05
C ASN B 160 46.78 14.33 -30.72
N PHE B 161 46.33 13.88 -29.55
CA PHE B 161 46.55 12.50 -29.11
C PHE B 161 45.30 11.64 -29.21
N GLN B 162 44.26 12.09 -29.89
CA GLN B 162 43.07 11.27 -30.00
C GLN B 162 43.35 10.11 -30.94
N PRO B 163 43.20 8.87 -30.51
CA PRO B 163 43.44 7.75 -31.43
C PRO B 163 42.36 7.66 -32.49
N SER B 164 42.75 7.29 -33.69
CA SER B 164 41.79 7.21 -34.77
C SER B 164 40.92 5.98 -34.58
N LEU B 165 39.91 5.86 -35.46
CA LEU B 165 38.95 4.77 -35.31
C LEU B 165 39.62 3.42 -35.52
N SER B 166 40.49 3.31 -36.50
CA SER B 166 41.05 2.01 -36.82
C SER B 166 42.11 1.57 -35.82
N TRP B 167 42.55 2.44 -34.92
CA TRP B 167 43.35 1.94 -33.81
C TRP B 167 42.50 1.08 -32.90
N PHE B 168 41.26 1.50 -32.65
CA PHE B 168 40.29 0.57 -32.11
C PHE B 168 39.94 -0.44 -33.19
N LYS B 169 39.17 -1.46 -32.81
CA LYS B 169 38.79 -2.53 -33.74
C LYS B 169 40.02 -3.27 -34.25
N ASP B 170 41.10 -3.26 -33.47
CA ASP B 170 42.30 -4.02 -33.76
C ASP B 170 42.34 -5.20 -32.80
N ALA B 171 41.73 -6.31 -33.19
CA ALA B 171 41.56 -7.41 -32.26
C ALA B 171 42.89 -8.10 -31.96
N GLU B 172 43.65 -8.41 -33.00
CA GLU B 172 44.79 -9.30 -32.84
C GLU B 172 45.91 -8.67 -32.03
N SER B 173 46.06 -7.35 -32.11
CA SER B 173 47.13 -6.71 -31.35
C SER B 173 46.74 -6.41 -29.92
N ARG B 174 45.44 -6.35 -29.63
CA ARG B 174 45.01 -6.14 -28.26
C ARG B 174 45.08 -7.43 -27.47
N LEU B 175 44.78 -8.57 -28.10
CA LEU B 175 44.82 -9.78 -27.29
C LEU B 175 46.23 -10.25 -26.99
N ASN B 176 47.20 -10.08 -27.89
CA ASN B 176 48.56 -10.45 -27.52
C ASN B 176 49.02 -9.66 -26.32
N HIS B 177 48.78 -8.35 -26.29
CA HIS B 177 49.24 -7.57 -25.17
C HIS B 177 48.45 -7.88 -23.91
N HIS B 178 47.14 -7.99 -24.00
CA HIS B 178 46.41 -8.33 -22.79
C HIS B 178 46.84 -9.67 -22.25
N LEU B 179 46.78 -10.73 -23.07
CA LEU B 179 47.10 -12.06 -22.58
C LEU B 179 48.54 -12.17 -22.10
N SER B 180 49.50 -11.63 -22.85
CA SER B 180 50.88 -11.74 -22.40
C SER B 180 51.16 -10.72 -21.31
N GLY B 181 51.14 -9.43 -21.64
CA GLY B 181 51.44 -8.43 -20.63
C GLY B 181 50.46 -8.46 -19.48
N LEU B 182 49.21 -8.09 -19.73
CA LEU B 182 48.30 -7.77 -18.65
C LEU B 182 48.09 -8.93 -17.69
N PHE B 183 47.93 -10.14 -18.23
CA PHE B 183 47.80 -11.30 -17.35
C PHE B 183 49.15 -11.87 -16.95
N GLY B 184 49.96 -12.27 -17.93
CA GLY B 184 51.17 -13.01 -17.61
C GLY B 184 52.18 -12.21 -16.81
N VAL B 185 52.51 -11.00 -17.27
CA VAL B 185 53.56 -10.25 -16.56
C VAL B 185 53.08 -9.83 -15.19
N SER B 186 51.80 -9.48 -15.07
CA SER B 186 51.27 -9.16 -13.75
C SER B 186 51.34 -10.36 -12.83
N SER B 187 51.01 -11.55 -13.34
CA SER B 187 51.07 -12.74 -12.50
C SER B 187 52.50 -13.07 -12.11
N LEU B 188 53.43 -12.92 -13.05
CA LEU B 188 54.83 -13.15 -12.75
C LEU B 188 55.33 -12.17 -11.69
N ALA B 189 54.98 -10.90 -11.81
CA ALA B 189 55.41 -9.94 -10.82
C ALA B 189 54.77 -10.22 -9.47
N TRP B 190 53.53 -10.66 -9.46
CA TRP B 190 52.93 -11.01 -8.17
C TRP B 190 53.64 -12.19 -7.55
N THR B 191 54.08 -13.13 -8.37
CA THR B 191 54.94 -14.18 -7.82
C THR B 191 56.19 -13.57 -7.23
N GLY B 192 56.73 -12.56 -7.89
CA GLY B 192 57.90 -11.90 -7.34
C GLY B 192 57.63 -11.35 -5.96
N HIS B 193 56.47 -10.72 -5.79
CA HIS B 193 56.19 -10.14 -4.49
C HIS B 193 55.97 -11.21 -3.44
N LEU B 194 55.25 -12.27 -3.78
CA LEU B 194 55.07 -13.36 -2.83
C LEU B 194 56.42 -13.90 -2.38
N VAL B 195 57.29 -14.22 -3.33
CA VAL B 195 58.57 -14.85 -2.97
C VAL B 195 59.44 -13.90 -2.17
N HIS B 196 59.53 -12.64 -2.58
CA HIS B 196 60.49 -11.77 -1.94
C HIS B 196 60.00 -11.25 -0.60
N VAL B 197 58.73 -10.89 -0.49
CA VAL B 197 58.21 -10.22 0.69
C VAL B 197 57.28 -11.11 1.50
N ALA B 198 56.24 -11.66 0.88
CA ALA B 198 55.18 -12.29 1.66
C ALA B 198 55.66 -13.54 2.37
N ILE B 199 56.54 -14.31 1.74
CA ILE B 199 57.03 -15.51 2.41
C ILE B 199 57.96 -15.11 3.56
N PRO B 200 59.04 -14.35 3.34
CA PRO B 200 59.91 -14.02 4.47
C PRO B 200 59.23 -13.21 5.55
N GLU B 201 58.16 -12.48 5.24
CA GLU B 201 57.39 -11.91 6.34
C GLU B 201 56.65 -12.99 7.10
N SER B 202 56.21 -14.05 6.41
CA SER B 202 55.64 -15.16 7.14
C SER B 202 56.69 -16.07 7.77
N ARG B 203 57.97 -15.82 7.55
CA ARG B 203 58.99 -16.52 8.31
C ARG B 203 59.47 -15.73 9.52
N GLY B 204 59.25 -14.42 9.50
CA GLY B 204 59.72 -13.53 10.55
C GLY B 204 60.95 -12.80 10.08
N GLN B 205 60.73 -11.59 9.57
CA GLN B 205 61.75 -10.75 8.95
C GLN B 205 61.03 -9.48 8.51
N HIS B 206 61.77 -8.40 8.32
CA HIS B 206 61.17 -7.23 7.69
C HIS B 206 61.92 -6.93 6.42
N VAL B 207 61.51 -7.59 5.34
CA VAL B 207 61.95 -7.22 4.01
C VAL B 207 61.13 -6.02 3.57
N GLY B 208 61.75 -4.85 3.54
CA GLY B 208 61.08 -3.65 3.10
C GLY B 208 61.70 -3.12 1.81
N TRP B 209 61.35 -1.88 1.51
CA TRP B 209 62.04 -1.22 0.40
C TRP B 209 63.50 -1.00 0.73
N ASP B 210 63.82 -0.93 2.02
CA ASP B 210 65.19 -1.02 2.46
C ASP B 210 65.60 -2.49 2.48
N ASN B 211 66.80 -2.74 1.97
CA ASN B 211 67.49 -4.03 2.03
C ASN B 211 66.69 -5.19 1.43
N PHE B 212 65.79 -4.94 0.48
CA PHE B 212 65.38 -6.09 -0.30
C PHE B 212 66.36 -6.42 -1.40
N LEU B 213 67.29 -5.51 -1.68
CA LEU B 213 68.31 -5.78 -2.67
C LEU B 213 69.46 -6.63 -2.12
N SER B 214 69.48 -6.88 -0.82
CA SER B 214 70.61 -7.55 -0.18
C SER B 214 70.18 -8.72 0.68
N VAL B 215 69.05 -9.34 0.37
CA VAL B 215 68.51 -10.44 1.15
C VAL B 215 68.20 -11.59 0.21
N LEU B 216 68.76 -12.76 0.50
CA LEU B 216 68.53 -13.94 -0.33
C LEU B 216 67.15 -14.50 -0.05
N PRO B 217 66.29 -14.64 -1.07
CA PRO B 217 65.00 -15.27 -0.84
C PRO B 217 65.13 -16.76 -0.60
N HIS B 218 66.09 -17.40 -1.26
CA HIS B 218 66.42 -18.78 -0.99
C HIS B 218 67.92 -18.91 -0.82
N PRO B 219 68.37 -19.68 0.13
CA PRO B 219 69.79 -19.63 0.51
C PRO B 219 70.74 -20.23 -0.51
N GLN B 220 70.24 -20.59 -1.70
CA GLN B 220 71.12 -20.94 -2.80
C GLN B 220 71.08 -19.87 -3.89
N GLY B 221 69.92 -19.63 -4.47
CA GLY B 221 69.70 -18.38 -5.16
C GLY B 221 70.16 -18.45 -6.60
N LEU B 222 69.24 -18.65 -7.53
CA LEU B 222 69.53 -18.53 -8.96
C LEU B 222 70.70 -19.38 -9.41
N THR B 223 71.17 -20.30 -8.59
CA THR B 223 72.00 -21.34 -9.16
C THR B 223 71.12 -22.47 -9.71
N PRO B 224 70.18 -23.01 -8.93
CA PRO B 224 69.35 -24.08 -9.48
C PRO B 224 68.46 -23.62 -10.61
N PHE B 225 68.13 -22.34 -10.67
CA PHE B 225 67.26 -21.89 -11.74
C PHE B 225 67.99 -21.93 -13.07
N PHE B 226 69.27 -21.60 -13.08
CA PHE B 226 70.00 -21.62 -14.32
C PHE B 226 70.72 -22.92 -14.58
N THR B 227 70.76 -23.82 -13.60
CA THR B 227 71.27 -25.16 -13.83
C THR B 227 70.19 -26.11 -14.32
N GLY B 228 68.95 -25.94 -13.87
CA GLY B 228 67.94 -26.94 -14.10
C GLY B 228 67.92 -27.93 -12.95
N ASN B 229 67.79 -27.40 -11.74
CA ASN B 229 67.71 -28.19 -10.51
C ASN B 229 66.53 -27.70 -9.70
N TRP B 230 65.43 -27.42 -10.39
CA TRP B 230 64.35 -26.64 -9.82
C TRP B 230 63.73 -27.28 -8.59
N ALA B 231 63.81 -28.60 -8.46
CA ALA B 231 63.23 -29.23 -7.28
C ALA B 231 64.04 -28.96 -6.05
N ALA B 232 65.19 -28.29 -6.17
CA ALA B 232 65.91 -27.86 -4.99
C ALA B 232 65.33 -26.60 -4.38
N TYR B 233 64.26 -26.05 -4.96
CA TYR B 233 63.56 -24.95 -4.31
C TYR B 233 62.44 -25.44 -3.42
N ALA B 234 62.22 -26.74 -3.30
CA ALA B 234 61.09 -27.27 -2.57
C ALA B 234 61.47 -28.15 -1.41
N GLN B 235 62.75 -28.23 -1.07
CA GLN B 235 63.21 -29.15 -0.03
C GLN B 235 63.05 -28.50 1.34
N SER B 236 62.50 -29.26 2.28
CA SER B 236 62.23 -28.85 3.65
C SER B 236 61.29 -27.65 3.69
N PRO B 237 60.00 -27.84 3.40
CA PRO B 237 59.04 -26.74 3.51
C PRO B 237 58.65 -26.48 4.95
N ASP B 238 57.69 -25.59 5.15
CA ASP B 238 57.34 -25.17 6.51
C ASP B 238 56.69 -26.30 7.30
N THR B 239 57.22 -26.56 8.49
CA THR B 239 56.74 -27.65 9.31
C THR B 239 55.30 -27.41 9.73
N ALA B 240 54.58 -28.50 9.98
CA ALA B 240 53.21 -28.42 10.44
C ALA B 240 53.09 -27.96 11.89
N SER B 241 54.22 -27.75 12.57
CA SER B 241 54.23 -27.09 13.87
C SER B 241 54.47 -25.59 13.73
N HIS B 242 54.04 -25.00 12.63
CA HIS B 242 54.34 -23.62 12.32
C HIS B 242 53.53 -22.67 13.17
N VAL B 243 54.14 -21.53 13.51
CA VAL B 243 53.44 -20.36 14.00
C VAL B 243 53.68 -19.26 12.99
N PHE B 244 52.60 -18.61 12.56
CA PHE B 244 52.64 -17.89 11.29
C PHE B 244 53.61 -16.72 11.32
N GLY B 245 53.38 -15.76 12.21
CA GLY B 245 54.19 -14.57 12.19
C GLY B 245 55.54 -14.67 12.87
N THR B 246 56.01 -15.87 13.17
CA THR B 246 57.32 -16.03 13.81
C THR B 246 58.17 -17.00 13.02
N ALA B 247 59.32 -17.38 13.58
CA ALA B 247 60.18 -18.39 13.00
C ALA B 247 60.18 -19.57 13.96
N GLN B 248 59.18 -20.43 13.81
CA GLN B 248 59.03 -21.62 14.64
C GLN B 248 58.56 -22.73 13.72
N GLY B 249 59.43 -23.71 13.48
CA GLY B 249 59.13 -24.67 12.45
C GLY B 249 59.26 -24.12 11.06
N SER B 250 59.95 -22.99 10.91
CA SER B 250 60.11 -22.39 9.59
C SER B 250 60.94 -23.27 8.69
N GLY B 251 60.50 -23.41 7.45
CA GLY B 251 61.23 -24.15 6.45
C GLY B 251 62.14 -23.23 5.66
N GLN B 252 62.46 -23.66 4.45
CA GLN B 252 63.23 -22.84 3.52
C GLN B 252 62.68 -22.82 2.11
N ALA B 253 61.65 -23.62 1.81
CA ALA B 253 61.21 -23.76 0.44
C ALA B 253 60.47 -22.54 -0.03
N ILE B 254 60.48 -22.32 -1.34
CA ILE B 254 59.78 -21.20 -1.95
C ILE B 254 58.79 -21.62 -3.02
N LEU B 255 58.87 -22.83 -3.57
CA LEU B 255 57.95 -23.28 -4.62
C LEU B 255 57.64 -24.74 -4.35
N THR B 256 56.54 -25.01 -3.67
CA THR B 256 56.18 -26.37 -3.36
C THR B 256 54.93 -26.76 -4.12
N PHE B 257 54.40 -27.94 -3.80
CA PHE B 257 53.05 -28.31 -4.21
C PHE B 257 52.54 -29.32 -3.17
N LEU B 258 51.82 -28.81 -2.18
CA LEU B 258 51.35 -29.59 -1.05
C LEU B 258 49.85 -29.83 -1.08
N GLY B 259 49.07 -28.78 -1.25
CA GLY B 259 47.64 -28.89 -1.11
C GLY B 259 47.27 -28.87 0.36
N GLY B 260 45.99 -29.06 0.60
CA GLY B 260 45.56 -29.05 1.97
C GLY B 260 45.56 -27.62 2.49
N PHE B 261 45.46 -27.51 3.81
CA PHE B 261 45.42 -26.24 4.50
C PHE B 261 46.66 -26.08 5.37
N HIS B 262 46.82 -24.90 5.89
CA HIS B 262 47.78 -24.68 6.95
C HIS B 262 47.22 -25.24 8.24
N PRO B 263 47.99 -25.98 9.03
CA PRO B 263 47.41 -26.68 10.17
C PRO B 263 47.04 -25.78 11.32
N GLN B 264 47.60 -24.58 11.40
CA GLN B 264 47.34 -23.68 12.51
C GLN B 264 46.52 -22.47 12.12
N THR B 265 46.42 -22.17 10.84
CA THR B 265 45.81 -20.95 10.39
C THR B 265 44.61 -21.17 9.48
N GLN B 266 44.38 -22.40 9.03
CA GLN B 266 43.21 -22.74 8.22
C GLN B 266 43.16 -21.89 6.95
N SER B 267 44.26 -21.88 6.22
CA SER B 267 44.31 -21.24 4.92
C SER B 267 45.26 -22.05 4.05
N LEU B 268 45.34 -21.67 2.78
CA LEU B 268 46.29 -22.29 1.89
C LEU B 268 47.69 -21.79 2.20
N TRP B 269 48.68 -22.63 1.89
CA TRP B 269 50.06 -22.23 2.10
C TRP B 269 50.43 -21.10 1.14
N LEU B 270 51.36 -20.25 1.58
CA LEU B 270 51.82 -19.20 0.67
C LEU B 270 52.68 -19.75 -0.45
N THR B 271 53.44 -20.80 -0.18
CA THR B 271 54.31 -21.33 -1.21
C THR B 271 53.51 -21.88 -2.38
N ASP B 272 52.37 -22.50 -2.10
CA ASP B 272 51.51 -22.96 -3.19
C ASP B 272 51.01 -21.80 -4.02
N MET B 273 50.70 -20.67 -3.39
CA MET B 273 50.20 -19.54 -4.18
C MET B 273 51.31 -18.90 -5.00
N ALA B 274 52.54 -18.88 -4.48
CA ALA B 274 53.67 -18.47 -5.30
C ALA B 274 53.79 -19.38 -6.52
N HIS B 275 53.78 -20.68 -6.29
CA HIS B 275 53.96 -21.62 -7.39
C HIS B 275 52.83 -21.48 -8.40
N HIS B 276 51.61 -21.24 -7.91
CA HIS B 276 50.47 -21.14 -8.79
C HIS B 276 50.55 -19.92 -9.69
N HIS B 277 50.84 -18.76 -9.11
CA HIS B 277 50.95 -17.58 -9.96
C HIS B 277 52.12 -17.70 -10.91
N LEU B 278 53.20 -18.35 -10.49
CA LEU B 278 54.31 -18.58 -11.42
C LEU B 278 53.88 -19.43 -12.60
N ALA B 279 53.20 -20.55 -12.33
CA ALA B 279 52.83 -21.46 -13.38
C ALA B 279 51.88 -20.81 -14.36
N ILE B 280 50.83 -20.16 -13.86
CA ILE B 280 49.92 -19.56 -14.82
C ILE B 280 50.51 -18.32 -15.45
N ALA B 281 51.54 -17.72 -14.85
CA ALA B 281 52.23 -16.65 -15.56
C ALA B 281 52.91 -17.21 -16.80
N VAL B 282 53.58 -18.34 -16.64
CA VAL B 282 54.21 -18.95 -17.81
C VAL B 282 53.15 -19.28 -18.86
N ILE B 283 52.03 -19.86 -18.42
CA ILE B 283 51.00 -20.25 -19.38
C ILE B 283 50.46 -19.05 -20.14
N PHE B 284 50.14 -17.96 -19.42
CA PHE B 284 49.56 -16.82 -20.11
C PHE B 284 50.58 -16.15 -21.03
N ILE B 285 51.83 -16.04 -20.60
CA ILE B 285 52.81 -15.40 -21.45
C ILE B 285 53.02 -16.22 -22.72
N VAL B 286 53.00 -17.55 -22.60
CA VAL B 286 53.12 -18.39 -23.78
C VAL B 286 51.90 -18.25 -24.67
N ALA B 287 50.72 -18.13 -24.06
CA ALA B 287 49.50 -17.99 -24.83
C ALA B 287 49.34 -16.61 -25.46
N GLY B 288 50.18 -15.68 -25.09
CA GLY B 288 50.06 -14.36 -25.69
C GLY B 288 50.68 -14.18 -27.04
N HIS B 289 51.27 -15.21 -27.65
CA HIS B 289 51.87 -15.06 -28.97
C HIS B 289 51.08 -15.76 -30.05
N MET B 290 49.77 -15.83 -29.89
CA MET B 290 48.98 -16.58 -30.86
C MET B 290 48.68 -15.77 -32.11
N TYR B 291 48.36 -14.49 -31.96
CA TYR B 291 47.77 -13.72 -33.06
C TYR B 291 48.81 -12.85 -33.75
N ARG B 292 48.41 -12.24 -34.85
CA ARG B 292 49.33 -11.56 -35.75
C ARG B 292 49.40 -10.07 -35.48
N THR B 293 50.61 -9.56 -35.37
CA THR B 293 50.90 -8.15 -35.29
C THR B 293 51.87 -7.83 -36.42
N ASN B 294 52.48 -6.64 -36.37
CA ASN B 294 53.30 -6.19 -37.48
C ASN B 294 54.57 -7.00 -37.56
N PHE B 295 54.42 -8.28 -37.88
CA PHE B 295 55.48 -9.27 -37.88
C PHE B 295 55.02 -10.41 -38.77
N GLY B 296 55.56 -11.61 -38.54
CA GLY B 296 55.28 -12.79 -39.31
C GLY B 296 54.22 -13.63 -38.62
N ILE B 297 54.69 -14.52 -37.74
CA ILE B 297 54.10 -15.80 -37.41
C ILE B 297 52.66 -15.85 -36.89
N GLY B 298 52.02 -14.71 -36.71
CA GLY B 298 50.74 -14.70 -36.00
C GLY B 298 49.58 -15.36 -36.74
N HIS B 299 48.45 -15.45 -36.03
CA HIS B 299 47.18 -15.93 -36.54
C HIS B 299 46.31 -14.76 -37.00
N ARG B 300 45.29 -15.09 -37.79
CA ARG B 300 44.20 -14.17 -38.09
C ARG B 300 42.93 -14.73 -37.50
N MET B 301 42.19 -13.90 -36.78
CA MET B 301 40.95 -14.41 -36.21
C MET B 301 39.89 -14.62 -37.27
N GLN B 302 39.93 -13.86 -38.35
CA GLN B 302 38.91 -14.05 -39.38
C GLN B 302 39.09 -15.39 -40.08
N ALA B 303 40.33 -15.80 -40.34
CA ALA B 303 40.53 -17.11 -40.95
C ALA B 303 40.03 -18.21 -40.04
N ILE B 304 40.33 -18.11 -38.74
CA ILE B 304 39.89 -19.11 -37.79
C ILE B 304 38.38 -19.19 -37.74
N LEU B 305 37.70 -18.05 -37.78
CA LEU B 305 36.25 -18.10 -37.79
C LEU B 305 35.72 -18.64 -39.10
N GLU B 306 36.40 -18.37 -40.21
CA GLU B 306 35.89 -18.78 -41.51
C GLU B 306 35.97 -20.29 -41.68
N ALA B 307 37.07 -20.90 -41.25
CA ALA B 307 37.29 -22.30 -41.55
C ALA B 307 36.44 -23.25 -40.71
N HIS B 308 35.81 -22.77 -39.65
CA HIS B 308 35.03 -23.63 -38.76
C HIS B 308 33.56 -23.63 -39.14
N THR B 309 33.27 -24.04 -40.36
CA THR B 309 31.91 -24.41 -40.69
C THR B 309 31.86 -25.90 -40.96
N PRO B 310 31.01 -26.65 -40.28
CA PRO B 310 31.11 -28.10 -40.36
C PRO B 310 30.60 -28.60 -41.70
N PRO B 311 31.16 -29.69 -42.21
CA PRO B 311 30.59 -30.32 -43.39
C PRO B 311 29.30 -31.02 -43.05
N SER B 312 28.52 -31.31 -44.09
CA SER B 312 27.15 -31.80 -44.07
C SER B 312 26.18 -30.67 -43.75
N GLY B 313 26.66 -29.47 -43.43
CA GLY B 313 25.78 -28.34 -43.26
C GLY B 313 24.83 -28.47 -42.09
N SER B 314 25.24 -29.14 -41.01
CA SER B 314 24.44 -29.10 -39.81
C SER B 314 24.34 -27.69 -39.24
N LEU B 315 25.31 -26.85 -39.54
CA LEU B 315 25.21 -25.41 -39.40
C LEU B 315 25.27 -24.83 -40.81
N GLY B 316 24.50 -23.79 -41.07
CA GLY B 316 24.38 -23.31 -42.43
C GLY B 316 25.67 -22.79 -43.01
N ALA B 317 26.13 -21.64 -42.53
CA ALA B 317 27.42 -21.13 -42.91
C ALA B 317 28.42 -21.24 -41.78
N GLY B 318 28.04 -21.83 -40.67
CA GLY B 318 28.95 -21.97 -39.55
C GLY B 318 29.18 -20.64 -38.86
N HIS B 319 30.39 -20.13 -38.96
CA HIS B 319 30.73 -18.85 -38.36
C HIS B 319 31.14 -17.83 -39.42
N LYS B 320 30.59 -17.96 -40.62
CA LYS B 320 30.90 -17.02 -41.68
C LYS B 320 30.32 -15.65 -41.33
N GLY B 321 31.17 -14.64 -41.37
CA GLY B 321 30.68 -13.28 -41.19
C GLY B 321 30.42 -12.87 -39.76
N LEU B 322 30.76 -13.71 -38.79
CA LEU B 322 30.67 -13.28 -37.40
C LEU B 322 31.72 -12.22 -37.09
N PHE B 323 32.91 -12.35 -37.67
CA PHE B 323 33.98 -11.43 -37.32
C PHE B 323 33.66 -10.00 -37.68
N ASP B 324 32.74 -9.77 -38.60
CA ASP B 324 32.32 -8.42 -38.93
C ASP B 324 31.14 -7.96 -38.11
N THR B 325 30.69 -8.77 -37.15
CA THR B 325 29.72 -8.31 -36.16
C THR B 325 30.27 -8.29 -34.76
N VAL B 326 31.22 -9.15 -34.43
CA VAL B 326 31.89 -9.01 -33.14
C VAL B 326 32.75 -7.77 -33.14
N ASN B 327 33.41 -7.49 -34.26
CA ASN B 327 34.30 -6.34 -34.33
C ASN B 327 33.53 -5.04 -34.44
N ASN B 328 32.44 -5.03 -35.20
CA ASN B 328 31.75 -3.79 -35.51
C ASN B 328 30.81 -3.32 -34.43
N SER B 329 30.45 -4.17 -33.47
CA SER B 329 29.46 -3.80 -32.48
C SER B 329 30.08 -3.80 -31.10
N LEU B 330 29.55 -2.92 -30.25
CA LEU B 330 29.99 -2.83 -28.87
C LEU B 330 29.12 -3.61 -27.92
N HIS B 331 27.82 -3.66 -28.16
CA HIS B 331 26.96 -4.37 -27.24
C HIS B 331 27.21 -5.86 -27.27
N PHE B 332 27.67 -6.40 -28.39
CA PHE B 332 28.03 -7.81 -28.42
C PHE B 332 29.25 -8.08 -27.54
N GLN B 333 30.29 -7.27 -27.69
CA GLN B 333 31.48 -7.47 -26.87
C GLN B 333 31.17 -7.25 -25.40
N LEU B 334 30.34 -6.25 -25.11
CA LEU B 334 29.97 -6.00 -23.72
C LEU B 334 29.15 -7.15 -23.16
N GLY B 335 28.29 -7.75 -23.97
CA GLY B 335 27.55 -8.90 -23.51
C GLY B 335 28.45 -10.06 -23.15
N LEU B 336 29.40 -10.36 -24.04
CA LEU B 336 30.33 -11.44 -23.73
C LEU B 336 31.13 -11.12 -22.48
N ALA B 337 31.57 -9.88 -22.33
CA ALA B 337 32.38 -9.52 -21.18
C ALA B 337 31.60 -9.67 -19.88
N LEU B 338 30.37 -9.18 -19.86
CA LEU B 338 29.56 -9.31 -18.66
C LEU B 338 29.28 -10.77 -18.35
N ALA B 339 29.01 -11.59 -19.37
CA ALA B 339 28.79 -13.00 -19.11
C ALA B 339 30.00 -13.63 -18.45
N SER B 340 31.18 -13.45 -19.03
CA SER B 340 32.37 -14.06 -18.49
C SER B 340 32.66 -13.55 -17.08
N VAL B 341 32.58 -12.24 -16.88
CA VAL B 341 32.91 -11.68 -15.59
C VAL B 341 31.93 -12.13 -14.53
N GLY B 342 30.64 -12.26 -14.89
CA GLY B 342 29.67 -12.73 -13.92
C GLY B 342 29.94 -14.17 -13.51
N THR B 343 30.20 -15.04 -14.48
CA THR B 343 30.48 -16.43 -14.12
C THR B 343 31.73 -16.53 -13.26
N ILE B 344 32.76 -15.77 -13.61
CA ILE B 344 34.00 -15.77 -12.83
C ILE B 344 33.76 -15.24 -11.43
N THR B 345 32.90 -14.25 -11.29
CA THR B 345 32.57 -13.73 -9.96
C THR B 345 31.96 -14.83 -9.10
N SER B 346 30.99 -15.54 -9.66
CA SER B 346 30.41 -16.65 -8.93
C SER B 346 31.50 -17.64 -8.53
N LEU B 347 32.40 -17.94 -9.46
CA LEU B 347 33.47 -18.89 -9.15
C LEU B 347 34.33 -18.38 -8.00
N VAL B 348 34.57 -17.07 -7.97
CA VAL B 348 35.34 -16.49 -6.88
C VAL B 348 34.66 -16.77 -5.55
N ALA B 349 33.36 -16.54 -5.49
CA ALA B 349 32.64 -16.77 -4.25
C ALA B 349 32.68 -18.24 -3.85
N GLN B 350 32.43 -19.12 -4.82
CA GLN B 350 32.33 -20.54 -4.54
C GLN B 350 33.66 -21.12 -4.07
N HIS B 351 34.77 -20.59 -4.56
CA HIS B 351 36.04 -21.09 -4.08
C HIS B 351 36.48 -20.41 -2.80
N MET B 352 36.08 -19.17 -2.56
CA MET B 352 36.59 -18.49 -1.38
C MET B 352 35.80 -18.81 -0.12
N TYR B 353 34.64 -19.44 -0.21
CA TYR B 353 34.13 -19.95 1.07
C TYR B 353 34.77 -21.29 1.43
N SER B 354 35.08 -22.12 0.45
CA SER B 354 35.53 -23.48 0.70
C SER B 354 37.04 -23.59 0.89
N LEU B 355 37.81 -22.95 0.02
CA LEU B 355 39.26 -22.96 0.13
C LEU B 355 39.75 -21.57 0.51
N PRO B 356 39.72 -21.22 1.78
CA PRO B 356 40.05 -19.86 2.18
C PRO B 356 41.54 -19.60 2.01
N PRO B 357 41.92 -18.56 1.30
CA PRO B 357 43.35 -18.33 1.06
C PRO B 357 44.05 -17.58 2.18
N TYR B 358 43.35 -16.73 2.90
CA TYR B 358 43.99 -15.73 3.76
C TYR B 358 44.15 -16.22 5.19
N ALA B 359 45.24 -15.79 5.81
CA ALA B 359 45.57 -16.23 7.16
C ALA B 359 44.51 -15.79 8.14
N PHE B 360 44.07 -16.72 8.99
CA PHE B 360 43.05 -16.49 10.00
C PHE B 360 41.75 -16.01 9.41
N GLN B 361 41.50 -16.32 8.16
CA GLN B 361 40.15 -16.33 7.65
C GLN B 361 39.46 -17.60 8.12
N ALA B 362 38.14 -17.61 8.08
CA ALA B 362 37.32 -18.74 8.52
C ALA B 362 37.39 -18.97 10.02
N ILE B 363 38.02 -18.06 10.76
CA ILE B 363 37.77 -17.93 12.19
C ILE B 363 37.08 -16.61 12.50
N ASP B 364 37.14 -15.64 11.59
CA ASP B 364 36.22 -14.52 11.57
C ASP B 364 35.07 -14.93 10.66
N PHE B 365 33.90 -15.23 11.25
CA PHE B 365 32.82 -15.80 10.46
C PHE B 365 32.03 -14.75 9.71
N THR B 366 31.84 -13.58 10.32
CA THR B 366 31.14 -12.50 9.62
C THR B 366 31.84 -12.14 8.33
N THR B 367 33.17 -12.24 8.31
CA THR B 367 33.91 -12.02 7.07
C THR B 367 33.47 -13.00 6.00
N GLN B 368 33.39 -14.28 6.34
CA GLN B 368 32.96 -15.28 5.38
C GLN B 368 31.57 -14.95 4.86
N ALA B 369 30.65 -14.66 5.77
CA ALA B 369 29.28 -14.42 5.35
C ALA B 369 29.19 -13.23 4.41
N ALA B 370 29.76 -12.10 4.81
CA ALA B 370 29.64 -10.90 3.99
C ALA B 370 30.35 -11.08 2.65
N LEU B 371 31.53 -11.69 2.64
CA LEU B 371 32.24 -11.85 1.37
C LEU B 371 31.42 -12.70 0.41
N TYR B 372 30.98 -13.87 0.85
CA TYR B 372 30.27 -14.75 -0.08
C TYR B 372 28.98 -14.13 -0.56
N THR B 373 28.22 -13.52 0.34
CA THR B 373 26.97 -12.91 -0.06
C THR B 373 27.20 -11.77 -1.05
N HIS B 374 28.23 -10.97 -0.79
CA HIS B 374 28.54 -9.85 -1.66
C HIS B 374 28.82 -10.33 -3.06
N HIS B 375 29.72 -11.30 -3.20
CA HIS B 375 30.09 -11.71 -4.55
C HIS B 375 28.95 -12.41 -5.25
N GLN B 376 28.10 -13.13 -4.52
CA GLN B 376 26.96 -13.74 -5.19
C GLN B 376 26.04 -12.69 -5.79
N TYR B 377 25.67 -11.66 -5.00
CA TYR B 377 24.75 -10.66 -5.55
C TYR B 377 25.37 -9.91 -6.71
N ILE B 378 26.67 -9.61 -6.61
CA ILE B 378 27.34 -8.95 -7.72
C ILE B 378 27.27 -9.80 -8.98
N ALA B 379 27.49 -11.10 -8.84
CA ALA B 379 27.43 -11.97 -10.00
C ALA B 379 26.04 -11.94 -10.62
N GLY B 380 25.02 -11.93 -9.78
CA GLY B 380 23.66 -11.90 -10.32
C GLY B 380 23.44 -10.68 -11.20
N PHE B 381 23.80 -9.50 -10.68
CA PHE B 381 23.55 -8.29 -11.45
C PHE B 381 24.35 -8.30 -12.74
N ILE B 382 25.58 -8.78 -12.69
CA ILE B 382 26.41 -8.78 -13.89
C ILE B 382 25.80 -9.69 -14.96
N MET B 383 25.33 -10.87 -14.57
CA MET B 383 24.75 -11.76 -15.58
C MET B 383 23.50 -11.15 -16.20
N CYS B 384 22.66 -10.52 -15.39
CA CYS B 384 21.48 -9.86 -15.94
C CYS B 384 21.89 -8.79 -16.95
N GLY B 385 22.96 -8.06 -16.66
CA GLY B 385 23.44 -7.09 -17.63
C GLY B 385 23.87 -7.74 -18.93
N ALA B 386 24.49 -8.93 -18.83
CA ALA B 386 24.92 -9.61 -20.05
C ALA B 386 23.74 -9.88 -20.96
N PHE B 387 22.67 -10.45 -20.41
CA PHE B 387 21.53 -10.73 -21.29
C PHE B 387 20.87 -9.45 -21.79
N ALA B 388 20.84 -8.41 -20.96
CA ALA B 388 20.26 -7.14 -21.41
C ALA B 388 21.01 -6.60 -22.63
N HIS B 389 22.33 -6.64 -22.59
CA HIS B 389 23.06 -6.15 -23.74
C HIS B 389 22.97 -7.10 -24.92
N GLY B 390 22.67 -8.38 -24.68
CA GLY B 390 22.28 -9.21 -25.81
C GLY B 390 21.07 -8.66 -26.53
N ALA B 391 20.04 -8.28 -25.76
CA ALA B 391 18.83 -7.75 -26.37
C ALA B 391 19.12 -6.45 -27.13
N ILE B 392 19.93 -5.59 -26.53
CA ILE B 392 20.27 -4.35 -27.22
C ILE B 392 21.06 -4.64 -28.48
N PHE B 393 21.89 -5.67 -28.47
CA PHE B 393 22.59 -6.03 -29.70
C PHE B 393 21.62 -6.39 -30.79
N PHE B 394 20.64 -7.24 -30.47
CA PHE B 394 19.69 -7.66 -31.50
C PHE B 394 18.94 -6.47 -32.06
N ILE B 395 18.53 -5.53 -31.20
CA ILE B 395 17.72 -4.43 -31.70
C ILE B 395 18.57 -3.44 -32.50
N ARG B 396 19.72 -3.06 -31.98
CA ARG B 396 20.45 -1.95 -32.59
C ARG B 396 21.51 -2.38 -33.60
N ASP B 397 22.31 -3.40 -33.31
CA ASP B 397 23.50 -3.68 -34.09
C ASP B 397 23.40 -4.90 -35.00
N TYR B 398 22.31 -5.63 -34.97
CA TYR B 398 22.21 -6.84 -35.79
C TYR B 398 21.89 -6.48 -37.23
N ASP B 399 22.49 -7.19 -38.17
CA ASP B 399 22.24 -7.00 -39.59
C ASP B 399 21.98 -8.36 -40.20
N PRO B 400 20.84 -8.59 -40.83
CA PRO B 400 20.55 -9.95 -41.32
C PRO B 400 21.39 -10.36 -42.50
N GLU B 401 21.56 -9.49 -43.49
CA GLU B 401 22.25 -9.88 -44.71
C GLU B 401 23.72 -10.21 -44.45
N GLN B 402 24.36 -9.51 -43.54
CA GLN B 402 25.71 -9.89 -43.18
C GLN B 402 25.75 -11.21 -42.44
N ASN B 403 24.66 -11.56 -41.77
CA ASN B 403 24.60 -12.77 -40.97
C ASN B 403 23.68 -13.81 -41.59
N LYS B 404 23.71 -13.93 -42.91
CA LYS B 404 22.81 -14.85 -43.60
C LYS B 404 23.38 -16.26 -43.54
N GLY B 405 22.87 -17.05 -42.61
CA GLY B 405 23.20 -18.46 -42.56
C GLY B 405 24.24 -18.87 -41.53
N ASN B 406 24.74 -17.94 -40.72
CA ASN B 406 25.68 -18.34 -39.68
C ASN B 406 24.87 -18.91 -38.52
N VAL B 407 25.52 -19.15 -37.38
CA VAL B 407 24.79 -19.69 -36.25
C VAL B 407 23.88 -18.64 -35.64
N LEU B 408 24.21 -17.37 -35.81
CA LEU B 408 23.41 -16.32 -35.19
C LEU B 408 22.03 -16.22 -35.83
N ALA B 409 21.91 -16.47 -37.13
CA ALA B 409 20.57 -16.51 -37.72
C ALA B 409 19.85 -17.81 -37.41
N ARG B 410 20.60 -18.91 -37.31
CA ARG B 410 19.98 -20.17 -36.91
C ARG B 410 19.33 -20.05 -35.55
N MET B 411 19.95 -19.33 -34.63
CA MET B 411 19.35 -19.18 -33.32
C MET B 411 18.05 -18.40 -33.38
N LEU B 412 17.95 -17.44 -34.30
CA LEU B 412 16.70 -16.74 -34.47
C LEU B 412 15.67 -17.57 -35.22
N ASP B 413 16.09 -18.61 -35.93
CA ASP B 413 15.13 -19.37 -36.71
C ASP B 413 14.30 -20.32 -35.85
N HIS B 414 14.87 -20.92 -34.82
CA HIS B 414 14.17 -21.93 -34.06
C HIS B 414 13.96 -21.51 -32.61
N LYS B 415 13.71 -20.22 -32.37
CA LYS B 415 13.67 -19.74 -31.00
C LYS B 415 12.45 -20.24 -30.24
N GLU B 416 11.36 -20.57 -30.92
CA GLU B 416 10.21 -21.07 -30.19
C GLU B 416 10.53 -22.38 -29.49
N ALA B 417 11.40 -23.21 -30.08
CA ALA B 417 11.80 -24.43 -29.39
C ALA B 417 12.53 -24.09 -28.11
N LEU B 418 13.43 -23.12 -28.16
CA LEU B 418 14.17 -22.72 -26.97
C LEU B 418 13.22 -22.25 -25.87
N ILE B 419 12.33 -21.33 -26.22
CA ILE B 419 11.44 -20.77 -25.21
C ILE B 419 10.51 -21.85 -24.68
N SER B 420 10.05 -22.75 -25.55
CA SER B 420 9.18 -23.82 -25.11
C SER B 420 9.88 -24.71 -24.11
N HIS B 421 11.10 -25.12 -24.40
CA HIS B 421 11.73 -26.08 -23.50
C HIS B 421 12.19 -25.43 -22.21
N LEU B 422 12.58 -24.16 -22.25
CA LEU B 422 12.84 -23.47 -20.99
C LEU B 422 11.58 -23.38 -20.17
N SER B 423 10.44 -23.12 -20.83
CA SER B 423 9.17 -23.12 -20.12
C SER B 423 8.90 -24.47 -19.51
N TRP B 424 9.21 -25.54 -20.24
CA TRP B 424 8.92 -26.88 -19.72
C TRP B 424 9.74 -27.18 -18.48
N VAL B 425 11.05 -26.94 -18.53
CA VAL B 425 11.86 -27.28 -17.36
C VAL B 425 11.48 -26.41 -16.19
N SER B 426 11.16 -25.14 -16.44
CA SER B 426 10.71 -24.29 -15.34
C SER B 426 9.45 -24.87 -14.71
N LEU B 427 8.49 -25.28 -15.53
CA LEU B 427 7.27 -25.85 -14.97
C LEU B 427 7.55 -27.12 -14.19
N PHE B 428 8.39 -28.00 -14.73
CA PHE B 428 8.66 -29.27 -14.09
C PHE B 428 9.28 -29.07 -12.72
N LEU B 429 10.36 -28.29 -12.66
CA LEU B 429 11.00 -28.04 -11.39
C LEU B 429 10.05 -27.35 -10.43
N GLY B 430 9.24 -26.41 -10.92
CA GLY B 430 8.33 -25.72 -10.03
C GLY B 430 7.33 -26.66 -9.38
N PHE B 431 6.61 -27.42 -10.21
CA PHE B 431 5.61 -28.34 -9.67
C PHE B 431 6.24 -29.29 -8.67
N HIS B 432 7.32 -29.97 -9.06
CA HIS B 432 7.78 -31.04 -8.19
C HIS B 432 8.47 -30.49 -6.94
N THR B 433 9.23 -29.41 -7.06
CA THR B 433 9.88 -28.83 -5.90
C THR B 433 8.86 -28.33 -4.90
N LEU B 434 7.92 -27.50 -5.36
CA LEU B 434 6.92 -26.97 -4.44
C LEU B 434 6.06 -28.09 -3.88
N GLY B 435 5.77 -29.11 -4.69
CA GLY B 435 4.96 -30.21 -4.21
C GLY B 435 5.64 -30.97 -3.11
N LEU B 436 6.92 -31.30 -3.29
CA LEU B 436 7.61 -32.04 -2.25
C LEU B 436 7.73 -31.23 -0.97
N TYR B 437 7.98 -29.93 -1.10
CA TYR B 437 8.05 -29.12 0.11
C TYR B 437 6.71 -29.07 0.82
N VAL B 438 5.61 -28.91 0.07
CA VAL B 438 4.31 -28.85 0.70
C VAL B 438 3.94 -30.18 1.34
N HIS B 439 4.31 -31.29 0.69
CA HIS B 439 4.03 -32.60 1.27
C HIS B 439 4.79 -32.80 2.56
N ASN B 440 6.07 -32.44 2.59
CA ASN B 440 6.81 -32.54 3.83
C ASN B 440 6.22 -31.66 4.90
N ASP B 441 5.74 -30.47 4.53
CA ASP B 441 5.10 -29.61 5.51
C ASP B 441 3.86 -30.27 6.10
N VAL B 442 3.02 -30.84 5.25
CA VAL B 442 1.80 -31.46 5.75
C VAL B 442 2.14 -32.63 6.67
N MET B 443 3.11 -33.45 6.29
CA MET B 443 3.49 -34.56 7.16
C MET B 443 4.05 -34.06 8.48
N GLN B 444 4.83 -33.00 8.47
CA GLN B 444 5.36 -32.51 9.74
C GLN B 444 4.28 -31.90 10.60
N ALA B 445 3.27 -31.28 9.99
CA ALA B 445 2.25 -30.60 10.76
C ALA B 445 1.40 -31.61 11.52
N PHE B 446 0.97 -32.66 10.85
CA PHE B 446 0.36 -33.76 11.56
C PHE B 446 1.43 -34.50 12.35
N GLY B 447 1.02 -35.46 13.14
CA GLY B 447 1.99 -36.00 14.06
C GLY B 447 3.00 -36.95 13.50
N THR B 448 3.08 -37.12 12.18
CA THR B 448 3.88 -38.17 11.57
C THR B 448 5.00 -37.60 10.72
N PRO B 449 6.23 -37.53 11.23
CA PRO B 449 7.35 -37.07 10.42
C PRO B 449 8.06 -38.15 9.62
N GLU B 450 7.69 -39.41 9.79
CA GLU B 450 8.33 -40.48 9.04
C GLU B 450 7.62 -40.80 7.74
N LYS B 451 6.51 -40.12 7.44
CA LYS B 451 5.71 -40.40 6.27
C LYS B 451 6.02 -39.47 5.11
N GLN B 452 7.24 -38.92 5.07
CA GLN B 452 7.56 -37.88 4.11
C GLN B 452 8.69 -38.30 3.19
N ILE B 453 8.71 -37.70 2.00
CA ILE B 453 9.69 -38.03 0.96
C ILE B 453 11.01 -37.37 1.32
N LEU B 454 12.06 -38.17 1.44
CA LEU B 454 13.42 -37.68 1.67
C LEU B 454 14.36 -38.38 0.70
N ILE B 455 14.47 -37.85 -0.51
CA ILE B 455 15.32 -38.47 -1.51
C ILE B 455 16.78 -38.20 -1.17
N GLU B 456 17.59 -39.20 -1.25
CA GLU B 456 19.01 -39.05 -0.95
C GLU B 456 19.75 -38.60 -2.19
N PRO B 457 20.50 -37.51 -2.13
CA PRO B 457 21.23 -37.00 -3.30
C PRO B 457 22.45 -37.85 -3.60
N VAL B 458 22.23 -38.97 -4.29
CA VAL B 458 23.29 -39.94 -4.45
C VAL B 458 24.29 -39.55 -5.53
N PHE B 459 23.93 -38.67 -6.46
CA PHE B 459 24.88 -38.26 -7.49
C PHE B 459 26.00 -37.41 -6.92
N ALA B 460 25.64 -36.34 -6.20
CA ALA B 460 26.67 -35.48 -5.63
C ALA B 460 27.48 -36.21 -4.58
N GLN B 461 26.87 -37.16 -3.87
CA GLN B 461 27.65 -37.96 -2.93
C GLN B 461 28.58 -38.92 -3.67
N TRP B 462 28.17 -39.40 -4.83
CA TRP B 462 29.08 -40.16 -5.67
C TRP B 462 30.29 -39.31 -6.05
N ILE B 463 30.04 -38.07 -6.43
CA ILE B 463 31.15 -37.18 -6.80
C ILE B 463 32.05 -36.91 -5.61
N GLN B 464 31.47 -36.63 -4.45
CA GLN B 464 32.29 -36.37 -3.26
C GLN B 464 33.09 -37.59 -2.87
N ALA B 465 32.57 -38.79 -3.09
CA ALA B 465 33.40 -39.97 -2.89
C ALA B 465 34.48 -40.06 -3.95
N ALA B 466 34.21 -39.54 -5.15
CA ALA B 466 35.23 -39.55 -6.19
C ALA B 466 36.38 -38.62 -5.85
N HIS B 467 36.12 -37.57 -5.08
CA HIS B 467 37.19 -36.64 -4.73
C HIS B 467 38.02 -37.08 -3.54
N GLY B 468 37.53 -38.03 -2.74
CA GLY B 468 38.33 -38.53 -1.64
C GLY B 468 37.64 -38.53 -0.29
N LYS B 469 36.38 -38.12 -0.24
CA LYS B 469 35.67 -38.05 1.02
C LYS B 469 35.27 -39.46 1.41
N ALA B 470 36.10 -40.09 2.26
CA ALA B 470 35.94 -41.51 2.59
C ALA B 470 34.96 -41.67 3.75
N LEU B 471 33.70 -41.39 3.47
CA LEU B 471 32.62 -41.55 4.44
C LEU B 471 31.40 -42.26 3.88
N TYR B 472 31.18 -42.23 2.58
CA TYR B 472 30.00 -42.81 1.98
C TYR B 472 30.18 -44.26 1.57
N GLY B 473 31.37 -44.81 1.74
CA GLY B 473 31.61 -46.21 1.44
C GLY B 473 31.47 -46.58 -0.01
N PHE B 474 32.06 -45.78 -0.90
CA PHE B 474 32.03 -46.06 -2.33
C PHE B 474 33.35 -46.57 -2.89
N ASP B 475 34.49 -46.09 -2.37
CA ASP B 475 35.80 -46.67 -2.63
C ASP B 475 36.15 -46.69 -4.12
N PHE B 476 36.31 -45.50 -4.68
CA PHE B 476 36.77 -45.47 -6.06
C PHE B 476 37.47 -44.17 -6.40
N LEU B 477 38.57 -44.31 -7.13
CA LEU B 477 39.27 -43.29 -7.91
C LEU B 477 40.02 -42.25 -7.11
N LEU B 478 39.63 -42.00 -5.86
CA LEU B 478 40.51 -41.27 -4.95
C LEU B 478 40.30 -41.76 -3.53
N SER B 479 39.18 -42.44 -3.29
CA SER B 479 38.90 -43.00 -1.97
C SER B 479 39.38 -44.42 -1.85
N SER B 480 39.70 -45.07 -2.96
CA SER B 480 40.23 -46.42 -2.94
C SER B 480 41.74 -46.38 -2.90
N LYS B 481 42.33 -47.21 -2.04
CA LYS B 481 43.77 -47.18 -1.84
C LYS B 481 44.54 -47.84 -2.98
N THR B 482 43.87 -48.52 -3.90
CA THR B 482 44.55 -49.22 -4.98
C THR B 482 44.18 -48.66 -6.34
N SER B 483 43.77 -47.40 -6.38
CA SER B 483 43.47 -46.78 -7.66
C SER B 483 44.75 -46.31 -8.33
N ALA B 484 44.65 -46.03 -9.63
CA ALA B 484 45.79 -45.47 -10.33
C ALA B 484 45.99 -44.00 -9.95
N ALA B 485 44.91 -43.22 -9.91
CA ALA B 485 45.03 -41.81 -9.59
C ALA B 485 45.53 -41.61 -8.17
N PHE B 486 44.98 -42.38 -7.24
CA PHE B 486 45.38 -42.26 -5.85
C PHE B 486 46.86 -42.57 -5.68
N ALA B 487 47.33 -43.63 -6.32
CA ALA B 487 48.72 -44.02 -6.14
C ALA B 487 49.67 -43.08 -6.85
N ASN B 488 49.27 -42.55 -8.01
CA ASN B 488 50.15 -41.63 -8.73
C ASN B 488 50.27 -40.31 -8.00
N GLY B 489 49.17 -39.76 -7.52
CA GLY B 489 49.32 -38.51 -6.82
C GLY B 489 49.77 -38.61 -5.39
N GLN B 490 49.95 -39.82 -4.87
CA GLN B 490 50.10 -39.99 -3.43
C GLN B 490 51.37 -39.32 -2.91
N SER B 491 52.45 -39.38 -3.69
CA SER B 491 53.75 -39.06 -3.12
C SER B 491 53.90 -37.57 -2.84
N LEU B 492 53.24 -36.70 -3.60
CA LEU B 492 53.48 -35.29 -3.32
C LEU B 492 52.26 -34.42 -3.04
N TRP B 493 51.17 -34.50 -3.81
CA TRP B 493 50.09 -33.53 -3.57
C TRP B 493 48.80 -34.11 -3.04
N LEU B 494 48.73 -35.37 -2.73
CA LEU B 494 47.50 -35.90 -2.15
C LEU B 494 47.39 -35.73 -0.63
N PRO B 495 48.40 -36.10 0.17
CA PRO B 495 48.16 -36.26 1.61
C PRO B 495 47.66 -34.99 2.32
N GLY B 496 48.01 -33.81 1.81
CA GLY B 496 47.36 -32.62 2.29
C GLY B 496 45.88 -32.58 1.93
N TRP B 497 45.57 -32.95 0.69
CA TRP B 497 44.19 -32.86 0.23
C TRP B 497 43.29 -33.84 0.96
N LEU B 498 43.80 -35.02 1.28
CA LEU B 498 42.98 -35.98 2.01
C LEU B 498 42.77 -35.54 3.45
N ASP B 499 43.82 -35.04 4.11
CA ASP B 499 43.55 -34.55 5.47
C ASP B 499 42.61 -33.35 5.46
N ALA B 500 42.63 -32.53 4.41
CA ALA B 500 41.72 -31.40 4.35
C ALA B 500 40.32 -31.80 3.92
N ILE B 501 40.15 -32.95 3.27
CA ILE B 501 38.82 -33.33 2.81
C ILE B 501 38.10 -34.24 3.78
N ASN B 502 38.81 -34.93 4.66
CA ASN B 502 38.16 -35.76 5.65
C ASN B 502 37.90 -35.04 6.96
N ASN B 503 38.31 -33.78 7.07
CA ASN B 503 37.95 -32.96 8.21
C ASN B 503 36.51 -32.52 8.08
N ASN B 504 35.72 -32.70 9.13
CA ASN B 504 34.32 -32.29 9.14
C ASN B 504 34.12 -30.96 9.85
N GLN B 505 35.17 -30.15 9.97
CA GLN B 505 35.10 -28.86 10.63
C GLN B 505 35.34 -27.69 9.69
N ASN B 506 35.94 -27.93 8.53
CA ASN B 506 36.16 -26.88 7.56
C ASN B 506 34.99 -26.87 6.59
N SER B 507 35.00 -25.92 5.66
CA SER B 507 33.93 -25.80 4.69
C SER B 507 34.16 -26.65 3.45
N LEU B 508 35.30 -27.33 3.37
CA LEU B 508 35.66 -28.07 2.16
C LEU B 508 34.79 -29.32 2.06
N PHE B 509 33.87 -29.33 1.10
CA PHE B 509 33.05 -30.49 0.79
C PHE B 509 32.23 -30.93 2.01
N LEU B 510 31.27 -30.08 2.35
CA LEU B 510 30.36 -30.35 3.46
C LEU B 510 29.54 -31.60 3.20
N THR B 511 29.19 -32.29 4.28
CA THR B 511 28.31 -33.45 4.20
C THR B 511 26.93 -33.03 3.74
N ILE B 512 26.34 -33.80 2.81
CA ILE B 512 25.06 -33.40 2.23
C ILE B 512 24.01 -34.49 2.39
N GLY B 513 22.75 -34.06 2.33
CA GLY B 513 21.61 -34.93 2.49
C GLY B 513 20.37 -34.37 1.81
N PRO B 514 19.20 -34.87 2.20
CA PRO B 514 17.98 -34.60 1.43
C PRO B 514 17.58 -33.13 1.34
N GLY B 515 17.81 -32.36 2.39
CA GLY B 515 17.53 -30.94 2.29
C GLY B 515 18.32 -30.29 1.17
N ASP B 516 19.57 -30.74 1.00
CA ASP B 516 20.39 -30.20 -0.07
C ASP B 516 19.84 -30.59 -1.44
N PHE B 517 19.30 -31.81 -1.56
CA PHE B 517 18.60 -32.19 -2.78
C PHE B 517 17.52 -31.19 -3.12
N LEU B 518 16.64 -30.92 -2.16
CA LEU B 518 15.51 -30.04 -2.44
C LEU B 518 15.97 -28.63 -2.77
N VAL B 519 16.94 -28.12 -2.03
CA VAL B 519 17.36 -26.75 -2.26
C VAL B 519 18.09 -26.61 -3.59
N HIS B 520 18.91 -27.60 -3.95
CA HIS B 520 19.59 -27.53 -5.23
C HIS B 520 18.59 -27.54 -6.37
N HIS B 521 17.50 -28.28 -6.22
CA HIS B 521 16.49 -28.19 -7.26
C HIS B 521 15.84 -26.82 -7.28
N ALA B 522 15.64 -26.20 -6.12
CA ALA B 522 15.11 -24.85 -6.12
C ALA B 522 16.03 -23.90 -6.87
N ILE B 523 17.33 -24.05 -6.66
CA ILE B 523 18.31 -23.20 -7.34
C ILE B 523 18.24 -23.43 -8.85
N ALA B 524 18.17 -24.69 -9.27
CA ALA B 524 18.06 -24.96 -10.70
C ALA B 524 16.79 -24.35 -11.27
N LEU B 525 15.71 -24.34 -10.49
CA LEU B 525 14.50 -23.67 -10.92
C LEU B 525 14.76 -22.19 -11.13
N GLY B 526 15.50 -21.57 -10.22
CA GLY B 526 15.80 -20.16 -10.37
C GLY B 526 16.59 -19.87 -11.64
N LEU B 527 17.63 -20.67 -11.89
CA LEU B 527 18.46 -20.43 -13.06
C LEU B 527 17.68 -20.64 -14.35
N HIS B 528 16.93 -21.73 -14.45
CA HIS B 528 16.18 -21.94 -15.68
C HIS B 528 15.11 -20.90 -15.87
N THR B 529 14.43 -20.49 -14.81
CA THR B 529 13.41 -19.47 -14.98
C THR B 529 14.02 -18.16 -15.46
N THR B 530 15.04 -17.66 -14.74
CA THR B 530 15.64 -16.39 -15.11
C THR B 530 16.18 -16.44 -16.53
N THR B 531 16.79 -17.56 -16.91
CA THR B 531 17.22 -17.71 -18.28
C THR B 531 16.04 -17.65 -19.23
N LEU B 532 14.89 -18.21 -18.83
CA LEU B 532 13.73 -18.17 -19.70
C LEU B 532 13.32 -16.73 -19.97
N ILE B 533 13.18 -15.93 -18.92
CA ILE B 533 12.74 -14.56 -19.11
C ILE B 533 13.74 -13.79 -19.95
N LEU B 534 15.02 -13.92 -19.64
CA LEU B 534 16.02 -13.14 -20.35
C LEU B 534 16.15 -13.58 -21.80
N VAL B 535 16.21 -14.89 -22.05
CA VAL B 535 16.36 -15.39 -23.41
C VAL B 535 15.13 -15.04 -24.24
N LYS B 536 13.94 -15.12 -23.65
CA LYS B 536 12.75 -14.72 -24.35
C LYS B 536 12.80 -13.25 -24.72
N GLY B 537 13.21 -12.41 -23.77
CA GLY B 537 13.31 -10.99 -24.07
C GLY B 537 14.32 -10.70 -25.16
N ALA B 538 15.44 -11.43 -25.16
CA ALA B 538 16.47 -11.19 -26.17
C ALA B 538 15.99 -11.63 -27.54
N LEU B 539 15.49 -12.86 -27.66
CA LEU B 539 15.17 -13.39 -28.97
C LEU B 539 13.91 -12.78 -29.56
N ASP B 540 12.96 -12.36 -28.72
CA ASP B 540 11.76 -11.69 -29.22
C ASP B 540 11.93 -10.19 -29.32
N ALA B 541 13.15 -9.71 -29.44
CA ALA B 541 13.39 -8.28 -29.51
C ALA B 541 13.24 -7.73 -30.92
N ARG B 542 13.48 -8.55 -31.94
CA ARG B 542 13.28 -8.10 -33.31
C ARG B 542 11.80 -7.93 -33.62
N GLY B 543 10.95 -8.76 -33.04
CA GLY B 543 9.54 -8.68 -33.28
C GLY B 543 8.82 -9.91 -32.79
N SER B 544 7.52 -9.79 -32.53
CA SER B 544 6.73 -10.95 -32.12
C SER B 544 5.52 -11.06 -33.03
N LYS B 545 4.58 -11.95 -32.72
CA LYS B 545 3.34 -11.98 -33.47
C LYS B 545 2.33 -10.98 -32.95
N LEU B 546 2.40 -10.64 -31.66
CA LEU B 546 1.62 -9.52 -31.14
C LEU B 546 2.07 -8.21 -31.77
N MET B 547 3.33 -8.12 -32.15
CA MET B 547 3.87 -6.95 -32.82
C MET B 547 5.06 -7.34 -33.68
N PRO B 548 4.93 -7.32 -35.01
CA PRO B 548 6.04 -7.71 -35.88
C PRO B 548 6.96 -6.58 -36.34
N ASP B 549 6.90 -5.39 -35.75
CA ASP B 549 7.90 -4.38 -36.04
C ASP B 549 8.39 -3.74 -34.76
N LYS B 550 8.71 -4.58 -33.78
CA LYS B 550 9.28 -4.09 -32.53
C LYS B 550 10.64 -3.46 -32.73
N LYS B 551 11.33 -3.78 -33.83
CA LYS B 551 12.65 -3.22 -34.05
C LYS B 551 12.60 -1.73 -34.41
N ASP B 552 11.44 -1.22 -34.81
CA ASP B 552 11.35 0.18 -35.19
C ASP B 552 11.23 1.11 -33.99
N PHE B 553 11.08 0.57 -32.79
CA PHE B 553 10.85 1.39 -31.61
C PHE B 553 12.09 1.53 -30.74
N GLY B 554 13.10 0.72 -30.95
CA GLY B 554 14.24 0.76 -30.07
C GLY B 554 14.07 -0.18 -28.90
N TYR B 555 14.97 -0.04 -27.95
CA TYR B 555 15.01 -0.98 -26.84
C TYR B 555 13.87 -0.75 -25.87
N SER B 556 13.85 0.41 -25.24
CA SER B 556 12.97 0.66 -24.10
C SER B 556 11.87 1.64 -24.51
N PHE B 557 10.75 1.10 -24.97
CA PHE B 557 9.56 1.87 -25.28
C PHE B 557 8.41 1.41 -24.41
N PRO B 558 7.44 2.27 -24.11
CA PRO B 558 6.43 1.94 -23.08
C PRO B 558 5.52 0.78 -23.42
N CYS B 559 4.77 0.90 -24.50
CA CYS B 559 3.70 -0.05 -24.82
C CYS B 559 3.26 0.23 -26.25
N ASP B 560 2.15 -0.37 -26.64
CA ASP B 560 1.51 -0.01 -27.90
C ASP B 560 0.04 0.33 -27.71
N GLY B 561 -0.37 0.60 -26.48
CA GLY B 561 -1.69 1.11 -26.25
C GLY B 561 -2.70 0.01 -26.02
N PRO B 562 -3.97 0.39 -25.99
CA PRO B 562 -5.02 -0.59 -25.67
C PRO B 562 -5.40 -1.50 -26.82
N GLY B 563 -4.94 -1.23 -28.04
CA GLY B 563 -5.39 -2.00 -29.17
C GLY B 563 -4.89 -3.44 -29.12
N ARG B 564 -5.54 -4.27 -29.94
CA ARG B 564 -5.19 -5.69 -30.04
C ARG B 564 -5.22 -6.36 -28.68
N GLY B 565 -6.17 -5.96 -27.85
CA GLY B 565 -6.25 -6.49 -26.50
C GLY B 565 -5.34 -5.81 -25.51
N GLY B 566 -4.63 -4.76 -25.91
CA GLY B 566 -3.75 -4.07 -25.00
C GLY B 566 -2.43 -4.78 -24.85
N THR B 567 -1.34 -4.03 -24.93
CA THR B 567 0.01 -4.60 -24.89
C THR B 567 0.82 -3.87 -23.85
N CYS B 568 0.64 -4.23 -22.59
CA CYS B 568 1.51 -3.66 -21.58
C CYS B 568 2.81 -4.45 -21.53
N ASP B 569 3.91 -3.75 -21.22
CA ASP B 569 5.20 -4.38 -20.94
C ASP B 569 5.70 -5.25 -22.09
N ILE B 570 5.61 -4.73 -23.31
CA ILE B 570 5.96 -5.56 -24.45
C ILE B 570 7.42 -5.43 -24.86
N SER B 571 8.11 -4.37 -24.45
CA SER B 571 9.48 -4.14 -24.88
C SER B 571 10.43 -5.18 -24.28
N ALA B 572 11.60 -5.31 -24.89
CA ALA B 572 12.64 -6.15 -24.30
C ALA B 572 13.10 -5.59 -22.96
N TYR B 573 13.10 -4.27 -22.84
CA TYR B 573 13.44 -3.66 -21.56
C TYR B 573 12.55 -4.21 -20.46
N ASP B 574 11.27 -4.36 -20.74
CA ASP B 574 10.37 -4.84 -19.72
C ASP B 574 10.54 -6.32 -19.45
N ALA B 575 11.01 -7.10 -20.44
CA ALA B 575 11.35 -8.48 -20.15
C ALA B 575 12.50 -8.55 -19.16
N PHE B 576 13.58 -7.81 -19.43
CA PHE B 576 14.66 -7.76 -18.45
C PHE B 576 14.16 -7.26 -17.11
N TYR B 577 13.24 -6.30 -17.17
CA TYR B 577 12.64 -5.73 -15.99
C TYR B 577 12.00 -6.81 -15.13
N LEU B 578 11.30 -7.74 -15.76
CA LEU B 578 10.73 -8.84 -15.01
C LEU B 578 11.82 -9.78 -14.52
N ALA B 579 12.90 -9.92 -15.27
CA ALA B 579 13.93 -10.89 -14.88
C ALA B 579 14.67 -10.47 -13.62
N VAL B 580 14.75 -9.16 -13.37
CA VAL B 580 15.51 -8.72 -12.19
C VAL B 580 14.92 -9.30 -10.91
N PHE B 581 13.59 -9.38 -10.83
CA PHE B 581 12.97 -9.95 -9.64
C PHE B 581 13.42 -11.37 -9.43
N TRP B 582 13.49 -12.16 -10.50
CA TRP B 582 13.93 -13.54 -10.35
C TRP B 582 15.38 -13.61 -9.91
N MET B 583 16.22 -12.71 -10.42
CA MET B 583 17.60 -12.72 -9.96
C MET B 583 17.65 -12.52 -8.46
N LEU B 584 16.90 -11.54 -7.96
CA LEU B 584 16.91 -11.28 -6.52
C LEU B 584 16.40 -12.49 -5.75
N ASN B 585 15.35 -13.13 -6.25
CA ASN B 585 14.83 -14.29 -5.56
C ASN B 585 15.86 -15.41 -5.50
N THR B 586 16.46 -15.74 -6.65
CA THR B 586 17.35 -16.89 -6.72
C THR B 586 18.57 -16.70 -5.84
N ILE B 587 19.17 -15.51 -5.89
CA ILE B 587 20.29 -15.27 -5.01
C ILE B 587 19.83 -15.29 -3.57
N GLY B 588 18.58 -14.89 -3.32
CA GLY B 588 18.03 -15.04 -1.98
C GLY B 588 18.04 -16.48 -1.52
N TRP B 589 17.66 -17.39 -2.41
CA TRP B 589 17.65 -18.80 -2.02
C TRP B 589 19.05 -19.32 -1.75
N VAL B 590 19.99 -19.04 -2.66
CA VAL B 590 21.33 -19.59 -2.46
C VAL B 590 21.97 -19.01 -1.21
N THR B 591 21.68 -17.74 -0.90
CA THR B 591 22.33 -17.12 0.24
C THR B 591 21.67 -17.50 1.55
N PHE B 592 20.34 -17.56 1.60
CA PHE B 592 19.67 -18.15 2.75
C PHE B 592 20.26 -19.52 3.04
N TYR B 593 20.35 -20.34 2.00
CA TYR B 593 20.78 -21.72 2.17
C TYR B 593 22.21 -21.80 2.68
N TRP B 594 23.12 -21.08 2.04
CA TRP B 594 24.50 -21.09 2.50
C TRP B 594 24.60 -20.60 3.92
N HIS B 595 23.91 -19.50 4.23
CA HIS B 595 24.05 -18.91 5.54
C HIS B 595 23.55 -19.85 6.61
N TRP B 596 22.42 -20.52 6.39
CA TRP B 596 21.91 -21.38 7.45
C TRP B 596 22.76 -22.62 7.60
N LYS B 597 23.25 -23.18 6.48
CA LYS B 597 24.08 -24.37 6.62
C LYS B 597 25.34 -24.05 7.40
N HIS B 598 25.94 -22.89 7.14
CA HIS B 598 27.12 -22.55 7.90
C HIS B 598 26.82 -22.07 9.31
N LEU B 599 25.63 -21.53 9.58
CA LEU B 599 25.30 -21.24 10.97
C LEU B 599 25.19 -22.52 11.78
N THR B 600 24.52 -23.53 11.22
CA THR B 600 24.44 -24.79 11.93
C THR B 600 25.79 -25.48 11.99
N LEU B 601 26.67 -25.23 11.02
CA LEU B 601 28.01 -25.79 11.12
C LEU B 601 28.81 -25.12 12.22
N TRP B 602 28.80 -23.79 12.26
CA TRP B 602 29.62 -23.06 13.21
C TRP B 602 29.10 -23.18 14.63
N GLN B 603 27.78 -23.35 14.81
CA GLN B 603 27.25 -23.54 16.15
C GLN B 603 27.58 -24.93 16.68
N GLY B 604 27.36 -25.96 15.87
CA GLY B 604 27.69 -27.30 16.30
C GLY B 604 26.72 -28.39 15.92
N ASN B 605 25.45 -28.05 15.70
CA ASN B 605 24.44 -29.08 15.44
C ASN B 605 24.11 -29.12 13.95
N VAL B 606 24.82 -29.96 13.20
CA VAL B 606 24.41 -30.19 11.82
C VAL B 606 23.10 -30.97 11.78
N ALA B 607 22.75 -31.63 12.89
CA ALA B 607 21.50 -32.38 12.93
C ALA B 607 20.30 -31.48 12.75
N GLN B 608 20.35 -30.27 13.33
CA GLN B 608 19.24 -29.36 13.18
C GLN B 608 19.02 -29.03 11.71
N PHE B 609 20.09 -28.84 10.95
CA PHE B 609 19.92 -28.59 9.53
C PHE B 609 19.38 -29.84 8.83
N ASP B 610 20.02 -30.98 9.06
CA ASP B 610 19.64 -32.17 8.30
C ASP B 610 18.23 -32.64 8.63
N GLU B 611 17.65 -32.18 9.73
CA GLU B 611 16.27 -32.52 10.04
C GLU B 611 15.28 -31.44 9.62
N SER B 612 15.53 -30.19 10.01
CA SER B 612 14.59 -29.11 9.77
C SER B 612 14.77 -28.46 8.41
N SER B 613 15.66 -28.95 7.57
CA SER B 613 15.86 -28.31 6.28
C SER B 613 14.93 -28.85 5.21
N THR B 614 14.09 -29.83 5.54
CA THR B 614 13.29 -30.51 4.54
C THR B 614 11.86 -30.05 4.48
N TYR B 615 11.47 -29.04 5.26
CA TYR B 615 10.11 -28.54 5.19
C TYR B 615 10.10 -27.06 5.55
N LEU B 616 9.27 -26.29 4.85
CA LEU B 616 9.42 -24.83 4.85
C LEU B 616 9.19 -24.22 6.22
N MET B 617 8.40 -24.87 7.07
CA MET B 617 8.28 -24.36 8.42
C MET B 617 9.61 -24.43 9.14
N GLY B 618 10.45 -25.41 8.80
CA GLY B 618 11.78 -25.44 9.36
C GLY B 618 12.55 -24.17 9.06
N TRP B 619 12.48 -23.71 7.82
CA TRP B 619 13.13 -22.46 7.46
C TRP B 619 12.52 -21.29 8.22
N LEU B 620 11.20 -21.16 8.18
CA LEU B 620 10.57 -19.98 8.75
C LEU B 620 10.80 -19.89 10.26
N ARG B 621 10.74 -21.01 10.96
CA ARG B 621 10.87 -20.96 12.41
C ARG B 621 12.32 -21.03 12.87
N ASP B 622 13.12 -21.91 12.27
CA ASP B 622 14.47 -22.17 12.75
C ASP B 622 15.53 -21.31 12.10
N TYR B 623 15.22 -20.56 11.06
CA TYR B 623 16.18 -19.63 10.49
C TYR B 623 15.72 -18.19 10.59
N LEU B 624 14.56 -17.83 10.02
CA LEU B 624 14.15 -16.44 10.04
C LEU B 624 13.69 -16.01 11.42
N TRP B 625 13.05 -16.89 12.17
CA TRP B 625 12.46 -16.45 13.42
C TRP B 625 13.42 -16.56 14.58
N LEU B 626 14.19 -17.64 14.66
CA LEU B 626 15.05 -17.84 15.81
C LEU B 626 16.25 -16.91 15.76
N ASN B 627 16.83 -16.72 14.58
CA ASN B 627 18.06 -15.94 14.47
C ASN B 627 17.83 -14.44 14.49
N SER B 628 16.59 -13.97 14.44
CA SER B 628 16.32 -12.55 14.54
C SER B 628 15.93 -12.16 15.95
N SER B 629 16.53 -12.80 16.95
CA SER B 629 16.25 -12.45 18.32
C SER B 629 17.16 -11.35 18.84
N GLN B 630 18.45 -11.45 18.56
CA GLN B 630 19.39 -10.41 18.96
C GLN B 630 19.39 -9.23 18.03
N LEU B 631 18.86 -9.37 16.82
CA LEU B 631 18.76 -8.24 15.92
C LEU B 631 17.76 -7.22 16.43
N ILE B 632 16.47 -7.62 16.52
CA ILE B 632 15.45 -6.65 16.87
C ILE B 632 15.51 -6.21 18.32
N ASN B 633 16.33 -6.86 19.14
CA ASN B 633 16.66 -6.33 20.46
C ASN B 633 17.85 -5.40 20.40
N GLY B 634 18.08 -4.78 19.25
CA GLY B 634 19.16 -3.82 19.15
C GLY B 634 18.86 -2.56 19.94
N TYR B 635 17.59 -2.23 20.11
CA TYR B 635 17.21 -1.16 21.00
C TYR B 635 15.80 -1.42 21.46
N ASN B 636 15.54 -1.14 22.71
CA ASN B 636 14.23 -1.38 23.29
C ASN B 636 14.01 -0.31 24.35
N PRO B 637 12.87 -0.27 25.01
CA PRO B 637 12.73 0.67 26.12
C PRO B 637 13.64 0.39 27.30
N PHE B 638 14.50 -0.61 27.23
CA PHE B 638 15.45 -0.87 28.32
C PHE B 638 16.86 -0.42 28.01
N GLY B 639 17.22 -0.27 26.74
CA GLY B 639 18.55 0.20 26.40
C GLY B 639 18.88 -0.12 24.96
N MET B 640 20.17 -0.16 24.68
CA MET B 640 20.65 -0.48 23.34
C MET B 640 22.08 -0.97 23.46
N ASN B 641 22.54 -1.61 22.39
CA ASN B 641 23.85 -2.24 22.41
C ASN B 641 24.50 -2.00 21.04
N SER B 642 25.53 -2.78 20.75
CA SER B 642 26.29 -2.58 19.52
C SER B 642 25.39 -2.61 18.30
N LEU B 643 24.55 -3.62 18.19
CA LEU B 643 23.80 -3.81 16.95
C LEU B 643 22.46 -3.07 16.99
N SER B 644 22.54 -1.79 17.33
CA SER B 644 21.39 -0.92 17.16
C SER B 644 21.33 -0.35 15.76
N VAL B 645 22.47 0.03 15.19
CA VAL B 645 22.47 0.55 13.84
C VAL B 645 21.93 -0.50 12.88
N TRP B 646 22.33 -1.75 13.06
CA TRP B 646 21.77 -2.78 12.22
C TRP B 646 20.27 -2.90 12.45
N ALA B 647 19.83 -2.83 13.71
CA ALA B 647 18.40 -2.92 13.97
C ALA B 647 17.63 -1.72 13.48
N TRP B 648 18.30 -0.65 13.07
CA TRP B 648 17.61 0.44 12.42
C TRP B 648 17.64 0.26 10.92
N THR B 649 18.78 -0.20 10.41
CA THR B 649 18.87 -0.50 8.99
C THR B 649 17.85 -1.55 8.61
N PHE B 650 17.65 -2.51 9.50
CA PHE B 650 16.72 -3.60 9.26
C PHE B 650 15.31 -3.10 9.03
N LEU B 651 14.92 -2.00 9.64
CA LEU B 651 13.61 -1.48 9.31
C LEU B 651 13.67 -0.59 8.09
N PHE B 652 14.77 0.13 7.95
CA PHE B 652 14.98 0.98 6.79
C PHE B 652 14.76 0.19 5.52
N GLY B 653 15.32 -1.01 5.44
CA GLY B 653 15.13 -1.82 4.26
C GLY B 653 13.67 -2.03 3.95
N HIS B 654 12.90 -2.46 4.96
CA HIS B 654 11.49 -2.69 4.72
C HIS B 654 10.83 -1.45 4.17
N LEU B 655 11.14 -0.28 4.74
CA LEU B 655 10.48 0.92 4.30
C LEU B 655 10.74 1.14 2.82
N ILE B 656 12.01 1.06 2.41
CA ILE B 656 12.28 1.27 0.99
C ILE B 656 11.50 0.27 0.17
N TYR B 657 11.53 -0.98 0.60
CA TYR B 657 10.87 -2.06 -0.12
C TYR B 657 9.40 -1.76 -0.28
N ALA B 658 8.75 -1.32 0.80
CA ALA B 658 7.31 -1.15 0.68
C ALA B 658 7.01 0.03 -0.21
N THR B 659 7.86 1.05 -0.17
CA THR B 659 7.68 2.14 -1.11
C THR B 659 7.86 1.64 -2.52
N GLY B 660 8.73 0.66 -2.69
CA GLY B 660 8.89 0.06 -3.99
C GLY B 660 7.62 -0.51 -4.54
N PHE B 661 6.72 -1.01 -3.68
CA PHE B 661 5.51 -1.57 -4.25
C PHE B 661 4.67 -0.49 -4.89
N MET B 662 4.76 0.75 -4.41
CA MET B 662 3.85 1.78 -4.87
C MET B 662 4.04 2.06 -6.35
N PHE B 663 5.28 2.22 -6.79
CA PHE B 663 5.52 2.50 -8.18
C PHE B 663 5.20 1.33 -9.08
N LEU B 664 5.03 0.14 -8.51
CA LEU B 664 4.74 -1.01 -9.32
C LEU B 664 3.24 -1.24 -9.46
N ILE B 665 2.53 -1.19 -8.34
CA ILE B 665 1.13 -1.52 -8.32
C ILE B 665 0.30 -0.43 -8.98
N SER B 666 0.47 0.80 -8.54
CA SER B 666 -0.37 1.91 -8.99
C SER B 666 0.28 2.60 -10.17
N TRP B 667 -0.26 2.41 -11.36
CA TRP B 667 0.32 2.97 -12.57
C TRP B 667 -0.08 4.44 -12.70
N ARG B 668 0.15 5.04 -13.87
CA ARG B 668 0.44 6.48 -13.89
C ARG B 668 -0.80 7.36 -13.74
N GLY B 669 -1.73 7.30 -14.68
CA GLY B 669 -2.64 8.42 -14.93
C GLY B 669 -3.34 8.96 -13.70
N TYR B 670 -3.57 8.11 -12.70
CA TYR B 670 -4.14 8.59 -11.45
C TYR B 670 -3.31 9.74 -10.90
N TRP B 671 -2.00 9.53 -10.85
CA TRP B 671 -1.12 10.57 -10.36
C TRP B 671 -1.15 11.79 -11.26
N GLN B 672 -1.37 11.61 -12.55
CA GLN B 672 -1.46 12.78 -13.42
C GLN B 672 -2.62 13.66 -13.01
N GLU B 673 -3.78 13.07 -12.77
CA GLU B 673 -4.93 13.88 -12.36
C GLU B 673 -4.69 14.52 -10.99
N LEU B 674 -4.13 13.76 -10.06
CA LEU B 674 -3.84 14.33 -8.75
C LEU B 674 -2.91 15.53 -8.84
N ILE B 675 -1.84 15.39 -9.63
CA ILE B 675 -0.89 16.48 -9.79
C ILE B 675 -1.56 17.66 -10.47
N GLU B 676 -2.52 17.41 -11.33
CA GLU B 676 -3.20 18.54 -11.96
C GLU B 676 -4.04 19.32 -10.97
N THR B 677 -4.73 18.63 -10.06
CA THR B 677 -5.46 19.39 -9.04
C THR B 677 -4.50 20.15 -8.13
N LEU B 678 -3.35 19.56 -7.84
CA LEU B 678 -2.34 20.29 -7.08
C LEU B 678 -1.91 21.55 -7.81
N VAL B 679 -1.76 21.47 -9.13
CA VAL B 679 -1.39 22.64 -9.91
C VAL B 679 -2.44 23.72 -9.76
N TRP B 680 -3.71 23.33 -9.83
CA TRP B 680 -4.75 24.32 -9.61
C TRP B 680 -4.65 24.95 -8.23
N ALA B 681 -4.41 24.13 -7.22
CA ALA B 681 -4.39 24.65 -5.85
C ALA B 681 -3.26 25.64 -5.66
N HIS B 682 -2.06 25.31 -6.13
CA HIS B 682 -0.97 26.26 -5.99
C HIS B 682 -1.14 27.46 -6.90
N GLU B 683 -1.92 27.34 -7.96
CA GLU B 683 -2.10 28.47 -8.85
C GLU B 683 -3.08 29.48 -8.28
N LYS B 684 -4.09 29.03 -7.55
CA LYS B 684 -5.11 29.96 -7.05
C LYS B 684 -4.96 30.31 -5.58
N THR B 685 -3.94 29.82 -4.91
CA THR B 685 -3.76 30.14 -3.49
C THR B 685 -3.21 31.54 -3.34
N PRO B 686 -3.83 32.40 -2.54
CA PRO B 686 -3.29 33.74 -2.33
C PRO B 686 -2.06 33.66 -1.46
N LEU B 687 -1.13 34.60 -1.69
CA LEU B 687 0.13 34.71 -0.96
C LEU B 687 1.08 33.56 -1.21
N ALA B 688 0.72 32.58 -2.04
CA ALA B 688 1.67 31.59 -2.52
C ALA B 688 1.55 31.41 -4.01
N ASN B 689 0.77 32.26 -4.68
CA ASN B 689 0.84 32.39 -6.13
C ASN B 689 1.83 33.47 -6.54
N LEU B 690 2.87 33.68 -5.73
CA LEU B 690 3.99 34.54 -6.07
C LEU B 690 5.23 33.74 -6.43
N VAL B 691 5.16 32.42 -6.38
CA VAL B 691 6.28 31.54 -6.66
C VAL B 691 5.79 30.49 -7.64
N TYR B 692 6.37 30.45 -8.83
CA TYR B 692 5.92 29.49 -9.84
C TYR B 692 7.00 28.49 -10.17
N TRP B 693 6.56 27.40 -10.76
CA TRP B 693 7.48 26.48 -11.40
C TRP B 693 8.07 27.14 -12.63
N LYS B 694 9.31 26.78 -12.94
CA LYS B 694 9.85 27.19 -14.22
C LYS B 694 9.54 26.17 -15.30
N ASP B 695 9.61 24.89 -14.94
CA ASP B 695 9.21 23.81 -15.84
C ASP B 695 8.00 23.10 -15.24
N LYS B 696 6.99 22.89 -16.08
CA LYS B 696 5.70 22.46 -15.58
C LYS B 696 5.82 21.09 -14.90
N PRO B 697 5.14 20.88 -13.79
CA PRO B 697 5.20 19.58 -13.11
C PRO B 697 4.30 18.57 -13.81
N VAL B 698 4.85 17.39 -14.09
CA VAL B 698 4.08 16.30 -14.62
C VAL B 698 4.43 15.04 -13.83
N ALA B 699 3.62 14.00 -14.02
CA ALA B 699 3.87 12.73 -13.38
C ALA B 699 4.99 11.99 -14.09
N LEU B 700 5.55 11.00 -13.40
CA LEU B 700 6.63 10.21 -13.97
C LEU B 700 6.12 9.39 -15.15
N SER B 701 6.96 9.24 -16.17
CA SER B 701 6.53 8.53 -17.35
C SER B 701 6.49 7.03 -17.10
N ILE B 702 5.87 6.31 -18.03
CA ILE B 702 5.56 4.91 -17.81
C ILE B 702 6.83 4.09 -17.68
N VAL B 703 7.83 4.37 -18.51
CA VAL B 703 9.05 3.58 -18.48
C VAL B 703 9.83 3.87 -17.21
N GLN B 704 9.89 5.14 -16.81
CA GLN B 704 10.74 5.53 -15.70
C GLN B 704 10.29 4.88 -14.41
N ALA B 705 8.99 4.91 -14.14
CA ALA B 705 8.48 4.43 -12.87
C ALA B 705 8.79 2.97 -12.65
N ARG B 706 8.87 2.19 -13.73
CA ARG B 706 9.30 0.81 -13.58
C ARG B 706 10.71 0.75 -13.03
N LEU B 707 11.61 1.55 -13.59
CA LEU B 707 12.99 1.58 -13.12
C LEU B 707 13.06 2.04 -11.66
N VAL B 708 12.27 3.04 -11.31
CA VAL B 708 12.30 3.56 -9.94
C VAL B 708 11.78 2.53 -8.97
N GLY B 709 10.67 1.88 -9.31
CA GLY B 709 10.14 0.85 -8.44
C GLY B 709 11.12 -0.29 -8.27
N LEU B 710 11.77 -0.67 -9.35
CA LEU B 710 12.77 -1.74 -9.25
C LEU B 710 13.95 -1.30 -8.39
N ALA B 711 14.33 -0.03 -8.49
CA ALA B 711 15.42 0.47 -7.66
C ALA B 711 15.07 0.37 -6.18
N HIS B 712 13.86 0.78 -5.82
CA HIS B 712 13.47 0.66 -4.42
C HIS B 712 13.40 -0.79 -3.98
N PHE B 713 12.81 -1.64 -4.82
CA PHE B 713 12.71 -3.06 -4.48
C PHE B 713 14.09 -3.64 -4.21
N SER B 714 15.03 -3.40 -5.12
CA SER B 714 16.36 -3.98 -4.97
C SER B 714 17.10 -3.41 -3.78
N VAL B 715 17.04 -2.09 -3.58
CA VAL B 715 17.79 -1.47 -2.50
C VAL B 715 17.26 -1.92 -1.16
N GLY B 716 15.94 -1.91 -0.99
CA GLY B 716 15.38 -2.37 0.27
C GLY B 716 15.68 -3.83 0.52
N TYR B 717 15.61 -4.65 -0.52
CA TYR B 717 15.92 -6.06 -0.40
C TYR B 717 17.35 -6.25 0.10
N ILE B 718 18.29 -5.55 -0.53
CA ILE B 718 19.71 -5.72 -0.18
C ILE B 718 19.97 -5.22 1.24
N PHE B 719 19.45 -4.05 1.58
CA PHE B 719 19.72 -3.52 2.91
C PHE B 719 19.14 -4.41 3.99
N THR B 720 17.92 -4.92 3.79
CA THR B 720 17.32 -5.80 4.78
C THR B 720 18.15 -7.05 4.98
N TYR B 721 18.55 -7.70 3.88
CA TYR B 721 19.27 -8.95 4.06
C TYR B 721 20.65 -8.71 4.64
N ALA B 722 21.33 -7.64 4.21
CA ALA B 722 22.63 -7.35 4.78
C ALA B 722 22.52 -7.10 6.28
N ALA B 723 21.52 -6.34 6.69
CA ALA B 723 21.34 -6.08 8.11
C ALA B 723 21.14 -7.37 8.87
N PHE B 724 20.25 -8.23 8.39
CA PHE B 724 20.00 -9.47 9.10
C PHE B 724 21.25 -10.33 9.17
N LEU B 725 21.98 -10.45 8.07
CA LEU B 725 23.13 -11.33 8.03
C LEU B 725 24.23 -10.84 8.96
N ILE B 726 24.61 -9.57 8.83
CA ILE B 726 25.68 -9.05 9.66
C ILE B 726 25.27 -9.10 11.13
N ALA B 727 24.05 -8.64 11.43
CA ALA B 727 23.63 -8.58 12.83
C ALA B 727 23.54 -9.96 13.44
N SER B 728 22.93 -10.92 12.75
CA SER B 728 22.81 -12.25 13.34
C SER B 728 24.15 -12.92 13.52
N THR B 729 24.96 -12.97 12.46
CA THR B 729 26.21 -13.71 12.56
C THR B 729 27.19 -13.05 13.52
N SER B 730 27.27 -11.72 13.51
CA SER B 730 28.17 -11.04 14.42
C SER B 730 27.60 -10.94 15.82
N GLY B 731 26.29 -11.08 15.99
CA GLY B 731 25.74 -11.13 17.33
C GLY B 731 26.04 -12.45 18.01
N ARG B 732 25.92 -13.55 17.26
CA ARG B 732 26.29 -14.84 17.84
C ARG B 732 27.80 -14.96 17.96
N PHE B 733 28.49 -14.98 16.82
CA PHE B 733 29.93 -15.22 16.75
C PHE B 733 30.60 -13.96 16.24
N GLY B 734 30.91 -13.05 17.15
CA GLY B 734 31.54 -11.81 16.74
C GLY B 734 31.63 -10.82 17.88
N ALA C 1 6.96 16.59 -31.04
CA ALA C 1 5.99 16.14 -32.03
C ALA C 1 6.20 14.66 -32.32
N HIS C 2 5.11 13.94 -32.53
CA HIS C 2 5.19 12.51 -32.82
C HIS C 2 5.28 12.30 -34.32
N ILE C 3 5.36 11.03 -34.72
CA ILE C 3 5.49 10.66 -36.13
C ILE C 3 4.32 9.78 -36.50
N VAL C 4 3.46 10.24 -37.39
CA VAL C 4 2.32 9.47 -37.82
C VAL C 4 2.47 9.19 -39.29
N LYS C 5 2.50 7.91 -39.66
CA LYS C 5 2.70 7.54 -41.06
C LYS C 5 1.59 6.62 -41.53
N ILE C 6 1.04 6.91 -42.71
CA ILE C 6 0.01 6.13 -43.37
C ILE C 6 0.67 5.27 -44.43
N TYR C 7 0.34 3.99 -44.47
CA TYR C 7 0.95 3.07 -45.42
C TYR C 7 -0.03 2.71 -46.51
N ASP C 8 0.46 1.99 -47.51
CA ASP C 8 -0.30 1.78 -48.73
C ASP C 8 -1.31 0.65 -48.65
N THR C 9 -1.25 -0.18 -47.61
CA THR C 9 -2.31 -1.17 -47.47
C THR C 9 -3.63 -0.55 -47.05
N CYS C 10 -3.70 0.76 -46.95
CA CYS C 10 -4.94 1.42 -46.56
C CYS C 10 -6.04 1.11 -47.56
N ILE C 11 -7.24 0.85 -47.05
CA ILE C 11 -8.42 0.66 -47.88
C ILE C 11 -9.34 1.84 -47.84
N GLY C 12 -9.04 2.85 -47.03
CA GLY C 12 -9.80 4.08 -46.99
C GLY C 12 -11.19 3.92 -46.41
N CYS C 13 -11.27 3.42 -45.18
CA CYS C 13 -12.55 3.18 -44.56
C CYS C 13 -12.91 4.23 -43.53
N THR C 14 -12.16 5.31 -43.44
CA THR C 14 -12.46 6.47 -42.59
C THR C 14 -12.61 6.14 -41.11
N GLN C 15 -12.19 4.96 -40.66
CA GLN C 15 -12.33 4.67 -39.23
C GLN C 15 -11.33 5.47 -38.40
N CYS C 16 -10.12 5.64 -38.92
CA CYS C 16 -9.10 6.35 -38.17
C CYS C 16 -9.48 7.81 -37.98
N VAL C 17 -10.15 8.42 -38.96
CA VAL C 17 -10.50 9.82 -38.84
C VAL C 17 -11.56 10.03 -37.77
N ARG C 18 -12.59 9.19 -37.77
CA ARG C 18 -13.62 9.30 -36.75
C ARG C 18 -13.12 8.92 -35.37
N ALA C 19 -11.99 8.22 -35.27
CA ALA C 19 -11.47 7.91 -33.94
C ALA C 19 -10.48 8.95 -33.41
N CYS C 20 -9.95 9.81 -34.24
CA CYS C 20 -8.96 10.77 -33.79
C CYS C 20 -9.63 11.85 -32.95
N PRO C 21 -9.24 12.03 -31.70
CA PRO C 21 -9.88 13.07 -30.88
C PRO C 21 -9.19 14.41 -31.00
N LEU C 22 -8.37 14.62 -32.02
CA LEU C 22 -7.64 15.87 -32.16
C LEU C 22 -7.64 16.42 -33.58
N ASP C 23 -8.24 15.72 -34.54
CA ASP C 23 -8.38 16.20 -35.91
C ASP C 23 -7.01 16.40 -36.58
N VAL C 24 -6.18 15.36 -36.53
CA VAL C 24 -4.92 15.37 -37.28
C VAL C 24 -4.95 14.47 -38.47
N LEU C 25 -6.04 13.78 -38.74
CA LEU C 25 -6.12 12.93 -39.91
C LEU C 25 -7.20 13.43 -40.83
N GLU C 26 -7.01 13.23 -42.12
CA GLU C 26 -8.02 13.62 -43.08
C GLU C 26 -7.92 12.72 -44.28
N MET C 27 -9.01 12.61 -45.04
CA MET C 27 -9.07 11.71 -46.17
C MET C 27 -8.80 12.48 -47.45
N VAL C 28 -7.84 12.00 -48.23
CA VAL C 28 -7.45 12.65 -49.48
C VAL C 28 -7.81 11.73 -50.63
N PRO C 29 -8.06 12.27 -51.82
CA PRO C 29 -8.32 11.43 -52.98
C PRO C 29 -7.10 10.58 -53.33
N TRP C 30 -7.37 9.40 -53.84
CA TRP C 30 -6.32 8.44 -54.15
C TRP C 30 -6.90 7.47 -55.16
N ASP C 31 -6.01 6.83 -55.91
CA ASP C 31 -6.41 5.96 -57.01
C ASP C 31 -5.75 4.60 -56.87
N GLY C 32 -5.79 4.05 -55.67
CA GLY C 32 -5.13 2.79 -55.43
C GLY C 32 -6.00 1.71 -54.83
N CYS C 33 -7.24 2.03 -54.49
CA CYS C 33 -8.11 1.05 -53.84
C CYS C 33 -9.54 1.24 -54.34
N LYS C 34 -10.43 0.39 -53.84
CA LYS C 34 -11.81 0.40 -54.32
C LYS C 34 -12.53 1.67 -53.89
N ALA C 35 -12.30 2.12 -52.66
CA ALA C 35 -12.98 3.30 -52.17
C ALA C 35 -12.41 4.60 -52.71
N SER C 36 -11.28 4.54 -53.41
CA SER C 36 -10.66 5.73 -54.01
C SER C 36 -10.37 6.79 -52.98
N GLN C 37 -10.01 6.40 -51.77
CA GLN C 37 -9.64 7.33 -50.72
C GLN C 37 -8.39 6.82 -50.03
N MET C 38 -7.74 7.71 -49.29
CA MET C 38 -6.63 7.27 -48.46
C MET C 38 -6.43 8.29 -47.35
N ALA C 39 -6.08 7.80 -46.16
CA ALA C 39 -5.88 8.71 -45.05
C ALA C 39 -4.56 9.43 -45.16
N SER C 40 -4.46 10.56 -44.47
CA SER C 40 -3.25 11.37 -44.46
C SER C 40 -3.19 12.11 -43.15
N ALA C 41 -1.98 12.51 -42.77
CA ALA C 41 -1.72 13.11 -41.46
C ALA C 41 -1.04 14.44 -41.64
N PRO C 42 -1.80 15.49 -42.00
CA PRO C 42 -1.17 16.78 -42.30
C PRO C 42 -0.84 17.61 -41.08
N ARG C 43 -1.28 17.22 -39.90
CA ARG C 43 -1.19 18.08 -38.73
C ARG C 43 -0.62 17.32 -37.54
N THR C 44 0.48 16.62 -37.75
CA THR C 44 1.01 15.85 -36.63
C THR C 44 1.59 16.69 -35.58
N GLU C 45 1.50 18.02 -35.59
CA GLU C 45 1.94 18.77 -34.43
C GLU C 45 0.89 18.86 -33.34
N ASP C 46 -0.36 18.51 -33.66
CA ASP C 46 -1.42 18.46 -32.69
C ASP C 46 -1.61 17.06 -32.09
N CYS C 47 -0.95 16.06 -32.63
CA CYS C 47 -1.11 14.70 -32.14
C CYS C 47 -0.58 14.58 -30.72
N VAL C 48 -1.28 13.83 -29.88
CA VAL C 48 -0.77 13.50 -28.55
C VAL C 48 -0.36 12.05 -28.42
N GLY C 49 -0.68 11.21 -29.39
CA GLY C 49 -0.22 9.85 -29.37
C GLY C 49 -1.11 8.89 -28.61
N CYS C 50 -2.41 9.16 -28.54
CA CYS C 50 -3.31 8.31 -27.79
C CYS C 50 -3.52 6.97 -28.44
N LYS C 51 -3.21 6.84 -29.73
CA LYS C 51 -3.28 5.56 -30.42
C LYS C 51 -4.70 5.01 -30.50
N ARG C 52 -5.67 5.89 -30.75
CA ARG C 52 -6.98 5.39 -31.15
C ARG C 52 -7.04 5.12 -32.64
N CYS C 53 -6.20 5.81 -33.41
CA CYS C 53 -6.13 5.53 -34.84
C CYS C 53 -5.64 4.11 -35.09
N GLU C 54 -4.68 3.64 -34.30
CA GLU C 54 -4.22 2.26 -34.45
C GLU C 54 -5.32 1.28 -34.08
N THR C 55 -6.09 1.59 -33.04
CA THR C 55 -7.12 0.64 -32.64
C THR C 55 -8.23 0.56 -33.67
N ALA C 56 -8.51 1.64 -34.38
CA ALA C 56 -9.63 1.62 -35.30
C ALA C 56 -9.31 1.03 -36.66
N CYS C 57 -8.05 0.71 -36.93
CA CYS C 57 -7.72 0.26 -38.28
C CYS C 57 -8.09 -1.21 -38.46
N PRO C 58 -8.88 -1.54 -39.46
CA PRO C 58 -9.31 -2.93 -39.64
C PRO C 58 -8.25 -3.84 -40.22
N THR C 59 -7.48 -3.36 -41.19
CA THR C 59 -6.53 -4.22 -41.88
C THR C 59 -5.44 -4.67 -40.93
N ASP C 60 -5.07 -5.94 -41.01
CA ASP C 60 -4.02 -6.42 -40.14
C ASP C 60 -2.70 -5.80 -40.58
N PHE C 61 -1.61 -6.24 -39.93
CA PHE C 61 -0.76 -5.27 -39.24
C PHE C 61 -0.76 -3.91 -39.90
N LEU C 62 -1.00 -2.91 -39.05
CA LEU C 62 -1.82 -1.75 -39.36
C LEU C 62 -1.32 -0.96 -40.55
N SER C 63 -2.25 -0.23 -41.15
CA SER C 63 -1.96 0.71 -42.19
C SER C 63 -1.69 2.11 -41.67
N VAL C 64 -1.68 2.30 -40.35
CA VAL C 64 -1.30 3.58 -39.77
C VAL C 64 -0.45 3.31 -38.53
N ARG C 65 0.65 4.03 -38.39
CA ARG C 65 1.46 3.90 -37.19
C ARG C 65 1.67 5.25 -36.53
N VAL C 66 1.83 5.22 -35.23
CA VAL C 66 2.15 6.39 -34.42
C VAL C 66 3.44 6.08 -33.67
N TYR C 67 4.53 6.67 -34.14
CA TYR C 67 5.82 6.57 -33.49
C TYR C 67 5.97 7.70 -32.48
N LEU C 68 6.31 7.36 -31.26
CA LEU C 68 6.44 8.36 -30.22
C LEU C 68 7.77 9.09 -30.36
N GLY C 69 7.77 10.35 -29.97
CA GLY C 69 8.93 11.21 -30.17
C GLY C 69 9.05 12.26 -29.09
N SER C 70 9.65 13.38 -29.44
CA SER C 70 9.95 14.43 -28.47
C SER C 70 8.67 15.17 -28.09
N GLU C 71 8.36 15.18 -26.80
CA GLU C 71 7.14 15.80 -26.35
C GLU C 71 7.24 17.32 -26.40
N SER C 72 6.08 17.96 -26.50
CA SER C 72 6.00 19.42 -26.42
C SER C 72 4.87 19.79 -25.48
N THR C 73 4.53 21.07 -25.43
CA THR C 73 3.41 21.46 -24.56
C THR C 73 2.07 21.12 -25.17
N ARG C 74 2.01 20.86 -26.47
CA ARG C 74 0.77 20.42 -27.09
C ARG C 74 0.66 18.91 -27.17
N SER C 75 1.79 18.22 -27.32
CA SER C 75 1.76 16.78 -27.40
C SER C 75 1.69 16.10 -26.04
N MET C 76 1.78 16.86 -24.96
CA MET C 76 1.56 16.32 -23.64
C MET C 76 0.12 16.49 -23.19
N GLY C 77 -0.67 17.25 -23.93
CA GLY C 77 -2.05 17.45 -23.52
C GLY C 77 -2.20 18.29 -22.28
N LEU C 78 -1.18 19.06 -21.91
CA LEU C 78 -1.27 19.90 -20.74
C LEU C 78 -2.24 21.04 -20.98
N SER C 79 -3.23 21.16 -20.10
CA SER C 79 -4.20 22.24 -20.18
C SER C 79 -3.84 23.42 -19.30
N TYR C 80 -2.89 23.27 -18.40
CA TYR C 80 -2.46 24.37 -17.57
C TYR C 80 -1.19 24.98 -18.15
N TRP D 1 -16.06 28.36 -50.68
CA TRP D 1 -15.67 28.47 -49.29
C TRP D 1 -14.31 29.13 -49.12
N THR D 2 -14.29 30.28 -48.46
CA THR D 2 -13.06 30.90 -48.02
C THR D 2 -12.89 30.68 -46.52
N VAL D 3 -11.74 31.07 -46.01
CA VAL D 3 -11.45 30.87 -44.59
C VAL D 3 -12.12 31.98 -43.81
N PRO D 4 -13.06 31.67 -42.92
CA PRO D 4 -13.80 32.70 -42.20
C PRO D 4 -13.08 33.16 -40.95
N THR D 5 -13.34 34.41 -40.59
CA THR D 5 -12.92 34.94 -39.30
C THR D 5 -14.13 34.99 -38.37
N LEU D 6 -13.87 35.17 -37.08
CA LEU D 6 -14.95 35.21 -36.11
C LEU D 6 -15.35 36.63 -35.78
N ASN D 7 -16.55 36.76 -35.23
CA ASN D 7 -17.10 38.04 -34.80
C ASN D 7 -17.16 38.04 -33.29
N PRO D 8 -16.20 38.64 -32.61
CA PRO D 8 -16.16 38.60 -31.14
C PRO D 8 -17.10 39.61 -30.49
N ASP D 9 -18.40 39.48 -30.79
CA ASP D 9 -19.42 40.14 -29.98
C ASP D 9 -20.62 39.23 -29.81
N THR D 10 -20.46 37.94 -30.04
CA THR D 10 -21.50 36.95 -29.87
C THR D 10 -21.65 36.60 -28.39
N PRO D 11 -22.86 36.36 -27.93
CA PRO D 11 -23.07 36.09 -26.50
C PRO D 11 -22.56 34.72 -26.11
N SER D 12 -22.54 34.47 -24.82
CA SER D 12 -22.07 33.20 -24.34
C SER D 12 -23.18 32.40 -23.67
N PRO D 13 -23.08 31.07 -23.66
CA PRO D 13 -24.09 30.27 -22.97
C PRO D 13 -24.10 30.53 -21.47
N ILE D 14 -25.25 30.29 -20.88
CA ILE D 14 -25.43 30.52 -19.44
C ILE D 14 -24.76 29.39 -18.68
N PHE D 15 -23.89 29.75 -17.74
CA PHE D 15 -23.15 28.75 -16.98
C PHE D 15 -22.70 29.38 -15.67
N GLY D 16 -22.57 28.56 -14.64
CA GLY D 16 -22.39 29.09 -13.31
C GLY D 16 -20.96 29.44 -12.94
N GLY D 17 -19.99 28.81 -13.58
CA GLY D 17 -18.61 29.05 -13.22
C GLY D 17 -17.97 27.87 -12.55
N SER D 18 -17.20 27.10 -13.29
CA SER D 18 -16.61 25.89 -12.78
C SER D 18 -15.20 26.17 -12.25
N THR D 19 -14.62 25.15 -11.64
CA THR D 19 -13.19 25.08 -11.47
C THR D 19 -12.68 24.05 -12.47
N GLY D 20 -11.88 24.51 -13.42
CA GLY D 20 -11.59 23.72 -14.59
C GLY D 20 -11.68 24.57 -15.82
N GLY D 21 -11.74 25.88 -15.62
CA GLY D 21 -11.82 26.81 -16.73
C GLY D 21 -10.46 27.08 -17.33
N LEU D 22 -10.11 28.35 -17.49
CA LEU D 22 -8.82 28.71 -18.04
C LEU D 22 -7.80 28.93 -16.93
N LEU D 23 -6.69 28.24 -17.02
CA LEU D 23 -5.51 28.53 -16.23
C LEU D 23 -4.55 29.37 -17.06
N ARG D 24 -3.31 29.47 -16.64
CA ARG D 24 -2.36 30.35 -17.30
C ARG D 24 -1.68 29.77 -18.51
N LYS D 25 -2.15 28.66 -19.06
CA LYS D 25 -1.76 28.40 -20.45
C LYS D 25 -2.35 29.47 -21.35
N ALA D 26 -3.47 30.05 -20.94
CA ALA D 26 -4.09 31.10 -21.74
C ALA D 26 -3.35 32.41 -21.63
N GLN D 27 -2.75 32.70 -20.47
CA GLN D 27 -2.13 34.01 -20.28
C GLN D 27 -0.83 34.15 -21.05
N THR D 28 -0.12 33.06 -21.27
CA THR D 28 1.18 33.14 -21.91
C THR D 28 1.28 32.42 -23.24
N GLU D 29 0.54 31.33 -23.46
CA GLU D 29 0.78 30.50 -24.63
C GLU D 29 -0.38 30.51 -25.63
N GLU D 30 -1.57 30.10 -25.23
CA GLU D 30 -2.67 29.99 -26.19
C GLU D 30 -3.93 29.57 -25.48
N PHE D 31 -5.08 29.85 -26.10
CA PHE D 31 -6.33 29.27 -25.65
C PHE D 31 -7.27 29.20 -26.83
N TYR D 32 -8.19 28.25 -26.80
CA TYR D 32 -8.99 27.93 -27.96
C TYR D 32 -10.41 28.44 -27.79
N VAL D 33 -11.03 28.85 -28.89
CA VAL D 33 -12.31 29.54 -28.84
C VAL D 33 -13.27 28.91 -29.82
N ILE D 34 -14.42 28.47 -29.35
CA ILE D 34 -15.34 27.70 -30.19
C ILE D 34 -16.61 28.52 -30.43
N THR D 35 -17.25 28.27 -31.57
CA THR D 35 -18.37 29.07 -32.05
C THR D 35 -19.35 28.18 -32.78
N TRP D 36 -20.64 28.33 -32.50
CA TRP D 36 -21.65 27.63 -33.28
C TRP D 36 -22.95 28.42 -33.20
N GLU D 37 -23.88 28.07 -34.08
CA GLU D 37 -25.18 28.71 -34.12
C GLU D 37 -26.24 27.68 -33.82
N ALA D 38 -26.99 27.90 -32.75
CA ALA D 38 -28.04 26.98 -32.34
C ALA D 38 -29.37 27.40 -32.94
N LYS D 39 -30.34 26.50 -32.86
CA LYS D 39 -31.68 26.74 -33.36
C LYS D 39 -32.73 26.86 -32.27
N LYS D 40 -32.61 26.07 -31.21
CA LYS D 40 -33.50 26.20 -30.06
C LYS D 40 -32.71 25.98 -28.78
N GLU D 41 -33.10 26.69 -27.74
CA GLU D 41 -32.44 26.63 -26.45
C GLU D 41 -32.50 25.23 -25.87
N GLN D 42 -31.38 24.80 -25.29
CA GLN D 42 -31.25 23.41 -24.88
C GLN D 42 -30.08 23.32 -23.91
N ILE D 43 -30.10 22.29 -23.08
CA ILE D 43 -29.07 22.08 -22.08
C ILE D 43 -28.05 21.08 -22.61
N PHE D 44 -26.78 21.47 -22.61
CA PHE D 44 -25.70 20.58 -22.99
C PHE D 44 -24.74 20.42 -21.83
N GLU D 45 -23.73 19.58 -22.04
CA GLU D 45 -22.77 19.23 -21.00
C GLU D 45 -21.41 19.81 -21.34
N MET D 46 -20.82 20.55 -20.40
CA MET D 46 -19.49 21.09 -20.60
C MET D 46 -18.46 19.97 -20.50
N PRO D 47 -17.39 20.04 -21.27
CA PRO D 47 -16.31 19.06 -21.10
C PRO D 47 -15.35 19.46 -20.00
N THR D 48 -15.88 19.95 -18.90
CA THR D 48 -15.10 20.19 -17.70
C THR D 48 -15.88 19.66 -16.50
N GLY D 49 -17.20 19.65 -16.64
CA GLY D 49 -18.11 19.29 -15.57
C GLY D 49 -19.23 20.30 -15.52
N GLY D 50 -20.41 19.84 -15.13
CA GLY D 50 -21.58 20.70 -15.02
C GLY D 50 -22.35 20.75 -16.32
N ALA D 51 -23.50 21.44 -16.26
CA ALA D 51 -24.36 21.60 -17.41
C ALA D 51 -24.56 23.07 -17.71
N ALA D 52 -24.70 23.39 -19.00
CA ALA D 52 -24.91 24.76 -19.42
C ALA D 52 -26.07 24.82 -20.39
N ILE D 53 -26.56 26.03 -20.64
CA ILE D 53 -27.71 26.25 -21.49
C ILE D 53 -27.28 27.06 -22.70
N MET D 54 -27.43 26.49 -23.89
CA MET D 54 -27.06 27.23 -25.08
C MET D 54 -28.18 28.18 -25.47
N ARG D 55 -27.81 29.27 -26.12
CA ARG D 55 -28.76 30.31 -26.42
C ARG D 55 -29.36 30.12 -27.80
N GLN D 56 -30.48 30.77 -28.03
CA GLN D 56 -31.16 30.70 -29.32
C GLN D 56 -30.44 31.64 -30.28
N GLY D 57 -29.55 31.09 -31.11
CA GLY D 57 -28.77 31.89 -32.01
C GLY D 57 -27.31 31.57 -31.90
N PRO D 58 -26.44 32.52 -32.26
CA PRO D 58 -25.00 32.28 -32.16
C PRO D 58 -24.55 32.17 -30.71
N ASN D 59 -23.48 31.41 -30.50
CA ASN D 59 -22.90 31.21 -29.19
C ASN D 59 -21.39 31.36 -29.27
N LEU D 60 -20.72 31.20 -28.13
CA LEU D 60 -19.28 31.38 -28.09
C LEU D 60 -18.71 30.90 -26.76
N LEU D 61 -17.63 30.13 -26.79
CA LEU D 61 -17.01 29.66 -25.55
C LEU D 61 -15.51 29.89 -25.59
N LYS D 62 -14.78 29.40 -24.60
CA LYS D 62 -13.33 29.40 -24.67
C LYS D 62 -12.79 28.28 -23.79
N PHE D 63 -11.73 27.63 -24.27
CA PHE D 63 -11.24 26.40 -23.63
C PHE D 63 -9.74 26.41 -23.55
N GLY D 64 -9.20 25.51 -22.73
CA GLY D 64 -7.76 25.40 -22.53
C GLY D 64 -7.01 24.62 -23.59
N LYS D 65 -7.33 23.35 -23.76
CA LYS D 65 -6.64 22.49 -24.70
C LYS D 65 -7.55 22.15 -25.88
N LYS D 66 -7.05 21.32 -26.78
CA LYS D 66 -7.79 21.03 -28.00
C LYS D 66 -8.73 19.86 -27.85
N GLU D 67 -8.40 18.88 -27.03
CA GLU D 67 -9.31 17.76 -26.86
C GLU D 67 -10.63 18.18 -26.25
N GLN D 68 -10.67 19.30 -25.51
CA GLN D 68 -11.94 19.80 -25.00
C GLN D 68 -12.82 20.33 -26.13
N CYS D 69 -12.24 21.08 -27.06
CA CYS D 69 -13.00 21.52 -28.20
C CYS D 69 -13.44 20.36 -29.08
N LEU D 70 -12.61 19.34 -29.21
CA LEU D 70 -13.02 18.19 -30.01
C LEU D 70 -14.10 17.38 -29.31
N ALA D 71 -14.03 17.25 -27.98
CA ALA D 71 -15.09 16.57 -27.25
C ALA D 71 -16.41 17.30 -27.39
N LEU D 72 -16.40 18.61 -27.18
CA LEU D 72 -17.64 19.36 -27.34
C LEU D 72 -18.11 19.34 -28.78
N THR D 73 -17.18 19.29 -29.73
CA THR D 73 -17.57 19.24 -31.13
C THR D 73 -18.25 17.92 -31.45
N THR D 74 -17.67 16.81 -30.99
CA THR D 74 -18.29 15.52 -31.23
C THR D 74 -19.65 15.43 -30.56
N GLN D 75 -19.77 15.94 -29.34
CA GLN D 75 -21.04 15.89 -28.65
C GLN D 75 -22.09 16.77 -29.33
N LEU D 76 -21.74 17.99 -29.72
CA LEU D 76 -22.69 18.84 -30.41
C LEU D 76 -23.02 18.33 -31.79
N ARG D 77 -22.17 17.49 -32.36
CA ARG D 77 -22.38 17.07 -33.74
C ARG D 77 -23.14 15.77 -33.87
N ASN D 78 -22.81 14.77 -33.06
CA ASN D 78 -23.48 13.50 -33.19
C ASN D 78 -24.80 13.44 -32.42
N LYS D 79 -25.00 14.32 -31.45
CA LYS D 79 -26.20 14.29 -30.63
C LYS D 79 -27.23 15.35 -31.03
N PHE D 80 -26.80 16.57 -31.31
CA PHE D 80 -27.72 17.65 -31.64
C PHE D 80 -27.75 17.99 -33.11
N LYS D 81 -26.76 17.54 -33.89
CA LYS D 81 -26.69 17.79 -35.34
C LYS D 81 -26.57 19.28 -35.64
N LEU D 82 -25.50 19.88 -35.15
CA LEU D 82 -25.15 21.27 -35.40
C LEU D 82 -23.79 21.33 -36.09
N THR D 83 -23.36 22.56 -36.43
CA THR D 83 -22.13 22.79 -37.17
C THR D 83 -21.24 23.75 -36.38
N PRO D 84 -20.39 23.23 -35.50
CA PRO D 84 -19.48 24.09 -34.74
C PRO D 84 -18.16 24.31 -35.47
N CYS D 85 -17.46 25.35 -35.05
CA CYS D 85 -16.13 25.69 -35.55
C CYS D 85 -15.32 26.26 -34.41
N PHE D 86 -14.13 25.75 -34.17
CA PHE D 86 -13.31 26.30 -33.10
C PHE D 86 -11.98 26.78 -33.64
N TYR D 87 -11.50 27.89 -33.09
CA TYR D 87 -10.29 28.61 -33.47
C TYR D 87 -9.22 28.42 -32.42
N ARG D 88 -8.04 28.95 -32.72
CA ARG D 88 -6.94 29.05 -31.78
C ARG D 88 -6.61 30.52 -31.63
N VAL D 89 -6.41 30.99 -30.40
CA VAL D 89 -6.15 32.38 -30.16
C VAL D 89 -4.88 32.50 -29.34
N PHE D 90 -3.94 33.28 -29.83
CA PHE D 90 -2.71 33.56 -29.11
C PHE D 90 -2.91 34.78 -28.22
N PRO D 91 -2.20 34.88 -27.12
CA PRO D 91 -2.50 35.95 -26.17
C PRO D 91 -1.89 37.29 -26.53
N ASP D 92 -1.99 37.70 -27.77
CA ASP D 92 -1.70 39.08 -28.13
C ASP D 92 -2.66 39.62 -29.18
N GLY D 93 -3.59 38.83 -29.67
CA GLY D 93 -4.55 39.31 -30.63
C GLY D 93 -4.42 38.64 -31.98
N LYS D 94 -3.89 37.41 -31.98
CA LYS D 94 -3.69 36.65 -33.19
C LYS D 94 -4.67 35.48 -33.21
N VAL D 95 -5.33 35.30 -34.34
CA VAL D 95 -6.42 34.34 -34.48
C VAL D 95 -6.07 33.40 -35.62
N GLN D 96 -6.03 32.10 -35.35
CA GLN D 96 -5.78 31.09 -36.35
C GLN D 96 -7.02 30.22 -36.49
N TYR D 97 -7.36 29.89 -37.73
CA TYR D 97 -8.53 29.08 -38.03
C TYR D 97 -8.14 27.61 -38.14
N LEU D 98 -8.98 26.74 -37.60
CA LEU D 98 -8.74 25.31 -37.76
C LEU D 98 -10.04 24.56 -37.49
N HIS D 99 -10.12 23.32 -38.00
CA HIS D 99 -11.29 22.48 -37.85
C HIS D 99 -12.59 23.13 -38.29
N PRO D 100 -12.95 23.09 -39.58
CA PRO D 100 -12.46 22.13 -40.57
C PRO D 100 -11.16 22.47 -41.29
N ALA D 101 -10.91 23.74 -41.55
CA ALA D 101 -9.77 24.18 -42.34
C ALA D 101 -9.78 23.61 -43.75
N ASP D 102 -10.90 23.03 -44.17
CA ASP D 102 -11.11 22.63 -45.54
C ASP D 102 -12.54 22.91 -45.98
N GLY D 103 -13.35 23.52 -45.13
CA GLY D 103 -14.78 23.63 -45.39
C GLY D 103 -15.54 22.41 -44.93
N VAL D 104 -15.08 21.22 -45.31
CA VAL D 104 -15.78 19.98 -45.04
C VAL D 104 -15.03 19.21 -43.98
N TYR D 105 -15.76 18.71 -42.98
CA TYR D 105 -15.15 17.96 -41.90
C TYR D 105 -14.41 16.75 -42.47
N PRO D 106 -13.28 16.37 -41.90
CA PRO D 106 -12.32 15.55 -42.64
C PRO D 106 -12.66 14.08 -42.75
N GLU D 107 -13.92 13.75 -43.02
CA GLU D 107 -14.29 12.39 -43.34
C GLU D 107 -14.79 12.29 -44.77
N LYS D 108 -15.75 13.13 -45.15
CA LYS D 108 -16.08 13.27 -46.56
C LYS D 108 -14.89 13.85 -47.30
N VAL D 109 -14.40 13.12 -48.30
CA VAL D 109 -13.18 13.55 -48.97
C VAL D 109 -13.47 14.73 -49.87
N ASN D 110 -12.67 15.78 -49.73
CA ASN D 110 -12.83 17.01 -50.49
C ASN D 110 -11.67 17.09 -51.47
N ALA D 111 -11.98 17.13 -52.76
CA ALA D 111 -10.93 17.19 -53.77
C ALA D 111 -10.14 18.48 -53.61
N GLY D 112 -8.82 18.37 -53.61
CA GLY D 112 -7.99 19.51 -53.35
C GLY D 112 -7.32 19.44 -51.99
N ARG D 113 -6.94 18.23 -51.59
CA ARG D 113 -6.14 18.00 -50.40
C ARG D 113 -4.83 17.35 -50.82
N VAL D 114 -3.75 17.73 -50.14
CA VAL D 114 -2.42 17.21 -50.44
C VAL D 114 -2.03 16.29 -49.30
N GLY D 115 -1.74 15.03 -49.62
CA GLY D 115 -1.45 14.05 -48.61
C GLY D 115 -0.03 14.10 -48.09
N ALA D 116 0.10 14.23 -46.77
CA ALA D 116 1.40 14.35 -46.13
C ALA D 116 1.60 13.22 -45.15
N ASN D 117 2.87 12.96 -44.83
CA ASN D 117 3.24 11.88 -43.92
C ASN D 117 2.70 10.54 -44.40
N GLN D 118 2.93 10.24 -45.67
CA GLN D 118 2.19 9.21 -46.38
C GLN D 118 3.20 8.32 -47.11
N ASN D 119 3.72 7.31 -46.41
CA ASN D 119 4.65 6.39 -47.04
C ASN D 119 3.93 5.54 -48.07
N MET D 120 4.68 5.02 -49.03
CA MET D 120 4.09 4.30 -50.15
C MET D 120 4.61 2.88 -50.23
N ARG D 121 4.79 2.24 -49.09
CA ARG D 121 5.28 0.87 -49.06
C ARG D 121 4.53 0.07 -48.01
N ARG D 122 4.62 -1.25 -48.13
CA ARG D 122 4.06 -2.14 -47.14
C ARG D 122 4.78 -1.96 -45.82
N ILE D 123 4.10 -2.28 -44.72
CA ILE D 123 4.66 -1.98 -43.41
C ILE D 123 5.92 -2.78 -43.15
N GLY D 124 6.04 -3.96 -43.73
CA GLY D 124 7.21 -4.80 -43.52
C GLY D 124 8.23 -4.65 -44.63
N GLN D 125 8.30 -3.45 -45.19
CA GLN D 125 9.34 -3.11 -46.15
C GLN D 125 10.21 -1.99 -45.62
N ASN D 126 10.36 -1.93 -44.30
CA ASN D 126 11.23 -0.96 -43.65
C ASN D 126 12.65 -1.52 -43.55
N VAL D 127 13.62 -0.60 -43.50
CA VAL D 127 15.01 -1.01 -43.37
C VAL D 127 15.31 -1.36 -41.91
N ASN D 128 16.37 -2.11 -41.71
CA ASN D 128 16.80 -2.42 -40.35
C ASN D 128 17.38 -1.17 -39.69
N PRO D 129 17.30 -1.08 -38.36
CA PRO D 129 17.87 0.09 -37.67
C PRO D 129 19.39 0.08 -37.60
N ILE D 130 20.06 -0.87 -38.23
CA ILE D 130 21.51 -0.79 -38.35
C ILE D 130 21.91 0.07 -39.54
N LYS D 131 21.04 0.21 -40.53
CA LYS D 131 21.37 0.96 -41.73
C LYS D 131 20.97 2.42 -41.65
N VAL D 132 20.27 2.84 -40.59
CA VAL D 132 20.03 4.25 -40.32
C VAL D 132 20.83 4.73 -39.12
N LYS D 133 21.76 3.92 -38.64
CA LYS D 133 22.50 4.23 -37.43
C LYS D 133 23.50 5.36 -37.69
N PHE D 134 23.82 6.10 -36.63
CA PHE D 134 24.80 7.18 -36.64
C PHE D 134 24.38 8.31 -37.58
N SER D 135 23.19 8.83 -37.32
CA SER D 135 22.66 10.00 -38.00
C SER D 135 22.64 11.17 -37.03
N GLY D 136 22.01 12.26 -37.44
CA GLY D 136 22.00 13.46 -36.62
C GLY D 136 21.35 13.26 -35.27
N ARG D 137 20.40 12.34 -35.17
CA ARG D 137 19.67 12.14 -33.92
C ARG D 137 19.02 10.76 -33.93
N MET D 138 18.23 10.48 -32.91
CA MET D 138 17.48 9.23 -32.86
C MET D 138 16.48 9.18 -34.02
N MET D 139 16.52 8.10 -34.80
CA MET D 139 15.65 7.94 -35.96
C MET D 139 15.00 6.58 -35.98
N SER D 140 13.71 6.56 -36.19
CA SER D 140 13.10 5.28 -36.51
C SER D 140 13.30 4.95 -37.98
N PRO D 141 13.49 3.67 -38.32
CA PRO D 141 13.72 3.32 -39.72
C PRO D 141 12.56 3.65 -40.63
N ALA D 142 11.35 3.77 -40.10
CA ALA D 142 10.21 4.13 -40.92
C ALA D 142 9.97 5.63 -40.95
N GLU D 143 10.93 6.42 -40.50
CA GLU D 143 10.85 7.87 -40.60
C GLU D 143 11.58 8.41 -41.81
N ILE D 144 12.50 7.65 -42.39
CA ILE D 144 13.23 8.10 -43.56
C ILE D 144 12.31 8.22 -44.76
N GLU E 1 -9.94 -13.32 -64.54
CA GLU E 1 -8.59 -13.32 -65.07
C GLU E 1 -7.54 -13.31 -63.97
N VAL E 2 -7.50 -12.21 -63.23
CA VAL E 2 -6.27 -11.81 -62.54
C VAL E 2 -5.94 -12.76 -61.38
N GLY E 3 -6.93 -13.34 -60.72
CA GLY E 3 -6.66 -14.09 -59.53
C GLY E 3 -7.31 -15.47 -59.50
N PRO E 4 -7.02 -16.23 -58.45
CA PRO E 4 -7.72 -17.51 -58.26
C PRO E 4 -9.20 -17.28 -58.04
N LYS E 5 -9.99 -18.30 -58.34
CA LYS E 5 -11.44 -18.16 -58.32
C LYS E 5 -12.01 -18.37 -56.94
N ARG E 6 -13.21 -17.82 -56.73
CA ARG E 6 -13.80 -17.77 -55.40
C ARG E 6 -14.19 -19.16 -54.92
N GLY E 7 -14.14 -19.34 -53.59
CA GLY E 7 -14.34 -20.63 -52.98
C GLY E 7 -13.10 -21.45 -52.80
N SER E 8 -12.02 -21.12 -53.51
CA SER E 8 -10.78 -21.88 -53.41
C SER E 8 -10.05 -21.54 -52.13
N LEU E 9 -9.28 -22.50 -51.64
CA LEU E 9 -8.46 -22.32 -50.45
C LEU E 9 -7.07 -21.87 -50.84
N VAL E 10 -6.58 -20.82 -50.19
CA VAL E 10 -5.24 -20.31 -50.45
C VAL E 10 -4.44 -20.33 -49.18
N LYS E 11 -3.14 -20.07 -49.33
CA LYS E 11 -2.16 -20.11 -48.26
C LYS E 11 -1.37 -18.81 -48.29
N ILE E 12 -1.33 -18.13 -47.17
CA ILE E 12 -0.77 -16.78 -47.09
C ILE E 12 0.74 -16.86 -46.99
N LEU E 13 1.43 -15.95 -47.69
CA LEU E 13 2.87 -15.85 -47.60
C LEU E 13 3.35 -14.48 -47.14
N ARG E 14 2.45 -13.52 -46.96
CA ARG E 14 2.86 -12.23 -46.41
C ARG E 14 3.23 -12.42 -44.96
N PRO E 15 4.46 -12.07 -44.55
CA PRO E 15 4.90 -12.44 -43.19
C PRO E 15 4.22 -11.66 -42.08
N GLU E 16 4.06 -10.35 -42.24
CA GLU E 16 3.48 -9.57 -41.16
C GLU E 16 2.02 -9.90 -40.91
N SER E 17 1.36 -10.63 -41.80
CA SER E 17 -0.01 -11.02 -41.55
C SER E 17 -0.09 -11.97 -40.36
N TYR E 18 -1.19 -11.88 -39.63
CA TYR E 18 -1.39 -12.82 -38.52
C TYR E 18 -1.62 -14.22 -39.02
N TRP E 19 -2.16 -14.38 -40.22
CA TRP E 19 -2.46 -15.69 -40.78
C TRP E 19 -1.36 -16.20 -41.70
N PHE E 20 -0.11 -15.85 -41.41
CA PHE E 20 0.99 -16.36 -42.21
C PHE E 20 1.04 -17.88 -42.10
N ASN E 21 1.36 -18.53 -43.21
CA ASN E 21 1.58 -19.97 -43.27
C ASN E 21 0.32 -20.76 -42.94
N GLN E 22 -0.86 -20.15 -43.08
CA GLN E 22 -2.11 -20.80 -42.75
C GLN E 22 -3.04 -20.80 -43.96
N VAL E 23 -4.26 -21.29 -43.76
CA VAL E 23 -5.18 -21.57 -44.86
C VAL E 23 -6.40 -20.68 -44.72
N GLY E 24 -6.77 -20.02 -45.82
CA GLY E 24 -7.95 -19.18 -45.85
C GLY E 24 -8.78 -19.49 -47.08
N LYS E 25 -9.91 -18.80 -47.18
CA LYS E 25 -10.82 -19.01 -48.29
C LYS E 25 -11.05 -17.70 -49.03
N VAL E 26 -11.00 -17.74 -50.35
CA VAL E 26 -11.10 -16.52 -51.14
C VAL E 26 -12.56 -16.14 -51.32
N VAL E 27 -12.84 -14.84 -51.23
CA VAL E 27 -14.18 -14.30 -51.47
C VAL E 27 -14.25 -13.72 -52.88
N SER E 28 -13.41 -12.74 -53.17
CA SER E 28 -13.47 -12.07 -54.46
C SER E 28 -12.12 -11.48 -54.80
N VAL E 29 -11.85 -11.38 -56.10
CA VAL E 29 -10.60 -10.86 -56.63
C VAL E 29 -10.92 -9.62 -57.46
N ASP E 30 -10.42 -8.47 -57.03
CA ASP E 30 -10.74 -7.23 -57.73
C ASP E 30 -10.01 -7.17 -59.07
N GLN E 31 -10.73 -6.77 -60.12
CA GLN E 31 -10.19 -6.74 -61.46
C GLN E 31 -9.58 -5.40 -61.83
N SER E 32 -9.70 -4.38 -60.97
CA SER E 32 -9.29 -3.03 -61.31
C SER E 32 -7.81 -2.83 -60.99
N GLY E 33 -7.36 -1.57 -61.01
CA GLY E 33 -5.99 -1.24 -60.73
C GLY E 33 -5.68 -1.08 -59.26
N VAL E 34 -6.33 -1.86 -58.42
CA VAL E 34 -6.04 -1.81 -56.99
C VAL E 34 -4.73 -2.52 -56.72
N ARG E 35 -4.01 -2.08 -55.70
CA ARG E 35 -2.74 -2.69 -55.36
C ARG E 35 -2.90 -4.02 -54.65
N TYR E 36 -4.02 -4.23 -53.95
CA TYR E 36 -4.26 -5.46 -53.22
C TYR E 36 -5.66 -5.97 -53.54
N PRO E 37 -5.79 -6.85 -54.54
CA PRO E 37 -7.12 -7.24 -54.99
C PRO E 37 -7.73 -8.48 -54.35
N VAL E 38 -7.02 -9.29 -53.59
CA VAL E 38 -7.54 -10.61 -53.21
C VAL E 38 -8.11 -10.54 -51.80
N VAL E 39 -9.39 -10.87 -51.66
CA VAL E 39 -10.08 -10.76 -50.39
C VAL E 39 -10.19 -12.14 -49.78
N VAL E 40 -9.53 -12.38 -48.65
CA VAL E 40 -9.48 -13.70 -48.06
C VAL E 40 -10.13 -13.65 -46.69
N ARG E 41 -11.02 -14.60 -46.45
CA ARG E 41 -11.60 -14.82 -45.14
C ARG E 41 -10.80 -15.88 -44.40
N PHE E 42 -10.95 -15.88 -43.07
CA PHE E 42 -10.34 -16.88 -42.22
C PHE E 42 -11.34 -17.32 -41.17
N GLU E 43 -11.20 -18.57 -40.72
CA GLU E 43 -12.15 -19.13 -39.77
C GLU E 43 -11.88 -18.74 -38.33
N ASN E 44 -10.69 -18.23 -38.02
CA ASN E 44 -10.39 -17.71 -36.69
C ASN E 44 -10.10 -16.22 -36.80
N GLN E 45 -9.98 -15.55 -35.67
CA GLN E 45 -9.78 -14.11 -35.67
C GLN E 45 -8.39 -13.77 -35.12
N ASN E 46 -7.88 -12.63 -35.53
CA ASN E 46 -6.60 -12.12 -35.05
C ASN E 46 -6.82 -11.52 -33.67
N TYR E 47 -5.84 -10.75 -33.20
CA TYR E 47 -5.98 -10.12 -31.90
C TYR E 47 -7.05 -9.04 -31.91
N ALA E 48 -7.24 -8.35 -33.02
CA ALA E 48 -8.18 -7.25 -33.04
C ALA E 48 -9.61 -7.70 -33.28
N GLY E 49 -9.84 -8.99 -33.49
CA GLY E 49 -11.19 -9.47 -33.73
C GLY E 49 -11.67 -9.31 -35.15
N VAL E 50 -10.76 -9.30 -36.12
CA VAL E 50 -11.11 -9.20 -37.52
C VAL E 50 -10.73 -10.51 -38.20
N THR E 51 -11.57 -10.95 -39.13
CA THR E 51 -11.38 -12.24 -39.79
C THR E 51 -11.29 -12.11 -41.30
N THR E 52 -11.04 -10.93 -41.83
CA THR E 52 -11.01 -10.74 -43.27
C THR E 52 -9.89 -9.79 -43.64
N ASN E 53 -9.18 -10.08 -44.73
CA ASN E 53 -8.09 -9.19 -45.08
C ASN E 53 -7.85 -9.23 -46.58
N ASN E 54 -7.28 -8.15 -47.10
CA ASN E 54 -6.83 -8.12 -48.48
C ASN E 54 -5.40 -8.62 -48.57
N TYR E 55 -5.03 -9.08 -49.76
CA TYR E 55 -3.68 -9.56 -50.01
C TYR E 55 -3.34 -9.35 -51.47
N ALA E 56 -2.03 -9.34 -51.73
CA ALA E 56 -1.50 -9.15 -53.06
C ALA E 56 -1.52 -10.46 -53.83
N LEU E 57 -1.16 -10.39 -55.11
CA LEU E 57 -1.21 -11.58 -55.96
C LEU E 57 -0.16 -12.60 -55.55
N ASP E 58 1.09 -12.16 -55.38
CA ASP E 58 2.18 -13.09 -55.14
C ASP E 58 2.23 -13.58 -53.71
N GLU E 59 1.45 -13.01 -52.80
CA GLU E 59 1.48 -13.39 -51.40
C GLU E 59 0.52 -14.52 -51.06
N VAL E 60 -0.28 -14.96 -52.02
CA VAL E 60 -1.17 -16.09 -51.80
C VAL E 60 -0.81 -17.20 -52.76
N VAL E 61 -0.97 -18.44 -52.30
CA VAL E 61 -0.62 -19.61 -53.09
C VAL E 61 -1.78 -20.59 -53.04
N ALA E 62 -2.18 -21.10 -54.20
CA ALA E 62 -3.30 -22.05 -54.27
C ALA E 62 -2.85 -23.37 -53.65
N ALA E 63 -3.28 -23.61 -52.41
CA ALA E 63 -2.90 -24.83 -51.72
C ALA E 63 -3.92 -25.17 -50.65
N ASP F 1 26.59 -48.73 3.88
CA ASP F 1 25.61 -49.41 3.04
C ASP F 1 25.47 -48.68 1.71
N ILE F 2 24.35 -47.96 1.56
CA ILE F 2 24.13 -47.13 0.39
C ILE F 2 24.34 -45.69 0.85
N ALA F 3 25.56 -45.19 0.65
CA ALA F 3 25.91 -43.83 1.02
C ALA F 3 25.76 -43.60 2.52
N GLY F 4 26.35 -44.49 3.30
CA GLY F 4 26.58 -44.24 4.71
C GLY F 4 25.35 -44.12 5.60
N LEU F 5 24.47 -45.12 5.57
CA LEU F 5 23.32 -45.16 6.45
C LEU F 5 23.08 -46.60 6.85
N THR F 6 21.95 -46.86 7.50
CA THR F 6 21.61 -48.20 7.93
C THR F 6 20.13 -48.47 7.66
N PRO F 7 19.76 -49.72 7.42
CA PRO F 7 18.34 -50.05 7.28
C PRO F 7 17.60 -49.88 8.60
N CYS F 8 16.32 -49.54 8.49
CA CYS F 8 15.53 -49.11 9.63
C CYS F 8 15.30 -50.20 10.67
N SER F 9 15.54 -51.46 10.34
CA SER F 9 15.24 -52.53 11.29
C SER F 9 16.11 -52.42 12.54
N GLU F 10 17.42 -52.23 12.36
CA GLU F 10 18.32 -52.08 13.49
C GLU F 10 18.64 -50.63 13.78
N SER F 11 17.93 -49.69 13.16
CA SER F 11 18.17 -48.28 13.39
C SER F 11 17.64 -47.88 14.75
N LYS F 12 18.52 -47.36 15.61
CA LYS F 12 18.10 -46.98 16.96
C LYS F 12 17.10 -45.83 16.93
N ALA F 13 17.34 -44.86 16.05
CA ALA F 13 16.48 -43.68 15.98
C ALA F 13 15.07 -44.04 15.53
N TYR F 14 14.93 -45.11 14.76
CA TYR F 14 13.62 -45.54 14.30
C TYR F 14 12.73 -45.93 15.47
N ALA F 15 13.22 -46.82 16.34
CA ALA F 15 12.43 -47.24 17.47
C ALA F 15 12.19 -46.10 18.44
N LYS F 16 13.15 -45.18 18.59
CA LYS F 16 12.88 -44.06 19.49
C LYS F 16 11.72 -43.21 18.98
N LEU F 17 11.70 -42.92 17.68
CA LEU F 17 10.59 -42.14 17.15
C LEU F 17 9.26 -42.89 17.29
N GLU F 18 9.28 -44.20 17.08
CA GLU F 18 8.08 -45.01 17.23
C GLU F 18 7.54 -44.92 18.66
N LYS F 19 8.44 -45.07 19.64
CA LYS F 19 8.06 -44.97 21.03
C LYS F 19 7.51 -43.59 21.36
N LYS F 20 8.12 -42.55 20.80
CA LYS F 20 7.67 -41.19 21.07
C LYS F 20 6.25 -40.96 20.56
N GLU F 21 5.96 -41.42 19.35
CA GLU F 21 4.61 -41.23 18.82
C GLU F 21 3.59 -42.00 19.64
N LEU F 22 3.90 -43.26 19.96
CA LEU F 22 2.98 -44.01 20.81
C LEU F 22 2.80 -43.32 22.15
N LYS F 23 3.85 -42.69 22.66
CA LYS F 23 3.76 -42.05 23.97
C LYS F 23 2.80 -40.86 23.92
N THR F 24 2.96 -39.98 22.93
CA THR F 24 2.04 -38.86 22.85
C THR F 24 0.62 -39.34 22.62
N LEU F 25 0.45 -40.41 21.84
CA LEU F 25 -0.89 -40.88 21.54
C LEU F 25 -1.57 -41.47 22.77
N GLU F 26 -0.84 -42.26 23.55
CA GLU F 26 -1.40 -42.76 24.80
C GLU F 26 -1.64 -41.62 25.78
N LYS F 27 -0.81 -40.58 25.73
CA LYS F 27 -1.03 -39.42 26.59
C LYS F 27 -2.36 -38.76 26.28
N ARG F 28 -2.67 -38.63 25.00
CA ARG F 28 -3.99 -38.14 24.63
C ARG F 28 -5.07 -39.13 25.05
N LEU F 29 -4.77 -40.43 25.02
CA LEU F 29 -5.76 -41.47 25.32
C LEU F 29 -6.14 -41.53 26.80
N LYS F 30 -5.27 -41.07 27.69
CA LYS F 30 -5.43 -41.38 29.11
C LYS F 30 -6.69 -40.76 29.72
N GLN F 31 -7.09 -39.57 29.28
CA GLN F 31 -8.09 -38.80 30.02
C GLN F 31 -9.53 -39.15 29.68
N TYR F 32 -9.77 -40.06 28.74
CA TYR F 32 -11.12 -40.45 28.39
C TYR F 32 -11.50 -41.74 29.11
N GLU F 33 -12.65 -42.31 28.73
CA GLU F 33 -13.14 -43.54 29.32
C GLU F 33 -12.67 -44.74 28.50
N ALA F 34 -13.24 -45.91 28.76
CA ALA F 34 -12.87 -47.12 28.05
C ALA F 34 -13.91 -47.56 27.02
N ASP F 35 -15.09 -46.95 26.99
CA ASP F 35 -16.08 -47.25 25.97
C ASP F 35 -16.33 -46.09 25.02
N SER F 36 -15.77 -44.92 25.30
CA SER F 36 -16.11 -43.71 24.58
C SER F 36 -15.56 -43.75 23.16
N ALA F 37 -16.33 -43.18 22.23
CA ALA F 37 -15.85 -43.05 20.86
C ALA F 37 -14.53 -42.30 20.75
N PRO F 38 -14.22 -41.30 21.58
CA PRO F 38 -12.84 -40.81 21.62
C PRO F 38 -11.82 -41.91 21.80
N ALA F 39 -12.03 -42.81 22.77
CA ALA F 39 -11.08 -43.89 22.97
C ALA F 39 -11.10 -44.86 21.79
N VAL F 40 -12.25 -45.05 21.16
CA VAL F 40 -12.31 -45.89 19.97
C VAL F 40 -11.41 -45.33 18.88
N ALA F 41 -11.56 -44.04 18.60
CA ALA F 41 -10.75 -43.44 17.55
C ALA F 41 -9.28 -43.44 17.92
N LEU F 42 -8.97 -43.21 19.19
CA LEU F 42 -7.58 -43.19 19.61
C LEU F 42 -6.94 -44.57 19.45
N LYS F 43 -7.65 -45.63 19.81
CA LYS F 43 -7.09 -46.96 19.62
C LYS F 43 -6.99 -47.32 18.14
N ALA F 44 -7.93 -46.85 17.33
CA ALA F 44 -7.77 -47.01 15.89
C ALA F 44 -6.48 -46.35 15.41
N THR F 45 -6.19 -45.15 15.93
CA THR F 45 -4.97 -44.47 15.56
C THR F 45 -3.74 -45.25 16.02
N MET F 46 -3.79 -45.84 17.20
CA MET F 46 -2.67 -46.68 17.65
C MET F 46 -2.45 -47.83 16.68
N GLU F 47 -3.53 -48.50 16.29
CA GLU F 47 -3.39 -49.64 15.40
C GLU F 47 -2.81 -49.22 14.06
N ARG F 48 -3.34 -48.15 13.47
CA ARG F 48 -2.81 -47.70 12.19
C ARG F 48 -1.35 -47.28 12.31
N THR F 49 -1.00 -46.64 13.42
CA THR F 49 0.37 -46.16 13.60
C THR F 49 1.35 -47.32 13.68
N LYS F 50 1.07 -48.29 14.55
CA LYS F 50 1.99 -49.41 14.69
C LYS F 50 2.04 -50.23 13.41
N ALA F 51 0.92 -50.36 12.71
CA ALA F 51 0.92 -51.05 11.44
C ALA F 51 1.76 -50.31 10.42
N ARG F 52 1.72 -48.99 10.43
CA ARG F 52 2.55 -48.21 9.51
C ARG F 52 4.02 -48.43 9.77
N PHE F 53 4.41 -48.43 11.05
CA PHE F 53 5.82 -48.67 11.35
C PHE F 53 6.24 -50.07 10.91
N ALA F 54 5.39 -51.07 11.15
CA ALA F 54 5.74 -52.42 10.72
C ALA F 54 5.85 -52.51 9.21
N ASN F 55 4.94 -51.85 8.48
CA ASN F 55 4.99 -51.89 7.03
C ASN F 55 6.25 -51.23 6.51
N TYR F 56 6.68 -50.12 7.12
CA TYR F 56 7.90 -49.48 6.64
C TYR F 56 9.14 -50.29 7.01
N ALA F 57 9.10 -51.02 8.13
CA ALA F 57 10.24 -51.88 8.44
C ALA F 57 10.27 -53.08 7.52
N LYS F 58 9.11 -53.57 7.08
CA LYS F 58 9.06 -54.79 6.30
C LYS F 58 9.59 -54.58 4.89
N ALA F 59 9.39 -53.40 4.32
CA ALA F 59 9.72 -53.15 2.93
C ALA F 59 11.21 -52.90 2.72
N GLY F 60 12.03 -53.04 3.75
CA GLY F 60 13.46 -52.82 3.62
C GLY F 60 13.86 -51.39 3.33
N LEU F 61 13.27 -50.43 4.03
CA LEU F 61 13.62 -49.03 3.84
C LEU F 61 14.92 -48.70 4.56
N LEU F 62 15.49 -47.55 4.20
CA LEU F 62 16.81 -47.13 4.64
C LEU F 62 16.70 -45.79 5.37
N CYS F 63 17.26 -45.73 6.57
CA CYS F 63 17.10 -44.56 7.41
C CYS F 63 18.46 -43.94 7.72
N GLY F 64 18.48 -42.61 7.75
CA GLY F 64 19.69 -41.88 8.04
C GLY F 64 19.97 -41.79 9.52
N ASN F 65 20.37 -40.62 10.00
CA ASN F 65 20.61 -40.41 11.41
C ASN F 65 19.42 -39.81 12.13
N ASP F 66 18.39 -39.39 11.40
CA ASP F 66 17.16 -38.92 11.99
C ASP F 66 16.14 -40.03 12.16
N GLY F 67 16.45 -41.23 11.68
CA GLY F 67 15.49 -42.31 11.73
C GLY F 67 14.36 -42.17 10.75
N LEU F 68 14.54 -41.43 9.70
CA LEU F 68 13.48 -41.30 8.72
C LEU F 68 13.85 -42.03 7.44
N PRO F 69 12.89 -42.61 6.73
CA PRO F 69 13.22 -43.34 5.51
C PRO F 69 13.79 -42.43 4.44
N HIS F 70 14.74 -42.97 3.67
CA HIS F 70 15.35 -42.26 2.55
C HIS F 70 15.13 -43.06 1.28
N LEU F 71 14.69 -42.39 0.23
CA LEU F 71 14.49 -43.02 -1.07
C LEU F 71 15.75 -42.90 -1.91
N ILE F 72 16.00 -43.91 -2.74
CA ILE F 72 17.18 -43.95 -3.59
C ILE F 72 16.72 -43.81 -5.04
N ALA F 73 17.19 -42.77 -5.72
CA ALA F 73 16.77 -42.50 -7.09
C ALA F 73 17.96 -42.76 -8.01
N ASP F 74 18.13 -44.02 -8.37
CA ASP F 74 19.21 -44.43 -9.26
C ASP F 74 18.88 -45.80 -9.82
N PRO F 75 18.76 -45.96 -11.11
CA PRO F 75 18.36 -47.25 -11.65
C PRO F 75 19.33 -48.36 -11.27
N GLY F 76 20.61 -48.21 -11.58
CA GLY F 76 21.55 -49.28 -11.27
C GLY F 76 21.59 -49.60 -9.80
N LEU F 77 21.63 -48.56 -8.96
CA LEU F 77 21.80 -48.78 -7.54
C LEU F 77 20.55 -49.40 -6.92
N ALA F 78 19.38 -48.85 -7.23
CA ALA F 78 18.15 -49.37 -6.64
C ALA F 78 17.81 -50.76 -7.17
N LEU F 79 18.06 -51.00 -8.46
CA LEU F 79 17.79 -52.32 -9.01
C LEU F 79 18.79 -53.33 -8.48
N LYS F 80 20.00 -52.89 -8.14
CA LYS F 80 20.98 -53.83 -7.62
C LYS F 80 20.72 -54.21 -6.17
N TYR F 81 20.29 -53.26 -5.35
CA TYR F 81 20.14 -53.51 -3.92
C TYR F 81 18.68 -53.63 -3.49
N GLY F 82 17.78 -53.91 -4.43
CA GLY F 82 16.40 -54.15 -4.07
C GLY F 82 15.66 -52.93 -3.58
N HIS F 83 15.55 -51.91 -4.43
CA HIS F 83 14.79 -50.72 -4.08
C HIS F 83 14.01 -50.21 -5.27
N ALA F 84 13.59 -51.11 -6.17
CA ALA F 84 12.91 -50.69 -7.37
C ALA F 84 11.51 -50.16 -7.12
N GLY F 85 11.00 -50.30 -5.90
CA GLY F 85 9.64 -49.92 -5.63
C GLY F 85 9.50 -48.57 -4.98
N GLU F 86 10.51 -47.72 -5.07
CA GLU F 86 10.40 -46.39 -4.48
C GLU F 86 10.57 -45.26 -5.47
N VAL F 87 11.29 -45.44 -6.56
CA VAL F 87 11.32 -44.42 -7.62
C VAL F 87 11.01 -45.05 -8.98
N PHE F 88 11.63 -46.19 -9.24
CA PHE F 88 11.64 -46.79 -10.58
C PHE F 88 10.24 -47.23 -11.00
N ILE F 89 9.63 -48.15 -10.25
CA ILE F 89 8.26 -48.55 -10.55
C ILE F 89 7.31 -47.37 -10.48
N PRO F 90 7.40 -46.47 -9.50
CA PRO F 90 6.53 -45.29 -9.55
C PRO F 90 6.70 -44.44 -10.79
N THR F 91 7.93 -44.26 -11.30
CA THR F 91 8.05 -43.40 -12.47
C THR F 91 7.45 -44.07 -13.69
N PHE F 92 7.60 -45.39 -13.83
CA PHE F 92 6.97 -46.01 -14.98
C PHE F 92 5.46 -46.01 -14.86
N GLY F 93 4.94 -46.19 -13.64
CA GLY F 93 3.51 -46.07 -13.45
C GLY F 93 3.00 -44.69 -13.83
N PHE F 94 3.67 -43.64 -13.33
CA PHE F 94 3.18 -42.31 -13.62
C PHE F 94 3.29 -42.00 -15.11
N LEU F 95 4.39 -42.39 -15.74
CA LEU F 95 4.50 -42.10 -17.16
C LEU F 95 3.40 -42.80 -17.93
N TYR F 96 3.05 -44.01 -17.53
CA TYR F 96 1.94 -44.70 -18.19
C TYR F 96 0.66 -43.88 -18.07
N VAL F 97 0.28 -43.50 -16.85
CA VAL F 97 -1.03 -42.85 -16.72
C VAL F 97 -1.01 -41.45 -17.33
N ALA F 98 0.11 -40.74 -17.25
CA ALA F 98 0.16 -39.39 -17.76
C ALA F 98 0.12 -39.38 -19.28
N GLY F 99 0.91 -40.24 -19.92
CA GLY F 99 0.80 -40.37 -21.35
C GLY F 99 -0.58 -40.82 -21.76
N TYR F 100 -1.23 -41.65 -20.94
CA TYR F 100 -2.59 -42.06 -21.23
C TYR F 100 -3.53 -40.87 -21.28
N ILE F 101 -3.48 -40.01 -20.26
CA ILE F 101 -4.34 -38.84 -20.24
C ILE F 101 -4.07 -37.96 -21.44
N GLY F 102 -2.79 -37.71 -21.73
CA GLY F 102 -2.46 -36.83 -22.84
C GLY F 102 -2.94 -37.39 -24.16
N TYR F 103 -2.74 -38.69 -24.37
CA TYR F 103 -3.12 -39.31 -25.62
C TYR F 103 -4.63 -39.28 -25.81
N VAL F 104 -5.38 -39.54 -24.74
CA VAL F 104 -6.84 -39.48 -24.84
C VAL F 104 -7.27 -38.07 -25.21
N GLY F 105 -6.71 -37.07 -24.55
CA GLY F 105 -7.05 -35.70 -24.89
C GLY F 105 -6.75 -35.38 -26.34
N ARG F 106 -5.56 -35.75 -26.81
CA ARG F 106 -5.18 -35.45 -28.19
C ARG F 106 -6.12 -36.11 -29.18
N GLN F 107 -6.49 -37.36 -28.92
CA GLN F 107 -7.42 -38.04 -29.81
C GLN F 107 -8.77 -37.34 -29.82
N TYR F 108 -9.21 -36.83 -28.66
CA TYR F 108 -10.44 -36.06 -28.66
C TYR F 108 -10.30 -34.82 -29.55
N LEU F 109 -9.17 -34.13 -29.46
CA LEU F 109 -9.02 -32.89 -30.21
C LEU F 109 -9.08 -33.15 -31.71
N ILE F 110 -8.37 -34.18 -32.16
CA ILE F 110 -8.44 -34.49 -33.58
C ILE F 110 -9.83 -34.99 -33.95
N ALA F 111 -10.51 -35.66 -33.03
CA ALA F 111 -11.83 -36.17 -33.33
C ALA F 111 -12.84 -35.05 -33.51
N VAL F 112 -12.64 -33.92 -32.84
CA VAL F 112 -13.61 -32.83 -32.93
C VAL F 112 -13.20 -31.71 -33.89
N LYS F 113 -11.95 -31.69 -34.35
CA LYS F 113 -11.60 -30.67 -35.33
C LYS F 113 -12.31 -30.89 -36.67
N GLY F 114 -12.76 -32.11 -36.94
CA GLY F 114 -13.32 -32.43 -38.23
C GLY F 114 -14.80 -32.12 -38.39
N GLU F 115 -15.38 -31.36 -37.47
CA GLU F 115 -16.80 -31.05 -37.51
C GLU F 115 -17.04 -29.70 -38.15
N ALA F 116 -18.27 -29.21 -38.02
CA ALA F 116 -18.65 -27.91 -38.56
C ALA F 116 -18.45 -26.77 -37.59
N LYS F 117 -18.38 -27.05 -36.28
CA LYS F 117 -18.14 -26.01 -35.28
C LYS F 117 -17.28 -26.60 -34.18
N PRO F 118 -15.95 -26.53 -34.34
CA PRO F 118 -15.07 -27.15 -33.35
C PRO F 118 -15.17 -26.51 -31.98
N THR F 119 -15.64 -25.27 -31.87
CA THR F 119 -15.64 -24.61 -30.58
C THR F 119 -16.78 -25.11 -29.69
N ASP F 120 -17.94 -25.40 -30.29
CA ASP F 120 -19.07 -25.87 -29.48
C ASP F 120 -18.76 -27.21 -28.83
N LYS F 121 -18.17 -28.13 -29.58
CA LYS F 121 -17.82 -29.42 -29.00
C LYS F 121 -16.61 -29.34 -28.09
N GLU F 122 -15.97 -28.19 -28.01
CA GLU F 122 -14.94 -27.98 -27.00
C GLU F 122 -15.50 -27.41 -25.72
N ILE F 123 -16.50 -26.54 -25.85
CA ILE F 123 -17.11 -25.96 -24.66
C ILE F 123 -18.19 -26.89 -24.09
N ILE F 124 -18.83 -27.68 -24.94
CA ILE F 124 -19.87 -28.62 -24.53
C ILE F 124 -19.41 -30.01 -24.92
N ILE F 125 -18.99 -30.80 -23.94
CA ILE F 125 -18.30 -32.05 -24.21
C ILE F 125 -19.23 -33.04 -24.86
N ASP F 126 -18.76 -33.66 -25.94
CA ASP F 126 -19.50 -34.75 -26.57
C ASP F 126 -19.34 -36.01 -25.72
N VAL F 127 -20.25 -36.22 -24.78
CA VAL F 127 -20.04 -37.24 -23.75
C VAL F 127 -19.95 -38.65 -24.32
N PRO F 128 -20.79 -39.08 -25.25
CA PRO F 128 -20.58 -40.42 -25.83
C PRO F 128 -19.21 -40.57 -26.47
N LEU F 129 -18.80 -39.57 -27.26
CA LEU F 129 -17.50 -39.62 -27.90
C LEU F 129 -16.38 -39.57 -26.86
N ALA F 130 -16.59 -38.80 -25.79
CA ALA F 130 -15.54 -38.68 -24.78
C ALA F 130 -15.38 -39.98 -24.00
N THR F 131 -16.49 -40.64 -23.64
CA THR F 131 -16.35 -41.93 -22.98
C THR F 131 -15.76 -42.96 -23.93
N LYS F 132 -16.19 -42.95 -25.19
CA LYS F 132 -15.64 -43.88 -26.17
C LYS F 132 -14.14 -43.76 -26.26
N LEU F 133 -13.64 -42.54 -26.49
CA LEU F 133 -12.20 -42.35 -26.53
C LEU F 133 -11.55 -42.57 -25.17
N ALA F 134 -12.30 -42.41 -24.08
CA ALA F 134 -11.75 -42.67 -22.77
C ALA F 134 -11.44 -44.14 -22.58
N TRP F 135 -12.17 -45.01 -23.26
CA TRP F 135 -11.81 -46.43 -23.20
C TRP F 135 -10.72 -46.78 -24.22
N GLN F 136 -10.83 -46.27 -25.43
CA GLN F 136 -10.08 -46.74 -26.59
C GLN F 136 -8.61 -46.54 -26.49
N GLY F 137 -8.02 -46.06 -25.40
CA GLY F 137 -6.61 -45.78 -25.42
C GLY F 137 -5.83 -46.41 -24.29
N ALA F 138 -6.39 -47.44 -23.66
CA ALA F 138 -5.71 -48.07 -22.53
C ALA F 138 -4.34 -48.57 -22.93
N GLY F 139 -4.20 -49.09 -24.14
CA GLY F 139 -2.88 -49.24 -24.69
C GLY F 139 -2.56 -48.06 -25.57
N TRP F 140 -2.01 -47.02 -24.99
CA TRP F 140 -1.56 -45.88 -25.78
C TRP F 140 -0.14 -46.06 -26.31
N PRO F 141 0.84 -46.55 -25.54
CA PRO F 141 2.22 -46.48 -26.03
C PRO F 141 2.43 -47.16 -27.36
N LEU F 142 1.72 -48.25 -27.63
CA LEU F 142 1.84 -48.89 -28.92
C LEU F 142 1.33 -47.99 -30.03
N ALA F 143 0.17 -47.37 -29.83
CA ALA F 143 -0.34 -46.44 -30.83
C ALA F 143 0.55 -45.21 -30.96
N ALA F 144 1.20 -44.82 -29.86
CA ALA F 144 2.10 -43.68 -29.90
C ALA F 144 3.33 -43.99 -30.75
N VAL F 145 3.95 -45.16 -30.54
CA VAL F 145 5.13 -45.46 -31.35
C VAL F 145 4.74 -45.71 -32.79
N GLN F 146 3.52 -46.18 -33.04
CA GLN F 146 3.12 -46.30 -34.44
C GLN F 146 2.93 -44.93 -35.08
N GLU F 147 2.28 -44.00 -34.38
CA GLU F 147 2.12 -42.66 -34.92
C GLU F 147 3.47 -41.97 -35.10
N LEU F 148 4.44 -42.30 -34.24
CA LEU F 148 5.77 -41.75 -34.42
C LEU F 148 6.44 -42.33 -35.65
N GLN F 149 6.41 -43.66 -35.80
CA GLN F 149 7.12 -44.30 -36.89
C GLN F 149 6.47 -44.08 -38.24
N ARG F 150 5.21 -43.64 -38.28
CA ARG F 150 4.60 -43.29 -39.55
C ARG F 150 4.72 -41.81 -39.89
N GLY F 151 5.22 -40.99 -38.97
CA GLY F 151 5.37 -39.58 -39.26
C GLY F 151 4.09 -38.77 -39.25
N THR F 152 3.07 -39.23 -38.52
CA THR F 152 1.86 -38.44 -38.35
C THR F 152 1.79 -37.76 -36.99
N LEU F 153 2.72 -38.08 -36.10
CA LEU F 153 2.75 -37.43 -34.80
C LEU F 153 3.11 -35.96 -34.92
N LEU F 154 3.93 -35.60 -35.89
CA LEU F 154 4.47 -34.26 -36.02
C LEU F 154 3.87 -33.56 -37.23
N GLU F 155 3.38 -32.35 -37.02
CA GLU F 155 3.08 -31.47 -38.13
C GLU F 155 4.38 -31.04 -38.80
N LYS F 156 4.31 -30.80 -40.10
CA LYS F 156 5.45 -30.28 -40.83
C LYS F 156 5.54 -28.78 -40.61
N GLU F 157 6.36 -28.09 -41.41
CA GLU F 157 6.53 -26.65 -41.23
C GLU F 157 5.46 -25.88 -42.01
N GLU F 158 4.22 -26.22 -41.72
CA GLU F 158 3.07 -25.35 -41.96
C GLU F 158 2.58 -24.75 -40.66
N ASN F 159 3.31 -24.94 -39.58
CA ASN F 159 3.05 -24.21 -38.35
C ASN F 159 3.34 -22.75 -38.57
N ILE F 160 2.61 -21.91 -37.84
CA ILE F 160 2.79 -20.48 -37.96
C ILE F 160 3.99 -20.06 -37.12
N THR F 161 5.02 -19.58 -37.78
CA THR F 161 6.20 -19.10 -37.08
C THR F 161 6.16 -17.59 -37.03
N VAL F 162 6.83 -17.04 -36.02
CA VAL F 162 6.73 -15.61 -35.76
C VAL F 162 7.30 -14.83 -36.92
N SER F 163 6.66 -13.75 -37.24
CA SER F 163 7.26 -12.89 -38.23
C SER F 163 7.71 -11.60 -37.58
N PRO F 164 8.85 -11.06 -38.00
CA PRO F 164 9.76 -11.73 -38.91
C PRO F 164 10.79 -12.56 -38.15
N ARG F 165 11.85 -12.96 -38.84
CA ARG F 165 12.95 -13.65 -38.18
C ARG F 165 13.75 -12.67 -37.34
N LEU G 1 73.86 -35.40 -17.14
CA LEU G 1 72.89 -34.47 -16.58
C LEU G 1 73.24 -33.02 -16.94
N ASP G 2 74.05 -32.86 -17.97
CA ASP G 2 74.60 -31.55 -18.30
C ASP G 2 73.48 -30.64 -18.81
N PRO G 3 73.32 -29.44 -18.23
CA PRO G 3 72.33 -28.50 -18.78
C PRO G 3 72.68 -28.04 -20.18
N GLN G 4 73.95 -27.87 -20.50
CA GLN G 4 74.30 -27.41 -21.84
C GLN G 4 73.94 -28.45 -22.88
N ILE G 5 74.16 -29.74 -22.58
CA ILE G 5 73.80 -30.75 -23.55
C ILE G 5 72.30 -30.82 -23.75
N VAL G 6 71.53 -30.80 -22.66
CA VAL G 6 70.08 -30.90 -22.79
C VAL G 6 69.52 -29.69 -23.53
N ILE G 7 69.90 -28.48 -23.10
CA ILE G 7 69.33 -27.28 -23.72
C ILE G 7 69.85 -27.09 -25.13
N SER G 8 71.16 -27.26 -25.35
CA SER G 8 71.72 -27.07 -26.68
C SER G 8 71.19 -28.11 -27.65
N GLY G 9 71.17 -29.38 -27.25
CA GLY G 9 70.59 -30.39 -28.11
C GLY G 9 69.13 -30.14 -28.37
N SER G 10 68.40 -29.64 -27.36
CA SER G 10 66.99 -29.35 -27.54
C SER G 10 66.77 -28.26 -28.58
N THR G 11 67.45 -27.12 -28.40
CA THR G 11 67.27 -26.03 -29.34
C THR G 11 67.78 -26.40 -30.72
N ALA G 12 68.86 -27.17 -30.81
CA ALA G 12 69.33 -27.64 -32.11
C ALA G 12 68.29 -28.51 -32.78
N ALA G 13 67.70 -29.44 -32.02
CA ALA G 13 66.69 -30.33 -32.61
C ALA G 13 65.48 -29.55 -33.08
N PHE G 14 65.04 -28.57 -32.30
CA PHE G 14 63.83 -27.86 -32.69
C PHE G 14 64.11 -26.87 -33.82
N LEU G 15 65.29 -26.26 -33.85
CA LEU G 15 65.63 -25.42 -35.00
C LEU G 15 65.76 -26.26 -36.26
N ALA G 16 66.28 -27.49 -36.14
CA ALA G 16 66.36 -28.33 -37.32
C ALA G 16 64.97 -28.74 -37.80
N ILE G 17 64.12 -29.18 -36.87
CA ILE G 17 62.79 -29.63 -37.26
C ILE G 17 61.92 -28.48 -37.76
N GLY G 18 62.24 -27.25 -37.37
CA GLY G 18 61.60 -26.12 -38.02
C GLY G 18 62.26 -25.70 -39.31
N ARG G 19 63.53 -26.02 -39.48
CA ARG G 19 64.26 -25.63 -40.68
C ARG G 19 63.81 -26.44 -41.88
N PHE G 20 63.79 -27.75 -41.74
CA PHE G 20 63.76 -28.59 -42.93
C PHE G 20 62.38 -29.08 -43.33
N VAL G 21 61.50 -29.40 -42.38
CA VAL G 21 60.27 -30.09 -42.72
C VAL G 21 59.02 -29.26 -42.45
N PHE G 22 59.02 -28.38 -41.46
CA PHE G 22 57.84 -27.58 -41.15
C PHE G 22 57.95 -26.16 -41.69
N LEU G 23 58.74 -25.95 -42.74
CA LEU G 23 58.88 -24.62 -43.32
C LEU G 23 57.71 -24.32 -44.25
N GLY G 24 57.48 -25.19 -45.24
CA GLY G 24 56.44 -24.92 -46.21
C GLY G 24 55.05 -24.94 -45.60
N TYR G 25 54.82 -25.82 -44.63
CA TYR G 25 53.52 -25.86 -43.97
C TYR G 25 53.28 -24.61 -43.14
N GLN G 26 54.35 -23.98 -42.67
CA GLN G 26 54.20 -22.68 -42.02
C GLN G 26 54.03 -21.57 -43.05
N ARG G 27 54.55 -21.76 -44.26
CA ARG G 27 54.44 -20.77 -45.31
C ARG G 27 53.19 -20.93 -46.16
N ARG G 28 52.42 -22.00 -45.96
CA ARG G 28 51.10 -22.07 -46.59
C ARG G 28 50.08 -21.24 -45.84
N GLU G 29 50.37 -20.89 -44.59
CA GLU G 29 49.50 -20.04 -43.78
C GLU G 29 49.88 -18.57 -43.85
N ALA G 30 50.86 -18.22 -44.68
CA ALA G 30 51.10 -16.82 -44.96
C ALA G 30 50.03 -16.23 -45.87
N ASN G 31 49.34 -17.08 -46.62
CA ASN G 31 48.33 -16.61 -47.57
C ASN G 31 47.02 -16.40 -46.82
N PHE G 32 46.83 -15.17 -46.33
CA PHE G 32 45.55 -14.74 -45.78
C PHE G 32 44.86 -13.73 -46.69
N ASP G 33 45.39 -13.49 -47.89
CA ASP G 33 44.81 -12.52 -48.80
C ASP G 33 43.43 -12.93 -49.26
N SER G 34 43.07 -14.21 -49.15
CA SER G 34 41.71 -14.63 -49.46
C SER G 34 40.71 -13.97 -48.52
N THR G 35 41.12 -13.67 -47.29
CA THR G 35 40.21 -13.06 -46.34
C THR G 35 40.70 -11.72 -45.80
N VAL G 36 41.98 -11.56 -45.52
CA VAL G 36 42.49 -10.29 -45.00
C VAL G 36 43.83 -9.97 -45.65
N GLY G 37 43.86 -8.91 -46.46
CA GLY G 37 45.11 -8.27 -46.81
C GLY G 37 45.18 -6.83 -46.35
N PRO G 38 44.05 -6.10 -46.42
CA PRO G 38 43.97 -4.81 -45.72
C PRO G 38 43.55 -4.95 -44.25
N LYS G 39 44.54 -5.22 -43.40
CA LYS G 39 44.28 -5.19 -41.96
C LYS G 39 43.81 -3.81 -41.54
N THR G 40 44.43 -2.76 -42.08
CA THR G 40 44.00 -1.39 -41.81
C THR G 40 44.38 -0.54 -43.01
N THR G 41 43.37 -0.08 -43.75
CA THR G 41 43.59 0.90 -44.81
C THR G 41 43.61 2.28 -44.15
N GLY G 42 44.78 2.65 -43.64
CA GLY G 42 44.94 3.88 -42.89
C GLY G 42 45.96 4.80 -43.52
N ALA G 43 45.94 6.05 -43.09
CA ALA G 43 46.81 7.08 -43.61
C ALA G 43 48.00 7.38 -42.70
N THR G 44 47.75 7.56 -41.40
CA THR G 44 48.74 8.15 -40.52
C THR G 44 49.06 7.31 -39.30
N TYR G 45 49.76 7.91 -38.35
CA TYR G 45 49.91 7.35 -37.03
C TYR G 45 48.55 6.94 -36.48
N PHE G 46 48.56 5.95 -35.59
CA PHE G 46 47.41 5.20 -35.10
C PHE G 46 46.91 4.22 -36.14
N ASP G 47 47.43 4.24 -37.36
CA ASP G 47 47.16 3.21 -38.34
C ASP G 47 48.39 2.46 -38.80
N ASP G 48 49.59 3.04 -38.68
CA ASP G 48 50.80 2.34 -39.04
C ASP G 48 51.58 1.84 -37.81
N LEU G 49 51.07 2.06 -36.62
CA LEU G 49 51.47 1.20 -35.51
C LEU G 49 50.70 -0.10 -35.52
N GLN G 50 49.95 -0.31 -36.59
CA GLN G 50 49.02 -1.41 -36.78
C GLN G 50 49.19 -2.06 -38.14
N LYS G 51 49.81 -1.37 -39.07
CA LYS G 51 50.21 -1.86 -40.38
C LYS G 51 51.69 -2.20 -40.36
N ASN G 52 52.11 -3.05 -41.29
CA ASN G 52 53.52 -3.42 -41.37
C ASN G 52 54.38 -2.22 -41.72
N SER G 53 55.53 -2.13 -41.06
CA SER G 53 56.49 -1.05 -41.30
C SER G 53 57.79 -1.55 -41.93
N THR G 54 58.43 -2.53 -41.32
CA THR G 54 59.71 -3.04 -41.78
C THR G 54 59.57 -4.48 -42.26
N ILE G 55 60.49 -4.88 -43.13
CA ILE G 55 60.55 -6.24 -43.64
C ILE G 55 61.95 -6.76 -43.36
N PHE G 56 62.06 -7.79 -42.52
CA PHE G 56 63.35 -8.32 -42.12
C PHE G 56 63.96 -9.10 -43.28
N ALA G 57 65.07 -8.59 -43.82
CA ALA G 57 65.66 -9.17 -45.01
C ALA G 57 66.42 -10.44 -44.67
N THR G 58 66.30 -11.43 -45.55
CA THR G 58 66.97 -12.71 -45.40
C THR G 58 67.73 -13.01 -46.68
N ASN G 59 69.04 -13.20 -46.57
CA ASN G 59 69.77 -13.83 -47.65
C ASN G 59 69.79 -15.34 -47.50
N ASP G 60 69.12 -15.83 -46.46
CA ASP G 60 68.91 -17.25 -46.28
C ASP G 60 68.24 -17.84 -47.51
N PRO G 61 68.76 -18.94 -48.07
CA PRO G 61 68.14 -19.50 -49.28
C PRO G 61 66.67 -19.86 -49.11
N ALA G 62 66.28 -20.31 -47.92
CA ALA G 62 64.87 -20.61 -47.69
C ALA G 62 64.11 -19.42 -47.13
N GLY G 63 64.75 -18.59 -46.32
CA GLY G 63 64.10 -17.39 -45.85
C GLY G 63 63.68 -17.35 -44.39
N PHE G 64 64.53 -17.82 -43.48
CA PHE G 64 64.27 -17.63 -42.06
C PHE G 64 64.63 -16.21 -41.66
N ASN G 65 63.65 -15.47 -41.19
CA ASN G 65 63.98 -14.20 -40.57
C ASN G 65 64.40 -14.47 -39.13
N ILE G 66 64.68 -13.39 -38.39
CA ILE G 66 64.99 -13.54 -36.99
C ILE G 66 63.78 -14.04 -36.21
N ILE G 67 62.58 -13.82 -36.74
CA ILE G 67 61.37 -14.17 -36.01
C ILE G 67 61.19 -15.68 -35.94
N ASP G 68 61.38 -16.38 -37.05
CA ASP G 68 61.26 -17.83 -37.02
C ASP G 68 62.33 -18.46 -36.14
N VAL G 69 63.53 -17.89 -36.15
CA VAL G 69 64.58 -18.36 -35.26
C VAL G 69 64.14 -18.19 -33.81
N ALA G 70 63.62 -17.01 -33.48
CA ALA G 70 63.14 -16.78 -32.13
C ALA G 70 62.07 -17.79 -31.74
N GLY G 71 61.13 -18.06 -32.65
CA GLY G 71 60.05 -18.97 -32.32
C GLY G 71 60.51 -20.38 -32.07
N TRP G 72 61.26 -20.96 -33.01
CA TRP G 72 61.67 -22.35 -32.85
C TRP G 72 62.69 -22.50 -31.72
N GLY G 73 63.57 -21.52 -31.54
CA GLY G 73 64.45 -21.55 -30.39
C GLY G 73 63.69 -21.44 -29.08
N ALA G 74 62.61 -20.66 -29.06
CA ALA G 74 61.82 -20.52 -27.84
C ALA G 74 61.17 -21.84 -27.48
N LEU G 75 60.57 -22.52 -28.46
CA LEU G 75 60.01 -23.83 -28.19
C LEU G 75 61.08 -24.80 -27.72
N GLY G 76 62.26 -24.73 -28.33
CA GLY G 76 63.34 -25.60 -27.90
C GLY G 76 63.74 -25.36 -26.46
N HIS G 77 63.80 -24.10 -26.05
CA HIS G 77 64.14 -23.82 -24.66
C HIS G 77 63.05 -24.29 -23.72
N ALA G 78 61.78 -24.07 -24.08
CA ALA G 78 60.70 -24.53 -23.21
C ALA G 78 60.79 -26.04 -23.00
N VAL G 79 60.95 -26.79 -24.08
CA VAL G 79 60.99 -28.24 -23.96
C VAL G 79 62.25 -28.70 -23.22
N GLY G 80 63.39 -28.04 -23.47
CA GLY G 80 64.60 -28.45 -22.79
C GLY G 80 64.52 -28.26 -21.29
N PHE G 81 64.02 -27.09 -20.86
CA PHE G 81 63.87 -26.89 -19.43
C PHE G 81 62.80 -27.78 -18.85
N ALA G 82 61.80 -28.17 -19.64
CA ALA G 82 60.85 -29.17 -19.16
C ALA G 82 61.55 -30.49 -18.89
N VAL G 83 62.47 -30.89 -19.77
CA VAL G 83 63.20 -32.14 -19.58
C VAL G 83 64.05 -32.06 -18.32
N LEU G 84 64.77 -30.95 -18.13
CA LEU G 84 65.58 -30.78 -16.93
C LEU G 84 64.72 -30.71 -15.67
N ALA G 85 63.53 -30.12 -15.77
CA ALA G 85 62.68 -30.00 -14.59
C ALA G 85 62.07 -31.34 -14.20
N ILE G 86 61.66 -32.15 -15.18
CA ILE G 86 61.17 -33.48 -14.85
C ILE G 86 62.30 -34.35 -14.34
N ASN G 87 63.51 -34.17 -14.87
CA ASN G 87 64.68 -34.81 -14.30
C ASN G 87 64.97 -34.31 -12.89
N SER G 88 64.48 -33.13 -12.54
CA SER G 88 64.92 -32.48 -11.31
C SER G 88 64.37 -33.13 -10.05
N LEU G 89 63.14 -33.66 -10.09
CA LEU G 89 62.52 -34.16 -8.87
C LEU G 89 63.00 -35.58 -8.56
N GLN G 90 64.31 -35.68 -8.35
CA GLN G 90 64.97 -36.90 -7.89
C GLN G 90 64.70 -38.08 -8.83
N GLY G 91 64.66 -37.80 -10.12
CA GLY G 91 64.40 -38.83 -11.10
C GLY G 91 62.93 -39.20 -11.18
N LYS H 1 -17.69 44.93 -26.56
CA LYS H 1 -17.24 45.29 -25.22
C LYS H 1 -17.36 44.08 -24.31
N TYR H 2 -16.41 43.94 -23.40
CA TYR H 2 -16.33 42.72 -22.58
C TYR H 2 -17.35 42.75 -21.45
N GLY H 3 -17.27 43.75 -20.58
CA GLY H 3 -18.18 43.82 -19.45
C GLY H 3 -19.58 44.27 -19.84
N GLU H 4 -20.32 43.40 -20.52
CA GLU H 4 -21.63 43.74 -21.04
C GLU H 4 -22.52 42.52 -20.88
N ASN H 5 -23.65 42.51 -21.58
CA ASN H 5 -24.70 41.48 -21.47
C ASN H 5 -24.18 40.18 -22.08
N SER H 6 -23.33 39.50 -21.32
CA SER H 6 -22.78 38.20 -21.67
C SER H 6 -22.01 38.23 -22.98
N ARG H 7 -21.40 39.37 -23.31
CA ARG H 7 -20.53 39.51 -24.47
C ARG H 7 -19.10 39.33 -23.98
N TYR H 8 -18.66 38.08 -23.89
CA TYR H 8 -17.29 37.80 -23.48
C TYR H 8 -16.39 37.72 -24.70
N PHE H 9 -15.09 37.49 -24.46
CA PHE H 9 -14.09 37.39 -25.52
C PHE H 9 -14.03 38.67 -26.35
N ASP H 10 -13.54 39.74 -25.73
CA ASP H 10 -13.14 40.91 -26.48
C ASP H 10 -11.74 40.70 -27.03
N LEU H 11 -11.61 40.74 -28.36
CA LEU H 11 -10.36 40.31 -29.01
C LEU H 11 -9.23 41.28 -28.73
N GLN H 12 -9.48 42.59 -28.87
CA GLN H 12 -8.41 43.55 -28.63
C GLN H 12 -8.14 43.77 -27.15
N ASP H 13 -9.08 43.40 -26.28
CA ASP H 13 -8.89 43.54 -24.83
C ASP H 13 -8.60 42.16 -24.24
N MET H 14 -7.33 41.78 -24.33
CA MET H 14 -6.95 40.40 -23.99
C MET H 14 -6.78 40.20 -22.50
N GLU H 15 -6.45 41.24 -21.75
CA GLU H 15 -6.12 41.05 -20.35
C GLU H 15 -7.34 40.88 -19.46
N ASN H 16 -8.54 41.05 -19.99
CA ASN H 16 -9.74 40.63 -19.27
C ASN H 16 -10.15 39.23 -19.70
N THR H 17 -10.28 39.02 -21.01
CA THR H 17 -10.82 37.77 -21.53
C THR H 17 -9.92 36.59 -21.29
N THR H 18 -8.76 36.78 -20.67
CA THR H 18 -7.82 35.68 -20.50
C THR H 18 -7.82 35.13 -19.09
N GLY H 19 -7.93 35.98 -18.08
CA GLY H 19 -7.85 35.53 -16.71
C GLY H 19 -6.60 36.06 -16.04
N SER H 20 -6.10 37.19 -16.52
CA SER H 20 -4.94 37.85 -15.96
C SER H 20 -5.42 39.07 -15.19
N TRP H 21 -5.83 38.85 -13.94
CA TRP H 21 -6.18 39.91 -13.03
C TRP H 21 -5.25 39.89 -11.84
N ASP H 22 -5.04 41.05 -11.25
CA ASP H 22 -4.43 41.14 -9.94
C ASP H 22 -5.53 41.01 -8.91
N MET H 23 -5.58 39.89 -8.22
CA MET H 23 -6.68 39.63 -7.29
C MET H 23 -6.64 40.61 -6.12
N TYR H 24 -5.54 40.63 -5.38
CA TYR H 24 -5.46 41.41 -4.16
C TYR H 24 -4.39 42.49 -4.20
N GLY H 25 -3.97 42.89 -5.39
CA GLY H 25 -2.82 43.79 -5.46
C GLY H 25 -3.17 45.25 -5.57
N VAL H 26 -3.10 45.95 -4.44
CA VAL H 26 -3.20 47.40 -4.44
C VAL H 26 -1.85 47.99 -4.79
N ASP H 27 -1.83 49.26 -5.18
CA ASP H 27 -0.55 49.95 -5.38
C ASP H 27 -0.71 51.41 -4.99
N GLU H 28 -0.04 51.78 -3.91
CA GLU H 28 0.08 53.17 -3.48
C GLU H 28 1.36 53.28 -2.67
N LYS H 29 1.78 54.51 -2.43
CA LYS H 29 3.03 54.77 -1.74
C LYS H 29 2.81 54.94 -0.24
N LYS H 30 3.85 55.46 0.42
CA LYS H 30 3.81 55.93 1.80
C LYS H 30 3.26 54.87 2.75
N ARG H 31 3.62 53.61 2.52
CA ARG H 31 3.30 52.59 3.50
C ARG H 31 4.12 52.76 4.77
N TYR H 32 5.37 53.21 4.64
CA TYR H 32 6.32 53.31 5.75
C TYR H 32 6.63 54.76 6.07
N PRO H 33 6.99 55.06 7.32
CA PRO H 33 7.56 56.38 7.62
C PRO H 33 8.89 56.52 6.93
N ASP H 34 9.19 57.77 6.52
CA ASP H 34 10.03 57.97 5.35
C ASP H 34 11.45 57.45 5.55
N ASN H 35 12.07 57.72 6.69
CA ASN H 35 13.50 57.47 6.74
C ASN H 35 13.88 56.01 6.99
N GLN H 36 12.93 55.08 7.09
CA GLN H 36 13.37 53.70 6.96
C GLN H 36 13.80 53.40 5.54
N ALA H 37 13.18 54.05 4.55
CA ALA H 37 13.78 54.00 3.23
C ALA H 37 15.25 54.32 3.33
N LYS H 38 15.59 55.35 4.09
CA LYS H 38 17.00 55.66 4.25
C LYS H 38 17.70 54.59 5.06
N PHE H 39 17.13 54.18 6.18
CA PHE H 39 17.94 53.36 7.07
C PHE H 39 18.10 51.94 6.54
N PHE H 40 17.19 51.48 5.69
CA PHE H 40 17.28 50.12 5.20
C PHE H 40 17.83 50.04 3.78
N THR H 41 17.54 51.01 2.91
CA THR H 41 18.18 50.99 1.62
C THR H 41 19.64 51.44 1.68
N GLN H 42 20.02 52.23 2.68
CA GLN H 42 21.44 52.45 2.86
C GLN H 42 22.10 51.34 3.65
N ALA H 43 21.32 50.35 4.10
CA ALA H 43 21.88 49.22 4.81
C ALA H 43 22.06 48.00 3.92
N THR H 44 21.13 47.78 3.00
CA THR H 44 21.22 46.68 2.06
C THR H 44 21.88 47.09 0.75
N ASP H 45 22.75 48.10 0.79
CA ASP H 45 23.42 48.51 -0.43
C ASP H 45 24.48 47.50 -0.87
N ILE H 46 25.11 46.83 0.10
CA ILE H 46 26.21 45.92 -0.22
C ILE H 46 25.68 44.67 -0.91
N ILE H 47 24.69 44.02 -0.31
CA ILE H 47 24.28 42.70 -0.73
C ILE H 47 23.09 42.77 -1.68
N SER H 48 22.88 43.89 -2.33
CA SER H 48 21.75 44.08 -3.20
C SER H 48 21.91 43.47 -4.56
N ARG H 49 22.84 42.54 -4.76
CA ARG H 49 23.02 41.96 -6.08
C ARG H 49 23.03 40.45 -5.97
N ARG H 50 23.14 39.80 -7.12
CA ARG H 50 23.04 38.35 -7.16
C ARG H 50 24.27 37.71 -6.54
N GLU H 51 25.45 38.17 -6.92
CA GLU H 51 26.68 37.56 -6.43
C GLU H 51 27.02 38.00 -5.02
N SER H 52 26.54 39.16 -4.58
CA SER H 52 27.01 39.72 -3.32
C SER H 52 26.50 38.92 -2.13
N LEU H 53 25.18 38.86 -1.93
CA LEU H 53 24.67 38.11 -0.79
C LEU H 53 24.94 36.63 -0.94
N ARG H 54 25.07 36.16 -2.18
CA ARG H 54 25.41 34.77 -2.39
C ARG H 54 26.84 34.48 -1.95
N ALA H 55 27.71 35.48 -2.04
CA ALA H 55 29.04 35.35 -1.46
C ALA H 55 29.00 35.47 0.06
N LEU H 56 28.10 36.33 0.55
CA LEU H 56 27.99 36.52 1.99
C LEU H 56 27.54 35.25 2.69
N VAL H 57 26.57 34.56 2.11
CA VAL H 57 26.11 33.33 2.75
C VAL H 57 27.21 32.29 2.71
N ALA H 58 28.05 32.29 1.67
CA ALA H 58 29.18 31.37 1.66
C ALA H 58 30.16 31.71 2.76
N LEU H 59 30.51 32.98 2.88
CA LEU H 59 31.45 33.40 3.91
C LEU H 59 30.94 33.03 5.29
N SER H 60 29.68 33.32 5.56
CA SER H 60 29.13 33.05 6.89
C SER H 60 28.93 31.57 7.11
N GLY H 61 28.48 30.82 6.09
CA GLY H 61 28.27 29.41 6.26
C GLY H 61 29.57 28.69 6.57
N ILE H 62 30.62 29.01 5.84
CA ILE H 62 31.93 28.43 6.15
C ILE H 62 32.35 28.85 7.55
N ALA H 63 32.35 30.16 7.81
CA ALA H 63 32.87 30.63 9.08
C ALA H 63 32.01 30.23 10.26
N ALA H 64 30.85 29.63 10.02
CA ALA H 64 30.04 29.06 11.09
C ALA H 64 30.28 27.57 11.26
N ILE H 65 30.26 26.82 10.16
CA ILE H 65 30.39 25.37 10.27
C ILE H 65 31.81 24.98 10.67
N VAL H 66 32.82 25.57 10.03
CA VAL H 66 34.18 25.18 10.35
C VAL H 66 34.50 25.50 11.80
N THR H 67 33.97 26.59 12.33
CA THR H 67 34.19 26.87 13.75
C THR H 67 33.26 26.08 14.65
N TYR H 68 32.15 25.59 14.11
CA TYR H 68 31.33 24.65 14.86
C TYR H 68 32.09 23.38 15.12
N GLY H 69 33.00 23.04 14.22
CA GLY H 69 33.78 21.83 14.43
C GLY H 69 34.58 21.86 15.73
N LEU H 70 35.32 22.93 15.96
CA LEU H 70 36.27 22.95 17.06
C LEU H 70 35.90 23.88 18.20
N LYS H 71 34.79 24.61 18.10
CA LYS H 71 34.24 25.32 19.24
C LYS H 71 32.74 25.08 19.38
N GLY H 72 32.25 23.98 18.82
CA GLY H 72 30.95 23.46 19.16
C GLY H 72 31.14 22.31 20.13
N ALA H 73 32.11 22.48 21.03
CA ALA H 73 32.40 21.53 22.09
C ALA H 73 31.59 21.80 23.33
N LYS H 74 30.40 22.38 23.17
CA LYS H 74 29.47 22.60 24.28
C LYS H 74 28.57 21.37 24.44
N ASP H 75 29.29 20.27 24.61
CA ASP H 75 28.88 18.89 24.90
C ASP H 75 28.31 18.08 23.73
N ALA H 76 27.78 18.71 22.67
CA ALA H 76 27.37 18.01 21.44
C ALA H 76 26.69 16.67 21.73
N ASP H 77 26.22 16.57 22.95
CA ASP H 77 25.81 15.41 23.73
C ASP H 77 26.97 14.46 23.97
N LEU H 78 27.42 13.79 22.94
CA LEU H 78 28.39 12.77 23.32
C LEU H 78 29.81 13.01 22.81
N PRO H 79 29.98 13.29 21.52
CA PRO H 79 31.25 12.93 20.91
C PRO H 79 32.40 13.82 21.34
N ILE H 80 32.19 15.13 21.47
CA ILE H 80 33.33 16.03 21.40
C ILE H 80 34.07 16.03 22.74
N THR H 81 35.12 15.20 22.81
CA THR H 81 36.06 15.11 23.93
C THR H 81 35.35 14.94 25.26
N LYS H 82 34.08 14.53 25.23
CA LYS H 82 33.42 14.00 26.40
C LYS H 82 33.45 12.47 26.43
N GLY H 83 33.30 11.86 25.25
CA GLY H 83 33.76 10.52 25.00
C GLY H 83 33.19 9.43 25.87
N PRO H 84 33.65 8.21 25.66
CA PRO H 84 33.29 7.10 26.55
C PRO H 84 34.12 7.14 27.82
N GLN H 85 33.49 7.55 28.92
CA GLN H 85 34.17 7.55 30.20
C GLN H 85 34.09 6.20 30.89
N THR H 86 33.49 5.21 30.25
CA THR H 86 33.55 3.83 30.70
C THR H 86 34.03 2.99 29.54
N THR H 87 34.73 1.89 29.87
CA THR H 87 35.15 0.97 28.83
C THR H 87 33.92 0.21 28.35
N GLY H 88 33.25 0.74 27.34
CA GLY H 88 31.88 0.37 27.06
C GLY H 88 31.65 -1.08 26.68
N GLU H 89 32.10 -1.48 25.51
CA GLU H 89 31.87 -2.83 25.02
C GLU H 89 33.14 -3.41 24.45
N ASN H 90 34.24 -3.24 25.18
CA ASN H 90 35.52 -3.74 24.69
C ASN H 90 35.54 -5.26 24.69
N GLY H 91 35.44 -5.87 25.86
CA GLY H 91 35.46 -7.32 25.94
C GLY H 91 34.12 -7.99 25.73
N LYS H 92 33.08 -7.22 25.47
CA LYS H 92 31.72 -7.75 25.42
C LYS H 92 31.31 -8.25 24.05
N GLY H 93 32.20 -8.17 23.06
CA GLY H 93 31.84 -8.31 21.66
C GLY H 93 30.86 -9.39 21.26
N GLY H 94 31.22 -10.66 21.43
CA GLY H 94 30.37 -11.75 21.04
C GLY H 94 29.56 -12.32 22.20
N SER H 95 28.60 -13.17 21.87
CA SER H 95 27.74 -13.77 22.86
C SER H 95 28.17 -15.19 23.23
N VAL H 96 28.53 -16.01 22.24
CA VAL H 96 29.04 -17.34 22.51
C VAL H 96 30.55 -17.32 22.68
N ARG H 97 31.25 -16.71 21.74
CA ARG H 97 32.68 -16.47 21.81
C ARG H 97 32.90 -14.99 22.05
N SER H 98 33.75 -14.65 23.03
CA SER H 98 33.82 -13.28 23.51
C SER H 98 34.49 -12.35 22.49
N ARG H 99 35.69 -12.72 22.04
CA ARG H 99 36.37 -12.09 20.90
C ARG H 99 36.85 -10.65 21.15
N LEU H 100 36.53 -10.07 22.29
CA LEU H 100 36.88 -8.67 22.54
C LEU H 100 36.36 -7.77 21.43
N PRO I 1 54.40 12.20 9.55
CA PRO I 1 54.83 12.84 8.31
C PRO I 1 53.65 13.08 7.44
N PHE I 2 52.52 12.51 7.87
CA PHE I 2 51.30 12.52 7.10
C PHE I 2 50.06 12.76 7.95
N VAL I 3 50.16 12.67 9.26
CA VAL I 3 49.03 12.35 10.14
C VAL I 3 48.03 13.50 10.14
N PRO I 4 46.75 13.23 9.94
CA PRO I 4 45.74 14.26 10.12
C PRO I 4 45.57 14.56 11.63
N PRO I 5 45.20 15.78 11.96
CA PRO I 5 45.18 16.16 13.37
C PRO I 5 43.99 15.56 14.10
N SER I 6 44.01 15.71 15.42
CA SER I 6 42.96 15.12 16.25
C SER I 6 41.61 15.77 15.98
N TRP I 7 41.59 17.03 15.62
CA TRP I 7 40.34 17.75 15.39
C TRP I 7 39.79 17.55 14.00
N ALA I 8 40.25 16.54 13.27
CA ALA I 8 39.95 16.46 11.85
C ALA I 8 38.54 15.98 11.52
N PRO I 9 38.00 14.99 12.21
CA PRO I 9 36.60 14.64 11.92
C PRO I 9 35.65 15.79 12.21
N SER I 10 35.90 16.52 13.30
CA SER I 10 34.98 17.58 13.72
C SER I 10 34.82 18.63 12.65
N VAL I 11 35.85 18.86 11.86
CA VAL I 11 35.78 19.85 10.81
C VAL I 11 35.37 19.22 9.49
N PHE I 12 36.00 18.13 9.10
CA PHE I 12 35.75 17.59 7.77
C PHE I 12 34.40 16.93 7.63
N VAL I 13 33.75 16.51 8.71
CA VAL I 13 32.47 15.82 8.57
C VAL I 13 31.37 16.81 8.21
N PRO I 14 31.09 17.84 9.00
CA PRO I 14 30.03 18.77 8.59
C PRO I 14 30.36 19.53 7.33
N LEU I 15 31.65 19.71 7.00
CA LEU I 15 31.98 20.30 5.71
C LEU I 15 31.36 19.49 4.59
N THR I 16 31.70 18.22 4.51
CA THR I 16 31.19 17.37 3.44
C THR I 16 29.77 16.89 3.67
N GLY I 17 29.17 17.22 4.81
CA GLY I 17 27.79 16.84 5.01
C GLY I 17 26.84 17.97 4.67
N LEU I 18 27.27 19.21 4.88
CA LEU I 18 26.40 20.37 4.76
C LEU I 18 26.87 21.38 3.72
N VAL I 19 28.17 21.66 3.63
CA VAL I 19 28.64 22.72 2.75
C VAL I 19 28.66 22.23 1.31
N LEU I 20 29.42 21.17 1.05
CA LEU I 20 29.52 20.67 -0.32
C LEU I 20 28.19 20.25 -0.91
N PRO I 21 27.28 19.60 -0.17
CA PRO I 21 25.93 19.45 -0.71
C PRO I 21 25.25 20.77 -1.02
N ALA I 22 25.44 21.79 -0.19
CA ALA I 22 24.78 23.07 -0.45
C ALA I 22 25.31 23.73 -1.70
N ILE I 23 26.63 23.81 -1.83
CA ILE I 23 27.22 24.40 -3.02
C ILE I 23 26.89 23.57 -4.24
N ALA I 24 26.91 22.24 -4.10
CA ALA I 24 26.61 21.37 -5.23
C ALA I 24 25.19 21.56 -5.70
N MET I 25 24.22 21.54 -4.78
CA MET I 25 22.83 21.64 -5.18
C MET I 25 22.50 23.03 -5.69
N ALA I 26 23.06 24.07 -5.09
CA ALA I 26 22.79 25.42 -5.60
C ALA I 26 23.38 25.60 -7.00
N THR I 27 24.66 25.21 -7.18
CA THR I 27 25.28 25.37 -8.48
C THR I 27 24.56 24.56 -9.54
N LEU I 28 24.23 23.31 -9.24
CA LEU I 28 23.53 22.48 -10.20
C LEU I 28 22.15 23.04 -10.49
N PHE I 29 21.50 23.62 -9.50
CA PHE I 29 20.17 24.15 -9.76
C PHE I 29 20.24 25.38 -10.63
N VAL I 30 21.28 26.20 -10.49
CA VAL I 30 21.40 27.30 -11.44
C VAL I 30 21.73 26.77 -12.82
N TYR I 31 22.48 25.68 -12.90
CA TYR I 31 22.84 25.14 -14.20
C TYR I 31 21.63 24.56 -14.92
N ILE I 32 20.73 23.93 -14.18
CA ILE I 32 19.59 23.24 -14.80
C ILE I 32 18.67 24.23 -15.48
N GLU I 33 18.38 25.35 -14.82
CA GLU I 33 17.34 26.26 -15.24
C GLU I 33 17.83 27.32 -16.21
N LYS I 34 19.07 27.26 -16.65
CA LYS I 34 19.59 28.31 -17.51
C LYS I 34 18.95 28.22 -18.89
N GLU I 35 18.65 29.37 -19.47
CA GLU I 35 18.08 29.44 -20.80
C GLU I 35 19.18 29.56 -21.83
N ALA I 36 19.04 28.83 -22.91
CA ALA I 36 20.00 29.01 -23.98
C ALA I 36 19.67 30.29 -24.75
N PRO I 37 20.68 31.10 -25.08
CA PRO I 37 20.47 32.36 -25.81
C PRO I 37 19.95 32.14 -27.22
N MET J 1 -35.94 -32.71 -21.75
CA MET J 1 -34.92 -33.54 -21.10
C MET J 1 -33.63 -33.52 -21.90
N LYS J 2 -33.74 -33.30 -23.21
CA LYS J 2 -32.53 -33.21 -24.03
C LYS J 2 -31.68 -32.01 -23.63
N ASP J 3 -32.33 -30.87 -23.37
CA ASP J 3 -31.58 -29.68 -23.00
C ASP J 3 -30.99 -29.81 -21.61
N PHE J 4 -31.65 -30.55 -20.72
CA PHE J 4 -31.04 -30.80 -19.43
C PHE J 4 -29.78 -31.65 -19.56
N THR J 5 -29.82 -32.66 -20.42
CA THR J 5 -28.62 -33.45 -20.64
C THR J 5 -27.52 -32.60 -21.27
N THR J 6 -27.87 -31.73 -22.21
CA THR J 6 -26.85 -30.86 -22.78
C THR J 6 -26.29 -29.92 -21.74
N TYR J 7 -27.12 -29.44 -20.81
CA TYR J 7 -26.60 -28.63 -19.71
C TYR J 7 -25.65 -29.43 -18.85
N LEU J 8 -25.96 -30.70 -18.62
CA LEU J 8 -25.01 -31.56 -17.93
C LEU J 8 -23.76 -31.82 -18.75
N SER J 9 -23.77 -31.51 -20.04
CA SER J 9 -22.61 -31.73 -20.87
C SER J 9 -21.71 -30.49 -20.95
N THR J 10 -22.00 -29.45 -20.17
CA THR J 10 -21.14 -28.27 -20.22
C THR J 10 -19.84 -28.53 -19.46
N ALA J 11 -18.91 -27.60 -19.60
CA ALA J 11 -17.58 -27.84 -19.06
C ALA J 11 -17.54 -27.91 -17.54
N PRO J 12 -18.05 -26.91 -16.79
CA PRO J 12 -17.83 -26.95 -15.34
C PRO J 12 -18.58 -28.07 -14.66
N VAL J 13 -19.74 -28.45 -15.18
CA VAL J 13 -20.46 -29.56 -14.57
C VAL J 13 -19.67 -30.85 -14.71
N ILE J 14 -19.12 -31.08 -15.90
CA ILE J 14 -18.34 -32.30 -16.09
C ILE J 14 -17.04 -32.21 -15.31
N ALA J 15 -16.48 -31.02 -15.17
CA ALA J 15 -15.31 -30.87 -14.31
C ALA J 15 -15.66 -31.24 -12.87
N THR J 16 -16.80 -30.76 -12.37
CA THR J 16 -17.20 -31.08 -11.02
C THR J 16 -17.42 -32.57 -10.84
N ILE J 17 -18.15 -33.19 -11.77
CA ILE J 17 -18.46 -34.60 -11.65
C ILE J 17 -17.19 -35.42 -11.74
N TRP J 18 -16.34 -35.11 -12.70
CA TRP J 18 -15.14 -35.93 -12.91
C TRP J 18 -14.13 -35.74 -11.79
N PHE J 19 -14.02 -34.52 -11.26
CA PHE J 19 -13.10 -34.32 -10.16
C PHE J 19 -13.65 -34.90 -8.87
N THR J 20 -14.97 -34.91 -8.70
CA THR J 20 -15.54 -35.66 -7.59
C THR J 20 -15.22 -37.14 -7.72
N PHE J 21 -15.34 -37.67 -8.94
CA PHE J 21 -15.02 -39.08 -9.13
C PHE J 21 -13.58 -39.37 -8.80
N THR J 22 -12.65 -38.58 -9.36
CA THR J 22 -11.24 -38.83 -9.13
C THR J 22 -10.87 -38.65 -7.67
N ALA J 23 -11.38 -37.59 -7.04
CA ALA J 23 -11.09 -37.34 -5.63
C ALA J 23 -11.62 -38.45 -4.76
N GLY J 24 -12.86 -38.88 -4.99
CA GLY J 24 -13.42 -39.94 -4.19
C GLY J 24 -12.68 -41.24 -4.39
N LEU J 25 -12.25 -41.51 -5.62
CA LEU J 25 -11.50 -42.73 -5.87
C LEU J 25 -10.20 -42.74 -5.08
N LEU J 26 -9.45 -41.64 -5.14
CA LEU J 26 -8.20 -41.58 -4.39
C LEU J 26 -8.46 -41.67 -2.90
N ILE J 27 -9.54 -41.06 -2.43
CA ILE J 27 -9.84 -41.07 -1.01
C ILE J 27 -10.18 -42.47 -0.54
N GLU J 28 -10.97 -43.21 -1.32
CA GLU J 28 -11.29 -44.59 -0.93
C GLU J 28 -10.05 -45.45 -0.92
N ILE J 29 -9.17 -45.28 -1.92
CA ILE J 29 -7.94 -46.07 -1.93
C ILE J 29 -7.11 -45.75 -0.71
N ASN J 30 -7.08 -44.49 -0.29
CA ASN J 30 -6.32 -44.14 0.90
C ASN J 30 -6.99 -44.59 2.18
N ARG J 31 -8.30 -44.83 2.17
CA ARG J 31 -8.89 -45.43 3.37
C ARG J 31 -8.56 -46.90 3.46
N TYR J 32 -8.89 -47.67 2.43
CA TYR J 32 -8.74 -49.12 2.54
C TYR J 32 -7.27 -49.54 2.59
N PHE J 33 -6.38 -48.78 1.97
CA PHE J 33 -4.94 -49.03 2.05
C PHE J 33 -4.31 -47.85 2.75
N PRO J 34 -4.18 -47.89 4.08
CA PRO J 34 -3.71 -46.71 4.81
C PRO J 34 -2.21 -46.53 4.67
N ASP J 35 -1.81 -45.28 4.41
CA ASP J 35 -0.43 -44.82 4.44
C ASP J 35 0.48 -45.55 3.46
N PRO J 36 0.30 -45.36 2.16
CA PRO J 36 1.26 -45.94 1.22
C PRO J 36 2.44 -45.02 0.97
N LEU J 37 3.65 -45.53 1.07
CA LEU J 37 4.84 -44.75 0.73
C LEU J 37 5.65 -45.37 -0.40
N VAL J 38 5.94 -46.66 -0.32
CA VAL J 38 6.70 -47.34 -1.35
C VAL J 38 5.80 -48.37 -2.02
N PHE J 39 6.30 -48.95 -3.10
CA PHE J 39 5.48 -49.89 -3.85
C PHE J 39 5.65 -51.34 -3.43
N SER J 40 6.79 -51.68 -2.83
CA SER J 40 7.41 -53.00 -2.97
C SER J 40 6.42 -54.15 -3.14
N PHE J 41 5.38 -54.19 -2.32
CA PHE J 41 4.30 -55.16 -2.50
C PHE J 41 4.80 -56.61 -2.48
N PHE K 1 -62.07 2.05 38.48
CA PHE K 1 -61.00 2.81 37.82
C PHE K 1 -61.58 3.83 36.84
N ILE K 2 -62.75 3.52 36.28
CA ILE K 2 -63.40 4.43 35.37
C ILE K 2 -63.84 5.67 36.13
N GLY K 3 -63.60 6.85 35.55
CA GLY K 3 -63.88 8.10 36.21
C GLY K 3 -62.73 8.67 36.99
N SER K 4 -61.60 7.95 37.07
CA SER K 4 -60.44 8.41 37.81
C SER K 4 -59.65 9.42 36.99
N SER K 5 -58.41 9.67 37.40
CA SER K 5 -57.64 10.81 36.87
C SER K 5 -57.13 10.54 35.45
N THR K 6 -56.49 9.39 35.24
CA THR K 6 -55.98 9.08 33.92
C THR K 6 -57.10 8.98 32.90
N ASN K 7 -58.30 8.59 33.35
CA ASN K 7 -59.45 8.57 32.45
C ASN K 7 -59.72 9.95 31.91
N LEU K 8 -59.73 10.96 32.79
CA LEU K 8 -59.98 12.30 32.34
C LEU K 8 -58.92 12.76 31.36
N ILE K 9 -57.67 12.44 31.63
CA ILE K 9 -56.63 12.89 30.70
C ILE K 9 -56.78 12.21 29.34
N MET K 10 -57.07 10.90 29.33
CA MET K 10 -57.17 10.21 28.04
C MET K 10 -58.40 10.67 27.25
N VAL K 11 -59.56 10.78 27.91
CA VAL K 11 -60.75 11.24 27.22
C VAL K 11 -60.56 12.66 26.74
N ALA K 12 -59.91 13.50 27.56
CA ALA K 12 -59.66 14.89 27.16
C ALA K 12 -58.75 14.95 25.95
N SER K 13 -57.69 14.14 25.93
CA SER K 13 -56.78 14.15 24.78
C SER K 13 -57.49 13.67 23.52
N THR K 14 -58.24 12.57 23.60
CA THR K 14 -58.90 12.07 22.40
C THR K 14 -59.98 13.02 21.91
N THR K 15 -60.80 13.56 22.80
CA THR K 15 -61.81 14.53 22.38
C THR K 15 -61.15 15.78 21.83
N ALA K 16 -60.06 16.24 22.45
CA ALA K 16 -59.37 17.40 21.95
C ALA K 16 -58.89 17.18 20.52
N THR K 17 -58.24 16.04 20.27
CA THR K 17 -57.72 15.83 18.92
C THR K 17 -58.83 15.64 17.90
N LEU K 18 -59.84 14.84 18.23
CA LEU K 18 -60.92 14.58 17.27
C LEU K 18 -61.72 15.85 16.99
N ALA K 19 -62.07 16.60 18.03
CA ALA K 19 -62.81 17.85 17.85
C ALA K 19 -61.96 18.94 17.21
N ALA K 20 -60.64 18.87 17.35
CA ALA K 20 -59.78 19.81 16.65
C ALA K 20 -59.72 19.49 15.17
N ALA K 21 -59.69 18.20 14.82
CA ALA K 21 -59.64 17.83 13.41
C ALA K 21 -60.96 18.08 12.71
N ARG K 22 -62.08 17.72 13.35
CA ARG K 22 -63.37 17.84 12.66
C ARG K 22 -63.79 19.29 12.50
N PHE K 23 -63.35 20.18 13.40
CA PHE K 23 -63.75 21.57 13.35
C PHE K 23 -62.85 22.43 12.49
N GLY K 24 -62.08 21.82 11.59
CA GLY K 24 -61.31 22.58 10.62
C GLY K 24 -59.96 23.08 11.09
N LEU K 25 -59.43 22.54 12.17
CA LEU K 25 -58.11 22.95 12.66
C LEU K 25 -57.02 21.96 12.26
N ALA K 26 -57.11 20.72 12.72
CA ALA K 26 -56.02 19.79 12.51
C ALA K 26 -56.05 19.25 11.08
N PRO K 27 -54.89 18.84 10.55
CA PRO K 27 -54.85 18.28 9.20
C PRO K 27 -55.57 16.94 9.11
N THR K 28 -56.62 16.91 8.30
CA THR K 28 -57.44 15.73 8.07
C THR K 28 -57.04 15.08 6.75
N VAL K 29 -57.86 14.13 6.29
CA VAL K 29 -57.64 13.55 4.96
C VAL K 29 -57.77 14.62 3.88
N LYS K 30 -58.78 15.47 3.99
CA LYS K 30 -59.00 16.50 2.97
C LYS K 30 -57.97 17.60 3.06
N LYS K 31 -57.95 18.31 4.19
CA LYS K 31 -57.10 19.48 4.34
C LYS K 31 -55.72 19.06 4.82
N ASN K 32 -54.71 19.70 4.26
CA ASN K 32 -53.32 19.31 4.31
C ASN K 32 -52.48 20.53 4.68
N THR K 33 -51.51 20.32 5.54
CA THR K 33 -50.63 21.41 5.92
C THR K 33 -49.54 21.61 4.87
N THR K 34 -49.24 22.85 4.56
CA THR K 34 -48.17 23.16 3.63
C THR K 34 -46.84 23.26 4.37
N ALA K 35 -45.81 23.76 3.71
CA ALA K 35 -44.55 24.03 4.38
C ALA K 35 -44.65 25.17 5.37
N GLY K 36 -45.63 26.05 5.19
CA GLY K 36 -45.81 27.20 6.05
C GLY K 36 -46.99 27.04 6.99
N LEU K 37 -47.34 25.79 7.29
CA LEU K 37 -48.41 25.47 8.24
C LEU K 37 -49.74 26.07 7.80
N LYS K 38 -50.00 26.02 6.49
CA LYS K 38 -51.23 26.55 5.92
C LYS K 38 -52.08 25.40 5.38
N LEU K 39 -53.40 25.50 5.57
CA LEU K 39 -54.31 24.43 5.19
C LEU K 39 -54.67 24.54 3.71
N VAL K 40 -54.29 23.52 2.93
CA VAL K 40 -54.53 23.40 1.50
C VAL K 40 -55.23 22.06 1.29
N ASP K 41 -55.81 21.86 0.11
CA ASP K 41 -56.52 20.60 -0.11
C ASP K 41 -55.56 19.49 -0.53
N SER K 42 -55.95 18.25 -0.24
CA SER K 42 -55.16 17.09 -0.63
C SER K 42 -55.57 16.58 -1.99
N LYS K 43 -54.74 15.71 -2.56
CA LYS K 43 -55.03 15.10 -3.85
C LYS K 43 -54.73 13.61 -3.80
N ASN K 44 -55.36 12.87 -4.73
CA ASN K 44 -55.13 11.45 -4.93
C ASN K 44 -55.45 10.64 -3.67
N SER K 45 -56.70 10.76 -3.25
CA SER K 45 -57.21 9.98 -2.12
C SER K 45 -57.72 8.64 -2.65
N ALA K 46 -58.43 7.90 -1.79
CA ALA K 46 -59.09 6.67 -2.20
C ALA K 46 -60.52 6.89 -2.65
N GLY K 47 -61.00 8.14 -2.68
CA GLY K 47 -62.36 8.42 -3.05
C GLY K 47 -63.35 7.96 -1.99
N VAL K 48 -63.31 8.60 -0.82
CA VAL K 48 -64.13 8.16 0.29
C VAL K 48 -65.59 8.52 0.06
N ILE K 49 -66.48 7.75 0.67
CA ILE K 49 -67.92 8.01 0.64
C ILE K 49 -68.39 8.05 2.09
N SER K 50 -68.57 9.25 2.63
CA SER K 50 -69.00 9.42 4.02
C SER K 50 -69.52 10.84 4.16
N ASN K 51 -70.66 11.00 4.82
CA ASN K 51 -71.34 12.28 4.88
C ASN K 51 -71.04 12.99 6.19
N ASP K 52 -70.45 14.17 6.09
CA ASP K 52 -70.20 15.08 7.19
C ASP K 52 -69.82 16.41 6.57
N PRO K 53 -70.45 17.51 6.96
CA PRO K 53 -70.15 18.80 6.30
C PRO K 53 -68.68 19.18 6.29
N ALA K 54 -67.86 18.58 7.17
CA ALA K 54 -66.42 18.75 7.05
C ALA K 54 -65.84 17.86 5.97
N GLY K 55 -66.51 16.77 5.64
CA GLY K 55 -65.97 15.77 4.76
C GLY K 55 -65.09 14.80 5.51
N PHE K 56 -65.70 14.14 6.47
CA PHE K 56 -65.02 13.33 7.44
C PHE K 56 -64.98 11.88 6.98
N THR K 57 -63.99 11.15 7.46
CA THR K 57 -63.76 9.80 7.00
C THR K 57 -63.77 8.84 8.18
N ILE K 58 -63.48 7.57 7.88
CA ILE K 58 -63.11 6.62 8.92
C ILE K 58 -61.62 6.62 9.14
N VAL K 59 -60.88 7.40 8.36
CA VAL K 59 -59.43 7.46 8.51
C VAL K 59 -59.03 8.48 9.55
N ASP K 60 -59.72 9.62 9.59
CA ASP K 60 -59.41 10.58 10.63
C ASP K 60 -59.74 10.03 12.00
N VAL K 61 -60.76 9.18 12.13
CA VAL K 61 -60.98 8.55 13.42
C VAL K 61 -59.74 7.79 13.86
N LEU K 62 -59.21 6.94 12.99
CA LEU K 62 -58.01 6.20 13.33
C LEU K 62 -56.82 7.13 13.55
N ALA K 63 -56.64 8.11 12.67
CA ALA K 63 -55.48 8.98 12.74
C ALA K 63 -55.48 9.82 14.01
N MET K 64 -56.54 10.59 14.21
CA MET K 64 -56.59 11.45 15.38
C MET K 64 -56.84 10.67 16.66
N GLY K 65 -57.40 9.48 16.59
CA GLY K 65 -57.41 8.63 17.77
C GLY K 65 -56.01 8.19 18.16
N ALA K 66 -55.20 7.81 17.17
CA ALA K 66 -53.82 7.42 17.46
C ALA K 66 -53.03 8.60 18.01
N ALA K 67 -53.19 9.78 17.41
CA ALA K 67 -52.53 10.96 17.94
C ALA K 67 -53.03 11.28 19.34
N GLY K 68 -54.34 11.15 19.56
CA GLY K 68 -54.88 11.41 20.89
C GLY K 68 -54.30 10.47 21.93
N HIS K 69 -54.14 9.20 21.58
CA HIS K 69 -53.62 8.24 22.55
C HIS K 69 -52.14 8.43 22.79
N GLY K 70 -51.37 8.78 21.75
CA GLY K 70 -49.98 9.10 21.98
C GLY K 70 -49.81 10.32 22.88
N LEU K 71 -50.55 11.38 22.57
CA LEU K 71 -50.50 12.58 23.38
C LEU K 71 -50.94 12.32 24.81
N GLY K 72 -52.01 11.53 24.99
CA GLY K 72 -52.50 11.24 26.32
C GLY K 72 -51.56 10.38 27.13
N VAL K 73 -50.97 9.35 26.51
CA VAL K 73 -49.99 8.54 27.23
C VAL K 73 -48.80 9.40 27.62
N GLY K 74 -48.36 10.28 26.73
CA GLY K 74 -47.29 11.20 27.09
C GLY K 74 -47.64 12.03 28.31
N ILE K 75 -48.84 12.61 28.32
CA ILE K 75 -49.19 13.50 29.41
C ILE K 75 -49.34 12.73 30.71
N VAL K 76 -49.95 11.54 30.67
CA VAL K 76 -50.17 10.80 31.90
C VAL K 76 -48.86 10.32 32.48
N LEU K 77 -48.01 9.71 31.65
CA LEU K 77 -46.74 9.24 32.19
C LEU K 77 -45.83 10.40 32.55
N GLY K 78 -46.00 11.57 31.94
CA GLY K 78 -45.23 12.72 32.38
C GLY K 78 -45.66 13.23 33.74
N LEU K 79 -46.98 13.38 33.94
CA LEU K 79 -47.43 13.88 35.23
C LEU K 79 -47.14 12.89 36.34
N LYS K 80 -47.16 11.59 36.03
CA LYS K 80 -46.70 10.63 37.01
C LYS K 80 -45.17 10.62 37.13
N GLY K 81 -44.46 11.08 36.10
CA GLY K 81 -43.01 11.21 36.21
C GLY K 81 -42.59 12.31 37.16
N ILE K 82 -43.30 13.44 37.13
CA ILE K 82 -42.98 14.52 38.05
C ILE K 82 -43.31 14.13 39.48
N GLY K 83 -44.57 13.79 39.72
CA GLY K 83 -45.05 13.50 41.06
C GLY K 83 -46.42 14.11 41.30
N ALA K 84 -46.67 15.24 40.66
CA ALA K 84 -48.01 15.82 40.64
C ALA K 84 -48.86 14.93 39.77
N LEU K 85 -49.63 14.03 40.39
CA LEU K 85 -50.30 12.95 39.68
C LEU K 85 -49.26 12.07 39.01
N LYS L 1 -34.23 31.52 -3.32
CA LYS L 1 -35.32 32.21 -4.01
C LYS L 1 -34.93 33.65 -4.31
N LYS L 2 -34.35 33.85 -5.49
CA LYS L 2 -33.85 35.16 -5.90
C LYS L 2 -32.86 35.70 -4.87
N ALA L 3 -32.06 34.80 -4.31
CA ALA L 3 -30.99 35.17 -3.41
C ALA L 3 -29.83 34.21 -3.64
N GLN L 4 -28.63 34.76 -3.82
CA GLN L 4 -27.45 33.95 -4.06
C GLN L 4 -26.24 34.68 -3.54
N VAL L 5 -25.30 33.93 -2.99
CA VAL L 5 -24.07 34.47 -2.44
C VAL L 5 -22.87 34.16 -3.32
N ILE L 6 -22.81 32.95 -3.85
CA ILE L 6 -21.62 32.45 -4.51
C ILE L 6 -21.67 32.80 -5.99
N SER L 7 -20.60 33.41 -6.49
CA SER L 7 -20.56 33.99 -7.81
C SER L 7 -19.28 33.58 -8.53
N PRO L 8 -19.30 33.56 -9.85
CA PRO L 8 -18.05 33.41 -10.60
C PRO L 8 -17.25 34.70 -10.60
N VAL L 9 -15.98 34.57 -10.98
CA VAL L 9 -15.02 35.67 -10.80
C VAL L 9 -15.31 36.77 -11.81
N ASN L 10 -15.82 37.90 -11.34
CA ASN L 10 -15.99 39.09 -12.19
C ASN L 10 -16.85 38.76 -13.41
N GLY L 11 -18.04 38.22 -13.15
CA GLY L 11 -18.76 37.57 -14.23
C GLY L 11 -17.97 36.36 -14.67
N ASP L 12 -17.89 36.18 -15.98
CA ASP L 12 -16.89 35.31 -16.61
C ASP L 12 -16.82 33.92 -16.02
N PRO L 13 -17.80 33.06 -16.30
CA PRO L 13 -17.78 31.71 -15.71
C PRO L 13 -16.72 30.79 -16.29
N PHE L 14 -15.85 31.25 -17.18
CA PHE L 14 -14.95 30.33 -17.86
C PHE L 14 -13.49 30.50 -17.45
N VAL L 15 -13.22 31.23 -16.39
CA VAL L 15 -11.94 31.16 -15.71
C VAL L 15 -12.12 30.27 -14.49
N GLY L 16 -11.16 29.39 -14.25
CA GLY L 16 -11.35 28.29 -13.35
C GLY L 16 -11.52 28.60 -11.88
N MET L 17 -11.79 29.84 -11.53
CA MET L 17 -12.00 30.23 -10.15
C MET L 17 -13.43 30.71 -9.97
N LEU L 18 -14.00 30.49 -8.79
CA LEU L 18 -15.30 31.04 -8.45
C LEU L 18 -15.21 31.75 -7.11
N GLU L 19 -15.97 32.83 -6.98
CA GLU L 19 -15.90 33.68 -5.79
C GLU L 19 -16.81 33.16 -4.69
N THR L 20 -16.32 33.28 -3.46
CA THR L 20 -16.91 32.72 -2.26
C THR L 20 -16.72 33.77 -1.18
N PRO L 21 -17.53 33.73 -0.11
CA PRO L 21 -17.21 34.57 1.05
C PRO L 21 -15.91 34.21 1.75
N VAL L 22 -15.19 33.19 1.28
CA VAL L 22 -13.84 32.97 1.77
C VAL L 22 -12.84 33.82 1.01
N THR L 23 -12.97 33.87 -0.31
CA THR L 23 -12.01 34.60 -1.11
C THR L 23 -12.35 36.09 -1.20
N SER L 24 -13.61 36.41 -1.47
CA SER L 24 -13.94 37.78 -1.83
C SER L 24 -14.82 38.48 -0.81
N ALA L 25 -14.79 38.04 0.45
CA ALA L 25 -15.47 38.80 1.47
C ALA L 25 -14.73 40.12 1.69
N PRO L 26 -15.45 41.18 2.06
CA PRO L 26 -14.79 42.50 2.14
C PRO L 26 -13.68 42.59 3.16
N ILE L 27 -13.88 42.06 4.37
CA ILE L 27 -12.85 42.21 5.38
C ILE L 27 -11.62 41.38 5.02
N VAL L 28 -11.83 40.20 4.44
CA VAL L 28 -10.70 39.40 3.96
C VAL L 28 -9.98 40.10 2.82
N ALA L 29 -10.73 40.71 1.90
CA ALA L 29 -10.09 41.40 0.78
C ALA L 29 -9.25 42.57 1.26
N THR L 30 -9.80 43.40 2.14
CA THR L 30 -8.99 44.52 2.62
C THR L 30 -7.82 44.03 3.45
N TYR L 31 -8.00 42.94 4.19
CA TYR L 31 -6.88 42.42 4.97
C TYR L 31 -5.74 41.98 4.08
N LEU L 32 -6.02 41.17 3.06
CA LEU L 32 -4.93 40.71 2.21
C LEU L 32 -4.44 41.79 1.26
N SER L 33 -5.20 42.86 1.07
CA SER L 33 -4.62 44.01 0.39
C SER L 33 -3.54 44.66 1.26
N ASN L 34 -3.77 44.74 2.56
CA ASN L 34 -2.85 45.46 3.42
C ASN L 34 -1.62 44.67 3.81
N LEU L 35 -1.47 43.44 3.34
CA LEU L 35 -0.26 42.72 3.69
C LEU L 35 0.91 43.21 2.85
N PRO L 36 2.14 43.05 3.33
CA PRO L 36 3.28 43.61 2.60
C PRO L 36 3.56 42.94 1.27
N ALA L 37 3.05 41.73 1.04
CA ALA L 37 3.36 41.07 -0.21
C ALA L 37 2.50 41.54 -1.36
N TYR L 38 1.56 42.46 -1.13
CA TYR L 38 0.63 42.85 -2.18
C TYR L 38 0.59 44.36 -2.37
N ARG L 39 1.62 45.09 -1.96
CA ARG L 39 1.48 46.54 -1.92
C ARG L 39 1.97 47.24 -3.20
N THR L 40 3.00 46.72 -3.87
CA THR L 40 3.30 47.08 -5.26
C THR L 40 3.80 48.50 -5.46
N GLY L 41 3.72 49.34 -4.43
CA GLY L 41 4.12 50.72 -4.63
C GLY L 41 5.36 51.03 -3.83
N VAL L 42 5.76 50.09 -3.00
CA VAL L 42 6.90 50.26 -2.12
C VAL L 42 8.10 49.55 -2.73
N ALA L 43 9.26 49.94 -2.29
CA ALA L 43 10.46 49.31 -2.83
C ALA L 43 10.64 47.93 -2.23
N PRO L 44 11.03 46.94 -3.04
CA PRO L 44 11.06 45.56 -2.54
C PRO L 44 12.02 45.35 -1.38
N VAL L 45 13.03 46.20 -1.21
CA VAL L 45 13.93 46.04 -0.08
C VAL L 45 13.18 46.13 1.23
N LEU L 46 12.29 47.12 1.33
CA LEU L 46 11.59 47.35 2.57
C LEU L 46 10.64 46.20 2.88
N ARG L 47 9.92 45.72 1.87
CA ARG L 47 9.12 44.52 2.06
C ARG L 47 9.99 43.39 2.57
N GLY L 48 11.18 43.25 1.99
CA GLY L 48 12.07 42.20 2.45
C GLY L 48 12.37 42.29 3.92
N VAL L 49 12.66 43.50 4.41
CA VAL L 49 12.98 43.55 5.83
C VAL L 49 11.75 43.35 6.70
N GLU L 50 10.56 43.78 6.25
CA GLU L 50 9.37 43.52 7.06
C GLU L 50 9.07 42.04 7.15
N ILE L 51 9.05 41.36 6.01
CA ILE L 51 8.78 39.93 5.97
C ILE L 51 9.84 39.18 6.76
N GLY L 52 11.10 39.58 6.62
CA GLY L 52 12.14 38.90 7.37
C GLY L 52 12.03 39.09 8.86
N LEU L 53 11.73 40.30 9.31
CA LEU L 53 11.57 40.54 10.74
C LEU L 53 10.48 39.65 11.30
N ALA L 54 9.36 39.54 10.58
CA ALA L 54 8.28 38.67 11.05
C ALA L 54 8.74 37.22 11.13
N HIS L 55 9.30 36.70 10.03
CA HIS L 55 9.52 35.26 9.96
C HIS L 55 10.64 34.81 10.87
N GLY L 56 11.70 35.61 11.01
CA GLY L 56 12.74 35.22 11.95
C GLY L 56 12.21 35.15 13.37
N PHE L 57 11.44 36.17 13.78
CA PHE L 57 10.97 36.16 15.16
C PHE L 57 10.06 34.97 15.42
N LEU L 58 9.27 34.55 14.43
CA LEU L 58 8.48 33.36 14.72
C LEU L 58 9.31 32.09 14.63
N LEU L 59 10.32 32.05 13.77
CA LEU L 59 11.10 30.83 13.60
C LEU L 59 11.97 30.53 14.80
N ALA L 60 12.26 31.53 15.63
CA ALA L 60 13.15 31.25 16.75
C ALA L 60 12.54 30.31 17.78
N GLY L 61 11.22 30.34 17.93
CA GLY L 61 10.56 29.70 19.05
C GLY L 61 10.71 28.20 19.19
N PRO L 62 10.29 27.44 18.19
CA PRO L 62 10.29 25.98 18.33
C PRO L 62 11.66 25.41 18.58
N PHE L 63 12.71 26.03 18.05
CA PHE L 63 14.04 25.55 18.38
C PHE L 63 14.36 25.77 19.85
N ILE L 64 13.81 26.82 20.43
CA ILE L 64 14.05 27.09 21.85
C ILE L 64 13.33 26.07 22.71
N LYS L 65 12.04 25.87 22.44
CA LYS L 65 11.25 25.03 23.34
C LYS L 65 11.44 23.54 23.10
N LEU L 66 11.69 23.13 21.86
CA LEU L 66 11.70 21.71 21.53
C LEU L 66 13.04 21.20 21.03
N GLY L 67 14.07 22.03 20.98
CA GLY L 67 15.36 21.60 20.50
C GLY L 67 16.04 20.65 21.46
N PRO L 68 17.14 20.04 21.03
CA PRO L 68 17.84 19.09 21.90
C PRO L 68 18.46 19.72 23.12
N LEU L 69 18.66 21.03 23.09
CA LEU L 69 19.08 21.79 24.26
C LEU L 69 17.86 22.59 24.70
N ARG L 70 17.00 21.95 25.49
CA ARG L 70 15.81 22.58 26.01
C ARG L 70 15.64 22.38 27.49
N ASN L 71 16.38 21.46 28.11
CA ASN L 71 16.30 21.25 29.54
C ASN L 71 17.49 21.84 30.29
N VAL L 72 18.63 21.98 29.64
CA VAL L 72 19.79 22.56 30.29
C VAL L 72 19.52 24.05 30.41
N PRO L 73 19.50 24.61 31.62
CA PRO L 73 19.06 25.98 31.80
C PRO L 73 20.05 26.99 31.24
N GLU L 74 19.51 28.12 30.79
CA GLU L 74 20.26 29.33 30.47
C GLU L 74 21.05 29.21 29.18
N THR L 75 21.16 28.00 28.64
CA THR L 75 21.78 27.80 27.35
C THR L 75 20.81 27.18 26.36
N ALA L 76 19.60 26.88 26.80
CA ALA L 76 18.58 26.40 25.88
C ALA L 76 18.15 27.49 24.92
N GLU L 77 18.27 28.74 25.32
CA GLU L 77 17.90 29.85 24.44
C GLU L 77 18.95 30.08 23.37
N ILE L 78 20.22 29.93 23.74
CA ILE L 78 21.32 30.23 22.82
C ILE L 78 21.28 29.29 21.62
N ALA L 79 21.23 27.99 21.88
CA ALA L 79 21.28 27.04 20.77
C ALA L 79 20.08 27.20 19.86
N GLY L 80 18.91 27.45 20.43
CA GLY L 80 17.74 27.67 19.60
C GLY L 80 17.90 28.89 18.71
N SER L 81 18.31 30.02 19.29
CA SER L 81 18.44 31.22 18.47
C SER L 81 19.47 31.02 17.37
N LEU L 82 20.60 30.41 17.70
CA LEU L 82 21.63 30.17 16.68
C LEU L 82 21.09 29.30 15.55
N SER L 83 20.39 28.22 15.89
CA SER L 83 19.86 27.36 14.84
C SER L 83 18.85 28.09 13.97
N ALA L 84 18.03 28.95 14.59
CA ALA L 84 17.05 29.70 13.81
C ALA L 84 17.72 30.66 12.85
N ALA L 85 18.81 31.28 13.29
CA ALA L 85 19.57 32.14 12.39
C ALA L 85 20.12 31.33 11.22
N GLY L 86 20.55 30.10 11.48
CA GLY L 86 21.00 29.24 10.39
C GLY L 86 19.90 28.97 9.38
N LEU L 87 18.70 28.68 9.87
CA LEU L 87 17.59 28.44 8.96
C LEU L 87 17.29 29.67 8.11
N VAL L 88 17.33 30.85 8.72
CA VAL L 88 17.08 32.08 7.97
C VAL L 88 18.15 32.25 6.90
N LEU L 89 19.40 31.95 7.24
CA LEU L 89 20.46 32.01 6.25
C LEU L 89 20.13 31.16 5.04
N ILE L 90 19.72 29.92 5.28
CA ILE L 90 19.43 29.03 4.15
C ILE L 90 18.24 29.54 3.34
N LEU L 91 17.26 30.15 4.00
CA LEU L 91 16.15 30.75 3.26
C LEU L 91 16.63 31.87 2.36
N ALA L 92 17.59 32.66 2.84
CA ALA L 92 18.13 33.72 1.99
C ALA L 92 18.80 33.14 0.76
N LEU L 93 19.56 32.07 0.94
CA LEU L 93 20.18 31.43 -0.21
C LEU L 93 19.14 30.94 -1.20
N CYS L 94 18.04 30.36 -0.69
CA CYS L 94 16.99 29.87 -1.57
C CYS L 94 16.38 31.02 -2.37
N LEU L 95 16.16 32.16 -1.71
CA LEU L 95 15.62 33.31 -2.43
C LEU L 95 16.57 33.76 -3.54
N SER L 96 17.86 33.76 -3.26
CA SER L 96 18.81 34.20 -4.29
C SER L 96 18.78 33.29 -5.49
N ILE L 97 18.82 31.97 -5.29
CA ILE L 97 18.86 31.11 -6.46
C ILE L 97 17.52 31.07 -7.16
N TYR L 98 16.42 31.28 -6.43
CA TYR L 98 15.13 31.42 -7.11
C TYR L 98 15.15 32.63 -8.02
N GLY L 99 15.73 33.73 -7.56
CA GLY L 99 15.88 34.87 -8.44
C GLY L 99 16.72 34.54 -9.66
N SER L 100 17.74 33.71 -9.47
CA SER L 100 18.59 33.32 -10.59
C SER L 100 17.88 32.42 -11.57
N ALA L 101 16.81 31.73 -11.16
CA ALA L 101 16.15 30.79 -12.05
C ALA L 101 14.84 31.29 -12.63
N GLN L 102 14.09 32.13 -11.93
CA GLN L 102 12.72 32.42 -12.32
C GLN L 102 12.64 33.58 -13.32
N PHE L 103 13.14 34.73 -12.93
CA PHE L 103 13.05 35.93 -13.75
C PHE L 103 14.13 35.99 -14.81
N GLN L 104 14.72 34.85 -15.13
CA GLN L 104 15.85 34.77 -16.04
C GLN L 104 15.47 35.00 -17.48
N SER L 105 14.20 35.16 -17.79
CA SER L 105 13.74 35.29 -19.15
C SER L 105 12.72 36.41 -19.22
N THR L 106 12.01 36.47 -20.33
CA THR L 106 11.07 37.55 -20.57
C THR L 106 9.91 37.50 -19.58
N PRO L 107 9.34 38.65 -19.23
CA PRO L 107 8.14 38.67 -18.40
C PRO L 107 6.87 38.42 -19.19
N SER L 108 5.72 38.55 -18.55
CA SER L 108 4.44 38.29 -19.18
C SER L 108 3.99 39.51 -19.99
N ILE L 109 2.73 39.51 -20.40
CA ILE L 109 2.22 40.52 -21.32
C ILE L 109 1.39 41.60 -20.62
N GLY L 110 0.32 41.21 -19.93
CA GLY L 110 -0.61 42.23 -19.45
C GLY L 110 -1.31 41.89 -18.14
N VAL L 111 -1.80 42.95 -17.49
CA VAL L 111 -2.38 42.86 -16.15
C VAL L 111 -3.42 43.96 -15.99
N LYS L 112 -4.58 43.61 -15.44
CA LYS L 112 -5.61 44.56 -15.05
C LYS L 112 -6.09 44.24 -13.64
N THR L 113 -6.69 45.22 -12.99
CA THR L 113 -7.24 44.97 -11.66
C THR L 113 -8.63 44.35 -11.77
N LEU L 114 -9.21 44.03 -10.62
CA LEU L 114 -10.48 43.31 -10.63
C LEU L 114 -11.63 44.21 -11.06
N SER L 115 -11.67 45.44 -10.54
CA SER L 115 -12.62 46.44 -11.02
C SER L 115 -11.92 47.20 -12.13
N GLY L 116 -12.02 46.68 -13.34
CA GLY L 116 -11.06 46.89 -14.41
C GLY L 116 -10.47 48.26 -14.66
N ARG L 117 -9.16 48.38 -14.43
CA ARG L 117 -8.33 49.43 -14.97
C ARG L 117 -6.94 48.87 -15.16
N SER L 118 -6.19 49.44 -16.09
CA SER L 118 -4.90 48.86 -16.48
C SER L 118 -3.83 49.28 -15.49
N VAL L 119 -3.60 48.44 -14.52
CA VAL L 119 -2.55 48.68 -13.54
C VAL L 119 -1.23 48.17 -14.10
N ALA L 120 -0.14 48.81 -13.72
CA ALA L 120 1.18 48.44 -14.21
C ALA L 120 1.69 47.21 -13.47
N ARG L 121 2.82 46.70 -13.95
CA ARG L 121 3.36 45.45 -13.41
C ARG L 121 4.19 45.71 -12.17
N ASP L 122 4.10 44.78 -11.22
CA ASP L 122 4.79 44.92 -9.94
C ASP L 122 6.30 44.87 -10.15
N PRO L 123 7.06 45.84 -9.65
CA PRO L 123 8.52 45.77 -9.81
C PRO L 123 9.20 44.73 -8.95
N LEU L 124 8.48 44.00 -8.09
CA LEU L 124 9.12 42.89 -7.41
C LEU L 124 9.45 41.75 -8.36
N PHE L 125 8.81 41.72 -9.53
CA PHE L 125 8.92 40.57 -10.44
C PHE L 125 9.91 40.81 -11.56
N SER L 126 11.01 41.48 -11.25
CA SER L 126 12.16 41.56 -12.12
C SER L 126 13.37 41.05 -11.36
N ALA L 127 14.48 40.83 -12.07
CA ALA L 127 15.65 40.26 -11.43
C ALA L 127 16.16 41.16 -10.33
N ASP L 128 16.29 42.46 -10.61
CA ASP L 128 16.82 43.38 -9.62
C ASP L 128 15.92 43.44 -8.39
N GLY L 129 14.61 43.56 -8.62
CA GLY L 129 13.70 43.68 -7.51
C GLY L 129 13.72 42.46 -6.64
N TRP L 130 13.80 41.28 -7.25
CA TRP L 130 13.81 40.07 -6.45
C TRP L 130 15.11 39.94 -5.67
N SER L 131 16.24 40.29 -6.28
CA SER L 131 17.50 40.22 -5.56
C SER L 131 17.50 41.18 -4.37
N GLU L 132 17.00 42.39 -4.58
CA GLU L 132 16.89 43.34 -3.48
C GLU L 132 15.98 42.81 -2.39
N PHE L 133 14.87 42.18 -2.79
CA PHE L 133 13.98 41.57 -1.82
C PHE L 133 14.69 40.50 -1.01
N ALA L 134 15.54 39.71 -1.66
CA ALA L 134 16.27 38.68 -0.93
C ALA L 134 17.23 39.30 0.08
N ALA L 135 17.93 40.36 -0.30
CA ALA L 135 18.82 41.01 0.64
C ALA L 135 18.05 41.54 1.83
N GLY L 136 16.90 42.16 1.57
CA GLY L 136 16.05 42.61 2.65
C GLY L 136 15.60 41.47 3.54
N PHE L 137 15.32 40.32 2.94
CA PHE L 137 14.92 39.19 3.76
C PHE L 137 16.03 38.76 4.68
N LEU L 138 17.26 38.70 4.18
CA LEU L 138 18.36 38.29 5.05
C LEU L 138 18.51 39.25 6.22
N VAL L 139 18.52 40.56 5.92
CA VAL L 139 18.71 41.53 6.99
C VAL L 139 17.59 41.42 8.00
N GLY L 140 16.36 41.38 7.53
CA GLY L 140 15.22 41.35 8.43
C GLY L 140 15.17 40.08 9.26
N GLY L 141 15.47 38.94 8.66
CA GLY L 141 15.41 37.69 9.39
C GLY L 141 16.46 37.62 10.48
N GLU L 142 17.69 38.00 10.16
CA GLU L 142 18.71 37.95 11.20
C GLU L 142 18.40 38.94 12.31
N ALA L 143 17.92 40.13 11.96
CA ALA L 143 17.52 41.07 12.99
C ALA L 143 16.40 40.51 13.84
N GLY L 144 15.46 39.80 13.22
CA GLY L 144 14.35 39.23 13.96
C GLY L 144 14.80 38.16 14.95
N VAL L 145 15.69 37.28 14.53
CA VAL L 145 16.13 36.23 15.46
C VAL L 145 16.96 36.83 16.59
N ALA L 146 17.81 37.80 16.28
CA ALA L 146 18.53 38.49 17.34
C ALA L 146 17.55 39.13 18.31
N TRP L 147 16.48 39.73 17.78
CA TRP L 147 15.48 40.30 18.66
C TRP L 147 14.79 39.23 19.47
N ALA L 148 14.65 38.03 18.93
CA ALA L 148 14.04 36.96 19.72
C ALA L 148 14.89 36.65 20.93
N TYR L 149 16.21 36.57 20.76
CA TYR L 149 17.06 36.37 21.93
C TYR L 149 16.92 37.53 22.90
N VAL L 150 16.98 38.75 22.38
CA VAL L 150 16.88 39.93 23.23
C VAL L 150 15.57 39.89 24.01
N CYS L 151 14.49 39.56 23.34
CA CYS L 151 13.17 39.54 23.94
C CYS L 151 13.06 38.46 24.99
N THR L 152 13.75 37.35 24.79
CA THR L 152 13.78 36.33 25.83
C THR L 152 14.47 36.85 27.07
N GLN L 153 15.61 37.52 26.91
CA GLN L 153 16.41 37.84 28.08
C GLN L 153 15.78 38.92 28.95
N ILE L 154 14.98 39.83 28.38
CA ILE L 154 14.37 40.91 29.14
C ILE L 154 12.88 40.95 28.81
N LEU L 155 12.08 40.29 29.63
CA LEU L 155 10.66 40.14 29.42
C LEU L 155 10.04 39.70 30.74
N PRO L 156 8.95 40.32 31.17
CA PRO L 156 8.53 40.20 32.58
C PRO L 156 8.31 38.79 33.09
N TYR L 157 7.39 38.03 32.51
CA TYR L 157 7.14 36.68 33.00
C TYR L 157 7.25 35.68 31.87
N TYR L 158 8.35 35.77 31.14
CA TYR L 158 8.71 34.70 30.21
C TYR L 158 8.95 33.41 30.95
N SER L 159 8.56 32.30 30.33
CA SER L 159 8.81 30.98 30.90
C SER L 159 9.04 29.94 29.81
N ALA M 1 -26.07 34.17 -14.28
CA ALA M 1 -26.05 32.80 -13.81
C ALA M 1 -26.30 32.77 -12.31
N SER M 2 -25.30 32.32 -11.54
CA SER M 2 -25.37 32.45 -10.09
C SER M 2 -25.39 33.92 -9.70
N ASN M 3 -24.39 34.66 -10.16
CA ASN M 3 -24.30 36.11 -9.99
C ASN M 3 -23.21 36.59 -10.93
N LYS M 4 -22.97 37.91 -10.93
CA LYS M 4 -21.86 38.45 -11.70
C LYS M 4 -20.79 39.13 -10.88
N SER M 5 -21.13 39.58 -9.67
CA SER M 5 -20.13 40.08 -8.74
C SER M 5 -20.55 39.64 -7.34
N PHE M 6 -19.57 39.50 -6.47
CA PHE M 6 -19.88 39.08 -5.12
C PHE M 6 -20.58 40.21 -4.37
N PRO M 7 -21.75 39.96 -3.79
CA PRO M 7 -22.42 41.02 -3.02
C PRO M 7 -21.68 41.25 -1.70
N ARG M 8 -21.36 42.50 -1.42
CA ARG M 8 -20.59 42.76 -0.22
C ARG M 8 -21.44 42.81 1.04
N ASP M 9 -22.75 42.63 0.91
CA ASP M 9 -23.59 42.24 2.04
C ASP M 9 -24.21 40.90 1.69
N TRP M 10 -23.73 39.85 2.33
CA TRP M 10 -24.39 38.56 2.22
C TRP M 10 -25.05 38.13 3.51
N VAL M 11 -24.41 38.34 4.66
CA VAL M 11 -25.13 38.20 5.92
C VAL M 11 -26.02 39.42 6.06
N LYS M 12 -27.30 39.27 5.72
CA LYS M 12 -28.21 40.40 5.87
C LYS M 12 -28.48 40.61 7.35
N THR M 13 -27.82 41.61 7.93
CA THR M 13 -27.89 41.81 9.37
C THR M 13 -29.26 42.37 9.75
N ASP M 14 -30.10 41.53 10.32
CA ASP M 14 -31.30 41.97 11.00
C ASP M 14 -30.95 42.15 12.48
N PRO M 15 -31.04 43.36 13.04
CA PRO M 15 -30.43 43.61 14.35
C PRO M 15 -31.05 42.85 15.50
N LEU M 16 -32.29 42.36 15.37
CA LEU M 16 -32.90 41.62 16.47
C LEU M 16 -32.88 40.12 16.23
N VAL M 17 -31.95 39.62 15.42
CA VAL M 17 -31.70 38.19 15.35
C VAL M 17 -30.84 37.76 16.53
N PRO M 18 -29.74 38.42 16.87
CA PRO M 18 -28.93 37.93 17.99
C PRO M 18 -29.52 38.22 19.35
N VAL M 19 -30.12 39.40 19.53
CA VAL M 19 -30.67 39.71 20.83
C VAL M 19 -31.79 38.74 21.15
N LEU M 20 -32.65 38.44 20.19
CA LEU M 20 -33.61 37.38 20.43
C LEU M 20 -32.92 36.02 20.50
N GLY M 21 -31.79 35.84 19.84
CA GLY M 21 -31.11 34.57 19.99
C GLY M 21 -30.75 34.26 21.42
N PHE M 22 -29.76 34.97 21.97
CA PHE M 22 -29.38 34.59 23.34
C PHE M 22 -30.33 35.12 24.39
N ALA M 23 -31.06 36.20 24.14
CA ALA M 23 -32.03 36.67 25.12
C ALA M 23 -33.25 35.77 25.18
N GLY M 24 -33.71 35.26 24.04
CA GLY M 24 -34.82 34.35 24.06
C GLY M 24 -34.42 32.92 24.27
N TRP M 25 -33.13 32.63 24.39
CA TRP M 25 -32.75 31.30 24.85
C TRP M 25 -32.28 31.25 26.30
N THR M 26 -31.75 32.33 26.85
CA THR M 26 -31.25 32.26 28.22
C THR M 26 -32.28 32.60 29.28
N ILE M 27 -33.31 33.34 28.94
CA ILE M 27 -34.39 33.63 29.89
C ILE M 27 -35.18 32.36 30.18
N PRO M 28 -35.28 31.40 29.26
CA PRO M 28 -35.73 30.05 29.64
C PRO M 28 -34.63 29.05 29.90
N ALA M 29 -33.37 29.46 29.95
CA ALA M 29 -32.29 28.55 30.26
C ALA M 29 -31.92 28.53 31.74
N ASN M 30 -32.60 29.31 32.57
CA ASN M 30 -32.27 29.37 33.98
C ASN M 30 -33.52 29.16 34.83
N ILE M 31 -34.26 28.09 34.54
CA ILE M 31 -35.53 27.87 35.23
C ILE M 31 -35.33 27.18 36.57
N GLY M 32 -34.84 25.95 36.55
CA GLY M 32 -34.72 25.20 37.78
C GLY M 32 -35.57 23.94 37.79
N VAL M 33 -34.92 22.79 37.81
CA VAL M 33 -35.60 21.51 37.65
C VAL M 33 -35.42 20.70 38.93
N SER M 34 -36.07 19.53 39.01
CA SER M 34 -35.69 18.58 40.03
C SER M 34 -34.28 18.07 39.80
N ALA M 35 -33.85 18.00 38.54
CA ALA M 35 -32.61 17.36 38.11
C ALA M 35 -31.36 17.92 38.77
N PHE M 36 -30.98 19.17 38.52
CA PHE M 36 -30.08 19.79 39.48
C PHE M 36 -30.90 20.20 40.68
N GLY M 37 -30.29 20.19 41.85
CA GLY M 37 -31.10 20.44 43.03
C GLY M 37 -31.52 21.88 43.20
N GLY M 38 -32.36 22.38 42.30
CA GLY M 38 -32.82 23.75 42.39
C GLY M 38 -31.98 24.76 41.64
N GLN M 39 -31.14 24.32 40.73
CA GLN M 39 -30.20 25.19 40.04
C GLN M 39 -30.48 25.18 38.55
N SER M 40 -29.81 26.08 37.84
CA SER M 40 -30.07 26.36 36.43
C SER M 40 -28.94 25.85 35.56
N LEU M 41 -29.15 25.94 34.24
CA LEU M 41 -28.08 25.77 33.28
C LEU M 41 -27.52 27.11 32.84
N PHE M 42 -27.69 28.13 33.67
CA PHE M 42 -26.99 29.39 33.46
C PHE M 42 -26.47 29.98 34.75
N GLY M 43 -26.92 29.52 35.91
CA GLY M 43 -26.42 30.03 37.16
C GLY M 43 -25.55 29.00 37.84
N LEU M 44 -25.70 27.74 37.47
CA LEU M 44 -24.91 26.72 38.12
C LEU M 44 -23.47 26.72 37.63
N PHE M 45 -23.21 27.14 36.40
CA PHE M 45 -21.83 27.35 35.98
C PHE M 45 -21.46 28.82 35.89
N THR M 46 -22.37 29.72 36.23
CA THR M 46 -21.90 31.03 36.65
C THR M 46 -21.03 30.88 37.89
N GLN M 47 -21.47 30.02 38.81
CA GLN M 47 -20.62 29.60 39.91
C GLN M 47 -19.28 29.11 39.40
N SER M 48 -19.27 28.31 38.33
CA SER M 48 -18.02 27.74 37.85
C SER M 48 -17.14 28.79 37.17
N ILE M 49 -17.73 29.60 36.30
CA ILE M 49 -16.94 30.60 35.59
C ILE M 49 -16.26 31.53 36.59
N GLY M 50 -17.01 32.02 37.58
CA GLY M 50 -16.40 32.82 38.61
C GLY M 50 -15.47 32.02 39.51
N GLU M 51 -15.77 30.74 39.68
CA GLU M 51 -15.06 29.92 40.65
C GLU M 51 -13.62 29.69 40.22
N ASN M 52 -13.43 29.30 38.98
CA ASN M 52 -12.06 29.14 38.49
C ASN M 52 -11.56 30.40 37.78
N LEU M 53 -12.35 31.47 37.79
CA LEU M 53 -11.77 32.79 37.58
C LEU M 53 -11.05 33.30 38.81
N ALA M 54 -11.40 32.80 40.00
CA ALA M 54 -10.71 33.22 41.22
C ALA M 54 -9.21 32.94 41.14
N HIS M 55 -8.82 31.66 41.07
CA HIS M 55 -7.41 31.34 40.88
C HIS M 55 -7.12 31.42 39.40
N PHE M 56 -6.54 32.56 38.98
CA PHE M 56 -6.65 32.94 37.56
C PHE M 56 -5.75 32.12 36.65
N PRO M 57 -4.42 32.17 36.78
CA PRO M 57 -3.58 31.58 35.72
C PRO M 57 -3.67 30.07 35.66
N THR M 58 -4.15 29.41 36.70
CA THR M 58 -4.32 27.96 36.65
C THR M 58 -5.48 27.62 35.74
N GLY M 59 -5.18 27.02 34.59
CA GLY M 59 -6.21 26.48 33.73
C GLY M 59 -6.95 25.37 34.44
N PRO M 60 -8.28 25.40 34.38
CA PRO M 60 -9.07 24.52 35.23
C PRO M 60 -8.88 23.05 34.88
N ALA M 61 -9.24 22.21 35.84
CA ALA M 61 -8.92 20.79 35.76
C ALA M 61 -9.58 20.15 34.55
N LEU M 62 -8.94 19.11 34.05
CA LEU M 62 -9.40 18.42 32.86
C LEU M 62 -10.42 17.33 33.18
N ASP M 63 -10.96 17.32 34.41
CA ASP M 63 -12.25 16.68 34.70
C ASP M 63 -12.87 17.43 35.88
N ASP M 64 -13.71 18.39 35.57
CA ASP M 64 -14.10 19.29 36.64
C ASP M 64 -15.58 19.68 36.60
N LYS M 65 -16.41 18.91 35.92
CA LYS M 65 -17.86 19.01 35.97
C LYS M 65 -18.39 20.33 35.44
N PHE M 66 -17.58 21.12 34.76
CA PHE M 66 -18.11 22.31 34.14
C PHE M 66 -17.80 22.43 32.66
N TRP M 67 -16.84 21.68 32.13
CA TRP M 67 -16.74 21.58 30.70
C TRP M 67 -18.04 21.10 30.08
N LEU M 68 -18.75 20.22 30.79
CA LEU M 68 -20.07 19.80 30.35
C LEU M 68 -21.01 21.00 30.25
N TYR M 69 -20.92 21.92 31.21
CA TYR M 69 -21.78 23.09 31.15
C TYR M 69 -21.41 23.98 29.97
N LEU M 70 -20.13 24.19 29.74
CA LEU M 70 -19.70 24.98 28.59
C LEU M 70 -20.22 24.38 27.29
N ILE M 71 -19.99 23.08 27.10
CA ILE M 71 -20.30 22.46 25.82
C ILE M 71 -21.81 22.35 25.62
N THR M 72 -22.54 21.85 26.62
CA THR M 72 -23.98 21.75 26.45
C THR M 72 -24.67 23.10 26.44
N TYR M 73 -24.03 24.14 26.94
CA TYR M 73 -24.64 25.45 26.85
C TYR M 73 -24.49 26.01 25.46
N HIS M 74 -23.29 25.90 24.89
CA HIS M 74 -23.12 26.46 23.56
C HIS M 74 -23.77 25.59 22.49
N LEU M 75 -23.90 24.28 22.74
CA LEU M 75 -24.57 23.40 21.80
C LEU M 75 -26.00 23.84 21.54
N GLY M 76 -26.60 24.56 22.46
CA GLY M 76 -27.93 25.09 22.26
C GLY M 76 -27.88 26.55 21.86
N LEU M 77 -26.91 27.30 22.39
CA LEU M 77 -26.86 28.73 22.07
C LEU M 77 -26.59 28.94 20.59
N PHE M 78 -25.63 28.22 20.03
CA PHE M 78 -25.35 28.36 18.60
C PHE M 78 -26.53 27.91 17.78
N LEU M 79 -27.20 26.84 18.20
CA LEU M 79 -28.33 26.31 17.44
C LEU M 79 -29.48 27.30 17.40
N THR M 80 -29.80 27.91 18.54
CA THR M 80 -30.90 28.85 18.52
C THR M 80 -30.55 30.09 17.70
N ILE M 81 -29.29 30.50 17.65
CA ILE M 81 -29.01 31.64 16.78
C ILE M 81 -29.01 31.24 15.30
N THR M 82 -28.51 30.05 14.97
CA THR M 82 -28.48 29.64 13.58
C THR M 82 -29.87 29.29 13.05
N LEU M 83 -30.81 29.00 13.94
CA LEU M 83 -32.20 28.92 13.50
C LEU M 83 -32.91 30.26 13.60
N GLY M 84 -32.37 31.21 14.35
CA GLY M 84 -32.89 32.57 14.29
C GLY M 84 -32.58 33.23 12.98
N GLN M 85 -31.37 33.02 12.46
CA GLN M 85 -30.98 33.68 11.22
C GLN M 85 -31.81 33.20 10.04
N ILE M 86 -32.43 32.04 10.13
CA ILE M 86 -33.31 31.54 9.09
C ILE M 86 -34.71 32.01 9.43
N GLY M 87 -34.78 32.99 10.32
CA GLY M 87 -35.95 33.80 10.52
C GLY M 87 -35.89 35.00 9.61
N VAL M 88 -35.05 34.89 8.59
CA VAL M 88 -35.17 35.74 7.41
C VAL M 88 -36.12 35.00 6.48
N GLN M 89 -37.42 35.15 6.75
CA GLN M 89 -38.48 34.67 5.88
C GLN M 89 -38.93 35.73 4.90
N GLY M 90 -38.05 36.68 4.59
CA GLY M 90 -38.42 37.79 3.73
C GLY M 90 -38.87 37.36 2.36
N ARG M 91 -38.45 36.18 1.90
CA ARG M 91 -38.90 35.72 0.60
C ARG M 91 -39.19 34.23 0.50
N LYS M 92 -39.08 33.46 1.58
CA LYS M 92 -38.98 32.01 1.43
C LYS M 92 -40.20 31.25 1.93
N GLN M 93 -40.56 31.41 3.20
CA GLN M 93 -41.55 30.53 3.84
C GLN M 93 -42.93 30.69 3.22
N ILE N 1 8.61 77.59 14.26
CA ILE N 1 9.45 76.66 13.51
C ILE N 1 9.94 77.27 12.21
N GLU N 2 10.08 78.59 12.22
CA GLU N 2 10.41 79.37 11.04
C GLU N 2 11.48 80.40 11.37
N PHE N 3 12.59 79.96 11.96
CA PHE N 3 13.62 80.89 12.41
C PHE N 3 14.11 81.79 11.30
N TYR N 4 14.25 81.27 10.09
CA TYR N 4 14.69 82.07 8.94
C TYR N 4 13.48 82.75 8.33
N GLY N 5 13.04 83.83 8.98
CA GLY N 5 11.90 84.58 8.50
C GLY N 5 11.31 85.46 9.58
N PRO N 6 10.29 86.24 9.22
CA PRO N 6 9.59 87.07 10.21
C PRO N 6 8.89 86.27 11.29
N ASN N 7 8.60 84.99 11.07
CA ASN N 7 7.85 84.17 12.01
C ASN N 7 8.75 83.31 12.88
N ARG N 8 9.91 83.85 13.25
CA ARG N 8 10.83 83.13 14.12
C ARG N 8 10.27 83.06 15.54
N ALA N 9 10.80 82.12 16.31
CA ALA N 9 10.43 81.98 17.72
C ALA N 9 11.07 83.13 18.50
N LYS N 10 10.31 84.21 18.69
CA LYS N 10 10.84 85.45 19.23
C LYS N 10 11.08 85.34 20.73
N TRP N 11 11.72 86.38 21.28
CA TRP N 11 12.29 86.33 22.62
C TRP N 11 11.24 86.22 23.71
N LEU N 12 9.98 86.54 23.43
CA LEU N 12 8.91 86.38 24.41
C LEU N 12 7.81 85.50 23.87
N GLY N 13 8.01 84.93 22.69
CA GLY N 13 6.98 84.19 22.00
C GLY N 13 5.72 84.99 22.05
N PRO N 14 4.78 84.48 22.79
CA PRO N 14 3.45 85.09 22.79
C PRO N 14 3.31 86.49 23.36
N TYR N 15 4.41 87.03 23.84
CA TYR N 15 4.49 88.44 24.17
C TYR N 15 5.54 89.08 23.26
N SER N 16 5.46 88.80 21.96
CA SER N 16 6.55 89.03 21.02
C SER N 16 6.81 90.50 20.72
N GLU N 17 5.82 91.38 20.88
CA GLU N 17 5.90 92.79 20.46
C GLU N 17 6.42 92.89 19.02
N ASN N 18 5.55 92.48 18.09
CA ASN N 18 5.94 92.35 16.69
C ASN N 18 6.18 93.71 16.06
N ALA N 19 7.14 94.44 16.64
CA ALA N 19 7.72 95.68 16.12
C ALA N 19 9.25 95.59 16.24
N THR N 20 9.78 94.47 15.78
CA THR N 20 11.14 94.08 16.11
C THR N 20 12.16 95.08 15.55
N PRO N 21 13.32 95.21 16.18
CA PRO N 21 14.38 96.05 15.62
C PRO N 21 14.72 95.62 14.20
N ALA N 22 14.79 96.60 13.30
CA ALA N 22 14.87 96.32 11.88
C ALA N 22 16.26 95.96 11.39
N TYR N 23 17.28 96.04 12.25
CA TYR N 23 18.63 95.71 11.80
C TYR N 23 18.92 94.21 11.88
N LEU N 24 17.95 93.40 12.32
CA LEU N 24 18.02 91.96 12.15
C LEU N 24 16.61 91.43 11.94
N THR N 25 16.37 90.81 10.78
CA THR N 25 15.12 90.13 10.49
C THR N 25 15.47 88.80 9.83
N GLY N 26 15.71 87.78 10.65
CA GLY N 26 16.01 86.47 10.12
C GLY N 26 17.31 86.46 9.34
N GLU N 27 17.39 85.51 8.41
CA GLU N 27 18.49 85.34 7.46
C GLU N 27 19.82 84.97 8.12
N PHE N 28 19.85 84.85 9.44
CA PHE N 28 21.04 84.41 10.16
C PHE N 28 20.59 83.57 11.34
N PRO N 29 21.30 82.48 11.64
CA PRO N 29 20.89 81.62 12.76
C PRO N 29 21.02 82.34 14.09
N GLY N 30 20.16 81.94 15.02
CA GLY N 30 20.22 82.45 16.37
C GLY N 30 19.64 83.84 16.56
N ASP N 31 19.09 84.45 15.50
CA ASP N 31 18.50 85.78 15.62
C ASP N 31 17.18 85.67 16.38
N TYR N 32 17.21 85.89 17.69
CA TYR N 32 16.00 85.83 18.50
C TYR N 32 15.52 87.21 18.92
N GLY N 33 16.11 88.27 18.38
CA GLY N 33 15.58 89.61 18.51
C GLY N 33 15.58 90.21 19.90
N TRP N 34 16.34 89.64 20.82
CA TRP N 34 16.35 90.13 22.21
C TRP N 34 17.48 91.14 22.35
N ASP N 35 17.18 92.40 22.01
CA ASP N 35 18.12 93.51 22.11
C ASP N 35 17.50 94.57 23.01
N THR N 36 17.72 94.43 24.32
CA THR N 36 17.19 95.40 25.27
C THR N 36 18.11 96.59 25.48
N ALA N 37 19.42 96.37 25.40
CA ALA N 37 20.40 97.45 25.48
C ALA N 37 20.86 97.92 24.10
N GLY N 38 20.97 97.01 23.13
CA GLY N 38 21.34 97.38 21.79
C GLY N 38 22.80 97.77 21.63
N LEU N 39 23.71 96.86 21.96
CA LEU N 39 25.13 97.10 21.83
C LEU N 39 25.69 96.63 20.50
N SER N 40 24.84 96.20 19.57
CA SER N 40 25.25 95.69 18.26
C SER N 40 24.43 96.36 17.16
N ALA N 41 24.28 97.68 17.23
CA ALA N 41 23.55 98.39 16.19
C ALA N 41 24.36 98.49 14.91
N ASP N 42 25.68 98.67 15.03
CA ASP N 42 26.51 98.82 13.84
C ASP N 42 26.68 97.47 13.14
N PRO N 43 26.60 97.44 11.80
CA PRO N 43 26.57 96.15 11.11
C PRO N 43 27.89 95.42 11.14
N GLU N 44 29.02 96.12 10.95
CA GLU N 44 30.31 95.44 11.04
C GLU N 44 30.58 94.96 12.46
N THR N 45 30.22 95.77 13.46
CA THR N 45 30.32 95.31 14.84
C THR N 45 29.36 94.15 15.08
N PHE N 46 28.19 94.18 14.45
CA PHE N 46 27.30 93.02 14.54
C PHE N 46 27.96 91.79 13.96
N LYS N 47 28.66 91.92 12.82
CA LYS N 47 29.38 90.78 12.26
C LYS N 47 30.45 90.29 13.21
N ARG N 48 31.17 91.22 13.82
CA ARG N 48 32.13 90.86 14.84
C ARG N 48 31.48 90.10 15.97
N TYR N 49 30.25 90.50 16.33
CA TYR N 49 29.54 89.82 17.42
C TYR N 49 29.10 88.43 17.00
N ARG N 50 28.71 88.25 15.73
CA ARG N 50 28.38 86.91 15.25
C ARG N 50 29.59 86.00 15.29
N GLU N 51 30.73 86.48 14.78
CA GLU N 51 31.95 85.70 14.83
C GLU N 51 32.37 85.41 16.27
N LEU N 52 32.34 86.44 17.11
CA LEU N 52 32.76 86.33 18.50
C LEU N 52 31.87 85.36 19.27
N GLU N 53 30.55 85.44 19.05
CA GLU N 53 29.62 84.55 19.71
C GLU N 53 29.79 83.11 19.22
N LEU N 54 30.10 82.93 17.93
CA LEU N 54 30.38 81.59 17.44
C LEU N 54 31.63 81.01 18.10
N ILE N 55 32.69 81.82 18.20
CA ILE N 55 33.93 81.36 18.83
C ILE N 55 33.67 81.02 20.30
N HIS N 56 32.98 81.92 21.01
CA HIS N 56 32.65 81.68 22.40
C HIS N 56 31.81 80.42 22.56
N ALA N 57 30.83 80.24 21.67
CA ALA N 57 29.92 79.10 21.78
C ALA N 57 30.64 77.79 21.57
N ARG N 58 31.50 77.71 20.55
CA ARG N 58 32.24 76.48 20.32
C ARG N 58 33.22 76.20 21.46
N TRP N 59 33.93 77.22 21.92
CA TRP N 59 34.86 77.01 23.04
C TRP N 59 34.12 76.57 24.29
N ALA N 60 32.96 77.19 24.56
CA ALA N 60 32.22 76.86 25.77
C ALA N 60 31.59 75.48 25.69
N MET N 61 31.12 75.07 24.50
CA MET N 61 30.62 73.71 24.35
C MET N 61 31.73 72.69 24.58
N LEU N 62 32.92 72.95 24.04
CA LEU N 62 34.05 72.07 24.31
C LEU N 62 34.35 71.99 25.80
N GLY N 63 34.36 73.14 26.47
CA GLY N 63 34.61 73.14 27.91
C GLY N 63 33.54 72.44 28.70
N ALA N 64 32.28 72.58 28.27
CA ALA N 64 31.18 71.96 29.00
C ALA N 64 31.25 70.44 28.90
N LEU N 65 31.51 69.91 27.71
CA LEU N 65 31.69 68.46 27.63
C LEU N 65 32.93 68.02 28.40
N GLY N 66 33.99 68.84 28.39
CA GLY N 66 35.14 68.53 29.21
C GLY N 66 34.87 68.57 30.70
N CYS N 67 33.82 69.27 31.12
CA CYS N 67 33.41 69.28 32.51
C CYS N 67 32.44 68.16 32.85
N ILE N 68 31.78 67.57 31.86
CA ILE N 68 30.89 66.45 32.16
C ILE N 68 31.62 65.11 32.10
N THR N 69 32.59 64.93 31.19
CA THR N 69 33.08 63.58 30.91
C THR N 69 33.96 63.01 32.01
N PRO N 70 35.10 63.63 32.37
CA PRO N 70 36.10 62.91 33.19
C PRO N 70 35.58 62.48 34.54
N GLU N 71 34.74 63.28 35.18
CA GLU N 71 34.19 62.89 36.47
C GLU N 71 33.35 61.63 36.34
N LEU N 72 32.50 61.57 35.32
CA LEU N 72 31.68 60.38 35.11
C LEU N 72 32.54 59.17 34.81
N LEU N 73 33.59 59.34 34.00
CA LEU N 73 34.46 58.21 33.67
C LEU N 73 35.19 57.69 34.90
N ALA N 74 35.67 58.59 35.77
CA ALA N 74 36.34 58.15 36.99
C ALA N 74 35.36 57.66 38.04
N LYS N 75 34.09 58.04 37.95
CA LYS N 75 33.07 57.51 38.83
C LYS N 75 32.62 56.12 38.40
N SER N 76 32.67 55.82 37.10
CA SER N 76 32.14 54.55 36.62
C SER N 76 33.14 53.42 36.80
N GLY N 77 34.27 53.49 36.11
CA GLY N 77 35.18 52.37 36.12
C GLY N 77 36.66 52.67 36.05
N THR N 78 37.04 53.95 36.14
CA THR N 78 38.43 54.35 36.05
C THR N 78 38.78 55.21 37.25
N GLN N 79 40.07 55.55 37.36
CA GLN N 79 40.53 56.45 38.40
C GLN N 79 41.50 57.47 37.80
N PHE N 80 41.33 58.74 38.19
CA PHE N 80 42.16 59.82 37.71
C PHE N 80 42.99 60.49 38.81
N GLY N 81 42.61 60.34 40.07
CA GLY N 81 43.12 61.19 41.13
C GLY N 81 42.04 62.16 41.55
N GLU N 82 42.15 63.40 41.09
CA GLU N 82 41.09 64.40 41.28
C GLU N 82 40.44 64.62 39.92
N ALA N 83 39.44 63.81 39.62
CA ALA N 83 38.70 63.97 38.36
C ALA N 83 37.87 65.24 38.34
N VAL N 84 37.54 65.79 39.52
CA VAL N 84 36.86 67.07 39.55
C VAL N 84 37.77 68.14 38.97
N TRP N 85 37.19 69.04 38.18
CA TRP N 85 37.96 69.95 37.34
C TRP N 85 38.71 71.03 38.12
N PHE N 86 38.70 71.01 39.44
CA PHE N 86 39.47 72.00 40.19
C PHE N 86 40.95 71.68 40.17
N LYS N 87 41.34 70.55 40.77
CA LYS N 87 42.73 70.17 40.92
C LYS N 87 43.23 69.34 39.76
N ALA N 88 42.40 69.13 38.73
CA ALA N 88 42.91 68.56 37.50
C ALA N 88 43.99 69.44 36.87
N GLY N 89 43.91 70.75 37.11
CA GLY N 89 44.97 71.65 36.70
C GLY N 89 46.21 71.58 37.56
N ALA N 90 46.07 71.08 38.79
CA ALA N 90 47.20 70.92 39.70
C ALA N 90 47.66 69.48 39.80
N GLN N 91 47.17 68.59 38.92
CA GLN N 91 47.64 67.21 38.94
C GLN N 91 49.07 67.06 38.46
N ILE N 92 49.65 68.09 37.85
CA ILE N 92 51.04 68.01 37.44
C ILE N 92 51.98 68.25 38.62
N PHE N 93 51.52 68.97 39.64
CA PHE N 93 52.39 69.32 40.76
C PHE N 93 52.46 68.25 41.83
N SER N 94 51.41 67.43 41.96
CA SER N 94 51.23 66.65 43.19
C SER N 94 52.35 65.66 43.48
N GLU N 95 52.43 64.58 42.70
CA GLU N 95 53.46 63.59 43.03
C GLU N 95 54.29 63.13 41.84
N GLY N 96 53.66 62.92 40.69
CA GLY N 96 54.35 62.33 39.55
C GLY N 96 53.95 62.93 38.23
N GLY N 97 53.62 64.21 38.24
CA GLY N 97 53.16 64.86 37.03
C GLY N 97 51.74 64.46 36.70
N LEU N 98 51.25 64.99 35.58
CA LEU N 98 49.90 64.73 35.11
C LEU N 98 49.90 63.45 34.27
N ASP N 99 49.51 62.34 34.88
CA ASP N 99 49.35 61.08 34.16
C ASP N 99 47.95 61.04 33.56
N TYR N 100 47.87 60.89 32.24
CA TYR N 100 46.57 60.84 31.59
C TYR N 100 45.86 59.54 31.92
N LEU N 101 44.54 59.61 32.06
CA LEU N 101 43.68 58.50 32.45
C LEU N 101 44.01 57.94 33.82
N GLY N 102 44.87 58.62 34.59
CA GLY N 102 45.35 58.04 35.84
C GLY N 102 46.17 56.79 35.60
N ASN N 103 47.07 56.83 34.62
CA ASN N 103 47.82 55.66 34.21
C ASN N 103 49.27 56.05 33.94
N PRO N 104 50.25 55.42 34.61
CA PRO N 104 51.66 55.69 34.35
C PRO N 104 52.17 55.00 33.08
N SER N 105 51.37 55.05 32.03
CA SER N 105 51.80 54.60 30.70
C SER N 105 51.34 55.59 29.64
N LEU N 106 50.92 56.77 30.06
CA LEU N 106 50.38 57.80 29.18
C LEU N 106 51.06 59.11 29.56
N VAL N 107 50.51 60.24 29.11
CA VAL N 107 51.26 61.47 28.85
C VAL N 107 52.36 61.73 29.87
N HIS N 108 52.03 61.70 31.16
CA HIS N 108 53.03 61.84 32.23
C HIS N 108 53.85 63.13 32.05
N ALA N 109 53.15 64.26 32.10
CA ALA N 109 53.79 65.54 31.89
C ALA N 109 54.39 66.03 33.20
N GLN N 110 55.71 66.18 33.23
CA GLN N 110 56.42 66.54 34.45
C GLN N 110 56.50 68.05 34.65
N ASN N 111 56.95 68.78 33.64
CA ASN N 111 57.18 70.22 33.76
C ASN N 111 56.05 70.97 33.07
N ILE N 112 55.40 71.87 33.82
CA ILE N 112 54.26 72.62 33.28
C ILE N 112 54.71 73.78 32.39
N VAL N 113 55.95 74.24 32.52
CA VAL N 113 56.41 75.33 31.66
C VAL N 113 56.65 74.84 30.23
N ALA N 114 56.96 73.55 30.06
CA ALA N 114 57.07 73.02 28.71
C ALA N 114 55.71 72.97 28.04
N THR N 115 54.71 72.43 28.74
CA THR N 115 53.33 72.53 28.27
C THR N 115 52.98 73.98 27.97
N LEU N 116 53.46 74.89 28.81
CA LEU N 116 53.19 76.32 28.66
C LEU N 116 53.71 76.85 27.34
N ALA N 117 55.01 76.63 27.07
CA ALA N 117 55.64 77.20 25.88
C ALA N 117 55.09 76.55 24.61
N VAL N 118 54.98 75.22 24.62
CA VAL N 118 54.43 74.54 23.45
C VAL N 118 52.99 74.95 23.22
N GLN N 119 52.22 75.12 24.31
CA GLN N 119 50.84 75.55 24.18
C GLN N 119 50.74 76.93 23.55
N VAL N 120 51.61 77.85 23.97
CA VAL N 120 51.59 79.19 23.38
C VAL N 120 51.93 79.13 21.91
N ILE N 121 52.96 78.36 21.55
CA ILE N 121 53.37 78.28 20.15
C ILE N 121 52.23 77.72 19.31
N LEU N 122 51.66 76.60 19.74
CA LEU N 122 50.60 75.96 18.97
C LEU N 122 49.36 76.82 18.90
N MET N 123 49.02 77.50 20.00
CA MET N 123 47.80 78.30 20.02
C MET N 123 47.95 79.56 19.20
N GLY N 124 49.12 80.20 19.25
CA GLY N 124 49.37 81.31 18.35
C GLY N 124 49.28 80.88 16.89
N LEU N 125 49.87 79.73 16.56
CA LEU N 125 49.79 79.23 15.19
C LEU N 125 48.36 78.99 14.75
N VAL N 126 47.60 78.25 15.55
CA VAL N 126 46.24 77.89 15.13
C VAL N 126 45.32 79.09 15.15
N GLU N 127 45.49 80.03 16.07
CA GLU N 127 44.63 81.21 16.08
C GLU N 127 44.96 82.15 14.92
N GLY N 128 46.25 82.34 14.64
CA GLY N 128 46.61 83.14 13.47
C GLY N 128 46.09 82.54 12.19
N TYR N 129 46.32 81.24 12.01
CA TYR N 129 45.82 80.55 10.82
C TYR N 129 44.29 80.43 10.85
N ARG N 130 43.65 80.60 12.02
CA ARG N 130 42.20 80.68 12.07
C ARG N 130 41.71 82.02 11.55
N VAL N 131 42.38 83.11 11.91
CA VAL N 131 41.97 84.42 11.44
C VAL N 131 42.21 84.55 9.95
N ASN N 132 43.46 84.37 9.52
CA ASN N 132 43.82 84.68 8.14
C ASN N 132 43.84 83.46 7.22
N GLY N 133 43.48 82.28 7.71
CA GLY N 133 43.53 81.11 6.88
C GLY N 133 44.93 80.49 6.85
N GLY N 134 45.13 79.61 5.88
CA GLY N 134 46.40 78.92 5.76
C GLY N 134 46.27 77.49 5.29
N PRO N 135 46.74 76.55 6.10
CA PRO N 135 46.72 75.13 5.72
C PRO N 135 45.32 74.63 5.38
N ALA N 136 45.29 73.48 4.70
CA ALA N 136 44.04 72.83 4.28
C ALA N 136 43.16 73.80 3.50
N GLY N 137 43.79 74.58 2.62
CA GLY N 137 43.08 75.60 1.88
C GLY N 137 43.08 76.94 2.60
N GLU N 138 43.29 78.02 1.86
CA GLU N 138 43.29 79.35 2.44
C GLU N 138 41.89 79.73 2.90
N GLY N 139 41.80 80.34 4.08
CA GLY N 139 40.52 80.69 4.65
C GLY N 139 39.82 81.81 3.89
N LEU N 140 38.71 81.50 3.23
CA LEU N 140 37.95 82.50 2.51
C LEU N 140 36.71 82.97 3.27
N ASP N 141 36.27 82.22 4.28
CA ASP N 141 35.12 82.58 5.09
C ASP N 141 35.53 82.67 6.55
N PRO N 142 35.31 83.80 7.23
CA PRO N 142 35.64 83.87 8.65
C PRO N 142 34.60 83.22 9.56
N LEU N 143 33.36 83.06 9.10
CA LEU N 143 32.31 82.50 9.96
C LEU N 143 32.26 80.98 9.86
N TYR N 144 31.98 80.46 8.67
CA TYR N 144 32.00 79.02 8.42
C TYR N 144 32.74 78.75 7.12
N PRO N 145 33.89 78.11 7.16
CA PRO N 145 34.75 78.03 5.98
C PRO N 145 34.16 77.25 4.82
N GLY N 146 33.76 76.01 5.06
CA GLY N 146 33.32 75.11 4.01
C GLY N 146 34.42 74.31 3.35
N GLU N 147 35.67 74.51 3.74
CA GLU N 147 36.80 73.77 3.20
C GLU N 147 36.97 72.48 4.00
N SER N 148 38.12 71.82 3.89
CA SER N 148 38.30 70.50 4.46
C SER N 148 38.34 70.53 5.99
N PHE N 149 37.22 70.93 6.59
CA PHE N 149 36.95 70.72 8.01
C PHE N 149 35.72 69.86 8.22
N ASP N 150 35.00 69.52 7.14
CA ASP N 150 33.81 68.68 7.19
C ASP N 150 34.11 67.47 6.33
N PRO N 151 34.87 66.52 6.86
CA PRO N 151 35.29 65.38 6.03
C PRO N 151 34.16 64.38 5.77
N LEU N 152 32.98 64.57 6.37
CA LEU N 152 31.83 63.70 6.13
C LEU N 152 30.95 64.18 4.99
N GLY N 153 30.89 65.49 4.78
CA GLY N 153 30.05 66.07 3.75
C GLY N 153 28.59 66.21 4.15
N LEU N 154 28.32 66.89 5.25
CA LEU N 154 26.96 67.16 5.66
C LEU N 154 26.44 68.50 5.19
N ALA N 155 27.27 69.32 4.54
CA ALA N 155 26.90 70.67 4.16
C ALA N 155 26.45 70.78 2.71
N ASP N 156 25.87 69.70 2.16
CA ASP N 156 25.37 69.75 0.80
C ASP N 156 23.98 70.38 0.74
N ASP N 157 23.05 69.84 1.52
CA ASP N 157 21.66 70.31 1.52
C ASP N 157 21.55 71.59 2.35
N PRO N 158 21.03 72.68 1.78
CA PRO N 158 21.16 73.99 2.46
C PRO N 158 20.28 74.18 3.67
N ASP N 159 19.01 73.76 3.62
CA ASP N 159 18.11 74.07 4.73
C ASP N 159 18.44 73.23 5.97
N THR N 160 18.81 71.96 5.78
CA THR N 160 19.28 71.17 6.91
C THR N 160 20.57 71.73 7.47
N PHE N 161 21.43 72.27 6.61
CA PHE N 161 22.66 72.93 7.08
C PHE N 161 22.34 74.17 7.90
N ALA N 162 21.33 74.94 7.48
CA ALA N 162 20.91 76.10 8.26
C ALA N 162 20.31 75.67 9.60
N GLU N 163 19.53 74.59 9.61
CA GLU N 163 19.04 74.06 10.87
C GLU N 163 20.18 73.62 11.77
N LEU N 164 21.23 73.05 11.18
CA LEU N 164 22.43 72.72 11.95
C LEU N 164 23.07 73.97 12.51
N LYS N 165 23.10 75.06 11.73
CA LYS N 165 23.60 76.33 12.25
C LYS N 165 22.82 76.76 13.49
N VAL N 166 21.49 76.71 13.40
CA VAL N 166 20.66 77.18 14.52
C VAL N 166 20.85 76.27 15.72
N LYS N 167 20.94 74.95 15.50
CA LYS N 167 21.21 74.04 16.60
C LYS N 167 22.56 74.32 17.23
N GLU N 168 23.57 74.61 16.40
CA GLU N 168 24.89 74.93 16.90
C GLU N 168 24.86 76.17 17.79
N ILE N 169 24.16 77.22 17.34
CA ILE N 169 24.10 78.44 18.12
C ILE N 169 23.32 78.22 19.42
N LYS N 170 22.20 77.51 19.37
CA LYS N 170 21.43 77.27 20.58
C LYS N 170 22.21 76.43 21.57
N ASN N 171 22.87 75.37 21.08
CA ASN N 171 23.74 74.57 21.93
C ASN N 171 24.83 75.43 22.55
N GLY N 172 25.40 76.34 21.77
CA GLY N 172 26.45 77.19 22.30
C GLY N 172 25.96 78.13 23.39
N ARG N 173 24.78 78.72 23.20
CA ARG N 173 24.21 79.56 24.24
C ARG N 173 23.96 78.76 25.51
N LEU N 174 23.40 77.56 25.36
CA LEU N 174 23.15 76.73 26.53
C LEU N 174 24.47 76.36 27.21
N ALA N 175 25.50 76.06 26.40
CA ALA N 175 26.79 75.72 26.97
C ALA N 175 27.39 76.87 27.74
N MET N 176 27.27 78.10 27.21
CA MET N 176 27.82 79.26 27.88
C MET N 176 27.10 79.50 29.21
N PHE N 177 25.78 79.43 29.20
CA PHE N 177 25.03 79.62 30.45
C PHE N 177 25.35 78.52 31.45
N SER N 178 25.48 77.29 30.98
CA SER N 178 25.78 76.17 31.88
C SER N 178 27.17 76.27 32.46
N MET N 179 28.15 76.69 31.66
CA MET N 179 29.50 76.89 32.19
C MET N 179 29.54 78.05 33.17
N PHE N 180 28.70 79.07 32.96
CA PHE N 180 28.55 80.08 34.00
C PHE N 180 28.03 79.45 35.28
N GLY N 181 27.06 78.54 35.16
CA GLY N 181 26.60 77.81 36.33
C GLY N 181 27.70 77.00 36.99
N PHE N 182 28.56 76.37 36.18
CA PHE N 182 29.71 75.63 36.70
C PHE N 182 30.64 76.55 37.48
N PHE N 183 30.90 77.74 36.94
CA PHE N 183 31.78 78.69 37.62
C PHE N 183 31.16 79.18 38.93
N VAL N 184 29.86 79.45 38.94
CA VAL N 184 29.22 79.92 40.15
C VAL N 184 29.20 78.82 41.20
N GLN N 185 28.99 77.57 40.77
CA GLN N 185 29.11 76.46 41.71
C GLN N 185 30.54 76.29 42.21
N ALA N 186 31.52 76.62 41.36
CA ALA N 186 32.92 76.60 41.79
C ALA N 186 33.16 77.65 42.86
N ILE N 187 32.52 78.80 42.74
CA ILE N 187 32.70 79.86 43.72
C ILE N 187 31.98 79.52 45.02
N VAL N 188 30.66 79.34 44.96
CA VAL N 188 29.84 79.31 46.17
C VAL N 188 30.13 78.06 46.99
N THR N 189 29.85 76.88 46.44
CA THR N 189 30.03 75.67 47.21
C THR N 189 31.40 75.02 47.01
N GLY N 190 32.05 75.27 45.88
CA GLY N 190 33.41 74.82 45.68
C GLY N 190 33.59 73.32 45.66
N LYS N 191 32.54 72.57 45.39
CA LYS N 191 32.61 71.11 45.31
C LYS N 191 32.37 70.66 43.88
N GLY N 192 32.35 69.35 43.69
CA GLY N 192 32.12 68.78 42.38
C GLY N 192 30.74 69.08 41.85
N PRO N 193 30.68 69.61 40.62
CA PRO N 193 29.37 69.85 40.01
C PRO N 193 28.56 68.57 39.80
N ILE N 194 29.22 67.45 39.47
CA ILE N 194 28.50 66.20 39.38
C ILE N 194 28.31 65.60 40.76
N GLN N 195 29.21 65.90 41.71
CA GLN N 195 28.91 65.66 43.10
C GLN N 195 27.67 66.44 43.54
N ASN N 196 27.56 67.68 43.06
CA ASN N 196 26.34 68.46 43.26
C ASN N 196 25.14 67.75 42.66
N LEU N 197 25.30 67.21 41.44
CA LEU N 197 24.20 66.52 40.78
C LEU N 197 23.74 65.33 41.63
N ASP N 198 24.68 64.50 42.06
CA ASP N 198 24.33 63.34 42.87
C ASP N 198 23.72 63.75 44.20
N ASP N 199 24.23 64.82 44.81
CA ASP N 199 23.73 65.24 46.12
C ASP N 199 22.32 65.83 46.02
N HIS N 200 22.05 66.57 44.94
CA HIS N 200 20.70 67.11 44.77
C HIS N 200 19.72 66.02 44.34
N LEU N 201 20.19 65.02 43.60
CA LEU N 201 19.32 63.89 43.29
C LEU N 201 19.03 63.04 44.52
N SER N 202 20.00 62.96 45.44
CA SER N 202 19.75 62.32 46.72
C SER N 202 18.96 63.22 47.66
N ASN N 203 19.17 64.54 47.58
CA ASN N 203 18.50 65.50 48.44
C ASN N 203 17.81 66.54 47.56
N PRO N 204 16.57 66.32 47.21
CA PRO N 204 15.91 67.20 46.24
C PRO N 204 15.50 68.55 46.81
N THR N 205 15.15 68.61 48.09
CA THR N 205 14.60 69.83 48.67
C THR N 205 15.19 70.22 50.02
N VAL N 206 15.91 69.33 50.69
CA VAL N 206 16.40 69.67 52.02
C VAL N 206 17.69 70.49 51.94
N ASN N 207 18.54 70.22 50.95
CA ASN N 207 19.74 71.02 50.68
C ASN N 207 19.63 71.48 49.23
N ASN N 208 18.90 72.58 49.02
CA ASN N 208 18.60 72.97 47.65
C ASN N 208 19.59 74.01 47.13
N ALA N 209 19.52 75.23 47.66
CA ALA N 209 20.56 76.23 47.43
C ALA N 209 20.84 77.09 48.64
N PHE N 210 19.90 77.24 49.57
CA PHE N 210 19.92 78.30 50.56
C PHE N 210 20.47 77.87 51.91
N ALA N 211 20.85 76.59 52.05
CA ALA N 211 21.82 76.25 53.07
C ALA N 211 23.16 76.89 52.74
N PHE N 212 23.50 76.94 51.45
CA PHE N 212 24.68 77.67 50.97
C PHE N 212 24.34 79.10 50.57
N ALA N 213 23.69 79.82 51.48
CA ALA N 213 23.31 81.21 51.25
C ALA N 213 23.78 82.15 52.34
N THR N 214 24.40 81.65 53.41
CA THR N 214 24.91 82.49 54.49
C THR N 214 26.42 82.33 54.62
N LYS N 215 27.10 82.06 53.52
CA LYS N 215 28.54 81.81 53.53
C LYS N 215 29.34 83.10 53.35
N PHE N 216 29.02 83.88 52.32
CA PHE N 216 29.73 85.13 52.05
C PHE N 216 29.03 86.31 52.74
N THR N 217 28.86 86.18 54.05
CA THR N 217 28.20 87.23 54.82
C THR N 217 29.23 88.23 55.34
N PRO N 218 29.15 89.50 54.96
CA PRO N 218 30.09 90.48 55.50
C PRO N 218 29.76 90.87 56.93
N SER N 219 30.80 91.24 57.66
CA SER N 219 30.64 91.64 59.06
C SER N 219 31.83 92.49 59.50
N ILE O 1 28.28 130.94 33.50
CA ILE O 1 26.85 130.93 33.74
C ILE O 1 26.09 130.82 32.41
N GLU O 2 26.73 130.20 31.41
CA GLU O 2 26.19 130.11 30.05
C GLU O 2 26.34 128.69 29.51
N PHE O 3 25.87 127.70 30.28
CA PHE O 3 26.08 126.30 29.91
C PHE O 3 25.55 125.99 28.51
N TYR O 4 24.42 126.59 28.13
CA TYR O 4 23.86 126.36 26.80
C TYR O 4 24.49 127.37 25.83
N GLY O 5 25.72 127.06 25.43
CA GLY O 5 26.44 127.89 24.50
C GLY O 5 27.93 127.62 24.50
N PRO O 6 28.67 128.31 23.64
CA PRO O 6 30.14 128.14 23.61
C PRO O 6 30.82 128.60 24.89
N ASN O 7 30.16 129.42 25.71
CA ASN O 7 30.75 129.98 26.93
C ASN O 7 30.35 129.20 28.16
N ARG O 8 30.22 127.89 28.04
CA ARG O 8 29.90 127.04 29.19
C ARG O 8 31.08 126.95 30.14
N ALA O 9 30.79 126.59 31.38
CA ALA O 9 31.84 126.38 32.38
C ALA O 9 32.58 125.09 32.02
N LYS O 10 33.70 125.23 31.31
CA LYS O 10 34.39 124.09 30.72
C LYS O 10 35.19 123.32 31.77
N TRP O 11 35.73 122.18 31.34
CA TRP O 11 36.26 121.19 32.28
C TRP O 11 37.50 121.65 33.02
N LEU O 12 38.18 122.70 32.55
CA LEU O 12 39.33 123.25 33.25
C LEU O 12 39.19 124.74 33.47
N GLY O 13 38.04 125.32 33.18
CA GLY O 13 37.82 126.73 33.33
C GLY O 13 38.86 127.49 32.54
N PRO O 14 39.48 128.48 33.17
CA PRO O 14 40.50 129.26 32.47
C PRO O 14 41.73 128.47 32.03
N TYR O 15 41.72 127.15 32.20
CA TYR O 15 42.63 126.28 31.47
C TYR O 15 41.86 125.49 30.40
N SER O 16 40.92 126.17 29.71
CA SER O 16 39.83 125.53 28.97
C SER O 16 40.26 124.86 27.68
N GLU O 17 41.38 125.29 27.08
CA GLU O 17 41.79 124.85 25.74
C GLU O 17 40.63 124.98 24.74
N ASN O 18 40.30 126.24 24.43
CA ASN O 18 39.10 126.52 23.63
C ASN O 18 39.27 126.04 22.20
N ALA O 19 39.49 124.74 22.05
CA ALA O 19 39.47 123.99 20.81
C ALA O 19 38.65 122.71 21.00
N THR O 20 37.46 122.89 21.56
CA THR O 20 36.71 121.78 22.13
C THR O 20 36.30 120.78 21.06
N PRO O 21 36.12 119.51 21.42
CA PRO O 21 35.62 118.54 20.45
C PRO O 21 34.29 119.01 19.87
N ALA O 22 34.18 118.91 18.55
CA ALA O 22 33.07 119.54 17.84
C ALA O 22 31.79 118.71 17.84
N TYR O 23 31.81 117.49 18.38
CA TYR O 23 30.59 116.69 18.40
C TYR O 23 29.70 117.00 19.60
N LEU O 24 30.10 117.93 20.46
CA LEU O 24 29.20 118.48 21.47
C LEU O 24 29.57 119.94 21.67
N THR O 25 28.64 120.85 21.38
CA THR O 25 28.81 122.27 21.66
C THR O 25 27.50 122.77 22.26
N GLY O 26 27.36 122.65 23.58
CA GLY O 26 26.16 123.10 24.26
C GLY O 26 24.93 122.35 23.80
N GLU O 27 23.78 123.00 23.94
CA GLU O 27 22.47 122.54 23.49
C GLU O 27 21.98 121.33 24.24
N PHE O 28 22.75 120.81 25.19
CA PHE O 28 22.32 119.71 26.03
C PHE O 28 22.90 119.93 27.42
N PRO O 29 22.13 119.65 28.47
CA PRO O 29 22.62 119.88 29.81
C PRO O 29 23.78 118.94 30.15
N GLY O 30 24.66 119.44 31.02
CA GLY O 30 25.76 118.64 31.50
C GLY O 30 26.93 118.50 30.56
N ASP O 31 26.88 119.15 29.39
CA ASP O 31 27.98 119.08 28.43
C ASP O 31 29.15 119.91 28.94
N TYR O 32 30.10 119.27 29.63
CA TYR O 32 31.27 119.96 30.15
C TYR O 32 32.52 119.65 29.34
N GLY O 33 32.38 118.96 28.21
CA GLY O 33 33.46 118.83 27.25
C GLY O 33 34.67 118.06 27.71
N TRP O 34 34.55 117.25 28.77
CA TRP O 34 35.69 116.50 29.30
C TRP O 34 35.69 115.10 28.66
N ASP O 35 36.28 115.02 27.48
CA ASP O 35 36.41 113.77 26.73
C ASP O 35 37.89 113.53 26.49
N THR O 36 38.54 112.86 27.44
CA THR O 36 39.95 112.54 27.31
C THR O 36 40.19 111.24 26.57
N ALA O 37 39.30 110.26 26.72
CA ALA O 37 39.37 109.02 25.98
C ALA O 37 38.46 109.00 24.75
N GLY O 38 37.30 109.65 24.83
CA GLY O 38 36.41 109.74 23.68
C GLY O 38 35.71 108.44 23.34
N LEU O 39 34.94 107.90 24.29
CA LEU O 39 34.18 106.68 24.08
C LEU O 39 32.77 106.95 23.59
N SER O 40 32.42 108.20 23.30
CA SER O 40 31.09 108.57 22.86
C SER O 40 31.17 109.43 21.60
N ALA O 41 31.99 109.00 20.63
CA ALA O 41 32.11 109.75 19.39
C ALA O 41 30.87 109.58 18.51
N ASP O 42 30.30 108.38 18.49
CA ASP O 42 29.15 108.13 17.64
C ASP O 42 27.90 108.79 18.22
N PRO O 43 27.05 109.40 17.38
CA PRO O 43 25.95 110.20 17.92
C PRO O 43 24.84 109.38 18.55
N GLU O 44 24.46 108.26 17.95
CA GLU O 44 23.44 107.43 18.58
C GLU O 44 23.95 106.81 19.87
N THR O 45 25.22 106.39 19.88
CA THR O 45 25.82 105.93 21.12
C THR O 45 25.92 107.07 22.13
N PHE O 46 26.18 108.28 21.65
CA PHE O 46 26.14 109.43 22.55
C PHE O 46 24.76 109.59 23.17
N LYS O 47 23.70 109.41 22.36
CA LYS O 47 22.33 109.49 22.89
C LYS O 47 22.08 108.40 23.91
N ARG O 48 22.56 107.20 23.62
CA ARG O 48 22.50 106.12 24.59
C ARG O 48 23.21 106.52 25.87
N TYR O 49 24.34 107.23 25.76
CA TYR O 49 25.07 107.64 26.95
C TYR O 49 24.33 108.70 27.72
N ARG O 50 23.65 109.61 27.03
CA ARG O 50 22.82 110.60 27.72
C ARG O 50 21.69 109.92 28.49
N GLU O 51 20.98 109.00 27.83
CA GLU O 51 19.91 108.27 28.50
C GLU O 51 20.46 107.46 29.67
N LEU O 52 21.56 106.75 29.44
CA LEU O 52 22.16 105.88 30.45
C LEU O 52 22.65 106.69 31.64
N GLU O 53 23.29 107.82 31.39
CA GLU O 53 23.77 108.68 32.46
C GLU O 53 22.61 109.28 33.24
N LEU O 54 21.52 109.64 32.55
CA LEU O 54 20.35 110.11 33.27
C LEU O 54 19.78 109.03 34.19
N ILE O 55 19.67 107.80 33.67
CA ILE O 55 19.14 106.71 34.48
C ILE O 55 20.06 106.45 35.68
N HIS O 56 21.37 106.38 35.44
CA HIS O 56 22.34 106.18 36.51
C HIS O 56 22.26 107.31 37.54
N ALA O 57 22.13 108.55 37.07
CA ALA O 57 22.12 109.69 37.97
C ALA O 57 20.89 109.68 38.86
N ARG O 58 19.72 109.40 38.29
CA ARG O 58 18.51 109.37 39.11
C ARG O 58 18.54 108.21 40.10
N TRP O 59 18.96 107.03 39.64
CA TRP O 59 19.07 105.89 40.55
C TRP O 59 20.07 106.17 41.68
N ALA O 60 21.22 106.75 41.33
CA ALA O 60 22.25 107.03 42.33
C ALA O 60 21.81 108.11 43.31
N MET O 61 21.09 109.13 42.82
CA MET O 61 20.58 110.13 43.74
C MET O 61 19.60 109.52 44.73
N LEU O 62 18.71 108.65 44.23
CA LEU O 62 17.78 107.96 45.12
C LEU O 62 18.51 107.15 46.16
N GLY O 63 19.53 106.39 45.73
CA GLY O 63 20.31 105.61 46.67
C GLY O 63 21.09 106.45 47.67
N ALA O 64 21.57 107.61 47.24
CA ALA O 64 22.34 108.47 48.13
C ALA O 64 21.47 109.05 49.23
N LEU O 65 20.28 109.55 48.86
CA LEU O 65 19.37 109.99 49.90
C LEU O 65 18.96 108.82 50.80
N GLY O 66 18.79 107.63 50.22
CA GLY O 66 18.50 106.47 51.03
C GLY O 66 19.64 106.06 51.95
N CYS O 67 20.86 106.50 51.64
CA CYS O 67 22.00 106.27 52.52
C CYS O 67 22.19 107.36 53.55
N ILE O 68 21.59 108.54 53.34
CA ILE O 68 21.69 109.60 54.35
C ILE O 68 20.55 109.54 55.36
N THR O 69 19.32 109.16 54.94
CA THR O 69 18.16 109.38 55.80
C THR O 69 18.08 108.41 56.98
N PRO O 70 18.03 107.08 56.78
CA PRO O 70 17.61 106.22 57.89
C PRO O 70 18.56 106.26 59.08
N GLU O 71 19.86 106.41 58.85
CA GLU O 71 20.79 106.47 59.96
C GLU O 71 20.54 107.70 60.82
N LEU O 72 20.31 108.85 60.17
CA LEU O 72 20.02 110.07 60.92
C LEU O 72 18.69 109.97 61.66
N LEU O 73 17.68 109.35 61.04
CA LEU O 73 16.39 109.19 61.71
C LEU O 73 16.51 108.28 62.94
N ALA O 74 17.25 107.18 62.84
CA ALA O 74 17.44 106.30 63.99
C ALA O 74 18.41 106.88 65.02
N LYS O 75 19.28 107.81 64.61
CA LYS O 75 20.15 108.49 65.55
C LYS O 75 19.42 109.58 66.31
N SER O 76 18.38 110.18 65.71
CA SER O 76 17.70 111.31 66.32
C SER O 76 16.66 110.87 67.34
N GLY O 77 15.61 110.18 66.89
CA GLY O 77 14.52 109.85 67.79
C GLY O 77 13.81 108.53 67.57
N THR O 78 14.32 107.69 66.67
CA THR O 78 13.70 106.41 66.36
C THR O 78 14.72 105.30 66.51
N GLN O 79 14.26 104.06 66.35
CA GLN O 79 15.15 102.91 66.35
C GLN O 79 14.75 101.96 65.22
N PHE O 80 15.76 101.46 64.51
CA PHE O 80 15.56 100.53 63.41
C PHE O 80 16.16 99.16 63.65
N GLY O 81 17.09 99.01 64.58
CA GLY O 81 17.93 97.84 64.62
C GLY O 81 19.32 98.17 64.11
N GLU O 82 19.61 97.80 62.88
CA GLU O 82 20.83 98.21 62.19
C GLU O 82 20.43 99.22 61.11
N ALA O 83 20.37 100.49 61.50
CA ALA O 83 20.05 101.55 60.54
C ALA O 83 21.17 101.76 59.53
N VAL O 84 22.39 101.34 59.85
CA VAL O 84 23.47 101.40 58.87
C VAL O 84 23.13 100.46 57.72
N TRP O 85 23.41 100.91 56.50
CA TRP O 85 22.92 100.26 55.29
C TRP O 85 23.57 98.91 54.99
N PHE O 86 24.42 98.38 55.87
CA PHE O 86 24.99 97.06 55.62
C PHE O 86 23.97 95.96 55.91
N LYS O 87 23.57 95.83 57.18
CA LYS O 87 22.69 94.77 57.62
C LYS O 87 21.22 95.15 57.52
N ALA O 88 20.92 96.32 56.96
CA ALA O 88 19.54 96.63 56.63
C ALA O 88 19.00 95.65 55.60
N GLY O 89 19.88 95.11 54.75
CA GLY O 89 19.50 94.06 53.85
C GLY O 89 19.32 92.71 54.50
N ALA O 90 19.92 92.51 55.67
CA ALA O 90 19.80 91.27 56.43
C ALA O 90 18.85 91.40 57.61
N GLN O 91 18.10 92.50 57.70
CA GLN O 91 17.14 92.65 58.79
C GLN O 91 15.95 91.71 58.66
N ILE O 92 15.77 91.08 57.49
CA ILE O 92 14.66 90.14 57.34
C ILE O 92 15.02 88.78 57.96
N PHE O 93 16.31 88.47 58.05
CA PHE O 93 16.73 87.15 58.54
C PHE O 93 16.84 87.08 60.05
N SER O 94 17.08 88.20 60.73
CA SER O 94 17.58 88.16 62.10
C SER O 94 16.62 87.51 63.10
N GLU O 95 15.53 88.17 63.42
CA GLU O 95 14.65 87.57 64.43
C GLU O 95 13.18 87.55 64.03
N GLY O 96 12.68 88.62 63.42
CA GLY O 96 11.25 88.73 63.19
C GLY O 96 10.92 89.35 61.84
N GLY O 97 11.79 89.14 60.86
CA GLY O 97 11.61 89.76 59.56
C GLY O 97 11.97 91.22 59.59
N LEU O 98 11.76 91.87 58.45
CA LEU O 98 12.09 93.29 58.29
C LEU O 98 10.88 94.10 58.72
N ASP O 99 10.92 94.61 59.95
CA ASP O 99 9.89 95.52 60.44
C ASP O 99 10.27 96.95 60.03
N TYR O 100 9.38 97.61 59.30
CA TYR O 100 9.66 98.97 58.86
C TYR O 100 9.58 99.94 60.04
N LEU O 101 10.44 100.95 60.02
CA LEU O 101 10.60 101.93 61.09
C LEU O 101 11.03 101.31 62.41
N GLY O 102 11.41 100.04 62.42
CA GLY O 102 11.62 99.35 63.68
C GLY O 102 10.36 99.25 64.51
N ASN O 103 9.25 98.90 63.89
CA ASN O 103 7.96 98.89 64.55
C ASN O 103 7.17 97.64 64.14
N PRO O 104 6.72 96.81 65.10
CA PRO O 104 5.90 95.64 64.75
C PRO O 104 4.44 96.00 64.51
N SER O 105 4.23 97.09 63.77
CA SER O 105 2.91 97.45 63.27
C SER O 105 3.01 97.88 61.81
N LEU O 106 4.13 97.57 61.15
CA LEU O 106 4.40 97.96 59.77
C LEU O 106 4.96 96.74 59.05
N VAL O 107 5.55 96.93 57.87
CA VAL O 107 5.61 95.95 56.79
C VAL O 107 5.79 94.52 57.29
N HIS O 108 6.78 94.27 58.13
CA HIS O 108 6.99 92.96 58.74
C HIS O 108 7.08 91.86 57.68
N ALA O 109 8.09 92.00 56.82
CA ALA O 109 8.28 91.05 55.72
C ALA O 109 9.04 89.83 56.21
N GLN O 110 8.39 88.67 56.19
CA GLN O 110 8.97 87.46 56.74
C GLN O 110 9.84 86.72 55.73
N ASN O 111 9.31 86.48 54.53
CA ASN O 111 10.02 85.69 53.52
C ASN O 111 10.59 86.62 52.46
N ILE O 112 11.90 86.53 52.23
CA ILE O 112 12.57 87.39 51.28
C ILE O 112 12.36 86.95 49.84
N VAL O 113 12.01 85.68 49.61
CA VAL O 113 11.79 85.21 48.24
C VAL O 113 10.46 85.75 47.70
N ALA O 114 9.51 86.08 48.57
CA ALA O 114 8.28 86.73 48.12
C ALA O 114 8.57 88.16 47.66
N THR O 115 9.32 88.91 48.49
CA THR O 115 9.84 90.19 48.04
C THR O 115 10.59 90.04 46.74
N LEU O 116 11.35 88.96 46.61
CA LEU O 116 12.15 88.68 45.42
C LEU O 116 11.27 88.57 44.17
N ALA O 117 10.27 87.69 44.22
CA ALA O 117 9.43 87.45 43.05
C ALA O 117 8.59 88.67 42.70
N VAL O 118 7.95 89.28 43.71
CA VAL O 118 7.12 90.45 43.44
C VAL O 118 7.99 91.60 42.93
N GLN O 119 9.20 91.73 43.46
CA GLN O 119 10.12 92.77 43.00
C GLN O 119 10.50 92.56 41.55
N VAL O 120 10.79 91.31 41.17
CA VAL O 120 11.11 91.05 39.76
C VAL O 120 9.93 91.38 38.87
N ILE O 121 8.72 90.97 39.27
CA ILE O 121 7.54 91.23 38.45
C ILE O 121 7.35 92.74 38.27
N LEU O 122 7.35 93.48 39.38
CA LEU O 122 7.11 94.91 39.32
C LEU O 122 8.22 95.64 38.57
N MET O 123 9.48 95.23 38.78
CA MET O 123 10.60 95.90 38.13
C MET O 123 10.63 95.63 36.64
N GLY O 124 10.33 94.39 36.23
CA GLY O 124 10.19 94.11 34.81
C GLY O 124 9.08 94.94 34.19
N LEU O 125 7.93 95.03 34.86
CA LEU O 125 6.83 95.84 34.35
C LEU O 125 7.23 97.30 34.20
N VAL O 126 7.80 97.89 35.26
CA VAL O 126 8.09 99.32 35.24
C VAL O 126 9.23 99.63 34.27
N GLU O 127 10.23 98.74 34.16
CA GLU O 127 11.33 99.00 33.22
C GLU O 127 10.88 98.82 31.77
N GLY O 128 10.09 97.79 31.47
CA GLY O 128 9.55 97.66 30.14
C GLY O 128 8.68 98.84 29.75
N TYR O 129 7.74 99.21 30.63
CA TYR O 129 6.92 100.38 30.37
C TYR O 129 7.73 101.67 30.41
N ARG O 130 8.93 101.66 31.02
CA ARG O 130 9.81 102.83 30.95
C ARG O 130 10.43 102.95 29.58
N VAL O 131 10.88 101.83 29.01
CA VAL O 131 11.48 101.86 27.69
C VAL O 131 10.45 102.21 26.63
N ASN O 132 9.37 101.43 26.54
CA ASN O 132 8.44 101.54 25.43
C ASN O 132 7.20 102.38 25.75
N GLY O 133 7.11 102.94 26.95
CA GLY O 133 5.92 103.69 27.31
C GLY O 133 4.81 102.78 27.82
N GLY O 134 3.61 103.33 27.88
CA GLY O 134 2.47 102.60 28.37
C GLY O 134 1.50 103.45 29.15
N PRO O 135 1.26 103.08 30.41
CA PRO O 135 0.30 103.80 31.24
C PRO O 135 0.59 105.30 31.34
N ALA O 136 -0.43 106.04 31.77
CA ALA O 136 -0.34 107.49 31.96
C ALA O 136 0.14 108.18 30.68
N GLY O 137 -0.36 107.71 29.54
CA GLY O 137 0.09 108.20 28.25
C GLY O 137 1.23 107.39 27.69
N GLU O 138 1.20 107.11 26.40
CA GLU O 138 2.27 106.34 25.77
C GLU O 138 3.55 107.18 25.71
N GLY O 139 4.68 106.53 26.02
CA GLY O 139 5.96 107.21 26.04
C GLY O 139 6.44 107.67 24.67
N LEU O 140 6.45 108.98 24.46
CA LEU O 140 6.94 109.54 23.20
C LEU O 140 8.37 110.07 23.29
N ASP O 141 8.87 110.31 24.50
CA ASP O 141 10.23 110.81 24.71
C ASP O 141 10.99 109.84 25.60
N PRO O 142 12.14 109.31 25.17
CA PRO O 142 12.93 108.43 26.04
C PRO O 142 13.76 109.17 27.08
N LEU O 143 14.08 110.44 26.86
CA LEU O 143 14.92 111.18 27.80
C LEU O 143 14.10 111.86 28.89
N TYR O 144 13.21 112.77 28.51
CA TYR O 144 12.29 113.42 29.44
C TYR O 144 10.90 113.43 28.83
N PRO O 145 9.94 112.70 29.41
CA PRO O 145 8.65 112.50 28.73
C PRO O 145 7.81 113.76 28.56
N GLY O 146 7.55 114.48 29.65
CA GLY O 146 6.66 115.61 29.62
C GLY O 146 5.20 115.29 29.86
N GLU O 147 4.86 114.01 30.00
CA GLU O 147 3.49 113.56 30.26
C GLU O 147 3.25 113.60 31.77
N SER O 148 2.20 112.92 32.24
CA SER O 148 1.76 113.06 33.63
C SER O 148 2.75 112.41 34.60
N PHE O 149 3.97 112.94 34.65
CA PHE O 149 4.92 112.68 35.72
C PHE O 149 5.30 113.94 36.46
N ASP O 150 4.82 115.11 36.00
CA ASP O 150 5.04 116.39 36.64
C ASP O 150 3.67 116.95 37.01
N PRO O 151 3.10 116.50 38.13
CA PRO O 151 1.75 116.94 38.49
C PRO O 151 1.68 118.36 39.00
N LEU O 152 2.81 119.03 39.20
CA LEU O 152 2.82 120.41 39.66
C LEU O 152 2.91 121.41 38.50
N GLY O 153 3.50 121.02 37.39
CA GLY O 153 3.59 121.92 36.24
C GLY O 153 4.73 122.92 36.33
N LEU O 154 5.95 122.43 36.49
CA LEU O 154 7.14 123.28 36.52
C LEU O 154 7.83 123.39 35.15
N ALA O 155 7.36 122.65 34.15
CA ALA O 155 8.02 122.56 32.85
C ALA O 155 7.39 123.50 31.82
N ASP O 156 6.80 124.61 32.26
CA ASP O 156 6.23 125.57 31.32
C ASP O 156 7.30 126.51 30.76
N ASP O 157 8.03 127.17 31.64
CA ASP O 157 9.06 128.13 31.22
C ASP O 157 10.31 127.39 30.77
N PRO O 158 10.80 127.64 29.55
CA PRO O 158 11.84 126.75 29.00
C PRO O 158 13.22 126.92 29.61
N ASP O 159 13.67 128.15 29.86
CA ASP O 159 15.05 128.33 30.31
C ASP O 159 15.25 127.88 31.75
N THR O 160 14.26 128.14 32.62
CA THR O 160 14.32 127.60 33.97
C THR O 160 14.24 126.07 33.95
N PHE O 161 13.48 125.51 33.02
CA PHE O 161 13.45 124.05 32.86
C PHE O 161 14.80 123.51 32.44
N ALA O 162 15.49 124.21 31.54
CA ALA O 162 16.84 123.79 31.15
C ALA O 162 17.81 123.92 32.31
N GLU O 163 17.68 124.98 33.11
CA GLU O 163 18.50 125.10 34.32
C GLU O 163 18.22 123.93 35.27
N LEU O 164 16.96 123.51 35.36
CA LEU O 164 16.62 122.35 36.16
C LEU O 164 17.27 121.09 35.60
N LYS O 165 17.32 120.96 34.27
CA LYS O 165 18.04 119.85 33.65
C LYS O 165 19.50 119.82 34.08
N VAL O 166 20.16 120.99 34.01
CA VAL O 166 21.58 121.04 34.35
C VAL O 166 21.80 120.76 35.84
N LYS O 167 20.92 121.28 36.71
CA LYS O 167 21.00 120.97 38.13
C LYS O 167 20.80 119.48 38.38
N GLU O 168 19.85 118.87 37.68
CA GLU O 168 19.60 117.44 37.81
C GLU O 168 20.83 116.64 37.43
N ILE O 169 21.48 117.01 36.32
CA ILE O 169 22.66 116.27 35.88
C ILE O 169 23.83 116.46 36.83
N LYS O 170 24.06 117.68 37.30
CA LYS O 170 25.15 117.92 38.24
C LYS O 170 24.90 117.20 39.57
N ASN O 171 23.66 117.25 40.06
CA ASN O 171 23.31 116.51 41.27
C ASN O 171 23.51 115.01 41.08
N GLY O 172 23.18 114.49 39.89
CA GLY O 172 23.39 113.08 39.63
C GLY O 172 24.85 112.68 39.58
N ARG O 173 25.69 113.51 38.95
CA ARG O 173 27.13 113.24 38.97
C ARG O 173 27.66 113.23 40.39
N LEU O 174 27.28 114.24 41.19
CA LEU O 174 27.73 114.29 42.57
C LEU O 174 27.24 113.07 43.34
N ALA O 175 25.99 112.64 43.08
CA ALA O 175 25.44 111.48 43.77
C ALA O 175 26.19 110.22 43.40
N MET O 176 26.56 110.08 42.12
CA MET O 176 27.31 108.90 41.68
C MET O 176 28.70 108.86 42.33
N PHE O 177 29.41 109.98 42.32
CA PHE O 177 30.73 110.02 42.96
C PHE O 177 30.63 109.76 44.46
N SER O 178 29.61 110.35 45.11
CA SER O 178 29.44 110.17 46.54
C SER O 178 29.08 108.73 46.89
N MET O 179 28.24 108.09 46.08
CA MET O 179 27.92 106.68 46.34
C MET O 179 29.14 105.79 46.09
N PHE O 180 30.01 106.19 45.15
CA PHE O 180 31.29 105.51 45.06
C PHE O 180 32.08 105.67 46.34
N GLY O 181 32.04 106.86 46.93
CA GLY O 181 32.67 107.07 48.22
C GLY O 181 32.07 106.18 49.30
N PHE O 182 30.73 106.05 49.30
CA PHE O 182 30.05 105.17 50.24
C PHE O 182 30.53 103.74 50.08
N PHE O 183 30.64 103.27 48.83
CA PHE O 183 31.09 101.90 48.59
C PHE O 183 32.53 101.68 49.02
N VAL O 184 33.40 102.66 48.77
CA VAL O 184 34.78 102.52 49.17
C VAL O 184 34.90 102.54 50.69
N GLN O 185 34.11 103.37 51.37
CA GLN O 185 34.07 103.32 52.82
C GLN O 185 33.50 102.00 53.32
N ALA O 186 32.57 101.40 52.56
CA ALA O 186 32.06 100.08 52.90
C ALA O 186 33.16 99.04 52.82
N ILE O 187 34.05 99.17 51.84
CA ILE O 187 35.15 98.22 51.68
C ILE O 187 36.19 98.43 52.76
N VAL O 188 36.79 99.62 52.79
CA VAL O 188 38.01 99.84 53.56
C VAL O 188 37.74 99.72 55.05
N THR O 189 36.91 100.62 55.58
CA THR O 189 36.68 100.64 57.03
C THR O 189 35.47 99.81 57.44
N GLY O 190 34.50 99.63 56.54
CA GLY O 190 33.39 98.75 56.82
C GLY O 190 32.48 99.20 57.95
N LYS O 191 32.51 100.47 58.31
CA LYS O 191 31.66 101.00 59.36
C LYS O 191 30.64 101.98 58.77
N GLY O 192 29.85 102.57 59.65
CA GLY O 192 28.84 103.52 59.24
C GLY O 192 29.42 104.75 58.60
N PRO O 193 28.94 105.09 57.41
CA PRO O 193 29.39 106.34 56.77
C PRO O 193 29.04 107.58 57.59
N ILE O 194 27.88 107.61 58.23
CA ILE O 194 27.57 108.73 59.12
C ILE O 194 28.25 108.54 60.48
N GLN O 195 28.51 107.30 60.87
CA GLN O 195 29.46 107.08 61.95
C GLN O 195 30.83 107.62 61.56
N ASN O 196 31.21 107.45 60.28
CA ASN O 196 32.42 108.07 59.77
C ASN O 196 32.36 109.58 59.86
N LEU O 197 31.22 110.16 59.51
CA LEU O 197 31.03 111.60 59.60
C LEU O 197 31.23 112.09 61.02
N ASP O 198 30.54 111.45 61.98
CA ASP O 198 30.68 111.84 63.38
C ASP O 198 32.12 111.70 63.85
N ASP O 199 32.76 110.59 63.50
CA ASP O 199 34.10 110.31 64.02
C ASP O 199 35.13 111.26 63.45
N HIS O 200 34.98 111.65 62.18
CA HIS O 200 35.87 112.64 61.60
C HIS O 200 35.57 114.05 62.10
N LEU O 201 34.30 114.36 62.41
CA LEU O 201 34.00 115.65 63.02
C LEU O 201 34.53 115.72 64.45
N SER O 202 34.55 114.59 65.15
CA SER O 202 35.17 114.51 66.47
C SER O 202 36.70 114.42 66.36
N ASN O 203 37.20 113.77 65.31
CA ASN O 203 38.63 113.62 65.10
C ASN O 203 38.95 114.14 63.70
N PRO O 204 39.32 115.41 63.60
CA PRO O 204 39.53 116.01 62.28
C PRO O 204 40.84 115.61 61.58
N THR O 205 41.90 115.35 62.37
CA THR O 205 43.23 115.09 61.82
C THR O 205 43.95 113.90 62.43
N VAL O 206 43.51 113.38 63.57
CA VAL O 206 44.26 112.30 64.19
C VAL O 206 43.92 110.96 63.55
N ASN O 207 42.67 110.76 63.16
CA ASN O 207 42.26 109.57 62.41
C ASN O 207 41.63 110.06 61.11
N ASN O 208 42.47 110.33 60.11
CA ASN O 208 41.98 110.98 58.89
C ASN O 208 41.62 109.97 57.82
N ALA O 209 42.63 109.33 57.23
CA ALA O 209 42.42 108.18 56.37
C ALA O 209 43.49 107.11 56.48
N PHE O 210 44.69 107.46 56.96
CA PHE O 210 45.87 106.63 56.79
C PHE O 210 46.20 105.80 58.00
N ALA O 211 45.44 105.92 59.08
CA ALA O 211 45.37 104.83 60.05
C ALA O 211 44.74 103.60 59.40
N PHE O 212 43.75 103.82 58.55
CA PHE O 212 43.16 102.74 57.74
C PHE O 212 43.84 102.62 56.38
N ALA O 213 45.17 102.53 56.38
CA ALA O 213 45.93 102.40 55.15
C ALA O 213 46.87 101.21 55.15
N THR O 214 46.96 100.47 56.24
CA THR O 214 47.81 99.29 56.34
C THR O 214 46.98 98.03 56.62
N LYS O 215 45.73 98.01 56.14
CA LYS O 215 44.81 96.91 56.38
C LYS O 215 44.91 95.82 55.30
N PHE O 216 44.83 96.21 54.03
CA PHE O 216 44.91 95.25 52.92
C PHE O 216 46.36 95.11 52.44
N THR O 217 47.24 94.76 53.37
CA THR O 217 48.66 94.59 53.06
C THR O 217 48.93 93.14 52.67
N PRO O 218 49.40 92.87 51.46
CA PRO O 218 49.73 91.49 51.08
C PRO O 218 51.03 91.05 51.71
N SER O 219 51.12 89.75 51.95
CA SER O 219 52.31 89.15 52.55
C SER O 219 52.39 87.66 52.24
N ILE P 1 65.96 95.30 10.34
CA ILE P 1 66.72 96.49 10.69
C ILE P 1 66.23 97.69 9.88
N GLU P 2 64.96 97.64 9.48
CA GLU P 2 64.35 98.63 8.59
C GLU P 2 62.98 99.05 9.11
N PHE P 3 62.91 99.44 10.39
CA PHE P 3 61.63 99.73 11.03
C PHE P 3 60.85 100.80 10.27
N TYR P 4 61.54 101.80 9.72
CA TYR P 4 60.87 102.85 8.94
C TYR P 4 60.77 102.38 7.50
N GLY P 5 59.79 101.50 7.27
CA GLY P 5 59.54 101.00 5.94
C GLY P 5 58.69 99.74 5.96
N PRO P 6 58.37 99.22 4.76
CA PRO P 6 57.62 97.97 4.69
C PRO P 6 58.38 96.77 5.24
N ASN P 7 59.70 96.86 5.38
CA ASN P 7 60.54 95.74 5.83
C ASN P 7 60.87 95.83 7.31
N ARG P 8 59.92 96.31 8.11
CA ARG P 8 60.12 96.39 9.55
C ARG P 8 60.08 94.99 10.17
N ALA P 9 60.62 94.89 11.37
CA ALA P 9 60.60 93.65 12.13
C ALA P 9 59.18 93.43 12.63
N LYS P 10 58.40 92.66 11.89
CA LYS P 10 56.98 92.53 12.12
C LYS P 10 56.70 91.63 13.32
N TRP P 11 55.43 91.58 13.72
CA TRP P 11 55.04 91.01 15.01
C TRP P 11 55.28 89.51 15.10
N LEU P 12 55.46 88.81 13.98
CA LEU P 12 55.75 87.39 14.00
C LEU P 12 57.01 87.05 13.23
N GLY P 13 57.75 88.05 12.75
CA GLY P 13 58.90 87.82 11.92
C GLY P 13 58.53 87.01 10.69
N PRO P 14 59.29 85.98 10.41
CA PRO P 14 59.01 85.14 9.24
C PRO P 14 57.67 84.41 9.27
N TYR P 15 56.82 84.66 10.26
CA TYR P 15 55.40 84.33 10.18
C TYR P 15 54.59 85.62 10.04
N SER P 16 55.10 86.54 9.21
CA SER P 16 54.68 87.95 9.22
C SER P 16 53.30 88.20 8.66
N GLU P 17 52.78 87.31 7.81
CA GLU P 17 51.54 87.54 7.06
C GLU P 17 51.56 88.92 6.40
N ASN P 18 52.40 89.02 5.36
CA ASN P 18 52.67 90.31 4.72
C ASN P 18 51.44 90.79 3.97
N ALA P 19 50.35 90.98 4.71
CA ALA P 19 49.12 91.65 4.28
C ALA P 19 48.69 92.61 5.37
N THR P 20 49.64 93.43 5.81
CA THR P 20 49.51 94.18 7.05
C THR P 20 48.36 95.19 6.97
N PRO P 21 47.75 95.53 8.11
CA PRO P 21 46.73 96.58 8.09
C PRO P 21 47.29 97.87 7.51
N ALA P 22 46.52 98.49 6.62
CA ALA P 22 47.03 99.58 5.81
C ALA P 22 47.01 100.93 6.52
N TYR P 23 46.44 101.02 7.73
CA TYR P 23 46.41 102.30 8.41
C TYR P 23 47.68 102.59 9.19
N LEU P 24 48.65 101.68 9.18
CA LEU P 24 50.00 101.98 9.64
C LEU P 24 50.98 101.22 8.77
N THR P 25 51.86 101.94 8.08
CA THR P 25 52.95 101.33 7.31
C THR P 25 54.20 102.17 7.58
N GLY P 26 54.92 101.82 8.64
CA GLY P 26 56.13 102.53 9.01
C GLY P 26 55.87 104.00 9.30
N GLU P 27 56.90 104.81 9.09
CA GLU P 27 56.89 106.26 9.21
C GLU P 27 56.67 106.73 10.64
N PHE P 28 56.52 105.83 11.61
CA PHE P 28 56.41 106.17 13.02
C PHE P 28 57.10 105.09 13.83
N PRO P 29 57.82 105.47 14.87
CA PRO P 29 58.54 104.46 15.67
C PRO P 29 57.58 103.52 16.38
N GLY P 30 58.06 102.29 16.60
CA GLY P 30 57.31 101.31 17.35
C GLY P 30 56.16 100.65 16.61
N ASP P 31 55.98 100.98 15.32
CA ASP P 31 54.91 100.36 14.54
C ASP P 31 55.28 98.92 14.22
N TYR P 32 54.81 97.97 15.04
CA TYR P 32 55.10 96.56 14.81
C TYR P 32 53.89 95.80 14.25
N GLY P 33 52.81 96.50 13.91
CA GLY P 33 51.70 95.95 13.17
C GLY P 33 50.85 94.92 13.88
N TRP P 34 50.98 94.81 15.21
CA TRP P 34 50.27 93.79 15.96
C TRP P 34 48.93 94.35 16.42
N ASP P 35 47.95 94.28 15.54
CA ASP P 35 46.60 94.76 15.79
C ASP P 35 45.65 93.59 15.60
N THR P 36 45.46 92.81 16.66
CA THR P 36 44.54 91.68 16.61
C THR P 36 43.10 92.05 16.92
N ALA P 37 42.89 93.04 17.79
CA ALA P 37 41.55 93.56 18.08
C ALA P 37 41.24 94.82 17.29
N GLY P 38 42.23 95.67 17.07
CA GLY P 38 42.05 96.86 16.27
C GLY P 38 41.23 97.94 16.94
N LEU P 39 41.72 98.43 18.08
CA LEU P 39 41.06 99.49 18.83
C LEU P 39 41.57 100.88 18.47
N SER P 40 42.41 100.99 17.45
CA SER P 40 43.00 102.24 17.03
C SER P 40 42.87 102.41 15.52
N ALA P 41 41.68 102.15 15.00
CA ALA P 41 41.44 102.31 13.56
C ALA P 41 41.34 103.78 13.18
N ASP P 42 40.74 104.59 14.03
CA ASP P 42 40.57 106.00 13.71
C ASP P 42 41.90 106.74 13.83
N PRO P 43 42.21 107.65 12.90
CA PRO P 43 43.55 108.25 12.90
C PRO P 43 43.80 109.20 14.05
N GLU P 44 42.83 110.05 14.41
CA GLU P 44 43.04 110.94 15.54
C GLU P 44 43.11 110.16 16.84
N THR P 45 42.28 109.13 16.98
CA THR P 45 42.41 108.24 18.13
C THR P 45 43.72 107.51 18.10
N PHE P 46 44.21 107.17 16.91
CA PHE P 46 45.55 106.58 16.82
C PHE P 46 46.60 107.56 17.31
N LYS P 47 46.47 108.85 16.97
CA LYS P 47 47.41 109.85 17.47
C LYS P 47 47.33 109.96 18.98
N ARG P 48 46.12 109.93 19.51
CA ARG P 48 45.93 109.90 20.95
C ARG P 48 46.63 108.69 21.56
N TYR P 49 46.59 107.56 20.87
CA TYR P 49 47.23 106.36 21.39
C TYR P 49 48.75 106.47 21.33
N ARG P 50 49.29 107.10 20.28
CA ARG P 50 50.73 107.35 20.24
C ARG P 50 51.16 108.24 21.40
N GLU P 51 50.44 109.35 21.60
CA GLU P 51 50.77 110.25 22.71
C GLU P 51 50.62 109.54 24.05
N LEU P 52 49.51 108.82 24.23
CA LEU P 52 49.22 108.12 25.47
C LEU P 52 50.25 107.04 25.76
N GLU P 53 50.64 106.28 24.73
CA GLU P 53 51.65 105.25 24.89
C GLU P 53 53.00 105.85 25.21
N LEU P 54 53.33 107.00 24.60
CA LEU P 54 54.57 107.68 24.95
C LEU P 54 54.57 108.10 26.41
N ILE P 55 53.47 108.69 26.87
CA ILE P 55 53.39 109.14 28.26
C ILE P 55 53.49 107.94 29.21
N HIS P 56 52.75 106.88 28.90
CA HIS P 56 52.81 105.66 29.72
C HIS P 56 54.21 105.08 29.73
N ALA P 57 54.87 105.06 28.57
CA ALA P 57 56.19 104.46 28.45
C ALA P 57 57.22 105.23 29.27
N ARG P 58 57.21 106.56 29.18
CA ARG P 58 58.17 107.34 29.96
C ARG P 58 57.89 107.23 31.46
N TRP P 59 56.61 107.30 31.86
CA TRP P 59 56.28 107.17 33.27
C TRP P 59 56.66 105.80 33.81
N ALA P 60 56.40 104.74 33.03
CA ALA P 60 56.73 103.39 33.46
C ALA P 60 58.23 103.14 33.50
N MET P 61 58.99 103.71 32.56
CA MET P 61 60.44 103.59 32.64
C MET P 61 60.98 104.27 33.89
N LEU P 62 60.46 105.47 34.20
CA LEU P 62 60.85 106.15 35.42
C LEU P 62 60.55 105.29 36.65
N GLY P 63 59.36 104.70 36.68
CA GLY P 63 59.00 103.84 37.80
C GLY P 63 59.85 102.59 37.90
N ALA P 64 60.23 102.01 36.75
CA ALA P 64 61.01 100.79 36.76
C ALA P 64 62.43 101.03 37.26
N LEU P 65 63.08 102.11 36.82
CA LEU P 65 64.37 102.43 37.43
C LEU P 65 64.21 102.79 38.90
N GLY P 66 63.10 103.45 39.28
CA GLY P 66 62.85 103.71 40.68
C GLY P 66 62.60 102.47 41.51
N CYS P 67 62.22 101.38 40.85
CA CYS P 67 62.07 100.08 41.51
C CYS P 67 63.36 99.27 41.54
N ILE P 68 64.31 99.55 40.65
CA ILE P 68 65.58 98.83 40.70
C ILE P 68 66.59 99.51 41.63
N THR P 69 66.61 100.85 41.70
CA THR P 69 67.76 101.53 42.33
C THR P 69 67.78 101.41 43.85
N PRO P 70 66.78 101.88 44.59
CA PRO P 70 66.97 102.05 46.04
C PRO P 70 67.27 100.77 46.78
N GLU P 71 66.67 99.65 46.37
CA GLU P 71 66.96 98.38 47.04
C GLU P 71 68.42 98.00 46.85
N LEU P 72 68.94 98.16 45.64
CA LEU P 72 70.35 97.85 45.41
C LEU P 72 71.25 98.78 46.21
N LEU P 73 70.91 100.07 46.27
CA LEU P 73 71.75 100.99 47.03
C LEU P 73 71.74 100.66 48.51
N ALA P 74 70.59 100.28 49.07
CA ALA P 74 70.53 99.92 50.48
C ALA P 74 71.10 98.53 50.75
N LYS P 75 71.17 97.68 49.73
CA LYS P 75 71.83 96.38 49.86
C LYS P 75 73.35 96.50 49.76
N SER P 76 73.85 97.50 49.06
CA SER P 76 75.30 97.62 48.85
C SER P 76 76.00 98.28 50.03
N GLY P 77 75.71 99.55 50.27
CA GLY P 77 76.45 100.27 51.30
C GLY P 77 75.71 101.32 52.09
N THR P 78 74.38 101.40 51.93
CA THR P 78 73.56 102.39 52.62
C THR P 78 72.40 101.69 53.30
N GLN P 79 71.67 102.46 54.11
CA GLN P 79 70.48 101.95 54.77
C GLN P 79 69.33 102.95 54.64
N PHE P 80 68.15 102.42 54.33
CA PHE P 80 66.97 103.24 54.12
C PHE P 80 65.87 102.96 55.14
N GLY P 81 65.91 101.82 55.81
CA GLY P 81 64.75 101.34 56.53
C GLY P 81 64.10 100.21 55.75
N GLU P 82 63.02 100.52 55.05
CA GLU P 82 62.40 99.57 54.11
C GLU P 82 62.65 100.09 52.71
N ALA P 83 63.80 99.71 52.15
CA ALA P 83 64.13 100.07 50.77
C ALA P 83 63.24 99.36 49.76
N VAL P 84 62.60 98.26 50.14
CA VAL P 84 61.62 97.63 49.26
C VAL P 84 60.44 98.59 49.08
N TRP P 85 59.96 98.69 47.85
CA TRP P 85 59.02 99.71 47.43
C TRP P 85 57.63 99.56 48.04
N PHE P 86 57.41 98.60 48.95
CA PHE P 86 56.09 98.51 49.58
C PHE P 86 55.90 99.58 50.65
N LYS P 87 56.70 99.52 51.70
CA LYS P 87 56.59 100.42 52.83
C LYS P 87 57.46 101.65 52.71
N ALA P 88 58.07 101.86 51.54
CA ALA P 88 58.69 103.16 51.25
C ALA P 88 57.65 104.27 51.17
N GLY P 89 56.40 103.92 50.83
CA GLY P 89 55.31 104.86 50.90
C GLY P 89 54.81 105.12 52.31
N ALA P 90 55.03 104.19 53.23
CA ALA P 90 54.64 104.36 54.62
C ALA P 90 55.82 104.72 55.52
N GLN P 91 56.96 105.11 54.95
CA GLN P 91 58.12 105.51 55.76
C GLN P 91 57.90 106.85 56.44
N ILE P 92 56.88 107.61 56.03
CA ILE P 92 56.58 108.88 56.69
C ILE P 92 55.79 108.68 57.97
N PHE P 93 55.06 107.57 58.10
CA PHE P 93 54.26 107.31 59.28
C PHE P 93 55.03 106.66 60.42
N SER P 94 56.11 105.93 60.14
CA SER P 94 56.63 105.01 61.14
C SER P 94 57.13 105.68 62.41
N GLU P 95 58.25 106.39 62.35
CA GLU P 95 58.78 106.93 63.60
C GLU P 95 59.17 108.40 63.52
N GLY P 96 59.79 108.83 62.42
CA GLY P 96 60.33 110.17 62.32
C GLY P 96 60.17 110.79 60.94
N GLY P 97 59.11 110.41 60.24
CA GLY P 97 58.91 110.90 58.90
C GLY P 97 59.81 110.18 57.92
N LEU P 98 59.72 110.61 56.66
CA LEU P 98 60.49 110.02 55.58
C LEU P 98 61.80 110.76 55.48
N ASP P 99 62.85 110.17 56.04
CA ASP P 99 64.21 110.67 55.93
C ASP P 99 64.82 110.12 54.64
N TYR P 100 65.21 111.02 53.75
CA TYR P 100 65.80 110.61 52.49
C TYR P 100 67.17 110.01 52.73
N LEU P 101 67.52 108.99 51.94
CA LEU P 101 68.76 108.21 52.05
C LEU P 101 68.89 107.47 53.38
N GLY P 102 67.84 107.45 54.21
CA GLY P 102 68.00 106.94 55.56
C GLY P 102 68.93 107.80 56.39
N ASN P 103 68.80 109.13 56.29
CA ASN P 103 69.69 110.08 56.94
C ASN P 103 68.91 111.24 57.55
N PRO P 104 69.06 111.49 58.87
CA PRO P 104 68.38 112.64 59.48
C PRO P 104 69.12 113.94 59.24
N SER P 105 69.57 114.14 58.01
CA SER P 105 70.11 115.42 57.55
C SER P 105 69.52 115.79 56.19
N LEU P 106 68.46 115.09 55.76
CA LEU P 106 67.85 115.25 54.45
C LEU P 106 66.34 115.33 54.66
N VAL P 107 65.55 115.18 53.59
CA VAL P 107 64.21 115.77 53.45
C VAL P 107 63.39 115.78 54.74
N HIS P 108 63.29 114.63 55.42
CA HIS P 108 62.62 114.54 56.72
C HIS P 108 61.21 115.14 56.64
N ALA P 109 60.37 114.52 55.81
CA ALA P 109 59.00 114.98 55.61
C ALA P 109 58.11 114.41 56.70
N GLN P 110 57.60 115.28 57.56
CA GLN P 110 56.80 114.83 58.69
C GLN P 110 55.34 114.60 58.33
N ASN P 111 54.70 115.57 57.66
CA ASN P 111 53.27 115.51 57.39
C ASN P 111 53.05 115.18 55.92
N ILE P 112 52.28 114.11 55.67
CA ILE P 112 52.07 113.64 54.32
C ILE P 112 51.05 114.48 53.55
N VAL P 113 50.18 115.21 54.26
CA VAL P 113 49.18 116.04 53.57
C VAL P 113 49.83 117.28 52.96
N ALA P 114 50.95 117.74 53.51
CA ALA P 114 51.67 118.85 52.88
C ALA P 114 52.30 118.39 51.56
N THR P 115 52.99 117.24 51.57
CA THR P 115 53.42 116.62 50.33
C THR P 115 52.25 116.46 49.38
N LEU P 116 51.10 116.10 49.93
CA LEU P 116 49.89 115.87 49.14
C LEU P 116 49.48 117.13 48.39
N ALA P 117 49.32 118.25 49.11
CA ALA P 117 48.82 119.48 48.50
C ALA P 117 49.84 120.09 47.55
N VAL P 118 51.13 120.11 47.96
CA VAL P 118 52.16 120.65 47.08
C VAL P 118 52.33 119.78 45.84
N GLN P 119 52.20 118.46 46.00
CA GLN P 119 52.26 117.55 44.87
C GLN P 119 51.11 117.79 43.90
N VAL P 120 49.89 117.99 44.41
CA VAL P 120 48.78 118.27 43.50
C VAL P 120 49.02 119.58 42.77
N ILE P 121 49.47 120.61 43.48
CA ILE P 121 49.71 121.91 42.83
C ILE P 121 50.75 121.77 41.73
N LEU P 122 51.90 121.19 42.05
CA LEU P 122 52.98 121.05 41.08
C LEU P 122 52.57 120.17 39.90
N MET P 123 51.88 119.05 40.18
CA MET P 123 51.52 118.13 39.11
C MET P 123 50.45 118.70 38.19
N GLY P 124 49.47 119.42 38.75
CA GLY P 124 48.54 120.14 37.90
C GLY P 124 49.23 121.17 37.04
N LEU P 125 50.17 121.91 37.63
CA LEU P 125 50.90 122.91 36.84
C LEU P 125 51.68 122.26 35.70
N VAL P 126 52.46 121.21 36.02
CA VAL P 126 53.32 120.59 35.02
C VAL P 126 52.52 119.83 33.97
N GLU P 127 51.40 119.21 34.34
CA GLU P 127 50.59 118.51 33.34
C GLU P 127 49.82 119.49 32.47
N GLY P 128 49.30 120.58 33.04
CA GLY P 128 48.66 121.57 32.20
C GLY P 128 49.64 122.22 31.24
N TYR P 129 50.79 122.62 31.76
CA TYR P 129 51.82 123.17 30.89
C TYR P 129 52.42 122.12 29.96
N ARG P 130 52.23 120.82 30.27
CA ARG P 130 52.63 119.76 29.33
C ARG P 130 51.66 119.67 28.17
N VAL P 131 50.36 119.77 28.44
CA VAL P 131 49.38 119.71 27.37
C VAL P 131 49.49 120.93 26.48
N ASN P 132 49.33 122.12 27.07
CA ASN P 132 49.19 123.33 26.26
C ASN P 132 50.48 124.12 26.11
N GLY P 133 51.59 123.62 26.64
CA GLY P 133 52.81 124.39 26.54
C GLY P 133 52.91 125.42 27.65
N GLY P 134 53.86 126.34 27.47
CA GLY P 134 54.12 127.35 28.46
C GLY P 134 55.59 127.73 28.57
N PRO P 135 56.16 127.55 29.77
CA PRO P 135 57.55 127.95 30.02
C PRO P 135 58.53 127.26 29.07
N ALA P 136 59.74 127.83 29.02
CA ALA P 136 60.82 127.33 28.17
C ALA P 136 60.36 127.20 26.72
N GLY P 137 59.60 128.19 26.26
CA GLY P 137 59.04 128.16 24.92
C GLY P 137 57.67 127.52 24.90
N GLU P 138 56.74 128.09 24.14
CA GLU P 138 55.41 127.54 24.06
C GLU P 138 55.43 126.21 23.32
N GLY P 139 54.67 125.24 23.83
CA GLY P 139 54.65 123.91 23.26
C GLY P 139 53.98 123.86 21.90
N LEU P 140 54.76 123.60 20.86
CA LEU P 140 54.21 123.50 19.51
C LEU P 140 54.04 122.07 19.05
N ASP P 141 54.65 121.12 19.74
CA ASP P 141 54.52 119.71 19.39
C ASP P 141 54.01 118.94 20.61
N PRO P 142 52.90 118.21 20.50
CA PRO P 142 52.46 117.40 21.65
C PRO P 142 53.23 116.10 21.82
N LEU P 143 53.85 115.56 20.76
CA LEU P 143 54.55 114.28 20.85
C LEU P 143 56.00 114.44 21.29
N TYR P 144 56.79 115.15 20.51
CA TYR P 144 58.17 115.48 20.88
C TYR P 144 58.39 116.97 20.58
N PRO P 145 58.57 117.80 21.60
CA PRO P 145 58.63 119.26 21.39
C PRO P 145 59.78 119.74 20.52
N GLY P 146 61.02 119.41 20.89
CA GLY P 146 62.18 119.95 20.20
C GLY P 146 62.71 121.25 20.77
N GLU P 147 62.05 121.79 21.79
CA GLU P 147 62.49 123.02 22.44
C GLU P 147 63.48 122.68 23.56
N SER P 148 63.72 123.62 24.47
CA SER P 148 64.80 123.44 25.43
C SER P 148 64.48 122.38 26.47
N PHE P 149 64.35 121.13 26.02
CA PHE P 149 64.36 119.97 26.88
C PHE P 149 65.52 119.05 26.54
N ASP P 150 66.28 119.36 25.49
CA ASP P 150 67.45 118.60 25.07
C ASP P 150 68.64 119.54 25.13
N PRO P 151 69.21 119.75 26.32
CA PRO P 151 70.30 120.73 26.45
C PRO P 151 71.62 120.25 25.89
N LEU P 152 71.71 118.99 25.46
CA LEU P 152 72.94 118.47 24.87
C LEU P 152 72.94 118.56 23.35
N GLY P 153 71.77 118.55 22.72
CA GLY P 153 71.68 118.67 21.27
C GLY P 153 71.94 117.38 20.52
N LEU P 154 71.18 116.33 20.83
CA LEU P 154 71.33 115.06 20.14
C LEU P 154 70.33 114.90 19.00
N ALA P 155 69.45 115.87 18.79
CA ALA P 155 68.39 115.75 17.80
C ALA P 155 68.74 116.47 16.50
N ASP P 156 70.03 116.56 16.15
CA ASP P 156 70.40 117.18 14.89
C ASP P 156 70.28 116.19 13.74
N ASP P 157 70.93 115.06 13.86
CA ASP P 157 70.93 114.05 12.80
C ASP P 157 69.61 113.29 12.82
N PRO P 158 68.89 113.22 11.69
CA PRO P 158 67.51 112.72 11.75
C PRO P 158 67.40 111.21 11.93
N ASP P 159 68.20 110.42 11.23
CA ASP P 159 68.00 108.96 11.27
C ASP P 159 68.42 108.38 12.62
N THR P 160 69.52 108.88 13.20
CA THR P 160 69.87 108.46 14.56
C THR P 160 68.83 108.91 15.57
N PHE P 161 68.20 110.07 15.34
CA PHE P 161 67.11 110.52 16.20
C PHE P 161 65.89 109.60 16.08
N ALA P 162 65.59 109.13 14.87
CA ALA P 162 64.50 108.17 14.70
C ALA P 162 64.83 106.84 15.36
N GLU P 163 66.09 106.40 15.26
CA GLU P 163 66.51 105.20 15.97
C GLU P 163 66.35 105.40 17.47
N LEU P 164 66.65 106.60 17.97
CA LEU P 164 66.44 106.90 19.38
C LEU P 164 64.95 106.84 19.73
N LYS P 165 64.08 107.32 18.84
CA LYS P 165 62.64 107.18 19.04
C LYS P 165 62.26 105.71 19.21
N VAL P 166 62.76 104.85 18.31
CA VAL P 166 62.39 103.44 18.36
C VAL P 166 62.94 102.77 19.61
N LYS P 167 64.17 103.12 20.00
CA LYS P 167 64.71 102.61 21.26
C LYS P 167 63.86 103.06 22.44
N GLU P 168 63.43 104.31 22.42
CA GLU P 168 62.61 104.84 23.50
C GLU P 168 61.30 104.07 23.62
N ILE P 169 60.65 103.82 22.49
CA ILE P 169 59.38 103.10 22.50
C ILE P 169 59.57 101.67 22.95
N LYS P 170 60.61 100.98 22.46
CA LYS P 170 60.84 99.61 22.87
C LYS P 170 61.17 99.52 24.35
N ASN P 171 62.02 100.44 24.84
CA ASN P 171 62.34 100.49 26.26
C ASN P 171 61.10 100.75 27.09
N GLY P 172 60.20 101.61 26.60
CA GLY P 172 58.97 101.87 27.33
C GLY P 172 58.04 100.66 27.38
N ARG P 173 57.92 99.93 26.27
CA ARG P 173 57.12 98.71 26.27
C ARG P 173 57.68 97.70 27.26
N LEU P 174 59.01 97.51 27.24
CA LEU P 174 59.63 96.59 28.18
C LEU P 174 59.41 97.05 29.61
N ALA P 175 59.52 98.36 29.85
CA ALA P 175 59.31 98.90 31.19
C ALA P 175 57.89 98.66 31.66
N MET P 176 56.91 98.84 30.77
CA MET P 176 55.52 98.62 31.15
C MET P 176 55.28 97.15 31.50
N PHE P 177 55.77 96.24 30.66
CA PHE P 177 55.60 94.81 30.94
C PHE P 177 56.31 94.42 32.22
N SER P 178 57.53 94.94 32.42
CA SER P 178 58.28 94.60 33.63
C SER P 178 57.60 95.15 34.87
N MET P 179 57.03 96.36 34.79
CA MET P 179 56.32 96.90 35.94
C MET P 179 55.05 96.12 36.20
N PHE P 180 54.42 95.58 35.16
CA PHE P 180 53.34 94.64 35.39
C PHE P 180 53.84 93.41 36.14
N GLY P 181 55.03 92.92 35.78
CA GLY P 181 55.63 91.84 36.54
C GLY P 181 55.87 92.21 38.01
N PHE P 182 56.35 93.44 38.24
CA PHE P 182 56.56 93.91 39.62
C PHE P 182 55.26 93.90 40.39
N PHE P 183 54.17 94.39 39.77
CA PHE P 183 52.88 94.44 40.44
C PHE P 183 52.35 93.04 40.74
N VAL P 184 52.53 92.11 39.81
CA VAL P 184 52.07 90.74 40.03
C VAL P 184 52.89 90.07 41.13
N GLN P 185 54.20 90.35 41.18
CA GLN P 185 55.01 89.85 42.29
C GLN P 185 54.61 90.50 43.61
N ALA P 186 54.17 91.76 43.57
CA ALA P 186 53.64 92.43 44.75
C ALA P 186 52.37 91.73 45.25
N ILE P 187 51.53 91.28 44.31
CA ILE P 187 50.30 90.60 44.69
C ILE P 187 50.60 89.20 45.23
N VAL P 188 51.22 88.36 44.40
CA VAL P 188 51.27 86.93 44.69
C VAL P 188 52.17 86.64 45.89
N THR P 189 53.45 86.96 45.78
CA THR P 189 54.38 86.64 46.85
C THR P 189 54.57 87.80 47.84
N GLY P 190 54.34 89.03 47.40
CA GLY P 190 54.35 90.15 48.31
C GLY P 190 55.68 90.44 48.98
N LYS P 191 56.78 89.97 48.39
CA LYS P 191 58.11 90.21 48.92
C LYS P 191 58.89 91.11 47.97
N GLY P 192 60.15 91.36 48.31
CA GLY P 192 61.01 92.18 47.49
C GLY P 192 61.28 91.59 46.12
N PRO P 193 61.04 92.37 45.06
CA PRO P 193 61.38 91.88 43.72
C PRO P 193 62.85 91.58 43.56
N ILE P 194 63.73 92.38 44.17
CA ILE P 194 65.14 92.06 44.10
C ILE P 194 65.49 91.00 45.12
N GLN P 195 64.71 90.90 46.20
CA GLN P 195 64.78 89.71 47.04
C GLN P 195 64.37 88.48 46.24
N ASN P 196 63.35 88.62 45.39
CA ASN P 196 63.00 87.56 44.45
C ASN P 196 64.16 87.22 43.52
N LEU P 197 64.82 88.25 43.00
CA LEU P 197 65.97 88.05 42.12
C LEU P 197 67.05 87.23 42.83
N ASP P 198 67.43 87.64 44.04
CA ASP P 198 68.45 86.92 44.80
C ASP P 198 68.01 85.51 45.13
N ASP P 199 66.74 85.32 45.48
CA ASP P 199 66.27 83.99 45.87
C ASP P 199 66.21 83.04 44.68
N HIS P 200 65.82 83.55 43.51
CA HIS P 200 65.79 82.71 42.32
C HIS P 200 67.19 82.43 41.79
N LEU P 201 68.12 83.38 41.98
CA LEU P 201 69.50 83.12 41.61
C LEU P 201 70.15 82.12 42.56
N SER P 202 69.74 82.13 43.82
CA SER P 202 70.16 81.09 44.76
C SER P 202 69.39 79.79 44.56
N ASN P 203 68.12 79.87 44.16
CA ASN P 203 67.27 78.70 43.93
C ASN P 203 66.71 78.78 42.53
N PRO P 204 67.40 78.19 41.54
CA PRO P 204 66.97 78.34 40.15
C PRO P 204 65.74 77.53 39.79
N THR P 205 65.56 76.36 40.40
CA THR P 205 64.49 75.45 39.98
C THR P 205 63.68 74.86 41.13
N VAL P 206 64.14 74.95 42.37
CA VAL P 206 63.41 74.32 43.46
C VAL P 206 62.26 75.19 43.94
N ASN P 207 62.42 76.52 43.93
CA ASN P 207 61.34 77.45 44.22
C ASN P 207 61.23 78.38 43.01
N ASN P 208 60.48 77.93 42.00
CA ASN P 208 60.46 78.66 40.73
C ASN P 208 59.29 79.63 40.67
N ALA P 209 58.08 79.11 40.53
CA ALA P 209 56.86 79.91 40.68
C ALA P 209 55.73 79.17 41.36
N PHE P 210 55.74 77.85 41.35
CA PHE P 210 54.55 77.06 41.62
C PHE P 210 54.50 76.50 43.02
N ALA P 211 55.53 76.74 43.82
CA ALA P 211 55.33 76.71 45.27
C ALA P 211 54.37 77.81 45.68
N PHE P 212 54.46 78.96 45.01
CA PHE P 212 53.52 80.07 45.18
C PHE P 212 52.37 79.98 44.18
N ALA P 213 51.73 78.81 44.11
CA ALA P 213 50.61 78.60 43.20
C ALA P 213 49.38 78.05 43.88
N THR P 214 49.44 77.75 45.17
CA THR P 214 48.30 77.26 45.92
C THR P 214 47.93 78.21 47.05
N LYS P 215 48.17 79.51 46.85
CA LYS P 215 47.92 80.52 47.88
C LYS P 215 46.51 81.09 47.79
N PHE P 216 46.09 81.52 46.60
CA PHE P 216 44.76 82.10 46.43
C PHE P 216 43.74 81.03 46.00
N THR P 217 43.67 79.98 46.82
CA THR P 217 42.76 78.87 46.52
C THR P 217 41.41 79.11 47.16
N PRO P 218 40.33 79.22 46.39
CA PRO P 218 39.01 79.39 46.98
C PRO P 218 38.49 78.09 47.60
N SER P 219 37.67 78.25 48.64
CA SER P 219 37.09 77.10 49.32
C SER P 219 35.82 77.52 50.06
N LYS Q 1 -10.84 41.74 -4.03
CA LYS Q 1 -10.87 43.15 -3.67
C LYS Q 1 -11.27 44.00 -4.86
N LYS Q 2 -12.36 44.73 -4.75
CA LYS Q 2 -12.80 45.58 -5.84
C LYS Q 2 -12.84 47.02 -5.38
N TPO Q 3 -12.40 47.92 -6.25
CA TPO Q 3 -12.42 49.33 -5.91
CB TPO Q 3 -11.78 50.15 -7.02
CG2 TPO Q 3 -12.40 51.54 -7.12
OG1 TPO Q 3 -10.40 50.33 -6.69
P TPO Q 3 -9.53 50.13 -8.02
O1P TPO Q 3 -10.39 49.39 -9.02
O2P TPO Q 3 -9.15 51.49 -8.53
O3P TPO Q 3 -8.32 49.31 -7.65
C TPO Q 3 -13.85 49.71 -5.67
O TPO Q 3 -14.69 49.63 -6.59
N ALA Q 4 -14.13 50.06 -4.42
CA ALA Q 4 -15.44 50.60 -4.06
C ALA Q 4 -15.73 51.75 -5.00
N ALA Q 5 -16.76 51.61 -5.83
CA ALA Q 5 -17.03 52.59 -6.88
C ALA Q 5 -17.60 53.84 -6.25
N LYS Q 6 -16.77 54.89 -6.12
CA LYS Q 6 -17.26 56.08 -5.45
C LYS Q 6 -18.12 56.95 -6.35
N ALA Q 7 -17.46 57.72 -7.23
CA ALA Q 7 -18.02 58.51 -8.32
C ALA Q 7 -18.97 59.62 -7.88
N ALA Q 8 -19.53 59.49 -6.68
CA ALA Q 8 -20.60 60.36 -6.19
C ALA Q 8 -20.17 60.93 -4.85
N ALA Q 9 -21.08 61.65 -4.20
CA ALA Q 9 -20.94 62.17 -2.84
C ALA Q 9 -21.43 61.28 -1.68
N PRO Q 10 -22.41 60.38 -1.89
CA PRO Q 10 -23.16 59.83 -0.74
C PRO Q 10 -22.33 59.29 0.43
N LYS Q 11 -21.57 58.19 0.24
CA LYS Q 11 -21.04 57.28 1.28
C LYS Q 11 -21.99 56.29 1.98
N SER Q 12 -22.55 55.33 1.23
CA SER Q 12 -23.50 54.36 1.80
C SER Q 12 -22.83 53.31 2.71
N SER Q 13 -21.72 52.76 2.23
CA SER Q 13 -20.82 51.73 2.75
C SER Q 13 -21.43 50.34 2.83
N GLY Q 14 -22.42 50.20 3.68
CA GLY Q 14 -23.19 49.01 3.92
C GLY Q 14 -24.55 49.62 3.83
N VAL Q 15 -25.02 50.04 4.99
CA VAL Q 15 -25.97 51.13 5.13
C VAL Q 15 -25.55 52.05 6.28
N GLU Q 16 -24.84 53.18 5.98
CA GLU Q 16 -24.50 54.08 7.11
C GLU Q 16 -24.80 55.56 6.92
N PHE Q 17 -24.52 56.15 5.76
CA PHE Q 17 -24.63 57.61 5.58
C PHE Q 17 -25.48 57.93 4.34
N TYR Q 18 -26.79 58.04 4.55
CA TYR Q 18 -27.74 58.51 3.55
C TYR Q 18 -29.01 58.92 4.31
N GLY Q 19 -30.12 59.03 3.58
CA GLY Q 19 -31.41 59.15 4.20
C GLY Q 19 -31.72 57.95 5.08
N PRO Q 20 -31.70 56.74 4.49
CA PRO Q 20 -31.81 55.51 5.30
C PRO Q 20 -30.50 55.18 6.02
N ASN Q 21 -30.34 55.72 7.22
CA ASN Q 21 -29.22 55.40 8.09
C ASN Q 21 -29.62 54.23 9.00
N ARG Q 22 -28.88 54.03 10.08
CA ARG Q 22 -29.37 53.25 11.21
C ARG Q 22 -29.50 54.22 12.38
N ALA Q 23 -30.75 54.54 12.72
CA ALA Q 23 -31.16 55.50 13.75
C ALA Q 23 -31.02 54.88 15.13
N LYS Q 24 -31.78 55.36 16.12
CA LYS Q 24 -31.56 54.95 17.50
C LYS Q 24 -32.66 54.08 18.13
N TRP Q 25 -33.83 53.90 17.51
CA TRP Q 25 -34.99 53.42 18.25
C TRP Q 25 -35.71 52.19 17.69
N LEU Q 26 -35.39 51.75 16.48
CA LEU Q 26 -35.91 50.57 15.76
C LEU Q 26 -37.32 50.71 15.22
N GLY Q 27 -38.16 51.60 15.78
CA GLY Q 27 -39.31 52.07 15.07
C GLY Q 27 -39.70 53.49 15.39
N PRO Q 28 -39.29 53.99 16.57
CA PRO Q 28 -39.57 55.37 16.97
C PRO Q 28 -38.43 56.33 16.65
N TYR Q 29 -37.95 56.29 15.41
CA TYR Q 29 -36.85 57.15 15.00
C TYR Q 29 -37.33 58.61 14.93
N SER Q 30 -36.36 59.51 14.78
CA SER Q 30 -36.63 60.95 14.78
C SER Q 30 -37.71 61.34 13.78
N GLU Q 31 -38.69 62.11 14.26
CA GLU Q 31 -39.88 62.43 13.47
C GLU Q 31 -39.55 63.28 12.25
N ASN Q 32 -40.39 63.13 11.22
CA ASN Q 32 -40.35 63.97 10.01
C ASN Q 32 -39.02 63.83 9.25
N SER Q 33 -38.57 62.59 9.09
CA SER Q 33 -37.32 62.28 8.38
C SER Q 33 -36.09 62.83 9.12
N THR Q 34 -36.05 62.77 10.50
CA THR Q 34 -34.92 63.33 11.27
C THR Q 34 -34.77 64.86 11.17
N PRO Q 35 -34.78 65.58 12.32
CA PRO Q 35 -34.67 67.05 12.29
C PRO Q 35 -33.78 67.62 11.18
N ALA Q 36 -34.28 68.69 10.55
CA ALA Q 36 -33.85 69.16 9.24
C ALA Q 36 -32.41 69.67 9.21
N TYR Q 37 -31.79 69.88 10.36
CA TYR Q 37 -30.43 70.40 10.40
C TYR Q 37 -29.38 69.35 10.05
N LEU Q 38 -29.67 68.07 10.26
CA LEU Q 38 -28.66 67.01 10.15
C LEU Q 38 -29.20 65.84 9.33
N THR Q 39 -28.70 65.66 8.11
CA THR Q 39 -29.07 64.51 7.27
C THR Q 39 -27.79 63.85 6.72
N GLY Q 40 -27.13 63.06 7.56
CA GLY Q 40 -25.93 62.35 7.13
C GLY Q 40 -24.74 63.27 6.88
N GLU Q 41 -23.96 62.94 5.85
CA GLU Q 41 -22.85 63.71 5.30
C GLU Q 41 -21.61 63.71 6.21
N PHE Q 42 -21.67 63.10 7.39
CA PHE Q 42 -20.62 63.22 8.38
C PHE Q 42 -20.63 61.98 9.29
N PRO Q 43 -19.49 61.60 9.88
CA PRO Q 43 -19.51 60.48 10.85
C PRO Q 43 -20.10 60.87 12.20
N GLY Q 44 -20.94 59.99 12.74
CA GLY Q 44 -21.39 60.11 14.12
C GLY Q 44 -22.78 60.69 14.30
N ASP Q 45 -23.43 61.12 13.23
CA ASP Q 45 -24.79 61.64 13.32
C ASP Q 45 -25.76 60.47 13.38
N TYR Q 46 -26.43 60.32 14.53
CA TYR Q 46 -27.50 59.33 14.70
C TYR Q 46 -28.87 59.95 14.95
N GLY Q 47 -28.96 61.14 15.53
CA GLY Q 47 -30.24 61.80 15.73
C GLY Q 47 -30.76 62.04 17.14
N TRP Q 48 -29.90 62.38 18.11
CA TRP Q 48 -30.35 62.68 19.46
C TRP Q 48 -30.65 64.16 19.68
N ASP Q 49 -31.09 64.88 18.65
CA ASP Q 49 -31.43 66.28 18.85
C ASP Q 49 -32.76 66.40 19.60
N THR Q 50 -32.74 66.07 20.88
CA THR Q 50 -33.91 66.10 21.74
C THR Q 50 -33.93 67.33 22.64
N ALA Q 51 -32.79 67.66 23.25
CA ALA Q 51 -32.61 68.93 23.91
C ALA Q 51 -32.33 70.06 22.92
N GLY Q 52 -31.75 69.73 21.76
CA GLY Q 52 -31.50 70.69 20.70
C GLY Q 52 -30.49 71.77 21.04
N LEU Q 53 -29.38 71.39 21.65
CA LEU Q 53 -28.42 72.36 22.18
C LEU Q 53 -27.49 72.92 21.12
N SER Q 54 -27.69 72.64 19.84
CA SER Q 54 -26.66 72.99 18.87
C SER Q 54 -27.19 73.57 17.55
N ALA Q 55 -28.44 74.05 17.50
CA ALA Q 55 -29.14 74.26 16.23
C ALA Q 55 -28.42 75.16 15.21
N ASP Q 56 -27.37 75.94 15.61
CA ASP Q 56 -26.64 76.79 14.66
C ASP Q 56 -25.54 75.98 13.96
N PRO Q 57 -25.29 76.24 12.66
CA PRO Q 57 -24.28 75.44 11.94
C PRO Q 57 -22.87 75.54 12.52
N GLU Q 58 -22.51 76.71 13.06
CA GLU Q 58 -21.22 76.84 13.72
C GLU Q 58 -21.16 76.01 15.00
N THR Q 59 -22.26 75.95 15.76
CA THR Q 59 -22.23 75.11 16.95
C THR Q 59 -22.21 73.63 16.58
N PHE Q 60 -22.92 73.23 15.51
CA PHE Q 60 -22.78 71.87 15.00
C PHE Q 60 -21.32 71.55 14.70
N LYS Q 61 -20.56 72.53 14.20
CA LYS Q 61 -19.14 72.28 13.98
C LYS Q 61 -18.34 72.30 15.29
N ARG Q 62 -18.59 73.26 16.17
CA ARG Q 62 -17.70 73.41 17.32
C ARG Q 62 -17.89 72.29 18.33
N TYR Q 63 -19.11 71.79 18.48
CA TYR Q 63 -19.31 70.64 19.35
C TYR Q 63 -18.58 69.40 18.81
N ARG Q 64 -18.54 69.21 17.49
CA ARG Q 64 -17.78 68.07 16.95
C ARG Q 64 -16.27 68.26 17.10
N GLU Q 65 -15.82 69.53 17.02
CA GLU Q 65 -14.43 69.83 17.34
C GLU Q 65 -14.11 69.46 18.78
N LEU Q 66 -15.11 69.56 19.67
CA LEU Q 66 -14.96 68.92 20.98
C LEU Q 66 -14.96 67.39 20.86
N GLU Q 67 -15.97 66.84 20.16
CA GLU Q 67 -16.29 65.40 20.21
C GLU Q 67 -15.08 64.54 19.89
N LEU Q 68 -14.42 64.82 18.77
CA LEU Q 68 -13.37 63.91 18.33
C LEU Q 68 -12.17 63.96 19.27
N ILE Q 69 -11.84 65.16 19.75
CA ILE Q 69 -10.78 65.31 20.74
C ILE Q 69 -11.14 64.56 22.03
N HIS Q 70 -12.35 64.79 22.54
CA HIS Q 70 -12.80 64.15 23.78
C HIS Q 70 -12.73 62.64 23.67
N ALA Q 71 -13.24 62.10 22.56
CA ALA Q 71 -13.25 60.66 22.36
C ALA Q 71 -11.84 60.10 22.29
N ARG Q 72 -10.95 60.78 21.57
CA ARG Q 72 -9.59 60.29 21.46
C ARG Q 72 -8.87 60.31 22.81
N TRP Q 73 -9.16 61.29 23.65
CA TRP Q 73 -8.62 61.29 25.00
C TRP Q 73 -9.16 60.10 25.80
N ALA Q 74 -10.46 59.81 25.64
CA ALA Q 74 -11.06 58.72 26.41
C ALA Q 74 -10.55 57.34 25.97
N MET Q 75 -10.15 57.18 24.70
CA MET Q 75 -9.63 55.88 24.27
C MET Q 75 -8.37 55.50 25.04
N LEU Q 76 -7.39 56.40 25.04
CA LEU Q 76 -6.18 56.17 25.81
C LEU Q 76 -6.45 56.18 27.30
N GLY Q 77 -7.43 56.99 27.75
CA GLY Q 77 -7.81 56.92 29.15
C GLY Q 77 -8.29 55.55 29.56
N ALA Q 78 -9.09 54.91 28.70
CA ALA Q 78 -9.58 53.57 29.00
C ALA Q 78 -8.45 52.56 29.05
N LEU Q 79 -7.63 52.50 28.00
CA LEU Q 79 -6.55 51.51 28.01
C LEU Q 79 -5.54 51.78 29.11
N GLY Q 80 -5.30 53.05 29.42
CA GLY Q 80 -4.42 53.49 30.47
C GLY Q 80 -5.04 53.47 31.84
N CYS Q 81 -6.29 53.03 31.95
CA CYS Q 81 -6.80 52.54 33.23
C CYS Q 81 -6.98 51.02 33.25
N LEU Q 82 -6.77 50.35 32.12
CA LEU Q 82 -6.88 48.88 32.11
C LEU Q 82 -5.56 48.15 32.36
N THR Q 83 -4.45 48.59 31.75
CA THR Q 83 -3.32 47.68 31.53
C THR Q 83 -2.64 47.11 32.79
N PRO Q 84 -2.20 47.92 33.76
CA PRO Q 84 -1.38 47.33 34.84
C PRO Q 84 -2.18 46.59 35.89
N GLU Q 85 -3.51 46.76 35.95
CA GLU Q 85 -4.28 45.89 36.82
C GLU Q 85 -4.31 44.46 36.28
N LEU Q 86 -4.19 44.29 34.96
CA LEU Q 86 -3.90 42.96 34.42
C LEU Q 86 -2.48 42.54 34.73
N LEU Q 87 -1.51 43.42 34.45
CA LEU Q 87 -0.11 43.01 34.54
C LEU Q 87 0.31 42.68 35.97
N ALA Q 88 -0.22 43.40 36.96
CA ALA Q 88 0.09 43.11 38.36
C ALA Q 88 -0.58 41.83 38.83
N LYS Q 89 -1.75 41.50 38.27
CA LYS Q 89 -2.37 40.23 38.57
C LYS Q 89 -1.65 39.07 37.90
N ASN Q 90 -0.90 39.33 36.82
CA ASN Q 90 -0.10 38.25 36.23
C ASN Q 90 1.22 38.05 36.97
N GLY Q 91 2.17 38.97 36.78
CA GLY Q 91 3.52 38.77 37.30
C GLY Q 91 4.38 39.97 37.65
N THR Q 92 3.85 41.19 37.64
CA THR Q 92 4.68 42.39 37.67
C THR Q 92 4.38 43.25 38.88
N LYS Q 93 5.42 43.58 39.64
CA LYS Q 93 5.30 44.50 40.76
C LYS Q 93 5.20 45.95 40.26
N PHE Q 94 4.38 46.75 40.95
CA PHE Q 94 4.20 48.15 40.59
C PHE Q 94 4.19 49.12 41.76
N GLY Q 95 4.13 48.67 43.00
CA GLY Q 95 3.60 49.51 44.04
C GLY Q 95 2.11 49.25 44.15
N GLU Q 96 1.28 50.15 43.61
CA GLU Q 96 -0.17 49.98 43.60
C GLU Q 96 -0.68 50.20 42.18
N ALA Q 97 -1.17 49.14 41.54
CA ALA Q 97 -1.69 49.25 40.18
C ALA Q 97 -3.07 49.89 40.12
N VAL Q 98 -3.73 50.06 41.26
CA VAL Q 98 -5.06 50.68 41.29
C VAL Q 98 -4.94 52.17 40.98
N TRP Q 99 -5.87 52.66 40.16
CA TRP Q 99 -5.73 53.95 39.49
C TRP Q 99 -6.19 55.14 40.33
N PHE Q 100 -6.41 54.94 41.63
CA PHE Q 100 -6.52 56.07 42.55
C PHE Q 100 -5.14 56.58 42.95
N LYS Q 101 -4.34 55.72 43.54
CA LYS Q 101 -3.05 56.11 44.09
C LYS Q 101 -1.90 55.82 43.13
N ALA Q 102 -2.21 55.54 41.86
CA ALA Q 102 -1.18 55.49 40.83
C ALA Q 102 -0.41 56.80 40.76
N GLY Q 103 -1.11 57.92 40.98
CA GLY Q 103 -0.45 59.21 41.08
C GLY Q 103 0.19 59.50 42.42
N ALA Q 104 -0.14 58.74 43.46
CA ALA Q 104 0.41 59.00 44.78
C ALA Q 104 1.75 58.29 45.02
N GLN Q 105 2.17 57.45 44.08
CA GLN Q 105 3.36 56.63 44.25
C GLN Q 105 4.64 57.46 44.38
N ILE Q 106 4.61 58.72 43.94
CA ILE Q 106 5.79 59.58 44.12
C ILE Q 106 6.10 59.73 45.60
N PHE Q 107 5.06 59.82 46.44
CA PHE Q 107 5.27 60.03 47.87
C PHE Q 107 5.75 58.79 48.60
N SER Q 108 5.60 57.60 48.01
CA SER Q 108 5.71 56.35 48.73
C SER Q 108 7.09 56.03 49.31
N GLU Q 109 8.07 55.73 48.45
CA GLU Q 109 9.40 55.39 48.94
C GLU Q 109 10.52 56.22 48.34
N GLY Q 110 10.58 56.30 47.00
CA GLY Q 110 11.66 57.02 46.34
C GLY Q 110 11.27 57.71 45.05
N GLY Q 111 9.97 57.94 44.88
CA GLY Q 111 9.43 58.35 43.61
C GLY Q 111 8.72 57.20 42.91
N LEU Q 112 8.60 57.35 41.59
CA LEU Q 112 7.88 56.38 40.77
C LEU Q 112 8.83 55.25 40.35
N ASP Q 113 8.56 54.06 40.87
CA ASP Q 113 9.24 52.85 40.41
C ASP Q 113 8.48 52.29 39.20
N TYR Q 114 9.15 52.23 38.06
CA TYR Q 114 8.49 51.88 36.81
C TYR Q 114 8.60 50.39 36.55
N LEU Q 115 7.45 49.73 36.40
CA LEU Q 115 7.34 48.30 36.17
C LEU Q 115 8.00 47.48 37.28
N GLY Q 116 8.17 48.06 38.46
CA GLY Q 116 8.85 47.38 39.54
C GLY Q 116 10.35 47.25 39.34
N ASN Q 117 10.93 48.07 38.47
CA ASN Q 117 12.33 47.93 38.06
C ASN Q 117 13.13 49.13 38.53
N PRO Q 118 14.12 48.96 39.41
CA PRO Q 118 14.92 50.10 39.90
C PRO Q 118 16.09 50.46 39.00
N SER Q 119 15.83 50.60 37.69
CA SER Q 119 16.86 50.98 36.73
C SER Q 119 16.32 51.92 35.65
N LEU Q 120 15.38 52.78 36.00
CA LEU Q 120 14.53 53.49 35.02
C LEU Q 120 14.39 54.95 35.45
N VAL Q 121 13.32 55.61 34.96
CA VAL Q 121 13.21 57.07 34.99
C VAL Q 121 13.33 57.62 36.41
N HIS Q 122 12.55 57.09 37.35
CA HIS Q 122 12.60 57.45 38.77
C HIS Q 122 12.34 58.94 39.02
N ALA Q 123 11.16 59.39 38.61
CA ALA Q 123 10.75 60.78 38.80
C ALA Q 123 10.49 61.03 40.28
N GLN Q 124 11.33 61.86 40.89
CA GLN Q 124 11.16 62.25 42.29
C GLN Q 124 10.41 63.57 42.45
N ASN Q 125 10.44 64.46 41.44
CA ASN Q 125 9.75 65.75 41.50
C ASN Q 125 8.35 65.68 40.95
N ILE Q 126 7.42 66.23 41.71
CA ILE Q 126 6.13 66.56 41.11
C ILE Q 126 6.21 67.86 40.32
N VAL Q 127 7.04 68.81 40.76
CA VAL Q 127 7.07 70.15 40.17
C VAL Q 127 7.60 70.10 38.74
N ALA Q 128 8.65 69.32 38.49
CA ALA Q 128 9.16 69.20 37.14
C ALA Q 128 8.14 68.51 36.23
N THR Q 129 7.40 67.54 36.77
CA THR Q 129 6.33 66.90 36.01
C THR Q 129 5.26 67.92 35.63
N LEU Q 130 4.88 68.78 36.57
CA LEU Q 130 3.95 69.88 36.27
C LEU Q 130 4.49 70.74 35.14
N ALA Q 131 5.77 71.11 35.24
CA ALA Q 131 6.36 72.03 34.26
C ALA Q 131 6.34 71.43 32.87
N VAL Q 132 6.81 70.19 32.73
CA VAL Q 132 6.85 69.57 31.42
C VAL Q 132 5.45 69.38 30.87
N GLN Q 133 4.48 69.02 31.72
CA GLN Q 133 3.10 68.90 31.25
C GLN Q 133 2.59 70.21 30.69
N VAL Q 134 2.69 71.28 31.49
CA VAL Q 134 2.16 72.59 31.06
C VAL Q 134 2.85 73.03 29.78
N ILE Q 135 4.18 72.98 29.76
CA ILE Q 135 4.95 73.49 28.64
C ILE Q 135 4.66 72.69 27.37
N LEU Q 136 4.90 71.38 27.43
CA LEU Q 136 4.80 70.57 26.22
C LEU Q 136 3.36 70.46 25.73
N MET Q 137 2.40 70.32 26.64
CA MET Q 137 1.02 70.21 26.19
C MET Q 137 0.50 71.54 25.66
N GLY Q 138 0.85 72.67 26.29
CA GLY Q 138 0.44 73.94 25.75
C GLY Q 138 1.05 74.21 24.39
N LEU Q 139 2.30 73.79 24.19
CA LEU Q 139 2.89 73.84 22.86
C LEU Q 139 2.08 72.98 21.87
N ILE Q 140 1.82 71.72 22.23
CA ILE Q 140 1.19 70.79 21.29
C ILE Q 140 -0.21 71.25 20.92
N GLU Q 141 -0.99 71.70 21.90
CA GLU Q 141 -2.36 72.10 21.57
C GLU Q 141 -2.42 73.50 20.98
N GLY Q 142 -1.40 74.34 21.21
CA GLY Q 142 -1.20 75.48 20.35
C GLY Q 142 -0.99 75.07 18.89
N TYR Q 143 -0.19 74.03 18.66
CA TYR Q 143 0.04 73.56 17.30
C TYR Q 143 -1.21 72.89 16.72
N ARG Q 144 -2.06 72.32 17.58
CA ARG Q 144 -3.33 71.79 17.11
C ARG Q 144 -4.22 72.88 16.56
N VAL Q 145 -4.33 74.00 17.29
CA VAL Q 145 -5.24 75.03 16.82
C VAL Q 145 -4.60 75.91 15.73
N ASN Q 146 -3.27 75.97 15.67
CA ASN Q 146 -2.58 76.79 14.66
C ASN Q 146 -2.02 75.97 13.50
N GLY Q 147 -1.16 74.99 13.80
CA GLY Q 147 -0.44 74.27 12.77
C GLY Q 147 0.99 74.75 12.60
N GLY Q 148 1.95 73.93 13.05
CA GLY Q 148 3.35 74.27 12.98
C GLY Q 148 4.18 73.25 12.20
N PRO Q 149 5.11 72.59 12.88
CA PRO Q 149 6.03 71.68 12.23
C PRO Q 149 5.44 70.28 12.08
N ALA Q 150 6.19 69.44 11.35
CA ALA Q 150 5.86 68.05 11.15
C ALA Q 150 4.53 67.88 10.42
N GLY Q 151 4.21 68.85 9.56
CA GLY Q 151 2.91 68.93 8.91
C GLY Q 151 2.16 70.17 9.35
N GLU Q 152 1.65 70.94 8.38
CA GLU Q 152 0.94 72.18 8.68
C GLU Q 152 -0.51 71.89 9.08
N GLY Q 153 -1.13 72.86 9.75
CA GLY Q 153 -2.50 72.67 10.20
C GLY Q 153 -3.50 72.91 9.09
N LEU Q 154 -4.05 71.83 8.52
CA LEU Q 154 -5.04 71.96 7.46
C LEU Q 154 -6.45 71.76 7.97
N ASP Q 155 -6.77 70.56 8.48
CA ASP Q 155 -8.08 70.25 9.04
C ASP Q 155 -7.91 69.96 10.52
N PRO Q 156 -8.52 70.76 11.42
CA PRO Q 156 -8.32 70.49 12.86
C PRO Q 156 -9.02 69.25 13.35
N LEU Q 157 -10.03 68.74 12.64
CA LEU Q 157 -10.60 67.45 12.99
C LEU Q 157 -9.64 66.32 12.64
N TYR Q 158 -9.23 66.23 11.36
CA TYR Q 158 -8.33 65.17 10.89
C TYR Q 158 -7.20 65.76 10.03
N PRO Q 159 -5.98 65.89 10.57
CA PRO Q 159 -4.88 66.43 9.75
C PRO Q 159 -4.47 65.56 8.57
N GLY Q 160 -4.17 64.27 8.80
CA GLY Q 160 -3.92 63.32 7.74
C GLY Q 160 -2.74 63.59 6.81
N GLU Q 161 -1.53 63.62 7.36
CA GLU Q 161 -0.31 64.06 6.69
C GLU Q 161 0.81 63.10 7.04
N SER Q 162 2.05 63.59 7.06
CA SER Q 162 3.20 62.78 7.46
C SER Q 162 3.11 62.26 8.89
N PHE Q 163 2.11 62.67 9.68
CA PHE Q 163 1.88 62.08 10.99
C PHE Q 163 1.53 60.60 10.88
N ASP Q 164 0.78 60.21 9.85
CA ASP Q 164 0.33 58.83 9.69
C ASP Q 164 1.42 58.01 9.01
N PRO Q 165 2.01 57.02 9.68
CA PRO Q 165 3.09 56.25 9.05
C PRO Q 165 2.57 55.22 8.06
N LEU Q 166 1.37 54.71 8.31
CA LEU Q 166 0.79 53.67 7.46
C LEU Q 166 0.44 54.21 6.08
N GLY Q 167 0.14 55.51 5.98
CA GLY Q 167 -0.27 56.08 4.71
C GLY Q 167 -1.55 55.50 4.18
N LEU Q 168 -2.47 55.13 5.06
CA LEU Q 168 -3.73 54.56 4.60
C LEU Q 168 -4.65 55.61 3.98
N ALA Q 169 -4.43 56.90 4.27
CA ALA Q 169 -5.47 57.92 4.14
C ALA Q 169 -5.75 58.36 2.70
N ASP Q 170 -6.05 57.40 1.81
CA ASP Q 170 -6.20 57.65 0.37
C ASP Q 170 -7.60 57.37 -0.15
N ASP Q 171 -8.12 56.16 0.00
CA ASP Q 171 -9.44 55.83 -0.56
C ASP Q 171 -10.54 56.37 0.35
N PRO Q 172 -11.40 57.28 -0.14
CA PRO Q 172 -12.27 58.03 0.78
C PRO Q 172 -13.51 57.29 1.24
N ASP Q 173 -13.96 56.24 0.56
CA ASP Q 173 -15.13 55.50 1.00
C ASP Q 173 -14.81 54.61 2.21
N THR Q 174 -13.65 53.95 2.18
CA THR Q 174 -13.24 53.16 3.33
C THR Q 174 -13.03 54.04 4.56
N PHE Q 175 -12.79 55.33 4.39
CA PHE Q 175 -12.68 56.19 5.56
C PHE Q 175 -13.96 56.94 5.86
N ALA Q 176 -14.90 56.99 4.92
CA ALA Q 176 -16.28 57.21 5.33
C ALA Q 176 -16.71 56.15 6.33
N GLU Q 177 -16.20 54.93 6.18
CA GLU Q 177 -16.41 53.89 7.21
C GLU Q 177 -15.56 54.12 8.46
N LEU Q 178 -14.25 54.33 8.27
CA LEU Q 178 -13.35 54.28 9.42
C LEU Q 178 -13.46 55.53 10.30
N LYS Q 179 -13.88 56.68 9.75
CA LYS Q 179 -14.19 57.85 10.57
C LYS Q 179 -15.33 57.57 11.53
N VAL Q 180 -16.06 56.49 11.31
CA VAL Q 180 -17.23 56.13 12.09
C VAL Q 180 -16.86 55.04 13.07
N LYS Q 181 -15.98 54.13 12.64
CA LYS Q 181 -15.40 53.21 13.61
C LYS Q 181 -14.70 53.98 14.73
N GLU Q 182 -14.04 55.08 14.36
CA GLU Q 182 -13.51 56.04 15.34
C GLU Q 182 -14.55 56.41 16.39
N ILE Q 183 -15.67 56.98 15.95
CA ILE Q 183 -16.63 57.57 16.88
C ILE Q 183 -17.37 56.51 17.66
N LYS Q 184 -17.67 55.36 17.04
CA LYS Q 184 -18.30 54.27 17.77
C LYS Q 184 -17.39 53.78 18.90
N ASN Q 185 -16.11 53.53 18.59
CA ASN Q 185 -15.19 53.08 19.63
C ASN Q 185 -14.93 54.18 20.66
N GLY Q 186 -14.99 55.45 20.26
CA GLY Q 186 -14.75 56.53 21.21
C GLY Q 186 -15.90 56.74 22.18
N ARG Q 187 -17.12 56.52 21.73
CA ARG Q 187 -18.23 56.59 22.67
C ARG Q 187 -18.25 55.36 23.58
N LEU Q 188 -17.79 54.20 23.08
CA LEU Q 188 -17.54 53.09 23.98
C LEU Q 188 -16.53 53.47 25.06
N ALA Q 189 -15.47 54.18 24.67
CA ALA Q 189 -14.46 54.61 25.65
C ALA Q 189 -15.05 55.64 26.63
N MET Q 190 -15.95 56.50 26.16
CA MET Q 190 -16.61 57.45 27.05
C MET Q 190 -17.37 56.74 28.15
N PHE Q 191 -18.22 55.78 27.77
CA PHE Q 191 -19.00 55.15 28.81
C PHE Q 191 -18.20 54.14 29.63
N SER Q 192 -17.10 53.61 29.08
CA SER Q 192 -16.19 52.85 29.93
C SER Q 192 -15.53 53.76 30.97
N MET Q 193 -15.24 55.00 30.60
CA MET Q 193 -14.68 55.94 31.56
C MET Q 193 -15.70 56.33 32.63
N PHE Q 194 -16.97 56.42 32.26
CA PHE Q 194 -17.98 56.62 33.30
C PHE Q 194 -18.07 55.41 34.20
N GLY Q 195 -17.87 54.22 33.66
CA GLY Q 195 -17.68 53.05 34.52
C GLY Q 195 -16.57 53.28 35.53
N PHE Q 196 -15.39 53.69 35.04
CA PHE Q 196 -14.28 53.97 35.93
C PHE Q 196 -14.66 55.00 36.99
N PHE Q 197 -15.26 56.11 36.56
CA PHE Q 197 -15.48 57.25 37.47
C PHE Q 197 -16.56 56.94 38.50
N VAL Q 198 -17.71 56.42 38.08
CA VAL Q 198 -18.79 56.21 39.04
C VAL Q 198 -18.49 55.01 39.93
N GLN Q 199 -17.87 53.95 39.38
CA GLN Q 199 -17.37 52.88 40.25
C GLN Q 199 -16.29 53.40 41.18
N ALA Q 200 -15.52 54.40 40.74
CA ALA Q 200 -14.50 55.01 41.59
C ALA Q 200 -15.15 55.75 42.76
N ILE Q 201 -16.27 56.41 42.51
CA ILE Q 201 -16.96 57.14 43.58
C ILE Q 201 -17.59 56.17 44.57
N VAL Q 202 -18.31 55.16 44.07
CA VAL Q 202 -19.21 54.42 44.94
C VAL Q 202 -18.46 53.44 45.83
N THR Q 203 -17.57 52.64 45.25
CA THR Q 203 -16.93 51.55 45.98
C THR Q 203 -15.45 51.72 46.19
N GLY Q 204 -14.76 52.42 45.30
CA GLY Q 204 -13.36 52.70 45.52
C GLY Q 204 -12.41 51.54 45.33
N LYS Q 205 -12.82 50.50 44.59
CA LYS Q 205 -11.96 49.41 44.15
C LYS Q 205 -11.65 49.61 42.67
N GLY Q 206 -10.64 48.90 42.17
CA GLY Q 206 -10.28 48.97 40.76
C GLY Q 206 -11.36 48.42 39.86
N PRO Q 207 -11.45 48.93 38.63
CA PRO Q 207 -12.48 48.42 37.70
C PRO Q 207 -12.30 46.95 37.31
N VAL Q 208 -11.06 46.49 37.18
CA VAL Q 208 -10.81 45.07 36.97
C VAL Q 208 -11.29 44.28 38.17
N GLN Q 209 -10.98 44.79 39.35
CA GLN Q 209 -11.39 44.19 40.59
C GLN Q 209 -12.92 44.14 40.71
N ASN Q 210 -13.60 45.15 40.15
CA ASN Q 210 -15.06 45.10 40.07
C ASN Q 210 -15.53 43.98 39.17
N LEU Q 211 -14.85 43.75 38.03
CA LEU Q 211 -15.24 42.64 37.18
C LEU Q 211 -15.03 41.29 37.88
N ASP Q 212 -13.91 41.13 38.59
CA ASP Q 212 -13.65 39.89 39.29
C ASP Q 212 -14.69 39.65 40.39
N ASP Q 213 -14.99 40.68 41.18
CA ASP Q 213 -16.01 40.57 42.23
C ASP Q 213 -17.38 40.26 41.63
N HIS Q 214 -17.73 40.90 40.51
CA HIS Q 214 -19.02 40.66 39.89
C HIS Q 214 -19.13 39.23 39.38
N LEU Q 215 -18.10 38.75 38.68
CA LEU Q 215 -18.19 37.42 38.10
C LEU Q 215 -18.07 36.32 39.15
N ALA Q 216 -17.56 36.65 40.35
CA ALA Q 216 -17.61 35.67 41.43
C ALA Q 216 -19.03 35.45 41.95
N ASN Q 217 -19.95 36.40 41.75
CA ASN Q 217 -21.33 36.27 42.22
C ASN Q 217 -22.24 37.29 41.53
N PRO Q 218 -22.58 37.08 40.26
CA PRO Q 218 -23.22 38.16 39.47
C PRO Q 218 -24.52 38.66 40.04
N THR Q 219 -25.26 37.84 40.78
CA THR Q 219 -26.55 38.23 41.31
C THR Q 219 -26.44 39.03 42.60
N VAL Q 220 -25.30 38.95 43.28
CA VAL Q 220 -25.12 39.60 44.57
C VAL Q 220 -24.12 40.75 44.49
N ASN Q 221 -23.05 40.59 43.72
CA ASN Q 221 -21.95 41.54 43.68
C ASN Q 221 -22.11 42.51 42.52
N ASN Q 222 -23.11 43.37 42.61
CA ASN Q 222 -23.37 44.33 41.56
C ASN Q 222 -23.77 45.65 42.18
N ALA Q 223 -24.25 46.55 41.33
CA ALA Q 223 -24.48 47.94 41.76
C ALA Q 223 -25.52 48.03 42.85
N PHE Q 224 -26.53 47.15 42.81
CA PHE Q 224 -27.62 47.23 43.77
C PHE Q 224 -27.17 47.01 45.20
N ALA Q 225 -26.06 46.30 45.41
CA ALA Q 225 -25.55 46.11 46.75
C ALA Q 225 -25.01 47.39 47.36
N PHE Q 226 -24.77 48.42 46.54
CA PHE Q 226 -24.34 49.71 47.04
C PHE Q 226 -25.48 50.70 47.13
N ALA Q 227 -26.71 50.22 46.90
CA ALA Q 227 -27.85 51.12 46.75
C ALA Q 227 -28.25 51.78 48.05
N THR Q 228 -28.03 51.15 49.20
CA THR Q 228 -28.40 51.78 50.45
C THR Q 228 -27.32 52.71 51.00
N LYS Q 229 -26.13 52.69 50.40
CA LYS Q 229 -25.11 53.67 50.71
C LYS Q 229 -25.45 54.98 50.00
N PHE Q 230 -24.94 56.08 50.57
CA PHE Q 230 -25.15 57.46 50.10
C PHE Q 230 -26.54 57.99 50.41
N THR Q 231 -27.23 57.41 51.39
CA THR Q 231 -28.57 57.81 51.78
C THR Q 231 -28.51 58.80 52.93
N PRO Q 232 -29.21 59.93 52.82
CA PRO Q 232 -29.27 60.86 53.95
C PRO Q 232 -30.04 60.27 55.11
N SER Q 233 -29.51 60.50 56.31
CA SER Q 233 -29.93 59.98 57.61
C SER Q 233 -28.64 59.67 58.36
N ILE R 1 -55.05 88.41 33.82
CA ILE R 1 -55.98 87.33 33.52
C ILE R 1 -56.10 87.15 32.01
N GLU R 2 -55.03 87.50 31.29
CA GLU R 2 -55.03 87.50 29.83
C GLU R 2 -53.76 86.86 29.30
N PHE R 3 -53.45 85.65 29.79
CA PHE R 3 -52.18 85.00 29.45
C PHE R 3 -51.99 84.87 27.94
N TYR R 4 -53.07 84.60 27.20
CA TYR R 4 -52.98 84.48 25.75
C TYR R 4 -53.15 85.87 25.14
N GLY R 5 -52.06 86.64 25.18
CA GLY R 5 -52.05 87.97 24.62
C GLY R 5 -50.92 88.81 25.17
N PRO R 6 -50.82 90.05 24.69
CA PRO R 6 -49.78 90.97 25.21
C PRO R 6 -49.96 91.32 26.67
N ASN R 7 -51.16 91.14 27.24
CA ASN R 7 -51.45 91.53 28.61
C ASN R 7 -51.37 90.37 29.58
N ARG R 8 -50.43 89.45 29.36
CA ARG R 8 -50.25 88.30 30.24
C ARG R 8 -49.69 88.75 31.60
N ALA R 9 -49.75 87.88 32.59
CA ALA R 9 -49.14 88.20 33.88
C ALA R 9 -47.64 88.00 33.74
N LYS R 10 -46.91 89.09 33.50
CA LYS R 10 -45.50 89.02 33.17
C LYS R 10 -44.65 88.72 34.39
N TRP R 11 -43.36 88.48 34.15
CA TRP R 11 -42.46 87.90 35.15
C TRP R 11 -42.19 88.83 36.33
N LEU R 12 -42.48 90.12 36.21
CA LEU R 12 -42.32 91.04 37.33
C LEU R 12 -43.58 91.82 37.62
N GLY R 13 -44.69 91.52 36.92
CA GLY R 13 -45.91 92.28 37.04
C GLY R 13 -45.68 93.74 36.72
N PRO R 14 -46.15 94.63 37.57
CA PRO R 14 -45.96 96.06 37.33
C PRO R 14 -44.51 96.54 37.32
N TYR R 15 -43.55 95.64 37.38
CA TYR R 15 -42.18 95.93 36.98
C TYR R 15 -41.86 95.20 35.68
N SER R 16 -42.82 95.21 34.76
CA SER R 16 -42.86 94.27 33.62
C SER R 16 -41.83 94.55 32.55
N GLU R 17 -41.32 95.78 32.44
CA GLU R 17 -40.46 96.19 31.33
C GLU R 17 -41.08 95.79 29.98
N ASN R 18 -42.16 96.48 29.63
CA ASN R 18 -42.96 96.09 28.49
C ASN R 18 -42.19 96.34 27.19
N ALA R 19 -41.04 95.67 27.07
CA ALA R 19 -40.23 95.57 25.86
C ALA R 19 -39.82 94.11 25.67
N THR R 20 -40.80 93.22 25.77
CA THR R 20 -40.55 91.81 25.95
C THR R 20 -39.83 91.22 24.73
N PRO R 21 -39.05 90.14 24.93
CA PRO R 21 -38.44 89.47 23.79
C PRO R 21 -39.50 89.03 22.78
N ALA R 22 -39.23 89.30 21.51
CA ALA R 22 -40.25 89.18 20.48
C ALA R 22 -40.43 87.77 19.97
N TYR R 23 -39.60 86.81 20.40
CA TYR R 23 -39.75 85.44 19.92
C TYR R 23 -40.79 84.66 20.72
N LEU R 24 -41.41 85.27 21.73
CA LEU R 24 -42.60 84.70 22.35
C LEU R 24 -43.52 85.85 22.76
N THR R 25 -44.73 85.87 22.20
CA THR R 25 -45.76 86.84 22.60
C THR R 25 -47.08 86.07 22.69
N GLY R 26 -47.33 85.48 23.86
CA GLY R 26 -48.57 84.74 24.07
C GLY R 26 -48.67 83.54 23.16
N GLU R 27 -49.92 83.14 22.88
CA GLU R 27 -50.29 82.08 21.96
C GLU R 27 -49.82 80.70 22.41
N PHE R 28 -49.16 80.58 23.56
CA PHE R 28 -48.76 79.30 24.11
C PHE R 28 -48.84 79.40 25.62
N PRO R 29 -49.33 78.35 26.29
CA PRO R 29 -49.45 78.41 27.75
C PRO R 29 -48.10 78.53 28.43
N GLY R 30 -48.09 79.17 29.59
CA GLY R 30 -46.91 79.27 30.41
C GLY R 30 -45.89 80.29 29.93
N ASP R 31 -46.18 81.02 28.87
CA ASP R 31 -45.23 82.04 28.39
C ASP R 31 -45.23 83.22 29.34
N TYR R 32 -44.30 83.24 30.30
CA TYR R 32 -44.21 84.33 31.25
C TYR R 32 -43.03 85.25 30.96
N GLY R 33 -42.38 85.08 29.81
CA GLY R 33 -41.41 86.04 29.32
C GLY R 33 -40.16 86.22 30.14
N TRP R 34 -39.84 85.28 31.03
CA TRP R 34 -38.66 85.40 31.90
C TRP R 34 -37.49 84.69 31.23
N ASP R 35 -36.81 85.41 30.34
CA ASP R 35 -35.64 84.91 29.63
C ASP R 35 -34.47 85.84 29.93
N THR R 36 -33.77 85.56 31.03
CA THR R 36 -32.62 86.38 31.41
C THR R 36 -31.33 85.92 30.74
N ALA R 37 -31.18 84.62 30.51
CA ALA R 37 -30.05 84.08 29.77
C ALA R 37 -30.36 83.83 28.31
N GLY R 38 -31.58 83.43 27.99
CA GLY R 38 -31.98 83.25 26.60
C GLY R 38 -31.37 82.02 25.95
N LEU R 39 -31.63 80.84 26.50
CA LEU R 39 -31.14 79.59 25.96
C LEU R 39 -32.12 78.93 25.00
N SER R 40 -33.22 79.61 24.66
CA SER R 40 -34.24 79.08 23.77
C SER R 40 -34.58 80.10 22.69
N ALA R 41 -33.56 80.68 22.08
CA ALA R 41 -33.80 81.64 21.01
C ALA R 41 -34.26 80.96 19.73
N ASP R 42 -33.69 79.79 19.43
CA ASP R 42 -34.06 79.10 18.20
C ASP R 42 -35.46 78.50 18.31
N PRO R 43 -36.26 78.57 17.24
CA PRO R 43 -37.66 78.16 17.37
C PRO R 43 -37.86 76.66 17.52
N GLU R 44 -37.12 75.85 16.75
CA GLU R 44 -37.26 74.40 16.91
C GLU R 44 -36.73 73.95 18.27
N THR R 45 -35.62 74.54 18.73
CA THR R 45 -35.16 74.27 20.08
C THR R 45 -36.16 74.78 21.10
N PHE R 46 -36.84 75.90 20.82
CA PHE R 46 -37.90 76.34 21.71
C PHE R 46 -39.01 75.29 21.77
N LYS R 47 -39.37 74.70 20.62
CA LYS R 47 -40.38 73.64 20.61
C LYS R 47 -39.93 72.44 21.41
N ARG R 48 -38.66 72.08 21.25
CA ARG R 48 -38.09 71.02 22.06
C ARG R 48 -38.20 71.36 23.54
N TYR R 49 -38.00 72.64 23.89
CA TYR R 49 -38.10 73.03 25.29
C TYR R 49 -39.53 72.97 25.79
N ARG R 50 -40.50 73.33 24.94
CA ARG R 50 -41.90 73.19 25.34
C ARG R 50 -42.24 71.72 25.60
N GLU R 51 -41.87 70.83 24.67
CA GLU R 51 -42.12 69.42 24.85
C GLU R 51 -41.40 68.89 26.09
N LEU R 52 -40.13 69.26 26.25
CA LEU R 52 -39.31 68.78 27.35
C LEU R 52 -39.86 69.28 28.68
N GLU R 53 -40.26 70.54 28.74
CA GLU R 53 -40.82 71.09 29.97
C GLU R 53 -42.16 70.44 30.30
N LEU R 54 -42.96 70.11 29.27
CA LEU R 54 -44.21 69.39 29.53
C LEU R 54 -43.94 68.00 30.10
N ILE R 55 -42.97 67.29 29.53
CA ILE R 55 -42.62 65.95 30.02
C ILE R 55 -42.11 66.05 31.45
N HIS R 56 -41.18 66.99 31.71
CA HIS R 56 -40.66 67.19 33.05
C HIS R 56 -41.76 67.55 34.03
N ALA R 57 -42.68 68.42 33.62
CA ALA R 57 -43.75 68.88 34.50
C ALA R 57 -44.68 67.74 34.87
N ARG R 58 -45.09 66.94 33.90
CA ARG R 58 -45.98 65.83 34.21
C ARG R 58 -45.28 64.78 35.08
N TRP R 59 -44.03 64.44 34.75
CA TRP R 59 -43.30 63.47 35.58
C TRP R 59 -43.11 64.00 37.00
N ALA R 60 -42.77 65.28 37.14
CA ALA R 60 -42.54 65.86 38.47
C ALA R 60 -43.82 65.97 39.27
N MET R 61 -44.95 66.28 38.61
CA MET R 61 -46.22 66.28 39.32
C MET R 61 -46.57 64.89 39.82
N LEU R 62 -46.37 63.86 38.99
CA LEU R 62 -46.59 62.50 39.44
C LEU R 62 -45.72 62.17 40.63
N GLY R 63 -44.44 62.54 40.57
CA GLY R 63 -43.53 62.27 41.67
C GLY R 63 -43.90 63.02 42.93
N ALA R 64 -44.40 64.25 42.79
CA ALA R 64 -44.75 65.05 43.96
C ALA R 64 -45.97 64.47 44.68
N LEU R 65 -46.99 64.06 43.92
CA LEU R 65 -48.11 63.40 44.59
C LEU R 65 -47.66 62.07 45.19
N GLY R 66 -46.75 61.36 44.53
CA GLY R 66 -46.20 60.15 45.11
C GLY R 66 -45.38 60.39 46.35
N CYS R 67 -44.88 61.62 46.53
CA CYS R 67 -44.19 61.99 47.76
C CYS R 67 -45.12 62.49 48.85
N ILE R 68 -46.33 62.93 48.50
CA ILE R 68 -47.26 63.37 49.54
C ILE R 68 -48.11 62.22 50.06
N THR R 69 -48.51 61.27 49.19
CA THR R 69 -49.58 60.34 49.57
C THR R 69 -49.15 59.27 50.58
N PRO R 70 -48.16 58.41 50.30
CA PRO R 70 -47.98 57.22 51.14
C PRO R 70 -47.66 57.51 52.59
N GLU R 71 -46.90 58.58 52.86
CA GLU R 71 -46.61 58.92 54.25
C GLU R 71 -47.87 59.29 55.00
N LEU R 72 -48.74 60.09 54.39
CA LEU R 72 -50.00 60.44 55.03
C LEU R 72 -50.88 59.21 55.23
N LEU R 73 -50.92 58.31 54.24
CA LEU R 73 -51.74 57.11 54.39
C LEU R 73 -51.24 56.21 55.51
N ALA R 74 -49.92 56.05 55.63
CA ALA R 74 -49.38 55.25 56.71
C ALA R 74 -49.42 55.97 58.05
N LYS R 75 -49.51 57.30 58.05
CA LYS R 75 -49.68 58.05 59.29
C LYS R 75 -51.11 58.00 59.78
N SER R 76 -52.08 57.89 58.87
CA SER R 76 -53.49 57.96 59.26
C SER R 76 -54.00 56.63 59.79
N GLY R 77 -54.05 55.60 58.95
CA GLY R 77 -54.65 54.35 59.36
C GLY R 77 -54.04 53.07 58.83
N THR R 78 -52.91 53.17 58.13
CA THR R 78 -52.28 52.00 57.54
C THR R 78 -50.82 51.94 57.99
N GLN R 79 -50.15 50.85 57.62
CA GLN R 79 -48.72 50.72 57.88
C GLN R 79 -48.03 50.17 56.64
N PHE R 80 -46.87 50.76 56.32
CA PHE R 80 -46.09 50.35 55.17
C PHE R 80 -44.72 49.79 55.53
N GLY R 81 -44.21 50.07 56.73
CA GLY R 81 -42.81 49.86 57.02
C GLY R 81 -42.11 51.19 57.07
N GLU R 82 -41.38 51.53 56.01
CA GLU R 82 -40.80 52.86 55.85
C GLU R 82 -41.58 53.58 54.76
N ALA R 83 -42.67 54.24 55.17
CA ALA R 83 -43.46 55.01 54.21
C ALA R 83 -42.71 56.24 53.71
N VAL R 84 -41.70 56.71 54.44
CA VAL R 84 -40.88 57.79 53.94
C VAL R 84 -40.14 57.33 52.70
N TRP R 85 -40.06 58.20 51.70
CA TRP R 85 -39.64 57.83 50.35
C TRP R 85 -38.15 57.48 50.24
N PHE R 86 -37.41 57.45 51.35
CA PHE R 86 -36.00 57.05 51.26
C PHE R 86 -35.88 55.54 51.09
N LYS R 87 -36.29 54.78 52.11
CA LYS R 87 -36.11 53.34 52.12
C LYS R 87 -37.29 52.60 51.51
N ALA R 88 -38.26 53.34 50.96
CA ALA R 88 -39.28 52.69 50.15
C ALA R 88 -38.68 52.00 48.94
N GLY R 89 -37.55 52.53 48.45
CA GLY R 89 -36.82 51.84 47.39
C GLY R 89 -36.03 50.65 47.87
N ALA R 90 -35.74 50.57 49.17
CA ALA R 90 -35.03 49.45 49.75
C ALA R 90 -35.95 48.50 50.50
N GLN R 91 -37.28 48.66 50.36
CA GLN R 91 -38.21 47.77 51.01
C GLN R 91 -38.22 46.37 50.39
N ILE R 92 -37.62 46.20 49.22
CA ILE R 92 -37.55 44.87 48.62
C ILE R 92 -36.43 44.05 49.25
N PHE R 93 -35.40 44.71 49.79
CA PHE R 93 -34.26 43.99 50.33
C PHE R 93 -34.44 43.54 51.77
N SER R 94 -35.29 44.22 52.55
CA SER R 94 -35.22 44.09 54.00
C SER R 94 -35.51 42.69 54.53
N GLU R 95 -36.77 42.25 54.46
CA GLU R 95 -37.06 40.95 55.04
C GLU R 95 -37.88 40.04 54.14
N GLY R 96 -38.88 40.58 53.44
CA GLY R 96 -39.81 39.75 52.69
C GLY R 96 -40.22 40.36 51.37
N GLY R 97 -39.31 41.12 50.76
CA GLY R 97 -39.63 41.81 49.53
C GLY R 97 -40.51 43.02 49.77
N LEU R 98 -40.90 43.66 48.66
CA LEU R 98 -41.73 44.85 48.72
C LEU R 98 -43.19 44.41 48.71
N ASP R 99 -43.80 44.40 49.89
CA ASP R 99 -45.23 44.13 50.02
C ASP R 99 -45.99 45.44 49.87
N TYR R 100 -46.89 45.50 48.89
CA TYR R 100 -47.65 46.72 48.66
C TYR R 100 -48.66 46.92 49.78
N LEU R 101 -48.89 48.19 50.14
CA LEU R 101 -49.75 48.59 51.25
C LEU R 101 -49.28 48.06 52.60
N GLY R 102 -48.08 47.48 52.67
CA GLY R 102 -47.68 46.80 53.88
C GLY R 102 -48.57 45.61 54.18
N ASN R 103 -48.86 44.80 53.17
CA ASN R 103 -49.80 43.69 53.31
C ASN R 103 -49.27 42.47 52.56
N PRO R 104 -49.13 41.32 53.23
CA PRO R 104 -48.67 40.11 52.54
C PRO R 104 -49.79 39.41 51.79
N SER R 105 -50.60 40.19 51.09
CA SER R 105 -51.60 39.69 50.16
C SER R 105 -51.56 40.47 48.87
N LEU R 106 -50.50 41.26 48.66
CA LEU R 106 -50.35 42.14 47.53
C LEU R 106 -48.94 41.95 46.97
N VAL R 107 -48.48 42.87 46.11
CA VAL R 107 -47.48 42.60 45.08
C VAL R 107 -46.38 41.63 45.52
N HIS R 108 -45.75 41.90 46.67
CA HIS R 108 -44.76 40.99 47.23
C HIS R 108 -43.66 40.67 46.21
N ALA R 109 -42.95 41.73 45.81
CA ALA R 109 -41.89 41.59 44.81
C ALA R 109 -40.60 41.15 45.49
N GLN R 110 -40.11 39.95 45.15
CA GLN R 110 -38.94 39.40 45.82
C GLN R 110 -37.64 39.83 45.16
N ASN R 111 -37.53 39.68 43.84
CA ASN R 111 -36.29 39.96 43.12
C ASN R 111 -36.40 41.30 42.40
N ILE R 112 -35.46 42.20 42.67
CA ILE R 112 -35.50 43.53 42.09
C ILE R 112 -35.03 43.54 40.64
N VAL R 113 -34.26 42.53 40.22
CA VAL R 113 -33.79 42.50 38.84
C VAL R 113 -34.91 42.14 37.88
N ALA R 114 -35.92 41.41 38.35
CA ALA R 114 -37.08 41.15 37.50
C ALA R 114 -37.89 42.42 37.29
N THR R 115 -38.15 43.16 38.37
CA THR R 115 -38.71 44.50 38.23
C THR R 115 -37.88 45.33 37.28
N LEU R 116 -36.56 45.19 37.38
CA LEU R 116 -35.62 45.94 36.56
C LEU R 116 -35.84 45.66 35.07
N ALA R 117 -35.79 44.38 34.69
CA ALA R 117 -35.88 44.02 33.28
C ALA R 117 -37.26 44.32 32.71
N VAL R 118 -38.31 43.98 33.45
CA VAL R 118 -39.66 44.25 32.96
C VAL R 118 -39.89 45.76 32.88
N GLN R 119 -39.33 46.52 33.82
CA GLN R 119 -39.45 47.97 33.79
C GLN R 119 -38.76 48.55 32.58
N VAL R 120 -37.56 48.07 32.26
CA VAL R 120 -36.86 48.56 31.07
C VAL R 120 -37.67 48.24 29.83
N ILE R 121 -38.19 47.01 29.72
CA ILE R 121 -38.97 46.65 28.55
C ILE R 121 -40.18 47.55 28.41
N LEU R 122 -40.98 47.66 29.47
CA LEU R 122 -42.21 48.45 29.41
C LEU R 122 -41.89 49.92 29.14
N MET R 123 -40.84 50.45 29.76
CA MET R 123 -40.54 51.87 29.62
C MET R 123 -40.00 52.19 28.23
N GLY R 124 -39.16 51.32 27.68
CA GLY R 124 -38.76 51.48 26.30
C GLY R 124 -39.96 51.47 25.36
N LEU R 125 -40.88 50.52 25.57
CA LEU R 125 -42.05 50.44 24.72
C LEU R 125 -42.89 51.72 24.81
N VAL R 126 -43.20 52.16 26.03
CA VAL R 126 -44.09 53.30 26.18
C VAL R 126 -43.40 54.59 25.73
N GLU R 127 -42.10 54.73 25.95
CA GLU R 127 -41.43 55.96 25.52
C GLU R 127 -41.27 56.00 24.01
N GLY R 128 -40.94 54.87 23.38
CA GLY R 128 -40.90 54.83 21.93
C GLY R 128 -42.25 55.13 21.31
N TYR R 129 -43.30 54.45 21.80
CA TYR R 129 -44.63 54.72 21.32
C TYR R 129 -45.13 56.10 21.75
N ARG R 130 -44.49 56.73 22.74
CA ARG R 130 -44.79 58.12 23.07
C ARG R 130 -44.21 59.05 22.03
N VAL R 131 -42.98 58.80 21.61
CA VAL R 131 -42.33 59.66 20.61
C VAL R 131 -43.04 59.52 19.27
N ASN R 132 -43.09 58.29 18.75
CA ASN R 132 -43.54 58.09 17.38
C ASN R 132 -44.99 57.68 17.27
N GLY R 133 -45.72 57.58 18.37
CA GLY R 133 -47.10 57.13 18.31
C GLY R 133 -47.22 55.62 18.32
N GLY R 134 -48.41 55.15 17.96
CA GLY R 134 -48.66 53.74 17.96
C GLY R 134 -50.08 53.38 18.36
N PRO R 135 -50.20 52.57 19.42
CA PRO R 135 -51.52 52.11 19.86
C PRO R 135 -52.47 53.26 20.16
N ALA R 136 -53.77 52.90 20.22
CA ALA R 136 -54.84 53.85 20.50
C ALA R 136 -54.79 55.04 19.53
N GLY R 137 -54.53 54.74 18.27
CA GLY R 137 -54.36 55.78 17.27
C GLY R 137 -52.92 56.22 17.14
N GLU R 138 -52.47 56.42 15.90
CA GLU R 138 -51.09 56.86 15.68
C GLU R 138 -50.91 58.29 16.15
N GLY R 139 -49.79 58.55 16.81
CA GLY R 139 -49.52 59.87 17.35
C GLY R 139 -49.28 60.93 16.29
N LEU R 140 -50.23 61.87 16.16
CA LEU R 140 -50.08 62.96 15.21
C LEU R 140 -49.62 64.26 15.85
N ASP R 141 -49.73 64.40 17.17
CA ASP R 141 -49.29 65.58 17.88
C ASP R 141 -48.26 65.20 18.94
N PRO R 142 -47.06 65.78 18.94
CA PRO R 142 -46.09 65.47 19.99
C PRO R 142 -46.35 66.18 21.30
N LEU R 143 -47.06 67.32 21.29
CA LEU R 143 -47.29 68.09 22.50
C LEU R 143 -48.54 67.62 23.25
N TYR R 144 -49.70 67.73 22.62
CA TYR R 144 -50.95 67.21 23.18
C TYR R 144 -51.70 66.46 22.09
N PRO R 145 -51.85 65.14 22.23
CA PRO R 145 -52.37 64.33 21.11
C PRO R 145 -53.81 64.64 20.72
N GLY R 146 -54.73 64.58 21.68
CA GLY R 146 -56.14 64.72 21.39
C GLY R 146 -56.85 63.43 21.02
N GLU R 147 -56.13 62.31 20.99
CA GLU R 147 -56.69 61.00 20.70
C GLU R 147 -57.17 60.37 22.01
N SER R 148 -57.41 59.06 22.01
CA SER R 148 -58.08 58.43 23.14
C SER R 148 -57.17 58.37 24.37
N PHE R 149 -56.82 59.55 24.89
CA PHE R 149 -56.24 59.69 26.22
C PHE R 149 -57.13 60.53 27.12
N ASP R 150 -58.22 61.10 26.59
CA ASP R 150 -59.18 61.90 27.33
C ASP R 150 -60.52 61.21 27.21
N PRO R 151 -60.77 60.17 28.00
CA PRO R 151 -62.02 59.40 27.85
C PRO R 151 -63.25 60.13 28.38
N LEU R 152 -63.08 61.28 29.03
CA LEU R 152 -64.21 62.05 29.53
C LEU R 152 -64.67 63.12 28.55
N GLY R 153 -63.77 63.62 27.71
CA GLY R 153 -64.14 64.64 26.73
C GLY R 153 -64.21 66.05 27.28
N LEU R 154 -63.12 66.52 27.87
CA LEU R 154 -63.03 67.88 28.38
C LEU R 154 -62.41 68.85 27.39
N ALA R 155 -61.95 68.36 26.24
CA ALA R 155 -61.22 69.19 25.27
C ALA R 155 -62.10 69.69 24.14
N ASP R 156 -63.39 69.86 24.40
CA ASP R 156 -64.28 70.40 23.37
C ASP R 156 -64.20 71.92 23.30
N ASP R 157 -64.42 72.58 24.42
CA ASP R 157 -64.43 74.04 24.47
C ASP R 157 -63.00 74.57 24.48
N PRO R 158 -62.63 75.45 23.54
CA PRO R 158 -61.20 75.76 23.36
C PRO R 158 -60.60 76.63 24.45
N ASP R 159 -61.30 77.67 24.92
CA ASP R 159 -60.67 78.59 25.86
C ASP R 159 -60.50 77.97 27.24
N THR R 160 -61.49 77.19 27.69
CA THR R 160 -61.31 76.46 28.93
C THR R 160 -60.19 75.42 28.80
N PHE R 161 -60.05 74.82 27.63
CA PHE R 161 -58.96 73.89 27.39
C PHE R 161 -57.60 74.60 27.46
N ALA R 162 -57.52 75.81 26.93
CA ALA R 162 -56.29 76.58 27.03
C ALA R 162 -56.00 76.98 28.48
N GLU R 163 -57.05 77.33 29.23
CA GLU R 163 -56.88 77.59 30.66
C GLU R 163 -56.36 76.35 31.38
N LEU R 164 -56.86 75.18 30.97
CA LEU R 164 -56.35 73.92 31.53
C LEU R 164 -54.88 73.73 31.17
N LYS R 165 -54.49 74.09 29.95
CA LYS R 165 -53.08 74.07 29.58
C LYS R 165 -52.25 74.91 30.53
N VAL R 166 -52.70 76.15 30.78
CA VAL R 166 -51.92 77.05 31.62
C VAL R 166 -51.86 76.55 33.06
N LYS R 167 -52.98 76.01 33.57
CA LYS R 167 -52.98 75.41 34.89
C LYS R 167 -52.03 74.23 34.96
N GLU R 168 -52.01 73.41 33.92
CA GLU R 168 -51.12 72.25 33.86
C GLU R 168 -49.67 72.69 33.93
N ILE R 169 -49.32 73.72 33.16
CA ILE R 169 -47.93 74.19 33.14
C ILE R 169 -47.55 74.81 34.48
N LYS R 170 -48.44 75.61 35.07
CA LYS R 170 -48.14 76.23 36.35
C LYS R 170 -48.00 75.19 37.45
N ASN R 171 -48.90 74.21 37.47
CA ASN R 171 -48.81 73.11 38.43
C ASN R 171 -47.51 72.34 38.23
N GLY R 172 -47.09 72.15 36.98
CA GLY R 172 -45.85 71.44 36.73
C GLY R 172 -44.63 72.21 37.22
N ARG R 173 -44.61 73.54 36.99
CA ARG R 173 -43.51 74.34 37.51
C ARG R 173 -43.45 74.25 39.03
N LEU R 174 -44.61 74.38 39.68
CA LEU R 174 -44.65 74.29 41.13
C LEU R 174 -44.20 72.91 41.59
N ALA R 175 -44.61 71.86 40.87
CA ALA R 175 -44.21 70.51 41.23
C ALA R 175 -42.70 70.33 41.10
N MET R 176 -42.09 70.87 40.05
CA MET R 176 -40.65 70.76 39.87
C MET R 176 -39.90 71.48 40.98
N PHE R 177 -40.32 72.71 41.29
CA PHE R 177 -39.66 73.44 42.37
C PHE R 177 -39.84 72.73 43.70
N SER R 178 -41.03 72.19 43.96
CA SER R 178 -41.29 71.52 45.22
C SER R 178 -40.51 70.21 45.33
N MET R 179 -40.37 69.47 44.23
CA MET R 179 -39.55 68.27 44.27
C MET R 179 -38.08 68.61 44.45
N PHE R 180 -37.65 69.76 43.92
CA PHE R 180 -36.31 70.23 44.27
C PHE R 180 -36.19 70.47 45.76
N GLY R 181 -37.23 71.07 46.36
CA GLY R 181 -37.24 71.22 47.82
C GLY R 181 -37.19 69.88 48.54
N PHE R 182 -37.91 68.89 48.02
CA PHE R 182 -37.87 67.55 48.59
C PHE R 182 -36.47 66.98 48.53
N PHE R 183 -35.78 67.16 47.40
CA PHE R 183 -34.42 66.64 47.25
C PHE R 183 -33.45 67.36 48.18
N VAL R 184 -33.60 68.67 48.34
CA VAL R 184 -32.70 69.40 49.22
C VAL R 184 -32.95 69.03 50.68
N GLN R 185 -34.22 68.82 51.05
CA GLN R 185 -34.51 68.28 52.38
C GLN R 185 -33.99 66.87 52.53
N ALA R 186 -33.99 66.09 51.47
CA ALA R 186 -33.35 64.80 51.51
C ALA R 186 -31.88 64.96 51.83
N ILE R 187 -31.21 65.91 51.18
CA ILE R 187 -29.77 66.06 51.39
C ILE R 187 -29.47 66.57 52.79
N VAL R 188 -30.01 67.75 53.14
CA VAL R 188 -29.54 68.47 54.31
C VAL R 188 -29.94 67.75 55.60
N THR R 189 -31.24 67.60 55.84
CA THR R 189 -31.70 67.00 57.09
C THR R 189 -31.92 65.51 56.98
N GLY R 190 -32.20 65.00 55.78
CA GLY R 190 -32.30 63.57 55.58
C GLY R 190 -33.41 62.87 56.32
N LYS R 191 -34.44 63.61 56.72
CA LYS R 191 -35.59 63.05 57.41
C LYS R 191 -36.83 63.15 56.52
N GLY R 192 -37.96 62.71 57.08
CA GLY R 192 -39.21 62.76 56.37
C GLY R 192 -39.66 64.17 56.07
N PRO R 193 -39.98 64.45 54.81
CA PRO R 193 -40.51 65.77 54.45
C PRO R 193 -41.83 66.08 55.14
N ILE R 194 -42.70 65.09 55.32
CA ILE R 194 -43.92 65.35 56.08
C ILE R 194 -43.63 65.28 57.58
N GLN R 195 -42.60 64.52 57.98
CA GLN R 195 -42.07 64.68 59.33
C GLN R 195 -41.54 66.11 59.51
N ASN R 196 -40.90 66.65 58.49
CA ASN R 196 -40.52 68.07 58.50
C ASN R 196 -41.73 68.96 58.65
N LEU R 197 -42.81 68.65 57.92
CA LEU R 197 -44.02 69.44 57.99
C LEU R 197 -44.57 69.46 59.42
N ASP R 198 -44.72 68.27 60.02
CA ASP R 198 -45.23 68.19 61.38
C ASP R 198 -44.31 68.87 62.38
N ASP R 199 -42.99 68.75 62.19
CA ASP R 199 -42.05 69.33 63.14
C ASP R 199 -42.03 70.85 63.04
N HIS R 200 -42.16 71.40 61.84
CA HIS R 200 -42.21 72.84 61.69
C HIS R 200 -43.56 73.41 62.13
N LEU R 201 -44.63 72.64 61.97
CA LEU R 201 -45.93 73.07 62.49
C LEU R 201 -45.95 73.02 64.01
N SER R 202 -45.22 72.06 64.61
CA SER R 202 -45.05 72.04 66.05
C SER R 202 -44.02 73.07 66.51
N ASN R 203 -43.00 73.33 65.69
CA ASN R 203 -41.94 74.28 66.02
C ASN R 203 -41.84 75.29 64.89
N PRO R 204 -42.56 76.40 64.99
CA PRO R 204 -42.61 77.35 63.87
C PRO R 204 -41.35 78.19 63.70
N THR R 205 -40.65 78.50 64.81
CA THR R 205 -39.52 79.42 64.75
C THR R 205 -38.30 78.97 65.51
N VAL R 206 -38.39 77.96 66.38
CA VAL R 206 -37.22 77.59 67.18
C VAL R 206 -36.29 76.67 66.40
N ASN R 207 -36.83 75.80 65.54
CA ASN R 207 -36.04 74.97 64.64
C ASN R 207 -36.54 75.27 63.23
N ASN R 208 -36.03 76.33 62.63
CA ASN R 208 -36.59 76.80 61.35
C ASN R 208 -35.83 76.23 60.16
N ALA R 209 -34.60 76.71 59.96
CA ALA R 209 -33.68 76.10 59.01
C ALA R 209 -32.23 76.10 59.47
N PHE R 210 -31.84 77.00 60.36
CA PHE R 210 -30.44 77.32 60.60
C PHE R 210 -29.85 76.62 61.81
N ALA R 211 -30.65 75.83 62.53
CA ALA R 211 -30.06 74.78 63.34
C ALA R 211 -29.39 73.74 62.44
N PHE R 212 -29.99 73.46 61.28
CA PHE R 212 -29.40 72.62 60.25
C PHE R 212 -28.62 73.44 59.24
N ALA R 213 -27.72 74.29 59.72
CA ALA R 213 -26.90 75.14 58.87
C ALA R 213 -25.41 75.00 59.15
N THR R 214 -25.02 74.22 60.16
CA THR R 214 -23.62 74.00 60.48
C THR R 214 -23.26 72.52 60.36
N LYS R 215 -23.92 71.82 59.46
CA LYS R 215 -23.71 70.38 59.27
C LYS R 215 -22.60 70.08 58.28
N PHE R 216 -22.68 70.67 57.08
CA PHE R 216 -21.68 70.45 56.04
C PHE R 216 -20.57 71.50 56.11
N THR R 217 -19.95 71.60 57.29
CA THR R 217 -18.87 72.56 57.50
C THR R 217 -17.53 71.93 57.16
N PRO R 218 -16.80 72.45 56.19
CA PRO R 218 -15.47 71.90 55.89
C PRO R 218 -14.44 72.31 56.94
N SER R 219 -13.46 71.45 57.11
CA SER R 219 -12.39 71.70 58.07
C SER R 219 -11.15 70.87 57.73
N ILE S 1 -1.33 95.81 22.37
CA ILE S 1 -1.76 97.06 22.97
C ILE S 1 -2.85 97.69 22.08
N GLU S 2 -3.56 96.84 21.33
CA GLU S 2 -4.56 97.31 20.37
C GLU S 2 -5.85 96.51 20.49
N PHE S 3 -6.37 96.41 21.72
CA PHE S 3 -7.53 95.55 21.97
C PHE S 3 -8.71 95.90 21.07
N TYR S 4 -8.92 97.19 20.80
CA TYR S 4 -10.01 97.61 19.93
C TYR S 4 -9.51 97.57 18.49
N GLY S 5 -9.48 96.37 17.93
CA GLY S 5 -9.06 96.18 16.57
C GLY S 5 -8.67 94.75 16.28
N PRO S 6 -8.30 94.46 15.03
CA PRO S 6 -7.84 93.11 14.68
C PRO S 6 -6.56 92.70 15.37
N ASN S 7 -5.78 93.65 15.88
CA ASN S 7 -4.47 93.38 16.48
C ASN S 7 -4.56 93.31 18.00
N ARG S 8 -5.67 92.79 18.53
CA ARG S 8 -5.81 92.62 19.96
C ARG S 8 -4.90 91.50 20.47
N ALA S 9 -4.63 91.53 21.77
CA ALA S 9 -3.85 90.47 22.41
C ALA S 9 -4.71 89.21 22.48
N LYS S 10 -4.53 88.33 21.50
CA LYS S 10 -5.42 87.19 21.33
C LYS S 10 -5.12 86.09 22.35
N TRP S 11 -5.98 85.07 22.35
CA TRP S 11 -6.02 84.10 23.44
C TRP S 11 -4.78 83.23 23.53
N LEU S 12 -3.96 83.17 22.47
CA LEU S 12 -2.72 82.40 22.52
C LEU S 12 -1.53 83.24 22.11
N GLY S 13 -1.73 84.53 21.89
CA GLY S 13 -0.70 85.37 21.30
C GLY S 13 -0.24 84.82 19.98
N PRO S 14 1.04 84.73 19.82
CA PRO S 14 1.68 84.25 18.59
C PRO S 14 1.43 82.81 18.25
N TYR S 15 0.58 82.18 19.04
CA TYR S 15 -0.13 80.99 18.60
C TYR S 15 -1.58 81.37 18.32
N SER S 16 -1.79 82.55 17.71
CA SER S 16 -3.10 83.20 17.65
C SER S 16 -4.10 82.54 16.73
N GLU S 17 -3.66 81.79 15.72
CA GLU S 17 -4.54 81.28 14.67
C GLU S 17 -5.43 82.39 14.11
N ASN S 18 -4.78 83.31 13.37
CA ASN S 18 -5.45 84.50 12.91
C ASN S 18 -6.49 84.16 11.86
N ALA S 19 -7.46 83.34 12.26
CA ALA S 19 -8.69 83.03 11.53
C ALA S 19 -9.87 83.10 12.50
N THR S 20 -9.91 84.20 13.25
CA THR S 20 -10.75 84.29 14.43
C THR S 20 -12.23 84.20 14.07
N PRO S 21 -13.06 83.72 14.99
CA PRO S 21 -14.51 83.72 14.75
C PRO S 21 -15.00 85.12 14.41
N ALA S 22 -15.82 85.22 13.37
CA ALA S 22 -16.16 86.51 12.80
C ALA S 22 -17.28 87.23 13.54
N TYR S 23 -17.90 86.60 14.53
CA TYR S 23 -18.99 87.27 15.24
C TYR S 23 -18.48 88.15 16.37
N LEU S 24 -17.17 88.23 16.58
CA LEU S 24 -16.58 89.26 17.43
C LEU S 24 -15.23 89.65 16.85
N THR S 25 -15.09 90.92 16.46
CA THR S 25 -13.81 91.46 16.02
C THR S 25 -13.65 92.83 16.67
N GLY S 26 -13.09 92.84 17.88
CA GLY S 26 -12.87 94.09 18.58
C GLY S 26 -14.16 94.81 18.89
N GLU S 27 -14.05 96.13 19.02
CA GLU S 27 -15.16 97.07 19.21
C GLU S 27 -15.88 96.87 20.54
N PHE S 28 -15.46 95.93 21.38
CA PHE S 28 -16.01 95.74 22.71
C PHE S 28 -14.88 95.29 23.63
N PRO S 29 -14.85 95.80 24.86
CA PRO S 29 -13.77 95.42 25.77
C PRO S 29 -13.83 93.94 26.13
N GLY S 30 -12.66 93.39 26.42
CA GLY S 30 -12.54 92.01 26.86
C GLY S 30 -12.68 90.97 25.77
N ASP S 31 -12.84 91.37 24.52
CA ASP S 31 -12.94 90.41 23.42
C ASP S 31 -11.59 89.78 23.16
N TYR S 32 -11.33 88.63 23.77
CA TYR S 32 -10.07 87.93 23.57
C TYR S 32 -10.22 86.70 22.67
N GLY S 33 -11.38 86.53 22.05
CA GLY S 33 -11.56 85.55 21.00
C GLY S 33 -11.41 84.10 21.39
N TRP S 34 -11.51 83.78 22.69
CA TRP S 34 -11.35 82.40 23.15
C TRP S 34 -12.72 81.75 23.24
N ASP S 35 -13.17 81.23 22.10
CA ASP S 35 -14.45 80.54 21.98
C ASP S 35 -14.18 79.12 21.47
N THR S 36 -13.93 78.20 22.40
CA THR S 36 -13.66 76.82 22.02
C THR S 36 -14.93 75.99 21.92
N ALA S 37 -15.93 76.28 22.75
CA ALA S 37 -17.23 75.64 22.65
C ALA S 37 -18.24 76.46 21.87
N GLY S 38 -18.17 77.79 21.96
CA GLY S 38 -19.06 78.65 21.21
C GLY S 38 -20.50 78.63 21.70
N LEU S 39 -20.71 79.02 22.96
CA LEU S 39 -22.04 79.09 23.54
C LEU S 39 -22.68 80.47 23.40
N SER S 40 -22.03 81.38 22.67
CA SER S 40 -22.52 82.75 22.51
C SER S 40 -22.51 83.14 21.03
N ALA S 41 -23.00 82.25 20.19
CA ALA S 41 -23.04 82.54 18.75
C ALA S 41 -24.13 83.56 18.43
N ASP S 42 -25.28 83.47 19.11
CA ASP S 42 -26.38 84.39 18.82
C ASP S 42 -26.07 85.78 19.37
N PRO S 43 -26.40 86.83 18.62
CA PRO S 43 -25.96 88.18 19.02
C PRO S 43 -26.68 88.72 20.24
N GLU S 44 -28.00 88.52 20.34
CA GLU S 44 -28.71 88.99 21.53
C GLU S 44 -28.28 88.18 22.76
N THR S 45 -28.09 86.88 22.60
CA THR S 45 -27.53 86.09 23.70
C THR S 45 -26.12 86.54 24.01
N PHE S 46 -25.35 86.92 22.99
CA PHE S 46 -24.03 87.48 23.25
C PHE S 46 -24.14 88.76 24.09
N LYS S 47 -25.12 89.61 23.78
CA LYS S 47 -25.32 90.82 24.58
C LYS S 47 -25.70 90.47 26.02
N ARG S 48 -26.57 89.48 26.16
CA ARG S 48 -26.89 88.98 27.49
C ARG S 48 -25.63 88.52 28.21
N TYR S 49 -24.71 87.88 27.48
CA TYR S 49 -23.49 87.39 28.09
C TYR S 49 -22.56 88.54 28.48
N ARG S 50 -22.53 89.60 27.68
CA ARG S 50 -21.76 90.79 28.06
C ARG S 50 -22.32 91.41 29.33
N GLU S 51 -23.63 91.60 29.38
CA GLU S 51 -24.25 92.16 30.58
C GLU S 51 -24.03 91.25 31.79
N LEU S 52 -24.25 89.95 31.60
CA LEU S 52 -24.12 88.96 32.66
C LEU S 52 -22.69 88.89 33.18
N GLU S 53 -21.71 88.91 32.26
CA GLU S 53 -20.31 88.88 32.66
C GLU S 53 -19.93 90.15 33.39
N LEU S 54 -20.46 91.30 32.96
CA LEU S 54 -20.19 92.54 33.68
C LEU S 54 -20.74 92.48 35.10
N ILE S 55 -21.98 91.99 35.25
CA ILE S 55 -22.59 91.88 36.58
C ILE S 55 -21.78 90.92 37.44
N HIS S 56 -21.42 89.75 36.89
CA HIS S 56 -20.62 88.78 37.62
C HIS S 56 -19.29 89.37 38.01
N ALA S 57 -18.64 90.10 37.09
CA ALA S 57 -17.32 90.64 37.36
C ALA S 57 -17.35 91.68 38.46
N ARG S 58 -18.32 92.59 38.42
CA ARG S 58 -18.40 93.60 39.48
C ARG S 58 -18.73 92.97 40.82
N TRP S 59 -19.69 92.03 40.86
CA TRP S 59 -20.02 91.37 42.11
C TRP S 59 -18.82 90.59 42.65
N ALA S 60 -18.10 89.89 41.77
CA ALA S 60 -16.96 89.09 42.20
C ALA S 60 -15.81 89.97 42.67
N MET S 61 -15.59 91.11 42.02
CA MET S 61 -14.57 92.03 42.50
C MET S 61 -14.90 92.56 43.89
N LEU S 62 -16.18 92.91 44.10
CA LEU S 62 -16.61 93.36 45.42
C LEU S 62 -16.36 92.27 46.46
N GLY S 63 -16.73 91.03 46.12
CA GLY S 63 -16.51 89.93 47.06
C GLY S 63 -15.05 89.66 47.32
N ALA S 64 -14.21 89.84 46.30
CA ALA S 64 -12.78 89.57 46.46
C ALA S 64 -12.12 90.57 47.39
N LEU S 65 -12.43 91.85 47.20
CA LEU S 65 -11.91 92.82 48.15
C LEU S 65 -12.48 92.58 49.54
N GLY S 66 -13.76 92.17 49.62
CA GLY S 66 -14.31 91.81 50.92
C GLY S 66 -13.68 90.60 51.55
N CYS S 67 -13.03 89.75 50.75
CA CYS S 67 -12.28 88.62 51.28
C CYS S 67 -10.84 88.97 51.63
N ILE S 68 -10.30 90.05 51.08
CA ILE S 68 -8.94 90.45 51.43
C ILE S 68 -8.90 91.39 52.64
N THR S 69 -9.89 92.29 52.79
CA THR S 69 -9.74 93.38 53.76
C THR S 69 -9.88 92.95 55.21
N PRO S 70 -11.01 92.38 55.66
CA PRO S 70 -11.23 92.26 57.11
C PRO S 70 -10.20 91.42 57.83
N GLU S 71 -9.69 90.36 57.20
CA GLU S 71 -8.68 89.54 57.85
C GLU S 71 -7.41 90.35 58.09
N LEU S 72 -6.98 91.12 57.10
CA LEU S 72 -5.79 91.95 57.28
C LEU S 72 -6.01 93.01 58.34
N LEU S 73 -7.20 93.61 58.37
CA LEU S 73 -7.49 94.64 59.38
C LEU S 73 -7.50 94.07 60.79
N ALA S 74 -8.07 92.88 60.98
CA ALA S 74 -8.03 92.24 62.29
C ALA S 74 -6.67 91.66 62.62
N LYS S 75 -5.84 91.39 61.61
CA LYS S 75 -4.48 90.94 61.86
C LYS S 75 -3.56 92.09 62.25
N SER S 76 -3.84 93.29 61.74
CA SER S 76 -2.92 94.40 61.97
C SER S 76 -3.14 95.04 63.34
N GLY S 77 -4.32 95.64 63.55
CA GLY S 77 -4.53 96.42 64.76
C GLY S 77 -5.92 96.40 65.36
N THR S 78 -6.83 95.57 64.83
CA THR S 78 -8.19 95.50 65.30
C THR S 78 -8.54 94.06 65.64
N GLN S 79 -9.73 93.86 66.20
CA GLN S 79 -10.23 92.51 66.46
C GLN S 79 -11.69 92.43 66.03
N PHE S 80 -12.06 91.34 65.37
CA PHE S 80 -13.41 91.10 64.92
C PHE S 80 -14.09 89.91 65.57
N GLY S 81 -13.32 88.99 66.16
CA GLY S 81 -13.85 87.68 66.48
C GLY S 81 -13.30 86.66 65.51
N GLU S 82 -14.12 86.25 64.54
CA GLU S 82 -13.68 85.40 63.43
C GLU S 82 -13.66 86.27 62.18
N ALA S 83 -12.52 86.94 61.96
CA ALA S 83 -12.37 87.76 60.76
C ALA S 83 -12.30 86.92 59.49
N VAL S 84 -11.95 85.63 59.62
CA VAL S 84 -11.98 84.75 58.46
C VAL S 84 -13.42 84.61 57.99
N TRP S 85 -13.61 84.64 56.67
CA TRP S 85 -14.93 84.80 56.07
C TRP S 85 -15.84 83.58 56.24
N PHE S 86 -15.43 82.55 56.98
CA PHE S 86 -16.32 81.42 57.20
C PHE S 86 -17.39 81.77 58.22
N LYS S 87 -16.97 82.04 59.46
CA LYS S 87 -17.91 82.25 60.56
C LYS S 87 -18.27 83.72 60.74
N ALA S 88 -17.81 84.59 59.82
CA ALA S 88 -18.31 85.95 59.79
C ALA S 88 -19.81 85.97 59.49
N GLY S 89 -20.30 84.97 58.76
CA GLY S 89 -21.73 84.83 58.57
C GLY S 89 -22.46 84.29 59.79
N ALA S 90 -21.73 83.63 60.70
CA ALA S 90 -22.32 83.09 61.92
C ALA S 90 -21.99 83.95 63.14
N GLN S 91 -21.43 85.14 62.94
CA GLN S 91 -21.12 86.02 64.06
C GLN S 91 -22.37 86.62 64.70
N ILE S 92 -23.53 86.52 64.05
CA ILE S 92 -24.76 87.00 64.66
C ILE S 92 -25.32 86.00 65.67
N PHE S 93 -24.98 84.72 65.54
CA PHE S 93 -25.54 83.70 66.41
C PHE S 93 -24.75 83.51 67.71
N SER S 94 -23.45 83.83 67.70
CA SER S 94 -22.57 83.33 68.76
C SER S 94 -22.91 83.82 70.16
N GLU S 95 -22.69 85.11 70.45
CA GLU S 95 -22.96 85.54 71.82
C GLU S 95 -23.78 86.82 71.93
N GLY S 96 -23.51 87.81 71.07
CA GLY S 96 -24.12 89.11 71.20
C GLY S 96 -24.48 89.74 69.87
N GLY S 97 -24.82 88.91 68.90
CA GLY S 97 -25.11 89.41 67.57
C GLY S 97 -23.84 89.81 66.84
N LEU S 98 -24.03 90.32 65.63
CA LEU S 98 -22.93 90.74 64.77
C LEU S 98 -22.58 92.18 65.11
N ASP S 99 -21.53 92.37 65.91
CA ASP S 99 -21.01 93.70 66.20
C ASP S 99 -20.01 94.07 65.11
N TYR S 100 -20.26 95.19 64.44
CA TYR S 100 -19.36 95.63 63.40
C TYR S 100 -18.04 96.13 63.99
N LEU S 101 -16.94 95.87 63.28
CA LEU S 101 -15.58 96.17 63.71
C LEU S 101 -15.19 95.46 65.00
N GLY S 102 -15.98 94.51 65.46
CA GLY S 102 -15.74 93.94 66.78
C GLY S 102 -15.88 94.97 67.87
N ASN S 103 -16.92 95.78 67.82
CA ASN S 103 -17.10 96.89 68.75
C ASN S 103 -18.57 96.97 69.17
N PRO S 104 -18.86 96.92 70.48
CA PRO S 104 -20.25 97.08 70.93
C PRO S 104 -20.69 98.54 70.98
N SER S 105 -20.35 99.29 69.93
CA SER S 105 -20.87 100.63 69.72
C SER S 105 -21.30 100.80 68.26
N LEU S 106 -21.42 99.70 67.52
CA LEU S 106 -21.73 99.69 66.10
C LEU S 106 -22.81 98.64 65.87
N VAL S 107 -23.04 98.25 64.61
CA VAL S 107 -24.33 97.75 64.13
C VAL S 107 -25.07 96.86 65.13
N HIS S 108 -24.40 95.85 65.68
CA HIS S 108 -24.98 95.01 66.73
C HIS S 108 -26.34 94.43 66.29
N ALA S 109 -26.29 93.66 65.21
CA ALA S 109 -27.50 93.06 64.64
C ALA S 109 -27.85 91.80 65.41
N GLN S 110 -29.00 91.79 66.08
CA GLN S 110 -29.39 90.67 66.93
C GLN S 110 -30.11 89.58 66.16
N ASN S 111 -31.14 89.94 65.41
CA ASN S 111 -31.97 88.98 64.70
C ASN S 111 -31.62 88.95 63.23
N ILE S 112 -31.29 87.76 62.73
CA ILE S 112 -30.87 87.63 61.33
C ILE S 112 -32.05 87.67 60.37
N VAL S 113 -33.27 87.36 60.83
CA VAL S 113 -34.43 87.40 59.94
C VAL S 113 -34.81 88.83 59.60
N ALA S 114 -34.50 89.79 60.48
CA ALA S 114 -34.74 91.19 60.13
C ALA S 114 -33.79 91.64 59.03
N THR S 115 -32.49 91.33 59.18
CA THR S 115 -31.55 91.51 58.09
C THR S 115 -32.05 90.83 56.83
N LEU S 116 -32.62 89.64 57.00
CA LEU S 116 -33.13 88.85 55.87
C LEU S 116 -34.22 89.60 55.11
N ALA S 117 -35.26 90.05 55.82
CA ALA S 117 -36.40 90.68 55.17
C ALA S 117 -36.01 92.03 54.57
N VAL S 118 -35.28 92.86 55.33
CA VAL S 118 -34.88 94.16 54.81
C VAL S 118 -33.94 93.98 53.63
N GLN S 119 -33.08 92.96 53.67
CA GLN S 119 -32.17 92.68 52.57
C GLN S 119 -32.94 92.28 51.31
N VAL S 120 -33.97 91.43 51.47
CA VAL S 120 -34.76 91.06 50.30
C VAL S 120 -35.47 92.29 49.73
N ILE S 121 -36.04 93.13 50.58
CA ILE S 121 -36.76 94.30 50.10
C ILE S 121 -35.80 95.23 49.33
N LEU S 122 -34.66 95.55 49.95
CA LEU S 122 -33.70 96.46 49.34
C LEU S 122 -33.11 95.87 48.07
N MET S 123 -32.81 94.57 48.06
CA MET S 123 -32.21 93.93 46.90
C MET S 123 -33.18 93.85 45.75
N GLY S 124 -34.43 93.51 46.03
CA GLY S 124 -35.44 93.55 44.98
C GLY S 124 -35.59 94.94 44.40
N LEU S 125 -35.63 95.96 45.26
CA LEU S 125 -35.74 97.32 44.76
C LEU S 125 -34.55 97.69 43.88
N VAL S 126 -33.33 97.43 44.35
CA VAL S 126 -32.16 97.87 43.61
C VAL S 126 -31.98 97.07 42.33
N GLU S 127 -32.32 95.78 42.33
CA GLU S 127 -32.17 95.02 41.09
C GLU S 127 -33.26 95.35 40.08
N GLY S 128 -34.50 95.54 40.53
CA GLY S 128 -35.53 95.99 39.60
C GLY S 128 -35.19 97.33 38.99
N TYR S 129 -34.80 98.30 39.83
CA TYR S 129 -34.40 99.59 39.32
C TYR S 129 -33.07 99.53 38.56
N ARG S 130 -32.28 98.45 38.74
CA ARG S 130 -31.10 98.24 37.91
C ARG S 130 -31.49 97.80 36.51
N VAL S 131 -32.45 96.88 36.42
CA VAL S 131 -32.88 96.41 35.11
C VAL S 131 -33.59 97.52 34.34
N ASN S 132 -34.66 98.07 34.93
CA ASN S 132 -35.53 98.97 34.19
C ASN S 132 -35.24 100.45 34.44
N GLY S 133 -34.22 100.77 35.24
CA GLY S 133 -33.95 102.16 35.55
C GLY S 133 -34.79 102.67 36.70
N GLY S 134 -34.82 103.99 36.83
CA GLY S 134 -35.57 104.60 37.91
C GLY S 134 -34.90 105.85 38.45
N PRO S 135 -34.60 105.84 39.74
CA PRO S 135 -34.02 107.01 40.41
C PRO S 135 -32.73 107.47 39.75
N ALA S 136 -32.35 108.71 40.06
CA ALA S 136 -31.14 109.35 39.54
C ALA S 136 -31.11 109.29 38.02
N GLY S 137 -32.27 109.53 37.39
CA GLY S 137 -32.40 109.43 35.96
C GLY S 137 -32.83 108.05 35.53
N GLU S 138 -33.74 107.98 34.56
CA GLU S 138 -34.21 106.69 34.07
C GLU S 138 -33.09 105.99 33.30
N GLY S 139 -32.97 104.69 33.52
CA GLY S 139 -31.92 103.90 32.88
C GLY S 139 -32.12 103.74 31.39
N LEU S 140 -31.25 104.37 30.60
CA LEU S 140 -31.30 104.26 29.15
C LEU S 140 -30.29 103.28 28.59
N ASP S 141 -29.26 102.92 29.36
CA ASP S 141 -28.25 101.97 28.93
C ASP S 141 -28.20 100.80 29.91
N PRO S 142 -28.37 99.56 29.46
CA PRO S 142 -28.25 98.43 30.38
C PRO S 142 -26.81 98.05 30.70
N LEU S 143 -25.85 98.38 29.85
CA LEU S 143 -24.46 97.97 30.08
C LEU S 143 -23.71 99.00 30.93
N TYR S 144 -23.59 100.22 30.45
CA TYR S 144 -22.97 101.30 31.22
C TYR S 144 -23.84 102.54 31.07
N PRO S 145 -24.48 103.00 32.15
CA PRO S 145 -25.50 104.04 32.02
C PRO S 145 -24.97 105.39 31.55
N GLY S 146 -23.97 105.92 32.24
CA GLY S 146 -23.48 107.27 31.97
C GLY S 146 -24.20 108.37 32.71
N GLU S 147 -25.21 108.04 33.51
CA GLU S 147 -25.95 109.00 34.32
C GLU S 147 -25.23 109.19 35.66
N SER S 148 -25.90 109.77 36.64
CA SER S 148 -25.23 110.17 37.87
C SER S 148 -24.82 108.97 38.72
N PHE S 149 -23.91 108.15 38.18
CA PHE S 149 -23.17 107.16 38.93
C PHE S 149 -21.68 107.44 38.90
N ASP S 150 -21.25 108.45 38.13
CA ASP S 150 -19.84 108.85 38.03
C ASP S 150 -19.78 110.31 38.48
N PRO S 151 -19.76 110.56 39.79
CA PRO S 151 -19.78 111.94 40.27
C PRO S 151 -18.47 112.68 40.09
N LEU S 152 -17.41 112.00 39.65
CA LEU S 152 -16.13 112.66 39.41
C LEU S 152 -15.95 113.09 37.97
N GLY S 153 -16.60 112.42 37.02
CA GLY S 153 -16.51 112.80 35.62
C GLY S 153 -15.26 112.30 34.92
N LEU S 154 -15.04 111.00 34.94
CA LEU S 154 -13.91 110.39 34.25
C LEU S 154 -14.26 109.88 32.86
N ALA S 155 -15.54 109.97 32.47
CA ALA S 155 -16.01 109.38 31.21
C ALA S 155 -16.11 110.41 30.08
N ASP S 156 -15.29 111.46 30.14
CA ASP S 156 -15.29 112.46 29.07
C ASP S 156 -14.44 111.99 27.88
N ASP S 157 -13.19 111.66 28.12
CA ASP S 157 -12.28 111.25 27.06
C ASP S 157 -12.57 109.80 26.64
N PRO S 158 -12.84 109.53 25.37
CA PRO S 158 -13.38 108.21 25.01
C PRO S 158 -12.38 107.07 25.06
N ASP S 159 -11.14 107.27 24.60
CA ASP S 159 -10.21 106.15 24.51
C ASP S 159 -9.72 105.72 25.89
N THR S 160 -9.47 106.68 26.78
CA THR S 160 -9.14 106.31 28.15
C THR S 160 -10.31 105.63 28.83
N PHE S 161 -11.54 106.04 28.51
CA PHE S 161 -12.72 105.37 29.04
C PHE S 161 -12.81 103.93 28.54
N ALA S 162 -12.48 103.69 27.27
CA ALA S 162 -12.46 102.33 26.74
C ALA S 162 -11.37 101.51 27.40
N GLU S 163 -10.20 102.11 27.64
CA GLU S 163 -9.15 101.42 28.38
C GLU S 163 -9.63 101.07 29.79
N LEU S 164 -10.39 101.97 30.42
CA LEU S 164 -10.98 101.66 31.71
C LEU S 164 -11.96 100.51 31.62
N LYS S 165 -12.73 100.44 30.53
CA LYS S 165 -13.61 99.29 30.29
C LYS S 165 -12.81 98.00 30.27
N VAL S 166 -11.71 97.98 29.52
CA VAL S 166 -10.93 96.76 29.38
C VAL S 166 -10.28 96.38 30.71
N LYS S 167 -9.78 97.38 31.45
CA LYS S 167 -9.24 97.11 32.78
C LYS S 167 -10.31 96.55 33.71
N GLU S 168 -11.51 97.10 33.64
CA GLU S 168 -12.61 96.62 34.46
C GLU S 168 -12.92 95.16 34.15
N ILE S 169 -12.98 94.82 32.87
CA ILE S 169 -13.29 93.44 32.49
C ILE S 169 -12.18 92.49 32.90
N LYS S 170 -10.91 92.88 32.68
CA LYS S 170 -9.80 92.02 33.07
C LYS S 170 -9.74 91.83 34.58
N ASN S 171 -9.93 92.91 35.34
CA ASN S 171 -9.99 92.82 36.79
C ASN S 171 -11.14 91.91 37.22
N GLY S 172 -12.28 91.99 36.53
CA GLY S 172 -13.40 91.14 36.88
C GLY S 172 -13.14 89.67 36.62
N ARG S 173 -12.49 89.36 35.49
CA ARG S 173 -12.11 87.98 35.21
C ARG S 173 -11.16 87.45 36.28
N LEU S 174 -10.14 88.27 36.61
CA LEU S 174 -9.21 87.85 37.64
C LEU S 174 -9.91 87.66 38.98
N ALA S 175 -10.85 88.55 39.31
CA ALA S 175 -11.59 88.43 40.56
C ALA S 175 -12.42 87.17 40.58
N MET S 176 -13.06 86.83 39.47
CA MET S 176 -13.87 85.61 39.43
C MET S 176 -13.00 84.37 39.62
N PHE S 177 -11.87 84.31 38.90
CA PHE S 177 -10.97 83.17 39.04
C PHE S 177 -10.41 83.07 40.46
N SER S 178 -10.06 84.22 41.05
CA SER S 178 -9.50 84.24 42.39
C SER S 178 -10.53 83.84 43.43
N MET S 179 -11.79 84.24 43.24
CA MET S 179 -12.83 83.81 44.18
C MET S 179 -13.14 82.35 44.02
N PHE S 180 -13.00 81.81 42.81
CA PHE S 180 -13.04 80.36 42.66
C PHE S 180 -11.93 79.71 43.47
N GLY S 181 -10.73 80.30 43.43
CA GLY S 181 -9.65 79.80 44.28
C GLY S 181 -9.98 79.88 45.75
N PHE S 182 -10.63 80.97 46.17
CA PHE S 182 -11.06 81.12 47.56
C PHE S 182 -12.05 80.02 47.94
N PHE S 183 -12.99 79.72 47.06
CA PHE S 183 -13.98 78.68 47.34
C PHE S 183 -13.32 77.30 47.40
N VAL S 184 -12.37 77.02 46.52
CA VAL S 184 -11.70 75.73 46.54
C VAL S 184 -10.83 75.59 47.78
N GLN S 185 -10.19 76.68 48.22
CA GLN S 185 -9.48 76.64 49.49
C GLN S 185 -10.44 76.48 50.66
N ALA S 186 -11.65 77.03 50.54
CA ALA S 186 -12.66 76.81 51.57
C ALA S 186 -13.05 75.33 51.64
N ILE S 187 -13.09 74.67 50.50
CA ILE S 187 -13.48 73.26 50.48
C ILE S 187 -12.34 72.38 51.00
N VAL S 188 -11.17 72.46 50.35
CA VAL S 188 -10.13 71.46 50.57
C VAL S 188 -9.53 71.59 51.96
N THR S 189 -8.90 72.73 52.24
CA THR S 189 -8.22 72.91 53.52
C THR S 189 -9.10 73.57 54.57
N GLY S 190 -10.11 74.34 54.16
CA GLY S 190 -11.06 74.89 55.10
C GLY S 190 -10.49 75.83 56.12
N LYS S 191 -9.34 76.44 55.84
CA LYS S 191 -8.73 77.40 56.74
C LYS S 191 -8.74 78.79 56.08
N GLY S 192 -8.15 79.75 56.78
CA GLY S 192 -8.07 81.11 56.31
C GLY S 192 -7.23 81.25 55.06
N PRO S 193 -7.79 81.89 54.02
CA PRO S 193 -7.01 82.10 52.80
C PRO S 193 -5.80 82.98 53.01
N ILE S 194 -5.89 83.98 53.89
CA ILE S 194 -4.71 84.76 54.22
C ILE S 194 -3.86 84.03 55.24
N GLN S 195 -4.48 83.17 56.06
CA GLN S 195 -3.70 82.21 56.82
C GLN S 195 -2.93 81.29 55.89
N ASN S 196 -3.58 80.89 54.79
CA ASN S 196 -2.89 80.15 53.72
C ASN S 196 -1.74 80.96 53.16
N LEU S 197 -1.96 82.25 52.91
CA LEU S 197 -0.92 83.12 52.40
C LEU S 197 0.28 83.14 53.33
N ASP S 198 0.03 83.40 54.62
CA ASP S 198 1.13 83.46 55.59
C ASP S 198 1.83 82.11 55.71
N ASP S 199 1.08 81.02 55.68
CA ASP S 199 1.67 79.70 55.85
C ASP S 199 2.51 79.30 54.64
N HIS S 200 2.07 79.67 53.44
CA HIS S 200 2.85 79.35 52.25
C HIS S 200 4.06 80.28 52.13
N LEU S 201 3.94 81.52 52.62
CA LEU S 201 5.11 82.39 52.65
C LEU S 201 6.12 81.92 53.70
N SER S 202 5.63 81.33 54.80
CA SER S 202 6.53 80.72 55.77
C SER S 202 7.03 79.36 55.28
N ASN S 203 6.20 78.63 54.54
CA ASN S 203 6.55 77.31 54.02
C ASN S 203 6.35 77.31 52.52
N PRO S 204 7.39 77.62 51.75
CA PRO S 204 7.21 77.77 50.30
C PRO S 204 7.06 76.46 49.55
N THR S 205 7.71 75.38 50.02
CA THR S 205 7.74 74.13 49.27
C THR S 205 7.47 72.89 50.11
N VAL S 206 7.50 72.97 51.44
CA VAL S 206 7.32 71.76 52.24
C VAL S 206 5.85 71.43 52.41
N ASN S 207 4.98 72.43 52.51
CA ASN S 207 3.53 72.23 52.53
C ASN S 207 2.96 73.07 51.39
N ASN S 208 2.98 72.50 50.18
CA ASN S 208 2.64 73.29 49.00
C ASN S 208 1.15 73.14 48.64
N ALA S 209 0.79 71.97 48.12
CA ALA S 209 -0.62 71.61 47.95
C ALA S 209 -0.91 70.15 48.24
N PHE S 210 0.07 69.26 48.15
CA PHE S 210 -0.18 67.83 48.05
C PHE S 210 -0.03 67.10 49.36
N ALA S 211 0.32 67.81 50.44
CA ALA S 211 -0.01 67.30 51.76
C ALA S 211 -1.52 67.27 51.95
N PHE S 212 -2.21 68.26 51.40
CA PHE S 212 -3.68 68.29 51.35
C PHE S 212 -4.19 67.69 50.05
N ALA S 213 -3.73 66.47 49.73
CA ALA S 213 -4.16 65.78 48.54
C ALA S 213 -4.68 64.37 48.80
N THR S 214 -4.63 63.91 50.05
CA THR S 214 -5.13 62.59 50.41
C THR S 214 -6.26 62.70 51.44
N LYS S 215 -7.02 63.79 51.38
CA LYS S 215 -8.10 64.05 52.33
C LYS S 215 -9.42 63.44 51.88
N PHE S 216 -9.84 63.74 50.65
CA PHE S 216 -11.12 63.23 50.12
C PHE S 216 -10.91 61.92 49.37
N THR S 217 -10.31 60.95 50.07
CA THR S 217 -10.04 59.66 49.48
C THR S 217 -11.22 58.72 49.71
N PRO S 218 -11.88 58.22 48.66
CA PRO S 218 -12.97 57.27 48.87
C PRO S 218 -12.45 55.89 49.25
N SER S 219 -13.27 55.18 50.02
CA SER S 219 -12.92 53.83 50.44
C SER S 219 -14.17 53.04 50.82
N LYS T 1 32.44 -54.17 -54.44
CA LYS T 1 31.53 -55.00 -53.67
C LYS T 1 32.21 -56.25 -53.17
N ALA T 2 32.88 -56.15 -52.03
CA ALA T 2 33.43 -57.35 -51.44
C ALA T 2 32.37 -58.20 -50.76
N GLY T 3 31.21 -57.62 -50.48
CA GLY T 3 30.14 -58.35 -49.81
C GLY T 3 29.02 -57.39 -49.46
N ASN T 4 28.22 -57.77 -48.46
CA ASN T 4 27.17 -56.89 -47.97
C ASN T 4 26.95 -57.19 -46.49
N TRP T 5 27.17 -56.19 -45.65
CA TRP T 5 27.19 -56.38 -44.21
C TRP T 5 25.85 -56.75 -43.62
N LEU T 6 24.79 -56.83 -44.41
CA LEU T 6 23.47 -57.10 -43.87
C LEU T 6 22.57 -57.58 -45.00
N PRO T 7 22.45 -58.88 -45.21
CA PRO T 7 21.80 -59.38 -46.43
C PRO T 7 20.40 -58.80 -46.61
N GLY T 8 20.13 -58.36 -47.83
CA GLY T 8 18.84 -57.81 -48.17
C GLY T 8 18.82 -56.30 -48.24
N SER T 9 19.45 -55.64 -47.27
CA SER T 9 19.42 -54.19 -47.23
C SER T 9 20.17 -53.59 -48.41
N ASP T 10 19.70 -52.43 -48.85
CA ASP T 10 20.31 -51.76 -50.00
C ASP T 10 21.59 -51.04 -49.61
N ALA T 11 22.53 -51.01 -50.55
CA ALA T 11 23.78 -50.34 -50.30
C ALA T 11 23.57 -48.83 -50.31
N PRO T 12 24.36 -48.09 -49.54
CA PRO T 12 24.27 -46.63 -49.58
C PRO T 12 24.72 -46.10 -50.93
N ALA T 13 24.13 -44.97 -51.31
CA ALA T 13 24.41 -44.40 -52.62
C ALA T 13 25.78 -43.74 -52.69
N TRP T 14 26.29 -43.24 -51.57
CA TRP T 14 27.52 -42.46 -51.63
C TRP T 14 28.78 -43.30 -51.66
N LEU T 15 28.69 -44.60 -51.38
CA LEU T 15 29.85 -45.46 -51.51
C LEU T 15 30.06 -45.80 -52.99
N PRO T 16 31.22 -45.51 -53.56
CA PRO T 16 31.49 -45.97 -54.92
C PRO T 16 31.95 -47.42 -54.93
N ASP T 17 31.61 -48.11 -56.02
CA ASP T 17 31.84 -49.55 -56.07
C ASP T 17 33.32 -49.87 -56.14
N ASP T 18 34.06 -49.21 -57.02
CA ASP T 18 35.49 -49.50 -57.12
C ASP T 18 36.20 -48.91 -55.91
N LEU T 19 36.31 -49.70 -54.85
CA LEU T 19 36.91 -49.26 -53.60
C LEU T 19 37.16 -50.48 -52.73
N PRO T 20 38.32 -50.59 -52.11
CA PRO T 20 38.61 -51.77 -51.29
C PRO T 20 37.79 -51.80 -50.02
N GLY T 21 37.35 -53.00 -49.64
CA GLY T 21 36.55 -53.15 -48.45
C GLY T 21 35.22 -52.43 -48.51
N ASN T 22 34.61 -52.37 -49.69
CA ASN T 22 33.34 -51.68 -49.86
C ASN T 22 32.21 -52.65 -49.56
N TYR T 23 31.84 -52.76 -48.29
CA TYR T 23 30.71 -53.57 -47.88
C TYR T 23 29.43 -52.77 -47.75
N GLY T 24 29.48 -51.45 -47.91
CA GLY T 24 28.30 -50.65 -47.72
C GLY T 24 27.92 -50.45 -46.27
N PHE T 25 28.89 -50.42 -45.37
CA PHE T 25 28.64 -50.36 -43.94
C PHE T 25 28.62 -48.91 -43.51
N ASP T 26 27.45 -48.33 -43.41
CA ASP T 26 27.42 -46.98 -42.88
C ASP T 26 26.05 -46.62 -42.35
N PRO T 27 25.73 -46.97 -41.10
CA PRO T 27 24.42 -46.60 -40.56
C PRO T 27 24.30 -45.12 -40.28
N LEU T 28 25.37 -44.50 -39.81
CA LEU T 28 25.32 -43.10 -39.39
C LEU T 28 25.42 -42.13 -40.54
N SER T 29 25.63 -42.60 -41.76
CA SER T 29 25.81 -41.74 -42.92
C SER T 29 26.98 -40.76 -42.70
N LEU T 30 28.09 -41.32 -42.25
CA LEU T 30 29.26 -40.49 -41.94
C LEU T 30 30.01 -40.05 -43.18
N GLY T 31 30.00 -40.86 -44.24
CA GLY T 31 30.79 -40.52 -45.40
C GLY T 31 29.98 -40.08 -46.59
N LYS T 32 28.90 -39.34 -46.36
CA LYS T 32 28.03 -38.95 -47.46
C LYS T 32 28.67 -37.92 -48.38
N GLU T 33 29.63 -37.15 -47.88
CA GLU T 33 30.29 -36.04 -48.57
C GLU T 33 31.65 -36.47 -49.12
N PRO T 34 32.05 -35.96 -50.28
CA PRO T 34 33.22 -36.52 -50.96
C PRO T 34 34.54 -36.35 -50.22
N ALA T 35 34.89 -35.10 -49.90
CA ALA T 35 36.20 -34.83 -49.32
C ALA T 35 36.37 -35.54 -47.99
N SER T 36 35.32 -35.52 -47.16
CA SER T 36 35.37 -36.24 -45.89
C SER T 36 35.57 -37.72 -46.13
N LEU T 37 34.90 -38.29 -47.13
CA LEU T 37 35.08 -39.70 -47.41
C LEU T 37 36.52 -40.02 -47.79
N LYS T 38 37.14 -39.16 -48.60
CA LYS T 38 38.53 -39.40 -48.96
C LYS T 38 39.43 -39.36 -47.73
N ARG T 39 39.23 -38.37 -46.88
CA ARG T 39 40.02 -38.31 -45.66
C ARG T 39 39.82 -39.57 -44.82
N PHE T 40 38.60 -40.07 -44.78
CA PHE T 40 38.33 -41.27 -43.99
C PHE T 40 39.01 -42.49 -44.58
N THR T 41 39.07 -42.59 -45.90
CA THR T 41 39.81 -43.71 -46.49
C THR T 41 41.27 -43.66 -46.08
N GLU T 42 41.87 -42.47 -46.17
CA GLU T 42 43.25 -42.31 -45.70
C GLU T 42 43.40 -42.80 -44.27
N SER T 43 42.52 -42.31 -43.39
CA SER T 43 42.65 -42.64 -41.98
C SER T 43 42.46 -44.13 -41.74
N GLU T 44 41.52 -44.76 -42.44
CA GLU T 44 41.29 -46.18 -42.22
C GLU T 44 42.51 -46.99 -42.59
N VAL T 45 43.10 -46.70 -43.75
CA VAL T 45 44.24 -47.51 -44.15
C VAL T 45 45.42 -47.29 -43.20
N ILE T 46 45.65 -46.05 -42.78
CA ILE T 46 46.81 -45.79 -41.92
C ILE T 46 46.62 -46.42 -40.56
N HIS T 47 45.44 -46.24 -39.96
CA HIS T 47 45.16 -46.89 -38.70
C HIS T 47 45.33 -48.40 -38.84
N GLY T 48 44.96 -48.95 -39.99
CA GLY T 48 45.13 -50.38 -40.18
C GLY T 48 46.58 -50.80 -40.14
N ARG T 49 47.43 -50.06 -40.84
CA ARG T 49 48.84 -50.43 -40.84
C ARG T 49 49.44 -50.33 -39.44
N TRP T 50 49.12 -49.26 -38.72
CA TRP T 50 49.67 -49.12 -37.38
C TRP T 50 49.12 -50.20 -36.45
N ALA T 51 47.85 -50.56 -36.62
CA ALA T 51 47.28 -51.62 -35.79
C ALA T 51 47.96 -52.95 -36.07
N MET T 52 48.19 -53.26 -37.34
CA MET T 52 48.90 -54.49 -37.66
C MET T 52 50.25 -54.52 -36.95
N LEU T 53 50.99 -53.42 -37.06
CA LEU T 53 52.31 -53.39 -36.45
C LEU T 53 52.21 -53.61 -34.95
N GLY T 54 51.28 -52.91 -34.29
CA GLY T 54 51.20 -53.01 -32.85
C GLY T 54 50.81 -54.39 -32.38
N VAL T 55 49.80 -54.98 -33.03
CA VAL T 55 49.34 -56.29 -32.61
C VAL T 55 50.41 -57.34 -32.85
N ALA T 56 51.03 -57.32 -34.03
CA ALA T 56 52.14 -58.24 -34.27
C ALA T 56 53.22 -58.06 -33.22
N GLY T 57 53.48 -56.82 -32.82
CA GLY T 57 54.52 -56.58 -31.84
C GLY T 57 54.20 -57.19 -30.49
N SER T 58 52.99 -56.96 -29.99
CA SER T 58 52.64 -57.50 -28.68
C SER T 58 52.63 -59.02 -28.72
N LEU T 59 52.13 -59.60 -29.81
CA LEU T 59 52.13 -61.05 -29.93
C LEU T 59 53.55 -61.60 -29.95
N ALA T 60 54.46 -60.94 -30.66
CA ALA T 60 55.85 -61.39 -30.68
C ALA T 60 56.48 -61.26 -29.29
N VAL T 61 56.21 -60.16 -28.60
CA VAL T 61 56.79 -59.96 -27.28
C VAL T 61 56.38 -61.08 -26.35
N GLU T 62 55.08 -61.38 -26.29
CA GLU T 62 54.64 -62.41 -25.35
C GLU T 62 55.00 -63.81 -25.84
N LEU T 63 55.03 -64.03 -27.16
CA LEU T 63 55.29 -65.35 -27.69
C LEU T 63 56.74 -65.76 -27.52
N LEU T 64 57.66 -64.80 -27.49
CA LEU T 64 59.06 -65.09 -27.26
C LEU T 64 59.47 -64.83 -25.82
N GLY T 65 58.50 -64.59 -24.94
CA GLY T 65 58.76 -64.56 -23.51
C GLY T 65 59.58 -63.38 -23.02
N TYR T 66 59.01 -62.19 -23.09
CA TYR T 66 59.66 -61.00 -22.55
C TYR T 66 58.65 -60.12 -21.84
N GLY T 67 57.72 -60.74 -21.13
CA GLY T 67 56.66 -59.99 -20.50
C GLY T 67 55.54 -59.70 -21.48
N ASN T 68 54.56 -58.92 -21.02
CA ASN T 68 53.44 -58.55 -21.85
C ASN T 68 53.75 -57.25 -22.58
N TRP T 69 52.76 -56.73 -23.32
CA TRP T 69 52.91 -55.39 -23.86
C TRP T 69 52.73 -54.33 -22.80
N TYR T 70 52.15 -54.69 -21.66
CA TYR T 70 51.87 -53.73 -20.60
C TYR T 70 53.09 -53.45 -19.74
N ASP T 71 54.02 -54.40 -19.65
CA ASP T 71 55.22 -54.23 -18.85
C ASP T 71 56.48 -54.12 -19.69
N ALA T 72 56.34 -53.91 -21.00
CA ALA T 72 57.46 -53.42 -21.78
C ALA T 72 57.91 -52.03 -21.34
N PRO T 73 57.03 -51.06 -21.06
CA PRO T 73 57.51 -49.73 -20.64
C PRO T 73 57.73 -49.65 -19.16
N LEU T 74 57.82 -50.80 -18.49
CA LEU T 74 57.98 -50.82 -17.05
C LEU T 74 59.33 -50.30 -16.61
N TRP T 75 60.36 -50.39 -17.47
CA TRP T 75 61.70 -50.03 -17.05
C TRP T 75 61.92 -48.53 -16.88
N ALA T 76 60.97 -47.69 -17.30
CA ALA T 76 61.17 -46.25 -17.26
C ALA T 76 60.57 -45.58 -16.04
N VAL T 77 59.42 -46.03 -15.56
CA VAL T 77 58.88 -45.46 -14.33
C VAL T 77 59.59 -46.04 -13.12
N ASN T 78 59.67 -47.36 -13.04
CA ASN T 78 60.51 -48.02 -12.07
C ASN T 78 61.89 -48.18 -12.68
N GLY T 79 62.92 -47.74 -11.96
CA GLY T 79 64.26 -47.68 -12.51
C GLY T 79 64.78 -48.99 -13.07
N GLY T 80 65.36 -48.93 -14.26
CA GLY T 80 65.88 -50.11 -14.93
C GLY T 80 66.50 -49.79 -16.28
N LYS T 81 66.43 -50.73 -17.21
CA LYS T 81 67.00 -50.52 -18.54
C LYS T 81 66.19 -51.29 -19.56
N ALA T 82 66.03 -50.71 -20.75
CA ALA T 82 65.27 -51.34 -21.82
C ALA T 82 66.01 -52.57 -22.35
N THR T 83 65.31 -53.32 -23.20
CA THR T 83 65.88 -54.52 -23.80
C THR T 83 65.40 -54.67 -25.24
N TRP T 84 66.01 -55.63 -25.93
CA TRP T 84 65.56 -56.17 -27.19
C TRP T 84 65.77 -57.67 -27.04
N PHE T 85 65.97 -58.40 -28.12
CA PHE T 85 65.90 -59.86 -28.06
C PHE T 85 67.02 -60.43 -27.21
N GLY T 86 66.98 -60.15 -25.91
CA GLY T 86 67.98 -60.63 -25.00
C GLY T 86 69.21 -59.75 -24.85
N ILE T 87 69.19 -58.54 -25.39
CA ILE T 87 70.31 -57.61 -25.24
C ILE T 87 69.80 -56.29 -24.70
N GLU T 88 70.66 -55.62 -23.94
CA GLU T 88 70.31 -54.38 -23.27
C GLU T 88 70.36 -53.21 -24.25
N VAL T 89 69.56 -52.18 -23.97
CA VAL T 89 69.47 -51.00 -24.81
C VAL T 89 70.01 -49.82 -24.01
N PRO T 90 71.10 -49.19 -24.43
CA PRO T 90 71.72 -48.08 -23.68
C PRO T 90 71.16 -46.70 -24.03
N PHE T 91 69.98 -46.40 -23.50
CA PHE T 91 69.37 -45.10 -23.75
C PHE T 91 68.56 -44.68 -22.52
N ASP T 92 68.24 -43.39 -22.49
CA ASP T 92 67.42 -42.80 -21.44
C ASP T 92 66.04 -42.49 -21.99
N LEU T 93 65.09 -42.30 -21.07
CA LEU T 93 63.73 -42.00 -21.50
C LEU T 93 63.70 -40.75 -22.36
N ASN T 94 64.43 -39.72 -21.95
CA ASN T 94 64.46 -38.50 -22.76
C ASN T 94 65.23 -38.72 -24.06
N ALA T 95 66.21 -39.62 -24.08
CA ALA T 95 66.92 -39.87 -25.33
C ALA T 95 66.00 -40.46 -26.37
N LEU T 96 65.28 -41.52 -26.00
CA LEU T 96 64.35 -42.11 -26.95
C LEU T 96 63.22 -41.16 -27.25
N LEU T 97 62.81 -40.33 -26.28
CA LEU T 97 61.78 -39.35 -26.57
C LEU T 97 62.23 -38.35 -27.62
N ALA T 98 63.49 -37.91 -27.53
CA ALA T 98 64.02 -36.97 -28.50
C ALA T 98 64.13 -37.59 -29.88
N PHE T 99 64.74 -38.78 -29.97
CA PHE T 99 64.89 -39.40 -31.27
C PHE T 99 63.55 -39.82 -31.85
N GLU T 100 62.61 -40.24 -31.02
CA GLU T 100 61.27 -40.52 -31.50
C GLU T 100 60.60 -39.26 -32.01
N PHE T 101 60.67 -38.17 -31.27
CA PHE T 101 60.04 -36.95 -31.72
C PHE T 101 60.60 -36.51 -33.06
N VAL T 102 61.92 -36.47 -33.18
CA VAL T 102 62.53 -36.01 -34.42
C VAL T 102 62.19 -36.96 -35.57
N ALA T 103 62.37 -38.26 -35.36
CA ALA T 103 62.17 -39.20 -36.46
C ALA T 103 60.72 -39.23 -36.90
N MET T 104 59.80 -39.34 -35.94
CA MET T 104 58.39 -39.41 -36.29
C MET T 104 57.93 -38.09 -36.89
N ALA T 105 58.40 -36.96 -36.37
CA ALA T 105 58.01 -35.68 -36.93
C ALA T 105 58.49 -35.56 -38.36
N ALA T 106 59.74 -35.92 -38.63
CA ALA T 106 60.25 -35.88 -39.99
C ALA T 106 59.43 -36.77 -40.90
N ALA T 107 59.24 -38.04 -40.50
CA ALA T 107 58.57 -39.00 -41.38
C ALA T 107 57.13 -38.59 -41.63
N GLU T 108 56.40 -38.22 -40.57
CA GLU T 108 55.00 -37.91 -40.75
C GLU T 108 54.81 -36.57 -41.47
N GLY T 109 55.71 -35.61 -41.29
CA GLY T 109 55.63 -34.41 -42.10
C GLY T 109 55.85 -34.69 -43.57
N GLN T 110 56.90 -35.46 -43.87
CA GLN T 110 57.16 -35.83 -45.25
C GLN T 110 55.94 -36.50 -45.87
N ARG T 111 55.35 -37.45 -45.16
CA ARG T 111 54.16 -38.11 -45.66
C ARG T 111 53.01 -37.13 -45.82
N GLY T 112 52.82 -36.26 -44.85
CA GLY T 112 51.71 -35.34 -44.88
C GLY T 112 51.87 -34.19 -45.82
N ASP T 113 52.96 -34.15 -46.58
CA ASP T 113 53.07 -33.11 -47.60
C ASP T 113 52.58 -33.56 -48.98
N ALA T 114 52.66 -34.85 -49.31
CA ALA T 114 52.28 -35.31 -50.64
C ALA T 114 50.76 -35.53 -50.72
N GLY T 115 50.03 -34.44 -50.55
CA GLY T 115 48.57 -34.50 -50.60
C GLY T 115 48.03 -35.52 -49.64
N GLY T 116 47.06 -36.29 -50.12
CA GLY T 116 46.70 -37.53 -49.45
C GLY T 116 47.06 -38.68 -50.36
N VAL T 117 48.11 -39.42 -50.02
CA VAL T 117 48.55 -40.57 -50.80
C VAL T 117 48.53 -41.78 -49.89
N VAL T 118 47.91 -42.86 -50.37
CA VAL T 118 47.77 -44.07 -49.59
C VAL T 118 48.68 -45.17 -50.11
N TYR T 119 48.80 -45.30 -51.42
CA TYR T 119 49.73 -46.26 -52.01
C TYR T 119 50.86 -45.51 -52.69
N PRO T 120 52.02 -45.43 -52.07
CA PRO T 120 53.20 -44.91 -52.77
C PRO T 120 53.68 -45.89 -53.82
N GLY T 121 54.88 -45.69 -54.33
CA GLY T 121 55.46 -46.70 -55.20
C GLY T 121 56.95 -46.51 -55.36
N GLY T 122 57.57 -47.50 -55.98
CA GLY T 122 58.96 -47.39 -56.37
C GLY T 122 59.96 -47.78 -55.29
N ALA T 123 60.06 -46.97 -54.24
CA ALA T 123 60.93 -47.28 -53.13
C ALA T 123 60.17 -47.71 -51.89
N PHE T 124 58.85 -47.59 -51.90
CA PHE T 124 57.99 -48.35 -51.00
C PHE T 124 57.34 -49.52 -51.72
N ASP T 125 58.02 -50.06 -52.72
CA ASP T 125 57.60 -51.25 -53.45
C ASP T 125 58.81 -52.12 -53.77
N PRO T 126 59.73 -52.33 -52.82
CA PRO T 126 61.07 -52.79 -53.19
C PRO T 126 61.15 -54.23 -53.67
N LEU T 127 60.07 -55.00 -53.57
CA LEU T 127 60.11 -56.40 -53.94
C LEU T 127 59.39 -56.73 -55.23
N GLY T 128 58.55 -55.83 -55.74
CA GLY T 128 57.95 -56.01 -57.03
C GLY T 128 56.57 -56.63 -57.07
N PHE T 129 55.74 -56.37 -56.06
CA PHE T 129 54.34 -56.71 -56.11
C PHE T 129 53.53 -55.48 -56.53
N ALA T 130 52.27 -55.72 -56.88
CA ALA T 130 51.34 -54.64 -57.23
C ALA T 130 51.87 -53.79 -58.36
N LYS T 131 52.43 -54.43 -59.39
CA LYS T 131 52.97 -53.71 -60.52
C LYS T 131 51.97 -53.52 -61.65
N ASP T 132 51.13 -54.53 -61.89
CA ASP T 132 50.19 -54.49 -63.01
C ASP T 132 48.92 -53.72 -62.70
N SER T 133 48.71 -53.32 -61.45
CA SER T 133 47.45 -52.72 -60.98
C SER T 133 46.26 -53.61 -61.27
N SER T 134 46.47 -54.91 -61.51
CA SER T 134 45.35 -55.83 -61.67
C SER T 134 45.03 -56.55 -60.36
N LYS T 135 45.96 -57.38 -59.89
CA LYS T 135 45.76 -58.03 -58.61
C LYS T 135 46.09 -57.08 -57.46
N SER T 136 46.56 -55.88 -57.79
CA SER T 136 46.79 -54.88 -56.76
C SER T 136 45.50 -54.52 -56.06
N GLY T 137 44.38 -54.53 -56.77
CA GLY T 137 43.10 -54.29 -56.12
C GLY T 137 42.78 -55.36 -55.09
N GLU T 138 43.06 -56.61 -55.42
CA GLU T 138 42.87 -57.68 -54.46
C GLU T 138 43.81 -57.53 -53.28
N LEU T 139 45.04 -57.11 -53.53
CA LEU T 139 45.95 -56.90 -52.42
C LEU T 139 45.48 -55.75 -51.54
N LYS T 140 44.90 -54.72 -52.14
CA LYS T 140 44.27 -53.66 -51.35
C LYS T 140 43.17 -54.24 -50.47
N LEU T 141 42.35 -55.12 -51.03
CA LEU T 141 41.26 -55.73 -50.28
C LEU T 141 41.80 -56.54 -49.11
N LYS T 142 42.82 -57.35 -49.34
CA LYS T 142 43.42 -58.13 -48.28
C LYS T 142 44.03 -57.22 -47.21
N GLU T 143 44.67 -56.14 -47.65
CA GLU T 143 45.26 -55.18 -46.73
C GLU T 143 44.21 -54.63 -45.80
N ILE T 144 43.13 -54.09 -46.37
CA ILE T 144 42.16 -53.41 -45.55
C ILE T 144 41.43 -54.38 -44.65
N LYS T 145 41.18 -55.62 -45.11
CA LYS T 145 40.53 -56.60 -44.25
C LYS T 145 41.41 -57.00 -43.08
N ASN T 146 42.67 -57.33 -43.35
CA ASN T 146 43.56 -57.64 -42.25
C ASN T 146 43.72 -56.46 -41.31
N GLY T 147 43.67 -55.24 -41.85
CA GLY T 147 43.77 -54.06 -40.99
C GLY T 147 42.58 -53.91 -40.06
N ARG T 148 41.38 -54.12 -40.58
CA ARG T 148 40.21 -54.07 -39.72
C ARG T 148 40.30 -55.12 -38.63
N LEU T 149 40.74 -56.33 -38.99
CA LEU T 149 40.88 -57.38 -38.00
C LEU T 149 41.89 -56.98 -36.93
N ALA T 150 43.00 -56.35 -37.33
CA ALA T 150 44.02 -55.95 -36.37
C ALA T 150 43.52 -54.86 -35.45
N MET T 151 42.78 -53.88 -35.97
CA MET T 151 42.21 -52.85 -35.10
C MET T 151 41.31 -53.48 -34.05
N VAL T 152 40.42 -54.39 -34.49
CA VAL T 152 39.53 -55.02 -33.54
C VAL T 152 40.32 -55.80 -32.49
N ALA T 153 41.37 -56.51 -32.93
CA ALA T 153 42.17 -57.26 -31.98
C ALA T 153 42.83 -56.35 -30.96
N PHE T 154 43.29 -55.19 -31.39
CA PHE T 154 43.98 -54.32 -30.45
C PHE T 154 43.01 -53.69 -29.46
N LEU T 155 41.83 -53.30 -29.92
CA LEU T 155 40.82 -52.88 -28.96
C LEU T 155 40.53 -54.00 -27.98
N GLY T 156 40.57 -55.24 -28.47
CA GLY T 156 40.41 -56.37 -27.57
C GLY T 156 41.51 -56.44 -26.54
N PHE T 157 42.74 -56.17 -26.94
CA PHE T 157 43.85 -56.15 -25.99
C PHE T 157 43.59 -55.12 -24.90
N VAL T 158 43.23 -53.90 -25.29
CA VAL T 158 43.03 -52.85 -24.32
C VAL T 158 41.92 -53.23 -23.34
N ALA T 159 40.77 -53.64 -23.86
CA ALA T 159 39.65 -53.98 -22.98
C ALA T 159 39.98 -55.18 -22.10
N GLN T 160 40.59 -56.22 -22.68
CA GLN T 160 40.87 -57.44 -21.94
C GLN T 160 41.80 -57.17 -20.78
N HIS T 161 42.89 -56.46 -21.04
CA HIS T 161 43.80 -56.16 -19.94
C HIS T 161 43.21 -55.14 -18.98
N ALA T 162 42.26 -54.33 -19.43
CA ALA T 162 41.57 -53.43 -18.51
C ALA T 162 40.60 -54.18 -17.61
N ALA T 163 40.17 -55.37 -18.02
CA ALA T 163 39.21 -56.13 -17.22
C ALA T 163 39.92 -57.12 -16.29
N THR T 164 40.71 -58.03 -16.85
CA THR T 164 41.33 -59.10 -16.07
C THR T 164 42.78 -58.84 -15.71
N GLY T 165 43.47 -57.97 -16.42
CA GLY T 165 44.84 -57.64 -16.07
C GLY T 165 45.88 -58.63 -16.51
N LYS T 166 45.52 -59.64 -17.28
CA LYS T 166 46.48 -60.61 -17.79
C LYS T 166 46.81 -60.32 -19.25
N GLY T 167 47.85 -60.98 -19.73
CA GLY T 167 48.27 -60.82 -21.11
C GLY T 167 47.42 -61.63 -22.05
N PRO T 168 47.55 -61.34 -23.33
CA PRO T 168 46.77 -62.08 -24.34
C PRO T 168 47.01 -63.58 -24.32
N ILE T 169 48.26 -64.02 -24.44
CA ILE T 169 48.50 -65.46 -24.53
C ILE T 169 48.15 -66.16 -23.23
N ALA T 170 48.39 -65.51 -22.08
CA ALA T 170 47.99 -66.12 -20.82
C ALA T 170 46.47 -66.27 -20.74
N ALA T 171 45.74 -65.25 -21.18
CA ALA T 171 44.28 -65.34 -21.17
C ALA T 171 43.81 -66.45 -22.09
N LEU T 172 44.37 -66.54 -23.31
CA LEU T 172 43.98 -67.62 -24.19
C LEU T 172 44.32 -68.97 -23.57
N GLY T 173 45.48 -69.10 -22.95
CA GLY T 173 45.84 -70.38 -22.35
C GLY T 173 44.85 -70.81 -21.29
N GLU T 174 44.51 -69.89 -20.39
CA GLU T 174 43.60 -70.28 -19.33
C GLU T 174 42.18 -70.48 -19.86
N HIS T 175 41.82 -69.79 -20.95
CA HIS T 175 40.50 -70.01 -21.53
C HIS T 175 40.43 -71.37 -22.21
N LEU T 176 41.51 -71.80 -22.83
CA LEU T 176 41.56 -73.16 -23.36
C LEU T 176 41.61 -74.19 -22.25
N ALA T 177 42.05 -73.81 -21.05
CA ALA T 177 42.02 -74.74 -19.93
C ALA T 177 40.59 -75.05 -19.52
N ASN T 178 39.80 -74.03 -19.22
CA ASN T 178 38.42 -74.20 -18.75
C ASN T 178 37.53 -73.23 -19.52
N PRO T 179 36.97 -73.65 -20.64
CA PRO T 179 36.25 -72.70 -21.50
C PRO T 179 35.07 -72.04 -20.82
N TRP T 180 34.17 -72.83 -20.25
CA TRP T 180 33.00 -72.27 -19.60
C TRP T 180 33.34 -71.63 -18.26
N GLY T 181 34.47 -72.00 -17.66
CA GLY T 181 34.79 -71.50 -16.34
C GLY T 181 35.32 -70.08 -16.31
N ALA T 182 35.89 -69.59 -17.40
CA ALA T 182 36.50 -68.27 -17.38
C ALA T 182 36.41 -67.67 -18.78
N ASN T 183 35.44 -66.79 -18.97
CA ASN T 183 35.45 -65.85 -20.08
C ASN T 183 34.63 -64.63 -19.63
N PHE T 184 34.24 -63.80 -20.58
CA PHE T 184 33.78 -62.47 -20.18
C PHE T 184 32.48 -62.47 -19.44
N ALA T 185 31.98 -63.62 -19.00
CA ALA T 185 30.90 -63.65 -18.02
C ALA T 185 31.38 -63.99 -16.62
N THR T 186 32.48 -64.74 -16.51
CA THR T 186 33.20 -64.83 -15.25
C THR T 186 34.08 -63.60 -15.02
N ASN T 187 34.01 -62.62 -15.91
CA ASN T 187 34.83 -61.42 -15.79
C ASN T 187 34.49 -60.66 -14.51
N GLY T 188 33.20 -60.58 -14.17
CA GLY T 188 32.80 -59.86 -12.97
C GLY T 188 32.77 -58.37 -13.13
N ILE T 189 33.35 -57.83 -14.21
CA ILE T 189 33.29 -56.41 -14.48
C ILE T 189 32.65 -56.11 -15.83
N SER T 190 32.49 -57.10 -16.69
CA SER T 190 31.87 -56.86 -18.00
C SER T 190 30.36 -56.69 -17.86
N VAL T 191 29.67 -57.71 -17.39
CA VAL T 191 28.22 -57.69 -17.20
C VAL T 191 27.95 -57.52 -15.71
N PRO T 192 27.37 -56.41 -15.27
CA PRO T 192 27.40 -56.07 -13.84
C PRO T 192 26.47 -56.89 -12.96
N PHE T 193 25.27 -57.22 -13.44
CA PHE T 193 24.25 -57.77 -12.56
C PHE T 193 24.40 -59.26 -12.32
N PHE T 194 25.50 -59.86 -12.72
CA PHE T 194 25.72 -61.27 -12.45
C PHE T 194 25.98 -61.50 -10.96
N ARG U 1 54.19 42.51 -17.95
CA ARG U 1 54.19 41.44 -18.95
C ARG U 1 55.34 40.42 -18.84
N PRO U 2 56.27 40.58 -17.89
CA PRO U 2 57.04 39.41 -17.46
C PRO U 2 56.17 38.47 -16.64
N MET U 3 55.80 37.33 -17.22
CA MET U 3 54.77 36.50 -16.63
C MET U 3 55.33 35.71 -15.44
N TRP U 4 54.42 35.06 -14.71
CA TRP U 4 54.80 34.43 -13.46
C TRP U 4 55.55 33.13 -13.64
N TYR U 5 55.67 32.62 -14.86
CA TYR U 5 56.67 31.59 -15.13
C TYR U 5 57.16 31.84 -16.54
N PRO U 6 58.47 31.73 -16.78
CA PRO U 6 59.11 32.56 -17.81
C PRO U 6 58.42 32.62 -19.15
N GLY U 7 58.14 31.49 -19.77
CA GLY U 7 57.38 31.56 -21.00
C GLY U 7 55.97 31.12 -20.74
N ALA U 8 55.03 32.05 -20.65
CA ALA U 8 53.68 31.73 -20.21
C ALA U 8 52.66 32.32 -21.17
N THR U 9 51.40 32.05 -20.86
CA THR U 9 50.27 32.65 -21.57
C THR U 9 49.71 33.81 -20.75
N ALA U 10 48.72 34.47 -21.31
CA ALA U 10 47.97 35.45 -20.57
C ALA U 10 46.51 35.00 -20.51
N PRO U 11 45.92 34.88 -19.33
CA PRO U 11 44.48 34.60 -19.27
C PRO U 11 43.71 35.71 -19.93
N ALA U 12 42.59 35.35 -20.54
CA ALA U 12 41.93 36.19 -21.55
C ALA U 12 41.28 37.40 -21.00
N HIS U 13 41.50 37.79 -19.76
CA HIS U 13 41.09 39.12 -19.32
C HIS U 13 42.16 39.80 -18.48
N LEU U 14 43.31 39.17 -18.28
CA LEU U 14 44.44 39.82 -17.63
C LEU U 14 45.45 40.29 -18.67
N ASP U 15 44.99 41.19 -19.53
CA ASP U 15 45.90 41.83 -20.48
C ASP U 15 46.75 42.86 -19.73
N GLY U 16 47.59 43.58 -20.46
CA GLY U 16 48.30 44.63 -19.76
C GLY U 16 47.45 45.88 -19.76
N SER U 17 46.61 45.97 -18.74
CA SER U 17 45.89 47.19 -18.40
C SER U 17 45.85 47.42 -16.91
N MET U 18 46.00 46.37 -16.10
CA MET U 18 46.16 46.49 -14.67
C MET U 18 47.60 46.87 -14.34
N LEU U 19 47.84 47.18 -13.08
CA LEU U 19 49.13 47.73 -12.69
C LEU U 19 50.16 46.63 -12.44
N GLY U 20 49.87 45.75 -11.50
CA GLY U 20 50.80 44.68 -11.22
C GLY U 20 50.52 43.44 -12.03
N ASP U 21 50.01 43.62 -13.24
CA ASP U 21 49.51 42.50 -14.03
C ASP U 21 50.63 41.63 -14.55
N TYR U 22 51.00 40.61 -13.77
CA TYR U 22 51.91 39.57 -14.23
C TYR U 22 51.15 38.35 -14.70
N GLY U 23 49.87 38.51 -15.03
CA GLY U 23 49.06 37.48 -15.63
C GLY U 23 48.92 36.22 -14.82
N PHE U 24 48.62 36.37 -13.54
CA PHE U 24 48.43 35.22 -12.66
C PHE U 24 47.01 35.23 -12.13
N ASP U 25 46.18 34.35 -12.67
CA ASP U 25 44.87 34.07 -12.08
C ASP U 25 44.43 32.69 -12.54
N PRO U 26 44.88 31.62 -11.89
CA PRO U 26 44.61 30.28 -12.39
C PRO U 26 43.24 29.75 -12.03
N LEU U 27 42.59 30.24 -10.98
CA LEU U 27 41.30 29.73 -10.57
C LEU U 27 40.13 30.54 -11.09
N ARG U 28 40.40 31.55 -11.92
CA ARG U 28 39.33 32.30 -12.60
C ARG U 28 38.40 32.98 -11.62
N LEU U 29 38.95 33.61 -10.58
CA LEU U 29 38.10 34.34 -9.65
C LEU U 29 37.59 35.62 -10.27
N GLY U 30 38.49 36.52 -10.63
CA GLY U 30 38.10 37.79 -11.20
C GLY U 30 37.80 37.70 -12.67
N VAL U 31 36.63 37.18 -13.02
CA VAL U 31 36.21 37.02 -14.41
C VAL U 31 35.15 38.05 -14.79
N ASN U 32 34.93 39.08 -13.95
CA ASN U 32 33.78 39.94 -14.08
C ASN U 32 34.06 41.23 -14.85
N LYS U 33 35.02 42.03 -14.37
CA LYS U 33 35.18 43.47 -14.55
C LYS U 33 34.31 44.22 -13.54
N ASP U 34 33.53 43.54 -12.71
CA ASP U 34 32.90 44.15 -11.56
C ASP U 34 33.55 43.78 -10.26
N ASN U 35 34.15 42.58 -10.18
CA ASN U 35 34.91 42.19 -9.02
C ASN U 35 36.37 42.60 -9.12
N LEU U 36 36.90 42.74 -10.33
CA LEU U 36 38.20 43.37 -10.50
C LEU U 36 38.17 44.77 -9.90
N LYS U 37 37.12 45.54 -10.23
CA LYS U 37 36.89 46.85 -9.63
C LYS U 37 36.89 46.82 -8.12
N TRP U 38 36.62 45.66 -7.52
CA TRP U 38 36.56 45.50 -6.08
C TRP U 38 37.73 44.73 -5.51
N PHE U 39 38.16 43.68 -6.21
CA PHE U 39 39.32 42.95 -5.75
C PHE U 39 40.58 43.79 -5.81
N ARG U 40 40.61 44.83 -6.65
CA ARG U 40 41.80 45.68 -6.65
C ARG U 40 41.97 46.36 -5.30
N GLU U 41 40.91 46.96 -4.76
CA GLU U 41 41.07 47.60 -3.47
C GLU U 41 41.05 46.61 -2.32
N ALA U 42 40.47 45.44 -2.52
CA ALA U 42 40.73 44.38 -1.56
C ALA U 42 42.23 44.09 -1.49
N GLU U 43 42.86 43.98 -2.66
CA GLU U 43 44.30 43.76 -2.72
C GLU U 43 45.05 44.89 -2.03
N LEU U 44 44.70 46.13 -2.38
CA LEU U 44 45.45 47.29 -1.88
C LEU U 44 45.24 47.49 -0.39
N THR U 45 44.02 47.34 0.13
CA THR U 45 43.81 47.57 1.55
C THR U 45 44.27 46.40 2.40
N ASN U 46 43.99 45.17 1.97
CA ASN U 46 44.54 44.02 2.70
C ASN U 46 46.04 44.10 2.76
N GLY U 47 46.69 44.51 1.66
CA GLY U 47 48.12 44.69 1.69
C GLY U 47 48.54 45.88 2.52
N ARG U 48 47.75 46.94 2.50
CA ARG U 48 48.15 48.19 3.12
C ARG U 48 48.15 48.09 4.64
N TRP U 49 47.15 47.43 5.20
CA TRP U 49 47.17 47.21 6.64
C TRP U 49 48.37 46.34 7.02
N ALA U 50 48.72 45.35 6.20
CA ALA U 50 49.85 44.50 6.53
C ALA U 50 51.17 45.27 6.46
N MET U 51 51.28 46.18 5.49
CA MET U 51 52.44 47.06 5.43
C MET U 51 52.54 47.90 6.70
N ALA U 52 51.41 48.34 7.22
CA ALA U 52 51.47 49.07 8.48
C ALA U 52 51.64 48.17 9.69
N ALA U 53 51.40 46.87 9.55
CA ALA U 53 51.57 45.95 10.66
C ALA U 53 52.99 45.44 10.79
N VAL U 54 53.72 45.35 9.68
CA VAL U 54 55.08 44.82 9.72
C VAL U 54 55.99 45.71 10.53
N VAL U 55 55.82 47.03 10.42
CA VAL U 55 56.65 47.94 11.20
C VAL U 55 56.46 47.69 12.68
N GLY U 56 55.21 47.61 13.13
CA GLY U 56 54.95 47.38 14.54
C GLY U 56 55.44 46.02 14.99
N ILE U 57 55.22 45.00 14.16
CA ILE U 57 55.65 43.65 14.51
C ILE U 57 57.16 43.53 14.59
N LEU U 58 57.90 44.38 13.88
CA LEU U 58 59.35 44.35 14.00
C LEU U 58 59.85 45.18 15.17
N PHE U 59 59.24 46.35 15.41
CA PHE U 59 59.75 47.21 16.46
C PHE U 59 59.45 46.65 17.85
N THR U 60 58.26 46.08 18.05
CA THR U 60 57.95 45.50 19.35
C THR U 60 58.87 44.33 19.69
N ASP U 61 59.45 43.67 18.69
CA ASP U 61 60.36 42.56 18.92
C ASP U 61 61.82 42.94 18.76
N ALA U 62 62.11 44.19 18.41
CA ALA U 62 63.47 44.68 18.48
C ALA U 62 63.77 45.43 19.77
N VAL U 63 62.77 46.11 20.34
CA VAL U 63 63.02 47.05 21.42
C VAL U 63 62.95 46.43 22.80
N GLY U 64 62.51 45.19 22.93
CA GLY U 64 61.90 44.87 24.21
C GLY U 64 60.55 44.20 24.12
N LEU U 65 59.49 45.00 24.21
CA LEU U 65 58.12 44.72 24.66
C LEU U 65 57.62 43.32 24.37
N PRO U 66 56.81 42.75 25.27
CA PRO U 66 56.46 41.32 25.19
C PRO U 66 55.88 40.91 23.86
N LYS U 67 56.07 39.63 23.54
CA LYS U 67 55.90 39.14 22.19
C LYS U 67 54.44 39.22 21.74
N PHE U 68 54.27 39.42 20.43
CA PHE U 68 53.01 39.92 19.89
C PHE U 68 51.86 38.93 20.07
N TRP U 69 52.13 37.63 20.01
CA TRP U 69 51.02 36.70 20.19
C TRP U 69 50.46 36.75 21.61
N THR U 70 51.18 37.35 22.56
CA THR U 70 50.66 37.59 23.89
C THR U 70 50.66 39.08 24.22
N ALA U 71 50.46 39.92 23.22
CA ALA U 71 50.52 41.37 23.45
C ALA U 71 49.34 41.82 24.31
N GLY U 72 48.13 41.60 23.83
CA GLY U 72 46.97 41.99 24.59
C GLY U 72 46.59 41.06 25.71
N ALA U 73 47.29 39.93 25.87
CA ALA U 73 46.91 38.95 26.88
C ALA U 73 47.01 39.56 28.27
N GLU U 74 48.22 39.87 28.69
CA GLU U 74 48.41 40.76 29.82
C GLU U 74 48.31 42.17 29.31
N LYS U 75 47.66 43.05 30.07
CA LYS U 75 47.43 44.39 29.57
C LYS U 75 47.32 45.36 30.73
N TYR U 76 48.27 46.30 30.79
CA TYR U 76 48.22 47.41 31.72
C TYR U 76 47.31 48.53 31.22
N ALA U 77 46.63 48.33 30.10
CA ALA U 77 45.76 49.36 29.53
C ALA U 77 44.41 49.37 30.23
N LEU U 78 43.44 50.04 29.62
CA LEU U 78 42.22 50.49 30.30
C LEU U 78 40.98 49.77 29.77
N ASP U 79 40.34 48.99 30.65
CA ASP U 79 38.93 48.59 30.52
C ASP U 79 38.67 47.81 29.23
N ASN U 80 39.23 46.60 29.18
CA ASN U 80 39.16 45.72 28.03
C ASN U 80 37.80 45.65 27.34
N GLN U 81 36.73 45.85 28.09
CA GLN U 81 35.39 45.72 27.51
C GLN U 81 35.06 46.91 26.60
N THR U 82 35.25 48.13 27.10
CA THR U 82 34.64 49.30 26.49
C THR U 82 35.53 50.00 25.47
N LEU U 83 36.84 49.85 25.56
CA LEU U 83 37.68 50.48 24.55
C LEU U 83 37.51 49.80 23.19
N ALA U 84 37.01 48.57 23.15
CA ALA U 84 36.59 48.01 21.87
C ALA U 84 35.36 48.73 21.33
N LEU U 85 34.46 49.15 22.21
CA LEU U 85 33.34 49.97 21.76
C LEU U 85 33.82 51.33 21.28
N ILE U 86 34.96 51.81 21.80
CA ILE U 86 35.63 52.95 21.18
C ILE U 86 36.18 52.55 19.82
N GLU U 87 36.64 51.33 19.70
CA GLU U 87 37.20 50.80 18.46
C GLU U 87 36.14 50.38 17.44
N VAL U 88 34.86 50.60 17.76
CA VAL U 88 33.78 50.38 16.81
C VAL U 88 33.30 51.69 16.17
N ALA U 89 33.08 52.72 16.98
CA ALA U 89 32.39 53.92 16.52
C ALA U 89 33.24 54.71 15.54
N VAL U 90 34.46 55.07 15.95
CA VAL U 90 35.34 55.85 15.07
C VAL U 90 35.56 55.11 13.78
N PHE U 91 35.68 53.78 13.86
CA PHE U 91 35.93 53.01 12.65
C PHE U 91 34.74 53.01 11.73
N ALA U 92 33.54 52.73 12.25
CA ALA U 92 32.38 52.69 11.37
C ALA U 92 32.12 54.05 10.75
N VAL U 93 32.33 55.11 11.52
CA VAL U 93 32.27 56.45 10.96
C VAL U 93 33.24 56.56 9.80
N LEU U 94 34.49 56.16 10.02
CA LEU U 94 35.51 56.24 8.98
C LEU U 94 35.17 55.37 7.77
N GLU U 95 34.52 54.23 8.00
CA GLU U 95 34.17 53.32 6.93
C GLU U 95 33.10 53.91 6.04
N GLY U 96 32.17 54.65 6.64
CA GLY U 96 31.18 55.33 5.83
C GLY U 96 31.84 56.12 4.72
N LYS U 97 32.86 56.90 5.06
CA LYS U 97 33.52 57.69 4.03
C LYS U 97 34.45 56.86 3.19
N ARG U 98 35.07 55.80 3.73
CA ARG U 98 35.92 54.99 2.87
C ARG U 98 35.11 54.36 1.75
N TYR U 99 33.98 53.73 2.10
CA TYR U 99 33.12 53.15 1.06
C TYR U 99 32.44 54.21 0.21
N GLU U 100 32.08 55.34 0.80
CA GLU U 100 31.41 56.40 0.04
C GLU U 100 32.36 57.02 -0.98
N ILE U 101 33.58 57.37 -0.55
CA ILE U 101 34.58 57.91 -1.45
C ILE U 101 35.08 56.84 -2.39
N TYR U 102 34.91 55.56 -2.05
CA TYR U 102 35.14 54.55 -3.07
C TYR U 102 34.06 54.58 -4.13
N LYS U 103 32.82 54.83 -3.72
CA LYS U 103 31.72 54.77 -4.68
C LYS U 103 31.74 55.97 -5.61
N LYS U 104 31.95 57.17 -5.07
CA LYS U 104 31.73 58.35 -5.89
C LYS U 104 32.88 58.62 -6.86
N THR U 105 34.10 58.22 -6.53
CA THR U 105 35.23 58.39 -7.43
C THR U 105 35.74 57.04 -7.92
N GLY U 106 36.65 57.09 -8.87
CA GLY U 106 37.09 55.86 -9.50
C GLY U 106 38.21 55.15 -8.77
N GLU U 107 37.85 54.17 -7.95
CA GLU U 107 38.72 53.05 -7.57
C GLU U 107 40.06 53.46 -6.97
N THR U 108 40.25 54.68 -6.48
CA THR U 108 41.59 55.00 -6.01
C THR U 108 41.65 55.35 -4.52
N GLY U 109 40.99 56.37 -4.08
CA GLY U 109 41.38 56.98 -2.83
C GLY U 109 40.64 56.43 -1.65
N PHE U 110 41.11 56.82 -0.47
CA PHE U 110 40.27 56.77 0.73
C PHE U 110 40.84 57.67 1.79
N LEU U 111 40.08 58.69 2.14
CA LEU U 111 40.03 59.29 3.46
C LEU U 111 38.70 60.01 3.52
N SER U 112 38.49 60.81 4.54
CA SER U 112 37.14 61.32 4.71
C SER U 112 36.83 62.43 3.70
N PHE U 113 37.78 63.33 3.43
CA PHE U 113 37.45 64.50 2.62
C PHE U 113 37.73 64.34 1.12
N ALA U 114 38.86 63.78 0.72
CA ALA U 114 39.23 63.73 -0.68
C ALA U 114 40.19 62.58 -0.89
N PRO U 115 40.53 62.24 -2.16
CA PRO U 115 41.69 61.38 -2.39
C PRO U 115 42.90 61.99 -1.72
N PHE U 116 43.35 61.33 -0.66
CA PHE U 116 44.21 61.94 0.35
C PHE U 116 45.62 62.11 -0.19
N ASP U 117 45.98 63.34 -0.53
CA ASP U 117 47.35 63.68 -0.91
C ASP U 117 47.66 65.08 -0.42
N PRO U 118 47.96 65.24 0.88
CA PRO U 118 48.38 66.56 1.37
C PRO U 118 49.73 67.00 0.84
N MET U 119 50.55 66.07 0.35
CA MET U 119 51.79 66.41 -0.33
C MET U 119 51.55 66.51 -1.84
N GLY U 120 52.59 66.92 -2.55
CA GLY U 120 52.58 66.87 -4.00
C GLY U 120 53.29 65.62 -4.48
N MET U 121 53.35 64.63 -3.59
CA MET U 121 54.15 63.44 -3.80
C MET U 121 53.51 62.57 -4.90
N LYS U 122 54.16 61.44 -5.17
CA LYS U 122 53.87 60.61 -6.33
C LYS U 122 52.43 60.13 -6.41
N SER U 123 51.69 60.62 -7.39
CA SER U 123 50.45 59.98 -7.82
C SER U 123 50.68 59.69 -9.29
N GLU U 124 51.36 58.57 -9.55
CA GLU U 124 51.94 58.31 -10.86
C GLU U 124 51.99 56.80 -11.06
N GLU U 125 52.87 56.36 -11.96
CA GLU U 125 53.10 54.97 -12.28
C GLU U 125 53.70 54.23 -11.12
N MET U 126 53.77 54.84 -9.98
CA MET U 126 54.42 54.14 -8.91
C MET U 126 53.43 53.62 -7.90
N LYS U 127 52.14 53.71 -8.20
CA LYS U 127 51.18 52.94 -7.44
C LYS U 127 51.44 51.45 -7.58
N LEU U 128 51.97 51.03 -8.74
CA LEU U 128 52.42 49.66 -8.80
C LEU U 128 53.59 49.42 -7.86
N LYS U 129 54.37 50.47 -7.56
CA LYS U 129 55.45 50.29 -6.60
C LYS U 129 54.92 49.98 -5.21
N GLU U 130 53.88 50.67 -4.77
CA GLU U 130 53.45 50.34 -3.41
C GLU U 130 52.55 49.13 -3.37
N LEU U 131 51.81 48.81 -4.43
CA LEU U 131 51.09 47.55 -4.36
C LEU U 131 52.07 46.38 -4.44
N LYS U 132 53.19 46.58 -5.12
CA LYS U 132 54.27 45.58 -5.11
C LYS U 132 54.86 45.43 -3.72
N ASN U 133 55.15 46.55 -3.06
CA ASN U 133 55.60 46.47 -1.66
C ASN U 133 54.56 45.77 -0.81
N GLY U 134 53.28 46.04 -1.04
CA GLY U 134 52.24 45.43 -0.23
C GLY U 134 52.16 43.93 -0.40
N ARG U 135 52.18 43.46 -1.64
CA ARG U 135 52.13 42.02 -1.85
C ARG U 135 53.42 41.35 -1.44
N LEU U 136 54.49 42.10 -1.24
CA LEU U 136 55.62 41.54 -0.51
C LEU U 136 55.30 41.45 0.98
N ALA U 137 54.70 42.49 1.53
CA ALA U 137 54.49 42.55 2.97
C ALA U 137 53.51 41.50 3.47
N MET U 138 52.49 41.18 2.66
CA MET U 138 51.52 40.19 3.11
C MET U 138 52.18 38.83 3.32
N LEU U 139 53.01 38.43 2.36
CA LEU U 139 53.81 37.23 2.52
C LEU U 139 54.73 37.36 3.73
N ALA U 140 55.21 38.57 4.02
CA ALA U 140 56.06 38.70 5.20
C ALA U 140 55.27 38.54 6.49
N PHE U 141 53.97 38.85 6.50
CA PHE U 141 53.22 38.73 7.74
C PHE U 141 52.91 37.27 8.07
N LEU U 142 52.59 36.48 7.05
CA LEU U 142 52.32 35.08 7.36
C LEU U 142 53.53 34.39 7.97
N GLY U 143 54.73 34.78 7.57
CA GLY U 143 55.91 34.17 8.16
C GLY U 143 56.02 34.41 9.64
N PHE U 144 55.68 35.62 10.08
CA PHE U 144 55.71 35.90 11.50
C PHE U 144 54.63 35.15 12.24
N CYS U 145 53.47 34.96 11.62
CA CYS U 145 52.48 34.13 12.28
C CYS U 145 52.88 32.67 12.30
N SER U 146 53.76 32.25 11.40
CA SER U 146 54.30 30.91 11.47
C SER U 146 55.54 30.84 12.35
N GLN U 147 56.02 31.98 12.84
CA GLN U 147 57.02 32.00 13.90
C GLN U 147 56.41 32.07 15.28
N ALA U 148 55.26 32.73 15.45
CA ALA U 148 54.49 32.56 16.68
C ALA U 148 54.04 31.11 16.81
N ALA U 149 54.02 30.41 15.69
CA ALA U 149 53.90 28.97 15.54
C ALA U 149 55.27 28.35 15.78
N VAL U 150 55.55 27.29 15.02
CA VAL U 150 56.43 26.17 15.33
C VAL U 150 57.60 26.47 16.27
N TYR U 151 58.34 27.54 16.03
CA TYR U 151 59.48 27.78 16.91
C TYR U 151 59.09 28.49 18.19
N GLY U 152 58.13 29.41 18.14
CA GLY U 152 57.72 30.10 19.34
C GLY U 152 58.60 31.26 19.72
N LYS U 153 59.65 31.54 18.96
CA LYS U 153 60.42 32.76 19.16
C LYS U 153 59.97 33.82 18.15
N GLY U 154 60.45 35.04 18.34
CA GLY U 154 60.02 36.14 17.51
C GLY U 154 60.71 36.14 16.16
N PRO U 155 60.42 37.17 15.38
CA PRO U 155 61.11 37.33 14.09
C PRO U 155 62.62 37.43 14.22
N ILE U 156 63.10 38.41 14.96
CA ILE U 156 64.54 38.67 14.94
C ILE U 156 65.30 37.58 15.71
N GLU U 157 64.65 36.93 16.66
CA GLU U 157 65.32 35.86 17.40
C GLU U 157 65.56 34.64 16.51
N THR U 158 64.58 34.22 15.71
CA THR U 158 64.84 33.15 14.75
C THR U 158 65.72 33.64 13.62
N LEU U 159 65.65 34.94 13.31
CA LEU U 159 66.60 35.53 12.38
C LEU U 159 68.02 35.29 12.85
N GLN U 160 68.24 35.36 14.16
CA GLN U 160 69.55 34.98 14.70
C GLN U 160 69.72 33.46 14.75
N LEU U 161 68.63 32.72 14.92
CA LEU U 161 68.72 31.25 15.03
C LEU U 161 69.11 30.59 13.72
N HIS U 162 68.89 31.25 12.59
CA HIS U 162 69.29 30.64 11.33
C HIS U 162 70.18 31.54 10.49
N LEU U 163 69.98 32.85 10.59
CA LEU U 163 70.45 33.76 9.56
C LEU U 163 71.85 34.27 9.81
N ALA U 164 72.46 33.85 10.91
CA ALA U 164 73.91 33.81 11.01
C ALA U 164 74.42 32.38 10.92
N ASP U 165 73.53 31.42 10.71
CA ASP U 165 73.80 30.00 10.83
C ASP U 165 73.61 29.28 9.49
N PRO U 166 74.12 28.06 9.36
CA PRO U 166 73.99 27.35 8.07
C PRO U 166 72.58 26.87 7.82
N GLY U 167 72.40 26.11 6.75
CA GLY U 167 71.11 25.55 6.41
C GLY U 167 70.85 24.26 7.16
N HIS U 168 71.30 24.19 8.40
CA HIS U 168 71.04 23.03 9.23
C HIS U 168 69.75 23.16 10.02
N ASN U 169 69.27 24.38 10.26
CA ASN U 169 67.97 24.60 10.89
C ASN U 169 67.17 25.58 10.04
N ASN U 170 66.27 25.04 9.24
CA ASN U 170 65.39 25.82 8.39
C ASN U 170 64.07 25.06 8.32
N ILE U 171 63.27 25.35 7.30
CA ILE U 171 61.97 24.68 7.13
C ILE U 171 62.12 23.17 7.28
N TYR U 172 62.94 22.58 6.42
CA TYR U 172 62.89 21.16 6.21
C TYR U 172 63.49 20.36 7.34
N THR U 173 64.19 21.00 8.26
CA THR U 173 64.66 20.37 9.49
C THR U 173 63.84 20.83 10.67
N SER U 174 62.52 20.96 10.49
CA SER U 174 61.68 21.48 11.55
C SER U 174 60.35 20.75 11.54
N SER U 175 59.49 21.14 12.49
CA SER U 175 58.27 20.39 12.76
C SER U 175 57.42 20.26 11.51
N VAL U 176 57.04 21.39 10.94
CA VAL U 176 56.20 21.34 9.76
C VAL U 176 57.12 21.38 8.54
N GLY U 177 57.76 20.24 8.26
CA GLY U 177 58.77 20.19 7.24
C GLY U 177 58.55 19.19 6.11
N PRO U 178 58.02 18.01 6.40
CA PRO U 178 57.76 17.06 5.32
C PRO U 178 56.66 17.49 4.38
N GLU U 179 55.76 18.37 4.80
CA GLU U 179 54.72 18.82 3.87
C GLU U 179 55.24 19.88 2.92
N THR U 180 56.18 20.72 3.38
CA THR U 180 56.68 21.79 2.52
C THR U 180 57.48 21.23 1.37
N ALA U 181 58.24 20.16 1.60
CA ALA U 181 58.97 19.56 0.49
C ALA U 181 58.02 19.06 -0.58
N VAL U 182 56.92 18.42 -0.16
CA VAL U 182 55.94 17.94 -1.11
C VAL U 182 55.32 19.10 -1.87
N THR U 183 54.98 20.18 -1.16
CA THR U 183 54.36 21.31 -1.85
C THR U 183 55.33 22.01 -2.79
N VAL U 184 56.61 22.08 -2.43
CA VAL U 184 57.59 22.66 -3.34
C VAL U 184 57.72 21.80 -4.59
N ALA U 185 57.84 20.49 -4.41
CA ALA U 185 57.94 19.62 -5.56
C ALA U 185 56.69 19.67 -6.43
N VAL U 186 55.53 19.89 -5.81
CA VAL U 186 54.30 19.91 -6.59
C VAL U 186 54.13 21.23 -7.32
N LEU U 187 54.35 22.35 -6.63
CA LEU U 187 54.20 23.65 -7.26
C LEU U 187 55.21 23.84 -8.37
N CYS U 188 56.44 23.34 -8.20
CA CYS U 188 57.47 23.55 -9.21
C CYS U 188 57.15 22.82 -10.52
N VAL U 189 56.53 21.65 -10.44
CA VAL U 189 56.19 20.88 -11.64
C VAL U 189 54.86 21.32 -12.25
N LEU U 190 54.23 22.34 -11.68
CA LEU U 190 52.88 22.73 -12.08
C LEU U 190 52.86 23.55 -13.36
N PRO U 191 53.72 24.55 -13.55
CA PRO U 191 53.76 25.21 -14.87
C PRO U 191 54.17 24.27 -15.98
N MET U 192 54.87 23.20 -15.65
CA MET U 192 55.13 22.16 -16.65
C MET U 192 53.85 21.47 -17.10
N ILE U 193 52.79 21.55 -16.31
CA ILE U 193 51.48 21.03 -16.73
C ILE U 193 50.67 22.09 -17.43
N ILE U 194 50.75 23.34 -16.94
CA ILE U 194 50.02 24.41 -17.59
C ILE U 194 50.51 24.60 -19.00
N GLU U 195 51.80 24.37 -19.25
CA GLU U 195 52.27 24.42 -20.63
C GLU U 195 51.67 23.29 -21.46
N ALA U 196 51.42 22.14 -20.84
CA ALA U 196 50.83 21.05 -21.57
C ALA U 196 49.35 21.26 -21.84
N THR U 197 48.70 22.12 -21.06
CA THR U 197 47.31 22.45 -21.40
C THR U 197 47.24 23.20 -22.72
N LYS U 198 48.14 24.15 -22.93
CA LYS U 198 48.07 25.08 -24.05
C LYS U 198 49.05 24.76 -25.17
N THR U 199 49.83 23.70 -25.04
CA THR U 199 50.60 23.21 -26.17
C THR U 199 49.72 22.44 -27.14
N LEU U 200 48.66 21.83 -26.64
CA LEU U 200 47.81 20.91 -27.39
C LEU U 200 46.50 21.55 -27.82
N ASN U 201 46.52 22.82 -28.22
CA ASN U 201 45.31 23.46 -28.70
C ASN U 201 45.24 23.46 -30.23
N LEU V 1 -71.30 -12.76 -7.77
CA LEU V 1 -71.13 -11.37 -7.36
C LEU V 1 -71.58 -11.05 -5.91
N PRO V 2 -71.97 -12.05 -5.12
CA PRO V 2 -72.84 -11.77 -3.96
C PRO V 2 -72.11 -11.05 -2.84
N GLY V 3 -72.90 -10.46 -1.96
CA GLY V 3 -72.38 -9.80 -0.77
C GLY V 3 -71.73 -8.47 -1.02
N ASP V 4 -71.80 -7.94 -2.24
CA ASP V 4 -71.14 -6.70 -2.59
C ASP V 4 -71.83 -5.55 -1.88
N PHE V 5 -71.15 -4.96 -0.89
CA PHE V 5 -71.74 -3.93 -0.04
C PHE V 5 -71.11 -2.56 -0.22
N GLY V 6 -70.42 -2.33 -1.34
CA GLY V 6 -69.74 -1.07 -1.54
C GLY V 6 -68.48 -0.90 -0.73
N PHE V 7 -68.01 -1.97 -0.10
CA PHE V 7 -66.85 -2.01 0.77
C PHE V 7 -65.56 -2.09 -0.05
N ASP V 8 -64.50 -2.62 0.56
CA ASP V 8 -63.16 -2.79 0.00
C ASP V 8 -62.40 -1.48 -0.17
N PRO V 9 -61.95 -0.88 0.92
CA PRO V 9 -61.12 0.32 0.80
C PRO V 9 -59.70 0.04 0.33
N LEU V 10 -59.15 -1.13 0.63
CA LEU V 10 -57.77 -1.39 0.24
C LEU V 10 -57.60 -1.76 -1.23
N GLY V 11 -58.70 -1.99 -1.95
CA GLY V 11 -58.61 -2.19 -3.38
C GLY V 11 -57.99 -3.50 -3.82
N LEU V 12 -58.67 -4.62 -3.58
CA LEU V 12 -58.19 -5.91 -4.04
C LEU V 12 -59.05 -6.52 -5.15
N LEU V 13 -60.23 -5.95 -5.43
CA LEU V 13 -61.09 -6.46 -6.49
C LEU V 13 -60.94 -5.68 -7.79
N ASP V 14 -59.74 -5.20 -8.08
CA ASP V 14 -59.49 -4.56 -9.35
C ASP V 14 -59.00 -5.60 -10.35
N PRO V 15 -59.72 -5.86 -11.43
CA PRO V 15 -59.25 -6.86 -12.39
C PRO V 15 -58.05 -6.39 -13.19
N VAL V 16 -57.81 -5.09 -13.28
CA VAL V 16 -56.77 -4.56 -14.14
C VAL V 16 -55.41 -4.88 -13.56
N ASN V 17 -54.56 -5.51 -14.37
CA ASN V 17 -53.21 -5.91 -13.95
C ASN V 17 -53.26 -6.78 -12.71
N SER V 18 -54.04 -7.84 -12.77
CA SER V 18 -54.15 -8.79 -11.66
C SER V 18 -53.63 -10.15 -12.09
N GLY V 19 -53.35 -10.98 -11.10
CA GLY V 19 -52.85 -12.30 -11.40
C GLY V 19 -52.44 -13.03 -10.14
N GLY V 20 -51.99 -14.25 -10.34
CA GLY V 20 -51.63 -15.07 -9.20
C GLY V 20 -52.88 -15.47 -8.45
N PHE V 21 -52.84 -15.31 -7.13
CA PHE V 21 -53.95 -15.69 -6.28
C PHE V 21 -54.76 -14.50 -5.79
N ILE V 22 -54.59 -13.34 -6.41
CA ILE V 22 -55.37 -12.16 -6.07
C ILE V 22 -56.03 -11.68 -7.35
N GLU V 23 -57.31 -11.98 -7.46
CA GLU V 23 -58.12 -11.74 -8.64
C GLU V 23 -59.56 -11.89 -8.22
N PRO V 24 -60.50 -11.39 -9.02
CA PRO V 24 -61.90 -11.50 -8.59
C PRO V 24 -62.40 -12.93 -8.51
N LYS V 25 -61.88 -13.84 -9.34
CA LYS V 25 -62.45 -15.17 -9.45
C LYS V 25 -61.78 -16.17 -8.54
N TRP V 26 -60.88 -15.73 -7.69
CA TRP V 26 -60.36 -16.57 -6.63
C TRP V 26 -60.63 -16.03 -5.24
N LEU V 27 -60.63 -14.71 -5.06
CA LEU V 27 -60.92 -14.17 -3.75
C LEU V 27 -62.39 -14.39 -3.37
N GLN V 28 -63.30 -14.29 -4.32
CA GLN V 28 -64.70 -14.60 -4.01
C GLN V 28 -64.89 -16.06 -3.64
N TYR V 29 -64.26 -16.95 -4.42
CA TYR V 29 -64.31 -18.37 -4.13
C TYR V 29 -63.75 -18.67 -2.75
N SER V 30 -62.66 -18.01 -2.40
CA SER V 30 -62.10 -18.20 -1.07
C SER V 30 -63.05 -17.69 0.00
N GLU V 31 -63.75 -16.59 -0.26
CA GLU V 31 -64.70 -16.11 0.73
C GLU V 31 -65.77 -17.15 0.99
N VAL V 32 -66.33 -17.75 -0.07
CA VAL V 32 -67.43 -18.67 0.19
C VAL V 32 -66.94 -19.93 0.88
N ILE V 33 -65.74 -20.42 0.51
CA ILE V 33 -65.24 -21.61 1.19
C ILE V 33 -65.01 -21.33 2.68
N HIS V 34 -64.38 -20.19 2.98
CA HIS V 34 -64.16 -19.86 4.38
C HIS V 34 -65.48 -19.70 5.11
N ALA V 35 -66.48 -19.14 4.44
CA ALA V 35 -67.77 -18.94 5.08
C ALA V 35 -68.40 -20.27 5.45
N ARG V 36 -68.33 -21.24 4.54
CA ARG V 36 -68.96 -22.53 4.81
C ARG V 36 -68.26 -23.27 5.94
N TRP V 37 -66.93 -23.36 5.86
CA TRP V 37 -66.23 -24.01 6.97
C TRP V 37 -66.44 -23.27 8.28
N ALA V 38 -66.61 -21.95 8.23
CA ALA V 38 -66.78 -21.19 9.47
C ALA V 38 -68.15 -21.43 10.09
N MET V 39 -69.20 -21.47 9.28
CA MET V 39 -70.50 -21.87 9.79
C MET V 39 -70.43 -23.21 10.49
N LEU V 40 -69.88 -24.19 9.79
CA LEU V 40 -69.79 -25.54 10.34
C LEU V 40 -69.02 -25.53 11.66
N GLY V 41 -67.87 -24.87 11.68
CA GLY V 41 -67.06 -24.86 12.88
C GLY V 41 -67.71 -24.13 14.04
N ALA V 42 -68.44 -23.05 13.76
CA ALA V 42 -69.09 -22.32 14.83
C ALA V 42 -70.12 -23.19 15.52
N ALA V 43 -70.98 -23.82 14.72
CA ALA V 43 -71.96 -24.71 15.33
C ALA V 43 -71.27 -25.83 16.09
N GLY V 44 -70.16 -26.34 15.55
CA GLY V 44 -69.46 -27.42 16.22
C GLY V 44 -68.82 -27.02 17.54
N CYS V 45 -68.36 -25.78 17.63
CA CYS V 45 -67.74 -25.33 18.86
C CYS V 45 -68.79 -25.07 19.93
N ILE V 46 -69.99 -24.68 19.52
CA ILE V 46 -71.03 -24.44 20.53
C ILE V 46 -71.69 -25.75 20.98
N ALA V 47 -71.88 -26.70 20.06
CA ALA V 47 -72.87 -27.74 20.29
C ALA V 47 -72.66 -28.58 21.55
N PRO V 48 -71.47 -29.07 21.87
CA PRO V 48 -71.37 -29.88 23.08
C PRO V 48 -71.77 -29.14 24.33
N GLU V 49 -71.48 -27.84 24.42
CA GLU V 49 -71.79 -27.09 25.63
C GLU V 49 -73.30 -26.92 25.79
N VAL V 50 -74.00 -26.54 24.72
CA VAL V 50 -75.45 -26.33 24.83
C VAL V 50 -76.18 -27.67 24.96
N LEU V 51 -75.72 -28.68 24.25
CA LEU V 51 -76.35 -29.98 24.40
C LEU V 51 -76.09 -30.57 25.78
N GLY V 52 -74.92 -30.31 26.36
CA GLY V 52 -74.63 -30.84 27.68
C GLY V 52 -75.28 -30.05 28.80
N ALA V 53 -75.52 -28.77 28.58
CA ALA V 53 -76.20 -27.97 29.59
C ALA V 53 -77.69 -28.26 29.62
N ALA V 54 -78.29 -28.61 28.49
CA ALA V 54 -79.68 -29.01 28.46
C ALA V 54 -79.87 -30.46 28.88
N GLY V 55 -78.79 -31.20 29.10
CA GLY V 55 -78.88 -32.55 29.63
C GLY V 55 -79.11 -33.63 28.61
N LEU V 56 -78.80 -33.38 27.34
CA LEU V 56 -79.05 -34.38 26.32
C LEU V 56 -77.90 -35.35 26.13
N ILE V 57 -76.66 -34.90 26.27
CA ILE V 57 -75.51 -35.80 26.18
C ILE V 57 -74.97 -36.02 27.59
N PRO V 58 -74.26 -37.12 27.85
CA PRO V 58 -73.75 -37.35 29.20
C PRO V 58 -72.59 -36.43 29.56
N ASP V 59 -72.04 -36.59 30.75
CA ASP V 59 -70.98 -35.70 31.21
C ASP V 59 -69.58 -36.24 30.98
N ALA V 60 -69.45 -37.41 30.37
CA ALA V 60 -68.14 -37.76 29.81
C ALA V 60 -67.76 -36.77 28.73
N THR V 61 -68.74 -36.38 27.92
CA THR V 61 -68.65 -35.27 26.98
C THR V 61 -69.11 -34.00 27.71
N ASN V 62 -69.49 -32.96 26.95
CA ASN V 62 -69.66 -31.60 27.46
C ASN V 62 -68.33 -31.01 27.87
N ILE V 63 -67.36 -31.12 26.97
CA ILE V 63 -66.04 -30.55 27.15
C ILE V 63 -65.89 -29.37 26.22
N LYS V 64 -65.04 -28.43 26.60
CA LYS V 64 -64.87 -27.21 25.83
C LYS V 64 -64.19 -27.51 24.50
N TRP V 65 -64.39 -26.60 23.55
CA TRP V 65 -64.04 -26.92 22.16
C TRP V 65 -62.55 -26.98 21.91
N PHE V 66 -61.74 -26.33 22.72
CA PHE V 66 -60.29 -26.45 22.55
C PHE V 66 -59.71 -27.60 23.35
N GLU V 67 -60.55 -28.38 24.02
CA GLU V 67 -60.10 -29.53 24.78
C GLU V 67 -60.49 -30.85 24.14
N SER V 68 -60.91 -30.84 22.87
CA SER V 68 -61.32 -32.06 22.19
C SER V 68 -60.15 -33.00 21.95
N GLY V 69 -58.94 -32.50 21.93
CA GLY V 69 -57.82 -33.19 21.36
C GLY V 69 -57.17 -32.43 20.22
N VAL V 70 -57.66 -31.22 19.92
CA VAL V 70 -56.99 -30.36 18.95
C VAL V 70 -55.67 -29.87 19.51
N ILE V 71 -55.68 -29.36 20.73
CA ILE V 71 -54.46 -28.91 21.38
C ILE V 71 -54.19 -29.84 22.55
N PRO V 72 -53.30 -30.81 22.40
CA PRO V 72 -53.06 -31.78 23.47
C PRO V 72 -52.52 -31.16 24.74
N PRO V 73 -51.74 -30.08 24.67
CA PRO V 73 -51.43 -29.37 25.92
C PRO V 73 -52.65 -28.85 26.64
N ALA V 74 -53.60 -28.26 25.93
CA ALA V 74 -54.75 -27.66 26.61
C ALA V 74 -55.71 -28.69 27.15
N GLY V 75 -55.53 -29.96 26.82
CA GLY V 75 -56.41 -31.00 27.32
C GLY V 75 -56.93 -31.91 26.22
N SER V 76 -56.78 -33.21 26.39
CA SER V 76 -57.24 -34.20 25.42
C SER V 76 -58.35 -35.06 26.03
N TYR V 77 -58.89 -35.95 25.22
CA TYR V 77 -60.00 -36.81 25.64
C TYR V 77 -59.72 -38.22 25.18
N ASN V 78 -59.58 -39.15 26.12
CA ASN V 78 -59.38 -40.55 25.81
C ASN V 78 -60.72 -41.28 25.84
N GLY V 79 -61.01 -42.01 24.79
CA GLY V 79 -62.33 -42.58 24.67
C GLY V 79 -62.78 -42.61 23.24
N TYR V 80 -62.02 -41.95 22.38
CA TYR V 80 -62.19 -42.16 20.96
C TYR V 80 -61.80 -43.58 20.61
N TRP V 81 -62.25 -44.03 19.45
CA TRP V 81 -62.01 -45.42 19.11
C TRP V 81 -60.57 -45.70 18.73
N ALA V 82 -59.72 -44.69 18.65
CA ALA V 82 -58.31 -44.88 18.35
C ALA V 82 -57.53 -43.66 18.84
N ASP V 83 -56.24 -43.62 18.53
CA ASP V 83 -55.44 -42.45 18.81
C ASP V 83 -55.79 -41.31 17.87
N PRO V 84 -55.55 -40.07 18.27
CA PRO V 84 -55.79 -38.95 17.34
C PRO V 84 -54.92 -39.00 16.10
N TYR V 85 -53.75 -39.62 16.13
CA TYR V 85 -52.99 -39.77 14.90
C TYR V 85 -53.69 -40.71 13.93
N THR V 86 -54.19 -41.84 14.42
CA THR V 86 -54.91 -42.76 13.57
C THR V 86 -56.15 -42.10 12.99
N ILE V 87 -56.77 -41.17 13.74
CA ILE V 87 -57.81 -40.34 13.18
C ILE V 87 -57.24 -39.45 12.09
N PHE V 88 -56.06 -38.91 12.34
CA PHE V 88 -55.52 -37.88 11.45
C PHE V 88 -55.15 -38.45 10.10
N PHE V 89 -54.68 -39.70 10.06
CA PHE V 89 -54.37 -40.28 8.76
C PHE V 89 -55.63 -40.39 7.91
N VAL V 90 -56.71 -40.83 8.52
CA VAL V 90 -57.99 -40.88 7.81
C VAL V 90 -58.36 -39.50 7.31
N GLU V 91 -58.15 -38.49 8.15
CA GLU V 91 -58.44 -37.14 7.73
C GLU V 91 -57.61 -36.76 6.52
N ILE V 92 -56.32 -37.08 6.54
CA ILE V 92 -55.46 -36.73 5.42
C ILE V 92 -56.00 -37.32 4.14
N VAL V 93 -56.30 -38.61 4.15
CA VAL V 93 -56.69 -39.27 2.91
C VAL V 93 -58.04 -38.75 2.41
N ALA V 94 -59.03 -38.67 3.30
CA ALA V 94 -60.35 -38.25 2.86
C ALA V 94 -60.35 -36.82 2.38
N MET V 95 -59.81 -35.91 3.18
CA MET V 95 -59.76 -34.52 2.74
C MET V 95 -58.91 -34.37 1.50
N GLN V 96 -57.91 -35.23 1.33
CA GLN V 96 -57.11 -35.17 0.13
C GLN V 96 -57.98 -35.40 -1.09
N PHE V 97 -58.76 -36.49 -1.09
CA PHE V 97 -59.66 -36.73 -2.22
C PHE V 97 -60.58 -35.55 -2.44
N ALA V 98 -61.25 -35.10 -1.39
CA ALA V 98 -62.29 -34.09 -1.57
C ALA V 98 -61.71 -32.78 -2.06
N GLU V 99 -60.75 -32.22 -1.33
CA GLU V 99 -60.21 -30.93 -1.69
C GLU V 99 -59.50 -30.98 -3.03
N LEU V 100 -58.77 -32.06 -3.30
CA LEU V 100 -58.03 -32.16 -4.53
C LEU V 100 -58.95 -32.22 -5.74
N ARG V 101 -60.04 -33.00 -5.66
CA ARG V 101 -60.98 -33.01 -6.77
C ARG V 101 -61.63 -31.64 -6.94
N ARG V 102 -61.92 -30.97 -5.84
CA ARG V 102 -62.48 -29.62 -5.95
C ARG V 102 -61.53 -28.71 -6.71
N LEU V 103 -60.25 -28.81 -6.41
CA LEU V 103 -59.25 -28.02 -7.13
C LEU V 103 -59.28 -28.35 -8.60
N GLN V 104 -59.40 -29.64 -8.93
CA GLN V 104 -59.46 -30.02 -10.34
C GLN V 104 -60.68 -29.45 -11.03
N ASP V 105 -61.77 -29.25 -10.31
CA ASP V 105 -62.90 -28.59 -10.94
C ASP V 105 -62.64 -27.11 -11.14
N PHE V 106 -61.88 -26.50 -10.24
CA PHE V 106 -61.60 -25.08 -10.44
C PHE V 106 -60.66 -24.86 -11.64
N ARG V 107 -59.59 -25.65 -11.74
CA ARG V 107 -58.60 -25.40 -12.77
C ARG V 107 -59.14 -25.75 -14.15
N TYR V 108 -59.89 -26.85 -14.27
CA TYR V 108 -60.50 -27.26 -15.53
C TYR V 108 -61.99 -27.46 -15.32
N PRO V 109 -62.80 -26.43 -15.55
CA PRO V 109 -64.24 -26.55 -15.29
C PRO V 109 -64.89 -27.58 -16.18
N GLY V 110 -65.71 -28.43 -15.57
CA GLY V 110 -66.41 -29.49 -16.28
C GLY V 110 -65.64 -30.79 -16.42
N SER V 111 -64.38 -30.82 -16.00
CA SER V 111 -63.53 -31.99 -16.21
C SER V 111 -63.67 -33.01 -15.11
N MET V 112 -64.80 -33.03 -14.42
CA MET V 112 -65.01 -34.00 -13.35
C MET V 112 -66.22 -34.87 -13.63
N GLY V 113 -66.53 -35.08 -14.91
CA GLY V 113 -67.62 -35.95 -15.27
C GLY V 113 -67.22 -36.91 -16.38
N GLN V 114 -65.93 -37.24 -16.46
CA GLN V 114 -65.47 -38.13 -17.51
C GLN V 114 -64.84 -39.40 -16.97
N GLN V 115 -63.85 -39.30 -16.10
CA GLN V 115 -63.11 -40.47 -15.68
C GLN V 115 -63.86 -41.24 -14.61
N TYR V 116 -63.82 -42.57 -14.70
CA TYR V 116 -64.64 -43.43 -13.86
C TYR V 116 -64.32 -43.26 -12.38
N PHE V 117 -65.33 -42.92 -11.59
CA PHE V 117 -65.20 -42.77 -10.14
C PHE V 117 -66.36 -43.48 -9.45
N LEU V 118 -66.53 -44.77 -9.75
CA LEU V 118 -67.57 -45.61 -9.14
C LEU V 118 -68.96 -45.24 -9.64
N GLY V 119 -69.05 -44.61 -10.80
CA GLY V 119 -70.31 -44.20 -11.34
C GLY V 119 -70.77 -42.84 -10.87
N LEU V 120 -70.12 -42.26 -9.87
CA LEU V 120 -70.43 -40.91 -9.42
C LEU V 120 -69.91 -39.94 -10.46
N GLU V 121 -70.65 -39.78 -11.49
CA GLU V 121 -70.19 -38.88 -12.51
C GLU V 121 -71.21 -37.82 -12.88
N ALA V 122 -72.49 -38.17 -12.91
CA ALA V 122 -73.50 -37.14 -13.15
C ALA V 122 -73.62 -36.19 -11.98
N ILE V 123 -73.10 -36.59 -10.82
CA ILE V 123 -73.17 -35.76 -9.64
C ILE V 123 -72.10 -34.68 -9.66
N PHE V 124 -70.94 -34.96 -10.22
CA PHE V 124 -69.79 -34.06 -10.20
C PHE V 124 -69.60 -33.33 -11.51
N LYS V 125 -70.66 -32.94 -12.19
CA LYS V 125 -70.48 -32.17 -13.41
C LYS V 125 -70.15 -30.71 -13.12
N GLY V 126 -70.62 -30.19 -12.00
CA GLY V 126 -70.45 -28.78 -11.78
C GLY V 126 -71.41 -27.99 -12.64
N SER V 127 -71.11 -26.71 -12.81
CA SER V 127 -71.93 -25.83 -13.63
C SER V 127 -71.01 -24.77 -14.23
N GLY V 128 -71.62 -23.70 -14.74
CA GLY V 128 -70.82 -22.60 -15.24
C GLY V 128 -69.97 -21.96 -14.17
N ASP V 129 -70.56 -21.72 -13.00
CA ASP V 129 -69.83 -21.14 -11.89
C ASP V 129 -69.04 -22.23 -11.16
N ALA V 130 -68.07 -21.80 -10.37
CA ALA V 130 -67.18 -22.74 -9.68
C ALA V 130 -67.42 -22.80 -8.19
N ALA V 131 -68.01 -21.77 -7.60
CA ALA V 131 -68.31 -21.78 -6.18
C ALA V 131 -69.70 -22.32 -5.89
N TYR V 132 -70.53 -22.54 -6.90
CA TYR V 132 -71.87 -23.08 -6.74
C TYR V 132 -72.06 -24.19 -7.76
N PRO V 133 -71.55 -25.37 -7.48
CA PRO V 133 -71.65 -26.47 -8.45
C PRO V 133 -73.08 -26.86 -8.74
N GLY V 134 -73.81 -27.26 -7.72
CA GLY V 134 -75.15 -27.78 -7.94
C GLY V 134 -75.10 -29.26 -8.24
N GLY V 135 -75.95 -29.72 -9.15
CA GLY V 135 -76.05 -31.13 -9.44
C GLY V 135 -77.09 -31.80 -8.58
N PRO V 136 -77.22 -33.12 -8.71
CA PRO V 136 -78.23 -33.83 -7.94
C PRO V 136 -77.90 -33.98 -6.48
N PHE V 137 -76.64 -33.91 -6.06
CA PHE V 137 -76.32 -34.08 -4.65
C PHE V 137 -75.96 -32.80 -3.94
N PHE V 138 -75.23 -31.89 -4.57
CA PHE V 138 -74.98 -30.64 -3.86
C PHE V 138 -76.23 -29.81 -3.80
N ASN V 139 -77.18 -30.06 -4.69
CA ASN V 139 -78.50 -29.43 -4.67
C ASN V 139 -79.51 -30.56 -4.66
N LEU V 140 -79.75 -31.14 -3.48
CA LEU V 140 -80.65 -32.29 -3.40
C LEU V 140 -82.04 -31.88 -3.86
N PHE V 141 -82.68 -31.07 -3.04
CA PHE V 141 -83.93 -30.46 -3.42
C PHE V 141 -83.59 -29.28 -4.30
N ASN V 142 -84.44 -28.99 -5.26
CA ASN V 142 -84.17 -27.84 -6.11
C ASN V 142 -84.60 -26.60 -5.34
N LEU V 143 -83.67 -26.01 -4.62
CA LEU V 143 -83.99 -24.86 -3.78
C LEU V 143 -84.04 -23.61 -4.65
N GLY V 144 -85.24 -23.07 -4.82
CA GLY V 144 -85.43 -21.81 -5.51
C GLY V 144 -85.87 -21.94 -6.95
N LYS V 145 -85.22 -22.83 -7.70
CA LYS V 145 -85.67 -23.25 -9.02
C LYS V 145 -85.74 -22.11 -10.03
N THR V 146 -85.35 -20.90 -9.64
CA THR V 146 -85.53 -19.74 -10.51
C THR V 146 -84.28 -18.87 -10.41
N GLU V 147 -84.39 -17.63 -10.83
CA GLU V 147 -83.30 -16.67 -10.71
C GLU V 147 -83.54 -15.61 -9.65
N ALA V 148 -84.78 -15.16 -9.48
CA ALA V 148 -85.05 -14.13 -8.49
C ALA V 148 -84.83 -14.63 -7.07
N ALA V 149 -84.97 -15.94 -6.84
CA ALA V 149 -84.74 -16.50 -5.53
C ALA V 149 -83.32 -16.96 -5.30
N MET V 150 -82.58 -17.27 -6.36
CA MET V 150 -81.23 -17.76 -6.19
C MET V 150 -80.32 -16.69 -5.61
N LYS V 151 -80.42 -15.46 -6.10
CA LYS V 151 -79.59 -14.40 -5.54
C LYS V 151 -79.87 -14.21 -4.07
N GLU V 152 -81.14 -14.34 -3.67
CA GLU V 152 -81.48 -14.17 -2.27
C GLU V 152 -80.83 -15.24 -1.41
N LEU V 153 -80.83 -16.48 -1.88
CA LEU V 153 -80.20 -17.55 -1.10
C LEU V 153 -78.69 -17.38 -1.06
N LYS V 154 -78.08 -16.97 -2.18
CA LYS V 154 -76.65 -16.71 -2.15
C LYS V 154 -76.31 -15.58 -1.18
N LEU V 155 -77.12 -14.53 -1.19
CA LEU V 155 -76.86 -13.40 -0.31
C LEU V 155 -76.98 -13.81 1.15
N LYS V 156 -78.01 -14.62 1.46
CA LYS V 156 -78.17 -15.06 2.84
C LYS V 156 -77.04 -15.99 3.25
N GLU V 157 -76.59 -16.85 2.34
CA GLU V 157 -75.42 -17.67 2.61
C GLU V 157 -74.22 -16.79 2.95
N ILE V 158 -74.00 -15.75 2.17
CA ILE V 158 -72.83 -14.89 2.39
C ILE V 158 -72.92 -14.18 3.72
N LYS V 159 -74.08 -13.59 4.03
CA LYS V 159 -74.16 -12.81 5.25
C LYS V 159 -74.05 -13.71 6.47
N ASN V 160 -74.70 -14.87 6.44
CA ASN V 160 -74.54 -15.82 7.54
C ASN V 160 -73.10 -16.27 7.67
N GLY V 161 -72.40 -16.45 6.54
CA GLY V 161 -71.02 -16.87 6.61
C GLY V 161 -70.12 -15.83 7.23
N ARG V 162 -70.29 -14.58 6.84
CA ARG V 162 -69.48 -13.51 7.43
C ARG V 162 -69.72 -13.42 8.93
N LEU V 163 -70.99 -13.47 9.34
CA LEU V 163 -71.28 -13.50 10.76
C LEU V 163 -70.59 -14.68 11.43
N ALA V 164 -70.57 -15.83 10.77
CA ALA V 164 -69.94 -17.00 11.35
C ALA V 164 -68.44 -16.81 11.51
N MET V 165 -67.81 -16.17 10.52
CA MET V 165 -66.37 -15.97 10.58
C MET V 165 -66.00 -15.08 11.77
N LEU V 166 -66.73 -13.97 11.92
CA LEU V 166 -66.48 -13.13 13.08
C LEU V 166 -66.72 -13.90 14.37
N ALA V 167 -67.76 -14.74 14.39
CA ALA V 167 -68.04 -15.53 15.59
C ALA V 167 -66.88 -16.45 15.92
N MET V 168 -66.30 -17.09 14.91
CA MET V 168 -65.24 -18.05 15.17
C MET V 168 -63.97 -17.35 15.66
N LEU V 169 -63.68 -16.17 15.11
CA LEU V 169 -62.59 -15.38 15.67
C LEU V 169 -62.87 -15.02 17.12
N GLY V 170 -64.14 -14.74 17.42
CA GLY V 170 -64.50 -14.52 18.81
C GLY V 170 -64.22 -15.71 19.68
N TYR V 171 -64.58 -16.91 19.21
CA TYR V 171 -64.32 -18.09 20.03
C TYR V 171 -62.84 -18.23 20.31
N GLY V 172 -62.02 -17.98 19.29
CA GLY V 172 -60.58 -18.09 19.49
C GLY V 172 -60.05 -17.10 20.50
N ALA V 173 -60.45 -15.82 20.37
CA ALA V 173 -59.97 -14.80 21.29
C ALA V 173 -60.42 -15.09 22.71
N GLN V 174 -61.69 -15.43 22.89
CA GLN V 174 -62.18 -15.73 24.23
C GLN V 174 -61.45 -16.93 24.82
N ALA V 175 -61.25 -17.98 24.02
CA ALA V 175 -60.57 -19.14 24.56
C ALA V 175 -59.13 -18.82 24.93
N VAL V 176 -58.50 -17.86 24.26
CA VAL V 176 -57.18 -17.44 24.70
C VAL V 176 -57.26 -16.70 26.04
N MET V 177 -58.16 -15.73 26.12
CA MET V 177 -58.09 -14.80 27.24
C MET V 177 -58.64 -15.40 28.53
N THR V 178 -59.93 -15.72 28.55
CA THR V 178 -60.54 -16.16 29.79
C THR V 178 -60.43 -17.66 30.03
N GLY V 179 -60.11 -18.44 29.00
CA GLY V 179 -59.87 -19.86 29.22
C GLY V 179 -61.09 -20.69 29.50
N LYS V 180 -62.28 -20.24 29.09
CA LYS V 180 -63.50 -21.00 29.29
C LYS V 180 -64.24 -21.12 27.97
N GLY V 181 -65.32 -21.88 27.99
CA GLY V 181 -66.11 -22.10 26.80
C GLY V 181 -66.90 -20.88 26.37
N PRO V 182 -67.39 -20.91 25.13
CA PRO V 182 -68.19 -19.77 24.66
C PRO V 182 -69.55 -19.71 25.32
N PHE V 183 -70.19 -20.85 25.54
CA PHE V 183 -71.46 -20.82 26.26
C PHE V 183 -71.24 -20.43 27.71
N GLN V 184 -70.10 -20.81 28.29
CA GLN V 184 -69.77 -20.35 29.63
C GLN V 184 -69.64 -18.83 29.68
N ASN V 185 -69.03 -18.25 28.65
CA ASN V 185 -68.92 -16.79 28.57
C ASN V 185 -70.30 -16.15 28.44
N LEU V 186 -71.18 -16.74 27.63
CA LEU V 186 -72.52 -16.17 27.51
C LEU V 186 -73.26 -16.23 28.84
N VAL V 187 -73.12 -17.33 29.59
CA VAL V 187 -73.77 -17.43 30.89
C VAL V 187 -73.20 -16.39 31.85
N GLU V 188 -71.88 -16.30 31.92
CA GLU V 188 -71.25 -15.37 32.86
C GLU V 188 -71.58 -13.92 32.51
N HIS V 189 -71.63 -13.58 31.23
CA HIS V 189 -71.92 -12.20 30.87
C HIS V 189 -73.38 -11.87 31.03
N LEU V 190 -74.28 -12.82 30.81
CA LEU V 190 -75.69 -12.56 31.05
C LEU V 190 -76.02 -12.56 32.53
N ALA V 191 -75.16 -13.13 33.36
CA ALA V 191 -75.36 -13.04 34.80
C ALA V 191 -75.17 -11.61 35.29
N ASP V 192 -73.96 -11.07 35.14
CA ASP V 192 -73.62 -9.74 35.64
C ASP V 192 -73.01 -8.90 34.52
N PRO V 193 -73.79 -8.07 33.86
CA PRO V 193 -73.27 -7.36 32.69
C PRO V 193 -72.16 -6.38 33.02
N VAL V 194 -72.36 -5.54 34.03
CA VAL V 194 -71.36 -4.52 34.35
C VAL V 194 -70.12 -5.14 34.96
N ASN V 195 -70.29 -6.18 35.77
CA ASN V 195 -69.18 -6.82 36.45
C ASN V 195 -68.54 -7.95 35.65
N ASN V 196 -69.00 -8.18 34.42
CA ASN V 196 -68.33 -9.13 33.52
C ASN V 196 -68.33 -8.51 32.13
N ASN V 197 -67.15 -8.20 31.62
CA ASN V 197 -66.99 -7.59 30.32
C ASN V 197 -65.66 -8.06 29.77
N ILE V 198 -65.15 -7.38 28.76
CA ILE V 198 -63.77 -7.64 28.38
C ILE V 198 -62.81 -6.88 29.29
N LEU V 199 -63.20 -5.68 29.72
CA LEU V 199 -62.29 -4.84 30.49
C LEU V 199 -62.24 -5.23 31.96
N THR V 200 -63.31 -5.82 32.49
CA THR V 200 -63.18 -6.44 33.81
C THR V 200 -62.26 -7.64 33.75
N ASN V 201 -62.32 -8.39 32.65
CA ASN V 201 -61.43 -9.53 32.47
C ASN V 201 -60.14 -9.12 31.77
N PHE V 202 -59.54 -8.04 32.26
CA PHE V 202 -58.13 -7.75 32.01
C PHE V 202 -57.26 -8.34 33.10
N ALA V 203 -57.88 -8.97 34.10
CA ALA V 203 -57.19 -9.50 35.27
C ALA V 203 -56.45 -8.39 36.01
N LEU W 1 -30.88 -97.30 -46.24
CA LEU W 1 -32.02 -96.78 -45.51
C LEU W 1 -32.14 -97.10 -43.99
N PRO W 2 -31.23 -97.85 -43.37
CA PRO W 2 -31.30 -97.96 -41.91
C PRO W 2 -30.91 -96.63 -41.27
N SER W 3 -31.28 -96.48 -40.01
CA SER W 3 -30.94 -95.27 -39.29
C SER W 3 -30.56 -95.62 -37.86
N TRP W 4 -29.88 -94.67 -37.22
CA TRP W 4 -29.62 -94.76 -35.80
C TRP W 4 -30.76 -94.23 -34.97
N MET W 5 -31.77 -93.66 -35.62
CA MET W 5 -32.93 -93.06 -34.97
C MET W 5 -34.04 -93.02 -36.00
N PRO W 6 -34.85 -94.06 -36.11
CA PRO W 6 -35.75 -94.17 -37.25
C PRO W 6 -36.74 -93.01 -37.31
N GLY W 7 -36.59 -92.14 -38.31
CA GLY W 7 -37.42 -90.97 -38.48
C GLY W 7 -36.63 -89.67 -38.50
N ALA W 8 -35.51 -89.61 -37.78
CA ALA W 8 -34.73 -88.40 -37.69
C ALA W 8 -33.91 -88.16 -38.96
N ASP W 9 -33.68 -86.88 -39.25
CA ASP W 9 -33.00 -86.50 -40.48
C ASP W 9 -31.52 -86.82 -40.41
N LEU W 10 -31.03 -87.55 -41.42
CA LEU W 10 -29.61 -87.87 -41.50
C LEU W 10 -28.84 -86.73 -42.18
N PRO W 11 -27.57 -86.57 -41.82
CA PRO W 11 -26.74 -85.60 -42.54
C PRO W 11 -26.56 -86.00 -44.00
N GLY W 12 -26.40 -84.98 -44.84
CA GLY W 12 -26.44 -85.22 -46.28
C GLY W 12 -25.19 -85.85 -46.84
N TYR W 13 -24.05 -85.70 -46.17
CA TYR W 13 -22.79 -86.17 -46.75
C TYR W 13 -22.57 -87.67 -46.59
N LEU W 14 -23.36 -88.36 -45.78
CA LEU W 14 -23.23 -89.80 -45.66
C LEU W 14 -24.15 -90.48 -46.67
N ASN W 15 -23.60 -91.46 -47.40
CA ASN W 15 -24.31 -92.05 -48.53
C ASN W 15 -24.19 -93.55 -48.63
N GLY W 16 -23.71 -94.24 -47.60
CA GLY W 16 -23.66 -95.68 -47.61
C GLY W 16 -22.45 -96.28 -48.27
N THR W 17 -21.61 -95.49 -48.94
CA THR W 17 -20.41 -96.03 -49.54
C THR W 17 -19.46 -96.55 -48.47
N LEU W 18 -19.42 -95.89 -47.32
CA LEU W 18 -18.60 -96.39 -46.22
C LEU W 18 -19.27 -97.61 -45.60
N PRO W 19 -18.49 -98.54 -45.08
CA PRO W 19 -19.09 -99.67 -44.37
C PRO W 19 -19.71 -99.20 -43.07
N GLY W 20 -20.89 -99.73 -42.77
CA GLY W 20 -21.57 -99.35 -41.55
C GLY W 20 -22.01 -97.91 -41.50
N ASP W 21 -22.55 -97.39 -42.61
CA ASP W 21 -23.05 -96.02 -42.65
C ASP W 21 -24.46 -96.02 -42.08
N PHE W 22 -24.58 -95.62 -40.82
CA PHE W 22 -25.87 -95.51 -40.15
C PHE W 22 -26.30 -94.08 -39.93
N GLY W 23 -25.61 -93.12 -40.53
CA GLY W 23 -26.03 -91.73 -40.44
C GLY W 23 -25.83 -91.09 -39.08
N PHE W 24 -24.91 -91.60 -38.27
CA PHE W 24 -24.72 -91.12 -36.91
C PHE W 24 -23.58 -90.12 -36.87
N ASP W 25 -23.92 -88.85 -36.79
CA ASP W 25 -22.94 -87.81 -36.49
C ASP W 25 -23.66 -86.60 -35.91
N PRO W 26 -24.03 -86.64 -34.62
CA PRO W 26 -24.73 -85.50 -34.03
C PRO W 26 -23.84 -84.31 -33.75
N LEU W 27 -22.53 -84.44 -33.89
CA LEU W 27 -21.61 -83.34 -33.72
C LEU W 27 -21.08 -82.81 -35.05
N TYR W 28 -21.45 -83.43 -36.16
CA TYR W 28 -21.03 -83.00 -37.49
C TYR W 28 -19.51 -82.96 -37.63
N LEU W 29 -18.86 -84.06 -37.26
CA LEU W 29 -17.41 -84.08 -37.29
C LEU W 29 -16.84 -84.29 -38.69
N GLY W 30 -17.64 -84.80 -39.63
CA GLY W 30 -17.07 -85.18 -40.91
C GLY W 30 -17.60 -84.41 -42.10
N GLN W 31 -17.77 -83.09 -41.95
CA GLN W 31 -18.32 -82.28 -43.04
C GLN W 31 -17.38 -82.23 -44.24
N ASP W 32 -16.09 -82.02 -43.99
CA ASP W 32 -15.13 -82.00 -45.09
C ASP W 32 -14.83 -83.41 -45.54
N PRO W 33 -14.83 -83.68 -46.85
CA PRO W 33 -14.52 -85.03 -47.32
C PRO W 33 -13.15 -85.53 -46.93
N VAL W 34 -12.17 -84.63 -46.83
CA VAL W 34 -10.82 -85.06 -46.43
C VAL W 34 -10.85 -85.62 -45.02
N LYS W 35 -11.50 -84.89 -44.11
CA LYS W 35 -11.64 -85.41 -42.75
C LYS W 35 -12.43 -86.69 -42.74
N LEU W 36 -13.37 -86.86 -43.67
CA LEU W 36 -14.11 -88.11 -43.74
C LEU W 36 -13.18 -89.26 -44.13
N LYS W 37 -12.30 -89.05 -45.10
CA LYS W 37 -11.35 -90.08 -45.49
C LYS W 37 -10.45 -90.45 -44.31
N TRP W 38 -9.85 -89.44 -43.69
CA TRP W 38 -8.92 -89.71 -42.61
C TRP W 38 -9.62 -90.40 -41.46
N TYR W 39 -10.84 -89.95 -41.13
CA TYR W 39 -11.58 -90.57 -40.05
C TYR W 39 -11.96 -92.01 -40.38
N ALA W 40 -12.29 -92.29 -41.65
CA ALA W 40 -12.63 -93.66 -42.02
C ALA W 40 -11.44 -94.59 -41.84
N GLN W 41 -10.27 -94.16 -42.32
CA GLN W 41 -9.09 -94.99 -42.15
C GLN W 41 -8.76 -95.16 -40.67
N ALA W 42 -8.92 -94.09 -39.88
CA ALA W 42 -8.68 -94.20 -38.45
C ALA W 42 -9.65 -95.17 -37.80
N GLU W 43 -10.91 -95.15 -38.23
CA GLU W 43 -11.87 -96.09 -37.67
C GLU W 43 -11.45 -97.51 -37.97
N LEU W 44 -11.03 -97.78 -39.20
CA LEU W 44 -10.64 -99.15 -39.54
C LEU W 44 -9.47 -99.61 -38.66
N MET W 45 -8.46 -98.76 -38.52
CA MET W 45 -7.28 -99.19 -37.77
C MET W 45 -7.60 -99.35 -36.29
N ASN W 46 -8.29 -98.37 -35.70
CA ASN W 46 -8.67 -98.51 -34.31
C ASN W 46 -9.49 -99.78 -34.12
N ALA W 47 -10.32 -100.13 -35.11
CA ALA W 47 -11.20 -101.29 -34.97
C ALA W 47 -10.40 -102.56 -34.94
N ARG W 48 -9.45 -102.68 -35.86
CA ARG W 48 -8.68 -103.90 -35.92
C ARG W 48 -7.81 -104.08 -34.70
N PHE W 49 -7.18 -103.01 -34.23
CA PHE W 49 -6.38 -103.17 -33.03
C PHE W 49 -7.26 -103.46 -31.81
N ALA W 50 -8.49 -102.91 -31.78
CA ALA W 50 -9.41 -103.27 -30.71
C ALA W 50 -9.78 -104.75 -30.76
N MET W 51 -10.06 -105.27 -31.96
CA MET W 51 -10.47 -106.66 -32.04
C MET W 51 -9.35 -107.59 -31.62
N LEU W 52 -8.13 -107.33 -32.08
CA LEU W 52 -7.00 -108.14 -31.64
C LEU W 52 -6.79 -108.01 -30.14
N ALA W 53 -6.97 -106.81 -29.60
CA ALA W 53 -6.76 -106.60 -28.18
C ALA W 53 -7.77 -107.39 -27.34
N VAL W 54 -9.05 -107.26 -27.68
CA VAL W 54 -10.08 -107.92 -26.89
C VAL W 54 -9.95 -109.43 -27.02
N ALA W 55 -9.55 -109.92 -28.20
CA ALA W 55 -9.23 -111.34 -28.30
C ALA W 55 -8.09 -111.70 -27.35
N GLY W 56 -7.05 -110.87 -27.30
CA GLY W 56 -5.90 -111.16 -26.47
C GLY W 56 -6.14 -110.97 -24.98
N ILE W 57 -7.30 -110.44 -24.60
CA ILE W 57 -7.62 -110.37 -23.18
C ILE W 57 -8.63 -111.46 -22.82
N LEU W 58 -9.53 -111.80 -23.74
CA LEU W 58 -10.48 -112.89 -23.47
C LEU W 58 -9.78 -114.24 -23.50
N VAL W 59 -9.06 -114.54 -24.58
CA VAL W 59 -8.54 -115.89 -24.78
C VAL W 59 -7.59 -116.34 -23.68
N PRO W 60 -6.63 -115.53 -23.23
CA PRO W 60 -5.78 -116.01 -22.12
C PRO W 60 -6.57 -116.24 -20.84
N GLU W 61 -7.50 -115.35 -20.52
CA GLU W 61 -8.29 -115.53 -19.31
C GLU W 61 -9.31 -116.65 -19.48
N LEU W 62 -9.89 -116.79 -20.68
CA LEU W 62 -10.81 -117.89 -20.92
C LEU W 62 -10.10 -119.23 -20.82
N LEU W 63 -8.84 -119.28 -21.25
CA LEU W 63 -8.07 -120.50 -21.12
C LEU W 63 -7.30 -120.55 -19.82
N SER W 64 -7.49 -119.56 -18.94
CA SER W 64 -6.94 -119.62 -17.59
C SER W 64 -7.85 -120.38 -16.65
N ASN W 65 -9.16 -120.09 -16.70
CA ASN W 65 -10.11 -120.75 -15.82
C ASN W 65 -10.27 -122.23 -16.13
N ILE W 66 -9.88 -122.67 -17.34
CA ILE W 66 -9.96 -124.07 -17.67
C ILE W 66 -8.78 -124.86 -17.11
N GLY W 67 -7.67 -124.19 -16.82
CA GLY W 67 -6.57 -124.81 -16.11
C GLY W 67 -5.53 -125.54 -16.93
N PHE W 68 -4.90 -124.84 -17.87
CA PHE W 68 -3.68 -125.35 -18.50
C PHE W 68 -2.48 -124.87 -17.69
N SER W 69 -1.27 -125.22 -18.15
CA SER W 69 -0.10 -124.89 -17.35
C SER W 69 0.97 -124.14 -18.15
N TRP W 70 0.56 -123.33 -19.15
CA TRP W 70 1.59 -122.41 -19.62
C TRP W 70 1.71 -121.26 -18.61
N PRO W 71 2.91 -120.69 -18.47
CA PRO W 71 3.15 -119.74 -17.37
C PRO W 71 2.27 -118.48 -17.42
N GLY W 72 1.48 -118.28 -18.48
CA GLY W 72 0.41 -117.32 -18.42
C GLY W 72 -0.80 -117.94 -17.78
N ALA W 73 -0.72 -118.19 -16.48
CA ALA W 73 -1.71 -118.96 -15.73
C ALA W 73 -2.91 -118.14 -15.30
N GLY W 74 -3.15 -116.99 -15.93
CA GLY W 74 -4.19 -116.09 -15.52
C GLY W 74 -3.72 -114.95 -14.66
N VAL W 75 -2.50 -114.46 -14.88
CA VAL W 75 -1.92 -113.45 -14.00
C VAL W 75 -2.78 -112.18 -14.01
N ALA W 76 -2.92 -111.57 -15.19
CA ALA W 76 -3.84 -110.47 -15.46
C ALA W 76 -3.69 -110.12 -16.93
N TRP W 77 -4.43 -109.13 -17.40
CA TRP W 77 -4.05 -108.45 -18.63
C TRP W 77 -3.26 -107.18 -18.37
N TYR W 78 -3.47 -106.55 -17.22
CA TYR W 78 -2.76 -105.34 -16.83
C TYR W 78 -1.52 -105.63 -15.99
N ASP W 79 -1.24 -106.89 -15.68
CA ASP W 79 0.01 -107.30 -15.04
C ASP W 79 0.94 -108.00 -16.02
N ALA W 80 0.83 -107.66 -17.31
CA ALA W 80 1.76 -108.19 -18.29
C ALA W 80 3.08 -107.45 -18.31
N GLY W 81 3.34 -106.61 -17.30
CA GLY W 81 4.54 -105.82 -17.27
C GLY W 81 5.39 -106.06 -16.04
N LYS W 82 5.19 -107.22 -15.42
CA LYS W 82 5.99 -107.58 -14.25
C LYS W 82 6.42 -109.04 -14.32
N PHE W 83 6.53 -109.58 -15.52
CA PHE W 83 6.79 -110.98 -15.76
C PHE W 83 8.17 -111.14 -16.39
N GLU W 84 8.88 -112.20 -16.01
CA GLU W 84 10.18 -112.47 -16.61
C GLU W 84 9.98 -113.10 -17.97
N TYR W 85 10.61 -112.52 -18.98
CA TYR W 85 10.34 -112.99 -20.33
C TYR W 85 11.41 -113.95 -20.82
N PHE W 86 12.69 -113.58 -20.79
CA PHE W 86 13.76 -113.81 -21.79
C PHE W 86 14.10 -112.55 -22.60
N ALA W 87 13.57 -111.39 -22.17
CA ALA W 87 14.13 -110.08 -22.54
C ALA W 87 13.43 -108.99 -21.73
N PRO W 88 14.15 -107.97 -21.25
CA PRO W 88 13.46 -106.84 -20.60
C PRO W 88 12.69 -106.02 -21.61
N ALA W 89 11.70 -105.28 -21.11
CA ALA W 89 10.74 -104.62 -21.99
C ALA W 89 11.37 -103.55 -22.88
N SER W 90 12.57 -103.08 -22.54
CA SER W 90 13.18 -102.01 -23.32
C SER W 90 13.47 -102.46 -24.75
N SER W 91 14.18 -103.57 -24.92
CA SER W 91 14.49 -104.05 -26.26
C SER W 91 13.22 -104.44 -27.00
N LEU W 92 12.21 -104.89 -26.25
CA LEU W 92 10.90 -105.13 -26.82
C LEU W 92 10.36 -103.87 -27.48
N PHE W 93 10.43 -102.74 -26.76
CA PHE W 93 9.98 -101.48 -27.30
C PHE W 93 10.79 -101.08 -28.52
N GLY W 94 12.11 -101.30 -28.48
CA GLY W 94 12.95 -100.94 -29.60
C GLY W 94 12.61 -101.68 -30.88
N VAL W 95 12.61 -103.02 -30.81
CA VAL W 95 12.29 -103.81 -31.99
C VAL W 95 10.88 -103.52 -32.46
N GLN W 96 9.96 -103.37 -31.51
CA GLN W 96 8.58 -103.04 -31.84
C GLN W 96 8.51 -101.78 -32.68
N MET W 97 9.13 -100.70 -32.21
CA MET W 97 9.02 -99.44 -32.93
C MET W 97 9.72 -99.50 -34.27
N LEU W 98 10.85 -100.20 -34.39
CA LEU W 98 11.49 -100.30 -35.69
C LEU W 98 10.58 -100.99 -36.70
N LEU W 99 10.09 -102.18 -36.35
CA LEU W 99 9.30 -102.94 -37.31
C LEU W 99 8.02 -102.21 -37.65
N PHE W 100 7.36 -101.63 -36.64
CA PHE W 100 6.11 -100.94 -36.93
C PHE W 100 6.34 -99.62 -37.63
N ALA W 101 7.49 -98.98 -37.45
CA ALA W 101 7.79 -97.82 -38.28
C ALA W 101 7.80 -98.24 -39.73
N TRP W 102 8.52 -99.33 -40.03
CA TRP W 102 8.56 -99.81 -41.41
C TRP W 102 7.15 -100.04 -41.94
N VAL W 103 6.35 -100.80 -41.20
CA VAL W 103 5.05 -101.22 -41.72
C VAL W 103 4.09 -100.05 -41.83
N GLU W 104 4.03 -99.20 -40.79
CA GLU W 104 3.03 -98.15 -40.78
C GLU W 104 3.38 -97.03 -41.76
N ILE W 105 4.66 -96.69 -41.91
CA ILE W 105 4.97 -95.70 -42.93
C ILE W 105 4.74 -96.27 -44.32
N ARG W 106 4.97 -97.57 -44.51
CA ARG W 106 4.62 -98.17 -45.79
C ARG W 106 3.11 -98.05 -46.06
N ARG W 107 2.31 -98.33 -45.05
CA ARG W 107 0.85 -98.23 -45.22
C ARG W 107 0.43 -96.80 -45.51
N TYR W 108 1.04 -95.83 -44.84
CA TYR W 108 0.73 -94.44 -45.09
C TYR W 108 1.10 -94.04 -46.51
N GLN W 109 2.22 -94.57 -47.01
CA GLN W 109 2.59 -94.31 -48.38
C GLN W 109 1.58 -94.90 -49.35
N ASP W 110 0.96 -96.02 -48.98
CA ASP W 110 -0.15 -96.48 -49.81
C ASP W 110 -1.33 -95.51 -49.72
N PHE W 111 -1.63 -94.98 -48.53
CA PHE W 111 -2.82 -94.15 -48.41
C PHE W 111 -2.69 -92.84 -49.19
N VAL W 112 -1.51 -92.21 -49.14
CA VAL W 112 -1.39 -90.91 -49.81
C VAL W 112 -1.45 -91.08 -51.32
N LYS W 113 -0.75 -92.07 -51.85
CA LYS W 113 -0.80 -92.40 -53.28
C LYS W 113 -1.34 -93.81 -53.42
N PRO W 114 -2.63 -93.98 -53.69
CA PRO W 114 -3.19 -95.32 -53.84
C PRO W 114 -2.70 -95.96 -55.13
N GLY W 115 -2.31 -97.23 -55.02
CA GLY W 115 -1.77 -97.94 -56.17
C GLY W 115 -0.27 -97.81 -56.35
N SER W 116 0.48 -97.59 -55.27
CA SER W 116 1.91 -97.38 -55.36
C SER W 116 2.73 -98.32 -54.50
N ALA W 117 2.15 -98.92 -53.47
CA ALA W 117 2.84 -99.91 -52.66
C ALA W 117 2.15 -101.23 -52.95
N ASN W 118 2.62 -101.91 -54.01
CA ASN W 118 2.02 -103.17 -54.42
C ASN W 118 3.07 -104.27 -54.53
N GLN W 119 4.28 -103.91 -54.93
CA GLN W 119 5.27 -104.90 -55.28
C GLN W 119 6.32 -105.04 -54.19
N ASP W 120 6.90 -106.22 -54.10
CA ASP W 120 7.89 -106.52 -53.07
C ASP W 120 9.21 -105.85 -53.44
N PRO W 121 9.74 -104.95 -52.61
CA PRO W 121 11.01 -104.29 -52.95
C PRO W 121 12.18 -105.23 -53.12
N ILE W 122 12.28 -106.28 -52.31
CA ILE W 122 13.41 -107.18 -52.41
C ILE W 122 13.21 -108.18 -53.55
N PHE W 123 12.21 -109.03 -53.44
CA PHE W 123 11.91 -110.04 -54.45
C PHE W 123 10.85 -109.48 -55.39
N THR W 124 11.31 -108.72 -56.38
CA THR W 124 10.45 -107.87 -57.21
C THR W 124 9.50 -108.66 -58.13
N ASN W 125 9.43 -109.98 -58.05
CA ASN W 125 8.34 -110.67 -58.74
C ASN W 125 7.04 -110.60 -57.96
N ASN W 126 7.11 -110.70 -56.64
CA ASN W 126 5.91 -110.78 -55.80
C ASN W 126 5.22 -109.42 -55.75
N LYS W 127 3.95 -109.38 -56.15
CA LYS W 127 3.24 -108.13 -56.32
C LYS W 127 1.78 -108.30 -55.94
N LEU W 128 1.24 -107.32 -55.21
CA LEU W 128 -0.18 -107.35 -54.90
C LEU W 128 -1.01 -107.10 -56.16
N PRO W 129 -2.22 -107.64 -56.23
CA PRO W 129 -3.10 -107.34 -57.35
C PRO W 129 -3.60 -105.90 -57.31
N ASP W 130 -4.17 -105.47 -58.44
CA ASP W 130 -4.53 -104.07 -58.63
C ASP W 130 -5.86 -103.68 -57.99
N GLY W 131 -6.44 -104.54 -57.17
CA GLY W 131 -7.60 -104.16 -56.38
C GLY W 131 -7.16 -103.42 -55.14
N ASN W 132 -6.81 -102.15 -55.29
CA ASN W 132 -6.05 -101.46 -54.26
C ASN W 132 -6.88 -101.17 -53.00
N GLU W 133 -7.89 -100.29 -53.11
CA GLU W 133 -8.78 -99.97 -52.00
C GLU W 133 -8.02 -99.57 -50.73
N PRO W 134 -7.52 -98.33 -50.64
CA PRO W 134 -6.73 -97.91 -49.47
C PRO W 134 -7.40 -98.20 -48.14
N GLY W 135 -6.81 -99.10 -47.36
CA GLY W 135 -7.38 -99.62 -46.15
C GLY W 135 -7.78 -101.07 -46.24
N TYR W 136 -7.98 -101.58 -47.44
CA TYR W 136 -8.28 -102.99 -47.69
C TYR W 136 -7.25 -103.50 -48.69
N PRO W 137 -6.16 -104.05 -48.22
CA PRO W 137 -5.02 -104.32 -49.11
C PRO W 137 -5.24 -105.35 -50.21
N GLY W 138 -5.59 -106.57 -49.85
CA GLY W 138 -5.76 -107.64 -50.83
C GLY W 138 -4.53 -108.50 -50.95
N GLY W 139 -4.62 -109.45 -51.87
CA GLY W 139 -3.46 -110.29 -52.17
C GLY W 139 -3.15 -111.27 -51.06
N ILE W 140 -1.89 -111.28 -50.64
CA ILE W 140 -1.48 -112.15 -49.54
C ILE W 140 -2.07 -111.71 -48.20
N PHE W 141 -2.64 -110.51 -48.13
CA PHE W 141 -3.36 -110.12 -46.94
C PHE W 141 -4.76 -110.70 -46.91
N ASP W 142 -5.17 -111.36 -47.99
CA ASP W 142 -6.39 -112.17 -48.02
C ASP W 142 -5.99 -113.54 -48.57
N PRO W 143 -5.22 -114.30 -47.80
CA PRO W 143 -4.54 -115.47 -48.37
C PRO W 143 -5.43 -116.68 -48.60
N PHE W 144 -6.49 -116.82 -47.81
CA PHE W 144 -7.31 -118.04 -47.85
C PHE W 144 -8.46 -117.96 -48.84
N GLY W 145 -8.33 -117.15 -49.88
CA GLY W 145 -9.27 -117.19 -50.99
C GLY W 145 -10.63 -116.59 -50.74
N TRP W 146 -10.75 -115.67 -49.78
CA TRP W 146 -12.03 -115.04 -49.51
C TRP W 146 -12.17 -113.77 -50.33
N SER W 147 -13.13 -112.92 -49.97
CA SER W 147 -13.59 -111.78 -50.75
C SER W 147 -14.32 -112.19 -52.02
N LYS W 148 -14.73 -113.45 -52.11
CA LYS W 148 -15.50 -113.91 -53.26
C LYS W 148 -16.93 -113.38 -53.21
N GLY W 149 -17.52 -113.33 -52.01
CA GLY W 149 -18.88 -112.86 -51.86
C GLY W 149 -19.00 -111.37 -51.98
N ASP W 150 -20.22 -110.88 -51.82
CA ASP W 150 -20.48 -109.44 -51.92
C ASP W 150 -19.86 -108.77 -50.71
N ILE W 151 -18.66 -108.22 -50.92
CA ILE W 151 -17.80 -107.85 -49.80
C ILE W 151 -18.40 -106.74 -48.96
N LYS W 152 -19.41 -106.02 -49.46
CA LYS W 152 -20.03 -104.99 -48.63
C LYS W 152 -20.63 -105.60 -47.37
N SER W 153 -21.16 -106.81 -47.47
CA SER W 153 -21.63 -107.51 -46.27
C SER W 153 -20.48 -107.76 -45.30
N LEU W 154 -19.34 -108.22 -45.82
CA LEU W 154 -18.22 -108.55 -44.94
C LEU W 154 -17.55 -107.30 -44.38
N LYS W 155 -17.50 -106.21 -45.15
CA LYS W 155 -17.07 -104.92 -44.62
C LYS W 155 -18.00 -104.45 -43.52
N LEU W 156 -19.31 -104.57 -43.74
CA LEU W 156 -20.28 -104.17 -42.73
C LEU W 156 -20.08 -104.96 -41.45
N LYS W 157 -19.86 -106.24 -41.59
CA LYS W 157 -19.62 -107.10 -40.45
C LYS W 157 -18.32 -106.74 -39.73
N GLU W 158 -17.27 -106.45 -40.49
CA GLU W 158 -16.01 -106.09 -39.88
C GLU W 158 -16.15 -104.81 -39.09
N ILE W 159 -16.85 -103.83 -39.64
CA ILE W 159 -17.00 -102.58 -38.90
C ILE W 159 -17.90 -102.77 -37.69
N LYS W 160 -18.91 -103.64 -37.77
CA LYS W 160 -19.76 -103.86 -36.59
C LYS W 160 -18.99 -104.54 -35.47
N ASN W 161 -18.29 -105.62 -35.78
CA ASN W 161 -17.47 -106.26 -34.76
C ASN W 161 -16.39 -105.32 -34.26
N GLY W 162 -15.88 -104.44 -35.11
CA GLY W 162 -14.89 -103.49 -34.65
C GLY W 162 -15.44 -102.50 -33.65
N ARG W 163 -16.62 -101.95 -33.95
CA ARG W 163 -17.21 -101.00 -33.03
C ARG W 163 -17.53 -101.67 -31.71
N LEU W 164 -18.06 -102.89 -31.77
CA LEU W 164 -18.35 -103.61 -30.54
C LEU W 164 -17.08 -103.90 -29.75
N ALA W 165 -15.98 -104.21 -30.43
CA ALA W 165 -14.74 -104.49 -29.73
C ALA W 165 -14.12 -103.22 -29.15
N MET W 166 -14.27 -102.09 -29.84
CA MET W 166 -13.78 -100.84 -29.28
C MET W 166 -14.52 -100.51 -28.00
N LEU W 167 -15.84 -100.60 -28.03
CA LEU W 167 -16.61 -100.41 -26.80
C LEU W 167 -16.22 -101.44 -25.75
N ALA W 168 -15.89 -102.67 -26.17
CA ALA W 168 -15.47 -103.68 -25.22
C ALA W 168 -14.16 -103.30 -24.53
N PHE W 169 -13.19 -102.79 -25.29
CA PHE W 169 -11.92 -102.46 -24.65
C PHE W 169 -12.06 -101.22 -23.77
N ALA W 170 -12.89 -100.26 -24.17
CA ALA W 170 -13.25 -99.20 -23.23
C ALA W 170 -13.86 -99.79 -21.98
N GLY W 171 -14.63 -100.86 -22.13
CA GLY W 171 -15.18 -101.54 -20.98
C GLY W 171 -14.11 -102.15 -20.10
N PHE W 172 -13.10 -102.75 -20.71
CA PHE W 172 -12.03 -103.33 -19.91
C PHE W 172 -11.34 -102.25 -19.11
N ILE W 173 -11.03 -101.13 -19.74
CA ILE W 173 -10.37 -100.04 -19.02
C ILE W 173 -11.24 -99.56 -17.86
N GLY W 174 -12.51 -99.30 -18.13
CA GLY W 174 -13.39 -98.78 -17.09
C GLY W 174 -13.56 -99.75 -15.94
N GLN W 175 -13.88 -101.02 -16.25
CA GLN W 175 -14.11 -102.00 -15.20
C GLN W 175 -12.84 -102.24 -14.39
N ALA W 176 -11.68 -102.35 -15.05
CA ALA W 176 -10.46 -102.60 -14.31
C ALA W 176 -10.00 -101.38 -13.53
N TYR W 177 -10.43 -100.19 -13.90
CA TYR W 177 -10.12 -99.03 -13.07
C TYR W 177 -11.04 -98.93 -11.87
N THR W 178 -12.32 -99.28 -12.05
CA THR W 178 -13.27 -99.11 -10.96
C THR W 178 -13.21 -100.26 -9.96
N THR W 179 -13.56 -101.48 -10.41
CA THR W 179 -13.52 -102.62 -9.51
C THR W 179 -12.11 -103.13 -9.26
N GLY W 180 -11.17 -102.80 -10.15
CA GLY W 180 -9.80 -103.21 -9.95
C GLY W 180 -9.61 -104.71 -9.95
N THR W 181 -10.34 -105.43 -10.80
CA THR W 181 -10.23 -106.87 -10.88
C THR W 181 -10.20 -107.30 -12.34
N THR W 182 -10.12 -108.60 -12.55
CA THR W 182 -10.13 -109.19 -13.87
C THR W 182 -11.55 -109.21 -14.45
N PRO W 183 -11.70 -109.11 -15.77
CA PRO W 183 -13.04 -108.91 -16.33
C PRO W 183 -13.92 -110.14 -16.33
N LEU W 184 -13.35 -111.32 -16.59
CA LEU W 184 -14.19 -112.52 -16.50
C LEU W 184 -14.61 -112.78 -15.06
N LYS W 185 -13.87 -112.28 -14.07
CA LYS W 185 -14.40 -112.33 -12.72
C LYS W 185 -15.54 -111.33 -12.53
N ASN W 186 -15.51 -110.20 -13.25
CA ASN W 186 -16.66 -109.29 -13.22
C ASN W 186 -17.89 -109.96 -13.79
N LEU W 187 -17.74 -110.65 -14.91
CA LEU W 187 -18.86 -111.43 -15.45
C LEU W 187 -19.23 -112.58 -14.52
N SER W 188 -18.26 -113.14 -13.79
CA SER W 188 -18.56 -114.21 -12.85
C SER W 188 -19.43 -113.72 -11.70
N THR W 189 -19.03 -112.63 -11.05
CA THR W 189 -19.85 -112.11 -9.95
C THR W 189 -21.11 -111.44 -10.44
N HIS W 190 -21.20 -111.11 -11.74
CA HIS W 190 -22.47 -110.63 -12.26
C HIS W 190 -23.43 -111.76 -12.60
N LEU W 191 -22.91 -112.91 -13.05
CA LEU W 191 -23.75 -114.08 -13.24
C LEU W 191 -24.02 -114.80 -11.92
N ALA W 192 -23.30 -114.46 -10.86
CA ALA W 192 -23.65 -114.98 -9.54
C ALA W 192 -24.94 -114.34 -9.05
N ASP W 193 -24.98 -113.01 -9.00
CA ASP W 193 -26.14 -112.28 -8.53
C ASP W 193 -26.35 -111.08 -9.44
N PRO W 194 -27.23 -111.18 -10.43
CA PRO W 194 -27.41 -110.07 -11.37
C PRO W 194 -28.11 -108.86 -10.77
N TRP W 195 -28.80 -109.02 -9.64
CA TRP W 195 -29.64 -107.94 -9.12
C TRP W 195 -28.96 -107.10 -8.05
N SER W 196 -27.91 -107.61 -7.41
CA SER W 196 -27.16 -106.84 -6.42
C SER W 196 -25.73 -106.60 -6.85
N THR W 197 -25.42 -106.82 -8.13
CA THR W 197 -24.12 -106.47 -8.70
C THR W 197 -24.39 -105.69 -9.99
N THR W 198 -24.60 -104.39 -9.84
CA THR W 198 -24.78 -103.50 -10.98
C THR W 198 -23.83 -102.32 -10.83
N VAL W 199 -23.86 -101.43 -11.82
CA VAL W 199 -23.03 -100.25 -11.77
C VAL W 199 -23.51 -99.31 -10.67
N TRP W 200 -24.83 -99.06 -10.63
CA TRP W 200 -25.38 -98.20 -9.59
C TRP W 200 -25.15 -98.78 -8.21
N GLN W 201 -25.14 -100.10 -8.10
CA GLN W 201 -24.89 -100.73 -6.81
C GLN W 201 -23.46 -100.49 -6.35
N ASN W 202 -22.49 -100.72 -7.24
CA ASN W 202 -21.09 -100.62 -6.84
C ASN W 202 -20.64 -99.17 -6.67
N ASP W 203 -21.23 -98.25 -7.42
CA ASP W 203 -20.77 -96.86 -7.34
C ASP W 203 -21.27 -96.13 -6.11
N LEU W 204 -22.01 -96.81 -5.23
CA LEU W 204 -22.45 -96.24 -3.97
C LEU W 204 -21.61 -96.75 -2.81
N ALA W 205 -20.31 -96.92 -3.04
CA ALA W 205 -19.38 -97.32 -2.00
C ALA W 205 -18.16 -96.41 -2.02
N ARG X 1 -97.22 -38.86 -12.03
CA ARG X 1 -96.53 -39.66 -11.03
C ARG X 1 -96.10 -38.81 -9.84
N LYS X 2 -96.39 -39.30 -8.64
CA LYS X 2 -95.88 -38.64 -7.44
C LYS X 2 -94.37 -38.80 -7.37
N LEU X 3 -93.69 -37.76 -6.91
CA LEU X 3 -92.23 -37.78 -6.85
C LEU X 3 -91.78 -38.12 -5.44
N TRP X 4 -90.47 -38.14 -5.25
CA TRP X 4 -89.89 -38.41 -3.95
C TRP X 4 -89.77 -37.17 -3.09
N ALA X 5 -90.12 -36.02 -3.62
CA ALA X 5 -90.06 -34.74 -2.92
C ALA X 5 -90.87 -33.73 -3.71
N PRO X 6 -91.45 -32.73 -3.06
CA PRO X 6 -92.17 -31.69 -3.81
C PRO X 6 -91.19 -30.77 -4.51
N GLY X 7 -91.42 -30.53 -5.79
CA GLY X 7 -90.57 -29.64 -6.55
C GLY X 7 -89.17 -30.14 -6.77
N VAL X 8 -89.04 -31.34 -7.33
CA VAL X 8 -87.75 -31.89 -7.74
C VAL X 8 -87.93 -32.46 -9.15
N VAL X 9 -87.09 -32.02 -10.08
CA VAL X 9 -87.16 -32.55 -11.42
C VAL X 9 -86.60 -33.97 -11.44
N ALA X 10 -87.28 -34.86 -12.13
CA ALA X 10 -86.85 -36.25 -12.20
C ALA X 10 -85.70 -36.40 -13.18
N PRO X 11 -84.80 -37.35 -12.95
CA PRO X 11 -83.70 -37.58 -13.88
C PRO X 11 -84.23 -38.13 -15.20
N GLU X 12 -83.36 -38.11 -16.20
CA GLU X 12 -83.75 -38.53 -17.54
C GLU X 12 -83.70 -40.04 -17.74
N TYR X 13 -82.95 -40.77 -16.92
CA TYR X 13 -82.88 -42.22 -17.06
C TYR X 13 -83.87 -42.94 -16.16
N LEU X 14 -84.68 -42.21 -15.41
CA LEU X 14 -85.72 -42.80 -14.57
C LEU X 14 -87.06 -42.33 -15.13
N LYS X 15 -87.73 -43.17 -15.88
CA LYS X 15 -88.96 -42.81 -16.58
C LYS X 15 -90.20 -43.41 -15.96
N GLY X 16 -90.14 -44.64 -15.47
CA GLY X 16 -91.31 -45.26 -14.90
C GLY X 16 -91.46 -46.70 -15.33
N ASP X 17 -90.47 -47.21 -16.06
CA ASP X 17 -90.50 -48.61 -16.45
C ASP X 17 -90.35 -49.52 -15.24
N LEU X 18 -89.35 -49.27 -14.41
CA LEU X 18 -89.18 -50.08 -13.22
C LEU X 18 -90.24 -49.72 -12.19
N ALA X 19 -90.50 -50.66 -11.28
CA ALA X 19 -91.51 -50.45 -10.27
C ALA X 19 -90.93 -49.69 -9.08
N GLY X 20 -91.82 -49.03 -8.34
CA GLY X 20 -91.39 -48.24 -7.20
C GLY X 20 -90.50 -47.08 -7.60
N ASP X 21 -90.76 -46.50 -8.77
CA ASP X 21 -89.91 -45.48 -9.36
C ASP X 21 -90.42 -44.12 -8.87
N TYR X 22 -89.71 -43.52 -7.93
CA TYR X 22 -90.04 -42.17 -7.51
C TYR X 22 -89.08 -41.14 -8.09
N GLY X 23 -88.17 -41.55 -8.96
CA GLY X 23 -87.19 -40.62 -9.48
C GLY X 23 -86.14 -40.20 -8.47
N TRP X 24 -85.85 -41.05 -7.50
CA TRP X 24 -84.92 -40.70 -6.43
C TRP X 24 -83.59 -41.40 -6.67
N ASP X 25 -82.61 -40.63 -7.08
CA ASP X 25 -81.24 -41.14 -7.17
C ASP X 25 -80.30 -39.94 -7.07
N PRO X 26 -80.06 -39.44 -5.85
CA PRO X 26 -79.20 -38.27 -5.73
C PRO X 26 -77.76 -38.52 -6.12
N LEU X 27 -77.23 -39.72 -5.90
CA LEU X 27 -75.86 -39.98 -6.31
C LEU X 27 -75.74 -40.37 -7.77
N GLY X 28 -76.84 -40.66 -8.44
CA GLY X 28 -76.77 -40.97 -9.87
C GLY X 28 -75.93 -42.19 -10.17
N LEU X 29 -76.09 -43.27 -9.41
CA LEU X 29 -75.35 -44.49 -9.67
C LEU X 29 -75.98 -45.30 -10.81
N GLY X 30 -77.20 -44.98 -11.21
CA GLY X 30 -77.86 -45.72 -12.26
C GLY X 30 -77.81 -45.04 -13.61
N ALA X 31 -76.77 -44.24 -13.84
CA ALA X 31 -76.61 -43.60 -15.13
C ALA X 31 -76.34 -44.62 -16.24
N ASP X 32 -75.44 -45.56 -15.99
CA ASP X 32 -75.19 -46.61 -16.97
C ASP X 32 -76.36 -47.57 -17.00
N PRO X 33 -76.89 -47.93 -18.18
CA PRO X 33 -78.04 -48.84 -18.21
C PRO X 33 -77.72 -50.23 -17.69
N THR X 34 -76.57 -50.79 -18.03
CA THR X 34 -76.20 -52.09 -17.46
C THR X 34 -76.07 -51.99 -15.95
N ALA X 35 -75.54 -50.88 -15.47
CA ALA X 35 -75.51 -50.66 -14.03
C ALA X 35 -76.92 -50.63 -13.46
N LEU X 36 -77.85 -49.98 -14.16
CA LEU X 36 -79.21 -49.92 -13.65
C LEU X 36 -79.81 -51.32 -13.56
N LYS X 37 -79.51 -52.17 -14.53
CA LYS X 37 -80.03 -53.55 -14.49
C LYS X 37 -79.44 -54.32 -13.33
N TRP X 38 -78.12 -54.28 -13.18
CA TRP X 38 -77.50 -55.07 -12.12
C TRP X 38 -77.94 -54.57 -10.75
N TYR X 39 -78.04 -53.26 -10.58
CA TYR X 39 -78.48 -52.74 -9.29
C TYR X 39 -79.96 -53.00 -9.06
N ARG X 40 -80.75 -53.11 -10.11
CA ARG X 40 -82.12 -53.56 -9.93
C ARG X 40 -82.17 -54.97 -9.36
N GLN X 41 -81.33 -55.85 -9.90
CA GLN X 41 -81.26 -57.20 -9.33
C GLN X 41 -80.80 -57.14 -7.88
N SER X 42 -79.88 -56.23 -7.57
CA SER X 42 -79.44 -56.07 -6.19
C SER X 42 -80.59 -55.65 -5.29
N GLU X 43 -81.41 -54.73 -5.75
CA GLU X 43 -82.52 -54.29 -4.92
C GLU X 43 -83.49 -55.41 -4.70
N LEU X 44 -83.78 -56.19 -5.74
CA LEU X 44 -84.74 -57.29 -5.55
C LEU X 44 -84.20 -58.34 -4.58
N GLN X 45 -82.93 -58.70 -4.71
CA GLN X 45 -82.36 -59.69 -3.78
C GLN X 45 -82.41 -59.16 -2.35
N HIS X 46 -81.98 -57.92 -2.14
CA HIS X 46 -81.99 -57.39 -0.78
C HIS X 46 -83.40 -57.31 -0.24
N ALA X 47 -84.36 -56.90 -1.06
CA ALA X 47 -85.74 -56.83 -0.61
C ALA X 47 -86.23 -58.19 -0.16
N ARG X 48 -85.99 -59.23 -0.96
CA ARG X 48 -86.60 -60.51 -0.65
C ARG X 48 -85.93 -61.19 0.54
N TRP X 49 -84.60 -61.18 0.59
CA TRP X 49 -83.95 -61.73 1.78
C TRP X 49 -84.34 -60.95 3.02
N ALA X 50 -84.50 -59.63 2.91
CA ALA X 50 -84.86 -58.85 4.08
C ALA X 50 -86.27 -59.17 4.55
N MET X 51 -87.21 -59.36 3.63
CA MET X 51 -88.55 -59.72 4.05
C MET X 51 -88.54 -61.06 4.77
N LEU X 52 -87.77 -62.03 4.26
CA LEU X 52 -87.66 -63.28 4.99
C LEU X 52 -87.06 -63.07 6.37
N GLY X 53 -86.04 -62.23 6.48
CA GLY X 53 -85.42 -62.01 7.78
C GLY X 53 -86.34 -61.35 8.78
N VAL X 54 -87.12 -60.36 8.32
CA VAL X 54 -88.04 -59.68 9.21
C VAL X 54 -89.09 -60.65 9.72
N ALA X 55 -89.72 -61.39 8.81
CA ALA X 55 -90.70 -62.36 9.27
C ALA X 55 -90.06 -63.39 10.18
N GLY X 56 -88.78 -63.70 9.96
CA GLY X 56 -88.13 -64.68 10.81
C GLY X 56 -87.99 -64.20 12.24
N VAL X 57 -87.41 -63.01 12.41
CA VAL X 57 -87.26 -62.48 13.76
C VAL X 57 -88.61 -62.34 14.43
N LEU X 58 -89.60 -61.83 13.69
CA LEU X 58 -90.93 -61.61 14.27
C LEU X 58 -91.57 -62.91 14.72
N VAL X 59 -91.58 -63.93 13.86
CA VAL X 59 -92.27 -65.16 14.21
C VAL X 59 -91.50 -65.93 15.27
N GLN X 60 -90.17 -65.84 15.29
CA GLN X 60 -89.45 -66.44 16.41
C GLN X 60 -89.76 -65.74 17.71
N GLU X 61 -90.03 -64.44 17.67
CA GLU X 61 -90.42 -63.75 18.91
C GLU X 61 -91.84 -64.09 19.32
N ILE X 62 -92.73 -64.31 18.35
CA ILE X 62 -94.11 -64.65 18.68
C ILE X 62 -94.20 -66.06 19.24
N VAL X 63 -93.55 -67.02 18.59
CA VAL X 63 -93.75 -68.42 18.95
C VAL X 63 -93.06 -68.73 20.27
N LYS X 64 -91.74 -68.65 20.29
CA LYS X 64 -90.95 -68.98 21.49
C LYS X 64 -90.14 -67.77 21.92
N PRO X 65 -90.63 -67.01 22.88
CA PRO X 65 -89.97 -65.74 23.22
C PRO X 65 -88.66 -65.89 24.00
N ASP X 66 -88.18 -67.12 24.17
CA ASP X 66 -86.91 -67.33 24.85
C ASP X 66 -85.72 -67.20 23.90
N VAL X 67 -85.94 -67.50 22.62
CA VAL X 67 -84.90 -67.43 21.61
C VAL X 67 -84.59 -65.97 21.33
N TYR X 68 -83.44 -65.50 21.83
CA TYR X 68 -82.96 -64.18 21.47
C TYR X 68 -82.21 -64.30 20.16
N PHE X 69 -82.75 -63.71 19.10
CA PHE X 69 -82.27 -64.00 17.76
C PHE X 69 -80.80 -63.66 17.60
N TYR X 70 -80.34 -62.59 18.24
CA TYR X 70 -78.94 -62.19 18.13
C TYR X 70 -78.00 -63.24 18.69
N GLU X 71 -78.50 -64.16 19.50
CA GLU X 71 -77.67 -65.23 20.03
C GLU X 71 -78.08 -66.60 19.50
N ALA X 72 -78.95 -66.63 18.50
CA ALA X 72 -79.57 -67.89 18.07
C ALA X 72 -78.66 -68.76 17.23
N GLY X 73 -77.55 -68.24 16.74
CA GLY X 73 -76.67 -69.05 15.93
C GLY X 73 -75.67 -69.88 16.69
N LEU X 74 -75.54 -69.67 17.98
CA LEU X 74 -74.60 -70.46 18.76
C LEU X 74 -75.04 -71.92 18.76
N PRO X 75 -74.11 -72.86 18.73
CA PRO X 75 -74.47 -74.25 18.44
C PRO X 75 -75.14 -75.01 19.58
N GLN X 76 -75.54 -74.33 20.65
CA GLN X 76 -76.28 -74.99 21.72
C GLN X 76 -77.72 -74.54 21.82
N ASN X 77 -78.10 -73.48 21.11
CA ASN X 77 -79.46 -72.96 21.18
C ASN X 77 -80.39 -73.59 20.15
N LEU X 78 -79.90 -74.48 19.29
CA LEU X 78 -80.71 -74.96 18.19
C LEU X 78 -81.77 -75.95 18.66
N PRO X 79 -82.85 -76.11 17.90
CA PRO X 79 -84.02 -76.85 18.40
C PRO X 79 -83.86 -78.35 18.47
N GLU X 80 -84.99 -79.01 18.72
CA GLU X 80 -85.21 -80.39 19.15
C GLU X 80 -84.26 -81.43 18.54
N PRO X 81 -84.25 -81.65 17.23
CA PRO X 81 -83.64 -82.88 16.69
C PRO X 81 -82.13 -82.94 16.84
N PHE X 82 -81.48 -81.83 17.19
CA PHE X 82 -80.03 -81.77 17.22
C PHE X 82 -79.59 -80.54 17.99
N THR X 83 -78.64 -80.70 18.91
CA THR X 83 -78.24 -79.58 19.73
C THR X 83 -76.73 -79.46 19.89
N ASN X 84 -75.95 -80.37 19.32
CA ASN X 84 -74.50 -80.28 19.31
C ASN X 84 -73.96 -80.58 17.92
N ILE X 85 -74.68 -80.11 16.91
CA ILE X 85 -74.35 -80.42 15.53
C ILE X 85 -73.02 -79.78 15.15
N ASN X 86 -72.26 -80.47 14.32
CA ASN X 86 -70.95 -79.97 13.94
C ASN X 86 -71.12 -78.88 12.90
N MET X 87 -70.68 -77.67 13.22
CA MET X 87 -70.95 -76.55 12.34
C MET X 87 -70.20 -76.66 11.02
N GLY X 88 -69.13 -77.44 10.96
CA GLY X 88 -68.44 -77.62 9.69
C GLY X 88 -69.30 -78.28 8.64
N GLY X 89 -69.97 -79.37 9.01
CA GLY X 89 -70.85 -80.04 8.05
C GLY X 89 -72.03 -79.16 7.66
N LEU X 90 -72.59 -78.44 8.62
CA LEU X 90 -73.68 -77.54 8.31
C LEU X 90 -73.23 -76.48 7.31
N LEU X 91 -72.04 -75.95 7.50
CA LEU X 91 -71.50 -75.01 6.54
C LEU X 91 -71.28 -75.66 5.19
N ALA X 92 -70.92 -76.94 5.17
CA ALA X 92 -70.75 -77.62 3.89
C ALA X 92 -72.07 -77.72 3.14
N TRP X 93 -73.13 -78.14 3.83
CA TRP X 93 -74.44 -78.20 3.19
C TRP X 93 -74.81 -76.85 2.61
N GLU X 94 -74.73 -75.81 3.44
CA GLU X 94 -75.11 -74.48 2.96
C GLU X 94 -74.25 -74.06 1.80
N PHE X 95 -72.95 -74.31 1.86
CA PHE X 95 -72.06 -73.87 0.81
C PHE X 95 -72.46 -74.46 -0.52
N ILE X 96 -72.58 -75.79 -0.58
CA ILE X 96 -72.84 -76.42 -1.87
C ILE X 96 -74.21 -76.00 -2.40
N LEU X 97 -75.24 -76.03 -1.55
CA LEU X 97 -76.58 -75.75 -2.03
C LEU X 97 -76.70 -74.30 -2.53
N MET X 98 -76.31 -73.35 -1.68
CA MET X 98 -76.43 -71.96 -2.09
C MET X 98 -75.54 -71.66 -3.27
N HIS X 99 -74.37 -72.29 -3.36
CA HIS X 99 -73.52 -72.05 -4.51
C HIS X 99 -74.23 -72.46 -5.79
N TRP X 100 -74.84 -73.64 -5.78
CA TRP X 100 -75.54 -74.08 -6.97
C TRP X 100 -76.58 -73.06 -7.38
N VAL X 101 -77.43 -72.66 -6.43
CA VAL X 101 -78.58 -71.83 -6.82
C VAL X 101 -78.13 -70.44 -7.26
N GLU X 102 -77.17 -69.84 -6.55
CA GLU X 102 -76.80 -68.48 -6.89
C GLU X 102 -75.97 -68.43 -8.17
N VAL X 103 -75.09 -69.42 -8.41
CA VAL X 103 -74.36 -69.46 -9.68
C VAL X 103 -75.33 -69.63 -10.83
N ARG X 104 -76.37 -70.45 -10.62
CA ARG X 104 -77.40 -70.60 -11.64
C ARG X 104 -78.09 -69.26 -11.92
N ARG X 105 -78.44 -68.52 -10.87
CA ARG X 105 -79.12 -67.24 -11.10
C ARG X 105 -78.22 -66.24 -11.79
N TRP X 106 -76.95 -66.21 -11.41
CA TRP X 106 -76.01 -65.32 -12.07
C TRP X 106 -75.93 -65.64 -13.55
N GLN X 107 -75.92 -66.92 -13.89
CA GLN X 107 -75.94 -67.30 -15.28
C GLN X 107 -77.21 -66.81 -15.96
N ASP X 108 -78.32 -66.79 -15.23
CA ASP X 108 -79.50 -66.15 -15.80
C ASP X 108 -79.29 -64.65 -15.97
N TYR X 109 -78.42 -64.04 -15.17
CA TYR X 109 -78.16 -62.62 -15.40
C TYR X 109 -77.39 -62.41 -16.69
N LYS X 110 -76.28 -63.13 -16.87
CA LYS X 110 -75.41 -62.82 -18.00
C LYS X 110 -76.07 -63.17 -19.33
N ASN X 111 -76.79 -64.28 -19.40
CA ASN X 111 -77.51 -64.68 -20.60
C ASN X 111 -79.00 -64.76 -20.26
N PHE X 112 -79.76 -63.79 -20.75
CA PHE X 112 -81.18 -63.76 -20.44
C PHE X 112 -81.89 -64.90 -21.15
N GLY X 113 -82.62 -65.71 -20.39
CA GLY X 113 -83.35 -66.82 -20.97
C GLY X 113 -82.49 -67.96 -21.48
N SER X 114 -81.51 -68.38 -20.69
CA SER X 114 -80.63 -69.47 -21.07
C SER X 114 -80.60 -70.63 -20.10
N VAL X 115 -81.09 -70.46 -18.88
CA VAL X 115 -81.06 -71.54 -17.90
C VAL X 115 -82.47 -71.87 -17.47
N ASN X 116 -83.44 -71.58 -18.32
CA ASN X 116 -84.80 -71.97 -18.02
C ASN X 116 -84.98 -73.48 -18.01
N GLU X 117 -84.23 -74.19 -18.85
CA GLU X 117 -84.50 -75.61 -19.04
C GLU X 117 -83.92 -76.44 -17.92
N ASP X 118 -84.66 -77.44 -17.51
CA ASP X 118 -84.21 -78.35 -16.48
C ASP X 118 -83.06 -79.16 -17.04
N PRO X 119 -81.90 -79.17 -16.38
CA PRO X 119 -80.77 -79.94 -16.95
C PRO X 119 -80.95 -81.44 -16.84
N ILE X 120 -81.69 -81.94 -15.86
CA ILE X 120 -81.83 -83.39 -15.72
C ILE X 120 -83.06 -83.89 -16.44
N PHE X 121 -84.24 -83.48 -15.98
CA PHE X 121 -85.51 -83.91 -16.59
C PHE X 121 -85.89 -82.90 -17.65
N LYS X 122 -85.46 -83.15 -18.86
CA LYS X 122 -85.43 -82.08 -19.87
C LYS X 122 -86.77 -81.63 -20.35
N GLY X 123 -87.92 -82.00 -19.80
CA GLY X 123 -89.17 -81.42 -20.25
C GLY X 123 -89.76 -80.39 -19.31
N ASN X 124 -88.89 -79.63 -18.64
CA ASN X 124 -89.31 -78.70 -17.61
C ASN X 124 -88.68 -77.35 -17.86
N LYS X 125 -89.40 -76.29 -17.47
CA LYS X 125 -89.03 -74.96 -17.92
C LYS X 125 -89.86 -73.93 -17.16
N VAL X 126 -89.32 -72.71 -17.04
CA VAL X 126 -90.08 -71.61 -16.45
C VAL X 126 -89.97 -70.40 -17.35
N PRO X 127 -91.08 -69.77 -17.72
CA PRO X 127 -91.00 -68.55 -18.54
C PRO X 127 -90.85 -67.30 -17.70
N ASN X 128 -89.74 -66.58 -17.82
CA ASN X 128 -89.61 -65.35 -17.06
C ASN X 128 -90.05 -64.18 -17.93
N PRO X 129 -91.12 -63.47 -17.58
CA PRO X 129 -91.51 -62.35 -18.43
C PRO X 129 -90.58 -61.17 -18.29
N GLU X 130 -89.96 -60.98 -17.13
CA GLU X 130 -88.96 -59.94 -16.96
C GLU X 130 -87.81 -60.49 -16.14
N MET X 131 -86.68 -59.84 -16.28
CA MET X 131 -85.47 -60.33 -15.65
C MET X 131 -85.55 -60.16 -14.14
N GLY X 132 -85.49 -61.28 -13.43
CA GLY X 132 -85.61 -61.26 -11.99
C GLY X 132 -86.94 -61.70 -11.45
N TYR X 133 -87.91 -62.01 -12.32
CA TYR X 133 -89.18 -62.56 -11.89
C TYR X 133 -89.38 -63.85 -12.69
N PRO X 134 -88.92 -64.98 -12.15
CA PRO X 134 -88.96 -66.23 -12.92
C PRO X 134 -90.35 -66.74 -13.25
N GLY X 135 -91.18 -66.99 -12.26
CA GLY X 135 -92.47 -67.58 -12.52
C GLY X 135 -92.41 -69.09 -12.55
N GLY X 136 -93.41 -69.69 -13.19
CA GLY X 136 -93.42 -71.13 -13.38
C GLY X 136 -93.56 -71.94 -12.11
N ILE X 137 -92.55 -72.75 -11.80
CA ILE X 137 -92.57 -73.46 -10.52
C ILE X 137 -92.38 -72.47 -9.37
N PHE X 138 -91.78 -71.31 -9.62
CA PHE X 138 -91.66 -70.31 -8.57
C PHE X 138 -92.97 -69.59 -8.33
N ASP X 139 -93.97 -69.82 -9.17
CA ASP X 139 -95.32 -69.30 -8.99
C ASP X 139 -96.27 -70.48 -9.02
N PRO X 140 -96.23 -71.33 -7.99
CA PRO X 140 -97.07 -72.53 -8.00
C PRO X 140 -98.55 -72.25 -7.96
N PHE X 141 -98.97 -71.10 -7.43
CA PHE X 141 -100.38 -70.80 -7.28
C PHE X 141 -100.93 -69.88 -8.36
N GLY X 142 -100.06 -69.19 -9.09
CA GLY X 142 -100.51 -68.35 -10.18
C GLY X 142 -101.26 -67.11 -9.75
N PHE X 143 -100.58 -66.20 -9.07
CA PHE X 143 -101.12 -64.88 -8.77
C PHE X 143 -100.57 -63.81 -9.70
N SER X 144 -99.90 -64.21 -10.77
CA SER X 144 -99.16 -63.26 -11.59
C SER X 144 -99.68 -63.24 -13.02
N LYS X 145 -100.99 -63.17 -13.18
CA LYS X 145 -101.56 -62.87 -14.48
C LYS X 145 -102.39 -61.59 -14.50
N GLY X 146 -102.70 -60.99 -13.34
CA GLY X 146 -103.37 -59.71 -13.37
C GLY X 146 -102.39 -58.55 -13.37
N ASN X 147 -102.02 -58.15 -14.59
CA ASN X 147 -101.28 -56.94 -14.92
C ASN X 147 -99.86 -56.92 -14.35
N LEU X 148 -99.62 -57.70 -13.31
CA LEU X 148 -98.27 -57.95 -12.76
C LEU X 148 -97.58 -56.69 -12.27
N LYS X 149 -98.13 -55.51 -12.57
CA LYS X 149 -97.37 -54.30 -12.28
C LYS X 149 -97.59 -53.86 -10.85
N GLU X 150 -98.85 -53.81 -10.43
CA GLU X 150 -99.15 -53.40 -9.07
C GLU X 150 -98.56 -54.37 -8.08
N LEU X 151 -98.46 -55.64 -8.44
CA LEU X 151 -97.80 -56.59 -7.57
C LEU X 151 -96.29 -56.34 -7.53
N GLN X 152 -95.69 -55.90 -8.65
CA GLN X 152 -94.30 -55.47 -8.59
C GLN X 152 -94.14 -54.31 -7.60
N THR X 153 -94.99 -53.30 -7.70
CA THR X 153 -94.85 -52.15 -6.83
C THR X 153 -95.07 -52.54 -5.37
N LYS X 154 -96.06 -53.39 -5.11
CA LYS X 154 -96.30 -53.81 -3.73
C LYS X 154 -95.12 -54.61 -3.19
N GLU X 155 -94.57 -55.53 -4.00
CA GLU X 155 -93.40 -56.27 -3.56
C GLU X 155 -92.26 -55.33 -3.21
N ILE X 156 -91.93 -54.41 -4.11
CA ILE X 156 -90.75 -53.61 -3.91
C ILE X 156 -90.94 -52.64 -2.74
N LYS X 157 -92.14 -52.09 -2.57
CA LYS X 157 -92.35 -51.19 -1.44
C LYS X 157 -92.24 -51.93 -0.12
N ASN X 158 -92.95 -53.06 0.01
CA ASN X 158 -92.83 -53.80 1.24
C ASN X 158 -91.39 -54.21 1.51
N GLY X 159 -90.63 -54.51 0.45
CA GLY X 159 -89.25 -54.88 0.66
C GLY X 159 -88.40 -53.76 1.18
N ARG X 160 -88.57 -52.56 0.62
CA ARG X 160 -87.81 -51.44 1.15
C ARG X 160 -88.12 -51.24 2.62
N LEU X 161 -89.41 -51.28 2.96
CA LEU X 161 -89.77 -51.12 4.36
C LEU X 161 -89.13 -52.20 5.21
N ALA X 162 -89.06 -53.42 4.68
CA ALA X 162 -88.49 -54.52 5.45
C ALA X 162 -87.00 -54.34 5.65
N MET X 163 -86.29 -53.82 4.64
CA MET X 163 -84.87 -53.59 4.81
C MET X 163 -84.62 -52.57 5.92
N ILE X 164 -85.39 -51.49 5.92
CA ILE X 164 -85.20 -50.48 6.96
C ILE X 164 -85.54 -51.06 8.32
N ALA X 165 -86.64 -51.79 8.42
CA ALA X 165 -87.02 -52.33 9.72
C ALA X 165 -86.06 -53.42 10.19
N TYR X 166 -85.42 -54.14 9.27
CA TYR X 166 -84.46 -55.12 9.72
C TYR X 166 -83.20 -54.46 10.25
N MET X 167 -82.75 -53.39 9.60
CA MET X 167 -81.63 -52.69 10.19
C MET X 167 -82.02 -52.05 11.51
N ALA X 168 -83.29 -51.71 11.67
CA ALA X 168 -83.76 -51.32 12.99
C ALA X 168 -83.63 -52.47 13.99
N PHE X 169 -84.01 -53.67 13.57
CA PHE X 169 -83.94 -54.83 14.44
C PHE X 169 -82.52 -55.03 14.95
N ILE X 170 -81.56 -55.01 14.03
CA ILE X 170 -80.17 -55.22 14.43
C ILE X 170 -79.66 -54.05 15.27
N LEU X 171 -79.98 -52.83 14.89
CA LEU X 171 -79.45 -51.69 15.61
C LEU X 171 -79.95 -51.65 17.04
N GLN X 172 -81.27 -51.71 17.24
CA GLN X 172 -81.73 -51.71 18.62
C GLN X 172 -81.51 -53.04 19.31
N ALA X 173 -81.18 -54.09 18.57
CA ALA X 173 -80.78 -55.33 19.21
C ALA X 173 -79.40 -55.19 19.82
N GLN X 174 -78.53 -54.41 19.19
CA GLN X 174 -77.22 -54.16 19.77
C GLN X 174 -77.22 -53.02 20.78
N ALA X 175 -78.21 -52.13 20.73
CA ALA X 175 -78.21 -51.04 21.69
C ALA X 175 -78.78 -51.48 23.02
N THR X 176 -80.04 -51.91 23.04
CA THR X 176 -80.73 -52.13 24.30
C THR X 176 -80.77 -53.58 24.73
N GLY X 177 -80.13 -54.49 24.01
CA GLY X 177 -79.98 -55.87 24.44
C GLY X 177 -81.23 -56.73 24.36
N LYS X 178 -82.29 -56.27 23.72
CA LYS X 178 -83.55 -56.99 23.68
C LYS X 178 -84.01 -57.14 22.24
N GLY X 179 -84.96 -58.05 22.03
CA GLY X 179 -85.52 -58.27 20.72
C GLY X 179 -86.42 -57.14 20.31
N PRO X 180 -87.07 -57.28 19.16
CA PRO X 180 -87.94 -56.23 18.65
C PRO X 180 -89.21 -56.03 19.47
N LEU X 181 -89.97 -57.09 19.69
CA LEU X 181 -91.20 -56.93 20.48
C LEU X 181 -90.89 -56.60 21.92
N ALA X 182 -89.79 -57.12 22.46
CA ALA X 182 -89.41 -56.77 23.82
C ALA X 182 -89.08 -55.29 23.91
N ALA X 183 -88.43 -54.75 22.88
CA ALA X 183 -88.14 -53.32 22.87
C ALA X 183 -89.42 -52.49 22.71
N LEU X 184 -90.36 -52.96 21.90
CA LEU X 184 -91.62 -52.22 21.78
C LEU X 184 -92.40 -52.23 23.08
N SER X 185 -92.49 -53.38 23.74
CA SER X 185 -93.21 -53.45 25.01
C SER X 185 -92.48 -52.70 26.10
N ALA X 186 -91.14 -52.70 26.10
CA ALA X 186 -90.39 -51.95 27.09
C ALA X 186 -90.46 -50.45 26.82
N HIS X 187 -90.71 -50.05 25.58
CA HIS X 187 -90.98 -48.65 25.31
C HIS X 187 -92.39 -48.28 25.72
N LEU X 188 -93.33 -49.21 25.62
CA LEU X 188 -94.65 -48.96 26.16
C LEU X 188 -94.72 -49.06 27.67
N SER X 189 -93.66 -49.56 28.31
CA SER X 189 -93.62 -49.55 29.77
C SER X 189 -93.58 -48.13 30.30
N ASN X 190 -92.55 -47.37 29.94
CA ASN X 190 -92.59 -45.93 30.08
C ASN X 190 -91.98 -45.35 28.81
N PRO X 191 -92.61 -44.37 28.22
CA PRO X 191 -92.08 -43.82 26.98
C PRO X 191 -90.87 -42.91 27.21
N PHE X 192 -90.89 -42.16 28.29
CA PHE X 192 -89.82 -41.20 28.52
C PHE X 192 -88.56 -41.86 29.05
N GLY X 193 -88.69 -42.90 29.85
CA GLY X 193 -87.58 -43.79 30.07
C GLY X 193 -87.47 -44.75 28.90
N ASN X 194 -86.35 -45.47 28.85
CA ASN X 194 -86.09 -46.42 27.77
C ASN X 194 -86.22 -45.74 26.41
N ASN X 195 -85.32 -44.81 26.16
CA ASN X 195 -85.33 -44.08 24.91
C ASN X 195 -83.99 -44.24 24.22
N ILE X 196 -83.95 -43.83 22.95
CA ILE X 196 -82.69 -43.83 22.23
C ILE X 196 -81.73 -42.83 22.84
N LEU X 197 -82.25 -41.80 23.52
CA LEU X 197 -81.41 -40.78 24.14
C LEU X 197 -80.57 -41.32 25.28
N LYS X 198 -80.93 -42.47 25.84
CA LYS X 198 -80.23 -42.98 27.00
C LYS X 198 -79.48 -44.27 26.74
N ASN X 199 -80.08 -45.19 25.98
CA ASN X 199 -79.50 -46.52 25.84
C ASN X 199 -78.34 -46.57 24.87
N ILE X 200 -78.29 -45.64 23.91
CA ILE X 200 -77.18 -45.67 22.97
C ILE X 200 -75.92 -45.18 23.68
N GLY X 201 -74.78 -45.50 23.10
CA GLY X 201 -73.52 -45.36 23.77
C GLY X 201 -73.11 -46.57 24.57
N THR X 202 -74.04 -47.48 24.85
CA THR X 202 -73.75 -48.74 25.51
C THR X 202 -74.00 -49.86 24.50
N CYS X 203 -72.93 -50.54 24.08
CA CYS X 203 -73.01 -51.63 23.11
C CYS X 203 -72.71 -52.93 23.85
N THR X 204 -73.77 -53.65 24.20
CA THR X 204 -73.73 -54.78 25.12
C THR X 204 -73.18 -56.05 24.51
N VAL X 205 -72.67 -56.00 23.29
CA VAL X 205 -72.23 -57.22 22.61
C VAL X 205 -70.81 -57.57 23.04
N PRO X 206 -70.45 -58.85 23.07
CA PRO X 206 -69.11 -59.24 23.51
C PRO X 206 -68.07 -58.94 22.43
N HIS X 207 -66.80 -59.12 22.80
CA HIS X 207 -65.72 -58.83 21.88
C HIS X 207 -65.50 -59.97 20.90
N SER X 208 -65.44 -61.20 21.41
CA SER X 208 -65.28 -62.36 20.55
C SER X 208 -65.89 -63.55 21.27
N VAL X 209 -66.97 -64.06 20.73
CA VAL X 209 -67.62 -65.22 21.29
C VAL X 209 -66.98 -66.47 20.69
N ASP X 210 -66.96 -67.51 21.50
CA ASP X 210 -66.34 -68.78 21.15
C ASP X 210 -67.39 -69.72 20.62
N VAL X 211 -67.11 -70.29 19.46
CA VAL X 211 -67.83 -71.42 18.96
C VAL X 211 -66.93 -72.64 19.14
N GLN X 212 -67.46 -73.83 18.88
CA GLN X 212 -66.87 -75.10 19.29
C GLN X 212 -65.35 -75.13 19.25
N GLY X 213 -64.75 -74.64 18.17
CA GLY X 213 -63.31 -74.68 18.10
C GLY X 213 -62.63 -73.35 17.83
N LEU X 214 -63.34 -72.44 17.18
CA LEU X 214 -62.74 -71.18 16.76
C LEU X 214 -63.37 -70.03 17.54
N THR X 215 -62.80 -68.84 17.35
CA THR X 215 -63.24 -67.65 18.04
C THR X 215 -63.65 -66.61 17.01
N ILE X 216 -64.93 -66.35 16.89
CA ILE X 216 -65.38 -65.39 15.88
C ILE X 216 -65.13 -63.98 16.39
N PRO X 217 -64.55 -63.08 15.62
CA PRO X 217 -64.47 -61.68 16.06
C PRO X 217 -65.82 -61.02 15.84
N LEU X 218 -66.24 -60.22 16.82
CA LEU X 218 -67.53 -59.57 16.78
C LEU X 218 -67.37 -58.06 16.80
N THR X 219 -68.23 -57.39 16.06
CA THR X 219 -68.21 -55.93 16.01
C THR X 219 -69.61 -55.39 16.16
N CYS X 220 -69.72 -54.29 16.88
CA CYS X 220 -70.93 -53.50 16.88
C CYS X 220 -70.81 -52.39 15.86
N LEU X 221 -71.93 -51.77 15.52
CA LEU X 221 -71.91 -50.83 14.41
C LEU X 221 -71.34 -49.47 14.78
N TRP X 222 -71.13 -49.18 16.07
CA TRP X 222 -70.60 -47.88 16.48
C TRP X 222 -69.86 -48.06 17.79
N PRO X 223 -68.78 -47.36 17.99
CA PRO X 223 -67.99 -47.61 19.20
C PRO X 223 -68.68 -47.08 20.44
N GLY X 224 -69.28 -47.96 21.24
CA GLY X 224 -69.97 -47.52 22.43
C GLY X 224 -69.29 -47.90 23.73
N SER X 225 -68.79 -49.14 23.79
CA SER X 225 -68.20 -49.69 25.00
C SER X 225 -69.13 -49.54 26.20
N SER Y 1 -71.30 -77.18 -29.28
CA SER Y 1 -72.58 -76.64 -28.83
C SER Y 1 -73.45 -77.71 -28.20
N ARG Y 2 -72.87 -78.86 -27.89
CA ARG Y 2 -73.75 -79.96 -27.59
C ARG Y 2 -74.45 -79.74 -26.25
N PRO Y 3 -73.85 -80.05 -25.10
CA PRO Y 3 -73.84 -79.08 -23.99
C PRO Y 3 -72.46 -78.46 -23.88
N LEU Y 4 -72.30 -77.52 -22.95
CA LEU Y 4 -70.98 -77.07 -22.57
C LEU Y 4 -70.99 -76.80 -21.08
N TRP Y 5 -69.81 -76.76 -20.48
CA TRP Y 5 -69.71 -76.45 -19.06
C TRP Y 5 -70.32 -75.09 -18.80
N LEU Y 6 -71.07 -74.98 -17.70
CA LEU Y 6 -71.71 -73.71 -17.38
C LEU Y 6 -72.62 -73.35 -18.55
N PRO Y 7 -73.67 -74.13 -18.79
CA PRO Y 7 -74.35 -74.04 -20.08
C PRO Y 7 -75.00 -72.69 -20.31
N GLY Y 8 -75.05 -72.31 -21.57
CA GLY Y 8 -75.50 -71.00 -21.96
C GLY Y 8 -74.39 -70.03 -22.28
N SER Y 9 -73.17 -70.30 -21.81
CA SER Y 9 -72.03 -69.43 -22.08
C SER Y 9 -71.52 -69.64 -23.49
N THR Y 10 -70.53 -68.85 -23.86
CA THR Y 10 -69.96 -68.95 -25.19
C THR Y 10 -68.57 -69.59 -25.13
N PRO Y 11 -68.27 -70.51 -26.04
CA PRO Y 11 -66.97 -71.14 -26.05
C PRO Y 11 -65.91 -70.20 -26.60
N PRO Y 12 -64.64 -70.45 -26.32
CA PRO Y 12 -63.58 -69.66 -26.93
C PRO Y 12 -63.51 -69.87 -28.43
N ALA Y 13 -62.91 -68.89 -29.11
CA ALA Y 13 -62.87 -68.92 -30.56
C ALA Y 13 -61.98 -70.02 -31.13
N HIS Y 14 -61.12 -70.63 -30.32
CA HIS Y 14 -60.24 -71.66 -30.83
C HIS Y 14 -60.75 -73.08 -30.59
N LEU Y 15 -61.77 -73.24 -29.76
CA LEU Y 15 -62.36 -74.56 -29.52
C LEU Y 15 -63.69 -74.64 -30.26
N LYS Y 16 -63.81 -75.61 -31.14
CA LYS Y 16 -64.91 -75.66 -32.09
C LYS Y 16 -65.75 -76.91 -32.00
N GLY Y 17 -65.14 -78.07 -31.77
CA GLY Y 17 -65.89 -79.32 -31.75
C GLY Y 17 -65.24 -80.45 -32.51
N ASP Y 18 -63.98 -80.26 -32.90
CA ASP Y 18 -63.27 -81.31 -33.61
C ASP Y 18 -62.88 -82.45 -32.69
N LEU Y 19 -62.46 -82.14 -31.49
CA LEU Y 19 -61.90 -83.12 -30.59
C LEU Y 19 -62.96 -83.85 -29.80
N PRO Y 20 -62.66 -85.06 -29.35
CA PRO Y 20 -63.54 -85.72 -28.38
C PRO Y 20 -63.54 -84.96 -27.06
N GLY Y 21 -64.73 -84.82 -26.48
CA GLY Y 21 -64.84 -84.32 -25.12
C GLY Y 21 -64.36 -82.91 -24.91
N ASP Y 22 -64.41 -82.07 -25.94
CA ASP Y 22 -64.16 -80.65 -25.77
C ASP Y 22 -65.47 -79.94 -25.48
N PHE Y 23 -65.46 -79.08 -24.48
CA PHE Y 23 -66.66 -78.35 -24.12
C PHE Y 23 -66.42 -76.85 -24.03
N GLY Y 24 -65.30 -76.35 -24.53
CA GLY Y 24 -65.05 -74.93 -24.43
C GLY Y 24 -64.47 -74.49 -23.12
N PHE Y 25 -63.82 -75.39 -22.38
CA PHE Y 25 -63.26 -75.03 -21.08
C PHE Y 25 -61.84 -74.56 -21.26
N ASP Y 26 -61.66 -73.28 -21.56
CA ASP Y 26 -60.35 -72.65 -21.56
C ASP Y 26 -60.50 -71.18 -21.23
N PRO Y 27 -60.65 -70.86 -19.95
CA PRO Y 27 -60.67 -69.45 -19.57
C PRO Y 27 -59.30 -68.80 -19.66
N LEU Y 28 -58.22 -69.56 -19.47
CA LEU Y 28 -56.88 -69.02 -19.58
C LEU Y 28 -56.39 -68.91 -21.01
N GLY Y 29 -57.06 -69.54 -21.96
CA GLY Y 29 -56.57 -69.51 -23.33
C GLY Y 29 -55.27 -70.25 -23.53
N LEU Y 30 -55.12 -71.41 -22.91
CA LEU Y 30 -53.89 -72.18 -23.04
C LEU Y 30 -53.86 -73.05 -24.28
N GLY Y 31 -54.84 -72.94 -25.15
CA GLY Y 31 -54.86 -73.77 -26.34
C GLY Y 31 -55.01 -72.92 -27.58
N ALA Y 32 -54.53 -71.68 -27.52
CA ALA Y 32 -54.65 -70.80 -28.68
C ALA Y 32 -53.79 -71.29 -29.83
N ASN Y 33 -52.59 -71.79 -29.53
CA ASN Y 33 -51.71 -72.29 -30.56
C ASN Y 33 -52.02 -73.73 -30.90
N ALA Y 34 -52.20 -74.01 -32.19
CA ALA Y 34 -52.41 -75.39 -32.59
C ALA Y 34 -51.20 -76.24 -32.25
N GLU Y 35 -50.00 -75.71 -32.46
CA GLU Y 35 -48.79 -76.46 -32.14
C GLU Y 35 -48.66 -76.73 -30.66
N SER Y 36 -49.20 -75.83 -29.83
CA SER Y 36 -49.34 -76.17 -28.42
C SER Y 36 -50.43 -77.19 -28.22
N LEU Y 37 -51.56 -77.01 -28.91
CA LEU Y 37 -52.75 -77.81 -28.65
C LEU Y 37 -52.50 -79.29 -28.93
N LYS Y 38 -51.68 -79.61 -29.92
CA LYS Y 38 -51.37 -81.02 -30.17
C LYS Y 38 -50.60 -81.63 -29.00
N TRP Y 39 -49.58 -80.94 -28.51
CA TRP Y 39 -48.82 -81.45 -27.38
C TRP Y 39 -49.70 -81.57 -26.14
N PHE Y 40 -50.57 -80.59 -25.92
CA PHE Y 40 -51.42 -80.66 -24.74
C PHE Y 40 -52.49 -81.73 -24.88
N LYS Y 41 -52.95 -81.97 -26.10
CA LYS Y 41 -53.87 -83.09 -26.34
C LYS Y 41 -53.22 -84.39 -25.91
N GLU Y 42 -51.99 -84.63 -26.39
CA GLU Y 42 -51.30 -85.84 -25.99
C GLU Y 42 -51.08 -85.88 -24.49
N SER Y 43 -50.81 -84.72 -23.89
CA SER Y 43 -50.60 -84.65 -22.45
C SER Y 43 -51.84 -85.09 -21.70
N GLU Y 44 -53.01 -84.61 -22.11
CA GLU Y 44 -54.25 -84.98 -21.45
C GLU Y 44 -54.49 -86.48 -21.57
N LEU Y 45 -54.31 -87.02 -22.78
CA LEU Y 45 -54.57 -88.44 -22.96
C LEU Y 45 -53.65 -89.28 -22.06
N VAL Y 46 -52.36 -88.95 -22.04
CA VAL Y 46 -51.41 -89.77 -21.29
C VAL Y 46 -51.66 -89.65 -19.79
N HIS Y 47 -51.89 -88.43 -19.29
CA HIS Y 47 -52.18 -88.27 -17.87
C HIS Y 47 -53.44 -89.02 -17.49
N SER Y 48 -54.48 -88.94 -18.33
CA SER Y 48 -55.71 -89.64 -18.04
C SER Y 48 -55.47 -91.14 -17.92
N ARG Y 49 -54.72 -91.71 -18.86
CA ARG Y 49 -54.53 -93.16 -18.84
C ARG Y 49 -53.70 -93.62 -17.64
N TRP Y 50 -52.63 -92.88 -17.33
CA TRP Y 50 -51.87 -93.24 -16.14
C TRP Y 50 -52.74 -93.16 -14.90
N ALA Y 51 -53.57 -92.12 -14.80
CA ALA Y 51 -54.41 -91.97 -13.62
C ALA Y 51 -55.43 -93.09 -13.51
N MET Y 52 -56.03 -93.50 -14.63
CA MET Y 52 -57.00 -94.59 -14.56
C MET Y 52 -56.33 -95.85 -14.05
N ALA Y 53 -55.17 -96.19 -14.62
CA ALA Y 53 -54.51 -97.41 -14.17
C ALA Y 53 -54.12 -97.32 -12.71
N ALA Y 54 -53.68 -96.15 -12.27
CA ALA Y 54 -53.24 -96.02 -10.88
C ALA Y 54 -54.41 -96.05 -9.91
N VAL Y 55 -55.54 -95.46 -10.28
CA VAL Y 55 -56.69 -95.49 -9.38
C VAL Y 55 -57.23 -96.89 -9.24
N ALA Y 56 -57.36 -97.60 -10.36
CA ALA Y 56 -57.77 -99.00 -10.27
C ALA Y 56 -56.75 -99.79 -9.45
N GLY Y 57 -55.47 -99.47 -9.59
CA GLY Y 57 -54.48 -100.13 -8.77
C GLY Y 57 -54.72 -99.91 -7.29
N ILE Y 58 -55.01 -98.67 -6.90
CA ILE Y 58 -55.17 -98.37 -5.49
C ILE Y 58 -56.41 -99.06 -4.93
N LEU Y 59 -57.53 -98.94 -5.63
CA LEU Y 59 -58.75 -99.61 -5.20
C LEU Y 59 -58.52 -101.10 -5.04
N VAL Y 60 -58.12 -101.76 -6.13
CA VAL Y 60 -58.01 -103.22 -6.10
C VAL Y 60 -56.92 -103.65 -5.15
N GLN Y 61 -55.87 -102.85 -4.99
CA GLN Y 61 -54.82 -103.17 -4.05
C GLN Y 61 -55.35 -103.19 -2.63
N GLU Y 62 -56.21 -102.22 -2.29
CA GLU Y 62 -56.80 -102.27 -0.97
C GLU Y 62 -57.75 -103.46 -0.83
N ILE Y 63 -58.54 -103.71 -1.87
CA ILE Y 63 -59.58 -104.74 -1.77
C ILE Y 63 -58.96 -106.13 -1.60
N VAL Y 64 -58.01 -106.49 -2.47
CA VAL Y 64 -57.50 -107.86 -2.47
C VAL Y 64 -56.60 -108.10 -1.26
N ARG Y 65 -55.72 -107.15 -0.94
CA ARG Y 65 -54.74 -107.28 0.13
C ARG Y 65 -54.94 -106.10 1.07
N PRO Y 66 -55.92 -106.17 1.97
CA PRO Y 66 -56.17 -105.06 2.88
C PRO Y 66 -55.06 -104.94 3.90
N ASP Y 67 -55.06 -103.79 4.59
CA ASP Y 67 -54.08 -103.48 5.63
C ASP Y 67 -52.67 -103.42 5.04
N VAL Y 68 -52.55 -102.95 3.80
CA VAL Y 68 -51.29 -102.58 3.21
C VAL Y 68 -51.46 -101.14 2.73
N PHE Y 69 -50.92 -100.20 3.49
CA PHE Y 69 -51.15 -98.78 3.26
C PHE Y 69 -50.48 -98.37 1.96
N TRP Y 70 -51.30 -98.11 0.93
CA TRP Y 70 -50.76 -97.87 -0.41
C TRP Y 70 -49.77 -96.72 -0.43
N TYR Y 71 -49.97 -95.72 0.44
CA TYR Y 71 -49.06 -94.60 0.48
C TYR Y 71 -47.69 -95.00 1.02
N ASN Y 72 -47.61 -96.13 1.73
CA ASN Y 72 -46.34 -96.65 2.20
C ASN Y 72 -45.78 -97.75 1.33
N ALA Y 73 -46.48 -98.14 0.26
CA ALA Y 73 -46.27 -99.46 -0.33
C ALA Y 73 -44.82 -99.70 -0.73
N GLY Y 74 -44.08 -98.65 -1.07
CA GLY Y 74 -42.68 -98.86 -1.41
C GLY Y 74 -41.86 -99.39 -0.26
N LYS Y 75 -42.10 -98.88 0.94
CA LYS Y 75 -41.46 -99.39 2.14
C LYS Y 75 -41.82 -100.85 2.39
N GLU Y 76 -42.99 -101.26 1.89
CA GLU Y 76 -43.54 -102.60 1.85
C GLU Y 76 -42.89 -103.34 0.69
N VAL Y 77 -43.69 -104.00 -0.13
CA VAL Y 77 -43.43 -105.13 -1.03
C VAL Y 77 -42.00 -105.61 -1.32
N GLU Y 78 -40.98 -105.00 -0.71
CA GLU Y 78 -39.61 -105.34 -1.09
C GLU Y 78 -39.35 -106.85 -1.12
N SER Y 79 -38.75 -107.31 -2.23
CA SER Y 79 -38.64 -108.68 -2.69
C SER Y 79 -37.17 -109.13 -2.77
N PRO Y 80 -36.88 -110.38 -3.16
CA PRO Y 80 -35.49 -110.73 -3.45
C PRO Y 80 -34.86 -109.87 -4.55
N LEU Y 81 -35.66 -109.35 -5.47
CA LEU Y 81 -35.18 -108.28 -6.33
C LEU Y 81 -34.65 -107.14 -5.48
N GLY Y 82 -33.50 -106.61 -5.84
CA GLY Y 82 -33.03 -105.41 -5.21
C GLY Y 82 -33.83 -104.22 -5.72
N PRO Y 83 -33.97 -103.18 -4.90
CA PRO Y 83 -34.61 -101.96 -5.42
C PRO Y 83 -33.79 -101.29 -6.49
N LEU Y 84 -32.46 -101.39 -6.41
CA LEU Y 84 -31.62 -100.86 -7.47
C LEU Y 84 -31.88 -101.59 -8.78
N GLY Y 85 -32.01 -102.92 -8.73
CA GLY Y 85 -32.32 -103.67 -9.94
C GLY Y 85 -33.69 -103.33 -10.51
N LEU Y 86 -34.68 -103.17 -9.65
CA LEU Y 86 -35.99 -102.75 -10.11
C LEU Y 86 -35.93 -101.38 -10.77
N LEU Y 87 -35.19 -100.46 -10.15
CA LEU Y 87 -35.04 -99.13 -10.71
C LEU Y 87 -34.37 -99.19 -12.07
N ALA Y 88 -33.38 -100.07 -12.21
CA ALA Y 88 -32.71 -100.22 -13.49
C ALA Y 88 -33.66 -100.74 -14.56
N VAL Y 89 -34.40 -101.79 -14.25
CA VAL Y 89 -35.30 -102.36 -15.26
C VAL Y 89 -36.32 -101.33 -15.67
N GLU Y 90 -36.90 -100.64 -14.68
CA GLU Y 90 -37.87 -99.59 -15.00
C GLU Y 90 -37.24 -98.53 -15.87
N PHE Y 91 -36.04 -98.07 -15.51
CA PHE Y 91 -35.39 -97.01 -16.25
C PHE Y 91 -35.23 -97.38 -17.72
N PHE Y 92 -34.60 -98.53 -17.98
CA PHE Y 92 -34.32 -98.86 -19.37
C PHE Y 92 -35.60 -99.14 -20.15
N LEU Y 93 -36.50 -99.95 -19.59
CA LEU Y 93 -37.70 -100.32 -20.32
C LEU Y 93 -38.58 -99.11 -20.60
N MET Y 94 -38.92 -98.34 -19.55
CA MET Y 94 -39.77 -97.18 -19.74
C MET Y 94 -39.11 -96.16 -20.63
N HIS Y 95 -37.79 -96.02 -20.55
CA HIS Y 95 -37.08 -95.12 -21.43
C HIS Y 95 -37.29 -95.52 -22.88
N TRP Y 96 -37.18 -96.81 -23.18
CA TRP Y 96 -37.45 -97.27 -24.54
C TRP Y 96 -38.84 -96.87 -24.99
N VAL Y 97 -39.85 -97.21 -24.16
CA VAL Y 97 -41.23 -97.03 -24.60
C VAL Y 97 -41.54 -95.54 -24.82
N GLU Y 98 -41.16 -94.71 -23.86
CA GLU Y 98 -41.47 -93.29 -23.97
C GLU Y 98 -40.74 -92.66 -25.14
N VAL Y 99 -39.50 -93.09 -25.41
CA VAL Y 99 -38.79 -92.53 -26.54
C VAL Y 99 -39.49 -92.90 -27.84
N ARG Y 100 -39.92 -94.16 -27.98
CA ARG Y 100 -40.63 -94.55 -29.19
C ARG Y 100 -41.88 -93.71 -29.38
N ARG Y 101 -42.68 -93.57 -28.33
CA ARG Y 101 -43.94 -92.84 -28.45
C ARG Y 101 -43.70 -91.38 -28.79
N TRP Y 102 -42.70 -90.77 -28.16
CA TRP Y 102 -42.41 -89.38 -28.44
C TRP Y 102 -41.87 -89.18 -29.85
N GLN Y 103 -41.11 -90.15 -30.36
CA GLN Y 103 -40.68 -90.07 -31.74
C GLN Y 103 -41.88 -90.12 -32.68
N ASP Y 104 -42.88 -90.93 -32.34
CA ASP Y 104 -44.11 -90.90 -33.13
C ASP Y 104 -44.77 -89.53 -33.05
N LEU Y 105 -44.71 -88.87 -31.89
CA LEU Y 105 -45.34 -87.56 -31.78
C LEU Y 105 -44.64 -86.54 -32.67
N ARG Y 106 -43.34 -86.30 -32.43
CA ARG Y 106 -42.68 -85.19 -33.10
C ARG Y 106 -42.46 -85.44 -34.58
N LYS Y 107 -42.38 -86.71 -34.99
CA LYS Y 107 -42.32 -87.09 -36.40
C LYS Y 107 -43.41 -88.13 -36.62
N PRO Y 108 -44.56 -87.73 -37.14
CA PRO Y 108 -45.65 -88.68 -37.30
C PRO Y 108 -45.35 -89.69 -38.39
N GLY Y 109 -45.93 -90.89 -38.23
CA GLY Y 109 -45.84 -91.93 -39.23
C GLY Y 109 -44.42 -92.42 -39.52
N SER Y 110 -43.65 -92.69 -38.48
CA SER Y 110 -42.27 -93.14 -38.67
C SER Y 110 -41.93 -94.40 -37.90
N VAL Y 111 -42.46 -94.58 -36.70
CA VAL Y 111 -42.09 -95.71 -35.86
C VAL Y 111 -43.14 -96.82 -35.94
N ASP Y 112 -43.92 -96.87 -37.00
CA ASP Y 112 -44.99 -97.85 -37.15
C ASP Y 112 -44.48 -99.27 -37.38
N GLN Y 113 -43.19 -99.46 -37.68
CA GLN Y 113 -42.69 -100.77 -38.06
C GLN Y 113 -41.97 -101.44 -36.89
N ASP Y 114 -42.23 -102.72 -36.71
CA ASP Y 114 -41.50 -103.48 -35.72
C ASP Y 114 -40.03 -103.53 -36.14
N PRO Y 115 -39.10 -103.14 -35.27
CA PRO Y 115 -37.69 -103.18 -35.68
C PRO Y 115 -37.15 -104.59 -35.84
N ILE Y 116 -37.44 -105.49 -34.90
CA ILE Y 116 -36.88 -106.82 -34.96
C ILE Y 116 -37.52 -107.64 -36.08
N PHE Y 117 -38.82 -107.89 -35.96
CA PHE Y 117 -39.53 -108.69 -36.95
C PHE Y 117 -40.08 -107.74 -38.01
N SER Y 118 -39.50 -107.80 -39.21
CA SER Y 118 -39.80 -106.83 -40.24
C SER Y 118 -41.11 -107.08 -40.97
N GLN Y 119 -41.84 -108.14 -40.62
CA GLN Y 119 -43.12 -108.37 -41.28
C GLN Y 119 -44.22 -107.44 -40.78
N TYR Y 120 -44.30 -107.23 -39.46
CA TYR Y 120 -45.42 -106.53 -38.87
C TYR Y 120 -45.23 -105.02 -38.94
N LYS Y 121 -46.30 -104.31 -39.31
CA LYS Y 121 -46.27 -102.86 -39.39
C LYS Y 121 -47.58 -102.30 -38.86
N LEU Y 122 -47.50 -101.34 -37.95
CA LEU Y 122 -48.68 -100.75 -37.37
C LEU Y 122 -49.38 -99.87 -38.40
N PRO Y 123 -50.69 -99.99 -38.56
CA PRO Y 123 -51.40 -99.26 -39.64
C PRO Y 123 -51.45 -97.77 -39.37
N PRO Y 124 -51.81 -96.97 -40.38
CA PRO Y 124 -51.92 -95.52 -40.16
C PRO Y 124 -52.97 -95.18 -39.12
N HIS Y 125 -52.75 -94.08 -38.42
CA HIS Y 125 -53.56 -93.74 -37.26
C HIS Y 125 -53.64 -92.22 -37.13
N GLU Y 126 -54.41 -91.78 -36.15
CA GLU Y 126 -54.43 -90.39 -35.71
C GLU Y 126 -53.71 -90.32 -34.37
N VAL Y 127 -52.90 -89.28 -34.21
CA VAL Y 127 -51.88 -89.28 -33.15
C VAL Y 127 -52.53 -89.42 -31.79
N GLY Y 128 -51.88 -90.18 -30.92
CA GLY Y 128 -52.42 -90.47 -29.63
C GLY Y 128 -53.29 -91.70 -29.58
N TYR Y 129 -53.78 -92.16 -30.74
CA TYR Y 129 -54.61 -93.35 -30.86
C TYR Y 129 -53.94 -94.30 -31.83
N PRO Y 130 -52.92 -95.03 -31.39
CA PRO Y 130 -52.19 -95.87 -32.34
C PRO Y 130 -53.05 -96.97 -32.94
N GLY Y 131 -53.68 -97.78 -32.11
CA GLY Y 131 -54.49 -98.88 -32.61
C GLY Y 131 -53.68 -100.13 -32.87
N GLY Y 132 -54.14 -100.94 -33.82
CA GLY Y 132 -53.43 -102.15 -34.18
C GLY Y 132 -53.44 -103.18 -33.06
N VAL Y 133 -52.25 -103.62 -32.65
CA VAL Y 133 -52.14 -104.55 -31.54
C VAL Y 133 -52.45 -103.87 -30.23
N PHE Y 134 -52.40 -102.53 -30.18
CA PHE Y 134 -52.78 -101.82 -28.97
C PHE Y 134 -54.28 -101.86 -28.71
N ALA Y 135 -55.09 -102.25 -29.69
CA ALA Y 135 -56.52 -102.41 -29.51
C ALA Y 135 -56.99 -103.53 -30.42
N PRO Y 136 -57.20 -104.73 -29.88
CA PRO Y 136 -57.66 -105.85 -30.71
C PRO Y 136 -59.04 -105.63 -31.33
N PHE Y 137 -59.99 -105.03 -30.60
CA PHE Y 137 -61.36 -104.88 -31.09
C PHE Y 137 -61.99 -103.65 -30.44
N ILE Y 138 -63.06 -103.16 -31.05
CA ILE Y 138 -63.84 -102.06 -30.51
C ILE Y 138 -65.23 -102.55 -30.12
N PRO Y 139 -65.58 -102.54 -28.85
CA PRO Y 139 -66.97 -102.73 -28.45
C PRO Y 139 -67.71 -101.39 -28.55
N GLY Y 140 -68.59 -101.29 -29.54
CA GLY Y 140 -69.28 -100.03 -29.78
C GLY Y 140 -68.68 -99.27 -30.94
N ASP Y 141 -68.65 -97.95 -30.85
CA ASP Y 141 -68.12 -97.13 -31.92
C ASP Y 141 -66.98 -96.26 -31.37
N LEU Y 142 -66.17 -95.76 -32.30
CA LEU Y 142 -64.96 -95.04 -31.91
C LEU Y 142 -65.27 -93.69 -31.29
N ALA Y 143 -66.05 -92.87 -32.00
CA ALA Y 143 -66.23 -91.48 -31.61
C ALA Y 143 -66.94 -91.35 -30.27
N GLU Y 144 -67.73 -92.34 -29.86
CA GLU Y 144 -68.28 -92.31 -28.51
C GLU Y 144 -67.25 -92.78 -27.50
N LEU Y 145 -66.50 -93.83 -27.82
CA LEU Y 145 -65.55 -94.37 -26.86
C LEU Y 145 -64.43 -93.39 -26.57
N LYS Y 146 -64.10 -92.51 -27.52
CA LYS Y 146 -63.17 -91.43 -27.22
C LYS Y 146 -63.72 -90.53 -26.13
N VAL Y 147 -64.98 -90.14 -26.25
CA VAL Y 147 -65.59 -89.29 -25.23
C VAL Y 147 -65.58 -90.02 -23.90
N LYS Y 148 -65.94 -91.30 -23.92
CA LYS Y 148 -66.02 -92.05 -22.67
C LYS Y 148 -64.67 -92.15 -22.00
N GLU Y 149 -63.62 -92.38 -22.78
CA GLU Y 149 -62.31 -92.51 -22.18
C GLU Y 149 -61.82 -91.19 -21.61
N ILE Y 150 -62.12 -90.08 -22.29
CA ILE Y 150 -61.68 -88.80 -21.73
C ILE Y 150 -62.45 -88.49 -20.46
N LYS Y 151 -63.74 -88.82 -20.43
CA LYS Y 151 -64.52 -88.55 -19.22
C LYS Y 151 -64.02 -89.39 -18.05
N ASN Y 152 -63.90 -90.70 -18.25
CA ASN Y 152 -63.39 -91.54 -17.17
C ASN Y 152 -61.98 -91.13 -16.78
N GLY Y 153 -61.22 -90.58 -17.71
CA GLY Y 153 -59.88 -90.15 -17.37
C GLY Y 153 -59.86 -88.91 -16.49
N ARG Y 154 -60.57 -87.87 -16.90
CA ARG Y 154 -60.58 -86.66 -16.08
C ARG Y 154 -61.11 -86.97 -14.70
N LEU Y 155 -62.17 -87.78 -14.64
CA LEU Y 155 -62.68 -88.22 -13.35
C LEU Y 155 -61.61 -88.98 -12.58
N ALA Y 156 -60.79 -89.79 -13.27
CA ALA Y 156 -59.78 -90.57 -12.58
C ALA Y 156 -58.65 -89.70 -12.06
N MET Y 157 -58.24 -88.70 -12.82
CA MET Y 157 -57.19 -87.80 -12.35
C MET Y 157 -57.64 -87.07 -11.10
N LEU Y 158 -58.87 -86.55 -11.13
CA LEU Y 158 -59.40 -85.95 -9.91
C LEU Y 158 -59.47 -86.97 -8.79
N ALA Y 159 -59.77 -88.23 -9.12
CA ALA Y 159 -59.84 -89.25 -8.09
C ALA Y 159 -58.49 -89.50 -7.46
N PHE Y 160 -57.42 -89.46 -8.24
CA PHE Y 160 -56.12 -89.74 -7.65
C PHE Y 160 -55.65 -88.57 -6.79
N VAL Y 161 -55.87 -87.34 -7.23
CA VAL Y 161 -55.46 -86.26 -6.33
C VAL Y 161 -56.32 -86.28 -5.08
N GLY Y 162 -57.58 -86.69 -5.21
CA GLY Y 162 -58.40 -86.92 -4.03
C GLY Y 162 -57.81 -87.99 -3.14
N PHE Y 163 -57.26 -89.04 -3.73
CA PHE Y 163 -56.62 -90.08 -2.93
C PHE Y 163 -55.42 -89.51 -2.17
N VAL Y 164 -54.61 -88.70 -2.83
CA VAL Y 164 -53.40 -88.21 -2.19
C VAL Y 164 -53.75 -87.33 -0.99
N MET Y 165 -54.63 -86.35 -1.20
CA MET Y 165 -54.99 -85.50 -0.06
C MET Y 165 -55.75 -86.29 0.99
N ALA Y 166 -56.62 -87.21 0.57
CA ALA Y 166 -57.39 -88.02 1.51
C ALA Y 166 -56.51 -88.92 2.32
N ALA Y 167 -55.31 -89.21 1.83
CA ALA Y 167 -54.35 -89.93 2.66
C ALA Y 167 -53.55 -88.97 3.53
N GLN Y 168 -53.23 -87.79 3.03
CA GLN Y 168 -52.35 -86.92 3.78
C GLN Y 168 -53.07 -86.16 4.88
N VAL Y 169 -54.39 -86.16 4.91
CA VAL Y 169 -55.13 -85.59 6.03
C VAL Y 169 -55.56 -86.66 7.02
N THR Y 170 -56.26 -87.68 6.57
CA THR Y 170 -56.70 -88.72 7.48
C THR Y 170 -55.57 -89.66 7.84
N GLY Y 171 -55.02 -90.36 6.86
CA GLY Y 171 -54.05 -91.40 7.09
C GLY Y 171 -54.56 -92.79 6.80
N LYS Y 172 -55.59 -92.93 5.99
CA LYS Y 172 -56.19 -94.23 5.68
C LYS Y 172 -56.31 -94.34 4.15
N GLY Y 173 -56.80 -95.49 3.70
CA GLY Y 173 -57.03 -95.67 2.28
C GLY Y 173 -58.28 -94.94 1.83
N PRO Y 174 -58.59 -95.08 0.56
CA PRO Y 174 -59.80 -94.45 0.02
C PRO Y 174 -61.09 -95.05 0.56
N ILE Y 175 -61.26 -96.37 0.46
CA ILE Y 175 -62.51 -96.99 0.88
C ILE Y 175 -62.66 -96.89 2.39
N ALA Y 176 -61.55 -97.00 3.12
CA ALA Y 176 -61.63 -96.82 4.57
C ALA Y 176 -62.05 -95.41 4.92
N ALA Y 177 -61.56 -94.42 4.18
CA ALA Y 177 -62.00 -93.05 4.38
C ALA Y 177 -63.49 -92.91 4.09
N LEU Y 178 -63.96 -93.59 3.05
CA LEU Y 178 -65.38 -93.58 2.75
C LEU Y 178 -66.20 -94.17 3.89
N GLN Y 179 -65.71 -95.25 4.49
CA GLN Y 179 -66.40 -95.82 5.64
C GLN Y 179 -66.42 -94.86 6.82
N GLU Y 180 -65.29 -94.18 7.06
CA GLU Y 180 -65.24 -93.21 8.14
C GLU Y 180 -66.22 -92.08 7.91
N HIS Y 181 -66.36 -91.65 6.66
CA HIS Y 181 -67.24 -90.54 6.34
C HIS Y 181 -68.70 -90.94 6.40
N LEU Y 182 -69.04 -92.15 5.94
CA LEU Y 182 -70.39 -92.63 6.11
C LEU Y 182 -70.72 -92.93 7.56
N ALA Y 183 -69.70 -93.12 8.41
CA ALA Y 183 -69.94 -93.32 9.82
C ALA Y 183 -70.44 -92.05 10.51
N ASP Y 184 -70.01 -90.88 10.02
CA ASP Y 184 -70.41 -89.61 10.59
C ASP Y 184 -70.29 -88.52 9.54
N PRO Y 185 -71.31 -88.34 8.70
CA PRO Y 185 -71.19 -87.37 7.62
C PRO Y 185 -71.11 -85.93 8.08
N TRP Y 186 -71.77 -85.57 9.17
CA TRP Y 186 -71.74 -84.19 9.63
C TRP Y 186 -70.40 -83.83 10.25
N GLY Y 187 -69.69 -84.82 10.82
CA GLY Y 187 -68.53 -84.54 11.62
C GLY Y 187 -67.19 -84.79 10.94
N THR Y 188 -67.18 -85.53 9.83
CA THR Y 188 -65.95 -85.83 9.09
C THR Y 188 -66.11 -85.35 7.66
N THR Y 189 -65.83 -84.06 7.45
CA THR Y 189 -65.62 -83.48 6.14
C THR Y 189 -64.35 -82.65 6.22
N ILE Y 190 -64.02 -81.98 5.13
CA ILE Y 190 -62.86 -81.10 5.22
C ILE Y 190 -63.21 -79.82 5.95
N PHE Y 191 -64.48 -79.39 5.88
CA PHE Y 191 -64.91 -78.23 6.64
C PHE Y 191 -65.02 -78.52 8.13
N SER Y 192 -65.11 -79.78 8.51
CA SER Y 192 -65.26 -80.14 9.90
C SER Y 192 -63.93 -80.37 10.60
N LYS Y 193 -62.82 -80.23 9.89
CA LYS Y 193 -61.51 -80.45 10.48
C LYS Y 193 -60.73 -79.17 10.68
N ALA Y 194 -60.83 -78.22 9.76
CA ALA Y 194 -59.96 -77.06 9.83
C ALA Y 194 -60.70 -75.84 9.30
N ALA Y 195 -60.25 -74.67 9.76
CA ALA Y 195 -60.88 -73.43 9.32
C ALA Y 195 -59.92 -72.29 9.58
N VAL Y 196 -60.14 -71.20 8.86
CA VAL Y 196 -59.38 -69.97 9.02
C VAL Y 196 -60.33 -68.85 9.36
N VAL Y 197 -60.01 -68.09 10.40
CA VAL Y 197 -60.78 -66.94 10.83
C VAL Y 197 -59.78 -65.80 10.92
N PRO Y 198 -60.17 -64.54 10.73
CA PRO Y 198 -59.22 -63.45 10.96
C PRO Y 198 -58.55 -63.50 12.31
N GLY Y 199 -59.18 -64.11 13.30
CA GLY Y 199 -58.53 -64.29 14.58
C GLY Y 199 -57.42 -65.32 14.50
N GLN Y 200 -57.78 -66.55 14.14
CA GLN Y 200 -56.85 -67.66 14.16
C GLN Y 200 -57.12 -68.59 13.00
N ALA Y 201 -56.13 -69.41 12.67
CA ALA Y 201 -56.24 -70.42 11.64
C ALA Y 201 -55.70 -71.73 12.17
N VAL Y 202 -56.43 -72.81 11.93
CA VAL Y 202 -56.03 -74.12 12.40
C VAL Y 202 -56.06 -75.09 11.22
N ALA Y 203 -55.09 -75.99 11.17
CA ALA Y 203 -54.94 -76.96 10.10
C ALA Y 203 -54.94 -78.37 10.69
N PRO Y 204 -55.26 -79.38 9.88
CA PRO Y 204 -55.20 -80.75 10.40
C PRO Y 204 -53.77 -81.13 10.68
N PRO Y 205 -53.53 -81.98 11.68
CA PRO Y 205 -52.18 -82.50 11.86
C PRO Y 205 -51.85 -83.49 10.76
N CYS Y 206 -50.59 -83.51 10.35
CA CYS Y 206 -50.15 -84.44 9.32
C CYS Y 206 -49.98 -85.83 9.94
N LYS Y 207 -50.76 -86.79 9.44
CA LYS Y 207 -50.66 -88.15 9.94
C LYS Y 207 -49.36 -88.82 9.52
N ILE Y 208 -48.86 -88.47 8.34
CA ILE Y 208 -47.72 -89.13 7.70
C ILE Y 208 -46.41 -88.67 8.32
N PRO Y 209 -45.46 -89.56 8.59
CA PRO Y 209 -44.26 -89.16 9.33
C PRO Y 209 -43.27 -88.32 8.53
N ALA Y 210 -42.14 -88.04 9.17
CA ALA Y 210 -41.00 -87.35 8.59
C ALA Y 210 -40.18 -88.30 7.75
N SER Y 211 -38.92 -87.95 7.49
CA SER Y 211 -37.97 -88.82 6.78
C SER Y 211 -38.13 -90.29 7.17
N VAL Y 212 -38.31 -91.13 6.16
CA VAL Y 212 -38.59 -92.55 6.35
C VAL Y 212 -37.32 -93.33 6.13
N SER Y 213 -36.92 -94.10 7.14
CA SER Y 213 -35.70 -94.92 7.06
C SER Y 213 -36.03 -96.22 6.37
N TYR Y 214 -35.83 -96.23 5.05
CA TYR Y 214 -36.11 -97.45 4.27
C TYR Y 214 -34.99 -98.46 4.44
N LYS Y 215 -33.78 -98.10 4.02
CA LYS Y 215 -32.63 -98.99 4.13
C LYS Y 215 -31.43 -98.21 4.64
N GLY Y 216 -31.62 -97.47 5.72
CA GLY Y 216 -30.55 -96.71 6.30
C GLY Y 216 -30.49 -95.30 5.75
N ILE Y 217 -30.27 -95.18 4.45
CA ILE Y 217 -30.32 -93.86 3.82
C ILE Y 217 -31.79 -93.46 3.74
N GLU Y 218 -32.19 -92.48 4.55
CA GLU Y 218 -33.60 -92.19 4.72
C GLU Y 218 -34.15 -91.39 3.56
N ILE Y 219 -35.42 -91.61 3.26
CA ILE Y 219 -36.13 -90.84 2.23
C ILE Y 219 -36.94 -89.77 2.95
N PRO Y 220 -36.66 -88.49 2.73
CA PRO Y 220 -37.51 -87.45 3.33
C PRO Y 220 -38.90 -87.50 2.72
N THR Y 221 -39.91 -87.59 3.57
CA THR Y 221 -41.30 -87.67 3.13
C THR Y 221 -42.05 -86.45 3.60
N PRO Y 222 -42.26 -85.46 2.76
CA PRO Y 222 -43.15 -84.37 3.12
C PRO Y 222 -44.55 -84.58 2.56
N CYS Y 223 -45.53 -83.88 3.13
CA CYS Y 223 -46.86 -83.80 2.55
C CYS Y 223 -46.91 -82.62 1.60
N PHE Y 224 -47.72 -82.75 0.55
CA PHE Y 224 -47.71 -81.78 -0.53
C PHE Y 224 -48.27 -80.45 -0.06
N LEU Y 225 -47.46 -79.40 -0.11
CA LEU Y 225 -47.85 -78.03 0.22
C LEU Y 225 -48.38 -77.95 1.65
N GLN Y 226 -47.46 -78.18 2.58
CA GLN Y 226 -47.82 -78.34 3.99
C GLN Y 226 -48.36 -77.05 4.59
N GLY Y 227 -47.86 -75.91 4.17
CA GLY Y 227 -48.15 -74.69 4.89
C GLY Y 227 -49.42 -73.97 4.51
N LEU Y 228 -50.25 -74.54 3.64
CA LEU Y 228 -51.41 -73.82 3.10
C LEU Y 228 -52.65 -74.70 3.11
N TRP Y 229 -52.90 -75.38 4.22
CA TRP Y 229 -53.79 -76.52 4.19
C TRP Y 229 -55.29 -76.22 4.14
N PRO Y 230 -55.83 -75.37 5.02
CA PRO Y 230 -57.28 -75.32 4.86
C PRO Y 230 -57.68 -74.29 3.84
N VAL Z 1 -61.77 -41.08 -23.46
CA VAL Z 1 -60.51 -40.70 -22.81
C VAL Z 1 -59.92 -41.88 -22.08
N ARG Z 2 -58.61 -41.84 -21.89
CA ARG Z 2 -58.00 -42.84 -21.06
C ARG Z 2 -58.14 -42.47 -19.59
N PRO Z 3 -58.15 -43.44 -18.69
CA PRO Z 3 -58.01 -43.13 -17.26
C PRO Z 3 -56.61 -42.61 -17.00
N VAL Z 4 -56.53 -41.42 -16.42
CA VAL Z 4 -55.27 -40.75 -16.16
C VAL Z 4 -54.92 -40.94 -14.69
N TRP Z 5 -53.64 -40.85 -14.36
CA TRP Z 5 -53.19 -40.93 -12.98
C TRP Z 5 -53.68 -39.78 -12.15
N PHE Z 6 -54.33 -38.81 -12.72
CA PHE Z 6 -54.72 -37.59 -12.02
C PHE Z 6 -55.87 -36.99 -12.80
N PRO Z 7 -57.08 -37.31 -12.45
CA PRO Z 7 -58.22 -36.94 -13.29
C PRO Z 7 -58.32 -35.45 -13.54
N GLY Z 8 -58.11 -35.04 -14.79
CA GLY Z 8 -58.21 -33.65 -15.13
C GLY Z 8 -57.00 -33.13 -15.87
N ASN Z 9 -55.83 -33.58 -15.48
CA ASN Z 9 -54.67 -33.16 -16.24
C ASN Z 9 -54.59 -33.95 -17.54
N PRO Z 10 -54.31 -33.30 -18.67
CA PRO Z 10 -54.06 -34.04 -19.89
C PRO Z 10 -52.76 -34.80 -19.79
N PRO Z 11 -52.65 -35.95 -20.44
CA PRO Z 11 -51.43 -36.73 -20.38
C PRO Z 11 -50.32 -36.06 -21.18
N PRO Z 12 -49.06 -36.32 -20.84
CA PRO Z 12 -47.96 -35.72 -21.59
C PRO Z 12 -47.94 -36.20 -23.03
N ALA Z 13 -47.11 -35.53 -23.83
CA ALA Z 13 -47.10 -35.78 -25.27
C ALA Z 13 -46.45 -37.11 -25.61
N HIS Z 14 -45.41 -37.50 -24.90
CA HIS Z 14 -44.67 -38.69 -25.28
C HIS Z 14 -45.38 -39.98 -24.86
N LEU Z 15 -46.30 -39.91 -23.92
CA LEU Z 15 -47.08 -41.07 -23.50
C LEU Z 15 -48.41 -41.06 -24.24
N ASP Z 16 -48.72 -42.15 -24.93
CA ASP Z 16 -49.89 -42.24 -25.76
C ASP Z 16 -50.94 -43.22 -25.25
N GLY Z 17 -50.51 -44.39 -24.80
CA GLY Z 17 -51.43 -45.47 -24.50
C GLY Z 17 -51.17 -46.72 -25.31
N SER Z 18 -50.17 -46.73 -26.18
CA SER Z 18 -49.82 -47.94 -26.88
C SER Z 18 -49.12 -48.93 -25.96
N LEU Z 19 -48.48 -48.43 -24.91
CA LEU Z 19 -47.78 -49.29 -23.98
C LEU Z 19 -48.78 -50.01 -23.08
N ALA Z 20 -48.26 -50.80 -22.15
CA ALA Z 20 -49.08 -51.41 -21.13
C ALA Z 20 -48.95 -50.62 -19.85
N GLY Z 21 -50.05 -50.47 -19.13
CA GLY Z 21 -50.03 -49.68 -17.91
C GLY Z 21 -49.74 -48.23 -18.13
N ASP Z 22 -50.21 -47.66 -19.24
CA ASP Z 22 -49.92 -46.29 -19.58
C ASP Z 22 -50.99 -45.39 -18.97
N TYR Z 23 -50.65 -44.68 -17.92
CA TYR Z 23 -51.58 -43.77 -17.27
C TYR Z 23 -51.14 -42.31 -17.38
N GLY Z 24 -50.12 -42.03 -18.17
CA GLY Z 24 -49.69 -40.66 -18.31
C GLY Z 24 -48.97 -40.12 -17.10
N PHE Z 25 -48.34 -40.99 -16.31
CA PHE Z 25 -47.68 -40.56 -15.09
C PHE Z 25 -46.23 -40.29 -15.39
N ASP Z 26 -45.89 -39.03 -15.59
CA ASP Z 26 -44.50 -38.65 -15.70
C ASP Z 26 -44.37 -37.16 -15.41
N PRO Z 27 -44.25 -36.78 -14.13
CA PRO Z 27 -44.13 -35.35 -13.81
C PRO Z 27 -42.76 -34.78 -14.14
N LEU Z 28 -41.70 -35.54 -13.95
CA LEU Z 28 -40.35 -35.04 -14.24
C LEU Z 28 -39.96 -35.18 -15.70
N PHE Z 29 -40.82 -35.75 -16.53
CA PHE Z 29 -40.56 -35.91 -17.96
C PHE Z 29 -39.28 -36.70 -18.22
N LEU Z 30 -39.07 -37.77 -17.45
CA LEU Z 30 -37.85 -38.54 -17.59
C LEU Z 30 -37.81 -39.35 -18.86
N GLY Z 31 -38.95 -39.58 -19.50
CA GLY Z 31 -38.97 -40.42 -20.67
C GLY Z 31 -39.32 -39.67 -21.92
N GLN Z 32 -38.78 -38.47 -22.09
CA GLN Z 32 -39.16 -37.68 -23.25
C GLN Z 32 -38.51 -38.20 -24.52
N GLU Z 33 -37.29 -38.65 -24.46
CA GLU Z 33 -36.70 -39.19 -25.67
C GLU Z 33 -37.20 -40.62 -25.91
N PRO Z 34 -37.52 -40.97 -27.16
CA PRO Z 34 -38.03 -42.31 -27.43
C PRO Z 34 -37.08 -43.42 -27.05
N GLN Z 35 -35.78 -43.27 -27.28
CA GLN Z 35 -34.85 -44.31 -26.88
C GLN Z 35 -34.81 -44.46 -25.36
N THR Z 36 -34.81 -43.33 -24.65
CA THR Z 36 -34.81 -43.37 -23.20
C THR Z 36 -36.09 -44.01 -22.67
N LEU Z 37 -37.22 -43.69 -23.28
CA LEU Z 37 -38.47 -44.30 -22.86
C LEU Z 37 -38.47 -45.80 -23.13
N LYS Z 38 -37.90 -46.22 -24.26
CA LYS Z 38 -37.80 -47.64 -24.58
C LYS Z 38 -36.97 -48.37 -23.54
N TRP Z 39 -35.83 -47.80 -23.20
CA TRP Z 39 -34.97 -48.37 -22.17
C TRP Z 39 -35.68 -48.44 -20.83
N TYR Z 40 -36.42 -47.39 -20.47
CA TYR Z 40 -37.15 -47.43 -19.21
C TYR Z 40 -38.28 -48.43 -19.23
N VAL Z 41 -38.89 -48.68 -20.39
CA VAL Z 41 -39.88 -49.74 -20.49
C VAL Z 41 -39.27 -51.07 -20.09
N GLN Z 42 -38.10 -51.37 -20.66
CA GLN Z 42 -37.44 -52.63 -20.30
C GLN Z 42 -37.07 -52.64 -18.82
N ALA Z 43 -36.64 -51.50 -18.28
CA ALA Z 43 -36.27 -51.45 -16.87
C ALA Z 43 -37.45 -51.72 -15.97
N GLU Z 44 -38.60 -51.11 -16.27
CA GLU Z 44 -39.77 -51.33 -15.44
C GLU Z 44 -40.18 -52.78 -15.48
N LEU Z 45 -40.19 -53.38 -16.67
CA LEU Z 45 -40.61 -54.78 -16.75
C LEU Z 45 -39.67 -55.68 -15.95
N VAL Z 46 -38.36 -55.45 -16.04
CA VAL Z 46 -37.44 -56.33 -15.33
C VAL Z 46 -37.58 -56.17 -13.82
N HIS Z 47 -37.64 -54.92 -13.35
CA HIS Z 47 -37.81 -54.70 -11.93
C HIS Z 47 -39.11 -55.33 -11.44
N GLY Z 48 -40.17 -55.20 -12.24
CA GLY Z 48 -41.43 -55.79 -11.84
C GLY Z 48 -41.36 -57.30 -11.74
N ARG Z 49 -40.69 -57.95 -12.68
CA ARG Z 49 -40.62 -59.40 -12.64
C ARG Z 49 -39.83 -59.88 -11.43
N PHE Z 50 -38.67 -59.27 -11.18
CA PHE Z 50 -37.95 -59.67 -9.98
C PHE Z 50 -38.73 -59.35 -8.71
N ALA Z 51 -39.49 -58.26 -8.71
CA ALA Z 51 -40.26 -57.92 -7.53
C ALA Z 51 -41.39 -58.91 -7.28
N MET Z 52 -42.10 -59.30 -8.32
CA MET Z 52 -43.16 -60.29 -8.16
C MET Z 52 -42.59 -61.57 -7.60
N LEU Z 53 -41.52 -62.04 -8.21
CA LEU Z 53 -40.94 -63.31 -7.76
C LEU Z 53 -40.44 -63.19 -6.32
N GLY Z 54 -39.84 -62.05 -5.98
CA GLY Z 54 -39.33 -61.87 -4.63
C GLY Z 54 -40.42 -61.80 -3.59
N ALA Z 55 -41.49 -61.05 -3.86
CA ALA Z 55 -42.56 -60.92 -2.87
C ALA Z 55 -43.28 -62.24 -2.69
N ALA Z 56 -43.43 -63.01 -3.77
CA ALA Z 56 -43.96 -64.36 -3.60
C ALA Z 56 -43.06 -65.16 -2.67
N GLY Z 57 -41.75 -65.05 -2.85
CA GLY Z 57 -40.85 -65.75 -1.93
C GLY Z 57 -41.03 -65.32 -0.49
N ILE Z 58 -41.11 -64.01 -0.25
CA ILE Z 58 -41.21 -63.51 1.11
C ILE Z 58 -42.51 -64.00 1.76
N ILE Z 59 -43.62 -63.88 1.03
CA ILE Z 59 -44.91 -64.23 1.60
C ILE Z 59 -44.99 -65.72 1.88
N LEU Z 60 -44.54 -66.55 0.94
CA LEU Z 60 -44.63 -67.98 1.15
C LEU Z 60 -43.72 -68.43 2.29
N THR Z 61 -42.49 -67.90 2.35
CA THR Z 61 -41.60 -68.28 3.45
C THR Z 61 -42.15 -67.83 4.79
N SER Z 62 -42.78 -66.65 4.85
CA SER Z 62 -43.36 -66.21 6.12
C SER Z 62 -44.57 -67.05 6.51
N ILE Z 63 -45.39 -67.45 5.54
CA ILE Z 63 -46.50 -68.34 5.85
C ILE Z 63 -45.98 -69.64 6.43
N GLY Z 64 -44.93 -70.18 5.84
CA GLY Z 64 -44.32 -71.36 6.41
C GLY Z 64 -43.65 -71.11 7.74
N ALA Z 65 -43.28 -69.86 8.02
CA ALA Z 65 -42.54 -69.57 9.25
C ALA Z 65 -43.47 -69.41 10.44
N LYS Z 66 -44.61 -68.76 10.28
CA LYS Z 66 -45.50 -68.57 11.42
C LYS Z 66 -46.06 -69.89 11.90
N VAL Z 67 -46.64 -70.67 10.99
CA VAL Z 67 -46.97 -72.05 11.32
C VAL Z 67 -45.67 -72.77 11.66
N GLY Z 68 -45.73 -73.67 12.63
CA GLY Z 68 -44.51 -74.20 13.22
C GLY Z 68 -43.73 -75.19 12.37
N LEU Z 69 -43.12 -74.71 11.29
CA LEU Z 69 -42.34 -75.57 10.41
C LEU Z 69 -40.83 -75.42 10.58
N GLY Z 70 -40.37 -74.30 11.10
CA GLY Z 70 -38.94 -74.09 11.24
C GLY Z 70 -38.29 -73.34 10.11
N PHE Z 71 -39.06 -72.62 9.30
CA PHE Z 71 -38.46 -71.73 8.32
C PHE Z 71 -37.98 -70.45 8.99
N PRO Z 72 -36.83 -69.92 8.58
CA PRO Z 72 -36.39 -68.63 9.08
C PRO Z 72 -37.15 -67.51 8.39
N GLU Z 73 -37.17 -66.37 9.05
CA GLU Z 73 -37.75 -65.22 8.40
C GLU Z 73 -36.74 -64.59 7.46
N TRP Z 74 -37.25 -63.83 6.49
CA TRP Z 74 -36.47 -63.52 5.29
C TRP Z 74 -35.19 -62.74 5.58
N TYR Z 75 -35.06 -62.12 6.75
CA TYR Z 75 -33.83 -61.43 7.08
C TYR Z 75 -32.79 -62.37 7.69
N ASP Z 76 -33.11 -63.64 7.79
CA ASP Z 76 -32.25 -64.62 8.42
C ASP Z 76 -31.94 -65.80 7.53
N ALA Z 77 -32.65 -65.94 6.41
CA ALA Z 77 -32.53 -67.16 5.60
C ALA Z 77 -31.18 -67.26 4.94
N GLY Z 78 -30.61 -66.14 4.52
CA GLY Z 78 -29.29 -66.20 3.93
C GLY Z 78 -28.26 -66.72 4.90
N LYS Z 79 -28.27 -66.19 6.12
CA LYS Z 79 -27.29 -66.63 7.10
C LYS Z 79 -27.46 -68.10 7.42
N VAL Z 80 -28.71 -68.57 7.60
CA VAL Z 80 -28.87 -69.95 8.03
C VAL Z 80 -28.71 -70.93 6.88
N VAL Z 81 -28.98 -70.52 5.64
CA VAL Z 81 -28.77 -71.44 4.52
C VAL Z 81 -27.29 -71.55 4.19
N VAL Z 82 -26.57 -70.43 4.20
CA VAL Z 82 -25.13 -70.48 3.99
C VAL Z 82 -24.45 -71.22 5.13
N GLU Z 83 -24.88 -70.97 6.36
CA GLU Z 83 -24.22 -71.56 7.51
C GLU Z 83 -24.55 -73.04 7.63
N LYS Z 84 -25.81 -73.42 7.40
CA LYS Z 84 -26.26 -74.72 7.85
C LYS Z 84 -25.88 -75.85 6.90
N ASN Z 85 -25.82 -75.61 5.59
CA ASN Z 85 -25.55 -76.77 4.77
C ASN Z 85 -24.06 -77.07 4.73
N ASN Z 86 -23.29 -76.35 3.90
CA ASN Z 86 -21.86 -76.21 4.11
C ASN Z 86 -21.35 -74.97 3.40
N ILE Z 87 -22.26 -74.23 2.77
CA ILE Z 87 -21.93 -73.50 1.54
C ILE Z 87 -20.98 -72.35 1.84
N ASP Z 88 -19.88 -72.31 1.09
CA ASP Z 88 -19.01 -71.14 1.13
C ASP Z 88 -19.70 -69.97 0.44
N PHE Z 89 -19.69 -68.83 1.10
CA PHE Z 89 -20.38 -67.65 0.57
C PHE Z 89 -19.81 -67.16 -0.75
N PRO Z 90 -18.51 -66.86 -0.87
CA PRO Z 90 -18.06 -66.14 -2.06
C PRO Z 90 -18.15 -66.96 -3.32
N THR Z 91 -17.94 -68.28 -3.25
CA THR Z 91 -18.03 -69.07 -4.47
C THR Z 91 -19.46 -69.08 -5.00
N LEU Z 92 -20.44 -69.10 -4.11
CA LEU Z 92 -21.82 -69.00 -4.53
C LEU Z 92 -22.07 -67.66 -5.19
N MET Z 93 -21.57 -66.57 -4.60
CA MET Z 93 -21.77 -65.27 -5.24
C MET Z 93 -21.11 -65.20 -6.61
N VAL Z 94 -19.93 -65.79 -6.74
CA VAL Z 94 -19.21 -65.73 -8.00
C VAL Z 94 -19.96 -66.50 -9.07
N ILE Z 95 -20.47 -67.69 -8.74
CA ILE Z 95 -21.24 -68.42 -9.73
C ILE Z 95 -22.51 -67.68 -10.10
N GLN Z 96 -23.12 -66.98 -9.13
CA GLN Z 96 -24.25 -66.13 -9.45
C GLN Z 96 -23.86 -65.12 -10.51
N PHE Z 97 -22.71 -64.47 -10.33
CA PHE Z 97 -22.31 -63.48 -11.32
C PHE Z 97 -22.00 -64.13 -12.66
N TYR Z 98 -21.42 -65.34 -12.67
CA TYR Z 98 -21.20 -66.02 -13.95
C TYR Z 98 -22.52 -66.17 -14.71
N LEU Z 99 -23.46 -66.88 -14.13
CA LEU Z 99 -24.68 -67.21 -14.86
C LEU Z 99 -25.49 -65.95 -15.17
N MET Z 100 -25.69 -65.11 -14.16
CA MET Z 100 -26.47 -63.90 -14.39
C MET Z 100 -25.79 -63.00 -15.40
N GLY Z 101 -24.46 -62.92 -15.37
CA GLY Z 101 -23.76 -62.10 -16.34
C GLY Z 101 -23.92 -62.61 -17.74
N TRP Z 102 -23.84 -63.94 -17.92
CA TRP Z 102 -24.05 -64.49 -19.25
C TRP Z 102 -25.43 -64.12 -19.78
N ALA Z 103 -26.47 -64.48 -19.04
CA ALA Z 103 -27.82 -64.26 -19.56
C ALA Z 103 -28.13 -62.79 -19.70
N GLU Z 104 -27.74 -61.99 -18.70
CA GLU Z 104 -28.03 -60.57 -18.72
C GLU Z 104 -27.29 -59.87 -19.85
N THR Z 105 -26.06 -60.31 -20.16
CA THR Z 105 -25.35 -59.74 -21.28
C THR Z 105 -26.04 -60.08 -22.59
N LYS Z 106 -26.55 -61.31 -22.70
CA LYS Z 106 -27.33 -61.63 -23.89
C LYS Z 106 -28.48 -60.66 -24.04
N ARG Z 107 -29.17 -60.36 -22.94
CA ARG Z 107 -30.29 -59.42 -23.01
C ARG Z 107 -29.84 -58.04 -23.44
N TRP Z 108 -28.73 -57.57 -22.87
CA TRP Z 108 -28.23 -56.24 -23.19
C TRP Z 108 -27.92 -56.10 -24.67
N TYR Z 109 -27.17 -57.05 -25.22
CA TYR Z 109 -26.81 -56.94 -26.63
C TYR Z 109 -27.94 -57.35 -27.54
N ASP Z 110 -29.02 -57.91 -27.00
CA ASP Z 110 -30.22 -57.99 -27.81
C ASP Z 110 -30.96 -56.66 -27.82
N PHE Z 111 -30.81 -55.85 -26.77
CA PHE Z 111 -31.40 -54.52 -26.85
C PHE Z 111 -30.66 -53.63 -27.84
N LYS Z 112 -29.32 -53.65 -27.80
CA LYS Z 112 -28.56 -52.78 -28.70
C LYS Z 112 -28.85 -53.13 -30.17
N ASN Z 113 -28.67 -54.40 -30.53
CA ASN Z 113 -29.02 -54.87 -31.87
C ASN Z 113 -30.25 -55.75 -31.75
N PRO Z 114 -31.41 -55.32 -32.23
CA PRO Z 114 -32.67 -55.92 -31.79
C PRO Z 114 -32.89 -57.36 -32.24
N GLY Z 115 -32.24 -57.81 -33.31
CA GLY Z 115 -32.50 -59.17 -33.75
C GLY Z 115 -31.24 -59.97 -33.98
N SER Z 116 -30.24 -59.74 -33.14
CA SER Z 116 -28.90 -60.25 -33.40
C SER Z 116 -28.66 -61.63 -32.84
N GLN Z 117 -29.26 -61.97 -31.71
CA GLN Z 117 -28.95 -63.24 -31.09
C GLN Z 117 -29.60 -64.42 -31.81
N ALA Z 118 -30.44 -64.17 -32.81
CA ALA Z 118 -31.09 -65.24 -33.55
C ALA Z 118 -30.24 -65.72 -34.72
N ASP Z 119 -28.92 -65.58 -34.61
CA ASP Z 119 -28.02 -65.92 -35.71
C ASP Z 119 -27.57 -67.37 -35.68
N GLY Z 120 -27.50 -67.97 -34.50
CA GLY Z 120 -26.96 -69.30 -34.35
C GLY Z 120 -25.62 -69.35 -33.66
N SER Z 121 -25.18 -68.25 -33.04
CA SER Z 121 -23.88 -68.26 -32.38
C SER Z 121 -23.91 -69.14 -31.13
N PHE Z 122 -24.94 -68.99 -30.31
CA PHE Z 122 -25.14 -69.89 -29.19
C PHE Z 122 -25.39 -71.29 -29.73
N LEU Z 123 -25.22 -72.29 -28.85
CA LEU Z 123 -24.85 -73.64 -29.25
C LEU Z 123 -25.44 -74.09 -30.57
N GLY Z 124 -26.75 -74.04 -30.72
CA GLY Z 124 -27.31 -74.29 -32.05
C GLY Z 124 -28.60 -73.54 -32.32
N PHE Z 125 -28.99 -72.66 -31.41
CA PHE Z 125 -30.36 -72.22 -31.31
C PHE Z 125 -30.65 -71.00 -32.19
N THR Z 126 -31.69 -71.12 -33.00
CA THR Z 126 -32.10 -70.08 -33.93
C THR Z 126 -33.59 -69.85 -33.78
N GLU Z 127 -34.00 -68.59 -33.72
CA GLU Z 127 -35.38 -68.14 -33.59
C GLU Z 127 -36.00 -68.50 -32.26
N GLU Z 128 -35.26 -69.13 -31.35
CA GLU Z 128 -35.69 -69.27 -29.98
C GLU Z 128 -35.00 -68.27 -29.07
N PHE Z 129 -34.12 -67.44 -29.62
CA PHE Z 129 -33.59 -66.28 -28.92
C PHE Z 129 -33.89 -65.00 -29.67
N LYS Z 130 -34.82 -65.03 -30.61
CA LYS Z 130 -35.26 -63.80 -31.25
C LYS Z 130 -36.35 -63.17 -30.39
N GLY Z 131 -36.22 -61.88 -30.14
CA GLY Z 131 -37.21 -61.18 -29.34
C GLY Z 131 -38.49 -60.94 -30.12
N LEU Z 132 -39.59 -60.80 -29.37
CA LEU Z 132 -40.87 -60.47 -29.99
C LEU Z 132 -41.13 -58.97 -29.99
N GLU Z 133 -40.89 -58.32 -28.86
CA GLU Z 133 -41.04 -56.87 -28.74
C GLU Z 133 -39.96 -56.39 -27.78
N ASN Z 134 -40.13 -55.16 -27.31
CA ASN Z 134 -39.22 -54.60 -26.32
C ASN Z 134 -39.51 -55.21 -24.96
N GLY Z 135 -38.60 -56.04 -24.46
CA GLY Z 135 -38.78 -56.62 -23.14
C GLY Z 135 -39.74 -57.80 -23.08
N TYR Z 136 -40.18 -58.32 -24.21
CA TYR Z 136 -41.07 -59.47 -24.26
C TYR Z 136 -40.42 -60.52 -25.15
N PRO Z 137 -39.52 -61.30 -24.60
CA PRO Z 137 -38.67 -62.17 -25.41
C PRO Z 137 -39.28 -63.56 -25.65
N GLY Z 138 -40.47 -63.57 -26.23
CA GLY Z 138 -41.22 -64.81 -26.29
C GLY Z 138 -40.80 -65.77 -27.36
N GLY Z 139 -40.37 -66.96 -26.96
CA GLY Z 139 -40.01 -67.99 -27.91
C GLY Z 139 -40.48 -69.35 -27.43
N ARG Z 140 -39.64 -70.36 -27.58
CA ARG Z 140 -39.96 -71.65 -26.97
C ARG Z 140 -39.48 -71.74 -25.54
N PHE Z 141 -38.40 -71.03 -25.19
CA PHE Z 141 -37.88 -71.10 -23.84
C PHE Z 141 -38.64 -70.18 -22.89
N PHE Z 142 -39.03 -69.00 -23.35
CA PHE Z 142 -39.60 -67.99 -22.48
C PHE Z 142 -41.12 -67.92 -22.56
N ASP Z 143 -41.73 -68.52 -23.57
CA ASP Z 143 -43.18 -68.69 -23.62
C ASP Z 143 -43.47 -70.13 -24.03
N PRO Z 144 -43.15 -71.10 -23.16
CA PRO Z 144 -43.29 -72.50 -23.57
C PRO Z 144 -44.73 -72.91 -23.75
N MET Z 145 -45.64 -72.41 -22.92
CA MET Z 145 -47.04 -72.76 -23.11
C MET Z 145 -47.62 -72.15 -24.36
N GLY Z 146 -47.05 -71.02 -24.81
CA GLY Z 146 -47.48 -70.42 -26.05
C GLY Z 146 -48.70 -69.54 -25.94
N LEU Z 147 -48.62 -68.48 -25.14
CA LEU Z 147 -49.72 -67.55 -25.00
C LEU Z 147 -49.59 -66.30 -25.84
N SER Z 148 -48.39 -66.00 -26.34
CA SER Z 148 -48.16 -64.74 -27.03
C SER Z 148 -48.61 -64.76 -28.48
N ARG Z 149 -48.68 -65.93 -29.11
CA ARG Z 149 -48.99 -66.00 -30.54
C ARG Z 149 -50.42 -66.46 -30.80
N GLY Z 150 -51.29 -66.35 -29.81
CA GLY Z 150 -52.71 -66.60 -30.02
C GLY Z 150 -53.54 -65.69 -29.15
N ASP Z 151 -54.69 -65.30 -29.67
CA ASP Z 151 -55.63 -64.42 -28.97
C ASP Z 151 -54.98 -63.08 -28.63
N ALA Z 152 -54.68 -62.33 -29.69
CA ALA Z 152 -53.86 -61.13 -29.56
C ALA Z 152 -54.45 -60.12 -28.59
N ALA Z 153 -55.76 -59.90 -28.65
CA ALA Z 153 -56.37 -58.95 -27.72
C ALA Z 153 -56.28 -59.47 -26.29
N LYS Z 154 -56.55 -60.77 -26.10
CA LYS Z 154 -56.36 -61.36 -24.78
C LYS Z 154 -54.91 -61.30 -24.35
N TYR Z 155 -53.99 -61.36 -25.30
CA TYR Z 155 -52.58 -61.18 -24.94
C TYR Z 155 -52.31 -59.77 -24.47
N GLN Z 156 -52.93 -58.77 -25.10
CA GLN Z 156 -52.82 -57.41 -24.58
C GLN Z 156 -53.35 -57.31 -23.16
N GLU Z 157 -54.45 -58.02 -22.89
CA GLU Z 157 -54.93 -58.10 -21.53
C GLU Z 157 -53.87 -58.69 -20.60
N TYR Z 158 -53.17 -59.73 -21.04
CA TYR Z 158 -52.11 -60.29 -20.20
C TYR Z 158 -51.00 -59.27 -19.96
N LYS Z 159 -50.64 -58.50 -20.97
CA LYS Z 159 -49.63 -57.47 -20.77
C LYS Z 159 -50.05 -56.49 -19.70
N GLN Z 160 -51.30 -56.03 -19.78
CA GLN Z 160 -51.82 -55.09 -18.81
C GLN Z 160 -51.77 -55.68 -17.41
N LYS Z 161 -52.18 -56.95 -17.27
CA LYS Z 161 -52.16 -57.58 -15.96
C LYS Z 161 -50.75 -57.72 -15.42
N GLU Z 162 -49.80 -58.05 -16.30
CA GLU Z 162 -48.43 -58.19 -15.85
C GLU Z 162 -47.89 -56.90 -15.29
N VAL Z 163 -48.11 -55.80 -16.01
CA VAL Z 163 -47.54 -54.54 -15.55
C VAL Z 163 -48.19 -54.11 -14.24
N LYS Z 164 -49.51 -54.23 -14.14
CA LYS Z 164 -50.17 -53.82 -12.89
C LYS Z 164 -49.68 -54.65 -11.71
N ASN Z 165 -49.66 -55.96 -11.85
CA ASN Z 165 -49.20 -56.79 -10.75
C ASN Z 165 -47.74 -56.52 -10.42
N GLY Z 166 -46.92 -56.21 -11.43
CA GLY Z 166 -45.54 -55.91 -11.16
C GLY Z 166 -45.37 -54.66 -10.33
N ARG Z 167 -46.10 -53.60 -10.68
CA ARG Z 167 -45.98 -52.37 -9.92
C ARG Z 167 -46.45 -52.59 -8.49
N LEU Z 168 -47.57 -53.30 -8.32
CA LEU Z 168 -48.02 -53.60 -6.98
C LEU Z 168 -46.97 -54.38 -6.21
N ALA Z 169 -46.28 -55.31 -6.88
CA ALA Z 169 -45.27 -56.09 -6.18
C ALA Z 169 -44.06 -55.24 -5.81
N MET Z 170 -43.71 -54.27 -6.65
CA MET Z 170 -42.57 -53.42 -6.33
C MET Z 170 -42.85 -52.64 -5.06
N ILE Z 171 -44.01 -52.00 -5.00
CA ILE Z 171 -44.26 -51.27 -3.76
C ILE Z 171 -44.51 -52.23 -2.60
N ALA Z 172 -44.91 -53.47 -2.87
CA ALA Z 172 -45.03 -54.44 -1.78
C ALA Z 172 -43.67 -54.77 -1.17
N CYS Z 173 -42.66 -55.01 -2.02
CA CYS Z 173 -41.33 -55.31 -1.50
C CYS Z 173 -40.75 -54.10 -0.78
N LEU Z 174 -40.99 -52.90 -1.29
CA LEU Z 174 -40.63 -51.73 -0.51
C LEU Z 174 -41.31 -51.75 0.86
N GLY Z 175 -42.57 -52.21 0.88
CA GLY Z 175 -43.26 -52.35 2.14
C GLY Z 175 -42.56 -53.31 3.08
N PHE Z 176 -42.13 -54.46 2.56
CA PHE Z 176 -41.44 -55.41 3.41
C PHE Z 176 -40.18 -54.77 3.99
N ALA Z 177 -39.44 -54.04 3.17
CA ALA Z 177 -38.19 -53.45 3.64
C ALA Z 177 -38.43 -52.44 4.75
N ALA Z 178 -39.26 -51.43 4.47
CA ALA Z 178 -39.46 -50.39 5.47
C ALA Z 178 -40.20 -50.91 6.68
N GLN Z 179 -41.09 -51.87 6.49
CA GLN Z 179 -41.83 -52.45 7.59
C GLN Z 179 -40.89 -53.17 8.55
N TYR Z 180 -39.93 -53.93 8.01
CA TYR Z 180 -38.96 -54.58 8.88
C TYR Z 180 -38.03 -53.57 9.52
N ALA Z 181 -37.72 -52.47 8.81
CA ALA Z 181 -36.88 -51.45 9.42
C ALA Z 181 -37.58 -50.77 10.58
N ALA Z 182 -38.90 -50.64 10.51
CA ALA Z 182 -39.65 -49.98 11.57
C ALA Z 182 -39.89 -50.91 12.75
N THR Z 183 -40.54 -52.05 12.50
CA THR Z 183 -40.96 -52.90 13.61
C THR Z 183 -39.94 -53.94 14.02
N GLY Z 184 -39.03 -54.32 13.12
CA GLY Z 184 -38.04 -55.33 13.47
C GLY Z 184 -38.58 -56.73 13.57
N LYS Z 185 -39.74 -57.01 12.99
CA LYS Z 185 -40.35 -58.31 13.07
C LYS Z 185 -40.74 -58.75 11.68
N GLY Z 186 -41.20 -59.99 11.57
CA GLY Z 186 -41.60 -60.49 10.29
C GLY Z 186 -42.88 -59.90 9.77
N PRO Z 187 -43.05 -59.96 8.48
CA PRO Z 187 -44.15 -59.24 7.84
C PRO Z 187 -45.51 -59.83 8.15
N LEU Z 188 -45.69 -61.15 8.00
CA LEU Z 188 -46.98 -61.72 8.34
C LEU Z 188 -47.22 -61.71 9.84
N ASP Z 189 -46.16 -61.69 10.64
CA ASP Z 189 -46.35 -61.41 12.06
C ASP Z 189 -46.97 -60.02 12.23
N ASN Z 190 -46.52 -59.05 11.46
CA ASN Z 190 -47.14 -57.73 11.51
C ASN Z 190 -48.58 -57.79 11.04
N LEU Z 191 -48.86 -58.60 10.01
CA LEU Z 191 -50.24 -58.72 9.55
C LEU Z 191 -51.13 -59.27 10.65
N ALA Z 192 -50.68 -60.31 11.34
CA ALA Z 192 -51.50 -60.86 12.42
C ALA Z 192 -51.60 -59.89 13.58
N ASP Z 193 -50.54 -59.13 13.83
CA ASP Z 193 -50.58 -58.17 14.93
C ASP Z 193 -51.56 -57.05 14.65
N HIS Z 194 -51.56 -56.52 13.43
CA HIS Z 194 -52.54 -55.50 13.07
C HIS Z 194 -53.93 -56.07 12.99
N LEU Z 195 -54.05 -57.33 12.58
CA LEU Z 195 -55.35 -57.98 12.47
C LEU Z 195 -55.92 -58.31 13.83
N ALA Z 196 -55.09 -58.38 14.87
CA ALA Z 196 -55.60 -58.61 16.21
C ALA Z 196 -56.17 -57.33 16.81
N ASP Z 197 -55.46 -56.22 16.68
CA ASP Z 197 -55.91 -54.93 17.20
C ASP Z 197 -55.70 -53.87 16.13
N PRO Z 198 -56.68 -53.66 15.24
CA PRO Z 198 -56.48 -52.71 14.15
C PRO Z 198 -56.44 -51.28 14.62
N ASN Z 199 -57.23 -50.92 15.64
CA ASN Z 199 -57.29 -49.53 16.05
C ASN Z 199 -56.10 -49.08 16.86
N HIS Z 200 -55.31 -50.02 17.38
CA HIS Z 200 -54.21 -49.65 18.27
C HIS Z 200 -52.86 -50.23 17.87
N VAL Z 201 -52.78 -50.98 16.78
CA VAL Z 201 -51.52 -51.46 16.26
C VAL Z 201 -51.45 -51.08 14.79
N ASN Z 202 -50.65 -50.06 14.48
CA ASN Z 202 -50.53 -49.54 13.13
C ASN Z 202 -49.24 -48.74 13.07
N PHE Z 203 -49.05 -47.98 12.00
CA PHE Z 203 -47.81 -47.23 11.91
C PHE Z 203 -47.80 -46.04 12.84
N ALA Z 204 -48.96 -45.52 13.22
CA ALA Z 204 -49.03 -44.36 14.08
C ALA Z 204 -48.83 -44.69 15.54
N THR Z 205 -48.26 -45.84 15.85
CA THR Z 205 -48.05 -46.27 17.21
C THR Z 205 -46.62 -46.75 17.47
N ASN Z 206 -45.84 -47.01 16.43
CA ASN Z 206 -44.49 -47.52 16.62
C ASN Z 206 -43.57 -46.50 17.27
N GLY Z 207 -43.86 -45.21 17.10
CA GLY Z 207 -42.97 -44.18 17.55
C GLY Z 207 -41.78 -43.95 16.64
N VAL Z 208 -41.64 -44.74 15.57
CA VAL Z 208 -40.55 -44.56 14.63
C VAL Z 208 -41.07 -43.91 13.37
N SER Z 209 -42.33 -44.19 13.02
CA SER Z 209 -42.89 -43.64 11.80
C SER Z 209 -43.15 -42.15 11.94
N ASN Z 210 -44.02 -41.75 12.86
CA ASN Z 210 -44.22 -40.32 13.08
C ASN Z 210 -43.60 -39.90 14.40
N PRO Z 211 -42.48 -39.21 14.38
CA PRO Z 211 -41.78 -38.84 15.62
C PRO Z 211 -42.27 -37.52 16.20
N ILE Z 212 -43.59 -37.48 16.37
CA ILE Z 212 -44.32 -36.36 16.94
C ILE Z 212 -45.15 -36.82 18.14
N ARG AA 1 -20.11 -64.47 -40.49
CA ARG AA 1 -18.83 -64.73 -39.83
C ARG AA 1 -19.01 -64.82 -38.33
N GLN AA 2 -18.08 -65.50 -37.66
CA GLN AA 2 -18.10 -65.49 -36.21
C GLN AA 2 -17.61 -64.15 -35.69
N SER AA 3 -18.08 -63.79 -34.50
CA SER AA 3 -17.59 -62.63 -33.79
C SER AA 3 -17.38 -63.03 -32.34
N TRP AA 4 -16.51 -62.31 -31.64
CA TRP AA 4 -16.36 -62.57 -30.22
C TRP AA 4 -17.64 -62.24 -29.49
N LEU AA 5 -18.30 -61.15 -29.86
CA LEU AA 5 -19.52 -60.70 -29.19
C LEU AA 5 -20.64 -60.60 -30.20
N PRO AA 6 -21.52 -61.59 -30.28
CA PRO AA 6 -22.58 -61.55 -31.29
C PRO AA 6 -23.48 -60.35 -31.08
N GLY AA 7 -23.63 -59.56 -32.13
CA GLY AA 7 -24.37 -58.31 -32.06
C GLY AA 7 -23.50 -57.08 -31.94
N SER AA 8 -22.22 -57.25 -31.67
CA SER AA 8 -21.30 -56.12 -31.57
C SER AA 8 -20.86 -55.68 -32.96
N GLN AA 9 -20.68 -54.38 -33.13
CA GLN AA 9 -20.22 -53.83 -34.39
C GLN AA 9 -18.75 -54.18 -34.60
N ILE AA 10 -18.48 -55.05 -35.57
CA ILE AA 10 -17.10 -55.40 -35.89
C ILE AA 10 -16.41 -54.20 -36.51
N PRO AA 11 -15.22 -53.81 -36.04
CA PRO AA 11 -14.56 -52.62 -36.57
C PRO AA 11 -14.19 -52.77 -38.03
N ALA AA 12 -14.08 -51.63 -38.71
CA ALA AA 12 -13.92 -51.63 -40.16
C ALA AA 12 -12.53 -52.04 -40.61
N HIS AA 13 -11.54 -51.99 -39.72
CA HIS AA 13 -10.20 -52.41 -40.13
C HIS AA 13 -10.02 -53.91 -40.06
N LEU AA 14 -10.80 -54.60 -39.22
CA LEU AA 14 -10.84 -56.05 -39.23
C LEU AA 14 -11.85 -56.59 -40.21
N ASP AA 15 -12.49 -55.73 -40.99
CA ASP AA 15 -13.41 -56.15 -42.04
C ASP AA 15 -12.85 -55.64 -43.36
N THR AA 16 -11.88 -56.37 -43.89
CA THR AA 16 -11.31 -56.14 -45.21
C THR AA 16 -10.92 -57.48 -45.77
N PRO AA 17 -10.74 -57.60 -47.08
CA PRO AA 17 -10.17 -58.83 -47.62
C PRO AA 17 -8.78 -59.13 -47.08
N ALA AA 18 -8.02 -58.11 -46.70
CA ALA AA 18 -6.69 -58.35 -46.16
C ALA AA 18 -6.72 -58.84 -44.73
N ALA AA 19 -7.70 -58.41 -43.94
CA ALA AA 19 -7.77 -58.81 -42.54
C ALA AA 19 -8.59 -60.07 -42.33
N GLN AA 20 -9.58 -60.32 -43.18
CA GLN AA 20 -10.33 -61.57 -43.07
C GLN AA 20 -9.55 -62.77 -43.58
N ALA AA 21 -8.45 -62.55 -44.30
CA ALA AA 21 -7.58 -63.62 -44.74
C ALA AA 21 -6.55 -63.99 -43.70
N LEU AA 22 -6.78 -63.66 -42.43
CA LEU AA 22 -5.85 -63.95 -41.35
C LEU AA 22 -6.36 -65.10 -40.50
N ALA AA 23 -5.43 -65.84 -39.91
CA ALA AA 23 -5.80 -67.00 -39.13
C ALA AA 23 -6.45 -66.58 -37.83
N GLY AA 24 -7.60 -67.18 -37.53
CA GLY AA 24 -8.26 -66.89 -36.27
C GLY AA 24 -8.81 -65.49 -36.15
N ASN AA 25 -9.44 -64.98 -37.19
CA ASN AA 25 -10.09 -63.68 -37.11
C ASN AA 25 -11.43 -63.84 -36.42
N PHE AA 26 -11.63 -63.10 -35.33
CA PHE AA 26 -12.91 -63.09 -34.64
C PHE AA 26 -13.33 -61.68 -34.29
N GLY AA 27 -12.81 -60.68 -34.98
CA GLY AA 27 -13.27 -59.31 -34.83
C GLY AA 27 -13.07 -58.73 -33.44
N PHE AA 28 -12.03 -59.16 -32.75
CA PHE AA 28 -11.80 -58.76 -31.36
C PHE AA 28 -10.78 -57.63 -31.33
N ASP AA 29 -11.26 -56.40 -31.26
CA ASP AA 29 -10.38 -55.24 -31.12
C ASP AA 29 -11.11 -54.14 -30.37
N PRO AA 30 -11.33 -54.32 -29.08
CA PRO AA 30 -12.02 -53.28 -28.31
C PRO AA 30 -11.20 -52.01 -28.18
N LEU AA 31 -9.93 -52.14 -27.81
CA LEU AA 31 -9.00 -51.03 -27.90
C LEU AA 31 -8.48 -51.01 -29.33
N GLY AA 32 -8.80 -49.96 -30.07
CA GLY AA 32 -8.55 -49.99 -31.50
C GLY AA 32 -7.09 -49.88 -31.88
N LEU AA 33 -6.30 -50.90 -31.55
CA LEU AA 33 -4.86 -50.85 -31.85
C LEU AA 33 -4.59 -50.95 -33.34
N GLY AA 34 -5.23 -51.91 -34.00
CA GLY AA 34 -4.84 -52.23 -35.36
C GLY AA 34 -5.41 -51.34 -36.44
N LYS AA 35 -5.44 -50.02 -36.21
CA LYS AA 35 -5.94 -49.12 -37.23
C LYS AA 35 -4.96 -48.96 -38.38
N ASP AA 36 -3.70 -49.33 -38.20
CA ASP AA 36 -2.68 -49.20 -39.24
C ASP AA 36 -2.36 -50.58 -39.81
N PRO AA 37 -2.58 -50.80 -41.11
CA PRO AA 37 -2.32 -52.12 -41.68
C PRO AA 37 -0.88 -52.58 -41.49
N VAL AA 38 0.09 -51.67 -41.54
CA VAL AA 38 1.46 -52.05 -41.24
C VAL AA 38 1.57 -52.50 -39.79
N ALA AA 39 0.93 -51.76 -38.89
CA ALA AA 39 0.93 -52.15 -37.49
C ALA AA 39 0.21 -53.47 -37.27
N LEU AA 40 -0.87 -53.70 -38.01
CA LEU AA 40 -1.54 -54.99 -37.91
C LEU AA 40 -0.65 -56.11 -38.41
N ARG AA 41 0.11 -55.87 -39.47
CA ARG AA 41 1.08 -56.84 -39.97
C ARG AA 41 2.09 -57.19 -38.89
N TRP AA 42 2.69 -56.17 -38.28
CA TRP AA 42 3.69 -56.42 -37.25
C TRP AA 42 3.07 -57.14 -36.07
N TYR AA 43 1.86 -56.73 -35.66
CA TYR AA 43 1.23 -57.36 -34.52
C TYR AA 43 0.88 -58.81 -34.80
N GLN AA 44 0.50 -59.12 -36.04
CA GLN AA 44 0.28 -60.53 -36.39
C GLN AA 44 1.56 -61.32 -36.22
N GLN AA 45 2.69 -60.74 -36.64
CA GLN AA 45 3.96 -61.43 -36.40
C GLN AA 45 4.19 -61.65 -34.91
N ALA AA 46 3.89 -60.64 -34.11
CA ALA AA 46 4.07 -60.79 -32.66
C ALA AA 46 3.19 -61.92 -32.13
N GLU AA 47 1.94 -61.98 -32.58
CA GLU AA 47 1.05 -63.03 -32.13
C GLU AA 47 1.57 -64.40 -32.52
N LEU AA 48 2.10 -64.54 -33.73
CA LEU AA 48 2.58 -65.85 -34.15
C LEU AA 48 3.77 -66.30 -33.33
N ILE AA 49 4.75 -65.41 -33.12
CA ILE AA 49 5.91 -65.82 -32.34
C ILE AA 49 5.50 -66.13 -30.90
N HIS AA 50 4.64 -65.30 -30.33
CA HIS AA 50 4.21 -65.57 -28.97
C HIS AA 50 3.45 -66.89 -28.90
N CYS AA 51 2.65 -67.20 -29.92
CA CYS AA 51 1.97 -68.48 -29.95
C CYS AA 51 2.95 -69.62 -29.91
N ARG AA 52 3.94 -69.59 -30.81
CA ARG AA 52 4.82 -70.75 -30.91
C ARG AA 52 5.66 -70.92 -29.66
N THR AA 53 6.26 -69.83 -29.15
CA THR AA 53 7.05 -70.00 -27.94
C THR AA 53 6.18 -70.28 -26.73
N ALA AA 54 4.93 -69.83 -26.72
CA ALA AA 54 4.04 -70.14 -25.61
C ALA AA 54 3.69 -71.61 -25.60
N MET AA 55 3.36 -72.17 -26.75
CA MET AA 55 3.11 -73.60 -26.81
C MET AA 55 4.32 -74.37 -26.32
N ALA AA 56 5.50 -74.02 -26.81
CA ALA AA 56 6.68 -74.76 -26.40
C ALA AA 56 6.88 -74.70 -24.90
N GLY AA 57 6.79 -73.50 -24.33
CA GLY AA 57 7.01 -73.36 -22.89
C GLY AA 57 5.98 -74.11 -22.07
N VAL AA 58 4.70 -73.97 -22.42
CA VAL AA 58 3.66 -74.59 -21.62
C VAL AA 58 3.70 -76.10 -21.74
N ALA AA 59 4.03 -76.61 -22.93
CA ALA AA 59 4.25 -78.04 -23.05
C ALA AA 59 5.39 -78.49 -22.15
N GLY AA 60 6.46 -77.70 -22.10
CA GLY AA 60 7.57 -78.04 -21.23
C GLY AA 60 7.18 -78.05 -19.77
N ILE AA 61 6.26 -77.18 -19.38
CA ILE AA 61 5.76 -77.20 -18.01
C ILE AA 61 4.94 -78.46 -17.77
N LEU AA 62 3.98 -78.73 -18.67
CA LEU AA 62 2.95 -79.72 -18.38
C LEU AA 62 3.50 -81.14 -18.48
N ILE AA 63 4.06 -81.51 -19.63
CA ILE AA 63 4.30 -82.92 -19.90
C ILE AA 63 5.25 -83.55 -18.88
N PRO AA 64 6.39 -82.96 -18.54
CA PRO AA 64 7.11 -83.45 -17.36
C PRO AA 64 6.29 -83.29 -16.10
N GLY AA 65 5.49 -82.24 -16.01
CA GLY AA 65 4.67 -82.05 -14.83
C GLY AA 65 3.63 -83.14 -14.67
N LEU AA 66 3.04 -83.60 -15.77
CA LEU AA 66 2.10 -84.70 -15.69
C LEU AA 66 2.83 -86.02 -15.44
N LEU AA 67 3.84 -86.30 -16.26
CA LEU AA 67 4.45 -87.61 -16.22
C LEU AA 67 5.23 -87.86 -14.95
N THR AA 68 5.50 -86.84 -14.13
CA THR AA 68 6.16 -87.08 -12.87
C THR AA 68 5.20 -87.63 -11.82
N LYS AA 69 3.89 -87.43 -12.00
CA LYS AA 69 2.92 -88.08 -11.13
C LYS AA 69 2.82 -89.56 -11.41
N ALA AA 70 3.30 -90.01 -12.56
CA ALA AA 70 3.53 -91.42 -12.81
C ALA AA 70 4.90 -91.79 -12.24
N GLY AA 71 5.40 -92.97 -12.61
CA GLY AA 71 6.65 -93.43 -12.04
C GLY AA 71 7.87 -92.71 -12.58
N ALA AA 72 8.00 -92.68 -13.90
CA ALA AA 72 9.22 -92.17 -14.51
C ALA AA 72 9.24 -90.64 -14.50
N LEU AA 73 10.39 -90.09 -14.88
CA LEU AA 73 10.60 -88.66 -15.05
C LEU AA 73 10.42 -87.90 -13.74
N ASN AA 74 11.36 -88.15 -12.83
CA ASN AA 74 11.45 -87.32 -11.63
C ASN AA 74 11.88 -85.92 -12.04
N VAL AA 75 10.93 -85.02 -12.18
CA VAL AA 75 11.26 -83.66 -12.58
C VAL AA 75 10.89 -82.73 -11.44
N PRO AA 76 11.74 -81.77 -11.08
CA PRO AA 76 11.35 -80.78 -10.08
C PRO AA 76 10.34 -79.81 -10.65
N GLU AA 77 9.77 -79.02 -9.74
CA GLU AA 77 8.74 -78.07 -10.12
C GLU AA 77 9.30 -76.98 -11.03
N TRP AA 78 8.45 -76.45 -11.90
CA TRP AA 78 8.92 -75.56 -12.94
C TRP AA 78 9.55 -74.30 -12.37
N TYR AA 79 9.08 -73.84 -11.22
CA TYR AA 79 9.69 -72.67 -10.62
C TYR AA 79 10.98 -73.00 -9.89
N ASP AA 80 11.37 -74.27 -9.83
CA ASP AA 80 12.65 -74.67 -9.26
C ASP AA 80 13.51 -75.43 -10.25
N ALA AA 81 13.14 -75.44 -11.53
CA ALA AA 81 13.90 -76.24 -12.48
C ALA AA 81 15.24 -75.61 -12.78
N GLY AA 82 15.33 -74.28 -12.78
CA GLY AA 82 16.60 -73.64 -13.06
C GLY AA 82 17.67 -74.01 -12.06
N LYS AA 83 17.38 -73.83 -10.77
CA LYS AA 83 18.38 -74.08 -9.74
C LYS AA 83 18.96 -75.47 -9.86
N VAL AA 84 18.08 -76.47 -9.81
CA VAL AA 84 18.55 -77.84 -9.89
C VAL AA 84 19.31 -78.06 -11.19
N ALA AA 85 18.84 -77.47 -12.29
CA ALA AA 85 19.54 -77.66 -13.55
C ALA AA 85 20.94 -77.08 -13.46
N ILE AA 86 21.07 -75.89 -12.87
CA ILE AA 86 22.39 -75.28 -12.81
C ILE AA 86 23.27 -76.00 -11.81
N GLU AA 87 22.68 -76.70 -10.83
CA GLU AA 87 23.53 -77.51 -9.97
C GLU AA 87 23.92 -78.80 -10.68
N ASN AA 88 23.09 -79.24 -11.63
CA ASN AA 88 23.44 -80.38 -12.46
C ASN AA 88 24.45 -80.01 -13.53
N SER AA 89 24.50 -78.74 -13.91
CA SER AA 89 25.20 -78.31 -15.12
C SER AA 89 26.69 -78.19 -14.88
N PHE AA 90 27.39 -77.60 -15.85
CA PHE AA 90 28.83 -77.47 -15.85
C PHE AA 90 29.33 -76.03 -15.84
N ALA AA 91 28.48 -75.06 -16.16
CA ALA AA 91 28.88 -73.67 -16.29
C ALA AA 91 27.97 -72.79 -15.45
N PRO AA 92 28.42 -71.59 -15.07
CA PRO AA 92 27.55 -70.67 -14.37
C PRO AA 92 26.53 -70.05 -15.31
N TRP AA 93 25.43 -69.57 -14.72
CA TRP AA 93 24.30 -69.13 -15.53
C TRP AA 93 24.62 -67.91 -16.37
N GLY AA 94 25.61 -67.10 -15.97
CA GLY AA 94 25.95 -65.92 -16.76
C GLY AA 94 26.45 -66.29 -18.16
N SER AA 95 27.36 -67.25 -18.24
CA SER AA 95 27.89 -67.63 -19.55
C SER AA 95 26.82 -68.26 -20.41
N LEU AA 96 25.93 -69.05 -19.80
CA LEU AA 96 24.84 -69.63 -20.58
C LEU AA 96 23.93 -68.56 -21.11
N LEU AA 97 23.63 -67.54 -20.30
CA LEU AA 97 22.78 -66.46 -20.78
C LEU AA 97 23.46 -65.69 -21.91
N ALA AA 98 24.77 -65.49 -21.81
CA ALA AA 98 25.48 -64.80 -22.88
C ALA AA 98 25.43 -65.60 -24.18
N VAL AA 99 25.68 -66.90 -24.09
CA VAL AA 99 25.68 -67.71 -25.30
C VAL AA 99 24.30 -67.75 -25.93
N GLN AA 100 23.26 -67.85 -25.10
CA GLN AA 100 21.93 -67.85 -25.70
C GLN AA 100 21.60 -66.47 -26.26
N LEU AA 101 22.10 -65.39 -25.67
CA LEU AA 101 21.89 -64.08 -26.26
C LEU AA 101 22.49 -64.02 -27.65
N PHE AA 102 23.73 -64.51 -27.82
CA PHE AA 102 24.34 -64.51 -29.14
C PHE AA 102 23.55 -65.36 -30.12
N LEU AA 103 23.36 -66.63 -29.78
CA LEU AA 103 22.78 -67.58 -30.72
C LEU AA 103 21.32 -67.26 -31.03
N CYS AA 104 20.61 -66.59 -30.14
CA CYS AA 104 19.25 -66.17 -30.44
C CYS AA 104 19.22 -64.83 -31.15
N GLY AA 105 20.16 -63.93 -30.86
CA GLY AA 105 20.18 -62.66 -31.54
C GLY AA 105 20.45 -62.82 -33.01
N PHE AA 106 21.35 -63.74 -33.37
CA PHE AA 106 21.59 -63.96 -34.78
C PHE AA 106 20.29 -64.32 -35.51
N VAL AA 107 19.58 -65.31 -34.98
CA VAL AA 107 18.38 -65.80 -35.64
C VAL AA 107 17.29 -64.74 -35.65
N GLU AA 108 17.09 -64.05 -34.54
CA GLU AA 108 16.05 -63.04 -34.53
C GLU AA 108 16.40 -61.89 -35.47
N ALA AA 109 17.68 -61.60 -35.65
CA ALA AA 109 18.06 -60.59 -36.64
C ALA AA 109 17.67 -61.03 -38.04
N LYS AA 110 17.95 -62.30 -38.37
CA LYS AA 110 17.49 -62.86 -39.63
C LYS AA 110 16.01 -62.62 -39.85
N ARG AA 111 15.21 -63.10 -38.90
CA ARG AA 111 13.78 -63.04 -39.05
C ARG AA 111 13.31 -61.60 -39.16
N TRP AA 112 13.95 -60.70 -38.41
CA TRP AA 112 13.57 -59.30 -38.45
C TRP AA 112 13.82 -58.70 -39.82
N GLN AA 113 14.99 -58.98 -40.41
CA GLN AA 113 15.25 -58.46 -41.74
C GLN AA 113 14.30 -59.07 -42.75
N ASP AA 114 13.82 -60.28 -42.51
CA ASP AA 114 12.80 -60.81 -43.40
C ASP AA 114 11.46 -60.10 -43.20
N ILE AA 115 11.20 -59.60 -42.00
CA ILE AA 115 9.97 -58.85 -41.80
C ILE AA 115 10.03 -57.50 -42.51
N ARG AA 116 11.17 -56.82 -42.42
CA ARG AA 116 11.27 -55.50 -43.05
C ARG AA 116 11.27 -55.61 -44.58
N LYS AA 117 11.91 -56.65 -45.12
CA LYS AA 117 11.89 -56.91 -46.56
C LYS AA 117 11.46 -58.36 -46.75
N PRO AA 118 10.41 -58.63 -47.53
CA PRO AA 118 9.88 -59.99 -47.58
C PRO AA 118 10.78 -61.00 -48.25
N GLY AA 119 11.41 -60.63 -49.37
CA GLY AA 119 12.25 -61.58 -50.06
C GLY AA 119 13.72 -61.35 -49.80
N SER AA 120 14.04 -60.98 -48.57
CA SER AA 120 15.37 -60.43 -48.28
C SER AA 120 16.42 -61.52 -48.20
N GLN AA 121 16.27 -62.46 -47.27
CA GLN AA 121 17.38 -63.32 -46.90
C GLN AA 121 17.87 -64.18 -48.05
N GLY AA 122 17.06 -64.37 -49.08
CA GLY AA 122 17.55 -65.08 -50.24
C GLY AA 122 18.05 -64.13 -51.31
N GLU AA 123 19.35 -63.87 -51.32
CA GLU AA 123 19.99 -63.14 -52.39
C GLU AA 123 21.39 -63.72 -52.54
N PRO AA 124 21.88 -63.85 -53.75
CA PRO AA 124 23.04 -64.73 -54.01
C PRO AA 124 24.29 -64.31 -53.27
N GLY AA 125 24.99 -65.32 -52.74
CA GLY AA 125 26.27 -65.14 -52.10
C GLY AA 125 26.22 -64.73 -50.65
N SER AA 126 25.03 -64.52 -50.08
CA SER AA 126 24.96 -64.00 -48.73
C SER AA 126 25.38 -65.06 -47.73
N PHE AA 127 24.66 -66.17 -47.69
CA PHE AA 127 25.10 -67.29 -46.89
C PHE AA 127 25.91 -68.25 -47.73
N LEU AA 128 26.40 -69.28 -47.08
CA LEU AA 128 27.24 -70.22 -47.77
C LEU AA 128 26.45 -71.14 -48.70
N GLY AA 129 25.14 -70.97 -48.80
CA GLY AA 129 24.38 -71.82 -49.70
C GLY AA 129 22.99 -72.17 -49.22
N PHE AA 130 22.65 -71.82 -47.98
CA PHE AA 130 21.27 -71.92 -47.56
C PHE AA 130 20.43 -70.76 -48.08
N GLU AA 131 21.04 -69.77 -48.72
CA GLU AA 131 20.28 -68.74 -49.42
C GLU AA 131 19.29 -69.34 -50.40
N ALA AA 132 19.50 -70.61 -50.78
CA ALA AA 132 18.55 -71.31 -51.62
C ALA AA 132 17.19 -71.40 -50.95
N SER AA 133 17.16 -71.72 -49.66
CA SER AA 133 15.92 -72.05 -48.97
C SER AA 133 15.72 -71.18 -47.75
N LEU AA 134 15.97 -69.88 -47.88
CA LEU AA 134 15.65 -68.95 -46.80
C LEU AA 134 14.75 -67.82 -47.29
N LYS AA 135 14.03 -68.03 -48.38
CA LYS AA 135 12.98 -67.10 -48.76
C LYS AA 135 11.71 -67.40 -47.97
N GLY AA 136 10.71 -66.54 -48.13
CA GLY AA 136 9.42 -66.78 -47.56
C GLY AA 136 8.57 -67.69 -48.44
N THR AA 137 7.34 -67.92 -47.99
CA THR AA 137 6.39 -68.70 -48.76
C THR AA 137 5.16 -67.84 -48.99
N SER AA 138 5.38 -66.60 -49.40
CA SER AA 138 4.35 -65.69 -49.89
C SER AA 138 3.37 -65.26 -48.80
N GLU AA 139 3.50 -65.81 -47.60
CA GLU AA 139 2.69 -65.41 -46.46
C GLU AA 139 3.63 -65.22 -45.29
N LEU AA 140 3.80 -63.98 -44.86
CA LEU AA 140 4.86 -63.64 -43.94
C LEU AA 140 4.59 -64.25 -42.58
N GLY AA 141 5.63 -64.83 -41.98
CA GLY AA 141 5.51 -65.57 -40.75
C GLY AA 141 5.45 -67.06 -40.93
N TYR AA 142 5.23 -67.53 -42.17
CA TYR AA 142 5.09 -68.95 -42.47
C TYR AA 142 6.12 -69.30 -43.55
N PRO AA 143 7.37 -69.49 -43.17
CA PRO AA 143 8.39 -69.87 -44.15
C PRO AA 143 8.28 -71.33 -44.52
N GLY AA 144 8.99 -71.71 -45.56
CA GLY AA 144 8.96 -73.10 -45.99
C GLY AA 144 10.30 -73.77 -45.90
N GLY AA 145 10.62 -74.61 -46.88
CA GLY AA 145 11.95 -75.17 -47.02
C GLY AA 145 12.36 -76.03 -45.84
N PRO AA 146 13.45 -75.65 -45.19
CA PRO AA 146 13.92 -76.43 -44.04
C PRO AA 146 12.98 -76.38 -42.87
N PHE AA 147 12.08 -75.41 -42.83
CA PHE AA 147 10.96 -75.45 -41.93
C PHE AA 147 9.80 -76.14 -42.62
N ASP AA 148 8.98 -76.84 -41.84
CA ASP AA 148 8.04 -77.83 -42.34
C ASP AA 148 8.79 -78.91 -43.10
N PRO AA 149 9.55 -79.77 -42.41
CA PRO AA 149 10.22 -80.86 -43.12
C PRO AA 149 9.27 -81.87 -43.73
N LEU AA 150 8.19 -82.22 -43.04
CA LEU AA 150 7.35 -83.34 -43.45
C LEU AA 150 6.48 -83.04 -44.65
N GLY AA 151 6.53 -81.83 -45.21
CA GLY AA 151 5.72 -81.54 -46.37
C GLY AA 151 4.26 -81.34 -46.10
N LEU AA 152 3.88 -81.14 -44.83
CA LEU AA 152 2.48 -80.96 -44.50
C LEU AA 152 1.91 -79.66 -45.06
N SER AA 153 2.76 -78.71 -45.41
CA SER AA 153 2.31 -77.40 -45.83
C SER AA 153 2.11 -77.29 -47.33
N LYS AA 154 2.06 -78.42 -48.04
CA LYS AA 154 1.96 -78.38 -49.50
C LYS AA 154 0.52 -78.40 -49.99
N GLU AA 155 -0.35 -79.17 -49.35
CA GLU AA 155 -1.73 -79.27 -49.79
C GLU AA 155 -2.48 -77.99 -49.49
N ALA AA 156 -3.32 -77.56 -50.43
CA ALA AA 156 -4.04 -76.30 -50.29
C ALA AA 156 -5.39 -76.44 -49.61
N ASP AA 157 -5.88 -77.66 -49.40
CA ASP AA 157 -7.21 -77.86 -48.84
C ASP AA 157 -7.21 -77.86 -47.32
N LYS AA 158 -6.09 -78.18 -46.68
CA LYS AA 158 -5.98 -78.17 -45.23
C LYS AA 158 -5.32 -76.91 -44.71
N TRP AA 159 -5.07 -75.94 -45.57
CA TRP AA 159 -4.19 -74.83 -45.21
C TRP AA 159 -4.80 -73.98 -44.10
N ALA AA 160 -6.00 -73.44 -44.34
CA ALA AA 160 -6.61 -72.56 -43.35
C ALA AA 160 -6.89 -73.30 -42.05
N ASP AA 161 -7.11 -74.61 -42.12
CA ASP AA 161 -7.36 -75.36 -40.90
C ASP AA 161 -6.09 -75.57 -40.09
N TRP AA 162 -4.97 -75.86 -40.73
CA TRP AA 162 -3.72 -75.92 -39.97
C TRP AA 162 -3.44 -74.57 -39.33
N LYS AA 163 -3.59 -73.49 -40.11
CA LYS AA 163 -3.41 -72.15 -39.55
C LYS AA 163 -4.28 -71.94 -38.31
N LEU AA 164 -5.57 -72.23 -38.45
CA LEU AA 164 -6.52 -71.89 -37.41
C LEU AA 164 -6.30 -72.73 -36.17
N LYS AA 165 -5.97 -74.00 -36.35
CA LYS AA 165 -5.60 -74.81 -35.19
C LYS AA 165 -4.39 -74.23 -34.48
N GLU AA 166 -3.40 -73.78 -35.26
CA GLU AA 166 -2.21 -73.20 -34.64
C GLU AA 166 -2.57 -71.99 -33.80
N VAL AA 167 -3.34 -71.07 -34.36
CA VAL AA 167 -3.59 -69.84 -33.62
C VAL AA 167 -4.49 -70.11 -32.41
N LYS AA 168 -5.45 -71.04 -32.54
CA LYS AA 168 -6.32 -71.31 -31.40
C LYS AA 168 -5.54 -71.98 -30.26
N ASN AA 169 -4.79 -73.04 -30.58
CA ASN AA 169 -3.99 -73.66 -29.53
C ASN AA 169 -3.01 -72.67 -28.94
N GLY AA 170 -2.49 -71.74 -29.74
CA GLY AA 170 -1.53 -70.80 -29.21
C GLY AA 170 -2.15 -69.82 -28.24
N ARG AA 171 -3.31 -69.27 -28.59
CA ARG AA 171 -3.98 -68.37 -27.67
C ARG AA 171 -4.29 -69.08 -26.37
N LEU AA 172 -4.76 -70.32 -26.47
CA LEU AA 172 -5.01 -71.10 -25.27
C LEU AA 172 -3.72 -71.31 -24.48
N ALA AA 173 -2.60 -71.48 -25.16
CA ALA AA 173 -1.34 -71.71 -24.47
C ALA AA 173 -0.89 -70.46 -23.71
N MET AA 174 -1.04 -69.29 -24.31
CA MET AA 174 -0.69 -68.05 -23.62
C MET AA 174 -1.53 -67.91 -22.36
N LEU AA 175 -2.83 -68.15 -22.48
CA LEU AA 175 -3.67 -68.13 -21.29
C LEU AA 175 -3.14 -69.12 -20.26
N ALA AA 176 -2.71 -70.30 -20.71
CA ALA AA 176 -2.22 -71.29 -19.78
C ALA AA 176 -0.98 -70.81 -19.04
N PHE AA 177 -0.07 -70.14 -19.73
CA PHE AA 177 1.14 -69.72 -19.04
C PHE AA 177 0.87 -68.60 -18.05
N LEU AA 178 0.00 -67.66 -18.42
CA LEU AA 178 -0.38 -66.65 -17.45
C LEU AA 178 -1.03 -67.29 -16.24
N GLY AA 179 -1.80 -68.36 -16.47
CA GLY AA 179 -2.36 -69.10 -15.36
C GLY AA 179 -1.29 -69.75 -14.50
N PHE AA 180 -0.24 -70.28 -15.13
CA PHE AA 180 0.84 -70.87 -14.35
C PHE AA 180 1.44 -69.84 -13.41
N VAL AA 181 1.69 -68.64 -13.94
CA VAL AA 181 2.29 -67.59 -13.11
C VAL AA 181 1.37 -67.24 -11.94
N ALA AA 182 0.10 -66.99 -12.24
CA ALA AA 182 -0.80 -66.55 -11.18
C ALA AA 182 -1.02 -67.65 -10.14
N GLN AA 183 -1.12 -68.90 -10.56
CA GLN AA 183 -1.27 -69.98 -9.60
C GLN AA 183 -0.01 -70.15 -8.77
N LYS AA 184 1.16 -69.84 -9.34
CA LYS AA 184 2.38 -69.91 -8.55
C LYS AA 184 2.35 -68.86 -7.44
N TYR AA 185 1.98 -67.62 -7.78
CA TYR AA 185 1.99 -66.58 -6.75
C TYR AA 185 0.80 -66.67 -5.81
N ALA AA 186 -0.26 -67.40 -6.18
CA ALA AA 186 -1.48 -67.39 -5.41
C ALA AA 186 -1.53 -68.51 -4.37
N THR AA 187 -1.44 -69.75 -4.82
CA THR AA 187 -1.57 -70.90 -3.92
C THR AA 187 -0.23 -71.39 -3.40
N GLY AA 188 0.78 -71.45 -4.25
CA GLY AA 188 2.09 -71.86 -3.82
C GLY AA 188 2.45 -73.31 -4.06
N ALA AA 189 1.95 -73.91 -5.13
CA ALA AA 189 2.31 -75.27 -5.49
C ALA AA 189 2.24 -75.42 -7.01
N GLY AA 190 2.60 -76.60 -7.48
CA GLY AA 190 2.62 -76.89 -8.90
C GLY AA 190 1.24 -76.91 -9.50
N PRO AA 191 1.15 -76.63 -10.80
CA PRO AA 191 -0.17 -76.59 -11.44
C PRO AA 191 -0.89 -77.92 -11.42
N VAL AA 192 -0.16 -79.02 -11.53
CA VAL AA 192 -0.80 -80.33 -11.46
C VAL AA 192 -1.43 -80.53 -10.09
N ASP AA 193 -0.76 -80.10 -9.04
CA ASP AA 193 -1.35 -80.24 -7.72
C ASP AA 193 -2.54 -79.31 -7.55
N ASN AA 194 -2.54 -78.15 -8.19
CA ASN AA 194 -3.73 -77.31 -8.15
C ASN AA 194 -4.90 -78.01 -8.82
N LEU AA 195 -4.65 -78.65 -9.96
CA LEU AA 195 -5.70 -79.40 -10.63
C LEU AA 195 -6.23 -80.53 -9.75
N ALA AA 196 -5.33 -81.24 -9.08
CA ALA AA 196 -5.77 -82.34 -8.21
C ALA AA 196 -6.55 -81.82 -7.02
N ALA AA 197 -6.08 -80.74 -6.38
CA ALA AA 197 -6.75 -80.20 -5.22
C ALA AA 197 -8.06 -79.52 -5.58
N HIS AA 198 -8.25 -79.16 -6.84
CA HIS AA 198 -9.54 -78.64 -7.23
C HIS AA 198 -10.52 -79.73 -7.61
N LEU AA 199 -10.05 -80.77 -8.29
CA LEU AA 199 -10.94 -81.90 -8.57
C LEU AA 199 -11.33 -82.62 -7.28
N LYS AA 200 -10.47 -82.59 -6.27
CA LYS AA 200 -10.79 -83.28 -5.02
C LYS AA 200 -11.93 -82.60 -4.28
N ASP AA 201 -11.97 -81.27 -4.30
CA ASP AA 201 -13.01 -80.52 -3.60
C ASP AA 201 -13.31 -79.24 -4.36
N PRO AA 202 -14.20 -79.31 -5.34
CA PRO AA 202 -14.39 -78.15 -6.22
C PRO AA 202 -15.06 -76.99 -5.53
N TRP AA 203 -16.09 -77.25 -4.75
CA TRP AA 203 -16.91 -76.18 -4.20
C TRP AA 203 -16.24 -75.47 -3.03
N HIS AA 204 -15.06 -75.92 -2.60
CA HIS AA 204 -14.35 -75.30 -1.50
C HIS AA 204 -12.99 -74.75 -1.87
N VAL AA 205 -12.34 -75.28 -2.89
CA VAL AA 205 -10.98 -74.89 -3.24
C VAL AA 205 -11.02 -74.26 -4.63
N ASN AA 206 -11.02 -72.94 -4.68
CA ASN AA 206 -10.89 -72.21 -5.93
C ASN AA 206 -10.37 -70.83 -5.57
N TYR AA 207 -10.44 -69.89 -6.50
CA TYR AA 207 -9.87 -68.58 -6.21
C TYR AA 207 -10.80 -67.72 -5.38
N ALA AA 208 -11.98 -68.20 -5.02
CA ALA AA 208 -12.79 -67.49 -4.05
C ALA AA 208 -12.35 -67.78 -2.62
N THR AA 209 -11.51 -68.78 -2.41
CA THR AA 209 -11.12 -69.20 -1.08
C THR AA 209 -9.65 -68.96 -0.76
N ASN AA 210 -8.80 -68.77 -1.76
CA ASN AA 210 -7.36 -68.68 -1.53
C ASN AA 210 -6.97 -67.42 -0.79
N GLY AA 211 -7.88 -66.47 -0.61
CA GLY AA 211 -7.64 -65.36 0.28
C GLY AA 211 -6.78 -64.26 -0.29
N VAL AA 212 -6.19 -64.45 -1.45
CA VAL AA 212 -5.43 -63.41 -2.12
C VAL AA 212 -6.15 -62.90 -3.36
N SER AA 213 -6.72 -63.82 -4.15
CA SER AA 213 -7.22 -63.46 -5.48
C SER AA 213 -8.40 -62.50 -5.41
N LEU AA 214 -9.10 -62.43 -4.30
CA LEU AA 214 -10.00 -61.31 -4.09
C LEU AA 214 -10.12 -61.09 -2.59
N PRO AA 215 -9.50 -60.04 -2.07
CA PRO AA 215 -9.44 -59.87 -0.62
C PRO AA 215 -10.63 -59.15 -0.03
N PHE AA 216 -11.48 -58.55 -0.86
CA PHE AA 216 -12.57 -57.75 -0.30
C PHE AA 216 -13.70 -58.63 0.24
N LEU AA 217 -13.89 -59.81 -0.30
CA LEU AA 217 -14.86 -60.73 0.27
C LEU AA 217 -14.23 -61.51 1.40
N PRO BA 1 75.46 0.32 -42.61
CA PRO BA 1 74.63 1.39 -42.06
C PRO BA 1 73.53 0.87 -41.16
N THR BA 2 72.65 0.04 -41.73
CA THR BA 2 71.49 -0.43 -41.01
C THR BA 2 71.85 -1.67 -40.18
N TRP BA 3 71.05 -1.92 -39.14
CA TRP BA 3 71.39 -2.93 -38.14
C TRP BA 3 71.45 -4.32 -38.74
N LEU BA 4 70.52 -4.67 -39.60
CA LEU BA 4 70.65 -5.99 -40.19
C LEU BA 4 71.50 -5.95 -41.45
N PRO BA 5 72.17 -7.04 -41.79
CA PRO BA 5 72.85 -7.09 -43.09
C PRO BA 5 71.83 -7.17 -44.21
N GLY BA 6 71.25 -6.02 -44.55
CA GLY BA 6 70.16 -5.96 -45.48
C GLY BA 6 68.88 -5.48 -44.82
N LEU BA 7 68.41 -4.31 -45.24
CA LEU BA 7 67.13 -3.76 -44.80
C LEU BA 7 66.78 -2.60 -45.70
N ASN BA 8 65.51 -2.49 -46.06
CA ASN BA 8 65.00 -1.33 -46.76
C ASN BA 8 64.52 -0.32 -45.73
N PRO BA 9 65.18 0.82 -45.58
CA PRO BA 9 64.91 1.68 -44.42
C PRO BA 9 63.52 2.27 -44.47
N PRO BA 10 62.81 2.26 -43.35
CA PRO BA 10 61.43 2.78 -43.34
C PRO BA 10 61.32 4.30 -43.38
N ALA BA 11 60.10 4.81 -43.19
CA ALA BA 11 59.83 6.24 -43.24
C ALA BA 11 60.22 6.92 -41.92
N HIS BA 12 61.47 6.73 -41.54
CA HIS BA 12 62.14 7.63 -40.62
C HIS BA 12 63.54 8.00 -41.08
N LEU BA 13 64.16 7.19 -41.93
CA LEU BA 13 65.42 7.54 -42.57
C LEU BA 13 65.10 8.03 -43.97
N LYS BA 14 65.17 9.33 -44.18
CA LYS BA 14 65.20 9.82 -45.55
C LYS BA 14 66.63 9.74 -46.09
N GLY BA 15 67.53 10.55 -45.55
CA GLY BA 15 68.95 10.30 -45.63
C GLY BA 15 69.65 10.66 -44.34
N ALA BA 16 68.97 11.41 -43.48
CA ALA BA 16 69.59 11.97 -42.29
C ALA BA 16 68.56 12.59 -41.36
N LEU BA 17 68.59 12.23 -40.08
CA LEU BA 17 67.84 12.98 -39.08
C LEU BA 17 68.78 13.62 -38.06
N ALA BA 18 69.52 12.82 -37.28
CA ALA BA 18 70.74 13.29 -36.64
C ALA BA 18 71.93 12.40 -36.98
N GLY BA 19 71.82 11.11 -36.69
CA GLY BA 19 72.70 10.08 -37.20
C GLY BA 19 71.89 8.81 -37.15
N ASP BA 20 71.72 8.13 -38.28
CA ASP BA 20 70.67 7.15 -38.43
C ASP BA 20 71.23 5.80 -38.84
N ASN BA 21 70.65 4.74 -38.28
CA ASN BA 21 71.03 3.38 -38.64
C ASN BA 21 69.82 2.53 -38.95
N GLY BA 22 68.70 3.15 -39.31
CA GLY BA 22 67.53 2.43 -39.78
C GLY BA 22 66.98 1.43 -38.80
N PHE BA 23 67.14 1.67 -37.50
CA PHE BA 23 66.76 0.69 -36.50
C PHE BA 23 65.45 1.12 -35.84
N ASP BA 24 64.35 0.77 -36.51
CA ASP BA 24 63.01 0.93 -35.94
C ASP BA 24 62.23 -0.34 -36.22
N PRO BA 25 62.56 -1.44 -35.53
CA PRO BA 25 61.85 -2.69 -35.79
C PRO BA 25 60.41 -2.65 -35.35
N LEU BA 26 60.08 -1.91 -34.30
CA LEU BA 26 58.69 -1.80 -33.88
C LEU BA 26 57.93 -0.79 -34.73
N GLY BA 27 58.61 0.26 -35.17
CA GLY BA 27 57.94 1.29 -35.94
C GLY BA 27 57.22 2.31 -35.08
N LEU BA 28 57.97 3.03 -34.25
CA LEU BA 28 57.42 4.16 -33.50
C LEU BA 28 57.71 5.50 -34.16
N GLY BA 29 58.93 5.70 -34.64
CA GLY BA 29 59.33 6.99 -35.14
C GLY BA 29 58.70 7.33 -36.46
N GLN BA 30 57.40 7.60 -36.47
CA GLN BA 30 56.76 7.94 -37.72
C GLN BA 30 55.94 9.22 -37.69
N ASP BA 31 55.29 9.50 -36.57
CA ASP BA 31 54.48 10.70 -36.50
C ASP BA 31 55.35 11.93 -36.65
N GLU BA 32 54.86 12.87 -37.43
CA GLU BA 32 55.64 14.07 -37.68
C GLU BA 32 55.54 15.02 -36.49
N GLY BA 33 56.69 15.55 -36.09
CA GLY BA 33 56.82 16.33 -34.88
C GLY BA 33 57.12 15.45 -33.69
N ARG BA 34 56.41 14.33 -33.57
CA ARG BA 34 56.69 13.38 -32.51
C ARG BA 34 58.07 12.75 -32.65
N LEU BA 35 58.47 12.43 -33.88
CA LEU BA 35 59.82 11.93 -34.09
C LEU BA 35 60.86 12.98 -33.72
N LYS BA 36 60.54 14.25 -33.92
CA LYS BA 36 61.43 15.33 -33.48
C LYS BA 36 61.54 15.37 -31.96
N TRP BA 37 60.42 15.22 -31.28
CA TRP BA 37 60.45 15.16 -29.82
C TRP BA 37 61.27 13.97 -29.34
N TYR BA 38 61.10 12.82 -29.98
CA TYR BA 38 61.91 11.67 -29.62
C TYR BA 38 63.39 11.93 -29.88
N ALA BA 39 63.71 12.64 -30.97
CA ALA BA 39 65.11 12.95 -31.23
C ALA BA 39 65.70 13.80 -30.10
N GLU BA 40 64.99 14.85 -29.70
CA GLU BA 40 65.49 15.68 -28.61
C GLU BA 40 65.58 14.89 -27.32
N ALA BA 41 64.60 14.00 -27.08
CA ALA BA 41 64.66 13.18 -25.88
C ALA BA 41 65.85 12.24 -25.91
N GLU BA 42 66.14 11.64 -27.07
CA GLU BA 42 67.30 10.77 -27.18
C GLU BA 42 68.57 11.53 -26.87
N LYS BA 43 68.69 12.73 -27.43
CA LYS BA 43 69.88 13.53 -27.17
C LYS BA 43 70.01 13.84 -25.67
N THR BA 44 68.92 14.24 -25.02
CA THR BA 44 69.08 14.68 -23.64
C THR BA 44 69.24 13.52 -22.67
N ASN BA 45 68.58 12.38 -22.93
CA ASN BA 45 68.88 11.20 -22.15
C ASN BA 45 70.35 10.81 -22.31
N GLY BA 46 70.87 10.95 -23.52
CA GLY BA 46 72.29 10.72 -23.70
C GLY BA 46 73.13 11.67 -22.89
N ARG BA 47 72.73 12.93 -22.84
CA ARG BA 47 73.51 13.92 -22.10
C ARG BA 47 73.57 13.56 -20.63
N TRP BA 48 72.42 13.25 -20.04
CA TRP BA 48 72.47 12.87 -18.63
C TRP BA 48 73.21 11.55 -18.45
N ALA BA 49 73.16 10.66 -19.43
CA ALA BA 49 73.89 9.40 -19.28
C ALA BA 49 75.40 9.60 -19.37
N MET BA 50 75.83 10.52 -20.24
CA MET BA 50 77.25 10.83 -20.32
C MET BA 50 77.73 11.48 -19.03
N MET BA 51 76.97 12.44 -18.52
CA MET BA 51 77.32 13.03 -17.23
C MET BA 51 77.29 12.00 -16.12
N ALA BA 52 76.41 11.01 -16.21
CA ALA BA 52 76.32 9.99 -15.17
C ALA BA 52 77.50 9.03 -15.21
N VAL BA 53 77.89 8.58 -16.41
CA VAL BA 53 79.02 7.67 -16.47
C VAL BA 53 80.29 8.40 -16.10
N ALA BA 54 80.45 9.63 -16.57
CA ALA BA 54 81.54 10.45 -16.05
C ALA BA 54 81.45 10.54 -14.54
N GLY BA 55 80.24 10.63 -14.01
CA GLY BA 55 80.09 10.78 -12.57
C GLY BA 55 80.58 9.58 -11.80
N ILE BA 56 80.11 8.39 -12.17
CA ILE BA 56 80.53 7.20 -11.43
C ILE BA 56 82.02 6.94 -11.62
N LEU BA 57 82.51 7.03 -12.87
CA LEU BA 57 83.91 6.72 -13.09
C LEU BA 57 84.81 7.79 -12.47
N GLY BA 58 84.31 9.01 -12.34
CA GLY BA 58 85.08 10.07 -11.72
C GLY BA 58 85.07 9.94 -10.22
N GLN BA 59 83.94 9.52 -9.67
CA GLN BA 59 83.90 9.24 -8.24
C GLN BA 59 84.89 8.15 -7.89
N GLU BA 60 84.95 7.10 -8.71
CA GLU BA 60 85.80 5.97 -8.33
C GLU BA 60 87.28 6.26 -8.57
N LEU BA 61 87.63 6.96 -9.64
CA LEU BA 61 89.05 7.18 -9.88
C LEU BA 61 89.62 8.22 -8.92
N LEU BA 62 88.81 9.16 -8.46
CA LEU BA 62 89.25 10.21 -7.55
C LEU BA 62 89.20 9.77 -6.09
N GLY BA 63 88.90 8.50 -5.83
CA GLY BA 63 89.02 7.93 -4.50
C GLY BA 63 88.03 8.41 -3.45
N VAL BA 64 86.74 8.41 -3.76
CA VAL BA 64 85.75 8.69 -2.72
C VAL BA 64 85.49 7.44 -1.90
N THR BA 65 84.88 7.64 -0.72
CA THR BA 65 84.82 6.56 0.26
C THR BA 65 83.80 5.48 -0.12
N PRO BA 66 82.51 5.79 -0.29
CA PRO BA 66 81.56 4.73 -0.62
C PRO BA 66 81.58 4.48 -2.12
N ALA BA 67 80.77 3.52 -2.55
CA ALA BA 67 80.55 3.34 -3.98
C ALA BA 67 79.48 4.30 -4.45
N TRP BA 68 79.13 4.22 -5.73
CA TRP BA 68 78.19 5.20 -6.26
C TRP BA 68 76.77 4.98 -5.79
N TRP BA 69 76.42 3.75 -5.40
CA TRP BA 69 75.04 3.47 -5.02
C TRP BA 69 74.75 3.78 -3.56
N GLU BA 70 75.74 3.61 -2.68
CA GLU BA 70 75.60 4.01 -1.29
C GLU BA 70 76.01 5.45 -1.05
N ALA BA 71 76.17 6.24 -2.11
CA ALA BA 71 76.61 7.62 -1.95
C ALA BA 71 75.49 8.55 -1.56
N GLY BA 72 74.26 8.06 -1.50
CA GLY BA 72 73.16 8.94 -1.17
C GLY BA 72 73.00 9.24 0.30
N ALA BA 73 73.61 8.44 1.17
CA ALA BA 73 73.26 8.48 2.58
C ALA BA 73 74.48 8.38 3.48
N LYS BA 74 75.55 9.13 3.19
CA LYS BA 74 76.63 9.15 4.17
C LYS BA 74 76.30 10.14 5.28
N GLU BA 75 76.42 11.43 4.97
CA GLU BA 75 76.07 12.55 5.82
C GLU BA 75 76.45 13.79 5.02
N TYR BA 76 75.77 14.91 5.24
CA TYR BA 76 76.18 16.16 4.63
C TYR BA 76 75.92 17.27 5.65
N ASP BA 77 76.13 18.51 5.23
CA ASP BA 77 75.97 19.62 6.16
C ASP BA 77 74.56 20.18 6.17
N ILE BA 78 73.80 19.98 5.09
CA ILE BA 78 72.45 20.54 4.96
C ILE BA 78 71.39 19.71 5.68
N PRO BA 79 71.46 18.37 5.73
CA PRO BA 79 72.17 17.35 4.98
C PRO BA 79 71.36 16.55 3.94
N ALA BA 80 70.10 16.23 4.20
CA ALA BA 80 69.39 15.37 3.25
C ALA BA 80 67.98 15.84 2.90
N GLN BA 81 67.24 16.37 3.87
CA GLN BA 81 65.84 16.69 3.65
C GLN BA 81 65.67 17.97 2.86
N ALA BA 82 66.56 18.93 3.04
CA ALA BA 82 66.50 20.18 2.31
C ALA BA 82 67.24 20.12 0.99
N LEU BA 83 67.69 18.94 0.58
CA LEU BA 83 68.38 18.79 -0.70
C LEU BA 83 67.44 18.50 -1.85
N THR BA 84 66.22 18.04 -1.56
CA THR BA 84 65.25 17.86 -2.64
C THR BA 84 64.72 19.18 -3.17
N PRO BA 85 64.18 20.09 -2.36
CA PRO BA 85 63.53 21.27 -2.96
C PRO BA 85 64.51 22.16 -3.71
N ILE BA 86 65.73 22.34 -3.20
CA ILE BA 86 66.70 23.14 -3.93
C ILE BA 86 66.91 22.55 -5.31
N GLU BA 87 67.15 21.24 -5.37
CA GLU BA 87 67.24 20.57 -6.67
C GLU BA 87 66.03 20.91 -7.51
N PHE BA 88 64.84 20.72 -6.95
CA PHE BA 88 63.63 20.96 -7.73
C PHE BA 88 63.59 22.39 -8.24
N ILE BA 89 63.99 23.34 -7.42
CA ILE BA 89 63.92 24.73 -7.85
C ILE BA 89 64.94 24.98 -8.96
N VAL BA 90 66.18 24.55 -8.76
CA VAL BA 90 67.21 24.91 -9.72
C VAL BA 90 66.93 24.23 -11.05
N MET BA 91 66.72 22.92 -11.01
CA MET BA 91 66.36 22.22 -12.22
C MET BA 91 65.08 22.77 -12.81
N GLY BA 92 64.18 23.30 -11.97
CA GLY BA 92 63.00 23.91 -12.53
C GLY BA 92 63.35 25.06 -13.45
N PHE BA 93 64.11 26.02 -12.92
CA PHE BA 93 64.38 27.21 -13.71
C PHE BA 93 65.07 26.81 -15.01
N LEU BA 94 66.24 26.19 -14.88
CA LEU BA 94 66.97 25.77 -16.07
C LEU BA 94 66.04 25.02 -17.02
N GLU BA 95 65.23 24.10 -16.49
CA GLU BA 95 64.53 23.22 -17.40
C GLU BA 95 63.39 23.95 -18.09
N ILE BA 96 62.68 24.82 -17.38
CA ILE BA 96 61.62 25.53 -18.06
C ILE BA 96 62.23 26.55 -19.01
N LYS BA 97 63.45 26.97 -18.74
CA LYS BA 97 64.14 27.75 -19.76
C LYS BA 97 64.32 26.89 -21.00
N ARG BA 98 64.90 25.69 -20.82
CA ARG BA 98 65.20 24.82 -21.95
C ARG BA 98 63.94 24.59 -22.77
N TYR BA 99 62.89 24.11 -22.12
CA TYR BA 99 61.67 23.82 -22.84
C TYR BA 99 61.08 25.07 -23.48
N GLN BA 100 61.04 26.19 -22.75
CA GLN BA 100 60.32 27.30 -23.33
C GLN BA 100 61.11 27.94 -24.45
N GLY BA 101 62.35 27.54 -24.65
CA GLY BA 101 63.02 27.98 -25.84
C GLY BA 101 62.71 26.97 -26.91
N PHE BA 102 62.87 25.69 -26.54
CA PHE BA 102 62.76 24.62 -27.52
C PHE BA 102 61.40 24.57 -28.15
N LYS BA 103 60.37 24.96 -27.41
CA LYS BA 103 59.03 24.96 -27.98
C LYS BA 103 58.87 26.07 -29.01
N GLN BA 104 59.36 27.27 -28.71
CA GLN BA 104 59.00 28.37 -29.60
C GLN BA 104 59.95 28.47 -30.79
N THR BA 105 61.24 28.66 -30.52
CA THR BA 105 62.14 28.98 -31.62
C THR BA 105 63.20 27.92 -31.86
N GLY BA 106 64.05 27.64 -30.88
CA GLY BA 106 65.19 26.80 -31.15
C GLY BA 106 64.87 25.33 -31.05
N THR BA 107 64.66 24.67 -32.18
CA THR BA 107 64.32 23.26 -32.16
C THR BA 107 65.54 22.38 -31.88
N SER BA 108 66.65 22.98 -31.47
CA SER BA 108 67.75 22.26 -30.86
C SER BA 108 67.83 22.66 -29.40
N GLY BA 109 68.73 22.01 -28.68
CA GLY BA 109 68.86 22.31 -27.28
C GLY BA 109 69.65 23.57 -27.04
N PHE BA 110 69.69 23.96 -25.77
CA PHE BA 110 70.55 25.02 -25.26
C PHE BA 110 70.49 24.95 -23.75
N ILE BA 111 71.04 25.94 -23.07
CA ILE BA 111 71.01 25.99 -21.61
C ILE BA 111 70.29 27.24 -21.10
N ASN BA 112 70.52 28.40 -21.72
CA ASN BA 112 69.94 29.63 -21.20
C ASN BA 112 69.75 30.60 -22.36
N SER BA 113 68.53 30.66 -22.91
CA SER BA 113 68.14 31.72 -23.83
C SER BA 113 69.05 31.81 -25.07
N PHE BA 114 69.65 30.71 -25.49
CA PHE BA 114 70.54 30.70 -26.65
C PHE BA 114 70.11 29.62 -27.64
N PRO BA 115 70.70 29.62 -28.83
CA PRO BA 115 71.24 28.37 -29.36
C PRO BA 115 72.67 28.24 -28.85
N PHE BA 116 72.95 27.28 -27.99
CA PHE BA 116 74.14 27.36 -27.14
C PHE BA 116 75.38 26.86 -27.89
N ASP BA 117 76.33 27.77 -28.14
CA ASP BA 117 77.58 27.41 -28.79
C ASP BA 117 78.65 28.48 -28.59
N PRO BA 118 79.16 28.66 -27.37
CA PRO BA 118 80.10 29.76 -27.12
C PRO BA 118 81.43 29.62 -27.83
N ALA BA 119 82.12 28.50 -27.61
CA ALA BA 119 83.50 28.32 -28.06
C ALA BA 119 83.67 26.94 -28.66
N GLY BA 120 82.73 26.52 -29.48
CA GLY BA 120 82.82 25.20 -30.07
C GLY BA 120 82.56 25.20 -31.57
N MET BA 121 82.44 24.02 -32.13
CA MET BA 121 82.23 23.83 -33.55
C MET BA 121 80.93 23.08 -33.78
N ASN BA 122 80.20 23.44 -34.82
CA ASN BA 122 78.91 22.81 -35.12
C ASN BA 122 78.96 22.24 -36.54
N SER BA 123 79.10 20.92 -36.63
CA SER BA 123 79.08 20.20 -37.90
C SER BA 123 78.49 18.84 -37.65
N PRO BA 124 77.89 18.21 -38.66
CA PRO BA 124 77.32 16.88 -38.45
C PRO BA 124 78.33 15.86 -37.95
N SER BA 125 79.62 16.05 -38.25
CA SER BA 125 80.62 15.17 -37.69
C SER BA 125 80.73 15.30 -36.18
N MET BA 126 80.17 16.35 -35.59
CA MET BA 126 80.01 16.43 -34.15
C MET BA 126 78.65 15.98 -33.68
N ALA BA 127 77.61 16.17 -34.48
CA ALA BA 127 76.28 15.69 -34.10
C ALA BA 127 76.24 14.18 -34.02
N THR BA 128 76.80 13.49 -35.01
CA THR BA 128 76.78 12.03 -34.97
C THR BA 128 77.62 11.50 -33.82
N LYS BA 129 78.75 12.14 -33.53
CA LYS BA 129 79.53 11.75 -32.36
C LYS BA 129 78.73 11.97 -31.08
N GLU BA 130 77.99 13.09 -31.00
CA GLU BA 130 77.18 13.33 -29.81
C GLU BA 130 76.14 12.23 -29.62
N VAL BA 131 75.40 11.91 -30.68
CA VAL BA 131 74.35 10.91 -30.54
C VAL BA 131 74.95 9.54 -30.26
N LYS BA 132 76.05 9.21 -30.93
CA LYS BA 132 76.67 7.90 -30.74
C LYS BA 132 77.20 7.75 -29.32
N ASN BA 133 77.90 8.76 -28.81
CA ASN BA 133 78.36 8.68 -27.44
C ASN BA 133 77.20 8.67 -26.47
N GLY BA 134 76.10 9.35 -26.81
CA GLY BA 134 74.94 9.31 -25.93
C GLY BA 134 74.35 7.91 -25.81
N ARG BA 135 74.18 7.24 -26.96
CA ARG BA 135 73.70 5.87 -26.92
C ARG BA 135 74.67 4.97 -26.16
N LEU BA 136 75.96 5.13 -26.44
CA LEU BA 136 76.98 4.35 -25.75
C LEU BA 136 76.88 4.57 -24.25
N ALA BA 137 76.58 5.81 -23.83
CA ALA BA 137 76.53 6.11 -22.42
C ALA BA 137 75.25 5.62 -21.75
N MET BA 138 74.13 5.62 -22.46
CA MET BA 138 72.93 5.05 -21.86
C MET BA 138 73.12 3.56 -21.63
N VAL BA 139 73.62 2.86 -22.65
CA VAL BA 139 73.86 1.43 -22.48
C VAL BA 139 74.92 1.20 -21.40
N ALA BA 140 75.92 2.08 -21.34
CA ALA BA 140 76.95 1.95 -20.32
C ALA BA 140 76.36 2.08 -18.93
N PHE BA 141 75.52 3.08 -18.70
CA PHE BA 141 75.01 3.31 -17.36
C PHE BA 141 74.10 2.18 -16.92
N ILE BA 142 73.30 1.65 -17.83
CA ILE BA 142 72.49 0.51 -17.41
C ILE BA 142 73.38 -0.70 -17.15
N GLY BA 143 74.52 -0.78 -17.86
CA GLY BA 143 75.51 -1.78 -17.50
C GLY BA 143 76.01 -1.61 -16.08
N PHE BA 144 76.37 -0.38 -15.71
CA PHE BA 144 76.79 -0.12 -14.34
C PHE BA 144 75.75 -0.58 -13.36
N CYS BA 145 74.49 -0.23 -13.63
CA CYS BA 145 73.42 -0.52 -12.68
C CYS BA 145 73.27 -2.02 -12.47
N VAL BA 146 73.07 -2.78 -13.56
CA VAL BA 146 72.83 -4.21 -13.38
C VAL BA 146 74.08 -4.92 -12.90
N GLN BA 147 75.24 -4.50 -13.38
CA GLN BA 147 76.50 -5.11 -12.97
C GLN BA 147 76.74 -4.90 -11.49
N ALA BA 148 76.46 -3.69 -10.99
CA ALA BA 148 76.60 -3.40 -9.57
C ALA BA 148 75.59 -4.19 -8.76
N LEU BA 149 74.40 -4.41 -9.32
CA LEU BA 149 73.39 -5.17 -8.60
C LEU BA 149 73.76 -6.64 -8.48
N ALA BA 150 74.43 -7.19 -9.47
CA ALA BA 150 74.73 -8.62 -9.43
C ALA BA 150 76.07 -8.94 -8.78
N THR BA 151 77.06 -8.07 -8.95
CA THR BA 151 78.41 -8.36 -8.47
C THR BA 151 78.77 -7.62 -7.20
N ARG BA 152 78.06 -6.54 -6.88
CA ARG BA 152 78.38 -5.69 -5.73
C ARG BA 152 79.81 -5.18 -5.80
N THR BA 153 80.20 -4.72 -6.99
CA THR BA 153 81.54 -4.18 -7.20
C THR BA 153 81.46 -2.80 -7.82
N GLN BA 154 82.47 -1.99 -7.53
CA GLN BA 154 82.70 -0.80 -8.33
C GLN BA 154 83.17 -1.22 -9.72
N PRO BA 155 82.87 -0.42 -10.75
CA PRO BA 155 83.11 -0.89 -12.12
C PRO BA 155 84.54 -1.29 -12.43
N ILE BA 156 85.54 -0.58 -11.92
CA ILE BA 156 86.91 -0.96 -12.25
C ILE BA 156 87.29 -2.21 -11.51
N GLU BA 157 86.68 -2.47 -10.35
CA GLU BA 157 86.83 -3.79 -9.75
C GLU BA 157 86.33 -4.87 -10.70
N GLY BA 158 85.20 -4.63 -11.35
CA GLY BA 158 84.71 -5.60 -12.32
C GLY BA 158 85.64 -5.78 -13.49
N LEU BA 159 86.12 -4.67 -14.06
CA LEU BA 159 86.95 -4.78 -15.25
C LEU BA 159 88.30 -5.43 -14.93
N THR BA 160 88.92 -5.08 -13.80
CA THR BA 160 90.20 -5.68 -13.47
C THR BA 160 90.02 -7.13 -13.01
N ALA BA 161 88.93 -7.44 -12.30
CA ALA BA 161 88.64 -8.81 -11.94
C ALA BA 161 88.31 -9.67 -13.15
N HIS BA 162 87.87 -9.05 -14.24
CA HIS BA 162 87.67 -9.79 -15.48
C HIS BA 162 88.97 -9.91 -16.27
N LEU BA 163 89.83 -8.90 -16.21
CA LEU BA 163 91.11 -8.96 -16.92
C LEU BA 163 92.12 -9.86 -16.22
N ALA BA 164 91.96 -10.07 -14.91
CA ALA BA 164 92.80 -11.05 -14.22
C ALA BA 164 92.44 -12.47 -14.58
N ASP BA 165 91.22 -12.71 -15.05
CA ASP BA 165 90.75 -14.05 -15.38
C ASP BA 165 89.63 -13.97 -16.41
N PRO BA 166 89.96 -14.01 -17.69
CA PRO BA 166 88.91 -13.96 -18.71
C PRO BA 166 88.02 -15.19 -18.68
N PHE BA 167 88.62 -16.38 -18.75
CA PHE BA 167 87.86 -17.63 -18.73
C PHE BA 167 87.54 -17.94 -17.27
N GLY BA 168 86.38 -17.46 -16.84
CA GLY BA 168 86.07 -17.33 -15.43
C GLY BA 168 85.75 -15.88 -15.07
N LYS BA 169 85.17 -15.72 -13.88
CA LYS BA 169 84.71 -14.41 -13.43
C LYS BA 169 83.76 -13.76 -14.43
N ASN BA 170 82.98 -14.59 -15.12
CA ASN BA 170 82.06 -14.10 -16.14
C ASN BA 170 80.68 -13.88 -15.52
N ILE BA 171 79.68 -13.64 -16.36
CA ILE BA 171 78.32 -13.48 -15.83
C ILE BA 171 77.81 -14.80 -15.28
N THR BA 172 78.26 -15.92 -15.84
CA THR BA 172 77.87 -17.23 -15.32
C THR BA 172 78.33 -17.41 -13.89
N TYR BA 173 79.56 -16.99 -13.59
CA TYR BA 173 80.06 -17.07 -12.22
C TYR BA 173 79.17 -16.27 -11.27
N TYR BA 174 79.05 -14.96 -11.51
CA TYR BA 174 78.36 -14.10 -10.56
C TYR BA 174 76.86 -14.32 -10.55
N LEU BA 175 76.31 -15.04 -11.52
CA LEU BA 175 74.91 -15.43 -11.42
C LEU BA 175 74.71 -16.81 -10.83
N THR BA 176 75.74 -17.65 -10.80
CA THR BA 176 75.65 -18.95 -10.18
C THR BA 176 76.50 -19.08 -8.92
N HIS BA 177 77.03 -17.98 -8.41
CA HIS BA 177 77.76 -17.98 -7.15
C HIS BA 177 77.35 -16.76 -6.34
N LEU BA 178 76.05 -16.52 -6.29
CA LEU BA 178 75.45 -15.32 -5.72
C LEU BA 178 75.57 -15.22 -4.21
N PRO BA 179 75.46 -16.31 -3.44
CA PRO BA 179 75.74 -16.22 -2.00
C PRO BA 179 77.20 -15.97 -1.65
N GLU BA 180 78.14 -16.24 -2.56
CA GLU BA 180 79.53 -15.87 -2.29
C GLU BA 180 79.70 -14.36 -2.20
N THR BA 181 79.03 -13.62 -3.10
CA THR BA 181 79.17 -12.18 -3.18
C THR BA 181 78.15 -11.44 -2.31
N LEU BA 182 77.40 -12.15 -1.47
CA LEU BA 182 76.52 -11.50 -0.52
C LEU BA 182 76.75 -12.04 0.88
N LYS CA 1 20.26 -92.17 -61.96
CA LYS CA 1 19.28 -92.89 -61.17
C LYS CA 1 19.88 -94.17 -60.62
N ALA CA 2 20.53 -94.09 -59.47
CA ALA CA 2 21.01 -95.31 -58.81
C ALA CA 2 19.87 -96.05 -58.11
N GLY CA 3 18.75 -95.38 -57.89
CA GLY CA 3 17.62 -96.00 -57.21
C GLY CA 3 16.55 -94.97 -56.94
N ASN CA 4 15.72 -95.26 -55.94
CA ASN CA 4 14.70 -94.30 -55.49
C ASN CA 4 14.45 -94.53 -54.01
N TRP CA 5 14.70 -93.50 -53.20
CA TRP CA 5 14.68 -93.64 -51.74
C TRP CA 5 13.30 -93.90 -51.17
N LEU CA 6 12.25 -93.91 -51.99
CA LEU CA 6 10.90 -94.08 -51.49
C LEU CA 6 10.00 -94.57 -52.61
N PRO CA 7 9.80 -95.88 -52.75
CA PRO CA 7 9.12 -96.39 -53.95
C PRO CA 7 7.78 -95.74 -54.19
N GLY CA 8 7.55 -95.33 -55.44
CA GLY CA 8 6.30 -94.71 -55.82
C GLY CA 8 6.37 -93.20 -55.93
N SER CA 9 7.04 -92.54 -54.99
CA SER CA 9 7.09 -91.09 -54.99
C SER CA 9 7.90 -90.58 -56.18
N ASP CA 10 7.52 -89.42 -56.68
CA ASP CA 10 8.19 -88.83 -57.83
C ASP CA 10 9.52 -88.22 -57.43
N ALA CA 11 10.47 -88.25 -58.37
CA ALA CA 11 11.76 -87.64 -58.13
C ALA CA 11 11.65 -86.11 -58.19
N PRO CA 12 12.47 -85.41 -57.41
CA PRO CA 12 12.49 -83.95 -57.51
C PRO CA 12 12.99 -83.49 -58.86
N ALA CA 13 12.48 -82.35 -59.31
CA ALA CA 13 12.80 -81.85 -60.64
C ALA CA 13 14.22 -81.25 -60.71
N TRP CA 14 14.74 -80.73 -59.61
CA TRP CA 14 16.01 -80.03 -59.65
C TRP CA 14 17.22 -80.96 -59.63
N LEU CA 15 17.04 -82.24 -59.29
CA LEU CA 15 18.15 -83.19 -59.37
C LEU CA 15 18.36 -83.59 -60.82
N PRO CA 16 19.55 -83.40 -61.39
CA PRO CA 16 19.82 -83.92 -62.72
C PRO CA 16 20.19 -85.39 -62.67
N ASP CA 17 19.83 -86.10 -63.74
CA ASP CA 17 19.96 -87.56 -63.75
C ASP CA 17 21.42 -87.99 -63.78
N ASP CA 18 22.22 -87.41 -64.67
CA ASP CA 18 23.62 -87.77 -64.72
C ASP CA 18 24.35 -87.17 -63.52
N LEU CA 19 24.40 -87.93 -62.43
CA LEU CA 19 25.01 -87.48 -61.19
C LEU CA 19 25.17 -88.69 -60.27
N PRO CA 20 26.30 -88.83 -59.59
CA PRO CA 20 26.50 -90.00 -58.73
C PRO CA 20 25.65 -89.93 -57.48
N GLY CA 21 25.13 -91.09 -57.07
CA GLY CA 21 24.29 -91.16 -55.89
C GLY CA 21 23.02 -90.36 -56.02
N ASN CA 22 22.42 -90.34 -57.22
CA ASN CA 22 21.20 -89.58 -57.45
C ASN CA 22 20.00 -90.46 -57.14
N TYR CA 23 19.62 -90.48 -55.87
CA TYR CA 23 18.44 -91.19 -55.43
C TYR CA 23 17.21 -90.30 -55.36
N GLY CA 24 17.35 -88.99 -55.57
CA GLY CA 24 16.23 -88.09 -55.45
C GLY CA 24 15.83 -87.83 -54.01
N PHE CA 25 16.78 -87.87 -53.08
CA PHE CA 25 16.50 -87.72 -51.66
C PHE CA 25 16.59 -86.25 -51.28
N ASP CA 26 15.45 -85.59 -51.23
CA ASP CA 26 15.46 -84.22 -50.75
C ASP CA 26 14.09 -83.78 -50.26
N PRO CA 27 13.74 -84.07 -49.01
CA PRO CA 27 12.44 -83.59 -48.52
C PRO CA 27 12.42 -82.09 -48.27
N LEU CA 28 13.52 -81.53 -47.80
CA LEU CA 28 13.54 -80.12 -47.43
C LEU CA 28 13.70 -79.19 -48.61
N SER CA 29 13.93 -79.72 -49.81
CA SER CA 29 14.18 -78.90 -51.00
C SER CA 29 15.40 -78.01 -50.79
N LEU CA 30 16.49 -78.62 -50.32
CA LEU CA 30 17.69 -77.85 -49.99
C LEU CA 30 18.52 -77.51 -51.23
N GLY CA 31 18.47 -78.33 -52.27
CA GLY CA 31 19.32 -78.07 -53.42
C GLY CA 31 18.55 -77.65 -54.65
N LYS CA 32 17.50 -76.85 -54.47
CA LYS CA 32 16.67 -76.46 -55.61
C LYS CA 32 17.38 -75.49 -56.54
N GLU CA 33 18.37 -74.75 -56.05
CA GLU CA 33 19.11 -73.72 -56.76
C GLU CA 33 20.44 -74.27 -57.26
N PRO CA 34 20.91 -73.82 -58.43
CA PRO CA 34 22.06 -74.47 -59.08
C PRO CA 34 23.37 -74.36 -58.32
N ALA CA 35 23.80 -73.11 -58.03
CA ALA CA 35 25.12 -72.91 -57.43
C ALA CA 35 25.20 -73.59 -56.07
N SER CA 36 24.14 -73.47 -55.27
CA SER CA 36 24.11 -74.13 -53.98
C SER CA 36 24.23 -75.63 -54.13
N LEU CA 37 23.56 -76.20 -55.14
CA LEU CA 37 23.65 -77.64 -55.37
C LEU CA 37 25.08 -78.05 -55.71
N LYS CA 38 25.76 -77.25 -56.53
CA LYS CA 38 27.15 -77.59 -56.86
C LYS CA 38 28.01 -77.57 -55.61
N ARG CA 39 27.84 -76.55 -54.77
CA ARG CA 39 28.61 -76.49 -53.54
C ARG CA 39 28.33 -77.69 -52.67
N PHE CA 40 27.07 -78.13 -52.62
CA PHE CA 40 26.73 -79.27 -51.79
C PHE CA 40 27.33 -80.56 -52.34
N THR CA 41 27.43 -80.70 -53.66
CA THR CA 41 28.10 -81.87 -54.22
C THR CA 41 29.56 -81.91 -53.76
N GLU CA 42 30.23 -80.76 -53.86
CA GLU CA 42 31.60 -80.67 -53.38
C GLU CA 42 31.68 -81.13 -51.93
N SER CA 43 30.82 -80.55 -51.08
CA SER CA 43 30.90 -80.83 -49.66
C SER CA 43 30.63 -82.30 -49.36
N GLU CA 44 29.66 -82.90 -50.05
CA GLU CA 44 29.33 -84.29 -49.79
C GLU CA 44 30.51 -85.19 -50.11
N VAL CA 45 31.14 -85.00 -51.28
CA VAL CA 45 32.25 -85.89 -51.63
C VAL CA 45 33.41 -85.70 -50.65
N ILE CA 46 33.70 -84.46 -50.29
CA ILE CA 46 34.86 -84.23 -49.43
C ILE CA 46 34.61 -84.79 -48.04
N HIS CA 47 33.44 -84.53 -47.48
CA HIS CA 47 33.09 -85.10 -46.19
C HIS CA 47 33.17 -86.62 -46.25
N GLY CA 48 32.79 -87.20 -47.39
CA GLY CA 48 32.87 -88.65 -47.53
C GLY CA 48 34.29 -89.15 -47.45
N ARG CA 49 35.21 -88.50 -48.17
CA ARG CA 49 36.60 -88.95 -48.12
C ARG CA 49 37.16 -88.82 -46.71
N TRP CA 50 36.88 -87.71 -46.04
CA TRP CA 50 37.41 -87.54 -44.69
C TRP CA 50 36.78 -88.54 -43.73
N ALA CA 51 35.50 -88.84 -43.91
CA ALA CA 51 34.85 -89.83 -43.06
C ALA CA 51 35.45 -91.21 -43.27
N MET CA 52 35.67 -91.61 -44.53
CA MET CA 52 36.34 -92.87 -44.81
C MET CA 52 37.65 -92.96 -44.08
N LEU CA 53 38.46 -91.90 -44.20
CA LEU CA 53 39.77 -91.93 -43.56
C LEU CA 53 39.65 -92.08 -42.06
N GLY CA 54 38.78 -91.30 -41.43
CA GLY CA 54 38.65 -91.36 -39.98
C GLY CA 54 38.16 -92.69 -39.49
N VAL CA 55 37.11 -93.23 -40.13
CA VAL CA 55 36.57 -94.51 -39.70
C VAL CA 55 37.59 -95.61 -39.88
N ALA CA 56 38.24 -95.66 -41.06
CA ALA CA 56 39.27 -96.66 -41.27
C ALA CA 56 40.36 -96.53 -40.21
N GLY CA 57 40.68 -95.30 -39.82
CA GLY CA 57 41.72 -95.10 -38.82
C GLY CA 57 41.33 -95.63 -37.46
N SER CA 58 40.14 -95.28 -36.99
CA SER CA 58 39.72 -95.74 -35.67
C SER CA 58 39.62 -97.25 -35.65
N LEU CA 59 39.09 -97.83 -36.73
CA LEU CA 59 39.06 -99.28 -36.80
C LEU CA 59 40.49 -99.83 -36.71
N ALA CA 60 41.39 -99.38 -37.58
CA ALA CA 60 42.76 -99.90 -37.52
C ALA CA 60 43.37 -99.77 -36.13
N VAL CA 61 43.12 -98.65 -35.44
CA VAL CA 61 43.68 -98.44 -34.10
C VAL CA 61 43.18 -99.51 -33.16
N GLU CA 62 41.87 -99.72 -33.12
CA GLU CA 62 41.34 -100.68 -32.14
C GLU CA 62 41.63 -102.12 -32.55
N LEU CA 63 41.68 -102.39 -33.86
CA LEU CA 63 41.86 -103.73 -34.38
C LEU CA 63 43.28 -104.24 -34.17
N LEU CA 64 44.26 -103.33 -34.14
CA LEU CA 64 45.65 -103.68 -33.87
C LEU CA 64 46.03 -103.39 -32.42
N GLY CA 65 45.05 -103.07 -31.58
CA GLY CA 65 45.22 -103.02 -30.15
C GLY CA 65 46.09 -101.91 -29.61
N TYR CA 66 45.68 -100.65 -29.81
CA TYR CA 66 46.40 -99.49 -29.30
C TYR CA 66 45.43 -98.53 -28.63
N GLY CA 67 44.45 -99.05 -27.90
CA GLY CA 67 43.42 -98.22 -27.33
C GLY CA 67 42.34 -97.89 -28.34
N ASN CA 68 41.41 -97.05 -27.92
CA ASN CA 68 40.33 -96.64 -28.79
C ASN CA 68 40.73 -95.38 -29.57
N TRP CA 69 39.79 -94.83 -30.33
CA TRP CA 69 40.02 -93.52 -30.92
C TRP CA 69 39.90 -92.41 -29.89
N TYR CA 70 39.26 -92.68 -28.75
CA TYR CA 70 39.04 -91.66 -27.74
C TYR CA 70 40.26 -91.42 -26.87
N ASP CA 71 41.12 -92.43 -26.71
CA ASP CA 71 42.32 -92.30 -25.89
C ASP CA 71 43.60 -92.30 -26.71
N ALA CA 72 43.49 -92.18 -28.04
CA ALA CA 72 44.65 -91.77 -28.82
C ALA CA 72 45.18 -90.40 -28.43
N PRO CA 73 44.34 -89.36 -28.19
CA PRO CA 73 44.90 -88.05 -27.81
C PRO CA 73 45.10 -87.91 -26.31
N LEU CA 74 45.11 -89.05 -25.61
CA LEU CA 74 45.25 -89.03 -24.16
C LEU CA 74 46.63 -88.59 -23.69
N TRP CA 75 47.66 -88.75 -24.52
CA TRP CA 75 49.03 -88.47 -24.10
C TRP CA 75 49.33 -86.98 -24.00
N ALA CA 76 48.45 -86.10 -24.45
CA ALA CA 76 48.73 -84.66 -24.48
C ALA CA 76 48.16 -83.91 -23.28
N VAL CA 77 46.97 -84.27 -22.81
CA VAL CA 77 46.43 -83.63 -21.62
C VAL CA 77 47.08 -84.21 -20.37
N ASN CA 78 47.07 -85.53 -20.25
CA ASN CA 78 47.86 -86.22 -19.24
C ASN CA 78 49.24 -86.48 -19.82
N GLY CA 79 50.28 -86.09 -19.09
CA GLY CA 79 51.64 -86.12 -19.58
C GLY CA 79 52.09 -87.47 -20.10
N GLY CA 80 52.68 -87.47 -21.30
CA GLY CA 80 53.13 -88.70 -21.94
C GLY CA 80 53.78 -88.47 -23.28
N LYS CA 81 53.68 -89.45 -24.18
CA LYS CA 81 54.28 -89.34 -25.50
C LYS CA 81 53.44 -90.11 -26.51
N ALA CA 82 53.35 -89.58 -27.73
CA ALA CA 82 52.61 -90.22 -28.79
C ALA CA 82 53.28 -91.51 -29.24
N THR CA 83 52.59 -92.24 -30.11
CA THR CA 83 53.06 -93.50 -30.66
C THR CA 83 52.51 -93.65 -32.07
N TRP CA 84 53.08 -94.63 -32.79
CA TRP CA 84 52.47 -95.31 -33.93
C TRP CA 84 52.71 -96.78 -33.72
N PHE CA 85 52.90 -97.53 -34.79
CA PHE CA 85 52.78 -98.97 -34.70
C PHE CA 85 53.87 -99.54 -33.80
N GLY CA 86 53.80 -99.20 -32.52
CA GLY CA 86 54.75 -99.70 -31.54
C GLY CA 86 56.03 -98.90 -31.41
N ILE CA 87 56.10 -97.71 -31.98
CA ILE CA 87 57.28 -96.86 -31.86
C ILE CA 87 56.84 -95.47 -31.37
N GLU CA 88 57.72 -94.84 -30.59
CA GLU CA 88 57.45 -93.54 -30.00
C GLU CA 88 57.57 -92.43 -31.03
N VAL CA 89 56.85 -91.34 -30.79
CA VAL CA 89 56.84 -90.19 -31.67
C VAL CA 89 57.43 -89.00 -30.90
N PRO CA 90 58.58 -88.47 -31.31
CA PRO CA 90 59.26 -87.37 -30.60
C PRO CA 90 58.81 -85.97 -31.00
N PHE CA 91 57.62 -85.58 -30.53
CA PHE CA 91 57.09 -84.26 -30.83
C PHE CA 91 56.28 -83.74 -29.65
N ASP CA 92 56.05 -82.44 -29.66
CA ASP CA 92 55.24 -81.76 -28.65
C ASP CA 92 53.89 -81.41 -29.24
N LEU CA 93 52.94 -81.11 -28.37
CA LEU CA 93 51.60 -80.73 -28.83
C LEU CA 93 51.67 -79.51 -29.73
N ASN CA 94 52.45 -78.51 -29.34
CA ASN CA 94 52.57 -77.32 -30.17
C ASN CA 94 53.33 -77.61 -31.45
N ALA CA 95 54.25 -78.58 -31.42
CA ALA CA 95 54.99 -78.93 -32.64
C ALA CA 95 54.07 -79.52 -33.69
N LEU CA 96 53.27 -80.52 -33.30
CA LEU CA 96 52.32 -81.09 -34.25
C LEU CA 96 51.24 -80.07 -34.59
N LEU CA 97 50.88 -79.19 -33.67
CA LEU CA 97 49.91 -78.15 -34.00
C LEU CA 97 50.46 -77.23 -35.09
N ALA CA 98 51.74 -76.85 -34.98
CA ALA CA 98 52.34 -75.98 -35.98
C ALA CA 98 52.44 -76.67 -37.33
N PHE CA 99 52.97 -77.89 -37.35
CA PHE CA 99 53.11 -78.56 -38.64
C PHE CA 99 51.76 -78.90 -39.23
N GLU CA 100 50.77 -79.22 -38.41
CA GLU CA 100 49.43 -79.47 -38.91
C GLU CA 100 48.81 -78.21 -39.47
N PHE CA 101 48.94 -77.09 -38.77
CA PHE CA 101 48.40 -75.84 -39.28
C PHE CA 101 49.03 -75.49 -40.62
N VAL CA 102 50.36 -75.53 -40.71
CA VAL CA 102 51.01 -75.16 -41.94
C VAL CA 102 50.65 -76.12 -43.08
N ALA CA 103 50.76 -77.43 -42.83
CA ALA CA 103 50.52 -78.40 -43.89
C ALA CA 103 49.07 -78.35 -44.35
N MET CA 104 48.12 -78.37 -43.42
CA MET CA 104 46.73 -78.36 -43.80
C MET CA 104 46.33 -77.04 -44.43
N ALA CA 105 46.86 -75.92 -43.93
CA ALA CA 105 46.58 -74.64 -44.55
C ALA CA 105 47.07 -74.60 -45.98
N ALA CA 106 48.29 -75.08 -46.21
CA ALA CA 106 48.85 -75.11 -47.55
C ALA CA 106 48.02 -75.98 -48.48
N ALA CA 107 47.73 -77.21 -48.03
CA ALA CA 107 47.01 -78.16 -48.89
C ALA CA 107 45.60 -77.67 -49.19
N GLU CA 108 44.88 -77.25 -48.16
CA GLU CA 108 43.50 -76.83 -48.37
C GLU CA 108 43.41 -75.51 -49.13
N GLY CA 109 44.36 -74.58 -48.96
CA GLY CA 109 44.34 -73.40 -49.80
C GLY CA 109 44.59 -73.74 -51.24
N GLN CA 110 45.58 -74.59 -51.50
CA GLN CA 110 45.87 -75.01 -52.86
C GLN CA 110 44.64 -75.65 -53.50
N ARG CA 111 43.97 -76.55 -52.76
CA ARG CA 111 42.75 -77.15 -53.29
C ARG CA 111 41.66 -76.10 -53.50
N GLY CA 112 41.50 -75.19 -52.56
CA GLY CA 112 40.46 -74.20 -52.62
C GLY CA 112 40.71 -73.10 -53.60
N ASP CA 113 41.81 -73.14 -54.34
CA ASP CA 113 41.99 -72.16 -55.39
C ASP CA 113 41.51 -72.61 -56.76
N ALA CA 114 41.53 -73.92 -57.05
CA ALA CA 114 41.13 -74.40 -58.38
C ALA CA 114 39.61 -74.52 -58.47
N GLY CA 115 38.94 -73.38 -58.36
CA GLY CA 115 37.49 -73.35 -58.46
C GLY CA 115 36.87 -74.32 -57.48
N GLY CA 116 35.87 -75.05 -57.95
CA GLY CA 116 35.43 -76.23 -57.24
C GLY CA 116 35.71 -77.45 -58.09
N VAL CA 117 36.71 -78.24 -57.72
CA VAL CA 117 37.08 -79.44 -58.45
C VAL CA 117 36.98 -80.61 -57.49
N VAL CA 118 36.31 -81.66 -57.94
CA VAL CA 118 36.07 -82.83 -57.12
C VAL CA 118 36.91 -84.02 -57.58
N TYR CA 119 37.07 -84.18 -58.89
CA TYR CA 119 37.94 -85.22 -59.43
C TYR CA 119 39.12 -84.56 -60.10
N PRO CA 120 40.29 -84.56 -59.47
CA PRO CA 120 41.51 -84.15 -60.17
C PRO CA 120 41.94 -85.20 -61.17
N GLY CA 121 43.16 -85.09 -61.67
CA GLY CA 121 43.69 -86.17 -62.48
C GLY CA 121 45.18 -86.06 -62.61
N GLY CA 122 45.77 -87.11 -63.18
CA GLY CA 122 47.17 -87.08 -63.55
C GLY CA 122 48.11 -87.49 -62.44
N ALA CA 123 48.26 -86.65 -61.42
CA ALA CA 123 49.09 -86.95 -60.27
C ALA CA 123 48.28 -87.32 -59.03
N PHE CA 124 46.96 -87.14 -59.08
CA PHE CA 124 46.04 -87.80 -58.17
C PHE CA 124 45.34 -88.96 -58.86
N ASP CA 125 46.00 -89.57 -59.83
CA ASP CA 125 45.51 -90.75 -60.52
C ASP CA 125 46.67 -91.70 -60.78
N PRO CA 126 47.55 -91.93 -59.80
CA PRO CA 126 48.87 -92.50 -60.13
C PRO CA 126 48.84 -93.95 -60.58
N LEU CA 127 47.72 -94.64 -60.47
CA LEU CA 127 47.67 -96.06 -60.77
C LEU CA 127 46.96 -96.38 -62.08
N GLY CA 128 46.21 -95.45 -62.64
CA GLY CA 128 45.64 -95.66 -63.95
C GLY CA 128 44.22 -96.19 -63.98
N PHE CA 129 43.40 -95.82 -63.01
CA PHE CA 129 41.97 -96.07 -63.07
C PHE CA 129 41.24 -94.83 -63.55
N ALA CA 130 39.98 -95.00 -63.92
CA ALA CA 130 39.10 -93.89 -64.32
C ALA CA 130 39.70 -93.10 -65.48
N LYS CA 131 40.26 -93.81 -66.47
CA LYS CA 131 40.87 -93.16 -67.61
C LYS CA 131 39.89 -92.97 -68.76
N ASP CA 132 39.00 -93.92 -68.99
CA ASP CA 132 38.09 -93.88 -70.12
C ASP CA 132 36.87 -93.01 -69.87
N SER CA 133 36.64 -92.55 -68.64
CA SER CA 133 35.43 -91.86 -68.23
C SER CA 133 34.17 -92.69 -68.50
N SER CA 134 34.32 -94.00 -68.68
CA SER CA 134 33.15 -94.85 -68.84
C SER CA 134 32.76 -95.50 -67.51
N LYS CA 135 33.62 -96.37 -66.98
CA LYS CA 135 33.38 -96.96 -65.68
C LYS CA 135 33.73 -96.01 -64.56
N SER CA 136 34.28 -94.84 -64.92
CA SER CA 136 34.56 -93.81 -63.93
C SER CA 136 33.26 -93.35 -63.26
N GLY CA 137 32.17 -93.30 -64.01
CA GLY CA 137 30.89 -92.97 -63.38
C GLY CA 137 30.50 -93.98 -62.32
N GLU CA 138 30.69 -95.26 -62.61
CA GLU CA 138 30.42 -96.29 -61.61
C GLU CA 138 31.35 -96.16 -60.41
N LEU CA 139 32.61 -95.84 -60.66
CA LEU CA 139 33.52 -95.63 -59.54
C LEU CA 139 33.09 -94.42 -58.71
N LYS CA 140 32.58 -93.39 -59.36
CA LYS CA 140 32.01 -92.26 -58.62
C LYS CA 140 30.84 -92.72 -57.75
N LEU CA 141 29.99 -93.58 -58.30
CA LEU CA 141 28.85 -94.10 -57.55
C LEU CA 141 29.32 -94.88 -56.32
N LYS CA 142 30.30 -95.77 -56.52
CA LYS CA 142 30.82 -96.55 -55.41
C LYS CA 142 31.48 -95.65 -54.36
N GLU CA 143 32.22 -94.64 -54.82
CA GLU CA 143 32.84 -93.68 -53.93
C GLU CA 143 31.82 -93.03 -53.03
N ILE CA 144 30.78 -92.46 -53.64
CA ILE CA 144 29.83 -91.67 -52.89
C ILE CA 144 29.01 -92.56 -51.95
N LYS CA 145 28.69 -93.79 -52.37
CA LYS CA 145 27.95 -94.68 -51.49
C LYS CA 145 28.79 -95.09 -50.29
N ASN CA 146 30.03 -95.52 -50.51
CA ASN CA 146 30.88 -95.86 -49.38
C ASN CA 146 31.13 -94.66 -48.49
N GLY CA 147 31.16 -93.46 -49.07
CA GLY CA 147 31.31 -92.26 -48.26
C GLY CA 147 30.12 -92.00 -47.36
N ARG CA 148 28.91 -92.15 -47.91
CA ARG CA 148 27.72 -91.99 -47.07
C ARG CA 148 27.72 -93.01 -45.94
N LEU CA 149 28.08 -94.25 -46.27
CA LEU CA 149 28.16 -95.27 -45.22
C LEU CA 149 29.17 -94.88 -44.16
N ALA CA 150 30.32 -94.35 -44.57
CA ALA CA 150 31.35 -93.98 -43.61
C ALA CA 150 30.89 -92.84 -42.71
N MET CA 151 30.22 -91.85 -43.28
CA MET CA 151 29.70 -90.75 -42.47
C MET CA 151 28.75 -91.28 -41.42
N VAL CA 152 27.83 -92.14 -41.83
CA VAL CA 152 26.86 -92.69 -40.88
C VAL CA 152 27.59 -93.47 -39.78
N ALA CA 153 28.59 -94.25 -40.17
CA ALA CA 153 29.33 -95.03 -39.17
C ALA CA 153 30.05 -94.14 -38.18
N PHE CA 154 30.59 -93.01 -38.65
CA PHE CA 154 31.32 -92.14 -37.72
C PHE CA 154 30.37 -91.43 -36.77
N LEU CA 155 29.21 -90.97 -37.26
CA LEU CA 155 28.20 -90.47 -36.35
C LEU CA 155 27.81 -91.56 -35.36
N GLY CA 156 27.79 -92.81 -35.80
CA GLY CA 156 27.56 -93.90 -34.87
C GLY CA 156 28.64 -93.96 -33.80
N PHE CA 157 29.90 -93.77 -34.19
CA PHE CA 157 30.98 -93.79 -33.21
C PHE CA 157 30.75 -92.70 -32.17
N VAL CA 158 30.45 -91.48 -32.62
CA VAL CA 158 30.32 -90.39 -31.66
C VAL CA 158 29.16 -90.66 -30.70
N ALA CA 159 28.00 -91.06 -31.24
CA ALA CA 159 26.86 -91.29 -30.36
C ALA CA 159 27.09 -92.47 -29.43
N GLN CA 160 27.64 -93.56 -29.97
CA GLN CA 160 27.85 -94.76 -29.19
C GLN CA 160 28.78 -94.50 -28.02
N HIS CA 161 29.92 -93.85 -28.28
CA HIS CA 161 30.83 -93.56 -27.19
C HIS CA 161 30.29 -92.48 -26.26
N ALA CA 162 29.40 -91.61 -26.77
CA ALA CA 162 28.74 -90.66 -25.88
C ALA CA 162 27.72 -91.33 -25.00
N ALA CA 163 27.26 -92.52 -25.39
CA ALA CA 163 26.24 -93.23 -24.63
C ALA CA 163 26.84 -94.19 -23.61
N THR CA 164 27.60 -95.17 -24.10
CA THR CA 164 28.11 -96.23 -23.25
C THR CA 164 29.57 -96.04 -22.85
N GLY CA 165 30.33 -95.22 -23.57
CA GLY CA 165 31.70 -94.96 -23.22
C GLY CA 165 32.69 -96.03 -23.61
N LYS CA 166 32.27 -97.04 -24.36
CA LYS CA 166 33.17 -98.09 -24.82
C LYS CA 166 33.54 -97.88 -26.28
N GLY CA 167 34.57 -98.61 -26.71
CA GLY CA 167 35.01 -98.53 -28.08
C GLY CA 167 34.13 -99.34 -29.01
N PRO CA 168 34.31 -99.10 -30.31
CA PRO CA 168 33.52 -99.84 -31.29
C PRO CA 168 33.64 -101.35 -31.23
N ILE CA 169 34.85 -101.91 -31.32
CA ILE CA 169 34.96 -103.36 -31.37
C ILE CA 169 34.58 -103.98 -30.03
N ALA CA 170 34.85 -103.28 -28.92
CA ALA CA 170 34.41 -103.80 -27.63
C ALA CA 170 32.89 -103.87 -27.56
N ALA CA 171 32.21 -102.83 -28.06
CA ALA CA 171 30.75 -102.82 -28.08
C ALA CA 171 30.20 -103.93 -28.96
N LEU CA 172 30.80 -104.11 -30.15
CA LEU CA 172 30.35 -105.19 -31.02
C LEU CA 172 30.59 -106.54 -30.37
N GLY CA 173 31.72 -106.72 -29.69
CA GLY CA 173 32.01 -108.01 -29.06
C GLY CA 173 31.00 -108.34 -27.98
N GLU CA 174 30.71 -107.39 -27.11
CA GLU CA 174 29.73 -107.66 -26.05
C GLU CA 174 28.32 -107.77 -26.62
N HIS CA 175 28.01 -107.08 -27.72
CA HIS CA 175 26.71 -107.25 -28.33
C HIS CA 175 26.57 -108.63 -28.96
N LEU CA 176 27.64 -109.16 -29.54
CA LEU CA 176 27.61 -110.52 -30.03
C LEU CA 176 27.58 -111.53 -28.89
N ALA CA 177 28.02 -111.13 -27.70
CA ALA CA 177 27.90 -112.02 -26.55
C ALA CA 177 26.44 -112.24 -26.17
N ASN CA 178 25.72 -111.15 -25.90
CA ASN CA 178 24.33 -111.22 -25.46
C ASN CA 178 23.51 -110.22 -26.27
N PRO CA 179 22.92 -110.66 -27.38
CA PRO CA 179 22.28 -109.69 -28.29
C PRO CA 179 21.15 -108.93 -27.64
N TRP CA 180 20.19 -109.64 -27.05
CA TRP CA 180 19.04 -108.98 -26.45
C TRP CA 180 19.37 -108.30 -25.13
N GLY CA 181 20.48 -108.69 -24.49
CA GLY CA 181 20.77 -108.14 -23.18
C GLY CA 181 21.43 -106.80 -23.19
N ALA CA 182 22.06 -106.40 -24.29
CA ALA CA 182 22.77 -105.12 -24.32
C ALA CA 182 22.73 -104.57 -25.74
N ASN CA 183 21.80 -103.65 -25.98
CA ASN CA 183 21.86 -102.77 -27.13
C ASN CA 183 21.11 -101.50 -26.76
N PHE CA 184 20.72 -100.73 -27.76
CA PHE CA 184 20.37 -99.34 -27.43
C PHE CA 184 19.09 -99.20 -26.70
N ALA CA 185 18.52 -100.28 -26.20
CA ALA CA 185 17.43 -100.19 -25.24
C ALA CA 185 17.87 -100.51 -23.83
N THR CA 186 18.92 -101.31 -23.67
CA THR CA 186 19.63 -101.41 -22.39
C THR CA 186 20.58 -100.24 -22.19
N ASN CA 187 20.60 -99.29 -23.12
CA ASN CA 187 21.50 -98.15 -23.00
C ASN CA 187 21.17 -97.31 -21.78
N GLY CA 188 19.89 -97.12 -21.48
CA GLY CA 188 19.48 -96.37 -20.33
C GLY CA 188 19.55 -94.88 -20.50
N ILE CA 189 20.15 -94.41 -21.59
CA ILE CA 189 20.16 -92.99 -21.91
C ILE CA 189 19.59 -92.70 -23.28
N SER CA 190 19.40 -93.71 -24.12
CA SER CA 190 18.81 -93.48 -25.44
C SER CA 190 17.32 -93.22 -25.33
N VAL CA 191 16.57 -94.19 -24.83
CA VAL CA 191 15.12 -94.07 -24.67
C VAL CA 191 14.84 -93.83 -23.19
N PRO CA 192 14.32 -92.68 -22.80
CA PRO CA 192 14.35 -92.28 -21.39
C PRO CA 192 13.36 -93.01 -20.49
N PHE CA 193 12.15 -93.28 -20.98
CA PHE CA 193 11.08 -93.73 -20.10
C PHE CA 193 11.12 -95.22 -19.79
N PHE CA 194 12.17 -95.93 -20.18
CA PHE CA 194 12.29 -97.32 -19.84
C PHE CA 194 12.49 -97.51 -18.36
MG CLA DA . 4.81 -12.31 7.50
CHA CLA DA . 1.82 -10.73 7.84
CHB CLA DA . 4.85 -11.45 4.23
CHC CLA DA . 8.11 -13.20 7.36
CHD CLA DA . 4.81 -12.95 10.92
NA CLA DA . 3.45 -11.43 6.21
C1A CLA DA . 2.28 -10.76 6.56
C2A CLA DA . 1.58 -10.25 5.32
C3A CLA DA . 2.38 -10.90 4.18
C4A CLA DA . 3.65 -11.30 4.89
CMA CLA DA . 1.69 -12.12 3.66
CAA CLA DA . 1.62 -8.75 5.19
CBA CLA DA . 0.65 -8.41 4.08
CGA CLA DA . 0.73 -6.97 3.73
O1A CLA DA . 0.36 -6.42 2.70
O2A CLA DA . 1.31 -6.22 4.71
NB CLA DA . 6.20 -12.34 6.06
C1B CLA DA . 6.05 -11.83 4.83
C2B CLA DA . 7.36 -11.71 4.16
C3B CLA DA . 8.29 -12.21 5.04
C4B CLA DA . 7.55 -12.66 6.24
CMB CLA DA . 7.49 -11.18 2.82
CAB CLA DA . 9.70 -12.38 4.91
CBB CLA DA . 10.31 -13.07 3.95
NC CLA DA . 6.17 -13.11 8.87
C1C CLA DA . 7.45 -13.45 8.58
C2C CLA DA . 8.09 -13.97 9.77
C3C CLA DA . 7.19 -13.82 10.80
C4C CLA DA . 5.98 -13.28 10.23
CMC CLA DA . 9.46 -14.47 9.84
CAC CLA DA . 7.40 -14.20 12.20
CBC CLA DA . 7.07 -15.65 12.46
ND CLA DA . 3.47 -12.30 8.98
C1D CLA DA . 3.67 -12.47 10.36
C2D CLA DA . 2.45 -12.06 11.07
C3D CLA DA . 1.72 -11.37 10.15
C4D CLA DA . 2.43 -11.49 8.87
CMD CLA DA . 2.21 -12.28 12.48
CAD CLA DA . 0.47 -10.72 9.85
OBD CLA DA . -0.59 -10.70 10.46
CBD CLA DA . 0.69 -9.99 8.51
CGD CLA DA . -0.54 -9.77 7.72
O1D CLA DA . -0.99 -10.46 6.81
O2D CLA DA . -1.20 -8.65 8.11
CED CLA DA . -0.48 -7.43 8.02
C1 CLA DA . 0.60 -5.04 5.12
C2 CLA DA . 1.41 -4.49 6.24
C3 CLA DA . 0.94 -3.60 7.11
C4 CLA DA . -0.42 -3.07 7.04
C5 CLA DA . 1.82 -3.12 8.19
C6 CLA DA . 1.72 -3.98 9.42
C7 CLA DA . 3.08 -4.28 10.00
C8 CLA DA . 3.61 -3.15 10.86
C9 CLA DA . 4.61 -3.70 11.85
C10 CLA DA . 2.50 -2.48 11.62
C11 CLA DA . 2.95 -1.11 12.04
C12 CLA DA . 1.83 -0.29 12.65
C13 CLA DA . 2.34 1.09 12.97
C14 CLA DA . 1.34 1.80 13.84
C15 CLA DA . 2.56 1.89 11.71
C16 CLA DA . 1.29 2.03 10.91
C17 CLA DA . 1.43 3.12 9.87
C18 CLA DA . 0.81 2.79 8.52
C19 CLA DA . -0.42 3.64 8.28
C20 CLA DA . 0.41 1.34 8.44
MG CLA EA . 6.52 -16.17 -11.26
CHA CLA EA . 6.96 -17.68 -14.32
CHB CLA EA . 5.27 -19.07 -10.03
CHC CLA EA . 6.07 -14.62 -8.26
CHD CLA EA . 7.39 -13.07 -12.72
NA CLA EA . 6.18 -18.06 -12.06
C1A CLA EA . 6.47 -18.48 -13.36
C2A CLA EA . 6.06 -19.93 -13.53
C3A CLA EA . 5.28 -20.24 -12.26
C4A CLA EA . 5.61 -19.06 -11.36
CMA CLA EA . 3.81 -20.27 -12.60
CAA CLA EA . 7.36 -20.68 -13.44
CBA CLA EA . 7.14 -22.15 -13.67
CGA CLA EA . 6.94 -22.85 -12.38
O1A CLA EA . 7.64 -22.81 -11.36
O2A CLA EA . 5.82 -23.63 -12.36
NB CLA EA . 5.94 -16.78 -9.46
C1B CLA EA . 5.46 -18.00 -9.15
C2B CLA EA . 5.10 -18.05 -7.71
C3B CLA EA . 5.32 -16.80 -7.20
C4B CLA EA . 5.80 -15.95 -8.33
CMB CLA EA . 4.52 -19.24 -7.10
CAB CLA EA . 5.06 -16.23 -5.92
CBB CLA EA . 4.37 -16.77 -4.91
NC CLA EA . 6.74 -14.20 -10.61
C1C CLA EA . 6.48 -13.78 -9.34
C2C CLA EA . 6.71 -12.35 -9.24
C3C CLA EA . 7.07 -11.91 -10.50
C4C CLA EA . 7.08 -13.09 -11.36
CMC CLA EA . 6.55 -11.56 -8.03
CAC CLA EA . 7.40 -10.55 -10.89
CBC CLA EA . 6.34 -9.91 -11.74
ND CLA EA . 6.95 -15.45 -13.10
C1D CLA EA . 7.34 -14.18 -13.55
C2D CLA EA . 7.66 -14.24 -14.97
C3D CLA EA . 7.58 -15.57 -15.31
C4D CLA EA . 7.13 -16.28 -14.12
CMD CLA EA . 8.03 -13.10 -15.78
CAD CLA EA . 7.60 -16.54 -16.38
OBD CLA EA . 7.72 -16.36 -17.59
CBD CLA EA . 7.42 -17.92 -15.73
CGD CLA EA . 6.58 -18.88 -16.52
O1D CLA EA . 5.36 -18.94 -16.63
O2D CLA EA . 7.34 -19.78 -17.18
CED CLA EA . 6.67 -20.91 -17.69
C1 CLA EA . 5.31 -23.98 -11.06
C2 CLA EA . 3.95 -23.38 -11.00
C3 CLA EA . 3.31 -23.20 -9.85
C4 CLA EA . 3.89 -23.58 -8.54
C5 CLA EA . 1.95 -22.58 -9.83
C6 CLA EA . 1.12 -23.09 -8.67
C7 CLA EA . 0.07 -24.05 -9.18
C8 CLA EA . -0.78 -24.56 -8.03
C9 CLA EA . 0.10 -25.31 -7.06
C10 CLA EA . -1.87 -25.49 -8.55
C11 CLA EA . -3.22 -25.09 -8.05
C12 CLA EA . -3.50 -25.75 -6.72
C13 CLA EA . -5.00 -25.86 -6.51
C14 CLA EA . -5.61 -26.70 -7.60
C15 CLA EA . -5.65 -24.50 -6.50
C16 CLA EA . -7.08 -24.65 -6.02
C17 CLA EA . -7.77 -23.32 -5.83
C18 CLA EA . -9.03 -23.25 -6.67
C19 CLA EA . -8.70 -23.00 -8.11
C20 CLA EA . -9.94 -22.17 -6.13
MG CLA FA . 3.19 -0.02 4.49
CHA CLA FA . 5.70 -2.08 5.57
CHB CLA FA . 4.17 2.33 6.72
CHC CLA FA . 0.94 2.10 3.12
CHD CLA FA . 2.25 -2.47 2.12
NA CLA FA . 4.63 0.04 5.97
C1A CLA FA . 5.59 -0.92 6.28
C2A CLA FA . 6.45 -0.48 7.45
C3A CLA FA . 5.74 0.79 7.94
C4A CLA FA . 4.77 1.09 6.82
CMA CLA FA . 4.98 0.47 9.20
CAA CLA FA . 7.85 -0.12 7.00
CBA CLA FA . 8.85 -0.45 8.08
CGA CLA FA . 9.16 0.83 8.77
O1A CLA FA . 8.51 1.86 8.73
O2A CLA FA . 10.31 0.81 9.52
NB CLA FA . 2.55 1.81 4.95
C1B CLA FA . 3.27 2.67 5.70
C2B CLA FA . 2.99 4.07 5.30
C3B CLA FA . 2.09 4.01 4.28
C4B CLA FA . 1.80 2.58 4.06
CMB CLA FA . 3.61 5.23 5.91
CAB CLA FA . 1.48 5.03 3.50
CBB CLA FA . 0.93 6.13 4.00
NC CLA FA . 1.77 -0.19 2.98
C1C CLA FA . 0.91 0.78 2.63
C2C CLA FA . 0.02 0.33 1.59
C3C CLA FA . 0.43 -0.94 1.25
C4C CLA FA . 1.53 -1.28 2.14
CMC CLA FA . -1.04 1.14 1.00
CAC CLA FA . -0.17 -1.83 0.25
CBC CLA FA . -1.50 -2.36 0.71
ND CLA FA . 3.75 -1.85 3.96
C1D CLA FA . 3.29 -2.74 2.96
C2D CLA FA . 4.16 -3.92 2.94
C3D CLA FA . 5.12 -3.69 3.90
C4D CLA FA . 4.81 -2.40 4.51
CMD CLA FA . 4.01 -5.06 2.04
CAD CLA FA . 6.29 -4.20 4.53
OBD CLA FA . 6.93 -5.19 4.28
CBD CLA FA . 6.68 -3.20 5.65
CGD CLA FA . 6.57 -3.93 6.93
O1D CLA FA . 5.58 -4.44 7.42
O2D CLA FA . 7.73 -4.02 7.60
CED CLA FA . 7.67 -4.70 8.85
C1 CLA FA . 10.64 2.03 10.20
C2 CLA FA . 11.49 2.81 9.27
C3 CLA FA . 12.67 3.33 9.63
C4 CLA FA . 13.22 3.16 10.98
C5 CLA FA . 13.49 4.09 8.65
C6 CLA FA . 13.39 5.58 8.86
C7 CLA FA . 14.06 6.31 7.71
C8 CLA FA . 13.58 7.74 7.62
C9 CLA FA . 12.13 7.74 7.20
C10 CLA FA . 14.38 8.53 6.60
C11 CLA FA . 15.84 8.59 6.99
C12 CLA FA . 16.57 9.63 6.16
C13 CLA FA . 18.04 9.70 6.48
C14 CLA FA . 18.29 9.49 7.96
C15 CLA FA . 18.60 11.05 6.05
C16 CLA FA . 20.08 11.21 6.31
C17 CLA FA . 20.84 11.52 5.04
C18 CLA FA . 22.19 12.14 5.31
C19 CLA FA . 23.02 12.18 4.05
C20 CLA FA . 22.94 11.36 6.36
MG CLA GA . -19.14 -21.64 -14.93
CHA CLA GA . -16.01 -22.27 -16.22
CHB CLA GA . -17.83 -21.55 -11.80
CHC CLA GA . -22.21 -20.80 -13.72
CHD CLA GA . -20.46 -21.76 -18.19
NA CLA GA . -17.22 -21.88 -14.16
C1A CLA GA . -16.05 -22.12 -14.86
C2A CLA GA . -14.87 -22.20 -13.92
C3A CLA GA . -15.50 -22.19 -12.53
C4A CLA GA . -16.95 -21.82 -12.83
CMA CLA GA . -15.41 -23.55 -11.91
CAA CLA GA . -14.12 -20.90 -14.05
CBA CLA GA . -12.72 -21.07 -14.58
CGA CLA GA . -11.88 -21.80 -13.58
O1A CLA GA . -11.60 -21.47 -12.43
O2A CLA GA . -11.36 -22.96 -14.07
NB CLA GA . -19.87 -21.21 -13.11
C1B CLA GA . -19.18 -21.25 -11.96
C2B CLA GA . -20.07 -20.94 -10.84
C3B CLA GA . -21.31 -20.73 -11.35
C4B CLA GA . -21.21 -20.91 -12.82
CMB CLA GA . -19.61 -20.93 -9.46
CAB CLA GA . -22.54 -20.40 -10.69
CBB CLA GA . -23.56 -21.24 -10.52
NC CLA GA . -20.99 -21.37 -15.80
C1C CLA GA . -22.12 -21.04 -15.12
C2C CLA GA . -23.23 -20.92 -16.04
C3C CLA GA . -22.74 -21.18 -17.30
C4C CLA GA . -21.33 -21.46 -17.15
CMC CLA GA . -24.60 -20.57 -15.66
CAC CLA GA . -23.49 -21.18 -18.56
CBC CLA GA . -24.07 -22.53 -18.88
ND CLA GA . -18.48 -22.03 -16.79
C1D CLA GA . -19.12 -22.02 -18.04
C2D CLA GA . -18.12 -22.32 -19.07
C3D CLA GA . -16.92 -22.44 -18.43
C4D CLA GA . -17.19 -22.22 -17.01
CMD CLA GA . -18.43 -22.45 -20.49
CAD CLA GA . -15.52 -22.71 -18.57
OBD CLA GA . -14.88 -23.00 -19.56
CBD CLA GA . -14.88 -22.55 -17.16
CGD CLA GA . -14.15 -23.80 -16.78
O1D CLA GA . -13.45 -24.00 -15.79
O2D CLA GA . -14.31 -24.80 -17.67
CED CLA GA . -13.49 -25.96 -17.46
C1 CLA GA . -10.55 -23.73 -13.18
C2 CLA GA . -11.19 -25.06 -13.05
C3 CLA GA . -11.13 -25.77 -11.91
C4 CLA GA . -10.41 -25.28 -10.72
C5 CLA GA . -11.78 -27.08 -11.80
C6 CLA GA . -13.19 -26.96 -11.26
C7 CLA GA . -13.27 -27.45 -9.83
C8 CLA GA . -14.70 -27.77 -9.46
C9 CLA GA . -15.59 -26.56 -9.64
C10 CLA GA . -14.74 -28.23 -8.01
C11 CLA GA . -13.93 -29.50 -7.89
C12 CLA GA . -13.27 -29.59 -6.54
C13 CLA GA . -12.74 -30.99 -6.33
C14 CLA GA . -13.88 -31.94 -6.05
C15 CLA GA . -11.75 -31.01 -5.17
C16 CLA GA . -10.57 -30.12 -5.49
C17 CLA GA . -9.42 -30.40 -4.55
C18 CLA GA . -8.32 -29.36 -4.69
C19 CLA GA . -7.20 -29.65 -3.72
C20 CLA GA . -8.91 -27.99 -4.44
MG CLA HA . -26.00 -16.40 -11.16
CHA CLA HA . -27.70 -16.40 -14.16
CHB CLA HA . -28.90 -15.71 -9.55
CHC CLA HA . -24.31 -16.55 -8.20
CHD CLA HA . -23.02 -16.99 -12.91
NA CLA HA . -27.97 -16.11 -11.79
C1A CLA HA . -28.47 -16.16 -13.07
C2A CLA HA . -29.97 -15.90 -13.09
C3A CLA HA . -30.26 -15.55 -11.63
C4A CLA HA . -28.96 -15.82 -10.91
CMA CLA HA . -30.58 -14.09 -11.52
CAA CLA HA . -30.74 -17.15 -13.45
CBA CLA HA . -30.36 -18.34 -12.60
CGA CLA HA . -31.22 -19.51 -12.96
O1A CLA HA . -31.97 -19.63 -13.92
O2A CLA HA . -31.11 -20.53 -12.06
NB CLA HA . -26.51 -16.18 -9.24
C1B CLA HA . -27.75 -15.90 -8.79
C2B CLA HA . -27.72 -15.77 -7.32
C3B CLA HA . -26.45 -16.01 -6.93
C4B CLA HA . -25.65 -16.28 -8.14
CMB CLA HA . -28.90 -15.48 -6.53
CAB CLA HA . -25.94 -15.99 -5.61
CBB CLA HA . -25.41 -17.05 -5.01
NC CLA HA . -24.02 -16.71 -10.66
C1C CLA HA . -23.55 -16.75 -9.38
C2C CLA HA . -22.13 -17.03 -9.40
C3C CLA HA . -21.76 -17.12 -10.73
C4C CLA HA . -22.96 -16.92 -11.52
CMC CLA HA . -21.27 -17.16 -8.23
CAC CLA HA . -20.42 -17.37 -11.25
CBC CLA HA . -19.78 -16.09 -11.69
ND CLA HA . -25.42 -16.66 -13.07
C1D CLA HA . -24.16 -16.88 -13.65
C2D CLA HA . -24.32 -16.97 -15.11
C3D CLA HA . -25.66 -16.82 -15.35
C4D CLA HA . -26.30 -16.61 -14.05
CMD CLA HA . -23.23 -17.19 -16.03
CAD CLA HA . -26.69 -16.74 -16.35
OBD CLA HA . -26.63 -16.83 -17.57
CBD CLA HA . -28.02 -16.47 -15.62
CGD CLA HA . -28.57 -15.17 -16.07
O1D CLA HA . -28.69 -14.15 -15.41
O2D CLA HA . -28.94 -15.15 -17.37
CED CLA HA . -29.85 -14.11 -17.74
C1 CLA HA . -32.28 -20.88 -11.31
C2 CLA HA . -31.81 -21.63 -10.10
C3 CLA HA . -32.24 -22.85 -9.78
C4 CLA HA . -33.23 -23.58 -10.60
C5 CLA HA . -31.74 -23.57 -8.57
C6 CLA HA . -30.29 -23.96 -8.68
C7 CLA HA . -30.14 -25.29 -9.39
C8 CLA HA . -28.71 -25.56 -9.85
C9 CLA HA . -28.60 -26.96 -10.42
C10 CLA HA . -27.74 -25.39 -8.70
MG CLA IA . -28.72 -6.85 -5.04
CHA CLA IA . -29.53 -5.46 -2.02
CHB CLA IA . -28.11 -9.82 -3.52
CHC CLA IA . -27.92 -8.16 -8.07
CHD CLA IA . -29.40 -3.75 -6.57
NA CLA IA . -28.83 -7.51 -3.07
C1A CLA IA . -29.19 -6.78 -1.95
C2A CLA IA . -29.16 -7.65 -0.71
C3A CLA IA . -28.60 -8.98 -1.22
C4A CLA IA . -28.52 -8.78 -2.72
CMA CLA IA . -27.23 -9.16 -0.67
CAA CLA IA . -30.59 -7.92 -0.30
CBA CLA IA . -30.65 -9.06 0.68
CGA CLA IA . -30.53 -8.47 2.04
O1A CLA IA . -31.40 -7.88 2.68
O2A CLA IA . -29.30 -8.61 2.59
NB CLA IA . -28.18 -8.65 -5.68
C1B CLA IA . -27.98 -9.74 -4.91
C2B CLA IA . -27.58 -10.88 -5.75
C3B CLA IA . -27.53 -10.42 -7.03
C4B CLA IA . -27.89 -8.99 -7.00
CMB CLA IA . -27.29 -12.20 -5.21
CAB CLA IA . -27.16 -11.07 -8.23
CBB CLA IA . -27.69 -12.22 -8.63
NC CLA IA . -28.63 -6.08 -6.96
C1C CLA IA . -28.24 -6.78 -8.05
C2C CLA IA . -28.27 -5.94 -9.21
C3C CLA IA . -28.73 -4.71 -8.81
C4C CLA IA . -28.95 -4.80 -7.38
CMC CLA IA . -27.91 -6.36 -10.55
CAC CLA IA . -28.93 -3.53 -9.65
CBC CLA IA . -27.72 -2.66 -9.65
ND CLA IA . -29.25 -4.99 -4.49
C1D CLA IA . -29.56 -3.83 -5.22
C2D CLA IA . -29.99 -2.78 -4.30
C3D CLA IA . -29.91 -3.32 -3.05
C4D CLA IA . -29.49 -4.71 -3.23
CMD CLA IA . -30.35 -1.44 -4.71
CAD CLA IA . -30.08 -3.11 -1.64
OBD CLA IA . -30.26 -2.08 -1.02
CBD CLA IA . -29.96 -4.49 -0.96
CGD CLA IA . -28.94 -4.44 0.12
O1D CLA IA . -28.88 -5.14 1.12
O2D CLA IA . -27.98 -3.51 -0.07
CED CLA IA . -26.85 -3.69 0.76
C1 CLA IA . -28.99 -9.87 3.22
C2 CLA IA . -30.03 -10.16 4.24
C3 CLA IA . -30.19 -9.45 5.36
C4 CLA IA . -29.33 -8.30 5.71
C5 CLA IA . -31.25 -9.81 6.34
C6 CLA IA . -31.01 -11.18 6.93
C7 CLA IA . -32.00 -12.18 6.37
C8 CLA IA . -31.94 -13.52 7.09
C9 CLA IA . -32.43 -14.60 6.15
C10 CLA IA . -32.76 -13.50 8.39
C11 CLA IA . -33.46 -14.80 8.70
C12 CLA IA . -33.53 -15.07 10.20
C13 CLA IA . -34.83 -14.60 10.82
C14 CLA IA . -34.91 -15.00 12.28
C15 CLA IA . -36.02 -15.18 10.10
C16 CLA IA . -37.30 -14.84 10.84
C17 CLA IA . -38.47 -14.83 9.89
C18 CLA IA . -39.79 -14.99 10.61
C19 CLA IA . -40.94 -14.97 9.63
C20 CLA IA . -39.97 -13.89 11.61
MG CLA JA . -23.72 -12.73 -0.20
CHA CLA JA . -22.96 -13.44 -3.49
CHB CLA JA . -23.69 -9.45 -0.92
CHC CLA JA . -24.48 -12.07 3.08
CHD CLA JA . -23.61 -16.18 0.53
NA CLA JA . -23.37 -11.65 -1.94
C1A CLA JA . -23.09 -12.12 -3.21
C2A CLA JA . -22.89 -10.97 -4.19
C3A CLA JA . -23.05 -9.73 -3.31
C4A CLA JA . -23.40 -10.30 -1.95
CMA CLA JA . -21.75 -9.00 -3.22
CAA CLA JA . -23.94 -10.94 -5.26
CBA CLA JA . -23.34 -11.05 -6.64
CGA CLA JA . -22.89 -9.73 -7.15
O1A CLA JA . -23.38 -9.02 -8.03
O2A CLA JA . -21.79 -9.26 -6.51
NB CLA JA . -24.10 -11.09 0.86
C1B CLA JA . -24.00 -9.83 0.39
C2B CLA JA . -24.25 -8.87 1.48
C3B CLA JA . -24.47 -9.59 2.60
C4B CLA JA . -24.37 -11.02 2.24
CMB CLA JA . -24.19 -7.43 1.28
CAB CLA JA . -24.69 -9.14 3.93
CBB CLA JA . -25.80 -9.36 4.63
NC CLA JA . -24.00 -13.91 1.48
C1C CLA JA . -24.30 -13.43 2.72
C2C CLA JA . -24.41 -14.54 3.64
C3C CLA JA . -24.17 -15.69 2.93
C4C CLA JA . -23.91 -15.29 1.56
CMC CLA JA . -24.71 -14.42 5.06
CAC CLA JA . -24.15 -17.05 3.42
CBC CLA JA . -22.76 -17.42 3.87
ND CLA JA . -23.31 -14.44 -1.17
C1D CLA JA . -23.34 -15.79 -0.75
C2D CLA JA . -23.00 -16.64 -1.90
C3D CLA JA . -22.86 -15.80 -2.97
C4D CLA JA . -23.08 -14.44 -2.47
CMD CLA JA . -22.88 -18.09 -1.84
CAD CLA JA . -22.53 -15.68 -4.37
OBD CLA JA . -22.18 -16.56 -5.14
CBD CLA JA . -22.69 -14.19 -4.76
CGD CLA JA . -21.47 -13.72 -5.49
O1D CLA JA . -21.37 -13.48 -6.70
O2D CLA JA . -20.39 -13.55 -4.70
CED CLA JA . -19.11 -13.58 -5.33
C1 CLA JA . -20.65 -8.96 -7.33
C2 CLA JA . -19.50 -9.38 -6.51
C3 CLA JA . -18.33 -8.75 -6.53
C4 CLA JA . -18.10 -7.57 -7.37
C5 CLA JA . -17.21 -9.21 -5.69
C6 CLA JA . -17.62 -9.39 -4.25
C7 CLA JA . -16.50 -8.83 -3.39
C8 CLA JA . -16.42 -9.53 -2.05
C9 CLA JA . -15.83 -10.91 -2.24
C10 CLA JA . -17.78 -9.62 -1.42
C11 CLA JA . -18.08 -8.40 -0.58
C12 CLA JA . -18.18 -8.81 0.86
C13 CLA JA . -19.56 -9.34 1.14
C14 CLA JA . -20.28 -8.42 2.10
C15 CLA JA . -19.48 -10.74 1.72
C16 CLA JA . -19.89 -11.77 0.70
C17 CLA JA . -19.92 -13.13 1.31
C18 CLA JA . -18.88 -14.03 0.68
C19 CLA JA . -18.85 -13.86 -0.82
C20 CLA JA . -19.15 -15.46 1.04
MG CLA KA . -23.30 -30.26 6.18
CHA CLA KA . -21.44 -33.10 6.84
CHB CLA KA . -20.43 -28.56 5.57
CHC CLA KA . -25.16 -27.47 5.53
CHD CLA KA . -26.23 -32.06 6.91
NA CLA KA . -21.27 -30.79 6.18
C1A CLA KA . -20.70 -32.03 6.47
C2A CLA KA . -19.19 -31.98 6.35
C3A CLA KA . -18.91 -30.51 5.98
C4A CLA KA . -20.30 -29.89 5.88
CMA CLA KA . -18.15 -29.83 7.07
CAA CLA KA . -18.71 -32.86 5.22
CBA CLA KA . -19.49 -32.63 3.94
CGA CLA KA . -19.10 -33.70 2.96
O1A CLA KA . -18.27 -34.59 3.12
O2A CLA KA . -19.76 -33.62 1.76
NB CLA KA . -22.88 -28.38 5.63
C1B CLA KA . -21.64 -27.86 5.47
C2B CLA KA . -21.74 -26.41 5.21
C3B CLA KA . -23.06 -26.09 5.19
C4B CLA KA . -23.82 -27.34 5.46
CMB CLA KA . -20.58 -25.55 5.00
CAB CLA KA . -23.66 -24.82 4.97
CBB CLA KA . -24.41 -24.50 3.92
NC CLA KA . -25.33 -29.87 6.20
C1C CLA KA . -25.87 -28.65 5.87
C2C CLA KA . -27.32 -28.74 5.94
C3C CLA KA . -27.62 -30.02 6.37
C4C CLA KA . -26.36 -30.73 6.52
CMC CLA KA . -28.25 -27.65 5.64
CAC CLA KA . -28.96 -30.57 6.57
CBC CLA KA . -29.44 -31.21 5.30
ND CLA KA . -23.80 -32.14 6.70
C1D CLA KA . -25.04 -32.73 7.01
C2D CLA KA . -24.80 -34.14 7.42
C3D CLA KA . -23.45 -34.32 7.36
C4D CLA KA . -22.87 -33.06 6.93
CMD CLA KA . -25.84 -35.08 7.81
CAD CLA KA . -22.35 -35.25 7.54
OBD CLA KA . -22.38 -36.43 7.83
CBD CLA KA . -21.05 -34.48 7.30
CGD CLA KA . -20.34 -34.35 8.60
O1D CLA KA . -20.33 -33.37 9.33
O2D CLA KA . -19.65 -35.44 8.98
CED CLA KA . -18.95 -35.34 10.21
C1 CLA KA . -19.78 -34.83 0.97
C2 CLA KA . -19.57 -34.46 -0.45
C3 CLA KA . -20.56 -34.40 -1.36
C4 CLA KA . -21.97 -34.71 -1.01
C5 CLA KA . -20.28 -34.02 -2.76
C6 CLA KA . -21.48 -33.47 -3.52
C7 CLA KA . -20.99 -32.68 -4.73
C8 CLA KA . -21.91 -32.80 -5.94
C9 CLA KA . -21.52 -34.01 -6.77
C10 CLA KA . -21.84 -31.54 -6.79
C11 CLA KA . -22.70 -31.65 -8.04
C12 CLA KA . -22.94 -30.31 -8.68
C13 CLA KA . -24.41 -29.91 -8.67
C14 CLA KA . -24.83 -29.32 -10.00
C15 CLA KA . -24.74 -28.94 -7.54
C16 CLA KA . -25.34 -29.64 -6.34
C17 CLA KA . -26.85 -29.58 -6.32
C18 CLA KA . -27.46 -30.28 -5.12
C19 CLA KA . -26.91 -31.70 -4.96
C20 CLA KA . -28.97 -30.28 -5.23
MG CLA LA . -14.62 -24.88 9.20
CHA CLA LA . -16.92 -23.07 11.02
CHB CLA LA . -17.08 -25.82 7.06
CHC CLA LA . -12.26 -26.46 7.28
CHD CLA LA . -12.09 -23.81 11.39
NA CLA LA . -16.67 -24.52 9.11
C1A CLA LA . -17.43 -23.71 9.95
C2A CLA LA . -18.88 -23.69 9.50
C3A CLA LA . -18.91 -24.72 8.37
C4A CLA LA . -17.45 -25.04 8.14
CMA CLA LA . -19.67 -25.94 8.80
CAA CLA LA . -19.13 -22.32 8.93
CBA CLA LA . -19.47 -22.37 7.45
CGA CLA LA . -18.48 -21.57 6.67
O1A CLA LA . -17.27 -21.65 6.69
O2A CLA LA . -19.04 -20.67 5.83
NB CLA LA . -14.68 -25.96 7.51
C1B CLA LA . -15.76 -26.19 6.76
C2B CLA LA . -15.37 -26.93 5.54
C3B CLA LA . -14.03 -27.13 5.60
C4B CLA LA . -13.55 -26.51 6.86
CMB CLA LA . -16.34 -27.34 4.53
CAB CLA LA . -13.15 -27.77 4.68
CBB CLA LA . -12.95 -29.09 4.64
NC CLA LA . -12.55 -25.12 9.34
C1C CLA LA . -11.79 -25.80 8.44
C2C CLA LA . -10.40 -25.75 8.85
C3C CLA LA . -10.35 -24.99 10.01
C4C CLA LA . -11.71 -24.60 10.31
CMC CLA LA . -9.27 -26.35 8.14
CAC CLA LA . -9.15 -24.66 10.79
CBC CLA LA . -8.93 -25.65 11.90
ND CLA LA . -14.48 -23.79 10.87
C1D CLA LA . -13.37 -23.42 11.66
C2D CLA LA . -13.85 -22.59 12.77
C3D CLA LA . -15.19 -22.41 12.57
C4D CLA LA . -15.53 -23.16 11.37
CMD CLA LA . -12.98 -22.07 13.81
CAD CLA LA . -16.41 -21.80 13.06
OBD CLA LA . -16.61 -21.14 14.07
CBD CLA LA . -17.53 -22.16 12.06
CGD CLA LA . -18.67 -22.71 12.84
O1D CLA LA . -19.21 -22.20 13.82
O2D CLA LA . -19.15 -23.90 12.41
CED CLA LA . -20.24 -24.42 13.17
C1 CLA LA . -18.98 -21.00 4.43
C2 CLA LA . -17.73 -20.49 3.83
C3 CLA LA . -17.71 -19.59 2.83
C4 CLA LA . -18.95 -19.02 2.24
C5 CLA LA . -16.43 -19.11 2.24
C6 CLA LA . -15.89 -20.13 1.25
C7 CLA LA . -16.29 -19.79 -0.17
C8 CLA LA . -16.25 -20.99 -1.12
C9 CLA LA . -17.61 -21.62 -1.16
C10 CLA LA . -15.20 -22.03 -0.73
C11 CLA LA . -15.39 -23.32 -1.49
C12 CLA LA . -14.80 -23.26 -2.89
C13 CLA LA . -14.72 -24.65 -3.53
C14 CLA LA . -14.08 -25.64 -2.60
C15 CLA LA . -13.91 -24.62 -4.82
C16 CLA LA . -14.68 -23.97 -5.93
C17 CLA LA . -13.74 -23.29 -6.89
C18 CLA LA . -14.40 -23.01 -8.22
C19 CLA LA . -13.45 -22.27 -9.12
C20 CLA LA . -15.66 -22.20 -8.00
MG CLA MA . -9.22 -32.72 4.48
CHA CLA MA . -12.54 -32.63 5.45
CHB CLA MA . -9.95 -35.09 2.20
CHC CLA MA . -5.93 -32.72 3.51
CHD CLA MA . -8.50 -30.26 6.90
NA CLA MA . -10.98 -33.68 3.94
C1A CLA MA . -12.27 -33.49 4.44
C2A CLA MA . -13.25 -34.42 3.73
C3A CLA MA . -12.39 -35.16 2.69
C4A CLA MA . -11.00 -34.62 2.95
CMA CLA MA . -12.37 -36.64 2.93
CAA CLA MA . -14.42 -33.71 3.06
CBA CLA MA . -14.07 -32.45 2.31
CGA CLA MA . -15.19 -31.49 2.56
O1A CLA MA . -15.38 -30.83 3.58
O2A CLA MA . -16.09 -31.35 1.54
NB CLA MA . -8.16 -33.64 3.05
C1B CLA MA . -8.62 -34.69 2.33
C2B CLA MA . -7.49 -35.37 1.67
C3B CLA MA . -6.37 -34.71 2.04
C4B CLA MA . -6.77 -33.61 2.92
CMB CLA MA . -7.62 -36.55 0.82
CAB CLA MA . -5.00 -34.97 1.70
CBB CLA MA . -4.39 -34.37 0.69
NC CLA MA . -7.53 -31.66 5.08
C1C CLA MA . -6.30 -31.80 4.52
C2C CLA MA . -5.38 -30.87 5.15
C3C CLA MA . -6.09 -30.20 6.12
C4C CLA MA . -7.45 -30.70 6.08
CMC CLA MA . -3.98 -30.75 4.79
CAC CLA MA . -5.58 -29.15 7.01
CBC CLA MA . -5.80 -27.78 6.45
ND CLA MA . -10.20 -31.72 5.92
C1D CLA MA . -9.78 -30.74 6.85
C2D CLA MA . -10.93 -30.34 7.66
C3D CLA MA . -12.01 -31.01 7.17
C4D CLA MA . -11.51 -31.86 6.07
CMD CLA MA . -10.88 -29.39 8.76
CAD CLA MA . -13.42 -31.27 7.29
OBD CLA MA . -14.22 -30.80 8.10
CBD CLA MA . -13.81 -32.28 6.18
CGD CLA MA . -14.38 -33.48 6.85
O1D CLA MA . -13.80 -34.34 7.51
O2D CLA MA . -15.72 -33.57 6.74
CED CLA MA . -16.42 -33.54 7.99
C1 CLA MA . -17.11 -30.33 1.71
C2 CLA MA . -18.35 -30.78 1.04
C3 CLA MA . -19.52 -30.10 1.07
C4 CLA MA . -19.68 -28.83 1.81
C5 CLA MA . -20.73 -30.62 0.37
C6 CLA MA . -21.65 -29.54 -0.19
C7 CLA MA . -21.22 -29.15 -1.59
C8 CLA MA . -22.36 -29.10 -2.60
C9 CLA MA . -21.79 -29.04 -4.00
C10 CLA MA . -23.26 -27.90 -2.37
C11 CLA MA . -24.09 -27.50 -3.57
C12 CLA MA . -25.00 -26.35 -3.24
C13 CLA MA . -26.24 -26.27 -4.13
C14 CLA MA . -25.82 -26.08 -5.58
C15 CLA MA . -27.18 -25.15 -3.70
C16 CLA MA . -28.43 -25.10 -4.57
C17 CLA MA . -29.54 -24.33 -3.91
C18 CLA MA . -30.89 -25.03 -4.01
C19 CLA MA . -30.94 -26.29 -3.15
C20 CLA MA . -31.26 -25.35 -5.43
MG CLA NA . -45.26 -12.51 -2.53
CHA CLA NA . -48.20 -12.34 -4.31
CHB CLA NA . -45.01 -9.14 -2.61
CHC CLA NA . -42.53 -12.74 -0.50
CHD CLA NA . -45.60 -16.02 -2.44
NA CLA NA . -46.40 -11.00 -3.38
C1A CLA NA . -47.62 -11.14 -4.05
C2A CLA NA . -48.15 -9.79 -4.49
C3A CLA NA . -47.00 -8.84 -4.13
C4A CLA NA . -46.07 -9.70 -3.29
CMA CLA NA . -46.33 -8.44 -5.39
CAA CLA NA . -49.39 -9.43 -3.72
CBA CLA NA . -49.27 -9.71 -2.24
CGA CLA NA . -50.47 -9.20 -1.52
O1A CLA NA . -50.99 -8.09 -1.58
O2A CLA NA . -51.06 -10.14 -0.71
NB CLA NA . -44.04 -11.18 -1.65
C1B CLA NA . -44.08 -9.85 -1.85
C2B CLA NA . -42.91 -9.23 -1.19
C3B CLA NA . -42.19 -10.22 -0.60
C4B CLA NA . -42.89 -11.50 -0.89
CMB CLA NA . -42.64 -7.81 -1.25
CAB CLA NA . -40.96 -10.13 0.13
CBB CLA NA . -40.66 -10.74 1.28
NC CLA NA . -44.24 -14.10 -1.66
C1C CLA NA . -43.15 -13.96 -0.86
C2C CLA NA . -42.72 -15.27 -0.39
C3C CLA NA . -43.58 -16.20 -0.96
C4C CLA NA . -44.53 -15.45 -1.74
CMC CLA NA . -41.59 -15.52 0.49
CAC CLA NA . -43.54 -17.65 -0.80
CBC CLA NA . -44.43 -18.11 0.33
ND CLA NA . -46.45 -13.92 -3.34
C1D CLA NA . -46.50 -15.32 -3.19
C2D CLA NA . -47.66 -15.84 -3.93
C3D CLA NA . -48.34 -14.73 -4.38
C4D CLA NA . -47.57 -13.56 -3.95
CMD CLA NA . -47.97 -17.24 -4.07
CAD CLA NA . -49.45 -14.24 -5.14
OBD CLA NA . -50.25 -14.84 -5.84
CBD CLA NA . -49.48 -12.71 -5.00
CGD CLA NA . -49.55 -12.12 -6.36
O1D CLA NA . -48.68 -12.08 -7.21
O2D CLA NA . -50.75 -11.60 -6.67
CED CLA NA . -50.71 -10.32 -7.30
C1 CLA NA . -51.47 -9.72 0.61
C2 CLA NA . -51.03 -10.82 1.49
C3 CLA NA . -51.86 -11.55 2.24
C4 CLA NA . -53.32 -11.30 2.22
C5 CLA NA . -51.36 -12.65 3.09
C6 CLA NA . -51.05 -12.24 4.51
C7 CLA NA . -50.93 -13.49 5.37
C8 CLA NA . -49.79 -14.39 4.90
C9 CLA NA . -49.78 -15.70 5.66
C10 CLA NA . -48.46 -13.68 5.11
C11 CLA NA . -48.13 -13.46 6.56
C12 CLA NA . -46.77 -12.78 6.68
C13 CLA NA . -46.32 -12.59 8.11
C14 CLA NA . -44.86 -12.15 8.14
C15 CLA NA . -46.47 -13.85 8.93
C16 CLA NA . -46.06 -13.58 10.36
C17 CLA NA . -46.08 -14.84 11.18
C18 CLA NA . -46.94 -14.67 12.42
C19 CLA NA . -46.82 -15.87 13.33
C20 CLA NA . -48.40 -14.47 12.01
MG CLA OA . -35.05 -18.85 -14.01
CHA CLA OA . -33.79 -16.60 -16.27
CHB CLA OA . -35.16 -21.22 -16.46
CHC CLA OA . -35.83 -21.22 -11.65
CHD CLA OA . -34.81 -16.41 -11.49
NA CLA OA . -34.62 -18.86 -16.04
C1A CLA OA . -34.05 -17.83 -16.78
C2A CLA OA . -33.83 -18.25 -18.22
C3A CLA OA . -34.51 -19.62 -18.29
C4A CLA OA . -34.78 -19.95 -16.84
CMA CLA OA . -35.78 -19.52 -19.08
CAA CLA OA . -32.34 -18.47 -18.44
CBA CLA OA . -31.66 -19.16 -17.28
CGA CLA OA . -30.18 -19.36 -17.52
O1A CLA OA . -29.60 -19.50 -18.60
O2A CLA OA . -29.43 -19.37 -16.38
NB CLA OA . -35.35 -20.84 -14.04
C1B CLA OA . -35.45 -21.59 -15.15
C2B CLA OA . -35.94 -22.93 -14.80
C3B CLA OA . -36.13 -22.95 -13.45
C4B CLA OA . -35.77 -21.62 -12.94
CMB CLA OA . -36.15 -23.95 -15.80
CAB CLA OA . -36.60 -23.99 -12.60
CBB CLA OA . -36.03 -25.19 -12.52
NC CLA OA . -35.34 -18.80 -11.96
C1C CLA OA . -35.64 -19.89 -11.19
C2C CLA OA . -35.68 -19.51 -9.80
C3C CLA OA . -35.42 -18.15 -9.75
C4C CLA OA . -35.18 -17.71 -11.10
CMC CLA OA . -35.95 -20.43 -8.69
CAC CLA OA . -35.31 -17.35 -8.55
CBC CLA OA . -33.88 -17.40 -8.04
ND CLA OA . -34.69 -16.88 -13.89
C1D CLA OA . -34.57 -16.01 -12.77
C2D CLA OA . -34.14 -14.70 -13.27
C3D CLA OA . -33.83 -14.86 -14.59
C4D CLA OA . -34.14 -16.26 -14.92
CMD CLA OA . -34.03 -13.51 -12.44
CAD CLA OA . -33.42 -14.23 -15.81
OBD CLA OA . -33.26 -13.05 -16.07
CBD CLA OA . -33.21 -15.35 -16.86
CGD CLA OA . -33.90 -14.96 -18.12
O1D CLA OA . -35.01 -15.28 -18.51
O2D CLA OA . -33.14 -14.14 -18.90
CED CLA OA . -33.84 -13.14 -19.62
C1 CLA OA . -28.98 -20.63 -15.84
C2 CLA OA . -28.11 -20.32 -14.68
C3 CLA OA . -27.61 -21.22 -13.81
C4 CLA OA . -27.87 -22.67 -13.92
C5 CLA OA . -26.75 -20.81 -12.68
C6 CLA OA . -27.19 -21.37 -11.34
C7 CLA OA . -27.47 -20.24 -10.36
C8 CLA OA . -27.57 -20.74 -8.94
C9 CLA OA . -28.71 -20.09 -8.20
C10 CLA OA . -26.26 -20.46 -8.21
C11 CLA OA . -26.29 -20.97 -6.79
C12 CLA OA . -24.98 -21.65 -6.46
C13 CLA OA . -24.24 -20.91 -5.37
C14 CLA OA . -23.39 -19.82 -5.99
C15 CLA OA . -23.36 -21.85 -4.57
C16 CLA OA . -21.99 -21.97 -5.20
C17 CLA OA . -20.91 -21.93 -4.14
C18 CLA OA . -19.58 -21.47 -4.71
C19 CLA OA . -19.79 -20.42 -5.78
C20 CLA OA . -18.79 -22.62 -5.28
MG CLA PA . -50.12 -3.62 3.18
CHA CLA PA . -49.76 -3.35 -0.24
CHB CLA PA . -51.91 -0.76 3.20
CHC CLA PA . -50.49 -3.95 6.56
CHD CLA PA . -48.25 -6.60 3.09
NA CLA PA . -50.70 -2.29 1.69
C1A CLA PA . -50.47 -2.36 0.33
C2A CLA PA . -51.07 -1.16 -0.40
C3A CLA PA . -51.71 -0.35 0.74
C4A CLA PA . -51.43 -1.18 1.97
CMA CLA PA . -51.02 0.97 0.86
CAA CLA PA . -52.13 -1.56 -1.40
CBA CLA PA . -53.29 -2.23 -0.70
CGA CLA PA . -53.12 -3.72 -0.80
O1A CLA PA . -53.05 -4.40 -1.82
O2A CLA PA . -53.03 -4.32 0.42
NB CLA PA . -51.01 -2.55 4.61
C1B CLA PA . -51.72 -1.41 4.41
C2B CLA PA . -52.28 -0.96 5.69
C3B CLA PA . -51.89 -1.84 6.65
C4B CLA PA . -51.07 -2.87 5.97
CMB CLA PA . -53.11 0.23 5.84
CAB CLA PA . -52.16 -1.82 8.04
CBB CLA PA . -53.03 -2.61 8.63
NC CLA PA . -49.48 -5.01 4.56
C1C CLA PA . -49.75 -4.95 5.89
C2C CLA PA . -49.14 -6.07 6.56
C3C CLA PA . -48.52 -6.84 5.59
C4C CLA PA . -48.74 -6.17 4.33
CMC CLA PA . -49.20 -6.32 8.00
CAC CLA PA . -47.76 -8.07 5.81
CBC CLA PA . -48.56 -9.29 5.51
ND CLA PA . -49.19 -4.76 1.81
C1D CLA PA . -48.45 -5.95 1.90
C2D CLA PA . -47.97 -6.31 0.56
C3D CLA PA . -48.44 -5.34 -0.29
C4D CLA PA . -49.19 -4.40 0.53
CMD CLA PA . -47.15 -7.47 0.25
CAD CLA PA . -48.48 -4.87 -1.64
OBD CLA PA . -47.98 -5.33 -2.64
CBD CLA PA . -49.34 -3.59 -1.66
CGD CLA PA . -48.52 -2.45 -2.15
O1D CLA PA . -48.26 -1.40 -1.56
O2D CLA PA . -47.99 -2.60 -3.37
CED CLA PA . -47.56 -1.38 -3.97
C1 CLA PA . -53.29 -5.74 0.52
C2 CLA PA . -53.94 -5.98 1.83
C3 CLA PA . -53.31 -6.51 2.87
C4 CLA PA . -51.89 -6.91 2.80
C5 CLA PA . -54.03 -6.73 4.16
C6 CLA PA . -53.24 -6.31 5.38
C7 CLA PA . -54.05 -6.47 6.64
C8 CLA PA . -55.23 -5.51 6.71
C9 CLA PA . -55.54 -5.17 8.14
MG CLA QA . -40.60 -5.84 1.23
CHA CLA QA . -37.51 -6.75 0.08
CHB CLA QA . -39.98 -7.46 4.13
CHC CLA QA . -43.70 -4.95 2.35
CHD CLA QA . -41.26 -4.29 -1.85
NA CLA QA . -38.98 -6.91 1.96
C1A CLA QA . -37.78 -7.18 1.33
C2A CLA QA . -36.87 -8.02 2.21
C3A CLA QA . -37.71 -8.24 3.48
C4A CLA QA . -38.98 -7.48 3.19
CMA CLA QA . -38.02 -9.70 3.60
CAA CLA QA . -35.61 -7.30 2.62
CBA CLA QA . -34.58 -8.34 3.00
CGA CLA QA . -34.43 -8.41 4.48
O1A CLA QA . -33.59 -7.87 5.18
O2A CLA QA . -35.36 -9.20 5.08
NB CLA QA . -41.61 -6.08 2.95
C1B CLA QA . -41.21 -6.83 3.98
C2B CLA QA . -42.29 -6.96 4.97
C3B CLA QA . -43.35 -6.26 4.47
C4B CLA QA . -42.94 -5.70 3.17
CMB CLA QA . -42.15 -7.75 6.18
CAB CLA QA . -44.66 -6.08 5.02
CBB CLA QA . -44.91 -5.92 6.31
NC CLA QA . -42.16 -4.77 0.41
C1C CLA QA . -43.32 -4.51 1.05
C2C CLA QA . -44.17 -3.74 0.19
C3C CLA QA . -43.52 -3.58 -1.01
C4C CLA QA . -42.25 -4.23 -0.86
CMC CLA QA . -45.50 -3.27 0.57
CAC CLA QA . -44.00 -2.89 -2.19
CBC CLA QA . -43.84 -1.40 -2.14
ND CLA QA . -39.67 -5.57 -0.52
C1D CLA QA . -40.03 -4.88 -1.71
C2D CLA QA . -38.93 -5.00 -2.68
C3D CLA QA . -37.96 -5.71 -2.04
C4D CLA QA . -38.46 -6.03 -0.70
CMD CLA QA . -38.90 -4.45 -4.02
CAD CLA QA . -36.66 -6.30 -2.15
OBD CLA QA . -35.92 -6.38 -3.11
CBD CLA QA . -36.31 -6.92 -0.78
CGD CLA QA . -35.99 -8.35 -0.92
O1D CLA QA . -35.22 -9.02 -0.24
O2D CLA QA . -36.67 -8.95 -1.92
CED CLA QA . -36.85 -10.36 -1.78
C1 CLA QA . -34.93 -9.93 6.25
C2 CLA QA . -35.49 -11.29 6.13
C3 CLA QA . -36.63 -11.65 6.74
C4 CLA QA . -37.41 -10.73 7.58
C5 CLA QA . -37.19 -13.03 6.61
C6 CLA QA . -38.70 -13.00 6.68
C7 CLA QA . -39.28 -13.21 5.32
C8 CLA QA . -40.75 -13.59 5.42
C9 CLA QA . -41.23 -14.18 4.11
C10 CLA QA . -41.59 -12.38 5.80
C11 CLA QA . -42.08 -11.66 4.57
C12 CLA QA . -43.47 -11.10 4.75
C13 CLA QA . -44.17 -10.95 3.42
C14 CLA QA . -43.61 -9.79 2.65
C15 CLA QA . -45.66 -10.73 3.55
C16 CLA QA . -46.32 -11.20 2.30
C17 CLA QA . -46.04 -12.67 2.12
C18 CLA QA . -46.67 -13.23 0.88
C19 CLA QA . -48.00 -12.57 0.60
C20 CLA QA . -46.84 -14.72 1.05
MG CLA RA . -39.90 -17.94 19.49
CHA CLA RA . -38.80 -21.10 20.33
CHB CLA RA . -37.18 -17.52 17.55
CHC CLA RA . -41.08 -14.86 18.63
CHD CLA RA . -42.60 -18.33 21.74
NA CLA RA . -38.26 -19.15 19.02
C1A CLA RA . -37.99 -20.44 19.45
C2A CLA RA . -36.67 -20.95 18.89
C3A CLA RA . -36.16 -19.76 18.07
C4A CLA RA . -37.28 -18.72 18.20
CMA CLA RA . -34.88 -19.23 18.64
CAA CLA RA . -36.84 -22.15 18.00
CBA CLA RA . -37.99 -21.95 17.06
CGA CLA RA . -37.75 -22.76 15.83
O1A CLA RA . -36.88 -22.58 14.96
O2A CLA RA . -38.59 -23.80 15.66
NB CLA RA . -39.22 -16.45 18.35
C1B CLA RA . -38.12 -16.49 17.59
C2B CLA RA . -38.02 -15.24 16.78
C3B CLA RA . -39.12 -14.49 17.09
C4B CLA RA . -39.90 -15.25 18.08
CMB CLA RA . -36.93 -14.99 15.86
CAB CLA RA . -39.53 -13.20 16.59
CBB CLA RA . -39.70 -12.91 15.31
NC CLA RA . -41.56 -16.83 20.05
C1C CLA RA . -41.86 -15.60 19.55
C2C CLA RA . -43.09 -15.12 20.14
C3C CLA RA . -43.51 -16.07 21.05
C4C CLA RA . -42.53 -17.16 21.00
CMC CLA RA . -43.73 -13.85 19.82
CAC CLA RA . -44.68 -16.01 21.91
CBC CLA RA . -45.89 -16.58 21.22
ND CLA RA . -40.66 -19.39 20.67
C1D CLA RA . -41.73 -19.39 21.60
C2D CLA RA . -41.74 -20.68 22.31
C3D CLA RA . -40.68 -21.40 21.80
C4D CLA RA . -40.01 -20.53 20.82
CMD CLA RA . -42.72 -21.07 23.31
CAD CLA RA . -39.93 -22.63 21.84
OBD CLA RA . -40.20 -23.66 22.41
CBD CLA RA . -38.65 -22.43 20.98
CGD CLA RA . -37.45 -22.43 21.85
O1D CLA RA . -36.26 -22.47 21.50
O2D CLA RA . -37.72 -22.36 23.18
CED CLA RA . -36.64 -22.61 24.07
C1 CLA RA . -39.24 -23.88 14.38
C2 CLA RA . -40.59 -23.33 14.62
C3 CLA RA . -41.70 -24.07 14.54
C4 CLA RA . -41.66 -25.50 14.20
C5 CLA RA . -43.04 -23.47 14.81
C6 CLA RA . -43.71 -22.95 13.56
C7 CLA RA . -44.82 -22.00 13.95
C8 CLA RA . -44.78 -20.61 13.31
C9 CLA RA . -45.83 -19.79 14.03
C10 CLA RA . -45.11 -20.66 11.83
C11 CLA RA . -46.18 -19.70 11.35
C12 CLA RA . -45.63 -18.40 10.83
C13 CLA RA . -45.45 -18.34 9.31
C14 CLA RA . -46.21 -19.42 8.57
C15 CLA RA . -43.97 -18.36 8.94
MG CLA SA . -47.47 -10.98 25.99
CHA CLA SA . -49.40 -12.66 28.31
CHB CLA SA . -48.47 -13.17 23.60
CHC CLA SA . -45.58 -9.26 23.71
CHD CLA SA . -46.58 -8.65 28.49
NA CLA SA . -48.71 -12.65 26.00
C1A CLA SA . -49.43 -13.19 27.06
C2A CLA SA . -50.20 -14.42 26.63
C3A CLA SA . -49.87 -14.55 25.14
C4A CLA SA . -48.95 -13.38 24.88
CMA CLA SA . -49.19 -15.86 24.88
CAA CLA SA . -51.69 -14.23 26.81
CBA CLA SA . -52.14 -12.90 26.27
CGA CLA SA . -53.49 -12.70 26.86
O1A CLA SA . -53.78 -12.59 28.05
O2A CLA SA . -54.48 -12.67 25.92
NB CLA SA . -47.17 -11.12 24.01
C1B CLA SA . -47.59 -12.14 23.24
C2B CLA SA . -46.97 -12.05 21.90
C3B CLA SA . -46.16 -10.96 21.92
C4B CLA SA . -46.25 -10.36 23.27
CMB CLA SA . -47.21 -13.03 20.85
CAB CLA SA . -45.29 -10.47 20.90
CBB CLA SA . -45.51 -9.44 20.10
NC CLA SA . -46.28 -9.29 26.11
C1C CLA SA . -45.58 -8.77 25.05
C2C CLA SA . -44.88 -7.58 25.48
C3C CLA SA . -45.17 -7.40 26.82
C4C CLA SA . -46.05 -8.48 27.21
CMC CLA SA . -44.04 -6.75 24.63
CAC CLA SA . -44.70 -6.34 27.71
CBC CLA SA . -45.70 -5.23 27.79
ND CLA SA . -47.73 -10.76 27.98
C1D CLA SA . -47.37 -9.72 28.87
C2D CLA SA . -47.96 -9.99 30.18
C3D CLA SA . -48.71 -11.14 30.04
C4D CLA SA . -48.58 -11.53 28.64
CMD CLA SA . -47.72 -9.15 31.34
CAD CLA SA . -49.58 -12.10 30.68
OBD CLA SA . -49.90 -12.23 31.85
CBD CLA SA . -50.10 -13.05 29.58
CGD CLA SA . -49.72 -14.44 29.92
O1D CLA SA . -50.27 -15.48 29.59
O2D CLA SA . -48.61 -14.52 30.69
CED CLA SA . -47.87 -15.73 30.61
C1 CLA SA . -54.37 -11.73 24.83
C2 CLA SA . -55.30 -12.18 23.78
C3 CLA SA . -54.90 -12.41 22.52
C4 CLA SA . -53.49 -12.21 22.11
C5 CLA SA . -55.84 -12.87 21.47
C6 CLA SA . -55.39 -14.11 20.73
C7 CLA SA . -56.37 -14.40 19.60
C8 CLA SA . -56.16 -15.75 18.93
C9 CLA SA . -54.69 -16.01 18.67
C10 CLA SA . -56.92 -15.79 17.61
C11 CLA SA . -57.14 -17.19 17.10
C12 CLA SA . -58.45 -17.29 16.34
C13 CLA SA . -58.51 -18.45 15.37
C14 CLA SA . -59.74 -18.38 14.50
C15 CLA SA . -58.48 -19.79 16.10
C16 CLA SA . -58.56 -20.93 15.10
C17 CLA SA . -59.60 -21.94 15.54
C18 CLA SA . -59.38 -23.33 14.93
C19 CLA SA . -58.58 -23.28 13.65
C20 CLA SA . -58.72 -24.26 15.91
MG CLA TA . -43.90 -25.52 20.85
CHA CLA TA . -42.35 -28.61 21.11
CHB CLA TA . -41.41 -24.45 18.84
CHC CLA TA . -45.46 -22.48 20.67
CHD CLA TA . -46.47 -26.70 22.95
NA CLA TA . -42.17 -26.42 20.09
C1A CLA TA . -41.69 -27.70 20.32
C2A CLA TA . -40.40 -27.97 19.57
C3A CLA TA . -40.13 -26.62 18.87
C4A CLA TA . -41.31 -25.75 19.27
CMA CLA TA . -38.83 -26.05 19.34
CAA CLA TA . -40.59 -29.04 18.52
CBA CLA TA . -41.84 -28.75 17.69
CGA CLA TA . -42.12 -29.87 16.73
O1A CLA TA . -41.71 -31.02 16.74
O2A CLA TA . -42.97 -29.48 15.73
NB CLA TA . -43.48 -23.77 19.97
C1B CLA TA . -42.44 -23.53 19.15
C2B CLA TA . -42.51 -22.14 18.65
C3B CLA TA . -43.64 -21.58 19.16
C4B CLA TA . -44.29 -22.62 20.01
CMB CLA TA . -41.54 -21.54 17.74
CAB CLA TA . -44.17 -20.28 18.97
CBB CLA TA . -45.22 -20.03 18.19
NC CLA TA . -45.66 -24.76 21.64
C1C CLA TA . -46.12 -23.49 21.42
C2C CLA TA . -47.37 -23.29 22.11
C3C CLA TA . -47.64 -24.47 22.77
C4C CLA TA . -46.57 -25.39 22.48
CMC CLA TA . -48.14 -22.06 22.09
CAC CLA TA . -48.82 -24.75 23.60
CBC CLA TA . -49.92 -25.33 22.76
ND CLA TA . -44.42 -27.26 21.73
C1D CLA TA . -45.47 -27.59 22.62
C2D CLA TA . -45.28 -28.97 23.09
C3D CLA TA . -44.12 -29.41 22.53
C4D CLA TA . -43.60 -28.30 21.72
CMD CLA TA . -46.19 -29.66 23.98
CAD CLA TA . -43.19 -30.51 22.40
OBD CLA TA . -43.25 -31.65 22.83
CBD CLA TA . -41.99 -29.99 21.57
CGD CLA TA . -40.79 -29.93 22.45
O1D CLA TA . -40.13 -28.94 22.76
O2D CLA TA . -40.41 -31.12 22.98
CED CLA TA . -39.14 -31.14 23.62
C1 CLA TA . -42.83 -30.14 14.44
C2 CLA TA . -43.17 -29.14 13.39
C3 CLA TA . -44.35 -29.07 12.76
C4 CLA TA . -45.47 -30.00 13.04
C5 CLA TA . -44.60 -28.03 11.72
C6 CLA TA . -45.78 -27.15 12.06
C7 CLA TA . -45.71 -25.82 11.35
C8 CLA TA . -47.06 -25.10 11.39
C9 CLA TA . -48.09 -25.93 10.66
C10 CLA TA . -46.98 -23.71 10.78
C11 CLA TA . -47.02 -23.75 9.27
C12 CLA TA . -47.96 -22.72 8.69
MG CLA UA . -40.55 2.56 29.20
CHA CLA UA . -39.18 3.34 32.28
CHB CLA UA . -42.54 0.25 30.66
CHC CLA UA . -42.07 2.04 26.17
CHD CLA UA . -38.60 5.10 27.75
NA CLA UA . -40.77 1.88 31.16
C1A CLA UA . -40.13 2.35 32.31
C2A CLA UA . -40.63 1.61 33.54
C3A CLA UA . -41.59 0.56 32.96
C4A CLA UA . -41.65 0.91 31.49
CMA CLA UA . -41.03 -0.81 33.13
CAA CLA UA . -41.40 2.60 34.38
CBA CLA UA . -42.46 3.32 33.58
CGA CLA UA . -42.07 4.73 33.28
O1A CLA UA . -41.32 5.46 33.91
O2A CLA UA . -42.66 5.25 32.18
NB CLA UA . -42.01 1.36 28.53
C1B CLA UA . -42.71 0.48 29.28
C2B CLA UA . -43.71 -0.22 28.44
C3B CLA UA . -43.58 0.28 27.18
C4B CLA UA . -42.50 1.29 27.21
CMB CLA UA . -44.63 -1.24 28.94
CAB CLA UA . -44.33 -0.06 26.01
CBB CLA UA . -45.09 0.77 25.31
NC CLA UA . -40.32 3.37 27.30
C1C CLA UA . -41.03 3.01 26.21
C2C CLA UA . -40.64 3.81 25.07
C3C CLA UA . -39.68 4.70 25.51
C4C CLA UA . -39.48 4.41 26.92
CMC CLA UA . -41.22 3.73 23.74
CAC CLA UA . -39.02 5.74 24.73
CBC CLA UA . -37.73 5.24 24.16
ND CLA UA . -39.11 3.84 29.78
C1D CLA UA . -38.42 4.84 29.09
C2D CLA UA . -37.52 5.54 30.02
C3D CLA UA . -37.77 5.00 31.25
C4D CLA UA . -38.79 3.97 31.06
CMD CLA UA . -36.63 6.59 29.60
CAD CLA UA . -37.44 5.02 32.65
OBD CLA UA . -36.61 5.66 33.26
CBD CLA UA . -38.38 4.02 33.36
CGD CLA UA . -37.55 3.13 34.22
O1D CLA UA . -36.82 3.46 35.16
O2D CLA UA . -37.59 1.82 33.90
CED CLA UA . -36.94 0.94 34.82
C1 CLA UA . -41.91 5.22 30.95
C2 CLA UA . -41.98 6.59 30.42
C3 CLA UA . -42.28 6.91 29.15
C4 CLA UA . -42.34 8.33 28.73
C5 CLA UA . -42.54 5.89 28.10
C6 CLA UA . -42.60 6.47 26.69
C7 CLA UA . -44.02 6.51 26.15
C8 CLA UA . -44.14 7.39 24.92
C9 CLA UA . -45.55 7.90 24.81
C10 CLA UA . -43.85 6.59 23.67
C11 CLA UA . -44.05 7.41 22.41
C12 CLA UA . -42.86 8.32 22.15
C13 CLA UA . -42.54 8.47 20.67
C14 CLA UA . -41.08 8.15 20.45
C15 CLA UA . -42.86 9.87 20.19
C16 CLA UA . -42.17 10.26 18.89
C17 CLA UA . -42.74 11.56 18.35
C18 CLA UA . -42.18 11.95 16.99
C19 CLA UA . -40.69 12.24 17.06
C20 CLA UA . -42.91 13.14 16.41
MG CLA VA . -30.79 0.93 24.00
CHA CLA VA . -27.70 -0.56 23.65
CHB CLA VA . -31.18 -0.63 26.97
CHC CLA VA . -33.83 2.47 24.34
CHD CLA VA . -30.34 2.50 20.88
NA CLA VA . -29.61 -0.38 25.11
C1A CLA VA . -28.34 -0.88 24.80
C2A CLA VA . -27.84 -1.81 25.88
C3A CLA VA . -29.05 -1.94 26.81
C4A CLA VA . -30.02 -0.90 26.29
CMA CLA VA . -29.61 -3.32 26.63
CAA CLA VA . -26.72 -1.17 26.67
CBA CLA VA . -26.84 -1.45 28.15
CGA CLA VA . -27.39 -0.23 28.83
O1A CLA VA . -27.38 0.07 30.04
O2A CLA VA . -27.99 0.63 27.96
NB CLA VA . -32.24 0.90 25.37
C1B CLA VA . -32.17 0.26 26.55
C2B CLA VA . -33.34 0.61 27.36
C3B CLA VA . -34.10 1.48 26.64
C4B CLA VA . -33.42 1.67 25.34
CMB CLA VA . -33.54 0.05 28.69
CAB CLA VA . -35.34 2.09 26.97
CBB CLA VA . -35.48 3.37 27.26
NC CLA VA . -31.88 2.25 22.82
C1C CLA VA . -33.10 2.74 23.15
C2C CLA VA . -33.57 3.62 22.10
C3C CLA VA . -32.58 3.65 21.13
C4C CLA VA . -31.53 2.77 21.58
CMC CLA VA . -34.83 4.35 22.11
CAC CLA VA . -32.62 4.43 19.90
CBC CLA VA . -32.77 3.61 18.65
ND CLA VA . -29.38 1.02 22.58
C1D CLA VA . -29.33 1.68 21.33
C2D CLA VA . -28.08 1.35 20.66
C3D CLA VA . -27.42 0.49 21.50
C4D CLA VA . -28.27 0.31 22.67
CMD CLA VA . -27.69 1.85 19.36
CAD CLA VA . -26.24 -0.31 21.72
OBD CLA VA . -25.25 -0.46 21.03
CBD CLA VA . -26.40 -1.03 23.08
CGD CLA VA . -26.45 -2.48 22.77
O1D CLA VA . -27.38 -3.10 22.29
O2D CLA VA . -25.32 -3.15 23.03
CED CLA VA . -25.14 -4.37 22.30
C1 CLA VA . -28.40 1.93 28.45
C2 CLA VA . -28.90 2.65 27.26
C3 CLA VA . -29.15 3.96 27.24
C4 CLA VA . -28.97 4.81 28.44
C5 CLA VA . -29.66 4.65 26.03
C6 CLA VA . -30.91 5.44 26.31
C7 CLA VA . -31.58 5.79 24.99
C8 CLA VA . -32.57 6.95 25.12
C9 CLA VA . -33.77 6.53 25.92
C10 CLA VA . -33.01 7.39 23.73
C11 CLA VA . -34.16 8.35 23.78
C12 CLA VA . -34.53 8.81 22.39
C13 CLA VA . -35.92 9.45 22.34
C14 CLA VA . -36.73 8.87 21.21
C15 CLA VA . -35.83 10.96 22.16
C16 CLA VA . -36.06 11.68 23.48
C17 CLA VA . -36.36 13.15 23.26
C18 CLA VA . -36.35 13.96 24.54
C19 CLA VA . -37.74 14.05 25.14
C20 CLA VA . -35.86 15.36 24.22
MG CLA WA . -31.74 -6.42 18.43
CHA CLA WA . -30.39 -9.27 19.81
CHB CLA WA . -29.56 -4.55 20.19
CHC CLA WA . -32.96 -3.65 16.87
CHD CLA WA . -33.88 -8.42 16.48
NA CLA WA . -30.25 -6.86 19.80
C1A CLA WA . -29.84 -8.11 20.24
C2A CLA WA . -28.69 -8.00 21.22
C3A CLA WA . -28.63 -6.49 21.49
C4A CLA WA . -29.53 -5.90 20.41
CMA CLA WA . -29.19 -6.20 22.85
CAA CLA WA . -27.43 -8.42 20.51
CBA CLA WA . -26.48 -7.27 20.20
CGA CLA WA . -26.72 -6.76 18.81
O1A CLA WA . -27.64 -7.06 18.06
O2A CLA WA . -25.80 -5.86 18.35
NB CLA WA . -31.39 -4.46 18.57
C1B CLA WA . -30.35 -3.92 19.23
C2B CLA WA . -30.18 -2.51 18.81
C3B CLA WA . -31.13 -2.25 17.88
C4B CLA WA . -31.92 -3.48 17.72
CMB CLA WA . -29.13 -1.67 19.35
CAB CLA WA . -31.41 -1.07 17.12
CBB CLA WA . -31.37 0.18 17.60
NC CLA WA . -33.22 -6.10 17.01
C1C CLA WA . -33.57 -4.87 16.55
C2C CLA WA . -34.65 -5.00 15.60
C3C CLA WA . -34.87 -6.35 15.43
C4C CLA WA . -33.96 -7.04 16.32
CMC CLA WA . -35.30 -3.86 14.96
CAC CLA WA . -35.86 -6.96 14.57
CBC CLA WA . -35.23 -7.26 13.25
ND CLA WA . -32.14 -8.37 18.19
C1D CLA WA . -33.04 -9.06 17.36
C2D CLA WA . -32.86 -10.49 17.57
C3D CLA WA . -31.88 -10.63 18.52
C4D CLA WA . -31.45 -9.28 18.86
CMD CLA WA . -33.62 -11.53 16.87
CAD CLA WA . -31.08 -11.54 19.29
OBD CLA WA . -31.09 -12.76 19.32
CBD CLA WA . -30.10 -10.70 20.15
CGD CLA WA . -30.39 -11.01 21.58
O1D CLA WA . -31.43 -10.79 22.19
O2D CLA WA . -29.38 -11.60 22.25
CED CLA WA . -29.40 -11.49 23.67
C1 CLA WA . -26.13 -4.45 18.32
C2 CLA WA . -26.64 -4.10 16.97
C3 CLA WA . -26.60 -2.84 16.48
C4 CLA WA . -26.03 -1.73 17.24
C5 CLA WA . -27.11 -2.51 15.11
C6 CLA WA . -28.58 -2.17 15.04
C7 CLA WA . -28.86 -1.07 14.04
C8 CLA WA . -30.32 -0.94 13.65
C9 CLA WA . -30.69 -2.03 12.66
C10 CLA WA . -30.58 0.40 13.01
C11 CLA WA . -30.87 1.43 14.06
C12 CLA WA . -30.99 2.83 13.47
C13 CLA WA . -31.25 3.86 14.55
C14 CLA WA . -32.45 4.70 14.18
C15 CLA WA . -30.06 4.78 14.77
C16 CLA WA . -28.95 4.14 15.56
C17 CLA WA . -27.72 4.02 14.72
C18 CLA WA . -26.60 3.34 15.45
C19 CLA WA . -26.92 1.90 15.73
C20 CLA WA . -26.36 4.04 16.77
MG CLA XA . -51.53 1.71 10.41
CHA CLA XA . -51.89 3.62 7.55
CHB CLA XA . -53.92 3.54 11.93
CHC CLA XA . -51.35 -0.41 13.10
CHD CLA XA . -49.09 -0.21 8.75
NA CLA XA . -52.66 3.35 9.83
C1A CLA XA . -52.70 3.98 8.58
C2A CLA XA . -53.70 5.12 8.60
C3A CLA XA . -54.21 5.14 10.05
C4A CLA XA . -53.56 3.92 10.66
CMA CLA XA . -53.78 6.39 10.77
CAA CLA XA . -54.86 4.86 7.67
CBA CLA XA . -55.42 3.46 7.84
CGA CLA XA . -56.73 3.38 7.11
O1A CLA XA . -57.47 4.30 6.78
O2A CLA XA . -57.11 2.10 6.82
NB CLA XA . -52.43 1.60 12.19
C1B CLA XA . -53.41 2.42 12.61
C2B CLA XA . -53.90 1.98 13.92
C3B CLA XA . -53.19 0.87 14.26
C4B CLA XA . -52.24 0.61 13.17
CMB CLA XA . -54.95 2.66 14.65
CAB CLA XA . -53.29 0.04 15.43
CBB CLA XA . -52.34 -0.09 16.35
NC CLA XA . -50.39 0.03 10.85
C1C CLA XA . -50.48 -0.68 12.01
C2C CLA XA . -49.58 -1.80 11.97
C3C CLA XA . -48.94 -1.75 10.75
C4C CLA XA . -49.46 -0.61 10.04
CMC CLA XA . -49.41 -2.77 13.04
CAC CLA XA . -47.96 -2.70 10.22
CBC CLA XA . -46.56 -2.23 10.49
ND CLA XA . -50.60 1.71 8.63
C1D CLA XA . -49.60 0.87 8.09
C2D CLA XA . -49.29 1.35 6.74
C3D CLA XA . -50.15 2.37 6.47
C4D CLA XA . -50.96 2.57 7.68
CMD CLA XA . -48.28 0.75 5.87
CAD CLA XA . -50.54 3.36 5.52
OBD CLA XA . -50.08 3.62 4.42
CBD CLA XA . -51.72 4.16 6.15
CGD CLA XA . -51.41 5.62 6.06
O1D CLA XA . -52.13 6.54 5.66
O2D CLA XA . -50.19 5.99 6.45
CED CLA XA . -50.02 7.39 6.62
MG CLA YA . -36.09 7.99 8.80
CHA CLA YA . -36.07 10.72 6.72
CHB CLA YA . -34.49 6.18 6.43
CHC CLA YA . -35.86 5.40 11.02
CHD CLA YA . -37.66 9.94 11.27
NA CLA YA . -35.44 8.40 6.88
C1A CLA YA . -35.52 9.60 6.19
C2A CLA YA . -34.91 9.49 4.82
C3A CLA YA . -34.59 7.99 4.70
C4A CLA YA . -34.84 7.46 6.10
CMA CLA YA . -35.54 7.35 3.75
CAA CLA YA . -33.62 10.30 4.81
CBA CLA YA . -32.78 10.05 6.04
CGA CLA YA . -31.84 11.18 6.31
O1A CLA YA . -32.10 12.33 6.62
O2A CLA YA . -30.52 10.85 6.20
NB CLA YA . -35.34 6.13 8.73
C1B CLA YA . -34.69 5.59 7.68
C2B CLA YA . -34.20 4.24 8.05
C3B CLA YA . -34.58 4.02 9.33
C4B CLA YA . -35.31 5.23 9.79
CMB CLA YA . -33.46 3.39 7.15
CAB CLA YA . -34.39 2.89 10.18
CBB CLA YA . -33.22 2.28 10.37
NC CLA YA . -36.72 7.71 10.76
C1C CLA YA . -36.52 6.57 11.46
C2C CLA YA . -37.08 6.72 12.79
C3C CLA YA . -37.59 8.00 12.87
C4C CLA YA . -37.35 8.62 11.59
CMC CLA YA . -37.06 5.68 13.81
CAC CLA YA . -38.28 8.57 14.02
CBC CLA YA . -37.47 9.60 14.75
ND CLA YA . -36.83 9.84 8.98
C1D CLA YA . -37.40 10.54 10.06
C2D CLA YA . -37.66 11.92 9.66
C3D CLA YA . -37.19 12.04 8.37
C4D CLA YA . -36.66 10.73 8.01
CMD CLA YA . -38.28 12.90 10.53
CAD CLA YA . -37.01 12.90 7.24
OBD CLA YA . -37.38 14.05 7.06
CBD CLA YA . -36.23 12.11 6.17
CGD CLA YA . -37.05 12.15 4.92
O1D CLA YA . -38.24 12.37 4.84
O2D CLA YA . -36.37 11.94 3.77
CED CLA YA . -36.97 12.49 2.61
C1 CLA YA . -29.64 11.31 7.24
C2 CLA YA . -28.26 11.23 6.72
C3 CLA YA . -27.25 10.74 7.43
C4 CLA YA . -27.42 10.24 8.81
C5 CLA YA . -25.87 10.67 6.87
C6 CLA YA . -25.81 10.78 5.36
C7 CLA YA . -24.75 9.84 4.84
C8 CLA YA . -24.32 10.13 3.41
C9 CLA YA . -24.41 8.87 2.58
C10 CLA YA . -22.88 10.64 3.39
C11 CLA YA . -22.43 10.93 1.98
C12 CLA YA . -21.07 11.59 1.97
C13 CLA YA . -20.50 11.69 0.57
C14 CLA YA . -19.00 11.88 0.65
C15 CLA YA . -21.12 12.85 -0.19
C16 CLA YA . -20.36 13.15 -1.46
C17 CLA YA . -20.77 12.24 -2.59
C18 CLA YA . -21.01 13.02 -3.86
C19 CLA YA . -22.24 13.89 -3.74
C20 CLA YA . -21.16 12.08 -5.03
MG CLA ZA . -44.98 15.23 10.38
CHA CLA ZA . -47.95 16.32 9.03
CHB CLA ZA . -43.75 18.37 10.17
CHC CLA ZA . -42.11 14.12 11.86
CHD CLA ZA . -46.36 12.00 10.67
NA CLA ZA . -45.74 17.03 9.70
C1A CLA ZA . -47.01 17.29 9.21
C2A CLA ZA . -47.19 18.76 8.89
C3A CLA ZA . -45.81 19.35 9.19
C4A CLA ZA . -45.03 18.19 9.75
CMA CLA ZA . -45.19 19.87 7.91
CAA CLA ZA . -48.13 19.32 9.93
CBA CLA ZA . -47.47 20.33 10.85
CGA CLA ZA . -47.29 19.81 12.26
O1A CLA ZA . -48.10 19.85 13.18
O2A CLA ZA . -46.06 19.26 12.49
NB CLA ZA . -43.28 16.10 10.98
C1B CLA ZA . -42.92 17.37 10.69
C2B CLA ZA . -41.47 17.54 10.94
C3B CLA ZA . -41.00 16.35 11.42
C4B CLA ZA . -42.15 15.42 11.45
CMB CLA ZA . -40.80 18.80 10.71
CAB CLA ZA . -39.69 15.98 11.84
CBB CLA ZA . -39.03 16.54 12.85
NC CLA ZA . -44.36 13.39 11.12
C1C CLA ZA . -43.15 13.17 11.71
C2C CLA ZA . -43.07 11.80 12.16
C3C CLA ZA . -44.27 11.20 11.80
C4C CLA ZA . -45.08 12.21 11.17
CMC CLA ZA . -41.92 11.21 12.82
CAC CLA ZA . -44.66 9.82 12.05
CBC CLA ZA . -45.54 9.68 13.27
ND CLA ZA . -46.67 14.28 9.87
C1D CLA ZA . -47.11 12.95 10.03
C2D CLA ZA . -48.45 12.82 9.47
C3D CLA ZA . -48.82 14.07 9.06
C4D CLA ZA . -47.69 14.96 9.36
CMD CLA ZA . -49.19 11.57 9.40
CAD CLA ZA . -49.83 14.87 8.43
OBD CLA ZA . -50.88 14.55 7.93
CBD CLA ZA . -49.35 16.33 8.47
CGD CLA ZA . -49.41 16.79 7.05
O1D CLA ZA . -50.42 17.01 6.39
O2D CLA ZA . -48.22 16.96 6.44
CED CLA ZA . -48.19 16.75 5.03
C1 CLA ZA . -45.87 18.50 13.71
C2 CLA ZA . -44.40 18.35 13.94
C3 CLA ZA . -43.85 17.28 14.53
C4 CLA ZA . -44.64 16.13 15.02
MG CLA AB . -28.32 16.95 1.84
CHA CLA AB . -31.01 15.32 3.26
CHB CLA AB . -28.36 19.20 4.36
CHC CLA AB . -25.47 18.35 0.55
CHD CLA AB . -28.37 14.63 -0.81
NA CLA AB . -29.52 17.20 3.53
C1A CLA AB . -30.57 16.39 3.97
C2A CLA AB . -31.15 16.92 5.27
C3A CLA AB . -30.39 18.24 5.49
C4A CLA AB . -29.33 18.22 4.40
CMA CLA AB . -31.31 19.41 5.28
CAA CLA AB . -30.83 15.99 6.41
CBA CLA AB . -29.45 15.39 6.32
CGA CLA AB . -28.73 15.45 7.63
O1A CLA AB . -28.91 16.23 8.57
O2A CLA AB . -27.74 14.52 7.78
NB CLA AB . -27.14 18.47 2.36
C1B CLA AB . -27.34 19.29 3.41
C2B CLA AB . -26.31 20.34 3.44
C3B CLA AB . -25.48 20.12 2.38
C4B CLA AB . -26.00 18.92 1.68
CMB CLA AB . -26.26 21.36 4.47
CAB CLA AB . -24.33 20.85 1.96
CBB CLA AB . -23.08 20.46 2.17
NC CLA AB . -27.15 16.57 0.17
C1C CLA AB . -26.01 17.25 -0.15
C2C CLA AB . -25.41 16.66 -1.34
C3C CLA AB . -26.24 15.64 -1.75
C4C CLA AB . -27.33 15.57 -0.80
CMC CLA AB . -24.17 17.13 -1.95
CAC CLA AB . -26.03 14.75 -2.89
CBC CLA AB . -26.56 15.39 -4.15
ND CLA AB . -29.42 15.36 1.27
C1D CLA AB . -29.36 14.54 0.13
C2D CLA AB . -30.46 13.56 0.20
C3D CLA AB . -31.10 13.80 1.40
C4D CLA AB . -30.42 14.94 2.01
CMD CLA AB . -30.72 12.55 -0.82
CAD CLA AB . -32.18 13.43 2.27
OBD CLA AB . -32.98 12.53 2.16
CBD CLA AB . -32.18 14.40 3.47
CGD CLA AB . -33.43 15.21 3.43
O1D CLA AB . -34.08 15.53 2.44
O2D CLA AB . -33.89 15.62 4.63
CED CLA AB . -35.07 16.43 4.61
C1 CLA AB . -26.57 14.96 8.51
C2 CLA AB . -25.39 14.31 7.87
C3 CLA AB . -24.13 14.61 8.18
C4 CLA AB . -23.80 15.63 9.20
C5 CLA AB . -22.96 13.94 7.54
C6 CLA AB . -22.11 14.91 6.74
C7 CLA AB . -20.73 14.35 6.47
C8 CLA AB . -19.91 15.28 5.58
C9 CLA AB . -19.96 14.80 4.15
C10 CLA AB . -18.46 15.39 6.04
MG CLA BB . -32.97 5.34 1.85
CHA CLA BB . -33.70 2.10 2.70
CHB CLA BB . -30.26 5.23 3.87
CHC CLA BB . -32.47 8.64 1.24
CHD CLA BB . -35.67 5.32 -0.43
NA CLA BB . -32.12 3.87 3.05
C1A CLA BB . -32.57 2.58 3.30
C2A CLA BB . -31.64 1.83 4.23
C3A CLA BB . -30.46 2.80 4.39
C4A CLA BB . -30.97 4.07 3.75
CMA CLA BB . -30.09 3.00 5.84
CAA CLA BB . -31.10 0.56 3.61
CBA CLA BB . -30.64 -0.42 4.66
CGA CLA BB . -29.99 -1.60 4.01
O1A CLA BB . -29.13 -1.63 3.15
O2A CLA BB . -30.46 -2.79 4.48
NB CLA BB . -31.56 6.66 2.36
C1B CLA BB . -30.63 6.45 3.30
C2B CLA BB . -30.02 7.72 3.69
C3B CLA BB . -30.63 8.69 2.96
C4B CLA BB . -31.63 8.03 2.11
CMB CLA BB . -28.97 7.83 4.69
CAB CLA BB . -30.42 10.10 2.99
CBB CLA BB . -29.87 10.78 2.00
NC CLA BB . -33.90 6.72 0.61
C1C CLA BB . -33.54 8.02 0.53
C2C CLA BB . -34.41 8.71 -0.39
C3C CLA BB . -35.28 7.77 -0.91
C4C CLA BB . -34.95 6.50 -0.27
CMC CLA BB . -34.35 10.12 -0.73
CAC CLA BB . -36.31 8.04 -1.90
CBC CLA BB . -36.14 7.33 -3.20
ND CLA BB . -34.43 4.08 1.28
C1D CLA BB . -35.44 4.18 0.31
C2D CLA BB . -36.19 2.92 0.28
C3D CLA BB . -35.63 2.14 1.25
C4D CLA BB . -34.50 2.87 1.80
CMD CLA BB . -37.33 2.69 -0.57
CAD CLA BB . -35.64 0.86 1.90
OBD CLA BB . -36.44 -0.05 1.81
CBD CLA BB . -34.38 0.78 2.80
CGD CLA BB . -34.74 0.52 4.22
O1D CLA BB . -34.10 -0.03 5.10
O2D CLA BB . -35.96 0.99 4.53
CED CLA BB . -36.17 1.26 5.91
C1 CLA BB . -30.63 -3.84 3.52
C2 CLA BB . -31.83 -3.49 2.73
C3 CLA BB . -33.07 -3.80 3.14
C4 CLA BB . -33.35 -4.51 4.41
C5 CLA BB . -34.24 -3.43 2.32
C6 CLA BB . -33.88 -3.39 0.85
C7 CLA BB . -34.80 -2.40 0.17
C8 CLA BB . -34.74 -2.50 -1.33
C9 CLA BB . -34.15 -3.83 -1.74
C10 CLA BB . -33.86 -1.40 -1.89
C11 CLA BB . -34.68 -0.21 -2.30
C12 CLA BB . -35.47 -0.51 -3.54
C13 CLA BB . -35.40 0.62 -4.54
C14 CLA BB . -35.39 1.96 -3.84
C15 CLA BB . -36.57 0.55 -5.51
C16 CLA BB . -36.91 1.90 -6.09
C17 CLA BB . -37.25 1.75 -7.55
C18 CLA BB . -35.98 1.45 -8.32
C19 CLA BB . -35.04 2.62 -8.15
C20 CLA BB . -36.32 1.33 -9.78
MG CLA CB . -15.88 5.76 8.41
CHA CLA CB . -15.80 5.11 11.77
CHB CLA CB . -17.83 8.46 9.00
CHC CLA CB . -15.68 6.56 5.10
CHD CLA CB . -13.84 2.94 7.86
NA CLA CB . -16.69 6.60 10.12
C1A CLA CB . -16.52 6.20 11.42
C2A CLA CB . -17.25 7.10 12.39
C3A CLA CB . -18.04 8.02 11.46
C4A CLA CB . -17.48 7.69 10.09
CMA CLA CB . -19.50 7.67 11.53
CAA CLA CB . -16.20 7.89 13.12
CBA CLA CB . -16.75 9.17 13.67
CGA CLA CB . -15.65 9.97 14.30
O1A CLA CB . -14.52 9.58 14.59
O2A CLA CB . -15.99 11.26 14.55
NB CLA CB . -16.60 7.24 7.27
C1B CLA CB . -17.39 8.24 7.70
C2B CLA CB . -17.76 9.11 6.57
C3B CLA CB . -17.16 8.58 5.46
C4B CLA CB . -16.41 7.38 5.89
CMB CLA CB . -18.62 10.28 6.70
CAB CLA CB . -17.18 9.05 4.12
CBB CLA CB . -17.05 10.32 3.74
NC CLA CB . -14.95 4.89 6.78
C1C CLA CB . -14.99 5.39 5.51
C2C CLA CB . -14.20 4.56 4.62
C3C CLA CB . -13.71 3.52 5.39
C4C CLA CB . -14.17 3.74 6.74
CMC CLA CB . -14.01 4.80 3.20
CAC CLA CB . -12.86 2.43 4.92
CBC CLA CB . -11.42 2.62 5.26
ND CLA CB . -15.07 4.28 9.49
C1D CLA CB . -14.23 3.20 9.14
C2D CLA CB . -13.91 2.46 10.37
C3D CLA CB . -14.50 3.15 11.41
C4D CLA CB . -15.19 4.28 10.80
CMD CLA CB . -13.10 1.25 10.41
CAD CLA CB . -14.75 3.20 12.82
OBD CLA CB . -14.47 2.40 13.70
CBD CLA CB . -15.54 4.49 13.11
CGD CLA CB . -16.84 4.08 13.70
O1D CLA CB . -17.90 3.96 13.11
O2D CLA CB . -16.79 3.77 15.01
CED CLA CB . -17.85 2.94 15.48
C1 CLA CB . -15.11 12.02 15.40
C2 CLA CB . -15.93 12.54 16.52
C3 CLA CB . -16.38 13.79 16.59
C4 CLA CB . -16.08 14.79 15.55
C5 CLA CB . -17.19 14.24 17.75
C6 CLA CB . -18.67 14.11 17.51
C7 CLA CB . -19.45 14.69 18.67
C8 CLA CB . -20.82 15.23 18.28
C9 CLA CB . -21.37 14.48 17.10
C10 CLA CB . -20.78 16.74 18.04
C11 CLA CB . -20.25 17.14 16.67
C12 CLA CB . -19.82 18.59 16.60
C13 CLA CB . -19.14 18.97 15.28
C14 CLA CB . -18.57 20.36 15.35
C15 CLA CB . -20.10 18.85 14.10
C16 CLA CB . -19.54 19.40 12.80
C17 CLA CB . -20.33 18.90 11.61
C18 CLA CB . -19.89 19.50 10.29
C19 CLA CB . -20.59 18.84 9.13
C20 CLA CB . -18.40 19.34 10.11
MG CLA DB . -21.12 4.63 20.46
CHA CLA DB . -20.23 6.13 17.46
CHB CLA DB . -24.29 5.61 19.97
CHC CLA DB . -21.96 3.08 23.40
CHD CLA DB . -17.77 3.65 20.90
NA CLA DB . -22.08 5.71 18.96
C1A CLA DB . -21.54 6.24 17.78
C2A CLA DB . -22.59 6.97 16.96
C3A CLA DB . -23.85 6.84 17.84
C4A CLA DB . -23.40 5.99 19.01
CMA CLA DB . -24.28 8.19 18.36
CAA CLA DB . -22.84 6.30 15.64
CBA CLA DB . -23.85 7.09 14.86
CGA CLA DB . -23.87 6.62 13.44
O1A CLA DB . -22.91 6.42 12.70
O2A CLA DB . -25.12 6.39 12.95
NB CLA DB . -22.82 4.36 21.49
C1B CLA DB . -24.01 4.84 21.11
C2B CLA DB . -25.03 4.48 22.11
C3B CLA DB . -24.40 3.76 23.08
C4B CLA DB . -22.96 3.70 22.72
CMB CLA DB . -26.42 4.85 22.00
CAB CLA DB . -25.01 3.20 24.25
CBB CLA DB . -24.42 2.96 25.41
NC CLA DB . -20.04 3.57 21.89
C1C CLA DB . -20.59 3.02 23.01
C2C CLA DB . -19.54 2.33 23.75
C3C CLA DB . -18.37 2.50 23.05
C4C CLA DB . -18.69 3.29 21.88
CMC CLA DB . -19.72 1.56 24.97
CAC CLA DB . -17.05 1.98 23.38
CBC CLA DB . -16.37 2.86 24.39
ND CLA DB . -19.37 4.86 19.50
C1D CLA DB . -18.08 4.37 19.77
C2D CLA DB . -17.18 4.77 18.70
C3D CLA DB . -17.95 5.48 17.80
C4D CLA DB . -19.31 5.48 18.33
CMD CLA DB . -15.77 4.47 18.67
CAD CLA DB . -17.97 6.21 16.57
OBD CLA DB . -17.06 6.52 15.84
CBD CLA DB . -19.45 6.59 16.28
CGD CLA DB . -19.60 8.06 15.96
O1D CLA DB . -20.01 8.56 14.92
O2D CLA DB . -19.25 8.91 16.94
CED CLA DB . -19.69 10.26 16.75
C1 CLA DB . -25.28 6.45 11.51
C2 CLA DB . -26.63 5.95 11.17
C3 CLA DB . -26.83 4.68 10.79
C4 CLA DB . -25.71 3.73 10.68
C5 CLA DB . -28.18 4.17 10.44
C6 CLA DB . -29.26 5.22 10.58
C7 CLA DB . -29.60 5.81 9.23
C8 CLA DB . -30.86 6.64 9.30
C9 CLA DB . -30.96 7.48 8.05
C10 CLA DB . -30.90 7.55 10.51
C11 CLA DB . -32.31 7.97 10.81
C12 CLA DB . -32.49 9.47 10.83
C13 CLA DB . -33.41 9.83 11.97
C14 CLA DB . -33.78 11.30 11.95
C15 CLA DB . -32.77 9.46 13.30
C16 CLA DB . -33.76 9.31 14.43
C17 CLA DB . -33.39 8.14 15.33
C18 CLA DB . -33.43 8.57 16.79
C19 CLA DB . -34.86 8.82 17.20
C20 CLA DB . -32.65 9.84 16.96
MG CLA EB . -15.12 -14.33 8.60
CHA CLA EB . -17.44 -16.76 9.36
CHB CLA EB . -13.74 -14.68 11.66
CHC CLA EB . -12.69 -12.09 7.70
CHD CLA EB . -16.64 -13.90 5.47
NA CLA EB . -15.58 -15.50 10.25
C1A CLA EB . -16.58 -16.46 10.37
C2A CLA EB . -16.59 -17.06 11.76
C3A CLA EB . -15.54 -16.23 12.51
C4A CLA EB . -14.90 -15.40 11.42
CMA CLA EB . -16.22 -15.29 13.47
CAA CLA EB . -16.24 -18.52 11.75
CBA CLA EB . -14.75 -18.73 11.76
CGA CLA EB . -14.20 -18.58 10.39
O1A CLA EB . -13.04 -18.35 10.07
O2A CLA EB . -15.10 -18.74 9.38
NB CLA EB . -13.55 -13.49 9.53
C1B CLA EB . -13.06 -13.89 10.73
C2B CLA EB . -11.71 -13.32 10.93
C3B CLA EB . -11.42 -12.59 9.82
C4B CLA EB . -12.58 -12.68 8.91
CMB CLA EB . -10.89 -13.54 12.12
CAB CLA EB . -10.28 -11.81 9.47
CBB CLA EB . -9.05 -12.30 9.37
NC CLA EB . -14.76 -13.17 6.91
C1C CLA EB . -13.72 -12.30 6.77
C2C CLA EB . -13.79 -11.66 5.48
C3C CLA EB . -14.91 -12.16 4.83
C4C CLA EB . -15.52 -13.11 5.74
CMC CLA EB . -12.83 -10.68 5.01
CAC CLA EB . -15.39 -11.79 3.50
CBC CLA EB . -14.98 -12.80 2.47
ND CLA EB . -16.68 -15.08 7.60
C1D CLA EB . -17.20 -14.83 6.31
C2D CLA EB . -18.33 -15.73 6.06
C3D CLA EB . -18.43 -16.53 7.17
C4D CLA EB . -17.40 -16.07 8.12
CMD CLA EB . -19.10 -15.78 4.84
CAD CLA EB . -19.13 -17.60 7.82
OBD CLA EB . -20.03 -18.30 7.40
CBD CLA EB . -18.55 -17.78 9.24
CGD CLA EB . -19.68 -17.56 10.18
O1D CLA EB . -20.62 -16.78 10.04
O2D CLA EB . -19.67 -18.35 11.27
CED CLA EB . -20.38 -19.57 11.14
C1 CLA EB . -15.29 -20.07 8.86
C2 CLA EB . -14.03 -20.56 8.27
C3 CLA EB . -13.75 -20.33 7.00
C4 CLA EB . -14.67 -19.55 6.14
C5 CLA EB . -12.50 -20.83 6.38
C6 CLA EB . -12.30 -22.30 6.62
C7 CLA EB . -13.28 -23.10 5.79
C8 CLA EB . -13.28 -22.63 4.35
C9 CLA EB . -14.70 -22.44 3.89
C10 CLA EB . -12.61 -23.65 3.44
C11 CLA EB . -11.11 -23.47 3.46
C12 CLA EB . -10.40 -24.75 3.09
C13 CLA EB . -8.95 -24.67 3.51
C14 CLA EB . -8.40 -23.30 3.16
C15 CLA EB . -8.12 -25.74 2.83
C16 CLA EB . -8.76 -27.10 2.98
C17 CLA EB . -8.24 -28.01 1.89
C18 CLA EB . -8.43 -29.46 2.29
C19 CLA EB . -7.81 -30.34 1.23
C20 CLA EB . -9.90 -29.72 2.38
MG CLA FB . -23.29 -10.85 11.36
CHA CLA FB . -24.09 -12.08 14.46
CHB CLA FB . -21.96 -13.83 10.52
CHC CLA FB . -22.70 -9.62 8.23
CHD CLA FB . -24.77 -7.78 12.27
NA CLA FB . -23.04 -12.64 12.36
C1A CLA FB . -23.47 -12.96 13.64
C2A CLA FB . -23.07 -14.39 14.01
C3A CLA FB . -22.28 -14.86 12.78
C4A CLA FB . -22.43 -13.71 11.80
CMA CLA FB . -20.83 -15.09 13.15
CAA CLA FB . -24.29 -15.26 14.23
CBA CLA FB . -25.10 -15.39 12.97
CGA CLA FB . -26.54 -15.39 13.33
O1A CLA FB . -27.41 -16.21 13.05
O2A CLA FB . -26.88 -14.31 14.09
NB CLA FB . -22.43 -11.56 9.71
C1B CLA FB . -22.06 -12.84 9.53
C2B CLA FB . -21.78 -13.08 8.10
C3B CLA FB . -21.99 -11.91 7.45
C4B CLA FB . -22.40 -10.92 8.46
CMB CLA FB . -21.38 -14.37 7.57
CAB CLA FB . -21.86 -11.63 6.07
CBB CLA FB . -20.79 -11.09 5.51
NC CLA FB . -23.60 -9.01 10.45
C1C CLA FB . -23.25 -8.72 9.18
C2C CLA FB . -23.59 -7.36 8.88
C3C CLA FB . -24.23 -6.85 9.99
C4C CLA FB . -24.25 -7.90 10.99
CMC CLA FB . -23.31 -6.70 7.62
CAC CLA FB . -24.75 -5.50 10.15
CBC CLA FB . -26.22 -5.42 9.78
ND CLA FB . -24.17 -10.03 12.97
C1D CLA FB . -24.75 -8.77 13.21
C2D CLA FB . -25.26 -8.73 14.58
C3D CLA FB . -25.01 -9.98 15.11
C4D CLA FB . -24.36 -10.75 14.06
CMD CLA FB . -25.87 -7.56 15.19
CAD CLA FB . -25.11 -10.82 16.27
OBD CLA FB . -25.50 -10.56 17.40
CBD CLA FB . -24.61 -12.22 15.86
CGD CLA FB . -23.51 -12.68 16.74
O1D CLA FB . -22.30 -12.60 16.50
O2D CLA FB . -23.88 -13.24 17.90
CED CLA FB . -23.01 -14.25 18.39
C1 CLA FB . -28.26 -13.93 14.04
C2 CLA FB . -28.29 -12.47 14.31
C3 CLA FB . -28.93 -11.98 15.36
C4 CLA FB . -29.66 -12.87 16.29
C5 CLA FB . -28.96 -10.52 15.64
C6 CLA FB . -29.62 -9.72 14.55
C7 CLA FB . -29.80 -8.30 15.04
C8 CLA FB . -29.64 -7.32 13.90
C9 CLA FB . -29.48 -5.92 14.45
C10 CLA FB . -30.83 -7.40 13.00
C11 CLA FB . -30.79 -6.37 11.90
C12 CLA FB . -31.87 -6.66 10.90
C13 CLA FB . -32.01 -5.57 9.86
C14 CLA FB . -33.02 -5.99 8.83
C15 CLA FB . -30.69 -5.29 9.19
C16 CLA FB . -30.79 -4.10 8.26
C17 CLA FB . -31.09 -2.84 9.05
C18 CLA FB . -31.25 -1.63 8.15
C19 CLA FB . -30.70 -0.41 8.84
C20 CLA FB . -32.70 -1.40 7.82
MG CLA GB . -20.40 -4.85 -7.04
CHA CLA GB . -19.76 -4.62 -10.43
CHB CLA GB . -23.54 -5.92 -7.69
CHC CLA GB . -20.88 -5.28 -3.67
CHD CLA GB . -17.06 -3.88 -6.40
NA CLA GB . -21.46 -5.19 -8.79
C1A CLA GB . -21.01 -5.07 -10.11
C2A CLA GB . -22.10 -5.48 -11.08
C3A CLA GB . -23.30 -5.79 -10.19
C4A CLA GB . -22.74 -5.65 -8.78
CMA CLA GB . -24.39 -4.79 -10.46
CAA CLA GB . -21.68 -6.76 -11.78
CBA CLA GB . -21.26 -7.86 -10.83
CGA CLA GB . -20.83 -9.08 -11.60
O1A CLA GB . -20.97 -9.32 -12.78
O2A CLA GB . -20.23 -10.03 -10.82
NB CLA GB . -21.91 -5.50 -5.90
C1B CLA GB . -23.14 -5.82 -6.35
C2B CLA GB . -24.03 -6.05 -5.19
C3B CLA GB . -23.29 -5.87 -4.06
C4B CLA GB . -21.93 -5.52 -4.49
CMB CLA GB . -25.43 -6.40 -5.35
CAB CLA GB . -23.60 -6.00 -2.67
CBB CLA GB . -24.80 -5.86 -2.12
NC CLA GB . -19.21 -4.57 -5.35
C1C CLA GB . -19.61 -4.81 -4.08
C2C CLA GB . -18.51 -4.59 -3.17
C3C CLA GB . -17.44 -4.17 -3.93
C4C CLA GB . -17.87 -4.19 -5.30
CMC CLA GB . -18.60 -4.76 -1.73
CAC CLA GB . -16.09 -3.84 -3.47
CBC CLA GB . -15.20 -5.06 -3.57
ND CLA GB . -18.80 -4.22 -8.09
C1D CLA GB . -17.49 -3.89 -7.71
C2D CLA GB . -16.71 -3.59 -8.91
C3D CLA GB . -17.54 -3.81 -9.97
C4D CLA GB . -18.82 -4.25 -9.42
CMD CLA GB . -15.32 -3.15 -8.89
CAD CLA GB . -17.68 -3.79 -11.39
OBD CLA GB . -16.92 -3.35 -12.23
CBD CLA GB . -19.04 -4.42 -11.74
CGD CLA GB . -19.72 -3.51 -12.72
O1D CLA GB . -19.27 -3.05 -13.76
O2D CLA GB . -20.98 -3.15 -12.40
CED CLA GB . -21.79 -2.82 -13.53
C1 CLA GB . -19.90 -11.31 -11.41
C2 CLA GB . -19.40 -12.19 -10.31
C3 CLA GB . -18.10 -12.31 -9.97
C4 CLA GB . -17.01 -11.60 -10.68
C5 CLA GB . -17.68 -13.19 -8.85
C6 CLA GB . -16.20 -13.12 -8.57
C7 CLA GB . -15.99 -12.45 -7.24
C8 CLA GB . -14.71 -12.89 -6.52
C9 CLA GB . -13.61 -13.17 -7.51
C10 CLA GB . -14.95 -14.14 -5.68
C11 CLA GB . -14.61 -13.89 -4.24
C12 CLA GB . -13.63 -14.90 -3.71
C13 CLA GB . -14.18 -15.62 -2.49
C14 CLA GB . -14.59 -14.67 -1.40
C15 CLA GB . -13.18 -16.60 -1.93
C16 CLA GB . -12.85 -17.63 -2.99
C17 CLA GB . -13.32 -18.99 -2.54
C18 CLA GB . -12.56 -20.11 -3.23
C19 CLA GB . -11.08 -19.97 -2.98
C20 CLA GB . -12.84 -20.08 -4.71
MG CLA HB . -17.89 22.22 -0.68
CHA CLA HB . -20.03 24.65 -1.88
CHB CLA HB . -15.45 24.54 -0.38
CHC CLA HB . -15.85 19.82 0.63
CHD CLA HB . -20.46 19.83 -1.06
NA CLA HB . -17.79 24.27 -1.07
C1A CLA HB . -18.80 25.11 -1.54
C2A CLA HB . -18.31 26.54 -1.68
C3A CLA HB . -16.83 26.40 -1.37
C4A CLA HB . -16.65 24.98 -0.87
CMA CLA HB . -16.07 26.56 -2.65
CAA CLA HB . -19.00 27.47 -0.70
CBA CLA HB . -18.35 27.50 0.66
CGA CLA HB . -18.90 28.63 1.47
O1A CLA HB . -19.40 29.69 1.08
O2A CLA HB . -18.84 28.43 2.82
NB CLA HB . -15.98 22.17 -0.07
C1B CLA HB . -15.19 23.24 0.08
C2B CLA HB . -13.97 22.87 0.82
C3B CLA HB . -14.08 21.54 1.10
C4B CLA HB . -15.36 21.08 0.55
CMB CLA HB . -12.92 23.80 1.15
CAB CLA HB . -13.17 20.68 1.80
CBB CLA HB . -12.70 20.90 3.03
NC CLA HB . -18.11 20.19 -0.31
C1C CLA HB . -17.14 19.39 0.22
C2C CLA HB . -17.63 18.03 0.33
C3C CLA HB . -18.94 18.04 -0.12
C4C CLA HB . -19.24 19.40 -0.52
CMC CLA HB . -16.86 16.90 0.83
CAC CLA HB . -19.84 16.90 -0.20
CBC CLA HB . -20.72 16.83 1.01
ND CLA HB . -19.81 22.18 -1.28
C1D CLA HB . -20.74 21.13 -1.42
C2D CLA HB . -21.97 21.68 -2.01
C3D CLA HB . -21.76 23.01 -2.20
C4D CLA HB . -20.40 23.27 -1.74
CMD CLA HB . -23.16 20.90 -2.32
CAD CLA HB . -22.29 24.24 -2.70
OBD CLA HB . -23.37 24.48 -3.21
CBD CLA HB . -21.21 25.34 -2.50
CGD CLA HB . -20.82 25.93 -3.81
O1D CLA HB . -20.30 27.01 -4.03
O2D CLA HB . -21.11 25.13 -4.86
CED CLA HB . -20.41 25.46 -6.07
C1 CLA HB . -18.85 29.61 3.67
C2 CLA HB . -17.94 29.29 4.79
C3 CLA HB . -18.36 28.73 5.94
C4 CLA HB . -19.79 28.40 6.18
C5 CLA HB . -17.41 28.42 7.04
MG CLA IB . 4.04 21.07 11.52
CHA CLA IB . 3.31 21.24 8.16
CHB CLA IB . 7.01 19.63 10.81
CHC CLA IB . 4.78 21.10 14.86
CHD CLA IB . 0.96 22.64 12.21
NA CLA IB . 4.96 20.49 9.76
C1A CLA IB . 4.49 20.64 8.45
C2A CLA IB . 5.50 20.07 7.45
C3A CLA IB . 6.57 19.44 8.34
C4A CLA IB . 6.17 19.87 9.74
CMA CLA IB . 6.58 17.94 8.22
CAA CLA IB . 6.13 21.22 6.71
CBA CLA IB . 5.97 21.10 5.22
CGA CLA IB . 6.89 20.04 4.74
O1A CLA IB . 8.00 19.73 5.20
O2A CLA IB . 6.39 19.36 3.68
NB CLA IB . 5.59 20.44 12.62
C1B CLA IB . 6.75 19.96 12.14
C2B CLA IB . 7.73 19.83 13.23
C3B CLA IB . 7.11 20.25 14.37
C4B CLA IB . 5.73 20.63 14.01
CMB CLA IB . 9.08 19.33 13.03
CAB CLA IB . 7.60 20.30 15.71
CBB CLA IB . 7.72 21.43 16.39
NC CLA IB . 3.02 21.70 13.22
C1C CLA IB . 3.50 21.58 14.49
C2C CLA IB . 2.54 22.09 15.43
C3C CLA IB . 1.47 22.57 14.68
C4C CLA IB . 1.78 22.31 13.29
CMC CLA IB . 2.71 22.11 16.86
CAC CLA IB . 0.26 23.19 15.18
CBC CLA IB . -0.80 22.17 15.47
ND CLA IB . 2.44 21.73 10.50
C1D CLA IB . 1.26 22.38 10.90
C2D CLA IB . 0.48 22.73 9.71
C3D CLA IB . 1.22 22.32 8.63
C4D CLA IB . 2.44 21.71 9.18
CMD CLA IB . -0.81 23.39 9.73
CAD CLA IB . 1.29 22.21 7.20
OBD CLA IB . 0.49 22.54 6.35
CBD CLA IB . 2.64 21.55 6.86
CGD CLA IB . 2.38 20.32 6.08
O1D CLA IB . 2.78 19.19 6.35
O2D CLA IB . 1.64 20.51 4.98
CED CLA IB . 1.66 19.45 4.02
C1 CLA IB . 7.33 18.78 2.76
C2 CLA IB . 6.54 18.56 1.52
C3 CLA IB . 6.96 17.71 0.57
C4 CLA IB . 6.16 17.49 -0.65
C5 CLA IB . 8.23 16.96 0.73
C6 CLA IB . 8.96 16.72 -0.58
C7 CLA IB . 10.34 17.32 -0.55
C8 CLA IB . 11.42 16.26 -0.70
C9 CLA IB . 11.85 15.78 0.65
C10 CLA IB . 12.61 16.84 -1.42
C11 CLA IB . 12.29 17.26 -2.84
C12 CLA IB . 13.33 18.25 -3.30
C13 CLA IB . 13.41 18.32 -4.81
C14 CLA IB . 12.02 18.43 -5.40
C15 CLA IB . 14.11 17.08 -5.35
C16 CLA IB . 14.09 17.07 -6.85
C17 CLA IB . 15.34 17.70 -7.42
C18 CLA IB . 15.35 17.65 -8.93
C19 CLA IB . 15.97 16.37 -9.43
C20 CLA IB . 16.15 18.81 -9.47
MG CLA JB . -22.31 11.15 24.97
CHA CLA JB . -24.68 9.82 27.09
CHB CLA JB . -22.17 8.23 23.29
CHC CLA JB . -20.12 12.60 22.76
CHD CLA JB . -22.44 14.15 26.79
NA CLA JB . -23.29 9.33 25.18
C1A CLA JB . -24.28 8.99 26.09
C2A CLA JB . -24.76 7.58 25.87
C3A CLA JB . -23.84 7.07 24.76
C4A CLA JB . -23.06 8.30 24.34
CMA CLA JB . -22.93 6.04 25.33
CAA CLA JB . -26.18 7.61 25.34
CBA CLA JB . -26.45 8.69 24.31
CGA CLA JB . -27.75 8.44 23.57
O1A CLA JB . -28.79 7.93 23.98
O2A CLA JB . -27.75 8.89 22.26
NB CLA JB . -21.38 10.55 23.30
C1B CLA JB . -21.37 9.29 22.84
C2B CLA JB . -20.37 9.15 21.77
C3B CLA JB . -19.79 10.38 21.61
C4B CLA JB . -20.42 11.29 22.59
CMB CLA JB . -20.10 7.90 21.08
CAB CLA JB . -18.77 10.80 20.71
CBB CLA JB . -17.64 10.13 20.49
NC CLA JB . -21.44 13.02 24.82
C1C CLA JB . -20.60 13.40 23.82
C2C CLA JB . -20.25 14.78 23.97
C3C CLA JB . -20.88 15.23 25.13
C4C CLA JB . -21.64 14.11 25.65
CMC CLA JB . -19.39 15.52 23.07
CAC CLA JB . -20.84 16.58 25.68
CBC CLA JB . -22.00 17.40 25.17
ND CLA JB . -23.21 11.85 26.62
C1D CLA JB . -23.18 13.10 27.27
C2D CLA JB . -24.05 13.04 28.44
C3D CLA JB . -24.64 11.80 28.44
C4D CLA JB . -24.11 11.11 27.27
CMD CLA JB . -24.22 14.12 29.39
CAD CLA JB . -25.52 10.88 29.12
OBD CLA JB . -26.08 11.01 30.19
CBD CLA JB . -25.63 9.62 28.23
CGD CLA JB . -25.25 8.38 28.97
O1D CLA JB . -24.37 7.57 28.71
O2D CLA JB . -26.00 8.13 30.07
CED CLA JB . -25.94 6.80 30.58
C1 CLA JB . -28.95 8.69 21.47
C2 CLA JB . -28.67 7.65 20.44
C3 CLA JB . -28.67 7.86 19.11
C4 CLA JB . -28.95 9.17 18.49
C5 CLA JB . -28.39 6.76 18.16
MG CLA KB . -30.40 13.34 30.35
CHA CLA KB . -32.82 11.07 31.26
CHB CLA KB . -29.37 11.29 27.88
CHC CLA KB . -28.05 15.68 29.49
CHD CLA KB . -31.44 15.42 33.01
NA CLA KB . -31.02 11.48 29.69
C1A CLA KB . -32.04 10.67 30.21
C2A CLA KB . -32.14 9.37 29.44
C3A CLA KB . -30.99 9.45 28.43
C4A CLA KB . -30.40 10.84 28.66
CMA CLA KB . -29.95 8.40 28.67
CAA CLA KB . -33.46 9.28 28.72
CBA CLA KB . -33.49 10.09 27.44
CGA CLA KB . -34.55 11.13 27.55
O1A CLA KB . -34.55 12.17 28.19
O2A CLA KB . -35.68 10.82 26.83
NB CLA KB . -28.93 13.43 28.99
C1B CLA KB . -28.75 12.54 28.00
C2B CLA KB . -27.78 13.08 27.02
C3B CLA KB . -27.40 14.32 27.47
C4B CLA KB . -28.14 14.56 28.73
CMB CLA KB . -27.34 12.35 25.84
CAB CLA KB . -26.49 15.27 26.90
CBB CLA KB . -26.89 16.43 26.38
NC CLA KB . -29.84 15.19 31.13
C1C CLA KB . -28.84 15.96 30.63
C2C CLA KB . -28.71 17.17 31.42
C3C CLA KB . -29.68 17.10 32.40
C4C CLA KB . -30.38 15.85 32.22
CMC CLA KB . -27.74 18.23 31.17
CAC CLA KB . -29.95 18.09 33.44
CBC CLA KB . -30.99 19.05 32.93
ND CLA KB . -31.82 13.36 31.77
C1D CLA KB . -32.13 14.25 32.82
C2D CLA KB . -33.26 13.74 33.60
C3D CLA KB . -33.59 12.54 33.03
C4D CLA KB . -32.65 12.32 31.91
CMD CLA KB . -33.86 14.43 34.72
CAD CLA KB . -34.47 11.40 33.07
OBD CLA KB . -35.43 11.19 33.78
CBD CLA KB . -33.96 10.41 31.99
CGD CLA KB . -33.51 9.21 32.71
O1D CLA KB . -33.54 9.02 33.92
O2D CLA KB . -33.03 8.24 31.91
CED CLA KB . -33.83 7.07 31.88
MG CLA LB . -11.77 4.63 19.32
CHA CLA LB . -12.95 6.73 21.78
CHB CLA LB . -12.55 6.94 16.99
CHC CLA LB . -10.67 2.48 16.89
CHD CLA LB . -11.14 2.18 21.75
NA CLA LB . -12.60 6.54 19.41
C1A CLA LB . -13.03 7.26 20.53
C2A CLA LB . -13.63 8.61 20.12
C3A CLA LB . -13.45 8.61 18.59
C4A CLA LB . -12.83 7.27 18.30
CMA CLA LB . -14.78 8.66 17.90
CAA CLA LB . -13.03 9.86 20.72
CBA CLA LB . -13.76 11.07 20.14
CGA CLA LB . -13.72 12.24 21.06
O1A CLA LB . -13.00 12.44 22.03
O2A CLA LB . -14.63 13.21 20.76
NB CLA LB . -11.62 4.70 17.33
C1B CLA LB . -11.98 5.74 16.56
C2B CLA LB . -11.69 5.46 15.15
C3B CLA LB . -11.16 4.21 15.11
C4B CLA LB . -11.11 3.69 16.50
CMB CLA LB . -11.96 6.39 14.08
CAB CLA LB . -10.71 3.46 13.99
CBB CLA LB . -11.42 2.49 13.45
NC CLA LB . -11.02 2.69 19.33
C1C CLA LB . -10.62 2.01 18.23
C2C CLA LB . -10.16 0.69 18.61
C3C CLA LB . -10.32 0.58 19.98
C4C CLA LB . -10.86 1.85 20.43
CMC CLA LB . -9.68 -0.30 17.67
CAC CLA LB . -10.02 -0.58 20.79
CBC CLA LB . -8.81 -0.38 21.66
ND CLA LB . -11.95 4.44 21.30
C1D CLA LB . -11.63 3.39 22.18
C2D CLA LB . -11.97 3.79 23.55
C3D CLA LB . -12.48 5.07 23.45
C4D CLA LB . -12.45 5.42 22.03
CMD CLA LB . -11.80 2.97 24.72
CAD CLA LB . -13.06 6.16 24.16
OBD CLA LB . -13.35 6.24 25.33
CBD CLA LB . -13.32 7.29 23.13
CGD CLA LB . -14.74 7.69 23.17
O1D CLA LB . -15.21 8.82 23.17
O2D CLA LB . -15.59 6.65 23.19
CED CLA LB . -16.78 6.83 22.42
C1 CLA LB . -14.11 14.54 20.61
C2 CLA LB . -15.16 15.49 21.06
C3 CLA LB . -15.24 16.75 20.61
C4 CLA LB . -14.29 17.31 19.63
C5 CLA LB . -16.30 17.66 21.09
C6 CLA LB . -15.72 18.99 21.55
MG CLA MB . -7.08 15.21 16.47
CHA CLA MB . -8.52 13.18 18.87
CHB CLA MB . -8.61 13.42 14.05
CHC CLA MB . -5.84 17.41 14.15
CHD CLA MB . -5.46 17.01 19.03
NA CLA MB . -8.35 13.56 16.48
C1A CLA MB . -8.85 12.88 17.58
C2A CLA MB . -9.79 11.75 17.17
C3A CLA MB . -9.71 11.78 15.63
C4A CLA MB . -8.85 13.01 15.34
CMA CLA MB . -9.11 10.50 15.15
CAA CLA MB . -11.18 12.17 17.59
CBA CLA MB . -11.60 13.47 16.96
CGA CLA MB . -11.43 14.60 17.93
O1A CLA MB . -11.16 14.53 19.13
O2A CLA MB . -11.60 15.83 17.39
NB CLA MB . -7.17 15.37 14.48
C1B CLA MB . -7.84 14.53 13.67
C2B CLA MB . -7.65 14.95 12.27
C3B CLA MB . -6.87 16.07 12.28
C4B CLA MB . -6.57 16.37 13.70
CMB CLA MB . -8.25 14.26 11.16
CAB CLA MB . -6.42 16.87 11.19
CBB CLA MB . -6.94 18.05 10.85
NC CLA MB . -5.87 16.90 16.58
C1C CLA MB . -5.52 17.67 15.51
C2C CLA MB . -4.74 18.81 15.96
C3C CLA MB . -4.59 18.66 17.32
C4C CLA MB . -5.31 17.47 17.72
CMC CLA MB . -4.21 19.87 15.11
CAC CLA MB . -3.88 19.60 18.20
CBC CLA MB . -4.85 20.62 18.73
ND CLA MB . -6.97 15.16 18.48
C1D CLA MB . -6.22 15.94 19.41
C2D CLA MB . -6.46 15.40 20.76
C3D CLA MB . -7.36 14.38 20.62
C4D CLA MB . -7.63 14.25 19.18
CMD CLA MB . -5.85 15.96 21.95
CAD CLA MB . -8.13 13.36 21.27
OBD CLA MB . -8.25 13.12 22.46
CBD CLA MB . -8.86 12.54 20.18
CGD CLA MB . -8.41 11.11 20.22
O1D CLA MB . -8.27 10.33 19.28
O2D CLA MB . -8.14 10.64 21.44
CED CLA MB . -8.26 9.24 21.58
C1 CLA MB . -10.39 16.52 17.00
C2 CLA MB . -10.37 17.82 17.72
C3 CLA MB . -9.69 18.88 17.29
C4 CLA MB . -9.70 20.17 18.02
C5 CLA MB . -8.89 18.84 16.03
C6 CLA MB . -8.54 20.22 15.50
C7 CLA MB . -9.50 20.66 14.43
C8 CLA MB . -8.94 21.80 13.59
C9 CLA MB . -10.01 22.41 12.72
C10 CLA MB . -7.81 21.32 12.71
C11 CLA MB . -6.88 22.44 12.28
C12 CLA MB . -5.51 21.91 11.91
C13 CLA MB . -4.52 23.02 11.57
C14 CLA MB . -4.42 24.01 12.71
C15 CLA MB . -4.88 23.67 10.24
C16 CLA MB . -5.27 25.13 10.36
C17 CLA MB . -4.29 26.02 9.62
C18 CLA MB . -4.88 26.59 8.35
C19 CLA MB . -3.78 27.08 7.44
C20 CLA MB . -5.76 27.77 8.67
MG CLA NB . -12.48 15.28 7.59
CHA CLA NB . -13.13 13.22 10.29
CHB CLA NB . -14.14 13.14 5.57
CHC CLA NB . -11.81 17.35 4.96
CHD CLA NB . -10.72 17.46 9.74
NA CLA NB . -13.46 13.47 7.90
C1A CLA NB . -13.63 12.78 9.11
C2A CLA NB . -14.39 11.48 8.89
C3A CLA NB . -14.61 11.46 7.36
C4A CLA NB . -14.05 12.78 6.90
CMA CLA NB . -13.87 10.31 6.73
CAA CLA NB . -15.70 11.48 9.64
CBA CLA NB . -16.57 12.68 9.43
CGA CLA NB . -17.81 12.45 10.24
O1A CLA NB . -17.91 11.92 11.34
O2A CLA NB . -18.96 12.90 9.66
NB CLA NB . -12.78 15.18 5.62
C1B CLA NB . -13.65 14.33 5.04
C2B CLA NB . -14.05 14.84 3.70
C3B CLA NB . -13.40 16.02 3.53
C4B CLA NB . -12.59 16.26 4.73
CMB CLA NB . -14.99 14.15 2.84
CAB CLA NB . -13.46 16.94 2.43
CBB CLA NB . -12.45 17.18 1.59
NC CLA NB . -11.44 17.07 7.40
C1C CLA NB . -11.28 17.74 6.22
C2C CLA NB . -10.48 18.93 6.44
C3C CLA NB . -10.20 18.97 7.79
C4C CLA NB . -10.79 17.79 8.39
CMC CLA NB . -10.10 19.88 5.40
CAC CLA NB . -9.40 19.97 8.50
CBC CLA NB . -10.24 21.00 9.21
ND CLA NB . -12.09 15.44 9.56
C1D CLA NB . -11.33 16.36 10.31
C2D CLA NB . -11.29 15.93 11.71
C3D CLA NB . -11.98 14.75 11.75
C4D CLA NB . -12.43 14.46 10.39
CMD CLA NB . -10.66 16.66 12.79
CAD CLA NB . -12.46 13.68 12.58
OBD CLA NB . -12.36 13.56 13.79
CBD CLA NB . -13.15 12.64 11.67
CGD CLA NB . -12.39 11.36 11.72
O1D CLA NB . -11.29 11.18 12.22
O2D CLA NB . -13.01 10.30 11.17
CED CLA NB . -12.18 9.21 10.79
C1 CLA NB . -20.16 12.66 10.42
C2 CLA NB . -20.41 13.87 11.23
C3 CLA NB . -20.57 13.84 12.56
C4 CLA NB . -20.51 12.59 13.33
C5 CLA NB . -20.82 15.09 13.31
C6 CLA NB . -22.04 15.86 12.85
C7 CLA NB . -22.82 16.35 14.06
C8 CLA NB . -23.84 17.43 13.74
C9 CLA NB . -24.72 17.66 14.96
C10 CLA NB . -24.70 17.05 12.53
C11 CLA NB . -25.96 17.88 12.42
C12 CLA NB . -26.84 17.42 11.27
C13 CLA NB . -28.32 17.63 11.61
C14 CLA NB . -28.58 19.07 11.99
C15 CLA NB . -28.79 16.69 12.71
C16 CLA NB . -29.25 15.35 12.18
C17 CLA NB . -29.38 14.30 13.26
C18 CLA NB . -29.18 12.91 12.69
C19 CLA NB . -30.18 12.71 11.57
C20 CLA NB . -29.32 11.81 13.71
MG CLA OB . -0.28 -28.52 -22.46
CHA CLA OB . 3.07 -27.79 -22.34
CHB CLA OB . 0.39 -31.34 -24.21
CHC CLA OB . -3.59 -29.31 -22.36
CHD CLA OB . -0.91 -25.70 -20.44
NA CLA OB . 1.46 -29.37 -23.21
C1A CLA OB . 2.76 -28.93 -23.02
C2A CLA OB . 3.76 -29.86 -23.70
C3A CLA OB . 2.86 -30.94 -24.34
C4A CLA OB . 1.47 -30.54 -23.91
CMA CLA OB . 3.00 -30.89 -25.83
CAA CLA OB . 4.62 -30.54 -22.66
CBA CLA OB . 3.76 -31.38 -21.74
CGA CLA OB . 3.50 -30.60 -20.50
O1A CLA OB . 4.28 -29.86 -19.90
O2A CLA OB . 2.25 -30.74 -20.00
NB CLA OB . -1.38 -30.08 -23.08
C1B CLA OB . -0.94 -31.07 -23.88
C2B CLA OB . -2.08 -31.85 -24.40
C3B CLA OB . -3.20 -31.29 -23.89
C4B CLA OB . -2.78 -30.14 -23.05
CMB CLA OB . -1.92 -32.99 -25.29
CAB CLA OB . -4.56 -31.64 -24.08
CBB CLA OB . -5.29 -32.29 -23.17
NC CLA OB . -1.95 -27.62 -21.61
C1C CLA OB . -3.21 -28.11 -21.70
C2C CLA OB . -4.12 -27.26 -20.94
C3C CLA OB . -3.35 -26.25 -20.38
C4C CLA OB . -1.99 -26.49 -20.80
CMC CLA OB . -5.55 -27.52 -20.84
CAC CLA OB . -3.74 -25.17 -19.47
CBC CLA OB . -4.77 -24.21 -19.98
ND CLA OB . 0.74 -26.93 -21.76
C1D CLA OB . 0.37 -25.89 -20.88
C2D CLA OB . 1.56 -25.09 -20.57
C3D CLA OB . 2.61 -25.76 -21.14
C4D CLA OB . 2.05 -26.94 -21.80
CMD CLA OB . 1.57 -23.85 -19.80
CAD CLA OB . 4.02 -25.77 -21.38
OBD CLA OB . 4.83 -24.88 -21.17
CBD CLA OB . 4.38 -27.13 -22.01
CGD CLA OB . 5.18 -26.92 -23.24
O1D CLA OB . 5.04 -26.04 -24.07
O2D CLA OB . 6.18 -27.81 -23.42
CED CLA OB . 7.02 -27.61 -24.55
C1 CLA OB . 1.98 -30.04 -18.77
C2 CLA OB . 0.51 -29.93 -18.66
C3 CLA OB . -0.05 -28.98 -17.88
C4 CLA OB . 0.77 -28.02 -17.12
C5 CLA OB . -1.52 -28.84 -17.76
C6 CLA OB . -2.32 -30.08 -18.06
C7 CLA OB . -3.78 -29.80 -17.78
C8 CLA OB . -4.66 -31.03 -17.90
C9 CLA OB . -4.13 -32.14 -17.03
C10 CLA OB . -4.75 -31.52 -19.33
C11 CLA OB . -6.11 -31.20 -19.90
C12 CLA OB . -6.97 -32.44 -19.99
C13 CLA OB . -8.12 -32.18 -20.94
C14 CLA OB . -9.00 -31.07 -20.42
C15 CLA OB . -8.93 -33.43 -21.18
C16 CLA OB . -9.97 -33.15 -22.25
C17 CLA OB . -10.25 -34.40 -23.05
C18 CLA OB . -11.69 -34.85 -22.86
C19 CLA OB . -11.95 -36.10 -23.67
C20 CLA OB . -12.63 -33.77 -23.28
MG CLA PB . -6.78 -18.27 -8.42
CHA CLA PB . -9.49 -16.36 -9.40
CHB CLA PB . -8.04 -18.42 -5.29
CHC CLA PB . -4.17 -20.27 -7.55
CHD CLA PB . -5.59 -18.15 -11.73
NA CLA PB . -8.48 -17.48 -7.52
C1A CLA PB . -9.50 -16.73 -8.09
C2A CLA PB . -10.58 -16.39 -7.09
C3A CLA PB . -10.02 -16.98 -5.78
C4A CLA PB . -8.75 -17.70 -6.21
CMA CLA PB . -9.69 -15.87 -4.83
CAA CLA PB . -11.85 -17.12 -7.44
CBA CLA PB . -11.56 -18.55 -7.81
CGA CLA PB . -11.86 -18.72 -9.26
O1A CLA PB . -12.61 -18.04 -9.95
O2A CLA PB . -11.20 -19.75 -9.86
NB CLA PB . -6.24 -19.23 -6.75
C1B CLA PB . -6.85 -19.10 -5.55
C2B CLA PB . -6.05 -19.78 -4.51
C3B CLA PB . -4.95 -20.30 -5.13
C4B CLA PB . -5.05 -19.94 -6.57
CMB CLA PB . -6.44 -19.83 -3.11
CAB CLA PB . -3.86 -21.03 -4.57
CBB CLA PB . -3.53 -22.28 -4.86
NC CLA PB . -5.15 -19.04 -9.45
C1C CLA PB . -4.22 -19.84 -8.89
C2C CLA PB . -3.26 -20.24 -9.91
C3C CLA PB . -3.66 -19.65 -11.09
C4C CLA PB . -4.85 -18.90 -10.80
CMC CLA PB . -2.13 -21.12 -9.70
CAC CLA PB . -3.01 -19.81 -12.40
CBC CLA PB . -1.91 -18.81 -12.60
ND CLA PB . -7.26 -17.35 -10.15
C1D CLA PB . -6.71 -17.44 -11.45
C2D CLA PB . -7.54 -16.65 -12.36
C3D CLA PB . -8.59 -16.16 -11.62
C4D CLA PB . -8.39 -16.68 -10.26
CMD CLA PB . -7.24 -16.46 -13.77
CAD CLA PB . -9.79 -15.37 -11.61
OBD CLA PB . -10.26 -14.67 -12.49
CBD CLA PB . -10.45 -15.55 -10.23
CGD CLA PB . -10.68 -14.21 -9.64
O1D CLA PB . -10.26 -13.77 -8.57
O2D CLA PB . -11.46 -13.41 -10.40
CED CLA PB . -11.33 -12.00 -10.17
C1 CLA PB . -9.81 -19.89 -9.55
C2 CLA PB . -9.13 -20.51 -10.71
C3 CLA PB . -8.35 -21.58 -10.56
C4 CLA PB . -8.14 -22.19 -9.23
C5 CLA PB . -7.67 -22.19 -11.73
C6 CLA PB . -6.41 -22.94 -11.34
C7 CLA PB . -5.75 -23.51 -12.58
C8 CLA PB . -5.45 -25.00 -12.49
C9 CLA PB . -5.70 -25.65 -13.84
C10 CLA PB . -6.32 -25.71 -11.45
C11 CLA PB . -5.91 -27.16 -11.36
C12 CLA PB . -7.02 -28.03 -10.79
C13 CLA PB . -6.53 -29.43 -10.48
C14 CLA PB . -5.79 -30.03 -11.65
C15 CLA PB . -7.70 -30.32 -10.09
C16 CLA PB . -7.24 -31.61 -9.43
C17 CLA PB . -8.18 -32.01 -8.31
C18 CLA PB . -7.90 -33.41 -7.78
C19 CLA PB . -6.47 -33.53 -7.30
C20 CLA PB . -8.15 -34.43 -8.86
MG CLA QB . 3.87 23.10 -2.74
CHA CLA QB . 0.84 22.19 -1.37
CHB CLA QB . 3.31 26.32 -1.88
CHC CLA QB . 6.98 23.89 -3.95
CHD CLA QB . 4.47 19.70 -3.53
NA CLA QB . 2.29 24.08 -1.81
C1A CLA QB . 1.12 23.52 -1.30
C2A CLA QB . 0.24 24.60 -0.69
C3A CLA QB . 1.00 25.91 -0.97
C4A CLA QB . 2.30 25.42 -1.60
CMA CLA QB . 0.23 26.78 -1.91
CAA CLA QB . 0.10 24.42 0.80
CBA CLA QB . 1.45 24.32 1.43
CGA CLA QB . 1.63 22.91 1.85
O1A CLA QB . 1.03 22.31 2.75
O2A CLA QB . 2.56 22.24 1.12
NB CLA QB . 4.92 24.79 -2.92
C1B CLA QB . 4.54 25.99 -2.45
C2B CLA QB . 5.67 26.95 -2.57
C3B CLA QB . 6.70 26.28 -3.15
C4B CLA QB . 6.24 24.89 -3.40
CMB CLA QB . 5.62 28.34 -2.16
CAB CLA QB . 7.99 26.76 -3.49
CBB CLA QB . 9.10 26.38 -2.85
NC CLA QB . 5.41 22.00 -3.62
C1C CLA QB . 6.58 22.53 -4.05
C2C CLA QB . 7.41 21.49 -4.61
C3C CLA QB . 6.72 20.30 -4.48
C4C CLA QB . 5.46 20.62 -3.84
CMC CLA QB . 8.72 21.69 -5.19
CAC CLA QB . 7.16 18.99 -4.93
CBC CLA QB . 7.92 18.25 -3.87
ND CLA QB . 2.91 21.34 -2.60
C1D CLA QB . 3.28 20.01 -2.94
C2D CLA QB . 2.19 19.11 -2.55
C3D CLA QB . 1.24 19.90 -1.97
C4D CLA QB . 1.73 21.27 -2.00
CMD CLA QB . 2.20 17.67 -2.76
CAD CLA QB . -0.06 19.93 -1.35
OBD CLA QB . -0.85 19.02 -1.21
CBD CLA QB . -0.34 21.38 -0.90
CGD CLA QB . -1.62 21.87 -1.49
O1D CLA QB . -1.77 22.46 -2.56
O2D CLA QB . -2.73 21.61 -0.77
CED CLA QB . -3.81 22.51 -0.96
C1 CLA QB . 3.71 21.75 1.83
C2 CLA QB . 4.56 22.93 2.11
C3 CLA QB . 5.76 23.10 1.53
C4 CLA QB . 6.30 22.11 0.59
C5 CLA QB . 6.57 24.29 1.86
C6 CLA QB . 7.00 25.08 0.65
C7 CLA QB . 8.50 25.00 0.48
C8 CLA QB . 9.22 25.90 1.45
C9 CLA QB . 9.76 27.11 0.71
C10 CLA QB . 10.39 25.18 2.10
C11 CLA QB . 9.93 24.43 3.32
C12 CLA QB . 11.06 24.30 4.32
C13 CLA QB . 11.41 25.67 4.84
C14 CLA QB . 12.71 25.60 5.61
C15 CLA QB . 10.30 26.21 5.74
C16 CLA QB . 10.65 27.54 6.34
C17 CLA QB . 9.81 28.65 5.74
C18 CLA QB . 9.04 29.46 6.77
C19 CLA QB . 9.68 30.81 7.00
C20 CLA QB . 8.91 28.73 8.09
C1 PQN RB . -0.07 -12.91 -15.69
O1 PQN RB . 0.70 -12.73 -14.73
C2 PQN RB . -0.27 -14.26 -16.23
C2M PQN RB . 0.48 -15.41 -15.63
C3 PQN RB . -1.18 -14.48 -17.36
C4 PQN RB . -1.89 -13.32 -17.94
O4 PQN RB . -2.67 -13.49 -18.88
C5 PQN RB . -1.70 -11.97 -17.38
C6 PQN RB . -2.37 -10.88 -17.91
C7 PQN RB . -2.17 -9.62 -17.36
C8 PQN RB . -1.31 -9.44 -16.30
C9 PQN RB . -0.62 -10.50 -15.74
C10 PQN RB . -0.79 -11.76 -16.25
C11 PQN RB . -1.35 -15.87 -17.90
C12 PQN RB . -2.46 -16.52 -17.10
C13 PQN RB . -3.41 -17.24 -17.67
C14 PQN RB . -3.43 -17.48 -19.15
C15 PQN RB . -4.48 -17.84 -16.81
C16 PQN RB . -4.44 -19.36 -16.85
C17 PQN RB . -5.44 -19.91 -15.84
C18 PQN RB . -5.69 -21.37 -16.10
C19 PQN RB . -4.44 -22.21 -15.89
C20 PQN RB . -6.17 -21.52 -17.53
C21 PQN RB . -7.55 -22.13 -17.56
C22 PQN RB . -7.47 -23.64 -17.40
C23 PQN RB . -8.70 -24.23 -18.08
C24 PQN RB . -9.89 -24.19 -17.14
C25 PQN RB . -8.36 -25.64 -18.58
C26 PQN RB . -8.92 -26.73 -17.68
C27 PQN RB . -7.87 -27.19 -16.69
C28 PQN RB . -8.40 -28.37 -15.90
C29 PQN RB . -7.38 -28.84 -14.88
C30 PQN RB . -9.72 -28.01 -15.23
MG CLA SB . -29.21 27.84 6.07
CHA CLA SB . -28.32 31.14 6.41
CHB CLA SB . -26.43 26.90 7.75
CHC CLA SB . -30.34 24.60 6.00
CHD CLA SB . -32.16 28.86 4.48
NA CLA SB . -27.61 28.88 6.89
C1A CLA SB . -27.43 30.26 6.95
C2A CLA SB . -26.16 30.60 7.68
C3A CLA SB . -25.52 29.23 7.96
C4A CLA SB . -26.58 28.25 7.52
CMA CLA SB . -24.29 29.03 7.11
CAA CLA SB . -26.56 31.20 9.01
CBA CLA SB . -25.45 32.02 9.62
CGA CLA SB . -24.81 31.25 10.72
O1A CLA SB . -24.66 30.04 10.80
O2A CLA SB . -24.35 32.03 11.75
NB CLA SB . -28.55 26.10 6.79
C1B CLA SB . -27.36 25.90 7.40
C2B CLA SB . -27.17 24.45 7.66
C3B CLA SB . -28.27 23.81 7.17
C4B CLA SB . -29.15 24.84 6.60
CMB CLA SB . -26.00 23.88 8.30
CAB CLA SB . -28.58 22.43 7.12
CBB CLA SB . -28.75 21.69 8.21
NC CLA SB . -30.89 26.90 5.29
C1C CLA SB . -31.15 25.57 5.36
C2C CLA SB . -32.42 25.27 4.76
C3C CLA SB . -32.96 26.49 4.35
C4C CLA SB . -31.99 27.50 4.70
CMC CLA SB . -32.92 23.91 4.70
CAC CLA SB . -34.24 26.88 3.73
CBC CLA SB . -35.03 25.83 2.98
ND CLA SB . -29.99 29.55 5.34
C1D CLA SB . -31.24 29.84 4.77
C2D CLA SB . -31.38 31.29 4.60
C3D CLA SB . -30.26 31.83 5.18
C4D CLA SB . -29.46 30.71 5.67
CMD CLA SB . -32.49 31.96 3.96
CAD CLA SB . -29.55 33.04 5.48
OBD CLA SB . -29.79 34.19 5.14
CBD CLA SB . -28.36 32.64 6.39
CGD CLA SB . -27.10 33.16 5.78
O1D CLA SB . -26.09 33.52 6.36
O2D CLA SB . -27.15 33.22 4.43
CED CLA SB . -26.61 34.37 3.79
C1 CLA SB . -24.51 31.49 13.08
C2 CLA SB . -23.51 32.13 13.97
C3 CLA SB . -22.64 31.39 14.67
C4 CLA SB . -22.62 29.92 14.56
C5 CLA SB . -21.63 32.02 15.58
C6 CLA SB . -20.21 31.79 15.08
C7 CLA SB . -19.19 31.90 16.19
O1 LHG TB . -17.84 -5.15 -21.63
C1 LHG TB . -17.09 -6.07 -22.43
C2 LHG TB . -16.35 -7.01 -21.51
O2 LHG TB . -17.27 -7.54 -20.54
C3 LHG TB . -15.26 -6.26 -20.79
O3 LHG TB . -14.92 -7.01 -19.63
P LHG TB . -13.44 -6.91 -19.03
O4 LHG TB . -13.15 -5.48 -18.71
O5 LHG TB . -12.51 -7.71 -19.91
O6 LHG TB . -13.65 -7.73 -17.68
C4 LHG TB . -12.54 -8.42 -17.14
C5 LHG TB . -12.81 -8.70 -15.67
C6 LHG TB . -13.42 -7.46 -15.05
O7 LHG TB . -13.75 -9.75 -15.56
C7 LHG TB . -13.30 -10.75 -14.61
O9 LHG TB . -12.40 -10.47 -13.85
C8 LHG TB . -13.96 -12.10 -14.55
C9 LHG TB . -13.28 -12.94 -13.48
C10 LHG TB . -14.34 -13.55 -12.59
O8 LHG TB . -13.77 -7.80 -13.72
C23 LHG TB . -15.11 -7.53 -13.25
O10 LHG TB . -15.71 -6.57 -13.68
C24 LHG TB . -15.74 -8.48 -12.28
C11 LHG TB . -14.75 -14.92 -13.07
C12 LHG TB . -14.07 -16.00 -12.22
C13 LHG TB . -14.91 -17.26 -12.15
C14 LHG TB . -16.12 -17.02 -11.26
C15 LHG TB . -15.71 -16.94 -9.80
C16 LHG TB . -15.71 -18.32 -9.17
C17 LHG TB . -16.87 -18.45 -8.21
C18 LHG TB . -16.58 -17.70 -6.92
C19 LHG TB . -17.87 -17.27 -6.26
C20 LHG TB . -17.65 -16.92 -4.80
C21 LHG TB . -17.41 -18.19 -4.00
C22 LHG TB . -18.41 -18.29 -2.89
C25 LHG TB . -16.76 -7.70 -11.46
C26 LHG TB . -16.04 -6.87 -10.43
C27 LHG TB . -15.14 -7.77 -9.60
C28 LHG TB . -14.16 -6.95 -8.78
C29 LHG TB . -12.93 -7.79 -8.49
C30 LHG TB . -12.94 -8.32 -7.07
C31 LHG TB . -11.93 -7.52 -6.26
C32 LHG TB . -12.14 -7.78 -4.78
C33 LHG TB . -11.91 -9.25 -4.46
C34 LHG TB . -11.96 -9.41 -2.95
C35 LHG TB . -11.83 -10.88 -2.57
C36 LHG TB . -11.73 -11.02 -1.06
C37 LHG TB . -11.23 -12.41 -0.70
C38 LHG TB . -10.86 -12.44 0.75
O1 LHG UB . -29.90 22.52 3.52
C1 LHG UB . -29.09 22.12 2.41
C2 LHG UB . -29.40 23.07 1.27
O2 LHG UB . -28.40 22.89 0.27
C3 LHG UB . -29.31 24.49 1.79
O3 LHG UB . -27.95 24.88 1.88
P LHG UB . -27.55 26.18 2.72
O4 LHG UB . -28.33 26.17 3.99
O5 LHG UB . -27.63 27.38 1.84
O6 LHG UB . -26.02 25.88 3.05
C4 LHG UB . -25.54 26.06 4.38
C5 LHG UB . -24.04 25.86 4.39
C6 LHG UB . -23.59 25.62 5.81
O7 LHG UB . -23.71 24.70 3.66
C7 LHG UB . -22.80 25.01 2.60
O9 LHG UB . -22.82 26.13 2.12
C8 LHG UB . -21.86 23.96 2.07
C9 LHG UB . -20.44 24.51 2.10
C10 LHG UB . -19.44 23.39 2.33
O8 LHG UB . -22.46 24.76 5.72
C23 LHG UB . -21.50 24.69 6.81
O10 LHG UB . -21.54 25.51 7.71
C24 LHG UB . -20.47 23.60 6.85
C11 LHG UB . -18.52 23.76 3.47
C12 LHG UB . -17.30 22.86 3.43
C13 LHG UB . -16.55 22.81 4.76
C14 LHG UB . -15.85 21.45 4.84
C15 LHG UB . -15.28 21.14 6.21
C16 LHG UB . -14.93 19.66 6.27
C17 LHG UB . -14.13 19.35 7.53
C18 LHG UB . -15.02 19.03 8.73
C19 LHG UB . -14.18 18.75 9.96
C20 LHG UB . -15.02 18.22 11.11
C21 LHG UB . -15.70 16.90 10.76
C22 LHG UB . -16.50 16.38 11.93
C25 LHG UB . -19.55 23.84 8.03
C26 LHG UB . -18.79 22.58 8.39
C27 LHG UB . -17.73 22.85 9.45
C1 BCR VB . -36.63 -19.88 11.17
C2 BCR VB . -35.31 -20.13 10.46
C3 BCR VB . -34.17 -20.50 11.39
C4 BCR VB . -34.03 -19.37 12.39
C5 BCR VB . -35.30 -19.36 13.20
C6 BCR VB . -36.48 -19.52 12.62
C7 BCR VB . -37.71 -19.36 13.44
C8 BCR VB . -38.27 -18.18 13.62
C9 BCR VB . -39.50 -18.02 14.43
C10 BCR VB . -40.25 -16.94 14.26
C11 BCR VB . -41.48 -16.70 15.01
C33 BCR VB . -35.19 -19.17 14.67
C31 BCR VB . -37.49 -21.13 11.12
C32 BCR VB . -37.34 -18.76 10.44
C34 BCR VB . -39.88 -19.05 15.43
C12 BCR VB . -42.14 -15.60 14.66
C13 BCR VB . -43.39 -15.15 15.29
C14 BCR VB . -43.89 -13.96 14.95
C15 BCR VB . -45.12 -13.45 15.55
C16 BCR VB . -45.37 -12.15 15.51
C17 BCR VB . -46.57 -11.60 16.12
C18 BCR VB . -46.80 -10.28 16.15
C19 BCR VB . -48.01 -9.74 16.78
C20 BCR VB . -48.24 -8.42 16.86
C21 BCR VB . -49.47 -7.99 17.52
C22 BCR VB . -49.92 -6.74 17.48
C23 BCR VB . -51.18 -6.38 18.16
C24 BCR VB . -51.78 -5.23 17.87
C25 BCR VB . -53.05 -4.84 18.51
C26 BCR VB . -53.08 -4.44 19.78
C27 BCR VB . -54.36 -4.43 20.54
C28 BCR VB . -55.33 -3.64 19.67
C29 BCR VB . -55.57 -4.41 18.39
C30 BCR VB . -54.30 -4.91 17.68
C35 BCR VB . -44.06 -16.02 16.29
C36 BCR VB . -45.80 -9.36 15.54
C37 BCR VB . -49.17 -5.67 16.74
C38 BCR VB . -51.85 -3.96 20.47
C39 BCR VB . -54.09 -4.09 16.41
C40 BCR VB . -54.53 -6.36 17.28
C1 BCR WB . -27.38 -12.73 9.77
C2 BCR WB . -26.70 -12.78 8.43
C3 BCR WB . -27.26 -11.75 7.48
C4 BCR WB . -27.10 -10.37 8.09
C5 BCR WB . -27.87 -10.36 9.37
C6 BCR WB . -28.20 -11.49 9.97
C7 BCR WB . -29.36 -11.55 10.88
C8 BCR WB . -30.61 -11.40 10.44
C9 BCR WB . -31.75 -11.47 11.36
C10 BCR WB . -32.90 -10.90 11.02
C11 BCR WB . -34.06 -10.95 11.90
C33 BCR WB . -28.24 -9.05 9.97
C31 BCR WB . -26.36 -12.73 10.88
C32 BCR WB . -28.25 -13.94 9.95
C34 BCR WB . -31.64 -12.20 12.65
C12 BCR WB . -35.22 -10.63 11.36
C13 BCR WB . -36.49 -10.64 12.11
C14 BCR WB . -37.62 -10.49 11.42
C15 BCR WB . -38.92 -10.49 12.06
C16 BCR WB . -39.99 -10.25 11.30
C17 BCR WB . -41.31 -10.25 11.90
C18 BCR WB . -42.39 -10.03 11.15
C19 BCR WB . -43.71 -10.06 11.77
C20 BCR WB . -44.84 -9.85 11.10
C21 BCR WB . -46.06 -9.93 11.89
C22 BCR WB . -47.26 -9.73 11.36
C23 BCR WB . -48.46 -9.81 12.19
C24 BCR WB . -49.64 -9.44 11.72
C25 BCR WB . -50.86 -9.50 12.55
C26 BCR WB . -51.20 -10.59 13.24
C27 BCR WB . -51.75 -10.48 14.62
C28 BCR WB . -52.09 -9.03 14.93
C29 BCR WB . -52.75 -8.41 13.71
C30 BCR WB . -51.75 -8.29 12.58
C35 BCR WB . -36.51 -10.85 13.59
C36 BCR WB . -42.24 -9.76 9.69
C37 BCR WB . -47.36 -9.42 9.89
C38 BCR WB . -51.05 -11.95 12.62
C39 BCR WB . -50.86 -7.07 12.78
C40 BCR WB . -52.45 -8.19 11.25
C1 BCR XB . -24.97 24.21 14.41
C2 BCR XB . -25.14 24.42 15.91
C3 BCR XB . -23.77 24.40 16.57
C4 BCR XB . -23.25 22.98 16.53
C5 BCR XB . -23.39 22.44 15.14
C6 BCR XB . -23.89 23.19 14.15
C7 BCR XB . -23.37 23.04 12.78
C8 BCR XB . -23.97 22.21 11.92
C9 BCR XB . -23.49 22.03 10.54
C10 BCR XB . -23.96 20.97 9.87
C11 BCR XB . -23.59 20.64 8.51
C33 BCR XB . -22.96 21.03 14.89
C31 BCR XB . -24.55 25.50 13.76
C32 BCR XB . -26.29 23.74 13.82
C34 BCR XB . -22.53 22.98 9.92
C12 BCR XB . -24.21 19.58 8.01
C13 BCR XB . -23.97 19.06 6.66
C14 BCR XB . -24.57 17.91 6.35
C15 BCR XB . -24.39 17.29 5.04
C16 BCR XB . -25.09 16.22 4.70
C17 BCR XB . -24.83 15.64 3.40
C18 BCR XB . -25.56 14.62 2.94
C19 BCR XB . -25.24 14.06 1.64
C20 BCR XB . -25.91 13.05 1.11
C21 BCR XB . -25.44 12.60 -0.18
C22 BCR XB . -26.09 11.68 -0.88
C23 BCR XB . -25.54 11.26 -2.17
C24 BCR XB . -26.17 10.33 -2.88
C25 BCR XB . -25.61 9.93 -4.17
C26 BCR XB . -24.50 9.21 -4.20
C27 BCR XB . -23.64 9.20 -5.42
C28 BCR XB . -24.55 9.00 -6.61
C29 BCR XB . -25.50 10.18 -6.67
C30 BCR XB . -26.35 10.31 -5.41
C35 BCR XB . -23.10 19.79 5.71
C36 BCR XB . -26.68 14.07 3.76
C37 BCR XB . -27.34 11.07 -0.36
C38 BCR XB . -24.08 8.41 -3.01
C39 BCR XB . -27.58 9.43 -5.53
C40 BCR XB . -26.80 11.74 -5.27
C1 BCR YB . -17.67 7.51 -0.47
C2 BCR YB . -17.55 7.49 -1.98
C3 BCR YB . -18.68 8.24 -2.64
C4 BCR YB . -19.95 7.52 -2.29
C5 BCR YB . -20.13 7.68 -0.80
C6 BCR YB . -19.10 7.57 0.02
C7 BCR YB . -19.26 7.54 1.49
C8 BCR YB . -19.88 6.55 2.12
C9 BCR YB . -19.99 6.59 3.58
C10 BCR YB . -20.90 7.35 4.19
C11 BCR YB . -20.99 7.36 5.64
C33 BCR YB . -21.50 8.01 -0.32
C31 BCR YB . -16.96 8.73 0.07
C32 BCR YB . -16.99 6.27 0.09
C34 BCR YB . -19.08 5.73 4.39
C12 BCR YB . -21.94 8.08 6.23
C13 BCR YB . -22.06 8.10 7.70
C14 BCR YB . -22.63 9.14 8.29
C15 BCR YB . -22.73 9.19 9.75
C16 BCR YB . -23.39 10.19 10.32
C17 BCR YB . -23.45 10.29 11.76
C18 BCR YB . -24.11 11.28 12.35
C19 BCR YB . -24.10 11.38 13.82
C20 BCR YB . -24.90 12.19 14.50
C21 BCR YB . -24.72 12.20 15.95
C22 BCR YB . -25.36 13.04 16.76
C23 BCR YB . -25.06 12.99 18.20
C24 BCR YB . -25.92 13.37 19.12
C25 BCR YB . -25.56 13.33 20.56
C26 BCR YB . -25.29 12.21 21.22
C27 BCR YB . -24.88 12.21 22.66
C28 BCR YB . -24.36 13.57 23.03
C29 BCR YB . -25.45 14.57 22.74
C30 BCR YB . -25.55 14.68 21.23
C35 BCR YB . -21.55 6.95 8.51
C36 BCR YB . -24.80 12.31 11.53
C37 BCR YB . -26.34 14.04 16.22
C38 BCR YB . -25.40 10.86 20.58
C39 BCR YB . -24.35 15.46 20.73
C40 BCR YB . -26.83 15.42 20.89
C1 BCR ZB . -11.93 -16.23 4.06
C2 BCR ZB . -12.42 -15.89 5.45
C3 BCR ZB . -11.23 -15.81 6.38
C4 BCR ZB . -10.68 -17.22 6.50
C5 BCR ZB . -10.24 -17.65 5.14
C6 BCR ZB . -10.97 -17.38 4.07
C7 BCR ZB . -10.87 -18.13 2.80
C8 BCR ZB . -10.85 -19.46 2.72
C9 BCR ZB . -10.79 -20.09 1.40
C10 BCR ZB . -9.65 -20.46 0.81
C11 BCR ZB . -8.31 -20.28 1.34
C33 BCR ZB . -8.92 -18.38 5.04
C31 BCR ZB . -11.21 -15.02 3.49
C32 BCR ZB . -13.12 -16.62 3.20
C34 BCR ZB . -12.07 -20.36 0.69
C12 BCR ZB . -7.38 -20.87 0.60
C13 BCR ZB . -5.93 -20.85 0.86
C14 BCR ZB . -5.16 -21.64 0.09
C15 BCR ZB . -3.71 -21.73 0.18
C16 BCR ZB . -3.09 -22.47 -0.73
C17 BCR ZB . -1.64 -22.58 -0.72
C18 BCR ZB . -0.97 -23.42 -1.53
C19 BCR ZB . -1.61 -24.32 -2.48
C20 BCR ZB . -0.85 -25.31 -2.96
C21 BCR ZB . -1.39 -26.27 -3.92
C22 BCR ZB . -0.66 -27.32 -4.28
C23 BCR ZB . -1.19 -28.28 -5.27
C24 BCR ZB . -0.65 -29.48 -5.43
C25 BCR ZB . -1.17 -30.44 -6.43
C26 BCR ZB . -2.45 -30.81 -6.47
C27 BCR ZB . -3.12 -31.20 -7.77
C28 BCR ZB . -2.13 -31.01 -8.90
C29 BCR ZB . -0.85 -31.74 -8.53
C30 BCR ZB . -0.17 -30.99 -7.41
C35 BCR ZB . -5.35 -19.96 1.90
C36 BCR ZB . 0.52 -23.46 -1.48
C37 BCR ZB . 0.70 -27.51 -3.70
C38 BCR ZB . -3.28 -30.87 -5.23
C39 BCR ZB . 0.62 -29.83 -7.96
C40 BCR ZB . 0.77 -31.90 -6.64
FE1 SF4 AC . -0.90 -0.59 -20.70
FE2 SF4 AC . -0.72 1.87 -19.90
FE3 SF4 AC . -2.52 1.25 -21.58
FE4 SF4 AC . -0.01 1.15 -22.30
S1 SF4 AC . -1.14 2.91 -21.74
S2 SF4 AC . -1.55 -0.29 -22.73
S3 SF4 AC . 0.90 0.56 -20.44
S4 SF4 AC . -2.36 0.52 -19.55
MG CLA BC . 8.26 -17.02 -3.11
CHA CLA BC . 6.99 -16.78 0.08
CHB CLA BC . 8.06 -20.38 -2.88
CHC CLA BC . 9.01 -17.19 -6.41
CHD CLA BC . 8.42 -13.50 -3.28
NA CLA BC . 7.73 -18.34 -1.59
C1A CLA BC . 7.19 -18.05 -0.34
C2A CLA BC . 6.96 -19.34 0.46
C3A CLA BC . 7.70 -20.37 -0.38
C4A CLA BC . 7.84 -19.68 -1.73
CMA CLA BC . 9.06 -20.64 0.18
CAA CLA BC . 5.50 -19.72 0.60
CBA CLA BC . 5.28 -20.59 1.82
CGA CLA BC . 4.81 -21.96 1.42
O1A CLA BC . 4.58 -22.40 0.29
O2A CLA BC . 4.60 -22.80 2.48
NB CLA BC . 8.59 -18.52 -4.39
C1B CLA BC . 8.21 -19.80 -4.15
C2B CLA BC . 7.97 -20.50 -5.43
C3B CLA BC . 8.23 -19.60 -6.43
C4B CLA BC . 8.65 -18.34 -5.77
CMB CLA BC . 7.57 -21.89 -5.53
CAB CLA BC . 8.17 -19.77 -7.84
CBB CLA BC . 8.91 -20.65 -8.52
NC CLA BC . 8.77 -15.60 -4.53
C1C CLA BC . 9.11 -15.91 -5.81
C2C CLA BC . 9.45 -14.70 -6.53
C3C CLA BC . 9.21 -13.65 -5.67
C4C CLA BC . 8.79 -14.22 -4.40
CMC CLA BC . 9.88 -14.65 -7.92
CAC CLA BC . 9.41 -12.23 -5.95
CBC CLA BC . 10.85 -11.83 -5.75
ND CLA BC . 7.97 -15.47 -1.88
C1D CLA BC . 8.01 -14.07 -2.11
C2D CLA BC . 7.53 -13.39 -0.92
C3D CLA BC . 7.11 -14.37 -0.06
C4D CLA BC . 7.39 -15.66 -0.71
CMD CLA BC . 7.48 -11.94 -0.77
CAD CLA BC . 6.56 -14.68 1.23
OBD CLA BC . 6.32 -13.95 2.16
CBD CLA BC . 6.36 -16.20 1.32
CGD CLA BC . 6.94 -16.64 2.61
O1D CLA BC . 6.46 -17.40 3.44
O2D CLA BC . 8.11 -16.03 2.90
CED CLA BC . 8.47 -16.08 4.28
C1 CLA BC . 4.58 -24.22 2.19
C2 CLA BC . 3.54 -24.91 3.01
C3 CLA BC . 2.24 -24.79 2.72
C4 CLA BC . 1.80 -23.95 1.61
C5 CLA BC . 1.17 -25.47 3.48
C6 CLA BC . 0.22 -26.26 2.60
C7 CLA BC . -1.21 -25.76 2.73
C8 CLA BC . -2.23 -26.64 2.04
C9 CLA BC . -2.09 -28.08 2.48
C10 CLA BC . -2.09 -26.61 0.54
C11 CLA BC . -3.22 -27.36 -0.11
C12 CLA BC . -4.51 -26.58 0.01
C13 CLA BC . -5.41 -26.69 -1.21
C14 CLA BC . -4.65 -27.12 -2.45
C15 CLA BC . -6.11 -25.38 -1.49
C16 CLA BC . -7.55 -25.61 -1.90
C17 CLA BC . -8.48 -24.82 -1.01
C18 CLA BC . -9.93 -25.00 -1.40
C19 CLA BC . -10.10 -24.85 -2.89
C20 CLA BC . -10.77 -23.95 -0.70
O1 LHG CC . -58.87 -21.23 33.28
C1 LHG CC . -57.81 -21.73 34.11
C2 LHG CC . -56.64 -20.76 34.05
O2 LHG CC . -57.04 -19.49 34.54
C3 LHG CC . -56.23 -20.59 32.59
O3 LHG CC . -54.94 -20.01 32.59
P LHG CC . -54.78 -18.42 32.37
O4 LHG CC . -56.14 -17.85 32.04
O5 LHG CC . -54.00 -17.89 33.55
O6 LHG CC . -53.85 -18.37 31.08
C4 LHG CC . -54.45 -18.12 29.82
C5 LHG CC . -54.10 -19.31 28.94
C6 LHG CC . -52.67 -19.12 28.50
O7 LHG CC . -54.20 -20.50 29.71
C7 LHG CC . -55.01 -21.57 29.15
O9 LHG CC . -55.22 -22.56 29.82
C8 LHG CC . -55.55 -21.53 27.74
C9 LHG CC . -54.62 -22.36 26.86
C10 LHG CC . -55.32 -22.84 25.60
O8 LHG CC . -52.74 -18.64 27.18
C23 LHG CC . -51.70 -19.02 26.25
O10 LHG CC . -50.58 -19.20 26.68
C24 LHG CC . -52.03 -19.20 24.79
C11 LHG CC . -56.12 -21.74 24.94
C12 LHG CC . -56.67 -22.23 23.61
C13 LHG CC . -55.51 -22.42 22.65
C14 LHG CC . -55.13 -21.08 22.05
C15 LHG CC . -56.25 -20.62 21.14
C16 LHG CC . -56.11 -21.25 19.76
C17 LHG CC . -55.76 -20.22 18.70
C18 LHG CC . -54.25 -20.03 18.57
C19 LHG CC . -53.96 -19.30 17.26
C20 LHG CC . -52.48 -19.06 17.04
C21 LHG CC . -52.28 -18.39 15.68
C22 LHG CC . -50.87 -17.88 15.51
C25 LHG CC . -50.78 -18.96 23.94
C26 LHG CC . -51.16 -18.88 22.47
C27 LHG CC . -50.36 -17.80 21.77
C28 LHG CC . -51.22 -16.56 21.51
C29 LHG CC . -50.64 -15.74 20.36
C30 LHG CC . -51.48 -14.51 20.07
C31 LHG CC . -50.99 -13.79 18.82
C33 LHG CC . -43.31 -19.53 13.94
C34 LHG CC . -43.44 -20.37 12.68
C35 LHG CC . -42.10 -20.27 11.94
C36 LHG CC . -42.01 -20.88 10.54
C37 LHG CC . -41.83 -22.41 10.57
C38 LHG CC . -42.07 -23.00 9.20
MG CLA DC . -7.48 -24.11 -22.85
CHA CLA DC . -9.09 -27.13 -23.39
CHB CLA DC . -10.30 -22.89 -21.44
CHC CLA DC . -5.74 -21.29 -21.95
CHD CLA DC . -4.56 -25.47 -24.27
NA CLA DC . -9.40 -24.88 -22.55
C1A CLA DC . -9.86 -26.17 -22.82
C2A CLA DC . -11.32 -26.31 -22.41
C3A CLA DC . -11.73 -24.88 -22.03
C4A CLA DC . -10.40 -24.15 -21.98
CMA CLA DC . -12.64 -24.26 -23.04
CAA CLA DC . -11.41 -27.20 -21.20
CBA CLA DC . -12.75 -27.89 -21.07
CGA CLA DC . -12.69 -28.86 -19.93
O1A CLA DC . -12.12 -28.74 -18.85
O2A CLA DC . -13.40 -30.01 -20.16
NB CLA DC . -7.95 -22.39 -21.94
C1B CLA DC . -9.14 -22.12 -21.36
C2B CLA DC . -9.05 -20.85 -20.60
C3B CLA DC . -7.77 -20.39 -20.74
C4B CLA DC . -7.05 -21.36 -21.60
CMB CLA DC . -10.17 -20.29 -19.85
CAB CLA DC . -7.15 -19.23 -20.20
CBB CLA DC . -6.81 -18.18 -20.94
NC CLA DC . -5.53 -23.48 -23.12
C1C CLA DC . -5.03 -22.29 -22.67
C2C CLA DC . -3.61 -22.20 -22.98
C3C CLA DC . -3.27 -23.38 -23.64
C4C CLA DC . -4.48 -24.18 -23.73
CMC CLA DC . -2.76 -21.09 -22.64
CAC CLA DC . -1.94 -23.73 -24.12
CBC CLA DC . -1.84 -23.56 -25.61
ND CLA DC . -6.91 -25.82 -23.72
C1D CLA DC . -5.70 -26.24 -24.29
C2D CLA DC . -5.84 -27.62 -24.78
C3D CLA DC . -7.09 -28.03 -24.39
C4D CLA DC . -7.73 -26.87 -23.75
CMD CLA DC . -4.80 -28.38 -25.44
CAD CLA DC . -8.05 -29.10 -24.39
OBD CLA DC . -7.93 -30.25 -24.76
CBD CLA DC . -9.35 -28.56 -23.76
CGD CLA DC . -10.39 -28.73 -24.80
O1D CLA DC . -10.19 -28.78 -26.02
O2D CLA DC . -11.64 -28.89 -24.33
CED CLA DC . -12.20 -30.19 -24.44
C1 CLA DC . -13.70 -30.77 -18.97
C2 CLA DC . -13.35 -32.18 -19.21
C3 CLA DC . -12.97 -32.97 -18.20
C4 CLA DC . -12.89 -32.47 -16.82
C5 CLA DC . -12.61 -34.40 -18.41
C6 CLA DC . -13.69 -35.19 -19.11
C7 CLA DC . -14.07 -36.39 -18.27
C8 CLA DC . -14.44 -37.60 -19.10
C9 CLA DC . -13.21 -38.20 -19.75
C10 CLA DC . -15.46 -37.24 -20.16
C11 CLA DC . -16.82 -37.05 -19.54
C12 CLA DC . -17.61 -38.35 -19.50
C13 CLA DC . -18.59 -38.37 -18.34
C14 CLA DC . -19.48 -37.15 -18.35
C15 CLA DC . -17.85 -38.42 -17.01
C16 CLA DC . -18.85 -38.67 -15.89
C17 CLA DC . -19.31 -40.11 -15.89
C18 CLA DC . -19.48 -40.64 -14.47
C19 CLA DC . -18.29 -41.47 -14.05
C20 CLA DC . -20.75 -41.46 -14.38
C1 BCR EC . -49.73 -6.94 24.83
C2 BCR EC . -50.28 -8.33 25.10
C3 BCR EC . -51.22 -8.67 23.97
C4 BCR EC . -50.45 -8.85 22.68
C5 BCR EC . -49.29 -7.89 22.60
C6 BCR EC . -49.16 -6.87 23.45
C7 BCR EC . -48.44 -5.62 23.08
C8 BCR EC . -48.85 -4.84 22.08
C9 BCR EC . -48.15 -3.57 21.75
C10 BCR EC . -48.54 -2.88 20.67
C11 BCR EC . -47.99 -1.61 20.26
C33 BCR EC . -48.27 -8.12 21.53
C31 BCR EC . -48.63 -6.63 25.83
C32 BCR EC . -50.86 -5.94 24.94
C34 BCR EC . -47.04 -3.06 22.62
C12 BCR EC . -48.56 -1.04 19.20
C13 BCR EC . -48.19 0.28 18.68
C14 BCR EC . -48.89 0.84 17.68
C15 BCR EC . -48.57 2.18 17.20
C16 BCR EC . -49.32 2.79 16.28
C17 BCR EC . -48.98 4.16 15.90
C18 BCR EC . -49.78 4.87 15.11
C19 BCR EC . -49.45 6.27 14.80
C20 BCR EC . -50.16 7.05 14.00
C21 BCR EC . -49.70 8.43 13.86
C22 BCR EC . -50.37 9.38 13.20
C23 BCR EC . -49.82 10.74 13.19
C24 BCR EC . -50.64 11.77 13.35
C25 BCR EC . -50.18 13.17 13.39
C26 BCR EC . -49.15 13.52 14.16
C27 BCR EC . -48.15 14.51 13.64
C28 BCR EC . -48.95 15.73 13.22
C29 BCR EC . -49.98 15.36 12.16
C30 BCR EC . -50.90 14.25 12.62
C35 BCR EC . -47.05 1.03 19.30
C36 BCR EC . -51.05 4.28 14.60
C37 BCR EC . -51.66 9.08 12.50
C38 BCR EC . -49.00 13.01 15.57
C39 BCR EC . -51.59 13.61 11.43
C40 BCR EC . -51.93 14.89 13.52
MG CLA FC . 10.49 -9.46 7.03
CHA CLA FC . 13.08 -10.44 5.01
CHB CLA FC . 8.92 -8.17 4.31
CHC CLA FC . 7.70 -9.00 8.94
CHD CLA FC . 12.07 -11.04 9.73
NA CLA FC . 11.03 -9.19 5.03
C1A CLA FC . 12.13 -9.71 4.37
C2A CLA FC . 12.13 -9.29 2.91
C3A CLA FC . 10.97 -8.28 2.84
C4A CLA FC . 10.24 -8.53 4.15
CMA CLA FC . 11.46 -6.87 2.75
CAA CLA FC . 11.82 -10.44 1.99
CBA CLA FC . 11.54 -9.90 0.60
CGA CLA FC . 11.74 -10.98 -0.42
O1A CLA FC . 12.02 -10.86 -1.62
O2A CLA FC . 11.57 -12.23 0.10
NB CLA FC . 8.68 -8.69 6.71
C1B CLA FC . 8.19 -8.38 5.49
C2B CLA FC . 6.71 -8.29 5.56
C3B CLA FC . 6.36 -8.51 6.85
C4B CLA FC . 7.61 -8.74 7.62
CMB CLA FC . 5.88 -7.97 4.42
CAB CLA FC . 5.07 -8.50 7.46
CBB CLA FC . 4.59 -7.51 8.18
NC CLA FC . 10.04 -9.81 9.02
C1C CLA FC . 8.86 -9.47 9.61
C2C CLA FC . 8.90 -9.81 11.01
C3C CLA FC . 10.07 -10.50 11.23
C4C CLA FC . 10.80 -10.48 9.97
CMC CLA FC . 7.81 -9.56 11.94
CAC CLA FC . 10.51 -11.06 12.50
CBC CLA FC . 11.61 -10.24 13.14
ND CLA FC . 12.31 -10.23 7.43
C1D CLA FC . 12.78 -10.93 8.57
C2D CLA FC . 14.07 -11.54 8.25
C3D CLA FC . 14.22 -11.40 6.89
C4D CLA FC . 13.08 -10.62 6.42
CMD CLA FC . 14.91 -12.23 9.20
CAD CLA FC . 15.07 -11.63 5.76
OBD CLA FC . 16.19 -12.07 5.72
CBD CLA FC . 14.27 -11.21 4.50
CGD CLA FC . 15.12 -10.46 3.55
O1D CLA FC . 15.95 -9.60 3.81
O2D CLA FC . 14.94 -10.81 2.27
CED CLA FC . 16.11 -11.29 1.62
C1 CLA FC . 11.80 -13.33 -0.80
C2 CLA FC . 11.59 -14.54 0.02
C3 CLA FC . 12.34 -15.62 -0.17
C4 CLA FC . 13.41 -15.64 -1.18
C5 CLA FC . 12.16 -16.86 0.63
C6 CLA FC . 11.75 -16.55 2.05
C7 CLA FC . 12.16 -17.70 2.95
C8 CLA FC . 11.48 -18.98 2.55
C9 CLA FC . 10.26 -19.22 3.41
C10 CLA FC . 12.45 -20.13 2.74
C11 CLA FC . 13.59 -20.04 1.77
C12 CLA FC . 13.30 -20.86 0.54
C13 CLA FC . 13.89 -22.26 0.66
C14 CLA FC . 15.31 -22.21 1.17
C15 CLA FC . 13.86 -22.96 -0.68
C16 CLA FC . 12.43 -23.31 -1.01
C17 CLA FC . 12.05 -22.81 -2.39
C18 CLA FC . 10.95 -23.66 -2.98
C19 CLA FC . 10.74 -23.26 -4.42
C20 CLA FC . 9.67 -23.45 -2.22
MG CLA GC . 1.41 5.33 -1.09
CHA CLA GC . -0.58 8.13 -1.36
CHB CLA GC . 3.51 7.03 0.92
CHC CLA GC . 3.06 2.41 -0.46
CHD CLA GC . -0.77 3.64 -3.27
NA CLA GC . 1.47 7.28 -0.42
C1A CLA GC . 0.52 8.29 -0.59
C2A CLA GC . 0.99 9.57 0.08
C3A CLA GC . 2.43 9.24 0.49
C4A CLA GC . 2.49 7.74 0.34
CMA CLA GC . 3.41 9.90 -0.43
CAA CLA GC . 0.19 9.86 1.31
CBA CLA GC . 0.68 11.15 1.92
CGA CLA GC . 1.72 10.85 2.95
O1A CLA GC . 1.61 10.21 3.99
O2A CLA GC . 2.94 11.37 2.67
NB CLA GC . 2.97 4.81 0.04
C1B CLA GC . 3.68 5.65 0.81
C2B CLA GC . 4.71 4.88 1.55
C3B CLA GC . 4.59 3.58 1.18
C4B CLA GC . 3.48 3.51 0.19
CMB CLA GC . 5.66 5.52 2.47
CAB CLA GC . 5.36 2.45 1.59
CBB CLA GC . 5.51 2.16 2.88
NC CLA GC . 1.22 3.40 -1.82
C1C CLA GC . 2.02 2.37 -1.43
C2C CLA GC . 1.61 1.17 -2.12
C3C CLA GC . 0.52 1.50 -2.91
C4C CLA GC . 0.28 2.91 -2.71
CMC CLA GC . 2.24 -0.13 -1.98
CAC CLA GC . -0.23 0.63 -3.81
CBC CLA GC . -1.63 0.40 -3.35
ND CLA GC . -0.16 5.79 -2.25
C1D CLA GC . -0.99 4.97 -3.05
C2D CLA GC . -2.09 5.79 -3.56
C3D CLA GC . -2.01 6.99 -2.92
C4D CLA GC . -0.80 6.93 -2.09
CMD CLA GC . -3.09 5.30 -4.50
CAD CLA GC . -2.52 8.32 -2.81
OBD CLA GC . -3.39 8.87 -3.46
CBD CLA GC . -1.76 9.02 -1.66
CGD CLA GC . -1.40 10.41 -2.03
O1D CLA GC . -0.38 10.81 -2.58
O2D CLA GC . -2.33 11.31 -1.68
CED CLA GC . -2.16 11.94 -0.43
C1 CLA GC . 3.77 11.64 3.81
C2 CLA GC . 5.01 10.87 3.59
C3 CLA GC . 5.33 9.86 4.38
C4 CLA GC . 4.49 9.46 5.52
C5 CLA GC . 6.57 9.08 4.14
C6 CLA GC . 7.53 9.15 5.30
C7 CLA GC . 8.07 10.54 5.44
C8 CLA GC . 9.10 10.60 6.56
C9 CLA GC . 8.48 10.03 7.82
C10 CLA GC . 9.56 12.02 6.80
C11 CLA GC . 10.15 12.61 5.54
C12 CLA GC . 11.27 13.58 5.82
C13 CLA GC . 12.57 13.08 5.23
C14 CLA GC . 13.27 12.18 6.22
C15 CLA GC . 13.49 14.21 4.82
C16 CLA GC . 14.36 13.78 3.66
C17 CLA GC . 15.82 13.92 3.99
C18 CLA GC . 16.68 13.37 2.86
C19 CLA GC . 18.14 13.40 3.23
C20 CLA GC . 16.46 14.19 1.61
MG CLA HC . 28.64 11.15 -15.84
CHA CLA HC . 28.35 13.49 -18.36
CHB CLA HC . 31.75 10.36 -16.94
CHC CLA HC . 29.00 9.09 -13.14
CHD CLA HC . 25.40 12.02 -14.73
NA CLA HC . 29.82 11.82 -17.42
C1A CLA HC . 29.53 12.81 -18.34
C2A CLA HC . 30.67 13.01 -19.31
C3A CLA HC . 31.66 11.90 -18.92
C4A CLA HC . 31.06 11.31 -17.66
CMA CLA HC . 31.78 10.85 -19.98
CAA CLA HC . 31.30 14.35 -19.03
CBA CLA HC . 32.06 14.37 -17.72
CGA CLA HC . 32.02 15.73 -17.09
O1A CLA HC . 32.63 16.14 -16.10
O2A CLA HC . 31.20 16.61 -17.75
NB CLA HC . 30.10 9.96 -15.17
C1B CLA HC . 31.29 9.76 -15.77
C2B CLA HC . 32.08 8.79 -14.98
C3B CLA HC . 31.32 8.43 -13.91
C4B CLA HC . 30.04 9.16 -14.01
CMB CLA HC . 33.42 8.39 -15.38
CAB CLA HC . 31.60 7.53 -12.84
CBB CLA HC . 32.13 6.33 -13.01
NC CLA HC . 27.40 10.62 -14.25
C1C CLA HC . 27.75 9.76 -13.27
C2C CLA HC . 26.65 9.65 -12.31
C3C CLA HC . 25.64 10.47 -12.76
C4C CLA HC . 26.12 11.08 -13.99
CMC CLA HC . 26.66 8.82 -11.12
CAC CLA HC . 24.34 10.69 -12.14
CBC CLA HC . 23.31 9.75 -12.71
ND CLA HC . 27.14 12.36 -16.43
C1D CLA HC . 25.88 12.63 -15.86
C2D CLA HC . 25.21 13.65 -16.67
C3D CLA HC . 26.11 14.03 -17.63
C4D CLA HC . 27.31 13.20 -17.43
CMD CLA HC . 23.87 14.15 -16.42
CAD CLA HC . 26.37 14.88 -18.77
OBD CLA HC . 25.62 15.66 -19.35
CBD CLA HC . 27.82 14.62 -19.22
CGD CLA HC . 27.81 14.35 -20.69
O1D CLA HC . 27.45 15.12 -21.59
O2D CLA HC . 28.20 13.11 -21.04
CED CLA HC . 28.17 12.82 -22.44
MG CLA IC . 32.55 0.52 -20.48
CHA CLA IC . 34.39 -2.33 -20.00
CHB CLA IC . 33.33 1.55 -17.36
CHC CLA IC . 30.64 3.32 -20.99
CHD CLA IC . 31.63 -0.69 -23.66
NA CLA IC . 33.72 -0.27 -18.96
C1A CLA IC . 34.41 -1.48 -18.95
C2A CLA IC . 35.12 -1.68 -17.62
C3A CLA IC . 34.69 -0.46 -16.80
C4A CLA IC . 33.86 0.36 -17.77
CMA CLA IC . 33.81 -0.88 -15.67
CAA CLA IC . 36.63 -1.65 -17.81
CBA CLA IC . 37.28 -0.76 -16.79
CGA CLA IC . 37.74 -1.58 -15.63
O1A CLA IC . 38.86 -1.64 -15.15
O2A CLA IC . 36.76 -2.33 -15.07
NB CLA IC . 32.10 2.13 -19.39
C1B CLA IC . 32.53 2.38 -18.15
C2B CLA IC . 32.03 3.68 -17.68
C3B CLA IC . 31.28 4.20 -18.69
C4B CLA IC . 31.29 3.22 -19.80
CMB CLA IC . 32.31 4.23 -16.37
CAB CLA IC . 30.57 5.43 -18.71
CBB CLA IC . 30.66 6.33 -19.67
NC CLA IC . 31.38 1.20 -22.06
C1C CLA IC . 30.69 2.37 -22.05
C2C CLA IC . 29.95 2.50 -23.28
C3C CLA IC . 30.24 1.37 -24.04
C4C CLA IC . 31.13 0.55 -23.26
CMC CLA IC . 29.09 3.60 -23.64
CAC CLA IC . 29.72 1.05 -25.36
CBC CLA IC . 28.53 0.12 -25.25
ND CLA IC . 32.94 -1.07 -21.65
C1D CLA IC . 32.48 -1.45 -22.93
C2D CLA IC . 33.05 -2.76 -23.26
C3D CLA IC . 33.79 -3.15 -22.17
C4D CLA IC . 33.67 -2.07 -21.20
CMD CLA IC . 32.81 -3.45 -24.51
CAD CLA IC . 34.60 -4.18 -21.60
OBD CLA IC . 34.92 -5.25 -22.05
CBD CLA IC . 35.00 -3.69 -20.19
CGD CLA IC . 34.44 -4.63 -19.19
O1D CLA IC . 34.92 -5.01 -18.13
O2D CLA IC . 33.22 -5.09 -19.54
CED CLA IC . 32.47 -5.69 -18.50
C1 CLA IC . 37.19 -3.60 -14.52
C2 CLA IC . 37.08 -4.57 -15.62
C3 CLA IC . 37.34 -5.88 -15.46
C4 CLA IC . 37.75 -6.44 -14.15
C5 CLA IC . 37.20 -6.84 -16.58
C6 CLA IC . 38.47 -7.01 -17.39
C7 CLA IC . 38.48 -6.03 -18.54
C8 CLA IC . 39.55 -6.33 -19.57
C9 CLA IC . 40.83 -6.74 -18.88
C10 CLA IC . 39.79 -5.12 -20.43
C11 CLA IC . 38.53 -4.76 -21.16
C12 CLA IC . 38.73 -3.49 -21.94
C13 CLA IC . 37.94 -3.57 -23.23
C14 CLA IC . 38.59 -4.56 -24.14
C15 CLA IC . 37.90 -2.20 -23.90
C16 CLA IC . 37.21 -2.25 -25.24
C17 CLA IC . 36.03 -1.32 -25.26
C18 CLA IC . 36.12 -0.32 -26.38
C19 CLA IC . 36.19 -1.06 -27.69
C20 CLA IC . 37.38 0.50 -26.25
MG CLA JC . 31.62 0.60 -11.44
CHA CLA JC . 29.61 3.17 -12.55
CHB CLA JC . 30.55 -1.32 -13.98
CHC CLA JC . 33.68 -1.90 -10.34
CHD CLA JC . 32.57 2.59 -8.71
NA CLA JC . 30.30 0.91 -13.00
C1A CLA JC . 29.57 2.05 -13.31
C2A CLA JC . 28.69 1.83 -14.53
C3A CLA JC . 28.95 0.36 -14.87
C4A CLA JC . 30.02 -0.06 -13.89
CMA CLA JC . 27.72 -0.45 -14.61
CAA CLA JC . 29.08 2.70 -15.69
CBA CLA JC . 28.22 2.33 -16.89
CGA CLA JC . 26.90 2.99 -16.78
O1A CLA JC . 26.63 4.19 -16.78
O2A CLA JC . 25.87 2.09 -16.68
NB CLA JC . 32.07 -1.24 -12.08
C1B CLA JC . 31.53 -1.85 -13.14
C2B CLA JC . 32.08 -3.21 -13.29
C3B CLA JC . 32.97 -3.39 -12.26
C4B CLA JC . 32.97 -2.14 -11.46
CMB CLA JC . 31.67 -4.13 -14.33
CAB CLA JC . 33.76 -4.51 -11.88
CBB CLA JC . 34.48 -5.25 -12.72
NC CLA JC . 32.89 0.39 -9.83
C1C CLA JC . 33.63 -0.72 -9.56
C2C CLA JC . 34.38 -0.52 -8.34
C3C CLA JC . 34.06 0.75 -7.89
C4C CLA JC . 33.12 1.31 -8.81
CMC CLA JC . 35.27 -1.49 -7.74
CAC CLA JC . 34.54 1.41 -6.69
CBC CLA JC . 33.49 1.32 -5.61
ND CLA JC . 31.19 2.42 -10.71
C1D CLA JC . 31.68 3.13 -9.59
C2D CLA JC . 31.04 4.45 -9.56
C3D CLA JC . 30.26 4.53 -10.67
C4D CLA JC . 30.40 3.23 -11.36
CMD CLA JC . 31.26 5.45 -8.53
CAD CLA JC . 29.33 5.31 -11.41
OBD CLA JC . 28.83 6.38 -11.15
CBD CLA JC . 28.96 4.51 -12.68
CGD CLA JC . 27.48 4.49 -12.80
O1D CLA JC . 26.66 3.91 -12.09
O2D CLA JC . 27.01 5.23 -13.83
CED CLA JC . 25.69 5.75 -13.67
C1 CLA JC . 24.54 2.60 -16.46
C2 CLA JC . 24.11 2.23 -15.09
C3 CLA JC . 23.57 1.04 -14.79
C4 CLA JC . 23.37 0.02 -15.83
C5 CLA JC . 23.15 0.67 -13.42
C6 CLA JC . 24.30 0.71 -12.44
C7 CLA JC . 24.63 -0.70 -12.03
C8 CLA JC . 23.62 -1.29 -11.07
C9 CLA JC . 23.36 -0.33 -9.93
C10 CLA JC . 24.12 -2.61 -10.47
C11 CLA JC . 25.22 -3.24 -11.31
C12 CLA JC . 26.27 -3.89 -10.45
C13 CLA JC . 27.65 -3.42 -10.86
C14 CLA JC . 28.44 -4.59 -11.40
C15 CLA JC . 28.39 -2.78 -9.70
C16 CLA JC . 28.17 -1.28 -9.73
C17 CLA JC . 28.85 -0.58 -8.58
C18 CLA JC . 27.94 0.45 -7.95
C19 CLA JC . 27.18 1.24 -8.99
C20 CLA JC . 28.69 1.38 -7.04
MG CLA KC . 37.88 10.06 3.70
CHA CLA KC . 36.62 11.45 6.60
CHB CLA KC . 35.02 8.31 3.32
CHC CLA KC . 39.19 8.65 0.86
CHD CLA KC . 40.88 11.82 4.20
NA CLA KC . 36.11 9.94 4.80
C1A CLA KC . 35.76 10.60 5.98
C2A CLA KC . 34.37 10.21 6.46
C3A CLA KC . 33.94 9.15 5.43
C4A CLA KC . 35.08 9.13 4.43
CMA CLA KC . 33.88 7.83 6.12
CAA CLA KC . 33.41 11.38 6.46
CBA CLA KC . 33.16 11.85 5.06
CGA CLA KC . 34.07 13.01 4.81
O1A CLA KC . 34.02 14.13 5.27
O2A CLA KC . 35.07 12.69 3.94
NB CLA KC . 37.26 8.67 2.39
C1B CLA KC . 36.01 8.17 2.34
C2B CLA KC . 35.83 7.44 1.06
C3B CLA KC . 37.00 7.53 0.37
C4B CLA KC . 37.93 8.33 1.21
CMB CLA KC . 34.60 6.78 0.68
CAB CLA KC . 37.34 7.02 -0.91
CBB CLA KC . 37.21 7.72 -2.03
NC CLA KC . 39.69 10.22 2.71
C1C CLA KC . 40.03 9.55 1.58
C2C CLA KC . 41.38 9.88 1.17
C3C CLA KC . 41.85 10.79 2.11
C4C CLA KC . 40.79 10.99 3.08
CMC CLA KC . 42.06 9.36 0.00
CAC CLA KC . 43.17 11.42 2.13
CBC CLA KC . 43.13 12.81 1.57
ND CLA KC . 38.59 11.45 4.97
C1D CLA KC . 39.86 12.03 5.11
C2D CLA KC . 39.88 12.86 6.31
C3D CLA KC . 38.65 12.70 6.90
C4D CLA KC . 37.90 11.78 6.06
CMD CLA KC . 41.01 13.66 6.73
CAD CLA KC . 37.78 13.06 7.99
OBD CLA KC . 37.94 13.90 8.85
CBD CLA KC . 36.52 12.18 7.91
CGD CLA KC . 36.58 11.19 9.02
O1D CLA KC . 37.43 10.32 9.19
O2D CLA KC . 35.61 11.29 9.95
CED CLA KC . 35.61 10.26 10.94
C1 CLA KC . 35.96 13.76 3.58
C2 CLA KC . 36.91 13.16 2.62
C3 CLA KC . 37.88 13.85 2.02
C4 CLA KC . 38.08 15.30 2.28
C5 CLA KC . 38.81 13.18 1.07
C6 CLA KC . 38.23 13.03 -0.32
C7 CLA KC . 39.23 13.50 -1.33
C8 CLA KC . 38.86 13.15 -2.77
C9 CLA KC . 39.75 13.91 -3.72
C10 CLA KC . 37.40 13.48 -3.08
C11 CLA KC . 36.73 12.46 -3.97
C12 CLA KC . 35.58 13.06 -4.77
C13 CLA KC . 34.44 12.06 -4.98
C14 CLA KC . 34.94 10.79 -5.66
C15 CLA KC . 33.31 12.68 -5.79
C16 CLA KC . 31.94 12.37 -5.19
C17 CLA KC . 31.03 13.58 -5.16
C18 CLA KC . 30.07 13.65 -6.35
C19 CLA KC . 29.44 15.02 -6.44
C20 CLA KC . 29.00 12.59 -6.25
MG CLA LC . 31.20 2.73 6.42
CHA CLA LC . 33.62 0.46 5.44
CHB CLA LC . 32.46 5.02 4.26
CHC CLA LC . 28.58 4.82 7.19
CHD CLA LC . 29.78 0.24 8.44
NA CLA LC . 32.83 2.75 5.14
C1A CLA LC . 33.72 1.69 4.86
C2A CLA LC . 34.72 2.11 3.83
C3A CLA LC . 34.46 3.62 3.64
C4A CLA LC . 33.15 3.84 4.39
CMA CLA LC . 35.57 4.43 4.24
CAA CLA LC . 34.37 1.40 2.54
CBA CLA LC . 33.01 1.78 1.98
CGA CLA LC . 31.93 0.91 2.56
O1A CLA LC . 32.04 -0.25 2.95
O2A CLA LC . 30.70 1.48 2.68
NB CLA LC . 30.66 4.58 5.87
C1B CLA LC . 31.26 5.32 4.91
C2B CLA LC . 30.45 6.53 4.64
C3B CLA LC . 29.37 6.48 5.47
C4B CLA LC . 29.48 5.24 6.27
CMB CLA LC . 30.81 7.55 3.66
CAB CLA LC . 28.27 7.38 5.61
CBB CLA LC . 27.19 7.37 4.85
NC CLA LC . 29.55 2.58 7.67
C1C CLA LC . 28.63 3.56 7.85
C2C CLA LC . 27.61 3.12 8.78
C3C CLA LC . 27.92 1.81 9.11
C4C CLA LC . 29.13 1.48 8.41
CMC CLA LC . 26.47 3.92 9.21
CAC CLA LC . 27.16 0.96 10.01
CBC CLA LC . 26.14 0.17 9.24
ND CLA LC . 31.65 0.85 7.00
C1D CLA LC . 30.93 -0.07 7.79
C2D CLA LC . 31.62 -1.37 7.75
C3D CLA LC . 32.68 -1.21 6.90
C4D CLA LC . 32.62 0.17 6.42
CMD CLA LC . 31.18 -2.54 8.49
CAD CLA LC . 33.80 -1.84 6.27
OBD CLA LC . 34.28 -2.94 6.43
CBD CLA LC . 34.37 -0.83 5.25
CGD CLA LC . 35.85 -0.80 5.44
O1D CLA LC . 36.61 -1.75 5.33
O2D CLA LC . 36.39 0.40 5.76
CED CLA LC . 37.73 0.32 6.26
C1 CLA LC . 29.81 0.80 3.60
C2 CLA LC . 28.57 1.61 3.74
C3 CLA LC . 27.59 1.27 4.60
C4 CLA LC . 27.71 0.06 5.42
C5 CLA LC . 26.35 2.05 4.76
C6 CLA LC . 25.89 2.67 3.47
C7 CLA LC . 26.07 4.16 3.56
C8 CLA LC . 25.69 4.85 2.26
C9 CLA LC . 24.24 4.56 1.96
C10 CLA LC . 26.55 4.34 1.12
C11 CLA LC . 27.95 4.91 1.17
C12 CLA LC . 28.92 4.07 0.38
C13 CLA LC . 30.22 4.82 0.22
C14 CLA LC . 29.97 6.09 -0.59
C15 CLA LC . 31.30 3.98 -0.43
C16 CLA LC . 31.14 3.96 -1.93
C17 CLA LC . 32.46 4.19 -2.61
C18 CLA LC . 32.33 5.16 -3.77
C19 CLA LC . 33.37 4.91 -4.82
C20 CLA LC . 32.49 6.58 -3.26
MG CLA MC . 24.25 8.57 11.66
CHA CLA MC . 27.43 8.32 10.38
CHB CLA MC . 23.93 11.61 10.22
CHC CLA MC . 20.95 8.57 12.57
CHD CLA MC . 24.61 5.39 13.10
NA CLA MC . 25.53 9.79 10.57
C1A CLA MC . 26.80 9.49 10.10
C2A CLA MC . 27.39 10.66 9.33
C3A CLA MC . 26.35 11.77 9.54
C4A CLA MC . 25.17 11.02 10.14
CMA CLA MC . 26.86 12.81 10.48
CAA CLA MC . 27.53 10.38 7.86
CBA CLA MC . 28.15 11.60 7.24
CGA CLA MC . 28.46 11.38 5.79
O1A CLA MC . 29.06 10.45 5.27
O2A CLA MC . 27.97 12.37 5.00
NB CLA MC . 22.74 9.88 11.50
C1B CLA MC . 22.78 11.00 10.75
C2B CLA MC . 21.41 11.51 10.54
C3B CLA MC . 20.57 10.65 11.20
C4B CLA MC . 21.41 9.62 11.83
CMB CLA MC . 21.11 12.69 9.76
CAB CLA MC . 19.15 10.66 11.33
CBB CLA MC . 18.49 11.52 12.10
NC CLA MC . 23.03 7.27 12.73
C1C CLA MC . 21.72 7.48 13.01
C2C CLA MC . 21.20 6.35 13.75
C3C CLA MC . 22.22 5.43 13.88
C4C CLA MC . 23.37 6.02 13.23
CMC CLA MC . 19.84 6.23 14.22
CAC CLA MC . 22.14 4.15 14.55
CBC CLA MC . 22.56 4.22 15.99
ND CLA MC . 25.68 7.20 11.87
C1D CLA MC . 25.70 5.94 12.46
C2D CLA MC . 27.00 5.32 12.25
C3D CLA MC . 27.68 6.17 11.42
C4D CLA MC . 26.83 7.33 11.21
CMD CLA MC . 27.38 4.03 12.77
CAD CLA MC . 28.92 6.44 10.74
OBD CLA MC . 29.95 5.78 10.72
CBD CLA MC . 28.76 7.77 9.98
CGD CLA MC . 29.89 8.67 10.31
O1D CLA MC . 29.91 9.61 11.10
O2D CLA MC . 31.03 8.40 9.64
CED CLA MC . 31.92 9.49 9.46
C1 CLA MC . 28.00 12.12 3.58
C2 CLA MC . 26.78 11.34 3.25
C3 CLA MC . 26.84 10.18 2.58
C4 CLA MC . 28.12 9.61 2.13
C5 CLA MC . 25.61 9.43 2.26
C6 CLA MC . 24.81 10.08 1.17
C7 CLA MC . 24.67 9.13 0.01
C8 CLA MC . 24.07 9.83 -1.18
C9 CLA MC . 22.78 10.52 -0.80
C10 CLA MC . 23.79 8.84 -2.30
C11 CLA MC . 23.35 9.54 -3.56
C12 CLA MC . 24.44 10.41 -4.13
C13 CLA MC . 23.95 11.18 -5.35
C14 CLA MC . 25.06 11.30 -6.37
C15 CLA MC . 23.42 12.54 -4.96
C16 CLA MC . 24.53 13.40 -4.37
C17 CLA MC . 24.08 14.81 -4.09
C18 CLA MC . 24.91 15.81 -4.86
C19 CLA MC . 26.22 16.11 -4.16
C20 CLA MC . 24.12 17.07 -5.06
MG CLA NC . 21.34 17.42 11.56
CHA CLA NC . 20.36 18.93 14.48
CHB CLA NC . 24.56 18.19 12.25
CHC CLA NC . 22.25 16.00 8.58
CHD CLA NC . 17.95 16.77 10.84
NA CLA NC . 22.30 18.37 13.14
C1A CLA NC . 21.70 18.94 14.26
C2A CLA NC . 22.74 19.55 15.18
C3A CLA NC . 24.04 19.40 14.39
C4A CLA NC . 23.63 18.57 13.18
CMA CLA NC . 24.49 20.75 13.93
CAA CLA NC . 22.83 18.66 16.40
CBA CLA NC . 23.95 19.10 17.29
CGA CLA NC . 23.37 19.37 18.63
O1A CLA NC . 23.41 18.67 19.64
O2A CLA NC . 22.69 20.55 18.66
NB CLA NC . 23.07 17.15 10.60
C1B CLA NC . 24.30 17.48 11.07
C2B CLA NC . 25.33 17.03 10.11
C3B CLA NC . 24.68 16.42 9.07
C4B CLA NC . 23.23 16.49 9.37
CMB CLA NC . 26.75 17.25 10.33
CAB CLA NC . 25.18 15.82 7.88
CBB CLA NC . 26.15 14.92 7.84
NC CLA NC . 20.29 16.51 10.01
C1C CLA NC . 20.85 16.00 8.89
C2C CLA NC . 19.82 15.48 8.02
C3C CLA NC . 18.61 15.71 8.65
C4C CLA NC . 18.91 16.36 9.91
CMC CLA NC . 20.08 14.87 6.73
CAC CLA NC . 17.28 15.38 8.15
CBC CLA NC . 16.94 13.94 8.43
ND CLA NC . 19.56 17.63 12.45
C1D CLA NC . 18.24 17.36 12.03
C2D CLA NC . 17.29 17.83 13.04
C3D CLA NC . 18.06 18.45 14.00
C4D CLA NC . 19.45 18.32 13.57
CMD CLA NC . 15.86 17.68 12.95
CAD CLA NC . 18.06 19.14 15.25
OBD CLA NC . 17.13 19.39 16.00
CBD CLA NC . 19.52 19.55 15.54
CGD CLA NC . 19.61 21.03 15.40
O1D CLA NC . 20.60 21.72 15.20
O2D CLA NC . 18.42 21.65 15.51
CED CLA NC . 18.18 22.39 16.69
C1 CLA NC . 23.44 21.73 18.97
C2 CLA NC . 22.99 22.80 18.04
C3 CLA NC . 23.55 24.02 17.98
C4 CLA NC . 24.66 24.42 18.86
C5 CLA NC . 23.07 25.04 17.02
C6 CLA NC . 24.05 25.28 15.88
C7 CLA NC . 23.37 26.01 14.74
C8 CLA NC . 24.25 26.23 13.51
C9 CLA NC . 25.09 25.02 13.21
C10 CLA NC . 25.15 27.44 13.71
C11 CLA NC . 24.74 28.57 12.79
C12 CLA NC . 25.67 29.75 12.94
C13 CLA NC . 25.04 31.09 12.64
C14 CLA NC . 23.59 30.94 12.23
C15 CLA NC . 25.77 31.85 11.53
C16 CLA NC . 25.46 33.32 11.64
C17 CLA NC . 25.05 33.93 10.32
C18 CLA NC . 25.10 35.45 10.33
C19 CLA NC . 24.50 36.05 9.08
C20 CLA NC . 24.38 36.02 11.54
MG CLA OC . 53.85 -3.00 -27.52
CHA CLA OC . 51.90 -1.16 -29.65
CHB CLA OC . 55.10 -4.73 -30.17
CHC CLA OC . 55.78 -4.81 -25.35
CHD CLA OC . 52.56 -1.16 -24.81
NA CLA OC . 53.53 -2.94 -29.57
C1A CLA OC . 52.68 -2.09 -30.27
C2A CLA OC . 52.75 -2.35 -31.75
C3A CLA OC . 53.74 -3.51 -31.87
C4A CLA OC . 54.18 -3.76 -30.44
CMA CLA OC . 53.03 -4.71 -32.41
CAA CLA OC . 53.30 -1.13 -32.47
CBA CLA OC . 54.75 -0.88 -32.11
CGA CLA OC . 54.87 0.00 -30.91
O1A CLA OC . 54.35 1.10 -30.69
O2A CLA OC . 55.72 -0.51 -29.97
NB CLA OC . 55.13 -4.53 -27.71
C1B CLA OC . 55.56 -5.04 -28.88
C2B CLA OC . 56.63 -6.02 -28.63
C3B CLA OC . 56.83 -6.06 -27.29
C4B CLA OC . 55.89 -5.10 -26.67
CMB CLA OC . 57.31 -6.75 -29.69
CAB CLA OC . 57.80 -6.82 -26.57
CBB CLA OC . 57.54 -7.56 -25.51
NC CLA OC . 54.12 -2.97 -25.45
C1C CLA OC . 54.97 -3.80 -24.77
C2C CLA OC . 54.89 -3.52 -23.36
C3C CLA OC . 54.00 -2.48 -23.21
C4C CLA OC . 53.51 -2.14 -24.54
CMC CLA OC . 55.64 -4.20 -22.32
CAC CLA OC . 53.59 -1.82 -21.97
CBC CLA OC . 54.35 -0.53 -21.76
ND CLA OC . 52.59 -1.47 -27.23
C1D CLA OC . 52.11 -0.85 -26.07
C2D CLA OC . 51.09 0.14 -26.44
C3D CLA OC . 50.99 0.08 -27.81
C4D CLA OC . 51.93 -0.96 -28.25
CMD CLA OC . 50.41 0.98 -25.48
CAD CLA OC . 50.34 0.60 -29.00
OBD CLA OC . 49.51 1.48 -29.13
CBD CLA OC . 50.89 -0.19 -30.21
CGD CLA OC . 49.79 -0.94 -30.86
O1D CLA OC . 49.64 -2.16 -30.91
O2D CLA OC . 48.88 -0.18 -31.50
CED CLA OC . 48.12 -0.87 -32.50
C1 CLA OC . 55.64 0.02 -28.62
C2 CLA OC . 56.85 -0.49 -27.90
C3 CLA OC . 57.03 -0.39 -26.59
C4 CLA OC . 56.04 0.24 -25.68
C5 CLA OC . 58.26 -0.92 -25.93
C6 CLA OC . 58.47 -2.39 -26.17
C7 CLA OC . 59.93 -2.69 -26.43
C8 CLA OC . 60.30 -4.08 -25.91
C9 CLA OC . 60.37 -4.01 -24.40
C10 CLA OC . 61.61 -4.55 -26.49
C11 CLA OC . 61.46 -5.09 -27.89
C12 CLA OC . 62.73 -5.75 -28.40
C13 CLA OC . 62.95 -5.52 -29.88
C14 CLA OC . 62.32 -4.22 -30.34
C15 CLA OC . 62.41 -6.64 -30.75
C16 CLA OC . 63.01 -6.55 -32.14
C17 CLA OC . 62.50 -7.66 -33.02
C18 CLA OC . 63.65 -8.42 -33.67
C19 CLA OC . 64.36 -7.57 -34.69
C20 CLA OC . 63.12 -9.68 -34.34
MG CLA PC . 45.33 -1.92 -22.77
CHA CLA PC . 42.31 -0.94 -21.51
CHB CLA PC . 46.40 -2.67 -19.65
CHC CLA PC . 48.33 -2.89 -24.09
CHD CLA PC . 44.20 -1.09 -26.01
NA CLA PC . 44.45 -1.81 -20.89
C1A CLA PC . 43.18 -1.38 -20.57
C2A CLA PC . 42.94 -1.46 -19.06
C3A CLA PC . 44.28 -1.95 -18.52
C4A CLA PC . 45.12 -2.17 -19.76
CMA CLA PC . 44.90 -0.90 -17.67
CAA CLA PC . 41.89 -2.50 -18.77
CBA CLA PC . 41.08 -2.20 -17.54
CGA CLA PC . 41.73 -2.83 -16.35
O1A CLA PC . 42.17 -2.27 -15.35
O2A CLA PC . 41.82 -4.19 -16.40
NB CLA PC . 47.00 -2.72 -22.03
C1B CLA PC . 47.27 -2.87 -20.72
C2B CLA PC . 48.70 -3.23 -20.55
C3B CLA PC . 49.24 -3.29 -21.79
C4B CLA PC . 48.18 -2.97 -22.75
CMB CLA PC . 49.31 -3.44 -19.25
CAB CLA PC . 50.57 -3.57 -22.19
CBB CLA PC . 51.24 -4.64 -21.79
NC CLA PC . 46.11 -1.96 -24.69
C1C CLA PC . 47.35 -2.40 -24.99
C2C CLA PC . 47.57 -2.30 -26.41
C3C CLA PC . 46.42 -1.80 -26.96
C4C CLA PC . 45.49 -1.61 -25.87
CMC CLA PC . 48.81 -2.66 -27.08
CAC CLA PC . 46.16 -1.51 -28.37
CBC CLA PC . 45.61 -2.73 -29.06
ND CLA PC . 43.69 -1.11 -23.62
C1D CLA PC . 43.34 -0.86 -24.97
C2D CLA PC . 41.98 -0.31 -25.00
C3D CLA PC . 41.55 -0.29 -23.71
C4D CLA PC . 42.63 -0.84 -22.88
CMD CLA PC . 41.30 0.11 -26.21
CAD CLA PC . 40.49 0.04 -22.80
OBD CLA PC . 39.42 0.58 -23.02
CBD CLA PC . 40.91 -0.42 -21.39
CGD CLA PC . 40.88 0.72 -20.43
O1D CLA PC . 40.57 0.69 -19.24
O2D CLA PC . 41.27 1.90 -20.95
CED CLA PC . 41.68 2.87 -19.99
C1 CLA PC . 42.38 -4.81 -15.24
C2 CLA PC . 42.35 -6.27 -15.48
C3 CLA PC . 43.04 -7.15 -14.75
C4 CLA PC . 43.92 -6.75 -13.63
C5 CLA PC . 42.98 -8.59 -15.05
C6 CLA PC . 41.80 -9.27 -14.39
C7 CLA PC . 42.05 -10.76 -14.39
C8 CLA PC . 40.99 -11.50 -13.62
C9 CLA PC . 39.66 -11.37 -14.34
C10 CLA PC . 40.84 -10.92 -12.22
C11 CLA PC . 41.08 -11.96 -11.16
C12 CLA PC . 42.55 -12.02 -10.84
C13 CLA PC . 42.76 -11.96 -9.35
C14 CLA PC . 41.89 -12.99 -8.66
C15 CLA PC . 42.40 -10.59 -8.81
C16 CLA PC . 42.99 -10.43 -7.43
C17 CLA PC . 42.08 -9.59 -6.57
C18 CLA PC . 42.83 -8.90 -5.45
C19 CLA PC . 42.94 -9.79 -4.24
C20 CLA PC . 42.10 -7.63 -5.06
MG CLA QC . 55.40 -5.30 -4.08
CHA CLA QC . 55.58 -3.68 -1.03
CHB CLA QC . 52.07 -4.77 -4.14
CHC CLA QC . 55.30 -6.79 -7.15
CHD CLA QC . 58.88 -5.83 -3.94
NA CLA QC . 54.07 -4.38 -2.78
C1A CLA QC . 54.34 -3.75 -1.57
C2A CLA QC . 53.07 -3.19 -0.94
C3A CLA QC . 51.98 -3.61 -1.93
C4A CLA QC . 52.75 -4.29 -3.05
CMA CLA QC . 51.10 -4.62 -1.28
CAA CLA QC . 53.13 -1.68 -0.84
CBA CLA QC . 53.12 -1.01 -2.21
CGA CLA QC . 53.93 0.25 -2.15
O1A CLA QC . 53.80 1.20 -1.39
O2A CLA QC . 54.96 0.26 -3.05
NB CLA QC . 53.96 -5.70 -5.40
C1B CLA QC . 52.64 -5.45 -5.23
C2B CLA QC . 51.87 -6.04 -6.34
C3B CLA QC . 52.77 -6.60 -7.19
C4B CLA QC . 54.11 -6.39 -6.62
CMB CLA QC . 50.42 -5.95 -6.46
CAB CLA QC . 52.54 -7.27 -8.43
CBB CLA QC . 52.60 -6.65 -9.60
NC CLA QC . 56.84 -6.14 -5.32
C1C CLA QC . 56.57 -6.66 -6.55
C2C CLA QC . 57.81 -7.10 -7.16
C3C CLA QC . 58.83 -6.86 -6.26
C4C CLA QC . 58.21 -6.25 -5.09
CMC CLA QC . 57.91 -7.67 -8.48
CAC CLA QC . 60.24 -7.12 -6.48
CBC CLA QC . 60.86 -8.03 -5.46
ND CLA QC . 56.92 -4.88 -2.84
C1D CLA QC . 58.29 -5.20 -2.88
C2D CLA QC . 58.92 -4.72 -1.65
C3D CLA QC . 57.94 -4.09 -0.92
C4D CLA QC . 56.71 -4.23 -1.70
CMD CLA QC . 60.33 -4.88 -1.35
CAD CLA QC . 57.60 -3.37 0.28
OBD CLA QC . 58.33 -3.00 1.18
CBD CLA QC . 56.09 -3.13 0.27
CGD CLA QC . 55.47 -3.89 1.39
O1D CLA QC . 54.42 -4.52 1.39
O2D CLA QC . 56.20 -3.90 2.52
CED CLA QC . 56.24 -5.14 3.21
C1 CLA QC . 55.37 1.53 -3.62
C2 CLA QC . 55.92 1.22 -4.97
C3 CLA QC . 56.96 1.87 -5.53
C4 CLA QC . 57.64 2.96 -4.80
C5 CLA QC . 57.50 1.53 -6.87
C6 CLA QC . 56.43 1.32 -7.94
C7 CLA QC . 56.97 1.47 -9.34
C8 CLA QC . 56.09 0.81 -10.41
C9 CLA QC . 56.84 0.79 -11.73
C10 CLA QC . 54.75 1.50 -10.60
C11 CLA QC . 53.88 0.81 -11.64
C12 CLA QC . 52.47 0.61 -11.14
C13 CLA QC . 51.41 0.52 -12.23
C14 CLA QC . 51.50 1.68 -13.20
C15 CLA QC . 50.01 0.49 -11.64
MG CLA RC . 63.83 -12.52 -8.22
CHA CLA RC . 67.02 -12.37 -6.92
CHB CLA RC . 64.13 -9.34 -9.31
CHC CLA RC . 60.80 -12.82 -9.79
CHD CLA RC . 63.61 -15.86 -7.17
NA CLA RC . 65.32 -11.09 -8.07
C1A CLA RC . 66.60 -11.24 -7.54
C2A CLA RC . 67.40 -9.95 -7.66
C3A CLA RC . 66.40 -8.98 -8.34
C4A CLA RC . 65.19 -9.85 -8.61
CMA CLA RC . 66.03 -7.85 -7.44
CAA CLA RC . 68.60 -10.13 -8.55
CBA CLA RC . 68.21 -10.83 -9.84
CGA CLA RC . 69.29 -10.68 -10.86
O1A CLA RC . 70.39 -10.14 -10.78
O2A CLA RC . 68.95 -11.24 -12.06
NB CLA RC . 62.73 -11.35 -9.41
C1B CLA RC . 62.96 -10.04 -9.61
C2B CLA RC . 61.77 -9.39 -10.20
C3B CLA RC . 60.82 -10.36 -10.34
C4B CLA RC . 61.41 -11.62 -9.83
CMB CLA RC . 61.68 -7.98 -10.53
CAB CLA RC . 59.49 -10.28 -10.82
CBB CLA RC . 59.15 -9.70 -11.98
NC CLA RC . 62.44 -14.06 -8.41
C1C CLA RC . 61.29 -13.97 -9.12
C2C CLA RC . 60.61 -15.24 -9.12
C3C CLA RC . 61.38 -16.09 -8.35
C4C CLA RC . 62.54 -15.35 -7.93
CMC CLA RC . 59.34 -15.52 -9.78
CAC CLA RC . 61.09 -17.50 -8.06
CBC CLA RC . 61.71 -18.39 -9.10
ND CLA RC . 64.89 -13.77 -7.06
C1D CLA RC . 64.70 -15.14 -6.76
C2D CLA RC . 65.85 -15.61 -5.99
C3D CLA RC . 66.77 -14.58 -5.99
C4D CLA RC . 66.14 -13.48 -6.74
CMD CLA RC . 65.95 -16.93 -5.41
CAD CLA RC . 68.09 -14.12 -5.58
OBD CLA RC . 68.91 -14.66 -4.86
CBD CLA RC . 68.33 -12.76 -6.28
CGD CLA RC . 68.81 -11.69 -5.35
O1D CLA RC . 69.97 -11.34 -5.15
O2D CLA RC . 67.80 -11.06 -4.70
CED CLA RC . 68.16 -10.08 -3.73
C1 CLA RC . 70.00 -11.92 -12.77
C2 CLA RC . 70.21 -11.16 -14.03
C3 CLA RC . 69.72 -11.55 -15.21
C4 CLA RC . 69.96 -10.76 -16.44
C5 CLA RC . 68.92 -12.81 -15.35
C6 CLA RC . 67.46 -12.52 -15.65
C7 CLA RC . 67.09 -12.95 -17.06
C8 CLA RC . 65.60 -13.17 -17.20
C9 CLA RC . 65.30 -14.64 -17.36
C10 CLA RC . 65.03 -12.40 -18.38
C11 CLA RC . 63.69 -11.78 -18.08
C12 CLA RC . 62.54 -12.52 -18.73
MG CLA SC . 56.52 -26.28 -11.98
CHA CLA SC . 56.68 -29.04 -9.91
CHB CLA SC . 59.40 -25.11 -10.66
CHC CLA SC . 56.39 -23.67 -14.18
CHD CLA SC . 53.60 -27.60 -13.43
NA CLA SC . 57.79 -26.97 -10.48
C1A CLA SC . 57.71 -28.15 -9.75
C2A CLA SC . 58.86 -28.27 -8.78
C3A CLA SC . 59.66 -26.99 -9.01
C4A CLA SC . 58.91 -26.28 -10.12
CMA CLA SC . 59.65 -26.14 -7.78
CAA CLA SC . 59.72 -29.48 -9.12
CBA CLA SC . 60.27 -29.40 -10.53
CGA CLA SC . 59.44 -30.18 -11.50
O1A CLA SC . 58.84 -31.23 -11.32
O2A CLA SC . 59.36 -29.61 -12.74
NB CLA SC . 57.70 -24.72 -12.38
C1B CLA SC . 58.81 -24.39 -11.70
C2B CLA SC . 59.34 -23.11 -12.22
C3B CLA SC . 58.50 -22.70 -13.21
C4B CLA SC . 57.43 -23.71 -13.32
CMB CLA SC . 60.54 -22.48 -11.68
CAB CLA SC . 58.53 -21.52 -14.02
CBB CLA SC . 59.48 -21.21 -14.89
NC CLA SC . 55.21 -25.72 -13.49
C1C CLA SC . 55.34 -24.61 -14.25
C2C CLA SC . 54.25 -24.53 -15.20
C3C CLA SC . 53.47 -25.64 -15.01
C4C CLA SC . 54.07 -26.40 -13.94
CMC CLA SC . 54.07 -23.46 -16.16
CAC CLA SC . 52.23 -25.99 -15.73
CBC CLA SC . 52.49 -26.82 -16.95
ND CLA SC . 55.28 -27.83 -11.67
C1D CLA SC . 54.14 -28.28 -12.37
C2D CLA SC . 53.70 -29.55 -11.79
C3D CLA SC . 54.63 -29.88 -10.84
C4D CLA SC . 55.62 -28.80 -10.83
CMD CLA SC . 52.51 -30.28 -12.20
CAD CLA SC . 55.02 -30.82 -9.82
OBD CLA SC . 54.42 -31.79 -9.40
CBD CLA SC . 56.40 -30.39 -9.30
CGD CLA SC . 56.41 -30.38 -7.81
O1D CLA SC . 55.83 -29.59 -7.06
O2D CLA SC . 57.13 -31.36 -7.24
CED CLA SC . 57.45 -31.21 -5.85
C1 CLA SC . 58.13 -29.81 -13.45
C2 CLA SC . 58.07 -28.81 -14.54
C3 CLA SC . 57.18 -28.90 -15.53
C4 CLA SC . 56.22 -30.00 -15.62
C5 CLA SC . 57.12 -27.89 -16.63
C6 CLA SC . 58.05 -26.72 -16.40
C7 CLA SC . 57.51 -25.51 -17.12
C8 CLA SC . 57.99 -25.46 -18.55
C9 CLA SC . 59.08 -24.41 -18.67
C10 CLA SC . 56.85 -25.15 -19.50
MG CLA TC . 45.75 -23.70 -9.25
CHA CLA TC . 43.25 -22.93 -7.04
CHB CLA TC . 47.80 -24.34 -6.64
CHC CLA TC . 48.20 -24.60 -11.48
CHD CLA TC . 43.59 -23.02 -11.93
NA CLA TC . 45.52 -23.67 -7.19
C1A CLA TC . 44.40 -23.33 -6.46
C2A CLA TC . 44.65 -23.46 -4.97
C3A CLA TC . 46.14 -23.82 -4.90
C4A CLA TC . 46.52 -23.99 -6.34
CMA CLA TC . 46.92 -22.69 -4.32
CAA CLA TC . 43.92 -24.66 -4.44
CBA CLA TC . 44.66 -25.21 -3.23
CGA CLA TC . 44.55 -26.70 -3.10
O1A CLA TC . 44.73 -27.39 -2.11
O2A CLA TC . 44.19 -27.35 -4.25
NB CLA TC . 47.60 -24.44 -9.09
C1B CLA TC . 48.29 -24.50 -7.94
C2B CLA TC . 49.70 -24.77 -8.23
C3B CLA TC . 49.83 -24.85 -9.57
C4B CLA TC . 48.49 -24.64 -10.15
CMB CLA TC . 50.71 -24.86 -7.18
CAB CLA TC . 50.98 -25.05 -10.37
CBB CLA TC . 51.30 -26.22 -10.88
NC CLA TC . 45.88 -23.77 -11.31
C1C CLA TC . 46.97 -24.18 -12.02
C2C CLA TC . 46.71 -24.13 -13.42
C3C CLA TC . 45.41 -23.68 -13.58
C4C CLA TC . 44.89 -23.46 -12.24
CMC CLA TC . 47.67 -24.49 -14.45
CAC CLA TC . 44.71 -23.47 -14.84
CBC CLA TC . 44.01 -24.72 -15.29
ND CLA TC . 43.89 -22.99 -9.51
C1D CLA TC . 43.10 -22.79 -10.65
C2D CLA TC . 41.78 -22.31 -10.23
C3D CLA TC . 41.80 -22.31 -8.87
C4D CLA TC . 43.11 -22.79 -8.45
CMD CLA TC . 40.72 -21.90 -11.15
CAD CLA TC . 41.07 -22.01 -7.65
OBD CLA TC . 39.99 -21.47 -7.50
CBD CLA TC . 41.94 -22.49 -6.47
CGD CLA TC . 42.15 -21.35 -5.55
O1D CLA TC . 42.68 -20.27 -5.82
O2D CLA TC . 41.70 -21.51 -4.29
CED CLA TC . 41.49 -20.29 -3.58
C1 CLA TC . 44.53 -28.75 -4.31
C2 CLA TC . 45.32 -28.93 -5.55
C3 CLA TC . 44.82 -29.53 -6.63
C4 CLA TC . 43.46 -30.07 -6.67
C5 CLA TC . 45.64 -29.68 -7.86
C6 CLA TC . 45.84 -28.37 -8.58
C7 CLA TC . 44.88 -28.26 -9.75
C8 CLA TC . 45.64 -28.05 -11.05
C9 CLA TC . 44.66 -27.83 -12.17
C10 CLA TC . 46.52 -29.24 -11.38
C11 CLA TC . 47.93 -28.86 -11.71
C12 CLA TC . 48.41 -29.59 -12.94
C13 CLA TC . 47.60 -29.18 -14.15
C14 CLA TC . 48.50 -29.00 -15.35
MG CLA UC . 45.46 -14.38 -8.29
CHA CLA UC . 45.50 -13.52 -4.95
CHB CLA UC . 44.20 -17.41 -7.50
CHC CLA UC . 45.34 -15.14 -11.62
CHD CLA UC . 46.84 -11.22 -9.08
NA CLA UC . 44.94 -15.29 -6.50
C1A CLA UC . 45.03 -14.78 -5.21
C2A CLA UC . 44.55 -15.80 -4.20
C3A CLA UC . 44.30 -17.06 -5.04
C4A CLA UC . 44.47 -16.57 -6.45
CMA CLA UC . 45.31 -18.13 -4.75
CAA CLA UC . 43.25 -15.33 -3.59
CBA CLA UC . 42.09 -16.21 -4.01
CGA CLA UC . 41.45 -15.54 -5.17
O1A CLA UC . 41.96 -14.67 -5.87
O2A CLA UC . 40.18 -15.93 -5.45
NB CLA UC . 45.01 -16.02 -9.35
C1B CLA UC . 44.33 -17.07 -8.84
C2B CLA UC . 43.72 -17.85 -9.93
C3B CLA UC . 44.03 -17.23 -11.09
C4B CLA UC . 44.85 -16.04 -10.74
CMB CLA UC . 42.92 -19.04 -9.68
CAB CLA UC . 43.65 -17.54 -12.43
CBB CLA UC . 43.81 -18.74 -12.99
NC CLA UC . 46.02 -13.37 -10.02
C1C CLA UC . 45.89 -13.88 -11.27
C2C CLA UC . 46.38 -12.92 -12.24
C3C CLA UC . 46.78 -11.81 -11.53
C4C CLA UC . 46.56 -12.10 -10.13
CMC CLA UC . 46.38 -13.14 -13.68
CAC CLA UC . 47.32 -10.57 -12.08
CBC CLA UC . 46.21 -9.59 -12.35
ND CLA UC . 45.93 -12.68 -7.32
C1D CLA UC . 46.56 -11.48 -7.76
C2D CLA UC . 46.77 -10.62 -6.59
C3D CLA UC . 46.34 -11.34 -5.50
C4D CLA UC . 45.88 -12.63 -6.00
CMD CLA UC . 47.31 -9.27 -6.68
CAD CLA UC . 46.12 -11.34 -4.07
OBD CLA UC . 46.19 -10.43 -3.26
CBD CLA UC . 45.74 -12.78 -3.67
CGD CLA UC . 46.93 -13.33 -2.95
O1D CLA UC . 48.04 -13.53 -3.42
O2D CLA UC . 46.74 -13.58 -1.64
CED CLA UC . 47.87 -14.11 -0.95
C1 CLA UC . 39.99 -17.08 -6.32
C2 CLA UC . 40.41 -16.74 -7.71
C3 CLA UC . 39.70 -17.07 -8.80
C4 CLA UC . 38.42 -17.80 -8.73
C5 CLA UC . 40.17 -16.72 -10.17
C6 CLA UC . 39.08 -16.46 -11.20
C7 CLA UC . 39.07 -17.50 -12.31
C8 CLA UC . 40.04 -17.27 -13.46
C9 CLA UC . 40.27 -15.81 -13.75
C10 CLA UC . 39.53 -17.94 -14.74
C11 CLA UC . 39.83 -19.43 -14.84
C12 CLA UC . 38.60 -20.29 -14.60
C13 CLA UC . 38.67 -21.64 -15.28
C14 CLA UC . 39.65 -22.58 -14.63
C15 CLA UC . 39.02 -21.48 -16.75
MG CLA VC . 42.00 -17.89 -25.73
CHA CLA VC . 40.46 -18.49 -28.74
CHB CLA VC . 39.84 -15.32 -25.15
CHC CLA VC . 43.36 -17.54 -22.61
CHD CLA VC . 44.13 -20.65 -26.31
NA CLA VC . 40.45 -17.04 -26.82
C1A CLA VC . 39.95 -17.45 -28.04
C2A CLA VC . 38.79 -16.57 -28.48
C3A CLA VC . 38.73 -15.48 -27.40
C4A CLA VC . 39.74 -15.96 -26.37
CMA CLA VC . 39.12 -14.14 -27.95
CAA CLA VC . 37.52 -17.38 -28.41
CBA CLA VC . 37.46 -18.27 -27.19
CGA CLA VC . 36.22 -19.12 -27.17
O1A CLA VC . 35.39 -19.28 -28.04
O2A CLA VC . 36.05 -19.79 -25.98
NB CLA VC . 41.68 -16.66 -24.19
C1B CLA VC . 40.73 -15.70 -24.13
C2B CLA VC . 40.77 -15.05 -22.80
C3B CLA VC . 41.76 -15.67 -22.09
C4B CLA VC . 42.35 -16.71 -22.95
CMB CLA VC . 39.87 -13.97 -22.44
CAB CLA VC . 42.22 -15.44 -20.75
CBB CLA VC . 41.48 -15.64 -19.66
NC CLA VC . 43.52 -18.87 -24.69
C1C CLA VC . 43.91 -18.55 -23.43
C2C CLA VC . 44.98 -19.44 -23.00
C3C CLA VC . 45.18 -20.33 -24.04
C4C CLA VC . 44.26 -19.98 -25.10
CMC CLA VC . 45.65 -19.39 -21.72
CAC CLA VC . 46.16 -21.43 -24.08
CBC CLA VC . 45.53 -22.70 -23.61
ND CLA VC . 42.38 -19.19 -27.21
C1D CLA VC . 43.25 -20.30 -27.30
C2D CLA VC . 43.02 -20.96 -28.60
C3D CLA VC . 41.97 -20.31 -29.18
C4D CLA VC . 41.58 -19.24 -28.27
CMD CLA VC . 43.79 -22.11 -29.07
CAD CLA VC . 41.12 -20.21 -30.33
OBD CLA VC . 41.14 -20.82 -31.39
CBD CLA VC . 40.06 -19.12 -30.03
CGD CLA VC . 40.09 -18.16 -31.17
O1D CLA VC . 41.05 -17.95 -31.91
O2D CLA VC . 38.93 -17.51 -31.40
CED CLA VC . 38.82 -16.77 -32.62
C1 CLA VC . 34.77 -20.39 -25.74
C2 CLA VC . 34.69 -20.61 -24.28
C3 CLA VC . 34.09 -21.66 -23.69
C4 CLA VC . 33.42 -22.73 -24.45
C5 CLA VC . 34.08 -21.78 -22.21
C6 CLA VC . 34.89 -23.00 -21.77
C7 CLA VC . 35.54 -22.74 -20.44
C8 CLA VC . 36.29 -23.97 -19.95
C9 CLA VC . 36.67 -23.81 -18.50
C10 CLA VC . 37.54 -24.17 -20.77
C11 CLA VC . 38.36 -25.33 -20.25
C12 CLA VC . 39.21 -25.93 -21.34
C13 CLA VC . 40.15 -27.01 -20.83
C14 CLA VC . 39.37 -28.15 -20.20
C15 CLA VC . 41.15 -26.45 -19.83
C16 CLA VC . 42.56 -26.48 -20.37
C17 CLA VC . 43.44 -25.48 -19.65
C18 CLA VC . 44.73 -25.17 -20.40
C19 CLA VC . 45.73 -26.29 -20.26
C20 CLA VC . 45.33 -23.90 -19.84
MG CLA WC . 57.49 -11.64 -27.22
CHA CLA WC . 56.12 -10.84 -30.29
CHB CLA WC . 59.91 -13.42 -28.77
CHC CLA WC . 58.87 -12.28 -24.16
CHD CLA WC . 54.89 -9.82 -25.65
NA CLA WC . 57.91 -12.04 -29.22
C1A CLA WC . 57.24 -11.60 -30.35
C2A CLA WC . 57.88 -12.16 -31.61
C3A CLA WC . 59.01 -13.05 -31.07
C4A CLA WC . 58.97 -12.82 -29.57
CMA CLA WC . 58.72 -14.49 -31.38
CAA CLA WC . 58.47 -11.07 -32.48
CBA CLA WC . 58.95 -9.89 -31.68
CGA CLA WC . 60.30 -10.17 -31.10
O1A CLA WC . 61.21 -10.86 -31.56
O2A CLA WC . 60.49 -9.55 -29.91
NB CLA WC . 59.04 -12.72 -26.57
C1B CLA WC . 59.97 -13.29 -27.38
C2B CLA WC . 61.11 -13.77 -26.55
C3B CLA WC . 60.83 -13.45 -25.26
C4B CLA WC . 59.52 -12.78 -25.25
CMB CLA WC . 62.28 -14.41 -27.14
CAB CLA WC . 61.63 -13.66 -24.09
CBB CLA WC . 61.23 -14.30 -23.01
NC CLA WC . 56.96 -11.15 -25.28
C1C CLA WC . 57.68 -11.52 -24.17
C2C CLA WC . 57.04 -10.99 -22.98
C3C CLA WC . 55.92 -10.30 -23.39
C4C CLA WC . 55.87 -10.41 -24.84
CMC CLA WC . 57.52 -11.17 -21.62
CAC CLA WC . 54.98 -9.61 -22.54
CBC CLA WC . 55.33 -8.15 -22.41
ND CLA WC . 55.90 -10.53 -27.77
C1D CLA WC . 54.91 -9.85 -27.02
C2D CLA WC . 53.93 -9.28 -27.96
C3D CLA WC . 54.35 -9.61 -29.22
C4D CLA WC . 55.57 -10.40 -29.05
CMD CLA WC . 52.76 -8.52 -27.54
CAD CLA WC . 54.06 -9.55 -30.63
OBD CLA WC . 53.11 -9.07 -31.22
CBD CLA WC . 55.21 -10.30 -31.36
CGD CLA WC . 54.69 -11.37 -32.24
O1D CLA WC . 55.23 -11.88 -33.22
O2D CLA WC . 53.45 -11.80 -31.92
CED CLA WC . 53.05 -13.02 -32.52
C1 CLA WC . 61.49 -10.13 -29.05
C2 CLA WC . 61.60 -9.24 -27.88
C3 CLA WC . 62.51 -9.45 -26.93
C4 CLA WC . 63.46 -10.59 -26.99
C5 CLA WC . 62.62 -8.54 -25.75
C6 CLA WC . 62.42 -9.27 -24.44
C7 CLA WC . 60.98 -9.12 -24.00
C8 CLA WC . 60.88 -8.02 -22.97
C9 CLA WC . 61.69 -8.38 -21.75
C10 CLA WC . 59.44 -7.79 -22.56
C11 CLA WC . 59.29 -6.49 -21.81
MG CLA XC . 48.94 -22.43 -33.82
CHA CLA XC . 50.63 -21.60 -36.74
CHB CLA XC . 47.06 -24.64 -35.55
CHC CLA XC . 47.33 -23.23 -30.90
CHD CLA XC . 50.87 -20.06 -32.09
NA CLA XC . 48.90 -23.03 -35.81
C1A CLA XC . 49.70 -22.58 -36.87
C2A CLA XC . 49.36 -23.30 -38.15
C3A CLA XC . 48.21 -24.24 -37.74
C4A CLA XC . 48.04 -23.98 -36.26
CMA CLA XC . 46.96 -23.86 -38.46
CAA CLA XC . 50.57 -24.14 -38.55
CBA CLA XC . 51.05 -24.95 -37.37
CGA CLA XC . 52.45 -25.42 -37.59
O1A CLA XC . 53.44 -24.74 -37.90
O2A CLA XC . 52.61 -26.77 -37.44
NB CLA XC . 47.50 -23.72 -33.31
C1B CLA XC . 46.80 -24.47 -34.18
C2B CLA XC . 45.66 -25.10 -33.48
C3B CLA XC . 45.73 -24.72 -32.17
C4B CLA XC . 46.91 -23.83 -32.04
CMB CLA XC . 44.71 -25.98 -34.15
CAB CLA XC . 44.88 -25.05 -31.06
CBB CLA XC . 45.24 -25.88 -30.09
NC CLA XC . 49.10 -21.78 -31.86
C1C CLA XC . 48.37 -22.28 -30.83
C2C CLA XC . 48.78 -21.64 -29.59
C3C CLA XC . 49.74 -20.70 -29.93
C4C CLA XC . 49.94 -20.81 -31.35
CMC CLA XC . 48.23 -21.93 -28.28
CAC CLA XC . 50.46 -19.82 -29.02
CBC CLA XC . 51.82 -20.36 -28.68
ND CLA XC . 50.42 -21.14 -34.24
C1D CLA XC . 51.09 -20.18 -33.44
C2D CLA XC . 52.04 -19.44 -34.29
C3D CLA XC . 51.93 -19.97 -35.55
C4D CLA XC . 50.89 -21.00 -35.47
CMD CLA XC . 52.92 -18.39 -33.82
CAD CLA XC . 52.40 -19.95 -36.92
OBD CLA XC . 53.31 -19.31 -37.43
CBD CLA XC . 51.53 -20.92 -37.73
CGD CLA XC . 50.81 -20.05 -38.69
O1D CLA XC . 51.29 -19.12 -39.34
O2D CLA XC . 49.49 -20.29 -38.82
CED CLA XC . 48.67 -19.19 -39.20
C1 CLA XC . 53.82 -27.21 -36.78
MG CLA YC . 40.32 -26.48 -35.42
CHA CLA YC . 42.19 -24.84 -37.81
CHB CLA YC . 39.28 -28.71 -37.74
CHC CLA YC . 38.54 -28.10 -32.98
CHD CLA YC . 41.39 -24.11 -33.02
NA CLA YC . 40.70 -26.72 -37.45
C1A CLA YC . 41.51 -25.94 -38.26
C2A CLA YC . 41.50 -26.46 -39.70
C3A CLA YC . 40.50 -27.62 -39.65
C4A CLA YC . 40.13 -27.71 -38.18
CMA CLA YC . 39.28 -27.29 -40.47
CAA CLA YC . 42.86 -26.96 -40.12
CBA CLA YC . 43.54 -27.74 -39.01
CGA CLA YC . 44.99 -27.83 -39.37
O1A CLA YC . 45.49 -27.95 -40.48
O2A CLA YC . 45.82 -27.76 -38.29
NB CLA YC . 39.10 -28.07 -35.38
C1B CLA YC . 38.86 -28.89 -36.41
C2B CLA YC . 38.04 -30.05 -35.94
C3B CLA YC . 37.83 -29.86 -34.60
C4B CLA YC . 38.50 -28.60 -34.23
CMB CLA YC . 37.61 -31.13 -36.81
CAB CLA YC . 37.15 -30.64 -33.62
CBB CLA YC . 35.95 -31.19 -33.78
NC CLA YC . 40.03 -26.16 -33.39
C1C CLA YC . 39.27 -26.95 -32.58
C2C CLA YC . 39.29 -26.45 -31.22
C3C CLA YC . 40.09 -25.33 -31.23
C4C CLA YC . 40.54 -25.14 -32.59
CMC CLA YC . 38.59 -27.07 -30.10
CAC CLA YC . 40.40 -24.49 -30.08
CBC CLA YC . 39.29 -23.50 -29.83
ND CLA YC . 41.54 -24.89 -35.35
C1D CLA YC . 41.86 -23.98 -34.30
C2D CLA YC . 42.74 -22.95 -34.84
C3D CLA YC . 42.93 -23.23 -36.16
C4D CLA YC . 42.13 -24.44 -36.44
CMD CLA YC . 43.27 -21.86 -34.03
CAD CLA YC . 43.56 -22.85 -37.41
OBD CLA YC . 44.32 -21.93 -37.66
CBD CLA YC . 43.08 -23.83 -38.49
CGD CLA YC . 42.33 -23.04 -39.48
O1D CLA YC . 41.21 -22.54 -39.36
O2D CLA YC . 43.00 -22.85 -40.64
CED CLA YC . 42.43 -21.90 -41.54
C1 CLA YC . 46.01 -28.95 -37.51
C2 CLA YC . 47.29 -28.74 -36.78
C3 CLA YC . 47.46 -29.04 -35.48
C4 CLA YC . 46.37 -29.60 -34.65
C5 CLA YC . 48.77 -28.82 -34.81
C6 CLA YC . 48.98 -27.39 -34.33
C7 CLA YC . 49.03 -27.37 -32.82
C8 CLA YC . 49.72 -26.13 -32.26
C9 CLA YC . 51.02 -25.87 -32.99
C10 CLA YC . 50.01 -26.33 -30.79
C11 CLA YC . 50.78 -25.17 -30.21
C12 CLA YC . 51.16 -25.41 -28.76
C13 CLA YC . 52.09 -24.31 -28.25
C14 CLA YC . 53.10 -24.86 -27.27
MG CLA ZC . 30.61 -21.14 -31.65
CHA CLA ZC . 33.98 -20.37 -31.53
CHB CLA ZC . 31.37 -24.42 -31.87
CHC CLA ZC . 27.26 -21.83 -31.54
CHD CLA ZC . 29.88 -17.68 -31.54
NA CLA ZC . 32.41 -22.20 -31.72
C1A CLA ZC . 33.71 -21.70 -31.61
C2A CLA ZC . 34.73 -22.82 -31.71
C3A CLA ZC . 33.86 -24.07 -31.89
C4A CLA ZC . 32.43 -23.54 -31.81
CMA CLA ZC . 34.12 -24.65 -33.25
CAA CLA ZC . 35.62 -22.94 -30.50
CBA CLA ZC . 34.89 -23.12 -29.19
CGA CLA ZC . 35.92 -23.08 -28.10
O1A CLA ZC . 36.67 -22.16 -27.79
O2A CLA ZC . 36.00 -24.23 -27.38
NB CLA ZC . 29.52 -22.80 -31.70
C1B CLA ZC . 30.01 -24.06 -31.80
C2B CLA ZC . 28.89 -25.04 -31.85
C3B CLA ZC . 27.74 -24.31 -31.75
C4B CLA ZC . 28.12 -22.89 -31.65
CMB CLA ZC . 29.08 -26.47 -31.95
CAB CLA ZC . 26.37 -24.75 -31.73
CBB CLA ZC . 25.87 -25.58 -30.82
NC CLA ZC . 28.90 -19.95 -31.55
C1C CLA ZC . 27.64 -20.46 -31.48
C2C CLA ZC . 26.70 -19.35 -31.37
C3C CLA ZC . 27.42 -18.18 -31.42
C4C CLA ZC . 28.81 -18.57 -31.54
CMC CLA ZC . 25.27 -19.48 -31.23
CAC CLA ZC . 26.88 -16.82 -31.34
CBC CLA ZC . 26.83 -16.31 -29.94
ND CLA ZC . 31.62 -19.39 -31.58
C1D CLA ZC . 31.19 -18.05 -31.53
C2D CLA ZC . 32.37 -17.18 -31.50
C3D CLA ZC . 33.47 -18.01 -31.48
C4D CLA ZC . 32.95 -19.38 -31.53
CMD CLA ZC . 32.29 -15.73 -31.46
CAD CLA ZC . 34.90 -18.11 -31.46
OBD CLA ZC . 35.73 -17.23 -31.47
CBD CLA ZC . 35.27 -19.61 -31.46
CGD CLA ZC . 36.13 -19.93 -32.64
O1D CLA ZC . 35.76 -20.08 -33.78
O2D CLA ZC . 37.45 -20.07 -32.34
CED CLA ZC . 38.07 -21.31 -32.64
C1 CLA ZC . 36.78 -24.18 -26.17
C2 CLA ZC . 37.25 -25.57 -25.91
C3 CLA ZC . 36.73 -26.35 -24.95
C4 CLA ZC . 35.64 -25.90 -24.06
C5 CLA ZC . 37.26 -27.74 -24.74
C6 CLA ZC . 36.19 -28.72 -24.32
C7 CLA ZC . 36.74 -30.13 -24.27
C8 CLA ZC . 35.65 -31.20 -24.10
C9 CLA ZC . 36.25 -32.59 -24.23
C10 CLA ZC . 34.53 -31.02 -25.12
C11 CLA ZC . 33.41 -32.04 -24.98
C12 CLA ZC . 32.11 -31.48 -25.51
C13 CLA ZC . 31.25 -32.56 -26.17
C14 CLA ZC . 30.12 -31.95 -26.98
C15 CLA ZC . 30.70 -33.51 -25.14
MG CLA AD . 36.58 -11.79 -26.82
CHA CLA AD . 38.29 -9.75 -24.63
CHB CLA AD . 35.11 -13.34 -24.22
CHC CLA AD . 35.04 -13.89 -29.03
CHD CLA AD . 38.18 -10.17 -29.52
NA CLA AD . 36.66 -11.52 -24.76
C1A CLA AD . 37.42 -10.62 -24.02
C2A CLA AD . 37.16 -10.76 -22.53
C3A CLA AD . 36.05 -11.82 -22.48
C4A CLA AD . 35.91 -12.26 -23.92
CMA CLA AD . 36.45 -12.97 -21.59
CAA CLA AD . 36.60 -9.47 -21.97
CBA CLA AD . 36.99 -9.18 -20.54
CGA CLA AD . 37.82 -10.26 -19.92
O1A CLA AD . 38.96 -10.62 -20.21
O2A CLA AD . 37.18 -10.88 -18.88
NB CLA AD . 35.20 -13.24 -26.66
C1B CLA AD . 34.91 -13.86 -25.51
C2B CLA AD . 34.35 -15.19 -25.77
C3B CLA AD . 34.33 -15.36 -27.12
C4B CLA AD . 34.88 -14.12 -27.71
CMB CLA AD . 33.96 -16.13 -24.72
CAB CLA AD . 33.91 -16.45 -27.92
CBB CLA AD . 32.65 -16.88 -27.98
NC CLA AD . 36.57 -11.95 -28.91
C1C CLA AD . 35.83 -12.86 -29.60
C2C CLA AD . 36.02 -12.66 -31.03
C3C CLA AD . 36.95 -11.65 -31.16
C4C CLA AD . 37.28 -11.20 -29.83
CMC CLA AD . 35.39 -13.42 -32.10
CAC CLA AD . 37.44 -11.09 -32.42
CBC CLA AD . 36.78 -9.79 -32.76
ND CLA AD . 37.95 -10.36 -27.08
C1D CLA AD . 38.50 -9.77 -28.24
C2D CLA AD . 39.45 -8.73 -27.84
C3D CLA AD . 39.43 -8.69 -26.47
C4D CLA AD . 38.46 -9.70 -26.05
CMD CLA AD . 40.23 -7.95 -28.79
CAD CLA AD . 39.95 -8.07 -25.27
OBD CLA AD . 40.80 -7.20 -25.14
CBD CLA AD . 39.19 -8.69 -24.08
CGD CLA AD . 40.15 -9.21 -23.06
O1D CLA AD . 40.51 -8.67 -22.02
O2D CLA AD . 40.70 -10.40 -23.34
CED CLA AD . 41.66 -10.82 -22.37
C1 CLA AD . 37.98 -11.66 -17.98
C2 CLA AD . 37.53 -13.05 -18.17
C3 CLA AD . 38.25 -14.10 -17.75
C4 CLA AD . 39.54 -13.89 -17.07
C5 CLA AD . 37.78 -15.49 -17.95
C6 CLA AD . 37.41 -15.77 -19.39
C7 CLA AD . 37.69 -17.21 -19.75
C8 CLA AD . 37.60 -17.42 -21.25
C9 CLA AD . 36.31 -16.86 -21.80
C10 CLA AD . 37.71 -18.89 -21.60
C11 CLA AD . 39.13 -19.25 -21.91
C12 CLA AD . 39.32 -20.74 -21.82
C13 CLA AD . 40.67 -21.15 -22.39
C14 CLA AD . 40.54 -22.41 -23.23
C15 CLA AD . 41.72 -21.31 -21.29
C16 CLA AD . 41.14 -21.67 -19.94
C17 CLA AD . 42.25 -21.99 -18.95
C18 CLA AD . 42.98 -20.72 -18.53
C19 CLA AD . 44.12 -21.05 -17.60
C20 CLA AD . 42.02 -19.77 -17.84
MG CLA BD . 24.79 -19.23 -14.33
CHA CLA BD . 26.66 -20.86 -11.97
CHB CLA BD . 25.85 -21.44 -16.66
CHC CLA BD . 22.58 -17.87 -16.55
CHD CLA BD . 23.65 -17.03 -11.84
NA CLA BD . 26.10 -20.84 -14.29
C1A CLA BD . 26.75 -21.39 -13.21
C2A CLA BD . 27.59 -22.59 -13.61
C3A CLA BD . 27.53 -22.53 -15.13
C4A CLA BD . 26.39 -21.56 -15.41
CMA CLA BD . 28.82 -21.98 -15.63
CAA CLA BD . 26.85 -23.83 -13.10
CBA CLA BD . 27.30 -25.14 -13.72
CGA CLA BD . 26.45 -26.27 -13.22
O1A CLA BD . 25.96 -26.43 -12.10
O2A CLA BD . 26.21 -27.24 -14.16
NB CLA BD . 24.34 -19.56 -16.25
C1B CLA BD . 24.82 -20.56 -17.00
C2B CLA BD . 24.13 -20.59 -18.30
C3B CLA BD . 23.20 -19.59 -18.28
C4B CLA BD . 23.33 -18.91 -16.97
CMB CLA BD . 24.45 -21.56 -19.32
CAB CLA BD . 22.25 -19.18 -19.26
CBB CLA BD . 22.42 -19.25 -20.58
NC CLA BD . 23.42 -17.67 -14.22
C1C CLA BD . 22.64 -17.28 -15.25
C2C CLA BD . 21.79 -16.18 -14.82
C3C CLA BD . 22.07 -15.96 -13.50
C4C CLA BD . 23.10 -16.90 -13.12
CMC CLA BD . 20.82 -15.51 -15.67
CAC CLA BD . 21.46 -14.97 -12.63
CBC CLA BD . 20.29 -15.57 -11.90
ND CLA BD . 25.14 -18.88 -12.38
C1D CLA BD . 24.59 -17.96 -11.48
C2D CLA BD . 25.20 -18.17 -10.16
C3D CLA BD . 26.01 -19.27 -10.29
C4D CLA BD . 25.91 -19.69 -11.69
CMD CLA BD . 24.91 -17.36 -9.00
CAD CLA BD . 26.93 -20.17 -9.65
OBD CLA BD . 27.40 -20.15 -8.54
CBD CLA BD . 27.32 -21.25 -10.69
CGD CLA BD . 28.78 -21.22 -10.87
O1D CLA BD . 29.41 -20.87 -11.87
O2D CLA BD . 29.48 -21.65 -9.81
CED CLA BD . 30.86 -21.35 -9.88
C1 CLA BD . 26.20 -28.61 -13.70
C2 CLA BD . 25.84 -29.46 -14.86
C3 CLA BD . 26.24 -30.73 -15.03
C4 CLA BD . 27.14 -31.40 -14.06
C5 CLA BD . 25.83 -31.51 -16.24
C6 CLA BD . 24.52 -32.28 -16.11
C7 CLA BD . 24.22 -33.09 -17.35
C8 CLA BD . 23.06 -34.07 -17.17
C9 CLA BD . 23.53 -35.51 -17.16
C10 CLA BD . 21.99 -33.88 -18.25
C11 CLA BD . 22.31 -34.52 -19.58
C12 CLA BD . 21.42 -34.03 -20.70
C13 CLA BD . 21.97 -34.38 -22.07
C14 CLA BD . 23.41 -33.95 -22.22
C15 CLA BD . 21.13 -33.78 -23.18
C16 CLA BD . 21.64 -34.14 -24.56
C17 CLA BD . 21.28 -33.09 -25.60
C18 CLA BD . 21.26 -33.63 -27.02
C19 CLA BD . 20.25 -34.74 -27.19
C20 CLA BD . 22.62 -34.08 -27.48
MG CLA CD . 35.01 -25.80 -8.69
CHA CLA CD . 32.66 -24.93 -11.05
CHB CLA CD . 37.39 -25.80 -11.08
CHC CLA CD . 37.31 -26.55 -6.29
CHD CLA CD . 32.49 -25.71 -6.22
NA CLA CD . 35.00 -25.46 -10.73
C1A CLA CD . 33.91 -25.10 -11.54
C2A CLA CD . 34.34 -24.96 -12.99
C3A CLA CD . 35.82 -25.39 -12.97
C4A CLA CD . 36.12 -25.56 -11.50
CMA CLA CD . 35.99 -26.70 -13.70
CAA CLA CD . 34.23 -23.52 -13.45
CBA CLA CD . 33.94 -23.48 -14.92
CGA CLA CD . 33.74 -22.06 -15.34
O1A CLA CD . 33.05 -21.21 -14.78
O2A CLA CD . 34.42 -21.71 -16.46
NB CLA CD . 36.97 -26.13 -8.68
C1B CLA CD . 37.78 -26.00 -9.75
C2B CLA CD . 39.19 -26.11 -9.32
C3B CLA CD . 39.18 -26.32 -7.98
C4B CLA CD . 37.77 -26.36 -7.55
CMB CLA CD . 40.30 -26.03 -10.24
CAB CLA CD . 40.29 -26.49 -7.10
CBB CLA CD . 40.70 -27.63 -6.56
NC CLA CD . 34.89 -26.12 -6.63
C1C CLA CD . 35.97 -26.46 -5.86
C2C CLA CD . 35.54 -26.65 -4.49
C3C CLA CD . 34.20 -26.35 -4.44
C4C CLA CD . 33.79 -26.03 -5.81
CMC CLA CD . 36.42 -27.01 -3.39
CAC CLA CD . 33.39 -26.38 -3.23
CBC CLA CD . 32.28 -27.39 -3.25
ND CLA CD . 33.02 -25.50 -8.60
C1D CLA CD . 32.12 -25.46 -7.51
C2D CLA CD . 30.79 -25.12 -8.04
C3D CLA CD . 30.93 -24.92 -9.38
C4D CLA CD . 32.35 -25.14 -9.68
CMD CLA CD . 29.60 -25.04 -7.21
CAD CLA CD . 30.28 -24.62 -10.63
OBD CLA CD . 29.10 -24.47 -10.88
CBD CLA CD . 31.38 -24.51 -11.71
CGD CLA CD . 31.03 -25.32 -12.92
O1D CLA CD . 31.21 -25.01 -14.10
O2D CLA CD . 30.44 -26.51 -12.67
CED CLA CD . 30.48 -27.48 -13.72
C1 CLA CD . 34.43 -20.32 -16.80
C2 CLA CD . 33.26 -20.08 -17.67
C3 CLA CD . 33.14 -19.00 -18.45
C4 CLA CD . 34.20 -17.98 -18.49
C5 CLA CD . 31.96 -18.78 -19.31
C6 CLA CD . 32.33 -18.41 -20.73
C7 CLA CD . 31.36 -17.37 -21.24
C8 CLA CD . 30.97 -17.62 -22.68
C9 CLA CD . 30.24 -16.44 -23.24
C10 CLA CD . 30.04 -18.82 -22.76
C11 CLA CD . 30.61 -19.89 -23.66
C12 CLA CD . 29.53 -20.52 -24.51
C13 CLA CD . 28.91 -21.73 -23.83
C14 CLA CD . 29.63 -22.98 -24.25
C15 CLA CD . 27.43 -21.84 -24.19
C16 CLA CD . 26.84 -23.14 -23.67
C17 CLA CD . 25.44 -22.89 -23.15
C18 CLA CD . 24.73 -24.19 -22.81
C19 CLA CD . 23.25 -23.96 -22.65
C20 CLA CD . 25.27 -24.80 -21.54
MG CLA DD . 28.58 -4.96 -0.85
CHA CLA DD . 31.33 -3.21 0.26
CHB CLA DD . 28.76 -6.96 1.87
CHC CLA DD . 25.69 -6.44 -1.84
CHD CLA DD . 28.42 -2.83 -3.65
NA CLA DD . 29.89 -5.08 0.76
C1A CLA DD . 30.97 -4.26 1.05
C2A CLA DD . 31.65 -4.70 2.33
C3A CLA DD . 30.94 -6.02 2.67
C4A CLA DD . 29.76 -6.03 1.72
CMA CLA DD . 31.81 -7.20 2.37
CAA CLA DD . 31.35 -3.69 3.38
CBA CLA DD . 31.16 -4.38 4.71
CGA CLA DD . 29.74 -4.21 5.12
O1A CLA DD . 29.22 -4.48 6.21
O2A CLA DD . 28.96 -3.67 4.15
NB CLA DD . 27.49 -6.49 -0.18
C1B CLA DD . 27.63 -7.03 1.04
C2B CLA DD . 26.39 -7.76 1.41
C3B CLA DD . 25.53 -7.61 0.37
C4B CLA DD . 26.21 -6.80 -0.66
CMB CLA DD . 26.23 -8.46 2.67
CAB CLA DD . 24.20 -8.07 0.16
CBB CLA DD . 23.19 -7.84 0.99
NC CLA DD . 27.35 -4.74 -2.51
C1C CLA DD . 26.24 -5.49 -2.74
C2C CLA DD . 25.63 -5.12 -3.98
C3C CLA DD . 26.37 -4.05 -4.47
C4C CLA DD . 27.45 -3.82 -3.54
CMC CLA DD . 24.45 -5.75 -4.55
CAC CLA DD . 26.16 -3.32 -5.72
CBC CLA DD . 25.54 -1.97 -5.48
ND CLA DD . 29.61 -3.41 -1.60
C1D CLA DD . 29.41 -2.60 -2.74
C2D CLA DD . 30.43 -1.55 -2.76
C3D CLA DD . 31.18 -1.73 -1.62
C4D CLA DD . 30.63 -2.90 -0.94
CMD CLA DD . 30.56 -0.52 -3.78
CAD CLA DD . 32.28 -1.25 -0.83
OBD CLA DD . 33.01 -0.30 -1.01
CBD CLA DD . 32.41 -2.17 0.40
CGD CLA DD . 33.78 -2.75 0.37
O1D CLA DD . 34.32 -3.35 -0.54
O2D CLA DD . 34.52 -2.54 1.48
CED CLA DD . 35.77 -3.20 1.52
C1 CLA DD . 27.55 -3.61 4.47
C2 CLA DD . 26.84 -3.47 3.17
C3 CLA DD . 25.56 -3.13 3.10
C4 CLA DD . 24.76 -2.86 4.32
C5 CLA DD . 24.87 -3.00 1.81
C6 CLA DD . 25.89 -2.64 0.74
C7 CLA DD . 25.79 -1.17 0.44
C8 CLA DD . 27.05 -0.71 -0.27
C9 CLA DD . 27.76 0.34 0.53
C10 CLA DD . 26.72 -0.16 -1.65
C11 CLA DD . 26.06 1.19 -1.61
C12 CLA DD . 26.75 2.10 -2.59
C13 CLA DD . 25.75 2.99 -3.32
C14 CLA DD . 24.72 2.15 -4.03
C15 CLA DD . 26.45 3.94 -4.29
C16 CLA DD . 26.81 5.23 -3.59
C17 CLA DD . 27.56 6.19 -4.49
C18 CLA DD . 28.31 7.26 -3.72
C19 CLA DD . 27.43 7.93 -2.70
C20 CLA DD . 28.88 8.31 -4.66
MG CLA ED . 35.89 -8.00 -5.32
CHA CLA ED . 38.24 -8.97 -3.02
CHB CLA ED . 34.98 -5.45 -3.29
CHC CLA ED . 33.71 -6.95 -7.73
CHD CLA ED . 36.97 -10.62 -7.43
NA CLA ED . 36.51 -7.36 -3.44
C1A CLA ED . 37.53 -7.88 -2.65
C2A CLA ED . 37.67 -7.10 -1.36
C3A CLA ED . 36.51 -6.09 -1.44
C4A CLA ED . 35.96 -6.29 -2.83
CMA CLA ED . 35.45 -6.44 -0.44
CAA CLA ED . 39.00 -6.39 -1.30
CBA CLA ED . 39.06 -5.01 -1.91
CGA CLA ED . 39.69 -5.05 -3.26
O1A CLA ED . 39.22 -5.50 -4.30
O2A CLA ED . 40.96 -4.55 -3.34
NB CLA ED . 34.62 -6.48 -5.50
C1B CLA ED . 34.37 -5.55 -4.55
C2B CLA ED . 33.32 -4.64 -5.01
C3B CLA ED . 32.96 -5.04 -6.25
C4B CLA ED . 33.77 -6.24 -6.58
CMB CLA ED . 32.81 -3.55 -4.22
CAB CLA ED . 31.95 -4.48 -7.08
CBB CLA ED . 32.09 -4.14 -8.35
NC CLA ED . 35.40 -8.70 -7.21
C1C CLA ED . 34.47 -8.13 -8.01
C2C CLA ED . 34.39 -8.85 -9.26
C3C CLA ED . 35.33 -9.87 -9.18
C4C CLA ED . 35.97 -9.77 -7.90
CMC CLA ED . 33.49 -8.53 -10.35
CAC CLA ED . 35.63 -10.87 -10.21
CBC CLA ED . 36.82 -10.47 -11.02
ND CLA ED . 37.17 -9.55 -5.24
C1D CLA ED . 37.55 -10.52 -6.18
C2D CLA ED . 38.60 -11.36 -5.61
C3D CLA ED . 38.88 -10.83 -4.38
C4D CLA ED . 37.99 -9.68 -4.22
CMD CLA ED . 39.20 -12.51 -6.24
CAD CLA ED . 39.69 -10.92 -3.19
OBD CLA ED . 40.51 -11.77 -2.87
CBD CLA ED . 39.34 -9.70 -2.33
CGD CLA ED . 38.80 -10.20 -1.04
O1D CLA ED . 38.06 -11.16 -0.89
O2D CLA ED . 39.18 -9.51 0.06
CED CLA ED . 39.34 -10.28 1.24
C1 CLA ED . 41.21 -3.61 -4.42
C2 CLA ED . 42.31 -4.09 -5.31
C3 CLA ED . 42.84 -3.31 -6.26
C4 CLA ED . 42.37 -1.93 -6.47
C5 CLA ED . 43.93 -3.75 -7.16
C6 CLA ED . 44.15 -5.25 -7.16
C7 CLA ED . 45.50 -5.59 -7.74
C8 CLA ED . 45.48 -5.65 -9.25
C9 CLA ED . 44.37 -6.57 -9.70
C10 CLA ED . 46.79 -6.19 -9.77
C11 CLA ED . 47.77 -5.07 -10.02
C12 CLA ED . 48.79 -5.48 -11.05
C13 CLA ED . 50.04 -4.61 -10.98
C14 CLA ED . 49.67 -3.15 -10.96
C15 CLA ED . 50.92 -4.86 -12.18
C16 CLA ED . 52.27 -4.21 -11.98
C17 CLA ED . 53.33 -4.97 -12.74
C18 CLA ED . 54.72 -4.60 -12.26
C19 CLA ED . 54.89 -3.10 -12.36
C20 CLA ED . 55.75 -5.25 -13.14
MG CLA FD . 24.04 -1.23 -19.01
CHA CLA FD . 21.79 0.62 -20.85
CHB CLA FD . 26.58 0.55 -20.35
CHC CLA FD . 26.21 -2.86 -16.92
CHD CLA FD . 21.35 -2.92 -17.53
NA CLA FD . 24.14 0.30 -20.42
C1A CLA FD . 23.08 0.97 -21.03
C2A CLA FD . 23.59 2.06 -21.95
C3A CLA FD . 25.11 1.95 -21.85
C4A CLA FD . 25.32 0.86 -20.79
CMA CLA FD . 25.71 1.57 -23.17
CAA CLA FD . 23.16 3.40 -21.42
CBA CLA FD . 23.39 3.53 -19.92
CGA CLA FD . 22.66 4.73 -19.40
O1A CLA FD . 22.25 5.72 -20.01
O2A CLA FD . 22.42 4.67 -18.05
NB CLA FD . 26.01 -1.15 -18.68
C1B CLA FD . 26.88 -0.40 -19.39
C2B CLA FD . 28.26 -0.72 -18.95
C3B CLA FD . 28.17 -1.67 -17.98
C4B CLA FD . 26.73 -1.98 -17.79
CMB CLA FD . 29.43 -0.08 -19.50
CAB CLA FD . 29.20 -2.31 -17.24
CBB CLA FD . 30.16 -3.02 -17.79
NC CLA FD . 23.81 -2.67 -17.55
C1C CLA FD . 24.83 -3.20 -16.80
C2C CLA FD . 24.31 -4.14 -15.84
C3C CLA FD . 22.94 -4.15 -16.00
C4C CLA FD . 22.63 -3.21 -17.06
CMC CLA FD . 25.12 -4.89 -14.90
CAC CLA FD . 21.97 -4.94 -15.25
CBC CLA FD . 21.37 -4.14 -14.11
ND CLA FD . 22.04 -1.34 -19.24
C1D CLA FD . 21.07 -2.06 -18.56
C2D CLA FD . 19.74 -1.70 -19.10
C3D CLA FD . 19.96 -0.68 -19.99
C4D CLA FD . 21.41 -0.46 -20.01
CMD CLA FD . 18.49 -2.32 -18.70
CAD CLA FD . 19.38 0.22 -20.95
OBD CLA FD . 18.25 0.28 -21.38
CBD CLA FD . 20.51 1.18 -21.40
CGD CLA FD . 20.52 1.29 -22.89
O1D CLA FD . 21.32 0.85 -23.70
O2D CLA FD . 19.44 1.98 -23.34
CED CLA FD . 18.88 1.54 -24.57
C1 CLA FD . 22.27 5.91 -17.32
C2 CLA FD . 22.46 5.54 -15.89
C3 CLA FD . 21.69 5.98 -14.88
C4 CLA FD . 20.56 6.89 -15.11
C5 CLA FD . 21.95 5.56 -13.47
C6 CLA FD . 20.69 5.12 -12.75
C7 CLA FD . 21.03 4.75 -11.32
C8 CLA FD . 20.70 3.31 -11.01
C9 CLA FD . 19.21 3.10 -11.07
C10 CLA FD . 21.23 2.90 -9.64
C11 CLA FD . 20.58 3.68 -8.51
C12 CLA FD . 20.73 2.97 -7.19
C13 CLA FD . 21.08 3.96 -6.09
C14 CLA FD . 22.43 4.57 -6.37
C15 CLA FD . 21.12 3.33 -4.72
C16 CLA FD . 21.45 4.35 -3.65
C17 CLA FD . 21.17 3.83 -2.26
C18 CLA FD . 20.89 4.96 -1.28
C19 CLA FD . 22.16 5.76 -1.03
C20 CLA FD . 20.38 4.43 0.04
MG CLA GD . 19.49 -25.88 -30.96
CHA CLA GD . 19.89 -26.24 -34.35
CHB CLA GD . 16.73 -27.84 -31.08
CHC CLA GD . 19.34 -25.76 -27.54
CHD CLA GD . 22.39 -23.90 -30.88
NA CLA GD . 18.48 -26.86 -32.49
C1A CLA GD . 18.83 -26.91 -33.83
C2A CLA GD . 17.84 -27.76 -34.62
C3A CLA GD . 16.78 -28.12 -33.58
C4A CLA GD . 17.36 -27.59 -32.28
CMA CLA GD . 15.48 -27.44 -33.91
CAA CLA GD . 18.57 -29.02 -35.04
CBA CLA GD . 17.66 -30.22 -34.96
CGA CLA GD . 18.48 -31.46 -35.12
O1A CLA GD . 18.20 -32.47 -35.76
O2A CLA GD . 19.66 -31.42 -34.44
NB CLA GD . 18.30 -26.71 -29.57
C1B CLA GD . 17.18 -27.40 -29.83
C2B CLA GD . 16.45 -27.64 -28.56
C3B CLA GD . 17.17 -27.06 -27.57
C4B CLA GD . 18.37 -26.45 -28.18
CMB CLA GD . 15.19 -28.34 -28.50
CAB CLA GD . 16.91 -26.99 -26.16
CBB CLA GD . 16.95 -28.04 -25.33
NC CLA GD . 20.61 -24.92 -29.49
C1C CLA GD . 20.37 -25.01 -28.16
C2C CLA GD . 21.37 -24.26 -27.42
C3C CLA GD . 22.24 -23.73 -28.36
C4C CLA GD . 21.77 -24.17 -29.66
CMC CLA GD . 21.41 -24.13 -25.96
CAC CLA GD . 23.40 -22.90 -28.08
CBC CLA GD . 24.62 -23.74 -27.76
ND CLA GD . 20.75 -25.04 -32.29
C1D CLA GD . 21.95 -24.30 -32.11
C2D CLA GD . 22.55 -24.08 -33.43
C3D CLA GD . 21.77 -24.76 -34.34
C4D CLA GD . 20.71 -25.39 -33.56
CMD CLA GD . 23.75 -23.28 -33.66
CAD CLA GD . 21.55 -25.09 -35.72
OBD CLA GD . 22.07 -24.65 -36.73
CBD CLA GD . 20.44 -26.17 -35.76
CGD CLA GD . 19.39 -25.80 -36.74
O1D CLA GD . 19.14 -26.30 -37.82
O2D CLA GD . 18.62 -24.74 -36.37
CED CLA GD . 17.52 -24.45 -37.22
C1 CLA GD . 20.41 -32.65 -34.32
C2 CLA GD . 19.87 -33.40 -33.16
C3 CLA GD . 20.63 -33.82 -32.13
C4 CLA GD . 20.05 -34.58 -31.00
C5 CLA GD . 22.09 -33.57 -32.06
MG CLA HD . 11.96 -32.13 -27.35
CHA CLA HD . 12.26 -31.48 -30.71
CHB CLA HD . 8.58 -31.90 -27.62
CHC CLA HD . 11.71 -32.88 -24.03
CHD CLA HD . 15.47 -32.28 -27.12
NA CLA HD . 10.66 -31.74 -28.93
C1A CLA HD . 10.98 -31.51 -30.27
C2A CLA HD . 9.72 -31.26 -31.09
C3A CLA HD . 8.59 -31.31 -30.05
C4A CLA HD . 9.32 -31.69 -28.77
CMA CLA HD . 7.93 -29.97 -29.95
CAA CLA HD . 9.52 -32.34 -32.13
CBA CLA HD . 9.69 -33.73 -31.57
CGA CLA HD . 10.50 -34.54 -32.54
O1A CLA HD . 10.77 -34.28 -33.71
O2A CLA HD . 10.97 -35.70 -32.00
NB CLA HD . 10.44 -32.31 -26.06
C1B CLA HD . 9.13 -32.24 -26.38
C2B CLA HD . 8.31 -32.57 -25.19
C3B CLA HD . 9.19 -32.85 -24.18
C4B CLA HD . 10.56 -32.69 -24.72
CMB CLA HD . 6.86 -32.57 -25.19
CAB CLA HD . 8.97 -33.23 -22.81
CBB CLA HD . 8.32 -34.34 -22.45
NC CLA HD . 13.35 -32.50 -25.86
C1C CLA HD . 13.03 -32.79 -24.56
C2C CLA HD . 14.24 -33.00 -23.78
C3C CLA HD . 15.30 -32.81 -24.65
C4C CLA HD . 14.73 -32.50 -25.95
CMC CLA HD . 14.27 -33.33 -22.37
CAC CLA HD . 16.73 -32.88 -24.32
CBC CLA HD . 17.39 -34.16 -24.73
ND CLA HD . 13.53 -31.97 -28.57
C1D CLA HD . 14.92 -32.05 -28.35
C2D CLA HD . 15.62 -31.83 -29.61
C3D CLA HD . 14.65 -31.62 -30.56
C4D CLA HD . 13.37 -31.71 -29.86
CMD CLA HD . 17.07 -31.85 -29.76
CAD CLA HD . 14.37 -31.37 -31.94
OBD CLA HD . 15.13 -31.27 -32.89
CBD CLA HD . 12.83 -31.23 -32.08
CGD CLA HD . 12.48 -29.87 -32.57
O1D CLA HD . 12.57 -28.81 -31.96
O2D CLA HD . 12.02 -29.84 -33.83
CED CLA HD . 11.64 -28.55 -34.32
C1 CLA HD . 10.16 -36.86 -32.26
C2 CLA HD . 9.81 -37.44 -30.93
C3 CLA HD . 10.49 -38.46 -30.37
C4 CLA HD . 11.66 -39.12 -31.01
MG CLA ID . 4.60 -35.67 -12.24
CHA CLA ID . 4.41 -33.72 -15.08
CHB CLA ID . 1.89 -34.08 -10.99
CHC CLA ID . 4.75 -37.73 -9.51
CHD CLA ID . 7.42 -37.32 -13.62
NA CLA ID . 3.38 -34.13 -12.94
C1A CLA ID . 3.46 -33.46 -14.16
C2A CLA ID . 2.37 -32.40 -14.27
C3A CLA ID . 1.68 -32.47 -12.89
C4A CLA ID . 2.35 -33.65 -12.21
CMA CLA ID . 1.93 -31.22 -12.13
CAA CLA ID . 1.35 -32.72 -15.34
CBA CLA ID . 1.07 -34.21 -15.35
CGA CLA ID . 0.00 -34.59 -16.33
O1A CLA ID . -0.53 -35.69 -16.47
O2A CLA ID . -0.41 -33.59 -17.15
NB CLA ID . 3.53 -35.87 -10.55
C1B CLA ID . 2.43 -35.14 -10.26
C2B CLA ID . 1.85 -35.64 -8.99
C3B CLA ID . 2.63 -36.66 -8.56
C4B CLA ID . 3.73 -36.82 -9.55
CMB CLA ID . 0.65 -35.09 -8.40
CAB CLA ID . 2.46 -37.43 -7.36
CBB CLA ID . 2.70 -38.73 -7.22
NC CLA ID . 5.87 -37.22 -11.68
C1C CLA ID . 5.75 -37.92 -10.51
C2C CLA ID . 6.81 -38.90 -10.43
C3C CLA ID . 7.54 -38.79 -11.59
C4C CLA ID . 6.96 -37.74 -12.38
CMC CLA ID . 7.01 -39.81 -9.30
CAC CLA ID . 8.74 -39.55 -11.96
CBC CLA ID . 9.97 -38.87 -11.45
ND CLA ID . 5.73 -35.56 -13.91
C1D CLA ID . 6.85 -36.31 -14.35
C2D CLA ID . 7.25 -35.80 -15.67
C3D CLA ID . 6.36 -34.80 -15.99
C4D CLA ID . 5.43 -34.70 -14.86
CMD CLA ID . 8.38 -36.29 -16.45
CAD CLA ID . 5.95 -33.83 -16.96
OBD CLA ID . 6.44 -33.54 -18.03
CBD CLA ID . 4.70 -33.11 -16.40
CGD CLA ID . 5.07 -31.69 -16.16
O1D CLA ID . 5.42 -31.21 -15.09
O2D CLA ID . 5.04 -30.90 -17.25
CED CLA ID . 5.64 -29.61 -17.07
C1 CLA ID . -1.08 -34.02 -18.34
C2 CLA ID . -0.02 -34.44 -19.29
C3 CLA ID . 0.01 -33.98 -20.54
C4 CLA ID . -1.01 -33.04 -21.04
C5 CLA ID . 1.07 -34.40 -21.49
C6 CLA ID . 1.78 -35.65 -21.04
C7 CLA ID . 3.16 -35.36 -20.51
C8 CLA ID . 3.90 -36.66 -20.28
C9 CLA ID . 4.81 -36.52 -19.08
C10 CLA ID . 4.73 -37.03 -21.49
C11 CLA ID . 4.86 -38.53 -21.65
C12 CLA ID . 5.52 -38.87 -22.96
C13 CLA ID . 6.74 -39.75 -22.77
C14 CLA ID . 6.34 -41.21 -22.83
C15 CLA ID . 7.44 -39.45 -21.44
C16 CLA ID . 8.49 -38.37 -21.58
C17 CLA ID . 9.61 -38.55 -20.59
C18 CLA ID . 10.63 -37.42 -20.62
C19 CLA ID . 10.08 -36.23 -19.88
C20 CLA ID . 10.91 -37.02 -22.05
MG CLA JD . 36.25 -33.52 -10.24
CHA CLA JD . 39.57 -33.49 -9.28
CHB CLA JD . 36.00 -30.25 -9.44
CHC CLA JD . 33.01 -33.58 -11.36
CHD CLA JD . 36.53 -36.97 -10.90
NA CLA JD . 37.58 -32.12 -9.48
C1A CLA JD . 38.94 -32.29 -9.17
C2A CLA JD . 39.55 -31.01 -8.65
C3A CLA JD . 38.34 -30.07 -8.55
C4A CLA JD . 37.22 -30.84 -9.22
CMA CLA JD . 37.98 -29.87 -7.11
CAA CLA JD . 40.58 -30.48 -9.60
CBA CLA JD . 40.07 -30.18 -10.99
CGA CLA JD . 41.31 -30.01 -11.80
O1A CLA JD . 42.28 -30.77 -11.86
O2A CLA JD . 41.38 -28.87 -12.53
NB CLA JD . 34.80 -32.16 -10.41
C1B CLA JD . 34.87 -30.88 -10.00
C2B CLA JD . 33.58 -30.22 -10.21
C3B CLA JD . 32.73 -31.13 -10.75
C4B CLA JD . 33.49 -32.39 -10.89
CMB CLA JD . 33.31 -28.83 -9.86
CAB CLA JD . 31.35 -30.99 -11.12
CBB CLA JD . 30.91 -30.86 -12.37
NC CLA JD . 35.01 -35.00 -10.99
C1C CLA JD . 33.73 -34.80 -11.41
C2C CLA JD . 33.18 -36.04 -11.92
C3C CLA JD . 34.16 -37.01 -11.75
C4C CLA JD . 35.31 -36.35 -11.18
CMC CLA JD . 31.84 -36.19 -12.46
CAC CLA JD . 34.06 -38.42 -12.10
CBC CLA JD . 34.45 -38.67 -13.54
ND CLA JD . 37.65 -34.96 -10.09
C1D CLA JD . 37.65 -36.33 -10.41
C2D CLA JD . 38.97 -36.89 -10.12
C3D CLA JD . 39.75 -35.85 -9.69
C4D CLA JD . 38.88 -34.67 -9.70
CMD CLA JD . 39.32 -38.29 -10.28
CAD CLA JD . 41.04 -35.44 -9.19
OBD CLA JD . 42.03 -36.12 -8.95
CBD CLA JD . 40.97 -33.91 -8.97
CGD CLA JD . 41.32 -33.56 -7.57
O1D CLA JD . 40.63 -32.98 -6.74
O2D CLA JD . 42.57 -33.94 -7.20
CED CLA JD . 42.87 -33.77 -5.82
C1 CLA JD . 40.79 -28.87 -13.85
C2 CLA JD . 41.33 -29.98 -14.68
C3 CLA JD . 42.35 -29.85 -15.54
C4 CLA JD . 43.04 -28.56 -15.74
C5 CLA JD . 42.84 -31.00 -16.35
C6 CLA JD . 42.13 -32.30 -16.01
C7 CLA JD . 41.03 -32.61 -17.01
C8 CLA JD . 41.15 -34.02 -17.59
C9 CLA JD . 40.01 -34.27 -18.54
C10 CLA JD . 41.18 -35.09 -16.50
C11 CLA JD . 42.48 -35.87 -16.46
C12 CLA JD . 42.66 -36.76 -17.67
C13 CLA JD . 43.02 -38.18 -17.25
C14 CLA JD . 44.50 -38.47 -17.40
C15 CLA JD . 42.19 -39.19 -18.03
C16 CLA JD . 40.71 -38.94 -17.87
C17 CLA JD . 39.92 -39.47 -19.05
C18 CLA JD . 38.42 -39.43 -18.79
C19 CLA JD . 37.66 -40.18 -19.86
C20 CLA JD . 37.95 -37.99 -18.71
MG CLA KD . 42.89 -37.75 -13.23
CHA CLA KD . 46.31 -37.42 -12.89
CHB CLA KD . 42.51 -34.43 -12.65
CHC CLA KD . 39.52 -38.12 -13.71
CHD CLA KD . 43.32 -41.20 -13.83
NA CLA KD . 44.22 -36.21 -12.81
C1A CLA KD . 45.61 -36.26 -12.73
C2A CLA KD . 46.19 -34.89 -12.40
C3A CLA KD . 44.95 -33.98 -12.28
C4A CLA KD . 43.79 -34.92 -12.60
CMA CLA KD . 44.81 -33.37 -10.92
CAA CLA KD . 47.08 -34.41 -13.52
CBA CLA KD . 46.26 -33.76 -14.62
CGA CLA KD . 46.41 -34.60 -15.85
O1A CLA KD . 46.40 -35.82 -15.94
O2A CLA KD . 46.60 -33.85 -16.98
NB CLA KD . 41.30 -36.52 -13.13
C1B CLA KD . 41.36 -35.19 -12.95
C2B CLA KD . 40.02 -34.61 -13.15
C3B CLA KD . 39.18 -35.63 -13.45
C4B CLA KD . 39.98 -36.87 -13.44
CMB CLA KD . 39.73 -33.19 -13.04
CAB CLA KD . 37.78 -35.60 -13.73
CBB CLA KD . 37.27 -35.79 -14.95
NC CLA KD . 41.66 -39.38 -13.66
C1C CLA KD . 40.30 -39.30 -13.81
C2C CLA KD . 39.77 -40.61 -14.11
C3C CLA KD . 40.84 -41.48 -14.14
C4C CLA KD . 42.02 -40.70 -13.86
CMC CLA KD . 38.36 -40.93 -14.31
CAC CLA KD . 40.81 -42.92 -14.40
CBC CLA KD . 40.91 -43.22 -15.87
ND CLA KD . 44.40 -39.06 -13.35
C1D CLA KD . 44.45 -40.45 -13.59
C2D CLA KD . 45.85 -40.91 -13.54
C3D CLA KD . 46.60 -39.79 -13.29
C4D CLA KD . 45.65 -38.66 -13.16
CMD CLA KD . 46.27 -42.27 -13.75
CAD CLA KD . 47.92 -39.27 -13.07
OBD CLA KD . 48.98 -39.88 -13.08
CBD CLA KD . 47.79 -37.74 -12.81
CGD CLA KD . 48.34 -37.37 -11.47
O1D CLA KD . 47.75 -37.32 -10.40
O2D CLA KD . 49.67 -37.08 -11.49
CED CLA KD . 50.51 -37.85 -10.65
MG CLA LD . 26.47 -26.51 -4.91
CHA CLA LD . 27.86 -29.61 -5.34
CHB CLA LD . 25.79 -26.35 -8.21
CHC CLA LD . 25.22 -23.37 -4.43
CHD CLA LD . 27.39 -26.63 -1.51
NA CLA LD . 26.75 -27.83 -6.50
C1A CLA LD . 27.34 -29.08 -6.49
C2A CLA LD . 27.37 -29.70 -7.88
C3A CLA LD . 26.66 -28.64 -8.74
C4A CLA LD . 26.36 -27.52 -7.76
CMA CLA LD . 27.57 -28.15 -9.83
CAA CLA LD . 26.66 -31.03 -8.01
CBA CLA LD . 26.69 -31.51 -9.45
CGA CLA LD . 26.39 -32.97 -9.58
O1A CLA LD . 25.87 -33.74 -8.77
O2A CLA LD . 26.75 -33.50 -10.80
NB CLA LD . 25.67 -25.12 -6.09
C1B CLA LD . 25.46 -25.25 -7.42
C2B CLA LD . 24.84 -24.01 -7.93
C3B CLA LD . 24.68 -23.17 -6.87
C4B CLA LD . 25.19 -23.88 -5.68
CMB CLA LD . 24.49 -23.82 -9.34
CAB CLA LD . 24.13 -21.86 -6.79
CBB CLA LD . 24.39 -20.86 -7.64
NC CLA LD . 26.29 -25.26 -3.25
C1C CLA LD . 25.72 -24.03 -3.29
C2C CLA LD . 25.75 -23.44 -1.96
C3C CLA LD . 26.40 -24.35 -1.14
C4C CLA LD . 26.73 -25.49 -1.96
CMC CLA LD . 25.23 -22.12 -1.62
CAC CLA LD . 26.70 -24.17 0.28
CBC CLA LD . 25.78 -24.94 1.18
ND CLA LD . 27.29 -27.82 -3.64
C1D CLA LD . 27.64 -27.72 -2.28
C2D CLA LD . 28.36 -28.94 -1.88
C3D CLA LD . 28.47 -29.70 -3.01
C4D CLA LD . 27.81 -28.95 -4.09
CMD CLA LD . 28.85 -29.18 -0.53
CAD CLA LD . 28.97 -30.91 -3.59
OBD CLA LD . 29.61 -31.81 -3.06
CBD CLA LD . 28.61 -30.88 -5.10
CGD CLA LD . 29.84 -30.87 -5.94
O1D CLA LD . 29.93 -31.09 -7.15
O2D CLA LD . 30.97 -30.59 -5.27
CED CLA LD . 32.08 -30.29 -6.09
C1 CLA LD . 26.07 -34.70 -11.20
C2 CLA LD . 26.87 -35.32 -12.29
C3 CLA LD . 26.31 -35.87 -13.39
C4 CLA LD . 24.85 -35.90 -13.59
C5 CLA LD . 27.14 -36.47 -14.46
C6 CLA LD . 26.82 -35.85 -15.81
C7 CLA LD . 27.56 -36.56 -16.93
C8 CLA LD . 27.36 -35.86 -18.29
C9 CLA LD . 27.55 -36.85 -19.42
C10 CLA LD . 28.32 -34.68 -18.44
C11 CLA LD . 28.19 -33.97 -19.77
C12 CLA LD . 26.88 -33.24 -19.89
C13 CLA LD . 26.97 -32.01 -20.79
C14 CLA LD . 27.05 -32.42 -22.25
C15 CLA LD . 28.13 -31.09 -20.42
MG CLA MD . 18.10 -33.74 -10.44
CHA CLA MD . 21.00 -33.65 -8.61
CHB CLA MD . 18.89 -30.77 -11.85
CHC CLA MD . 15.27 -33.95 -12.36
CHD CLA MD . 17.39 -36.91 -9.07
NA CLA MD . 19.69 -32.43 -10.22
C1A CLA MD . 20.81 -32.57 -9.41
C2A CLA MD . 21.75 -31.39 -9.57
C3A CLA MD . 20.99 -30.46 -10.52
C4A CLA MD . 19.77 -31.26 -10.91
CMA CLA MD . 20.60 -29.20 -9.80
CAA CLA MD . 23.01 -31.85 -10.26
CBA CLA MD . 22.80 -32.23 -11.71
CGA CLA MD . 22.56 -33.70 -11.84
O1A CLA MD . 22.81 -34.59 -11.05
O2A CLA MD . 21.96 -34.06 -13.02
NB CLA MD . 17.25 -32.58 -11.84
C1B CLA MD . 17.74 -31.41 -12.29
C2B CLA MD . 16.84 -30.87 -13.33
C3B CLA MD . 15.82 -31.75 -13.48
C4B CLA MD . 16.06 -32.86 -12.54
CMB CLA MD . 17.08 -29.61 -14.01
CAB CLA MD . 14.69 -31.66 -14.34
CBB CLA MD . 14.51 -32.41 -15.43
NC CLA MD . 16.59 -35.15 -10.62
C1C CLA MD . 15.51 -35.01 -11.45
C2C CLA MD . 14.65 -36.16 -11.32
C3C CLA MD . 15.26 -37.02 -10.42
C4C CLA MD . 16.48 -36.38 -9.99
CMC CLA MD . 13.40 -36.35 -12.04
CAC CLA MD . 14.77 -38.33 -9.98
CBC CLA MD . 13.96 -38.23 -8.72
ND CLA MD . 18.88 -34.98 -9.06
C1D CLA MD . 18.52 -36.27 -8.63
C2D CLA MD . 19.52 -36.74 -7.66
C3D CLA MD . 20.47 -35.76 -7.58
C4D CLA MD . 20.06 -34.70 -8.51
CMD CLA MD . 19.44 -38.00 -6.95
CAD CLA MD . 21.70 -35.33 -6.97
OBD CLA MD . 22.35 -35.85 -6.08
CBD CLA MD . 22.12 -34.02 -7.69
CGD CLA MD . 22.37 -32.94 -6.70
O1D CLA MD . 23.05 -31.94 -6.84
O2D CLA MD . 21.79 -33.11 -5.50
CED CLA MD . 22.37 -32.32 -4.46
C1 CLA MD . 21.04 -35.16 -12.96
C2 CLA MD . 20.27 -35.12 -14.23
C3 CLA MD . 19.16 -35.84 -14.45
C4 CLA MD . 18.62 -36.77 -13.44
C5 CLA MD . 18.45 -35.73 -15.74
C6 CLA MD . 16.95 -35.83 -15.62
C7 CLA MD . 16.31 -35.10 -16.78
C8 CLA MD . 15.08 -35.80 -17.32
C9 CLA MD . 14.50 -34.99 -18.45
C10 CLA MD . 14.01 -35.99 -16.25
C11 CLA MD . 13.42 -37.38 -16.26
C12 CLA MD . 12.17 -37.50 -17.09
C13 CLA MD . 11.69 -38.94 -17.23
C14 CLA MD . 11.82 -39.69 -15.92
C15 CLA MD . 12.45 -39.67 -18.33
C16 CLA MD . 12.18 -41.16 -18.35
C17 CLA MD . 11.45 -41.57 -19.61
C18 CLA MD . 12.15 -42.65 -20.44
C19 CLA MD . 13.62 -42.36 -20.65
C20 CLA MD . 11.48 -42.79 -21.80
MG CLA ND . 19.58 -26.78 -18.51
CHA CLA ND . 21.74 -26.87 -15.83
CHB CLA ND . 20.48 -23.58 -19.12
CHC CLA ND . 17.47 -26.77 -21.19
CHD CLA ND . 18.67 -30.11 -17.80
NA CLA ND . 20.91 -25.47 -17.60
C1A CLA ND . 21.72 -25.69 -16.50
C2A CLA ND . 22.54 -24.46 -16.15
C3A CLA ND . 22.00 -23.40 -17.12
C4A CLA ND . 21.08 -24.19 -18.04
CMA CLA ND . 21.20 -22.38 -16.36
CAA CLA ND . 24.01 -24.68 -16.43
CBA CLA ND . 24.27 -25.49 -17.68
CGA CLA ND . 25.73 -25.56 -17.97
O1A CLA ND . 26.45 -24.70 -18.49
O2A CLA ND . 26.32 -26.73 -17.60
NB CLA ND . 18.95 -25.38 -19.80
C1B CLA ND . 19.62 -24.22 -20.00
C2B CLA ND . 19.32 -23.69 -21.35
C3B CLA ND . 18.47 -24.57 -21.95
C4B CLA ND . 18.22 -25.67 -20.97
CMB CLA ND . 19.88 -22.46 -21.88
CAB CLA ND . 17.93 -24.54 -23.26
CBB CLA ND . 16.64 -24.44 -23.56
NC CLA ND . 18.30 -28.19 -19.32
C1C CLA ND . 17.50 -27.96 -20.40
C2C CLA ND . 16.69 -29.13 -20.67
C3C CLA ND . 17.07 -30.10 -19.75
C4C CLA ND . 18.07 -29.49 -18.89
CMC CLA ND . 15.72 -29.22 -21.75
CAC CLA ND . 16.54 -31.45 -19.59
CBC CLA ND . 17.49 -32.51 -20.12
ND CLA ND . 20.16 -28.25 -17.26
C1D CLA ND . 19.65 -29.54 -17.02
C2D CLA ND . 20.31 -30.12 -15.85
C3D CLA ND . 21.14 -29.14 -15.37
C4D CLA ND . 20.96 -27.99 -16.25
CMD CLA ND . 20.10 -31.47 -15.36
CAD CLA ND . 22.13 -28.78 -14.38
OBD CLA ND . 22.67 -29.46 -13.52
CBD CLA ND . 22.43 -27.27 -14.57
CGD CLA ND . 21.82 -26.50 -13.47
O1D CLA ND . 20.82 -25.78 -13.52
O2D CLA ND . 22.45 -26.61 -12.27
CED CLA ND . 21.85 -25.94 -11.18
C1 CLA ND . 27.75 -26.83 -17.84
C2 CLA ND . 27.95 -27.40 -19.19
MG CLA OD . 8.71 21.16 -8.77
CHA CLA OD . 10.42 24.12 -8.27
CHB CLA OD . 11.63 19.64 -9.60
CHC CLA OD . 7.03 18.19 -9.03
CHD CLA OD . 5.75 22.76 -7.73
NA CLA OD . 10.68 21.81 -8.94
C1A CLA OD . 11.19 23.07 -8.66
C2A CLA OD . 12.69 23.12 -8.83
C3A CLA OD . 13.02 21.72 -9.37
C4A CLA OD . 11.70 20.98 -9.29
CMA CLA OD . 13.50 21.79 -10.79
CAA CLA OD . 13.30 23.30 -7.45
CBA CLA OD . 12.72 22.37 -6.41
CGA CLA OD . 12.43 23.12 -5.13
O1A CLA OD . 12.26 24.32 -5.00
O2A CLA OD . 12.37 22.34 -4.01
NB CLA OD . 9.23 19.28 -9.24
C1B CLA OD . 10.47 18.87 -9.57
C2B CLA OD . 10.43 17.42 -9.91
C3B CLA OD . 9.14 17.00 -9.75
C4B CLA OD . 8.35 18.19 -9.32
CMB CLA OD . 11.61 16.67 -10.29
CAB CLA OD . 8.57 15.71 -9.91
CBB CLA OD . 7.82 15.36 -10.95
NC CLA OD . 6.74 20.60 -8.47
C1C CLA OD . 6.27 19.32 -8.61
C2C CLA OD . 4.87 19.29 -8.28
C3C CLA OD . 4.50 20.57 -7.91
C4C CLA OD . 5.70 21.39 -8.02
CMC CLA OD . 4.04 18.09 -8.32
CAC CLA OD . 3.18 21.02 -7.47
CBC CLA OD . 2.48 21.79 -8.55
ND CLA OD . 8.13 23.01 -8.21
C1D CLA OD . 6.89 23.53 -7.83
C2D CLA OD . 7.03 24.96 -7.56
C3D CLA OD . 8.37 25.25 -7.71
C4D CLA OD . 9.01 23.98 -8.09
CMD CLA OD . 5.94 25.86 -7.19
CAD CLA OD . 9.40 26.25 -7.67
OBD CLA OD . 9.30 27.45 -7.47
CBD CLA OD . 10.75 25.55 -7.98
CGD CLA OD . 11.38 26.16 -9.18
O1D CLA OD . 11.68 25.61 -10.23
O2D CLA OD . 11.63 27.49 -9.07
CED CLA OD . 11.81 28.18 -10.30
C1 CLA OD . 11.60 22.85 -2.89
C2 CLA OD . 11.98 22.03 -1.71
C3 CLA OD . 11.12 21.53 -0.79
C4 CLA OD . 9.67 21.74 -0.83
C5 CLA OD . 11.63 20.72 0.34
C6 CLA OD . 11.13 21.21 1.69
C7 CLA OD . 11.64 20.31 2.79
C8 CLA OD . 13.16 20.30 2.85
C9 CLA OD . 13.66 18.90 3.13
C10 CLA OD . 13.65 21.24 3.94
C11 CLA OD . 15.14 21.18 4.11
C12 CLA OD . 15.66 22.42 4.79
C13 CLA OD . 17.14 22.30 5.11
C14 CLA OD . 17.45 23.01 6.41
C15 CLA OD . 17.99 22.91 4.00
C16 CLA OD . 18.93 21.88 3.43
C17 CLA OD . 20.28 21.93 4.11
C18 CLA OD . 21.38 22.02 3.07
C19 CLA OD . 21.81 20.64 2.65
C20 CLA OD . 22.55 22.78 3.66
MG CLA PD . 12.86 7.61 -2.88
CHA CLA PD . 15.01 7.67 -5.57
CHB CLA PD . 15.30 6.28 -0.94
CHC CLA PD . 10.68 7.62 -0.25
CHD CLA PD . 10.38 9.07 -4.91
NA CLA PD . 14.83 7.07 -3.24
C1A CLA PD . 15.55 7.20 -4.42
C2A CLA PD . 16.98 6.70 -4.25
C3A CLA PD . 17.00 6.22 -2.79
C4A CLA PD . 15.63 6.55 -2.26
CMA CLA PD . 17.20 4.74 -2.70
CAA CLA PD . 17.92 7.85 -4.47
CBA CLA PD . 19.21 7.68 -3.70
CGA CLA PD . 19.50 8.89 -2.85
O1A CLA PD . 20.04 8.93 -1.75
O2A CLA PD . 19.09 10.07 -3.40
NB CLA PD . 12.97 7.07 -0.95
C1B CLA PD . 14.05 6.52 -0.36
C2B CLA PD . 13.72 6.22 1.05
C3B CLA PD . 12.43 6.59 1.25
C4B CLA PD . 11.91 7.13 -0.02
CMB CLA PD . 14.67 5.62 1.98
CAB CLA PD . 11.62 6.48 2.44
CBB CLA PD . 11.15 7.50 3.13
NC CLA PD . 10.89 8.22 -2.64
C1C CLA PD . 10.20 8.14 -1.48
C2C CLA PD . 8.87 8.68 -1.67
C3C CLA PD . 8.78 9.10 -2.99
C4C CLA PD . 10.06 8.81 -3.58
CMC CLA PD . 7.89 8.73 -0.59
CAC CLA PD . 7.70 9.78 -3.71
CBC CLA PD . 6.34 9.13 -3.64
ND CLA PD . 12.64 8.19 -4.80
C1D CLA PD . 11.58 8.80 -5.49
C2D CLA PD . 11.97 8.99 -6.89
C3D CLA PD . 13.26 8.54 -6.98
C4D CLA PD . 13.65 8.09 -5.64
CMD CLA PD . 11.10 9.53 -7.91
CAD CLA PD . 14.38 8.31 -7.84
OBD CLA PD . 14.44 8.42 -9.05
CBD CLA PD . 15.56 7.83 -6.96
CGD CLA PD . 16.08 6.53 -7.45
O1D CLA PD . 16.10 5.45 -6.86
O2D CLA PD . 16.57 6.56 -8.71
CED CLA PD . 16.65 5.31 -9.40
C1 CLA PD . 19.78 11.24 -2.93
C2 CLA PD . 18.76 12.16 -2.39
C3 CLA PD . 18.84 13.50 -2.51
C4 CLA PD . 19.98 14.16 -3.18
C5 CLA PD . 17.78 14.37 -1.95
C6 CLA PD . 18.29 15.71 -1.46
C7 CLA PD . 17.16 16.71 -1.46
C8 CLA PD . 17.51 17.95 -0.64
C9 CLA PD . 17.65 17.62 0.82
C10 CLA PD . 16.42 18.99 -0.78
C11 CLA PD . 16.79 20.26 -0.04
C12 CLA PD . 15.66 21.26 -0.10
C13 CLA PD . 16.12 22.60 0.43
C14 CLA PD . 14.95 23.42 0.94
C15 CLA PD . 16.83 23.36 -0.67
C16 CLA PD . 18.08 24.03 -0.13
C17 CLA PD . 18.64 24.98 -1.16
C18 CLA PD . 20.15 24.90 -1.16
C19 CLA PD . 20.56 23.52 -1.58
C20 CLA PD . 20.69 25.17 0.22
MG CLA QD . 33.25 -32.42 -37.12
CHA CLA QD . 32.28 -29.39 -35.80
CHB CLA QD . 31.62 -34.02 -34.63
CHC CLA QD . 34.27 -35.40 -38.46
CHD CLA QD . 35.14 -30.70 -39.57
NA CLA QD . 32.11 -31.78 -35.51
C1A CLA QD . 31.81 -30.47 -35.13
C2A CLA QD . 30.97 -30.44 -33.85
C3A CLA QD . 30.83 -31.93 -33.49
C4A CLA QD . 31.56 -32.65 -34.62
CMA CLA QD . 31.51 -32.23 -32.18
CAA CLA QD . 29.59 -29.87 -34.07
CBA CLA QD . 28.91 -30.48 -35.26
CGA CLA QD . 27.56 -29.85 -35.43
O1A CLA QD . 27.09 -29.29 -36.42
O2A CLA QD . 26.80 -29.94 -34.31
NB CLA QD . 32.96 -34.34 -36.67
C1B CLA QD . 32.27 -34.80 -35.59
C2B CLA QD . 32.32 -36.28 -35.56
C3B CLA QD . 33.06 -36.68 -36.63
C4B CLA QD . 33.49 -35.45 -37.36
CMB CLA QD . 31.67 -37.07 -34.52
CAB CLA QD . 33.43 -37.99 -37.05
CBB CLA QD . 32.97 -38.54 -38.16
NC CLA QD . 34.46 -32.94 -38.74
C1C CLA QD . 34.73 -34.23 -39.11
C2C CLA QD . 35.60 -34.22 -40.27
C3C CLA QD . 35.88 -32.91 -40.56
C4C CLA QD . 35.15 -32.10 -39.60
CMC CLA QD . 36.10 -35.41 -40.93
CAC CLA QD . 36.74 -32.41 -41.64
CBC CLA QD . 35.97 -32.16 -42.89
ND CLA QD . 33.64 -30.51 -37.64
C1D CLA QD . 34.44 -29.95 -38.66
C2D CLA QD . 34.37 -28.49 -38.55
C3D CLA QD . 33.55 -28.22 -37.48
C4D CLA QD . 33.13 -29.52 -36.93
CMD CLA QD . 35.07 -27.57 -39.45
CAD CLA QD . 32.95 -27.20 -36.65
OBD CLA QD . 33.04 -25.99 -36.72
CBD CLA QD . 32.13 -27.92 -35.55
CGD CLA QD . 32.64 -27.57 -34.21
O1D CLA QD . 32.02 -27.17 -33.23
O2D CLA QD . 33.98 -27.73 -34.10
CED CLA QD . 34.48 -28.17 -32.84
C1 CLA QD . 25.37 -29.88 -34.49
C2 CLA QD . 24.84 -29.14 -33.32
C3 CLA QD . 23.53 -29.06 -33.04
C4 CLA QD . 22.49 -29.71 -33.87
C5 CLA QD . 23.06 -28.31 -31.85
C6 CLA QD . 22.98 -29.17 -30.62
C7 CLA QD . 21.66 -28.97 -29.94
C8 CLA QD . 21.64 -29.70 -28.62
C9 CLA QD . 20.27 -30.26 -28.33
C10 CLA QD . 22.05 -28.76 -27.49
C11 CLA QD . 21.91 -29.43 -26.14
C12 CLA QD . 21.91 -28.42 -25.02
C13 CLA QD . 21.49 -29.03 -23.69
C14 CLA QD . 19.99 -29.05 -23.57
C15 CLA QD . 22.09 -28.25 -22.54
C16 CLA QD . 21.54 -28.73 -21.23
C17 CLA QD . 22.46 -28.32 -20.10
C18 CLA QD . 23.55 -29.35 -19.88
C19 CLA QD . 23.01 -30.77 -19.95
C20 CLA QD . 24.20 -29.16 -18.54
C1 PQN RD . 3.95 6.85 -8.50
O1 PQN RD . 3.88 5.94 -7.67
C2 PQN RD . 4.10 8.23 -8.04
C2M PQN RD . 4.14 8.53 -6.57
C3 PQN RD . 4.19 9.32 -9.03
C4 PQN RD . 4.13 9.00 -10.47
O4 PQN RD . 4.22 9.90 -11.31
C5 PQN RD . 3.99 7.60 -10.92
C6 PQN RD . 3.94 7.28 -12.26
C7 PQN RD . 3.81 5.96 -12.64
C8 PQN RD . 3.72 4.95 -11.71
C9 PQN RD . 3.77 5.21 -10.35
C10 PQN RD . 3.90 6.52 -9.93
C11 PQN RD . 4.34 10.74 -8.54
C12 PQN RD . 5.78 11.03 -8.31
C13 PQN RD . 6.23 12.29 -8.34
C14 PQN RD . 5.29 13.41 -8.61
C15 PQN RD . 7.69 12.58 -8.12
C16 PQN RD . 8.00 12.49 -6.63
C17 PQN RD . 9.47 12.75 -6.40
C18 PQN RD . 9.64 13.97 -5.52
C19 PQN RD . 9.30 15.22 -6.30
C20 PQN RD . 11.08 14.05 -5.04
C21 PQN RD . 11.48 12.75 -4.39
C22 PQN RD . 12.70 12.95 -3.51
C23 PQN RD . 13.87 12.16 -4.04
C24 PQN RD . 14.95 12.04 -2.99
C25 PQN RD . 14.40 12.82 -5.30
C26 PQN RD . 15.67 12.11 -5.77
C27 PQN RD . 16.24 12.80 -6.99
C28 PQN RD . 17.52 12.14 -7.46
C29 PQN RD . 18.18 12.97 -8.54
C30 PQN RD . 18.48 11.93 -6.30
C1 BCR SD . 56.13 -21.43 -34.41
C2 BCR SD . 55.65 -22.61 -35.21
C3 BCR SD . 54.14 -22.54 -35.31
C4 BCR SD . 53.50 -22.72 -33.94
C5 BCR SD . 54.44 -22.30 -32.86
C6 BCR SD . 55.41 -21.40 -33.09
C7 BCR SD . 55.87 -20.41 -32.11
C8 BCR SD . 55.19 -19.77 -31.16
C9 BCR SD . 56.00 -18.85 -30.35
C10 BCR SD . 55.97 -18.93 -29.02
C11 BCR SD . 56.80 -18.06 -28.20
C33 BCR SD . 54.29 -22.95 -31.52
C31 BCR SD . 55.83 -20.15 -35.16
C32 BCR SD . 57.62 -21.53 -34.13
C34 BCR SD . 56.89 -17.84 -31.00
C12 BCR SD . 56.70 -18.16 -26.89
C13 BCR SD . 57.52 -17.37 -25.97
C14 BCR SD . 57.24 -17.40 -24.66
C15 BCR SD . 58.03 -16.66 -23.69
C16 BCR SD . 57.88 -16.96 -22.40
C17 BCR SD . 58.67 -16.28 -21.39
C18 BCR SD . 58.83 -16.83 -20.19
C19 BCR SD . 59.67 -16.17 -19.18
C20 BCR SD . 59.62 -16.41 -17.87
C21 BCR SD . 60.59 -15.66 -17.08
C22 BCR SD . 60.76 -15.82 -15.77
C23 BCR SD . 61.82 -15.03 -15.10
C24 BCR SD . 61.84 -14.76 -13.80
C25 BCR SD . 62.96 -13.97 -13.23
C26 BCR SD . 63.01 -12.64 -13.34
C27 BCR SD . 64.09 -11.82 -12.69
C28 BCR SD . 65.29 -12.67 -12.34
C29 BCR SD . 64.86 -13.91 -11.58
C30 BCR SD . 64.03 -14.77 -12.52
C35 BCR SD . 58.66 -16.56 -26.49
C36 BCR SD . 58.20 -18.15 -19.90
C37 BCR SD . 59.93 -16.81 -15.02
C38 BCR SD . 61.98 -11.90 -14.13
C39 BCR SD . 63.36 -15.85 -11.72
C40 BCR SD . 64.96 -15.42 -13.53
C1 BCR TD . 61.02 -3.19 -18.74
C2 BCR TD . 62.26 -2.33 -18.45
C3 BCR TD . 62.18 -0.86 -18.85
C4 BCR TD . 60.81 -0.24 -18.63
C5 BCR TD . 59.89 -1.15 -19.38
C6 BCR TD . 59.77 -2.38 -18.92
C7 BCR TD . 58.49 -3.01 -18.51
C8 BCR TD . 57.28 -2.71 -18.94
C9 BCR TD . 56.17 -3.49 -18.36
C10 BCR TD . 55.04 -2.90 -17.96
C11 BCR TD . 53.94 -3.66 -17.37
C33 BCR TD . 59.23 -0.65 -20.63
C31 BCR TD . 60.81 -4.12 -17.57
C32 BCR TD . 61.25 -3.99 -20.00
C34 BCR TD . 56.33 -4.97 -18.25
C12 BCR TD . 52.85 -2.97 -17.03
C13 BCR TD . 51.70 -3.61 -16.39
C14 BCR TD . 50.67 -2.84 -16.01
C15 BCR TD . 49.52 -3.44 -15.32
C16 BCR TD . 48.46 -2.69 -15.02
C17 BCR TD . 47.37 -3.34 -14.29
C18 BCR TD . 46.28 -2.67 -13.91
C19 BCR TD . 45.25 -3.39 -13.16
C20 BCR TD . 44.11 -2.83 -12.75
C21 BCR TD . 43.22 -3.72 -11.99
C22 BCR TD . 41.98 -3.39 -11.59
C23 BCR TD . 41.22 -4.39 -10.83
C24 BCR TD . 39.95 -4.23 -10.48
C25 BCR TD . 39.28 -5.28 -9.69
C26 BCR TD . 39.61 -6.56 -9.79
C27 BCR TD . 39.95 -7.34 -8.55
C28 BCR TD . 39.46 -6.53 -7.37
C29 BCR TD . 38.08 -5.98 -7.70
C30 BCR TD . 38.22 -4.89 -8.72
C35 BCR TD . 51.71 -5.08 -16.16
C36 BCR TD . 46.15 -1.22 -14.22
C37 BCR TD . 41.39 -2.06 -11.89
C38 BCR TD . 39.61 -7.28 -11.10
C39 BCR TD . 38.64 -3.64 -7.98
C40 BCR TD . 36.93 -4.63 -9.46
C1 BCR UD . 66.45 -7.16 -13.58
C2 BCR UD . 65.73 -8.29 -14.30
C3 BCR UD . 64.88 -7.73 -15.43
C4 BCR UD . 63.84 -6.76 -14.88
C5 BCR UD . 64.56 -5.70 -14.07
C6 BCR UD . 65.49 -6.08 -13.21
C7 BCR UD . 65.60 -5.41 -11.90
C8 BCR UD . 64.57 -5.38 -11.08
C9 BCR UD . 64.70 -4.73 -9.77
C10 BCR UD . 63.62 -4.29 -9.12
C11 BCR UD . 62.28 -4.40 -9.68
C33 BCR UD . 64.26 -4.26 -14.29
C31 BCR UD . 67.52 -6.55 -14.46
C32 BCR UD . 67.10 -7.71 -12.31
C34 BCR UD . 66.04 -4.57 -9.14
C12 BCR UD . 61.33 -3.79 -9.00
C13 BCR UD . 59.93 -3.78 -9.41
C14 BCR UD . 59.04 -3.24 -8.57
C15 BCR UD . 57.63 -3.14 -8.90
C16 BCR UD . 56.80 -2.73 -7.95
C17 BCR UD . 55.38 -2.61 -8.27
C18 BCR UD . 54.50 -2.37 -7.31
C19 BCR UD . 53.09 -2.20 -7.66
C20 BCR UD . 52.10 -2.21 -6.80
C21 BCR UD . 50.79 -1.99 -7.38
C22 BCR UD . 49.64 -2.04 -6.71
C23 BCR UD . 49.57 -2.36 -5.28
C24 BCR UD . 48.41 -2.11 -4.70
C25 BCR UD . 48.13 -2.36 -3.28
C26 BCR UD . 48.65 -1.61 -2.32
C27 BCR UD . 48.59 -1.98 -0.87
C28 BCR UD . 47.87 -3.29 -0.64
C29 BCR UD . 46.68 -3.38 -1.56
C30 BCR UD . 47.16 -3.47 -2.98
C35 BCR UD . 59.52 -4.32 -10.74
C36 BCR UD . 54.96 -2.23 -5.89
C37 BCR UD . 48.36 -1.79 -7.44
C38 BCR UD . 49.27 -0.30 -2.66
C39 BCR UD . 45.99 -3.30 -3.91
C40 BCR UD . 47.79 -4.82 -3.25
C1 BCR VD . 40.02 -33.26 -30.59
C2 BCR VD . 41.30 -34.08 -30.49
C3 BCR VD . 41.12 -35.12 -29.41
C4 BCR VD . 41.10 -34.40 -28.07
C5 BCR VD . 40.10 -33.28 -28.13
C6 BCR VD . 39.38 -33.10 -29.23
C7 BCR VD . 37.96 -32.73 -29.18
C8 BCR VD . 37.59 -31.46 -29.08
C9 BCR VD . 36.18 -31.07 -29.04
C10 BCR VD . 35.87 -29.79 -28.83
C11 BCR VD . 34.50 -29.29 -28.79
C33 BCR VD . 39.96 -32.39 -26.94
C31 BCR VD . 39.03 -33.99 -31.47
C32 BCR VD . 40.33 -31.90 -31.17
C34 BCR VD . 35.12 -32.10 -29.27
C12 BCR VD . 34.34 -28.00 -28.58
C13 BCR VD . 33.02 -27.38 -28.55
C14 BCR VD . 32.92 -26.10 -28.16
C15 BCR VD . 31.63 -25.41 -28.10
C16 BCR VD . 31.62 -24.08 -28.02
C17 BCR VD . 30.34 -23.42 -27.96
C18 BCR VD . 30.21 -22.08 -27.92
C19 BCR VD . 28.86 -21.55 -27.84
C20 BCR VD . 28.52 -20.26 -27.87
C21 BCR VD . 27.08 -20.09 -27.74
C22 BCR VD . 26.48 -19.04 -27.18
C23 BCR VD . 25.01 -19.06 -27.12
C24 BCR VD . 24.34 -18.09 -26.54
C25 BCR VD . 22.86 -18.13 -26.49
C26 BCR VD . 22.26 -18.80 -25.51
C27 BCR VD . 20.77 -18.95 -25.45
C28 BCR VD . 20.17 -17.70 -26.03
C29 BCR VD . 20.61 -17.62 -27.48
C30 BCR VD . 22.10 -17.35 -27.52
C35 BCR VD . 31.81 -28.17 -28.93
C36 BCR VD . 31.38 -21.15 -27.93
C37 BCR VD . 27.24 -17.89 -26.60
C38 BCR VD . 23.05 -19.42 -24.40
C39 BCR VD . 22.32 -15.89 -27.21
C40 BCR VD . 22.64 -17.63 -28.91
C1 BCR WD . 36.79 -29.96 -16.02
C2 BCR WD . 37.36 -30.05 -14.61
C3 BCR WD . 36.55 -31.01 -13.76
C4 BCR WD . 35.13 -30.49 -13.66
C5 BCR WD . 34.58 -30.38 -15.05
C6 BCR WD . 35.30 -29.83 -16.02
C7 BCR WD . 34.65 -29.14 -17.14
C8 BCR WD . 33.97 -28.02 -16.93
C9 BCR WD . 33.32 -27.34 -18.06
C10 BCR WD . 32.50 -26.32 -17.80
C11 BCR WD . 31.82 -25.59 -18.87
C33 BCR WD . 33.22 -30.94 -15.35
C31 BCR WD . 37.13 -31.23 -16.78
C32 BCR WD . 37.37 -28.76 -16.74
C34 BCR WD . 33.58 -27.78 -19.46
C12 BCR WD . 31.00 -24.62 -18.47
C13 BCR WD . 30.25 -23.79 -19.42
C14 BCR WD . 29.73 -22.63 -19.00
C15 BCR WD . 29.00 -21.78 -19.91
C16 BCR WD . 28.29 -20.75 -19.46
C17 BCR WD . 27.64 -19.96 -20.49
C18 BCR WD . 27.15 -18.74 -20.30
C19 BCR WD . 26.54 -18.06 -21.44
C20 BCR WD . 26.01 -16.85 -21.39
C21 BCR WD . 25.51 -16.34 -22.66
C22 BCR WD . 25.04 -15.11 -22.81
C23 BCR WD . 24.59 -14.70 -24.14
C24 BCR WD . 24.69 -13.43 -24.47
C25 BCR WD . 24.30 -12.90 -25.78
C26 BCR WD . 23.04 -12.77 -26.16
C27 BCR WD . 22.66 -12.38 -27.55
C28 BCR WD . 23.82 -12.62 -28.48
C29 BCR WD . 25.01 -11.86 -27.97
C30 BCR WD . 25.44 -12.49 -26.66
C35 BCR WD . 30.05 -24.22 -20.83
C36 BCR WD . 27.24 -18.06 -18.97
C37 BCR WD . 24.98 -14.18 -21.65
C38 BCR WD . 21.92 -12.98 -25.18
C39 BCR WD . 26.25 -11.47 -25.87
C40 BCR WD . 26.32 -13.69 -26.97
C1 BCR XD . 22.85 6.86 7.48
C2 BCR XD . 23.52 6.09 8.61
C3 BCR XD . 22.51 5.12 9.17
C4 BCR XD . 22.18 4.05 8.15
C5 BCR XD . 22.20 4.60 6.76
C6 BCR XD . 22.27 5.90 6.49
C7 BCR XD . 21.85 6.45 5.20
C8 BCR XD . 20.57 6.74 4.98
C9 BCR XD . 20.16 7.30 3.68
C10 BCR XD . 18.91 7.77 3.56
C11 BCR XD . 18.38 8.36 2.33
C33 BCR XD . 22.16 3.63 5.63
C31 BCR XD . 23.85 7.73 6.75
C32 BCR XD . 21.72 7.70 8.04
C34 BCR XD . 21.09 7.32 2.52
C12 BCR XD . 17.15 8.83 2.46
C13 BCR XD . 16.39 9.49 1.38
C14 BCR XD . 15.13 9.82 1.66
C15 BCR XD . 14.24 10.49 0.71
C16 BCR XD . 12.99 10.72 1.09
C17 BCR XD . 12.07 11.39 0.19
C18 BCR XD . 10.84 11.70 0.60
C19 BCR XD . 9.91 12.39 -0.30
C20 BCR XD . 8.64 12.55 0.01
C21 BCR XD . 7.80 13.26 -0.95
C22 BCR XD . 6.50 13.32 -0.76
C23 BCR XD . 5.63 14.04 -1.70
C24 BCR XD . 5.05 13.35 -2.67
C25 BCR XD . 4.14 13.88 -3.70
C26 BCR XD . 4.52 14.78 -4.60
C27 BCR XD . 3.53 15.39 -5.55
C28 BCR XD . 2.64 14.27 -6.02
C29 BCR XD . 1.86 13.79 -4.83
C30 BCR XD . 2.75 13.32 -3.69
C35 BCR XD . 17.00 9.79 0.06
C36 BCR XD . 10.39 11.35 1.99
C37 BCR XD . 5.91 12.64 0.44
C38 BCR XD . 5.95 15.20 -4.72
C39 BCR XD . 2.89 11.81 -3.75
C40 BCR XD . 2.12 13.71 -2.37
C1A DGD YD . 14.48 7.48 -16.49
C2A DGD YD . 15.26 7.31 -15.22
C3A DGD YD . 15.02 8.53 -14.34
C4A DGD YD . 15.34 8.19 -12.90
C5A DGD YD . 16.69 7.51 -12.83
C6A DGD YD . 17.76 8.53 -12.51
C7A DGD YD . 17.56 9.05 -11.11
C8A DGD YD . 18.72 9.96 -10.72
C9A DGD YD . 20.04 9.24 -10.89
CAA DGD YD . 20.21 8.16 -9.83
CBA DGD YD . 20.26 8.78 -8.45
CCA DGD YD . 21.43 9.75 -8.37
CDA DGD YD . 22.76 9.03 -8.53
CEA DGD YD . 23.03 8.14 -7.33
CFA DGD YD . 24.40 7.51 -7.41
CGA DGD YD . 24.51 6.58 -8.61
CHA DGD YD . 25.53 5.49 -8.32
CIA DGD YD . 26.88 6.11 -8.04
O1A DGD YD . 13.76 8.45 -16.65
C1B DGD YD . 16.15 4.30 -19.20
C2B DGD YD . 17.19 3.62 -20.04
C3B DGD YD . 18.48 3.61 -19.26
C4B DGD YD . 18.55 2.37 -18.38
C5B DGD YD . 19.01 2.74 -16.98
C6B DGD YD . 20.11 1.78 -16.59
C7B DGD YD . 19.91 1.31 -15.16
C8B DGD YD . 18.75 0.35 -15.08
C9B DGD YD . 18.99 -0.55 -13.88
CAB DGD YD . 17.69 -1.09 -13.33
CBB DGD YD . 17.96 -1.87 -12.05
CCB DGD YD . 18.63 -1.01 -10.99
CDB DGD YD . 19.02 -1.88 -9.82
CEB DGD YD . 19.59 -1.05 -8.68
CFB DGD YD . 20.29 -1.97 -7.68
CGB DGD YD . 20.91 -1.21 -6.53
CHB DGD YD . 21.71 -2.16 -5.67
CIB DGD YD . 22.03 -1.57 -4.33
O1B DGD YD . 16.33 4.50 -18.02
O1G DGD YD . 14.56 6.47 -17.51
C1G DGD YD . 14.00 6.72 -18.80
C2G DGD YD . 15.00 6.19 -19.80
O2G DGD YD . 14.93 4.79 -19.81
C3G DGD YD . 14.65 6.68 -21.19
O3G DGD YD . 15.21 5.74 -22.09
C1D DGD YD . 15.22 6.24 -23.41
C2D DGD YD . 15.26 5.06 -24.36
O2D DGD YD . 16.52 4.39 -24.21
C3D DGD YD . 15.13 5.52 -25.79
O3D DGD YD . 14.93 4.38 -26.64
C4D DGD YD . 13.94 6.45 -25.93
O4D DGD YD . 12.76 5.72 -25.57
C5D DGD YD . 14.09 7.59 -24.94
O5D DGD YD . 13.06 9.01 -26.50
C6D DGD YD . 12.98 8.59 -25.13
O6D DGD YD . 14.06 7.04 -23.63
C1E DGD YD . 12.20 10.09 -26.83
C2E DGD YD . 11.97 10.03 -28.32
O2E DGD YD . 11.47 8.74 -28.66
C3E DGD YD . 13.27 10.23 -29.07
O3E DGD YD . 13.01 10.32 -30.47
C4E DGD YD . 13.92 11.52 -28.60
O4E DGD YD . 13.08 12.63 -28.92
C5E DGD YD . 14.09 11.47 -27.10
O6E DGD YD . 12.81 11.33 -26.48
C6E DGD YD . 14.73 12.76 -26.65
O5E DGD YD . 15.93 12.93 -27.42
O1 LHG ZD . 30.28 -36.35 -42.65
C1 LHG ZD . 31.42 -35.64 -42.15
C2 LHG ZD . 31.34 -35.63 -40.63
O2 LHG ZD . 30.12 -36.28 -40.26
C3 LHG ZD . 31.30 -34.20 -40.13
O3 LHG ZD . 30.02 -33.66 -40.43
P LHG ZD . 29.07 -33.30 -39.18
O4 LHG ZD . 29.91 -32.63 -38.14
O5 LHG ZD . 27.81 -32.67 -39.72
O6 LHG ZD . 28.73 -34.79 -38.70
C4 LHG ZD . 27.53 -35.10 -38.00
C5 LHG ZD . 27.97 -35.78 -36.71
C6 LHG ZD . 28.31 -34.63 -35.77
O7 LHG ZD . 26.90 -36.52 -36.12
C7 LHG ZD . 27.24 -37.92 -35.96
O9 LHG ZD . 27.40 -38.62 -36.93
C8 LHG ZD . 27.36 -38.49 -34.56
C9 LHG ZD . 28.20 -39.76 -34.61
C10 LHG ZD . 28.23 -40.43 -33.25
O8 LHG ZD . 27.47 -34.75 -34.64
C23 LHG ZD . 26.33 -33.87 -34.56
O10 LHG ZD . 25.70 -33.64 -35.58
C24 LHG ZD . 25.92 -33.27 -33.24
C11 LHG ZD . 29.65 -40.83 -32.89
C12 LHG ZD . 29.65 -41.73 -31.66
C13 LHG ZD . 28.95 -43.06 -31.94
C14 LHG ZD . 29.13 -44.05 -30.80
C15 LHG ZD . 28.66 -45.46 -31.18
C25 LHG ZD . 26.04 -34.33 -32.15
C26 LHG ZD . 27.34 -34.17 -31.38
C27 LHG ZD . 28.29 -35.34 -31.56
C28 LHG ZD . 28.82 -35.75 -30.19
C29 LHG ZD . 30.23 -36.31 -30.32
C30 LHG ZD . 30.68 -36.93 -29.00
C31 LHG ZD . 29.82 -38.14 -28.67
C32 LHG ZD . 30.21 -38.74 -27.33
C33 LHG ZD . 29.42 -40.00 -27.04
C34 LHG ZD . 29.79 -40.61 -25.69
C1A DGD AE . 27.91 18.04 -16.95
C2A DGD AE . 28.30 18.26 -15.52
C3A DGD AE . 27.59 17.22 -14.65
C4A DGD AE . 28.57 16.10 -14.33
C5A DGD AE . 27.92 15.00 -13.52
C6A DGD AE . 28.80 13.76 -13.50
C7A DGD AE . 29.92 13.89 -12.48
C8A DGD AE . 29.75 12.81 -11.43
C9A DGD AE . 31.05 12.49 -10.71
CAA DGD AE . 30.89 11.24 -9.86
CBA DGD AE . 32.19 10.85 -9.17
CCA DGD AE . 31.96 9.65 -8.27
O1A DGD AE . 26.84 17.52 -17.22
C1B DGD AE . 29.63 21.77 -19.47
C2B DGD AE . 30.36 22.70 -18.53
C3B DGD AE . 29.37 23.22 -17.50
C4B DGD AE . 29.37 22.40 -16.22
C5B DGD AE . 28.41 23.04 -15.22
C6B DGD AE . 28.85 22.84 -13.77
C7B DGD AE . 28.79 21.38 -13.37
C8B DGD AE . 28.84 21.24 -11.86
C9B DGD AE . 30.22 21.64 -11.34
CAB DGD AE . 30.12 22.70 -10.26
CBB DGD AE . 29.79 22.08 -8.91
CCB DGD AE . 31.04 21.67 -8.16
CDB DGD AE . 30.68 21.17 -6.76
CEB DGD AE . 31.92 20.91 -5.91
CFB DGD AE . 32.71 22.20 -5.69
O1B DGD AE . 29.27 22.16 -20.57
O1G DGD AE . 28.80 18.45 -18.02
C1G DGD AE . 28.42 18.34 -19.39
C2G DGD AE . 29.12 19.48 -20.11
O2G DGD AE . 29.40 20.40 -19.06
C3G DGD AE . 30.42 18.96 -20.73
O3G DGD AE . 30.13 17.96 -21.72
C1D DGD AE . 31.26 17.52 -22.50
C2D DGD AE . 32.00 18.76 -23.02
O2D DGD AE . 31.85 18.82 -24.44
C3D DGD AE . 33.49 18.87 -22.69
O3D DGD AE . 33.71 20.15 -22.09
C4D DGD AE . 34.03 17.80 -21.75
O4D DGD AE . 33.72 18.17 -20.41
C5D DGD AE . 33.40 16.45 -22.09
O5D DGD AE . 35.32 15.52 -20.81
C6D DGD AE . 33.99 15.28 -21.31
O6D DGD AE . 32.03 16.58 -21.75
C1E DGD AE . 35.41 15.19 -19.42
C2E DGD AE . 36.35 16.18 -18.73
O2E DGD AE . 36.67 17.22 -19.67
C3E DGD AE . 37.65 15.64 -18.14
O3E DGD AE . 37.89 16.32 -16.90
C4E DGD AE . 37.64 14.15 -17.88
O4E DGD AE . 36.84 13.87 -16.73
C5E DGD AE . 37.04 13.41 -19.05
O6E DGD AE . 35.69 13.80 -19.19
C6E DGD AE . 37.07 11.94 -18.71
O5E DGD AE . 36.99 11.80 -17.28
MG CLA BE . 23.43 -44.84 -13.32
CHA CLA BE . 25.58 -47.18 -11.98
CHB CLA BE . 25.05 -42.40 -11.63
CHC CLA BE . 21.41 -42.54 -14.85
CHD CLA BE . 21.82 -47.42 -15.13
NA CLA BE . 25.02 -44.83 -11.99
C1A CLA BE . 25.81 -45.91 -11.55
C2A CLA BE . 26.87 -45.44 -10.58
C3A CLA BE . 26.50 -43.96 -10.32
C4A CLA BE . 25.46 -43.69 -11.38
CMA CLA BE . 25.95 -43.76 -8.93
CAA CLA BE . 28.28 -45.51 -11.16
CBA CLA BE . 28.33 -45.47 -12.67
CGA CLA BE . 28.28 -44.06 -13.21
O1A CLA BE . 28.26 -43.01 -12.58
O2A CLA BE . 28.25 -44.01 -14.58
NB CLA BE . 23.18 -42.86 -13.16
C1B CLA BE . 24.09 -42.05 -12.59
C2B CLA BE . 23.94 -40.68 -13.11
C3B CLA BE . 22.91 -40.71 -14.01
C4B CLA BE . 22.41 -42.10 -14.06
CMB CLA BE . 24.78 -39.57 -12.67
CAB CLA BE . 22.37 -39.66 -14.82
CBB CLA BE . 21.14 -39.16 -14.65
NC CLA BE . 21.86 -44.98 -14.68
C1C CLA BE . 21.14 -43.91 -15.13
C2C CLA BE . 20.10 -44.35 -16.03
C3C CLA BE . 20.25 -45.72 -16.16
C4C CLA BE . 21.36 -46.11 -15.31
CMC CLA BE . 19.13 -43.49 -16.69
CAC CLA BE . 19.42 -46.62 -16.97
CBC CLA BE . 20.03 -46.84 -18.33
ND CLA BE . 23.60 -46.83 -13.55
C1D CLA BE . 22.87 -47.77 -14.31
C2D CLA BE . 23.44 -49.10 -14.10
C3D CLA BE . 24.49 -48.94 -13.22
C4D CLA BE . 24.55 -47.51 -12.91
CMD CLA BE . 22.96 -50.32 -14.73
CAD CLA BE . 25.55 -49.57 -12.49
OBD CLA BE . 25.88 -50.75 -12.48
CBD CLA BE . 26.27 -48.48 -11.67
CGD CLA BE . 26.20 -48.82 -10.22
O1D CLA BE . 25.37 -49.56 -9.68
O2D CLA BE . 27.17 -48.27 -9.47
CED CLA BE . 27.46 -48.92 -8.23
C1 CLA BE . 28.18 -42.70 -15.19
C2 CLA BE . 26.78 -42.44 -15.59
C3 CLA BE . 26.41 -41.52 -16.51
C4 CLA BE . 27.40 -40.68 -17.19
C5 CLA BE . 24.97 -41.30 -16.86
C6 CLA BE . 24.47 -42.18 -17.98
C7 CLA BE . 23.84 -43.45 -17.42
C8 CLA BE . 24.66 -44.68 -17.77
C9 CLA BE . 23.90 -45.51 -18.78
C10 CLA BE . 24.96 -45.53 -16.54
C11 CLA BE . 26.39 -46.01 -16.57
C12 CLA BE . 26.59 -47.28 -15.78
C13 CLA BE . 28.07 -47.59 -15.62
C14 CLA BE . 28.72 -47.79 -16.98
C15 CLA BE . 28.30 -48.81 -14.75
C16 CLA BE . 29.72 -48.84 -14.20
C17 CLA BE . 29.95 -50.04 -13.32
C18 CLA BE . 30.81 -49.70 -12.12
C19 CLA BE . 32.14 -49.12 -12.54
C20 CLA BE . 31.01 -50.92 -11.24
O6 SQD CE . 29.87 26.91 -18.44
C44 SQD CE . 31.06 27.31 -17.77
C45 SQD CE . 30.85 27.32 -16.27
C46 SQD CE . 31.69 26.22 -15.63
O47 SQD CE . 31.33 28.55 -15.76
C7 SQD CE . 30.31 29.55 -15.47
O49 SQD CE . 29.14 29.28 -15.62
C8 SQD CE . 30.71 30.92 -14.98
C9 SQD CE . 32.19 31.17 -15.31
C10 SQD CE . 33.06 30.81 -14.12
C11 SQD CE . 32.64 31.67 -12.93
C12 SQD CE . 33.14 31.09 -11.63
C13 SQD CE . 32.36 31.70 -10.46
C14 SQD CE . 32.97 31.28 -9.13
C15 SQD CE . 34.35 31.86 -8.96
C16 SQD CE . 35.39 30.77 -8.74
C17 SQD CE . 35.07 29.99 -7.48
C18 SQD CE . 35.99 28.79 -7.40
C19 SQD CE . 35.75 28.03 -6.10
O48 SQD CE . 31.61 26.35 -14.22
C23 SQD CE . 32.79 26.39 -13.38
O10 SQD CE . 33.87 26.61 -13.90
C24 SQD CE . 32.66 26.17 -11.89
C25 SQD CE . 34.00 26.14 -11.18
C26 SQD CE . 34.85 24.94 -11.59
C27 SQD CE . 34.02 23.67 -11.75
C28 SQD CE . 34.70 22.70 -12.71
C29 SQD CE . 34.36 23.02 -14.16
C30 SQD CE . 33.12 22.23 -14.60
C31 SQD CE . 33.51 20.94 -15.31
C32 SQD CE . 34.08 21.23 -16.69
C33 SQD CE . 34.23 19.96 -17.52
C34 SQD CE . 35.53 19.96 -18.31
C35 SQD CE . 36.75 20.00 -17.40
C36 SQD CE . 38.03 19.74 -18.20
C37 SQD CE . 38.16 20.69 -19.38
C38 SQD CE . 38.61 19.95 -20.63
C1 SQD CE . 29.00 28.03 -18.60
C2 SQD CE . 28.92 28.51 -20.05
O2 SQD CE . 30.22 28.86 -20.53
C3 SQD CE . 28.04 29.74 -20.12
O3 SQD CE . 27.86 30.12 -21.49
C4 SQD CE . 26.69 29.45 -19.47
O4 SQD CE . 25.94 30.66 -19.40
C5 SQD CE . 26.91 28.90 -18.06
C6 SQD CE . 25.61 28.63 -17.32
O5 SQD CE . 27.70 27.71 -18.11
S SQD CE . 25.92 28.64 -15.70
O7 SQD CE . 26.64 27.46 -15.32
O8 SQD CE . 26.80 29.96 -15.32
O9 SQD CE . 24.69 28.69 -14.96
C1 BCR DE . 60.99 13.65 0.57
C2 BCR DE . 60.35 13.75 1.95
C3 BCR DE . 59.89 12.40 2.47
C4 BCR DE . 58.91 11.77 1.50
C5 BCR DE . 59.55 11.72 0.14
C6 BCR DE . 60.13 12.81 -0.34
C7 BCR DE . 59.97 13.20 -1.74
C8 BCR DE . 58.76 13.50 -2.19
C9 BCR DE . 58.52 13.92 -3.58
C10 BCR DE . 57.28 14.28 -3.93
C11 BCR DE . 56.91 14.73 -5.26
C33 BCR DE . 59.58 10.45 -0.65
C31 BCR DE . 62.37 13.01 0.66
C32 BCR DE . 61.11 15.03 -0.06
C34 BCR DE . 59.64 13.95 -4.58
C12 BCR DE . 55.63 14.66 -5.60
C13 BCR DE . 55.13 15.14 -6.89
C14 BCR DE . 53.83 14.98 -7.17
C15 BCR DE . 53.22 15.48 -8.40
C16 BCR DE . 51.90 15.41 -8.48
C17 BCR DE . 51.15 15.93 -9.62
C18 BCR DE . 49.82 15.79 -9.61
C19 BCR DE . 48.97 16.36 -10.69
C20 BCR DE . 48.19 15.75 -11.56
C21 BCR DE . 47.47 16.70 -12.41
C22 BCR DE . 46.24 16.44 -12.87
C23 BCR DE . 45.54 17.47 -13.67
C24 BCR DE . 44.50 17.16 -14.42
C25 BCR DE . 43.78 18.20 -15.17
C26 BCR DE . 44.40 19.13 -15.91
C27 BCR DE . 43.83 20.53 -15.98
C28 BCR DE . 42.34 20.46 -16.18
C29 BCR DE . 41.71 19.61 -15.09
C30 BCR DE . 42.28 18.20 -15.05
C35 BCR DE . 56.05 15.80 -7.87
C36 BCR DE . 49.15 15.12 -8.45
C37 BCR DE . 45.56 15.17 -12.52
C38 BCR DE . 45.62 18.81 -16.71
C39 BCR DE . 41.73 17.34 -16.16
C40 BCR DE . 41.95 17.55 -13.71
FE1 SF4 EE . -4.54 9.89 -31.35
FE2 SF4 EE . -5.17 10.99 -33.58
FE3 SF4 EE . -3.90 8.75 -33.58
FE4 SF4 EE . -2.70 10.90 -32.82
S1 SF4 EE . -3.46 10.48 -34.80
S2 SF4 EE . -2.65 8.98 -31.85
S3 SF4 EE . -4.31 11.97 -31.88
S4 SF4 EE . -5.89 9.10 -32.84
FE1 SF4 FE . -6.92 2.11 -41.50
FE2 SF4 FE . -7.74 4.58 -41.63
FE3 SF4 FE . -9.19 2.60 -42.49
FE4 SF4 FE . -7.06 3.41 -43.76
S1 SF4 FE . -8.87 4.51 -43.47
S2 SF4 FE . -7.65 1.37 -43.39
S3 SF4 FE . -5.77 3.84 -42.08
S4 SF4 FE . -8.59 2.99 -40.46
C1 BCR GE . 1.14 -42.52 -9.12
C2 BCR GE . 1.62 -43.17 -7.85
C3 BCR GE . 1.81 -42.11 -6.78
C4 BCR GE . 0.50 -41.45 -6.41
C5 BCR GE . -0.42 -41.41 -7.60
C6 BCR GE . 0.04 -41.55 -8.84
C7 BCR GE . -0.54 -40.81 -9.97
C8 BCR GE . -0.51 -39.48 -9.98
C9 BCR GE . -1.05 -38.70 -11.11
C10 BCR GE . -1.07 -37.37 -11.02
C11 BCR GE . -1.56 -36.48 -12.08
C33 BCR GE . -1.89 -41.21 -7.36
C31 BCR GE . 0.65 -43.55 -10.11
C32 BCR GE . 2.28 -41.73 -9.73
C34 BCR GE . -1.58 -39.38 -12.33
C12 BCR GE . -1.70 -35.20 -11.78
C13 BCR GE . -2.14 -34.21 -12.77
C14 BCR GE . -2.04 -32.91 -12.45
C15 BCR GE . -2.39 -31.82 -13.36
C16 BCR GE . -2.15 -30.59 -12.95
C17 BCR GE . -2.42 -29.43 -13.79
C18 BCR GE . -2.08 -28.21 -13.35
C19 BCR GE . -2.31 -27.02 -14.20
C20 BCR GE . -1.51 -25.97 -14.06
C21 BCR GE . -1.68 -24.78 -14.91
C22 BCR GE . -0.82 -23.77 -14.78
C23 BCR GE . -0.92 -22.56 -15.62
C24 BCR GE . 0.10 -22.31 -16.41
C25 BCR GE . 0.22 -21.15 -17.32
C26 BCR GE . -0.49 -21.02 -18.44
C27 BCR GE . 0.10 -20.36 -19.65
C28 BCR GE . 0.79 -19.08 -19.20
C29 BCR GE . 1.84 -19.42 -18.16
C30 BCR GE . 1.23 -20.10 -16.94
C35 BCR GE . -2.68 -34.65 -14.09
C36 BCR GE . -1.48 -28.05 -12.00
C37 BCR GE . 0.27 -23.85 -13.77
C38 BCR GE . -1.90 -21.53 -18.55
C39 BCR GE . 0.55 -19.09 -16.05
C40 BCR GE . 2.34 -20.78 -16.15
MG CLA HE . -7.14 -38.82 -14.46
CHA CLA HE . -8.22 -41.38 -16.48
CHB CLA HE . -6.05 -41.09 -12.19
CHC CLA HE . -6.09 -36.23 -12.47
CHD CLA HE . -8.25 -36.49 -16.88
NA CLA HE . -7.16 -40.90 -14.38
C1A CLA HE . -7.65 -41.80 -15.32
C2A CLA HE . -7.46 -43.23 -14.87
C3A CLA HE . -6.83 -43.09 -13.48
C4A CLA HE . -6.65 -41.59 -13.32
CMA CLA HE . -7.74 -43.61 -12.41
CAA CLA HE . -6.52 -43.99 -15.78
CBA CLA HE . -6.15 -45.34 -15.20
CGA CLA HE . -6.33 -46.43 -16.21
O1A CLA HE . -5.94 -47.59 -16.15
O2A CLA HE . -7.01 -46.04 -17.33
NB CLA HE . -6.33 -38.69 -12.63
C1B CLA HE . -5.84 -39.73 -11.93
C2B CLA HE . -5.03 -39.24 -10.79
C3B CLA HE . -5.03 -37.88 -10.87
C4B CLA HE . -5.86 -37.50 -12.04
CMB CLA HE . -4.35 -40.11 -9.85
CAB CLA HE . -4.38 -36.92 -10.03
CBB CLA HE . -4.99 -36.20 -9.09
NC CLA HE . -7.18 -36.75 -14.66
C1C CLA HE . -6.69 -35.89 -13.72
C2C CLA HE . -6.87 -34.53 -14.18
C3C CLA HE . -7.46 -34.59 -15.43
C4C CLA HE . -7.66 -36.00 -15.72
CMC CLA HE . -6.45 -33.35 -13.43
CAC CLA HE . -7.83 -33.46 -16.28
CBC CLA HE . -9.30 -33.17 -16.23
ND CLA HE . -7.94 -38.86 -16.30
C1D CLA HE . -8.39 -37.82 -17.16
C2D CLA HE . -9.00 -38.44 -18.36
C3D CLA HE . -8.96 -39.81 -18.15
C4D CLA HE . -8.31 -40.01 -16.84
CMD CLA HE . -9.54 -37.70 -19.49
CAD CLA HE . -9.25 -41.11 -18.68
OBD CLA HE . -9.71 -41.43 -19.76
CBD CLA HE . -8.86 -42.14 -17.60
CGD CLA HE . -10.08 -42.86 -17.09
O1D CLA HE . -10.50 -42.92 -15.94
O2D CLA HE . -10.77 -43.51 -18.06
CED CLA HE . -10.43 -44.88 -18.27
C1 BCR IE . 2.00 -36.22 -26.41
C2 BCR IE . 0.95 -36.75 -25.46
C3 BCR IE . 1.60 -37.66 -24.44
C4 BCR IE . 2.06 -38.93 -25.13
C5 BCR IE . 2.73 -38.52 -26.41
C6 BCR IE . 3.06 -37.25 -26.60
C7 BCR IE . 4.43 -36.87 -27.02
C8 BCR IE . 5.53 -37.21 -26.34
C9 BCR IE . 6.85 -36.82 -26.86
C10 BCR IE . 7.97 -36.90 -26.12
C11 BCR IE . 9.24 -36.51 -26.70
C33 BCR IE . 2.98 -39.53 -27.48
C31 BCR IE . 2.64 -34.97 -25.82
C32 BCR IE . 1.36 -35.93 -27.76
C34 BCR IE . 6.97 -36.33 -28.27
C12 BCR IE . 10.41 -36.77 -26.11
C13 BCR IE . 11.63 -36.32 -26.81
C14 BCR IE . 12.84 -36.37 -26.26
C15 BCR IE . 13.08 -36.90 -24.93
C16 BCR IE . 14.28 -36.87 -24.36
C17 BCR IE . 14.39 -37.45 -23.03
C18 BCR IE . 15.53 -37.72 -22.39
C19 BCR IE . 15.42 -38.34 -21.07
C20 BCR IE . 16.42 -38.67 -20.26
C21 BCR IE . 15.97 -39.29 -19.03
C22 BCR IE . 16.74 -39.77 -18.06
C23 BCR IE . 16.06 -40.38 -16.91
C24 BCR IE . 16.70 -41.01 -15.93
C25 BCR IE . 15.94 -41.59 -14.80
C26 BCR IE . 15.14 -42.62 -15.01
C27 BCR IE . 13.87 -42.82 -14.21
C28 BCR IE . 13.91 -42.08 -12.88
C29 BCR IE . 15.33 -41.85 -12.41
C30 BCR IE . 16.10 -41.02 -13.43
C35 BCR IE . 11.48 -35.79 -28.19
C36 BCR IE . 16.87 -37.44 -23.00
C37 BCR IE . 18.24 -39.72 -18.15
C38 BCR IE . 15.50 -43.64 -16.04
C39 BCR IE . 17.57 -41.04 -13.06
C40 BCR IE . 15.60 -39.59 -13.43
MG CLA JE . 70.01 -19.39 -23.70
CHA CLA JE . 72.25 -22.03 -23.76
CHB CLA JE . 70.84 -18.61 -26.88
CHC CLA JE . 67.75 -16.81 -23.59
CHD CLA JE . 69.34 -20.12 -20.32
NA CLA JE . 71.31 -20.24 -25.09
C1A CLA JE . 72.15 -21.34 -24.94
C2A CLA JE . 72.93 -21.61 -26.21
C3A CLA JE . 72.50 -20.47 -27.15
C4A CLA JE . 71.45 -19.72 -26.34
CMA CLA JE . 73.66 -19.56 -27.46
CAA CLA JE . 72.49 -22.91 -26.82
CBA CLA JE . 73.30 -23.21 -28.07
CGA CLA JE . 72.48 -23.92 -29.09
O1A CLA JE . 71.49 -24.63 -28.94
O2A CLA JE . 72.96 -23.74 -30.36
NB CLA JE . 69.37 -18.00 -25.00
C1B CLA JE . 69.88 -17.82 -26.25
C2B CLA JE . 69.26 -16.62 -26.86
C3B CLA JE . 68.38 -16.10 -25.94
C4B CLA JE . 68.44 -16.98 -24.74
CMB CLA JE . 69.61 -16.13 -28.20
CAB CLA JE . 67.54 -14.95 -26.02
CBB CLA JE . 67.87 -13.75 -25.54
NC CLA JE . 68.75 -18.63 -22.23
C1C CLA JE . 67.89 -17.59 -22.40
C2C CLA JE . 67.15 -17.34 -21.18
C3C CLA JE . 67.63 -18.26 -20.24
C4C CLA JE . 68.62 -19.06 -20.91
CMC CLA JE . 66.13 -16.30 -21.01
CAC CLA JE . 67.20 -18.39 -18.84
CBC CLA JE . 66.33 -19.59 -18.60
ND CLA JE . 70.59 -20.75 -22.32
C1D CLA JE . 70.26 -20.91 -20.96
C2D CLA JE . 71.03 -22.04 -20.42
C3D CLA JE . 71.79 -22.52 -21.45
C4D CLA JE . 71.50 -21.66 -22.61
CMD CLA JE . 70.95 -22.52 -19.04
CAD CLA JE . 72.79 -23.48 -21.87
OBD CLA JE . 73.35 -24.35 -21.22
CBD CLA JE . 73.11 -23.19 -23.35
CGD CLA JE . 74.56 -22.84 -23.46
O1D CLA JE . 75.25 -22.29 -22.60
O2D CLA JE . 75.11 -23.18 -24.64
CED CLA JE . 76.53 -23.06 -24.78
C1 CLA JE . 72.18 -24.28 -31.45
C2 CLA JE . 73.00 -25.33 -32.10
C3 CLA JE . 72.71 -25.82 -33.31
C4 CLA JE . 73.55 -26.86 -33.94
C5 CLA JE . 71.52 -25.34 -34.08
MG CLA KE . 70.89 -20.32 -42.27
CHA CLA KE . 71.53 -16.93 -42.35
CHB CLA KE . 69.13 -19.91 -39.39
CHC CLA KE . 70.36 -23.71 -42.17
CHD CLA KE . 72.76 -20.71 -45.23
NA CLA KE . 70.39 -18.66 -41.10
C1A CLA KE . 70.75 -17.33 -41.31
C2A CLA KE . 70.17 -16.44 -40.22
C3A CLA KE . 69.43 -17.42 -39.30
C4A CLA KE . 69.64 -18.77 -39.97
CMA CLA KE . 70.06 -17.44 -37.93
CAA CLA KE . 69.11 -15.58 -40.85
CBA CLA KE . 68.33 -14.91 -39.75
CGA CLA KE . 69.29 -14.10 -38.94
O1A CLA KE . 70.05 -13.22 -39.33
O2A CLA KE . 69.28 -14.44 -37.61
NB CLA KE . 69.82 -21.55 -41.09
C1B CLA KE . 69.32 -21.20 -39.89
C2B CLA KE . 68.98 -22.40 -39.10
C3B CLA KE . 69.33 -23.49 -39.86
C4B CLA KE . 69.87 -22.96 -41.14
CMB CLA KE . 68.43 -22.31 -37.76
CAB CLA KE . 69.25 -24.89 -39.56
CBB CLA KE . 70.14 -25.50 -38.78
NC CLA KE . 71.44 -21.90 -43.51
C1C CLA KE . 71.09 -23.21 -43.28
C2C CLA KE . 71.62 -24.05 -44.35
C3C CLA KE . 72.32 -23.21 -45.19
C4C CLA KE . 72.20 -21.86 -44.67
CMC CLA KE . 71.42 -25.48 -44.45
CAC CLA KE . 73.01 -23.61 -46.42
CBC CLA KE . 72.09 -23.52 -47.62
ND CLA KE . 71.96 -19.16 -43.51
C1D CLA KE . 72.65 -19.43 -44.72
C2D CLA KE . 73.24 -18.18 -45.22
C3D CLA KE . 72.88 -17.19 -44.32
C4D CLA KE . 72.05 -17.86 -43.30
CMD CLA KE . 74.08 -18.06 -46.40
CAD CLA KE . 72.99 -15.81 -43.96
OBD CLA KE . 73.69 -14.93 -44.44
CBD CLA KE . 72.04 -15.58 -42.75
CGD CLA KE . 72.77 -14.93 -41.62
O1D CLA KE . 72.35 -14.03 -40.87
O2D CLA KE . 74.01 -15.42 -41.41
CED CLA KE . 74.79 -14.77 -40.41
C1 CLA KE . 70.40 -14.02 -36.81
C1 BCR LE . 60.41 -20.19 -20.04
C2 BCR LE . 60.55 -20.91 -18.71
C3 BCR LE . 62.01 -21.18 -18.41
C4 BCR LE . 62.74 -19.86 -18.21
C5 BCR LE . 62.43 -18.95 -19.36
C6 BCR LE . 61.61 -19.34 -20.33
C7 BCR LE . 61.76 -18.91 -21.73
C8 BCR LE . 62.88 -19.08 -22.41
C9 BCR LE . 62.95 -18.66 -23.82
C10 BCR LE . 64.12 -18.45 -24.40
C11 BCR LE . 64.22 -18.07 -25.81
C33 BCR LE . 63.04 -17.58 -19.38
C31 BCR LE . 59.20 -19.26 -20.04
C32 BCR LE . 60.29 -21.21 -21.15
C34 BCR LE . 61.68 -18.51 -24.60
C12 BCR LE . 65.36 -18.39 -26.42
C13 BCR LE . 65.66 -18.12 -27.83
C14 BCR LE . 66.81 -18.59 -28.31
C15 BCR LE . 67.23 -18.41 -29.70
C16 BCR LE . 68.30 -19.06 -30.12
C17 BCR LE . 68.74 -18.92 -31.49
C18 BCR LE . 69.82 -19.57 -31.92
C19 BCR LE . 70.26 -19.42 -33.32
C20 BCR LE . 71.22 -20.19 -33.80
C21 BCR LE . 71.63 -20.04 -35.20
C22 BCR LE . 72.50 -20.92 -35.73
C23 BCR LE . 72.92 -20.79 -37.14
C24 BCR LE . 74.01 -21.45 -37.53
C25 BCR LE . 74.52 -21.42 -38.91
C26 BCR LE . 74.75 -20.28 -39.56
C27 BCR LE . 74.65 -20.19 -41.06
C28 BCR LE . 74.15 -21.51 -41.62
C29 BCR LE . 74.94 -22.66 -41.04
C30 BCR LE . 74.82 -22.76 -39.53
C35 BCR LE . 64.69 -17.36 -28.68
C36 BCR LE . 70.59 -20.46 -31.00
C37 BCR LE . 73.05 -22.04 -34.90
C38 BCR LE . 75.17 -19.04 -38.83
C39 BCR LE . 76.11 -23.28 -38.95
C40 BCR LE . 73.70 -23.74 -39.18
MG CLA ME . 10.47 52.89 13.19
CHA CLA ME . 7.50 54.62 13.38
CHB CLA ME . 8.86 50.02 13.92
CHC CLA ME . 13.47 51.24 12.99
CHD CLA ME . 12.17 55.97 12.77
NA CLA ME . 8.48 52.42 13.55
C1A CLA ME . 7.39 53.28 13.60
C2A CLA ME . 6.10 52.53 13.93
C3A CLA ME . 6.61 51.10 14.19
C4A CLA ME . 8.08 51.15 13.85
CMA CLA ME . 6.43 50.75 15.64
CAA CLA ME . 5.16 52.56 12.74
CBA CLA ME . 4.46 51.23 12.53
CGA CLA ME . 3.28 51.09 13.46
O1A CLA ME . 3.28 50.91 14.68
O2A CLA ME . 2.08 51.17 12.81
NB CLA ME . 11.05 51.00 13.44
C1B CLA ME . 10.24 49.94 13.66
C2B CLA ME . 11.03 48.68 13.61
C3B CLA ME . 12.32 49.04 13.34
C4B CLA ME . 12.36 50.52 13.23
CMB CLA ME . 10.45 47.36 13.80
CAB CLA ME . 13.52 48.26 13.19
CBB CLA ME . 13.62 47.16 12.46
NC CLA ME . 12.44 53.49 12.88
C1C CLA ME . 13.51 52.64 12.82
C2C CLA ME . 14.73 53.38 12.61
C3C CLA ME . 14.38 54.71 12.59
C4C CLA ME . 12.94 54.78 12.78
CMC CLA ME . 16.04 52.77 12.46
CAC CLA ME . 15.31 55.84 12.39
CBC CLA ME . 15.41 56.21 10.93
ND CLA ME . 10.01 54.83 12.93
C1D CLA ME . 10.80 55.99 12.83
C2D CLA ME . 9.92 57.18 12.78
C3D CLA ME . 8.62 56.70 12.91
C4D CLA ME . 8.75 55.24 13.07
CMD CLA ME . 10.39 58.53 12.59
CAD CLA ME . 7.22 57.02 12.96
OBD CLA ME . 6.63 58.05 12.69
CBD CLA ME . 6.49 55.73 13.43
CGD CLA ME . 6.05 55.88 14.84
O1D CLA ME . 6.77 55.94 15.84
O2D CLA ME . 4.70 55.95 15.01
CED CLA ME . 4.19 55.63 16.30
C1 CLA ME . 1.23 50.00 12.90
MG CLA NE . 26.50 48.24 7.42
CHA CLA NE . 26.63 51.31 5.86
CHB CLA NE . 29.57 47.50 6.18
CHC CLA NE . 26.40 45.29 9.13
CHD CLA NE . 23.35 49.11 8.76
NA CLA NE . 27.86 49.26 6.21
C1A CLA NE . 27.72 50.53 5.67
C2A CLA NE . 28.96 50.91 4.88
C3A CLA NE . 29.83 49.65 4.91
C4A CLA NE . 29.05 48.72 5.84
CMA CLA NE . 30.03 49.13 3.51
CAA CLA NE . 29.70 51.98 5.66
NB CLA NE . 27.71 46.64 7.55
C1B CLA NE . 28.96 46.58 7.04
C2B CLA NE . 29.65 45.37 7.58
C3B CLA NE . 28.77 44.75 8.42
C4B CLA NE . 27.52 45.54 8.41
CMB CLA NE . 31.01 45.03 7.25
CAB CLA NE . 28.94 43.56 9.21
CBB CLA NE . 28.40 42.39 8.90
NC CLA NE . 25.11 47.35 8.67
C1C CLA NE . 25.27 46.12 9.25
C2C CLA NE . 24.11 45.81 10.06
C3C CLA NE . 23.26 46.89 9.98
C4C CLA NE . 23.89 47.87 9.10
CMC CLA NE . 23.94 44.58 10.83
CAC CLA NE . 21.96 47.03 10.64
CBC CLA NE . 22.12 47.70 11.98
ND CLA NE . 25.25 49.82 7.39
C1D CLA NE . 23.97 50.04 7.96
C2D CLA NE . 23.50 51.36 7.56
C3D CLA NE . 24.46 51.89 6.74
C4D CLA NE . 25.53 50.89 6.66
CMD CLA NE . 22.22 51.94 7.97
CAD CLA NE . 24.87 53.03 5.94
OBD CLA NE . 24.29 54.09 5.73
CBD CLA NE . 26.25 52.67 5.33
CGD CLA NE . 26.15 52.64 3.83
O1D CLA NE . 26.35 51.67 3.10
O2D CLA NE . 25.79 53.82 3.28
CED CLA NE . 26.63 54.95 3.47
MG CLA OE . 30.69 29.62 22.06
CHA CLA OE . 33.44 31.50 22.99
CHB CLA OE . 29.81 29.31 25.32
CHC CLA OE . 27.90 27.88 21.09
CHD CLA OE . 31.63 29.99 18.68
NA CLA OE . 31.53 30.29 23.85
C1A CLA OE . 32.68 31.06 24.02
C2A CLA OE . 32.93 31.32 25.51
C3A CLA OE . 31.81 30.53 26.22
C4A CLA OE . 30.97 30.00 25.06
CMA CLA OE . 32.36 29.42 27.07
CAA CLA OE . 32.89 32.79 25.88
CBA CLA OE . 31.46 33.24 26.06
CGA CLA OE . 30.98 33.71 24.74
O1A CLA OE . 31.25 34.75 24.14
O2A CLA OE . 30.15 32.80 24.15
NB CLA OE . 29.19 28.70 23.02
C1B CLA OE . 28.96 28.77 24.35
C2B CLA OE . 27.63 28.21 24.66
C3B CLA OE . 27.08 27.81 23.47
C4B CLA OE . 28.07 28.12 22.41
CMB CLA OE . 27.08 28.16 26.00
CAB CLA OE . 25.82 27.21 23.20
CBB CLA OE . 25.68 25.92 22.94
NC CLA OE . 29.93 29.02 20.22
C1C CLA OE . 28.78 28.31 20.06
C2C CLA OE . 28.56 28.04 18.64
C3C CLA OE . 29.59 28.66 17.95
C4C CLA OE . 30.46 29.27 18.94
CMC CLA OE . 27.44 27.31 18.09
CAC CLA OE . 29.77 28.67 16.50
CBC CLA OE . 29.08 29.86 15.89
ND CLA OE . 32.14 30.53 21.02
C1D CLA OE . 32.43 30.58 19.63
C2D CLA OE . 33.65 31.38 19.43
C3D CLA OE . 34.08 31.75 20.68
C4D CLA OE . 33.11 31.20 21.63
CMD CLA OE . 34.23 31.65 18.12
CAD CLA OE . 35.07 32.48 21.45
OBD CLA OE . 36.03 33.14 21.07
CBD CLA OE . 34.72 32.29 22.95
CGD CLA OE . 35.82 31.54 23.65
O1D CLA OE . 35.76 30.41 24.13
O2D CLA OE . 36.99 32.22 23.73
CED CLA OE . 38.19 31.46 23.59
C1 CLA OE . 29.94 32.96 22.73
C1 LMG PE . 26.71 33.97 -11.71
O1 LMG PE . 27.17 34.41 -10.44
C2 LMG PE . 25.18 33.93 -11.69
O2 LMG PE . 24.72 33.08 -10.64
C3 LMG PE . 24.68 33.39 -13.02
O3 LMG PE . 23.25 33.38 -13.04
C4 LMG PE . 25.21 34.30 -14.12
O4 LMG PE . 24.66 35.60 -13.93
C5 LMG PE . 26.74 34.38 -14.04
O5 LMG PE . 28.72 35.09 -15.23
C6 LMG PE . 27.29 35.27 -15.12
O6 LMG PE . 27.14 34.84 -12.75
C7 LMG PE . 28.39 33.79 -10.01
C8 LMG PE . 28.21 33.44 -8.55
C9 LMG PE . 27.10 32.43 -8.52
O7 LMG PE . 29.36 32.79 -8.02
C10 LMG PE . 29.41 32.94 -6.57
O9 LMG PE . 28.75 33.82 -6.05
C11 LMG PE . 30.23 32.00 -5.72
C12 LMG PE . 30.57 32.64 -4.39
C13 LMG PE . 30.81 31.58 -3.31
C14 LMG PE . 31.92 30.61 -3.69
C15 LMG PE . 32.09 29.53 -2.62
C16 LMG PE . 33.41 28.78 -2.79
C17 LMG PE . 33.49 27.58 -1.83
C18 LMG PE . 34.79 27.58 -1.04
C19 LMG PE . 35.29 26.15 -0.84
C20 LMG PE . 35.28 25.72 0.62
C21 LMG PE . 36.60 26.03 1.33
C22 LMG PE . 36.61 25.44 2.74
C23 LMG PE . 37.88 25.82 3.49
O8 LMG PE . 27.64 31.15 -8.84
C28 LMG PE . 26.76 30.06 -9.18
O10 LMG PE . 26.19 30.07 -10.25
C29 LMG PE . 26.54 28.93 -8.19
C30 LMG PE . 25.67 29.45 -7.07
C31 LMG PE . 25.92 28.68 -5.78
C32 LMG PE . 26.73 29.49 -4.78
C33 LMG PE . 26.09 29.32 -3.42
C34 LMG PE . 27.14 29.30 -2.31
C35 LMG PE . 26.61 28.49 -1.13
C36 LMG PE . 27.52 28.63 0.09
C37 LMG PE . 27.26 27.56 1.14
C38 LMG PE . 26.13 27.93 2.08
C39 LMG PE . 26.06 26.92 3.21
C40 LMG PE . 25.01 27.29 4.26
C41 LMG PE . 25.01 26.30 5.42
MG CLA QE . 3.27 44.94 9.94
CHA CLA QE . 6.03 46.73 10.97
CHB CLA QE . 4.47 42.20 11.54
CHC CLA QE . 0.39 43.28 9.14
CHD CLA QE . 2.04 47.83 8.34
NA CLA QE . 4.98 44.56 11.06
C1A CLA QE . 6.00 45.44 11.40
C2A CLA QE . 7.01 44.75 12.28
C3A CLA QE . 6.62 43.27 12.21
C4A CLA QE . 5.24 43.33 11.60
CMA CLA QE . 7.54 42.49 11.34
CAA CLA QE . 6.61 45.05 13.71
CBA CLA QE . 6.93 46.44 14.21
NB CLA QE . 2.57 43.09 10.25
C1B CLA QE . 3.20 42.12 10.95
C2B CLA QE . 2.36 40.89 10.97
C3B CLA QE . 1.21 41.20 10.29
C4B CLA QE . 1.33 42.61 9.83
CMB CLA QE . 2.79 39.68 11.65
CAB CLA QE . 0.04 40.43 10.00
CBB CLA QE . -0.32 39.30 10.62
NC CLA QE . 1.55 45.46 8.92
C1C CLA QE . 0.49 44.63 8.72
C2C CLA QE . -0.56 45.33 8.01
C3C CLA QE . -0.10 46.61 7.76
C4C CLA QE . 1.23 46.69 8.35
CMC CLA QE . -1.84 44.74 7.64
CAC CLA QE . -0.83 47.68 7.11
CBC CLA QE . -1.59 48.48 8.15
ND CLA QE . 3.85 46.85 9.65
C1D CLA QE . 3.28 47.92 8.95
C2D CLA QE . 4.19 49.07 9.00
C3D CLA QE . 5.27 48.65 9.75
C4D CLA QE . 5.01 47.27 10.14
CMD CLA QE . 3.96 50.36 8.37
CAD CLA QE . 6.53 49.03 10.29
OBD CLA QE . 7.13 50.08 10.16
CBD CLA QE . 7.06 47.81 11.07
CGD CLA QE . 8.32 47.36 10.40
O1D CLA QE . 8.54 46.26 9.92
O2D CLA QE . 9.29 48.30 10.31
CED CLA QE . 9.93 48.43 9.04
C1 BCR RE . 32.27 10.48 -0.67
C2 BCR RE . 33.42 10.26 0.30
C3 BCR RE . 34.43 11.39 0.30
C4 BCR RE . 33.73 12.70 0.54
C5 BCR RE . 32.77 12.86 -0.58
C6 BCR RE . 31.87 11.92 -0.80
C7 BCR RE . 30.47 12.27 -1.16
C8 BCR RE . 29.72 12.97 -0.32
C9 BCR RE . 28.34 13.34 -0.67
C10 BCR RE . 27.46 13.61 0.29
C11 BCR RE . 26.07 13.99 0.00
C33 BCR RE . 32.83 14.06 -1.49
C31 BCR RE . 31.07 9.69 -0.19
C32 BCR RE . 32.70 10.03 -2.05
C34 BCR RE . 27.91 13.40 -2.10
C12 BCR RE . 25.36 14.46 1.03
C13 BCR RE . 23.96 14.90 0.94
C14 BCR RE . 23.45 15.54 2.00
C15 BCR RE . 22.08 16.03 2.06
C16 BCR RE . 21.76 16.75 3.12
C17 BCR RE . 20.42 17.29 3.33
C18 BCR RE . 20.17 17.94 4.47
C19 BCR RE . 18.83 18.49 4.75
C20 BCR RE . 18.33 18.31 5.97
C21 BCR RE . 17.01 18.80 6.37
C22 BCR RE . 16.30 18.04 7.19
C23 BCR RE . 14.95 18.46 7.65
C24 BCR RE . 14.07 17.49 7.85
C25 BCR RE . 12.67 17.63 8.31
C26 BCR RE . 11.70 18.03 7.49
C27 BCR RE . 10.33 17.47 7.64
C28 BCR RE . 10.43 16.26 8.51
C29 BCR RE . 10.95 16.70 9.86
C30 BCR RE . 12.36 17.24 9.73
C35 BCR RE . 23.14 14.64 -0.28
C36 BCR RE . 21.26 18.12 5.48
C37 BCR RE . 16.87 16.72 7.64
C38 BCR RE . 11.93 19.05 6.41
C39 BCR RE . 13.31 16.14 10.14
C40 BCR RE . 12.53 18.42 10.65
C1 BCR SE . -14.05 -41.80 4.93
C2 BCR SE . -14.19 -42.57 6.24
C3 BCR SE . -15.58 -43.05 6.56
C4 BCR SE . -16.55 -41.92 6.37
C5 BCR SE . -16.51 -41.60 4.91
C6 BCR SE . -15.36 -41.49 4.26
C7 BCR SE . -15.43 -41.05 2.86
C8 BCR SE . -15.10 -39.81 2.50
C9 BCR SE . -15.21 -39.38 1.10
C10 BCR SE . -15.14 -38.07 0.82
C11 BCR SE . -15.31 -37.51 -0.53
C33 BCR SE . -17.79 -41.42 4.17
C31 BCR SE . -13.26 -42.62 3.92
C32 BCR SE . -13.29 -40.53 5.23
C34 BCR SE . -15.46 -40.37 0.02
C12 BCR SE . -15.46 -36.19 -0.60
C13 BCR SE . -15.72 -35.43 -1.83
C14 BCR SE . -16.18 -34.18 -1.69
C15 BCR SE . -16.56 -33.32 -2.80
C16 BCR SE . -16.65 -31.99 -2.70
C17 BCR SE . -17.13 -31.30 -3.89
C18 BCR SE . -17.34 -29.98 -3.97
C19 BCR SE . -17.91 -29.45 -5.22
C20 BCR SE . -18.26 -28.19 -5.40
C21 BCR SE . -18.86 -27.91 -6.71
C22 BCR SE . -19.71 -26.89 -6.89
C23 BCR SE . -20.37 -26.68 -8.19
C24 BCR SE . -20.89 -25.52 -8.56
C25 BCR SE . -21.57 -25.41 -9.87
C26 BCR SE . -22.88 -25.25 -9.84
C27 BCR SE . -23.68 -24.79 -11.04
C28 BCR SE . -23.01 -25.23 -12.32
C29 BCR SE . -21.57 -24.77 -12.29
C30 BCR SE . -20.82 -25.46 -11.17
C35 BCR SE . -15.50 -36.02 -3.19
C36 BCR SE . -17.08 -29.08 -2.80
C37 BCR SE . -20.08 -26.01 -5.74
C38 BCR SE . -23.61 -25.51 -8.56
C39 BCR SE . -19.48 -24.80 -10.96
C40 BCR SE . -20.60 -26.91 -11.57
C1 LMG TE . -40.67 -29.62 -21.62
O1 LMG TE . -40.96 -29.58 -20.24
C2 LMG TE . -41.84 -29.06 -22.42
O2 LMG TE . -42.96 -29.93 -22.28
C3 LMG TE . -41.47 -28.94 -23.88
O3 LMG TE . -42.52 -28.25 -24.57
C4 LMG TE . -40.17 -28.16 -24.04
O4 LMG TE . -40.36 -26.83 -23.59
C5 LMG TE . -39.09 -28.82 -23.20
O5 LMG TE . -37.17 -28.31 -24.58
C6 LMG TE . -37.77 -28.06 -23.31
O6 LMG TE . -39.51 -28.83 -21.84
C7 LMG TE . -40.13 -30.51 -19.56
C8 LMG TE . -39.14 -29.74 -18.71
C9 LMG TE . -39.86 -28.69 -17.90
O7 LMG TE . -38.53 -30.65 -17.81
C10 LMG TE . -37.39 -31.29 -18.42
O9 LMG TE . -36.99 -30.92 -19.50
C11 LMG TE . -36.72 -32.44 -17.72
C12 LMG TE . -36.76 -32.17 -16.22
C13 LMG TE . -35.62 -32.91 -15.54
C14 LMG TE . -35.79 -32.81 -14.03
C15 LMG TE . -34.53 -32.27 -13.38
C16 LMG TE . -34.73 -32.12 -11.88
C17 LMG TE . -34.72 -33.48 -11.20
C18 LMG TE . -33.39 -34.18 -11.47
C19 LMG TE . -33.58 -35.69 -11.58
C20 LMG TE . -32.32 -36.37 -12.06
C21 LMG TE . -32.52 -37.87 -12.16
O8 LMG TE . -39.59 -28.96 -16.52
C28 LMG TE . -40.10 -28.04 -15.51
O10 LMG TE . -40.44 -26.93 -15.85
C29 LMG TE . -40.22 -28.48 -14.07
C30 LMG TE . -38.88 -29.00 -13.54
C31 LMG TE . -39.10 -29.65 -12.18
C32 LMG TE . -37.78 -30.02 -11.52
C33 LMG TE . -36.95 -28.80 -11.18
C34 LMG TE . -36.06 -29.05 -9.96
C35 LMG TE . -34.84 -28.12 -9.91
C36 LMG TE . -33.70 -28.63 -10.78
MG CLA UE . 1.33 -36.46 -1.24
CHA CLA UE . 0.33 -39.20 0.60
CHB CLA UE . 3.11 -38.49 -3.28
CHC CLA UE . 2.15 -33.72 -3.14
CHD CLA UE . -0.61 -34.40 0.86
NA CLA UE . 1.65 -38.51 -1.30
C1A CLA UE . 1.12 -39.49 -0.47
C2A CLA UE . 1.57 -40.87 -0.89
C3A CLA UE . 2.49 -40.60 -2.09
C4A CLA UE . 2.42 -39.09 -2.27
CMA CLA UE . 3.91 -40.97 -1.77
CAA CLA UE . 0.33 -41.64 -1.34
CBA CLA UE . 0.42 -42.28 -2.71
CGA CLA UE . -0.94 -42.70 -3.18
O1A CLA UE . -1.83 -41.99 -3.67
O2A CLA UE . -1.22 -44.03 -3.04
NB CLA UE . 2.33 -36.17 -2.95
C1B CLA UE . 3.13 -37.10 -3.52
C2B CLA UE . 4.10 -36.45 -4.43
C3B CLA UE . 3.84 -35.12 -4.40
C4B CLA UE . 2.71 -34.91 -3.46
CMB CLA UE . 5.11 -37.19 -5.17
CAB CLA UE . 4.50 -34.04 -5.09
CBB CLA UE . 3.95 -33.35 -6.09
NC CLA UE . 0.87 -34.43 -1.14
C1C CLA UE . 1.29 -33.50 -2.04
C2C CLA UE . 0.72 -32.21 -1.70
C3C CLA UE . -0.04 -32.39 -0.56
C4C CLA UE . 0.04 -33.80 -0.22
CMC CLA UE . 0.94 -30.98 -2.45
CAC CLA UE . -0.83 -31.40 0.15
CBC CLA UE . -2.23 -31.34 -0.39
ND CLA UE . 0.26 -36.65 0.45
C1D CLA UE . -0.51 -35.73 1.19
C2D CLA UE . -1.15 -36.44 2.31
C3D CLA UE . -0.82 -37.76 2.15
C4D CLA UE . 0.01 -37.85 0.95
CMD CLA UE . -1.96 -35.80 3.33
CAD CLA UE . -0.94 -39.11 2.68
OBD CLA UE . -1.40 -39.52 3.72
CBD CLA UE . -0.30 -40.07 1.65
CGD CLA UE . 0.72 -40.85 2.39
O1D CLA UE . 0.59 -41.91 2.98
O2D CLA UE . 1.94 -40.25 2.41
CED CLA UE . 3.08 -41.09 2.23
C1 CLA UE . -1.04 -44.90 -4.18
C2 CLA UE . -2.20 -44.75 -5.10
C3 CLA UE . -2.33 -45.50 -6.21
C4 CLA UE . -1.34 -46.53 -6.58
C5 CLA UE . -3.50 -45.32 -7.12
C6 CLA UE . -3.13 -44.83 -8.51
C7 CLA UE . -3.98 -45.48 -9.57
C8 CLA UE . -3.13 -45.86 -10.78
C9 CLA UE . -3.95 -46.63 -11.80
C10 CLA UE . -1.92 -46.69 -10.37
C11 CLA UE . -1.18 -47.25 -11.56
C12 CLA UE . 0.00 -48.11 -11.13
C13 CLA UE . 0.55 -48.91 -12.30
C1 LMG VE . -25.26 -35.25 -24.59
O1 LMG VE . -25.08 -36.44 -23.85
C2 LMG VE . -24.07 -35.01 -25.49
O2 LMG VE . -23.10 -34.30 -24.73
C3 LMG VE . -24.47 -34.20 -26.70
O3 LMG VE . -24.82 -35.10 -27.76
C4 LMG VE . -25.66 -33.29 -26.42
O4 LMG VE . -26.07 -32.64 -27.63
C5 LMG VE . -26.84 -34.06 -25.85
O5 LMG VE . -28.33 -32.92 -27.35
C6 LMG VE . -27.96 -34.22 -26.87
O6 LMG VE . -26.42 -35.36 -25.42
C7 LMG VE . -25.91 -36.39 -22.70
C8 LMG VE . -25.32 -37.30 -21.65
C9 LMG VE . -25.32 -36.61 -20.30
O7 LMG VE . -26.05 -38.51 -21.58
C10 LMG VE . -25.69 -39.39 -22.67
O9 LMG VE . -26.22 -39.23 -23.76
C11 LMG VE . -24.69 -40.50 -22.45
C12 LMG VE . -24.80 -41.01 -21.02
C13 LMG VE . -23.62 -40.55 -20.19
C14 LMG VE . -22.48 -41.54 -20.30
C15 LMG VE . -22.49 -42.49 -19.12
C16 LMG VE . -21.24 -43.37 -19.12
C17 LMG VE . -20.97 -43.94 -17.74
C18 LMG VE . -19.65 -44.69 -17.71
O8 LMG VE . -24.61 -37.42 -19.38
C28 LMG VE . -24.01 -36.82 -18.21
O10 LMG VE . -23.86 -35.62 -18.18
C29 LMG VE . -23.64 -37.68 -17.03
C30 LMG VE . -23.90 -36.91 -15.75
C31 LMG VE . -24.44 -37.82 -14.66
C32 LMG VE . -23.52 -39.02 -14.43
C33 LMG VE . -23.65 -39.57 -13.02
C34 LMG VE . -24.29 -40.95 -13.01
MG CLA WE . -17.98 -44.81 -1.16
CHA CLA WE . -18.92 -47.21 1.14
CHB CLA WE . -16.51 -47.22 -3.05
CHC CLA WE . -17.15 -42.42 -3.47
CHD CLA WE . -19.50 -42.33 0.85
NA CLA WE . -17.76 -46.88 -0.95
C1A CLA WE . -18.23 -47.70 0.07
C2A CLA WE . -17.84 -49.15 -0.16
C3A CLA WE . -17.05 -49.10 -1.49
C4A CLA WE . -17.11 -47.63 -1.88
CMA CLA WE . -15.64 -49.56 -1.33
CAA CLA WE . -19.05 -50.05 -0.31
CBA CLA WE . -18.67 -51.50 -0.09
NB CLA WE . -16.99 -44.81 -2.91
C1B CLA WE . -16.50 -45.91 -3.54
C2B CLA WE . -15.93 -45.52 -4.86
C3B CLA WE . -16.12 -44.16 -4.97
C4B CLA WE . -16.79 -43.70 -3.74
CMB CLA WE . -15.32 -46.46 -5.79
CAB CLA WE . -15.77 -43.29 -6.05
CBB CLA WE . -16.65 -42.78 -6.91
NC CLA WE . -18.26 -42.76 -1.27
C1C CLA WE . -17.84 -41.98 -2.32
C2C CLA WE . -18.20 -40.59 -2.07
C3C CLA WE . -18.86 -40.56 -0.85
C4C CLA WE . -18.89 -41.93 -0.35
CMC CLA WE . -17.91 -39.48 -2.99
CAC CLA WE . -19.40 -39.37 -0.18
CBC CLA WE . -20.78 -39.01 -0.67
ND CLA WE . -18.97 -44.72 0.58
C1D CLA WE . -19.55 -43.65 1.28
C2D CLA WE . -20.16 -44.17 2.51
C3D CLA WE . -19.94 -45.52 2.52
C4D CLA WE . -19.19 -45.82 1.29
CMD CLA WE . -20.86 -43.34 3.49
CAD CLA WE . -20.11 -46.75 3.24
OBD CLA WE . -20.62 -46.95 4.34
CBD CLA WE . -19.51 -47.89 2.36
CGD CLA WE . -18.49 -48.68 3.11
O1D CLA WE . -18.06 -49.81 2.86
O2D CLA WE . -18.02 -48.04 4.21
CED CLA WE . -17.88 -48.82 5.40
C1 BCR XE . -22.36 -22.15 0.95
C2 BCR XE . -23.78 -22.01 0.43
C3 BCR XE . -24.57 -23.29 0.68
C4 BCR XE . -23.99 -24.47 -0.07
C5 BCR XE . -22.51 -24.25 -0.27
C6 BCR XE . -21.85 -23.54 0.64
C7 BCR XE . -20.64 -24.05 1.34
C8 BCR XE . -19.50 -24.19 0.68
C9 BCR XE . -18.26 -24.70 1.29
C10 BCR XE . -17.49 -25.47 0.53
C11 BCR XE . -16.21 -26.05 0.91
C33 BCR XE . -21.85 -24.79 -1.50
C31 BCR XE . -22.32 -21.96 2.46
C32 BCR XE . -21.48 -21.13 0.26
C34 BCR XE . -17.88 -24.35 2.70
C12 BCR XE . -15.71 -26.98 0.10
C13 BCR XE . -14.42 -27.66 0.29
C14 BCR XE . -14.13 -28.82 -0.30
C15 BCR XE . -12.83 -29.46 -0.16
C16 BCR XE . -12.54 -30.60 -0.77
C17 BCR XE . -11.21 -31.18 -0.63
C18 BCR XE . -10.86 -32.31 -1.27
C19 BCR XE . -9.49 -32.85 -1.15
C20 BCR XE . -9.04 -33.58 -2.17
C21 BCR XE . -7.69 -34.14 -2.21
C22 BCR XE . -7.34 -34.81 -3.32
C23 BCR XE . -6.03 -35.42 -3.55
C24 BCR XE . -5.10 -35.56 -2.59
C25 BCR XE . -3.80 -36.17 -2.95
C26 BCR XE . -2.99 -35.54 -3.78
C27 BCR XE . -2.13 -36.32 -4.73
C28 BCR XE . -1.41 -37.33 -3.87
C29 BCR XE . -2.42 -38.24 -3.21
C30 BCR XE . -3.41 -37.50 -2.34
C35 BCR XE . -13.38 -26.97 1.14
C36 BCR XE . -11.84 -33.03 -2.14
C37 BCR XE . -8.36 -34.91 -4.41
C38 BCR XE . -2.90 -34.06 -3.75
C39 BCR XE . -2.80 -37.24 -0.98
C40 BCR XE . -4.67 -38.33 -2.20
C1 LMG YE . -0.73 -49.99 1.50
O1 LMG YE . -1.03 -50.71 0.31
C2 LMG YE . -1.43 -50.58 2.72
O2 LMG YE . -1.67 -49.53 3.67
C3 LMG YE . -0.71 -51.73 3.40
O3 LMG YE . -1.47 -52.93 3.22
C4 LMG YE . 0.69 -51.97 2.85
O4 LMG YE . 0.62 -52.80 1.69
C5 LMG YE . 1.39 -50.66 2.53
O5 LMG YE . 2.51 -51.54 0.62
C6 LMG YE . 2.74 -50.97 1.92
O6 LMG YE . 0.70 -49.93 1.53
C7 LMG YE . -0.77 -49.84 -0.79
C8 LMG YE . 0.27 -50.46 -1.71
C9 LMG YE . -0.38 -50.86 -3.03
O7 LMG YE . 1.34 -49.53 -1.90
C10 LMG YE . 1.15 -48.53 -2.93
O9 LMG YE . 0.15 -47.81 -2.94
C11 LMG YE . 2.22 -48.35 -3.98
C12 LMG YE . 2.11 -46.96 -4.60
C13 LMG YE . 3.00 -45.97 -3.85
C14 LMG YE . 3.31 -44.77 -4.73
C15 LMG YE . 4.19 -43.78 -3.98
C16 LMG YE . 5.62 -43.81 -4.51
C17 LMG YE . 5.99 -42.51 -5.24
C18 LMG YE . 6.65 -41.53 -4.29
C19 LMG YE . 7.99 -41.04 -4.84
C20 LMG YE . 7.79 -39.85 -5.75
C21 LMG YE . 9.13 -39.14 -6.01
C22 LMG YE . 8.91 -37.90 -6.87
C23 LMG YE . 10.19 -37.08 -6.99
C24 LMG YE . 10.26 -36.45 -8.38
C25 LMG YE . 10.62 -34.96 -8.31
C26 LMG YE . 12.11 -34.74 -8.11
C27 LMG YE . 12.45 -33.28 -8.34
O8 LMG YE . -1.58 -50.09 -3.19
C28 LMG YE . -2.64 -50.55 -4.07
O10 LMG YE . -2.40 -51.47 -4.85
C29 LMG YE . -4.00 -49.92 -4.01
C30 LMG YE . -4.92 -50.51 -5.08
C31 LMG YE . -4.77 -49.78 -6.41
C32 LMG YE . -6.04 -49.89 -7.24
C33 LMG YE . -6.05 -48.85 -8.36
C34 LMG YE . -7.26 -49.02 -9.28
C35 LMG YE . -7.17 -48.07 -10.46
C36 LMG YE . -8.15 -48.44 -11.57
C37 LMG YE . -9.38 -47.53 -11.56
C38 LMG YE . -10.16 -47.69 -12.86
C39 LMG YE . -11.30 -46.69 -12.94
C40 LMG YE . -12.03 -46.80 -14.28
C41 LMG YE . -13.12 -45.75 -14.43
C42 LMG YE . -13.80 -45.84 -15.80
C43 LMG YE . -14.79 -44.71 -16.03
C44 LMG YE . -15.24 -44.66 -17.49
C45 LMG YE . -16.09 -43.44 -17.77
MG CLA ZE . -36.73 20.69 7.78
CHA CLA ZE . -39.96 20.89 6.55
CHB CLA ZE . -36.42 24.04 7.48
CHC CLA ZE . -33.60 20.46 9.13
CHD CLA ZE . -37.16 17.23 8.23
NA CLA ZE . -37.99 22.20 7.08
C1A CLA ZE . -39.31 22.08 6.62
C2A CLA ZE . -39.87 23.44 6.24
C3A CLA ZE . -38.66 24.37 6.40
C4A CLA ZE . -37.61 23.50 7.04
CMA CLA ZE . -38.20 24.86 5.05
CAA CLA ZE . -40.97 23.84 7.21
CBA CLA ZE . -40.41 24.33 8.53
CGA CLA ZE . -40.21 23.21 9.52
O1A CLA ZE . -40.79 22.13 9.58
O2A CLA ZE . -39.28 23.48 10.50
NB CLA ZE . -35.28 22.00 8.22
C1B CLA ZE . -35.36 23.34 8.06
C2B CLA ZE . -34.13 23.98 8.58
C3B CLA ZE . -33.33 22.98 9.05
C4B CLA ZE . -34.04 21.70 8.81
CMB CLA ZE . -33.90 25.41 8.55
CAB CLA ZE . -32.03 23.06 9.64
CBB CLA ZE . -31.73 22.73 10.89
NC CLA ZE . -35.59 19.12 8.49
C1C CLA ZE . -34.32 19.25 8.97
C2C CLA ZE . -33.81 17.96 9.37
C3C CLA ZE . -34.82 17.03 9.16
C4C CLA ZE . -35.93 17.78 8.61
CMC CLA ZE . -32.48 17.72 9.92
CAC CLA ZE . -34.75 15.61 9.45
CBC CLA ZE . -34.06 14.82 8.36
ND CLA ZE . -38.14 19.32 7.40
C1D CLA ZE . -38.20 17.93 7.66
C2D CLA ZE . -39.50 17.42 7.22
C3D CLA ZE . -40.21 18.51 6.79
C4D CLA ZE . -39.34 19.67 6.95
CMD CLA ZE . -39.88 16.02 7.29
CAD CLA ZE . -41.46 19.00 6.24
OBD CLA ZE . -42.45 18.39 5.89
CBD CLA ZE . -41.35 20.52 6.11
CGD CLA ZE . -41.58 20.83 4.67
O1D CLA ZE . -40.78 20.68 3.76
O2D CLA ZE . -42.80 21.31 4.36
CED CLA ZE . -43.41 20.74 3.21
C1 CLA ZE . -37.96 22.90 10.45
C2 CLA ZE . -37.88 21.79 11.43
C3 CLA ZE . -36.87 21.65 12.30
C4 CLA ZE . -35.75 22.60 12.35
C5 CLA ZE . -36.80 20.52 13.27
C6 CLA ZE . -35.44 19.85 13.26
MG CLA AF . -42.71 13.46 28.65
CHA CLA AF . -39.85 11.73 29.47
CHB CLA AF . -42.64 15.03 31.64
CHC CLA AF . -45.52 15.20 27.73
CHD CLA AF . -42.68 11.91 25.46
NA CLA AF . -41.44 13.37 30.28
C1A CLA AF . -40.28 12.59 30.44
C2A CLA AF . -39.63 12.84 31.80
C3A CLA AF . -40.54 13.91 32.45
C4A CLA AF . -41.62 14.14 31.40
CMA CLA AF . -41.12 13.40 33.75
CAA CLA AF . -38.19 13.33 31.79
CBA CLA AF . -37.84 14.24 30.64
CGA CLA AF . -36.36 14.21 30.41
O1A CLA AF . -35.57 13.29 30.63
O2A CLA AF . -35.87 15.35 29.87
NB CLA AF . -43.85 14.87 29.51
C1B CLA AF . -43.68 15.34 30.76
C2B CLA AF . -44.79 16.27 31.10
C3B CLA AF . -45.61 16.32 30.01
C4B CLA AF . -45.02 15.44 28.98
CMB CLA AF . -44.90 16.94 32.38
CAB CLA AF . -46.81 17.06 29.78
CBB CLA AF . -47.85 17.09 30.61
NC CLA AF . -43.91 13.50 26.93
C1C CLA AF . -45.02 14.27 26.78
C2C CLA AF . -45.60 14.07 25.47
C3C CLA AF . -44.79 13.16 24.81
C4C CLA AF . -43.72 12.81 25.74
CMC CLA AF . -46.80 14.72 24.98
CAC CLA AF . -44.95 12.64 23.45
CBC CLA AF . -45.65 11.31 23.41
ND CLA AF . -41.64 12.06 27.67
C1D CLA AF . -41.70 11.56 26.35
C2D CLA AF . -40.59 10.61 26.16
C3D CLA AF . -39.89 10.59 27.35
C4D CLA AF . -40.55 11.55 28.23
CMD CLA AF . -40.34 9.85 24.95
CAD CLA AF . -38.76 10.05 28.06
OBD CLA AF . -37.99 9.16 27.74
CBD CLA AF . -38.65 10.83 29.40
CGD CLA AF . -38.64 9.87 30.55
O1D CLA AF . -37.68 9.32 31.07
O2D CLA AF . -39.87 9.64 31.05
CED CLA AF . -39.95 9.37 32.45
MG CLA BF . -58.29 3.29 24.27
CHA CLA BF . -60.12 5.31 26.38
CHB CLA BF . -60.84 3.34 22.03
CHC CLA BF . -56.45 1.27 22.21
CHD CLA BF . -55.65 3.28 26.62
NA CLA BF . -60.15 4.22 24.23
C1A CLA BF . -60.73 5.04 25.20
C2A CLA BF . -62.12 5.52 24.76
C3A CLA BF . -62.30 4.88 23.37
C4A CLA BF . -61.00 4.10 23.18
CMA CLA BF . -63.48 3.96 23.31
CAA CLA BF . -62.14 7.02 24.60
CBA CLA BF . -63.46 7.48 24.00
CGA CLA BF . -63.41 8.94 23.66
O1A CLA BF . -63.09 9.89 24.37
O2A CLA BF . -63.79 9.21 22.38
NB CLA BF . -58.56 2.52 22.45
C1B CLA BF . -59.72 2.57 21.74
C2B CLA BF . -59.63 1.66 20.57
C3B CLA BF . -58.39 1.07 20.61
C4B CLA BF . -57.69 1.61 21.80
CMB CLA BF . -60.72 1.49 19.61
CAB CLA BF . -57.82 0.10 19.72
CBB CLA BF . -56.87 0.35 18.83
NC CLA BF . -56.39 2.46 24.40
C1C CLA BF . -55.83 1.67 23.43
C2C CLA BF . -54.50 1.29 23.82
C3C CLA BF . -54.26 1.85 25.08
C4C CLA BF . -55.46 2.60 25.42
CMC CLA BF . -53.64 0.44 22.99
CAC CLA BF . -53.05 1.80 25.90
CBC CLA BF . -52.63 0.40 26.30
ND CLA BF . -57.91 4.06 26.09
C1D CLA BF . -56.80 3.96 26.96
C2D CLA BF . -57.12 4.66 28.20
C3D CLA BF . -58.40 5.17 28.05
C4D CLA BF . -58.83 4.79 26.71
CMD CLA BF . -56.23 4.75 29.35
CAD CLA BF . -59.47 5.91 28.66
OBD CLA BF . -59.59 6.35 29.80
CBD CLA BF . -60.59 6.06 27.60
CGD CLA BF . -61.85 5.45 28.11
O1D CLA BF . -62.18 4.26 28.04
O2D CLA BF . -62.70 6.30 28.71
CED CLA BF . -64.08 5.94 28.77
C1 CLA BF . -64.41 10.50 22.15
MG CLA CF . -70.63 13.10 12.57
CHA CLA CF . -69.88 10.03 11.10
CHB CLA CF . -73.51 13.25 10.80
CHC CLA CF . -71.16 16.27 13.78
CHD CLA CF . -67.70 12.86 14.52
NA CLA CF . -71.54 11.82 11.20
C1A CLA CF . -71.07 10.59 10.69
C2A CLA CF . -72.12 10.03 9.70
C3A CLA CF . -73.38 10.87 10.04
C4A CLA CF . -72.78 12.10 10.69
CMA CLA CF . -74.28 11.22 8.90
CAA CLA CF . -72.43 8.54 9.79
CBA CLA CF . -72.03 7.82 8.52
CGA CLA CF . -73.22 7.48 7.67
O1A CLA CF . -73.24 6.86 6.60
O2A CLA CF . -74.40 7.92 8.18
NB CLA CF . -72.12 14.46 12.41
C1B CLA CF . -73.07 14.42 11.45
C2B CLA CF . -73.64 15.77 11.20
C3B CLA CF . -72.97 16.63 12.05
C4B CLA CF . -72.01 15.80 12.84
CMB CLA CF . -74.69 16.04 10.24
CAB CLA CF . -73.11 18.04 12.24
CBB CLA CF . -73.63 18.60 13.34
NC CLA CF . -69.63 14.32 13.93
C1C CLA CF . -70.04 15.56 14.31
C2C CLA CF . -69.14 16.11 15.31
C3C CLA CF . -68.13 15.16 15.48
C4C CLA CF . -68.45 14.04 14.62
CMC CLA CF . -69.29 17.42 15.95
CAC CLA CF . -66.98 15.25 16.40
CBC CLA CF . -67.34 14.78 17.79
ND CLA CF . -69.10 11.82 12.77
C1D CLA CF . -67.99 11.82 13.66
C2D CLA CF . -67.25 10.57 13.48
C3D CLA CF . -67.88 9.89 12.46
C4D CLA CF . -69.05 10.69 12.08
CMD CLA CF . -66.05 10.21 14.23
CAD CLA CF . -67.90 8.67 11.69
OBD CLA CF . -67.08 7.77 11.65
CBD CLA CF . -69.18 8.72 10.82
CGD CLA CF . -68.85 8.53 9.38
O1D CLA CF . -68.70 9.40 8.52
O2D CLA CF . -68.69 7.22 9.01
CED CLA CF . -67.48 6.87 8.37
MG CLA DF . -54.21 22.52 16.12
CHA CLA DF . -54.04 25.69 14.69
CHB CLA DF . -52.23 21.31 13.66
CHC CLA DF . -54.28 19.44 17.65
CHD CLA DF . -56.28 23.82 18.66
NA CLA DF . -53.32 23.37 14.43
C1A CLA DF . -53.36 24.72 14.01
C2A CLA DF . -52.56 24.90 12.72
C3A CLA DF . -52.06 23.47 12.38
C4A CLA DF . -52.57 22.64 13.56
CMA CLA DF . -52.63 23.01 11.08
CAA CLA DF . -51.38 25.83 12.91
CBA CLA DF . -50.49 25.39 14.06
CGA CLA DF . -50.29 26.56 14.99
O1A CLA DF . -49.61 26.63 16.01
O2A CLA DF . -51.01 27.66 14.60
NB CLA DF . -53.44 20.71 15.71
C1B CLA DF . -52.61 20.43 14.68
C2B CLA DF . -52.13 19.03 14.79
C3B CLA DF . -52.70 18.50 15.92
C4B CLA DF . -53.55 19.56 16.52
CMB CLA DF . -51.20 18.43 13.84
CAB CLA DF . -52.57 17.18 16.50
CBB CLA DF . -51.46 16.70 17.04
NC CLA DF . -55.13 21.77 17.83
C1C CLA DF . -55.03 20.48 18.27
C2C CLA DF . -55.78 20.31 19.49
C3C CLA DF . -56.36 21.54 19.78
C4C CLA DF . -55.94 22.45 18.72
CMC CLA DF . -55.88 19.06 20.24
CAC CLA DF . -57.22 21.87 20.92
CBC CLA DF . -56.44 22.53 22.04
ND CLA DF . -55.02 24.29 16.62
C1D CLA DF . -55.85 24.70 17.69
C2D CLA DF . -56.14 26.14 17.57
C3D CLA DF . -55.44 26.57 16.47
C4D CLA DF . -54.78 25.39 15.89
CMD CLA DF . -56.96 26.90 18.51
CAD CLA DF . -55.13 27.70 15.62
OBD CLA DF . -55.47 28.87 15.73
CBD CLA DF . -54.22 27.17 14.46
CGD CLA DF . -54.87 27.53 13.14
O1D CLA DF . -55.98 28.02 12.96
O2D CLA DF . -54.10 27.28 12.05
CED CLA DF . -54.77 26.95 10.83
C1 BCR EF . -48.90 4.40 21.93
C2 BCR EF . -47.82 4.14 22.97
C3 BCR EF . -47.43 2.69 23.06
C4 BCR EF . -48.68 1.91 23.41
C5 BCR EF . -49.59 2.04 22.23
C6 BCR EF . -49.74 3.20 21.59
C7 BCR EF . -50.73 3.31 20.50
C8 BCR EF . -52.02 3.52 20.71
C9 BCR EF . -52.96 3.65 19.57
C10 BCR EF . -54.26 3.90 19.79
C11 BCR EF . -55.22 4.02 18.70
C33 BCR EF . -50.32 0.82 21.75
C31 BCR EF . -48.22 4.89 20.65
C32 BCR EF . -49.82 5.48 22.47
C34 BCR EF . -52.46 3.51 18.17
C12 BCR EF . -56.47 4.32 19.06
C13 BCR EF . -57.63 4.48 18.15
C14 BCR EF . -58.82 4.62 18.73
C15 BCR EF . -60.11 4.76 18.07
C16 BCR EF . -61.07 5.21 18.88
C17 BCR EF . -62.48 5.43 18.57
C18 BCR EF . -63.07 6.50 19.14
C19 BCR EF . -64.49 6.83 18.98
C20 BCR EF . -64.84 8.04 18.59
C21 BCR EF . -66.25 8.46 18.46
C22 BCR EF . -67.16 8.09 17.54
C23 BCR EF . -68.50 8.71 17.67
C24 BCR EF . -68.99 9.43 16.66
C25 BCR EF . -70.32 10.10 16.70
C26 BCR EF . -70.45 11.30 17.24
C27 BCR EF . -71.33 12.30 16.57
C28 BCR EF . -72.70 11.67 16.59
C29 BCR EF . -72.71 10.35 15.83
C30 BCR EF . -71.51 9.42 16.06
C35 BCR EF . -57.48 4.48 16.66
C36 BCR EF . -62.23 7.36 20.03
C37 BCR EF . -66.87 7.12 16.46
C38 BCR EF . -69.77 11.68 18.52
C39 BCR EF . -71.07 8.88 14.70
C40 BCR EF . -71.93 8.23 16.91
MG CLA FF . -8.64 26.64 1.99
CHA CLA FF . -10.65 28.21 -0.31
CHB CLA FF . -5.97 27.13 -0.03
CHC CLA FF . -6.66 25.21 4.37
CHD CLA FF . -11.45 26.15 4.04
NA CLA FF . -8.39 27.50 0.11
C1A CLA FF . -9.35 28.13 -0.69
C2A CLA FF . -8.75 28.64 -1.98
C3A CLA FF . -7.30 28.15 -1.89
C4A CLA FF . -7.18 27.55 -0.50
CMA CLA FF . -7.06 27.09 -2.91
CAA CLA FF . -8.78 30.15 -2.02
CBA CLA FF . -8.27 30.67 -0.69
CGA CLA FF . -8.39 32.16 -0.65
O1A CLA FF . -8.46 32.97 -1.59
O2A CLA FF . -8.43 32.62 0.64
NB CLA FF . -6.67 26.31 2.17
C1B CLA FF . -5.75 26.53 1.22
C2B CLA FF . -4.44 26.01 1.66
C3B CLA FF . -4.63 25.46 2.90
C4B CLA FF . -6.06 25.64 3.23
CMB CLA FF . -3.24 26.07 0.86
CAB CLA FF . -3.72 24.81 3.77
CBB CLA FF . -2.55 25.33 4.15
NC CLA FF . -9.00 25.81 3.85
C1C CLA FF . -8.05 25.29 4.66
C2C CLA FF . -8.64 24.83 5.90
C3C CLA FF . -10.00 25.09 5.80
C4C CLA FF . -10.22 25.71 4.52
CMC CLA FF . -7.90 24.23 7.01
CAC CLA FF . -11.00 24.83 6.82
CBC CLA FF . -11.71 23.53 6.56
ND CLA FF . -10.62 26.94 1.89
C1D CLA FF . -11.66 26.72 2.81
C2D CLA FF . -12.92 27.22 2.25
C3D CLA FF . -12.59 27.81 1.06
C4D CLA FF . -11.15 27.63 0.89
CMD CLA FF . -14.21 27.11 2.90
CAD CLA FF . -13.06 28.53 -0.09
OBD CLA FF . -14.18 28.91 -0.37
CBD CLA FF . -11.84 28.83 -0.99
CGD CLA FF . -12.06 28.28 -2.35
O1D CLA FF . -11.48 27.34 -2.89
O2D CLA FF . -13.01 28.90 -3.07
CED CLA FF . -13.27 28.33 -4.34
C1 CLA FF . -8.81 33.99 0.85
C2 CLA FF . -7.99 34.49 1.98
C3 CLA FF . -8.29 34.26 3.28
C4 CLA FF . -9.47 33.49 3.69
C5 CLA FF . -7.41 34.81 4.36
C6 CLA FF . -7.90 34.51 5.75
C7 CLA FF . -6.79 33.89 6.58
C8 CLA FF . -7.23 33.67 8.01
C9 CLA FF . -7.41 35.02 8.68
C10 CLA FF . -6.23 32.81 8.78
C11 CLA FF . -6.89 31.94 9.82
C12 CLA FF . -6.61 32.49 11.21
C13 CLA FF . -6.31 31.39 12.24
C14 CLA FF . -5.51 30.25 11.67
C15 CLA FF . -7.59 30.86 12.88
C16 CLA FF . -7.26 29.97 14.06
C17 CLA FF . -8.49 29.70 14.92
C18 CLA FF . -8.17 28.88 16.16
C19 CLA FF . -7.39 27.64 15.81
C20 CLA FF . -9.44 28.48 16.88
MG CLA GF . 11.76 15.12 14.61
CHA CLA GF . 13.92 16.72 16.80
CHB CLA GF . 9.19 16.94 15.82
CHC CLA GF . 9.73 13.68 12.28
CHD CLA GF . 14.47 13.22 13.42
NA CLA GF . 11.60 16.58 16.10
C1A CLA GF . 12.61 17.12 16.88
C2A CLA GF . 12.06 18.16 17.85
C3A CLA GF . 10.55 18.11 17.57
C4A CLA GF . 10.41 17.14 16.42
CMA CLA GF . 9.81 17.61 18.79
CAA CLA GF . 12.58 19.53 17.50
CBA CLA GF . 12.59 19.75 16.02
CGA CLA GF . 12.75 21.21 15.76
O1A CLA GF . 13.64 21.97 16.16
O2A CLA GF . 11.75 21.71 14.99
NB CLA GF . 9.82 15.23 14.18
C1B CLA GF . 8.94 16.09 14.74
C2B CLA GF . 7.64 16.00 14.03
C3B CLA GF . 7.80 15.09 13.03
C4B CLA GF . 9.18 14.59 13.11
CMB CLA GF . 6.48 16.80 14.37
CAB CLA GF . 6.87 14.65 12.03
CBB CLA GF . 6.95 14.99 10.75
NC CLA GF . 12.05 13.69 13.14
C1C CLA GF . 11.09 13.25 12.29
C2C CLA GF . 11.64 12.25 11.39
C3C CLA GF . 12.98 12.11 11.72
C4C CLA GF . 13.23 13.02 12.82
CMC CLA GF . 10.89 11.55 10.35
CAC CLA GF . 13.96 11.21 11.11
CBC CLA GF . 14.44 11.71 9.79
ND CLA GF . 13.73 14.95 14.97
C1D CLA GF . 14.72 14.12 14.41
C2D CLA GF . 16.00 14.40 15.06
C3D CLA GF . 15.76 15.41 15.96
C4D CLA GF . 14.33 15.71 15.87
CMD CLA GF . 17.24 13.71 14.72
CAD CLA GF . 16.32 16.27 16.97
OBD CLA GF . 17.47 16.35 17.39
CBD CLA GF . 15.17 17.15 17.52
CGD CLA GF . 15.09 16.97 18.98
O1D CLA GF . 15.98 17.16 19.81
O2D CLA GF . 13.89 16.51 19.42
CED CLA GF . 13.55 16.81 20.76
C1 CLA GF . 11.95 22.97 14.32
C2 CLA GF . 10.63 23.64 14.30
C3 CLA GF . 9.95 23.99 13.20
C4 CLA GF . 10.45 23.73 11.83
C5 CLA GF . 8.63 24.66 13.35
C6 CLA GF . 7.78 24.74 12.10
C7 CLA GF . 6.34 24.40 12.41
C8 CLA GF . 5.42 25.61 12.56
C9 CLA GF . 5.23 25.92 14.03
C10 CLA GF . 4.07 25.34 11.93
C11 CLA GF . 3.07 26.42 12.23
C12 CLA GF . 1.86 26.28 11.35
C13 CLA GF . 0.79 27.32 11.66
C14 CLA GF . -0.36 26.71 12.41
C15 CLA GF . 0.25 27.95 10.40
C16 CLA GF . -0.75 29.02 10.76
C17 CLA GF . -0.87 30.04 9.66
C18 CLA GF . -1.68 31.24 10.12
C19 CLA GF . -2.17 32.04 8.94
C20 CLA GF . -0.88 32.10 11.05
C1 BCR HF . 20.63 57.44 9.71
C2 BCR HF . 21.59 57.71 8.55
C3 BCR HF . 23.08 57.67 8.86
C4 BCR HF . 23.40 56.57 9.85
C5 BCR HF . 22.63 56.97 11.06
C6 BCR HF . 21.30 56.99 10.98
C7 BCR HF . 20.46 56.57 12.11
C8 BCR HF . 20.64 55.42 12.76
C9 BCR HF . 19.75 55.07 13.88
C10 BCR HF . 19.81 53.85 14.41
C11 BCR HF . 18.98 53.42 15.53
C33 BCR HF . 23.36 57.36 12.31
C31 BCR HF . 19.67 56.34 9.28
C32 BCR HF . 19.80 58.69 9.98
C34 BCR HF . 18.78 56.08 14.40
C12 BCR HF . 18.36 52.24 15.34
C13 BCR HF . 17.49 51.53 16.28
C14 BCR HF . 16.29 51.12 15.87
C15 BCR HF . 15.38 50.33 16.68
C16 BCR HF . 14.08 50.54 16.88
C17 BCR HF . 13.42 49.51 17.66
C18 BCR HF . 12.10 49.35 17.72
C19 BCR HF . 11.57 48.21 18.50
C20 BCR HF . 10.33 47.74 18.35
C21 BCR HF . 9.96 46.58 19.14
C22 BCR HF . 8.78 45.95 19.00
C23 BCR HF . 8.50 44.76 19.79
C24 BCR HF . 7.27 44.27 19.92
C25 BCR HF . 6.99 43.06 20.71
C26 BCR HF . 7.24 42.96 22.01
C27 BCR HF . 7.52 41.64 22.67
C28 BCR HF . 7.15 40.48 21.76
C29 BCR HF . 5.96 40.82 20.91
C30 BCR HF . 6.37 41.92 19.96
C35 BCR HF . 17.94 51.23 17.68
C36 BCR HF . 11.17 50.28 16.99
C37 BCR HF . 7.78 46.48 18.02
C38 BCR HF . 7.23 44.17 22.87
C39 BCR HF . 5.18 42.46 19.20
C40 BCR HF . 7.38 41.37 18.98
C1 BCR IF . 0.82 28.83 2.75
C2 BCR IF . 0.49 30.04 1.93
C3 BCR IF . 1.30 31.19 2.47
C4 BCR IF . 0.75 31.58 3.81
C5 BCR IF . 0.70 30.35 4.69
C6 BCR IF . 0.69 29.13 4.21
C7 BCR IF . 0.50 28.02 5.15
C8 BCR IF . 1.53 27.29 5.55
C9 BCR IF . 1.25 26.20 6.50
C10 BCR IF . 2.22 25.44 7.01
C11 BCR IF . 3.63 25.58 6.68
C33 BCR IF . 0.60 30.56 6.17
C31 BCR IF . 2.24 28.39 2.46
C32 BCR IF . -0.13 27.70 2.43
C34 BCR IF . -0.16 25.96 6.91
C12 BCR IF . 4.47 24.86 7.42
C13 BCR IF . 5.91 24.86 7.22
C14 BCR IF . 6.69 24.36 8.17
C15 BCR IF . 8.14 24.31 8.03
C16 BCR IF . 8.86 23.47 8.76
C17 BCR IF . 10.32 23.46 8.62
C18 BCR IF . 11.08 23.01 9.62
C19 BCR IF . 12.56 23.05 9.50
C20 BCR IF . 13.42 22.28 10.15
C21 BCR IF . 14.82 22.60 9.88
C22 BCR IF . 15.81 22.18 10.66
C23 BCR IF . 17.19 22.60 10.35
C24 BCR IF . 18.25 22.03 10.93
C25 BCR IF . 19.62 22.49 10.65
C26 BCR IF . 19.94 23.71 11.07
C27 BCR IF . 20.74 24.64 10.20
C28 BCR IF . 21.14 23.88 8.96
C29 BCR IF . 21.70 22.52 9.31
C30 BCR IF . 20.66 21.65 9.99
C35 BCR IF . 6.46 25.39 5.94
C36 BCR IF . 10.46 22.55 10.89
C37 BCR IF . 15.53 21.33 11.85
C38 BCR IF . 19.55 24.13 12.45
C39 BCR IF . 21.35 20.83 11.05
C40 BCR IF . 20.02 20.72 8.98
MG CLA JF . 4.20 33.38 5.92
CHA CLA JF . 3.21 36.66 5.85
CHB CLA JF . 3.22 33.16 9.15
CHC CLA JF . 5.10 30.09 5.90
CHD CLA JF . 5.11 33.63 2.54
NA CLA JF . 3.35 34.72 7.26
C1A CLA JF . 3.00 36.04 7.04
C2A CLA JF . 2.37 36.65 8.27
C3A CLA JF . 2.47 35.53 9.31
C4A CLA JF . 3.04 34.37 8.53
CMA CLA JF . 3.38 35.92 10.43
CAA CLA JF . 0.90 36.90 8.01
CBA CLA JF . 0.20 35.67 7.44
CGA CLA JF . -1.24 35.90 7.09
O1A CLA JF . -2.05 36.67 7.62
O2A CLA JF . -1.67 35.13 6.04
NB CLA JF . 4.11 31.88 7.25
C1B CLA JF . 3.77 32.02 8.54
C2B CLA JF . 4.09 30.77 9.27
C3B CLA JF . 4.62 29.91 8.36
C4B CLA JF . 4.65 30.61 7.06
CMB CLA JF . 3.86 30.60 10.69
CAB CLA JF . 5.12 28.58 8.47
CBB CLA JF . 4.55 27.63 9.21
NC CLA JF . 4.97 32.10 4.47
C1C CLA JF . 5.26 30.78 4.68
C2C CLA JF . 5.75 30.18 3.47
C3C CLA JF . 5.76 31.18 2.52
C4C CLA JF . 5.26 32.38 3.15
CMC CLA JF . 6.14 28.78 3.33
CAC CLA JF . 6.18 31.03 1.13
CBC CLA JF . 5.00 31.10 0.19
ND CLA JF . 4.28 34.80 4.50
C1D CLA JF . 4.66 34.76 3.15
C2D CLA JF . 4.48 36.11 2.58
C3D CLA JF . 3.97 36.88 3.59
C4D CLA JF . 3.83 36.01 4.75
CMD CLA JF . 4.84 36.47 1.21
CAD CLA JF . 3.49 38.18 3.96
OBD CLA JF . 3.46 39.22 3.33
CBD CLA JF . 2.96 38.08 5.42
CGD CLA JF . 3.76 38.96 6.31
O1D CLA JF . 4.88 38.73 6.75
O2D CLA JF . 3.19 40.11 6.68
CED CLA JF . 3.86 40.77 7.76
C1 CLA JF . -2.93 34.42 6.20
C2 CLA JF . -2.83 33.19 5.37
C3 CLA JF . -3.29 33.11 4.11
C4 CLA JF . -3.93 34.26 3.44
C5 CLA JF . -3.16 31.86 3.30
C6 CLA JF . -3.91 30.69 3.87
C7 CLA JF . -5.35 30.75 3.41
C8 CLA JF . -6.30 30.32 4.53
C9 CLA JF . -5.83 29.02 5.14
C10 CLA JF . -7.72 30.19 4.01
C11 CLA JF . -8.57 29.37 4.94
C12 CLA JF . -9.39 30.24 5.86
C13 CLA JF . -10.34 29.41 6.71
C14 CLA JF . -11.78 29.82 6.47
C15 CLA JF . -10.01 29.53 8.19
C16 CLA JF . -10.53 28.37 8.98
C17 CLA JF . -9.64 28.08 10.17
C18 CLA JF . -9.95 26.73 10.80
C19 CLA JF . -11.15 26.83 11.72
C20 CLA JF . -8.75 26.23 11.57
MG CLA KF . 5.93 31.20 19.28
CHA CLA KF . 6.73 33.67 21.53
CHB CLA KF . 7.44 28.91 21.26
CHC CLA KF . 4.97 28.76 17.08
CHD CLA KF . 4.20 33.58 17.36
NA CLA KF . 6.96 31.31 21.09
C1A CLA KF . 7.16 32.43 21.89
C2A CLA KF . 7.95 32.08 23.14
C3A CLA KF . 8.20 30.57 22.98
C4A CLA KF . 7.49 30.21 21.69
CMA CLA KF . 9.68 30.27 22.89
CAA CLA KF . 7.14 32.35 24.39
CBA CLA KF . 6.55 31.08 24.95
NB CLA KF . 6.16 29.22 19.19
C1B CLA KF . 6.81 28.46 20.10
C2B CLA KF . 6.75 27.03 19.69
C3B CLA KF . 6.05 26.99 18.53
C4B CLA KF . 5.69 28.38 18.17
CMB CLA KF . 7.34 25.96 20.47
CAB CLA KF . 5.72 25.87 17.70
CBB CLA KF . 4.49 25.44 17.50
NC CLA KF . 4.82 31.19 17.53
C1C CLA KF . 4.57 30.08 16.79
C2C CLA KF . 3.75 30.44 15.64
C3C CLA KF . 3.50 31.78 15.73
C4C CLA KF . 4.17 32.25 16.93
CMC CLA KF . 3.27 29.52 14.62
CAC CLA KF . 2.68 32.58 14.82
CBC CLA KF . 3.50 33.30 13.80
ND CLA KF . 5.60 33.17 19.31
C1D CLA KF . 4.87 34.03 18.46
C2D CLA KF . 4.97 35.40 18.97
C3D CLA KF . 5.68 35.32 20.13
C4D CLA KF . 6.02 33.91 20.33
CMD CLA KF . 4.40 36.57 18.30
CAD CLA KF . 6.25 36.06 21.22
OBD CLA KF . 6.30 37.26 21.41
CBD CLA KF . 6.87 35.02 22.20
CGD CLA KF . 8.29 35.35 22.42
O1D CLA KF . 9.18 35.46 21.59
O2D CLA KF . 8.61 35.55 23.71
CED CLA KF . 10.00 35.46 24.03
C1 BCR LF . 22.92 15.08 -9.74
C2 BCR LF . 23.77 14.63 -10.92
C3 BCR LF . 24.32 15.84 -11.63
C4 BCR LF . 23.18 16.57 -12.32
C5 BCR LF . 22.02 16.70 -11.35
C6 BCR LF . 22.16 16.33 -10.07
C7 BCR LF . 21.60 17.10 -8.93
C8 BCR LF . 20.32 17.16 -8.63
C9 BCR LF . 19.88 17.94 -7.45
C10 BCR LF . 19.14 19.05 -7.60
C11 BCR LF . 18.70 19.81 -6.43
C33 BCR LF . 20.73 17.22 -11.91
C31 BCR LF . 23.86 15.38 -8.58
C32 BCR LF . 21.93 14.00 -9.35
C34 BCR LF . 20.25 17.45 -6.10
C12 BCR LF . 17.87 20.83 -6.60
C13 BCR LF . 17.39 21.64 -5.47
C14 BCR LF . 16.81 22.82 -5.72
C15 BCR LF . 16.33 23.67 -4.64
C16 BCR LF . 15.55 24.72 -4.94
C17 BCR LF . 15.06 25.61 -3.89
C18 BCR LF . 14.27 26.65 -4.18
C19 BCR LF . 13.82 27.55 -3.11
C20 BCR LF . 12.71 28.28 -3.15
C21 BCR LF . 12.47 29.15 -1.99
C22 BCR LF . 11.49 30.06 -2.00
C23 BCR LF . 11.29 30.94 -0.84
C24 BCR LF . 10.07 31.31 -0.46
C25 BCR LF . 9.85 32.23 0.67
C26 BCR LF . 9.34 33.42 0.37
C27 BCR LF . 9.16 34.53 1.38
C28 BCR LF . 9.77 34.16 2.71
C29 BCR LF . 9.43 32.73 3.06
C30 BCR LF . 10.14 31.82 2.08
C35 BCR LF . 17.51 21.15 -4.06
C36 BCR LF . 13.88 26.94 -5.59
C37 BCR LF . 10.61 30.22 -3.19
C38 BCR LF . 8.89 33.67 -1.02
C39 BCR LF . 9.64 30.40 2.25
C40 BCR LF . 11.63 31.82 2.37
C1 BCR MF . 18.30 46.41 14.72
C2 BCR MF . 19.70 45.83 14.59
C3 BCR MF . 19.63 44.31 14.66
C4 BCR MF . 19.25 43.89 16.07
C5 BCR MF . 18.21 44.85 16.58
C6 BCR MF . 17.54 45.60 15.71
C7 BCR MF . 16.06 45.64 15.70
C8 BCR MF . 15.33 44.60 16.04
C9 BCR MF . 13.86 44.67 16.00
C10 BCR MF . 13.15 43.54 16.02
C11 BCR MF . 11.68 43.55 15.99
C33 BCR MF . 18.00 44.98 18.06
C31 BCR MF . 17.59 46.36 13.39
C32 BCR MF . 18.39 47.84 15.21
C34 BCR MF . 13.18 46.00 15.95
C12 BCR MF . 11.08 42.38 15.80
C13 BCR MF . 9.62 42.24 15.74
C14 BCR MF . 9.08 41.07 15.40
C15 BCR MF . 7.63 40.91 15.35
C16 BCR MF . 7.07 39.72 15.14
C17 BCR MF . 5.61 39.65 15.11
C18 BCR MF . 4.92 38.52 14.94
C19 BCR MF . 3.46 38.60 14.94
C20 BCR MF . 2.66 37.59 14.61
C21 BCR MF . 1.21 37.84 14.65
C22 BCR MF . 0.31 37.02 14.08
C23 BCR MF . -1.11 37.36 14.17
C24 BCR MF . -2.00 36.62 13.51
C25 BCR MF . -3.45 36.90 13.54
C26 BCR MF . -4.02 37.79 12.74
C27 BCR MF . -5.19 37.38 11.89
C28 BCR MF . -5.91 36.24 12.57
C29 BCR MF . -5.79 36.36 14.08
C30 BCR MF . -4.33 36.11 14.48
C35 BCR MF . 8.76 43.42 16.08
C36 BCR MF . 5.63 37.21 14.76
C37 BCR MF . 0.74 35.76 13.40
C38 BCR MF . -3.53 39.21 12.69
C39 BCR MF . -4.01 34.63 14.36
C40 BCR MF . -4.08 36.59 15.90
MG CLA NF . 3.39 39.44 24.56
CHA CLA NF . 3.91 42.43 26.20
CHB CLA NF . 4.61 37.77 27.23
CHC CLA NF . 2.93 36.51 22.85
CHD CLA NF . 1.94 41.21 21.85
NA CLA NF . 4.10 40.03 26.41
C1A CLA NF . 4.25 41.33 26.93
C2A CLA NF . 4.78 41.29 28.36
C3A CLA NF . 4.63 39.79 28.71
C4A CLA NF . 4.45 39.12 27.36
CMA CLA NF . 5.73 39.18 29.54
CAA CLA NF . 3.95 42.09 29.34
NB CLA NF . 3.76 37.51 24.95
C1B CLA NF . 4.36 37.04 26.06
C2B CLA NF . 4.63 35.58 25.90
C3B CLA NF . 4.14 35.23 24.67
C4B CLA NF . 3.56 36.44 24.05
CMB CLA NF . 5.22 34.78 26.95
CAB CLA NF . 4.09 33.95 24.04
CBB CLA NF . 2.95 33.27 23.85
NC CLA NF . 2.57 38.95 22.71
C1C CLA NF . 2.44 37.68 22.23
C2C CLA NF . 1.76 37.71 20.95
C3C CLA NF . 1.52 39.05 20.64
C4C CLA NF . 2.01 39.82 21.76
CMC CLA NF . 1.45 36.50 20.19
CAC CLA NF . 0.84 39.60 19.47
CBC CLA NF . 1.79 40.21 18.47
ND CLA NF . 2.94 41.34 24.09
C1D CLA NF . 2.37 41.93 22.94
C2D CLA NF . 2.36 43.38 23.11
C3D CLA NF . 2.97 43.63 24.31
C4D CLA NF . 3.30 42.33 24.90
CMD CLA NF . 1.84 44.31 22.11
CAD CLA NF . 3.38 44.65 25.25
OBD CLA NF . 3.28 45.86 25.16
CBD CLA NF . 4.00 43.92 26.48
CGD CLA NF . 5.40 44.40 26.71
O1D CLA NF . 6.14 44.98 25.92
O2D CLA NF . 5.87 44.18 27.96
CED CLA NF . 6.79 45.14 28.48
MG CLA OF . -5.31 29.04 29.90
CHA CLA OF . -3.10 26.69 31.13
CHB CLA OF . -2.93 31.44 30.28
CHC CLA OF . -7.46 31.31 28.52
CHD CLA OF . -7.73 26.51 29.51
NA CLA OF . -3.34 29.03 30.60
C1A CLA OF . -2.60 27.95 31.06
C2A CLA OF . -1.20 28.37 31.44
C3A CLA OF . -1.21 29.90 31.24
C4A CLA OF . -2.59 30.17 30.65
CMA CLA OF . -1.05 30.63 32.54
CAA CLA OF . -0.20 27.77 30.47
NB CLA OF . -5.22 31.00 29.49
C1B CLA OF . -4.16 31.82 29.74
C2B CLA OF . -4.50 33.21 29.35
C3B CLA OF . -5.78 33.18 28.85
C4B CLA OF . -6.26 31.77 28.92
CMB CLA OF . -3.59 34.33 29.50
CAB CLA OF . -6.59 34.24 28.33
CBB CLA OF . -6.99 35.28 29.05
NC CLA OF . -7.25 28.92 29.16
C1C CLA OF . -7.93 29.98 28.62
C2C CLA OF . -9.23 29.52 28.16
C3C CLA OF . -9.32 28.18 28.46
C4C CLA OF . -8.06 27.80 29.09
CMC CLA OF . -10.24 30.35 27.50
CAC CLA OF . -10.44 27.29 28.17
CBC CLA OF . -11.54 27.45 29.21
ND CLA OF . -5.45 27.06 30.24
C1D CLA OF . -6.51 26.14 30.04
C2D CLA OF . -6.06 24.80 30.49
C3D CLA OF . -4.76 24.96 30.92
C4D CLA OF . -4.43 26.38 30.74
CMD CLA OF . -6.87 23.59 30.45
CAD CLA OF . -3.59 24.32 31.48
OBD CLA OF . -3.41 23.15 31.80
CBD CLA OF . -2.49 25.41 31.63
CGD CLA OF . -2.17 25.55 33.08
O1D CLA OF . -1.15 26.01 33.59
O2D CLA OF . -3.16 25.08 33.89
CED CLA OF . -2.81 24.15 34.91
MG CLA PF . -19.22 32.37 24.93
CHA CLA PF . -16.28 30.55 25.12
CHB CLA PF . -19.14 32.11 21.55
CHC CLA PF . -22.12 34.20 24.80
CHD CLA PF . -19.26 32.58 28.46
NA CLA PF . -17.91 31.47 23.58
C1A CLA PF . -16.74 30.75 23.86
C2A CLA PF . -16.07 30.24 22.60
C3A CLA PF . -17.01 30.76 21.49
C4A CLA PF . -18.11 31.51 22.24
CMA CLA PF . -16.27 31.69 20.57
NB CLA PF . -20.40 33.03 23.46
C1B CLA PF . -20.21 32.82 22.14
C2B CLA PF . -21.29 33.47 21.37
C3B CLA PF . -22.13 34.05 22.28
C4B CLA PF . -21.58 33.80 23.62
CMB CLA PF . -21.39 33.42 19.92
CAB CLA PF . -23.34 34.81 22.09
CBB CLA PF . -23.45 35.89 21.32
NC CLA PF . -20.46 33.22 26.37
C1C CLA PF . -21.60 33.91 26.10
C2C CLA PF . -22.22 34.36 27.35
C3C CLA PF . -21.41 33.90 28.38
C4C CLA PF . -20.31 33.19 27.76
CMC CLA PF . -23.45 35.14 27.44
CAC CLA PF . -21.62 34.11 29.82
ND CLA PF . -18.09 31.76 26.48
C1D CLA PF . -18.22 31.90 27.88
C2D CLA PF . -17.07 31.24 28.51
C3D CLA PF . -16.29 30.73 27.51
C4D CLA PF . -16.98 31.07 26.26
CMD CLA PF . -16.78 31.14 29.92
CAD CLA PF . -15.10 30.01 27.19
OBD CLA PF . -14.23 29.59 27.95
CBD CLA PF . -15.07 29.84 25.64
CGD CLA PF . -13.80 30.39 25.08
O1D CLA PF . -13.55 31.54 24.73
O2D CLA PF . -12.81 29.46 24.96
MG CLA QF . -38.22 30.20 14.23
CHA CLA QF . -40.73 30.29 11.87
CHB CLA QF . -38.12 33.59 14.25
CHC CLA QF . -35.85 30.07 16.71
CHD CLA QF . -38.60 26.72 14.44
NA CLA QF . -39.22 31.68 13.15
C1A CLA QF . -40.24 31.52 12.22
C2A CLA QF . -40.72 32.87 11.69
C3A CLA QF . -39.88 33.89 12.48
C4A CLA QF . -38.98 33.01 13.34
CMA CLA QF . -39.13 34.83 11.59
CAA CLA QF . -42.18 33.12 11.97
NB CLA QF . -37.23 31.57 15.32
C1B CLA QF . -37.27 32.91 15.11
C2B CLA QF . -36.25 33.58 15.97
C3B CLA QF . -35.61 32.58 16.67
C4B CLA QF . -36.21 31.29 16.25
CMB CLA QF . -36.04 35.01 15.99
CAB CLA QF . -34.52 32.66 17.61
NC CLA QF . -37.32 28.66 15.30
C1C CLA QF . -36.35 28.83 16.24
C2C CLA QF . -35.96 27.55 16.79
C3C CLA QF . -36.77 26.61 16.18
C4C CLA QF . -37.63 27.31 15.26
CMC CLA QF . -34.94 27.31 17.80
CAC CLA QF . -36.73 25.15 16.42
ND CLA QF . -39.17 28.76 13.20
C1D CLA QF . -39.33 27.38 13.48
C2D CLA QF . -40.35 26.83 12.59
C3D CLA QF . -40.86 27.88 11.88
C4D CLA QF . -40.16 29.08 12.37
CMD CLA QF . -40.68 25.42 12.53
CAD CLA QF . -41.78 28.33 10.85
OBD CLA QF . -42.41 27.68 10.03
CBD CLA QF . -41.89 29.87 11.00
CGD CLA QF . -41.99 30.61 9.71
O1D CLA QF . -41.09 31.21 9.11
O2D CLA QF . -43.24 30.60 9.18
C1 BCR RF . -10.51 32.67 31.70
C2 BCR RF . -9.56 31.78 32.50
C3 BCR RF . -10.17 30.59 33.23
C4 BCR RF . -11.38 30.07 32.47
C5 BCR RF . -12.32 31.23 32.51
C6 BCR RF . -11.96 32.37 31.93
C7 BCR RF . -12.96 33.34 31.48
C8 BCR RF . -13.65 33.11 30.36
C9 BCR RF . -14.66 34.04 29.84
C10 BCR RF . -14.95 34.01 28.54
C11 BCR RF . -15.93 34.87 27.90
C33 BCR RF . -13.62 31.10 33.21
C31 BCR RF . -10.21 32.53 30.23
C32 BCR RF . -10.27 34.12 32.06
C34 BCR RF . -15.36 35.00 30.76
C12 BCR RF . -16.05 34.74 26.58
C13 BCR RF . -16.99 35.52 25.78
C14 BCR RF . -17.03 35.31 24.46
C15 BCR RF . -17.95 36.04 23.58
C16 BCR RF . -17.82 35.92 22.26
C17 BCR RF . -18.74 36.62 21.37
C18 BCR RF . -18.73 36.38 20.06
C19 BCR RF . -19.69 37.08 19.18
C20 BCR RF . -19.96 36.60 17.98
C21 BCR RF . -20.92 37.30 17.14
C22 BCR RF . -21.25 36.82 15.94
C23 BCR RF . -22.23 37.55 15.11
C24 BCR RF . -23.34 36.92 14.77
C25 BCR RF . -24.41 37.52 13.93
C26 BCR RF . -24.82 38.76 14.09
C27 BCR RF . -25.30 39.52 12.89
C28 BCR RF . -26.50 38.72 12.44
C29 BCR RF . -26.08 37.32 12.01
C30 BCR RF . -25.03 36.63 12.88
C35 BCR RF . -17.87 36.55 26.42
C36 BCR RF . -17.78 35.38 19.47
C37 BCR RF . -20.63 35.55 15.45
C38 BCR RF . -24.88 39.42 15.43
C39 BCR RF . -23.90 36.15 12.01
C40 BCR RF . -25.66 35.43 13.56
C1 BCR SF . -34.77 23.74 31.19
C2 BCR SF . -34.06 23.89 32.53
C3 BCR SF . -32.67 24.47 32.38
C4 BCR SF . -31.88 23.56 31.45
C5 BCR SF . -32.58 23.55 30.11
C6 BCR SF . -33.85 23.96 30.02
C7 BCR SF . -34.46 24.61 28.85
C8 BCR SF . -34.68 24.08 27.64
C9 BCR SF . -35.37 24.98 26.68
C10 BCR SF . -35.54 24.67 25.39
C11 BCR SF . -36.28 25.63 24.56
C33 BCR SF . -31.81 23.06 28.93
C31 BCR SF . -35.88 24.78 31.12
C32 BCR SF . -35.36 22.35 31.08
C34 BCR SF . -35.90 26.28 27.19
C12 BCR SF . -35.77 26.22 23.47
C13 BCR SF . -36.62 27.15 22.68
C14 BCR SF . -36.03 27.90 21.74
C15 BCR SF . -36.72 28.83 20.84
C16 BCR SF . -36.96 30.12 21.08
C17 BCR SF . -37.60 30.90 20.01
C18 BCR SF . -38.16 32.11 20.16
C19 BCR SF . -38.72 32.76 18.96
C20 BCR SF . -39.24 33.99 18.96
C21 BCR SF . -39.72 34.53 17.69
C22 BCR SF . -40.06 35.82 17.55
C23 BCR SF . -40.51 36.35 16.24
C24 BCR SF . -40.84 37.63 16.10
C25 BCR SF . -41.28 38.19 14.80
C26 BCR SF . -40.43 38.95 14.12
C27 BCR SF . -40.92 39.97 13.13
C28 BCR SF . -42.38 40.27 13.43
C29 BCR SF . -43.20 39.00 13.36
C30 BCR SF . -42.65 37.88 14.24
C35 BCR SF . -38.08 27.22 22.91
C36 BCR SF . -38.19 32.80 21.48
C37 BCR SF . -39.96 36.74 18.73
C38 BCR SF . -38.96 38.81 14.34
C39 BCR SF . -42.55 36.61 13.40
C40 BCR SF . -43.63 37.62 15.38
MG CHL TF . 12.72 84.16 28.34
CHA CHL TF . 16.04 85.10 28.68
CHB CHL TF . 12.20 85.12 31.46
CHC CHL TF . 9.37 84.13 27.60
CHD CHL TF . 13.46 81.96 25.66
NA CHL TF . 13.77 85.18 29.67
C1A CHL TF . 14.96 85.61 29.55
C2A CHL TF . 15.31 86.69 30.54
C3A CHL TF . 14.21 86.54 31.57
C4A CHL TF . 13.32 85.56 30.87
CMA CHL TF . 14.73 85.95 32.86
CAA CHL TF . 15.31 88.07 29.89
CBA CHL TF . 15.51 89.13 30.97
CGA CHL TF . 16.76 88.85 31.77
O1A CHL TF . 17.85 88.91 31.24
O2A CHL TF . 16.67 88.46 33.17
NB CHL TF . 11.01 84.58 29.40
C1B CHL TF . 10.95 84.98 30.69
C2B CHL TF . 9.59 85.21 31.24
C3B CHL TF . 8.76 84.90 30.05
C4B CHL TF . 9.72 84.53 28.99
CMB CHL TF . 9.15 85.64 32.60
CAB CHL TF . 7.29 84.96 29.97
CBB CHL TF . 6.67 85.35 28.87
NC CHL TF . 11.62 83.20 26.89
C1C CHL TF . 10.29 83.32 26.77
C2C CHL TF . 9.80 82.51 25.62
C3C CHL TF . 10.98 81.87 25.04
C4C CHL TF . 12.07 82.38 25.93
CMC CHL TF . 8.39 82.36 25.15
OMC CHL TF . 7.47 82.42 25.94
CAC CHL TF . 11.08 80.93 23.86
CBC CHL TF . 11.49 81.70 22.62
ND CHL TF . 14.36 83.55 27.29
C1D CHL TF . 14.58 82.72 26.26
C2D CHL TF . 16.03 82.72 25.95
C3D CHL TF . 16.62 83.67 26.91
C4D CHL TF . 15.55 84.13 27.68
CMD CHL TF . 16.95 82.05 24.95
CAD CHL TF . 17.86 84.34 27.39
OBD CHL TF . 19.03 84.13 26.89
CBD CHL TF . 17.49 85.23 28.51
CGD CHL TF . 18.16 84.77 29.76
O1D CHL TF . 17.86 83.69 30.27
O2D CHL TF . 19.17 85.60 30.40
CED CHL TF . 19.41 85.48 31.79
C1 CHL TF . 17.07 89.36 34.20
C2 CHL TF . 16.26 89.08 35.44
C3 CHL TF . 16.68 88.18 36.35
C4 CHL TF . 18.00 87.48 36.13
C5 CHL TF . 15.87 87.90 37.59
MG CLA UF . 23.94 86.59 23.19
CHA CLA UF . 21.55 88.04 21.12
CHB CLA UF . 26.36 88.34 21.59
CHC CLA UF . 26.25 85.28 25.38
CHD CLA UF . 21.37 84.79 24.82
NA CLA UF . 23.93 87.95 21.60
C1A CLA UF . 22.84 88.44 20.88
C2A CLA UF . 23.29 89.42 19.80
C3A CLA UF . 24.82 89.33 19.86
C4A CLA UF . 25.08 88.49 21.11
CMA CLA UF . 25.38 88.66 18.62
CAA CLA UF . 22.83 90.83 20.15
CBA CLA UF . 23.05 91.18 21.61
CGA CLA UF . 24.39 91.86 21.81
O1A CLA UF . 24.82 92.89 21.28
O2A CLA UF . 25.18 91.22 22.72
NB CLA UF . 25.94 86.73 23.39
C1B CLA UF . 26.72 87.59 22.72
C2B CLA UF . 28.08 87.63 23.31
C3B CLA UF . 28.07 86.77 24.38
C4B CLA UF . 26.69 86.18 24.45
CMB CLA UF . 29.14 88.47 22.77
CAB CLA UF . 29.11 86.43 25.31
CBB CLA UF . 30.02 87.27 25.81
NC CLA UF . 23.83 85.26 24.79
C1C CLA UF . 24.90 84.85 25.53
C2C CLA UF . 24.47 83.92 26.56
C3C CLA UF . 23.09 83.79 26.42
C4C CLA UF . 22.69 84.63 25.31
CMC CLA UF . 25.36 83.27 27.53
CAC CLA UF . 22.21 82.94 27.24
CBC CLA UF . 21.80 83.61 28.52
ND CLA UF . 21.93 86.42 23.08
C1D CLA UF . 20.99 85.63 23.79
C2D CLA UF . 19.65 85.85 23.22
C3D CLA UF . 19.79 86.77 22.20
C4D CLA UF . 21.25 87.09 22.14
CMD CLA UF . 18.42 85.20 23.70
CAD CLA UF . 19.15 87.53 21.14
OBD CLA UF . 17.96 87.57 20.81
CBD CLA UF . 20.25 88.37 20.42
CGD CLA UF . 20.31 88.02 18.96
O1D CLA UF . 19.78 88.62 18.01
O2D CLA UF . 21.03 86.90 18.69
CED CLA UF . 21.81 86.89 17.50
C1 CLA UF . 26.35 91.93 23.19
C2 CLA UF . 26.89 91.17 24.34
C3 CLA UF . 27.96 91.56 25.04
C4 CLA UF . 28.70 92.80 24.70
C5 CLA UF . 28.47 90.77 26.18
C6 CLA UF . 28.58 91.57 27.46
C7 CLA UF . 28.91 90.64 28.62
C8 CLA UF . 29.08 91.40 29.92
C9 CLA UF . 30.08 90.70 30.81
C10 CLA UF . 27.76 91.56 30.66
C11 CLA UF . 27.19 90.22 31.08
C12 CLA UF . 26.61 90.27 32.49
C13 CLA UF . 25.42 89.34 32.65
C14 CLA UF . 24.16 89.97 32.13
C15 CLA UF . 25.25 88.93 34.11
C16 CLA UF . 24.61 87.56 34.22
C17 CLA UF . 25.40 86.53 33.45
C18 CLA UF . 24.62 85.24 33.25
C19 CLA UF . 23.28 85.53 32.61
C20 CLA UF . 25.42 84.28 32.39
MG CLA VF . 35.01 86.31 27.89
CHA CLA VF . 35.76 88.83 25.62
CHB CLA VF . 32.37 88.12 29.01
CHC CLA VF . 34.31 83.79 30.12
CHD CLA VF . 37.82 84.52 26.73
NA CLA VF . 34.21 88.16 27.36
C1A CLA VF . 34.66 89.06 26.40
C2A CLA VF . 33.78 90.30 26.33
C3A CLA VF . 32.78 90.05 27.49
C4A CLA VF . 33.12 88.66 27.99
CMA CLA VF . 33.03 90.97 28.64
CAA CLA VF . 33.03 90.34 25.01
CBA CLA VF . 32.31 91.65 24.86
CGA CLA VF . 33.29 92.72 24.47
O1A CLA VF . 33.79 92.92 23.37
O2A CLA VF . 33.66 93.53 25.51
NB CLA VF . 33.65 86.05 29.34
C1B CLA VF . 32.59 86.85 29.58
C2B CLA VF . 31.67 86.21 30.56
C3B CLA VF . 32.21 84.99 30.88
C4B CLA VF . 33.48 84.86 30.10
CMB CLA VF . 30.42 86.84 31.01
CAB CLA VF . 31.72 83.96 31.76
CBB CLA VF . 32.30 83.62 32.93
NC CLA VF . 35.91 84.48 28.32
C1C CLA VF . 35.45 83.60 29.28
C2C CLA VF . 36.31 82.43 29.31
C3C CLA VF . 37.30 82.64 28.36
C4C CLA VF . 37.04 83.93 27.74
CMC CLA VF . 36.12 81.28 30.19
CAC CLA VF . 38.40 81.73 28.02
CBC CLA VF . 38.07 80.95 26.76
ND CLA VF . 36.40 86.50 26.44
C1D CLA VF . 37.54 85.72 26.11
C2D CLA VF . 38.30 86.39 25.04
C3D CLA VF . 37.64 87.58 24.79
C4D CLA VF . 36.50 87.61 25.72
CMD CLA VF . 39.50 85.87 24.39
CAD CLA VF . 37.61 88.79 24.00
OBD CLA VF . 38.29 89.12 23.05
CBD CLA VF . 36.46 89.68 24.58
CGD CLA VF . 37.03 90.94 25.17
O1D CLA VF . 37.39 91.96 24.58
O2D CLA VF . 37.14 90.89 26.53
CED CLA VF . 37.40 92.11 27.24
C1 CLA VF . 32.64 94.31 26.17
C2 CLA VF . 32.96 94.17 27.61
C3 CLA VF . 33.99 94.77 28.22
C4 CLA VF . 34.92 95.67 27.50
C5 CLA VF . 34.26 94.58 29.67
C6 CLA VF . 33.19 93.80 30.40
C7 CLA VF . 33.57 93.33 31.80
C8 CLA VF . 35.05 93.01 32.01
C9 CLA VF . 35.49 91.82 31.19
C10 CLA VF . 35.34 92.73 33.48
C11 CLA VF . 36.77 92.29 33.67
C12 CLA VF . 36.98 91.53 34.96
C13 CLA VF . 38.45 91.54 35.37
C14 CLA VF . 39.07 92.89 35.11
C15 CLA VF . 39.26 90.45 34.68
C16 CLA VF . 40.67 90.38 35.22
C17 CLA VF . 41.63 89.73 34.25
C18 CLA VF . 41.86 88.26 34.53
C19 CLA VF . 42.97 87.69 33.68
C20 CLA VF . 42.18 88.03 35.99
MG CLA WF . 39.99 67.01 28.76
CHA CLA WF . 42.06 65.33 30.98
CHB CLA WF . 41.74 69.87 29.26
CHC CLA WF . 37.97 68.58 26.47
CHD CLA WF . 38.13 64.02 28.34
NA CLA WF . 41.63 67.50 29.94
C1A CLA WF . 42.36 66.66 30.81
C2A CLA WF . 43.48 67.44 31.49
C3A CLA WF . 43.27 68.89 31.00
C4A CLA WF . 42.14 68.76 29.98
CMA CLA WF . 42.88 69.81 32.13
CAA CLA WF . 44.85 66.93 31.09
CBA CLA WF . 45.27 67.38 29.69
CGA CLA WF . 46.06 66.29 29.04
O1A CLA WF . 46.44 65.20 29.50
O2A CLA WF . 46.39 66.58 27.74
NB CLA WF . 39.85 68.88 28.05
C1B CLA WF . 40.71 69.89 28.31
C2B CLA WF . 40.41 71.06 27.44
C3B CLA WF . 39.34 70.70 26.64
C4B CLA WF . 38.97 69.31 27.03
CMB CLA WF . 41.17 72.31 27.46
CAB CLA WF . 38.66 71.45 25.63
CBB CLA WF . 38.19 72.70 25.79
NC CLA WF . 38.37 66.39 27.62
C1C CLA WF . 37.69 67.21 26.74
C2C CLA WF . 36.62 66.48 26.11
C3C CLA WF . 36.64 65.18 26.64
C4C CLA WF . 37.74 65.14 27.60
CMC CLA WF . 35.77 67.09 25.09
CAC CLA WF . 35.76 64.04 26.33
CBC CLA WF . 36.41 62.92 25.57
ND CLA WF . 40.07 65.09 29.40
C1D CLA WF . 39.22 63.98 29.18
C2D CLA WF . 39.72 62.82 29.96
C3D CLA WF . 40.83 63.27 30.65
C4D CLA WF . 40.98 64.70 30.29
CMD CLA WF . 39.13 61.49 29.94
CAD CLA WF . 41.90 62.94 31.57
OBD CLA WF . 42.20 61.86 32.05
CBD CLA WF . 42.67 64.26 31.86
CGD CLA WF . 42.59 64.60 33.32
O1D CLA WF . 43.51 64.61 34.15
O2D CLA WF . 41.33 64.93 33.74
CED CLA WF . 40.99 64.68 35.10
C1 CLA WF . 46.86 65.45 26.95
C2 CLA WF . 46.40 65.69 25.57
C3 CLA WF . 46.44 64.74 24.62
C4 CLA WF . 46.95 63.37 24.90
C5 CLA WF . 45.96 65.01 23.23
MG CHL XF . 54.95 63.34 27.46
CHA CHL XF . 53.36 60.96 25.41
CHB CHL XF . 56.68 60.80 28.90
CHC CHL XF . 56.74 65.68 29.32
CHD CHL XF . 52.94 65.96 26.08
NA CHL XF . 55.03 61.36 27.24
C1A CHL XF . 54.42 60.64 26.39
C2A CHL XF . 54.82 59.21 26.43
C3A CHL XF . 55.47 59.07 27.76
C4A CHL XF . 55.75 60.52 28.01
CMA CHL XF . 54.51 58.48 28.77
CAA CHL XF . 55.90 59.06 25.41
CBA CHL XF . 55.48 57.99 24.43
CGA CHL XF . 56.70 57.13 24.41
O1A CHL XF . 56.61 55.92 24.39
O2A CHL XF . 57.98 57.83 24.46
NB CHL XF . 56.45 63.25 28.86
C1B CHL XF . 57.06 62.14 29.35
C2B CHL XF . 58.11 62.34 30.37
C3B CHL XF . 58.11 63.79 30.47
C4B CHL XF . 57.07 64.25 29.52
CMB CHL XF . 58.96 61.32 31.09
CAB CHL XF . 58.98 64.61 31.34
CBB CHL XF . 59.64 65.65 30.85
NC CHL XF . 54.85 65.38 27.66
C1C CHL XF . 55.65 66.13 28.46
C2C CHL XF . 55.31 67.57 28.37
C3C CHL XF . 54.19 67.67 27.42
C4C CHL XF . 53.99 66.24 27.05
CMC CHL XF . 55.94 68.70 29.08
OMC CHL XF . 56.62 68.53 30.09
CAC CHL XF . 53.43 68.89 26.95
CBC CHL XF . 54.22 69.66 25.91
ND CHL XF . 53.46 63.56 26.07
C1D CHL XF . 52.73 64.58 25.59
C2D CHL XF . 51.78 64.10 24.57
C3D CHL XF . 52.03 62.66 24.50
C4D CHL XF . 53.05 62.41 25.43
CMD CHL XF . 50.72 64.70 23.67
CAD CHL XF . 51.64 61.38 23.84
OBD CHL XF . 50.73 61.27 22.94
CBD CHL XF . 52.48 60.32 24.42
CGD CHL XF . 51.54 59.33 25.06
O1D CHL XF . 51.24 59.41 26.23
O2D CHL XF . 50.96 58.30 24.23
CED CHL XF . 49.87 57.52 24.72
C1 CHL XF . 58.53 58.42 23.28
C2 CHL XF . 58.11 59.87 23.12
MG CHL YF . 46.12 72.01 27.69
CHA CHL YF . 47.91 69.81 25.65
CHB CHL YF . 45.37 73.82 24.95
CHC CHL YF . 43.90 73.87 29.63
CHD CHL YF . 47.37 70.39 30.63
NA CHL YF . 46.43 71.83 25.73
C1A CHL YF . 47.06 70.90 25.11
C2A CHL YF . 47.02 70.98 23.61
C3A CHL YF . 46.35 72.30 23.38
C4A CHL YF . 46.02 72.69 24.78
CMA CHL YF . 47.31 73.30 22.74
CAA CHL YF . 46.23 69.85 22.97
CBA CHL YF . 46.52 69.81 21.48
CGA CHL YF . 47.68 68.87 21.24
O1A CHL YF . 47.86 67.91 21.98
O2A CHL YF . 48.62 69.09 20.14
NB CHL YF . 44.85 73.58 27.34
C1B CHL YF . 44.64 74.21 26.16
C2B CHL YF . 43.66 75.33 26.16
C3B CHL YF . 43.25 75.32 27.57
C4B CHL YF . 44.01 74.22 28.20
CMB CHL YF . 43.22 76.22 25.04
CAB CHL YF . 42.26 76.22 28.21
CBB CHL YF . 41.36 75.75 29.05
NC CHL YF . 45.72 72.12 29.72
C1C CHL YF . 44.79 72.91 30.29
C2C CHL YF . 44.76 72.74 31.76
C3C CHL YF . 45.79 71.72 32.06
C4C CHL YF . 46.31 71.41 30.71
CMC CHL YF . 43.91 73.41 32.77
OMC CHL YF . 42.82 73.86 32.46
CAC CHL YF . 46.19 71.15 33.39
CBC CHL YF . 47.48 71.81 33.86
ND CHL YF . 47.36 70.45 28.19
C1D CHL YF . 47.79 69.88 29.32
C2D CHL YF . 48.69 68.75 29.01
C3D CHL YF . 48.74 68.73 27.54
C4D CHL YF . 47.91 69.78 27.11
CMD CHL YF . 49.49 67.73 29.76
CAD CHL YF . 49.30 68.05 26.35
OBD CHL YF . 50.10 67.04 26.42
CBD CHL YF . 48.78 68.74 25.16
CGD CHL YF . 49.95 69.34 24.45
O1D CHL YF . 50.53 70.32 24.90
O2D CHL YF . 50.42 68.76 23.21
CED CHL YF . 51.50 69.40 22.51
C1 CHL YF . 49.35 67.99 19.61
C2 CHL YF . 49.08 67.84 18.13
C3 CHL YF . 49.86 68.42 17.20
C4 CHL YF . 51.05 69.24 17.61
MG CHL ZF . 43.49 77.08 35.36
CHA CHL ZF . 44.10 76.52 38.75
CHB CHL ZF . 40.30 77.92 36.19
CHC CHL ZF . 42.90 77.91 32.04
CHD CHL ZF . 46.78 75.94 34.53
NA CHL ZF . 42.41 77.19 37.04
C1A CHL ZF . 42.82 77.02 38.24
C2A CHL ZF . 41.81 77.37 39.28
C3A CHL ZF . 40.54 77.20 38.50
C4A CHL ZF . 41.10 77.44 37.14
CMA CHL ZF . 39.97 75.80 38.60
CAA CHL ZF . 42.04 78.81 39.70
CBA CHL ZF . 41.69 79.06 41.17
CGA CHL ZF . 40.91 80.36 41.29
O1A CHL ZF . 41.44 81.43 41.05
O2A CHL ZF . 39.52 80.31 41.68
NB CHL ZF . 41.87 77.80 34.30
C1B CHL ZF . 40.64 78.10 34.78
C2B CHL ZF . 39.65 78.61 33.79
C3B CHL ZF . 40.46 78.59 32.57
C4B CHL ZF . 41.79 78.09 32.98
CMB CHL ZF . 38.21 79.02 33.98
CAB CHL ZF . 40.03 79.00 31.20
CBB CHL ZF . 40.79 79.79 30.46
NC CHL ZF . 44.61 76.94 33.64
C1C CHL ZF . 44.20 77.32 32.42
C2C CHL ZF . 45.24 77.09 31.38
C3C CHL ZF . 46.38 76.52 32.11
C4C CHL ZF . 45.87 76.46 33.49
CMC CHL ZF . 45.19 77.36 29.93
OMC CHL ZF . 44.47 78.25 29.48
CAC CHL ZF . 47.71 76.06 31.55
CBC CHL ZF . 48.71 77.18 31.54
ND CHL ZF . 45.16 76.37 36.30
C1D CHL ZF . 46.37 75.97 35.94
C2D CHL ZF . 47.15 75.56 37.13
C3D CHL ZF . 46.23 75.79 38.26
C4D CHL ZF . 45.05 76.27 37.68
CMD CHL ZF . 48.53 75.03 37.44
CAD CHL ZF . 46.06 75.71 39.73
OBD CHL ZF . 46.96 75.30 40.55
CBD CHL ZF . 44.69 76.17 40.04
CGD CHL ZF . 43.98 74.98 40.61
O1D CHL ZF . 44.05 73.90 40.06
O2D CHL ZF . 43.18 75.10 41.81
CED CHL ZF . 42.44 73.98 42.29
C1 CHL ZF . 38.66 81.42 41.43
C2 CHL ZF . 38.03 81.28 40.06
C3 CHL ZF . 37.10 80.34 39.79
C4 CHL ZF . 36.64 79.39 40.86
C5 CHL ZF . 36.51 80.24 38.41
C6 CHL ZF . 37.27 81.11 37.43
MG CHL AG . 40.68 76.36 13.20
CHA CHL AG . 38.15 76.63 15.59
CHB CHL AG . 42.02 73.90 15.10
CHC CHL AG . 43.27 76.06 10.90
CHD CHL AG . 38.97 78.66 11.04
NA CHL AG . 40.33 75.57 14.99
C1A CHL AG . 39.33 75.77 15.76
C2A CHL AG . 39.40 75.02 17.07
C3A CHL AG . 40.84 74.60 17.09
C4A CHL AG . 41.12 74.70 15.64
CMA CHL AG . 41.69 75.60 17.85
CAA CHL AG . 38.47 73.82 17.09
CBA CHL AG . 38.12 73.32 15.70
CGA CHL AG . 37.25 72.08 15.80
NB CHL AG . 42.36 75.18 13.04
C1B CHL AG . 42.78 74.22 13.90
C2B CHL AG . 44.04 73.50 13.55
C3B CHL AG . 44.38 74.18 12.31
C4B CHL AG . 43.30 75.17 12.07
CMB CHL AG . 44.77 72.40 14.27
CAB CHL AG . 45.54 73.90 11.44
CBB CHL AG . 45.35 73.56 10.18
NC CHL AG . 41.05 77.19 11.35
C1C CHL AG . 42.13 76.93 10.60
C2C CHL AG . 42.08 77.69 9.31
C3C CHL AG . 40.84 78.45 9.34
C4C CHL AG . 40.27 78.06 10.66
CMC CHL AG . 43.07 77.70 8.20
OMC CHL AG . 44.23 77.36 8.38
CAC CHL AG . 40.27 79.38 8.30
CBC CHL AG . 39.47 78.57 7.30
ND CHL AG . 38.96 77.48 13.19
C1D CHL AG . 38.37 78.32 12.35
C2D CHL AG . 37.10 78.80 12.92
C3D CHL AG . 37.01 78.12 14.22
C4D CHL AG . 38.17 77.34 14.31
CMD CHL AG . 35.97 79.73 12.53
CAD CHL AG . 36.20 77.95 15.46
OBD CHL AG . 35.09 78.53 15.68
CBD CHL AG . 36.93 76.99 16.31
CGD CHL AG . 37.25 77.57 17.66
O1D CHL AG . 38.26 78.22 17.86
O2D CHL AG . 36.36 77.27 18.77
CED CHL AG . 36.71 76.27 19.71
MG CHL BG . 41.99 83.42 21.46
CHA CHL BG . 39.04 85.07 20.70
CHB CHL BG . 43.84 85.78 19.81
CHC CHL BG . 44.98 82.07 22.77
CHD CHL BG . 40.18 81.36 23.63
NA CHL BG . 41.51 85.19 20.37
C1A CHL BG . 40.22 85.69 20.17
C2A CHL BG . 40.29 86.96 19.35
C3A CHL BG . 41.78 87.08 19.01
C4A CHL BG . 42.45 85.96 19.74
CMA CHL BG . 41.98 86.82 17.51
CAA CHL BG . 40.00 88.21 20.24
CBA CHL BG . 39.84 87.94 21.76
CGA CHL BG . 40.19 89.13 22.71
O1A CHL BG . 39.94 90.31 22.35
O2A CHL BG . 40.67 88.90 24.02
NB CHL BG . 44.05 83.88 21.32
C1B CHL BG . 44.56 84.86 20.54
C2B CHL BG . 46.00 84.82 20.61
C3B CHL BG . 46.34 83.82 21.46
C4B CHL BG . 45.10 83.19 21.90
CMB CHL BG . 46.93 85.75 19.89
CAB CHL BG . 47.73 83.62 21.74
CBB CHL BG . 48.13 82.66 22.61
NC CHL BG . 42.49 81.93 22.87
C1C CHL BG . 43.78 81.51 23.22
C2C CHL BG . 43.65 80.44 24.18
C3C CHL BG . 42.30 80.26 24.42
C4C CHL BG . 41.59 81.20 23.62
CMC CHL BG . 44.82 79.64 24.82
OMC CHL BG . 45.99 79.88 24.52
CAC CHL BG . 41.62 79.26 25.36
CBC CHL BG . 41.99 79.63 26.78
ND CHL BG . 40.07 83.18 22.03
C1D CHL BG . 39.46 82.29 22.88
C2D CHL BG . 38.02 82.49 22.89
C3D CHL BG . 37.80 83.51 22.02
C4D CHL BG . 39.07 83.94 21.52
CMD CHL BG . 36.99 81.74 23.75
CAD CHL BG . 36.80 84.36 21.40
OBD CHL BG . 35.59 84.34 21.49
CBD CHL BG . 37.54 85.45 20.61
CGD CHL BG . 37.05 85.55 19.17
O1D CHL BG . 37.70 85.03 18.23
O2D CHL BG . 35.91 86.34 18.91
CED CHL BG . 35.45 86.49 17.55
C1 CHL BG . 40.34 89.80 25.12
C2 CHL BG . 39.99 88.99 26.29
C3 CHL BG . 40.68 88.73 27.46
C4 CHL BG . 42.08 89.30 27.74
C5 CHL BG . 40.12 87.85 28.60
C6 CHL BG . 38.57 87.90 28.70
C7 CHL BG . 38.05 87.10 29.89
C8 CHL BG . 36.51 87.09 30.00
C9 CHL BG . 35.93 88.47 30.32
C10 CHL BG . 36.00 86.08 30.97
C11 CHL BG . 35.00 86.62 31.98
C12 CHL BG . 34.52 85.45 32.84
C13 CHL BG . 33.03 85.48 33.22
C14 CHL BG . 32.57 86.87 33.63
C15 CHL BG . 32.74 84.41 34.29
C16 CHL BG . 33.93 83.96 35.11
C17 CHL BG . 33.66 82.96 36.23
C18 CHL BG . 32.20 82.55 36.44
C19 CHL BG . 31.37 83.77 36.82
C20 CHL BG . 32.09 81.52 37.54
MG CLA CG . 30.16 72.91 14.36
CHA CLA CG . 30.78 73.40 10.98
CHB CLA CG . 26.86 72.38 13.66
CHC CLA CG . 29.62 72.24 17.68
CHD CLA CG . 33.57 73.49 15.01
NA CLA CG . 29.03 72.90 12.60
C1A CLA CG . 29.47 73.11 11.29
C2A CLA CG . 28.33 73.01 10.29
C3A CLA CG . 27.08 72.88 11.19
C4A CLA CG . 27.68 72.68 12.59
CMA CLA CG . 26.26 74.12 11.12
CAA CLA CG . 28.49 71.75 9.45
CBA CLA CG . 29.07 70.58 10.23
CGA CLA CG . 27.98 69.67 10.72
O1A CLA CG . 27.20 68.99 10.06
O2A CLA CG . 27.91 69.62 12.09
NB CLA CG . 28.54 72.46 15.46
C1B CLA CG . 27.30 72.20 14.98
C2B CLA CG . 26.41 71.70 16.07
C3B CLA CG . 27.19 71.66 17.21
C4B CLA CG . 28.55 72.15 16.84
CMB CLA CG . 25.02 71.34 15.85
CAB CLA CG . 26.86 71.23 18.54
CBB CLA CG . 26.14 70.14 18.85
NC CLA CG . 31.38 72.91 16.04
C1C CLA CG . 30.95 72.60 17.31
C2C CLA CG . 32.07 72.67 18.24
C3C CLA CG . 33.19 73.02 17.49
C4C CLA CG . 32.75 73.17 16.11
CMC CLA CG . 32.01 72.40 19.68
CAC CLA CG . 34.56 73.20 17.98
CBC CLA CG . 35.45 72.03 17.64
ND CLA CG . 31.83 73.33 13.31
C1D CLA CG . 33.17 73.57 13.70
C2D CLA CG . 33.98 73.89 12.50
C3D CLA CG . 33.10 73.83 11.43
C4D CLA CG . 31.78 73.49 11.99
CMD CLA CG . 35.40 74.20 12.50
CAD CLA CG . 32.95 73.97 10.00
OBD CLA CG . 33.80 74.24 9.14
CBD CLA CG . 31.44 73.71 9.68
CGD CLA CG . 30.78 74.90 9.03
O1D CLA CG . 29.81 75.53 9.45
O2D CLA CG . 31.35 75.29 7.85
CED CLA CG . 30.79 74.81 6.63
C1 CLA CG . 26.78 68.92 12.65
C2 CLA CG . 27.04 68.71 14.09
C3 CLA CG . 26.81 67.53 14.71
C4 CLA CG . 26.28 66.37 13.98
C5 CLA CG . 27.08 67.35 16.17
C6 CLA CG . 28.10 66.26 16.44
C7 CLA CG . 28.24 65.97 17.92
C8 CLA CG . 29.58 65.29 18.25
C9 CLA CG . 29.65 63.91 17.65
C10 CLA CG . 29.80 65.22 19.76
C11 CLA CG . 30.99 64.35 20.12
C12 CLA CG . 32.29 65.14 20.10
C13 CLA CG . 33.14 64.83 21.33
C14 CLA CG . 33.50 66.10 22.08
C15 CLA CG . 34.40 64.06 20.95
MG CLA DG . 13.55 73.27 23.64
CHA CLA DG . 15.23 73.19 20.60
CHB CLA DG . 10.70 72.18 22.09
CHC CLA DG . 11.79 73.82 26.50
CHD CLA DG . 16.47 74.50 25.15
NA CLA DG . 13.11 72.67 21.73
C1A CLA DG . 13.85 72.69 20.67
C2A CLA DG . 13.21 72.10 19.46
C3A CLA DG . 11.78 71.96 19.92
C4A CLA DG . 11.87 72.18 21.38
CMA CLA DG . 10.98 73.16 19.46
CAA CLA DG . 13.82 70.74 19.13
NB CLA DG . 11.59 73.25 24.15
C1B CLA DG . 10.58 72.78 23.41
C2B CLA DG . 9.28 72.90 24.06
C3B CLA DG . 9.60 73.36 25.31
C4B CLA DG . 11.04 73.50 25.32
CMB CLA DG . 7.94 72.51 23.52
CAB CLA DG . 8.58 73.59 26.35
CBB CLA DG . 7.64 74.48 26.04
NC CLA DG . 14.07 73.94 25.53
C1C CLA DG . 13.23 74.08 26.54
C2C CLA DG . 13.91 74.53 27.74
C3C CLA DG . 15.22 74.77 27.34
C4C CLA DG . 15.33 74.39 25.94
CMC CLA DG . 13.31 74.82 29.08
CAC CLA DG . 16.34 75.23 28.17
CBC CLA DG . 16.51 74.23 29.30
ND CLA DG . 15.47 73.60 23.10
C1D CLA DG . 16.56 74.15 23.82
C2D CLA DG . 17.71 74.32 22.91
C3D CLA DG . 17.23 74.03 21.65
C4D CLA DG . 15.84 73.59 21.82
CMD CLA DG . 19.08 74.92 23.00
CAD CLA DG . 17.53 73.92 20.24
OBD CLA DG . 18.65 74.21 19.69
CBD CLA DG . 16.26 73.42 19.52
CGD CLA DG . 15.98 74.53 18.55
O1D CLA DG . 15.32 75.51 18.83
O2D CLA DG . 16.62 74.29 17.37
CED CLA DG . 17.42 73.10 17.16
MG CLA EG . 23.15 68.33 20.90
CHA CLA EG . 20.72 68.19 18.47
CHB CLA EG . 25.54 67.24 18.73
CHC CLA EG . 25.39 67.86 23.53
CHD CLA EG . 20.58 68.79 23.28
NA CLA EG . 23.13 67.82 18.87
C1A CLA EG . 22.01 67.90 18.02
C2A CLA EG . 22.40 67.53 16.63
C3A CLA EG . 23.91 67.22 16.71
C4A CLA EG . 24.25 67.43 18.17
CMA CLA EG . 24.13 65.71 16.42
CAA CLA EG . 22.03 68.53 15.54
CBA CLA EG . 22.48 68.16 14.11
CGA CLA EG . 21.59 67.14 13.40
O1A CLA EG . 20.37 67.21 13.53
O2A CLA EG . 22.10 66.30 12.39
NB CLA EG . 25.13 67.69 21.09
C1B CLA EG . 25.94 67.35 20.04
C2B CLA EG . 27.26 67.06 20.55
C3B CLA EG . 27.23 67.24 21.89
C4B CLA EG . 25.87 67.64 22.24
CMB CLA EG . 28.42 66.60 19.72
CAB CLA EG . 28.42 66.99 22.65
CBB CLA EG . 28.39 67.14 24.01
NC CLA EG . 23.03 68.36 23.01
C1C CLA EG . 24.08 68.17 23.88
C2C CLA EG . 23.59 68.28 25.23
C3C CLA EG . 22.25 68.57 25.16
C4C CLA EG . 21.90 68.59 23.77
CMC CLA EG . 24.43 68.10 26.54
CAC CLA EG . 21.27 68.81 26.33
CBC CLA EG . 20.44 67.56 26.58
ND CLA EG . 21.14 68.50 20.92
C1D CLA EG . 20.23 68.72 21.93
C2D CLA EG . 18.89 68.83 21.39
C3D CLA EG . 19.02 68.65 20.06
C4D CLA EG . 20.42 68.45 19.79
CMD CLA EG . 17.61 69.06 22.19
CAD CLA EG . 18.34 68.55 18.78
OBD CLA EG . 17.14 68.61 18.51
CBD CLA EG . 19.39 68.25 17.69
CGD CLA EG . 19.09 66.87 17.10
O1D CLA EG . 18.53 66.72 15.95
O2D CLA EG . 19.45 65.74 17.92
CED CLA EG . 19.24 64.41 17.45
C1 CLA EG . 21.52 64.96 12.23
C2 CLA EG . 22.54 63.97 12.50
C3 CLA EG . 23.43 63.34 11.65
C4 CLA EG . 23.51 63.64 10.14
C5 CLA EG . 24.46 62.31 12.15
C6 CLA EG . 24.72 62.42 13.67
C7 CLA EG . 26.17 62.10 13.96
C8 CLA EG . 26.58 62.18 15.44
C9 CLA EG . 28.00 61.65 15.68
C10 CLA EG . 25.47 61.62 16.33
C11 CLA EG . 25.64 60.80 17.61
C12 CLA EG . 27.08 60.78 18.15
C13 CLA EG . 27.24 61.13 19.64
C14 CLA EG . 25.93 61.61 20.28
C15 CLA EG . 28.40 62.10 19.82
MG CLA FG . 22.80 75.80 39.85
CHA CLA FG . 22.91 74.66 43.11
CHB CLA FG . 21.56 72.79 38.84
CHC CLA FG . 22.59 77.02 36.63
CHD CLA FG . 24.05 78.92 40.93
NA CLA FG . 22.34 74.02 40.83
C1A CLA FG . 22.44 73.75 42.21
C2A CLA FG . 21.98 72.34 42.52
C3A CLA FG . 21.63 71.74 41.13
C4A CLA FG . 21.84 72.93 40.18
CMA CLA FG . 22.50 70.57 40.79
CAA CLA FG . 20.74 72.39 43.39
CBA CLA FG . 19.55 72.97 42.66
CGA CLA FG . 19.41 74.43 42.99
O1A CLA FG . 19.28 74.96 44.09
O2A CLA FG . 19.45 75.23 41.87
NB CLA FG . 22.17 75.06 38.08
C1B CLA FG . 21.72 73.80 37.87
C2B CLA FG . 21.42 73.60 36.42
C3B CLA FG . 21.71 74.79 35.79
C4B CLA FG . 22.20 75.73 36.83
CMB CLA FG . 20.90 72.35 35.87
CAB CLA FG . 21.61 75.16 34.40
CBB CLA FG . 22.13 74.46 33.39
NC CLA FG . 23.26 77.63 38.95
C1C CLA FG . 23.09 77.90 37.63
C2C CLA FG . 23.49 79.27 37.35
C3C CLA FG . 23.90 79.82 38.56
C4C CLA FG . 23.75 78.78 39.57
CMC CLA FG . 23.45 79.92 36.03
CAC CLA FG . 24.38 81.20 38.78
CBC CLA FG . 23.32 82.10 39.35
ND CLA FG . 23.42 76.64 41.57
C1D CLA FG . 23.90 77.94 41.88
C2D CLA FG . 24.20 78.00 43.33
C3D CLA FG . 23.85 76.77 43.85
C4D CLA FG . 23.36 75.96 42.71
CMD CLA FG . 24.75 79.17 44.03
CAD CLA FG . 23.79 75.93 45.03
OBD CLA FG . 24.18 76.16 46.18
CBD CLA FG . 23.12 74.58 44.61
CGD CLA FG . 23.94 73.39 44.98
O1D CLA FG . 24.87 72.91 44.33
O2D CLA FG . 23.60 72.83 46.18
CED CLA FG . 23.83 71.43 46.38
C1 CLA FG . 19.93 76.58 42.06
C2 CLA FG . 19.61 77.31 40.82
C3 CLA FG . 19.93 78.60 40.61
C4 CLA FG . 20.63 79.40 41.64
C5 CLA FG . 19.60 79.29 39.34
C6 CLA FG . 19.05 78.36 38.27
C7 CLA FG . 17.73 78.86 37.74
C8 CLA FG . 17.34 78.15 36.46
C9 CLA FG . 18.39 78.40 35.39
C10 CLA FG . 15.98 78.62 35.98
C11 CLA FG . 14.96 77.51 36.00
C12 CLA FG . 13.64 77.99 36.62
C13 CLA FG . 12.81 76.80 37.10
C1 LUT GG . 24.67 69.76 35.69
C2 LUT GG . 24.91 69.67 37.19
C3 LUT GG . 25.14 70.99 37.92
C4 LUT GG . 26.02 71.91 37.09
C5 LUT GG . 25.30 72.16 35.78
C6 LUT GG . 24.87 71.13 35.07
C7 LUT GG . 24.54 71.32 33.64
C8 LUT GG . 25.51 71.43 32.71
C9 LUT GG . 25.14 71.62 31.30
C10 LUT GG . 26.09 71.63 30.36
C11 LUT GG . 25.77 71.81 28.93
C12 LUT GG . 26.68 71.43 28.04
C13 LUT GG . 26.53 71.49 26.58
C14 LUT GG . 27.51 71.04 25.80
C15 LUT GG . 27.40 71.02 24.34
C16 LUT GG . 23.23 69.36 35.40
C17 LUT GG . 25.60 68.78 34.99
C18 LUT GG . 25.09 73.57 35.32
C19 LUT GG . 23.69 71.79 30.95
C20 LUT GG . 25.29 72.03 25.94
O3 LUT GG . 25.77 70.74 39.18
C21 LUT GG . 32.02 66.42 13.03
C22 LUT GG . 31.86 66.11 11.54
C23 LUT GG . 31.74 67.31 10.60
C24 LUT GG . 32.11 68.63 11.22
C25 LUT GG . 32.07 68.83 12.55
C26 LUT GG . 31.49 67.78 13.43
C27 LUT GG . 31.88 68.03 14.87
C28 LUT GG . 30.93 68.39 15.74
C29 LUT GG . 31.23 68.63 17.16
C30 LUT GG . 30.21 68.85 18.01
C31 LUT GG . 30.39 69.08 19.43
C32 LUT GG . 29.33 69.42 20.15
C33 LUT GG . 29.37 69.65 21.61
C34 LUT GG . 28.27 70.09 22.24
C35 LUT GG . 28.27 70.27 23.69
C36 LUT GG . 33.49 66.30 13.42
C37 LUT GG . 31.23 65.36 13.81
C38 LUT GG . 32.61 70.10 13.13
C39 LUT GG . 32.65 68.67 17.62
C40 LUT GG . 30.61 69.36 22.40
O23 LUT GG . 30.41 67.38 10.08
C1 LUT HG . 38.61 74.05 32.41
C2 LUT HG . 39.18 72.94 33.29
C3 LUT HG . 39.18 71.53 32.69
C4 LUT HG . 37.93 71.31 31.86
C5 LUT HG . 37.97 72.32 30.75
C6 LUT HG . 38.23 73.60 31.02
C7 LUT HG . 38.14 74.65 29.99
C8 LUT HG . 36.95 75.20 29.75
C9 LUT HG . 36.74 76.27 28.76
C10 LUT HG . 35.60 76.96 28.89
C11 LUT HG . 35.17 78.07 28.07
C12 LUT HG . 34.08 78.68 28.55
C13 LUT HG . 33.45 79.86 27.96
C14 LUT HG . 32.45 80.44 28.62
C15 LUT HG . 31.78 81.64 28.16
C16 LUT HG . 39.66 75.14 32.24
C17 LUT HG . 37.40 74.65 33.10
C18 LUT HG . 37.72 71.86 29.35
C19 LUT HG . 37.73 76.60 27.68
C20 LUT HG . 33.94 80.43 26.66
O3 LUT HG . 39.20 70.58 33.76
C21 LUT HG . 23.60 91.72 28.04
C22 LUT HG . 22.92 92.92 27.39
C23 LUT HG . 21.75 92.50 26.52
C24 LUT HG . 22.16 91.40 25.57
C25 LUT HG . 23.10 90.50 25.89
C26 LUT HG . 24.09 90.71 27.00
C27 LUT HG . 24.41 89.41 27.70
C28 LUT HG . 25.65 88.94 27.68
C29 LUT HG . 25.98 87.67 28.36
C30 LUT HG . 27.16 87.08 28.15
C31 LUT HG . 27.51 85.83 28.81
C32 LUT HG . 28.47 85.11 28.26
C33 LUT HG . 28.94 83.82 28.80
C34 LUT HG . 30.07 83.31 28.28
C35 LUT HG . 30.67 82.06 28.74
C36 LUT HG . 22.62 91.04 29.00
C37 LUT HG . 24.79 92.22 28.85
C38 LUT HG . 23.15 89.22 25.11
C39 LUT HG . 24.98 87.04 29.29
C40 LUT HG . 28.20 83.10 29.88
O23 LUT HG . 21.30 93.62 25.75
C1 XAT IG . 24.44 83.35 47.26
C2 XAT IG . 24.96 83.36 48.69
C3 XAT IG . 24.77 84.75 49.26
C4 XAT IG . 23.28 84.94 49.51
C5 XAT IG . 22.39 84.62 48.30
C6 XAT IG . 22.98 83.81 47.14
C7 XAT IG . 22.00 82.81 46.56
C8 XAT IG . 21.45 83.09 45.39
C9 XAT IG . 20.49 82.17 44.76
C10 XAT IG . 19.59 82.67 43.91
C11 XAT IG . 18.62 81.81 43.25
C12 XAT IG . 18.14 82.26 42.10
C13 XAT IG . 17.17 81.49 41.32
C14 XAT IG . 16.50 82.11 40.35
C15 XAT IG . 15.53 81.38 39.55
C16 XAT IG . 24.61 81.94 46.71
C17 XAT IG . 25.31 84.29 46.42
C18 XAT IG . 20.96 84.16 48.62
C19 XAT IG . 20.55 80.70 45.03
C20 XAT IG . 16.94 80.03 41.59
O3 XAT IG . 25.50 84.87 50.48
O4 XAT IG . 22.69 85.20 47.04
C21 XAT IG . 9.56 78.36 28.89
C22 XAT IG . 8.90 78.41 27.53
C23 XAT IG . 7.40 78.49 27.67
C24 XAT IG . 7.11 79.89 28.15
C25 XAT IG . 7.69 80.13 29.55
C26 XAT IG . 8.94 79.31 29.93
C27 XAT IG . 9.91 80.16 30.73
C28 XAT IG . 9.98 79.99 32.05
C29 XAT IG . 10.92 80.82 32.78
C30 XAT IG . 10.98 80.74 34.11
C31 XAT IG . 11.94 81.57 34.82
C32 XAT IG . 12.33 81.15 36.01
C33 XAT IG . 13.30 81.93 36.79
C34 XAT IG . 13.87 81.34 37.84
C35 XAT IG . 14.85 82.06 38.64
C36 XAT IG . 11.04 78.67 28.73
C37 XAT IG . 9.48 76.94 29.42
C38 XAT IG . 7.79 81.58 30.02
C39 XAT IG . 11.83 81.76 32.05
C40 XAT IG . 13.63 83.35 36.42
O23 XAT IG . 6.76 78.30 26.41
O24 XAT IG . 7.66 79.07 30.52
C1 NEX JG . 53.67 74.47 6.82
C2 NEX JG . 53.64 75.71 5.94
C3 NEX JG . 53.29 75.32 4.53
C4 NEX JG . 51.83 74.88 4.54
C5 NEX JG . 51.70 73.56 5.33
C6 NEX JG . 52.42 73.65 6.66
C7 NEX JG . 52.01 72.98 7.63
C8 NEX JG . 51.63 72.31 8.63
C9 NEX JG . 51.08 72.95 9.83
C10 NEX JG . 51.03 72.27 10.97
C11 NEX JG . 50.45 72.86 12.16
C12 NEX JG . 50.44 72.20 13.32
C13 NEX JG . 49.81 72.86 14.46
C14 NEX JG . 49.32 72.12 15.47
C15 NEX JG . 48.66 72.79 16.57
C16 NEX JG . 53.83 74.88 8.28
C17 NEX JG . 54.84 73.59 6.40
C18 NEX JG . 50.22 73.25 5.56
C19 NEX JG . 50.55 74.36 9.78
C20 NEX JG . 49.68 74.35 14.49
O3 NEX JG . 53.48 76.45 3.65
O4 NEX JG . 52.24 72.49 4.55
C21 NEX JG . 40.89 68.00 23.41
C22 NEX JG . 40.55 67.11 24.58
C23 NEX JG . 41.79 66.41 25.09
C24 NEX JG . 42.57 67.48 25.82
C25 NEX JG . 43.02 68.60 24.87
C26 NEX JG . 42.15 68.86 23.62
C27 NEX JG . 42.03 70.35 23.34
C28 NEX JG . 42.55 70.90 22.25
C29 NEX JG . 42.40 72.35 22.06
C30 NEX JG . 42.96 72.99 21.03
C31 NEX JG . 43.75 72.30 20.03
C32 NEX JG . 44.84 72.91 19.56
C33 NEX JG . 45.67 72.28 18.51
C34 NEX JG . 46.85 72.81 18.18
C35 NEX JG . 47.60 72.19 17.10
C36 NEX JG . 39.71 68.91 23.14
C37 NEX JG . 41.11 67.13 22.18
C38 NEX JG . 43.47 69.91 25.52
C39 NEX JG . 41.61 73.15 23.04
C40 NEX JG . 45.17 71.05 17.80
O23 NEX JG . 41.44 65.37 26.02
O24 NEX JG . 43.45 68.28 23.55
O1 LHG KG . 9.77 75.64 22.76
C1 LHG KG . 8.85 75.91 21.69
C2 LHG KG . 9.21 77.24 21.03
O2 LHG KG . 8.51 77.35 19.79
C3 LHG KG . 10.72 77.28 20.78
O3 LHG KG . 11.42 76.91 21.96
P LHG KG . 12.92 77.43 22.18
O4 LHG KG . 13.83 76.64 21.27
O5 LHG KG . 12.90 78.93 22.10
O6 LHG KG . 13.26 77.02 23.70
C4 LHG KG . 13.39 78.06 24.67
C5 LHG KG . 14.62 77.90 25.54
C6 LHG KG . 15.86 77.85 24.67
O7 LHG KG . 14.72 79.06 26.35
C7 LHG KG . 14.46 78.86 27.76
O9 LHG KG . 14.38 77.74 28.22
C8 LHG KG . 14.29 80.08 28.64
C9 LHG KG . 14.56 79.72 30.10
C10 LHG KG . 15.15 80.93 30.80
O8 LHG KG . 17.00 77.97 25.51
C23 LHG KG . 18.22 78.60 25.04
O10 LHG KG . 18.26 79.06 23.92
C24 LHG KG . 19.43 78.67 25.94
C11 LHG KG . 15.37 80.70 32.29
C12 LHG KG . 16.18 81.83 32.89
C13 LHG KG . 16.12 81.77 34.41
C14 LHG KG . 17.49 82.00 35.03
C15 LHG KG . 17.88 83.48 35.01
C16 LHG KG . 18.88 83.77 36.13
C17 LHG KG . 18.28 83.41 37.48
C18 LHG KG . 19.31 83.53 38.59
C19 LHG KG . 19.80 84.98 38.71
C20 LHG KG . 20.99 85.06 39.65
C21 LHG KG . 20.66 84.48 41.03
C22 LHG KG . 21.87 84.48 41.92
C25 LHG KG . 19.26 79.86 26.87
C26 LHG KG . 20.28 79.84 27.99
C27 LHG KG . 19.61 80.19 29.31
C28 LHG KG . 18.61 79.12 29.71
C29 LHG KG . 19.35 77.81 29.93
C30 LHG KG . 18.46 76.77 30.59
C31 LHG KG . 17.87 77.28 31.90
C32 LHG KG . 17.16 76.15 32.64
C33 LHG KG . 15.99 75.61 31.82
C34 LHG KG . 14.75 76.47 31.97
C35 LHG KG . 13.70 75.75 32.82
C36 LHG KG . 12.32 76.36 32.64
C37 LHG KG . 11.25 75.43 33.21
C38 LHG KG . 11.30 74.08 32.52
MG CHL LG . 22.27 93.74 48.80
CHA CHL LG . 23.83 92.06 51.44
CHB CHL LG . 25.02 95.72 48.57
CHC CHL LG . 20.87 95.23 45.99
CHD CHL LG . 19.29 91.78 49.25
NA CHL LG . 24.00 93.90 49.77
C1A CHL LG . 24.48 93.15 50.67
C2A CHL LG . 25.89 93.42 51.05
C3A CHL LG . 26.00 94.86 50.62
C4A CHL LG . 24.93 94.86 49.57
CMA CHL LG . 25.66 95.82 51.74
CAA CHL LG . 26.79 92.50 50.24
CBA CHL LG . 28.05 92.10 50.98
CGA CHL LG . 29.24 92.21 50.04
O1A CHL LG . 29.35 91.45 49.09
O2A CHL LG . 30.25 93.22 50.27
NB CHL LG . 22.86 95.22 47.50
C1B CHL LG . 24.01 95.93 47.54
C2B CHL LG . 24.19 96.96 46.47
C3B CHL LG . 22.93 96.79 45.73
C4B CHL LG . 22.20 95.71 46.43
CMB CHL LG . 25.33 97.91 46.23
CAB CHL LG . 22.50 97.54 44.51
CBB CHL LG . 22.02 96.90 43.46
NC CHL LG . 20.45 93.55 47.83
C1C CHL LG . 20.10 94.24 46.73
C2C CHL LG . 18.72 93.88 46.29
C3C CHL LG . 18.25 92.87 47.23
C4C CHL LG . 19.41 92.75 48.16
CMC CHL LG . 17.96 94.41 45.14
OMC CHL LG . 18.53 94.84 44.15
CAC CHL LG . 16.93 92.17 47.28
CBC CHL LG . 16.93 90.91 46.46
ND CHL LG . 21.58 92.24 50.02
C1D CHL LG . 20.44 91.54 50.13
C2D CHL LG . 20.57 90.56 51.24
C3D CHL LG . 21.93 90.78 51.76
C4D CHL LG . 22.47 91.81 50.97
CMD CHL LG . 19.73 89.50 51.90
CAD CHL LG . 22.94 90.36 52.77
OBD CHL LG . 22.75 89.44 53.64
CBD CHL LG . 24.15 91.19 52.56
CGD CHL LG . 24.29 92.01 53.81
O1D CHL LG . 23.33 92.60 54.30
O2D CHL LG . 25.58 92.14 54.47
CED CHL LG . 25.72 92.99 55.60
C1 CHL LG . 31.14 93.60 49.22
C2 CHL LG . 30.53 94.74 48.43
C3 CHL LG . 30.39 95.97 48.93
C4 CHL LG . 30.85 96.28 50.33
C5 CHL LG . 29.78 97.07 48.09
C6 CHL LG . 29.17 96.48 46.82
C1 XAT MG . 49.06 82.04 40.47
C2 XAT MG . 48.61 81.37 41.75
C3 XAT MG . 47.27 80.71 41.49
C4 XAT MG . 47.54 79.48 40.64
C5 XAT MG . 48.35 79.74 39.37
C6 XAT MG . 49.13 81.06 39.27
C7 XAT MG . 50.49 80.89 38.62
C8 XAT MG . 50.63 81.30 37.37
C9 XAT MG . 51.91 81.17 36.66
C10 XAT MG . 51.90 81.10 35.33
C11 XAT MG . 53.13 81.00 34.56
C12 XAT MG . 53.11 81.53 33.34
C13 XAT MG . 54.30 81.50 32.47
C14 XAT MG . 54.12 81.67 31.15
C15 XAT MG . 55.26 81.63 30.25
C16 XAT MG . 50.43 82.67 40.69
C17 XAT MG . 48.08 83.15 40.13
C18 XAT MG . 49.16 78.57 38.82
C19 XAT MG . 53.20 81.15 37.42
C20 XAT MG . 55.66 81.25 33.05
O3 XAT MG . 46.67 80.33 42.73
O4 XAT MG . 47.96 80.81 38.50
C21 XAT MG . 62.08 85.35 20.38
C22 XAT MG . 62.50 85.87 19.01
C23 XAT MG . 62.91 84.70 18.13
C24 XAT MG . 61.61 84.03 17.74
C25 XAT MG . 60.92 83.43 18.95
C26 XAT MG . 61.19 84.09 20.32
C27 XAT MG . 59.93 84.12 21.17
C28 XAT MG . 59.81 83.23 22.14
C29 XAT MG . 58.59 83.27 22.95
C30 XAT MG . 58.39 82.36 23.90
C31 XAT MG . 57.18 82.43 24.69
C32 XAT MG . 57.23 81.90 25.89
C33 XAT MG . 56.05 81.95 26.76
C34 XAT MG . 56.19 81.64 28.05
C35 XAT MG . 55.05 81.68 28.94
C36 XAT MG . 61.36 86.46 21.12
C37 XAT MG . 63.32 85.01 21.20
C38 XAT MG . 59.45 83.05 18.80
C39 XAT MG . 57.58 84.35 22.69
C40 XAT MG . 54.73 82.39 26.20
O23 XAT MG . 63.56 85.16 16.95
O24 XAT MG . 61.72 82.81 19.97
C1 NEX NG . 11.72 74.31 16.57
C2 NEX NG . 11.55 75.40 15.56
C3 NEX NG . 12.45 75.17 14.38
C4 NEX NG . 11.88 73.98 13.65
C5 NEX NG . 12.00 72.74 14.52
C6 NEX NG . 11.53 72.91 15.94
C7 NEX NG . 11.08 71.80 16.43
C8 NEX NG . 10.83 70.62 16.90
C9 NEX NG . 9.64 70.24 17.70
C10 NEX NG . 9.75 69.39 18.74
C11 NEX NG . 8.59 69.05 19.57
C12 NEX NG . 8.76 68.58 20.82
C13 NEX NG . 7.58 68.28 21.66
C14 NEX NG . 7.59 67.33 22.61
C15 NEX NG . 6.38 67.11 23.40
C16 NEX NG . 10.74 74.88 17.58
C17 NEX NG . 13.21 74.52 16.79
C18 NEX NG . 11.17 71.67 13.82
C19 NEX NG . 8.31 70.83 17.35
C20 NEX NG . 6.32 69.08 21.45
O3 NEX NG . 12.42 76.34 13.56
O4 NEX NG . 13.38 72.35 14.56
C21 NEX NG . 1.40 57.74 26.65
C22 NEX NG . 1.41 56.40 27.34
C23 NEX NG . 2.58 56.30 28.30
C24 NEX NG . 2.19 57.20 29.45
C25 NEX NG . 2.09 58.67 29.01
C26 NEX NG . 1.70 58.95 27.55
C27 NEX NG . 0.81 60.16 27.42
C28 NEX NG . 1.26 61.22 26.74
C29 NEX NG . 0.41 62.42 26.60
C30 NEX NG . 0.81 63.48 25.88
C31 NEX NG . 2.10 63.52 25.16
C32 NEX NG . 2.76 64.68 25.16
C33 NEX NG . 4.05 64.82 24.44
C34 NEX NG . 4.88 65.82 24.75
C35 NEX NG . 6.14 65.95 24.01
C36 NEX NG . 0.01 57.93 26.05
C37 NEX NG . 2.43 57.73 25.53
C38 NEX NG . 1.36 59.63 29.95
C39 NEX NG . -0.92 62.48 27.29
C40 NEX NG . 4.41 63.87 23.35
O23 NEX NG . 2.71 54.95 28.76
O24 NEX NG . 3.03 59.15 28.04
MG CHL OG . -3.65 81.02 28.19
CHA CHL OG . -6.74 80.43 29.62
CHB CHL OG . -2.74 77.97 29.05
CHC CHL OG . -1.10 81.34 25.93
CHD CHL OG . -4.01 84.53 28.50
NA CHL OG . -4.62 79.42 28.87
C1A CHL OG . -5.83 79.34 29.19
C2A CHL OG . -6.34 77.94 29.26
C3A CHL OG . -5.06 77.15 29.33
C4A CHL OG . -4.05 78.23 29.07
CMA CHL OG . -4.81 76.54 30.70
CAA CHL OG . -7.19 77.58 28.05
CBA CHL OG . -7.54 76.10 28.09
CGA CHL OG . -8.19 75.78 29.42
O1A CHL OG . -9.25 76.29 29.73
O2A CHL OG . -7.53 74.90 30.37
NB CHL OG . -2.13 79.80 27.57
C1B CHL OG . -1.86 78.56 28.01
C2B CHL OG . -0.68 77.90 27.40
C3B CHL OG . -0.21 78.92 26.47
C4B CHL OG . -1.16 80.04 26.64
CMB CHL OG . -0.13 76.54 27.68
CAB CHL OG . 0.96 78.83 25.55
CBB CHL OG . 0.93 79.38 24.34
NC CHL OG . -2.72 82.64 27.37
C1C CHL OG . -1.71 82.55 26.50
C2C CHL OG . -1.28 83.91 26.11
C3C CHL OG . -2.10 84.87 26.84
C4C CHL OG . -2.98 83.95 27.61
CMC CHL OG . -0.20 84.23 25.18
OMC CHL OG . 0.71 83.43 25.27
CAC CHL OG . -2.05 86.38 26.81
CBC CHL OG . -3.13 86.88 25.88
ND CHL OG . -5.02 82.34 28.89
C1D CHL OG . -5.11 83.67 28.98
C2D CHL OG . -6.39 84.03 29.61
C3D CHL OG . -7.05 82.73 29.86
C4D CHL OG . -6.16 81.75 29.41
CMD CHL OG . -7.11 85.31 29.99
CAD CHL OG . -8.25 82.03 30.42
OBD CHL OG . -9.26 82.67 30.91
CBD CHL OG . -8.05 80.59 30.26
CGD CHL OG . -8.00 79.94 31.62
O1D CHL OG . -7.09 80.20 32.40
O2D CHL OG . -9.04 79.00 32.02
CED CHL OG . -8.77 78.01 33.00
C1 CHL OG . -7.98 73.58 30.60
C2 CHL OG . -6.79 72.73 31.00
C3 CHL OG . -6.46 72.58 32.29
C4 CHL OG . -7.27 73.26 33.35
C5 CHL OG . -5.27 71.74 32.68
C6 CHL OG . -4.57 72.40 33.86
C7 CHL OG . -3.58 71.46 34.54
C1 XAT PG . -7.31 67.67 45.64
C2 XAT PG . -7.31 66.60 46.71
C3 XAT PG . -7.66 65.28 46.04
C4 XAT PG . -6.43 64.86 45.27
C5 XAT PG . -5.91 65.90 44.26
C6 XAT PG . -6.37 67.35 44.46
C7 XAT PG . -5.25 68.34 44.22
C8 XAT PG . -5.27 69.03 43.08
C9 XAT PG . -4.22 70.02 42.78
C10 XAT PG . -3.98 70.30 41.49
C11 XAT PG . -2.98 71.28 41.11
C12 XAT PG . -3.14 71.86 39.94
C13 XAT PG . -2.20 72.88 39.45
C14 XAT PG . -2.25 73.20 38.16
C15 XAT PG . -1.32 74.21 37.62
C16 XAT PG . -6.92 68.99 46.29
C17 XAT PG . -8.72 67.80 45.09
C18 XAT PG . -4.42 65.82 43.90
C20 XAT PG . -1.20 73.51 40.37
O3 XAT PG . -7.97 64.31 47.04
O4 XAT PG . -6.82 66.55 43.38
C21 XAT PG . 1.96 83.88 30.36
C22 XAT PG . 2.07 84.81 29.17
C23 XAT PG . 3.32 84.51 28.37
C24 XAT PG . 2.97 83.29 27.58
C25 XAT PG . 2.80 82.12 28.55
C26 XAT PG . 2.29 82.42 29.96
C27 XAT PG . 1.30 81.37 30.41
C28 XAT PG . 1.72 80.47 31.27
C29 XAT PG . 0.75 79.45 31.70
C30 XAT PG . 1.15 78.47 32.51
C31 XAT PG . 0.15 77.49 32.92
C32 XAT PG . 0.40 76.85 34.04
C33 XAT PG . -0.55 75.85 34.52
C34 XAT PG . -0.43 75.44 35.79
C35 XAT PG . -1.35 74.45 36.32
C36 XAT PG . 0.54 83.96 30.91
C37 XAT PG . 2.90 84.35 31.45
C38 XAT PG . 2.14 80.88 27.95
C39 XAT PG . -0.66 79.54 31.23
C40 XAT PG . -1.61 75.29 33.61
O23 XAT PG . 3.58 85.51 27.40
O24 XAT PG . 3.64 82.03 29.70
O1 LHG QG . 1.19 90.58 28.77
C1 LHG QG . 1.55 91.07 27.48
C2 LHG QG . 0.41 90.78 26.50
O2 LHG QG . 0.56 91.60 25.34
C3 LHG QG . -0.93 91.05 27.19
O3 LHG QG . -0.97 90.39 28.46
P LHG QG . -2.40 90.01 29.10
O4 LHG QG . -3.03 91.29 29.59
O5 LHG QG . -3.12 89.15 28.11
O6 LHG QG . -2.03 89.10 30.38
C4 LHG QG . -2.37 87.72 30.33
C5 LHG QG . -3.02 87.21 31.60
C6 LHG QG . -4.28 88.02 31.84
O7 LHG QG . -3.43 85.87 31.37
C7 LHG QG . -2.69 84.87 32.12
O9 LHG QG . -1.95 85.19 33.03
C8 LHG QG . -2.89 83.41 31.76
C9 LHG QG . -2.48 82.51 32.92
C10 LHG QG . -3.35 81.27 32.89
O8 LHG QG . -5.03 87.36 32.87
C23 LHG QG . -6.48 87.46 32.90
O10 LHG QG . -7.08 88.04 32.01
C24 LHG QG . -7.25 86.81 34.02
C11 LHG QG . -2.96 80.27 33.97
C12 LHG QG . -4.02 79.18 34.08
C13 LHG QG . -3.51 78.02 34.91
C14 LHG QG . -4.56 77.50 35.88
C15 LHG QG . -5.60 76.65 35.15
C16 LHG QG . -6.23 75.67 36.14
C17 LHG QG . -5.16 74.78 36.77
C18 LHG QG . -5.75 73.91 37.87
C19 LHG QG . -6.80 72.96 37.31
C20 LHG QG . -7.54 72.26 38.44
C21 LHG QG . -6.60 71.52 39.38
C22 LHG QG . -7.35 70.95 40.57
C25 LHG QG . -7.40 85.33 33.69
C26 LHG QG . -7.90 84.54 34.89
C27 LHG QG . -7.11 83.25 35.01
C28 LHG QG . -5.66 83.53 35.36
C29 LHG QG . -5.57 84.24 36.70
C30 LHG QG . -4.14 84.30 37.21
C31 LHG QG . -3.51 82.92 37.27
C32 LHG QG . -2.17 82.98 37.97
C33 LHG QG . -1.19 83.86 37.23
C34 LHG QG . -0.53 83.11 36.07
C35 LHG QG . 0.93 82.80 36.40
C36 LHG QG . 1.72 82.42 35.16
C37 LHG QG . 3.22 82.49 35.43
C38 LHG QG . 3.61 83.86 35.91
MG CHL RG . 38.58 119.35 37.67
CHA CHL RG . 37.43 116.09 37.30
CHB CHL RG . 41.38 118.15 38.93
CHC CHL RG . 39.96 122.44 37.09
CHD CHL RG . 35.27 120.66 37.64
NA CHL RG . 39.38 117.55 37.79
C1A CHL RG . 38.87 116.43 37.43
C2A CHL RG . 39.87 115.34 37.26
C3A CHL RG . 41.06 115.89 38.00
C4A CHL RG . 40.61 117.29 38.27
CMA CHL RG . 41.31 115.16 39.31
CAA CHL RG . 40.18 115.07 35.79
CBA CHL RG . 41.31 114.05 35.68
CGA CHL RG . 40.98 112.81 36.47
O1A CHL RG . 40.05 112.08 36.12
O2A CHL RG . 41.73 112.46 37.66
NB CHL RG . 40.43 120.17 37.97
C1B CHL RG . 41.51 119.55 38.50
C2B CHL RG . 42.74 120.37 38.62
C3B CHL RG . 42.27 121.64 38.06
C4B CHL RG . 40.86 121.43 37.68
CMB CHL RG . 44.10 120.01 39.16
CAB CHL RG . 43.08 122.88 37.90
CBB CHL RG . 42.91 123.68 36.87
NC CHL RG . 37.76 121.21 37.42
C1C CHL RG . 38.49 122.32 37.19
C2C CHL RG . 37.60 123.51 37.06
C3C CHL RG . 36.23 123.01 37.20
C4C CHL RG . 36.45 121.54 37.44
CMC CHL RG . 38.00 124.91 36.80
OMC CHL RG . 39.05 125.35 37.24
CAC CHL RG . 34.92 123.76 37.16
CBC CHL RG . 34.29 123.63 35.80
ND CHL RG . 36.66 118.65 37.51
C1D CHL RG . 35.44 119.20 37.50
C2D CHL RG . 34.43 118.13 37.35
C3D CHL RG . 35.23 116.88 37.27
C4D CHL RG . 36.56 117.28 37.38
CMD CHL RG . 32.94 118.03 37.25
CAD CHL RG . 35.19 115.40 37.13
OBD CHL RG . 34.11 114.72 37.00
CBD CHL RG . 36.58 114.91 37.15
CGD CHL RG . 36.78 114.02 38.34
O1D CHL RG . 36.71 114.49 39.47
O2D CHL RG . 37.06 112.61 38.16
CED CHL RG . 37.76 111.89 39.16
C1 CHL RG . 42.64 111.36 37.67
C2 CHL RG . 43.75 111.65 38.65
C3 CHL RG . 43.63 111.26 39.93
C4 CHL RG . 42.40 110.54 40.39
C5 CHL RG . 44.74 111.55 40.93
MG CLA SG . 30.27 111.17 32.92
CHA CLA SG . 31.00 113.44 30.40
CHB CLA SG . 28.79 109.14 30.65
CHC CLA SG . 29.69 108.88 35.43
CHD CLA SG . 31.78 113.36 35.26
NA CLA SG . 29.95 111.31 30.87
C1A CLA SG . 30.35 112.31 29.98
C2A CLA SG . 29.91 111.99 28.55
C3A CLA SG . 29.04 110.74 28.72
C4A CLA SG . 29.28 110.34 30.17
CMA CLA SG . 27.58 111.04 28.46
CAA CLA SG . 31.11 111.68 27.68
CBA CLA SG . 32.12 110.78 28.35
CGA CLA SG . 31.86 109.34 28.03
O1A CLA SG . 31.79 108.80 26.92
O2A CLA SG . 31.68 108.56 29.15
NB CLA SG . 29.34 109.39 33.04
C1B CLA SG . 28.91 108.69 31.97
C2B CLA SG . 28.55 107.30 32.38
C3B CLA SG . 28.80 107.21 33.73
C4B CLA SG . 29.30 108.54 34.17
CMB CLA SG . 28.06 106.32 31.41
CAB CLA SG . 28.64 106.09 34.64
CBB CLA SG . 28.90 104.81 34.36
NC CLA SG . 30.66 111.15 34.98
C1C CLA SG . 30.33 110.11 35.81
C2C CLA SG . 30.74 110.42 37.17
C3C CLA SG . 31.34 111.67 37.13
C4C CLA SG . 31.28 112.13 35.74
CMC CLA SG . 30.54 109.53 38.31
CAC CLA SG . 31.93 112.39 38.28
CBC CLA SG . 33.35 111.93 38.55
ND CLA SG . 31.23 112.95 32.90
C1D CLA SG . 31.79 113.75 33.93
C2D CLA SG . 32.29 115.03 33.33
C3D CLA SG . 32.02 114.95 31.98
C4D CLA SG . 31.35 113.65 31.77
CMD CLA SG . 32.94 116.10 34.06
CAD CLA SG . 32.09 115.62 30.70
OBD CLA SG . 32.52 116.74 30.42
CBD CLA SG . 31.44 114.68 29.65
CGD CLA SG . 30.28 115.36 28.96
O1D CLA SG . 30.28 115.95 27.88
O2D CLA SG . 29.13 115.29 29.67
CED CLA SG . 27.90 115.11 28.94
C1 CLA SG . 31.68 107.14 28.95
C2 CLA SG . 31.70 106.51 30.30
C3 CLA SG . 31.77 105.17 30.48
C4 CLA SG . 31.81 104.22 29.34
C5 CLA SG . 31.80 104.59 31.86
C6 CLA SG . 33.00 103.69 32.10
C7 CLA SG . 33.10 103.30 33.56
C8 CLA SG . 34.24 102.32 33.83
C9 CLA SG . 33.90 101.39 34.97
C10 CLA SG . 35.55 103.04 34.14
C11 CLA SG . 35.47 103.87 35.40
C12 CLA SG . 36.75 103.76 36.22
C13 CLA SG . 37.03 105.05 36.99
C14 CLA SG . 37.75 106.04 36.10
C15 CLA SG . 37.81 104.78 38.27
C16 CLA SG . 37.52 105.81 39.33
C17 CLA SG . 36.03 105.84 39.66
C18 CLA SG . 35.67 107.07 40.48
C19 CLA SG . 36.16 108.32 39.78
C20 CLA SG . 34.17 107.13 40.67
MG CLA TG . 26.96 100.20 36.61
CHA CLA TG . 26.39 99.54 33.24
CHB CLA TG . 30.13 101.21 35.87
CHC CLA TG . 27.49 100.85 39.95
CHD CLA TG . 23.72 99.04 37.34
NA CLA TG . 28.05 100.37 34.83
C1A CLA TG . 27.63 100.04 33.53
C2A CLA TG . 28.74 100.33 32.52
C3A CLA TG . 29.92 100.76 33.42
C4A CLA TG . 29.33 100.82 34.82
CMA CLA TG . 31.04 99.76 33.44
CAA CLA TG . 28.33 101.47 31.61
CBA CLA TG . 29.30 101.63 30.46
CGA CLA TG . 29.04 100.56 29.45
O1A CLA TG . 28.15 100.51 28.61
O2A CLA TG . 29.91 99.52 29.54
NB CLA TG . 28.54 100.83 37.71
C1B CLA TG . 29.71 101.29 37.21
C2B CLA TG . 30.53 101.92 38.28
C3B CLA TG . 29.79 101.82 39.44
C4B CLA TG . 28.51 101.13 39.09
CMB CLA TG . 31.84 102.53 38.05
CAB CLA TG . 30.09 102.28 40.77
CBB CLA TG . 30.33 101.48 41.81
NC CLA TG . 25.80 99.99 38.33
C1C CLA TG . 26.22 100.33 39.59
C2C CLA TG . 25.15 100.06 40.55
C3C CLA TG . 24.08 99.54 39.81
C4C CLA TG . 24.50 99.50 38.41
CMC CLA TG . 25.25 100.31 41.98
CAC CLA TG . 22.76 99.13 40.33
CBC CLA TG . 21.72 100.21 40.09
ND CLA TG . 25.34 99.58 35.58
C1D CLA TG . 24.09 99.05 36.01
C2D CLA TG . 23.33 98.60 34.82
C3D CLA TG . 24.15 98.79 33.73
C4D CLA TG . 25.40 99.37 34.27
CMD CLA TG . 21.97 98.06 34.87
CAD CLA TG . 24.28 98.67 32.29
OBD CLA TG . 23.47 98.35 31.45
CBD CLA TG . 25.76 99.04 31.95
CGD CLA TG . 26.50 97.84 31.42
O1D CLA TG . 26.43 97.38 30.28
O2D CLA TG . 27.31 97.23 32.33
CED CLA TG . 28.25 96.27 31.86
C1 CLA TG . 31.31 99.79 29.30
C2 CLA TG . 32.03 99.03 30.37
C3 CLA TG . 32.16 97.70 30.36
C4 CLA TG . 31.59 96.87 29.27
C5 CLA TG . 32.88 96.98 31.45
C6 CLA TG . 33.63 97.84 32.45
C7 CLA TG . 34.00 97.12 33.73
C8 CLA TG . 33.12 95.94 34.17
C9 CLA TG . 31.73 96.36 34.55
C10 CLA TG . 33.75 95.22 35.36
C11 CLA TG . 32.85 94.10 35.86
C12 CLA TG . 33.14 93.72 37.29
C13 CLA TG . 32.60 92.33 37.63
C14 CLA TG . 32.79 91.41 36.44
C15 CLA TG . 31.14 92.36 38.05
C16 CLA TG . 30.68 90.99 38.49
C17 CLA TG . 29.18 90.80 38.39
C18 CLA TG . 28.47 91.09 39.71
C19 CLA TG . 27.00 90.71 39.63
C20 CLA TG . 29.12 90.33 40.84
MG CLA UG . 14.67 103.18 52.05
CHA CLA UG . 14.10 101.21 54.86
CHB CLA UG . 15.51 100.42 50.26
CHC CLA UG . 15.15 105.18 49.30
CHD CLA UG . 13.94 106.05 53.99
NA CLA UG . 14.79 101.15 52.51
C1A CLA UG . 14.50 100.52 53.74
C2A CLA UG . 14.73 99.01 53.63
C3A CLA UG . 15.29 98.82 52.19
C4A CLA UG . 15.19 100.22 51.59
CMA CLA UG . 16.71 98.33 52.21
CAA CLA UG . 13.45 98.25 53.83
CBA CLA UG . 12.56 98.31 52.61
CGA CLA UG . 11.12 98.34 53.05
O1A CLA UG . 10.66 98.24 54.18
O2A CLA UG . 10.25 98.50 52.00
NB CLA UG . 15.28 102.86 50.16
C1B CLA UG . 15.48 101.64 49.58
C2B CLA UG . 15.69 101.81 48.12
C3B CLA UG . 15.59 103.15 47.84
C4B CLA UG . 15.33 103.84 49.13
CMB CLA UG . 15.93 100.68 47.21
CAB CLA UG . 15.70 103.85 46.59
CBB CLA UG . 16.71 103.72 45.73
NC CLA UG . 14.54 105.24 51.72
C1C CLA UG . 14.77 105.82 50.51
C2C CLA UG . 14.60 107.26 50.62
C3C CLA UG . 14.29 107.52 51.97
C4C CLA UG . 14.27 106.24 52.64
CMC CLA UG . 14.74 108.15 49.46
CAC CLA UG . 14.04 108.82 52.61
CBC CLA UG . 12.64 109.02 53.09
ND CLA UG . 14.07 103.60 53.94
C1D CLA UG . 13.83 104.82 54.62
C2D CLA UG . 13.47 104.54 56.01
C3D CLA UG . 13.51 103.16 56.15
C4D CLA UG . 13.93 102.63 54.84
CMD CLA UG . 13.10 105.56 56.99
CAD CLA UG . 13.33 102.04 57.04
OBD CLA UG . 12.90 102.02 58.20
CBD CLA UG . 13.77 100.77 56.27
CGD CLA UG . 14.94 100.10 56.94
O1D CLA UG . 14.98 99.01 57.52
O2D CLA UG . 16.09 100.85 56.93
CED CLA UG . 17.01 100.67 58.00
C1 CLA UG . 8.90 98.85 52.35
C2 CLA UG . 8.38 99.70 51.25
C3 CLA UG . 7.26 100.41 51.37
C4 CLA UG . 6.45 100.41 52.61
C5 CLA UG . 6.76 101.26 50.25
MG CHL VG . 3.60 92.73 54.58
CHA CHL VG . 1.92 95.79 55.03
CHB CHL VG . 2.26 91.70 57.55
CHC CHL VG . 5.03 89.59 54.09
CHD CHL VG . 5.21 93.96 51.62
NA CHL VG . 2.38 93.50 55.96
C1A CHL VG . 1.76 94.63 55.94
C2A CHL VG . 0.75 94.79 57.03
C3A CHL VG . 1.25 93.81 58.05
C4A CHL VG . 2.03 92.94 57.14
CMA CHL VG . 2.15 94.46 59.09
CAA CHL VG . -0.63 94.33 56.58
NB CHL VG . 3.62 90.96 55.64
C1B CHL VG . 3.04 90.69 56.83
C2B CHL VG . 3.21 89.32 57.38
C3B CHL VG . 4.04 88.72 56.33
C4B CHL VG . 4.24 89.79 55.32
CMB CHL VG . 2.68 88.72 58.66
CAB CHL VG . 4.54 87.33 56.32
CBB CHL VG . 4.41 86.57 55.26
NC CHL VG . 4.86 91.94 53.16
C1C CHL VG . 5.31 90.67 53.14
C2C CHL VG . 6.21 90.44 51.98
C3C CHL VG . 6.27 91.70 51.25
C4C CHL VG . 5.39 92.57 52.08
CMC CHL VG . 6.91 89.19 51.60
OMC CHL VG . 7.11 88.27 52.40
CAC CHL VG . 7.03 92.04 49.99
CBC CHL VG . 6.30 91.49 48.77
ND CHL VG . 3.65 94.44 53.46
C1D CHL VG . 4.29 94.85 52.35
C2D CHL VG . 3.91 96.24 52.02
C3D CHL VG . 2.96 96.61 53.10
C4D CHL VG . 2.86 95.49 53.93
CMD CHL VG . 4.23 97.27 50.97
CAD CHL VG . 2.10 97.69 53.63
OBD CHL VG . 1.98 98.85 53.08
CBD CHL VG . 1.45 97.17 54.84
CGD CHL VG . 1.86 98.07 55.96
O1D CHL VG . 2.82 97.82 56.66
O2D CHL VG . 1.12 99.30 56.19
CED CHL VG . 1.65 100.30 57.04
MG CHL WG . 13.21 96.62 47.82
CHA CHL WG . 9.73 96.82 48.24
CHB CHL WG . 12.80 97.64 44.64
CHC CHL WG . 16.65 96.98 47.57
CHD CHL WG . 13.55 95.00 50.99
NA CHL WG . 11.66 97.23 46.70
C1A CHL WG . 10.42 97.32 47.04
C2A CHL WG . 9.51 97.94 46.01
C3A CHL WG . 10.41 98.04 44.82
C4A CHL WG . 11.72 97.62 45.41
CMA CHL WG . 9.91 97.03 43.79
CAA CHL WG . 8.95 99.29 46.42
CBA CHL WG . 7.80 99.66 45.48
CGA CHL WG . 6.51 99.16 46.08
O1A CHL WG . 6.38 99.09 47.28
O2A CHL WG . 5.41 98.73 45.23
NB CHL WG . 14.50 97.21 46.34
C1B CHL WG . 14.19 97.61 45.08
C2B CHL WG . 15.33 97.99 44.20
C3B CHL WG . 16.46 97.78 45.11
C4B CHL WG . 15.86 97.30 46.38
CMB CHL WG . 15.32 98.46 42.77
CAB CHL WG . 17.90 98.00 44.82
CBB CHL WG . 18.70 98.60 45.69
NC CHL WG . 14.78 96.09 49.03
C1C CHL WG . 16.08 96.33 48.76
C2C CHL WG . 16.96 95.82 49.85
C3C CHL WG . 16.07 95.24 50.85
C4C CHL WG . 14.73 95.47 50.23
CMC CHL WG . 18.44 95.87 49.95
OMC CHL WG . 19.07 96.76 49.38
CAC CHL WG . 16.42 94.58 52.16
CBC CHL WG . 16.36 93.08 52.02
ND CHL WG . 12.02 95.99 49.36
C1D CHL WG . 12.22 95.38 50.54
C2D CHL WG . 10.93 95.19 51.24
C3D CHL WG . 9.93 95.76 50.31
C4D CHL WG . 10.66 96.22 49.20
CMD CHL WG . 10.45 94.60 52.54
CAD CHL WG . 8.48 96.05 50.08
OBD CHL WG . 7.56 95.74 50.91
CBD CHL WG . 8.36 96.70 48.76
CGD CHL WG . 7.58 95.80 47.88
O1D CHL WG . 8.07 94.76 47.44
O2D CHL WG . 6.20 96.12 47.53
CED CHL WG . 5.46 95.27 46.65
C1 CHL WG . 4.08 98.75 45.74
C2 CHL WG . 3.21 99.64 44.89
C3 CHL WG . 2.50 99.15 43.87
C4 CHL WG . 2.54 97.68 43.56
MG CHL XG . 9.12 105.31 34.90
CHA CHL XG . 12.23 106.33 36.15
CHB CHL XG . 8.34 104.38 38.07
CHC CHL XG . 6.05 104.20 33.75
CHD CHL XG . 9.88 106.71 31.70
NA CHL XG . 10.08 105.18 36.65
C1A CHL XG . 11.24 105.61 36.97
C2A CHL XG . 11.65 105.32 38.38
C3A CHL XG . 10.65 104.28 38.77
C4A CHL XG . 9.60 104.60 37.76
CMA CHL XG . 11.18 102.88 38.53
CAA CHL XG . 11.55 106.55 39.27
CBA CHL XG . 10.59 107.60 38.74
CGA CHL XG . 10.50 108.75 39.70
NB CHL XG . 7.48 104.43 35.77
C1B CHL XG . 7.30 104.11 37.08
C2B CHL XG . 6.00 103.48 37.44
C3B CHL XG . 5.35 103.45 36.13
C4B CHL XG . 6.32 104.05 35.19
CMB CHL XG . 5.48 103.01 38.77
CAB CHL XG . 4.00 102.94 35.84
CBB CHL XG . 3.12 103.74 35.26
NC CHL XG . 8.16 105.43 33.09
C1C CHL XG . 6.94 104.94 32.85
C2C CHL XG . 6.53 105.21 31.44
C3C CHL XG . 7.64 105.94 30.82
C4C CHL XG . 8.60 106.02 31.95
CMC CHL XG . 5.27 104.82 30.75
OMC CHL XG . 4.56 103.92 31.17
CAC CHL XG . 7.76 106.46 29.42
CBC CHL XG . 7.15 107.84 29.36
ND CHL XG . 10.66 106.30 33.98
C1D CHL XG . 10.89 106.81 32.76
C2D CHL XG . 12.22 107.45 32.73
C3D CHL XG . 12.76 107.25 34.08
C4D CHL XG . 11.76 106.56 34.78
CMD CHL XG . 13.08 108.18 31.73
CAD CHL XG . 13.92 107.48 34.99
OBD CHL XG . 14.99 108.10 34.64
CBD CHL XG . 13.57 106.91 36.29
CGD CHL XG . 14.56 105.87 36.75
O1D CHL XG . 14.47 104.71 36.41
O2D CHL XG . 15.62 106.29 37.64
CED CHL XG . 15.51 106.01 39.03
MG CHL YG . 17.40 98.15 34.93
CHA CHL YG . 19.42 100.26 33.06
CHB CHL YG . 16.54 96.38 32.13
CHC CHL YG . 15.89 95.66 36.91
CHD CHL YG . 18.75 99.57 37.83
NA CHL YG . 17.90 98.31 32.85
C1A CHL YG . 18.75 99.27 32.28
C2A CHL YG . 18.84 99.05 30.80
C3A CHL YG . 17.85 97.91 30.54
C4A CHL YG . 17.37 97.48 31.89
CMA CHL YG . 16.63 98.45 29.78
CAA CHL YG . 20.22 98.45 30.41
CBA CHL YG . 21.16 98.07 31.59
CGA CHL YG . 22.20 96.94 31.31
O1A CHL YG . 22.72 96.83 30.18
O2A CHL YG . 22.65 96.09 32.35
NB CHL YG . 16.42 96.33 34.57
C1B CHL YG . 16.13 95.83 33.33
C2B CHL YG . 15.35 94.63 33.47
C3B CHL YG . 15.20 94.38 34.79
C4B CHL YG . 15.84 95.49 35.50
CMB CHL YG . 14.85 93.80 32.31
CAB CHL YG . 14.49 93.20 35.17
CBB CHL YG . 14.34 92.89 36.48
NC CHL YG . 17.28 97.74 36.99
C1C CHL YG . 16.57 96.69 37.58
C2C CHL YG . 16.69 96.83 39.01
C3C CHL YG . 17.50 97.92 39.25
C4C CHL YG . 17.88 98.47 37.99
CMC CHL YG . 16.04 95.91 40.09
OMC CHL YG . 15.32 94.96 39.75
CAC CHL YG . 17.97 98.49 40.60
CBC CHL YG . 18.88 97.46 41.25
ND CHL YG . 18.72 99.61 35.40
C1D CHL YG . 19.16 100.11 36.60
C2D CHL YG . 20.08 101.21 36.40
C3D CHL YG . 20.16 101.36 35.05
C4D CHL YG . 19.35 100.34 34.46
CMD CHL YG . 20.82 102.01 37.49
CAD CHL YG . 20.76 102.11 33.96
OBD CHL YG . 21.49 103.09 33.99
CBD CHL YG . 20.40 101.40 32.65
CGD CHL YG . 19.81 102.35 31.63
O1D CHL YG . 18.56 102.39 31.44
O2D CHL YG . 20.68 103.10 30.82
CED CHL YG . 20.13 103.97 29.81
C1 CHL YG . 24.03 95.57 32.37
C2 CHL YG . 24.56 95.71 33.72
C3 CHL YG . 24.79 94.75 34.71
C4 CHL YG . 24.50 93.27 34.51
C5 CHL YG . 25.38 95.10 36.10
C6 CHL YG . 26.34 96.32 36.06
C7 CHL YG . 26.97 96.60 37.41
C8 CHL YG . 27.90 97.83 37.43
C9 CHL YG . 29.15 97.65 36.56
C10 CHL YG . 28.29 98.25 38.82
C11 CHL YG . 29.78 98.45 39.01
C12 CHL YG . 29.99 98.96 40.44
C13 CHL YG . 31.09 100.02 40.61
C14 CHL YG . 32.34 99.70 39.79
C15 CHL YG . 31.39 100.25 42.11
C16 CHL YG . 31.02 99.09 43.03
C17 CHL YG . 31.37 99.26 44.50
C18 CHL YG . 32.10 100.54 44.88
C19 CHL YG . 33.45 100.60 44.17
C20 CHL YG . 32.35 100.59 46.38
MG CLA ZG . 13.96 114.89 37.88
CHA CLA ZG . 11.69 115.56 35.35
CHB CLA ZG . 15.06 118.11 37.71
CHC CLA ZG . 16.06 114.25 40.52
CHD CLA ZG . 12.75 111.58 38.02
NA CLA ZG . 13.45 116.54 36.70
C1A CLA ZG . 12.46 116.62 35.71
C2A CLA ZG . 12.40 118.02 35.12
C3A CLA ZG . 13.61 118.73 35.74
C4A CLA ZG . 14.07 117.75 36.81
CMA CLA ZG . 14.66 118.98 34.70
CAA CLA ZG . 11.11 118.70 35.54
CBA CLA ZG . 10.68 118.35 36.94
CGA CLA ZG . 11.13 119.40 37.90
O1A CLA ZG . 10.79 120.59 37.95
O2A CLA ZG . 12.03 118.94 38.83
NB CLA ZG . 15.35 115.95 38.87
C1B CLA ZG . 15.58 117.28 38.72
C2B CLA ZG . 16.50 117.76 39.77
C3B CLA ZG . 16.80 116.69 40.58
C4B CLA ZG . 16.07 115.51 40.01
CMB CLA ZG . 16.93 119.16 39.85
CAB CLA ZG . 17.62 116.59 41.75
CBB CLA ZG . 17.65 117.48 42.76
NC CLA ZG . 14.36 113.21 39.04
C1C CLA ZG . 15.26 113.16 40.07
C2C CLA ZG . 15.28 111.83 40.66
C3C CLA ZG . 14.33 111.08 39.96
C4C CLA ZG . 13.75 111.95 38.95
CMC CLA ZG . 16.12 111.42 41.78
CAC CLA ZG . 13.98 109.68 40.22
CBC CLA ZG . 12.64 109.55 40.91
ND CLA ZG . 12.56 113.77 36.95
C1D CLA ZG . 12.19 112.41 37.08
C2D CLA ZG . 11.12 112.10 36.08
C3D CLA ZG . 10.89 113.28 35.39
C4D CLA ZG . 11.80 114.28 35.97
CMD CLA ZG . 10.51 110.78 35.92
CAD CLA ZG . 10.13 113.94 34.35
OBD CLA ZG . 9.25 113.51 33.62
CBD CLA ZG . 10.62 115.43 34.29
CGD CLA ZG . 11.19 115.77 32.95
O1D CLA ZG . 12.33 116.16 32.69
O2D CLA ZG . 10.30 115.62 31.92
CED CLA ZG . 9.63 116.79 31.46
C1 CLA ZG . 12.65 119.92 39.68
C2 CLA ZG . 13.33 119.20 40.79
C3 CLA ZG . 13.24 119.59 42.07
C4 CLA ZG . 12.43 120.77 42.47
C5 CLA ZG . 13.94 118.86 43.16
C6 CLA ZG . 12.98 118.34 44.22
C7 CLA ZG . 13.73 117.73 45.40
C8 CLA ZG . 12.86 116.73 46.16
C9 CLA ZG . 11.69 117.46 46.79
C10 CLA ZG . 13.68 115.96 47.20
C11 CLA ZG . 12.84 115.14 48.16
C12 CLA ZG . 12.48 113.75 47.65
C13 CLA ZG . 12.56 112.66 48.73
C14 CLA ZG . 13.50 111.58 48.25
C15 CLA ZG . 11.19 112.07 49.13
C16 CLA ZG . 11.16 111.09 50.29
C17 CLA ZG . 9.77 110.51 50.53
C18 CLA ZG . 9.62 109.61 51.76
C19 CLA ZG . 9.34 110.34 53.06
C20 CLA ZG . 8.65 108.45 51.59
MG CLA AH . 29.42 124.78 42.89
CHA CLA AH . 26.50 124.66 41.06
CHB CLA AH . 29.41 128.17 42.64
CHC CLA AH . 32.52 124.85 44.31
CHD CLA AH . 29.40 121.25 43.11
NA CLA AH . 28.10 126.16 42.07
C1A CLA AH . 26.96 125.92 41.32
C2A CLA AH . 26.30 127.24 40.92
C3A CLA AH . 27.13 128.32 41.66
C4A CLA AH . 28.31 127.51 42.18
CMA CLA AH . 27.69 129.37 40.74
NB CLA AH . 30.70 126.23 43.43
C1B CLA AH . 30.56 127.55 43.13
C2B CLA AH . 31.82 128.27 43.38
C3B CLA AH . 32.71 127.34 43.85
C4B CLA AH . 32.00 126.03 43.90
CMB CLA AH . 31.98 129.71 43.16
CAB CLA AH . 34.07 127.51 44.26
CBB CLA AH . 34.43 127.95 45.46
NC CLA AH . 30.67 123.31 43.66
C1C CLA AH . 31.89 123.57 44.23
C2C CLA AH . 32.52 122.32 44.66
C3C CLA AH . 31.64 121.30 44.30
C4C CLA AH . 30.49 121.94 43.67
CMC CLA AH . 33.82 122.22 45.31
CAC CLA AH . 31.81 119.86 44.51
CBC CLA AH . 31.13 119.40 45.79
ND CLA AH . 28.19 123.26 42.39
C1D CLA AH . 28.32 121.85 42.50
C2D CLA AH . 27.17 121.20 41.84
C3D CLA AH . 26.46 122.23 41.26
C4D CLA AH . 27.14 123.50 41.62
CMD CLA AH . 26.92 119.76 41.78
CAD CLA AH . 25.29 122.59 40.50
OBD CLA AH . 24.38 121.88 40.08
CBD CLA AH . 25.35 124.13 40.25
CGD CLA AH . 25.47 124.33 38.77
O1D CLA AH . 26.46 124.48 38.06
O2D CLA AH . 24.21 124.30 38.22
CED CLA AH . 24.01 124.39 36.81
MG CLA BH . 21.44 119.22 46.35
CHA CLA BH . 20.85 121.97 44.42
CHB CLA BH . 18.13 118.42 46.23
CHC CLA BH . 22.07 116.60 48.43
CHD CLA BH . 24.91 120.07 46.41
NA CLA BH . 19.78 120.06 45.42
C1A CLA BH . 19.73 121.22 44.65
C2A CLA BH . 18.31 121.49 44.13
C3A CLA BH . 17.53 120.24 44.60
C4A CLA BH . 18.53 119.51 45.48
CMA CLA BH . 16.27 120.61 45.36
CAA CLA BH . 18.25 121.57 42.61
CBA CLA BH . 16.87 121.92 42.11
CGA CLA BH . 16.60 123.38 42.22
O1A CLA BH . 16.60 124.25 41.34
O2A CLA BH . 16.28 123.79 43.48
NB CLA BH . 20.34 117.69 47.05
C1B CLA BH . 18.98 117.69 47.07
C2B CLA BH . 18.48 116.81 48.17
C3B CLA BH . 19.59 116.29 48.79
C4B CLA BH . 20.78 116.84 48.08
CMB CLA BH . 17.06 116.61 48.46
CAB CLA BH . 19.66 115.40 49.91
CBB CLA BH . 20.29 114.22 49.90
NC CLA BH . 23.18 118.47 47.23
C1C CLA BH . 23.21 117.37 48.03
C2C CLA BH . 24.57 117.09 48.47
C3C CLA BH . 25.37 118.08 47.90
C4C CLA BH . 24.49 118.93 47.11
CMC CLA BH . 24.92 116.00 49.36
CAC CLA BH . 26.82 118.28 48.01
CBC CLA BH . 27.27 118.59 49.42
ND CLA BH . 22.65 120.69 45.70
C1D CLA BH . 24.05 120.91 45.75
C2D CLA BH . 24.37 122.16 45.02
C3D CLA BH . 23.16 122.65 44.57
C4D CLA BH . 22.13 121.67 44.97
CMD CLA BH . 25.70 122.75 44.86
CAD CLA BH . 22.50 123.69 43.81
OBD CLA BH . 22.96 124.73 43.34
CBD CLA BH . 21.01 123.27 43.72
CGD CLA BH . 20.22 124.05 44.71
O1D CLA BH . 19.24 124.77 44.54
O2D CLA BH . 20.67 123.85 45.98
CED CLA BH . 19.84 124.24 47.07
C1 CLA BH . 15.05 124.53 43.60
C2 CLA BH . 14.64 124.47 45.02
C3 CLA BH . 13.40 124.73 45.44
C4 CLA BH . 12.31 125.10 44.51
C5 CLA BH . 13.07 124.65 46.89
C6 CLA BH . 13.95 123.66 47.65
C7 CLA BH . 13.45 122.24 47.48
C8 CLA BH . 13.10 121.58 48.80
C9 CLA BH . 11.84 122.16 49.40
C10 CLA BH . 14.24 121.74 49.79
C11 CLA BH . 15.31 120.69 49.54
C12 CLA BH . 14.80 119.27 49.66
C13 CLA BH . 14.47 118.85 51.10
C14 CLA BH . 15.66 119.03 52.04
C15 CLA BH . 13.96 117.43 51.19
MG CLA CH . 36.05 109.57 51.86
CHA CLA CH . 37.51 108.59 54.87
CHB CLA CH . 34.54 112.16 53.45
CHC CLA CH . 34.72 110.57 48.84
CHD CLA CH . 37.64 106.86 50.26
NA CLA CH . 36.03 110.24 53.84
C1A CLA CH . 36.72 109.70 54.94
C2A CLA CH . 36.43 110.54 56.21
C3A CLA CH . 35.42 111.60 55.74
C4A CLA CH . 35.31 111.34 54.24
CMA CLA CH . 34.09 111.43 56.42
CAA CLA CH . 37.68 111.23 56.70
CBA CLA CH . 38.19 112.27 55.70
CGA CLA CH . 39.24 111.66 54.82
O1A CLA CH . 40.32 111.11 55.13
O2A CLA CH . 38.92 111.73 53.48
NB CLA CH . 34.88 111.09 51.26
C1B CLA CH . 34.34 112.04 52.07
C2B CLA CH . 33.48 112.95 51.27
C3B CLA CH . 33.52 112.51 49.97
C4B CLA CH . 34.41 111.31 49.94
CMB CLA CH . 32.75 114.08 51.86
CAB CLA CH . 32.88 113.00 48.78
CBB CLA CH . 31.57 113.26 48.69
NC CLA CH . 36.16 108.83 49.91
C1C CLA CH . 35.55 109.40 48.82
C2C CLA CH . 35.86 108.65 47.62
C3C CLA CH . 36.67 107.60 48.01
C4C CLA CH . 36.87 107.71 49.46
CMC CLA CH . 35.40 108.95 46.27
CAC CLA CH . 37.25 106.59 47.12
CBC CLA CH . 38.71 106.82 46.81
ND CLA CH . 37.23 108.00 52.39
C1D CLA CH . 37.85 106.97 51.62
C2D CLA CH . 38.66 106.12 52.52
C3D CLA CH . 38.55 106.69 53.78
C4D CLA CH . 37.68 107.87 53.63
CMD CLA CH . 39.42 104.93 52.10
CAD CLA CH . 38.93 106.59 55.18
OBD CLA CH . 39.58 105.72 55.75
CBD CLA CH . 38.33 107.83 55.90
CGD CLA CH . 37.51 107.41 57.07
O1D CLA CH . 36.32 107.09 57.07
O2D CLA CH . 38.18 107.41 58.25
CED CLA CH . 37.45 107.71 59.45
C1 CLA CH . 39.51 110.76 52.60
C2 CLA CH . 39.26 111.22 51.22
C3 CLA CH . 39.60 110.53 50.13
C4 CLA CH . 40.28 109.21 50.23
C5 CLA CH . 39.32 111.04 48.76
C6 CLA CH . 38.43 112.28 48.78
C7 CLA CH . 39.05 113.42 47.98
C8 CLA CH . 38.08 114.56 47.68
C9 CLA CH . 36.92 114.04 46.86
C10 CLA CH . 38.79 115.68 46.94
C11 CLA CH . 38.85 116.95 47.77
C12 CLA CH . 40.23 117.60 47.76
C13 CLA CH . 40.40 118.57 48.91
C14 CLA CH . 41.85 118.69 49.32
C15 CLA CH . 39.57 118.17 50.11
MG CLA DH . 38.49 117.52 56.38
CHA CLA DH . 41.00 116.04 54.49
CHB CLA DH . 40.84 119.07 58.28
CHC CLA DH . 35.96 118.87 58.30
CHD CLA DH . 36.09 115.89 54.36
NA CLA DH . 40.58 117.53 56.36
C1A CLA DH . 41.45 116.86 55.49
C2A CLA DH . 42.92 117.15 55.85
C3A CLA DH . 42.82 118.13 57.04
C4A CLA DH . 41.32 118.26 57.26
CMA CLA DH . 43.52 117.62 58.27
CAA CLA DH . 43.76 117.73 54.73
CBA CLA DH . 43.04 118.65 53.76
CGA CLA DH . 44.05 119.23 52.82
O1A CLA DH . 45.26 119.04 52.77
O2A CLA DH . 43.53 120.10 51.91
NB CLA DH . 38.41 118.83 57.90
C1B CLA DH . 39.49 119.24 58.61
C2B CLA DH . 39.05 119.89 59.89
C3B CLA DH . 37.67 119.83 59.90
C4B CLA DH . 37.24 119.13 58.65
CMB CLA DH . 39.99 120.43 60.86
CAB CLA DH . 36.73 120.24 60.90
CBB CLA DH . 36.15 119.37 61.73
NC CLA DH . 36.41 117.42 56.31
C1C CLA DH . 35.56 118.07 57.18
C2C CLA DH . 34.17 117.78 56.83
C3C CLA DH . 34.20 116.92 55.73
C4C CLA DH . 35.61 116.71 55.41
CMC CLA DH . 33.01 118.30 57.54
CAC CLA DH . 33.05 116.36 55.02
CBC CLA DH . 32.70 117.19 53.82
ND CLA DH . 38.48 116.19 54.86
C1D CLA DH . 37.41 115.62 54.10
C2D CLA DH . 37.99 114.78 53.02
C3D CLA DH . 39.37 114.89 53.14
C4D CLA DH . 39.62 115.80 54.28
CMD CLA DH . 37.22 114.01 52.05
CAD CLA DH . 40.66 114.50 52.60
OBD CLA DH . 40.92 113.76 51.65
CBD CLA DH . 41.74 115.24 53.44
CGD CLA DH . 42.71 114.28 54.09
O1D CLA DH . 43.74 114.56 54.69
O2D CLA DH . 42.35 112.97 53.99
CED CLA DH . 43.38 111.99 53.98
C1 CLA DH . 43.17 121.39 52.46
C2 CLA DH . 44.33 122.29 52.25
C3 CLA DH . 44.25 123.39 51.49
C1 LUT EH . 29.18 112.03 53.84
C2 LUT EH . 29.97 111.22 54.88
C3 LUT EH . 31.00 110.24 54.35
C4 LUT EH . 30.43 109.48 53.17
C5 LUT EH . 30.14 110.51 52.12
C6 LUT EH . 29.38 111.57 52.41
C7 LUT EH . 28.73 112.34 51.34
C8 LUT EH . 27.67 111.85 50.68
C9 LUT EH . 27.07 112.65 49.61
C10 LUT EH . 25.92 112.25 49.03
C11 LUT EH . 25.27 113.02 47.96
C12 LUT EH . 23.97 112.80 47.72
C13 LUT EH . 23.16 113.51 46.71
C14 LUT EH . 21.87 113.17 46.58
C15 LUT EH . 20.98 113.85 45.65
C16 LUT EH . 29.63 113.49 53.91
C17 LUT EH . 27.70 111.91 54.18
C18 LUT EH . 30.75 110.31 50.76
C19 LUT EH . 27.78 113.91 49.19
C20 LUT EH . 23.74 114.59 45.86
O3 LUT EH . 31.38 109.31 55.36
C21 LUT EH . 8.68 116.40 42.05
C22 LUT EH . 7.66 117.26 41.29
C23 LUT EH . 7.74 117.27 39.77
C24 LUT EH . 8.64 116.20 39.18
C25 LUT EH . 9.61 115.62 39.89
C26 LUT EH . 9.96 116.15 41.24
C27 LUT EH . 10.82 115.17 41.99
C28 LUT EH . 12.09 115.45 42.24
C29 LUT EH . 12.95 114.52 42.98
C30 LUT EH . 14.17 114.92 43.35
C31 LUT EH . 15.11 114.11 44.11
C32 LUT EH . 16.35 114.56 44.23
C33 LUT EH . 17.39 113.85 45.01
C34 LUT EH . 18.64 114.34 45.03
C35 LUT EH . 19.67 113.69 45.85
C36 LUT EH . 8.04 115.07 42.43
C37 LUT EH . 9.07 117.13 43.32
C38 LUT EH . 10.36 114.44 39.32
C39 LUT EH . 12.47 113.14 43.34
C40 LUT EH . 17.03 112.62 45.79
O23 LUT EH . 8.19 118.56 39.31
C1 LUT FH . 21.49 100.15 49.02
C2 LUT FH . 21.17 99.75 50.45
C3 LUT FH . 20.05 100.51 51.15
C4 LUT FH . 20.09 101.98 50.72
C5 LUT FH . 19.89 102.03 49.23
C6 LUT FH . 20.57 101.20 48.45
C7 LUT FH . 20.49 101.29 46.97
C8 LUT FH . 21.27 102.17 46.33
C9 LUT FH . 21.29 102.33 44.87
C10 LUT FH . 22.36 102.94 44.36
C11 LUT FH . 22.68 103.21 42.97
C12 LUT FH . 23.92 103.67 42.81
C13 LUT FH . 24.52 103.98 41.51
C14 LUT FH . 25.83 104.28 41.48
C15 LUT FH . 26.54 104.56 40.24
C16 LUT FH . 21.32 98.94 48.12
C17 LUT FH . 22.92 100.68 48.96
C18 LUT FH . 18.90 103.01 48.67
C19 LUT FH . 20.19 101.84 43.98
C20 LUT FH . 23.70 103.92 40.25
O3 LUT FH . 20.23 100.43 52.56
C21 LUT FH . 36.26 107.53 32.15
C22 LUT FH . 36.82 107.85 30.78
C23 LUT FH . 36.70 109.35 30.48
C24 LUT FH . 35.29 109.81 30.73
C25 LUT FH . 34.51 109.27 31.67
C26 LUT FH . 34.78 107.92 32.26
C27 LUT FH . 34.37 107.89 33.71
C28 LUT FH . 33.45 107.03 34.12
C29 LUT FH . 33.04 106.99 35.53
C30 LUT FH . 31.95 106.30 35.89
C31 LUT FH . 31.51 106.24 37.28
C32 LUT FH . 30.23 105.96 37.52
C33 LUT FH . 29.63 105.85 38.87
C34 LUT FH . 28.41 105.30 38.97
C35 LUT FH . 27.75 105.11 40.25
C36 LUT FH . 37.06 108.22 33.24
C37 LUT FH . 36.36 106.02 32.34
C38 LUT FH . 33.32 110.04 32.16
C39 LUT FH . 33.84 107.70 36.59
C40 LUT FH . 30.33 106.31 40.11
O23 LUT FH . 37.05 109.59 29.11
C1 XAT GH . 43.85 102.27 50.96
C2 XAT GH . 44.48 101.28 51.93
C3 XAT GH . 45.65 100.66 51.20
C4 XAT GH . 46.75 101.71 51.17
C5 XAT GH . 46.32 103.06 50.59
C6 XAT GH . 44.81 103.36 50.49
C7 XAT GH . 44.47 104.79 50.84
C8 XAT GH . 44.22 105.62 49.84
C9 XAT GH . 43.88 107.01 50.10
C10 XAT GH . 44.10 107.91 49.13
C11 XAT GH . 43.76 109.31 49.31
C12 XAT GH . 43.44 110.01 48.23
C13 XAT GH . 43.07 111.44 48.27
C14 XAT GH . 43.12 112.14 47.14
C15 XAT GH . 42.77 113.54 47.14
C16 XAT GH . 42.67 102.94 51.66
C17 XAT GH . 43.40 101.54 49.71
C18 XAT GH . 47.10 104.30 51.08
C19 XAT GH . 43.27 107.42 51.42
C20 XAT GH . 42.61 112.13 49.53
O3 XAT GH . 46.09 99.52 51.93
O4 XAT GH . 45.63 103.11 49.34
C21 XAT GH . 37.68 123.99 42.34
C22 XAT GH . 37.18 125.06 41.40
C23 XAT GH . 38.16 126.22 41.44
C24 XAT GH . 39.36 125.73 40.66
C25 XAT GH . 40.07 124.58 41.37
C26 XAT GH . 39.20 123.69 42.26
C27 XAT GH . 39.61 122.25 42.15
C28 XAT GH . 40.35 121.74 43.12
C29 XAT GH . 40.73 120.33 43.00
C30 XAT GH . 41.53 119.78 43.92
C31 XAT GH . 41.89 118.38 43.80
C32 XAT GH . 42.20 117.73 44.92
C33 XAT GH . 42.56 116.31 44.84
C34 XAT GH . 42.62 115.62 45.99
C35 XAT GH . 42.96 114.22 46.02
C36 XAT GH . 36.90 122.72 42.04
C37 XAT GH . 37.31 124.43 43.75
C38 XAT GH . 41.06 123.75 40.54
C39 XAT GH . 40.20 119.54 41.85
C40 XAT GH . 42.85 115.66 43.52
O23 XAT GH . 37.61 127.34 40.76
O24 XAT GH . 40.18 124.60 42.79
O1 LHG HH . 32.28 127.26 40.40
C1 LHG HH . 32.33 128.37 39.49
C2 LHG HH . 32.31 127.83 38.06
O2 LHG HH . 31.92 128.87 37.17
C3 LHG HH . 31.30 126.70 37.95
O3 LHG HH . 31.50 125.78 39.00
P LHG HH . 31.03 124.26 38.80
O4 LHG HH . 29.52 124.19 38.82
O5 LHG HH . 31.77 123.73 37.60
O6 LHG HH . 31.61 123.54 40.11
C4 LHG HH . 32.68 122.61 39.95
C5 LHG HH . 32.46 121.32 40.73
C6 LHG HH . 31.19 120.65 40.23
O7 LHG HH . 33.52 120.44 40.38
C7 LHG HH . 34.48 120.17 41.44
O9 LHG HH . 34.23 120.49 42.59
C8 LHG HH . 35.78 119.49 41.09
C9 LHG HH . 36.38 118.83 42.32
C10 LHG HH . 37.12 117.58 41.87
O8 LHG HH . 31.19 119.32 40.74
C23 LHG HH . 30.51 118.26 40.01
O10 LHG HH . 30.03 118.50 38.92
C24 LHG HH . 30.43 116.87 40.60
C11 LHG HH . 37.83 116.87 43.00
C12 LHG HH . 38.39 115.54 42.53
C13 LHG HH . 39.35 114.99 43.57
C14 LHG HH . 39.08 113.52 43.82
C15 LHG HH . 39.62 112.61 42.71
C16 LHG HH . 39.94 111.23 43.27
C17 LHG HH . 40.97 111.33 44.39
C18 LHG HH . 41.19 109.97 45.04
C19 LHG HH . 41.77 108.96 44.05
C20 LHG HH . 41.79 107.54 44.59
C21 LHG HH . 42.53 107.50 45.92
C22 LHG HH . 42.34 106.16 46.57
C25 LHG HH . 31.72 116.16 40.26
C26 LHG HH . 31.88 114.88 41.06
C27 LHG HH . 33.31 114.77 41.58
C28 LHG HH . 33.59 115.83 42.64
C29 LHG HH . 32.60 115.65 43.79
C30 LHG HH . 32.98 116.50 45.00
C31 LHG HH . 34.43 116.30 45.40
C32 LHG HH . 34.72 117.02 46.71
C33 LHG HH . 34.57 118.53 46.59
C34 LHG HH . 35.81 119.16 45.98
C35 LHG HH . 36.59 119.94 47.03
C36 LHG HH . 37.56 120.91 46.37
C37 LHG HH . 38.03 121.97 47.37
C38 LHG HH . 36.85 122.75 47.94
MG CLA IH . -0.49 91.49 32.75
CHA CLA IH . -2.71 93.96 32.01
CHB CLA IH . 1.93 93.17 31.02
CHC CLA IH . 1.56 88.75 33.05
CHD CLA IH . -3.03 89.76 34.51
NA CLA IH . -0.38 93.35 31.80
C1A CLA IH . -1.44 94.22 31.55
C2A CLA IH . -0.88 95.46 30.82
C3A CLA IH . 0.66 95.30 30.79
C4A CLA IH . 0.78 93.85 31.26
CMA CLA IH . 1.14 95.31 29.38
NB CLA IH . 1.39 91.06 32.17
C1B CLA IH . 2.16 91.83 31.38
C2B CLA IH . 3.34 91.07 30.90
C3B CLA IH . 3.25 89.82 31.48
C4B CLA IH . 2.01 89.80 32.31
CMB CLA IH . 4.36 91.64 30.03
CAB CLA IH . 4.15 88.71 31.41
CBB CLA IH . 5.24 88.60 32.16
NC CLA IH . -0.67 89.64 33.70
C1C CLA IH . 0.30 88.69 33.72
C2C CLA IH . -0.15 87.52 34.48
C3C CLA IH . -1.47 87.80 34.86
C4C CLA IH . -1.79 89.13 34.36
CMC CLA IH . 0.63 86.32 34.72
CAC CLA IH . -2.38 86.96 35.65
CBC CLA IH . -2.31 87.31 37.12
ND CLA IH . -2.37 91.84 33.38
C1D CLA IH . -3.33 91.01 34.03
C2D CLA IH . -4.63 91.70 34.07
C3D CLA IH . -4.47 92.82 33.29
C4D CLA IH . -3.05 92.85 32.86
CMD CLA IH . -5.83 91.22 34.75
CAD CLA IH . -5.09 94.03 32.81
OBD CLA IH . -6.17 94.54 33.05
CBD CLA IH . -4.03 94.67 31.87
CGD CLA IH . -4.59 94.81 30.48
O1D CLA IH . -4.42 94.08 29.50
O2D CLA IH . -5.39 95.90 30.43
CED CLA IH . -6.19 96.18 29.28
MG CHL JH . 55.79 87.41 19.91
CHA CHL JH . 53.78 89.37 21.93
CHB CHL JH . 54.46 84.73 21.31
CHC CHL JH . 57.05 85.63 17.27
CHD CHL JH . 58.11 90.05 19.39
NA CHL JH . 54.25 87.09 21.11
C1A CHL JH . 53.49 87.96 21.63
C2A CHL JH . 52.19 87.40 22.12
C3A CHL JH . 52.48 85.91 22.16
C4A CHL JH . 53.81 85.88 21.48
CMA CHL JH . 52.60 85.40 23.58
CAA CHL JH . 51.04 87.72 21.19
CBA CHL JH . 49.77 87.00 21.65
CGA CHL JH . 49.48 87.32 23.09
O1A CHL JH . 49.17 88.46 23.42
O2A CHL JH . 49.59 86.29 24.11
NB CHL JH . 55.74 85.44 19.36
C1B CHL JH . 55.16 84.43 20.04
C2B CHL JH . 55.27 83.07 19.44
C3B CHL JH . 56.05 83.38 18.22
C4B CHL JH . 56.29 84.85 18.27
CMB CHL JH . 54.74 81.76 19.92
CAB CHL JH . 56.48 82.41 17.20
CBB CHL JH . 56.54 82.74 15.92
NC CHL JH . 57.31 87.77 18.58
C1C CHL JH . 57.66 86.93 17.59
C2C CHL JH . 58.79 87.48 16.80
C3C CHL JH . 59.11 88.78 17.42
C4C CHL JH . 58.12 88.85 18.52
CMC CHL JH . 59.47 86.87 15.63
OMC CHL JH . 59.58 85.65 15.55
CAC CHL JH . 60.18 89.78 17.03
CBC CHL JH . 59.58 90.88 16.19
ND CHL JH . 56.03 89.36 20.48
C1D CHL JH . 56.93 90.32 20.24
C2D CHL JH . 56.53 91.54 20.97
C3D CHL JH . 55.26 91.17 21.64
C4D CHL JH . 55.03 89.83 21.31
CMD CHL JH . 57.04 92.95 21.14
CAD CHL JH . 54.15 91.63 22.53
OBD CHL JH . 54.06 92.81 23.02
CBD CHL JH . 53.22 90.49 22.72
CGD CHL JH . 53.19 90.09 24.15
O1D CHL JH . 54.19 89.63 24.69
O2D CHL JH . 51.97 90.26 24.92
CED CHL JH . 51.73 89.44 26.06
C1 CHL JH . 48.42 85.75 24.74
C2 CHL JH . 48.71 84.32 25.15
C3 CHL JH . 49.22 84.05 26.36
C4 CHL JH . 49.50 85.17 27.32
C5 CHL JH . 49.51 82.63 26.77
MG CLA KH . 50.91 98.64 22.82
CHA CLA KH . 50.74 98.35 19.35
CHB CLA KH . 48.80 101.31 22.66
CHC CLA KH . 50.95 98.80 26.25
CHD CLA KH . 53.08 95.85 22.91
NA CLA KH . 49.97 99.65 21.25
C1A CLA KH . 50.00 99.37 19.88
C2A CLA KH . 49.15 100.36 19.09
C3A CLA KH . 48.72 101.39 20.15
C4A CLA KH . 49.17 100.75 21.46
CMA CLA KH . 49.40 102.72 19.93
CAA CLA KH . 47.90 99.69 18.50
CBA CLA KH . 47.24 98.75 19.48
CGA CLA KH . 46.15 99.45 20.24
O1A CLA KH . 45.18 100.05 19.79
O2A CLA KH . 46.31 99.39 21.59
NB CLA KH . 50.09 99.86 24.19
C1B CLA KH . 49.17 100.82 23.93
C2B CLA KH . 48.58 101.33 25.19
C3B CLA KH . 49.17 100.63 26.22
C4B CLA KH . 50.15 99.69 25.60
CMB CLA KH . 47.56 102.37 25.19
CAB CLA KH . 48.95 100.73 27.63
CBB CLA KH . 47.78 100.95 28.25
NC CLA KH . 51.87 97.54 24.30
C1C CLA KH . 51.76 97.79 25.65
C2C CLA KH . 52.58 96.84 26.40
C3C CLA KH . 53.17 95.99 25.46
C4C CLA KH . 52.71 96.43 24.14
CMC CLA KH . 52.72 96.81 27.85
CAC CLA KH . 54.08 94.87 25.77
CBC CLA KH . 53.32 93.63 26.15
ND CLA KH . 51.74 97.36 21.50
C1D CLA KH . 52.63 96.26 21.67
C2D CLA KH . 52.97 95.71 20.33
C3D CLA KH . 52.26 96.47 19.41
C4D CLA KH . 51.52 97.48 20.19
CMD CLA KH . 53.87 94.58 20.10
CAD CLA KH . 51.96 96.70 18.00
OBD CLA KH . 52.37 96.14 16.98
CBD CLA KH . 50.98 97.91 17.93
CGD CLA KH . 51.60 99.00 17.09
O1D CLA KH . 51.42 99.25 15.90
O2D CLA KH . 52.46 99.80 17.79
CED CLA KH . 52.44 101.21 17.53
C1 CLA KH . 45.20 99.82 22.40
C2 CLA KH . 45.50 99.47 23.81
C3 CLA KH . 44.63 99.68 24.82
C4 CLA KH . 43.29 100.28 24.61
C5 CLA KH . 44.99 99.30 26.23
C6 CLA KH . 43.96 98.39 26.88
C7 CLA KH . 44.48 97.82 28.19
C8 CLA KH . 43.46 96.93 28.89
C9 CLA KH . 43.60 97.03 30.39
C10 CLA KH . 43.61 95.47 28.47
C11 CLA KH . 44.96 94.90 28.87
C12 CLA KH . 44.84 93.49 29.41
C13 CLA KH . 46.05 92.63 29.10
C14 CLA KH . 45.98 92.03 27.72
C15 CLA KH . 46.20 91.49 30.12
C16 CLA KH . 47.65 91.10 30.30
C17 CLA KH . 48.49 92.31 30.67
C18 CLA KH . 49.98 92.04 30.48
C19 CLA KH . 50.28 91.54 29.07
C20 CLA KH . 50.80 93.29 30.76
MG CLA LH . 46.66 102.96 33.23
CHA CLA LH . 44.54 104.87 31.25
CHB CLA LH . 45.63 100.16 31.61
CHC CLA LH . 48.76 101.10 35.23
CHD CLA LH . 47.63 105.90 34.95
NA CLA LH . 45.32 102.61 31.66
C1A CLA LH . 44.53 103.53 30.96
C2A CLA LH . 43.69 102.84 29.90
C3A CLA LH . 44.00 101.34 30.13
C4A CLA LH . 45.09 101.35 31.19
CMA CLA LH . 42.81 100.61 30.67
CAA CLA LH . 44.13 103.24 28.51
CBA CLA LH . 43.16 102.75 27.45
CGA CLA LH . 41.95 103.63 27.43
O1A CLA LH . 41.82 104.74 26.93
O2A CLA LH . 40.89 103.09 28.10
NB CLA LH . 47.04 100.99 33.45
C1B CLA LH . 46.61 100.02 32.61
C2B CLA LH . 47.29 98.73 32.89
C3B CLA LH . 48.18 98.98 33.92
C4B CLA LH . 48.03 100.43 34.28
CMB CLA LH . 47.04 97.50 32.15
CAB CLA LH . 49.13 98.10 34.56
CBB CLA LH . 49.07 97.70 35.83
NC CLA LH . 47.97 103.42 34.78
C1C CLA LH . 48.75 102.50 35.44
C2C CLA LH . 49.57 103.17 36.45
C3C CLA LH . 49.23 104.53 36.38
C4C CLA LH . 48.22 104.68 35.34
CMC CLA LH . 50.54 102.49 37.30
CAC CLA LH . 49.81 105.63 37.16
CBC CLA LH . 50.90 106.35 36.39
ND CLA LH . 46.36 104.96 33.06
C1D CLA LH . 46.76 106.04 33.88
C2D CLA LH . 46.10 107.28 33.40
C3D CLA LH . 45.26 106.90 32.36
C4D CLA LH . 45.43 105.43 32.23
CMD CLA LH . 46.33 108.62 33.95
CAD CLA LH . 44.30 107.32 31.36
OBD CLA LH . 43.97 108.45 31.05
CBD CLA LH . 43.73 106.03 30.70
CGD CLA LH . 42.27 105.87 31.01
O1D CLA LH . 41.31 106.42 30.48
O2D CLA LH . 42.02 104.99 32.03
CED CLA LH . 40.68 104.53 32.19
C1 CLA LH . 40.34 101.84 27.61
C2 CLA LH . 40.07 101.00 28.80
C3 CLA LH . 39.06 101.23 29.67
C4 CLA LH . 38.13 102.36 29.51
C5 CLA LH . 38.83 100.34 30.86
C6 CLA LH . 39.76 99.15 30.95
C7 CLA LH . 39.86 98.49 32.32
C8 CLA LH . 39.64 99.40 33.53
C9 CLA LH . 40.79 100.38 33.70
C10 CLA LH . 39.51 98.59 34.81
C11 CLA LH . 39.45 99.48 36.03
C12 CLA LH . 39.81 98.76 37.31
C13 CLA LH . 39.25 99.49 38.53
C14 CLA LH . 37.84 99.97 38.26
C15 CLA LH . 40.14 100.66 38.98
C16 CLA LH . 39.64 101.23 40.29
C17 CLA LH . 40.09 102.67 40.48
C18 CLA LH . 41.34 102.76 41.36
C19 CLA LH . 41.65 104.20 41.72
C20 CLA LH . 41.14 101.93 42.61
MG CLA MH . 62.77 107.53 44.09
CHA CLA MH . 63.21 107.49 47.53
CHB CLA MH . 59.44 108.15 44.50
CHC CLA MH . 62.42 107.69 40.66
CHD CLA MH . 66.21 106.81 43.70
NA CLA MH . 61.54 107.77 45.76
C1A CLA MH . 61.91 107.72 47.12
C2A CLA MH . 60.69 107.95 48.02
C3A CLA MH . 59.51 108.03 47.02
C4A CLA MH . 60.19 107.99 45.65
CMA CLA MH . 58.60 106.84 47.19
CAA CLA MH . 60.80 109.24 48.80
CBA CLA MH . 60.58 110.46 47.95
CGA CLA MH . 61.44 111.57 48.44
O1A CLA MH . 62.20 111.60 49.41
O2A CLA MH . 61.34 112.69 47.69
NB CLA MH . 61.23 107.82 42.82
C1B CLA MH . 59.95 108.13 43.20
C2B CLA MH . 59.13 108.43 41.99
C3B CLA MH . 59.96 108.31 40.90
C4B CLA MH . 61.31 107.91 41.42
CMB CLA MH . 57.72 108.79 42.08
CAB CLA MH . 59.71 108.48 39.50
CBB CLA MH . 58.69 107.93 38.83
NC CLA MH . 64.09 107.27 42.49
C1C CLA MH . 63.72 107.38 41.17
C2C CLA MH . 64.88 107.17 40.32
C3C CLA MH . 65.96 106.89 41.17
C4C CLA MH . 65.44 106.94 42.53
CMC CLA MH . 64.80 107.28 38.87
CAC CLA MH . 67.37 106.61 40.81
CBC CLA MH . 68.34 107.70 41.16
ND CLA MH . 64.38 107.24 45.27
C1D CLA MH . 65.73 106.96 44.98
C2D CLA MH . 66.49 106.88 46.24
C3D CLA MH . 65.57 107.10 47.26
C4D CLA MH . 64.27 107.29 46.60
CMD CLA MH . 67.94 106.66 46.32
CAD CLA MH . 65.34 107.24 48.68
OBD CLA MH . 66.13 107.27 49.61
CBD CLA MH . 63.83 107.43 48.91
CGD CLA MH . 63.31 106.28 49.72
O1D CLA MH . 62.89 106.27 50.88
O2D CLA MH . 63.32 105.11 49.04
CED CLA MH . 63.33 103.93 49.85
C1 CLA MH . 62.37 113.69 47.87
C2 CLA MH . 62.51 114.40 46.57
C3 CLA MH . 63.56 115.19 46.29
C4 CLA MH . 64.64 115.43 47.27
C5 CLA MH . 63.68 115.88 44.98
MG CHL NH . 61.56 119.17 54.21
CHA CHL NH . 64.69 119.75 52.70
CHB CHL NH . 63.09 119.53 57.23
CHC CHL NH . 58.44 118.88 55.77
CHD CHL NH . 60.07 118.48 51.02
NA CHL NH . 63.41 119.57 54.85
C1A CHL NH . 64.44 119.88 54.17
C2A CHL NH . 65.58 120.37 55.02
C3A CHL NH . 65.27 119.72 56.33
C4A CHL NH . 63.81 119.57 56.14
CMA CHL NH . 65.99 118.40 56.54
CAA CHL NH . 65.55 121.86 55.35
CBA CHL NH . 66.68 122.16 56.36
CGA CHL NH . 66.24 122.74 57.68
O1A CHL NH . 65.45 122.17 58.43
O2A CHL NH . 66.80 124.01 58.12
NB CHL NH . 60.90 119.20 56.16
C1B CHL NH . 61.64 119.35 57.29
C2B CHL NH . 60.92 119.34 58.58
C3B CHL NH . 59.55 119.13 58.12
C4B CHL NH . 59.63 119.07 56.64
CMB CHL NH . 61.45 119.48 59.99
CAB CHL NH . 58.34 119.04 58.96
CBB CHL NH . 57.26 119.74 58.66
NC CHL NH . 59.64 118.78 53.53
C1C CHL NH . 58.55 118.70 54.31
C2C CHL NH . 57.33 118.39 53.51
C3C CHL NH . 57.80 118.28 52.12
C4C CHL NH . 59.25 118.53 52.25
CMC CHL NH . 55.94 118.22 54.00
OMC CHL NH . 55.66 117.98 55.16
CAC CHL NH . 57.00 117.97 50.87
CBC CHL NH . 56.25 119.22 50.48
ND CHL NH . 62.13 119.08 52.24
C1D CHL NH . 61.51 118.80 51.06
C2D CHL NH . 62.48 118.90 49.96
C3D CHL NH . 63.73 119.28 50.62
C4D CHL NH . 63.45 119.37 51.98
CMD CHL NH . 62.49 118.72 48.45
CAD CHL NH . 65.16 119.60 50.39
OBD CHL NH . 65.67 119.58 49.22
CBD CHL NH . 65.76 119.89 51.70
CGD CHL NH . 66.88 118.89 51.91
O1D CHL NH . 66.72 117.82 52.45
O2D CHL NH . 68.20 119.19 51.39
CED CHL NH . 69.13 118.12 51.25
MG CHL OH . 56.36 112.07 45.48
CHA CHL OH . 58.20 114.99 46.07
CHB CHL OH . 55.50 113.33 42.46
CHC CHL OH . 54.92 109.01 44.68
CHD CHL OH . 56.88 110.99 48.85
NA CHL OH . 56.82 113.72 44.43
C1A CHL OH . 57.58 114.68 44.76
C2A CHL OH . 57.84 115.69 43.68
C3A CHL OH . 56.89 115.27 42.60
C4A CHL OH . 56.36 114.01 43.19
CMA CHL OH . 55.77 116.28 42.49
CAA CHL OH . 59.25 115.75 43.13
CBA CHL OH . 59.41 117.05 42.35
CGA CHL OH . 59.95 118.10 43.29
O1A CHL OH . 60.65 117.79 44.24
O2A CHL OH . 59.66 119.51 43.10
NB CHL OH . 55.37 111.31 43.84
C1B CHL OH . 55.10 111.94 42.69
C2B CHL OH . 54.37 111.16 41.65
C3B CHL OH . 54.22 109.88 42.34
C4B CHL OH . 54.87 110.07 43.65
CMB CHL OH . 53.93 111.59 40.28
CAB CHL OH . 53.57 108.67 41.79
CBB CHL OH . 54.10 107.47 41.94
NC CHL OH . 55.98 110.35 46.55
C1C CHL OH . 55.41 109.24 46.06
C2C CHL OH . 55.29 108.18 47.09
C3C CHL OH . 55.85 108.75 48.31
C4C CHL OH . 56.26 110.10 47.86
CMC CHL OH . 54.72 106.83 46.95
OMC CHL OH . 54.71 106.28 45.86
CAC CHL OH . 56.01 108.13 49.68
CBC CHL OH . 54.92 108.61 50.61
ND CHL OH . 57.30 112.73 47.19
C1D CHL OH . 57.46 112.27 48.43
C2D CHL OH . 58.26 113.22 49.23
C3D CHL OH . 58.56 114.32 48.27
C4D CHL OH . 57.93 113.95 47.07
CMD CHL OH . 58.78 113.32 50.64
CAD CHL OH . 59.23 115.62 48.08
OBD CHL OH . 59.89 116.26 48.98
CBD CHL OH . 59.00 116.04 46.70
CGD CHL OH . 58.20 117.29 46.74
O1D CHL OH . 57.02 117.25 47.05
O2D CHL OH . 58.81 118.57 46.43
CED CHL OH . 58.04 119.77 46.44
C1 CHL OH . 60.58 120.46 43.64
C2 CHL OH . 61.09 121.33 42.53
C3 CHL OH . 60.47 122.48 42.18
C4 CHL OH . 59.23 122.98 42.88
MG CHL PH . 51.02 104.30 47.07
CHA CHL PH . 50.68 102.34 49.94
CHB CHL PH . 51.11 101.42 45.26
CHC CHL PH . 51.08 106.21 44.16
CHD CHL PH . 51.17 107.28 49.06
NA CHL PH . 50.94 102.34 47.47
C1A CHL PH . 50.73 101.78 48.58
C2A CHL PH . 50.53 100.30 48.51
C3A CHL PH . 51.24 100.00 47.23
C4A CHL PH . 51.12 101.34 46.58
CMA CHL PH . 52.71 99.67 47.45
CAA CHL PH . 49.04 100.03 48.41
CBA CHL PH . 48.64 98.71 49.07
CGA CHL PH . 47.67 97.98 48.18
O1A CHL PH . 46.55 98.41 47.96
O2A CHL PH . 48.08 96.73 47.56
NB CHL PH . 51.08 103.88 45.05
C1B CHL PH . 51.11 102.66 44.47
C2B CHL PH . 51.16 102.64 42.98
C3B CHL PH . 51.15 104.07 42.69
C4B CHL PH . 51.09 104.74 44.01
CMB CHL PH . 51.20 101.46 42.03
CAB CHL PH . 51.17 104.71 41.36
CBB CHL PH . 50.34 105.69 41.06
NC CHL PH . 51.12 106.32 46.69
C1C CHL PH . 51.14 106.88 45.46
C2C CHL PH . 51.22 108.37 45.54
C3C CHL PH . 51.25 108.68 46.96
C4C CHL PH . 51.18 107.34 47.59
CMC CHL PH . 51.27 109.34 44.42
OMC CHL PH . 50.75 109.09 43.34
CAC CHL PH . 51.34 110.04 47.62
CBC CHL PH . 49.98 110.65 47.85
ND CHL PH . 50.96 104.85 49.04
C1D CHL PH . 51.00 105.98 49.74
C2D CHL PH . 50.90 105.71 51.17
C3D CHL PH . 50.77 104.24 51.26
C4D CHL PH . 50.81 103.79 49.94
CMD CHL PH . 50.88 106.48 52.47
CAD CHL PH . 50.60 103.07 52.16
OBD CHL PH . 50.54 103.15 53.44
CBD CHL PH . 50.56 101.87 51.32
CGD CHL PH . 51.78 101.07 51.66
O1D CHL PH . 52.88 101.61 51.75
O2D CHL PH . 51.69 99.64 51.91
CED CHL PH . 52.88 98.89 52.18
C1 CHL PH . 47.38 96.22 46.43
C2 CHL PH . 47.99 96.78 45.16
C3 CHL PH . 49.21 96.41 44.72
C4 CHL PH . 50.02 95.41 45.48
C5 CHL PH . 49.77 97.00 43.45
C6 CHL PH . 48.89 98.15 42.96
MG CHL QH . 56.91 118.31 30.68
CHA CHL QH . 57.01 114.82 30.55
CHB CHL QH . 58.38 118.09 33.72
CHC CHL QH . 56.80 121.77 30.93
CHD CHL QH . 55.76 118.46 27.29
NA CHL QH . 57.41 116.85 31.94
C1A CHL QH . 57.39 115.59 31.75
C2A CHL QH . 57.81 114.77 32.93
C3A CHL QH . 57.74 115.79 34.04
C4A CHL QH . 57.83 117.01 33.20
CMA CHL QH . 56.38 115.75 34.73
CAA CHL QH . 59.22 114.22 32.79
CBA CHL QH . 60.07 115.02 31.80
CGA CHL QH . 61.48 114.45 31.77
NB CHL QH . 57.49 119.68 32.09
C1B CHL QH . 58.07 119.44 33.30
C2B CHL QH . 58.40 120.63 34.13
C3B CHL QH . 57.90 121.70 33.27
C4B CHL QH . 57.39 121.03 32.05
CMB CHL QH . 59.05 120.73 35.49
CAB CHL QH . 57.97 123.15 33.55
CBB CHL QH . 58.58 123.95 32.70
NC CHL QH . 56.39 119.81 29.37
C1C CHL QH . 56.42 121.12 29.66
C2C CHL QH . 55.98 121.94 28.49
C3C CHL QH . 55.69 120.99 27.43
C4C CHL QH . 55.97 119.68 28.09
CMC CHL QH . 55.87 123.42 28.39
OMC CHL QH . 55.77 124.12 29.38
CAC CHL QH . 55.20 121.26 26.03
CBC CHL QH . 56.40 121.49 25.14
ND CHL QH . 56.44 117.02 29.15
C1D CHL QH . 56.02 117.14 27.89
C2D CHL QH . 55.86 115.80 27.29
C3D CHL QH . 56.27 114.87 28.35
C4D CHL QH . 56.61 115.68 29.44
CMD CHL QH . 55.44 115.23 25.95
CAD CHL QH . 56.45 113.45 28.72
OBD CHL QH . 56.23 112.46 27.94
CBD CHL QH . 56.93 113.42 30.12
CGD CHL QH . 56.04 112.62 31.02
O1D CHL QH . 55.06 113.12 31.56
O2D CHL QH . 56.38 111.25 31.29
CED CHL QH . 57.02 110.90 32.51
MG CHL RH . 48.35 112.65 34.47
CHA CHL RH . 47.92 111.00 31.46
CHB CHL RH . 45.88 114.90 33.69
CHC CHL RH . 48.37 113.91 37.77
CHD CHL RH . 50.41 110.03 35.51
NA CHL RH . 47.07 112.94 32.78
C1A CHL RH . 47.06 112.14 31.63
C2A CHL RH . 46.03 112.66 30.67
C3A CHL RH . 45.51 113.92 31.34
C4A CHL RH . 46.17 113.97 32.69
CMA CHL RH . 45.97 115.16 30.58
CAA CHL RH . 44.80 111.72 30.61
CBA CHL RH . 44.79 110.53 31.62
CGA CHL RH . 43.40 109.99 32.06
O1A CHL RH . 42.46 109.96 31.22
O2A CHL RH . 43.20 109.42 33.33
NB CHL RH . 47.28 114.12 35.54
C1B CHL RH . 46.36 114.96 34.98
C2B CHL RH . 45.91 115.91 35.98
C3B CHL RH . 46.57 115.62 37.13
C4B CHL RH . 47.46 114.51 36.86
CMB CHL RH . 44.89 116.97 35.75
CAB CHL RH . 46.24 116.41 38.29
CBB CHL RH . 46.83 116.14 39.49
NC CHL RH . 49.28 112.12 36.28
C1C CHL RH . 49.19 112.79 37.50
C2C CHL RH . 50.04 112.12 38.45
C3C CHL RH . 50.59 111.04 37.80
C4C CHL RH . 50.10 111.02 36.47
CMC CHL RH . 50.28 112.54 39.94
OMC CHL RH . 49.73 113.54 40.40
CAC CHL RH . 51.56 109.98 38.37
CBC CHL RH . 50.82 109.19 39.42
ND CHL RH . 49.08 110.94 33.71
C1D CHL RH . 49.92 109.98 34.20
C2D CHL RH . 50.20 108.96 33.21
C3D CHL RH . 49.50 109.34 32.11
C4D CHL RH . 48.79 110.54 32.44
CMD CHL RH . 51.07 107.70 33.39
CAD CHL RH . 49.16 109.02 30.74
OBD CHL RH . 49.55 108.11 30.02
CBD CHL RH . 48.06 109.99 30.28
CGD CHL RH . 48.41 110.68 28.97
O1D CHL RH . 48.87 111.85 28.95
O2D CHL RH . 48.11 110.00 27.77
CED CHL RH . 48.38 110.65 26.50
C1 CHL RH . 42.25 108.30 33.52
C2 CHL RH . 42.89 107.29 34.37
C3 CHL RH . 42.68 106.96 35.70
C4 CHL RH . 41.65 107.66 36.58
C5 CHL RH . 43.46 105.84 36.42
C6 CHL RH . 43.88 104.69 35.47
C7 CHL RH . 44.57 103.55 36.22
C8 CHL RH . 45.05 102.41 35.30
C9 CHL RH . 43.90 101.65 34.64
C10 CHL RH . 45.97 101.44 36.00
C11 CHL RH . 45.58 99.99 35.83
C12 CHL RH . 46.67 99.15 36.51
C13 CHL RH . 47.04 97.84 35.80
C14 CHL RH . 45.82 97.10 35.27
C15 CHL RH . 47.92 96.97 36.72
C16 CHL RH . 47.79 97.24 38.21
C17 CHL RH . 48.59 96.35 39.15
C18 CHL RH . 49.40 95.23 38.49
C19 CHL RH . 48.46 94.27 37.77
C20 CHL RH . 50.18 94.46 39.54
MG CLA SH . 63.29 110.51 25.91
CHA CLA SH . 63.32 113.31 23.89
CHB CLA SH . 65.00 108.77 23.52
CHC CLA SH . 63.40 107.81 28.04
CHD CLA SH . 61.56 112.36 28.39
NA CLA SH . 64.02 110.98 24.01
C1A CLA SH . 63.95 112.21 23.36
C2A CLA SH . 64.63 112.12 21.99
C3A CLA SH . 64.97 110.63 21.83
C4A CLA SH . 64.66 110.08 23.22
CMA CLA SH . 64.11 109.99 20.78
CAA CLA SH . 65.91 112.94 21.98
CBA CLA SH . 66.60 112.96 23.34
CGA CLA SH . 67.68 111.92 23.32
O1A CLA SH . 68.68 111.89 22.60
O2A CLA SH . 67.49 110.90 24.22
NB CLA SH . 63.99 108.61 25.77
C1B CLA SH . 64.76 108.14 24.76
C2B CLA SH . 65.30 106.80 25.10
C3B CLA SH . 64.85 106.51 26.36
C4B CLA SH . 64.01 107.67 26.82
CMB CLA SH . 66.16 106.05 24.18
CAB CLA SH . 65.10 105.35 27.18
CBB CLA SH . 66.27 104.72 27.26
NC CLA SH . 62.59 110.15 27.85
C1C CLA SH . 62.73 108.97 28.52
C2C CLA SH . 62.11 109.07 29.83
C3C CLA SH . 61.62 110.36 29.96
C4C CLA SH . 61.92 111.04 28.69
CMC CLA SH . 62.07 107.99 30.81
CAC CLA SH . 60.92 110.94 31.11
CBC CLA SH . 61.79 111.89 31.90
ND CLA SH . 62.61 112.39 26.16
C1D CLA SH . 61.87 113.01 27.21
C2D CLA SH . 61.52 114.40 26.80
C3D CLA SH . 62.07 114.58 25.53
C4D CLA SH . 62.72 113.30 25.18
CMD CLA SH . 60.75 115.34 27.61
CAD CLA SH . 62.25 115.47 24.41
OBD CLA SH . 61.91 116.65 24.25
CBD CLA SH . 63.05 114.69 23.31
CGD CLA SH . 62.28 114.60 22.04
O1D CLA SH . 61.87 113.59 21.45
O2D CLA SH . 62.00 115.81 21.49
CED CLA SH . 62.88 116.28 20.46
C1 CLA SH . 68.40 109.78 24.09
C2 CLA SH . 68.19 108.93 25.28
C3 CLA SH . 69.23 108.47 25.97
C4 CLA SH . 70.63 108.76 25.58
C5 CLA SH . 69.05 107.61 27.19
C6 CLA SH . 69.71 108.16 28.44
C7 CLA SH . 69.66 107.22 29.64
C8 CLA SH . 69.77 107.97 30.96
C9 CLA SH . 71.14 108.59 31.11
C10 CLA SH . 69.50 107.04 32.14
C11 CLA SH . 69.79 107.72 33.47
C12 CLA SH . 68.64 108.56 34.02
C13 CLA SH . 68.39 108.31 35.51
C14 CLA SH . 66.93 107.99 35.78
C15 CLA SH . 68.90 109.45 36.40
C16 CLA SH . 67.91 110.57 36.65
C17 CLA SH . 68.65 111.87 36.90
C18 CLA SH . 68.71 112.27 38.37
C19 CLA SH . 69.64 113.46 38.57
MG CLA TH . 66.45 92.35 21.20
CHA CLA TH . 66.60 95.69 20.31
CHB CLA TH . 68.73 91.62 18.78
CHC CLA TH . 65.99 89.03 21.85
CHD CLA TH . 64.15 93.17 23.76
NA CLA TH . 67.56 93.51 19.85
C1A CLA TH . 67.47 94.87 19.59
C2A CLA TH . 68.48 95.29 18.52
C3A CLA TH . 69.26 93.98 18.24
C4A CLA TH . 68.48 92.95 19.03
CMA CLA TH . 69.24 93.58 16.79
CAA CLA TH . 69.47 96.30 19.09
CBA CLA TH . 69.66 97.56 18.28
CGA CLA TH . 70.56 98.50 19.04
O1A CLA TH . 70.98 99.61 18.69
O2A CLA TH . 70.87 98.01 20.29
NB CLA TH . 67.24 90.66 20.48
C1B CLA TH . 68.06 90.56 19.41
C2B CLA TH . 68.18 89.14 18.96
C3B CLA TH . 67.41 88.41 19.83
C4B CLA TH . 66.82 89.35 20.81
CMB CLA TH . 69.01 88.72 17.82
CAB CLA TH . 67.18 86.99 19.88
CBB CLA TH . 68.00 86.13 20.48
NC CLA TH . 65.32 91.30 22.60
C1C CLA TH . 65.30 89.94 22.70
C2C CLA TH . 64.42 89.53 23.79
C3C CLA TH . 63.88 90.71 24.31
C4C CLA TH . 64.46 91.82 23.57
CMC CLA TH . 64.16 88.15 24.20
CAC CLA TH . 62.94 90.82 25.43
CBC CLA TH . 63.68 91.06 26.73
ND CLA TH . 65.65 94.03 22.00
C1D CLA TH . 64.67 94.22 23.02
C2D CLA TH . 64.35 95.65 23.11
C3D CLA TH . 65.01 96.25 22.06
C4D CLA TH . 65.82 95.19 21.40
CMD CLA TH . 63.42 96.23 24.08
CAD CLA TH . 65.34 97.50 21.40
OBD CLA TH . 64.98 98.64 21.67
CBD CLA TH . 66.27 97.15 20.20
CGD CLA TH . 65.56 97.55 18.94
O1D CLA TH . 64.83 96.88 18.19
O2D CLA TH . 65.80 98.86 18.68
CED CLA TH . 65.10 99.52 17.64
C1 CLA TH . 72.19 98.06 20.92
C2 CLA TH . 71.98 98.18 22.39
C3 CLA TH . 72.24 97.36 23.45
C4 CLA TH . 72.89 96.04 23.29
C5 CLA TH . 71.84 97.71 24.86
C6 CLA TH . 72.68 98.45 25.92
C7 CLA TH . 71.76 99.03 27.01
C8 CLA TH . 71.92 98.51 28.46
C9 CLA TH . 71.21 97.19 28.69
C10 CLA TH . 71.41 99.51 29.50
C11 CLA TH . 71.88 99.16 30.92
C12 CLA TH . 71.09 99.74 32.08
C13 CLA TH . 71.50 99.14 33.43
C14 CLA TH . 70.70 97.88 33.76
C15 CLA TH . 71.37 100.13 34.57
MG CLA UH . 68.53 101.39 27.46
CHA CLA UH . 69.91 101.47 24.31
CHB CLA UH . 69.18 104.70 27.94
CHC CLA UH . 67.72 101.10 30.84
CHD CLA UH . 68.46 97.87 27.23
NA CLA UH . 69.39 102.88 26.28
C1A CLA UH . 69.86 102.71 24.96
C2A CLA UH . 70.34 104.02 24.41
C3A CLA UH . 70.12 105.02 25.54
C4A CLA UH . 69.52 104.20 26.67
CMA CLA UH . 71.50 105.52 26.04
CAA CLA UH . 69.74 104.43 23.07
CBA CLA UH . 70.21 105.81 22.55
CGA CLA UH . 71.59 105.80 21.87
O1A CLA UH . 71.89 104.86 21.14
O2A CLA UH . 72.40 106.95 21.83
NB CLA UH . 68.44 102.68 29.10
C1B CLA UH . 68.70 104.02 29.05
C2B CLA UH . 68.44 104.60 30.35
C3B CLA UH . 68.02 103.60 31.16
C4B CLA UH . 68.02 102.38 30.37
CMB CLA UH . 68.65 106.04 30.70
CAB CLA UH . 67.71 103.91 32.53
CBB CLA UH . 67.32 102.90 33.36
NC CLA UH . 68.12 99.80 28.79
C1C CLA UH . 67.80 99.92 30.11
C2C CLA UH . 67.58 98.59 30.67
C3C CLA UH . 67.75 97.70 29.65
C4C CLA UH . 68.14 98.44 28.48
CMC CLA UH . 67.22 98.27 32.16
CAC CLA UH . 67.62 96.16 29.71
CBC CLA UH . 69.00 95.52 29.80
ND CLA UH . 69.01 99.97 26.12
C1D CLA UH . 68.91 98.60 26.13
C2D CLA UH . 69.34 98.05 24.86
C3D CLA UH . 69.72 99.12 24.12
C4D CLA UH . 69.52 100.29 24.91
CMD CLA UH . 69.38 96.57 24.48
CAD CLA UH . 70.28 99.57 22.85
OBD CLA UH . 70.67 98.93 21.88
CBD CLA UH . 70.43 101.09 22.91
CGD CLA UH . 71.93 101.44 22.84
O1D CLA UH . 72.46 101.90 21.75
O2D CLA UH . 72.69 101.21 24.02
CED CLA UH . 74.10 101.52 24.06
C1 CLA UH . 73.85 106.78 21.83
C2 CLA UH . 74.39 107.38 23.04
C3 CLA UH . 74.85 108.66 23.27
C4 CLA UH . 74.84 109.78 22.20
C5 CLA UH . 75.37 109.11 24.65
C6 CLA UH . 74.89 108.20 25.80
C7 CLA UH . 74.66 109.01 27.05
C8 CLA UH . 74.16 108.23 28.27
C9 CLA UH . 74.15 109.09 29.55
C10 CLA UH . 74.88 106.88 28.36
C11 CLA UH . 75.33 106.15 29.63
C12 CLA UH . 74.77 106.77 30.92
C13 CLA UH . 74.11 105.77 31.90
C14 CLA UH . 73.96 104.37 31.30
C15 CLA UH . 72.79 106.37 32.41
MG CLA VH . 58.03 86.89 37.18
CHA CLA VH . 58.41 84.72 39.86
CHB CLA VH . 61.42 87.02 36.81
CHC CLA VH . 57.60 88.92 34.45
CHD CLA VH . 54.52 86.69 37.58
NA CLA VH . 59.63 86.01 38.20
C1A CLA VH . 59.58 85.12 39.28
C2A CLA VH . 60.99 84.72 39.71
C3A CLA VH . 61.91 85.52 38.77
C4A CLA VH . 60.94 86.24 37.84
CMA CLA VH . 62.78 86.49 39.54
CAA CLA VH . 61.20 83.23 39.48
CBA CLA VH . 61.15 82.87 38.01
CGA CLA VH . 59.78 82.44 37.62
O1A CLA VH . 59.10 81.52 38.07
O2A CLA VH . 59.23 83.20 36.63
NB CLA VH . 59.26 87.77 35.86
C1B CLA VH . 60.62 87.73 35.89
C2B CLA VH . 61.18 88.58 34.80
C3B CLA VH . 60.10 89.12 34.13
C4B CLA VH . 58.88 88.61 34.80
CMB CLA VH . 62.62 88.76 34.57
CAB CLA VH . 60.06 90.02 33.01
CBB CLA VH . 60.74 91.16 32.93
NC CLA VH . 56.36 87.68 36.22
C1C CLA VH . 56.41 88.49 35.13
C2C CLA VH . 55.07 88.85 34.71
C3C CLA VH . 54.19 88.21 35.57
C4C CLA VH . 55.01 87.47 36.52
CMC CLA VH . 54.74 89.73 33.57
CAC CLA VH . 52.74 88.27 35.53
CBC CLA VH . 52.14 87.03 34.90
ND CLA VH . 56.72 86.02 38.45
C1D CLA VH . 55.30 86.00 38.49
C2D CLA VH . 54.86 85.17 39.63
C3D CLA VH . 56.01 84.66 40.20
C4D CLA VH . 57.14 85.20 39.41
CMD CLA VH . 53.46 84.95 40.02
CAD CLA VH . 56.57 83.83 41.26
OBD CLA VH . 56.01 83.27 42.18
CBD CLA VH . 58.12 83.80 41.03
CGD CLA VH . 58.87 84.21 42.26
O1D CLA VH . 59.16 85.35 42.61
O2D CLA VH . 59.26 83.17 43.06
CED CLA VH . 60.44 83.33 43.84
C1 CLA VH . 57.79 83.19 36.54
C2 CLA VH . 57.48 83.83 35.24
C3 CLA VH . 56.23 84.11 34.84
C4 CLA VH . 55.06 83.79 35.69
C5 CLA VH . 55.96 84.75 33.52
C6 CLA VH . 57.22 85.20 32.81
C7 CLA VH . 57.25 84.64 31.41
C8 CLA VH . 58.27 85.37 30.53
C9 CLA VH . 57.92 86.83 30.43
C10 CLA VH . 58.33 84.72 29.15
C11 CLA VH . 59.67 84.07 28.89
C12 CLA VH . 59.55 82.67 28.31
C13 CLA VH . 60.80 81.84 28.52
C14 CLA VH . 60.47 80.38 28.68
C15 CLA VH . 61.62 82.33 29.71
C16 CLA VH . 62.86 83.02 29.19
C17 CLA VH . 63.74 83.53 30.30
C18 CLA VH . 64.94 84.25 29.71
C19 CLA VH . 65.07 85.64 30.28
C20 CLA VH . 66.21 83.44 29.93
MG CLA WH . 65.13 81.06 34.95
CHA CLA WH . 61.97 79.88 34.23
CHB CLA WH . 66.31 77.86 35.04
CHC CLA WH . 68.24 82.29 35.72
CHD CLA WH . 63.88 84.38 34.82
NA CLA WH . 64.26 79.19 34.67
C1A CLA WH . 62.92 78.90 34.37
C2A CLA WH . 62.71 77.39 34.25
C3A CLA WH . 64.11 76.79 34.50
C4A CLA WH . 64.96 78.03 34.76
CMA CLA WH . 64.12 75.87 35.68
CAA CLA WH . 62.15 76.92 32.90
CBA CLA WH . 62.62 77.70 31.68
CGA CLA WH . 62.06 76.98 30.48
O1A CLA WH . 61.47 75.91 30.48
O2A CLA WH . 62.21 77.63 29.27
NB CLA WH . 66.95 80.24 35.20
C1B CLA WH . 67.19 78.91 35.33
C2B CLA WH . 68.54 78.69 35.90
C3B CLA WH . 69.10 79.93 36.11
C4B CLA WH . 68.09 80.94 35.68
CMB CLA WH . 69.08 77.35 36.16
CAB CLA WH . 70.36 80.30 36.68
CBB CLA WH . 70.49 80.72 37.94
NC CLA WH . 65.91 82.98 35.19
C1C CLA WH . 67.22 83.25 35.49
C2C CLA WH . 67.43 84.69 35.57
C3C CLA WH . 66.18 85.28 35.34
C4C CLA WH . 65.23 84.20 35.11
CMC CLA WH . 68.72 85.34 35.83
CAC CLA WH . 65.88 86.72 35.31
CBC CLA WH . 66.03 87.30 33.91
ND CLA WH . 63.35 81.98 34.68
C1D CLA WH . 62.98 83.35 34.62
C2D CLA WH . 61.53 83.45 34.32
C3D CLA WH . 61.09 82.14 34.18
C4D CLA WH . 62.27 81.27 34.39
CMD CLA WH . 60.79 84.69 34.21
CAD CLA WH . 59.96 81.28 33.89
OBD CLA WH . 58.79 81.59 33.66
CBD CLA WH . 60.50 79.81 33.90
CGD CLA WH . 59.78 78.96 34.90
O1D CLA WH . 59.85 77.73 35.06
O2D CLA WH . 58.94 79.64 35.73
CED CLA WH . 57.81 78.93 36.23
C1 CLA WH . 63.52 78.00 28.78
C2 CLA WH . 63.51 77.74 27.31
C3 CLA WH . 63.83 78.65 26.38
C1 LUT XH . 63.82 91.74 37.85
C2 LUT XH . 63.51 90.84 39.05
C3 LUT XH . 62.08 90.35 39.18
C4 LUT XH . 61.10 91.46 38.85
C5 LUT XH . 61.37 91.85 37.42
C6 LUT XH . 62.61 92.17 37.05
C7 LUT XH . 62.80 92.94 35.80
C8 LUT XH . 62.63 94.27 35.75
C9 LUT XH . 62.83 95.02 34.51
C10 LUT XH . 62.63 96.35 34.48
C11 LUT XH . 62.83 97.15 33.26
C12 LUT XH . 63.08 98.45 33.41
C13 LUT XH . 63.35 99.39 32.29
C14 LUT XH . 63.57 100.69 32.56
C15 LUT XH . 63.91 101.65 31.50
C16 LUT XH . 64.73 90.96 36.90
C17 LUT XH . 64.53 92.99 38.36
C18 LUT XH . 60.26 91.85 36.42
C19 LUT XH . 63.22 94.25 33.28
C20 LUT XH . 63.43 98.92 30.87
O3 LUT XH . 61.85 89.89 40.52
C21 LUT XH . 68.96 113.34 28.63
C22 LUT XH . 69.57 114.31 27.62
C23 LUT XH . 68.66 114.82 26.48
C24 LUT XH . 67.19 114.52 26.68
C25 LUT XH . 66.77 113.53 27.48
C26 LUT XH . 67.78 112.57 28.06
C27 LUT XH . 67.17 111.73 29.17
C28 LUT XH . 66.99 110.43 28.96
C29 LUT XH . 66.39 109.60 30.03
C30 LUT XH . 66.33 108.27 29.87
C31 LUT XH . 65.78 107.37 30.87
C32 LUT XH . 65.60 106.11 30.51
C33 LUT XH . 65.08 105.08 31.43
C34 LUT XH . 64.91 103.84 30.98
C35 LUT XH . 64.46 102.79 31.89
C36 LUT XH . 68.51 114.08 29.88
C37 LUT XH . 70.03 112.33 29.02
C38 LUT XH . 65.30 113.40 27.76
C39 LUT XH . 65.84 110.24 31.27
C40 LUT XH . 64.78 105.42 32.87
O23 LUT XH . 69.09 114.29 25.22
C1 LUT YH . 55.99 103.29 43.05
C2 LUT YH . 56.65 103.16 44.42
C3 LUT YH . 58.05 103.75 44.55
C4 LUT YH . 58.84 103.51 43.27
C5 LUT YH . 58.11 104.23 42.16
C6 LUT YH . 56.80 104.08 42.04
C7 LUT YH . 56.08 104.67 40.89
C8 LUT YH . 56.04 103.97 39.76
C9 LUT YH . 55.32 104.44 38.56
C10 LUT YH . 55.03 103.49 37.66
C11 LUT YH . 54.29 103.68 36.42
C12 LUT YH . 53.94 102.55 35.83
C13 LUT YH . 53.15 102.43 34.59
C14 LUT YH . 52.77 101.20 34.20
C15 LUT YH . 51.95 100.97 33.01
C16 LUT YH . 54.67 104.04 43.21
C17 LUT YH . 55.69 101.91 42.51
C18 LUT YH . 58.88 105.10 41.21
C19 LUT YH . 54.92 105.87 38.38
C20 LUT YH . 52.72 103.64 33.83
O3 LUT YH . 58.75 103.13 45.64
C21 LUT YH . 45.31 94.48 23.96
C22 LUT YH . 44.54 94.36 22.65
C23 LUT YH . 45.48 94.19 21.46
C24 LUT YH . 46.56 95.24 21.49
C25 LUT YH . 47.03 95.77 22.64
C26 LUT YH . 46.28 95.66 23.94
C27 LUT YH . 47.25 95.51 25.10
C28 LUT YH . 47.30 96.42 26.07
C29 LUT YH . 48.24 96.26 27.19
C30 LUT YH . 48.44 97.27 28.03
C31 LUT YH . 49.37 97.16 29.16
C32 LUT YH . 49.81 98.29 29.69
C33 LUT YH . 50.73 98.36 30.84
C34 LUT YH . 50.94 99.57 31.38
C35 LUT YH . 51.80 99.75 32.53
C36 LUT YH . 46.08 93.19 24.22
C37 LUT YH . 44.30 94.69 25.08
C38 LUT YH . 48.34 96.49 22.60
C39 LUT YH . 48.96 94.95 27.40
C40 LUT YH . 51.43 97.14 31.37
O23 LUT YH . 44.71 94.30 20.25
C1 NEX ZH . 55.70 132.02 35.48
C2 NEX ZH . 54.72 132.51 34.42
C3 NEX ZH . 55.49 133.32 33.39
C4 NEX ZH . 56.36 132.35 32.62
C5 NEX ZH . 57.48 131.82 33.53
C6 NEX ZH . 56.90 131.35 34.86
C7 NEX ZH . 57.47 130.43 35.51
C8 NEX ZH . 58.02 129.51 36.16
C9 NEX ZH . 57.35 128.21 36.37
C10 NEX ZH . 57.75 127.44 37.38
C11 NEX ZH . 57.14 126.14 37.57
C12 NEX ZH . 57.54 125.35 38.57
C13 NEX ZH . 56.92 124.02 38.69
C14 NEX ZH . 57.58 123.04 39.33
C15 NEX ZH . 56.96 121.72 39.39
C16 NEX ZH . 54.98 131.05 36.41
C17 NEX ZH . 56.19 133.23 36.27
C18 NEX ZH . 58.20 130.66 32.85
C19 NEX ZH . 56.25 127.75 35.47
C20 NEX ZH . 55.59 123.77 38.05
O3 NEX ZH . 54.56 133.97 32.52
O4 NEX ZH . 58.41 132.87 33.75
C21 NEX ZH . 62.60 111.93 40.73
C22 NEX ZH . 63.32 110.92 41.61
C23 NEX ZH . 63.45 111.45 43.04
C24 NEX ZH . 62.06 111.38 43.62
C25 NEX ZH . 61.08 112.28 42.86
C26 NEX ZH . 61.35 112.56 41.36
C27 NEX ZH . 60.07 112.51 40.55
C28 NEX ZH . 59.59 113.59 39.94
C29 NEX ZH . 58.33 113.48 39.17
C30 NEX ZH . 57.75 114.56 38.62
C31 NEX ZH . 58.33 115.89 38.69
C32 NEX ZH . 57.53 116.94 38.84
C33 NEX ZH . 58.05 118.32 38.89
C34 NEX ZH . 57.23 119.31 39.24
C35 NEX ZH . 57.77 120.67 39.26
C36 NEX ZH . 62.19 111.24 39.43
C37 NEX ZH . 63.55 113.06 40.34
C38 NEX ZH . 59.59 112.00 43.10
C39 NEX ZH . 57.67 112.15 39.04
C40 NEX ZH . 59.48 118.61 38.55
O23 NEX ZH . 64.34 110.65 43.82
O24 NEX ZH . 61.49 113.57 42.38
O1 LHG AI . 65.70 90.14 17.39
C1 LHG AI . 65.93 90.21 15.98
C2 LHG AI . 64.73 90.84 15.29
O2 LHG AI . 65.10 91.25 13.97
C3 LHG AI . 64.29 92.07 16.06
O3 LHG AI . 64.14 91.76 17.45
P LHG AI . 63.13 92.58 18.38
O4 LHG AI . 63.72 93.95 18.65
O5 LHG AI . 61.75 92.48 17.78
O6 LHG AI . 63.13 91.78 19.79
C4 LHG AI . 61.94 91.06 20.13
C5 LHG AI . 61.52 91.30 21.57
C6 LHG AI . 61.31 92.79 21.79
O7 LHG AI . 60.24 90.70 21.75
C7 LHG AI . 60.23 89.50 22.59
O9 LHG AI . 61.23 89.19 23.23
C8 LHG AI . 58.98 88.67 22.66
C9 LHG AI . 58.97 87.80 23.92
C10 LHG AI . 57.52 87.60 24.33
O8 LHG AI . 60.67 92.93 23.04
C23 LHG AI . 59.82 94.07 23.32
O10 LHG AI . 59.59 94.88 22.43
C24 LHG AI . 59.21 94.24 24.69
C11 LHG AI . 57.39 86.71 25.55
C12 LHG AI . 55.96 86.74 26.04
C13 LHG AI . 55.72 85.62 27.04
C14 LHG AI . 54.92 86.08 28.26
C15 LHG AI . 53.44 86.23 27.94
C16 LHG AI . 52.62 86.09 29.22
C17 LHG AI . 52.89 84.75 29.89
C18 LHG AI . 52.22 84.67 31.25
C19 LHG AI . 50.71 84.80 31.13
C20 LHG AI . 50.03 84.92 32.48
C21 LHG AI . 50.43 83.77 33.40
C22 LHG AI . 49.87 83.98 34.79
C25 LHG AI . 57.97 93.36 24.74
C26 LHG AI . 57.40 93.27 26.15
C27 LHG AI . 57.03 91.83 26.48
C28 LHG AI . 58.29 90.96 26.50
C29 LHG AI . 59.23 91.45 27.59
C30 LHG AI . 60.35 90.45 27.84
C31 LHG AI . 59.81 89.05 28.14
C32 LHG AI . 60.92 88.12 28.59
C33 LHG AI . 61.97 87.94 27.51
C34 LHG AI . 61.54 86.90 26.48
C35 LHG AI . 62.40 85.64 26.63
C36 LHG AI . 62.29 84.75 25.39
C37 LHG AI . 63.39 83.70 25.39
C38 LHG AI . 64.76 84.34 25.49
MG CLA BI . 15.11 70.59 41.19
CHA CLA BI . 14.77 73.89 42.12
CHB CLA BI . 12.60 69.73 43.33
CHC CLA BI . 15.58 67.29 40.34
CHD CLA BI . 17.69 71.49 38.96
NA CLA BI . 13.89 71.66 42.50
C1A CLA BI . 13.88 73.04 42.73
C2A CLA BI . 12.82 73.41 43.78
C3A CLA BI . 12.10 72.07 44.07
C4A CLA BI . 12.91 71.07 43.25
CMA CLA BI . 12.18 71.73 45.53
CAA CLA BI . 11.83 74.48 43.31
CBA CLA BI . 11.43 74.41 41.86
CGA CLA BI . 10.37 75.45 41.70
O1A CLA BI . 9.85 76.13 42.59
O2A CLA BI . 9.96 75.68 40.41
NB CLA BI . 14.27 68.86 41.72
C1B CLA BI . 13.30 68.73 42.66
C2B CLA BI . 13.12 67.30 42.99
C3B CLA BI . 13.96 66.60 42.17
C4B CLA BI . 14.72 67.57 41.34
CMB CLA BI . 12.11 66.85 43.94
CAB CLA BI . 14.11 65.20 42.06
CBB CLA BI . 15.19 64.60 42.54
NC CLA BI . 16.33 69.60 39.82
C1C CLA BI . 16.30 68.24 39.58
C2C CLA BI . 17.23 67.89 38.51
C3C CLA BI . 17.90 69.06 38.19
C4C CLA BI . 17.32 70.13 39.01
CMC CLA BI . 17.42 66.54 37.97
CAC CLA BI . 18.95 69.21 37.16
CBC CLA BI . 18.41 69.55 35.80
ND CLA BI . 16.02 72.27 40.58
C1D CLA BI . 17.10 72.49 39.69
C2D CLA BI . 17.43 73.93 39.70
C3D CLA BI . 16.57 74.52 40.62
C4D CLA BI . 15.71 73.43 41.14
CMD CLA BI . 18.48 74.54 38.90
CAD CLA BI . 16.16 75.74 41.28
OBD CLA BI . 16.60 76.88 41.16
CBD CLA BI . 15.00 75.38 42.25
CGD CLA BI . 15.28 75.76 43.67
O1D CLA BI . 14.50 75.75 44.63
O2D CLA BI . 16.56 76.17 43.89
CED CLA BI . 16.76 77.09 44.95
C1 CLA BI . 9.33 76.96 40.21
C2 CLA BI . 10.37 78.00 40.09
MG CHL CI . -30.45 52.94 21.57
CHA CHL CI . -28.39 55.20 23.30
CHB CHL CI . -32.84 53.52 23.84
CHC CHL CI . -32.31 50.34 20.15
CHD CHL CI . -28.07 52.71 18.91
NA CHL CI . -30.58 53.98 23.28
C1A CHL CI . -29.70 54.74 23.82
C2A CHL CI . -30.03 55.16 25.24
C3A CHL CI . -31.35 54.48 25.47
C4A CHL CI . -31.62 53.95 24.11
CMA CHL CI . -31.21 53.35 26.47
CAA CHL CI . -30.11 56.66 25.49
CBA CHL CI . -31.36 57.10 26.25
CGA CHL CI . -30.90 57.89 27.46
O1A CHL CI . -30.27 58.92 27.31
O2A CHL CI . -31.20 57.40 28.79
NB CHL CI . -32.28 52.07 21.95
C1B CHL CI . -33.14 52.41 22.93
C2B CHL CI . -34.40 51.64 23.01
C3B CHL CI . -34.21 50.71 21.90
C4B CHL CI . -32.89 51.05 21.31
CMB CHL CI . -35.57 51.75 23.96
CAB CHL CI . -35.17 49.66 21.49
CBB CHL CI . -35.70 49.68 20.29
NC CHL CI . -30.23 51.78 19.88
C1C CHL CI . -31.07 50.79 19.50
C2C CHL CI . -30.59 50.17 18.24
C3C CHL CI . -29.36 50.85 17.86
C4C CHL CI . -29.23 51.83 18.96
CMC CHL CI . -31.19 49.06 17.47
OMC CHL CI . -31.69 48.12 18.05
CAC CHL CI . -28.45 50.59 16.69
CBC CHL CI . -28.68 51.53 15.53
ND CHL CI . -28.62 53.71 21.07
C1D CHL CI . -27.77 53.58 20.05
C2D CHL CI . -26.58 54.40 20.25
C3D CHL CI . -26.84 55.05 21.55
C4D CHL CI . -28.08 54.59 22.00
CMD CHL CI . -25.30 54.71 19.51
CAD CHL CI . -26.28 55.98 22.55
OBD CHL CI . -25.15 56.55 22.37
CBD CHL CI . -27.27 56.09 23.63
CGD CHL CI . -26.66 55.84 24.98
O1D CHL CI . -26.44 54.72 25.38
O2D CHL CI . -26.34 56.99 25.81
CED CHL CI . -26.74 57.03 27.17
C1 CHL CI . -32.13 58.08 29.61
C2 CHL CI . -33.05 57.07 30.24
C3 CHL CI . -32.69 56.41 31.35
C4 CHL CI . -31.36 56.67 31.99
C5 CHL CI . -33.65 55.40 31.95
C6 CHL CI . -32.93 54.53 32.98
C7 CHL CI . -33.89 53.48 33.51
MG CLA DI . -22.73 63.83 21.00
CHA CLA DI . -24.96 64.40 18.43
CHB CLA DI . -21.81 67.07 20.95
CHC CLA DI . -20.69 63.20 23.70
CHD CLA DI . -23.70 60.43 20.97
NA CLA DI . -23.34 65.46 19.88
C1A CLA DI . -24.32 65.51 18.88
C2A CLA DI . -24.49 66.91 18.33
C3A CLA DI . -23.35 67.68 19.00
C4A CLA DI . -22.80 66.71 20.04
CMA CLA DI . -22.33 67.94 17.92
CAA CLA DI . -25.83 67.48 18.75
CBA CLA DI . -26.34 66.97 20.09
CGA CLA DI . -26.21 68.00 21.17
O1A CLA DI . -26.69 69.13 21.24
O2A CLA DI . -25.44 67.57 22.22
NB CLA DI . -21.53 64.94 22.17
C1B CLA DI . -21.21 66.23 21.91
C2B CLA DI . -20.08 66.64 22.79
C3B CLA DI . -19.76 65.55 23.57
C4B CLA DI . -20.69 64.46 23.20
CMB CLA DI . -19.49 67.97 22.74
CAB CLA DI . -18.75 65.37 24.57
CBB CLA DI . -18.34 66.29 25.45
NC CLA DI . -22.28 62.13 22.11
C1C CLA DI . -21.43 62.09 23.18
C2C CLA DI . -21.41 60.74 23.75
C3C CLA DI . -22.25 59.98 22.97
C4C CLA DI . -22.82 60.85 21.96
CMC CLA DI . -20.61 60.31 24.89
CAC CLA DI . -22.62 58.59 23.17
CBC CLA DI . -23.90 58.65 23.98
ND CLA DI . -23.96 62.63 19.95
C1D CLA DI . -24.22 61.24 20.00
C2D CLA DI . -25.13 60.87 18.90
C3D CLA DI . -25.45 62.05 18.25
C4D CLA DI . -24.71 63.10 18.96
CMD CLA DI . -25.51 59.49 18.67
CAD CLA DI . -26.18 62.69 17.18
OBD CLA DI . -26.93 62.19 16.34
CBD CLA DI . -25.85 64.20 17.25
CGD CLA DI . -24.98 64.56 16.08
O1D CLA DI . -24.98 65.59 15.40
O2D CLA DI . -24.07 63.58 15.80
CED CLA DI . -22.68 63.91 15.94
C1 CLA DI . -24.56 68.54 22.81
C2 CLA DI . -23.81 67.86 23.89
C3 CLA DI . -23.38 68.50 24.98
C4 CLA DI . -23.64 69.95 25.19
C5 CLA DI . -22.63 67.80 26.06
C6 CLA DI . -23.43 67.77 27.35
C7 CLA DI . -22.56 67.36 28.52
C8 CLA DI . -23.28 67.65 29.84
C9 CLA DI . -22.34 67.48 31.01
C10 CLA DI . -24.49 66.74 29.98
C11 CLA DI . -24.09 65.27 29.98
C12 CLA DI . -24.47 64.62 31.28
C13 CLA DI . -25.12 63.26 31.09
C14 CLA DI . -26.25 63.30 30.09
C15 CLA DI . -25.63 62.73 32.43
C16 CLA DI . -25.63 61.22 32.45
C17 CLA DI . -24.25 60.68 32.18
C18 CLA DI . -24.31 59.19 31.84
C19 CLA DI . -25.17 58.99 30.61
C20 CLA DI . -22.91 58.67 31.60
MG CLA EI . -15.15 67.73 29.70
CHA CLA EI . -15.73 70.65 27.93
CHB CLA EI . -18.50 67.22 29.97
CHC CLA EI . -14.52 64.77 31.33
CHD CLA EI . -11.68 68.32 29.44
NA CLA EI . -16.83 68.78 29.03
C1A CLA EI . -16.86 69.96 28.29
C2A CLA EI . -18.30 70.38 27.99
C3A CLA EI . -19.15 69.33 28.75
C4A CLA EI . -18.11 68.35 29.27
CMA CLA EI . -19.93 69.97 29.87
CAA CLA EI . -18.58 70.28 26.51
CBA CLA EI . -20.04 70.52 26.21
CGA CLA EI . -20.33 71.98 26.30
O1A CLA EI . -20.42 72.80 25.38
O2A CLA EI . -20.49 72.42 27.58
NB CLA EI . -16.29 66.26 30.48
C1B CLA EI . -17.64 66.26 30.53
C2B CLA EI . -18.12 65.08 31.30
C3B CLA EI . -17.01 64.39 31.69
C4B CLA EI . -15.82 65.13 31.18
CMB CLA EI . -19.53 64.79 31.55
CAB CLA EI . -16.91 63.17 32.46
CBB CLA EI . -16.20 62.99 33.58
NC CLA EI . -13.41 66.73 30.25
C1C CLA EI . -13.40 65.52 30.89
C2C CLA EI . -12.02 65.09 31.10
C3C CLA EI . -11.20 66.10 30.58
C4C CLA EI . -12.09 67.12 30.04
CMC CLA EI . -11.62 63.84 31.74
CAC CLA EI . -9.74 66.11 30.53
CBC CLA EI . -9.25 65.51 29.24
ND CLA EI . -13.93 69.13 28.91
C1D CLA EI . -12.52 69.28 28.92
C2D CLA EI . -12.17 70.57 28.28
C3D CLA EI . -13.36 71.12 27.85
C4D CLA EI . -14.42 70.19 28.28
CMD CLA EI . -10.81 71.09 28.15
CAD CLA EI . -14.01 72.24 27.21
OBD CLA EI . -13.52 73.25 26.70
CBD CLA EI . -15.54 71.97 27.23
CGD CLA EI . -16.28 73.06 27.93
O1D CLA EI . -16.81 74.06 27.43
O2D CLA EI . -16.38 72.89 29.28
CED CLA EI . -17.64 73.17 29.85
C1 CLA EI . -21.73 73.08 27.94
C2 CLA EI . -21.86 72.92 29.40
C3 CLA EI . -22.50 73.78 30.21
C4 CLA EI . -23.16 75.00 29.68
C5 CLA EI . -22.58 73.56 31.68
C6 CLA EI . -21.84 72.30 32.09
C7 CLA EI . -21.72 72.23 33.61
C8 CLA EI . -20.30 72.47 34.12
C9 CLA EI . -19.28 72.45 32.99
C10 CLA EI . -19.90 71.42 35.15
C11 CLA EI . -18.63 71.81 35.88
C12 CLA EI . -18.71 71.44 37.33
C13 CLA EI . -17.66 72.17 38.16
C14 CLA EI . -17.84 73.67 38.08
C15 CLA EI . -16.24 71.79 37.74
C16 CLA EI . -15.25 72.16 38.82
C17 CLA EI . -13.88 72.47 38.22
C18 CLA EI . -12.85 71.39 38.49
C19 CLA EI . -11.53 71.71 37.80
C20 CLA EI . -12.62 71.20 39.97
MG CLA FI . 0.39 54.94 31.38
CHA CLA FI . 2.59 54.37 33.98
CHB CLA FI . -0.55 57.88 32.83
CHC CLA FI . -1.75 55.48 28.75
CHD CLA FI . 1.40 51.90 29.91
NA CLA FI . 0.95 55.94 33.13
C1A CLA FI . 1.90 55.54 34.08
C2A CLA FI . 2.01 56.56 35.20
C3A CLA FI . 0.94 57.61 34.85
C4A CLA FI . 0.41 57.13 33.49
CMA CLA FI . -0.14 57.66 35.90
CAA CLA FI . 3.39 57.21 35.17
CBA CLA FI . 3.47 58.34 34.16
CGA CLA FI . 4.81 58.36 33.49
O1A CLA FI . 5.92 58.48 34.01
O2A CLA FI . 4.73 58.20 32.15
NB CLA FI . -0.97 56.36 30.93
C1B CLA FI . -1.11 57.53 31.58
C2B CLA FI . -1.98 58.46 30.81
C3B CLA FI . -2.32 57.78 29.65
C4B CLA FI . -1.68 56.44 29.71
CMB CLA FI . -2.32 59.80 31.25
CAB CLA FI . -3.12 58.19 28.51
CBB CLA FI . -4.18 59.00 28.54
NC CLA FI . -0.09 53.88 29.65
C1C CLA FI . -1.00 54.29 28.72
C2C CLA FI . -1.09 53.29 27.65
C3C CLA FI . -0.19 52.28 27.96
C4C CLA FI . 0.44 52.66 29.23
CMC CLA FI . -1.98 53.41 26.49
CAC CLA FI . 0.09 51.07 27.18
CBC CLA FI . 1.16 51.30 26.14
ND CLA FI . 1.74 53.50 31.75
C1D CLA FI . 2.01 52.26 31.09
C2D CLA FI . 3.02 51.52 31.86
C3D CLA FI . 3.29 52.29 32.98
C4D CLA FI . 2.45 53.49 32.87
CMD CLA FI . 3.57 50.22 31.48
CAD CLA FI . 4.05 52.39 34.21
OBD CLA FI . 4.90 51.65 34.67
CBD CLA FI . 3.58 53.71 34.92
CGD CLA FI . 2.95 53.37 36.24
O1D CLA FI . 3.50 53.34 37.34
O2D CLA FI . 1.62 53.08 36.17
CED CLA FI . 1.02 52.44 37.30
C1 CLA FI . 5.91 57.64 31.53
C2 CLA FI . 5.86 58.01 30.09
C3 CLA FI . 6.95 57.97 29.29
C4 CLA FI . 8.27 57.57 29.80
C5 CLA FI . 6.86 58.34 27.85
MG CHL GI . 14.51 60.99 34.64
CHA CHL GI . 15.27 58.70 32.13
CHB CHL GI . 17.37 60.08 36.20
CHC CHL GI . 13.45 62.70 37.46
CHD CHL GI . 11.79 62.34 32.76
NA CHL GI . 15.95 59.62 34.34
C1A CHL GI . 16.06 58.77 33.38
C2A CHL GI . 17.22 57.80 33.53
C3A CHL GI . 17.85 58.23 34.81
C4A CHL GI . 17.00 59.39 35.14
CMA CHL GI . 17.80 57.19 35.92
CAA CHL GI . 18.28 57.92 32.45
CBA CHL GI . 18.54 59.37 32.04
CGA CHL GI . 19.97 59.79 32.29
O1A CHL GI . 20.90 59.02 32.15
O2A CHL GI . 20.23 61.16 32.70
NB CHL GI . 15.28 61.32 36.50
C1B CHL GI . 16.46 60.88 36.99
C2B CHL GI . 16.80 61.26 38.36
C3B CHL GI . 15.59 62.01 38.69
C4B CHL GI . 14.75 62.03 37.49
CMB CHL GI . 18.02 60.92 39.18
CAB CHL GI . 15.29 62.75 39.89
CBB CHL GI . 15.42 64.02 39.55
NC CHL GI . 12.94 62.27 35.03
C1C CHL GI . 12.68 62.84 36.22
C2C CHL GI . 11.47 63.70 36.19
C3C CHL GI . 10.98 63.61 34.80
C4C CHL GI . 11.96 62.69 34.18
CMC CHL GI . 10.85 64.51 37.27
OMC CHL GI . 10.93 64.16 38.43
CAC CHL GI . 9.76 64.27 34.19
CBC CHL GI . 10.03 65.75 34.00
ND CHL GI . 13.61 60.69 32.83
C1D CHL GI . 12.57 61.24 32.18
C2D CHL GI . 12.42 60.55 30.88
C3D CHL GI . 13.49 59.54 30.87
C4D CHL GI . 14.17 59.68 32.08
CMD CHL GI . 11.49 60.65 29.69
CAD CHL GI . 14.12 58.44 30.08
OBD CHL GI . 13.73 58.08 28.92
CBD CHL GI . 15.25 57.93 30.88
CGD CHL GI . 15.08 56.46 31.16
O1D CHL GI . 14.82 56.04 32.27
O2D CHL GI . 15.25 55.52 30.07
CED CHL GI . 15.64 54.17 30.32
C1 CHL GI . 21.00 62.00 31.84
C2 CHL GI . 20.04 62.83 31.02
MG CHL HI . 1.92 62.79 32.72
CHA CHL HI . 5.13 62.60 31.37
CHB CHL HI . 1.05 64.70 30.13
CHC CHL HI . -1.38 62.32 33.65
CHD CHL HI . 3.07 61.73 35.92
NA CHL HI . 2.78 63.32 31.00
C1A CHL HI . 3.95 63.04 30.60
C2A CHL HI . 4.22 63.35 29.15
C3A CHL HI . 3.01 64.17 28.78
C4A CHL HI . 2.20 64.06 30.05
CMA CHL HI . 3.37 65.63 28.51
CAA CHL HI . 4.38 62.10 28.30
CBA CHL HI . 5.00 62.45 26.94
CGA CHL HI . 6.50 62.48 27.09
O1A CHL HI . 7.07 61.64 27.75
O2A CHL HI . 7.29 63.52 26.43
NB CHL HI . 0.10 63.41 31.98
C1B CHL HI . -0.10 64.21 30.90
C2B CHL HI . -1.51 64.53 30.58
C3B CHL HI . -2.20 63.82 31.66
C4B CHL HI . -1.14 63.15 32.46
CMB CHL HI . -2.09 65.36 29.47
CAB CHL HI . -3.66 63.76 31.83
CBB CHL HI . -4.32 62.69 31.46
NC CHL HI . 1.02 62.16 34.46
C1C CHL HI . -0.32 62.04 34.64
C2C CHL HI . -0.61 61.54 36.02
C3C CHL HI . 0.69 61.38 36.68
C4C CHL HI . 1.64 61.78 35.61
CMC CHL HI . -1.94 61.29 36.66
OMC CHL HI . -2.25 60.16 37.04
CAC CHL HI . 0.97 60.91 38.08
CBC CHL HI . 1.32 62.09 38.96
ND CHL HI . 3.68 62.25 33.60
C1D CHL HI . 4.06 61.86 34.83
C2D CHL HI . 5.51 61.62 34.83
C3D CHL HI . 5.94 61.92 33.44
C4D CHL HI . 4.78 62.30 32.77
CMD CHL HI . 6.57 61.17 35.81
CAD CHL HI . 7.10 61.98 32.50
OBD CHL HI . 8.30 61.69 32.83
CBD CHL HI . 6.57 62.41 31.20
CGD CHL HI . 7.14 63.74 30.85
O1D CHL HI . 6.55 64.73 31.24
O2D CHL HI . 8.35 63.88 30.07
CED CHL HI . 8.69 65.15 29.51
C1 CHL HI . 8.70 63.34 26.29
C2 CHL HI . 9.12 63.39 24.85
C3 CHL HI . 9.61 64.51 24.31
C4 CHL HI . 9.80 65.75 25.13
MG CHL II . -5.04 63.12 39.48
CHA CHL II . -4.99 62.11 42.84
CHB CHL II . -8.32 62.25 39.38
CHC CHL II . -5.19 64.28 36.19
CHD CHL II . -1.57 64.02 39.65
NA CHL II . -6.35 62.31 40.75
C1A CHL II . -6.20 62.03 42.00
C2A CHL II . -7.41 61.45 42.67
C3A CHL II . -8.26 61.08 41.49
C4A CHL II . -7.61 61.93 40.45
CMA CHL II . -8.12 59.60 41.16
CAA CHL II . -8.15 62.47 43.51
CBA CHL II . -9.17 61.82 44.44
CGA CHL II . -10.53 62.44 44.25
O1A CHL II . -10.69 63.65 44.31
O2A CHL II . -11.69 61.59 43.99
NB CHL II . -6.50 63.23 38.04
C1B CHL II . -7.80 62.85 38.15
C2B CHL II . -8.67 63.04 36.96
C3B CHL II . -7.71 63.64 36.03
C4B CHL II . -6.43 63.72 36.77
CMB CHL II . -10.12 62.71 36.77
CAB CHL II . -7.99 64.07 34.64
CBB CHL II . -7.63 65.26 34.21
NC CHL II . -3.67 63.97 38.19
C1C CHL II . -3.93 64.36 36.93
C2C CHL II . -2.72 64.94 36.29
C3C CHL II . -1.66 64.87 37.28
C4C CHL II . -2.37 64.25 38.44
CMC CHL II . -2.56 65.49 34.91
OMC CHL II . -3.51 65.89 34.27
CAC CHL II . -0.23 65.31 37.17
CBC CHL II . -0.15 66.79 37.49
ND CHL II . -3.50 63.12 40.85
C1D CHL II . -2.21 63.48 40.85
C2D CHL II . -1.62 63.26 42.18
C3D CHL II . -2.74 62.71 42.98
C4D CHL II . -3.84 62.65 42.11
CMD CHL II . -0.28 63.42 42.85
CAD CHL II . -3.14 62.20 44.32
OBD CHL II . -2.34 62.12 45.32
CBD CHL II . -4.56 61.84 44.23
CGD CHL II . -4.73 60.42 44.62
O1D CHL II . -3.86 59.60 44.36
O2D CHL II . -5.91 60.00 45.36
CED CHL II . -6.16 58.62 45.61
C1 CHL II . -12.93 62.16 43.58
C2 CHL II . -13.05 62.08 42.07
C3 CHL II . -13.23 60.93 41.41
C4 CHL II . -13.32 59.63 42.15
C5 CHL II . -13.35 60.92 39.91
C6 CHL II . -12.97 62.28 39.31
MG CHL JI . -1.04 66.68 17.77
CHA CHL JI . -3.63 64.66 19.01
CHB CHL JI . 1.08 65.06 19.84
CHC CHL JI . 1.57 68.68 16.59
CHD CHL JI . -3.26 68.14 15.37
NA CHL JI . -1.22 65.31 19.20
C1A CHL JI . -2.25 64.63 19.53
C2A CHL JI . -2.02 63.65 20.65
C3A CHL JI . -0.69 64.09 21.18
C4A CHL JI . -0.23 64.90 20.01
CMA CHL JI . -0.82 64.98 22.40
CAA CHL JI . -1.98 62.20 20.16
CBA CHL JI . -1.50 62.12 18.71
CGA CHL JI . -1.17 60.70 18.32
O1A CHL JI . -0.59 59.96 19.10
O2A CHL JI . -1.54 60.22 17.00
NB CHL JI . 0.98 66.84 18.16
C1B CHL JI . 1.70 66.11 19.03
C2B CHL JI . 3.15 66.41 19.13
C3B CHL JI . 3.27 67.49 18.16
C4B CHL JI . 1.90 67.68 17.61
CMB CHL JI . 4.22 65.78 20.00
CAB CHL JI . 4.54 68.21 17.83
CBB CHL JI . 4.72 68.91 16.72
NC CHL JI . -0.88 68.11 16.28
C1C CHL JI . 0.25 68.79 15.97
C2C CHL JI . 0.00 69.73 14.85
C3C CHL JI . -1.40 69.58 14.48
C4C CHL JI . -1.86 68.54 15.45
CMC CHL JI . 0.96 70.67 14.18
OMC CHL JI . 2.11 70.81 14.57
CAC CHL JI . -2.20 70.28 13.41
CBC CHL JI . -1.99 69.58 12.10
ND CHL JI . -3.01 66.54 17.20
C1D CHL JI . -3.79 67.12 16.28
C2D CHL JI . -5.15 66.58 16.36
C3D CHL JI . -5.08 65.59 17.45
C4D CHL JI . -3.76 65.61 17.90
CMD CHL JI . -6.48 66.76 15.65
CAD CHL JI . -5.86 64.61 18.22
OBD CHL JI . -7.10 64.37 17.99
CBD CHL JI . -4.94 63.98 19.17
CGD CHL JI . -5.51 63.91 20.56
O1D CHL JI . -5.94 64.89 21.15
O2D CHL JI . -5.57 62.61 21.20
CED CHL JI . -5.65 62.49 22.62
C1 CHL JI . -1.48 58.83 16.69
C2 CHL JI . -0.53 58.67 15.52
C3 CHL JI . 0.73 58.28 15.71
C4 CHL JI . 1.21 57.95 17.09
C5 CHL JI . 1.65 58.14 14.53
C6 CHL JI . 2.91 58.98 14.78
MG CHL KI . -6.97 71.42 26.47
CHA CHL KI . -9.96 71.61 24.68
CHB CHL KI . -6.09 74.37 25.11
CHC CHL KI . -4.17 71.42 28.51
CHD CHL KI . -7.58 67.97 27.22
NA CHL KI . -7.87 72.80 25.35
C1A CHL KI . -9.04 72.75 24.85
C2A CHL KI . -9.57 74.06 24.37
C3A CHL KI . -8.35 74.93 24.39
C4A CHL KI . -7.35 73.99 25.00
CMA CHL KI . -7.91 75.29 22.98
CAA CHL KI . -10.67 74.54 25.29
CBA CHL KI . -10.28 74.47 26.76
CGA CHL KI . -11.38 75.08 27.59
O1A CHL KI . -12.31 75.68 27.06
O2A CHL KI . -11.33 74.96 29.04
NB CHL KI . -5.39 72.71 26.77
C1B CHL KI . -5.17 73.88 26.14
C2B CHL KI . -3.93 74.62 26.53
C3B CHL KI . -3.39 73.70 27.54
C4B CHL KI . -4.35 72.57 27.61
CMB CHL KI . -3.40 75.93 26.04
CAB CHL KI . -2.14 73.89 28.33
CBB CHL KI . -2.10 73.65 29.62
NC CHL KI . -6.05 69.98 27.63
C1C CHL KI . -4.96 70.17 28.37
C2C CHL KI . -4.55 68.93 29.09
C3C CHL KI . -5.54 67.92 28.72
C4C CHL KI . -6.43 68.69 27.81
CMC CHL KI . -3.41 68.70 30.01
OMC CHL KI . -2.34 69.27 29.88
CAC CHL KI . -5.63 66.47 29.15
CBC CHL KI . -6.00 66.39 30.62
ND CHL KI . -8.39 69.99 26.11
C1D CHL KI . -8.57 68.70 26.42
C2D CHL KI . -9.83 68.22 25.84
C3D CHL KI . -10.40 69.39 25.13
C4D CHL KI . -9.47 70.41 25.33
CMD CHL KI . -10.60 66.92 25.81
CAD CHL KI . -11.52 69.90 24.32
OBD CHL KI . -12.54 69.22 23.94
CBD CHL KI . -11.23 71.31 24.03
CGD CHL KI . -11.01 71.47 22.55
O1D CHL KI . -9.88 71.42 22.10
O2D CHL KI . -12.14 71.68 21.67
CED CHL KI . -11.96 72.34 20.42
C1 CHL KI . -12.51 74.85 29.81
C2 CHL KI . -12.65 73.44 30.32
C3 CHL KI . -12.07 73.06 31.47
C4 CHL KI . -11.27 74.04 32.27
C5 CHL KI . -12.23 71.65 31.95
C6 CHL KI . -13.56 71.49 32.69
MG CLA LI . -7.47 57.86 14.34
CHA CLA LI . -6.59 59.53 11.44
CHB CLA LI . -9.19 55.58 12.50
CHC CLA LI . -8.15 56.11 17.23
CHD CLA LI . -5.64 60.22 16.21
NA CLA LI . -7.83 57.63 12.30
C1A CLA LI . -7.36 58.41 11.24
C2A CLA LI . -7.85 57.88 9.89
C3A CLA LI . -8.80 56.74 10.29
C4A CLA LI . -8.60 56.61 11.80
CMA CLA LI . -10.23 57.09 9.96
CAA CLA LI . -6.71 57.32 9.04
CBA CLA LI . -5.76 56.43 9.82
CGA CLA LI . -6.12 54.98 9.74
O1A CLA LI . -6.75 54.38 8.86
O2A CLA LI . -5.68 54.25 10.81
NB CLA LI . -8.44 56.14 14.78
C1B CLA LI . -9.10 55.38 13.88
C2B CLA LI . -9.81 54.28 14.59
C3B CLA LI . -9.52 54.42 15.93
C4B CLA LI . -8.65 55.62 16.06
CMB CLA LI . -10.64 53.28 13.90
CAB CLA LI . -9.94 53.63 17.06
CBB CLA LI . -9.75 52.32 17.17
NC CLA LI . -7.00 58.14 16.36
C1C CLA LI . -7.39 57.30 17.37
C2C CLA LI . -6.87 57.79 18.64
C3C CLA LI . -6.17 58.96 18.37
C4C CLA LI . -6.25 59.17 16.93
CMC CLA LI . -7.10 57.14 19.94
CAC CLA LI . -5.47 59.81 19.33
CBC CLA LI . -4.12 59.24 19.72
ND CLA LI . -6.44 59.55 14.00
C1D CLA LI . -5.71 60.42 14.85
C2D CLA LI . -5.11 61.50 14.04
C3D CLA LI . -5.43 61.22 12.72
C4D CLA LI . -6.24 59.98 12.76
CMD CLA LI . -4.33 62.61 14.57
CAD CLA LI . -5.33 61.64 11.34
OBD CLA LI . -4.83 62.64 10.86
CBD CLA LI . -6.00 60.53 10.47
CGD CLA LI . -7.06 61.09 9.57
O1D CLA LI . -8.28 60.90 9.63
O2D CLA LI . -6.59 61.88 8.58
CED CLA LI . -7.22 61.75 7.30
C1 CLA LI . -6.23 52.93 10.99
C2 CLA LI . -6.28 52.70 12.45
C3 CLA LI . -6.03 51.53 13.03
C4 CLA LI . -5.68 50.33 12.23
C5 CLA LI . -6.11 51.36 14.51
C6 CLA LI . -4.77 51.03 15.14
C7 CLA LI . -4.93 50.54 16.55
C8 CLA LI . -3.59 50.32 17.25
C9 CLA LI . -2.73 49.37 16.45
C10 CLA LI . -3.80 49.76 18.65
C11 CLA LI . -2.54 49.83 19.47
C12 CLA LI . -2.07 51.26 19.65
C13 CLA LI . -1.52 51.50 21.05
C14 CLA LI . -1.77 52.93 21.47
C15 CLA LI . -0.04 51.16 21.13
MG CLA MI . -22.13 46.63 16.64
CHA CLA MI . -19.78 47.81 14.41
CHB CLA MI . -23.61 44.87 14.13
CHC CLA MI . -24.46 45.48 18.89
CHD CLA MI . -20.58 48.49 19.21
NA CLA MI . -21.71 46.37 14.61
C1A CLA MI . -20.68 46.95 13.86
C2A CLA MI . -20.73 46.50 12.40
C3A CLA MI . -22.00 45.62 12.35
C4A CLA MI . -22.48 45.59 13.79
CMA CLA MI . -23.04 46.19 11.42
CAA CLA MI . -19.49 45.72 11.99
CBA CLA MI . -19.19 44.51 12.87
CGA CLA MI . -17.81 44.00 12.59
O1A CLA MI . -16.98 44.44 11.79
O2A CLA MI . -17.44 42.91 13.34
NB CLA MI . -23.76 45.46 16.52
C1B CLA MI . -24.15 44.77 15.42
C2B CLA MI . -25.25 43.84 15.77
C3B CLA MI . -25.49 44.00 17.12
C4B CLA MI . -24.55 45.03 17.61
CMB CLA MI . -25.89 42.94 14.81
CAB CLA MI . -26.42 43.34 17.99
CBB CLA MI . -26.07 42.52 18.96
NC CLA MI . -22.45 46.94 18.67
C1C CLA MI . -23.47 46.37 19.39
C2C CLA MI . -23.42 46.80 20.76
C3C CLA MI . -22.31 47.65 20.88
C4C CLA MI . -21.71 47.72 19.56
CMC CLA MI . -24.38 46.40 21.79
CAC CLA MI . -21.83 48.33 22.08
CBC CLA MI . -20.83 47.51 22.85
ND CLA MI . -20.50 47.79 16.86
C1D CLA MI . -20.01 48.54 17.96
C2D CLA MI . -18.84 49.34 17.52
C3D CLA MI . -18.71 49.11 16.16
C4D CLA MI . -19.78 48.15 15.80
CMD CLA MI . -18.04 50.18 18.40
CAD CLA MI . -17.96 49.39 14.95
OBD CLA MI . -16.97 50.09 14.80
CBD CLA MI . -18.67 48.63 13.79
CGD CLA MI . -19.20 49.61 12.78
O1D CLA MI . -20.38 49.97 12.61
O2D CLA MI . -18.23 50.15 12.01
CED CLA MI . -18.45 50.30 10.60
C1 CLA MI . -17.48 43.05 14.78
C2 CLA MI . -16.09 43.10 15.28
C3 CLA MI . -15.64 42.33 16.28
C4 CLA MI . -16.51 41.35 16.98
C5 CLA MI . -14.22 42.43 16.75
C6 CLA MI . -14.02 43.62 17.66
C7 CLA MI . -12.55 43.81 17.99
C8 CLA MI . -12.19 43.31 19.38
C9 CLA MI . -13.27 43.70 20.38
C10 CLA MI . -10.84 43.88 19.80
C11 CLA MI . -10.56 43.67 21.28
C12 CLA MI . -10.14 42.25 21.58
C13 CLA MI . -9.99 42.01 23.08
C14 CLA MI . -11.25 42.42 23.82
C15 CLA MI . -8.77 42.75 23.64
MG CLA NI . -12.50 47.59 19.22
CHA CLA NI . -13.41 47.55 15.87
CHB CLA NI . -9.41 48.66 18.37
CHC CLA NI . -11.63 47.50 22.55
CHD CLA NI . -15.78 46.53 20.07
NA CLA NI . -11.59 48.04 17.40
C1A CLA NI . -12.13 47.97 16.11
C2A CLA NI . -11.09 48.40 15.06
C3A CLA NI . -9.88 48.82 15.91
C4A CLA NI . -10.30 48.49 17.34
CMA CLA NI . -8.63 48.05 15.52
CAA CLA NI . -11.55 49.54 14.17
CBA CLA NI . -10.57 49.79 13.03
CGA CLA NI . -10.55 48.62 12.08
O1A CLA NI . -11.23 48.43 11.07
O2A CLA NI . -9.63 47.68 12.42
NB CLA NI . -10.88 48.13 20.27
C1B CLA NI . -9.66 48.37 19.72
C2B CLA NI . -8.59 48.24 20.75
C3B CLA NI . -9.22 47.91 21.93
C4B CLA NI . -10.68 47.83 21.65
CMB CLA NI . -7.18 48.44 20.46
CAB CLA NI . -8.67 47.65 23.23
CBB CLA NI . -8.56 46.42 23.76
NC CLA NI . -13.53 47.12 20.99
C1C CLA NI . -12.98 47.17 22.24
C2C CLA NI . -13.97 46.80 23.24
C3C CLA NI . -15.15 46.51 22.54
C4C CLA NI . -14.86 46.73 21.13
CMC CLA NI . -13.72 46.73 24.67
CAC CLA NI . -16.44 46.10 23.12
CBC CLA NI . -16.49 44.61 23.40
ND CLA NI . -14.19 47.04 18.26
C1D CLA NI . -15.47 46.65 18.73
C2D CLA NI . -16.36 46.43 17.57
C3D CLA NI . -15.61 46.71 16.45
C4D CLA NI . -14.28 47.13 16.93
CMD CLA NI . -17.74 45.95 17.67
CAD CLA NI . -15.58 46.77 14.99
OBD CLA NI . -16.42 46.39 14.18
CBD CLA NI . -14.21 47.39 14.60
CGD CLA NI . -13.51 46.52 13.59
O1D CLA NI . -13.14 46.84 12.45
O2D CLA NI . -13.29 45.25 14.01
CED CLA NI . -11.95 44.76 14.00
C1 CLA NI . -8.64 47.36 11.42
C2 CLA NI . -7.44 46.86 12.13
C3 CLA NI . -6.40 46.24 11.52
C4 CLA NI . -6.38 45.99 10.05
C5 CLA NI . -5.23 45.77 12.30
C6 CLA NI . -5.62 45.21 13.67
C7 CLA NI . -5.12 46.12 14.79
C8 CLA NI . -4.40 45.36 15.89
C9 CLA NI . -3.09 44.78 15.40
C10 CLA NI . -5.28 44.25 16.49
C11 CLA NI . -6.16 44.76 17.60
C12 CLA NI . -5.36 45.40 18.72
C13 CLA NI . -5.37 44.53 19.97
C14 CLA NI . -6.77 44.37 20.50
C15 CLA NI . -4.45 45.10 21.04
MG CLA OI . -21.19 50.04 35.29
CHA CLA OI . -21.19 48.39 38.32
CHB CLA OI . -20.07 47.23 33.76
CHC CLA OI . -21.17 51.75 32.31
CHD CLA OI . -22.13 53.00 36.96
NA CLA OI . -20.77 48.10 35.95
C1A CLA OI . -20.84 47.61 37.26
C2A CLA OI . -20.44 46.14 37.29
C3A CLA OI . -20.02 45.83 35.83
C4A CLA OI . -20.33 47.14 35.11
CMA CLA OI . -18.57 45.45 35.74
CAA CLA OI . -21.61 45.26 37.68
CBA CLA OI . -22.65 45.17 36.57
CGA CLA OI . -23.84 46.01 36.91
O1A CLA OI . -24.67 45.84 37.80
O2A CLA OI . -23.98 47.10 36.09
NB CLA OI . -20.59 49.62 33.42
C1B CLA OI . -20.30 48.37 32.97
C2B CLA OI . -20.30 48.35 31.48
C3B CLA OI . -20.61 49.62 31.07
C4B CLA OI . -20.81 50.43 32.30
CMB CLA OI . -20.05 47.15 30.68
CAB CLA OI . -20.78 50.18 29.76
CBB CLA OI . -19.82 50.31 28.86
NC CLA OI . -21.64 52.00 34.74
C1C CLA OI . -21.59 52.48 33.46
C2C CLA OI . -21.97 53.87 33.43
C3C CLA OI . -22.21 54.26 34.75
C4C CLA OI . -21.99 53.06 35.57
CMC CLA OI . -22.05 54.68 32.21
CAC CLA OI . -22.62 55.58 35.23
CBC CLA OI . -24.10 55.67 35.49
ND CLA OI . -21.84 50.57 37.13
C1D CLA OI . -22.08 51.84 37.70
C2D CLA OI . -22.21 51.72 39.16
C3D CLA OI . -21.91 50.41 39.45
C4D CLA OI . -21.62 49.75 38.15
CMD CLA OI . -22.57 52.80 40.08
CAD CLA OI . -21.77 49.41 40.48
OBD CLA OI . -22.02 49.50 41.67
CBD CLA OI . -21.15 48.17 39.81
CGD CLA OI . -19.73 48.19 40.27
O1D CLA OI . -18.71 48.04 39.59
O2D CLA OI . -19.58 48.46 41.59
CED CLA OI . -18.42 47.92 42.23
C1 CLA OI . -24.62 48.26 36.64
C2 CLA OI . -25.17 48.97 35.47
C3 CLA OI . -25.47 50.28 35.47
C4 CLA OI . -25.29 51.14 36.67
C5 CLA OI . -26.02 50.93 34.25
C6 CLA OI . -25.34 50.41 32.99
C7 CLA OI . -26.30 49.61 32.14
C8 CLA OI . -25.60 48.99 30.94
C9 CLA OI . -24.81 50.04 30.20
C10 CLA OI . -26.60 48.33 29.99
C11 CLA OI . -26.60 46.82 30.10
C12 CLA OI . -27.89 46.30 30.70
C13 CLA OI . -28.12 44.83 30.36
C14 CLA OI . -29.45 44.36 30.92
C15 CLA OI . -26.97 43.95 30.86
C16 CLA OI . -26.33 43.17 29.74
C17 CLA OI . -25.18 42.30 30.22
C18 CLA OI . -24.46 41.61 29.08
C19 CLA OI . -23.33 42.46 28.55
C20 CLA OI . -23.92 40.26 29.51
MG CLA PI . -23.80 40.72 34.12
CHA CLA PI . -26.46 42.83 34.79
CHB CLA PI . -25.55 38.13 35.46
CHC CLA PI . -21.24 38.63 33.25
CHD CLA PI . -21.99 43.47 32.84
NA CLA PI . -25.68 40.55 35.00
C1A CLA PI . -26.65 41.54 35.18
C2A CLA PI . -27.89 40.99 35.87
C3A CLA PI . -27.46 39.55 36.24
C4A CLA PI . -26.14 39.37 35.52
CMA CLA PI . -27.28 39.43 37.74
CAA CLA PI . -29.08 40.98 34.93
CBA CLA PI . -28.72 40.58 33.51
CGA CLA PI . -29.73 41.16 32.56
O1A CLA PI . -30.67 41.90 32.84
O2A CLA PI . -29.55 40.81 31.25
NB CLA PI . -23.43 38.77 34.37
C1B CLA PI . -24.32 37.85 34.84
C2B CLA PI . -23.80 36.48 34.62
C3B CLA PI . -22.59 36.62 33.99
C4B CLA PI . -22.34 38.07 33.82
CMB CLA PI . -24.52 35.28 35.02
CAB CLA PI . -21.68 35.61 33.53
CBB CLA PI . -20.46 35.39 34.03
NC CLA PI . -21.93 41.01 33.24
C1C CLA PI . -21.03 40.02 32.99
C2C CLA PI . -19.83 40.57 32.38
C3C CLA PI . -20.04 41.94 32.25
C4C CLA PI . -21.36 42.21 32.80
CMC CLA PI . -18.65 39.79 31.98
CAC CLA PI . -19.11 42.93 31.70
CBC CLA PI . -19.40 43.23 30.25
ND CLA PI . -24.09 42.69 33.84
C1D CLA PI . -23.26 43.71 33.30
C2D CLA PI . -24.01 44.99 33.35
C3D CLA PI . -25.23 44.70 33.89
C4D CLA PI . -25.24 43.26 34.19
CMD CLA PI . -23.48 46.26 32.87
CAD CLA PI . -26.52 45.24 34.30
OBD CLA PI . -26.95 46.39 34.21
CBD CLA PI . -27.33 44.06 34.91
CGD CLA PI . -27.71 44.33 36.33
O1D CLA PI . -28.34 43.59 37.11
O2D CLA PI . -27.31 45.55 36.80
CED CLA PI . -28.24 46.28 37.58
C1 CLA PI . -30.72 40.91 30.40
C2 CLA PI . -30.31 40.52 29.01
C3 CLA PI . -31.19 40.34 28.01
C1 LUT QI . -14.80 46.79 32.29
C2 LUT QI . -14.96 46.74 33.81
C3 LUT QI . -15.60 47.94 34.51
C4 LUT QI . -15.32 49.22 33.74
C5 LUT QI . -15.87 49.01 32.36
C6 LUT QI . -15.39 48.02 31.63
C7 LUT QI . -15.45 48.14 30.15
C8 LUT QI . -14.54 48.87 29.53
C9 LUT QI . -14.53 49.06 28.06
C10 LUT QI . -13.46 49.67 27.50
C11 LUT QI . -13.31 49.92 26.07
C12 LUT QI . -12.19 50.52 25.69
C13 LUT QI . -11.84 50.85 24.29
C14 LUT QI . -10.55 50.96 23.99
C15 LUT QI . -10.07 51.25 22.65
C16 LUT QI . -15.52 45.59 31.70
C17 LUT QI . -13.33 46.73 31.96
C18 LUT QI . -16.96 49.90 31.84
C19 LUT QI . -15.69 48.64 27.22
C20 LUT QI . -12.90 51.06 23.25
O3 LUT QI . -15.06 48.06 35.83
C21 LUT QI . -1.51 54.53 13.64
C22 LUT QI . -1.14 54.66 12.16
C23 LUT QI . -1.80 55.75 11.32
C24 LUT QI . -2.85 56.55 12.04
C25 LUT QI . -3.18 56.35 13.32
C26 LUT QI . -2.91 55.02 13.95
C27 LUT QI . -3.08 55.12 15.45
C28 LUT QI . -4.06 54.44 16.02
C29 LUT QI . -4.30 54.47 17.47
C30 LUT QI . -5.35 53.78 17.93
C31 LUT QI . -5.70 53.71 19.34
C32 LUT QI . -6.72 52.91 19.63
C33 LUT QI . -7.20 52.70 21.01
C34 LUT QI . -8.25 51.88 21.19
C35 LUT QI . -8.79 51.60 22.50
C36 LUT QI . -0.48 55.26 14.48
C37 LUT QI . -1.45 53.05 14.00
C38 LUT QI . -3.83 57.44 14.10
C39 LUT QI . -3.40 55.23 18.40
C40 LUT QI . -6.56 53.40 22.17
O23 LUT QI . -2.38 55.16 10.15
C1 LUT RI . -6.27 59.89 34.46
C2 LUT RI . -5.37 59.24 35.51
C3 LUT RI . -4.19 58.51 34.93
C4 LUT RI . -4.71 57.45 33.98
C5 LUT RI . -5.45 58.15 32.87
C6 LUT RI . -6.17 59.26 33.09
C7 LUT RI . -6.90 60.00 32.02
C8 LUT RI . -8.09 59.60 31.54
C9 LUT RI . -8.79 60.41 30.51
C10 LUT RI . -10.14 60.32 30.48
C11 LUT RI . -11.01 61.07 29.58
C12 LUT RI . -12.31 61.10 29.92
C13 LUT RI . -13.34 61.86 29.18
C14 LUT RI . -14.61 61.91 29.65
C15 LUT RI . -15.65 62.71 29.00
C16 LUT RI . -5.85 61.33 34.31
C17 LUT RI . -7.71 59.83 34.93
C18 LUT RI . -5.36 57.55 31.51
C19 LUT RI . -8.05 61.29 29.57
C20 LUT RI . -12.96 62.62 27.94
O3 LUT RI . -3.44 57.90 35.98
C21 LUT RI . -27.93 65.47 25.79
C22 LUT RI . -29.06 66.20 25.08
C23 LUT RI . -29.53 65.56 23.78
C24 LUT RI . -28.37 65.00 23.00
C25 LUT RI . -27.31 64.48 23.63
C26 LUT RI . -26.78 65.14 24.86
C27 LUT RI . -25.80 64.22 25.53
C28 LUT RI . -24.56 64.66 25.77
C29 LUT RI . -23.55 63.80 26.42
C30 LUT RI . -22.31 64.27 26.61
C31 LUT RI . -21.28 63.44 27.22
C32 LUT RI . -20.03 63.86 27.31
C33 LUT RI . -19.07 62.94 27.94
C34 LUT RI . -17.94 63.37 28.53
C35 LUT RI . -16.95 62.50 29.19
C36 LUT RI . -28.46 64.19 26.42
C37 LUT RI . -27.38 66.39 26.89
C38 LUT RI . -26.70 63.22 23.12
C39 LUT RI . -23.89 62.41 26.87
C40 LUT RI . -19.41 61.50 27.84
O23 LUT RI . -30.20 66.54 23.00
C1 XAT SI . -26.27 53.82 43.63
C2 XAT SI . -26.33 53.86 45.15
C3 XAT SI . -27.42 54.82 45.57
C4 XAT SI . -28.74 54.14 45.29
C5 XAT SI . -28.91 53.74 43.82
C6 XAT SI . -27.64 53.60 42.96
C7 XAT SI . -27.72 52.46 41.96
C8 XAT SI . -28.03 52.79 40.71
C9 XAT SI . -28.13 51.78 39.65
C10 XAT SI . -28.89 51.96 38.58
C11 XAT SI . -28.95 50.94 37.55
C12 XAT SI . -29.40 51.36 36.37
C13 XAT SI . -29.50 50.49 35.21
C14 XAT SI . -29.98 51.02 34.08
C15 XAT SI . -30.08 50.21 32.87
C16 XAT SI . -25.32 52.70 43.22
C17 XAT SI . -25.72 55.15 43.14
C18 XAT SI . -29.93 52.64 43.52
C19 XAT SI . -27.37 50.51 39.74
C20 XAT SI . -29.06 49.06 35.28
O3 XAT SI . -27.29 55.09 46.97
O4 XAT SI . -28.56 54.69 42.81
C21 XAT SI . -29.17 45.98 21.23
C22 XAT SI . -29.22 46.36 19.77
C23 XAT SI . -30.12 45.41 19.01
C24 XAT SI . -31.54 45.42 19.53
C25 XAT SI . -31.77 45.91 20.97
C26 XAT SI . -30.55 46.19 21.86
C27 XAT SI . -30.72 47.44 22.71
C28 XAT SI . -30.90 47.30 24.01
C29 XAT SI . -31.06 48.48 24.88
C30 XAT SI . -31.30 48.28 26.18
C31 XAT SI . -31.45 49.37 27.13
C32 XAT SI . -31.31 49.06 28.42
C33 XAT SI . -31.41 50.04 29.50
C34 XAT SI . -30.70 49.79 30.61
C35 XAT SI . -30.67 50.67 31.77
C36 XAT SI . -28.14 46.86 21.93
C37 XAT SI . -28.72 44.53 21.39
C38 XAT SI . -32.86 46.98 21.15
C39 XAT SI . -30.95 49.87 24.32
C40 XAT SI . -32.25 51.28 29.39
O23 XAT SI . -30.15 45.81 17.64
O24 XAT SI . -31.42 45.08 22.08
O1 LHG TI . -26.76 47.11 16.58
C1 LHG TI . -27.30 46.63 15.35
C2 LHG TI . -27.58 47.81 14.43
O2 LHG TI . -28.04 47.33 13.16
C3 LHG TI . -26.30 48.61 14.25
O3 LHG TI . -25.57 48.55 15.47
P LHG TI . -24.29 49.49 15.70
O4 LHG TI . -23.14 48.93 14.90
O5 LHG TI . -24.71 50.92 15.53
O6 LHG TI . -24.01 49.24 17.27
C4 LHG TI . -25.02 49.64 18.19
C5 LHG TI . -24.37 50.24 19.42
C6 LHG TI . -23.24 51.15 18.97
O7 LHG TI . -25.35 51.03 20.09
C7 LHG TI . -25.63 50.54 21.44
O9 LHG TI . -24.84 49.77 21.97
C8 LHG TI . -26.86 51.01 22.15
C9 LHG TI . -26.87 50.44 23.57
C10 LHG TI . -27.34 51.50 24.56
O8 LHG TI . -22.66 51.77 20.11
C23 LHG TI . -22.09 53.10 20.01
O10 LHG TI . -22.03 53.64 18.92
C24 LHG TI . -21.58 53.80 21.25
C11 LHG TI . -27.45 50.95 25.97
C12 LHG TI . -27.50 52.09 26.99
C13 LHG TI . -27.80 51.57 28.39
C14 LHG TI . -27.42 52.59 29.46
C15 LHG TI . -28.28 53.84 29.39
C16 LHG TI . -28.06 54.68 30.66
C17 LHG TI . -28.44 53.85 31.89
C18 LHG TI . -27.71 54.34 33.15
C19 LHG TI . -28.42 55.52 33.78
C20 LHG TI . -27.80 55.85 35.14
C21 LHG TI . -27.87 54.65 36.07
C22 LHG TI . -27.22 54.97 37.41
C25 LHG TI . -22.68 53.75 22.30
C26 LHG TI . -22.17 54.20 23.66
C27 LHG TI . -23.17 53.90 24.76
C28 LHG TI . -23.25 52.40 25.05
C29 LHG TI . -22.23 51.98 26.11
C30 LHG TI . -22.22 50.46 26.28
C31 LHG TI . -23.59 49.93 26.65
C32 LHG TI . -23.54 48.46 27.03
C33 LHG TI . -23.66 47.56 25.79
C34 LHG TI . -25.12 47.25 25.50
C35 LHG TI . -25.53 45.91 26.09
C36 LHG TI . -26.93 45.53 25.66
C37 LHG TI . -27.15 44.02 25.74
C38 LHG TI . -26.23 43.31 24.76
MG CLA UI . -33.28 66.45 34.52
CHA CLA UI . -32.46 66.69 31.16
CHB CLA UI . -31.93 69.53 35.06
CHC CLA UI . -34.12 66.18 37.84
CHD CLA UI . -34.59 63.23 33.93
NA CLA UI . -32.37 67.86 33.29
C1A CLA UI . -32.12 67.78 31.91
C2A CLA UI . -31.44 69.04 31.40
C3A CLA UI . -31.21 69.86 32.70
C4A CLA UI . -31.91 69.04 33.77
CMA CLA UI . -29.76 69.94 33.06
CAA CLA UI . -32.36 69.81 30.48
CBA CLA UI . -31.63 70.95 29.81
CGA CLA UI . -30.78 70.40 28.71
O1A CLA UI . -31.13 70.06 27.58
O2A CLA UI . -29.47 70.26 29.05
NB CLA UI . -33.00 67.59 36.16
C1B CLA UI . -32.53 68.86 36.16
C2B CLA UI . -32.69 69.48 37.49
C3B CLA UI . -33.30 68.54 38.29
C4B CLA UI . -33.52 67.33 37.45
CMB CLA UI . -32.28 70.86 37.81
CAB CLA UI . -33.73 68.63 39.67
CBB CLA UI . -33.20 67.95 40.68
NC CLA UI . -34.20 64.98 35.67
C1C CLA UI . -34.44 65.08 37.01
C2C CLA UI . -35.09 63.86 37.49
C3C CLA UI . -35.22 63.02 36.38
C4C CLA UI . -34.66 63.73 35.24
CMC CLA UI . -35.51 63.62 38.86
CAC CLA UI . -35.83 61.68 36.35
CBC CLA UI . -37.24 61.75 35.83
ND CLA UI . -33.61 65.24 32.93
C1D CLA UI . -34.08 63.91 32.84
C2D CLA UI . -33.97 63.46 31.44
C3D CLA UI . -33.39 64.49 30.74
C4D CLA UI . -33.14 65.56 31.72
CMD CLA UI . -34.41 62.15 30.95
CAD CLA UI . -32.92 64.98 29.45
OBD CLA UI . -33.02 64.47 28.35
CBD CLA UI . -32.22 66.34 29.71
CGD CLA UI . -30.76 66.23 29.41
O1D CLA UI . -30.21 66.25 28.30
O2D CLA UI . -29.98 66.08 30.52
CED CLA UI . -28.57 66.26 30.39
C1 CLA UI . -28.75 71.47 29.38
C2 CLA UI . -27.91 71.14 30.56
C3 CLA UI . -26.81 70.37 30.51
C4 CLA UI . -26.33 69.78 29.24
C5 CLA UI . -26.00 70.05 31.71
C6 CLA UI . -26.48 70.77 32.97
C7 CLA UI . -25.97 70.18 34.28
C8 CLA UI . -25.71 68.68 34.30
C9 CLA UI . -26.98 67.86 34.18
C10 CLA UI . -25.00 68.26 35.59
C11 CLA UI . -24.87 66.76 35.67
C12 CLA UI . -24.66 66.25 37.08
C13 CLA UI . -24.01 64.87 37.09
C14 CLA UI . -22.95 64.75 36.02
C15 CLA UI . -25.05 63.75 36.93
C16 CLA UI . -24.39 62.40 37.13
C17 CLA UI . -25.17 61.29 36.46
C18 CLA UI . -26.08 60.54 37.44
C19 CLA UI . -26.70 59.32 36.79
C20 CLA UI . -25.32 60.15 38.69
MG CHL VI . -33.83 55.14 43.74
CHA CHL VI . -32.15 54.31 46.66
CHB CHL VI . -33.53 58.41 44.65
CHC CHL VI . -35.25 56.05 40.69
CHD CHL VI . -34.28 51.66 42.93
NA CHL VI . -33.06 56.16 45.27
C1A CHL VI . -32.39 55.70 46.24
C2A CHL VI . -31.77 56.73 47.13
C3A CHL VI . -32.67 57.89 46.85
C4A CHL VI . -33.14 57.47 45.49
CMA CHL VI . -33.84 57.92 47.82
CAA CHL VI . -30.35 57.00 46.66
CBA CHL VI . -29.42 57.38 47.80
CGA CHL VI . -28.56 58.56 47.36
O1A CHL VI . -27.72 58.44 46.50
O2A CHL VI . -28.76 59.85 47.99
NB CHL VI . -34.31 56.93 42.84
C1B CHL VI . -34.12 58.18 43.32
C2B CHL VI . -34.55 59.31 42.46
C3B CHL VI . -35.06 58.58 41.29
C4B CHL VI . -34.86 57.14 41.61
CMB CHL VI . -34.49 60.79 42.72
CAB CHL VI . -35.64 59.15 40.06
CBB CHL VI . -35.26 58.73 38.87
NC CHL VI . -34.60 54.08 42.14
C1C CHL VI . -35.12 54.63 41.04
C2C CHL VI . -35.60 53.59 40.09
C3C CHL VI . -35.33 52.30 40.73
C4C CHL VI . -34.70 52.73 42.01
CMC CHL VI . -36.23 53.79 38.76
OMC CHL VI . -36.02 54.77 38.09
CAC CHL VI . -35.59 50.90 40.23
CBC CHL VI . -34.48 50.41 39.35
ND CHL VI . -33.38 53.30 44.51
C1D CHL VI . -33.57 52.01 44.17
C2D CHL VI . -32.97 51.12 45.19
C3D CHL VI . -32.41 52.05 46.19
C4D CHL VI . -32.69 53.34 45.71
CMD CHL VI . -32.83 49.65 45.43
CAD CHL VI . -31.66 52.16 47.47
OBD CHL VI . -31.26 51.17 48.18
CBD CHL VI . -31.53 53.60 47.76
CGD CHL VI . -32.29 53.86 49.01
O1D CHL VI . -33.41 53.40 49.13
O2D CHL VI . -31.73 54.60 50.10
CED CHL VI . -32.57 54.79 51.23
C1 CHL VI . -28.26 61.03 47.39
C2 CHL VI . -29.32 61.62 46.50
C3 CHL VI . -30.44 62.16 46.97
C4 CHL VI . -30.70 62.23 48.45
C5 CHL VI . -31.47 62.74 46.03
MG CHL WI . -40.72 86.61 40.90
CHA CHL WI . -38.89 83.82 39.94
CHB CHL WI . -38.32 87.35 43.04
CHC CHL WI . -42.07 89.76 41.06
CHD CHL WI . -43.76 85.21 39.71
NA CHL WI . -38.87 85.94 41.21
C1A CHL WI . -38.28 84.98 40.62
C2A CHL WI . -36.79 85.00 40.78
C3A CHL WI . -36.62 85.95 41.93
C4A CHL WI . -38.02 86.46 42.10
CMA CHL WI . -36.20 85.24 43.21
CAA CHL WI . -36.10 85.49 39.52
CBA CHL WI . -34.60 85.68 39.77
CGA CHL WI . -34.04 84.39 40.31
O1A CHL WI . -34.01 83.39 39.61
O2A CHL WI . -33.55 84.31 41.68
NB CHL WI . -40.24 88.32 41.91
C1B CHL WI . -39.22 88.49 42.78
C2B CHL WI . -39.09 89.84 43.39
C3B CHL WI . -40.23 90.54 42.77
C4B CHL WI . -40.87 89.53 41.89
CMB CHL WI . -38.07 90.36 44.37
CAB CHL WI . -40.62 91.95 43.00
CBB CHL WI . -41.11 92.70 42.03
NC CHL WI . -42.58 87.35 40.48
C1C CHL WI . -42.92 88.64 40.60
C2C CHL WI . -44.34 88.85 40.21
C3C CHL WI . -44.85 87.52 39.80
C4C CHL WI . -43.66 86.66 40.02
CMC CHL WI . -45.09 90.12 40.22
OMC CHL WI . -44.84 91.00 41.03
CAC CHL WI . -46.23 87.13 39.33
CBC CHL WI . -46.24 87.04 37.81
ND CHL WI . -41.34 84.89 40.00
C1D CHL WI . -42.51 84.42 39.56
C2D CHL WI . -42.30 83.08 38.97
C3D CHL WI . -40.85 82.83 39.13
C4D CHL WI . -40.34 83.97 39.75
CMD CHL WI . -43.14 82.01 38.32
CAD CHL WI . -39.72 81.88 38.89
OBD CHL WI . -39.84 80.73 38.33
CBD CHL WI . -38.49 82.51 39.41
CGD CHL WI . -37.94 81.70 40.55
O1D CHL WI . -38.57 81.58 41.59
O2D CHL WI . -36.66 81.03 40.41
CED CHL WI . -35.88 80.73 41.58
C1 CHL WI . -32.15 84.20 41.97
C2 CHL WI . -31.87 84.85 43.31
C3 CHL WI . -31.90 84.12 44.42
C4 CHL WI . -32.22 82.66 44.35
MG CLA XI . -38.79 77.05 32.94
CHA CLA XI . -39.50 79.83 31.00
CHB CLA XI . -37.70 75.42 30.18
CHC CLA XI . -37.91 74.37 34.93
CHD CLA XI . -39.91 78.80 35.80
NA CLA XI . -38.66 77.57 30.93
C1A CLA XI . -38.98 78.77 30.31
C2A CLA XI . -38.72 78.72 28.81
C3A CLA XI . -38.34 77.24 28.56
C4A CLA XI . -38.20 76.69 29.99
CMA CLA XI . -39.40 76.51 27.78
CAA CLA XI . -37.56 79.62 28.43
CBA CLA XI . -36.38 79.51 29.39
CGA CLA XI . -35.38 78.50 28.91
O1A CLA XI . -34.79 78.46 27.83
O2A CLA XI . -35.12 77.52 29.83
NB CLA XI . -38.02 75.22 32.61
C1B CLA XI . -37.53 74.79 31.42
C2B CLA XI . -36.79 73.51 31.59
C3B CLA XI . -36.83 73.21 32.93
C4B CLA XI . -37.63 74.29 33.60
CMB CLA XI . -36.16 72.83 30.47
CAB CLA XI . -36.28 72.09 33.64
CBB CLA XI . -35.08 71.52 33.41
NC CLA XI . -38.92 76.65 34.99
C1C CLA XI . -38.51 75.48 35.58
C2C CLA XI . -38.78 75.54 37.02
C3C CLA XI . -39.31 76.80 37.27
C4C CLA XI . -39.40 77.50 35.99
CMC CLA XI . -38.49 74.46 37.96
CAC CLA XI . -39.73 77.31 38.58
CBC CLA XI . -38.57 77.88 39.37
ND CLA XI . -39.53 78.88 33.38
C1D CLA XI . -39.97 79.46 34.60
C2D CLA XI . -40.49 80.83 34.30
C3D CLA XI . -40.33 81.02 32.94
C4D CLA XI . -39.74 79.78 32.42
CMD CLA XI . -41.04 81.74 35.30
CAD CLA XI . -40.53 81.92 31.81
OBD CLA XI . -41.00 83.05 31.77
CBD CLA XI . -40.00 81.19 30.54
CGD CLA XI . -41.10 81.06 29.52
O1D CLA XI . -41.32 81.78 28.55
O2D CLA XI . -41.92 79.98 29.74
CED CLA XI . -42.40 79.28 28.60
C1 CLA XI . -34.02 76.63 29.55
C2 CLA XI . -33.80 75.82 30.78
C3 CLA XI . -32.79 74.95 30.91
C4 CLA XI . -31.82 74.71 29.82
C5 CLA XI . -32.61 74.15 32.16
C6 CLA XI . -31.23 74.30 32.77
C7 CLA XI . -31.18 73.66 34.14
C8 CLA XI . -29.79 73.73 34.77
C9 CLA XI . -29.54 72.52 35.65
C10 CLA XI . -29.61 75.00 35.59
C11 CLA XI . -30.56 75.08 36.75
C12 CLA XI . -29.86 75.62 37.99
C13 CLA XI . -30.80 76.40 38.89
C14 CLA XI . -30.96 77.83 38.41
C15 CLA XI . -30.32 76.39 40.34
C16 CLA XI . -31.49 76.52 41.29
C17 CLA XI . -32.51 75.43 41.02
C18 CLA XI . -33.84 75.72 41.71
C19 CLA XI . -34.36 77.09 41.32
C20 CLA XI . -34.85 74.66 41.34
MG CLA YI . -46.32 55.08 44.48
CHA CLA YI . -45.75 52.51 46.75
CHB CLA YI . -43.35 54.40 42.96
CHC CLA YI . -46.98 57.56 42.21
CHD CLA YI . -49.36 55.80 46.13
NA CLA YI . -44.81 53.68 44.84
C1A CLA YI . -44.76 52.70 45.83
C2A CLA YI . -43.46 51.90 45.73
C3A CLA YI . -42.67 52.60 44.60
C4A CLA YI . -43.67 53.64 44.08
CMA CLA YI . -41.43 53.26 45.14
CAA CLA YI . -43.74 50.44 45.37
CBA CLA YI . -44.09 50.27 43.90
CGA CLA YI . -45.06 49.14 43.78
O1A CLA YI . -45.50 48.41 44.67
O2A CLA YI . -45.49 48.96 42.49
NB CLA YI . -45.33 55.87 42.93
C1B CLA YI . -44.16 55.40 42.40
C2B CLA YI . -43.85 56.10 41.12
C3B CLA YI . -44.87 56.99 40.90
C4B CLA YI . -45.82 56.86 42.04
CMB CLA YI . -42.67 55.82 40.31
CAB CLA YI . -45.09 57.93 39.83
CBB CLA YI . -44.20 58.83 39.42
NC CLA YI . -47.89 56.43 44.23
C1C CLA YI . -47.94 57.35 43.23
C2C CLA YI . -49.17 58.12 43.33
C3C CLA YI . -49.85 57.64 44.46
C4C CLA YI . -49.03 56.58 45.01
CMC CLA YI . -49.52 59.16 42.37
CAC CLA YI . -51.15 58.07 45.00
CBC CLA YI . -52.27 57.07 44.85
ND CLA YI . -47.39 54.35 46.04
C1D CLA YI . -48.62 54.75 46.62
C2D CLA YI . -48.92 53.85 47.77
C3D CLA YI . -47.86 52.97 47.84
C4D CLA YI . -46.93 53.32 46.76
CMD CLA YI . -50.11 53.94 48.60
CAD CLA YI . -47.30 51.83 48.55
OBD CLA YI . -47.79 51.17 49.46
CBD CLA YI . -45.91 51.54 47.91
CGD CLA YI . -44.82 51.70 48.92
O1D CLA YI . -44.08 50.83 49.39
O2D CLA YI . -44.65 52.98 49.36
CED CLA YI . -44.17 53.16 50.69
C1 CLA YI . -46.68 48.15 42.32
C2 CLA YI . -47.44 48.71 41.17
C3 CLA YI . -48.72 48.37 40.91
C4 CLA YI . -49.48 47.42 41.75
C5 CLA YI . -49.45 48.95 39.74
MG CHL ZI . -45.84 39.80 42.11
CHA CHL ZI . -49.29 40.52 42.07
CHB CHL ZI . -46.51 37.28 44.29
CHC CHL ZI . -42.49 38.89 42.00
CHD CHL ZI . -45.17 42.65 40.05
NA CHL ZI . -47.48 39.05 42.98
C1A CHL ZI . -48.70 39.36 42.78
C2A CHL ZI . -49.68 38.42 43.44
C3A CHL ZI . -48.84 37.82 44.52
C4A CHL ZI . -47.50 38.07 43.91
CMA CHL ZI . -48.99 38.53 45.85
CAA CHL ZI . -50.07 37.22 42.59
CBA CHL ZI . -50.19 37.44 41.10
CGA CHL ZI . -50.81 36.17 40.54
O1A CHL ZI . -50.94 35.19 41.26
O2A CHL ZI . -51.26 36.10 39.17
NB CHL ZI . -44.70 38.34 42.99
C1B CHL ZI . -45.11 37.38 43.86
C2B CHL ZI . -44.08 36.43 44.36
C3B CHL ZI . -42.90 36.93 43.66
C4B CHL ZI . -43.38 38.09 42.86
CMB CHL ZI . -44.22 35.27 45.30
CAB CHL ZI . -41.53 36.39 43.74
CBB CHL ZI . -40.83 36.14 42.66
NC CHL ZI . -44.17 40.61 41.21
C1C CHL ZI . -42.93 40.10 41.29
C2C CHL ZI . -41.96 40.92 40.53
C3C CHL ZI . -42.72 42.03 39.95
C4C CHL ZI . -44.10 41.72 40.44
CMC CHL ZI . -40.49 40.70 40.37
OMC CHL ZI . -39.86 39.99 41.13
CAC CHL ZI . -42.27 43.17 39.08
CBC CHL ZI . -42.05 42.68 37.66
ND CHL ZI . -46.88 41.33 41.19
C1D CHL ZI . -46.55 42.37 40.41
C2D CHL ZI . -47.77 43.13 40.05
C3D CHL ZI . -48.86 42.38 40.72
C4D CHL ZI . -48.25 41.31 41.38
CMD CHL ZI . -48.12 44.36 39.24
CAD CHL ZI . -50.33 42.32 40.94
OBD CHL ZI . -51.17 43.17 40.47
CBD CHL ZI . -50.59 41.15 41.80
CGD CHL ZI . -51.23 41.67 43.04
O1D CHL ZI . -50.58 41.93 44.04
O2D CHL ZI . -52.66 41.90 43.04
CED CHL ZI . -53.28 42.64 44.10
C1 CHL ZI . -52.19 35.08 38.79
C2 CHL ZI . -53.54 35.71 38.51
MG CHL AJ . -41.41 51.09 39.61
CHA CHL AJ . -43.81 48.70 38.72
CHB CHL AJ . -41.79 52.48 36.56
CHC CHL AJ . -39.47 53.76 40.67
CHD CHL AJ . -40.62 49.29 42.60
NA CHL AJ . -42.60 50.78 38.02
C1A CHL AJ . -43.51 49.88 37.89
C2A CHL AJ . -44.33 50.00 36.64
C3A CHL AJ . -43.62 51.08 35.89
C4A CHL AJ . -42.60 51.49 36.89
CMA CHL AJ . -42.95 50.50 34.66
CAA CHL AJ . -45.79 50.35 36.89
CBA CHL AJ . -46.60 50.11 35.61
CGA CHL AJ . -47.14 48.70 35.66
O1A CHL AJ . -47.41 48.20 36.74
O2A CHL AJ . -47.34 47.91 34.45
NB CHL AJ . -40.75 52.84 38.76
C1B CHL AJ . -41.00 53.27 37.50
C2B CHL AJ . -40.40 54.58 37.11
C3B CHL AJ . -39.71 54.93 38.36
C4B CHL AJ . -39.99 53.82 39.29
CMB CHL AJ . -40.48 55.32 35.80
CAB CHL AJ . -38.92 56.16 38.62
CBB CHL AJ . -39.05 56.85 39.74
NC CHL AJ . -40.27 51.45 41.28
C1C CHL AJ . -39.58 52.58 41.51
C2C CHL AJ . -38.87 52.51 42.82
C3C CHL AJ . -39.19 51.21 43.39
C4C CHL AJ . -40.08 50.63 42.34
CMC CHL AJ . -37.99 53.54 43.45
OMC CHL AJ . -38.13 54.72 43.21
CAC CHL AJ . -38.76 50.60 44.70
CBC CHL AJ . -37.61 49.63 44.46
ND CHL AJ . -41.99 49.38 40.57
C1D CHL AJ . -41.66 48.76 41.71
C2D CHL AJ . -42.46 47.53 41.86
C3D CHL AJ . -43.32 47.51 40.66
C4D CHL AJ . -42.98 48.65 39.94
CMD CHL AJ . -42.59 46.40 42.86
CAD CHL AJ . -44.38 46.77 39.93
OBD CHL AJ . -44.91 45.68 40.34
CBD CHL AJ . -44.68 47.52 38.71
CGD CHL AJ . -44.31 46.66 37.54
O1D CHL AJ . -43.14 46.44 37.26
O2D CHL AJ . -45.35 46.03 36.75
CED CHL AJ . -44.99 45.25 35.61
C1 CHL AJ . -48.28 46.84 34.43
C2 CHL AJ . -49.34 47.09 33.39
C3 CHL AJ . -49.20 46.60 32.15
C4 CHL AJ . -47.99 45.79 31.80
MG CHL BJ . -47.91 58.03 26.63
CHA CHL BJ . -46.99 60.45 28.99
CHB CHL BJ . -48.30 55.88 29.21
CHC CHL BJ . -48.78 55.56 24.35
CHD CHL BJ . -47.84 60.48 24.01
NA CHL BJ . -47.57 58.05 28.59
C1A CHL BJ . -47.24 59.04 29.33
C2A CHL BJ . -47.03 58.68 30.77
C3A CHL BJ . -46.95 57.19 30.71
C4A CHL BJ . -47.64 57.00 29.41
CMA CHL BJ . -45.53 56.69 30.62
CAA CHL BJ . -48.21 59.15 31.64
CBA CHL BJ . -49.50 59.34 30.84
CGA CHL BJ . -50.62 59.74 31.76
NB CHL BJ . -48.45 56.06 26.77
C1B CHL BJ . -48.56 55.30 27.89
C2B CHL BJ . -48.97 53.88 27.73
C3B CHL BJ . -49.10 53.83 26.26
C4B CHL BJ . -48.77 55.19 25.78
CMB CHL BJ . -49.19 52.80 28.75
CAB CHL BJ . -49.50 52.66 25.46
CBB CHL BJ . -50.53 52.75 24.64
NC CHL BJ . -48.25 58.02 24.60
C1C CHL BJ . -48.58 56.93 23.88
C2C CHL BJ . -48.74 57.27 22.44
C3C CHL BJ . -48.48 58.70 22.33
C4C CHL BJ . -48.17 59.08 23.74
CMC CHL BJ . -49.11 56.36 21.32
OMC CHL BJ . -48.96 55.15 21.41
CAC CHL BJ . -48.50 59.59 21.11
CBC CHL BJ . -49.91 60.07 20.88
ND CHL BJ . -47.53 60.04 26.39
C1D CHL BJ . -47.52 60.91 25.38
C2D CHL BJ . -47.14 62.25 25.87
C3D CHL BJ . -46.94 62.06 27.32
C4D CHL BJ . -47.19 60.71 27.55
CMD CHL BJ . -46.95 63.63 25.29
CAD CHL BJ . -46.57 62.73 28.60
OBD CHL BJ . -46.29 63.98 28.69
CBD CHL BJ . -46.62 61.71 29.65
CGD CHL BJ . -45.31 61.54 30.38
O1D CHL BJ . -44.43 60.82 29.98
O2D CHL BJ . -45.14 62.25 31.64
CED CHL BJ . -45.26 61.53 32.87
MG CHL CJ . -37.23 59.20 29.24
CHA CHL CJ . -36.90 62.46 28.05
CHB CHL CJ . -37.01 58.17 26.10
CHC CHL CJ . -36.76 56.05 30.49
CHD CHL CJ . -38.68 60.33 32.29
NA CHL CJ . -36.71 60.05 27.50
C1A CHL CJ . -36.47 61.27 27.28
C2A CHL CJ . -35.68 61.50 26.03
C3A CHL CJ . -35.73 60.16 25.35
C4A CHL CJ . -36.53 59.39 26.36
CMA CHL CJ . -36.45 60.20 24.03
CAA CHL CJ . -34.26 61.97 26.33
CBA CHL CJ . -33.56 61.08 27.35
CGA CHL CJ . -32.16 61.60 27.63
O1A CHL CJ . -31.60 62.31 26.81
O2A CHL CJ . -31.48 61.27 28.87
NB CHL CJ . -36.92 57.36 28.40
C1B CHL CJ . -36.86 57.09 27.08
C2B CHL CJ . -36.62 55.66 26.73
C3B CHL CJ . -36.55 55.06 28.07
C4B CHL CJ . -36.75 56.17 29.01
CMB CHL CJ . -36.50 55.00 25.38
CAB CHL CJ . -36.33 53.62 28.38
CBB CHL CJ . -35.65 53.24 29.43
NC CHL CJ . -37.64 58.35 31.05
C1C CHL CJ . -37.38 57.07 31.36
C2C CHL CJ . -37.79 56.76 32.75
C3C CHL CJ . -38.36 58.01 33.29
C4C CHL CJ . -38.21 58.94 32.14
CMC CHL CJ . -37.67 55.47 33.49
OMC CHL CJ . -37.14 54.49 32.99
CAC CHL CJ . -38.94 58.29 34.66
CBC CHL CJ . -37.85 58.20 35.72
ND CHL CJ . -37.74 60.98 30.12
C1D CHL CJ . -38.29 61.33 31.29
C2D CHL CJ . -38.40 62.81 31.33
C3D CHL CJ . -37.85 63.25 30.04
C4D CHL CJ . -37.47 62.09 29.36
CMD CHL CJ . -38.91 63.86 32.29
CAD CHL CJ . -37.55 64.43 29.18
OBD CHL CJ . -37.81 65.60 29.60
CBD CHL CJ . -36.95 63.92 27.93
CGD CHL CJ . -37.83 64.24 26.75
O1D CHL CJ . -38.67 63.45 26.38
O2D CHL CJ . -37.69 65.51 26.07
CED CHL CJ . -38.20 65.70 24.76
C1 CHL CJ . -30.39 62.09 29.29
C2 CHL CJ . -30.47 62.34 30.78
C3 CHL CJ . -29.81 61.55 31.63
C4 CHL CJ . -28.98 60.41 31.12
C5 CHL CJ . -29.90 61.81 33.13
C6 CHL CJ . -28.94 62.93 33.52
MG CLA DJ . -52.75 66.68 31.71
CHA CLA DJ . -54.15 66.34 28.56
CHB CLA DJ . -54.46 69.61 32.14
CHC CLA DJ . -51.49 66.87 34.89
CHD CLA DJ . -51.00 63.65 31.20
NA CLA DJ . -54.07 67.78 30.52
C1A CLA DJ . -54.54 67.46 29.25
C2A CLA DJ . -55.50 68.53 28.74
C3A CLA DJ . -55.42 69.63 29.81
C4A CLA DJ . -54.61 68.97 30.93
CMA CLA DJ . -54.71 70.83 29.27
CAA CLA DJ . -56.92 67.97 28.70
CBA CLA DJ . -57.20 66.99 29.83
CGA CLA DJ . -57.91 67.68 30.95
O1A CLA DJ . -59.02 68.20 30.94
O2A CLA DJ . -57.18 67.70 32.11
NB CLA DJ . -52.89 68.01 33.21
C1B CLA DJ . -53.72 69.10 33.22
C2B CLA DJ . -53.71 69.73 34.57
C3B CLA DJ . -52.87 68.97 35.35
C4B CLA DJ . -52.35 67.87 34.50
CMB CLA DJ . -54.49 70.92 34.88
CAB CLA DJ . -52.50 69.11 36.74
CBB CLA DJ . -53.33 69.41 37.74
NC CLA DJ . -51.45 65.49 32.82
C1C CLA DJ . -51.07 65.76 34.11
C2C CLA DJ . -50.18 64.71 34.59
C3C CLA DJ . -50.05 63.79 33.55
C4C CLA DJ . -50.85 64.29 32.45
CMC CLA DJ . -49.57 64.67 35.92
CAC CLA DJ . -49.24 62.56 33.56
CBC CLA DJ . -50.10 61.32 33.73
ND CLA DJ . -52.57 65.28 30.27
C1D CLA DJ . -51.80 64.10 30.17
C2D CLA DJ . -52.02 63.48 28.84
C3D CLA DJ . -52.92 64.29 28.19
C4D CLA DJ . -53.23 65.40 29.12
CMD CLA DJ . -51.39 62.24 28.39
CAD CLA DJ . -53.69 64.53 26.97
OBD CLA DJ . -53.74 63.85 25.94
CBD CLA DJ . -54.48 65.85 27.17
CGD CLA DJ . -54.10 66.89 26.15
O1D CLA DJ . -53.64 68.01 26.35
O2D CLA DJ . -54.33 66.49 24.86
CED CLA DJ . -55.55 66.93 24.25
C1 CLA DJ . -57.71 68.52 33.18
C2 CLA DJ . -56.97 68.16 34.42
C3 CLA DJ . -57.59 67.94 35.59
C4 CLA DJ . -59.06 68.01 35.72
C5 CLA DJ . -56.82 67.58 36.82
C6 CLA DJ . -57.24 66.26 37.43
C7 CLA DJ . -56.55 66.00 38.75
C8 CLA DJ . -56.50 64.51 39.09
C9 CLA DJ . -57.91 63.98 39.31
C10 CLA DJ . -55.63 64.25 40.31
C11 CLA DJ . -55.75 62.83 40.83
C12 CLA DJ . -54.80 61.89 40.13
C13 CLA DJ . -54.08 60.96 41.11
C14 CLA DJ . -52.58 61.05 40.96
C15 CLA DJ . -54.53 59.52 40.90
C16 CLA DJ . -53.62 58.78 39.93
C17 CLA DJ . -54.33 57.64 39.23
C18 CLA DJ . -54.18 56.31 39.98
C19 CLA DJ . -55.20 56.16 41.09
C20 CLA DJ . -54.33 55.16 39.01
MG CLA EJ . -51.58 82.22 42.61
CHA CLA EJ . -53.00 80.65 39.89
CHB CLA EJ . -54.10 84.50 42.59
CHC CLA EJ . -49.97 83.96 45.11
CHD CLA EJ . -48.98 79.83 42.63
NA CLA EJ . -53.32 82.45 41.48
C1A CLA EJ . -53.74 81.70 40.37
C2A CLA EJ . -55.11 82.23 39.88
C3A CLA EJ . -55.46 83.35 40.88
C4A CLA EJ . -54.22 83.44 41.74
CMA CLA EJ . -55.66 84.70 40.24
CAA CLA EJ . -56.23 81.17 39.94
CBA CLA EJ . -57.13 81.27 41.18
CGA CLA EJ . -58.55 80.77 41.04
O1A CLA EJ . -59.56 81.41 40.73
O2A CLA EJ . -58.73 79.42 41.30
NB CLA EJ . -51.98 83.89 43.67
C1B CLA EJ . -53.01 84.74 43.43
C2B CLA EJ . -52.81 86.01 44.17
C3B CLA EJ . -51.64 85.86 44.88
C4B CLA EJ . -51.11 84.51 44.58
CMB CLA EJ . -53.75 87.12 44.11
CAB CLA EJ . -51.00 86.77 45.78
CBB CLA EJ . -51.37 86.89 47.06
NC CLA EJ . -49.84 81.89 43.72
C1C CLA EJ . -49.38 82.72 44.72
C2C CLA EJ . -48.15 82.19 45.28
C3C CLA EJ . -47.85 81.03 44.56
C4C CLA EJ . -48.92 80.85 43.59
CMC CLA EJ . -47.38 82.80 46.37
CAC CLA EJ . -46.71 80.14 44.75
CBC CLA EJ . -47.08 78.97 45.66
ND CLA EJ . -51.13 80.51 41.64
C1D CLA EJ . -49.99 79.66 41.71
C2D CLA EJ . -50.08 78.66 40.63
C3D CLA EJ . -51.18 79.03 39.88
C4D CLA EJ . -51.80 80.19 40.55
CMD CLA EJ . -49.12 77.58 40.41
CAD CLA EJ . -52.02 78.68 38.76
OBD CLA EJ . -51.95 77.74 37.98
CBD CLA EJ . -53.13 79.78 38.66
CGD CLA EJ . -52.94 80.47 37.33
O1D CLA EJ . -52.28 81.48 37.04
O2D CLA EJ . -53.59 79.77 36.36
CED CLA EJ . -53.45 80.13 34.99
C1 CLA EJ . -58.92 79.02 42.68
C2 CLA EJ . -58.84 77.53 42.80
C3 CLA EJ . -58.50 76.93 43.96
C4 CLA EJ . -58.18 77.73 45.17
C5 CLA EJ . -58.41 75.44 44.11
C6 CLA EJ . -57.20 74.99 44.90
C7 CLA EJ . -57.30 73.52 45.26
C8 CLA EJ . -56.78 73.22 46.67
C9 CLA EJ . -55.38 73.79 46.85
C10 CLA EJ . -56.80 71.73 46.95
C11 CLA EJ . -55.49 71.08 46.54
C12 CLA EJ . -54.83 70.43 47.74
C13 CLA EJ . -55.42 69.05 47.98
C14 CLA EJ . -54.75 68.36 49.16
C15 CLA EJ . -55.29 68.22 46.72
MG CLA FJ . -53.11 71.99 42.61
CHA CLA FJ . -55.18 74.01 40.72
CHB CLA FJ . -54.49 69.23 41.18
CHC CLA FJ . -51.13 70.05 44.60
CHD CLA FJ . -51.57 74.90 43.94
NA CLA FJ . -54.59 71.70 41.17
C1A CLA FJ . -55.35 72.66 40.49
C2A CLA FJ . -56.31 72.00 39.49
C3A CLA FJ . -55.95 70.50 39.57
C4A CLA FJ . -54.95 70.45 40.72
CMA CLA FJ . -57.16 69.63 39.83
CAA CLA FJ . -56.07 72.51 38.07
CBA CLA FJ . -57.09 71.94 37.10
CGA CLA FJ . -58.40 72.69 37.18
O1A CLA FJ . -58.86 73.54 36.42
O2A CLA FJ . -59.15 72.30 38.25
NB CLA FJ . -52.73 70.01 42.73
C1B CLA FJ . -53.58 69.06 42.24
C2B CLA FJ . -53.44 67.80 43.00
C3B CLA FJ . -52.49 68.03 43.98
C4B CLA FJ . -52.03 69.44 43.81
CMB CLA FJ . -54.24 66.60 42.73
CAB CLA FJ . -51.99 67.14 45.00
CBB CLA FJ . -50.71 66.82 45.16
NC CLA FJ . -51.64 72.42 44.02
C1C CLA FJ . -50.95 71.46 44.72
C2C CLA FJ . -49.98 72.08 45.61
C3C CLA FJ . -50.10 73.46 45.42
C4C CLA FJ . -51.13 73.66 44.41
CMC CLA FJ . -49.12 71.32 46.50
CAC CLA FJ . -49.32 74.55 46.06
CBC CLA FJ . -49.54 74.69 47.55
ND CLA FJ . -53.40 73.99 42.57
C1D CLA FJ . -52.64 75.08 43.08
C2D CLA FJ . -53.20 76.35 42.58
C3D CLA FJ . -54.24 75.99 41.75
C4D CLA FJ . -54.27 74.51 41.71
CMD CLA FJ . -52.74 77.68 42.98
CAD CLA FJ . -55.31 76.47 40.89
OBD CLA FJ . -55.78 77.59 40.78
CBD CLA FJ . -55.81 75.23 40.08
CGD CLA FJ . -57.31 75.17 39.98
O1D CLA FJ . -57.99 75.42 38.99
O2D CLA FJ . -57.98 74.79 41.11
CED CLA FJ . -59.29 74.25 40.89
C1 CLA FJ . -60.50 71.91 37.93
C2 CLA FJ . -60.99 71.15 39.10
C3 CLA FJ . -62.05 70.33 39.07
C4 CLA FJ . -62.84 70.12 37.83
C5 CLA FJ . -62.49 69.59 40.27
C6 CLA FJ . -61.35 69.33 41.24
C7 CLA FJ . -60.56 68.11 40.83
C8 CLA FJ . -60.56 67.02 41.89
C9 CLA FJ . -61.90 66.35 41.97
C10 CLA FJ . -60.16 67.59 43.25
C11 CLA FJ . -58.66 67.73 43.39
C12 CLA FJ . -57.94 66.41 43.18
C13 CLA FJ . -58.13 65.45 44.34
C14 CLA FJ . -57.75 66.09 45.65
C15 CLA FJ . -57.34 64.17 44.14
MG CLA GJ . -37.80 74.01 52.56
CHA CLA GJ . -36.75 73.43 55.82
CHB CLA GJ . -41.03 74.17 53.63
CHC CLA GJ . -38.76 74.72 49.34
CHD CLA GJ . -34.42 73.88 51.52
NA CLA GJ . -38.71 73.81 54.43
C1A CLA GJ . -38.11 73.58 55.67
C2A CLA GJ . -39.14 73.52 56.79
C3A CLA GJ . -40.49 73.67 56.04
C4A CLA GJ . -40.07 73.91 54.59
CMA CLA GJ . -41.35 72.45 56.19
CAA CLA GJ . -38.96 74.68 57.75
CBA CLA GJ . -39.23 76.02 57.10
CGA CLA GJ . -37.96 76.64 56.60
O1A CLA GJ . -36.94 76.94 57.24
O2A CLA GJ . -37.98 76.90 55.26
NB CLA GJ . -39.55 74.41 51.67
C1B CLA GJ . -40.78 74.39 52.27
C2B CLA GJ . -41.83 74.63 51.26
C3B CLA GJ . -41.20 74.78 50.04
C4B CLA GJ . -39.74 74.64 50.29
CMB CLA GJ . -43.26 74.66 51.59
CAB CLA GJ . -41.74 75.01 48.73
CBB CLA GJ . -42.71 74.29 48.16
NC CLA GJ . -36.77 74.23 50.76
C1C CLA GJ . -37.37 74.51 49.56
C2C CLA GJ . -36.36 74.60 48.51
C3C CLA GJ . -35.14 74.38 49.12
C4C CLA GJ . -35.39 74.15 50.54
CMC CLA GJ . -36.65 74.89 47.10
CAC CLA GJ . -33.82 74.39 48.47
CBC CLA GJ . -33.08 75.68 48.69
ND CLA GJ . -35.99 73.63 53.39
C1D CLA GJ . -34.68 73.64 52.85
C2D CLA GJ . -33.72 73.35 53.94
C3D CLA GJ . -34.46 73.25 55.10
C4D CLA GJ . -35.86 73.45 54.70
CMD CLA GJ . -32.27 73.24 53.76
CAD CLA GJ . -34.43 72.99 56.53
OBD CLA GJ . -33.50 72.68 57.26
CBD CLA GJ . -35.90 73.17 57.04
CGD CLA GJ . -36.36 71.98 57.82
O1D CLA GJ . -36.88 70.97 57.37
O2D CLA GJ . -36.17 72.08 59.17
CED CLA GJ . -37.08 71.38 60.02
C1 CLA GJ . -36.69 76.92 54.59
C2 CLA GJ . -36.94 77.48 53.24
C3 CLA GJ . -35.97 77.62 52.32
C4 CLA GJ . -34.57 77.22 52.59
C5 CLA GJ . -36.27 78.19 50.98
C6 CLA GJ . -37.74 78.41 50.74
C7 CLA GJ . -38.02 79.84 50.32
C8 CLA GJ . -39.42 80.01 49.73
C9 CLA GJ . -39.57 79.15 48.49
C10 CLA GJ . -39.69 81.46 49.37
C11 CLA GJ . -40.81 82.05 50.20
C12 CLA GJ . -40.44 83.41 50.75
C13 CLA GJ . -41.29 83.79 51.96
C14 CLA GJ . -40.52 84.74 52.85
C15 CLA GJ . -41.73 82.57 52.75
MG CLA HJ . -43.18 79.45 58.12
CHA CLA HJ . -40.13 80.83 57.20
CHB CLA HJ . -43.27 81.49 60.84
CHC CLA HJ . -46.17 78.02 59.01
CHD CLA HJ . -43.04 77.34 55.28
NA CLA HJ . -41.90 80.92 58.87
C1A CLA HJ . -40.67 81.35 58.35
C2A CLA HJ . -40.06 82.45 59.23
C3A CLA HJ . -41.10 82.65 60.35
C4A CLA HJ . -42.18 81.62 60.02
CMA CLA HJ . -40.51 82.38 61.71
CAA CLA HJ . -39.77 83.76 58.50
CBA CLA HJ . -40.76 84.16 57.43
CGA CLA HJ . -40.38 85.53 56.97
O1A CLA HJ . -39.51 86.26 57.44
O2A CLA HJ . -41.09 85.98 55.88
NB CLA HJ . -44.52 79.78 59.57
C1B CLA HJ . -44.30 80.56 60.66
C2B CLA HJ . -45.33 80.28 61.71
C3B CLA HJ . -46.14 79.30 61.20
C4B CLA HJ . -45.64 78.96 59.84
CMB CLA HJ . -45.36 80.99 62.99
CAB CLA HJ . -47.26 78.61 61.79
CBB CLA HJ . -47.15 77.38 62.29
NC CLA HJ . -44.38 77.97 57.26
C1C CLA HJ . -45.59 77.56 57.79
C2C CLA HJ . -46.19 76.54 56.93
C3C CLA HJ . -45.28 76.32 55.89
C4C CLA HJ . -44.16 77.22 56.11
CMC CLA HJ . -47.48 75.90 57.16
CAC CLA HJ . -45.44 75.38 54.77
CBC CLA HJ . -46.11 76.04 53.57
ND CLA HJ . -41.89 79.06 56.61
C1D CLA HJ . -41.97 78.19 55.49
C2D CLA HJ . -40.76 78.38 54.65
C3D CLA HJ . -40.01 79.37 55.27
C4D CLA HJ . -40.77 79.77 56.47
CMD CLA HJ . -40.47 77.64 53.42
CAD CLA HJ . -38.81 80.18 55.23
OBD CLA HJ . -37.90 80.17 54.40
CBD CLA HJ . -38.85 81.13 56.46
CGD CLA HJ . -37.66 80.96 57.35
O1D CLA HJ . -37.33 81.66 58.32
O2D CLA HJ . -36.87 79.89 57.06
CED CLA HJ . -35.48 79.98 57.39
C1 CLA HJ . -42.10 86.99 56.06
C2 CLA HJ . -42.86 87.07 54.78
C3 CLA HJ . -42.76 88.09 53.91
C1 LUT IJ . -44.34 70.24 52.00
C2 LUT IJ . -43.45 69.96 53.21
C3 LUT IJ . -41.96 70.21 53.05
C4 LUT IJ . -41.50 69.70 51.69
C5 LUT IJ . -42.26 70.49 50.66
C6 LUT IJ . -43.58 70.55 50.71
C7 LUT IJ . -44.33 70.95 49.51
C8 LUT IJ . -44.54 70.10 48.51
C9 LUT IJ . -45.31 70.56 47.33
C10 LUT IJ . -45.57 69.69 46.33
C11 LUT IJ . -46.34 70.07 45.15
C12 LUT IJ . -46.90 69.10 44.43
C13 LUT IJ . -47.75 69.31 43.23
C14 LUT IJ . -48.27 68.24 42.63
C15 LUT IJ . -49.15 68.36 41.47
C16 LUT IJ . -45.21 71.46 52.30
C17 LUT IJ . -45.23 69.04 51.75
C18 LUT IJ . -41.50 71.22 49.58
C19 LUT IJ . -45.77 71.98 47.29
C20 LUT IJ . -48.05 70.69 42.72
O3 LUT IJ . -41.25 69.52 54.09
C21 LUT IJ . -58.00 62.73 33.70
C22 LUT IJ . -59.13 62.84 32.68
C23 LUT IJ . -58.78 63.38 31.29
C24 LUT IJ . -57.31 63.49 31.02
C25 LUT IJ . -56.41 63.54 32.00
C26 LUT IJ . -56.86 63.71 33.41
C27 LUT IJ . -55.74 63.40 34.38
C28 LUT IJ . -55.21 64.40 35.09
C29 LUT IJ . -54.13 64.15 36.04
C30 LUT IJ . -53.74 65.15 36.85
C31 LUT IJ . -52.69 65.00 37.86
C32 LUT IJ . -52.29 66.11 38.48
C33 LUT IJ . -51.27 66.11 39.55
C34 LUT IJ . -50.87 67.27 40.07
C35 LUT IJ . -49.90 67.30 41.16
C36 LUT IJ . -57.46 61.31 33.75
C37 LUT IJ . -58.57 63.08 35.07
C38 LUT IJ . -54.94 63.44 31.69
C39 LUT IJ . -53.46 62.81 36.10
C40 LUT IJ . -50.70 64.82 40.05
O23 LUT IJ . -59.38 64.67 31.11
C1 LUT JJ . -39.16 58.72 44.00
C2 LUT JJ . -39.35 57.80 45.19
C3 LUT JJ . -40.77 57.31 45.46
C4 LUT JJ . -41.77 58.41 45.15
C5 LUT JJ . -41.62 58.78 43.71
C6 LUT JJ . -40.42 58.97 43.19
C7 LUT JJ . -40.24 59.44 41.80
C8 LUT JJ . -40.29 60.76 41.57
C9 LUT JJ . -40.11 61.35 40.24
C10 LUT JJ . -39.82 62.67 40.23
C11 LUT JJ . -39.55 63.48 39.06
C12 LUT JJ . -39.06 64.68 39.36
C13 LUT JJ . -38.67 65.69 38.37
C14 LUT JJ . -38.09 66.81 38.84
C15 LUT JJ . -37.60 67.86 37.94
C16 LUT JJ . -38.13 58.10 43.06
C17 LUT JJ . -38.63 60.07 44.51
C18 LUT JJ . -42.86 58.94 42.87
C19 LUT JJ . -40.19 60.55 38.98
C20 LUT JJ . -38.86 65.47 36.90
O3 LUT JJ . -40.89 56.94 46.83
C21 LUT JJ . -32.12 79.04 34.24
C22 LUT JJ . -31.75 80.10 33.22
C23 LUT JJ . -32.89 81.08 33.00
C24 LUT JJ . -34.17 80.33 32.71
C25 LUT JJ . -34.44 79.13 33.25
C26 LUT JJ . -33.36 78.26 33.81
C27 LUT JJ . -33.88 77.48 35.00
C28 LUT JJ . -33.91 76.14 34.98
C29 LUT JJ . -34.41 75.40 36.16
C30 LUT JJ . -34.66 74.09 36.03
C31 LUT JJ . -35.16 73.30 37.16
C32 LUT JJ . -35.79 72.17 36.88
C33 LUT JJ . -36.34 71.26 37.90
C34 LUT JJ . -36.73 70.04 37.50
C35 LUT JJ . -37.27 69.06 38.43
C36 LUT JJ . -32.35 79.71 35.59
C37 LUT JJ . -30.96 78.06 34.38
C38 LUT JJ . -35.86 78.67 33.29
C39 LUT JJ . -34.62 76.10 37.46
C40 LUT JJ . -36.48 71.69 39.33
O23 LUT JJ . -32.57 81.91 31.88
C1 XAT KJ . -27.25 74.90 54.24
C2 XAT KJ . -26.29 74.39 55.30
C3 XAT KJ . -24.95 75.03 55.05
C4 XAT KJ . -25.05 76.48 55.48
C5 XAT KJ . -26.22 77.25 54.86
C6 XAT KJ . -27.36 76.43 54.21
C7 XAT KJ . -28.73 77.02 54.48
C8 XAT KJ . -29.30 77.70 53.51
C9 XAT KJ . -30.64 78.29 53.68
C10 XAT KJ . -31.00 79.33 52.92
C11 XAT KJ . -32.31 79.94 53.03
C12 XAT KJ . -32.78 80.54 51.95
C13 XAT KJ . -34.08 81.20 51.93
C14 XAT KJ . -34.34 82.06 50.95
C15 XAT KJ . -35.62 82.75 50.88
C16 XAT KJ . -28.63 74.29 54.51
C17 XAT KJ . -26.79 74.42 52.87
C18 XAT KJ . -26.77 78.44 55.65
C19 XAT KJ . -31.59 77.70 54.68
C20 XAT KJ . -35.09 80.93 53.00
O3 XAT KJ . -23.94 74.36 55.81
O4 XAT KJ . -26.43 77.20 53.44
C21 XAT KJ . -45.74 87.55 45.18
C22 XAT KJ . -46.67 88.21 44.18
C23 XAT KJ . -46.92 89.66 44.57
C24 XAT KJ . -45.64 90.39 44.26
C25 XAT KJ . -44.49 89.90 45.14
C26 XAT KJ . -44.56 88.44 45.62
C27 XAT KJ . -43.18 87.80 45.59
C28 XAT KJ . -42.52 87.67 46.74
C29 XAT KJ . -41.19 87.05 46.69
C30 XAT KJ . -40.47 86.96 47.82
C31 XAT KJ . -39.16 86.34 47.76
C32 XAT KJ . -38.70 85.78 48.86
C33 XAT KJ . -37.39 85.12 48.88
C34 XAT KJ . -37.08 84.35 49.92
C35 XAT KJ . -35.80 83.68 49.96
C36 XAT KJ . -45.19 86.27 44.57
C37 XAT KJ . -46.55 87.17 46.41
C38 XAT KJ . -43.07 90.29 44.71
C39 XAT KJ . -40.66 86.54 45.39
C40 XAT KJ . -36.43 85.30 47.74
O23 XAT KJ . -47.97 90.20 43.77
O24 XAT KJ . -44.76 89.55 46.50
C1 NEX LJ . -49.51 45.35 19.59
C2 NEX LJ . -49.06 45.85 18.23
C3 NEX LJ . -50.29 46.07 17.36
C4 NEX LJ . -51.02 47.28 17.93
C5 NEX LJ . -51.60 46.93 19.29
C6 NEX LJ . -50.59 46.25 20.18
C7 NEX LJ . -50.65 46.38 21.43
C8 NEX LJ . -50.69 46.49 22.67
C9 NEX LJ . -49.64 47.19 23.44
C10 NEX LJ . -49.52 46.97 24.75
C11 NEX LJ . -48.52 47.67 25.52
C12 NEX LJ . -48.38 47.43 26.82
C13 NEX LJ . -47.39 48.23 27.54
C14 NEX LJ . -47.52 48.41 28.86
C15 NEX LJ . -46.54 49.25 29.55
C16 NEX LJ . -48.31 45.30 20.53
C17 NEX LJ . -50.11 43.96 19.45
C18 NEX LJ . -52.11 48.20 19.97
C19 NEX LJ . -48.72 48.16 22.75
C20 NEX LJ . -46.25 48.87 26.79
O3 NEX LJ . -49.89 46.31 16.01
O4 NEX LJ . -52.72 46.06 19.10
C21 NEX LJ . -48.39 54.70 39.39
C22 NEX LJ . -48.50 54.68 40.91
C23 NEX LJ . -48.41 53.27 41.43
C24 NEX LJ . -46.95 52.89 41.27
C25 NEX LJ . -46.52 52.88 39.81
C26 NEX LJ . -47.26 53.81 38.83
C27 NEX LJ . -46.31 54.45 37.84
C28 NEX LJ . -46.37 54.18 36.54
C29 NEX LJ . -45.39 54.83 35.65
C30 NEX LJ . -45.34 54.54 34.34
C31 NEX LJ . -46.24 53.59 33.71
C32 NEX LJ . -45.76 52.78 32.77
C33 NEX LJ . -46.63 51.82 32.06
C34 NEX LJ . -46.09 50.91 31.25
C35 NEX LJ . -46.99 50.00 30.55
C36 NEX LJ . -48.17 56.14 38.95
C37 NEX LJ . -49.71 54.20 38.81
C38 NEX LJ . -45.00 52.90 39.55
C39 NEX LJ . -44.42 55.82 36.21
C40 NEX LJ . -48.11 51.88 32.24
O23 NEX LJ . -48.76 53.23 42.81
O24 NEX LJ . -47.41 52.39 38.81
O1 LHG MJ . -51.28 86.55 41.53
C1 LHG MJ . -51.91 87.55 40.73
C2 LHG MJ . -51.20 87.67 39.38
O2 LHG MJ . -52.01 88.40 38.46
C3 LHG MJ . -50.95 86.26 38.83
O3 LHG MJ . -50.35 85.45 39.84
P LHG MJ . -49.40 84.22 39.42
O4 LHG MJ . -50.29 83.12 38.90
O5 LHG MJ . -48.30 84.78 38.55
O6 LHG MJ . -48.74 83.73 40.81
C4 LHG MJ . -47.36 83.96 41.03
C5 LHG MJ . -46.64 82.73 41.55
C6 LHG MJ . -46.84 81.57 40.58
O7 LHG MJ . -45.25 83.02 41.57
C7 LHG MJ . -44.65 83.16 42.88
O9 LHG MJ . -45.29 82.83 43.88
C8 LHG MJ . -43.25 83.69 42.97
C9 LHG MJ . -42.61 83.31 44.31
C10 LHG MJ . -41.11 83.16 44.11
O8 LHG MJ . -45.94 80.52 40.96
C23 LHG MJ . -45.40 79.60 39.97
O10 LHG MJ . -45.68 79.74 38.79
C24 LHG MJ . -44.50 78.47 40.41
C11 LHG MJ . -40.39 82.84 45.41
C12 LHG MJ . -38.95 82.44 45.12
C13 LHG MJ . -38.14 82.43 46.40
C14 LHG MJ . -37.23 81.22 46.46
C15 LHG MJ . -36.00 81.39 45.57
C16 LHG MJ . -34.86 80.54 46.11
C17 LHG MJ . -34.52 80.94 47.54
C18 LHG MJ . -33.49 80.01 48.16
C19 LHG MJ . -32.17 80.04 47.38
C20 LHG MJ . -31.24 78.93 47.84
C21 LHG MJ . -30.97 78.98 49.34
C22 LHG MJ . -30.13 77.81 49.80
C25 LHG MJ . -43.09 79.02 40.57
C26 LHG MJ . -42.17 78.03 41.28
C27 LHG MJ . -41.33 78.78 42.29
C28 LHG MJ . -42.20 79.31 43.42
C29 LHG MJ . -42.88 78.15 44.15
C30 LHG MJ . -43.55 78.61 45.43
C31 LHG MJ . -42.57 79.31 46.36
C32 LHG MJ . -43.20 79.58 47.73
C33 LHG MJ . -44.41 80.50 47.61
C34 LHG MJ . -44.01 81.96 47.53
C35 LHG MJ . -44.35 82.67 48.84
C36 LHG MJ . -44.32 84.19 48.68
C37 LHG MJ . -45.02 84.87 49.85
C38 LHG MJ . -46.45 84.35 50.00
C1 NEX NJ . -3.14 97.92 32.69
C2 NEX NJ . -3.04 97.85 31.17
C3 NEX NJ . -4.02 98.81 30.55
C4 NEX NJ . -3.45 100.19 30.84
C5 NEX NJ . -3.50 100.48 32.34
C6 NEX NJ . -3.00 99.32 33.18
C7 NEX NJ . -2.50 99.54 34.30
C8 NEX NJ . -1.99 99.70 35.44
C9 NEX NJ . -0.59 99.38 35.71
C10 NEX NJ . -0.19 99.18 36.98
C11 NEX NJ . 1.21 98.93 37.25
C12 NEX NJ . 1.61 98.78 38.51
C13 NEX NJ . 3.04 98.58 38.73
C14 NEX NJ . 3.57 98.86 39.93
C15 NEX NJ . 5.01 98.71 40.10
C16 NEX NJ . -2.05 97.07 33.32
C17 NEX NJ . -4.54 97.52 33.10
C18 NEX NJ . -2.58 101.66 32.62
C19 NEX NJ . 0.41 99.28 34.60
C20 NEX NJ . 3.90 98.12 37.60
O3 NEX NJ . -4.09 98.57 29.15
O4 NEX NJ . -4.85 100.78 32.71
C21 NEX NJ . 11.25 104.22 47.89
C22 NEX NJ . 11.73 104.39 49.31
C23 NEX NJ . 11.01 103.42 50.22
C24 NEX NJ . 11.59 102.05 49.91
C25 NEX NJ . 11.31 101.63 48.46
C26 NEX NJ . 11.13 102.75 47.42
C27 NEX NJ . 11.81 102.40 46.11
C28 NEX NJ . 11.09 102.20 45.01
C29 NEX NJ . 11.82 101.86 43.77
C30 NEX NJ . 11.18 101.56 42.64
C31 NEX NJ . 9.73 101.57 42.53
C32 NEX NJ . 9.13 100.63 41.80
C33 NEX NJ . 7.66 100.61 41.63
C34 NEX NJ . 7.08 99.55 41.05
C35 NEX NJ . 5.63 99.60 40.87
C36 NEX NJ . 12.23 104.95 46.97
C37 NEX NJ . 9.89 104.87 47.78
C38 NEX NJ . 12.15 100.48 47.90
C39 NEX NJ . 13.32 101.82 43.80
C40 NEX NJ . 6.84 101.76 42.11
O23 NEX NJ . 11.28 103.75 51.58
O24 NEX NJ . 10.05 101.93 47.86
MG CLA OJ . -15.59 84.46 30.13
CHA CLA OJ . -14.94 84.99 26.76
CHB CLA OJ . -18.92 84.81 29.52
CHC CLA OJ . -16.22 83.76 33.45
CHD CLA OJ . -12.13 84.07 30.70
NA CLA OJ . -16.70 84.85 28.42
C1A CLA OJ . -16.26 85.03 27.10
C2A CLA OJ . -17.42 85.29 26.15
C3A CLA OJ . -18.63 85.43 27.09
C4A CLA OJ . -18.07 84.99 28.45
CMA CLA OJ . -19.14 86.84 27.16
CAA CLA OJ . -17.62 84.10 25.20
CBA CLA OJ . -17.55 82.75 25.89
CGA CLA OJ . -18.91 82.28 26.33
O1A CLA OJ . -19.92 82.12 25.66
O2A CLA OJ . -18.98 81.99 27.68
NB CLA OJ . -17.24 84.37 31.27
C1B CLA OJ . -18.51 84.43 30.81
C2B CLA OJ . -19.47 84.03 31.86
C3B CLA OJ . -18.74 83.74 32.99
C4B CLA OJ . -17.29 83.96 32.62
CMB CLA OJ . -20.92 84.02 31.62
CAB CLA OJ . -19.14 83.30 34.30
CBB CLA OJ . -20.15 82.46 34.55
NC CLA OJ . -14.38 84.04 31.78
C1C CLA OJ . -14.84 83.80 33.04
C2C CLA OJ . -13.74 83.55 33.94
C3C CLA OJ . -12.57 83.61 33.18
C4C CLA OJ . -12.98 83.90 31.80
CMC CLA OJ . -13.87 83.27 35.38
CAC CLA OJ . -11.19 83.41 33.65
CBC CLA OJ . -10.81 81.95 33.71
ND CLA OJ . -13.88 84.50 29.05
C1D CLA OJ . -12.52 84.35 29.41
C2D CLA OJ . -11.68 84.54 28.19
C3D CLA OJ . -12.56 84.77 27.15
C4D CLA OJ . -13.91 84.75 27.73
CMD CLA OJ . -10.22 84.45 28.16
CAD CLA OJ . -12.70 85.07 25.73
OBD CLA OJ . -11.84 85.20 24.87
CBD CLA OJ . -14.23 85.20 25.44
CGD CLA OJ . -14.56 86.56 24.87
O1D CLA OJ . -14.72 86.88 23.70
O2D CLA OJ . -14.69 87.51 25.84
CED CLA OJ . -15.67 88.53 25.63
C1 CLA OJ . -20.16 81.32 28.14
C2 CLA OJ . -19.91 80.95 29.56
C3 CLA OJ . -20.78 80.22 30.30
C4 CLA OJ . -22.06 79.75 29.75
C5 CLA OJ . -20.47 79.89 31.72
C6 CLA OJ . -20.55 78.39 31.99
C7 CLA OJ . -20.02 78.09 33.39
C8 CLA OJ . -20.15 76.62 33.74
C9 CLA OJ . -20.37 76.43 35.22
C10 CLA OJ . -18.90 75.86 33.30
C11 CLA OJ . -17.66 76.31 34.04
C12 CLA OJ . -16.82 75.11 34.43
C13 CLA OJ . -15.33 75.45 34.43
C14 CLA OJ . -14.76 75.33 33.04
C15 CLA OJ . -14.56 74.56 35.39
C16 CLA OJ . -13.34 75.27 35.95
C17 CLA OJ . -13.73 76.58 36.61
C18 CLA OJ . -12.51 77.47 36.85
C19 CLA OJ . -11.73 77.67 35.57
C20 CLA OJ . -12.96 78.81 37.41
MG CLA PJ . -23.20 81.83 39.08
CHA CLA PJ . -25.70 82.11 36.68
CHB CLA PJ . -21.56 79.60 37.11
CHC CLA PJ . -20.74 81.59 41.48
CHD CLA PJ . -24.99 84.06 41.14
NA CLA PJ . -23.57 81.03 37.19
C1A CLA PJ . -24.67 81.27 36.35
C2A CLA PJ . -24.55 80.47 35.06
C3A CLA PJ . -23.27 79.63 35.29
C4A CLA PJ . -22.73 80.13 36.61
CMA CLA PJ . -23.57 78.17 35.43
CAA CLA PJ . -24.34 81.41 33.88
CBA CLA PJ . -24.44 80.67 32.56
CGA CLA PJ . -25.88 80.41 32.25
O1A CLA PJ . -26.72 81.19 31.78
O2A CLA PJ . -26.27 79.13 32.56
NB CLA PJ . -21.52 80.75 39.29
C1B CLA PJ . -20.97 79.96 38.33
C2B CLA PJ . -19.60 79.52 38.74
C3B CLA PJ . -19.36 80.08 39.97
C4B CLA PJ . -20.58 80.87 40.34
CMB CLA PJ . -18.76 78.67 37.90
CAB CLA PJ . -18.20 80.00 40.82
CBB CLA PJ . -18.17 79.36 42.00
NC CLA PJ . -22.93 82.69 40.96
C1C CLA PJ . -21.84 82.45 41.77
C2C CLA PJ . -21.98 83.21 43.00
C3C CLA PJ . -23.18 83.90 42.91
C4C CLA PJ . -23.77 83.57 41.62
CMC CLA PJ . -21.00 83.22 44.08
CAC CLA PJ . -23.74 84.83 43.90
CBC CLA PJ . -23.47 86.27 43.53
ND CLA PJ . -24.87 82.96 38.94
C1D CLA PJ . -25.53 83.78 39.89
C2D CLA PJ . -26.81 84.27 39.31
C3D CLA PJ . -26.91 83.67 38.06
C4D CLA PJ . -25.69 82.84 37.90
CMD CLA PJ . -27.73 85.18 39.96
CAD CLA PJ . -27.69 83.54 36.85
OBD CLA PJ . -28.71 84.13 36.52
CBD CLA PJ . -27.00 82.45 35.98
CGD CLA PJ . -27.90 81.26 35.85
O1D CLA PJ . -28.87 81.12 35.11
O2D CLA PJ . -27.57 80.23 36.69
CED CLA PJ . -28.12 78.94 36.44
C1 CLA PJ . -25.62 78.04 31.87
C2 CLA PJ . -25.36 76.99 32.89
C3 CLA PJ . -26.33 76.21 33.42
C4 CLA PJ . -27.74 76.35 33.00
C5 CLA PJ . -26.03 75.16 34.44
C6 CLA PJ . -24.55 74.98 34.74
C7 CLA PJ . -24.23 74.27 36.05
C8 CLA PJ . -25.25 74.43 37.18
C9 CLA PJ . -25.26 75.85 37.72
C10 CLA PJ . -24.92 73.49 38.33
C11 CLA PJ . -25.81 73.75 39.52
C12 CLA PJ . -25.24 73.25 40.84
C13 CLA PJ . -26.32 73.02 41.88
C14 CLA PJ . -27.58 72.44 41.26
C15 CLA PJ . -26.67 74.31 42.64
C16 CLA PJ . -27.64 74.02 43.76
C17 CLA PJ . -28.43 75.25 44.17
C18 CLA PJ . -27.82 75.96 45.36
C19 CLA PJ . -28.74 77.05 45.87
C20 CLA PJ . -27.51 74.98 46.48
MG CLA QJ . -17.74 93.50 54.33
CHA CLA QJ . -17.98 92.95 57.74
CHB CLA QJ . -20.42 91.48 53.80
CHC CLA QJ . -17.51 94.16 50.96
CHD CLA QJ . -14.89 95.52 54.90
NA CLA QJ . -18.97 92.39 55.59
C1A CLA QJ . -18.92 92.30 56.99
C2A CLA QJ . -20.01 91.37 57.51
C3A CLA QJ . -20.68 90.84 56.22
C4A CLA QJ . -20.00 91.63 55.11
CMA CLA QJ . -20.47 89.35 56.07
CAA CLA QJ . -21.01 92.12 58.37
CBA CLA QJ . -21.99 92.97 57.57
CGA CLA QJ . -22.32 94.20 58.32
O1A CLA QJ . -21.97 94.53 59.47
O2A CLA QJ . -23.12 95.08 57.63
NB CLA QJ . -18.73 92.89 52.69
C1B CLA QJ . -19.87 92.14 52.69
C2B CLA QJ . -20.45 92.09 51.32
C3B CLA QJ . -19.64 92.85 50.52
C4B CLA QJ . -18.53 93.36 51.37
CMB CLA QJ . -21.68 91.37 51.00
CAB CLA QJ . -19.72 93.15 49.10
CBB CLA QJ . -19.83 92.22 48.14
NC CLA QJ . -16.44 94.64 53.16
C1C CLA QJ . -16.55 94.77 51.81
C2C CLA QJ . -15.51 95.64 51.31
C3C CLA QJ . -14.73 96.02 52.41
C4C CLA QJ . -15.33 95.38 53.58
CMC CLA QJ . -15.40 95.99 49.89
CAC CLA QJ . -13.53 96.90 52.45
CBC CLA QJ . -13.74 98.24 53.11
ND CLA QJ . -16.68 94.17 55.91
C1D CLA QJ . -15.51 94.98 56.00
C2D CLA QJ . -15.14 95.10 57.43
C3D CLA QJ . -16.07 94.38 58.15
C4D CLA QJ . -16.99 93.80 57.15
CMD CLA QJ . -14.01 95.90 57.92
CAD CLA QJ . -16.52 93.95 59.46
OBD CLA QJ . -16.09 94.26 60.56
CBD CLA QJ . -17.72 92.98 59.24
CGD CLA QJ . -17.39 91.62 59.78
O1D CLA QJ . -17.91 91.05 60.74
O2D CLA QJ . -16.39 90.98 59.10
CED CLA QJ . -15.57 90.05 59.81
C1 CLA QJ . -23.19 96.42 58.14
C2 CLA QJ . -23.32 97.32 56.98
C3 CLA QJ . -23.17 98.66 57.06
C4 CLA QJ . -22.86 99.33 58.34
C5 CLA QJ . -23.31 99.53 55.86
MG CHL RJ . -28.72 98.00 64.26
CHA CHL RJ . -26.86 100.93 63.73
CHB CHL RJ . -28.47 98.57 67.61
CHC CHL RJ . -30.76 95.24 64.83
CHD CHL RJ . -28.70 97.28 60.74
NA CHL RJ . -27.89 99.40 65.42
C1A CHL RJ . -27.31 100.49 65.08
C2A CHL RJ . -27.07 101.42 66.24
C3A CHL RJ . -27.00 100.44 67.38
C4A CHL RJ . -27.83 99.36 66.77
CMA CHL RJ . -25.59 99.95 67.69
CAA CHL RJ . -28.25 102.35 66.53
CBA CHL RJ . -28.56 102.50 68.02
CGA CHL RJ . -29.97 102.13 68.42
O1A CHL RJ . -30.43 101.02 68.23
O2A CHL RJ . -30.83 103.13 69.05
NB CHL RJ . -29.48 97.08 65.93
C1B CHL RJ . -29.29 97.43 67.23
C2B CHL RJ . -29.96 96.59 68.26
C3B CHL RJ . -30.62 95.60 67.40
C4B CHL RJ . -30.29 95.99 66.01
CMB CHL RJ . -29.95 96.71 69.76
CAB CHL RJ . -31.48 94.48 67.85
CBB CHL RJ . -32.66 94.25 67.30
NC CHL RJ . -29.55 96.55 63.04
C1C CHL RJ . -30.33 95.55 63.47
C2C CHL RJ . -30.77 94.68 62.34
C3C CHL RJ . -30.17 95.27 61.14
C4C CHL RJ . -29.44 96.43 61.69
CMC CHL RJ . -31.62 93.47 62.39
OMC CHL RJ . -31.78 92.84 63.41
CAC CHL RJ . -30.28 94.81 59.69
CBC CHL RJ . -31.62 95.22 59.12
ND CHL RJ . -28.00 98.82 62.51
C1D CHL RJ . -28.02 98.50 61.22
C2D CHL RJ . -27.30 99.50 60.43
C3D CHL RJ . -26.84 100.47 61.44
C4D CHL RJ . -27.29 100.00 62.68
CMD CHL RJ . -26.97 99.74 58.97
CAD CHL RJ . -26.09 101.75 61.64
OBD CHL RJ . -25.54 102.44 60.70
CBD CHL RJ . -26.11 102.02 63.09
CGD CHL RJ . -24.67 102.06 63.51
O1D CHL RJ . -24.10 101.07 63.95
O2D CHL RJ . -23.92 103.29 63.34
CED CHL RJ . -22.50 103.32 63.47
MG CHL SJ . -25.51 91.73 54.06
CHA CHL SJ . -26.55 94.83 55.30
CHB CHL SJ . -26.60 92.68 51.01
CHC CHL SJ . -24.01 88.89 52.73
CHD CHL SJ . -24.89 90.53 57.39
NA CHL SJ . -26.28 93.41 53.27
C1A CHL SJ . -26.54 94.51 53.86
C2A CHL SJ . -26.97 95.62 52.96
C3A CHL SJ . -27.12 94.94 51.63
C4A CHL SJ . -26.63 93.57 51.98
CMA CHL SJ . -28.58 94.88 51.20
CAA CHL SJ . -25.98 96.77 52.86
CBA CHL SJ . -26.62 97.99 52.22
CGA CHL SJ . -27.21 98.84 53.33
O1A CHL SJ . -26.67 98.87 54.42
O2A CHL SJ . -28.42 99.62 53.11
NB CHL SJ . -25.33 90.93 52.18
C1B CHL SJ . -25.81 91.44 51.02
C2B CHL SJ . -25.56 90.66 49.78
C3B CHL SJ . -24.78 89.54 50.33
C4B CHL SJ . -24.69 89.80 51.78
CMB CHL SJ . -25.97 90.97 48.37
CAB CHL SJ . -24.21 88.40 49.55
CBB CHL SJ . -22.99 87.96 49.77
NC CHL SJ . -24.64 90.05 54.88
C1C CHL SJ . -24.10 89.04 54.18
C2C CHL SJ . -23.55 87.99 55.08
C3C CHL SJ . -23.81 88.45 56.45
C4C CHL SJ . -24.48 89.75 56.20
CMC CHL SJ . -22.88 86.72 54.71
OMC CHL SJ . -22.28 86.61 53.65
CAC CHL SJ . -23.47 87.81 57.77
CBC CHL SJ . -24.70 87.14 58.35
ND CHL SJ . -25.64 92.40 56.00
C1D CHL SJ . -25.38 91.90 57.21
C2D CHL SJ . -25.68 92.92 58.25
C3D CHL SJ . -26.15 94.08 57.48
C4D CHL SJ . -26.10 93.70 56.13
CMD CHL SJ . -25.62 93.02 59.76
CAD CHL SJ . -26.64 95.48 57.57
OBD CHL SJ . -26.81 96.11 58.68
CBD CHL SJ . -26.90 95.94 56.19
CGD CHL SJ . -28.36 96.21 56.06
O1D CHL SJ . -29.16 95.29 56.02
O2D CHL SJ . -28.84 97.57 56.01
CED CHL SJ . -30.23 97.83 55.84
C1 CHL SJ . -28.68 100.77 53.91
C2 CHL SJ . -28.80 101.99 53.03
C3 CHL SJ . -30.00 102.41 52.58
C4 CHL SJ . -31.24 101.67 52.98
MG CHL TJ . -23.50 82.41 53.67
CHA CHL TJ . -22.75 80.13 56.21
CHB CHL TJ . -21.04 80.97 51.81
CHC CHL TJ . -24.42 84.43 50.99
CHD CHL TJ . -25.92 84.04 55.76
NA CHL TJ . -22.18 80.93 53.91
C1A CHL TJ . -22.08 80.12 54.89
C2A CHL TJ . -21.11 79.00 54.69
C3A CHL TJ . -20.23 79.60 53.64
C4A CHL TJ . -21.19 80.58 53.07
CMA CHL TJ . -19.06 80.33 54.28
CAA CHL TJ . -21.87 77.80 54.15
CBA CHL TJ . -21.26 76.48 54.61
CGA CHL TJ . -21.21 75.52 53.44
O1A CHL TJ . -22.24 75.09 52.95
O2A CHL TJ . -19.92 75.11 52.91
NB CHL TJ . -22.83 82.64 51.73
C1B CHL TJ . -21.83 81.99 51.11
C2B CHL TJ . -21.55 82.35 49.70
C3B CHL TJ . -22.57 83.38 49.48
C4B CHL TJ . -23.30 83.48 50.77
CMB CHL TJ . -20.52 81.81 48.74
CAB CHL TJ . -22.82 84.14 48.24
CBB CHL TJ . -24.03 84.29 47.77
NC CHL TJ . -24.88 83.92 53.43
C1C CHL TJ . -25.08 84.59 52.28
C2C CHL TJ . -26.15 85.62 52.45
C3C CHL TJ . -26.60 85.53 53.85
C4C CHL TJ . -25.74 84.43 54.36
CMC CHL TJ . -26.66 86.57 51.43
OMC CHL TJ . -26.65 86.30 50.25
CAC CHL TJ . -27.65 86.32 54.57
CBC CHL TJ . -29.02 85.70 54.37
ND CHL TJ . -24.27 82.24 55.56
C1D CHL TJ . -25.19 82.87 56.30
C2D CHL TJ . -25.28 82.25 57.64
C3D CHL TJ . -24.31 81.15 57.59
C4D CHL TJ . -23.73 81.21 56.31
CMD CHL TJ . -26.08 82.44 58.91
CAD CHL TJ . -23.69 80.02 58.35
OBD CHL TJ . -23.98 79.69 59.56
CBD CHL TJ . -22.70 79.39 57.47
CGD CHL TJ . -21.37 79.63 58.10
O1D CHL TJ . -21.07 80.73 58.51
O2D CHL TJ . -20.42 78.54 58.23
CED CHL TJ . -19.13 78.79 58.76
C1 CHL TJ . -19.83 74.56 51.60
C2 CHL TJ . -19.65 75.66 50.58
C3 CHL TJ . -18.52 76.37 50.49
C4 CHL TJ . -17.36 76.08 51.39
C5 CHL TJ . -18.39 77.47 49.45
C6 CHL TJ . -19.74 77.74 48.80
C7 CHL TJ . -19.59 77.76 47.28
MG CHL UJ . -27.43 99.91 40.37
CHA CHL UJ . -24.77 97.66 40.09
CHB CHL UJ . -26.79 100.04 43.69
CHC CHL UJ . -30.10 102.11 40.73
CHD CHL UJ . -27.76 100.05 36.80
NA CHL UJ . -26.23 98.96 41.65
C1A CHL UJ . -25.27 98.15 41.39
C2A CHL UJ . -24.58 97.61 42.61
C3A CHL UJ . -25.54 97.98 43.69
C4A CHL UJ . -26.27 99.06 42.98
CMA CHL UJ . -26.50 96.85 44.02
CAA CHL UJ . -23.22 98.27 42.83
CBA CHL UJ . -23.09 99.63 42.15
CGA CHL UJ . -21.74 100.25 42.48
NB CHL UJ . -28.29 100.89 41.95
C1B CHL UJ . -27.92 100.85 43.26
C2B CHL UJ . -28.72 101.68 44.22
C3B CHL UJ . -29.68 102.26 43.29
C4B CHL UJ . -29.35 101.75 41.95
CMB CHL UJ . -28.57 101.85 45.70
CAB CHL UJ . -30.77 103.21 43.63
CBB CHL UJ . -30.80 104.37 43.02
NC CHL UJ . -28.68 100.88 39.05
C1C CHL UJ . -29.67 101.71 39.38
C2C CHL UJ . -30.38 102.24 38.18
C3C CHL UJ . -29.70 101.65 37.03
C4C CHL UJ . -28.66 100.81 37.68
CMC CHL UJ . -31.53 103.18 38.11
OMC CHL UJ . -32.25 103.38 39.07
CAC CHL UJ . -30.00 101.84 35.57
CBC CHL UJ . -29.27 103.08 35.08
ND CHL UJ . -26.55 99.10 38.71
C1D CHL UJ . -26.71 99.19 37.38
C2D CHL UJ . -25.72 98.34 36.68
C3D CHL UJ . -24.95 97.72 37.78
C4D CHL UJ . -25.50 98.24 38.96
CMD CHL UJ . -25.37 97.97 35.25
CAD CHL UJ . -23.83 96.80 38.11
OBD CHL UJ . -23.12 96.16 37.25
CBD CHL UJ . -23.72 96.78 39.59
CGD CHL UJ . -23.87 95.40 40.15
O1D CHL UJ . -24.95 94.94 40.43
O2D CHL UJ . -22.66 94.64 40.43
CED CHL UJ . -22.17 94.57 41.76
MG CHL VJ . -29.49 89.02 41.10
CHA CHL VJ . -28.47 88.28 37.87
CHB CHL VJ . -32.28 90.19 39.81
CHC CHL VJ . -30.74 88.95 44.29
CHD CHL VJ . -26.13 89.09 42.29
NA CHL VJ . -30.36 88.92 39.32
C1A CHL VJ . -29.88 88.45 38.25
C2A CHL VJ . -30.92 88.08 37.23
C3A CHL VJ . -32.16 88.74 37.80
C4A CHL VJ . -31.60 89.33 39.06
CMA CHL VJ . -32.71 89.82 36.88
CAA CHL VJ . -31.05 86.58 37.05
CBA CHL VJ . -31.21 85.88 38.39
CGA CHL VJ . -31.27 84.38 38.16
O1A CHL VJ . -31.65 83.95 37.10
O2A CHL VJ . -30.89 83.44 39.21
NB CHL VJ . -31.29 89.50 41.94
C1B CHL VJ . -32.37 89.98 41.27
C2B CHL VJ . -33.56 90.27 42.10
C3B CHL VJ . -33.07 89.89 43.43
C4B CHL VJ . -31.67 89.43 43.22
CMB CHL VJ . -34.92 90.80 41.71
CAB CHL VJ . -33.85 89.97 44.69
CBB CHL VJ . -33.61 89.18 45.71
NC CHL VJ . -28.60 89.03 42.95
C1C CHL VJ . -29.27 89.00 44.11
C2C CHL VJ . -28.33 89.02 45.27
C3C CHL VJ . -26.97 89.06 44.68
C4C CHL VJ . -27.27 89.06 43.23
CMC CHL VJ . -28.63 89.01 46.72
OMC CHL VJ . -29.77 89.06 47.12
CAC CHL VJ . -25.63 89.09 45.37
CBC CHL VJ . -25.38 87.82 46.14
ND CHL VJ . -27.60 88.76 40.36
C1D CHL VJ . -26.36 88.78 40.86
C2D CHL VJ . -25.40 88.50 39.76
C3D CHL VJ . -26.24 88.30 38.57
C4D CHL VJ . -27.55 88.47 39.01
CMD CHL VJ . -23.90 88.38 39.62
CAD CHL VJ . -26.27 88.00 37.11
OBD CHL VJ . -25.18 87.80 36.47
CBD CHL VJ . -27.68 87.99 36.67
CGD CHL VJ . -27.97 89.14 35.73
O1D CHL VJ . -28.28 90.25 36.16
O2D CHL VJ . -27.88 88.98 34.29
CED CHL VJ . -28.37 89.88 33.30
C1 CHL VJ . -30.58 82.10 38.88
C2 CHL VJ . -29.39 81.60 39.67
MG CLA WJ . -16.74 100.31 37.25
CHA CLA WJ . -18.48 102.70 35.44
CHB CLA WJ . -13.98 100.92 35.36
CHC CLA WJ . -14.98 98.08 39.19
CHD CLA WJ . -19.64 99.72 39.19
NA CLA WJ . -16.33 101.59 35.66
C1A CLA WJ . -17.18 102.52 35.06
C2A CLA WJ . -16.48 103.27 33.93
C3A CLA WJ . -15.13 102.54 33.81
C4A CLA WJ . -15.11 101.63 35.04
CMA CLA WJ . -15.07 101.76 32.52
CAA CLA WJ . -16.25 104.72 34.33
CBA CLA WJ . -15.94 104.87 35.81
CGA CLA WJ . -14.47 104.96 36.04
O1A CLA WJ . -13.68 105.82 35.64
O2A CLA WJ . -13.98 103.92 36.79
NB CLA WJ . -14.85 99.60 37.25
C1B CLA WJ . -13.85 100.04 36.44
C2B CLA WJ . -12.56 99.42 36.85
C3B CLA WJ . -12.83 98.61 37.94
C4B CLA WJ . -14.29 98.71 38.20
CMB CLA WJ . -11.30 99.71 36.16
CAB CLA WJ . -11.95 97.80 38.74
CBB CLA WJ . -10.74 98.16 39.18
NC CLA WJ . -17.24 99.11 38.88
C1C CLA WJ . -16.36 98.26 39.52
C2C CLA WJ . -17.05 97.57 40.61
C3C CLA WJ . -18.36 98.04 40.61
C4C CLA WJ . -18.47 99.01 39.53
CMC CLA WJ . -16.42 96.60 41.50
CAC CLA WJ . -19.43 97.65 41.54
CBC CLA WJ . -19.69 98.69 42.60
ND CLA WJ . -18.63 100.99 37.35
C1D CLA WJ . -19.74 100.66 38.18
C2D CLA WJ . -20.92 101.45 37.76
C3D CLA WJ . -20.48 102.26 36.72
C4D CLA WJ . -19.06 101.93 36.51
CMD CLA WJ . -22.24 101.36 38.38
CAD CLA WJ . -20.85 103.28 35.75
OBD CLA WJ . -21.93 103.84 35.58
CBD CLA WJ . -19.57 103.58 34.89
CGD CLA WJ . -19.81 103.29 33.44
O1D CLA WJ . -19.20 102.49 32.73
O2D CLA WJ . -20.81 104.02 32.88
CED CLA WJ . -20.44 105.21 32.17
C1 CLA WJ . -12.54 103.83 36.89
C2 CLA WJ . -12.22 102.85 37.96
C3 CLA WJ . -11.30 103.09 38.91
C4 CLA WJ . -10.54 104.36 38.95
C5 CLA WJ . -11.00 102.09 39.98
C6 CLA WJ . -11.21 102.64 41.38
C7 CLA WJ . -10.76 101.66 42.44
C8 CLA WJ . -11.44 101.92 43.78
C9 CLA WJ . -11.04 103.26 44.34
C10 CLA WJ . -11.11 100.81 44.79
C11 CLA WJ . -11.57 101.13 46.19
C12 CLA WJ . -13.03 100.75 46.43
C13 CLA WJ . -13.22 100.06 47.76
C14 CLA WJ . -13.91 98.73 47.58
C15 CLA WJ . -14.03 100.93 48.72
C16 CLA WJ . -15.40 101.20 48.13
C17 CLA WJ . -16.05 102.42 48.77
C18 CLA WJ . -16.03 102.33 50.28
C19 CLA WJ . -16.32 103.67 50.91
MG CLA XJ . -6.02 95.65 40.44
CHA CLA XJ . -5.23 97.57 37.74
CHB CLA XJ . -8.05 98.12 41.60
CHC CLA XJ . -6.65 93.73 43.19
CHD CLA XJ . -3.99 93.02 39.11
NA CLA XJ . -6.55 97.53 39.74
C1A CLA XJ . -6.12 98.16 38.56
C2A CLA XJ . -6.76 99.55 38.40
C3A CLA XJ . -7.76 99.61 39.58
C4A CLA XJ . -7.44 98.35 40.38
CMA CLA XJ . -7.59 100.86 40.43
CAA CLA XJ . -7.53 99.69 37.10
CBA CLA XJ . -8.08 101.08 36.88
CGA CLA XJ . -7.04 102.03 36.39
O1A CLA XJ . -6.84 102.47 35.27
O2A CLA XJ . -6.20 102.46 37.38
NB CLA XJ . -7.26 95.81 41.99
C1B CLA XJ . -7.80 97.00 42.40
C2B CLA XJ . -8.09 96.97 43.86
C3B CLA XJ . -7.71 95.73 44.30
C4B CLA XJ . -7.18 94.99 43.14
CMB CLA XJ . -8.66 98.10 44.59
CAB CLA XJ . -7.74 95.17 45.63
CBB CLA XJ . -8.37 94.05 45.96
NC CLA XJ . -5.42 93.73 41.03
C1C CLA XJ . -5.81 93.15 42.19
C2C CLA XJ . -5.24 91.81 42.29
C3C CLA XJ . -4.48 91.60 41.14
C4C CLA XJ . -4.62 92.81 40.35
CMC CLA XJ . -5.45 90.94 43.45
CAC CLA XJ . -3.71 90.41 40.77
CBC CLA XJ . -2.53 90.10 41.65
ND CLA XJ . -4.73 95.36 38.91
C1D CLA XJ . -4.04 94.21 38.43
C2D CLA XJ . -3.36 94.54 37.16
C3D CLA XJ . -3.72 95.85 36.91
C4D CLA XJ . -4.64 96.28 37.97
CAD CLA XJ . -3.59 96.97 36.03
CBD CLA XJ . -4.66 98.03 36.43
C1 CLA XJ . -6.09 103.89 37.49
C2 CLA XJ . -5.54 104.16 38.84
C3 CLA XJ . -5.60 105.37 39.43
C4 CLA XJ . -6.22 106.54 38.78
C5 CLA XJ . -5.03 105.56 40.79
C6 CLA XJ . -5.02 104.28 41.61
C7 CLA XJ . -6.38 104.04 42.25
C8 CLA XJ . -6.30 103.99 43.78
C9 CLA XJ . -6.07 105.37 44.35
C10 CLA XJ . -5.19 103.02 44.23
C11 CLA XJ . -5.66 101.59 44.21
C12 CLA XJ . -6.89 101.36 45.05
C13 CLA XJ . -6.59 101.38 46.54
C14 CLA XJ . -5.50 100.38 46.88
C15 CLA XJ . -7.84 101.10 47.37
MG CLA YJ . -4.51 78.00 45.33
CHA CLA YJ . -3.08 76.15 47.89
CHB CLA YJ . -2.34 80.54 45.94
CHC CLA YJ . -5.87 79.74 42.68
CHD CLA YJ . -6.74 75.32 44.70
NA CLA YJ . -2.97 78.28 46.70
C1A CLA YJ . -2.53 77.39 47.68
C2A CLA YJ . -1.36 77.98 48.48
C3A CLA YJ . -1.21 79.40 47.89
C4A CLA YJ . -2.23 79.44 46.75
CMA CLA YJ . -1.49 80.48 48.91
CAA CLA YJ . -0.09 77.19 48.24
CBA CLA YJ . 0.39 77.29 46.81
CGA CLA YJ . -0.12 76.12 46.00
O1A CLA YJ . 0.06 74.92 46.20
O2A CLA YJ . -0.87 76.50 44.92
NB CLA YJ . -4.15 79.78 44.46
C1B CLA YJ . -3.24 80.70 44.88
C2B CLA YJ . -3.33 81.93 44.04
C3B CLA YJ . -4.33 81.70 43.11
C4B CLA YJ . -4.86 80.34 43.37
CMB CLA YJ . -2.49 83.11 44.24
CAB CLA YJ . -4.84 82.56 42.07
CBB CLA YJ . -5.23 83.82 42.23
NC CLA YJ . -6.04 77.60 43.96
C1C CLA YJ . -6.42 78.45 42.96
C2C CLA YJ . -7.50 77.85 42.19
C3C CLA YJ . -7.76 76.61 42.75
C4C CLA YJ . -6.82 76.44 43.87
CMC CLA YJ . -8.17 78.49 41.04
CAC CLA YJ . -8.75 75.63 42.29
CBC CLA YJ . -8.12 74.52 41.47
ND CLA YJ . -4.94 76.20 46.12
C1D CLA YJ . -5.87 75.19 45.76
C2D CLA YJ . -5.72 74.04 46.68
C3D CLA YJ . -4.67 74.35 47.53
C4D CLA YJ . -4.21 75.70 47.12
CMD CLA YJ . -6.53 72.83 46.64
CAD CLA YJ . -3.85 73.93 48.65
OBD CLA YJ . -3.94 72.92 49.34
CBD CLA YJ . -2.78 75.05 48.87
CGD CLA YJ . -2.77 75.55 50.29
O1D CLA YJ . -3.48 76.44 50.76
O2D CLA YJ . -1.87 74.93 51.11
CED CLA YJ . -1.32 75.68 52.19
C1 CLA YJ . -1.84 75.54 44.45
C2 CLA YJ . -2.33 76.05 43.13
C3 CLA YJ . -3.27 75.44 42.42
C4 CLA YJ . -3.94 74.20 42.88
C5 CLA YJ . -3.71 75.99 41.11
C6 CLA YJ . -3.10 77.34 40.80
C7 CLA YJ . -2.42 77.35 39.45
C8 CLA YJ . -2.15 78.76 38.95
C9 CLA YJ . -3.44 79.53 38.80
C10 CLA YJ . -1.40 78.74 37.62
C11 CLA YJ . -0.02 79.35 37.75
C12 CLA YJ . 1.03 78.46 37.11
C13 CLA YJ . 2.45 78.76 37.60
C14 CLA YJ . 3.26 77.47 37.53
C15 CLA YJ . 2.50 79.35 39.01
C16 CLA YJ . 3.11 80.75 39.06
C17 CLA YJ . 3.63 81.12 40.44
C18 CLA YJ . 4.13 82.55 40.58
C19 CLA YJ . 3.06 83.45 41.17
C20 CLA YJ . 5.35 82.61 41.47
MG CLA ZJ . 4.79 79.60 44.90
CHA CLA ZJ . 3.71 76.76 43.26
CHB CLA ZJ . 7.92 78.24 45.19
CHC CLA ZJ . 5.80 82.40 46.60
CHD CLA ZJ . 1.54 80.97 44.62
NA CLA ZJ . 5.65 77.79 44.30
C1A CLA ZJ . 5.03 76.73 43.62
C2A CLA ZJ . 6.02 75.59 43.39
C3A CLA ZJ . 7.34 76.12 43.98
C4A CLA ZJ . 6.96 77.49 44.54
CMA CLA ZJ . 7.86 75.22 45.08
CAA CLA ZJ . 6.22 75.21 41.91
CBA CLA ZJ . 6.02 76.33 40.92
CGA CLA ZJ . 6.39 75.81 39.56
O1A CLA ZJ . 6.75 74.68 39.25
O2A CLA ZJ . 6.33 76.74 38.56
NB CLA ZJ . 6.55 80.25 45.61
C1B CLA ZJ . 7.67 79.48 45.77
C2B CLA ZJ . 8.63 80.15 46.70
C3B CLA ZJ . 8.01 81.30 47.08
C4B CLA ZJ . 6.70 81.38 46.42
CMB CLA ZJ . 9.93 79.57 47.05
CAB CLA ZJ . 8.35 82.34 48.00
CBB CLA ZJ . 7.87 82.35 49.25
NC CLA ZJ . 3.85 81.38 45.47
C1C CLA ZJ . 4.46 82.39 46.14
C2C CLA ZJ . 3.52 83.49 46.36
C3C CLA ZJ . 2.30 83.07 45.84
C4C CLA ZJ . 2.52 81.75 45.28
CMC CLA ZJ . 3.84 84.76 47.03
CAC CLA ZJ . 1.05 83.83 45.81
CBC CLA ZJ . 0.91 84.63 44.53
ND CLA ZJ . 3.00 79.03 44.22
C1D CLA ZJ . 1.74 79.70 44.13
C2D CLA ZJ . 0.78 78.82 43.43
C3D CLA ZJ . 1.47 77.67 43.09
C4D CLA ZJ . 2.85 77.87 43.58
CMD CLA ZJ . -0.61 79.16 43.18
CAD CLA ZJ . 1.42 76.37 42.44
OBD CLA ZJ . 0.47 75.81 41.91
CBD CLA ZJ . 2.85 75.76 42.52
CGD CLA ZJ . 2.85 74.43 43.22
O1D CLA ZJ . 3.78 73.62 43.32
O2D CLA ZJ . 1.66 74.11 43.81
CED CLA ZJ . 1.35 72.72 43.95
C1 LUT AK . -4.39 85.15 47.84
C2 LUT AK . -4.11 84.03 48.86
C3 LUT AK . -4.71 82.66 48.56
C4 LUT AK . -6.13 82.82 48.04
C5 LUT AK . -6.03 83.62 46.77
C6 LUT AK . -5.39 84.78 46.76
C7 LUT AK . -5.64 85.75 45.68
C8 LUT AK . -6.74 86.49 45.64
C9 LUT AK . -6.95 87.45 44.54
C10 LUT AK . -8.04 88.25 44.54
C11 LUT AK . -8.29 89.21 43.47
C12 LUT AK . -9.11 90.24 43.73
C13 LUT AK . -9.46 91.33 42.79
C14 LUT AK . -10.28 92.30 43.21
C15 LUT AK . -10.61 93.44 42.36
C16 LUT AK . -3.08 85.49 47.14
C17 LUT AK . -4.90 86.37 48.58
C18 LUT AK . -6.65 83.07 45.52
C19 LUT AK . -5.96 87.49 43.42
C20 LUT AK . -8.89 91.42 41.41
O3 LUT AK . -4.73 81.87 49.76
C21 LUT AK . -15.54 105.50 41.59
C22 LUT AK . -15.69 106.82 40.85
C23 LUT AK . -16.46 106.81 39.53
C24 LUT AK . -17.22 105.53 39.25
C25 LUT AK . -16.88 104.38 39.84
C26 LUT AK . -15.63 104.29 40.65
C27 LUT AK . -15.63 103.04 41.50
C28 LUT AK . -14.77 102.07 41.22
C29 LUT AK . -14.74 100.84 42.03
C30 LUT AK . -13.74 99.96 41.82
C31 LUT AK . -13.58 98.72 42.57
C32 LUT AK . -12.66 97.86 42.12
C33 LUT AK . -12.37 96.60 42.81
C34 LUT AK . -11.49 95.74 42.28
C35 LUT AK . -11.14 94.49 42.97
C36 LUT AK . -16.57 105.38 42.69
C37 LUT AK . -14.16 105.48 42.23
C38 LUT AK . -17.77 103.18 39.67
C39 LUT AK . -15.78 100.59 43.07
C40 LUT AK . -13.04 96.28 44.12
O23 LUT AK . -15.56 107.08 38.44
C1 LUT BK . -18.91 86.18 51.19
C2 LUT BK . -18.58 86.20 52.68
C3 LUT BK . -18.10 87.53 53.23
C4 LUT BK . -17.22 88.26 52.22
C5 LUT BK . -18.04 88.50 50.98
C6 LUT BK . -18.79 87.52 50.50
C7 LUT BK . -19.53 87.69 49.22
C8 LUT BK . -18.89 87.46 48.09
C9 LUT BK . -19.50 87.55 46.75
C10 LUT BK . -18.84 86.94 45.76
C11 LUT BK . -19.26 86.85 44.37
C12 LUT BK . -18.56 85.97 43.65
C13 LUT BK . -18.78 85.65 42.24
C14 LUT BK . -18.03 84.68 41.70
C15 LUT BK . -18.21 84.24 40.32
C16 LUT BK . -20.35 85.71 51.03
C17 LUT BK . -17.97 85.17 50.52
C18 LUT BK . -18.00 89.84 50.32
C19 LUT BK . -20.79 88.28 46.51
C20 LUT BK . -19.83 86.35 41.44
O3 LUT BK . -17.35 87.29 54.43
C21 LUT BK . -16.36 77.47 29.42
C22 LUT BK . -16.57 77.17 27.95
C23 LUT BK . -15.65 78.00 27.06
C24 LUT BK . -15.74 79.45 27.45
C25 LUT BK . -15.99 79.84 28.71
C26 LUT BK . -16.60 78.93 29.74
C27 LUT BK . -16.01 79.22 31.10
C28 LUT BK . -16.80 79.61 32.09
C29 LUT BK . -16.24 79.89 33.43
C30 LUT BK . -16.99 80.52 34.34
C31 LUT BK . -16.48 80.81 35.68
C32 LUT BK . -17.10 81.77 36.36
C33 LUT BK . -16.72 82.19 37.72
C34 LUT BK . -17.56 82.99 38.38
C35 LUT BK . -17.31 83.44 39.75
C36 LUT BK . -14.94 77.11 29.84
C37 LUT BK . -17.34 76.64 30.23
C38 LUT BK . -15.65 81.25 29.10
C39 LUT BK . -14.84 79.48 33.78
C40 LUT BK . -15.44 81.73 38.35
O23 LUT BK . -16.07 77.86 25.70
C1 NEX CK . -39.12 107.12 45.31
C2 NEX CK . -39.95 107.02 44.04
C3 NEX CK . -39.88 108.34 43.29
C4 NEX CK . -38.46 108.48 42.76
C5 NEX CK . -37.49 108.69 43.92
C6 NEX CK . -37.73 107.66 45.01
C7 NEX CK . -36.77 107.28 45.74
C8 NEX CK . -35.84 106.89 46.48
C9 NEX CK . -35.34 105.50 46.43
C10 NEX CK . -34.62 105.05 47.46
C11 NEX CK . -34.08 103.69 47.43
C12 NEX CK . -33.42 103.19 48.47
C13 NEX CK . -32.88 101.83 48.33
C14 NEX CK . -31.83 101.47 49.05
C15 NEX CK . -31.26 100.14 48.86
C16 NEX CK . -39.00 105.74 45.97
C17 NEX CK . -39.79 108.08 46.27
C18 NEX CK . -36.07 108.58 43.41
C19 NEX CK . -35.61 104.64 45.23
C20 NEX CK . -33.48 100.87 47.34
O3 NEX CK . -40.83 108.35 42.22
O4 NEX CK . -37.67 110.00 44.46
C21 NEX CK . -20.56 97.13 51.27
C22 NEX CK . -19.49 96.77 52.28
C23 NEX CK . -20.03 96.89 53.69
C24 NEX CK . -20.97 95.73 53.88
C25 NEX CK . -22.16 95.80 52.91
C26 NEX CK . -21.94 96.53 51.57
C27 NEX CK . -22.63 95.81 50.42
C28 NEX CK . -23.65 96.36 49.78
C29 NEX CK . -24.29 95.60 48.68
C30 NEX CK . -25.37 96.06 48.04
C31 NEX CK . -25.99 97.34 48.35
C32 NEX CK . -27.32 97.41 48.33
C33 NEX CK . -28.00 98.69 48.62
C34 NEX CK . -29.32 98.72 48.75
C35 NEX CK . -29.95 100.01 48.98
C36 NEX CK . -20.09 96.67 49.90
C37 NEX CK . -20.69 98.65 51.26
C38 NEX CK . -22.98 94.51 52.70
C39 NEX CK . -23.70 94.27 48.30
C40 NEX CK . -27.21 99.96 48.71
O23 NEX CK . -18.95 96.79 54.64
O24 NEX CK . -22.76 97.07 52.62
MG CHL DK . 27.34 -58.74 -40.81
CHA CHL DK . 24.45 -60.54 -40.11
CHB CHL DK . 26.58 -56.73 -38.19
CHC CHL DK . 30.25 -56.97 -41.40
CHD CHL DK . 28.15 -60.96 -43.50
NA CHL DK . 25.84 -58.58 -39.49
C1A CHL DK . 24.84 -59.35 -39.35
C2A CHL DK . 23.89 -58.95 -38.28
C3A CHL DK . 24.40 -57.61 -37.86
C4A CHL DK . 25.71 -57.62 -38.58
CMA CHL DK . 23.51 -56.48 -38.35
CAA CHL DK . 23.93 -59.85 -37.06
CBA CHL DK . 23.02 -59.20 -36.04
CGA CHL DK . 23.12 -59.84 -34.68
O1A CHL DK . 22.14 -59.93 -33.97
O2A CHL DK . 24.38 -60.34 -34.19
NB CHL DK . 28.25 -57.13 -39.94
C1B CHL DK . 27.83 -56.41 -38.88
C2B CHL DK . 28.68 -55.29 -38.45
C3B CHL DK . 29.75 -55.39 -39.42
C4B CHL DK . 29.41 -56.54 -40.27
CMB CHL DK . 28.49 -54.31 -37.32
CAB CHL DK . 30.94 -54.52 -39.49
CBB CHL DK . 32.13 -55.06 -39.57
NC CHL DK . 28.87 -58.93 -42.16
C1C CHL DK . 29.92 -58.12 -42.23
C2C CHL DK . 30.83 -58.53 -43.32
C3C CHL DK . 30.24 -59.70 -43.94
C4C CHL DK . 29.01 -59.85 -43.14
CMC CHL DK . 32.10 -57.89 -43.73
OMC CHL DK . 32.43 -56.80 -43.30
CAC CHL DK . 30.71 -60.53 -45.09
CBC CHL DK . 29.93 -60.16 -46.33
ND CHL DK . 26.57 -60.40 -41.71
C1D CHL DK . 26.93 -61.18 -42.72
C2D CHL DK . 25.94 -62.24 -42.91
C3D CHL DK . 24.94 -62.00 -41.86
C4D CHL DK . 25.39 -60.86 -41.18
CMD CHL DK . 25.83 -63.38 -43.86
CAD CHL DK . 23.68 -62.43 -41.23
OBD CHL DK . 22.99 -63.44 -41.62
CBD CHL DK . 23.36 -61.51 -40.14
CGD CHL DK . 22.10 -60.84 -40.49
O1D CHL DK . 21.69 -60.88 -41.64
O2D CHL DK . 21.30 -60.15 -39.51
CED CHL DK . 20.11 -59.51 -39.96
C1 CHL DK . 24.32 -61.20 -33.06
C2 CHL DK . 25.09 -62.46 -33.34
C3 CHL DK . 26.37 -62.50 -32.97
C4 CHL DK . 26.98 -61.34 -32.26
C5 CHL DK . 27.21 -63.73 -33.21
C6 CHL DK . 26.76 -64.54 -34.41
C7 CHL DK . 27.86 -65.56 -34.68
MG CLA EK . 35.75 -48.63 -41.60
CHA CLA EK . 33.71 -48.54 -44.38
CHB CLA EK . 36.69 -45.44 -42.22
CHC CLA EK . 37.68 -48.72 -38.79
CHD CLA EK . 34.75 -51.95 -41.01
NA CLA EK . 35.28 -47.23 -43.08
C1A CLA EK . 34.39 -47.39 -44.15
C2A CLA EK . 34.33 -46.12 -45.00
C3A CLA EK . 35.40 -45.22 -44.36
C4A CLA EK . 35.82 -46.00 -43.12
CMA CLA EK . 36.55 -45.03 -45.30
CAA CLA EK . 33.00 -45.44 -44.95
CBA CLA EK . 32.44 -45.41 -43.54
CGA CLA EK . 32.79 -44.12 -42.86
O1A CLA EK . 32.34 -43.00 -43.07
O2A CLA EK . 33.73 -44.28 -41.90
NB CLA EK . 37.04 -47.37 -40.75
C1B CLA EK . 37.16 -46.05 -41.05
C2B CLA EK . 37.86 -45.33 -39.96
C3B CLA EK . 38.14 -46.25 -39.00
C4B CLA EK . 37.62 -47.56 -39.48
CMB CLA EK . 38.13 -43.90 -39.98
CAB CLA EK . 38.77 -46.07 -37.73
CBB CLA EK . 40.07 -46.28 -37.51
NC CLA EK . 36.15 -50.08 -40.18
C1C CLA EK . 36.98 -49.92 -39.12
C2C CLA EK . 37.04 -51.14 -38.34
C3C CLA EK . 36.20 -52.05 -38.95
C4C CLA EK . 35.64 -51.38 -40.11
CMC CLA EK . 37.84 -51.36 -37.13
CAC CLA EK . 35.94 -53.42 -38.52
CBC CLA EK . 34.81 -53.50 -37.52
ND CLA EK . 34.46 -49.95 -42.39
C1D CLA EK . 34.19 -51.31 -42.09
C2D CLA EK . 33.24 -51.83 -43.08
C3D CLA EK . 33.00 -50.80 -43.96
C4D CLA EK . 33.82 -49.67 -43.51
CMD CLA EK . 32.68 -53.17 -43.05
CAD CLA EK . 32.27 -50.36 -45.12
OBD CLA EK . 31.40 -50.94 -45.74
CBD CLA EK . 32.79 -48.95 -45.49
CGD CLA EK . 33.61 -49.07 -46.72
O1D CLA EK . 33.28 -48.93 -47.90
O2D CLA EK . 34.90 -49.38 -46.44
CED CLA EK . 35.90 -48.55 -47.01
C1 CLA EK . 33.87 -43.20 -40.95
C2 CLA EK . 34.30 -43.85 -39.70
C3 CLA EK . 34.54 -43.21 -38.56
C4 CLA EK . 34.39 -41.74 -38.46
C5 CLA EK . 34.97 -43.94 -37.35
C6 CLA EK . 35.35 -43.03 -36.20
C7 CLA EK . 35.20 -43.77 -34.89
C8 CLA EK . 33.82 -43.57 -34.29
C9 CLA EK . 33.38 -42.15 -34.45
C10 CLA EK . 33.83 -43.93 -32.81
C11 CLA EK . 33.91 -45.43 -32.59
C12 CLA EK . 33.91 -45.76 -31.11
C13 CLA EK . 33.91 -47.25 -30.85
C14 CLA EK . 32.64 -47.88 -31.35
C15 CLA EK . 34.09 -47.51 -29.36
C16 CLA EK . 34.25 -48.98 -29.00
C17 CLA EK . 34.59 -49.17 -27.53
C18 CLA EK . 34.28 -50.56 -26.98
C19 CLA EK . 32.86 -50.99 -27.26
C20 CLA EK . 34.55 -50.61 -25.49
MG CLA FK . 42.74 -42.59 -33.77
CHA CLA FK . 42.68 -39.98 -36.04
CHB CLA FK . 39.43 -43.05 -34.25
CHC CLA FK . 42.90 -45.31 -31.70
CHD CLA FK . 46.17 -42.00 -33.25
NA CLA FK . 41.31 -41.64 -34.95
C1A CLA FK . 41.48 -40.59 -35.85
C2A CLA FK . 40.17 -40.20 -36.50
C3A CLA FK . 39.14 -41.09 -35.78
C4A CLA FK . 40.01 -42.01 -34.94
CMA CLA FK . 38.24 -40.25 -34.93
CAA CLA FK . 40.18 -40.52 -37.97
CBA CLA FK . 38.94 -39.98 -38.65
CGA CLA FK . 39.09 -38.49 -38.74
O1A CLA FK . 39.60 -37.81 -39.63
O2A CLA FK . 38.59 -37.84 -37.64
NB CLA FK . 41.43 -43.96 -33.15
C1B CLA FK . 40.10 -43.94 -33.41
C2B CLA FK . 39.44 -45.04 -32.67
C3B CLA FK . 40.41 -45.68 -31.94
C4B CLA FK . 41.69 -45.00 -32.23
CMB CLA FK . 38.00 -45.28 -32.72
CAB CLA FK . 40.29 -46.79 -31.04
CBB CLA FK . 40.42 -46.70 -29.72
NC CLA FK . 44.26 -43.47 -32.67
C1C CLA FK . 44.11 -44.58 -31.88
C2C CLA FK . 45.37 -44.94 -31.28
C3C CLA FK . 46.29 -44.01 -31.72
C4C CLA FK . 45.60 -43.09 -32.59
CMC CLA FK . 45.59 -46.07 -30.38
CAC CLA FK . 47.71 -43.97 -31.36
CBC CLA FK . 48.51 -44.77 -32.36
ND CLA FK . 44.12 -41.24 -34.35
C1D CLA FK . 45.50 -41.13 -34.08
C2D CLA FK . 46.03 -39.97 -34.83
C3D CLA FK . 45.00 -39.50 -35.60
C4D CLA FK . 43.83 -40.34 -35.29
CMD CLA FK . 47.39 -39.49 -34.74
CAD CLA FK . 44.55 -38.49 -36.54
OBD CLA FK . 45.15 -37.52 -36.97
CBD CLA FK . 43.10 -38.84 -36.93
CGD CLA FK . 42.19 -37.67 -36.76
O1D CLA FK . 41.65 -37.01 -37.65
O2D CLA FK . 41.99 -37.33 -35.47
CED CLA FK . 41.39 -36.07 -35.19
C1 CLA FK . 37.63 -36.78 -37.85
C2 CLA FK . 38.01 -35.67 -36.94
C3 CLA FK . 37.44 -35.43 -35.75
C4 CLA FK . 37.88 -34.31 -34.90
C5 CLA FK . 36.34 -36.27 -35.20
C6 CLA FK . 36.27 -36.23 -33.69
C7 CLA FK . 35.31 -37.32 -33.24
C8 CLA FK . 35.00 -37.27 -31.75
C9 CLA FK . 34.44 -35.92 -31.37
C10 CLA FK . 36.25 -37.55 -30.94
C11 CLA FK . 35.94 -37.70 -29.47
C12 CLA FK . 37.20 -37.62 -28.63
C13 CLA FK . 36.89 -37.71 -27.14
C14 CLA FK . 36.60 -36.35 -26.55
C15 CLA FK . 38.02 -38.41 -26.37
C16 CLA FK . 37.65 -38.68 -24.93
C17 CLA FK . 36.49 -39.64 -24.80
C18 CLA FK . 36.03 -39.81 -23.36
C19 CLA FK . 34.86 -40.77 -23.26
C20 CLA FK . 35.68 -38.47 -22.74
MG CLA GK . 58.45 -54.05 -30.62
CHA CLA GK . 60.42 -54.71 -27.86
CHB CLA GK . 57.98 -50.92 -29.52
CHC CLA GK . 56.66 -53.42 -33.46
CHD CLA GK . 58.84 -57.39 -31.63
NA CLA GK . 59.13 -53.00 -28.96
C1A CLA GK . 59.98 -53.44 -27.95
C2A CLA GK . 60.27 -52.34 -26.94
C3A CLA GK . 59.40 -51.19 -27.45
C4A CLA GK . 58.81 -51.70 -28.75
CMA CLA GK . 58.26 -51.01 -26.50
CAA CLA GK . 61.75 -51.98 -27.04
CBA CLA GK . 62.16 -51.53 -28.42
CGA CLA GK . 63.56 -51.96 -28.79
O1A CLA GK . 64.48 -52.32 -28.05
O2A CLA GK . 63.79 -51.93 -30.13
NB CLA GK . 57.65 -52.40 -31.44
C1B CLA GK . 57.33 -51.34 -30.68
C2B CLA GK . 56.11 -50.69 -31.20
C3B CLA GK . 55.75 -51.38 -32.31
C4B CLA GK . 56.72 -52.48 -32.49
CMB CLA GK . 55.52 -49.51 -30.58
CAB CLA GK . 54.65 -51.16 -33.20
CBB CLA GK . 54.55 -50.09 -33.99
NC CLA GK . 57.90 -55.20 -32.27
C1C CLA GK . 57.23 -54.71 -33.35
C2C CLA GK . 57.12 -55.75 -34.35
C3C CLA GK . 57.66 -56.91 -33.79
C4C CLA GK . 58.16 -56.54 -32.50
CMC CLA GK . 56.47 -55.59 -35.66
CAC CLA GK . 57.79 -58.22 -34.42
CBC CLA GK . 59.07 -58.30 -35.21
ND CLA GK . 59.26 -55.72 -29.89
C1D CLA GK . 59.34 -57.03 -30.40
C2D CLA GK . 60.06 -57.85 -29.43
C3D CLA GK . 60.55 -57.01 -28.46
C4D CLA GK . 60.04 -55.69 -28.81
CMD CLA GK . 60.22 -59.28 -29.53
CAD CLA GK . 61.28 -56.91 -27.22
OBD CLA GK . 61.83 -57.77 -26.55
CBD CLA GK . 61.27 -55.41 -26.84
CGD CLA GK . 60.77 -55.22 -25.45
O1D CLA GK . 59.79 -54.58 -25.10
O2D CLA GK . 61.53 -55.85 -24.51
CED CLA GK . 60.84 -56.47 -23.42
C1 CLA GK . 65.07 -51.47 -30.61
C2 CLA GK . 64.84 -50.88 -31.96
C3 CLA GK . 65.78 -50.76 -32.91
C4 CLA GK . 67.16 -51.22 -32.71
C5 CLA GK . 65.45 -50.16 -34.23
C6 CLA GK . 66.12 -50.88 -35.38
C7 CLA GK . 65.87 -50.18 -36.71
C8 CLA GK . 64.76 -50.87 -37.52
C9 CLA GK . 65.20 -52.24 -37.95
C10 CLA GK . 64.34 -50.03 -38.71
C11 CLA GK . 62.98 -50.44 -39.22
C12 CLA GK . 62.56 -49.68 -40.45
MG CLA HK . 60.42 -46.68 -29.59
CHA CLA HK . 63.71 -46.82 -30.61
CHB CLA HK . 59.56 -45.37 -32.58
CHC CLA HK . 57.17 -46.61 -28.53
CHD CLA HK . 61.38 -48.04 -26.47
NA CLA HK . 61.49 -46.17 -31.29
C1A CLA HK . 62.87 -46.30 -31.53
C2A CLA HK . 63.24 -45.80 -32.91
C3A CLA HK . 61.91 -45.26 -33.47
C4A CLA HK . 60.90 -45.62 -32.38
CMA CLA HK . 61.98 -43.77 -33.70
CAA CLA HK . 63.73 -46.92 -33.80
CBA CLA HK . 64.29 -46.39 -35.11
CGA CLA HK . 65.64 -45.80 -34.86
O1A CLA HK . 66.25 -45.72 -33.80
O2A CLA HK . 66.21 -45.28 -35.98
NB CLA HK . 58.69 -46.06 -30.39
C1B CLA HK . 58.54 -45.63 -31.66
C2B CLA HK . 57.10 -45.48 -31.95
C3B CLA HK . 56.40 -45.81 -30.83
C4B CLA HK . 57.41 -46.20 -29.80
CMB CLA HK . 56.58 -45.03 -33.23
CAB CLA HK . 54.97 -45.79 -30.68
CBB CLA HK . 54.25 -46.43 -29.76
NC CLA HK . 59.46 -47.21 -27.82
C1C CLA HK . 58.13 -47.09 -27.60
C2C CLA HK . 57.80 -47.53 -26.25
C3C CLA HK . 58.99 -47.94 -25.67
C4C CLA HK . 60.03 -47.73 -26.67
CMC CLA HK . 56.46 -47.55 -25.69
CAC CLA HK . 59.20 -48.47 -24.33
CBC CLA HK . 59.47 -47.38 -23.33
ND CLA HK . 62.10 -47.33 -28.70
C1D CLA HK . 62.36 -47.87 -27.41
C2D CLA HK . 63.79 -48.17 -27.31
C3D CLA HK . 64.37 -47.80 -28.50
C4D CLA HK . 63.28 -47.27 -29.33
CMD CLA HK . 64.41 -48.75 -26.12
CAD CLA HK . 65.58 -47.71 -29.29
OBD CLA HK . 66.71 -48.03 -29.01
CBD CLA HK . 65.19 -47.06 -30.64
CGD CLA HK . 65.88 -45.73 -30.83
O1D CLA HK . 65.34 -44.63 -30.82
O2D CLA HK . 67.21 -45.81 -31.01
CED CLA HK . 67.94 -44.58 -30.98
C1 CLA HK . 67.37 -44.44 -35.78
C2 CLA HK . 66.85 -43.06 -35.63
C3 CLA HK . 66.86 -42.14 -36.60
C4 CLA HK . 67.41 -42.41 -37.95
C5 CLA HK . 66.32 -40.77 -36.39
C6 CLA HK . 67.30 -39.72 -36.86
C7 CLA HK . 66.62 -38.74 -37.80
MG CHL IK . 52.76 -45.89 -23.29
CHA CHL IK . 52.17 -46.40 -19.92
CHB CHL IK . 49.92 -47.46 -23.94
CHC CHL IK . 52.93 -44.56 -26.47
CHD CHL IK . 56.19 -45.17 -22.70
NA CHL IK . 51.23 -46.54 -22.21
C1A CHL IK . 51.12 -46.53 -20.94
C2A CHL IK . 49.72 -46.72 -20.44
C3A CHL IK . 48.99 -47.12 -21.70
C4A CHL IK . 50.10 -47.04 -22.69
CMA CHL IK . 48.43 -48.53 -21.63
CAA CHL IK . 49.14 -45.45 -19.84
CBA CHL IK . 49.45 -44.22 -20.67
CGA CHL IK . 49.96 -43.09 -19.79
O1A CHL IK . 49.26 -42.64 -18.89
O2A CHL IK . 51.27 -42.50 -20.01
NB CHL IK . 51.58 -46.00 -24.96
C1B CHL IK . 50.43 -46.69 -25.08
C2B CHL IK . 49.76 -46.62 -26.40
C3B CHL IK . 50.69 -45.75 -27.11
C4B CHL IK . 51.77 -45.44 -26.16
CMB CHL IK . 48.49 -47.25 -26.89
CAB CHL IK . 50.55 -45.31 -28.51
CBB CHL IK . 50.90 -46.12 -29.48
NC CHL IK . 54.27 -45.03 -24.38
C1C CHL IK . 54.14 -44.56 -25.64
C2C CHL IK . 55.43 -44.00 -26.11
C3C CHL IK . 56.39 -44.18 -25.01
C4C CHL IK . 55.54 -44.83 -23.98
CMC CHL IK . 55.74 -43.39 -27.42
OMC CHL IK . 54.88 -42.81 -28.06
CAC CHL IK . 57.84 -43.80 -24.95
CBC CHL IK . 57.96 -42.45 -24.28
ND CHL IK . 54.04 -45.77 -21.71
C1D CHL IK . 55.33 -45.49 -21.55
C2D CHL IK . 55.68 -45.59 -20.13
C3D CHL IK . 54.41 -45.95 -19.47
C4D CHL IK . 53.47 -46.04 -20.49
CMD CHL IK . 56.90 -45.41 -19.26
CAD CHL IK . 53.74 -46.25 -18.19
OBD CHL IK . 54.34 -46.24 -17.05
CBD CHL IK . 52.33 -46.53 -18.48
CGD CHL IK . 52.05 -47.94 -18.12
O1D CHL IK . 52.32 -48.83 -18.90
O2D CHL IK . 51.40 -48.23 -16.87
CED CHL IK . 49.98 -48.22 -16.82
C1 CHL IK . 51.88 -41.67 -19.01
C2 CHL IK . 53.24 -42.21 -18.65
MG CLA JK . 56.76 -42.84 -45.30
CHA CLA JK . 54.65 -45.24 -44.01
CHB CLA JK . 59.08 -43.61 -42.96
CHC CLA JK . 58.87 -40.52 -46.69
CHD CLA JK . 54.34 -42.08 -47.72
NA CLA JK . 56.82 -44.21 -43.74
C1A CLA JK . 55.84 -45.14 -43.38
C2A CLA JK . 56.29 -45.95 -42.17
C3A CLA JK . 57.66 -45.33 -41.81
C4A CLA JK . 57.89 -44.31 -42.90
CMA CLA JK . 57.59 -44.66 -40.46
CAA CLA JK . 56.49 -47.39 -42.57
CBA CLA JK . 57.21 -47.53 -43.89
CGA CLA JK . 57.57 -48.96 -44.09
O1A CLA JK . 57.93 -49.76 -43.24
O2A CLA JK . 57.49 -49.38 -45.39
NB CLA JK . 58.64 -42.22 -44.93
C1B CLA JK . 59.41 -42.63 -43.90
C2B CLA JK . 60.69 -41.89 -43.90
C3B CLA JK . 60.64 -41.01 -44.95
C4B CLA JK . 59.33 -41.20 -45.62
CMB CLA JK . 61.75 -42.08 -42.93
CAB CLA JK . 61.61 -40.05 -45.36
CBB CLA JK . 62.27 -40.07 -46.52
NC CLA JK . 56.61 -41.53 -46.90
C1C CLA JK . 57.59 -40.66 -47.30
C2C CLA JK . 57.14 -39.91 -48.44
C3C CLA JK . 55.86 -40.33 -48.74
C4C CLA JK . 55.54 -41.37 -47.76
CMC CLA JK . 57.94 -38.88 -49.11
CAC CLA JK . 54.98 -39.86 -49.81
CBC CLA JK . 55.07 -40.72 -51.02
ND CLA JK . 54.88 -43.40 -45.76
C1D CLA JK . 54.02 -43.04 -46.80
C2D CLA JK . 52.77 -43.81 -46.69
C3D CLA JK . 52.95 -44.66 -45.61
C4D CLA JK . 54.29 -44.38 -45.10
CMD CLA JK . 51.61 -43.68 -47.55
CAD CLA JK . 52.36 -45.68 -44.78
OBD CLA JK . 51.23 -46.13 -44.80
CBD CLA JK . 53.46 -46.14 -43.78
CGD CLA JK . 52.98 -46.06 -42.38
O1D CLA JK . 52.82 -45.04 -41.69
O2D CLA JK . 52.71 -47.26 -41.82
CED CLA JK . 53.26 -47.48 -40.52
C1 CLA JK . 58.20 -50.60 -45.69
C2 CLA JK . 59.64 -50.26 -45.77
C3 CLA JK . 60.32 -50.42 -46.91
C4 CLA JK . 59.65 -50.94 -48.10
C5 CLA JK . 61.78 -50.09 -47.03
C6 CLA JK . 62.26 -49.06 -46.03
C7 CLA JK . 62.03 -47.65 -46.54
C8 CLA JK . 62.59 -46.59 -45.60
C9 CLA JK . 62.25 -46.92 -44.17
C10 CLA JK . 62.04 -45.21 -45.98
C11 CLA JK . 62.43 -44.78 -47.37
C12 CLA JK . 61.91 -43.38 -47.64
C13 CLA JK . 61.86 -43.05 -49.13
C14 CLA JK . 63.25 -43.02 -49.71
C15 CLA JK . 61.15 -41.72 -49.35
C16 CLA JK . 61.12 -41.32 -50.82
C17 CLA JK . 59.75 -41.48 -51.41
C18 CLA JK . 59.53 -40.56 -52.60
C19 CLA JK . 58.16 -40.75 -53.19
C20 CLA JK . 60.59 -40.83 -53.66
MG CLA KK . 50.67 -38.94 -37.18
CHA CLA KK . 47.77 -39.11 -39.05
CHB CLA KK . 51.29 -35.87 -38.46
CHC CLA KK . 53.35 -38.70 -35.07
CHD CLA KK . 49.89 -42.10 -35.81
NA CLA KK . 49.71 -37.74 -38.58
C1A CLA KK . 48.50 -37.98 -39.24
C2A CLA KK . 48.15 -36.82 -40.17
C3A CLA KK . 49.39 -35.93 -40.11
C4A CLA KK . 50.20 -36.53 -38.97
CMA CLA KK . 50.12 -35.97 -41.42
CAA CLA KK . 46.94 -36.09 -39.63
CBA CLA KK . 47.29 -34.67 -39.25
CGA CLA KK . 46.30 -34.10 -38.30
O1A CLA KK . 45.63 -33.07 -38.40
O2A CLA KK . 46.16 -34.83 -37.15
NB CLA KK . 52.05 -37.54 -36.83
C1B CLA KK . 52.12 -36.33 -37.42
C2B CLA KK . 53.22 -35.54 -36.83
C3B CLA KK . 53.81 -36.33 -35.87
C4B CLA KK . 53.09 -37.63 -35.87
CMB CLA KK . 53.55 -34.19 -37.27
CAB CLA KK . 54.94 -36.07 -35.02
CBB CLA KK . 54.94 -36.15 -33.70
NC CLA KK . 51.51 -40.22 -35.77
C1C CLA KK . 52.62 -39.92 -35.04
C2C CLA KK . 52.92 -41.03 -34.15
C3C CLA KK . 51.93 -41.97 -34.32
C4C CLA KK . 51.03 -41.46 -35.34
CMC CLA KK . 54.06 -41.06 -33.23
CAC CLA KK . 51.79 -43.24 -33.61
CBC CLA KK . 52.75 -44.29 -34.12
ND CLA KK . 49.30 -40.39 -37.46
C1D CLA KK . 49.07 -41.60 -36.79
C2D CLA KK . 47.84 -42.21 -37.30
C3D CLA KK . 47.30 -41.31 -38.19
C4D CLA KK . 48.23 -40.17 -38.22
CMD CLA KK . 47.36 -43.51 -36.88
CAD CLA KK . 46.24 -40.99 -39.14
OBD CLA KK . 45.31 -41.67 -39.54
CBD CLA KK . 46.46 -39.55 -39.62
CGD CLA KK . 46.48 -39.51 -41.12
O1D CLA KK . 47.44 -39.73 -41.84
O2D CLA KK . 45.28 -39.21 -41.67
CED CLA KK . 45.27 -38.38 -42.84
C1 CLA KK . 45.70 -34.12 -35.98
C2 CLA KK . 45.57 -35.14 -34.91
C3 CLA KK . 45.45 -34.84 -33.60
C4 CLA KK . 45.43 -33.45 -33.08
C5 CLA KK . 45.31 -35.92 -32.57
C6 CLA KK . 44.16 -36.87 -32.83
C7 CLA KK . 43.93 -37.69 -31.57
C8 CLA KK . 42.95 -38.85 -31.77
C9 CLA KK . 41.65 -38.36 -32.35
C10 CLA KK . 42.69 -39.52 -30.42
C11 CLA KK . 42.69 -41.02 -30.56
C12 CLA KK . 42.32 -41.72 -29.28
C13 CLA KK . 43.45 -41.72 -28.26
C14 CLA KK . 44.76 -42.18 -28.86
C15 CLA KK . 43.10 -42.58 -27.05
C16 CLA KK . 43.28 -44.05 -27.32
C17 CLA KK . 43.47 -44.80 -26.02
C18 CLA KK . 43.99 -46.21 -26.24
C19 CLA KK . 43.04 -47.03 -27.09
C20 CLA KK . 44.23 -46.89 -24.92
MG CLA LK . 50.99 -52.80 -47.03
CHA CLA LK . 52.01 -51.45 -50.06
CHB CLA LK . 49.22 -55.07 -48.71
CHC CLA LK . 50.65 -54.64 -44.17
CHD CLA LK . 52.99 -50.51 -45.42
NA CLA LK . 50.53 -53.03 -49.01
C1A CLA LK . 51.11 -52.46 -50.14
C2A CLA LK . 50.51 -52.98 -51.40
C3A CLA LK . 49.39 -53.89 -50.88
C4A CLA LK . 49.65 -53.96 -49.38
CMA CLA LK . 48.04 -53.45 -51.43
CAA CLA LK . 51.51 -53.89 -52.09
CBA CLA LK . 52.52 -54.55 -51.15
CGA CLA LK . 52.25 -56.02 -50.97
O1A CLA LK . 51.86 -56.82 -51.81
O2A CLA LK . 52.48 -56.49 -49.70
NB CLA LK . 50.12 -54.55 -46.54
C1B CLA LK . 49.46 -55.35 -47.39
C2B CLA LK . 49.04 -56.62 -46.73
C3B CLA LK . 49.45 -56.50 -45.43
C4B CLA LK . 50.12 -55.17 -45.29
CMB CLA LK . 48.30 -57.66 -47.42
CAB CLA LK . 49.25 -57.37 -44.31
CBB CLA LK . 49.26 -58.70 -44.32
NC CLA LK . 51.59 -52.52 -45.08
C1C CLA LK . 51.31 -53.38 -44.07
C2C CLA LK . 51.91 -52.86 -42.85
C3C CLA LK . 52.59 -51.71 -43.21
C4C CLA LK . 52.41 -51.51 -44.62
CMC CLA LK . 51.80 -53.47 -41.55
CAC CLA LK . 53.33 -50.86 -42.30
CBC CLA LK . 54.77 -51.29 -42.20
ND CLA LK . 51.92 -51.08 -47.54
C1D CLA LK . 52.81 -50.31 -46.77
C2D CLA LK . 53.46 -49.34 -47.65
C3D CLA LK . 53.18 -49.72 -48.94
C4D CLA LK . 52.28 -50.86 -48.80
CMD CLA LK . 54.32 -48.25 -47.18
CAD CLA LK . 53.30 -49.45 -50.35
OBD CLA LK . 53.72 -48.46 -50.92
CBD CLA LK . 52.75 -50.68 -51.12
CGD CLA LK . 51.89 -50.25 -52.26
O1D CLA LK . 50.66 -50.16 -52.30
O2D CLA LK . 52.58 -49.92 -53.38
CED CLA LK . 51.83 -49.86 -54.59
C1 CLA LK . 52.46 -57.94 -49.55
C2 CLA LK . 52.45 -58.30 -48.11
C3 CLA LK . 52.90 -59.48 -47.64
C4 CLA LK . 53.44 -60.52 -48.54
C5 CLA LK . 52.88 -59.83 -46.21
C6 CLA LK . 54.25 -60.23 -45.70
C7 CLA LK . 54.19 -60.64 -44.24
C8 CLA LK . 55.47 -60.46 -43.45
C9 CLA LK . 56.66 -60.25 -44.37
C10 CLA LK . 55.73 -61.67 -42.57
C11 CLA LK . 55.26 -61.45 -41.15
C12 CLA LK . 56.26 -60.68 -40.33
C13 CLA LK . 55.71 -60.34 -38.95
C14 CLA LK . 56.72 -59.55 -38.13
C15 CLA LK . 55.27 -61.58 -38.19
MG CLA MK . 37.46 -65.04 -44.91
CHA CLA MK . 39.71 -63.75 -47.16
CHB CLA MK . 36.07 -66.89 -47.39
CHC CLA MK . 35.31 -66.39 -42.61
CHD CLA MK . 38.91 -63.04 -42.37
NA CLA MK . 37.86 -65.28 -46.94
C1A CLA MK . 38.84 -64.65 -47.70
C2A CLA MK . 38.81 -65.11 -49.15
C3A CLA MK . 37.60 -66.06 -49.19
C4A CLA MK . 37.14 -66.10 -47.75
CMA CLA MK . 36.52 -65.52 -50.09
CAA CLA MK . 40.06 -65.88 -49.54
CBA CLA MK . 40.56 -66.76 -48.43
CGA CLA MK . 41.67 -67.64 -48.94
O1A CLA MK . 41.74 -68.24 -50.01
O2A CLA MK . 42.72 -67.78 -48.06
NB CLA MK . 36.02 -66.43 -44.97
C1B CLA MK . 35.54 -67.00 -46.10
C2B CLA MK . 34.34 -67.79 -45.80
C3B CLA MK . 34.11 -67.67 -44.46
C4B CLA MK . 35.17 -66.79 -43.91
CMB CLA MK . 33.58 -68.52 -46.81
CAB CLA MK . 33.06 -68.23 -43.68
CBB CLA MK . 33.23 -68.83 -42.51
NC CLA MK . 37.17 -64.76 -42.86
C1C CLA MK . 36.24 -65.42 -42.13
C2C CLA MK . 36.32 -65.00 -40.74
C3C CLA MK . 37.32 -64.03 -40.67
C4C CLA MK . 37.85 -63.89 -42.02
CMC CLA MK . 35.47 -65.54 -39.69
CAC CLA MK . 37.81 -63.32 -39.48
CBC CLA MK . 36.81 -62.35 -38.90
ND CLA MK . 38.93 -63.67 -44.74
C1D CLA MK . 39.41 -62.92 -43.65
C2D CLA MK . 40.53 -62.11 -44.12
C3D CLA MK . 40.70 -62.38 -45.45
C4D CLA MK . 39.67 -63.37 -45.79
CMD CLA MK . 41.28 -61.21 -43.25
CAD CLA MK . 41.47 -62.16 -46.65
OBD CLA MK . 42.48 -61.50 -46.82
CBD CLA MK . 40.80 -62.96 -47.80
CGD CLA MK . 40.19 -62.02 -48.78
O1D CLA MK . 39.14 -61.39 -48.63
O2D CLA MK . 40.88 -61.89 -49.93
CED CLA MK . 40.22 -62.27 -51.14
C1 CLA MK . 42.60 -68.75 -47.00
C2 CLA MK . 43.90 -68.75 -46.26
C3 CLA MK . 44.02 -68.96 -44.93
C4 CLA MK . 42.86 -69.22 -44.06
C5 CLA MK . 45.36 -68.93 -44.27
C6 CLA MK . 45.67 -67.61 -43.59
C7 CLA MK . 46.54 -67.82 -42.38
C8 CLA MK . 47.73 -66.87 -42.29
C9 CLA MK . 48.58 -66.95 -43.54
C10 CLA MK . 48.57 -67.19 -41.06
C11 CLA MK . 47.81 -66.87 -39.79
C12 CLA MK . 48.35 -67.60 -38.57
C13 CLA MK . 47.64 -67.14 -37.30
C14 CLA MK . 48.65 -66.77 -36.23
C15 CLA MK . 46.66 -68.19 -36.78
C16 CLA MK . 45.95 -67.74 -35.52
C17 CLA MK . 45.35 -68.90 -34.76
C18 CLA MK . 44.49 -68.45 -33.58
C19 CLA MK . 44.31 -69.56 -32.58
C20 CLA MK . 43.14 -67.95 -34.08
MG CLA NK . 46.60 -63.30 -42.13
CHA CLA NK . 45.96 -63.57 -45.52
CHB CLA NK . 49.75 -62.27 -42.80
CHC CLA NK . 47.19 -63.14 -38.76
CHD CLA NK . 43.35 -64.53 -41.47
NA CLA NK . 47.64 -62.92 -43.89
C1A CLA NK . 47.21 -63.10 -45.22
C2A CLA NK . 48.32 -62.73 -46.21
C3A CLA NK . 49.45 -62.24 -45.30
C4A CLA NK . 48.93 -62.47 -43.89
CMA CLA NK . 50.72 -63.02 -45.53
CAA CLA NK . 47.89 -61.63 -47.15
CBA CLA NK . 47.81 -62.13 -48.57
CGA CLA NK . 49.17 -62.35 -49.14
O1A CLA NK . 49.90 -61.54 -49.70
O2A CLA NK . 49.60 -63.63 -48.98
NB CLA NK . 48.14 -62.71 -40.99
C1B CLA NK . 49.38 -62.46 -41.47
C2B CLA NK . 50.33 -62.38 -40.34
C3B CLA NK . 49.63 -62.62 -39.19
C4B CLA NK . 48.22 -62.83 -39.59
CMB CLA NK . 51.76 -62.13 -40.52
CAB CLA NK . 50.11 -62.67 -37.84
CBB CLA NK . 49.76 -61.84 -36.86
NC CLA NK . 45.46 -63.71 -40.44
C1C CLA NK . 45.89 -63.56 -39.16
C2C CLA NK . 44.84 -63.92 -38.24
C3C CLA NK . 43.76 -64.35 -39.00
C4C CLA NK . 44.16 -64.20 -40.38
CMC CLA NK . 44.95 -63.88 -36.79
CAC CLA NK . 42.46 -64.82 -38.52
CBC CLA NK . 42.44 -66.31 -38.30
ND CLA NK . 45.00 -63.91 -43.19
C1D CLA NK . 43.73 -64.41 -42.78
C2D CLA NK . 42.97 -64.76 -43.99
C3D CLA NK . 43.77 -64.46 -45.06
C4D CLA NK . 45.02 -63.93 -44.51
CMD CLA NK . 41.64 -65.32 -43.97
CAD CLA NK . 43.90 -64.45 -46.50
OBD CLA NK . 43.10 -64.84 -47.34
CBD CLA NK . 45.31 -63.90 -46.83
CGD CLA NK . 46.12 -64.94 -47.53
O1D CLA NK . 46.81 -65.81 -47.00
O2D CLA NK . 46.04 -64.90 -48.88
CED CLA NK . 46.14 -66.16 -49.55
C1 CLA NK . 50.40 -64.17 -50.04
C2 CLA NK . 50.42 -65.64 -49.84
C3 CLA NK . 51.36 -66.28 -49.12
C4 CLA NK . 51.33 -67.75 -48.93
C5 CLA NK . 52.47 -65.54 -48.45
C6 CLA NK . 52.52 -65.77 -46.96
C7 CLA NK . 53.75 -65.14 -46.34
MG CLA OK . 38.21 -60.70 -26.17
CHA CLA OK . 38.07 -62.12 -22.95
CHB CLA OK . 39.33 -63.58 -27.52
CHC CLA OK . 38.05 -59.25 -29.30
CHD CLA OK . 37.00 -57.72 -24.78
NA CLA OK . 38.68 -62.55 -25.33
C1A CLA OK . 38.54 -62.95 -23.98
C2A CLA OK . 38.99 -64.40 -23.90
C3A CLA OK . 39.48 -64.78 -25.31
C4A CLA OK . 39.14 -63.55 -26.14
CMA CLA OK . 40.94 -65.13 -25.38
CAA CLA OK . 37.81 -65.29 -23.57
CBA CLA OK . 36.81 -65.32 -24.72
CGA CLA OK . 35.79 -64.24 -24.49
O1A CLA OK . 35.54 -63.68 -23.43
O2A CLA OK . 35.10 -63.85 -25.60
NB CLA OK . 38.65 -61.30 -28.05
C1B CLA OK . 39.07 -62.52 -28.41
C2B CLA OK . 39.19 -62.59 -29.89
C3B CLA OK . 38.83 -61.37 -30.39
C4B CLA OK . 38.48 -60.53 -29.22
CMB CLA OK . 39.61 -63.77 -30.62
CAB CLA OK . 38.74 -60.89 -31.73
CBB CLA OK . 39.71 -60.96 -32.64
NC CLA OK . 37.66 -58.84 -26.89
C1C CLA OK . 37.67 -58.46 -28.20
C2C CLA OK . 37.19 -57.10 -28.32
C3C CLA OK . 36.91 -56.65 -27.05
C4C CLA OK . 37.20 -57.75 -26.16
CMC CLA OK . 37.05 -56.40 -29.59
CAC CLA OK . 36.39 -55.35 -26.65
CBC CLA OK . 34.89 -55.37 -26.63
ND CLA OK . 37.71 -60.02 -24.34
C1D CLA OK . 37.22 -58.76 -23.93
C2D CLA OK . 36.98 -58.77 -22.48
C3D CLA OK . 37.26 -60.02 -22.05
C4D CLA OK . 37.71 -60.77 -23.24
CMD CLA OK . 36.50 -57.65 -21.69
CAD CLA OK . 37.27 -60.83 -20.85
OBD CLA OK . 36.87 -60.47 -19.69
CBD CLA OK . 37.81 -62.23 -21.43
CGD CLA OK . 39.07 -62.80 -20.84
O1D CLA OK . 40.20 -62.34 -20.85
O2D CLA OK . 38.93 -64.01 -20.25
CED CLA OK . 39.40 -64.09 -18.92
C1 CLA OK . 34.80 -62.43 -25.62
C2 CLA OK . 34.04 -62.11 -26.86
C3 CLA OK . 33.74 -60.85 -27.17
C4 CLA OK . 34.15 -59.73 -26.31
C5 CLA OK . 32.98 -60.47 -28.39
C6 CLA OK . 33.65 -61.03 -29.64
C7 CLA OK . 33.33 -60.18 -30.85
C8 CLA OK . 34.36 -60.41 -31.93
C9 CLA OK . 35.41 -59.35 -31.87
C10 CLA OK . 33.72 -60.40 -33.32
C11 CLA OK . 34.67 -60.95 -34.36
C12 CLA OK . 35.03 -62.40 -34.08
C13 CLA OK . 34.75 -63.30 -35.27
C14 CLA OK . 33.36 -63.05 -35.83
C15 CLA OK . 34.90 -64.76 -34.88
C16 CLA OK . 36.31 -65.08 -34.45
C17 CLA OK . 37.26 -65.03 -35.62
C18 CLA OK . 38.66 -65.43 -35.21
C19 CLA OK . 39.68 -64.70 -36.06
C20 CLA OK . 38.86 -66.92 -35.39
MG CLA PK . 35.89 -70.00 -27.30
CHA CLA PK . 33.15 -68.07 -26.57
CHB CLA PK . 34.36 -72.66 -25.82
CHC CLA PK . 38.56 -71.95 -28.16
CHD CLA PK . 37.40 -67.22 -28.85
NA CLA PK . 34.04 -70.28 -26.38
C1A CLA PK . 33.04 -69.35 -26.18
C2A CLA PK . 31.83 -69.96 -25.48
C3A CLA PK . 32.31 -71.39 -25.16
C4A CLA PK . 33.66 -71.48 -25.85
CMA CLA PK . 32.49 -71.56 -23.69
CAA CLA PK . 30.64 -69.99 -26.42
CBA CLA PK . 31.01 -70.46 -27.80
CGA CLA PK . 30.04 -69.96 -28.83
O1A CLA PK . 29.52 -70.57 -29.76
O2A CLA PK . 29.71 -68.63 -28.68
NB CLA PK . 36.40 -71.91 -26.98
C1B CLA PK . 35.62 -72.86 -26.40
C2B CLA PK . 36.29 -74.18 -26.47
C3B CLA PK . 37.47 -73.98 -27.12
C4B CLA PK . 37.56 -72.55 -27.47
CMB CLA PK . 35.70 -75.40 -25.94
CAB CLA PK . 38.47 -74.94 -27.47
CBB CLA PK . 38.35 -75.76 -28.53
NC CLA PK . 37.67 -69.64 -28.31
C1C CLA PK . 38.61 -70.59 -28.56
C2C CLA PK . 39.71 -70.01 -29.30
C3C CLA PK . 39.39 -68.67 -29.51
C4C CLA PK . 38.10 -68.45 -28.88
CMC CLA PK . 40.89 -70.74 -29.74
CAC CLA PK . 40.20 -67.69 -30.23
CBC CLA PK . 41.01 -66.88 -29.27
ND CLA PK . 35.42 -68.10 -27.72
C1D CLA PK . 36.14 -67.05 -28.34
C2D CLA PK . 35.33 -65.82 -28.26
C3D CLA PK . 34.18 -66.14 -27.58
C4D CLA PK . 34.29 -67.57 -27.27
CMD CLA PK . 35.74 -64.53 -28.82
CAD CLA PK . 32.90 -65.69 -27.07
OBD CLA PK . 32.37 -64.60 -27.14
CBD CLA PK . 32.22 -66.90 -26.37
CGD CLA PK . 31.93 -66.66 -24.91
O1D CLA PK . 32.57 -66.95 -23.87
O2D CLA PK . 30.75 -66.03 -24.75
CED CLA PK . 29.94 -66.41 -23.63
C1 CLA PK . 29.53 -67.84 -29.89
C2 CLA PK . 30.86 -67.71 -30.55
C3 CLA PK . 31.45 -66.54 -30.86
C4 CLA PK . 30.84 -65.23 -30.58
C5 CLA PK . 32.78 -66.53 -31.52
C6 CLA PK . 33.69 -67.63 -31.02
C7 CLA PK . 34.69 -68.05 -32.08
C8 CLA PK . 35.49 -69.25 -31.60
C9 CLA PK . 36.52 -69.67 -32.64
C10 CLA PK . 34.58 -70.41 -31.27
C11 CLA PK . 35.36 -71.59 -30.73
C12 CLA PK . 34.56 -72.88 -30.81
C13 CLA PK . 35.47 -74.10 -30.80
C14 CLA PK . 36.67 -73.91 -31.70
C15 CLA PK . 34.71 -75.35 -31.19
C16 CLA PK . 35.42 -76.61 -30.71
C17 CLA PK . 34.65 -77.86 -31.08
C18 CLA PK . 34.68 -78.88 -29.96
C19 CLA PK . 34.34 -80.27 -30.48
C20 CLA PK . 33.70 -78.51 -28.86
MG CLA QK . 29.33 -54.18 -20.77
CHA CLA QK . 32.70 -53.59 -21.28
CHB CLA QK . 29.21 -51.60 -18.58
CHC CLA QK . 25.97 -54.76 -20.38
CHD CLA QK . 29.52 -56.90 -23.00
NA CLA QK . 30.75 -52.83 -20.06
C1A CLA QK . 32.09 -52.74 -20.40
C2A CLA QK . 32.77 -51.59 -19.66
C3A CLA QK . 31.66 -51.06 -18.74
C4A CLA QK . 30.43 -51.86 -19.15
CMA CLA QK . 31.98 -51.31 -17.30
CAA CLA QK . 33.17 -50.50 -20.63
CBA CLA QK . 33.76 -49.32 -19.90
CGA CLA QK . 35.04 -49.71 -19.22
O1A CLA QK . 35.20 -50.17 -18.09
O2A CLA QK . 36.16 -49.51 -20.00
NB CLA QK . 27.87 -53.36 -19.68
C1B CLA QK . 28.01 -52.28 -18.86
C2B CLA QK . 26.69 -51.93 -18.28
C3B CLA QK . 25.78 -52.81 -18.79
C4B CLA QK . 26.52 -53.74 -19.68
CMB CLA QK . 26.49 -50.81 -17.36
CAB CLA QK . 24.37 -52.93 -18.57
CBB CLA QK . 23.45 -52.68 -19.50
NC CLA QK . 28.00 -55.57 -21.55
C1C CLA QK . 26.67 -55.62 -21.27
C2C CLA QK . 26.04 -56.70 -22.00
C3C CLA QK . 27.04 -57.33 -22.73
C4C CLA QK . 28.27 -56.60 -22.44
CMC CLA QK . 24.62 -57.04 -21.94
CAC CLA QK . 26.89 -58.48 -23.62
CBC CLA QK . 26.58 -58.05 -25.03
ND CLA QK . 30.72 -55.06 -21.92
C1D CLA QK . 30.67 -56.19 -22.78
C2D CLA QK . 32.01 -56.40 -23.35
C3D CLA QK . 32.82 -55.44 -22.81
C4D CLA QK . 31.97 -54.63 -21.92
CMD CLA QK . 32.31 -57.47 -24.30
CAD CLA QK . 34.15 -54.88 -22.76
OBD CLA QK . 35.16 -55.20 -23.37
CBD CLA QK . 34.13 -53.71 -21.75
CGD CLA QK . 35.03 -54.06 -20.61
O1D CLA QK . 35.32 -55.19 -20.22
O2D CLA QK . 35.57 -53.00 -19.97
CED CLA QK . 36.24 -53.26 -18.74
C1 CLA QK . 37.43 -49.60 -19.32
C1 LUT RK . 44.56 -64.02 -29.87
C2 LUT RK . 44.51 -64.35 -28.39
C3 LUT RK . 43.70 -63.46 -27.47
C4 LUT RK . 43.77 -62.03 -27.93
C5 LUT RK . 43.31 -61.97 -29.35
C6 LUT RK . 43.77 -62.81 -30.25
C7 LUT RK . 43.55 -62.55 -31.69
C8 LUT RK . 44.38 -61.72 -32.32
C9 LUT RK . 44.23 -61.39 -33.75
C10 LUT RK . 45.25 -60.78 -34.35
C11 LUT RK . 45.28 -60.41 -35.76
C12 LUT RK . 46.41 -59.87 -36.19
C13 LUT RK . 46.67 -59.43 -37.56
C14 LUT RK . 47.94 -59.28 -37.91
C15 LUT RK . 48.38 -58.87 -39.24
C16 LUT RK . 43.98 -65.17 -30.67
C17 LUT RK . 46.00 -63.83 -30.27
C18 LUT RK . 42.27 -60.96 -29.73
C19 LUT RK . 42.97 -61.74 -34.50
C20 LUT RK . 45.56 -59.14 -38.52
O3 LUT RK . 44.27 -63.53 -26.17
C21 LUT RK . 57.16 -56.04 -48.13
C22 LUT RK . 57.23 -55.95 -49.64
C23 LUT RK . 57.05 -54.54 -50.18
C24 LUT RK . 56.06 -53.73 -49.39
C25 LUT RK . 55.76 -54.01 -48.12
C26 LUT RK . 55.88 -55.41 -47.62
C27 LUT RK . 55.89 -55.44 -46.12
C28 LUT RK . 54.81 -55.96 -45.54
C29 LUT RK . 54.64 -56.11 -44.09
C30 LUT RK . 53.51 -56.67 -43.68
C31 LUT RK . 53.19 -56.92 -42.28
C32 LUT RK . 52.02 -57.53 -42.08
C33 LUT RK . 51.51 -57.88 -40.77
C34 LUT RK . 50.23 -58.27 -40.67
C35 LUT RK . 49.67 -58.65 -39.39
C36 LUT RK . 58.38 -55.39 -47.50
C37 LUT RK . 57.18 -57.50 -47.70
C38 LUT RK . 55.31 -52.91 -47.21
C39 LUT RK . 55.68 -55.66 -43.13
C40 LUT RK . 52.38 -57.82 -39.55
O23 LUT RK . 56.54 -54.63 -51.51
C1 LUT SK . 52.70 -50.32 -27.51
C2 LUT SK . 53.56 -51.03 -26.48
C3 LUT SK . 54.50 -52.12 -26.95
C4 LUT SK . 54.14 -52.67 -28.31
C5 LUT SK . 53.99 -51.47 -29.21
C6 LUT SK . 52.96 -50.69 -28.93
C7 LUT SK . 52.11 -50.10 -29.99
C8 LUT SK . 51.00 -50.65 -30.47
C9 LUT SK . 50.24 -49.94 -31.52
C10 LUT SK . 48.91 -50.11 -31.63
C11 LUT SK . 48.09 -49.44 -32.63
C12 LUT SK . 46.77 -49.60 -32.53
C13 LUT SK . 45.74 -49.00 -33.40
C14 LUT SK . 44.46 -49.23 -33.07
C15 LUT SK . 43.32 -48.71 -33.81
C16 LUT SK . 52.97 -48.84 -27.43
C17 LUT SK . 51.24 -50.57 -27.17
C18 LUT SK . 55.00 -51.17 -30.32
C19 LUT SK . 50.94 -49.03 -32.48
C20 LUT SK . 46.09 -48.17 -34.59
O3 LUT SK . 54.48 -53.19 -25.99
C21 LUT SK . 30.76 -46.71 -36.87
C22 LUT SK . 29.84 -45.93 -37.79
C23 LUT SK . 29.77 -46.56 -39.17
C24 LUT SK . 31.15 -46.80 -39.69
C25 LUT SK . 32.11 -47.24 -38.89
C26 LUT SK . 32.16 -46.84 -37.45
C27 LUT SK . 32.94 -47.87 -36.66
C28 LUT SK . 34.16 -47.53 -36.27
C29 LUT SK . 35.04 -48.41 -35.48
C30 LUT SK . 36.34 -48.09 -35.37
C31 LUT SK . 37.31 -48.85 -34.61
C32 LUT SK . 38.57 -48.40 -34.63
C33 LUT SK . 39.70 -49.01 -33.90
C34 LUT SK . 40.93 -48.55 -34.13
C35 LUT SK . 42.10 -49.09 -33.45
C36 LUT SK . 30.16 -48.08 -36.61
C37 LUT SK . 30.82 -45.98 -35.55
C38 LUT SK . 33.16 -48.14 -39.44
C39 LUT SK . 34.51 -49.62 -34.80
C40 LUT SK . 39.47 -50.11 -32.93
O23 LUT SK . 29.11 -45.65 -40.07
C1 LUT TK . 60.76 -52.48 -35.02
C2 LUT TK . 61.54 -53.58 -34.27
C3 LUT TK . 61.55 -53.60 -32.73
C4 LUT TK . 61.19 -52.26 -32.10
C5 LUT TK . 60.01 -51.74 -32.85
C6 LUT TK . 60.26 -51.39 -34.10
C7 LUT TK . 60.08 -49.99 -34.53
C8 LUT TK . 59.55 -49.64 -35.69
C9 LUT TK . 59.44 -48.21 -36.08
C10 LUT TK . 60.46 -47.68 -36.75
C11 LUT TK . 60.51 -46.29 -37.20
C12 LUT TK . 61.61 -45.87 -37.84
C13 LUT TK . 61.72 -44.48 -38.33
C14 LUT TK . 62.86 -44.03 -38.85
C15 LUT TK . 62.91 -42.65 -39.32
C16 LUT TK . 59.56 -53.08 -35.72
C17 LUT TK . 61.72 -51.95 -36.06
C18 LUT TK . 58.63 -51.69 -32.21
C19 LUT TK . 58.22 -47.41 -35.73
C20 LUT TK . 60.53 -43.59 -38.25
O3 LUT TK . 62.85 -54.03 -32.27
C21 LUT TK . 64.87 -33.55 -47.25
C22 LUT TK . 64.92 -33.31 -48.77
C23 LUT TK . 66.08 -32.50 -49.31
C24 LUT TK . 67.35 -32.76 -48.52
C25 LUT TK . 67.37 -33.68 -47.56
C26 LUT TK . 66.24 -33.77 -46.58
C27 LUT TK . 66.29 -35.14 -45.92
C28 LUT TK . 66.38 -35.30 -44.60
C29 LUT TK . 66.42 -36.69 -44.09
C30 LUT TK . 65.76 -37.04 -42.97
C31 LUT TK . 65.82 -38.43 -42.52
C32 LUT TK . 64.86 -38.90 -41.71
C33 LUT TK . 64.89 -40.31 -41.25
C34 LUT TK . 63.96 -40.77 -40.42
C35 LUT TK . 63.97 -42.16 -39.97
C36 LUT TK . 63.97 -34.77 -47.05
C37 LUT TK . 64.21 -32.35 -46.60
C38 LUT TK . 68.52 -34.62 -47.47
C39 LUT TK . 67.20 -37.72 -44.84
C40 LUT TK . 65.98 -41.23 -41.74
O23 LUT TK . 65.78 -31.11 -49.28
O1 LHG UK . 30.90 -63.56 -49.60
C1 LHG UK . 30.43 -64.33 -48.48
C2 LHG UK . 31.64 -65.03 -47.85
O2 LHG UK . 31.27 -65.47 -46.53
C3 LHG UK . 32.78 -64.04 -47.74
O3 LHG UK . 32.98 -63.68 -46.38
P LHG UK . 34.24 -62.75 -46.03
O4 LHG UK . 35.50 -63.43 -46.46
O5 LHG UK . 33.94 -61.36 -46.51
O6 LHG UK . 34.24 -62.72 -44.44
C4 LHG UK . 35.29 -62.01 -43.82
C5 LHG UK . 34.89 -61.68 -42.40
C6 LHG UK . 35.88 -60.68 -41.81
O7 LHG UK . 33.62 -61.07 -42.41
C7 LHG UK . 32.80 -61.66 -41.37
O9 LHG UK . 33.22 -62.65 -40.79
C8 LHG UK . 31.49 -61.03 -40.98
C9 LHG UK . 31.73 -60.03 -39.87
C10 LHG UK . 31.08 -60.50 -38.57
O8 LHG UK . 35.89 -59.47 -42.56
C23 LHG UK . 36.23 -58.25 -41.83
O10 LHG UK . 35.72 -57.20 -42.17
C24 LHG UK . 37.14 -58.30 -40.65
C11 LHG UK . 29.58 -60.41 -38.67
C12 LHG UK . 28.93 -60.71 -37.32
C13 LHG UK . 29.08 -59.52 -36.40
C14 LHG UK . 28.87 -59.91 -34.95
C15 LHG UK . 28.86 -58.69 -34.05
C16 LHG UK . 27.76 -57.71 -34.46
C17 LHG UK . 27.57 -56.66 -33.38
C18 LHG UK . 26.54 -55.62 -33.81
C19 LHG UK . 26.47 -54.51 -32.79
C20 LHG UK . 26.05 -55.05 -31.43
C25 LHG UK . 36.40 -57.55 -39.54
C26 LHG UK . 35.60 -58.49 -38.65
C27 LHG UK . 34.32 -57.77 -38.21
C28 LHG UK . 33.99 -58.02 -36.75
C29 LHG UK . 32.66 -57.35 -36.40
C30 LHG UK . 32.32 -57.41 -34.93
C31 LHG UK . 32.89 -56.20 -34.18
C32 LHG UK . 32.37 -56.17 -32.75
C33 LHG UK . 33.12 -55.15 -31.90
C34 LHG UK . 32.92 -53.73 -32.42
C1 LMG VK . 19.58 -49.60 -42.60
O1 LMG VK . 20.25 -50.26 -41.53
C2 LMG VK . 20.63 -49.04 -43.56
O2 LMG VK . 20.90 -47.67 -43.21
C3 LMG VK . 20.15 -49.09 -45.00
O3 LMG VK . 20.45 -50.38 -45.53
C4 LMG VK . 18.66 -48.86 -45.09
O4 LMG VK . 18.25 -49.00 -46.46
C5 LMG VK . 17.90 -49.89 -44.27
O5 LMG VK . 16.50 -50.35 -46.19
C6 LMG VK . 17.31 -50.96 -45.19
O6 LMG VK . 18.77 -50.53 -43.33
C7 LMG VK . 19.48 -50.49 -40.36
C8 LMG VK . 20.31 -51.37 -39.43
C9 LMG VK . 21.38 -50.56 -38.72
O7 LMG VK . 19.50 -52.02 -38.45
C10 LMG VK . 19.32 -53.42 -38.81
O9 LMG VK . 18.61 -53.70 -39.74
C11 LMG VK . 20.01 -54.53 -38.03
C12 LMG VK . 19.44 -54.68 -36.64
C13 LMG VK . 19.65 -56.10 -36.15
C14 LMG VK . 19.18 -56.23 -34.71
C15 LMG VK . 20.25 -55.74 -33.74
C16 LMG VK . 21.07 -56.92 -33.25
C17 LMG VK . 21.50 -56.72 -31.79
C18 LMG VK . 22.04 -58.03 -31.21
C19 LMG VK . 23.53 -57.92 -30.92
C20 LMG VK . 23.99 -59.11 -30.08
C21 LMG VK . 23.31 -59.09 -28.73
C22 LMG VK . 23.70 -57.84 -27.94
C23 LMG VK . 22.59 -57.44 -26.99
C24 LMG VK . 22.92 -56.12 -26.32
C25 LMG VK . 23.12 -55.01 -27.35
C26 LMG VK . 23.72 -53.77 -26.71
C27 LMG VK . 22.84 -53.22 -25.60
O8 LMG VK . 21.52 -51.05 -37.38
C28 LMG VK . 22.75 -51.68 -36.93
O10 LMG VK . 22.78 -52.89 -36.77
C29 LMG VK . 23.99 -50.86 -36.65
C30 LMG VK . 25.06 -51.72 -35.99
C31 LMG VK . 26.17 -50.85 -35.43
C32 LMG VK . 25.61 -49.70 -34.60
C33 LMG VK . 26.68 -49.06 -33.72
C34 LMG VK . 26.10 -47.92 -32.90
C35 LMG VK . 26.91 -47.64 -31.64
C36 LMG VK . 28.00 -46.60 -31.89
C1 LMG WK . 30.89 44.07 -5.34
O1 LMG WK . 30.70 42.67 -5.21
C2 LMG WK . 30.64 44.49 -6.78
O2 LMG WK . 31.48 43.73 -7.65
C3 LMG WK . 30.96 45.96 -6.90
O3 LMG WK . 30.75 46.40 -8.25
C4 LMG WK . 30.08 46.74 -5.95
O4 LMG WK . 28.72 46.67 -6.36
C5 LMG WK . 30.18 46.19 -4.53
O5 LMG WK . 28.98 48.21 -4.10
C6 LMG WK . 29.11 46.85 -3.68
O6 LMG WK . 29.98 44.77 -4.49
C7 LMG WK . 31.89 42.11 -4.64
C8 LMG WK . 31.60 40.74 -4.04
C9 LMG WK . 32.35 39.72 -4.88
O7 LMG WK . 32.08 40.73 -2.71
C10 LMG WK . 31.15 41.30 -1.76
O9 LMG WK . 30.17 41.91 -2.14
C11 LMG WK . 31.37 41.14 -0.27
C12 LMG WK . 30.05 41.29 0.44
C13 LMG WK . 30.19 41.06 1.94
C14 LMG WK . 28.95 41.53 2.68
C15 LMG WK . 29.27 42.04 4.07
C16 LMG WK . 28.19 43.01 4.55
C17 LMG WK . 27.08 42.28 5.30
C18 LMG WK . 25.73 42.92 5.01
C19 LMG WK . 24.94 43.14 6.29
C20 LMG WK . 24.43 41.83 6.88
C21 LMG WK . 23.73 42.11 8.21
C22 LMG WK . 23.13 40.85 8.82
C23 LMG WK . 22.48 41.19 10.16
O8 LMG WK . 31.89 38.40 -4.65
C28 LMG WK . 32.15 37.40 -5.67
O10 LMG WK . 32.15 37.71 -6.86
C29 LMG WK . 32.46 35.98 -5.30
C30 LMG WK . 33.27 35.35 -6.41
C31 LMG WK . 33.74 33.95 -6.01
C32 LMG WK . 34.86 33.99 -4.99
C33 LMG WK . 35.44 32.59 -4.82
C34 LMG WK . 36.58 32.55 -3.82
C35 LMG WK . 37.09 31.12 -3.63
MG CLA XK . 56.66 32.67 -9.76
CHA CLA XK . 58.88 30.21 -10.69
CHB CLA XK . 54.63 30.32 -8.40
CHC CLA XK . 54.52 35.16 -8.79
CHD CLA XK . 58.67 35.05 -11.43
NA CLA XK . 56.77 30.60 -9.56
C1A CLA XK . 57.78 29.75 -10.01
C2A CLA XK . 57.46 28.30 -9.67
C3A CLA XK . 56.10 28.39 -8.96
C4A CLA XK . 55.80 29.87 -8.96
CMA CLA XK . 55.03 27.68 -9.73
CAA CLA XK . 58.51 27.65 -8.80
CBA CLA XK . 58.02 27.32 -7.42
CGA CLA XK . 59.20 27.47 -6.52
O1A CLA XK . 59.69 26.68 -5.71
O2A CLA XK . 59.79 28.69 -6.66
NB CLA XK . 54.93 32.73 -8.77
C1B CLA XK . 54.24 31.65 -8.33
C2B CLA XK . 52.96 32.08 -7.72
C3B CLA XK . 52.91 33.44 -7.82
C4B CLA XK . 54.17 33.89 -8.49
CMB CLA XK . 52.00 31.15 -7.16
CAB CLA XK . 51.87 34.32 -7.39
CBB CLA XK . 52.03 35.29 -6.50
NC CLA XK . 56.65 34.72 -10.02
C1C CLA XK . 55.71 35.55 -9.49
C2C CLA XK . 56.04 36.93 -9.81
C3C CLA XK . 57.16 36.89 -10.63
C4C CLA XK . 57.54 35.50 -10.76
CMC CLA XK . 55.26 38.07 -9.35
CAC CLA XK . 57.90 37.98 -11.25
CBC CLA XK . 57.40 38.30 -12.64
ND CLA XK . 58.41 32.72 -10.76
C1D CLA XK . 59.09 33.75 -11.45
C2D CLA XK . 60.30 33.17 -12.09
C3D CLA XK . 60.29 31.84 -11.76
C4D CLA XK . 59.07 31.59 -10.98
CMD CLA XK . 61.27 33.93 -12.87
CAD CLA XK . 60.97 30.59 -11.90
OBD CLA XK . 62.08 30.37 -12.37
CBD CLA XK . 60.05 29.50 -11.30
CGD CLA XK . 59.61 28.52 -12.33
O1D CLA XK . 59.09 27.40 -12.18
O2D CLA XK . 59.86 28.95 -13.58
CED CLA XK . 60.86 28.20 -14.28
C1 CLA XK . 61.21 28.68 -6.79
MG CLA YK . 46.72 39.38 -5.90
CHA CLA YK . 46.41 39.50 -9.33
CHB CLA YK . 43.52 40.47 -5.59
CHC CLA YK . 47.01 39.15 -2.49
CHD CLA YK . 50.04 38.22 -6.25
NA CLA YK . 45.24 39.91 -7.27
C1A CLA YK . 45.29 39.88 -8.66
C2A CLA YK . 43.98 40.38 -9.28
C3A CLA YK . 43.10 40.70 -8.06
C4A CLA YK . 44.00 40.35 -6.88
CMA CLA YK . 42.73 42.15 -8.02
CAA CLA YK . 43.30 39.44 -10.25
CBA CLA YK . 43.34 38.00 -9.83
CGA CLA YK . 42.10 37.69 -9.08
O1A CLA YK . 40.95 37.53 -9.51
O2A CLA YK . 42.34 37.59 -7.75
NB CLA YK . 45.53 39.81 -4.34
C1B CLA YK . 44.23 40.17 -4.43
C2B CLA YK . 43.61 40.17 -3.08
C3B CLA YK . 44.59 39.80 -2.20
C4B CLA YK . 45.82 39.56 -2.98
CMB CLA YK . 42.22 40.49 -2.82
CAB CLA YK . 44.51 39.63 -0.78
CBB CLA YK . 44.34 38.46 -0.18
NC CLA YK . 48.26 38.81 -4.62
C1C CLA YK . 48.15 38.80 -3.25
C2C CLA YK . 49.40 38.34 -2.67
C3C CLA YK . 50.26 38.06 -3.72
C4C CLA YK . 49.53 38.36 -4.94
CMC CLA YK . 49.64 38.19 -1.24
CAC CLA YK . 51.63 37.57 -3.58
CBC CLA YK . 51.67 36.11 -3.22
ND CLA YK . 47.98 38.92 -7.39
C1D CLA YK . 49.32 38.49 -7.40
C2D CLA YK . 49.76 38.35 -8.79
C3D CLA YK . 48.68 38.71 -9.57
C4D CLA YK . 47.60 39.07 -8.66
CMD CLA YK . 51.09 37.92 -9.19
CAD CLA YK . 48.18 38.88 -10.91
OBD CLA YK . 48.73 38.69 -11.99
CBD CLA YK . 46.72 39.41 -10.80
CGD CLA YK . 46.57 40.73 -11.47
O1D CLA YK . 45.63 41.15 -12.14
O2D CLA YK . 47.64 41.53 -11.29
CED CLA YK . 47.51 42.54 -10.29
C1 CLA YK . 41.20 37.42 -6.90
C2 CLA YK . 41.73 36.86 -5.63
C3 CLA YK . 41.06 36.90 -4.48
C4 CLA YK . 39.71 37.51 -4.37
C5 CLA YK . 41.64 36.32 -3.24
C6 CLA YK . 40.79 35.23 -2.64
C7 CLA YK . 41.50 34.61 -1.47
C8 CLA YK . 41.44 33.08 -1.51
C9 CLA YK . 40.02 32.61 -1.64
C10 CLA YK . 42.05 32.49 -0.26
C11 CLA YK . 43.55 32.46 -0.39
C12 CLA YK . 44.21 31.80 0.80
C13 CLA YK . 45.52 31.14 0.42
C14 CLA YK . 45.32 30.16 -0.72
C15 CLA YK . 46.11 30.41 1.62
C16 CLA YK . 47.28 31.17 2.19
C17 CLA YK . 48.41 31.23 1.20
C18 CLA YK . 49.76 31.15 1.91
C19 CLA YK . 50.89 31.43 0.95
C20 CLA YK . 49.94 29.80 2.55
MG CLA ZK . 41.28 39.47 4.69
CHA CLA ZK . 38.62 40.76 2.93
CHB CLA ZK . 41.91 37.29 2.18
CHC CLA ZK . 43.99 38.31 6.46
CHD CLA ZK . 40.49 41.65 7.36
NA CLA ZK . 40.38 39.10 2.86
C1A CLA ZK . 39.29 39.76 2.29
C2A CLA ZK . 38.95 39.14 0.94
C3A CLA ZK . 39.99 38.01 0.76
C4A CLA ZK . 40.84 38.12 2.01
CMA CLA ZK . 39.32 36.66 0.73
CAA CLA ZK . 39.07 40.13 -0.19
CBA CLA ZK . 38.65 39.47 -1.48
CGA CLA ZK . 37.18 39.19 -1.45
O1A CLA ZK . 36.25 39.96 -1.73
O2A CLA ZK . 36.89 37.93 -1.04
NB CLA ZK . 42.74 38.15 4.34
C1B CLA ZK . 42.76 37.28 3.30
C2B CLA ZK . 43.82 36.26 3.51
C3B CLA ZK . 44.40 36.55 4.72
C4B CLA ZK . 43.72 37.74 5.26
CMB CLA ZK . 44.09 35.16 2.59
CAB CLA ZK . 45.45 35.85 5.40
CBB CLA ZK . 45.29 35.04 6.45
NC CLA ZK . 42.09 39.91 6.56
C1C CLA ZK . 43.20 39.32 7.08
C2C CLA ZK . 43.50 39.87 8.39
C3C CLA ZK . 42.50 40.80 8.65
C4C CLA ZK . 41.63 40.83 7.50
CMC CLA ZK . 44.62 39.46 9.22
CAC CLA ZK . 42.37 41.63 9.86
CBC CLA ZK . 41.72 40.86 10.96
ND CLA ZK . 39.85 40.79 5.16
C1D CLA ZK . 39.66 41.64 6.28
C2D CLA ZK . 38.48 42.47 6.05
C3D CLA ZK . 38.05 42.20 4.77
C4D CLA ZK . 38.95 41.16 4.26
CMD CLA ZK . 37.94 43.38 7.04
CAD CLA ZK . 37.06 42.46 3.75
OBD CLA ZK . 36.04 43.15 3.78
CBD CLA ZK . 37.46 41.61 2.51
CGD CLA ZK . 36.29 40.80 2.10
O1D CLA ZK . 35.88 40.58 0.97
O2D CLA ZK . 35.63 40.28 3.15
CED CLA ZK . 34.45 39.58 2.78
C1 CLA ZK . 36.19 37.06 -1.96
C2 CLA ZK . 34.90 36.67 -1.32
C3 CLA ZK . 34.66 35.46 -0.80
C4 CLA ZK . 33.34 35.16 -0.18
C5 CLA ZK . 35.64 34.35 -0.80
C6 CLA ZK . 35.56 33.53 0.47
C7 CLA ZK . 36.10 32.13 0.27
C8 CLA ZK . 37.00 31.68 1.42
C9 CLA ZK . 38.07 32.72 1.70
C10 CLA ZK . 37.67 30.34 1.13
C11 CLA ZK . 38.34 29.81 2.37
C12 CLA ZK . 37.32 29.59 3.47
C13 CLA ZK . 37.81 30.07 4.83
C14 CLA ZK . 38.04 28.87 5.75
C15 CLA ZK . 36.82 31.07 5.42
C16 CLA ZK . 36.71 30.98 6.93
C17 CLA ZK . 36.94 32.31 7.60
C18 CLA ZK . 36.99 32.17 9.11
C19 CLA ZK . 37.06 33.53 9.81
C20 CLA ZK . 38.14 31.27 9.54
MG CLA AL . 51.89 49.09 18.26
CHA CLA AL . 52.15 48.73 21.69
CHB CLA AL . 48.82 47.67 18.34
CHC CLA AL . 51.59 49.67 14.88
CHD CLA AL . 55.10 50.57 18.21
NA CLA AL . 50.70 48.31 19.79
C1A CLA AL . 50.98 48.27 21.16
C2A CLA AL . 49.85 47.62 21.92
C3A CLA AL . 48.85 47.22 20.81
C4A CLA AL . 49.48 47.76 19.55
CMA CLA AL . 48.68 45.73 20.75
CAA CLA AL . 49.20 48.60 22.89
CBA CLA AL . 48.32 49.60 22.17
CGA CLA AL . 48.23 50.86 22.98
O1A CLA AL . 47.30 51.30 23.65
O2A CLA AL . 49.38 51.59 22.91
NB CLA AL . 50.47 48.76 16.88
C1B CLA AL . 49.30 48.12 17.11
C2B CLA AL . 48.54 47.99 15.83
C3B CLA AL . 49.31 48.55 14.84
C4B CLA AL . 50.55 49.05 15.51
CMB CLA AL . 47.24 47.37 15.72
CAB CLA AL . 49.05 48.67 13.44
CBB CLA AL . 48.95 49.81 12.76
NC CLA AL . 53.14 49.92 16.82
C1C CLA AL . 52.82 50.06 15.50
C2C CLA AL . 53.90 50.71 14.78
C3C CLA AL . 54.89 50.96 15.71
C4C CLA AL . 54.41 50.47 17.00
CMC CLA AL . 53.91 51.00 13.36
CAC CLA AL . 56.18 51.60 15.45
CBC CLA AL . 56.09 53.09 15.65
ND CLA AL . 53.37 49.48 19.57
C1D CLA AL . 54.63 50.11 19.43
C2D CLA AL . 55.28 50.19 20.75
C3D CLA AL . 54.38 49.68 21.65
C4D CLA AL . 53.20 49.26 20.87
CMD CLA AL . 56.62 50.74 20.97
CAD CLA AL . 54.12 49.35 23.03
OBD CLA AL . 54.84 49.46 24.01
CBD CLA AL . 52.66 48.79 23.10
CGD CLA AL . 52.68 47.45 23.75
O1D CLA AL . 52.66 46.35 23.19
O2D CLA AL . 52.74 47.51 25.11
CED CLA AL . 52.53 46.30 25.83
C1 CLA AL . 49.22 52.98 22.59
C2 CLA AL . 48.90 53.04 21.14
C3 CLA AL . 48.23 54.08 20.59
C4 CLA AL . 47.79 55.24 21.40
C5 CLA AL . 47.94 54.09 19.13
C6 CLA AL . 47.19 55.34 18.69
C7 CLA AL . 47.56 55.74 17.27
MG CLA BL . 43.52 50.22 20.09
CHA CLA BL . 43.07 53.48 21.21
CHB CLA BL . 42.55 51.14 17.00
CHC CLA BL . 44.03 46.98 19.03
CHD CLA BL . 44.56 49.32 23.32
NA CLA BL . 42.85 52.02 19.28
C1A CLA BL . 42.74 53.26 19.90
C2A CLA BL . 42.22 54.31 18.93
C3A CLA BL . 41.98 53.52 17.64
C4A CLA BL . 42.45 52.10 17.99
CMA CLA BL . 40.53 53.62 17.27
CAA CLA BL . 43.29 55.36 18.67
NB CLA BL . 43.30 49.23 18.35
C1B CLA BL . 42.96 49.80 17.18
C2B CLA BL . 42.97 48.79 16.10
C3B CLA BL . 43.38 47.61 16.64
C4B CLA BL . 43.60 47.87 18.10
CMB CLA BL . 42.63 49.09 14.72
CAB CLA BL . 43.55 46.36 15.96
CBB CLA BL . 44.42 45.40 16.28
NC CLA BL . 44.19 48.48 21.01
C1C CLA BL . 44.31 47.28 20.38
C2C CLA BL . 44.77 46.28 21.33
C3C CLA BL . 44.92 46.95 22.53
C4C CLA BL . 44.54 48.33 22.34
CMC CLA BL . 45.01 44.88 21.02
CAC CLA BL . 45.34 46.34 23.80
CBC CLA BL . 44.12 45.77 24.49
ND CLA BL . 43.80 51.12 21.87
C1D CLA BL . 44.22 50.64 23.12
C2D CLA BL . 44.23 51.75 24.09
C3D CLA BL . 43.81 52.87 23.41
C4D CLA BL . 43.54 52.41 22.03
CMD CLA BL . 44.65 51.62 25.48
CAD CLA BL . 43.54 54.30 23.46
OBD CLA BL . 43.68 55.09 24.39
CBD CLA BL . 42.99 54.69 22.08
CGD CLA BL . 41.54 55.00 22.26
O1D CLA BL . 40.60 54.21 22.06
O2D CLA BL . 41.25 56.24 22.71
CED CLA BL . 40.33 56.33 23.79
MG CLA CL . 43.47 39.72 20.01
CHA CLA CL . 44.25 37.35 22.41
CHB CLA CL . 44.63 37.64 17.59
CHC CLA CL . 42.64 42.08 17.67
CHD CLA CL . 42.30 41.86 22.56
NA CLA CL . 44.30 37.80 20.03
C1A CLA CL . 44.53 36.97 21.13
C2A CLA CL . 45.16 35.64 20.70
C3A CLA CL . 45.29 35.80 19.16
C4A CLA CL . 44.69 37.18 18.88
CMA CLA CL . 46.72 35.79 18.73
CAA CLA CL . 44.32 34.43 21.07
CBA CLA CL . 43.73 33.73 19.87
CGA CLA CL . 44.36 32.39 19.59
O1A CLA CL . 43.88 31.27 19.72
O2A CLA CL . 45.64 32.50 19.14
NB CLA CL . 43.63 39.85 18.02
C1B CLA CL . 44.10 38.88 17.20
C2B CLA CL . 43.99 39.33 15.78
C3B CLA CL . 43.43 40.58 15.81
C4B CLA CL . 43.19 40.92 17.23
CMB CLA CL . 44.40 38.53 14.64
CAB CLA CL . 43.10 41.46 14.75
CBB CLA CL . 44.00 41.96 13.91
NC CLA CL . 42.63 41.62 20.11
C1C CLA CL . 42.37 42.40 19.02
C2C CLA CL . 41.77 43.67 19.44
C3C CLA CL . 41.68 43.61 20.83
C4C CLA CL . 42.22 42.32 21.24
CMC CLA CL . 41.36 44.75 18.56
CAC CLA CL . 41.15 44.66 21.70
CBC CLA CL . 39.65 44.64 21.79
ND CLA CL . 43.28 39.68 22.01
C1D CLA CL . 42.79 40.63 22.94
C2D CLA CL . 42.92 40.07 24.30
C3D CLA CL . 43.48 38.82 24.15
C4D CLA CL . 43.69 38.63 22.71
CMD CLA CL . 42.53 40.77 25.53
CAD CLA CL . 43.96 37.64 24.83
OBD CLA CL . 43.99 37.39 26.02
CBD CLA CL . 44.46 36.66 23.72
CGD CLA CL . 45.91 36.31 23.88
O1D CLA CL . 46.89 37.04 23.74
O2D CLA CL . 46.12 34.99 24.19
CED CLA CL . 47.41 34.64 24.67
C1 CLA CL . 45.92 31.87 17.86
C2 CLA CL . 45.12 32.58 16.84
C3 CLA CL . 45.65 33.40 15.91
C4 CLA CL . 44.82 34.09 14.90
C5 CLA CL . 47.12 33.62 15.83
MG CLA DL . 36.64 47.20 7.43
CHA CLA DL . 36.82 46.42 4.06
CHB CLA DL . 33.41 48.11 7.02
CHC CLA DL . 36.41 47.62 10.82
CHD CLA DL . 39.99 46.18 7.80
NA CLA DL . 35.37 47.27 5.79
C1A CLA DL . 35.63 46.90 4.48
C2A CLA DL . 34.41 47.07 3.60
C3A CLA DL . 33.49 47.91 4.50
C4A CLA DL . 34.10 47.74 5.89
CMA CLA DL . 33.53 49.34 4.09
CAA CLA DL . 33.85 45.68 3.47
CBA CLA DL . 32.91 45.52 2.30
CGA CLA DL . 31.48 45.69 2.73
NB CLA DL . 35.19 47.77 8.68
C1B CLA DL . 33.91 48.03 8.34
C2B CLA DL . 33.10 48.28 9.55
C3B CLA DL . 33.94 48.14 10.63
C4B CLA DL . 35.29 47.83 10.09
CMB CLA DL . 31.69 48.62 9.53
CAB CLA DL . 33.67 48.26 12.03
CBB CLA DL . 33.43 47.22 12.83
NC CLA DL . 37.98 47.01 9.00
C1C CLA DL . 37.68 47.26 10.31
C2C CLA DL . 38.83 47.00 11.14
C3C CLA DL . 39.85 46.56 10.30
C4C CLA DL . 39.30 46.57 8.95
CMC CLA DL . 38.85 47.16 12.58
CAC CLA DL . 41.19 46.14 10.70
CBC CLA DL . 42.11 47.31 10.93
ND CLA DL . 38.14 46.56 6.24
C1D CLA DL . 39.47 46.18 6.51
C2D CLA DL . 40.10 45.72 5.26
C3D CLA DL . 39.12 45.78 4.29
C4D CLA DL . 37.92 46.30 4.96
CMD CLA DL . 41.46 45.26 5.13
CAD CLA DL . 38.79 45.55 2.91
OBD CLA DL . 39.47 45.08 2.02
CBD CLA DL . 37.32 45.98 2.71
CGD CLA DL . 37.31 47.15 1.78
O1D CLA DL . 36.69 48.20 1.90
O2D CLA DL . 38.09 46.99 0.68
CED CLA DL . 37.61 46.14 -0.36
MG CLA EL . 50.00 55.03 0.20
CHA CLA EL . 48.00 57.32 -1.43
CHB CLA EL . 52.32 55.34 -2.24
CHC CLA EL . 52.03 52.92 1.97
CHD CLA EL . 47.64 54.95 2.83
NA CLA EL . 50.10 56.12 -1.57
C1A CLA EL . 49.17 57.05 -2.06
C2A CLA EL . 49.65 57.67 -3.37
C3A CLA EL . 50.94 56.91 -3.68
C4A CLA EL . 51.17 56.06 -2.42
CMA CLA EL . 50.79 56.14 -4.96
CAA CLA EL . 50.01 59.12 -3.13
CBA CLA EL . 50.82 59.32 -1.87
CGA CLA EL . 52.31 59.21 -2.11
O1A CLA EL . 52.98 59.79 -2.96
O2A CLA EL . 52.92 58.35 -1.23
NB CLA EL . 51.81 54.24 -0.11
C1B CLA EL . 52.63 54.54 -1.13
C2B CLA EL . 53.95 53.90 -0.92
C3B CLA EL . 53.87 53.21 0.26
C4B CLA EL . 52.51 53.41 0.80
CMB CLA EL . 55.05 54.05 -1.89
CAB CLA EL . 54.84 52.41 0.95
CBB CLA EL . 55.75 51.64 0.37
NC CLA EL . 49.83 54.06 2.03
C1C CLA EL . 50.77 53.23 2.56
C2C CLA EL . 50.32 52.72 3.84
C3C CLA EL . 49.11 53.33 4.11
C4C CLA EL . 48.81 54.18 2.97
CMC CLA EL . 51.07 51.78 4.68
CAC CLA EL . 48.27 53.16 5.29
CBC CLA EL . 48.48 54.27 6.29
ND CLA EL . 48.19 55.82 0.62
C1D CLA EL . 47.34 55.71 1.74
C2D CLA EL . 46.14 56.53 1.50
C3D CLA EL . 46.32 57.13 0.27
C4D CLA EL . 47.63 56.69 -0.22
CMD CLA EL . 45.02 56.63 2.42
CAD CLA EL . 45.77 58.01 -0.71
OBD CLA EL . 44.66 58.53 -0.78
CBD CLA EL . 46.84 58.22 -1.80
CGD CLA EL . 46.25 57.88 -3.13
O1D CLA EL . 45.98 56.76 -3.57
O2D CLA EL . 45.98 58.96 -3.90
CED CLA EL . 46.83 59.21 -5.02
C1 CLA EL . 54.27 57.88 -1.48
C2 CLA EL . 54.71 57.21 -0.22
C3 CLA EL . 55.96 57.10 0.26
C4 CLA EL . 57.17 57.63 -0.41
C5 CLA EL . 56.15 56.36 1.53
C6 CLA EL . 57.37 56.77 2.34
C7 CLA EL . 57.62 55.66 3.33
C8 CLA EL . 58.40 56.18 4.53
C9 CLA EL . 59.78 55.56 4.57
C10 CLA EL . 57.66 55.88 5.83
C11 CLA EL . 56.84 57.09 6.26
C12 CLA EL . 56.84 57.28 7.75
C13 CLA EL . 55.61 56.65 8.42
C14 CLA EL . 54.71 57.73 9.00
C15 CLA EL . 56.00 55.65 9.52
MG CLA FL . 62.64 43.89 -8.35
CHA CLA FL . 61.15 47.00 -8.49
CHB CLA FL . 64.19 44.51 -11.31
CHC CLA FL . 64.20 40.87 -8.08
CHD CLA FL . 61.03 43.32 -5.23
NA CLA FL . 62.63 45.50 -9.67
C1A CLA FL . 61.95 46.71 -9.56
C2A CLA FL . 62.21 47.62 -10.74
C3A CLA FL . 63.10 46.75 -11.66
C4A CLA FL . 63.34 45.49 -10.84
CMA CLA FL . 62.42 46.45 -12.96
CAA CLA FL . 62.96 48.87 -10.31
NB CLA FL . 63.90 42.85 -9.52
C1B CLA FL . 64.48 43.31 -10.65
C2B CLA FL . 65.51 42.34 -11.10
C3B CLA FL . 65.52 41.31 -10.19
C4B CLA FL . 64.49 41.62 -9.17
CMB CLA FL . 66.32 42.53 -12.29
CAB CLA FL . 66.33 40.13 -10.14
CBB CLA FL . 67.32 39.96 -9.27
NC CLA FL . 62.58 42.36 -6.94
C1C CLA FL . 63.29 41.20 -7.03
C2C CLA FL . 63.04 40.36 -5.87
C3C CLA FL . 62.16 41.07 -5.05
C4C CLA FL . 61.88 42.32 -5.73
CMC CLA FL . 63.64 39.05 -5.63
CAC CLA FL . 61.62 40.69 -3.75
CBC CLA FL . 60.59 39.59 -3.81
ND CLA FL . 61.38 44.87 -7.11
C1D CLA FL . 60.80 44.52 -5.86
C2D CLA FL . 59.95 45.64 -5.41
C3D CLA FL . 60.04 46.60 -6.39
C4D CLA FL . 60.95 46.07 -7.42
CMD CLA FL . 59.19 45.67 -4.18
CAD CLA FL . 59.62 47.91 -6.82
OBD CLA FL . 58.86 48.68 -6.27
CBD CLA FL . 60.32 48.21 -8.16
CGD CLA FL . 59.26 48.41 -9.20
O1D CLA FL . 58.76 47.55 -9.93
O2D CLA FL . 58.85 49.70 -9.30
CED CLA FL . 58.87 50.28 -10.61
MG CLA GL . 60.91 48.94 -0.17
CHA CLA GL . 61.18 50.98 -2.92
CHB CLA GL . 59.67 51.55 1.63
CHC CLA GL . 60.89 46.96 2.63
CHD CLA GL . 62.40 46.32 -1.99
NA CLA GL . 60.44 50.92 -0.62
C1A CLA GL . 60.65 51.59 -1.83
C2A CLA GL . 60.20 53.05 -1.70
C3A CLA GL . 59.65 53.16 -0.27
C4A CLA GL . 59.92 51.78 0.30
CMA CLA GL . 60.42 54.19 0.52
CAA CLA GL . 59.09 53.46 -2.64
CBA CLA GL . 58.51 54.81 -2.30
CGA CLA GL . 59.03 55.88 -3.22
O1A CLA GL . 58.49 56.38 -4.20
O2A CLA GL . 60.28 56.33 -2.87
NB CLA GL . 60.37 49.20 1.76
C1B CLA GL . 59.90 50.34 2.31
C2B CLA GL . 59.67 50.15 3.76
C3B CLA GL . 60.01 48.86 4.03
C4B CLA GL . 60.45 48.24 2.77
CMB CLA GL . 59.17 51.19 4.64
CAB CLA GL . 60.00 48.14 5.27
CBB CLA GL . 60.67 48.51 6.37
NC CLA GL . 61.47 46.98 0.22
C1C CLA GL . 61.36 46.36 1.44
C2C CLA GL . 61.86 45.01 1.35
C3C CLA GL . 62.31 44.83 0.06
C4C CLA GL . 62.07 46.07 -0.65
CMC CLA GL . 61.90 44.08 2.47
CAC CLA GL . 62.92 43.63 -0.51
CBC CLA GL . 64.39 43.54 -0.20
ND CLA GL . 61.49 48.60 -2.05
C1D CLA GL . 62.14 47.49 -2.65
C2D CLA GL . 62.48 47.83 -4.05
C3D CLA GL . 62.11 49.15 -4.21
C4D CLA GL . 61.54 49.59 -2.93
CMD CLA GL . 63.11 46.92 -4.99
CAD CLA GL . 62.04 50.26 -5.13
OBD CLA GL . 62.29 50.31 -6.33
CBD CLA GL . 61.56 51.47 -4.30
CGD CLA GL . 62.61 52.53 -4.27
O1D CLA GL . 63.76 52.43 -3.90
O2D CLA GL . 62.16 53.71 -4.76
CED CLA GL . 62.71 54.15 -6.00
C1 CLA GL . 60.41 57.73 -2.52
C2 CLA GL . 61.86 58.04 -2.62
C3 CLA GL . 62.66 58.11 -1.55
C4 CLA GL . 64.12 58.42 -1.69
C5 CLA GL . 62.15 57.90 -0.17
C6 CLA GL . 62.41 59.08 0.74
C7 CLA GL . 61.93 58.83 2.14
MG CLA HL . 59.78 32.15 6.49
CHA CLA HL . 62.00 30.30 8.39
CHB CLA HL . 62.29 34.21 5.56
CHC CLA HL . 57.59 33.78 4.41
CHD CLA HL . 57.21 29.91 7.43
NA CLA HL . 61.80 32.25 6.96
C1A CLA HL . 62.54 31.36 7.74
C2A CLA HL . 64.00 31.80 7.82
C3A CLA HL . 64.00 33.15 7.06
C4A CLA HL . 62.60 33.22 6.46
CMA CLA HL . 64.16 34.29 8.02
CAA CLA HL . 64.90 30.79 7.16
CBA CLA HL . 64.58 30.63 5.69
CGA CLA HL . 63.77 29.40 5.53
O1A CLA HL . 63.58 28.52 6.37
O2A CLA HL . 63.16 29.30 4.33
NB CLA HL . 59.90 33.73 5.26
C1B CLA HL . 61.05 34.38 4.95
C2B CLA HL . 60.80 35.33 3.84
C3B CLA HL . 59.48 35.22 3.51
C4B CLA HL . 58.88 34.20 4.42
CMB CLA HL . 61.82 36.19 3.26
CAB CLA HL . 58.74 35.91 2.49
CBB CLA HL . 58.02 37.00 2.71
NC CLA HL . 57.76 31.91 6.05
C1C CLA HL . 57.07 32.71 5.18
C2C CLA HL . 55.69 32.28 5.12
C3C CLA HL . 55.58 31.16 5.93
C4C CLA HL . 56.90 30.93 6.51
CMC CLA HL . 54.66 32.93 4.31
CAC CLA HL . 54.38 30.38 6.20
CBC CLA HL . 54.25 29.23 5.22
ND CLA HL . 59.56 30.55 7.69
C1D CLA HL . 58.46 29.72 8.00
C2D CLA HL . 58.89 28.68 8.95
C3D CLA HL . 60.24 28.85 9.13
C4D CLA HL . 60.61 30.02 8.31
CMD CLA HL . 58.03 27.66 9.51
CAD CLA HL . 61.43 28.37 9.79
OBD CLA HL . 61.56 27.46 10.58
CBD CLA HL . 62.61 29.26 9.31
CGD CLA HL . 63.27 29.92 10.48
O1D CLA HL . 63.01 31.01 10.97
O2D CLA HL . 64.26 29.19 11.05
CED CLA HL . 65.02 29.85 12.05
C1 CLA HL . 61.77 29.62 4.33
C2 CLA HL . 61.29 29.66 2.93
C3 CLA HL . 60.04 29.33 2.62
C4 CLA HL . 59.06 28.92 3.65
C5 CLA HL . 59.54 29.37 1.23
C6 CLA HL . 58.31 30.25 1.11
C7 CLA HL . 58.66 31.70 1.40
C8 CLA HL . 57.96 32.66 0.44
C9 CLA HL . 56.56 32.17 0.12
C10 CLA HL . 58.77 32.80 -0.83
C11 CLA HL . 59.27 34.21 -1.00
C12 CLA HL . 60.70 34.22 -1.50
C13 CLA HL . 61.11 35.63 -1.89
C14 CLA HL . 60.39 36.03 -3.16
C15 CLA HL . 62.62 35.74 -2.08
C16 CLA HL . 63.27 36.51 -0.95
C17 CLA HL . 62.67 37.90 -0.79
C18 CLA HL . 63.65 38.91 -0.18
C19 CLA HL . 62.98 39.75 0.89
C20 CLA HL . 64.21 39.80 -1.26
MG CLA IL . 69.81 32.40 3.59
CHA CLA IL . 68.80 29.36 2.30
CHB CLA IL . 72.97 31.21 3.87
CHC CLA IL . 70.76 35.45 4.81
CHD CLA IL . 66.48 33.55 3.29
NA CLA IL . 70.71 30.58 3.13
C1A CLA IL . 70.12 29.43 2.60
C2A CLA IL . 71.14 28.32 2.39
C3A CLA IL . 72.42 28.91 3.02
C4A CLA IL . 72.03 30.34 3.36
CMA CLA IL . 72.88 28.18 4.25
CAA CLA IL . 71.44 28.32 0.92
CBA CLA IL . 70.87 27.20 0.08
CGA CLA IL . 71.29 27.50 -1.32
O1A CLA IL . 72.41 27.83 -1.72
O2A CLA IL . 70.30 27.41 -2.24
NB CLA IL . 71.54 33.18 4.21
C1B CLA IL . 72.73 32.53 4.26
C2B CLA IL . 73.77 33.42 4.82
C3B CLA IL . 73.17 34.62 5.09
C4B CLA IL . 71.73 34.49 4.71
CMB CLA IL . 75.15 33.00 5.00
CAB CLA IL . 73.77 35.81 5.64
CBB CLA IL . 73.25 36.64 6.54
NC CLA IL . 68.80 34.18 3.96
C1C CLA IL . 69.39 35.31 4.45
C2C CLA IL . 68.40 36.36 4.59
C3C CLA IL . 67.18 35.83 4.19
C4C CLA IL . 67.45 34.45 3.79
CMC CLA IL . 68.68 37.71 5.09
CAC CLA IL . 65.89 36.50 4.14
CBC CLA IL . 65.55 36.98 2.76
ND CLA IL . 68.03 31.69 2.94
C1D CLA IL . 66.74 32.28 2.88
C2D CLA IL . 65.78 31.28 2.35
C3D CLA IL . 66.52 30.13 2.13
C4D CLA IL . 67.90 30.45 2.50
CMD CLA IL . 64.36 31.50 2.14
CAD CLA IL . 66.50 28.76 1.69
OBD CLA IL . 65.53 28.09 1.30
CBD CLA IL . 67.95 28.22 1.78
CGD CLA IL . 68.08 27.10 2.77
O1D CLA IL . 68.23 27.19 3.98
O2D CLA IL . 68.06 25.85 2.22
CED CLA IL . 69.07 24.96 2.68
C1 CLA IL . 70.71 27.32 -3.62
C2 CLA IL . 70.21 28.54 -4.30
C3 CLA IL . 68.96 28.66 -4.78
C4 CLA IL . 67.96 27.58 -4.67
C5 CLA IL . 68.49 29.91 -5.45
C6 CLA IL . 67.41 30.58 -4.61
C7 CLA IL . 68.03 31.35 -3.46
C8 CLA IL . 67.80 30.67 -2.12
C9 CLA IL . 66.40 30.91 -1.63
C10 CLA IL . 68.82 31.18 -1.10
MG CLA JL . 49.23 23.18 7.75
CHA CLA JL . 50.04 24.97 10.57
CHB CLA JL . 46.62 21.79 9.39
CHC CLA JL . 48.42 21.46 4.90
CHD CLA JL . 51.91 24.72 6.04
NA CLA JL . 48.49 23.36 9.68
C1A CLA JL . 48.96 24.17 10.72
C2A CLA JL . 48.14 23.98 11.98
C3A CLA JL . 47.21 22.80 11.62
C4A CLA JL . 47.43 22.63 10.13
CMA CLA JL . 47.64 21.57 12.38
CAA CLA JL . 47.34 25.23 12.29
CBA CLA JL . 46.34 25.55 11.21
CGA CLA JL . 46.79 26.78 10.51
O1A CLA JL . 47.43 27.72 10.96
O2A CLA JL . 46.43 26.82 9.19
NB CLA JL . 47.88 21.76 7.29
C1B CLA JL . 46.75 21.57 8.02
C2B CLA JL . 45.64 21.10 7.16
C3B CLA JL . 46.14 21.01 5.89
C4B CLA JL . 47.57 21.41 5.96
CMB CLA JL . 44.30 20.80 7.66
CAB CLA JL . 45.50 20.59 4.69
CBB CLA JL . 45.77 19.45 4.04
NC CLA JL . 50.06 23.06 5.84
C1C CLA JL . 49.61 22.24 4.87
C2C CLA JL . 50.50 22.30 3.72
C3C CLA JL . 51.41 23.31 3.98
C4C CLA JL . 51.13 23.80 5.33
CMC CLA JL . 50.33 21.48 2.53
CAC CLA JL . 52.52 23.72 3.12
CBC CLA JL . 52.24 24.94 2.30
ND CLA JL . 50.61 24.58 8.12
C1D CLA JL . 51.71 25.05 7.36
C2D CLA JL . 52.50 25.98 8.19
C3D CLA JL . 51.88 26.01 9.42
C4D CLA JL . 50.73 25.10 9.34
CMD CLA JL . 53.70 26.69 7.75
CAD CLA JL . 51.88 26.57 10.75
OBD CLA JL . 52.57 27.46 11.19
CBD CLA JL . 50.79 25.83 11.56
CGD CLA JL . 51.43 24.92 12.57
O1D CLA JL . 51.27 23.72 12.71
O2D CLA JL . 52.30 25.53 13.42
CED CLA JL . 52.52 24.89 14.67
C1 CLA JL . 47.48 27.18 8.27
C1 LUT KL . 62.76 39.76 7.88
C2 LUT KL . 62.73 39.06 9.23
C3 LUT KL . 62.60 37.56 9.09
C4 LUT KL . 61.35 37.21 8.34
C5 LUT KL . 61.02 38.15 7.20
C6 LUT KL . 61.60 39.33 7.02
C7 LUT KL . 61.13 40.21 5.92
C8 LUT KL . 60.07 41.00 6.06
C9 LUT KL . 59.61 41.87 4.96
C10 LUT KL . 58.98 43.01 5.25
C11 LUT KL . 58.48 43.96 4.27
C12 LUT KL . 57.78 44.97 4.79
C13 LUT KL . 57.20 46.07 4.02
C14 LUT KL . 56.68 47.09 4.71
C15 LUT KL . 56.11 48.27 4.07
C16 LUT KL . 64.03 39.40 7.15
C17 LUT KL . 62.71 41.26 8.10
C18 LUT KL . 59.98 37.68 6.24
C19 LUT KL . 59.82 41.45 3.54
C20 LUT KL . 57.20 46.07 2.52
O3 LUT KL . 62.48 36.99 10.39
C21 LUT KL . 52.50 60.57 3.59
C22 LUT KL . 52.23 61.76 2.68
C23 LUT KL . 50.81 61.80 2.11
C24 LUT KL . 50.45 60.44 1.58
C25 LUT KL . 50.83 59.34 2.22
C26 LUT KL . 52.13 59.25 2.93
C27 LUT KL . 52.09 58.20 4.01
C28 LUT KL . 52.81 57.12 3.81
C29 LUT KL . 52.90 56.01 4.76
C30 LUT KL . 53.69 54.99 4.39
C31 LUT KL . 54.00 53.79 5.14
C32 LUT KL . 54.74 52.91 4.47
C33 LUT KL . 55.22 51.65 5.04
C34 LUT KL . 55.40 50.58 4.25
C35 LUT KL . 55.91 49.35 4.82
C36 LUT KL . 51.74 60.74 4.89
C37 LUT KL . 53.98 60.56 3.91
C38 LUT KL . 49.90 58.16 2.22
C39 LUT KL . 52.20 56.05 6.09
C40 LUT KL . 55.59 51.58 6.48
O23 LUT KL . 50.77 62.74 1.04
C1 LUT LL . 48.23 42.14 16.18
C2 LUT LL . 48.96 42.19 17.52
C3 LUT LL . 50.13 43.15 17.65
C4 LUT LL . 50.84 43.32 16.32
C5 LUT LL . 49.82 43.80 15.33
C6 LUT LL . 48.73 43.09 15.13
C7 LUT LL . 47.95 43.21 13.88
C8 LUT LL . 48.37 42.70 12.72
C9 LUT LL . 47.54 42.83 11.50
C10 LUT LL . 47.88 42.10 10.43
C11 LUT LL . 47.15 42.10 9.15
C12 LUT LL . 47.58 41.20 8.26
C13 LUT LL . 46.98 40.99 6.92
C14 LUT LL . 47.43 39.95 6.21
C15 LUT LL . 46.93 39.58 4.91
C16 LUT LL . 46.77 42.52 16.42
C17 LUT LL . 48.32 40.74 15.61
C18 LUT LL . 50.04 45.07 14.59
C19 LUT LL . 46.37 43.76 11.46
C20 LUT LL . 45.91 41.90 6.40
O3 LUT LL . 51.05 42.59 18.58
C21 LUT LL . 44.87 32.40 -5.63
C22 LUT LL . 43.84 32.40 -6.75
C23 LUT LL . 44.16 33.40 -7.86
C24 LUT LL . 44.57 34.72 -7.28
C25 LUT LL . 45.37 34.74 -6.22
C26 LUT LL . 45.11 33.80 -5.09
C27 LUT LL . 46.28 33.79 -4.14
C28 LUT LL . 46.06 34.45 -3.01
C29 LUT LL . 47.02 34.59 -1.90
C30 LUT LL . 46.69 35.47 -0.95
C31 LUT LL . 47.48 35.75 0.23
C32 LUT LL . 47.02 36.73 1.00
C33 LUT LL . 47.65 37.16 2.26
C34 LUT LL . 46.98 38.03 3.03
C35 LUT LL . 47.46 38.50 4.32
C36 LUT LL . 46.17 31.80 -6.12
C37 LUT LL . 44.36 31.52 -4.51
C38 LUT LL . 46.52 35.68 -6.18
C39 LUT LL . 48.28 33.78 -1.83
C40 LUT LL . 48.99 36.65 2.65
O23 LUT LL . 42.98 33.62 -8.64
O1 LHG ML . 62.28 40.94 -15.08
C1 LHG ML . 61.34 41.58 -14.19
C2 LHG ML . 62.11 42.34 -13.11
O2 LHG ML . 62.79 41.40 -12.28
C3 LHG ML . 61.11 43.13 -12.27
O3 LHG ML . 61.10 42.62 -10.94
P LHG ML . 59.88 41.64 -10.58
O4 LHG ML . 60.10 40.40 -11.41
O5 LHG ML . 58.60 42.42 -10.73
O6 LHG ML . 60.05 41.21 -9.05
C4 LHG ML . 59.47 39.95 -8.76
C5 LHG ML . 59.41 39.58 -7.29
C6 LHG ML . 58.38 40.45 -6.60
O7 LHG ML . 58.90 38.25 -7.22
C7 LHG ML . 59.86 37.22 -7.54
O9 LHG ML . 61.05 37.51 -7.59
C8 LHG ML . 59.40 35.80 -7.80
C9 LHG ML . 60.14 34.83 -6.88
C10 LHG ML . 60.28 33.42 -7.48
O8 LHG ML . 57.59 39.54 -5.84
C23 LHG ML . 56.38 39.93 -5.14
O10 LHG ML . 55.88 41.00 -5.40
C24 LHG ML . 55.80 38.98 -4.11
C11 LHG ML . 61.42 33.32 -8.50
C12 LHG ML . 62.17 31.99 -8.42
C13 LHG ML . 63.30 31.93 -9.45
C14 LHG ML . 64.35 30.89 -9.05
C15 LHG ML . 65.40 30.74 -10.16
C16 LHG ML . 66.76 30.33 -9.59
C17 LHG ML . 67.73 29.92 -10.69
C18 LHG ML . 69.19 30.01 -10.24
C19 LHG ML . 69.90 28.68 -10.43
C20 LHG ML . 71.29 28.84 -11.03
C21 LHG ML . 72.06 27.52 -11.02
C22 LHG ML . 73.34 27.59 -11.83
C25 LHG ML . 55.54 37.60 -4.70
C26 LHG ML . 56.71 36.64 -4.49
C27 LHG ML . 56.20 35.24 -4.14
C28 LHG ML . 56.42 34.22 -5.24
C29 LHG ML . 55.35 33.14 -5.18
C30 LHG ML . 55.93 31.74 -5.02
C31 LHG ML . 56.19 31.41 -3.56
C32 LHG ML . 56.17 29.91 -3.29
C33 LHG ML . 57.25 29.19 -4.08
C34 LHG ML . 57.81 28.00 -3.31
C35 LHG ML . 59.04 28.38 -2.50
C36 LHG ML . 60.04 29.20 -3.32
C37 LHG ML . 61.23 29.62 -2.48
C38 LHG ML . 62.05 30.69 -3.17
MG CLA NL . -65.13 -10.28 2.67
CHA CLA NL . -66.05 -7.97 0.28
CHB CLA NL . -63.04 -11.74 0.43
CHC CLA NL . -63.98 -12.31 5.17
CHD CLA NL . -67.17 -8.60 5.00
NA CLA NL . -64.69 -9.94 0.67
C1A CLA NL . -65.14 -8.89 -0.13
C2A CLA NL . -64.56 -9.00 -1.53
C3A CLA NL . -63.78 -10.32 -1.50
C4A CLA NL . -63.82 -10.71 -0.03
CMA CLA NL . -64.43 -11.35 -2.37
CAA CLA NL . -63.58 -7.86 -1.72
CBA CLA NL . -62.70 -7.66 -0.49
CGA CLA NL . -61.42 -8.42 -0.63
O1A CLA NL . -60.65 -8.44 -1.58
O2A CLA NL . -61.10 -9.17 0.47
NB CLA NL . -63.83 -11.80 2.76
C1B CLA NL . -63.00 -12.17 1.77
C2B CLA NL . -61.99 -13.12 2.30
C3B CLA NL . -62.26 -13.28 3.62
C4B CLA NL . -63.44 -12.45 3.94
CMB CLA NL . -60.93 -13.70 1.50
CAB CLA NL . -61.59 -14.06 4.61
CBB CLA NL . -61.14 -15.29 4.44
NC CLA NL . -65.57 -10.47 4.70
C1C CLA NL . -64.98 -11.37 5.52
C2C CLA NL . -65.51 -11.21 6.86
C3C CLA NL . -66.37 -10.15 6.83
C4C CLA NL . -66.40 -9.68 5.46
CMC CLA NL . -65.12 -12.01 8.02
CAC CLA NL . -67.13 -9.62 7.95
CBC CLA NL . -66.32 -8.58 8.68
ND CLA NL . -66.43 -8.75 2.68
C1D CLA NL . -67.17 -8.14 3.71
C2D CLA NL . -67.96 -7.04 3.15
C3D CLA NL . -67.60 -6.97 1.82
C4D CLA NL . -66.61 -8.02 1.59
CMD CLA NL . -68.92 -6.23 3.88
CAD CLA NL . -67.83 -6.33 0.56
OBD CLA NL . -68.72 -5.57 0.22
CBD CLA NL . -66.72 -6.82 -0.41
CGD CLA NL . -67.32 -7.17 -1.72
O1D CLA NL . -67.58 -6.42 -2.66
O2D CLA NL . -67.61 -8.48 -1.84
CED CLA NL . -67.85 -8.97 -3.16
C1 CLA NL . -59.77 -9.73 0.49
C2 CLA NL . -59.47 -10.14 1.88
C3 CLA NL . -58.34 -10.78 2.22
C4 CLA NL . -57.30 -11.13 1.24
C5 CLA NL . -58.09 -11.18 3.63
C6 CLA NL . -56.71 -10.82 4.14
C7 CLA NL . -56.69 -11.05 5.63
C8 CLA NL . -55.55 -10.33 6.32
C9 CLA NL . -54.23 -10.89 5.85
C10 CLA NL . -55.64 -10.50 7.83
C11 CLA NL . -56.87 -9.86 8.40
C12 CLA NL . -56.84 -9.89 9.91
C13 CLA NL . -58.18 -9.51 10.50
C14 CLA NL . -58.45 -8.03 10.30
C15 CLA NL . -58.22 -9.86 11.98
MG CLA OL . -57.13 -18.62 5.86
CHA CLA OL . -56.27 -18.77 2.53
CHB CLA OL . -57.22 -15.25 5.68
CHC CLA OL . -58.19 -18.54 9.10
CHD CLA OL . -57.04 -22.15 5.97
NA CLA OL . -56.76 -17.26 4.34
C1A CLA OL . -56.44 -17.52 3.01
C2A CLA OL . -56.28 -16.23 2.23
C3A CLA OL . -56.39 -15.16 3.30
C4A CLA OL . -56.84 -15.92 4.54
CMA CLA OL . -55.06 -14.53 3.54
CAA CLA OL . -57.48 -16.08 1.32
CBA CLA OL . -57.25 -14.97 0.32
CGA CLA OL . -56.24 -15.50 -0.65
O1A CLA OL . -56.26 -16.57 -1.24
O2A CLA OL . -55.19 -14.64 -0.84
NB CLA OL . -57.72 -17.17 7.12
C1B CLA OL . -57.59 -15.86 6.87
C2B CLA OL . -57.85 -15.09 8.10
C3B CLA OL . -58.12 -15.99 9.10
C4B CLA OL . -58.02 -17.34 8.48
CMB CLA OL . -57.76 -13.65 8.17
CAB CLA OL . -58.39 -15.68 10.48
CBB CLA OL . -58.76 -16.52 11.46
NC CLA OL . -57.52 -20.09 7.28
C1C CLA OL . -57.94 -19.83 8.54
C2C CLA OL . -58.12 -21.07 9.26
C3C CLA OL . -57.80 -22.09 8.38
C4C CLA OL . -57.43 -21.47 7.13
CMC CLA OL . -58.55 -21.21 10.64
CAC CLA OL . -57.83 -23.52 8.67
CBC CLA OL . -59.22 -24.07 8.46
ND CLA OL . -56.58 -20.14 4.66
C1D CLA OL . -56.66 -21.54 4.81
C2D CLA OL . -56.25 -22.17 3.55
C3D CLA OL . -56.08 -21.15 2.65
C4D CLA OL . -56.34 -19.92 3.37
CMD CLA OL . -56.11 -23.59 3.32
CAD CLA OL . -55.68 -20.81 1.32
OBD CLA OL . -55.17 -21.47 0.45
CBD CLA OL . -55.98 -19.31 1.15
CGD CLA OL . -54.79 -18.72 0.48
O1D CLA OL . -53.86 -18.10 0.99
O2D CLA OL . -54.77 -18.97 -0.85
CED CLA OL . -53.57 -19.53 -1.38
C1 CLA OL . -54.08 -15.13 -1.62
C2 CLA OL . -52.97 -15.43 -0.67
C3 CLA OL . -51.79 -14.81 -0.74
C4 CLA OL . -51.50 -13.78 -1.77
C5 CLA OL . -50.68 -15.10 0.21
C6 CLA OL . -50.64 -16.56 0.63
C7 CLA OL . -49.98 -17.39 -0.45
C8 CLA OL . -49.55 -18.76 0.07
C9 CLA OL . -48.60 -18.63 1.24
C10 CLA OL . -48.90 -19.55 -1.05
C11 CLA OL . -48.30 -20.85 -0.57
C12 CLA OL . -48.21 -21.86 -1.70
C13 CLA OL . -46.80 -22.37 -1.88
C14 CLA OL . -46.83 -23.67 -2.67
C15 CLA OL . -46.08 -22.59 -0.56
C16 CLA OL . -44.63 -22.96 -0.80
C17 CLA OL . -44.07 -23.69 0.40
C18 CLA OL . -42.95 -24.63 -0.01
C19 CLA OL . -43.23 -25.30 -1.33
C20 CLA OL . -42.70 -25.65 1.07
MG CLA PL . -68.65 -31.99 16.22
CHA CLA PL . -68.25 -34.09 18.91
CHB CLA PL . -65.46 -32.60 15.26
CHC CLA PL . -69.16 -30.03 13.47
CHD CLA PL . -72.00 -31.48 17.17
NA CLA PL . -67.11 -33.16 17.00
C1A CLA PL . -67.15 -33.98 18.12
C2A CLA PL . -65.82 -34.69 18.31
C3A CLA PL . -64.95 -34.14 17.17
C4A CLA PL . -65.90 -33.24 16.40
CMA CLA PL . -63.79 -33.34 17.70
CAA CLA PL . -66.01 -36.18 18.10
CBA CLA PL . -65.82 -36.62 16.66
CGA CLA PL . -66.40 -37.99 16.43
O1A CLA PL . -66.71 -38.83 17.28
O2A CLA PL . -66.60 -38.33 15.12
NB CLA PL . -67.53 -31.43 14.66
C1B CLA PL . -66.24 -31.75 14.46
C2B CLA PL . -65.73 -31.09 13.25
C3B CLA PL . -66.77 -30.35 12.74
C4B CLA PL . -67.93 -30.57 13.63
CMB CLA PL . -64.37 -31.23 12.77
CAB CLA PL . -66.85 -29.52 11.59
CBB CLA PL . -66.26 -29.74 10.42
NC CLA PL . -70.26 -30.93 15.49
C1C CLA PL . -70.25 -30.22 14.34
C2C CLA PL . -71.56 -29.62 14.11
C3C CLA PL . -72.36 -30.03 15.16
C4C CLA PL . -71.55 -30.86 16.01
CMC CLA PL . -71.89 -28.77 12.98
CAC CLA PL . -73.76 -29.68 15.37
CBC CLA PL . -74.69 -30.81 15.04
ND CLA PL . -69.86 -32.52 17.71
C1D CLA PL . -71.22 -32.26 17.98
C2D CLA PL . -71.60 -32.94 19.22
C3D CLA PL . -70.50 -33.62 19.63
C4D CLA PL . -69.45 -33.36 18.65
CMD CLA PL . -72.92 -32.85 19.83
CAD CLA PL . -69.94 -34.49 20.63
OBD CLA PL . -70.45 -34.87 21.67
CBD CLA PL . -68.51 -34.87 20.17
CGD CLA PL . -67.51 -34.53 21.21
O1D CLA PL . -67.15 -33.41 21.54
O2D CLA PL . -66.94 -35.59 21.84
CED CLA PL . -65.69 -35.34 22.47
C1 CLA PL . -67.86 -38.98 14.83
C2 CLA PL . -68.00 -39.30 13.38
C3 CLA PL . -69.17 -39.26 12.73
C4 CLA PL . -70.43 -38.90 13.40
C5 CLA PL . -69.30 -39.58 11.27
C6 CLA PL . -68.60 -40.88 10.93
C7 CLA PL . -69.42 -41.73 9.99
C8 CLA PL . -68.78 -43.09 9.78
C9 CLA PL . -67.67 -43.04 8.75
C10 CLA PL . -69.79 -44.14 9.36
C11 CLA PL . -70.77 -43.64 8.33
C12 CLA PL . -71.43 -44.81 7.65
C13 CLA PL . -72.82 -44.47 7.17
C14 CLA PL . -72.83 -43.10 6.54
C15 CLA PL . -73.80 -44.53 8.32
C16 CLA PL . -75.17 -44.06 7.89
C17 CLA PL . -76.00 -43.70 9.10
C18 CLA PL . -77.48 -43.86 8.84
C19 CLA PL . -77.91 -43.01 7.67
C20 CLA PL . -78.26 -43.47 10.07
MG CLA QL . -62.50 -35.78 12.31
CHA CLA QL . -64.05 -38.78 11.63
CHB CLA QL . -62.87 -34.86 9.09
CHC CLA QL . -61.01 -32.77 13.06
CHD CLA QL . -62.03 -36.84 15.64
NA CLA QL . -63.34 -36.69 10.64
C1A CLA QL . -63.93 -37.96 10.55
C2A CLA QL . -64.40 -38.25 9.13
C3A CLA QL . -63.85 -37.05 8.34
C4A CLA QL . -63.32 -36.11 9.42
CMA CLA QL . -62.74 -37.45 7.42
CAA CLA QL . -65.91 -38.25 9.06
CBA CLA QL . -66.37 -38.86 7.75
NB CLA QL . -61.94 -34.18 11.25
C1B CLA QL . -62.35 -33.92 10.00
C2B CLA QL . -62.18 -32.49 9.68
C3B CLA QL . -61.66 -31.89 10.79
C4B CLA QL . -61.49 -32.96 11.81
CMB CLA QL . -62.53 -31.89 8.40
CAB CLA QL . -61.30 -30.53 10.99
CBB CLA QL . -60.05 -30.08 10.85
NC CLA QL . -61.67 -34.96 14.03
C1C CLA QL . -61.11 -33.73 14.11
C2C CLA QL . -60.61 -33.49 15.44
C3C CLA QL . -60.90 -34.64 16.19
C4C CLA QL . -61.56 -35.56 15.28
CMC CLA QL . -59.95 -32.27 15.88
CAC CLA QL . -60.58 -34.91 17.59
CBC CLA QL . -59.28 -35.67 17.72
ND CLA QL . -63.02 -37.34 13.46
C1D CLA QL . -62.73 -37.67 14.81
C2D CLA QL . -63.28 -39.00 15.10
C3D CLA QL . -63.83 -39.46 13.92
C4D CLA QL . -63.60 -38.40 12.92
CMD CLA QL . -63.22 -39.66 16.39
CAD CLA QL . -64.52 -40.53 13.27
OBD CLA QL . -64.96 -41.56 13.73
CBD CLA QL . -64.60 -40.17 11.77
CGD CLA QL . -63.76 -41.12 11.00
O1D CLA QL . -62.61 -40.95 10.61
O2D CLA QL . -64.37 -42.30 10.73
CED CLA QL . -63.61 -43.24 9.97
MG CLA RL . -53.02 -29.45 16.50
CHA CLA RL . -54.64 -31.77 14.53
CHB CLA RL . -51.17 -31.92 17.86
CHC CLA RL . -51.30 -27.09 18.29
CHD CLA RL . -54.93 -26.90 14.99
NA CLA RL . -52.96 -31.51 16.24
C1A CLA RL . -53.70 -32.29 15.35
C2A CLA RL . -53.33 -33.76 15.48
C3A CLA RL . -52.30 -33.78 16.61
C4A CLA RL . -52.11 -32.30 16.95
CMA CLA RL . -52.81 -34.53 17.81
CAA CLA RL . -52.65 -34.22 14.21
CBA CLA RL . -51.72 -33.17 13.65
CGA CLA RL . -50.30 -33.67 13.63
O1A CLA RL . -49.66 -34.12 12.67
O2A CLA RL . -49.69 -33.59 14.84
NB CLA RL . -51.50 -29.49 17.79
C1B CLA RL . -50.89 -30.61 18.26
C2B CLA RL . -49.87 -30.25 19.27
C3B CLA RL . -49.91 -28.89 19.39
C4B CLA RL . -50.95 -28.39 18.47
CMB CLA RL . -49.05 -31.24 19.95
CAB CLA RL . -49.16 -28.02 20.24
CBB CLA RL . -48.18 -27.22 19.80
NC CLA RL . -53.13 -27.38 16.64
C1C CLA RL . -52.33 -26.63 17.44
C2C CLA RL . -52.67 -25.23 17.29
C3C CLA RL . -53.68 -25.16 16.34
C4C CLA RL . -53.97 -26.52 15.93
CMC CLA RL . -52.02 -24.13 18.00
CAC CLA RL . -54.37 -23.98 15.85
CBC CLA RL . -55.39 -23.56 16.88
ND CLA RL . -54.53 -29.31 15.17
C1D CLA RL . -55.21 -28.20 14.63
C2D CLA RL . -56.20 -28.68 13.64
C3D CLA RL . -56.02 -30.04 13.57
C4D CLA RL . -54.95 -30.38 14.53
CMD CLA RL . -57.13 -27.84 12.91
CAD CLA RL . -56.45 -31.28 12.99
OBD CLA RL . -57.37 -31.48 12.20
CBD CLA RL . -55.54 -32.41 13.52
CGD CLA RL . -56.31 -33.51 14.19
O1D CLA RL . -56.54 -33.62 15.40
O2D CLA RL . -56.77 -34.45 13.37
CED CLA RL . -57.18 -35.68 13.99
C1 CLA RL . -48.45 -32.83 14.89
C2 CLA RL . -48.79 -31.39 14.78
C3 CLA RL . -48.17 -30.42 15.46
C4 CLA RL . -47.06 -30.70 16.40
C5 CLA RL . -48.55 -28.99 15.31
C6 CLA RL . -49.01 -28.69 13.91
C7 CLA RL . -50.43 -28.17 13.92
C8 CLA RL . -50.87 -27.72 12.53
C9 CLA RL . -51.95 -26.67 12.66
C10 CLA RL . -51.31 -28.89 11.67
C11 CLA RL . -52.74 -28.82 11.21
C12 CLA RL . -52.88 -29.31 9.79
C13 CLA RL . -54.06 -30.26 9.66
C14 CLA RL . -54.23 -30.74 8.24
C15 CLA RL . -55.36 -29.61 10.14
MG CHL SL . -66.84 -31.56 -2.39
CHA CHL SL . -67.70 -29.04 -0.15
CHB CHL SL . -67.09 -33.76 0.11
CHC CHL SL . -65.69 -34.04 -4.53
CHD CHL SL . -67.10 -29.29 -5.12
NA CHL SL . -67.17 -31.45 -0.43
C1A CHL SL . -67.45 -30.43 0.26
C2A CHL SL . -67.64 -30.71 1.72
C3A CHL SL . -67.23 -32.14 1.84
C4A CHL SL . -67.15 -32.49 0.41
CMA CHL SL . -65.86 -32.26 2.44
CAA CHL SL . -69.07 -30.55 2.20
CBA CHL SL . -70.05 -31.53 1.57
CGA CHL SL . -71.17 -30.75 0.96
O1A CHL SL . -70.97 -30.09 -0.05
O2A CHL SL . -72.50 -30.77 1.53
NB CHL SL . -66.45 -33.56 -2.23
C1B CHL SL . -66.59 -34.33 -1.13
C2B CHL SL . -66.25 -35.75 -1.26
C3B CHL SL . -65.83 -35.81 -2.65
C4B CHL SL . -65.99 -34.44 -3.16
CMB CHL SL . -66.30 -36.85 -0.25
CAB CHL SL . -65.37 -37.05 -3.31
CBB CHL SL . -65.49 -37.26 -4.60
NC CHL SL . -66.48 -31.65 -4.40
C1C CHL SL . -66.04 -32.72 -5.07
C2C CHL SL . -65.91 -32.44 -6.51
C3C CHL SL . -66.32 -31.06 -6.68
C4C CHL SL . -66.65 -30.67 -5.30
CMC CHL SL . -65.47 -33.30 -7.62
OMC CHL SL . -65.24 -34.49 -7.44
CAC CHL SL . -66.40 -30.24 -7.93
CBC CHL SL . -67.78 -30.41 -8.50
ND CHL SL . -67.29 -29.60 -2.71
C1D CHL SL . -67.36 -28.80 -3.77
C2D CHL SL . -67.74 -27.45 -3.36
C3D CHL SL . -67.88 -27.55 -1.91
C4D CHL SL . -67.59 -28.87 -1.58
CMD CHL SL . -67.99 -26.11 -3.98
CAD CHL SL . -68.19 -26.80 -0.69
OBD CHL SL . -68.50 -25.56 -0.70
CBD CHL SL . -68.11 -27.75 0.42
CGD CHL SL . -67.15 -27.25 1.43
O1D CHL SL . -65.95 -27.37 1.31
O2D CHL SL . -67.68 -26.65 2.62
CED CHL SL . -67.34 -27.25 3.85
C1 CHL SL . -73.65 -30.64 0.70
C2 CHL SL . -74.64 -31.74 1.00
C3 CHL SL . -75.43 -31.65 2.07
C4 CHL SL . -75.34 -30.46 2.97
C5 CHL SL . -76.42 -32.74 2.40
C6 CHL SL . -75.73 -33.80 3.24
C7 CHL SL . -76.62 -34.24 4.40
MG CLA TL . -58.02 -27.30 2.09
CHA CLA TL . -58.42 -24.32 0.46
CHB CLA TL . -56.22 -28.49 -0.53
CHC CLA TL . -57.30 -30.08 3.94
CHD CLA TL . -59.66 -25.93 4.87
NA CLA TL . -57.50 -26.55 0.23
C1A CLA TL . -57.74 -25.26 -0.25
C2A CLA TL . -57.15 -25.09 -1.64
C3A CLA TL . -56.62 -26.49 -1.99
C4A CLA TL . -56.78 -27.24 -0.68
CMA CLA TL . -57.44 -27.11 -3.09
CAA CLA TL . -55.99 -24.14 -1.51
CBA CLA TL . -54.92 -24.43 -2.54
CGA CLA TL . -53.55 -24.07 -2.04
O1A CLA TL . -52.55 -23.80 -2.69
O2A CLA TL . -53.46 -24.09 -0.67
NB CLA TL . -56.96 -28.97 1.76
C1B CLA TL . -56.31 -29.27 0.63
C2B CLA TL . -55.64 -30.58 0.78
C3B CLA TL . -55.94 -31.03 2.03
C4B CLA TL . -56.79 -30.01 2.68
CMB CLA TL . -54.83 -31.18 -0.27
CAB CLA TL . -55.56 -32.24 2.69
CBB CLA TL . -54.75 -32.28 3.75
NC CLA TL . -58.51 -27.93 4.01
C1C CLA TL . -58.13 -29.11 4.56
C2C CLA TL . -58.60 -29.20 5.92
C3C CLA TL . -59.23 -28.00 6.20
C4C CLA TL . -59.15 -27.22 5.00
CMC CLA TL . -58.39 -30.35 6.79
CAC CLA TL . -59.84 -27.56 7.45
CBC CLA TL . -61.20 -28.16 7.71
ND CLA TL . -59.07 -25.65 2.52
C1D CLA TL . -59.64 -25.19 3.72
C2D CLA TL . -60.14 -23.83 3.54
C3D CLA TL . -59.70 -23.44 2.29
C4D CLA TL . -58.99 -24.60 1.73
CMD CLA TL . -60.90 -23.12 4.54
CAD CLA TL . -59.69 -22.41 1.28
OBD CLA TL . -60.28 -21.37 1.21
CBD CLA TL . -58.72 -22.88 0.18
CGD CLA TL . -59.36 -22.66 -1.14
O1D CLA TL . -59.75 -23.52 -1.92
O2D CLA TL . -59.51 -21.36 -1.44
CED CLA TL . -60.38 -21.08 -2.53
C1 CLA TL . -52.39 -23.30 -0.12
C2 CLA TL . -51.93 -23.95 1.12
C3 CLA TL . -51.25 -23.29 2.07
C4 CLA TL . -50.89 -21.86 1.97
C5 CLA TL . -50.80 -23.98 3.31
MG CLA UL . -75.10 -23.61 0.89
CHA CLA UL . -75.66 -24.49 -2.38
CHB CLA UL . -77.67 -21.44 0.74
CHC CLA UL . -74.80 -23.12 4.26
CHD CLA UL . -72.49 -25.93 1.00
NA CLA UL . -76.39 -23.02 -0.62
C1A CLA UL . -76.50 -23.54 -1.91
C2A CLA UL . -77.59 -22.83 -2.68
C3A CLA UL . -77.97 -21.67 -1.75
C4A CLA UL . -77.32 -22.06 -0.44
CMA CLA UL . -77.40 -20.41 -2.31
CAA CLA UL . -78.79 -23.74 -2.83
CBA CLA UL . -79.14 -24.48 -1.55
CGA CLA UL . -80.10 -23.69 -0.71
O1A CLA UL . -80.88 -22.82 -1.04
O2A CLA UL . -80.07 -24.04 0.62
NB CLA UL . -76.11 -22.57 2.26
C1B CLA UL . -77.09 -21.68 1.99
C2B CLA UL . -77.45 -20.93 3.21
C3B CLA UL . -76.64 -21.39 4.21
C4B CLA UL . -75.75 -22.43 3.61
CMB CLA UL . -78.46 -19.88 3.24
CAB CLA UL . -76.53 -20.96 5.56
CBB CLA UL . -77.27 -21.37 6.59
NC CLA UL . -73.81 -24.33 2.34
C1C CLA UL . -73.88 -24.01 3.67
C2C CLA UL . -72.87 -24.76 4.39
C3C CLA UL . -72.20 -25.54 3.46
C4C CLA UL . -72.82 -25.28 2.19
CMC CLA UL . -72.60 -24.71 5.81
CAC CLA UL . -71.11 -26.46 3.73
CBC CLA UL . -71.63 -27.85 3.95
ND CLA UL . -74.05 -24.72 -0.42
C1D CLA UL . -73.07 -25.70 -0.22
C2D CLA UL . -72.77 -26.36 -1.50
C3D CLA UL . -73.73 -25.90 -2.36
C4D CLA UL . -74.54 -24.94 -1.63
CMD CLA UL . -71.72 -27.32 -1.74
CAD CLA UL . -74.21 -25.90 -3.70
OBD CLA UL . -73.68 -26.28 -4.71
CBD CLA UL . -75.59 -25.22 -3.68
CGD CLA UL . -75.72 -24.37 -4.88
O1D CLA UL . -75.62 -23.16 -4.97
O2D CLA UL . -75.97 -25.09 -6.00
CED CLA UL . -76.50 -24.40 -7.12
C1 CLA UL . -80.99 -23.36 1.50
C2 CLA UL . -80.44 -23.60 2.86
C3 CLA UL . -81.14 -23.51 3.98
C4 CLA UL . -82.58 -23.16 3.98
C5 CLA UL . -80.49 -23.76 5.29
C6 CLA UL . -81.14 -24.86 6.09
C7 CLA UL . -80.21 -25.29 7.18
C8 CLA UL . -80.92 -26.15 8.21
C9 CLA UL . -81.06 -25.40 9.52
C10 CLA UL . -80.14 -27.44 8.47
C11 CLA UL . -80.05 -28.28 7.21
C12 CLA UL . -80.99 -29.46 7.23
C13 CLA UL . -80.21 -30.76 7.30
C14 CLA UL . -79.23 -30.83 6.15
C15 CLA UL . -81.15 -31.97 7.31
C16 CLA UL . -80.69 -33.08 6.37
C17 CLA UL . -81.69 -33.26 5.24
C18 CLA UL . -81.65 -34.60 4.54
C19 CLA UL . -80.26 -35.20 4.55
C20 CLA UL . -82.07 -34.37 3.11
MG CLA VL . -79.81 -7.80 9.24
CHA CLA VL . -80.65 -10.10 6.82
CHB CLA VL . -82.32 -5.78 8.19
CHC CLA VL . -79.01 -5.61 11.75
CHD CLA VL . -77.23 -9.96 10.32
NA CLA VL . -81.23 -7.93 7.73
C1A CLA VL . -81.44 -8.99 6.83
C2A CLA VL . -82.61 -8.69 5.90
C3A CLA VL . -83.08 -7.29 6.34
C4A CLA VL . -82.15 -6.96 7.51
CMA CLA VL . -82.95 -6.29 5.22
CAA CLA VL . -83.74 -9.68 6.14
NB CLA VL . -80.58 -6.08 9.92
C1B CLA VL . -81.52 -5.35 9.27
C2B CLA VL . -81.58 -3.99 9.83
C3B CLA VL . -80.65 -3.93 10.83
C4B CLA VL . -80.00 -5.26 10.90
CMB CLA VL . -82.48 -2.95 9.32
CAB CLA VL . -80.29 -2.84 11.70
CBB CLA VL . -80.60 -2.79 12.99
NC CLA VL . -78.37 -7.79 10.75
C1C CLA VL . -78.24 -6.81 11.68
C2C CLA VL . -77.18 -7.14 12.62
C3C CLA VL . -76.66 -8.35 12.21
C4C CLA VL . -77.41 -8.77 11.04
CMC CLA VL . -76.75 -6.33 13.76
CAC CLA VL . -75.57 -9.07 12.87
CBC CLA VL . -76.07 -9.87 14.05
ND CLA VL . -78.96 -9.54 8.65
C1D CLA VL . -77.95 -10.33 9.21
C2D CLA VL . -77.82 -11.57 8.41
C3D CLA VL . -78.81 -11.51 7.45
C4D CLA VL . -79.53 -10.25 7.68
CMD CLA VL . -76.82 -12.58 8.65
CAD CLA VL . -79.43 -12.15 6.31
OBD CLA VL . -79.08 -13.14 5.68
CBD CLA VL . -80.69 -11.33 5.95
CGD CLA VL . -80.72 -10.92 4.52
O1D CLA VL . -79.77 -10.52 3.85
O2D CLA VL . -81.94 -10.97 3.94
CED CLA VL . -82.13 -10.20 2.75
MG CLA WL . -79.54 -17.59 10.56
CHA CLA WL . -81.59 -16.44 8.03
CHB CLA WL . -79.76 -20.73 9.29
CHC CLA WL . -77.54 -18.70 13.12
CHD CLA WL . -79.47 -14.34 11.92
NA CLA WL . -80.50 -18.42 8.90
C1A CLA WL . -81.31 -17.77 7.96
C2A CLA WL . -81.85 -18.75 6.93
C3A CLA WL . -81.28 -20.11 7.39
C4A CLA WL . -80.43 -19.75 8.61
CMA CLA WL . -82.40 -21.00 7.85
CAA CLA WL . -81.35 -18.45 5.54
CBA CLA WL . -81.90 -19.46 4.57
CGA CLA WL . -83.28 -19.09 4.14
O1A CLA WL . -83.65 -18.34 3.24
O2A CLA WL . -84.24 -19.71 4.90
NB CLA WL . -78.76 -19.37 11.07
C1B CLA WL . -78.98 -20.53 10.43
C2B CLA WL . -78.26 -21.63 11.14
C3B CLA WL . -77.64 -21.07 12.22
C4B CLA WL . -77.95 -19.61 12.20
CMB CLA WL . -78.31 -23.02 10.71
CAB CLA WL . -76.85 -21.67 13.25
CBB CLA WL . -77.26 -21.85 14.50
NC CLA WL . -78.67 -16.67 12.20
C1C CLA WL . -77.89 -17.32 13.12
C2C CLA WL . -77.44 -16.39 14.14
C3C CLA WL . -77.99 -15.15 13.81
C4C CLA WL . -78.75 -15.34 12.59
CMC CLA WL . -76.61 -16.73 15.29
CAC CLA WL . -77.84 -13.89 14.53
CBC CLA WL . -78.98 -13.63 15.48
ND CLA WL . -80.30 -15.78 10.13
C1D CLA WL . -80.20 -14.52 10.77
C2D CLA WL . -80.99 -13.55 10.03
C3D CLA WL . -81.55 -14.22 8.96
C4D CLA WL . -81.09 -15.61 9.08
CMD CLA WL . -81.12 -12.15 10.41
CAD CLA WL . -82.40 -14.15 7.80
OBD CLA WL . -83.02 -13.19 7.34
CBD CLA WL . -82.44 -15.56 7.16
CGD CLA WL . -83.83 -16.10 7.06
O1D CLA WL . -84.31 -17.03 7.74
O2D CLA WL . -84.59 -15.51 6.11
CED CLA WL . -85.95 -15.92 6.03
C1 CLA WL . -85.40 -20.16 4.17
MG CLA XL . -66.72 -11.31 22.11
CHA CLA XL . -66.27 -11.22 25.52
CHB CLA XL . -70.08 -11.42 22.56
CHC CLA XL . -67.15 -11.06 18.72
CHD CLA XL . -63.24 -11.02 21.68
NA CLA XL . -67.95 -11.38 23.79
C1A CLA XL . -67.57 -11.29 25.12
C2A CLA XL . -68.78 -11.35 26.03
C3A CLA XL . -69.96 -11.52 25.06
C4A CLA XL . -69.30 -11.44 23.69
CMA CLA XL . -70.65 -12.83 25.23
CAA CLA XL . -68.89 -10.03 26.77
CBA CLA XL . -69.27 -8.89 25.84
CGA CLA XL . -68.09 -8.02 25.52
O1A CLA XL . -67.25 -7.54 26.27
O2A CLA XL . -67.99 -7.74 24.19
NB CLA XL . -68.31 -11.25 20.88
C1B CLA XL . -69.59 -11.35 21.25
C2B CLA XL . -70.46 -11.38 20.04
C3B CLA XL . -69.65 -11.29 18.96
C4B CLA XL . -68.26 -11.20 19.47
CMB CLA XL . -71.91 -11.48 20.11
CAB CLA XL . -69.99 -11.24 17.57
CBB CLA XL . -69.64 -12.15 16.67
NC CLA XL . -65.43 -11.13 20.49
C1C CLA XL . -65.82 -11.02 19.19
C2C CLA XL . -64.65 -10.86 18.35
C3C CLA XL . -63.55 -10.86 19.18
C4C CLA XL . -64.04 -11.01 20.54
CMC CLA XL . -64.70 -10.70 16.90
CAC CLA XL . -62.14 -10.70 18.79
CBC CLA XL . -61.78 -9.24 18.62
ND CLA XL . -65.08 -11.33 23.27
C1D CLA XL . -63.71 -11.15 22.97
C2D CLA XL . -62.94 -11.15 24.24
C3D CLA XL . -63.87 -11.20 25.24
C4D CLA XL . -65.19 -11.25 24.59
CMD CLA XL . -61.49 -11.08 24.32
CAD CLA XL . -64.10 -11.27 26.67
OBD CLA XL . -63.31 -11.42 27.58
CBD CLA XL . -65.63 -11.12 26.89
CGD CLA XL . -66.18 -12.14 27.83
O1D CLA XL . -66.95 -13.06 27.59
O2D CLA XL . -65.75 -12.02 29.10
CED CLA XL . -66.44 -12.79 30.09
C1 CLA XL . -66.66 -7.73 23.63
C2 CLA XL . -66.79 -7.21 22.26
C3 CLA XL . -65.74 -6.96 21.47
C4 CLA XL . -64.36 -7.19 21.94
C5 CLA XL . -65.91 -6.44 20.08
C6 CLA XL . -67.16 -6.97 19.40
C7 CLA XL . -67.32 -6.32 18.04
C8 CLA XL . -67.25 -7.32 16.90
C9 CLA XL . -66.37 -6.79 15.78
C10 CLA XL . -68.63 -7.62 16.34
MG CLA YL . -74.05 -6.93 26.34
CHA CLA YL . -71.35 -4.86 25.80
CHB CLA YL . -74.99 -5.02 29.00
CHC CLA YL . -76.77 -8.97 26.76
CHD CLA YL . -73.00 -8.93 23.61
NA CLA YL . -73.27 -5.22 27.24
C1A CLA YL . -72.14 -4.50 26.86
C2A CLA YL . -71.90 -3.31 27.79
C3A CLA YL . -73.00 -3.47 28.86
C4A CLA YL . -73.83 -4.64 28.34
CMA CLA YL . -72.40 -3.78 30.20
CAA CLA YL . -72.10 -2.02 27.02
CBA CLA YL . -71.60 -0.80 27.76
CGA CLA YL . -71.81 0.42 26.92
O1A CLA YL . -71.08 0.92 26.06
O2A CLA YL . -73.01 1.04 27.17
NB CLA YL . -75.53 -7.04 27.69
C1B CLA YL . -75.82 -6.09 28.61
C2B CLA YL . -77.16 -6.33 29.18
C3B CLA YL . -77.67 -7.43 28.56
C4B CLA YL . -76.64 -7.91 27.59
CMB CLA YL . -77.75 -5.47 30.20
CAB CLA YL . -78.94 -8.08 28.70
CBB CLA YL . -79.93 -7.95 27.83
NC CLA YL . -74.74 -8.65 25.37
C1C CLA YL . -75.87 -9.33 25.71
C2C CLA YL . -76.05 -10.47 24.85
C3C CLA YL . -75.00 -10.46 23.94
C4C CLA YL . -74.18 -9.31 24.28
CMC CLA YL . -77.16 -11.42 24.93
CAC CLA YL . -74.77 -11.41 22.86
CBC CLA YL . -75.43 -10.99 21.57
ND CLA YL . -72.60 -6.91 24.94
C1D CLA YL . -72.25 -7.81 23.91
C2D CLA YL . -71.03 -7.34 23.26
C3D CLA YL . -70.65 -6.21 23.93
C4D CLA YL . -71.64 -6.00 24.99
CMD CLA YL . -70.40 -8.00 22.12
CAD CLA YL . -69.69 -5.13 24.02
OBD CLA YL . -68.76 -4.85 23.28
CBD CLA YL . -70.07 -4.29 25.29
CGD CLA YL . -69.03 -4.43 26.36
O1D CLA YL . -68.89 -5.37 27.14
O2D CLA YL . -68.18 -3.38 26.48
CED CLA YL . -66.91 -3.67 27.06
MG CLA ZL . -50.55 -33.78 -0.33
CHA CLA ZL . -49.57 -36.51 -2.16
CHB CLA ZL . -49.94 -35.51 2.53
CHC CLA ZL . -51.25 -30.96 1.47
CHD CLA ZL . -51.02 -31.99 -3.31
NA CLA ZL . -49.90 -35.72 0.09
C1A CLA ZL . -49.52 -36.69 -0.82
C2A CLA ZL . -49.08 -37.96 -0.11
C3A CLA ZL . -49.35 -37.65 1.38
C4A CLA ZL . -49.75 -36.19 1.35
CMA CLA ZL . -50.45 -38.51 1.93
CAA CLA ZL . -47.58 -38.10 -0.30
CBA CLA ZL . -47.23 -39.45 -0.88
CGA CLA ZL . -45.96 -39.37 -1.68
O1A CLA ZL . -44.92 -38.77 -1.41
O2A CLA ZL . -46.02 -40.12 -2.84
NB CLA ZL . -50.59 -33.32 1.63
C1B CLA ZL . -50.33 -34.17 2.64
C2B CLA ZL . -50.51 -33.47 3.93
C3B CLA ZL . -50.87 -32.18 3.64
C4B CLA ZL . -50.93 -32.08 2.16
CMB CLA ZL . -50.29 -34.12 5.22
CAB CLA ZL . -51.17 -31.08 4.50
CBB CLA ZL . -51.98 -31.08 5.54
NC CLA ZL . -51.09 -31.84 -0.83
C1C CLA ZL . -51.34 -30.86 0.06
C2C CLA ZL . -51.67 -29.63 -0.64
C3C CLA ZL . -51.59 -29.91 -1.99
C4C CLA ZL . -51.22 -31.31 -2.11
CMC CLA ZL . -52.00 -28.36 0.00
CAC CLA ZL . -51.84 -28.99 -3.10
CBC CLA ZL . -53.30 -28.85 -3.40
ND CLA ZL . -50.48 -34.14 -2.30
C1D CLA ZL . -50.67 -33.31 -3.42
C2D CLA ZL . -50.43 -34.10 -4.64
C3D CLA ZL . -50.04 -35.34 -4.21
C4D CLA ZL . -50.05 -35.31 -2.75
CMD CLA ZL . -50.60 -33.60 -5.99
CAD CLA ZL . -49.64 -36.67 -4.60
OBD CLA ZL . -49.61 -37.18 -5.70
CBD CLA ZL . -49.24 -37.43 -3.31
CGD CLA ZL . -49.98 -38.72 -3.22
O1D CLA ZL . -51.07 -38.92 -2.70
O2D CLA ZL . -49.33 -39.75 -3.79
CED CLA ZL . -49.59 -41.03 -3.21
C1 CLA ZL . -44.92 -40.02 -3.78
MG CLA AM . -72.87 -38.42 21.24
CHA CLA AM . -71.58 -40.67 23.50
CHB CLA AM . -69.88 -38.28 19.66
CHC CLA AM . -74.25 -36.28 18.96
CHD CLA AM . -76.02 -38.78 22.79
NA CLA AM . -71.02 -39.31 21.58
C1A CLA AM . -70.67 -40.23 22.57
C2A CLA AM . -69.20 -40.63 22.44
C3A CLA AM . -68.70 -39.80 21.26
C4A CLA AM . -69.94 -39.06 20.79
CMA CLA AM . -67.63 -38.84 21.69
CAA CLA AM . -69.01 -42.10 22.12
CBA CLA AM . -69.65 -42.45 20.79
CGA CLA AM . -70.99 -43.05 21.03
O1A CLA AM . -71.24 -44.15 21.51
O2A CLA AM . -72.02 -42.24 20.65
NB CLA AM . -72.18 -37.42 19.66
C1B CLA AM . -70.95 -37.57 19.12
C2B CLA AM . -70.89 -36.87 17.81
C3B CLA AM . -72.12 -36.30 17.62
C4B CLA AM . -72.96 -36.64 18.79
CMB CLA AM . -69.72 -36.83 16.98
CAB CLA AM . -72.58 -35.51 16.52
CBB CLA AM . -73.46 -35.94 15.62
NC CLA AM . -74.77 -37.62 20.99
C1C CLA AM . -75.10 -36.73 20.01
C2C CLA AM . -76.50 -36.35 20.14
C3C CLA AM . -77.01 -37.10 21.18
C4C CLA AM . -75.92 -37.90 21.71
CMC CLA AM . -77.20 -35.41 19.29
CAC CLA AM . -78.37 -37.07 21.70
CBC CLA AM . -79.18 -38.16 21.06
ND CLA AM . -73.66 -39.37 22.83
C1D CLA AM . -74.98 -39.48 23.31
C2D CLA AM . -75.00 -40.39 24.44
C3D CLA AM . -73.72 -40.83 24.60
C4D CLA AM . -72.93 -40.21 23.53
CMD CLA AM . -76.20 -40.68 25.23
CAD CLA AM . -72.82 -41.66 25.36
OBD CLA AM . -73.02 -42.25 26.41
CBD CLA AM . -71.46 -41.67 24.62
CGD CLA AM . -70.36 -41.40 25.58
O1D CLA AM . -70.26 -40.43 26.32
O2D CLA AM . -69.38 -42.34 25.59
CED CLA AM . -68.54 -42.38 26.74
C1 CLA AM . -73.08 -42.84 19.87
C2 CLA AM . -73.27 -41.96 18.69
C3 CLA AM . -74.40 -41.29 18.42
C4 CLA AM . -75.60 -41.37 19.28
C5 CLA AM . -74.50 -40.42 17.22
C6 CLA AM . -75.71 -40.75 16.37
C7 CLA AM . -76.67 -39.59 16.29
C8 CLA AM . -76.24 -38.47 15.35
C9 CLA AM . -77.43 -37.57 15.04
C10 CLA AM . -75.66 -38.98 14.05
C11 CLA AM . -75.24 -37.83 13.17
C1 LUT BM . -72.17 -16.17 21.44
C2 LUT BM . -71.34 -16.82 22.53
C3 LUT BM . -70.05 -16.08 22.80
C4 LUT BM . -69.22 -16.09 21.54
C5 LUT BM . -70.03 -15.63 20.35
C6 LUT BM . -71.35 -15.84 20.23
C7 LUT BM . -72.04 -15.71 18.94
C8 LUT BM . -71.90 -16.61 17.96
C9 LUT BM . -72.60 -16.49 16.67
C10 LUT BM . -72.57 -17.56 15.86
C11 LUT BM . -73.23 -17.64 14.55
C12 LUT BM . -73.10 -18.80 13.91
C13 LUT BM . -73.72 -19.14 12.60
C14 LUT BM . -73.78 -20.44 12.27
C15 LUT BM . -74.39 -20.89 11.03
C16 LUT BM . -72.77 -14.87 21.91
C17 LUT BM . -73.30 -17.09 21.01
C18 LUT BM . -69.32 -14.88 19.27
C19 LUT BM . -73.32 -15.25 16.28
C20 LUT BM . -74.28 -18.10 11.69
O3 LUT BM . -69.31 -16.74 23.82
C21 LUT BM . -79.77 -27.95 2.01
C22 LUT BM . -80.43 -27.99 0.64
C23 LUT BM . -79.53 -28.61 -0.40
C24 LUT BM . -78.16 -27.99 -0.32
C25 LUT BM . -77.63 -27.57 0.83
C26 LUT BM . -78.46 -27.19 2.01
C27 LUT BM . -77.66 -27.52 3.24
C28 LUT BM . -77.40 -26.54 4.08
C29 LUT BM . -76.64 -26.68 5.34
C30 LUT BM . -76.55 -25.58 6.10
C31 LUT BM . -75.83 -25.50 7.37
C32 LUT BM . -75.85 -24.29 7.93
C33 LUT BM . -75.19 -23.96 9.20
C34 LUT BM . -75.13 -22.68 9.56
C35 LUT BM . -74.50 -22.20 10.79
C36 LUT BM . -79.57 -29.38 2.50
C37 LUT BM . -80.72 -27.24 2.95
C38 LUT BM . -76.15 -27.50 0.97
C39 LUT BM . -75.98 -27.96 5.73
C40 LUT BM . -74.57 -25.03 10.04
O23 LUT BM . -80.05 -28.31 -1.69
C1 LUT CM . -62.19 -28.06 15.63
C2 LUT CM . -62.35 -28.30 17.11
C3 LUT CM . -63.68 -28.93 17.43
C4 LUT CM . -64.74 -27.92 17.05
C5 LUT CM . -64.62 -27.69 15.57
C6 LUT CM . -63.44 -27.53 15.00
C7 LUT CM . -63.31 -26.87 13.69
C8 LUT CM . -63.49 -25.57 13.57
C9 LUT CM . -63.36 -24.88 12.27
C10 LUT CM . -63.18 -23.56 12.30
C11 LUT CM . -63.02 -22.77 11.09
C12 LUT CM . -62.64 -21.51 11.29
C13 LUT CM . -62.40 -20.54 10.22
C14 LUT CM . -62.28 -19.25 10.58
C15 LUT CM . -62.03 -18.18 9.64
C16 LUT CM . -61.89 -29.37 14.95
C17 LUT CM . -61.04 -27.12 15.36
C18 LUT CM . -65.86 -27.67 14.76
C19 LUT CM . -63.41 -25.64 10.99
C20 LUT CM . -62.27 -20.96 8.79
O3 LUT CM . -63.74 -29.21 18.83
C21 LUT CM . -59.42 -6.72 4.71
C22 LUT CM . -59.25 -5.90 3.45
C23 LUT CM . -60.47 -5.05 3.18
C24 LUT CM . -61.72 -5.89 3.22
C25 LUT CM . -61.80 -6.99 3.97
C26 LUT CM . -60.62 -7.66 4.58
C27 LUT CM . -61.03 -8.20 5.93
C28 LUT CM . -60.91 -9.51 6.12
C29 LUT CM . -61.30 -10.13 7.40
C30 LUT CM . -61.22 -11.46 7.48
C31 LUT CM . -61.57 -12.24 8.66
C32 LUT CM . -61.42 -13.55 8.50
C33 LUT CM . -61.71 -14.55 9.54
C34 LUT CM . -61.78 -15.83 9.17
C35 LUT CM . -62.06 -16.92 10.09
C36 LUT CM . -59.57 -5.80 5.91
C37 LUT CM . -58.17 -7.55 4.89
C38 LUT CM . -63.14 -7.60 4.18
C39 LUT CM . -61.77 -9.29 8.53
C40 LUT CM . -61.91 -14.12 10.96
O23 LUT CM . -60.35 -4.52 1.86
C1 BCR DM . -60.69 -45.53 -7.80
C2 BCR DM . -59.40 -45.35 -8.57
C3 BCR DM . -58.29 -46.17 -7.96
C4 BCR DM . -58.00 -45.63 -6.59
C5 BCR DM . -59.26 -45.83 -5.82
C6 BCR DM . -60.45 -45.52 -6.30
C7 BCR DM . -61.52 -45.21 -5.33
C8 BCR DM . -61.64 -44.02 -4.76
C9 BCR DM . -62.68 -43.77 -3.75
C10 BCR DM . -62.71 -42.62 -3.06
C11 BCR DM . -63.69 -42.34 -2.01
C33 BCR DM . -59.18 -46.44 -4.46
C31 BCR DM . -61.27 -46.87 -8.15
C32 BCR DM . -61.67 -44.45 -8.17
C34 BCR DM . -63.72 -44.82 -3.50
C12 BCR DM . -63.47 -41.27 -1.25
C13 BCR DM . -64.35 -40.89 -0.12
C14 BCR DM . -64.06 -39.77 0.57
C15 BCR DM . -64.86 -39.39 1.73
C16 BCR DM . -64.55 -38.30 2.42
C17 BCR DM . -65.28 -37.93 3.62
C18 BCR DM . -65.25 -36.68 4.05
C19 BCR DM . -65.94 -36.29 5.31
C20 BCR DM . -65.90 -35.06 5.81
C21 BCR DM . -66.59 -34.79 7.07
C22 BCR DM . -66.65 -33.57 7.62
C23 BCR DM . -67.34 -33.35 8.91
C24 BCR DM . -67.96 -34.37 9.50
C25 BCR DM . -68.63 -34.26 10.81
C26 BCR DM . -67.95 -34.61 11.89
C27 BCR DM . -68.54 -34.39 13.24
C28 BCR DM . -69.91 -35.00 13.15
C29 BCR DM . -70.76 -34.18 12.18
C30 BCR DM . -70.06 -33.82 10.88
C35 BCR DM . -65.51 -41.75 0.24
C36 BCR DM . -64.50 -35.70 3.23
C37 BCR DM . -65.98 -32.41 6.94
C38 BCR DM . -66.60 -35.24 11.79
C39 BCR DM . -70.11 -32.31 10.72
C40 BCR DM . -70.80 -34.48 9.73
C1 BCR EM . -70.34 -37.78 -1.27
C2 BCR EM . -69.59 -38.65 -2.25
C3 BCR EM . -69.69 -40.10 -1.80
C4 BCR EM . -69.01 -40.25 -0.46
C5 BCR EM . -69.64 -39.29 0.51
C6 BCR EM . -69.91 -38.05 0.15
C7 BCR EM . -69.78 -36.99 1.18
C8 BCR EM . -70.81 -36.35 1.76
C9 BCR EM . -70.47 -35.34 2.79
C10 BCR EM . -71.38 -34.56 3.38
C11 BCR EM . -70.94 -33.61 4.40
C33 BCR EM . -69.96 -39.75 1.89
C31 BCR EM . -71.82 -38.10 -1.36
C32 BCR EM . -70.09 -36.31 -1.61
C34 BCR EM . -69.04 -35.21 3.20
C12 BCR EM . -71.76 -32.81 5.09
C13 BCR EM . -71.09 -31.94 6.07
C14 BCR EM . -71.71 -31.17 6.97
C15 BCR EM . -73.14 -31.02 7.16
C16 BCR EM . -73.58 -30.29 8.18
C17 BCR EM . -75.03 -30.15 8.31
C18 BCR EM . -75.74 -29.54 9.27
C19 BCR EM . -75.25 -28.84 10.46
C20 BCR EM . -76.23 -28.37 11.23
C21 BCR EM . -76.02 -27.63 12.48
C22 BCR EM . -77.11 -27.27 13.18
C23 BCR EM . -76.99 -26.53 14.45
C24 BCR EM . -77.81 -26.85 15.45
C25 BCR EM . -77.74 -26.17 16.76
C26 BCR EM . -78.15 -24.92 16.89
C27 BCR EM . -77.41 -23.98 17.80
C28 BCR EM . -77.11 -24.72 19.09
C29 BCR EM . -76.37 -25.99 18.78
C30 BCR EM . -77.26 -26.90 17.97
C35 BCR EM . -69.60 -31.93 6.06
C36 BCR EM . -77.23 -29.58 9.12
C37 BCR EM . -78.47 -27.60 12.66
C38 BCR EM . -79.35 -24.44 16.13
C39 BCR EM . -78.47 -27.31 18.80
C40 BCR EM . -76.45 -28.11 17.53
C1 BCR FM . -54.05 -26.64 6.47
C2 BCR FM . -53.61 -27.68 5.46
C3 BCR FM . -52.51 -27.09 4.61
C4 BCR FM . -51.28 -26.85 5.46
C5 BCR FM . -51.63 -26.23 6.80
C6 BCR FM . -52.89 -26.00 7.18
C7 BCR FM . -53.21 -25.17 8.37
C8 BCR FM . -53.22 -23.84 8.40
C9 BCR FM . -53.57 -23.17 9.67
C10 BCR FM . -53.66 -21.84 9.80
C11 BCR FM . -54.03 -21.30 11.11
C33 BCR FM . -50.48 -25.87 7.70
C31 BCR FM . -54.96 -27.27 7.52
C32 BCR FM . -54.78 -25.55 5.73
C34 BCR FM . -53.84 -24.04 10.86
C12 BCR FM . -54.39 -20.05 11.38
C13 BCR FM . -54.68 -19.80 12.81
C14 BCR FM . -54.98 -18.62 13.38
C15 BCR FM . -55.10 -17.31 12.74
C16 BCR FM . -55.32 -16.25 13.53
C17 BCR FM . -55.47 -14.92 12.93
C18 BCR FM . -55.59 -13.76 13.59
C19 BCR FM . -55.54 -13.59 15.06
C20 BCR FM . -55.93 -12.40 15.53
C21 BCR FM . -55.92 -12.05 16.95
C22 BCR FM . -56.31 -10.84 17.38
C23 BCR FM . -56.27 -10.49 18.82
C24 BCR FM . -56.50 -9.24 19.21
C25 BCR FM . -56.46 -8.78 20.62
C26 BCR FM . -55.28 -8.62 21.22
C27 BCR FM . -55.11 -8.75 22.72
C28 BCR FM . -56.45 -8.77 23.42
C29 BCR FM . -57.45 -7.88 22.72
C30 BCR FM . -57.74 -8.46 21.34
C35 BCR FM . -54.64 -20.99 13.72
C36 BCR FM . -55.76 -12.53 12.75
C37 BCR FM . -56.78 -9.81 16.40
C38 BCR FM . -54.08 -8.25 20.41
C39 BCR FM . -58.52 -7.45 20.53
C40 BCR FM . -58.56 -9.73 21.49
MG CLA GM . -54.32 -41.31 -8.60
CHA CLA GM . -56.67 -39.27 -7.11
CHB CLA GM . -51.88 -39.73 -6.86
CHC CLA GM . -52.05 -43.45 -9.96
CHD CLA GM . -56.90 -42.86 -10.41
NA CLA GM . -54.31 -39.76 -7.21
C1A CLA GM . -55.40 -39.05 -6.70
C2A CLA GM . -54.94 -38.01 -5.69
C3A CLA GM . -53.42 -38.09 -5.79
C4A CLA GM . -53.17 -39.30 -6.66
CMA CLA GM . -52.86 -36.86 -6.44
CAA CLA GM . -55.34 -38.44 -4.30
CBA CLA GM . -54.96 -39.87 -3.93
CGA CLA GM . -54.29 -39.89 -2.59
O1A CLA GM . -53.95 -38.94 -1.90
O2A CLA GM . -54.04 -41.13 -2.08
NB CLA GM . -52.34 -41.54 -8.45
C1B CLA GM . -51.52 -40.82 -7.67
C2B CLA GM . -50.15 -41.34 -7.77
C3B CLA GM . -50.18 -42.37 -8.64
C4B CLA GM . -51.59 -42.52 -9.09
CMB CLA GM . -49.02 -40.77 -7.05
CAB CLA GM . -49.12 -43.21 -9.10
CBB CLA GM . -48.97 -44.47 -8.75
NC CLA GM . -54.46 -42.86 -9.95
C1C CLA GM . -53.41 -43.62 -10.37
C2C CLA GM . -53.86 -44.62 -11.31
C3C CLA GM . -55.21 -44.44 -11.45
C4C CLA GM . -55.59 -43.35 -10.60
CMC CLA GM . -52.98 -45.59 -11.97
CAC CLA GM . -56.10 -45.20 -12.32
CBC CLA GM . -56.91 -46.19 -11.53
ND CLA GM . -56.32 -41.15 -8.78
C1D CLA GM . -57.25 -41.85 -9.57
C2D CLA GM . -58.58 -41.28 -9.33
C3D CLA GM . -58.42 -40.30 -8.40
C4D CLA GM . -56.99 -40.25 -8.08
CMD CLA GM . -59.79 -41.74 -9.98
CAD CLA GM . -59.05 -39.27 -7.61
OBD CLA GM . -60.23 -38.92 -7.59
CBD CLA GM . -57.96 -38.61 -6.73
CGD CLA GM . -57.96 -37.14 -7.01
O1D CLA GM . -58.22 -36.23 -6.24
O2D CLA GM . -57.66 -36.83 -8.27
CED CLA GM . -58.26 -35.63 -8.74
C1 CLA GM . -52.81 -41.27 -1.31
C2 CLA GM . -52.88 -42.53 -0.53
C3 CLA GM . -51.89 -42.98 0.24
C4 CLA GM . -52.03 -44.26 0.99
C5 CLA GM . -50.59 -42.25 0.39
C6 CLA GM . -49.42 -43.12 0.81
C7 CLA GM . -48.18 -42.30 1.15
C8 CLA GM . -47.44 -42.86 2.37
C9 CLA GM . -48.45 -43.15 3.44
C10 CLA GM . -46.39 -41.90 2.96
C11 CLA GM . -45.20 -41.60 2.07
C12 CLA GM . -43.93 -42.34 2.46
C13 CLA GM . -43.02 -41.58 3.43
C14 CLA GM . -43.35 -40.10 3.49
C15 CLA GM . -41.53 -41.74 3.11
C16 CLA GM . -41.18 -43.03 2.39
C17 CLA GM . -40.75 -44.10 3.37
C18 CLA GM . -39.84 -45.18 2.79
C19 CLA GM . -38.41 -45.00 3.23
C20 CLA GM . -39.93 -45.23 1.28
MG CLA HM . -17.58 -94.41 -35.86
CHA CLA HM . -19.80 -93.32 -38.26
CHB CLA HM . -15.09 -92.71 -37.40
CHC CLA HM . -15.47 -95.37 -33.35
CHD CLA HM . -20.24 -96.08 -34.25
NA CLA HM . -17.48 -93.24 -37.57
C1A CLA HM . -18.52 -92.88 -38.43
C2A CLA HM . -18.02 -91.99 -39.55
C3A CLA HM . -16.50 -91.93 -39.31
C4A CLA HM . -16.33 -92.67 -37.99
CMA CLA HM . -15.75 -92.60 -40.42
CAA CLA HM . -18.58 -90.58 -39.46
CBA CLA HM . -18.67 -90.11 -38.03
CGA CLA HM . -17.51 -89.27 -37.65
O1A CLA HM . -17.20 -88.14 -38.06
O2A CLA HM . -16.71 -89.85 -36.72
NB CLA HM . -15.64 -94.11 -35.46
C1B CLA HM . -14.79 -93.37 -36.20
C2B CLA HM . -13.46 -93.35 -35.56
C3B CLA HM . -13.55 -94.09 -34.42
C4B CLA HM . -14.95 -94.59 -34.34
CMB CLA HM . -12.33 -92.63 -36.12
CAB CLA HM . -12.56 -94.40 -33.44
CBB CLA HM . -12.11 -93.52 -32.56
NC CLA HM . -17.81 -95.55 -34.14
C1C CLA HM . -16.82 -95.83 -33.27
C2C CLA HM . -17.32 -96.64 -32.17
C3C CLA HM . -18.67 -96.83 -32.42
C4C CLA HM . -18.97 -96.15 -33.66
CMC CLA HM . -16.55 -97.12 -31.04
CAC CLA HM . -19.61 -97.57 -31.58
CBC CLA HM . -20.26 -96.63 -30.61
ND CLA HM . -19.54 -94.76 -36.18
C1D CLA HM . -20.51 -95.43 -35.42
C2D CLA HM . -21.81 -95.32 -36.10
C3D CLA HM . -21.59 -94.54 -37.21
C4D CLA HM . -20.16 -94.20 -37.20
CMD CLA HM . -23.04 -95.93 -35.63
CAD CLA HM . -22.16 -93.93 -38.38
OBD CLA HM . -23.30 -94.03 -38.82
CBD CLA HM . -21.06 -93.08 -39.05
CGD CLA HM . -20.88 -93.49 -40.47
O1D CLA HM . -21.10 -92.83 -41.49
O2D CLA HM . -20.42 -94.76 -40.60
CED CLA HM . -19.37 -94.96 -41.54
C1 CLA HM . -15.58 -89.08 -36.28
C2 CLA HM . -15.13 -89.66 -34.99
C3 CLA HM . -14.09 -89.17 -34.31
C4 CLA HM . -13.33 -88.00 -34.80
C5 CLA HM . -13.65 -89.76 -33.03
C6 CLA HM . -13.67 -88.73 -31.91
C7 CLA HM . -13.35 -89.39 -30.59
C8 CLA HM . -14.02 -88.68 -29.42
C9 CLA HM . -13.66 -87.20 -29.41
C10 CLA HM . -13.65 -89.33 -28.09
C11 CLA HM . -14.80 -90.13 -27.53
C12 CLA HM . -14.47 -90.70 -26.17
C13 CLA HM . -15.01 -92.12 -26.02
C14 CLA HM . -16.51 -92.10 -25.89
C15 CLA HM . -14.40 -92.83 -24.83
MG CLA IM . -6.69 -94.08 -30.44
CHA CLA IM . -5.91 -92.09 -33.18
CHB CLA IM . -9.71 -92.58 -30.24
CHC CLA IM . -7.41 -96.04 -27.71
CHD CLA IM . -3.45 -95.46 -30.58
NA CLA IM . -7.65 -92.61 -31.57
C1A CLA IM . -7.16 -91.91 -32.67
C2A CLA IM . -8.19 -90.91 -33.19
C3A CLA IM . -9.37 -91.08 -32.22
C4A CLA IM . -8.90 -92.18 -31.28
CMA CLA IM . -9.59 -89.82 -31.45
CAA CLA IM . -8.64 -91.33 -34.58
CBA CLA IM . -9.48 -90.27 -35.22
CGA CLA IM . -8.67 -89.02 -35.30
O1A CLA IM . -7.75 -88.77 -36.06
O2A CLA IM . -9.04 -88.08 -34.37
NB CLA IM . -8.32 -94.39 -29.32
C1B CLA IM . -9.37 -93.53 -29.27
C2B CLA IM . -10.12 -93.69 -28.00
C3B CLA IM . -9.49 -94.67 -27.28
C4B CLA IM . -8.33 -95.12 -28.09
CMB CLA IM . -11.29 -92.90 -27.64
CAB CLA IM . -9.80 -95.14 -25.96
CBB CLA IM . -10.05 -96.40 -25.60
NC CLA IM . -5.63 -95.52 -29.38
C1C CLA IM . -6.14 -96.22 -28.31
C2C CLA IM . -5.15 -97.18 -27.84
C3C CLA IM . -4.00 -96.97 -28.61
C4C CLA IM . -4.32 -95.94 -29.58
CMC CLA IM . -5.33 -98.11 -26.73
CAC CLA IM . -2.73 -97.69 -28.51
CBC CLA IM . -2.78 -98.99 -29.26
ND CLA IM . -5.02 -93.84 -31.53
C1D CLA IM . -3.76 -94.48 -31.49
C2D CLA IM . -2.91 -93.93 -32.57
C3D CLA IM . -3.69 -93.03 -33.25
C4D CLA IM . -4.99 -93.01 -32.57
CMD CLA IM . -1.54 -94.34 -32.81
CAD CLA IM . -3.75 -92.07 -34.33
OBD CLA IM . -2.90 -91.74 -35.14
CBD CLA IM . -5.17 -91.45 -34.32
CGD CLA IM . -5.00 -89.98 -34.14
O1D CLA IM . -5.13 -89.08 -34.97
O2D CLA IM . -4.61 -89.64 -32.89
CED CLA IM . -4.62 -88.26 -32.51
C1 CLA IM . -8.18 -86.94 -34.20
MG CLA JM . -1.16 -111.84 -26.68
CHA CLA JM . 0.78 -113.26 -24.21
CHB CLA JM . 0.53 -108.92 -26.32
CHC CLA JM . -3.07 -110.50 -29.17
CHD CLA JM . -2.86 -114.91 -27.05
NA CLA JM . 0.40 -111.22 -25.46
C1A CLA JM . 1.09 -111.97 -24.50
C2A CLA JM . 2.19 -111.15 -23.84
C3A CLA JM . 2.04 -109.77 -24.49
C4A CLA JM . 0.92 -109.96 -25.52
CMA CLA JM . 1.69 -108.73 -23.46
CAA CLA JM . 3.53 -111.74 -24.22
CBA CLA JM . 3.79 -111.63 -25.71
CGA CLA JM . 4.38 -112.89 -26.25
O1A CLA JM . 4.90 -113.82 -25.62
O2A CLA JM . 4.32 -112.98 -27.61
NB CLA JM . -1.26 -110.05 -27.57
C1B CLA JM . -0.49 -108.98 -27.28
C2B CLA JM . -0.85 -107.84 -28.16
C3B CLA JM . -1.87 -108.29 -28.96
C4B CLA JM . -2.14 -109.69 -28.60
CMB CLA JM . -0.20 -106.55 -28.09
CAB CLA JM . -2.59 -107.61 -30.00
CBB CLA JM . -2.03 -107.15 -31.12
NC CLA JM . -2.71 -112.58 -27.87
C1C CLA JM . -3.35 -111.85 -28.82
C2C CLA JM . -4.36 -112.68 -29.47
C3C CLA JM . -4.29 -113.92 -28.87
C4C CLA JM . -3.24 -113.85 -27.87
CMC CLA JM . -5.25 -112.25 -30.55
CAC CLA JM . -5.11 -115.10 -29.18
CBC CLA JM . -4.47 -115.93 -30.27
ND CLA JM . -1.12 -113.67 -25.85
C1D CLA JM . -1.87 -114.84 -26.09
C2D CLA JM . -1.41 -115.91 -25.18
C3D CLA JM . -0.41 -115.34 -24.42
C4D CLA JM . -0.26 -113.96 -24.88
CMD CLA JM . -1.97 -117.25 -25.13
CAD CLA JM . 0.56 -115.56 -23.37
OBD CLA JM . 0.77 -116.56 -22.70
CBD CLA JM . 1.36 -114.24 -23.21
CGD CLA JM . 1.34 -113.70 -21.81
O1D CLA JM . 2.01 -114.04 -20.84
O2D CLA JM . 0.44 -112.71 -21.61
CED CLA JM . 0.72 -111.80 -20.55
C1 CLA JM . 4.34 -114.30 -28.20
C2 CLA JM . 5.69 -114.51 -28.78
C3 CLA JM . 5.90 -115.11 -29.97
C4 CLA JM . 4.78 -115.61 -30.80
C5 CLA JM . 7.26 -115.29 -30.52
MG CHL KM . 5.32 -107.41 -28.31
CHA CHL KM . 7.26 -109.76 -30.04
CHB CHL KM . 3.91 -106.63 -31.24
CHC CHL KM . 3.56 -104.95 -26.68
CHD CHL KM . 6.21 -108.89 -25.17
NA CHL KM . 5.69 -107.83 -30.23
C1A CHL KM . 6.49 -108.68 -30.73
C2A CHL KM . 6.65 -108.60 -32.22
C3A CHL KM . 5.82 -107.40 -32.55
C4A CHL KM . 5.09 -107.24 -31.27
CMA CHL KM . 6.68 -106.18 -32.81
CAA CHL KM . 6.11 -109.84 -32.95
NB CHL KM . 3.95 -106.00 -28.88
C1B CHL KM . 3.45 -105.80 -30.11
C2B CHL KM . 2.45 -104.72 -30.25
C3B CHL KM . 2.38 -104.24 -28.88
C4B CHL KM . 3.31 -105.09 -28.13
CMB CHL KM . 1.70 -104.21 -31.45
CAB CHL KM . 1.51 -103.13 -28.41
CBB CHL KM . 0.95 -103.16 -27.22
NC CHL KM . 4.96 -107.01 -26.33
C1C CHL KM . 4.21 -105.99 -25.89
C2C CHL KM . 4.15 -105.98 -24.42
C3C CHL KM . 4.91 -107.13 -23.96
C4C CHL KM . 5.38 -107.69 -25.24
CMC CHL KM . 3.43 -105.04 -23.52
OMC CHL KM . 2.58 -104.29 -23.95
CAC CHL KM . 5.16 -107.59 -22.56
CBC CHL KM . 6.15 -106.66 -21.89
ND CHL KM . 6.47 -108.95 -27.61
C1D CHL KM . 6.74 -109.47 -26.41
C2D CHL KM . 7.64 -110.61 -26.55
C3D CHL KM . 7.84 -110.74 -28.00
C4D CHL KM . 7.10 -109.69 -28.58
CMD CHL KM . 8.31 -111.60 -25.63
CAD CHL KM . 8.52 -111.50 -29.08
OBD CHL KM . 9.27 -112.51 -28.85
CBD CHL KM . 8.13 -110.88 -30.36
CGD CHL KM . 9.35 -110.38 -31.05
O1D CHL KM . 10.02 -109.50 -30.55
O2D CHL KM . 9.73 -110.96 -32.33
CED CHL KM . 10.60 -110.24 -33.20
MG CHL LM . 2.23 -101.44 -20.38
CHA CHL LM . 2.95 -101.33 -16.99
CHB CHL LM . -0.98 -101.22 -19.58
CHC CHL LM . 1.65 -100.63 -23.64
CHD CHL LM . 5.36 -102.93 -21.14
NA CHL LM . 1.22 -101.05 -18.71
C1A CHL LM . 1.69 -100.85 -17.55
C2A CHL LM . 0.75 -100.13 -16.65
C3A CHL LM . -0.57 -100.39 -17.31
C4A CHL LM . -0.11 -100.92 -18.63
CMA CHL LM . -1.31 -101.49 -16.58
CAA CHL LM . 1.02 -98.64 -16.60
CBA CHL LM . 0.18 -97.98 -15.52
CGA CHL LM . 1.07 -97.10 -14.69
O1A CHL LM . 0.65 -96.58 -13.66
O2A CHL LM . 2.44 -96.85 -15.11
NB CHL LM . 0.56 -100.98 -21.45
C1B CHL LM . -0.71 -100.93 -20.99
C2B CHL LM . -1.75 -100.58 -22.00
C3B CHL LM . -0.94 -100.40 -23.19
C4B CHL LM . 0.46 -100.67 -22.76
CMB CHL LM . -3.23 -100.43 -21.84
CAB CHL LM . -1.46 -100.04 -24.52
CBB CHL LM . -0.80 -99.20 -25.29
NC CHL LM . 3.31 -101.74 -22.08
C1C CHL LM . 2.91 -101.33 -23.29
C2C CHL LM . 3.93 -101.70 -24.31
C3C CHL LM . 5.01 -102.36 -23.59
C4C CHL LM . 4.51 -102.33 -22.20
CMC CHL LM . 3.91 -101.46 -25.77
OMC CHL LM . 2.94 -100.95 -26.32
CAC CHL LM . 6.29 -102.94 -24.13
CBC CHL LM . 7.37 -101.89 -24.08
ND CHL LM . 3.90 -102.06 -19.39
C1D CHL LM . 5.06 -102.62 -19.72
C2D CHL LM . 5.87 -102.84 -18.51
C3D CHL LM . 5.04 -102.32 -17.41
C4D CHL LM . 3.86 -101.87 -18.01
CMD CHL LM . 7.23 -103.39 -18.16
CAD CHL LM . 4.93 -102.09 -15.94
OBD CHL LM . 5.84 -102.39 -15.09
CBD CHL LM . 3.61 -101.48 -15.69
CGD CHL LM . 2.79 -102.43 -14.90
O1D CHL LM . 2.39 -103.47 -15.44
O2D CHL LM . 2.46 -102.14 -13.52
CED CHL LM . 1.24 -102.61 -12.95
C1 CHL LM . 3.25 -95.94 -14.38
C2 CHL LM . 4.59 -96.55 -14.02
C3 CHL LM . 5.59 -96.63 -14.91
C4 CHL LM . 5.41 -96.12 -16.31
C5 CHL LM . 6.91 -97.24 -14.51
MG CHL MM . 0.40 -104.45 -43.56
CHA CHL MM . -2.16 -104.50 -41.17
CHB CHL MM . 2.03 -106.70 -41.70
CHC CHL MM . 3.10 -104.22 -45.77
CHD CHL MM . -1.59 -102.44 -45.73
NA CHL MM . 0.13 -105.28 -41.77
C1A CHL MM . -0.87 -105.19 -40.97
C2A CHL MM . -0.68 -105.86 -39.64
C3A CHL MM . 0.76 -106.28 -39.69
C4A CHL MM . 1.02 -106.06 -41.14
CMA CHL MM . 1.60 -105.35 -38.86
CAA CHL MM . -1.60 -107.04 -39.37
CBA CHL MM . -1.28 -108.27 -40.21
CGA CHL MM . -2.56 -108.78 -40.81
O1A CHL MM . -3.24 -108.04 -41.50
O2A CHL MM . -3.01 -110.14 -40.56
NB CHL MM . 2.25 -105.30 -43.70
C1B CHL MM . 2.79 -106.21 -42.86
C2B CHL MM . 4.15 -106.70 -43.17
C3B CHL MM . 4.42 -105.94 -44.39
C4B CHL MM . 3.22 -105.12 -44.62
CMB CHL MM . 5.02 -107.69 -42.44
CAB CHL MM . 5.67 -105.98 -45.17
CBB CHL MM . 6.44 -104.92 -45.21
NC CHL MM . 0.70 -103.53 -45.37
C1C CHL MM . 1.83 -103.56 -46.09
C2C CHL MM . 1.68 -102.79 -47.36
C3C CHL MM . 0.32 -102.26 -47.34
C4C CHL MM . -0.20 -102.79 -46.07
CMC CHL MM . 2.63 -102.52 -48.47
OMC CHL MM . 3.70 -103.08 -48.55
CAC CHL MM . -0.37 -101.44 -48.37
CBC CHL MM . -0.90 -102.42 -49.40
ND CHL MM . -1.46 -103.59 -43.58
C1D CHL MM . -2.15 -102.85 -44.45
C2D CHL MM . -3.47 -102.52 -43.89
C3D CHL MM . -3.46 -103.19 -42.58
C4D CHL MM . -2.22 -103.82 -42.46
CMD CHL MM . -4.69 -101.75 -44.32
CAD CHL MM . -4.25 -103.44 -41.34
OBD CHL MM . -5.44 -103.00 -41.16
CBD CHL MM . -3.43 -104.28 -40.46
CGD CHL MM . -3.19 -103.62 -39.14
O1D CHL MM . -2.17 -103.04 -38.87
O2D CHL MM . -4.22 -103.70 -38.14
CED CHL MM . -4.03 -104.62 -37.07
C1 CHL MM . -4.11 -110.68 -41.30
C2 CHL MM . -3.64 -111.78 -42.23
C3 CHL MM . -3.49 -113.04 -41.80
C4 CHL MM . -3.78 -113.38 -40.36
C5 CHL MM . -3.02 -114.11 -42.75
MG CLA NM . 0.68 -96.11 -36.01
CHA CLA NM . -2.08 -94.44 -37.24
CHB CLA NM . 2.68 -94.29 -38.06
CHC CLA NM . 3.41 -97.56 -34.53
CHD CLA NM . -1.44 -97.90 -33.82
NA CLA NM . 0.33 -94.65 -37.44
C1A CLA NM . -0.90 -94.06 -37.80
C2A CLA NM . -0.71 -93.01 -38.88
C3A CLA NM . 0.78 -93.13 -39.24
C4A CLA NM . 1.32 -94.08 -38.18
CMA CLA NM . 0.98 -93.72 -40.62
CAA CLA NM . -1.02 -91.62 -38.35
CBA CLA NM . 0.12 -91.03 -37.57
CGA CLA NM . -0.40 -90.17 -36.45
O1A CLA NM . -1.41 -89.47 -36.44
O2A CLA NM . 0.38 -90.20 -35.34
NB CLA NM . 2.67 -96.02 -36.30
C1B CLA NM . 3.29 -95.13 -37.12
C2B CLA NM . 4.75 -95.15 -36.88
C3B CLA NM . 4.98 -96.05 -35.88
C4B CLA NM . 3.65 -96.63 -35.50
CMB CLA NM . 5.70 -94.29 -37.58
CAB CLA NM . 6.23 -96.40 -35.29
CBB CLA NM . 6.60 -97.61 -34.87
NC CLA NM . 0.93 -97.53 -34.49
C1C CLA NM . 2.13 -97.99 -34.06
C2C CLA NM . 1.94 -98.96 -33.00
C3C CLA NM . 0.57 -99.03 -32.78
C4C CLA NM . -0.06 -98.13 -33.72
CMC CLA NM . 3.02 -99.64 -32.30
CAC CLA NM . -0.14 -99.84 -31.78
CBC CLA NM . -0.42 -101.23 -32.27
ND CLA NM . -1.29 -96.24 -35.61
C1D CLA NM . -2.03 -97.01 -34.69
C2D CLA NM . -3.46 -96.70 -34.84
C3D CLA NM . -3.54 -95.71 -35.80
C4D CLA NM . -2.16 -95.46 -36.24
CMD CLA NM . -4.52 -97.33 -34.07
CAD CLA NM . -4.41 -94.85 -36.56
OBD CLA NM . -5.62 -94.76 -36.57
CBD CLA NM . -3.49 -93.97 -37.47
CGD CLA NM . -3.84 -94.07 -38.92
O1D CLA NM . -3.53 -94.96 -39.72
O2D CLA NM . -4.57 -93.02 -39.37
CED CLA NM . -5.62 -93.29 -40.29
C1 CLA NM . -0.28 -89.96 -34.09
C2 CLA NM . 0.76 -89.82 -33.04
C3 CLA NM . 0.52 -89.86 -31.71
C4 CLA NM . -0.86 -90.06 -31.17
C5 CLA NM . 1.61 -89.71 -30.72
MG CLA OM . -10.70 -108.19 -42.14
CHA CLA OM . -9.89 -108.12 -45.48
CHB CLA OM . -13.92 -108.91 -42.95
CHC CLA OM . -11.34 -108.69 -38.85
CHD CLA OM . -7.36 -107.38 -41.34
NA CLA OM . -11.72 -108.41 -43.93
C1A CLA OM . -11.20 -108.38 -45.21
C2A CLA OM . -12.29 -108.60 -46.25
C3A CLA OM . -13.57 -108.47 -45.41
C4A CLA OM . -13.06 -108.64 -43.99
CMA CLA OM . -14.18 -107.10 -45.61
CAA CLA OM . -12.20 -110.01 -46.81
CBA CLA OM . -11.71 -111.02 -45.80
CGA CLA OM . -12.88 -111.58 -45.04
O1A CLA OM . -13.93 -112.00 -45.48
O2A CLA OM . -12.67 -111.61 -43.67
NB CLA OM . -12.33 -108.72 -41.09
C1B CLA OM . -13.53 -109.05 -41.61
C2B CLA OM . -14.42 -109.55 -40.53
C3B CLA OM . -13.70 -109.49 -39.36
C4B CLA OM . -12.36 -108.94 -39.71
CMB CLA OM . -15.78 -109.99 -40.75
CAB CLA OM . -14.09 -109.82 -38.02
CBB CLA OM . -14.51 -111.01 -37.64
NC CLA OM . -9.57 -107.96 -40.40
C1C CLA OM . -10.06 -108.20 -39.17
C2C CLA OM . -9.03 -107.97 -38.17
C3C CLA OM . -7.88 -107.62 -38.86
C4C CLA OM . -8.23 -107.61 -40.27
CMC CLA OM . -9.25 -108.14 -36.75
CAC CLA OM . -6.59 -107.30 -38.25
CBC CLA OM . -5.63 -108.45 -38.33
ND CLA OM . -9.03 -107.66 -43.11
C1D CLA OM . -7.71 -107.42 -42.67
C2D CLA OM . -6.84 -107.23 -43.84
C3D CLA OM . -7.63 -107.48 -44.94
C4D CLA OM . -8.97 -107.77 -44.43
CMD CLA OM . -5.42 -106.92 -43.75
CAD CLA OM . -7.71 -107.54 -46.38
OBD CLA OM . -6.87 -107.28 -47.23
CBD CLA OM . -9.13 -108.03 -46.77
CGD CLA OM . -9.74 -107.01 -47.68
O1D CLA OM . -10.67 -106.25 -47.46
O2D CLA OM . -9.18 -106.97 -48.92
CED CLA OM . -10.04 -106.52 -49.98
C1 CLA OM . -13.59 -112.40 -42.89
C2 CLA OM . -12.98 -112.61 -41.55
C3 CLA OM . -13.32 -113.63 -40.73
C4 CLA OM . -14.34 -114.62 -41.13
C5 CLA OM . -12.69 -113.81 -39.39
C6 CLA OM . -12.47 -115.27 -39.02
C7 CLA OM . -12.37 -115.46 -37.52
C8 CLA OM . -10.96 -115.79 -37.08
C9 CLA OM . -10.70 -117.28 -37.21
C10 CLA OM . -10.70 -115.40 -35.64
C11 CLA OM . -9.23 -115.58 -35.27
C12 CLA OM . -9.05 -116.33 -33.97
C13 CLA OM . -9.24 -115.44 -32.74
C14 CLA OM . -7.95 -114.73 -32.36
C15 CLA OM . -9.76 -116.23 -31.55
MG CLA PM . -27.31 -108.14 -34.80
CHA CLA PM . -25.38 -108.81 -37.59
CHB CLA PM . -30.08 -109.02 -36.54
CHC CLA PM . -29.15 -107.66 -31.96
CHD CLA PM . -24.39 -107.26 -33.02
NA CLA PM . -27.65 -108.77 -36.76
C1A CLA PM . -26.72 -109.01 -37.77
C2A CLA PM . -27.38 -109.49 -39.06
C3A CLA PM . -28.89 -109.42 -38.72
C4A CLA PM . -28.89 -109.05 -37.23
CMA CLA PM . -29.57 -108.39 -39.58
CAA CLA PM . -27.01 -110.92 -39.40
CBA CLA PM . -27.28 -111.89 -38.27
CGA CLA PM . -26.96 -113.31 -38.66
O1A CLA PM . -27.30 -113.93 -39.68
O2A CLA PM . -26.18 -113.97 -37.76
NB CLA PM . -29.24 -108.34 -34.33
C1B CLA PM . -30.23 -108.69 -35.18
C2B CLA PM . -31.53 -108.69 -34.47
C3B CLA PM . -31.27 -108.31 -33.18
C4B CLA PM . -29.81 -108.07 -33.07
CMB CLA PM . -32.79 -109.04 -35.11
CAB CLA PM . -32.15 -108.13 -32.05
CBB CLA PM . -32.10 -108.82 -30.92
NC CLA PM . -26.85 -107.51 -32.86
C1C CLA PM . -27.77 -107.39 -31.86
C2C CLA PM . -27.12 -106.95 -30.64
C3C CLA PM . -25.76 -106.85 -30.93
C4C CLA PM . -25.60 -107.19 -32.33
CMC CLA PM . -27.78 -106.71 -29.36
CAC CLA PM . -24.71 -106.44 -29.99
CBC CLA PM . -24.71 -104.95 -29.76
ND CLA PM . -25.34 -107.93 -35.19
C1D CLA PM . -24.25 -107.60 -34.35
C2D CLA PM . -23.01 -107.72 -35.13
C3D CLA PM . -23.39 -108.16 -36.38
C4D CLA PM . -24.85 -108.30 -36.36
CMD CLA PM . -21.68 -107.44 -34.60
CAD CLA PM . -22.96 -108.56 -37.70
OBD CLA PM . -21.84 -108.57 -38.17
CBD CLA PM . -24.21 -109.01 -38.50
CGD CLA PM . -24.40 -108.18 -39.72
O1D CLA PM . -24.96 -107.08 -39.79
O2D CLA PM . -23.89 -108.72 -40.86
CED CLA PM . -24.74 -108.80 -42.00
C1 CLA PM . -26.86 -114.80 -36.79
C2 CLA PM . -26.09 -114.67 -35.52
C3 CLA PM . -25.01 -115.40 -35.23
C4 CLA PM . -24.48 -116.42 -36.18
C5 CLA PM . -24.28 -115.24 -33.95
C6 CLA PM . -22.81 -115.64 -34.02
C7 CLA PM . -22.07 -115.09 -32.82
C8 CLA PM . -20.55 -115.20 -32.91
C9 CLA PM . -20.12 -116.27 -33.90
C10 CLA PM . -19.96 -115.46 -31.53
MG CLA QM . -18.87 -112.26 -34.04
CHA CLA QM . -20.46 -112.68 -37.09
CHB CLA QM . -16.02 -113.50 -35.37
CHC CLA QM . -17.39 -112.06 -30.95
CHD CLA QM . -21.91 -111.09 -32.65
NA CLA QM . -18.34 -112.94 -35.94
C1A CLA QM . -19.13 -113.04 -37.10
C2A CLA QM . -18.28 -113.65 -38.24
C3A CLA QM . -16.89 -113.81 -37.64
C4A CLA QM . -17.09 -113.39 -36.21
CMA CLA QM . -16.40 -115.23 -37.76
CAA CLA QM . -17.90 -112.73 -39.33
CBA CLA QM . -17.53 -113.40 -40.63
CGA CLA QM . -18.66 -114.21 -41.19
O1A CLA QM . -19.84 -113.88 -41.35
O2A CLA QM . -18.25 -115.45 -41.58
NB CLA QM . -17.00 -112.53 -33.35
C1B CLA QM . -16.05 -113.22 -34.01
C2B CLA QM . -15.00 -113.70 -33.11
C3B CLA QM . -15.36 -113.31 -31.85
C4B CLA QM . -16.66 -112.57 -31.98
CMB CLA QM . -13.87 -114.49 -33.57
CAB CLA QM . -14.69 -113.60 -30.60
CBB CLA QM . -14.24 -112.70 -29.73
NC CLA QM . -19.52 -111.62 -32.17
C1C CLA QM . -18.74 -111.63 -31.05
C2C CLA QM . -19.53 -111.14 -29.92
C3C CLA QM . -20.80 -110.88 -30.40
C4C CLA QM . -20.79 -111.19 -31.81
CMC CLA QM . -19.02 -111.02 -28.56
CAC CLA QM . -21.96 -110.40 -29.63
CBC CLA QM . -22.77 -111.54 -29.09
ND CLA QM . -20.77 -111.98 -34.65
C1D CLA QM . -21.90 -111.46 -33.98
C2D CLA QM . -23.04 -111.42 -34.92
C3D CLA QM . -22.55 -111.88 -36.12
C4D CLA QM . -21.12 -112.19 -35.90
CMD CLA QM . -24.38 -111.01 -34.55
CAD CLA QM . -22.86 -112.19 -37.49
OBD CLA QM . -23.93 -112.14 -38.08
CBD CLA QM . -21.53 -112.66 -38.15
CGD CLA QM . -21.74 -114.01 -38.77
O1D CLA QM . -21.25 -115.09 -38.43
O2D CLA QM . -22.59 -113.95 -39.84
CED CLA QM . -23.28 -115.15 -40.22
C1 CLA QM . -18.97 -116.60 -41.08
C2 CLA QM . -18.05 -117.36 -40.20
C3 CLA QM . -17.45 -118.51 -40.55
C4 CLA QM . -16.54 -119.22 -39.62
C5 CLA QM . -17.68 -119.14 -41.88
C6 CLA QM . -18.47 -120.43 -41.76
C7 CLA QM . -18.08 -121.43 -42.83
MG CLA RM . -19.46 -102.44 -18.22
CHA CLA RM . -19.91 -103.21 -14.87
CHB CLA RM . -20.88 -105.38 -19.11
CHC CLA RM . -19.13 -101.54 -21.51
CHD CLA RM . -18.04 -99.35 -17.25
NA CLA RM . -20.24 -104.03 -17.13
C1A CLA RM . -20.36 -104.16 -15.74
C2A CLA RM . -21.02 -105.47 -15.36
C3A CLA RM . -21.16 -106.19 -16.72
C4A CLA RM . -20.75 -105.14 -17.75
CMA CLA RM . -20.26 -107.39 -16.76
CAA CLA RM . -22.39 -105.13 -14.81
CBA CLA RM . -23.42 -104.91 -15.90
CGA CLA RM . -23.70 -103.46 -16.14
O1A CLA RM . -24.37 -102.67 -15.46
O2A CLA RM . -23.14 -102.96 -17.28
NB CLA RM . -19.87 -103.31 -19.97
C1B CLA RM . -20.53 -104.49 -20.13
C2B CLA RM . -20.86 -104.68 -21.58
C3B CLA RM . -20.37 -103.60 -22.25
C4B CLA RM . -19.73 -102.72 -21.25
CMB CLA RM . -21.58 -105.85 -22.11
CAB CLA RM . -20.41 -103.30 -23.65
CBB CLA RM . -19.51 -103.73 -24.55
NC CLA RM . -18.67 -100.79 -19.19
C1C CLA RM . -18.61 -100.64 -20.54
C2C CLA RM . -17.98 -99.38 -20.87
C3C CLA RM . -17.71 -98.74 -19.68
C4C CLA RM . -18.15 -99.62 -18.62
CMC CLA RM . -17.73 -98.92 -22.24
CAC CLA RM . -17.07 -97.44 -19.48
CBC CLA RM . -18.07 -96.32 -19.31
ND CLA RM . -19.01 -101.48 -16.50
C1D CLA RM . -18.45 -100.20 -16.25
C2D CLA RM . -18.36 -100.00 -14.80
C3D CLA RM . -18.86 -101.14 -14.21
C4D CLA RM . -19.28 -102.02 -15.32
CMD CLA RM . -17.80 -98.81 -14.17
CAD CLA RM . -19.15 -101.84 -12.98
OBD CLA RM . -18.87 -101.52 -11.83
CBD CLA RM . -19.89 -103.15 -13.36
CGD CLA RM . -19.17 -104.31 -12.75
O1D CLA RM . -17.96 -104.40 -12.54
O2D CLA RM . -19.95 -105.35 -12.36
CED CLA RM . -19.46 -106.10 -11.26
C1 CLA RM . -23.10 -101.52 -17.43
C2 CLA RM . -23.11 -101.18 -18.88
C3 CLA RM . -23.02 -99.92 -19.33
C4 CLA RM . -22.91 -98.78 -18.40
C5 CLA RM . -23.03 -99.58 -20.79
C6 CLA RM . -23.63 -100.64 -21.70
C7 CLA RM . -22.84 -100.72 -22.99
C8 CLA RM . -23.60 -101.30 -24.18
C9 CLA RM . -24.34 -100.21 -24.90
C10 CLA RM . -24.57 -102.43 -23.81
C11 CLA RM . -25.12 -103.12 -25.03
MG CLA SM . -27.37 -108.05 -17.20
CHA CLA SM . -27.97 -104.64 -16.96
CHB CLA SM . -29.99 -108.65 -15.15
CHC CLA SM . -26.82 -111.40 -17.61
CHD CLA SM . -24.67 -107.35 -19.37
NA CLA SM . -28.73 -106.82 -16.21
C1A CLA SM . -28.82 -105.42 -16.24
C2A CLA SM . -29.98 -104.93 -15.39
C3A CLA SM . -30.43 -106.21 -14.67
C4A CLA SM . -29.69 -107.33 -15.39
CMA CLA SM . -30.04 -106.17 -13.22
CAA CLA SM . -31.07 -104.38 -16.29
CBA CLA SM . -31.43 -105.35 -17.40
CGA CLA SM . -32.32 -104.69 -18.42
O1A CLA SM . -32.87 -105.16 -19.42
O2A CLA SM . -32.50 -103.37 -18.15
NB CLA SM . -28.19 -109.71 -16.44
C1B CLA SM . -29.35 -109.75 -15.74
C2B CLA SM . -29.84 -111.16 -15.66
C3B CLA SM . -28.95 -111.93 -16.35
C4B CLA SM . -27.89 -111.02 -16.86
CMB CLA SM . -31.06 -111.53 -14.97
CAB CLA SM . -28.97 -113.34 -16.60
CBB CLA SM . -28.24 -114.23 -15.92
NC CLA SM . -25.95 -109.16 -18.26
C1C CLA SM . -25.90 -110.52 -18.26
C2C CLA SM . -24.77 -110.97 -19.08
C3C CLA SM . -24.20 -109.82 -19.61
C4C CLA SM . -24.94 -108.69 -19.08
CMC CLA SM . -24.40 -112.37 -19.30
CAC CLA SM . -23.04 -109.75 -20.51
CBC CLA SM . -23.47 -109.61 -21.95
ND CLA SM . -26.48 -106.43 -18.01
C1D CLA SM . -25.39 -106.29 -18.90
C2D CLA SM . -25.18 -104.85 -19.16
C3D CLA SM . -26.11 -104.18 -18.41
C4D CLA SM . -26.91 -105.20 -17.73
CMD CLA SM . -24.15 -104.30 -20.03
CAD CLA SM . -26.65 -102.89 -18.05
OBD CLA SM . -26.24 -101.79 -18.35
CBD CLA SM . -27.85 -103.15 -17.11
CGD CLA SM . -27.58 -102.52 -15.78
O1D CLA SM . -27.31 -103.08 -14.72
O2D CLA SM . -27.64 -101.17 -15.80
CED CLA SM . -27.43 -100.49 -14.56
MG CLA TM . -19.63 -93.74 -11.49
CHA CLA TM . -16.29 -93.28 -10.79
CHB CLA TM . -20.46 -92.40 -8.48
CHC CLA TM . -22.96 -94.08 -12.31
CHD CLA TM . -18.74 -95.29 -14.54
NA CLA TM . -18.52 -92.96 -9.92
C1A CLA TM . -17.14 -92.85 -9.80
C2A CLA TM . -16.74 -92.22 -8.48
C3A CLA TM . -18.07 -92.12 -7.72
C4A CLA TM . -19.11 -92.49 -8.77
CMA CLA TM . -18.10 -93.08 -6.57
CAA CLA TM . -16.17 -90.82 -8.72
NB CLA TM . -21.37 -93.37 -10.55
C1B CLA TM . -21.50 -92.75 -9.36
C2B CLA TM . -22.94 -92.47 -9.08
C3B CLA TM . -23.64 -92.94 -10.16
C4B CLA TM . -22.66 -93.53 -11.11
CMB CLA TM . -23.40 -91.78 -7.88
CAB CLA TM . -25.06 -92.93 -10.42
CBB CLA TM . -25.93 -93.62 -9.68
NC CLA TM . -20.65 -94.53 -13.13
C1C CLA TM . -22.01 -94.55 -13.26
C2C CLA TM . -22.38 -95.15 -14.54
C3C CLA TM . -21.20 -95.52 -15.15
C4C CLA TM . -20.11 -95.14 -14.27
CMC CLA TM . -23.74 -95.31 -15.02
CAC CLA TM . -21.07 -96.15 -16.47
CBC CLA TM . -21.07 -95.12 -17.57
ND CLA TM . -17.95 -94.11 -12.54
C1D CLA TM . -17.72 -94.83 -13.74
C2D CLA TM . -16.26 -94.89 -13.97
C3D CLA TM . -15.68 -94.26 -12.91
C4D CLA TM . -16.77 -93.85 -12.00
CMD CLA TM . -15.63 -95.48 -15.15
CAD CLA TM . -14.45 -93.82 -12.29
OBD CLA TM . -13.31 -93.80 -12.74
CBD CLA TM . -14.79 -93.33 -10.86
CGD CLA TM . -14.27 -94.34 -9.88
O1D CLA TM . -14.87 -95.27 -9.36
O2D CLA TM . -12.95 -94.16 -9.57
CED CLA TM . -12.46 -94.88 -8.43
MG CHL UM . 7.42 -110.30 -49.49
CHA CHL UM . 6.49 -113.44 -50.66
CHB CHL UM . 10.26 -111.69 -48.36
CHC CHL UM . 8.22 -107.27 -47.96
CHD CHL UM . 4.62 -108.78 -51.09
NA CHL UM . 8.16 -112.15 -49.37
C1A CHL UM . 7.68 -113.24 -49.83
C2A CHL UM . 8.44 -114.48 -49.46
C3A CHL UM . 9.43 -113.95 -48.47
C4A CHL UM . 9.28 -112.50 -48.73
CMA CHL UM . 9.04 -114.30 -47.04
CAA CHL UM . 9.19 -115.08 -50.65
CBA CHL UM . 10.16 -116.17 -50.19
NB CHL UM . 8.98 -109.61 -48.35
C1B CHL UM . 10.07 -110.30 -47.96
C2B CHL UM . 11.06 -109.58 -47.13
C3B CHL UM . 10.42 -108.26 -47.04
C4B CHL UM . 9.17 -108.39 -47.80
CMB CHL UM . 12.37 -110.06 -46.55
CAB CHL UM . 10.94 -107.08 -46.32
CBB CHL UM . 11.09 -105.93 -46.95
NC CHL UM . 6.59 -108.42 -49.53
C1C CHL UM . 7.06 -107.35 -48.84
C2C CHL UM . 6.23 -106.15 -49.08
C3C CHL UM . 5.17 -106.57 -49.99
C4C CHL UM . 5.49 -108.01 -50.20
CMC CHL UM . 6.38 -104.79 -48.53
OMC CHL UM . 7.46 -104.38 -48.16
CAC CHL UM . 4.05 -105.75 -50.56
CBC CHL UM . 2.86 -105.94 -49.66
ND CHL UM . 5.82 -110.85 -50.64
C1D CHL UM . 4.79 -110.24 -51.22
C2D CHL UM . 3.96 -111.21 -51.94
C3D CHL UM . 4.64 -112.49 -51.71
C4D CHL UM . 5.76 -112.20 -50.93
CMD CHL UM . 2.70 -111.19 -52.77
CAD CHL UM . 4.61 -113.95 -51.99
OBD CHL UM . 3.72 -114.55 -52.68
CBD CHL UM . 5.77 -114.54 -51.31
CGD CHL UM . 5.25 -115.44 -50.23
O1D CHL UM . 4.96 -114.96 -49.15
O2D CHL UM . 5.09 -116.85 -50.48
CED CHL UM . 5.17 -117.80 -49.41
C1 LUT VM . -17.65 -109.43 -20.98
C2 LUT VM . -17.45 -109.18 -19.48
C3 LUT VM . -17.03 -107.81 -18.99
C4 LUT VM . -16.32 -107.01 -20.07
C5 LUT VM . -17.16 -107.04 -21.30
C6 LUT VM . -17.55 -108.19 -21.82
C7 LUT VM . -17.91 -108.30 -23.24
C8 LUT VM . -16.95 -108.30 -24.15
C9 LUT VM . -17.26 -108.44 -25.58
C10 LUT VM . -16.24 -108.58 -26.43
C11 LUT VM . -16.38 -108.74 -27.88
C12 LUT VM . -15.24 -108.83 -28.57
C13 LUT VM . -15.17 -109.03 -30.02
C14 LUT VM . -14.02 -109.52 -30.49
C15 LUT VM . -13.81 -109.78 -31.90
C16 LUT VM . -19.03 -110.00 -21.23
C17 LUT VM . -16.61 -110.45 -21.45
C18 LUT VM . -17.56 -105.76 -21.95
C19 LUT VM . -18.68 -108.45 -26.05
C20 LUT VM . -16.28 -108.69 -30.96
O3 LUT VM . -16.12 -107.96 -17.91
C21 LUT VM . -8.31 -114.72 -42.40
C22 LUT VM . -8.76 -114.99 -43.83
C23 LUT VM . -8.54 -113.83 -44.80
C24 LUT VM . -8.78 -112.49 -44.15
C25 LUT VM . -8.58 -112.32 -42.85
C26 LUT VM . -8.90 -113.41 -41.90
C27 LUT VM . -8.37 -113.11 -40.53
C28 LUT VM . -9.29 -112.83 -39.61
C29 LUT VM . -9.03 -112.53 -38.20
C30 LUT VM . -10.04 -112.00 -37.51
C31 LUT VM . -9.97 -111.69 -36.09
C32 LUT VM . -11.11 -111.32 -35.55
C33 LUT VM . -11.26 -111.00 -34.12
C34 LUT VM . -12.38 -110.41 -33.72
C35 LUT VM . -12.58 -110.11 -32.31
C36 LUT VM . -6.79 -114.70 -42.34
C37 LUT VM . -8.81 -115.84 -41.52
C38 LUT VM . -7.98 -111.05 -42.35
C39 LUT VM . -7.72 -112.84 -37.54
C40 LUT VM . -10.21 -111.38 -33.13
O23 LUT VM . -9.48 -113.98 -45.87
C1 LUT WM . -1.98 -104.91 -23.65
C2 LUT WM . -1.46 -105.97 -22.69
C3 LUT WM . -1.85 -107.40 -23.00
C4 LUT WM . -3.30 -107.45 -23.45
C5 LUT WM . -3.38 -106.64 -24.70
C6 LUT WM . -2.83 -105.44 -24.77
C7 LUT WM . -3.06 -104.62 -25.98
C8 LUT WM . -4.13 -103.83 -26.07
C9 LUT WM . -4.41 -102.98 -27.24
C10 LUT WM . -5.46 -102.16 -27.14
C11 LUT WM . -5.95 -101.23 -28.17
C12 LUT WM . -7.21 -100.84 -28.02
C13 LUT WM . -7.94 -99.89 -28.89
C14 LUT WM . -8.99 -99.26 -28.36
C15 LUT WM . -9.78 -98.25 -29.06
C16 LUT WM . -0.77 -104.24 -24.29
C17 LUT WM . -2.78 -103.89 -22.89
C18 LUT WM . -4.08 -107.22 -25.89
C19 LUT WM . -3.58 -103.08 -28.49
C20 LUT WM . -7.52 -99.65 -30.30
O3 LUT WM . -1.70 -108.20 -21.83
C21 LUT WM . -18.98 -89.23 -31.09
C22 LUT WM . -19.38 -88.08 -32.00
C23 LUT WM . -20.17 -88.55 -33.21
C24 LUT WM . -19.48 -89.71 -33.86
C25 LUT WM . -18.91 -90.65 -33.11
C26 LUT WM . -18.20 -90.28 -31.84
C27 LUT WM . -18.03 -91.50 -30.97
C28 LUT WM . -16.79 -91.96 -30.82
C29 LUT WM . -16.44 -93.13 -29.98
C30 LUT WM . -15.17 -93.55 -30.00
C31 LUT WM . -14.66 -94.68 -29.22
C32 LUT WM . -13.45 -95.15 -29.52
C33 LUT WM . -12.82 -96.25 -28.77
C34 LUT WM . -11.64 -96.73 -29.19
C35 LUT WM . -10.90 -97.78 -28.50
C36 LUT WM . -20.21 -89.85 -30.47
C37 LUT WM . -18.12 -88.68 -29.98
C38 LUT WM . -18.98 -92.07 -33.54
C39 LUT WM . -17.46 -93.80 -29.14
C40 LUT WM . -13.49 -96.80 -27.56
O23 LUT WM . -20.23 -87.49 -34.16
C1 BCR XM . 16.32 -101.81 -46.47
C2 BCR XM . 17.27 -101.66 -47.65
C3 BCR XM . 16.49 -101.58 -48.95
C4 BCR XM . 15.82 -102.92 -49.10
C5 BCR XM . 14.87 -103.12 -47.95
C6 BCR XM . 15.16 -102.74 -46.69
C7 BCR XM . 14.32 -103.19 -45.53
C8 BCR XM . 14.58 -104.44 -45.09
C9 BCR XM . 13.92 -105.13 -43.96
C10 BCR XM . 12.60 -105.35 -43.99
C11 BCR XM . 11.91 -106.04 -42.91
C33 BCR XM . 13.54 -103.73 -48.28
C31 BCR XM . 15.62 -100.50 -46.29
C32 BCR XM . 17.13 -102.16 -45.24
C34 BCR XM . 14.71 -105.65 -42.79
C12 BCR XM . 10.59 -106.14 -42.98
C13 BCR XM . 9.85 -106.83 -41.92
C14 BCR XM . 8.64 -106.38 -41.57
C15 BCR XM . 7.93 -107.06 -40.50
C16 BCR XM . 6.95 -106.48 -39.81
C17 BCR XM . 6.33 -107.25 -38.74
C18 BCR XM . 5.48 -106.72 -37.85
C19 BCR XM . 4.93 -107.59 -36.80
C20 BCR XM . 3.79 -107.36 -36.16
C21 BCR XM . 3.46 -108.35 -35.14
C22 BCR XM . 2.34 -108.33 -34.38
C23 BCR XM . 2.20 -109.43 -33.41
C24 BCR XM . 1.07 -109.69 -32.75
C25 BCR XM . 1.05 -110.81 -31.82
C26 BCR XM . 1.73 -110.74 -30.68
C27 BCR XM . 2.29 -111.98 -30.05
C28 BCR XM . 1.10 -112.90 -29.89
C29 BCR XM . 0.52 -113.23 -31.26
C30 BCR XM . 0.23 -112.03 -32.16
C35 BCR XM . 10.47 -108.00 -41.22
C36 BCR XM . 5.13 -105.26 -37.90
C37 BCR XM . 1.31 -107.26 -34.53
C38 BCR XM . 1.92 -109.42 -30.00
C39 BCR XM . -1.23 -111.62 -32.07
C40 BCR XM . 0.53 -112.41 -33.60
O1 LHG YM . -33.12 -102.98 -37.87
C1 LHG YM . -33.12 -104.42 -37.92
C2 LHG YM . -31.93 -104.95 -37.14
O2 LHG YM . -32.24 -105.00 -35.75
C3 LHG YM . -30.74 -104.03 -37.37
O3 LHG YM . -30.05 -103.89 -36.14
P LHG YM . -28.59 -104.53 -36.06
O4 LHG YM . -28.78 -106.03 -36.10
O5 LHG YM . -27.78 -103.84 -37.11
O6 LHG YM . -28.05 -104.12 -34.60
C4 LHG YM . -26.75 -104.56 -34.21
C5 LHG YM . -26.19 -103.68 -33.10
C6 LHG YM . -24.68 -103.59 -33.29
O7 LHG YM . -26.75 -102.37 -33.19
C7 LHG YM . -27.01 -101.83 -31.87
O9 LHG YM . -26.92 -102.55 -30.89
C8 LHG YM . -27.39 -100.38 -31.71
C9 LHG YM . -28.70 -100.29 -30.95
C10 LHG YM . -28.49 -99.94 -29.47
O8 LHG YM . -24.27 -102.23 -33.18
C23 LHG YM . -22.91 -101.89 -32.81
O10 LHG YM . -22.02 -102.72 -32.91
C24 LHG YM . -22.61 -100.51 -32.27
C11 LHG YM . -28.07 -98.49 -29.33
C12 LHG YM . -28.58 -97.91 -28.02
C13 LHG YM . -27.92 -98.62 -26.85
C14 LHG YM . -28.45 -98.04 -25.56
C15 LHG YM . -27.72 -98.64 -24.36
C16 LHG YM . -26.71 -97.65 -23.79
C17 LHG YM . -27.39 -96.75 -22.77
C18 LHG YM . -26.42 -96.45 -21.64
C19 LHG YM . -25.17 -95.75 -22.13
C20 LHG YM . -24.34 -95.26 -20.95
C21 LHG YM . -23.18 -94.39 -21.41
C22 LHG YM . -22.22 -95.19 -22.25
C25 LHG YM . -23.27 -100.39 -30.91
C26 LHG YM . -23.29 -98.94 -30.45
C27 LHG YM . -24.30 -98.73 -29.34
C28 LHG YM . -23.58 -98.30 -28.06
C29 LHG YM . -24.45 -97.32 -27.29
C30 LHG YM . -23.86 -95.90 -27.29
C31 LHG YM . -22.65 -95.84 -26.37
C32 LHG YM . -22.41 -94.41 -25.89
C33 LHG YM . -21.99 -93.51 -27.05
C34 LHG YM . -21.52 -92.16 -26.52
C35 LHG YM . -22.70 -91.27 -26.13
C36 LHG YM . -23.38 -90.69 -27.36
C37 LHG YM . -24.35 -89.56 -26.99
C38 LHG YM . -24.95 -88.93 -28.23
O1 LHG ZM . -35.74 -81.10 -35.69
C1 LHG ZM . -34.51 -81.83 -35.57
C2 LHG ZM . -34.48 -82.98 -36.57
O2 LHG ZM . -35.28 -84.06 -36.09
C3 LHG ZM . -33.04 -83.45 -36.70
O3 LHG ZM . -32.63 -83.96 -35.44
P LHG ZM . -31.09 -84.28 -35.14
O4 LHG ZM . -30.62 -85.34 -36.09
O5 LHG ZM . -30.35 -82.97 -35.04
O6 LHG ZM . -31.21 -84.95 -33.67
C4 LHG ZM . -30.12 -85.60 -33.05
C5 LHG ZM . -30.60 -86.15 -31.71
C6 LHG ZM . -29.42 -86.73 -30.96
O7 LHG ZM . -31.12 -85.10 -30.91
C7 LHG ZM . -32.56 -85.13 -30.84
O9 LHG ZM . -33.17 -85.76 -31.69
C8 LHG ZM . -33.30 -84.38 -29.75
C9 LHG ZM . -32.70 -84.74 -28.40
C10 LHG ZM . -33.51 -84.10 -27.27
O8 LHG ZM . -29.76 -86.73 -29.58
C23 LHG ZM . -28.70 -86.81 -28.59
O10 LHG ZM . -27.56 -86.97 -28.97
C24 LHG ZM . -29.03 -86.66 -27.13
C11 LHG ZM . -32.67 -83.97 -26.01
C12 LHG ZM . -32.60 -85.27 -25.21
C13 LHG ZM . -31.44 -85.23 -24.24
C14 LHG ZM . -31.77 -85.89 -22.91
C15 LHG ZM . -30.58 -85.84 -21.97
C16 LHG ZM . -30.94 -86.37 -20.59
C17 LHG ZM . -29.68 -86.63 -19.77
C25 LHG ZM . -27.75 -86.70 -26.32
C26 LHG ZM . -28.03 -86.51 -24.84
C1 LMG AN . -4.02 -85.28 -39.82
O1 LMG AN . -2.95 -86.23 -39.75
C2 LMG AN . -4.72 -85.38 -41.18
O2 LMG AN . -3.74 -85.39 -42.23
C3 LMG AN . -5.66 -84.19 -41.32
O3 LMG AN . -6.52 -84.39 -42.46
C4 LMG AN . -6.55 -83.98 -40.10
O4 LMG AN . -7.77 -84.71 -40.23
C5 LMG AN . -5.90 -84.35 -38.76
O5 LMG AN . -7.80 -85.71 -38.26
C6 LMG AN . -7.01 -84.64 -37.76
O6 LMG AN . -5.04 -85.49 -38.85
C7 LMG AN . -1.89 -85.82 -38.89
C8 LMG AN . -0.58 -85.75 -39.67
C9 LMG AN . 0.52 -85.25 -38.78
O7 LMG AN . -0.18 -87.06 -40.09
C10 LMG AN . 0.34 -87.04 -41.44
O9 LMG AN . -0.39 -86.69 -42.35
C11 LMG AN . 1.77 -87.46 -41.71
C12 LMG AN . 2.18 -88.63 -40.84
C13 LMG AN . 3.64 -89.01 -41.08
C14 LMG AN . 4.13 -90.10 -40.13
C15 LMG AN . 4.30 -89.57 -38.71
C16 LMG AN . 4.68 -90.69 -37.75
C17 LMG AN . 4.63 -90.26 -36.28
C18 LMG AN . 4.90 -91.40 -35.32
C19 LMG AN . 3.65 -91.79 -34.55
C20 LMG AN . 3.91 -92.97 -33.62
C21 LMG AN . 2.63 -93.44 -32.92
O8 LMG AN . 0.36 -85.78 -37.47
C28 LMG AN . 1.49 -86.40 -36.80
O10 LMG AN . 1.29 -87.38 -36.12
C29 LMG AN . 2.88 -85.85 -36.94
C30 LMG AN . 3.80 -86.69 -36.04
C31 LMG AN . 5.20 -86.07 -35.94
C32 LMG AN . 5.93 -86.63 -34.72
C33 LMG AN . 7.24 -85.90 -34.48
C34 LMG AN . 7.00 -84.40 -34.24
C35 LMG AN . 8.28 -83.71 -33.77
C36 LMG AN . 8.71 -84.22 -32.41
C1 BCR BN . -27.48 -99.47 0.88
C2 BCR BN . -26.01 -99.67 1.19
C3 BCR BN . -25.15 -98.68 0.41
C4 BCR BN . -25.24 -99.03 -1.06
C5 BCR BN . -26.71 -99.14 -1.42
C6 BCR BN . -27.64 -98.91 -0.52
C7 BCR BN . -28.81 -98.16 -0.99
C8 BCR BN . -30.12 -98.44 -0.85
C9 BCR BN . -31.02 -97.48 -1.51
C10 BCR BN . -32.31 -97.74 -1.71
C11 BCR BN . -33.12 -96.77 -2.45
C33 BCR BN . -27.11 -99.50 -2.81
C31 BCR BN . -28.06 -98.49 1.88
C32 BCR BN . -28.18 -100.81 0.93
C34 BCR BN . -30.46 -96.20 -2.04
C12 BCR BN . -34.37 -97.07 -2.79
C13 BCR BN . -35.20 -96.15 -3.60
C14 BCR BN . -36.50 -95.95 -3.34
C15 BCR BN . -37.30 -95.08 -4.20
C16 BCR BN . -38.17 -94.16 -3.77
C17 BCR BN . -38.93 -93.40 -4.75
C18 BCR BN . -39.50 -92.20 -4.49
C19 BCR BN . -40.27 -91.55 -5.55
C20 BCR BN . -41.18 -90.60 -5.32
C21 BCR BN . -41.86 -90.07 -6.49
C22 BCR BN . -42.91 -89.23 -6.47
C23 BCR BN . -43.54 -88.70 -5.23
C24 BCR BN . -44.45 -87.75 -5.39
C25 BCR BN . -45.24 -87.07 -4.35
C26 BCR BN . -44.85 -86.84 -3.11
C27 BCR BN . -44.68 -85.42 -2.67
C28 BCR BN . -45.82 -84.63 -3.29
C29 BCR BN . -47.00 -85.53 -3.65
C30 BCR BN . -46.60 -86.55 -4.69
C35 BCR BN . -34.58 -95.47 -4.77
C36 BCR BN . -39.30 -91.55 -3.17
C37 BCR BN . -43.47 -88.80 -7.78
C38 BCR BN . -44.70 -87.95 -2.13
C39 BCR BN . -46.55 -85.96 -6.08
C40 BCR BN . -47.56 -87.73 -4.64
MG CHL CN . 14.60 -95.87 -48.26
CHA CHL CN . 11.59 -97.48 -47.56
CHB CHL CN . 13.93 -93.72 -45.74
CHC CHL CN . 17.65 -94.33 -48.84
CHD CHL CN . 15.30 -98.23 -50.89
NA CHL CN . 13.10 -95.59 -46.98
C1A CHL CN . 12.04 -96.29 -46.83
C2A CHL CN . 11.11 -95.79 -45.77
C3A CHL CN . 11.68 -94.46 -45.42
C4A CHL CN . 13.00 -94.58 -46.09
CMA CHL CN . 10.89 -93.30 -45.99
CAA CHL CN . 11.11 -96.65 -44.53
CBA CHL CN . 10.20 -95.91 -43.56
CGA CHL CN . 10.27 -96.47 -42.18
O1A CHL CN . 9.27 -96.47 -41.48
O2A CHL CN . 11.50 -96.99 -41.63
NB CHL CN . 15.61 -94.29 -47.43
C1B CHL CN . 15.20 -93.51 -46.41
C2B CHL CN . 16.12 -92.43 -45.98
C3B CHL CN . 17.21 -92.64 -46.93
C4B CHL CN . 16.81 -93.79 -47.76
CMB CHL CN . 15.96 -91.41 -44.89
CAB CHL CN . 18.45 -91.86 -47.03
CBB CHL CN . 19.62 -92.47 -47.04
NC CHL CN . 16.15 -96.21 -49.58
C1C CHL CN . 17.27 -95.49 -49.64
C2C CHL CN . 18.18 -96.00 -50.71
C3C CHL CN . 17.51 -97.13 -51.32
C4C CHL CN . 16.25 -97.18 -50.54
CMC CHL CN . 19.50 -95.47 -51.09
OMC CHL CN . 19.89 -94.39 -50.70
CAC CHL CN . 17.98 -98.03 -52.44
CBC CHL CN . 17.24 -97.67 -53.70
ND CHL CN . 13.74 -97.51 -49.14
C1D CHL CN . 14.07 -98.34 -50.12
C2D CHL CN . 13.02 -99.35 -50.28
C3D CHL CN . 12.01 -99.01 -49.26
C4D CHL CN . 12.52 -97.89 -48.61
CMD CHL CN . 12.81 -100.51 -51.19
CAD CHL CN . 10.72 -99.37 -48.65
OBD CHL CN . 10.00 -100.35 -49.03
CBD CHL CN . 10.45 -98.40 -47.59
CGD CHL CN . 9.23 -97.64 -47.99
O1D CHL CN . 8.83 -97.68 -49.14
O2D CHL CN . 8.47 -96.86 -47.04
CED CHL CN . 7.30 -96.16 -47.50
C1 CHL CN . 11.40 -97.80 -40.47
C2 CHL CN . 12.01 -99.13 -40.76
C3 CHL CN . 13.27 -99.34 -40.40
C4 CHL CN . 14.02 -98.26 -39.69
C5 CHL CN . 13.90 -100.66 -40.69
C6 CHL CN . 13.38 -101.41 -41.91
C7 CHL CN . 14.46 -102.49 -41.87
O1 LHG DN . -64.38 -47.92 23.40
C1 LHG DN . -62.96 -48.07 23.31
C2 LHG DN . -62.61 -49.15 22.30
O2 LHG DN . -61.30 -48.92 21.77
C3 LHG DN . -63.61 -49.15 21.15
O3 LHG DN . -63.05 -49.86 20.04
P LHG DN . -64.00 -50.86 19.22
O4 LHG DN . -63.50 -52.25 19.48
O5 LHG DN . -65.44 -50.49 19.52
O6 LHG DN . -63.70 -50.49 17.69
C4 LHG DN . -64.46 -49.50 17.02
C5 LHG DN . -64.62 -49.83 15.55
C6 LHG DN . -66.06 -50.22 15.36
O7 LHG DN . -64.43 -48.68 14.76
C7 LHG DN . -63.45 -48.85 13.70
O9 LHG DN . -62.54 -49.65 13.85
C8 LHG DN . -63.57 -48.02 12.44
C9 LHG DN . -62.38 -48.25 11.52
C10 LHG DN . -62.25 -47.06 10.56
O8 LHG DN . -66.29 -50.25 13.96
C23 LHG DN . -67.60 -49.96 13.43
O10 LHG DN . -68.29 -49.10 13.96
C24 LHG DN . -68.11 -50.74 12.25
C11 LHG DN . -62.94 -47.35 9.23
C12 LHG DN . -62.19 -48.42 8.47
C13 LHG DN . -62.86 -48.76 7.14
C14 LHG DN . -62.28 -47.94 6.00
C15 LHG DN . -61.21 -48.73 5.25
C16 LHG DN . -61.02 -48.15 3.85
C17 LHG DN . -62.31 -48.26 3.04
C18 LHG DN . -62.16 -49.35 1.98
C19 LHG DN . -61.03 -49.01 1.01
C20 LHG DN . -60.95 -50.04 -0.12
C21 LHG DN . -59.82 -49.71 -1.09
C22 LHG DN . -58.48 -49.78 -0.40
C25 LHG DN . -67.50 -52.13 12.30
C26 LHG DN . -68.27 -53.08 11.39
C27 LHG DN . -67.96 -52.80 9.93
C28 LHG DN . -68.64 -53.83 9.04
C29 LHG DN . -68.06 -53.74 7.64
C30 LHG DN . -68.69 -54.80 6.74
C31 LHG DN . -67.73 -55.97 6.51
C32 LHG DN . -67.03 -55.81 5.17
C33 LHG DN . -66.44 -57.14 4.73
C34 LHG DN . -65.99 -57.09 3.28
MG CLA EN . -90.13 -37.58 0.88
CHA CLA EN . -87.58 -39.94 0.75
CHB CLA EN . -88.08 -35.45 2.47
CHC CLA EN . -92.68 -35.26 0.94
CHD CLA EN . -92.27 -39.87 -0.74
NA CLA EN . -88.14 -37.71 1.49
C1A CLA EN . -87.23 -38.75 1.34
C2A CLA EN . -85.88 -38.40 1.96
C3A CLA EN . -86.11 -37.01 2.56
C4A CLA EN . -87.54 -36.68 2.15
CMA CLA EN . -85.94 -37.08 4.05
CAA CLA EN . -84.73 -38.30 0.98
CBA CLA EN . -83.57 -39.15 1.43
CGA CLA EN . -82.26 -38.41 1.47
O1A CLA EN . -82.02 -37.33 1.97
O2A CLA EN . -81.22 -39.08 0.88
NB CLA EN . -90.35 -35.74 1.62
C1B CLA EN . -89.37 -35.01 2.17
C2B CLA EN . -89.85 -33.62 2.40
C3B CLA EN . -91.14 -33.58 1.97
C4B CLA EN . -91.49 -34.92 1.47
CMB CLA EN . -89.03 -32.57 2.98
CAB CLA EN . -92.10 -32.51 1.96
CBB CLA EN . -93.02 -32.41 2.90
NC CLA EN . -92.10 -37.58 0.21
C1C CLA EN . -92.96 -36.52 0.34
C2C CLA EN . -94.25 -36.86 -0.24
C3C CLA EN . -94.13 -38.15 -0.73
C4C CLA EN . -92.79 -38.60 -0.44
CMC CLA EN . -95.39 -35.95 -0.26
CAC CLA EN . -95.16 -38.92 -1.42
CBC CLA EN . -96.09 -39.59 -0.45
ND CLA EN . -90.01 -39.43 0.09
C1D CLA EN . -90.99 -40.28 -0.49
C2D CLA EN . -90.36 -41.59 -0.77
C3D CLA EN . -89.07 -41.49 -0.33
C4D CLA EN . -88.90 -40.15 0.22
CMD CLA EN . -91.04 -42.70 -1.39
CAD CLA EN . -87.82 -42.18 -0.20
OBD CLA EN . -87.54 -43.29 -0.58
CBD CLA EN . -86.85 -41.24 0.57
CGD CLA EN . -86.58 -41.87 1.89
O1D CLA EN . -87.33 -41.97 2.85
O2D CLA EN . -85.34 -42.41 2.03
CED CLA EN . -84.94 -42.72 3.35
C1 CLA EN . -80.02 -38.34 0.60
C2 CLA EN . -78.91 -38.86 1.45
C3 CLA EN . -77.69 -39.19 0.97
C4 CLA EN . -77.39 -39.04 -0.48
C5 CLA EN . -76.60 -39.71 1.83
C6 CLA EN . -75.89 -40.93 1.24
C7 CLA EN . -74.57 -41.24 1.92
C8 CLA EN . -73.99 -42.61 1.52
C9 CLA EN . -73.19 -43.17 2.67
C10 CLA EN . -73.10 -42.49 0.28
C11 CLA EN . -72.14 -43.65 0.08
C12 CLA EN . -72.28 -44.26 -1.31
C13 CLA EN . -70.96 -44.46 -2.04
C14 CLA EN . -71.22 -44.70 -3.51
C15 CLA EN . -70.18 -45.63 -1.47
C16 CLA EN . -68.96 -45.93 -2.31
C17 CLA EN . -67.68 -45.60 -1.56
C18 CLA EN . -66.93 -46.85 -1.12
C19 CLA EN . -65.82 -46.52 -0.15
C20 CLA EN . -66.33 -47.56 -2.32
MG CLA FN . -83.36 -48.47 -3.96
CHA CLA FN . -84.26 -46.67 -6.74
CHB CLA FN . -81.08 -50.16 -5.80
CHC CLA FN . -82.35 -50.02 -1.14
CHD CLA FN . -85.84 -46.76 -2.12
NA CLA FN . -82.80 -48.41 -5.96
C1A CLA FN . -83.28 -47.57 -6.96
C2A CLA FN . -82.61 -47.86 -8.30
C3A CLA FN . -81.70 -49.06 -7.97
C4A CLA FN . -81.85 -49.23 -6.47
CMA CLA FN . -82.15 -50.28 -8.69
CAA CLA FN . -81.76 -46.70 -8.75
CBA CLA FN . -80.82 -46.30 -7.64
CGA CLA FN . -79.47 -46.76 -8.00
O1A CLA FN . -79.07 -47.17 -9.08
O2A CLA FN . -78.59 -46.69 -6.96
NB CLA FN . -82.12 -49.97 -3.59
C1B CLA FN . -81.13 -50.38 -4.43
C2B CLA FN . -80.08 -51.09 -3.69
C3B CLA FN . -80.44 -51.06 -2.38
C4B CLA FN . -81.71 -50.33 -2.29
CMB CLA FN . -78.87 -51.61 -4.32
CAB CLA FN . -79.76 -51.52 -1.20
CBB CLA FN . -78.99 -52.60 -1.15
NC CLA FN . -83.98 -48.40 -1.98
C1C CLA FN . -83.41 -49.10 -0.97
C2C CLA FN . -84.07 -48.74 0.29
C3C CLA FN . -85.08 -47.88 -0.02
C4C CLA FN . -85.03 -47.66 -1.44
CMC CLA FN . -83.75 -49.17 1.64
CAC CLA FN . -85.98 -47.25 0.93
CBC CLA FN . -85.32 -46.03 1.51
ND CLA FN . -84.62 -46.93 -4.24
C1D CLA FN . -85.64 -46.39 -3.42
C2D CLA FN . -86.42 -45.43 -4.20
C3D CLA FN . -85.91 -45.45 -5.46
C4D CLA FN . -84.83 -46.44 -5.45
CMD CLA FN . -87.50 -44.62 -3.65
CAD CLA FN . -86.00 -44.94 -6.80
OBD CLA FN . -86.71 -44.06 -7.24
CBD CLA FN . -85.02 -45.77 -7.68
CGD CLA FN . -85.75 -46.66 -8.61
O1D CLA FN . -85.86 -47.88 -8.55
O2D CLA FN . -86.34 -46.03 -9.65
CED CLA FN . -86.42 -46.82 -10.83
C1 CLA FN . -77.73 -47.81 -6.71
C2 CLA FN . -77.69 -47.94 -5.24
C3 CLA FN . -76.63 -48.43 -4.58
C4 CLA FN . -75.44 -48.90 -5.29
C5 CLA FN . -76.64 -48.53 -3.10
C6 CLA FN . -75.48 -47.84 -2.42
C7 CLA FN . -75.63 -47.99 -0.93
C8 CLA FN . -74.41 -47.48 -0.17
C9 CLA FN . -73.16 -48.13 -0.71
C10 CLA FN . -74.55 -47.78 1.31
C11 CLA FN . -75.18 -46.65 2.09
C12 CLA FN . -76.58 -47.01 2.54
C13 CLA FN . -77.16 -46.09 3.60
C14 CLA FN . -76.34 -44.84 3.76
C15 CLA FN . -77.27 -46.81 4.93
C16 CLA FN . -78.72 -46.88 5.36
C17 CLA FN . -78.82 -47.49 6.73
C18 CLA FN . -80.27 -47.74 7.14
C19 CLA FN . -81.12 -46.54 6.83
C20 CLA FN . -80.33 -48.04 8.62
MG CLA GN . -75.23 -55.82 1.22
CHA CLA GN . -73.88 -56.26 -1.90
CHB CLA GN . -75.24 -52.47 0.75
CHC CLA GN . -76.80 -55.44 4.24
CHD CLA GN . -75.28 -59.33 1.66
NA CLA GN . -74.60 -54.60 -0.32
C1A CLA GN . -74.10 -54.97 -1.56
C2A CLA GN . -73.78 -53.75 -2.41
C3A CLA GN . -74.06 -52.58 -1.47
C4A CLA GN . -74.69 -53.24 -0.26
CMA CLA GN . -72.79 -51.88 -1.08
CAA CLA GN . -74.75 -53.66 -3.57
CBA CLA GN . -74.62 -52.35 -4.31
CGA CLA GN . -73.28 -52.33 -4.96
O1A CLA GN . -72.63 -53.29 -5.37
O2A CLA GN . -72.75 -51.08 -5.11
NB CLA GN . -75.94 -54.27 2.26
C1B CLA GN . -75.82 -52.97 1.91
C2B CLA GN . -76.39 -52.10 2.97
C3B CLA GN . -76.84 -52.93 3.96
C4B CLA GN . -76.53 -54.32 3.54
CMB CLA GN . -76.38 -50.66 2.85
CAB CLA GN . -77.45 -52.66 5.24
CBB CLA GN . -77.39 -51.51 5.90
NC CLA GN . -75.87 -57.15 2.69
C1C CLA GN . -76.48 -56.77 3.84
C2C CLA GN . -76.81 -57.94 4.64
C3C CLA GN . -76.40 -59.04 3.89
C4C CLA GN . -75.82 -58.53 2.67
CMC CLA GN . -77.44 -57.89 5.94
CAC CLA GN . -76.52 -60.44 4.26
CBC CLA GN . -77.80 -61.01 3.72
ND CLA GN . -74.55 -57.45 0.26
C1D CLA GN . -74.69 -58.83 0.52
C2D CLA GN . -74.09 -59.59 -0.59
C3D CLA GN . -73.75 -58.65 -1.53
C4D CLA GN . -74.10 -57.33 -0.98
CMD CLA GN . -73.94 -61.04 -0.63
CAD CLA GN . -73.12 -58.40 -2.80
OBD CLA GN . -72.47 -59.16 -3.50
CBD CLA GN . -73.39 -56.92 -3.17
CGD CLA GN . -72.17 -56.27 -3.74
O1D CLA GN . -71.93 -56.03 -4.92
O2D CLA GN . -71.26 -55.92 -2.81
CED CLA GN . -69.91 -55.89 -3.24
C1 CLA GN . -71.32 -50.95 -5.24
MG CLA HN . -86.27 -69.34 11.25
CHA CLA HN . -85.67 -71.31 14.04
CHB CLA HN . -82.95 -69.16 10.67
CHC CLA HN . -86.94 -67.58 8.38
CHD CLA HN . -89.72 -69.65 11.84
NA CLA HN . -84.59 -70.10 12.23
C1A CLA HN . -84.54 -70.92 13.37
C2A CLA HN . -83.11 -71.27 13.73
C3A CLA HN . -82.28 -70.51 12.67
C4A CLA HN . -83.34 -69.87 11.78
CMA CLA HN . -81.42 -69.46 13.28
CAA CLA HN . -82.89 -72.76 13.61
CBA CLA HN . -83.41 -73.25 12.29
CGA CLA HN . -83.34 -74.74 12.16
O1A CLA HN . -82.40 -75.49 12.43
O2A CLA HN . -84.50 -75.29 11.69
NB CLA HN . -85.17 -68.45 9.85
C1B CLA HN . -83.82 -68.54 9.75
C2B CLA HN . -83.38 -67.93 8.47
C3B CLA HN . -84.51 -67.48 7.83
C4B CLA HN . -85.66 -67.82 8.69
CMB CLA HN . -82.00 -67.88 8.03
CAB CLA HN . -84.68 -66.87 6.55
CBB CLA HN . -84.09 -65.74 6.14
NC CLA HN . -88.01 -68.69 10.32
C1C CLA HN . -88.05 -67.99 9.16
C2C CLA HN . -89.42 -67.73 8.78
C3C CLA HN . -90.20 -68.33 9.74
C4C CLA HN . -89.31 -68.94 10.70
CMC CLA HN . -89.84 -67.00 7.59
CAC CLA HN . -91.66 -68.35 9.78
CBC CLA HN . -92.20 -69.64 9.22
ND CLA HN . -87.47 -70.21 12.60
C1D CLA HN . -88.87 -70.25 12.73
C2D CLA HN . -89.22 -71.01 13.93
C3D CLA HN . -88.03 -71.44 14.46
C4D CLA HN . -86.97 -70.92 13.59
CMD CLA HN . -90.58 -71.25 14.40
CAD CLA HN . -87.41 -72.18 15.51
OBD CLA HN . -87.92 -72.73 16.46
CBD CLA HN . -85.88 -72.14 15.27
CGD CLA HN . -85.24 -71.55 16.47
O1D CLA HN . -85.46 -70.43 16.95
O2D CLA HN . -84.35 -72.35 17.11
CED CLA HN . -83.41 -71.70 17.98
C1 CLA HN . -84.46 -76.64 11.19
C2 CLA HN . -83.95 -76.60 9.81
C3 CLA HN . -84.61 -77.15 8.78
C4 CLA HN . -85.91 -77.84 8.94
C5 CLA HN . -84.06 -77.12 7.39
MG CLA IN . -79.50 -72.89 7.13
CHA CLA IN . -80.32 -76.17 6.44
CHB CLA IN . -79.76 -72.14 3.85
CHC CLA IN . -78.84 -69.62 7.91
CHD CLA IN . -79.15 -73.74 10.54
NA CLA IN . -79.97 -74.01 5.44
C1A CLA IN . -80.31 -75.36 5.36
C2A CLA IN . -80.60 -75.77 3.92
C3A CLA IN . -80.27 -74.49 3.12
C4A CLA IN . -80.00 -73.45 4.19
CMA CLA IN . -79.06 -74.69 2.26
CAA CLA IN . -82.07 -76.10 3.76
CBA CLA IN . -82.34 -76.73 2.40
CGA CLA IN . -83.80 -76.95 2.15
O1A CLA IN . -84.63 -77.50 2.88
O2A CLA IN . -84.23 -76.46 0.94
NB CLA IN . -79.24 -71.21 6.07
C1B CLA IN . -79.49 -71.10 4.75
C2B CLA IN . -79.42 -69.67 4.35
C3B CLA IN . -79.17 -68.95 5.49
C4B CLA IN . -79.07 -69.92 6.61
CMB CLA IN . -79.64 -69.20 3.00
CAB CLA IN . -79.05 -67.55 5.68
CBB CLA IN . -77.93 -66.94 6.03
NC CLA IN . -79.07 -71.88 8.90
C1C CLA IN . -78.85 -70.53 8.99
C2C CLA IN . -78.61 -70.17 10.37
C3C CLA IN . -78.68 -71.33 11.11
C4C CLA IN . -78.96 -72.40 10.18
CMC CLA IN . -78.34 -68.81 10.85
CAC CLA IN . -78.50 -71.47 12.56
CBC CLA IN . -77.08 -71.80 12.92
ND CLA IN . -79.74 -74.51 8.29
C1D CLA IN . -79.52 -74.73 9.66
C2D CLA IN . -79.72 -76.15 9.96
C3D CLA IN . -80.05 -76.75 8.77
C4D CLA IN . -80.03 -75.69 7.75
CMD CLA IN . -79.58 -76.69 11.29
CAD CLA IN . -80.37 -77.98 8.09
OBD CLA IN . -80.48 -79.12 8.54
CBD CLA IN . -80.56 -77.65 6.58
CGD CLA IN . -79.59 -78.44 5.75
O1D CLA IN . -78.38 -78.27 5.65
O2D CLA IN . -80.14 -79.47 5.08
CED CLA IN . -79.73 -80.78 5.48
C1 CLA IN . -85.64 -76.28 0.72
C2 CLA IN . -85.84 -75.75 -0.64
C3 CLA IN . -86.46 -74.58 -0.95
C4 CLA IN . -87.02 -73.67 0.07
C5 CLA IN . -86.59 -74.15 -2.37
C6 CLA IN . -87.90 -74.55 -3.00
C7 CLA IN . -87.90 -74.07 -4.44
C8 CLA IN . -89.18 -74.37 -5.19
C9 CLA IN . -89.22 -73.56 -6.47
C10 CLA IN . -90.41 -74.04 -4.37
MG CHL JN . -75.01 -65.51 12.05
CHA CHL JN . -73.44 -64.69 15.01
CHB CHL JN . -76.32 -62.40 12.00
CHC CHL JN . -75.80 -65.99 8.73
CHD CHL JN . -74.01 -68.93 12.37
NA CHL JN . -74.91 -63.90 13.19
C1A CHL JN . -74.18 -63.72 14.21
C2A CHL JN . -74.18 -62.31 14.72
C3A CHL JN . -75.49 -61.84 14.17
C4A CHL JN . -75.60 -62.77 13.03
CMA CHL JN . -76.63 -62.17 15.11
CAA CHL JN . -73.06 -61.54 14.06
CBA CHL JN . -72.05 -61.17 15.11
CGA CHL JN . -70.86 -60.49 14.45
O1A CHL JN . -70.25 -59.65 15.08
O2A CHL JN . -70.45 -60.80 13.10
NB CHL JN . -75.91 -64.38 10.61
C1B CHL JN . -76.38 -63.12 10.73
C2B CHL JN . -76.98 -62.53 9.52
C3B CHL JN . -76.82 -63.62 8.57
C4B CHL JN . -76.16 -64.70 9.32
CMB CHL JN . -77.60 -61.18 9.30
CAB CHL JN . -77.24 -63.60 7.16
CBB CHL JN . -76.40 -63.88 6.20
NC CHL JN . -74.94 -67.14 10.81
C1C CHL JN . -75.29 -67.11 9.52
C2C CHL JN . -75.11 -68.45 8.90
C3C CHL JN . -74.59 -69.33 9.95
C4C CHL JN . -74.51 -68.40 11.10
CMC CHL JN . -75.39 -68.84 7.50
OMC CHL JN . -75.18 -68.06 6.59
CAC CHL JN . -74.23 -70.78 9.87
CBC CHL JN . -72.94 -70.94 9.10
ND CHL JN . -73.96 -66.70 13.34
C1D CHL JN . -73.59 -67.99 13.40
C2D CHL JN . -72.80 -68.21 14.62
C3D CHL JN . -72.74 -66.90 15.25
C4D CHL JN . -73.46 -66.04 14.43
CMD CHL JN . -72.10 -69.35 15.31
CAD CHL JN . -72.22 -66.14 16.40
OBD CHL JN . -71.53 -66.64 17.35
CBD CHL JN . -72.67 -64.76 16.25
CGD CHL JN . -73.60 -64.50 17.35
O1D CHL JN . -74.80 -64.64 17.18
O2D CHL JN . -73.07 -64.08 18.62
CED CHL JN . -73.65 -62.98 19.31
C1 CHL JN . -69.05 -60.99 12.86
C2 CHL JN . -68.81 -61.45 11.44
C3 CHL JN . -67.84 -60.88 10.71
C4 CHL JN . -67.59 -61.31 9.30
C5 CHL JN . -67.00 -59.78 11.33
MG CHL KN . -83.80 -69.48 -7.67
CHA CHL KN . -84.83 -66.90 -5.51
CHB CHL KN . -84.05 -71.60 -5.06
CHC CHL KN . -83.02 -72.11 -9.82
CHD CHL KN . -83.81 -67.21 -10.43
NA CHL KN . -84.21 -69.31 -5.72
C1A CHL KN . -84.59 -68.29 -5.05
C2A CHL KN . -84.81 -68.53 -3.59
C3A CHL KN . -84.27 -69.90 -3.41
C4A CHL KN . -84.15 -70.31 -4.82
CMA CHL KN . -82.89 -69.79 -2.79
CAA CHL KN . -86.26 -68.45 -3.17
CBA CHL KN . -87.01 -69.77 -3.18
CGA CHL KN . -88.40 -69.43 -3.69
O1A CHL KN . -88.50 -68.82 -4.72
O2A CHL KN . -89.60 -69.80 -2.97
NB CHL KN . -83.56 -71.51 -7.46
C1B CHL KN . -83.69 -72.23 -6.33
C2B CHL KN . -83.47 -73.68 -6.45
C3B CHL KN . -83.17 -73.80 -7.87
C4B CHL KN . -83.26 -72.43 -8.41
CMB CHL KN . -83.54 -74.74 -5.38
CAB CHL KN . -82.86 -75.04 -8.60
CBB CHL KN . -83.46 -75.31 -9.74
NC CHL KN . -83.48 -69.64 -9.70
C1C CHL KN . -83.19 -70.77 -10.36
C2C CHL KN . -83.04 -70.49 -11.81
C3C CHL KN . -83.27 -69.08 -12.00
C4C CHL KN . -83.53 -68.65 -10.61
CMC CHL KN . -82.74 -71.38 -12.95
OMC CHL KN . -82.66 -72.58 -12.79
CAC CHL KN . -83.23 -68.30 -13.28
CBC CHL KN . -84.61 -68.31 -13.90
ND CHL KN . -84.19 -67.51 -8.03
C1D CHL KN . -84.18 -66.72 -9.10
C2D CHL KN . -84.57 -65.36 -8.74
C3D CHL KN . -84.83 -65.44 -7.31
C4D CHL KN . -84.59 -66.77 -6.94
CMD CHL KN . -84.75 -64.04 -9.43
CAD CHL KN . -85.24 -64.66 -6.13
OBD CHL KN . -85.52 -63.42 -6.18
CBD CHL KN . -85.26 -65.60 -5.00
CGD CHL KN . -84.43 -65.07 -3.89
O1D CHL KN . -83.25 -64.86 -4.00
O2D CHL KN . -85.07 -64.78 -2.62
CED CHL KN . -84.47 -65.28 -1.43
C1 CHL KN . -90.84 -69.29 -3.45
C2 CHL KN . -91.89 -70.35 -3.62
C3 CHL KN . -92.66 -70.72 -2.59
C4 CHL KN . -92.46 -70.09 -1.24
C5 CHL KN . -93.72 -71.79 -2.78
MG CLA LN . -75.36 -64.33 -2.88
CHA CLA LN . -75.74 -61.36 -4.59
CHB CLA LN . -73.37 -65.49 -5.37
CHC CLA LN . -74.70 -67.10 -0.99
CHD CLA LN . -77.26 -62.99 -0.24
NA CLA LN . -74.73 -63.56 -4.70
C1A CLA LN . -74.97 -62.29 -5.23
C2A CLA LN . -74.30 -62.11 -6.57
C3A CLA LN . -73.75 -63.51 -6.88
C4A CLA LN . -73.94 -64.26 -5.56
CMA CLA LN . -74.54 -64.16 -7.98
CAA CLA LN . -73.16 -61.12 -6.44
CBA CLA LN . -71.83 -61.81 -6.29
CGA CLA LN . -70.92 -61.06 -5.38
O1A CLA LN . -70.19 -60.10 -5.62
O2A CLA LN . -70.94 -61.53 -4.11
NB CLA LN . -74.28 -65.99 -3.14
C1B CLA LN . -73.51 -66.26 -4.22
C2B CLA LN . -72.83 -67.57 -4.02
C3B CLA LN . -73.20 -68.02 -2.80
C4B CLA LN . -74.12 -67.03 -2.21
CMB CLA LN . -71.94 -68.16 -5.00
CAB CLA LN . -72.79 -69.21 -2.14
CBB CLA LN . -71.60 -69.32 -1.55
NC CLA LN . -75.96 -64.97 -1.00
C1C CLA LN . -75.58 -66.14 -0.43
C2C CLA LN . -76.14 -66.26 0.89
C3C CLA LN . -76.83 -65.08 1.13
C4C CLA LN . -76.71 -64.27 -0.06
CMC CLA LN . -75.94 -67.40 1.76
CAC CLA LN . -77.54 -64.71 2.34
CBC CLA LN . -78.91 -65.35 2.42
ND CLA LN . -76.43 -62.66 -2.52
C1D CLA LN . -77.14 -62.24 -1.39
C2D CLA LN . -77.68 -60.90 -1.65
C3D CLA LN . -77.18 -60.52 -2.87
C4D CLA LN . -76.37 -61.64 -3.34
CMD CLA LN . -78.54 -60.17 -0.73
CAD CLA LN . -77.13 -59.50 -3.89
OBD CLA LN . -77.72 -58.44 -3.98
CBD CLA LN . -76.12 -59.97 -4.96
CGD CLA LN . -76.80 -59.90 -6.28
O1D CLA LN . -77.09 -60.83 -7.02
O2D CLA LN . -77.11 -58.63 -6.67
CED CLA LN . -77.37 -58.46 -8.05
C1 CLA LN . -69.68 -61.47 -3.40
C2 CLA LN . -69.80 -60.38 -2.40
C3 CLA LN . -69.04 -60.31 -1.30
C4 CLA LN . -68.00 -61.33 -1.00
C5 CLA LN . -69.18 -59.21 -0.31
MG CLA MN . -92.51 -62.32 -4.57
CHA CLA MN . -93.04 -63.60 -7.71
CHB CLA MN . -95.17 -60.26 -4.99
CHC CLA MN . -92.29 -61.45 -1.28
CHD CLA MN . -89.88 -64.61 -4.13
NA CLA MN . -93.80 -61.93 -6.15
C1A CLA MN . -93.91 -62.61 -7.36
C2A CLA MN . -94.99 -62.01 -8.22
C3A CLA MN . -95.42 -60.76 -7.44
C4A CLA MN . -94.77 -60.98 -6.08
CMA CLA MN . -94.89 -59.53 -8.11
CAA CLA MN . -96.17 -62.96 -8.35
CBA CLA MN . -96.50 -63.62 -7.03
CGA CLA MN . -97.49 -62.78 -6.30
O1A CLA MN . -98.47 -62.20 -6.74
O2A CLA MN . -97.22 -62.65 -4.96
NB CLA MN . -93.57 -61.14 -3.35
C1B CLA MN . -94.60 -60.36 -3.71
C2B CLA MN . -95.07 -59.56 -2.56
C3B CLA MN . -94.25 -59.88 -1.51
C4B CLA MN . -93.27 -60.88 -2.01
CMB CLA MN . -96.17 -58.61 -2.67
CAB CLA MN . -94.20 -59.39 -0.15
CBB CLA MN . -95.22 -59.36 0.71
NC CLA MN . -91.24 -62.85 -3.02
C1C CLA MN . -91.32 -62.36 -1.75
C2C CLA MN . -90.28 -62.97 -0.93
C3C CLA MN . -89.62 -63.88 -1.73
C4C CLA MN . -90.23 -63.81 -3.04
CMC CLA MN . -90.02 -62.70 0.48
CAC CLA MN . -88.50 -64.73 -1.33
CBC CLA MN . -89.00 -65.99 -0.68
ND CLA MN . -91.42 -63.55 -5.73
C1D CLA MN . -90.43 -64.51 -5.38
C2D CLA MN . -90.13 -65.33 -6.57
C3D CLA MN . -91.09 -64.99 -7.50
C4D CLA MN . -91.92 -63.95 -6.89
CMD CLA MN . -89.05 -66.30 -6.64
CAD CLA MN . -91.57 -65.15 -8.84
OBD CLA MN . -91.04 -65.66 -9.82
CBD CLA MN . -92.96 -64.50 -8.90
CGD CLA MN . -93.11 -63.82 -10.22
O1D CLA MN . -92.80 -62.68 -10.52
O2D CLA MN . -93.64 -64.60 -11.18
CED CLA MN . -94.03 -63.93 -12.36
C1 CLA MN . -98.28 -62.15 -4.13
C2 CLA MN . -97.75 -62.16 -2.75
C3 CLA MN . -98.50 -62.33 -1.66
C4 CLA MN . -99.97 -62.51 -1.72
C5 CLA MN . -97.88 -62.32 -0.30
C6 CLA MN . -98.41 -63.42 0.58
C7 CLA MN . -97.91 -63.19 1.98
C8 CLA MN . -97.76 -64.49 2.76
C9 CLA MN . -99.01 -65.32 2.64
C10 CLA MN . -97.45 -64.21 4.22
C11 CLA MN . -96.27 -65.01 4.72
C12 CLA MN . -96.23 -65.10 6.23
C13 CLA MN . -95.05 -65.91 6.76
C14 CLA MN . -94.74 -67.11 5.89
C15 CLA MN . -95.29 -66.37 8.20
MG CLA NN . -98.95 -46.03 1.35
CHA CLA NN . -99.35 -48.64 -0.87
CHB CLA NN . -101.58 -44.43 -0.08
CHC CLA NN . -98.66 -43.58 3.73
CHD CLA NN . -96.30 -47.79 2.89
NA CLA NN . -100.21 -46.47 -0.25
C1A CLA NN . -100.23 -47.63 -1.03
C2A CLA NN . -101.32 -47.56 -2.09
C3A CLA NN . -101.91 -46.14 -1.91
C4A CLA NN . -101.20 -45.62 -0.66
CMA CLA NN . -101.65 -45.26 -3.10
CAA CLA NN . -102.38 -48.61 -1.82
CBA CLA NN . -102.70 -48.74 -0.34
CGA CLA NN . -104.03 -49.42 -0.12
O1A CLA NN . -105.17 -49.01 -0.36
O2A CLA NN . -103.89 -50.67 0.42
NB CLA NN . -99.92 -44.32 1.75
C1B CLA NN . -100.99 -43.86 1.06
C2B CLA NN . -101.48 -42.62 1.70
C3B CLA NN . -100.66 -42.36 2.77
C4B CLA NN . -99.65 -43.44 2.81
CMB CLA NN . -102.63 -41.87 1.19
CAB CLA NN . -100.71 -41.29 3.72
CBB CLA NN . -101.52 -41.27 4.77
NC CLA NN . -97.67 -45.72 2.97
C1C CLA NN . -97.73 -44.63 3.79
C2C CLA NN . -96.70 -44.75 4.82
C3C CLA NN . -96.05 -45.95 4.61
C4C CLA NN . -96.67 -46.56 3.45
CMC CLA NN . -96.48 -43.76 5.87
CAC CLA NN . -94.96 -46.53 5.41
CBC CLA NN . -93.61 -46.23 4.82
ND CLA NN . -97.94 -47.73 1.05
C1D CLA NN . -96.90 -48.36 1.79
C2D CLA NN . -96.57 -49.63 1.16
C3D CLA NN . -97.45 -49.78 0.11
C4D CLA NN . -98.31 -48.59 0.12
CMD CLA NN . -95.50 -50.48 1.63
CAD CLA NN . -97.88 -50.59 -1.03
OBD CLA NN . -97.35 -51.58 -1.51
CBD CLA NN . -99.18 -49.94 -1.60
CGD CLA NN . -99.11 -49.70 -3.07
O1D CLA NN . -98.28 -49.02 -3.67
O2D CLA NN . -100.12 -50.28 -3.76
CED CLA NN . -100.35 -49.88 -5.11
C1 CLA NN . -104.64 -51.00 1.62
C2 CLA NN . -103.68 -51.03 2.76
C3 CLA NN . -103.98 -51.56 3.95
C4 CLA NN . -105.31 -52.16 4.21
C5 CLA NN . -102.99 -51.58 5.07
C6 CLA NN . -103.06 -52.86 5.88
C7 CLA NN . -101.69 -53.32 6.35
C8 CLA NN . -101.64 -54.80 6.72
C9 CLA NN . -100.45 -55.06 7.60
C10 CLA NN . -101.58 -55.67 5.48
MG CLA ON . -97.94 -55.02 4.40
CHA CLA ON . -99.82 -54.65 1.52
CHB CLA ON . -97.79 -58.36 3.87
CHC CLA ON . -96.07 -55.31 7.25
CHD CLA ON . -98.20 -51.54 4.94
NA CLA ON . -98.69 -56.27 2.92
C1A CLA ON . -99.44 -55.93 1.80
C2A CLA ON . -99.78 -57.18 0.98
C3A CLA ON . -99.22 -58.33 1.82
C4A CLA ON . -98.50 -57.63 2.95
CMA CLA ON . -100.35 -59.18 2.33
CAA CLA ON . -99.08 -57.17 -0.35
CBA CLA ON . -99.70 -58.24 -1.20
CGA CLA ON . -101.17 -58.03 -1.15
O1A CLA ON . -101.82 -57.07 -1.54
O2A CLA ON . -101.83 -59.08 -0.57
NB CLA ON . -97.09 -56.54 5.37
C1B CLA ON . -97.10 -57.84 4.98
C2B CLA ON . -96.29 -58.65 5.91
C3B CLA ON . -95.80 -57.81 6.87
C4B CLA ON . -96.31 -56.45 6.55
CMB CLA ON . -96.12 -60.09 5.76
CAB CLA ON . -94.97 -58.10 8.00
CBB CLA ON . -95.39 -58.08 9.26
NC CLA ON . -97.26 -53.66 5.83
C1C CLA ON . -96.52 -54.00 6.91
C2C CLA ON . -96.24 -52.80 7.70
C3C CLA ON . -96.83 -51.74 7.04
C4C CLA ON . -97.47 -52.29 5.87
CMC CLA ON . -95.46 -52.77 8.94
CAC CLA ON . -96.81 -50.32 7.42
CBC CLA ON . -98.11 -49.83 8.02
ND CLA ON . -98.78 -53.43 3.50
C1D CLA ON . -98.83 -52.05 3.83
C2D CLA ON . -99.61 -51.33 2.82
C3D CLA ON . -100.01 -52.28 1.90
C4D CLA ON . -99.46 -53.57 2.37
CMD CLA ON . -99.89 -49.91 2.85
CAD CLA ON . -100.73 -52.53 0.68
OBD CLA ON . -101.34 -51.75 -0.04
CBD CLA ON . -100.65 -54.05 0.40
CGD CLA ON . -102.02 -54.62 0.33
O1D CLA ON . -102.65 -55.17 1.24
O2D CLA ON . -102.61 -54.48 -0.88
CED CLA ON . -104.04 -54.45 -0.93
C1 CLA ON . -103.27 -59.11 -0.69
C2 CLA ON . -103.82 -59.05 0.69
C3 CLA ON . -104.83 -59.82 1.12
C4 CLA ON . -105.35 -59.74 2.51
C5 CLA ON . -105.48 -60.80 0.22
C6 CLA ON . -106.99 -60.83 0.41
C7 CLA ON . -107.51 -62.25 0.52
MG CLA PN . -86.40 -47.69 16.48
CHA CLA PN . -85.96 -47.60 19.91
CHB CLA PN . -89.75 -47.78 16.92
CHC CLA PN . -86.83 -47.36 13.08
CHD CLA PN . -82.94 -47.33 16.08
NA CLA PN . -87.62 -47.76 18.14
C1A CLA PN . -87.25 -47.67 19.48
C2A CLA PN . -88.47 -47.69 20.38
C3A CLA PN . -89.62 -47.97 19.40
C4A CLA PN . -88.98 -47.82 18.04
CMA CLA PN . -90.16 -49.35 19.53
CAA CLA PN . -88.59 -46.32 21.01
CBA CLA PN . -88.82 -45.18 20.03
CGA CLA PN . -87.57 -44.43 19.66
O1A CLA PN . -86.54 -44.30 20.32
O2A CLA PN . -87.64 -43.81 18.44
NB CLA PN . -87.98 -47.60 15.23
C1B CLA PN . -89.27 -47.66 15.61
C2B CLA PN . -90.15 -47.57 14.41
C3B CLA PN . -89.33 -47.46 13.33
C4B CLA PN . -87.95 -47.48 13.83
CMB CLA PN . -91.60 -47.60 14.46
CAB CLA PN . -89.68 -47.33 11.95
CBB CLA PN . -89.49 -48.22 10.99
NC CLA PN . -85.11 -47.50 14.87
C1C CLA PN . -85.50 -47.39 13.57
C2C CLA PN . -84.35 -47.23 12.72
C3C CLA PN . -83.25 -47.19 13.55
C4C CLA PN . -83.73 -47.34 14.91
CMC CLA PN . -84.39 -47.10 11.26
CAC CLA PN . -81.87 -47.04 13.12
CBC CLA PN . -81.37 -45.63 13.35
ND CLA PN . -84.77 -47.72 17.65
C1D CLA PN . -83.39 -47.47 17.37
C2D CLA PN . -82.66 -47.47 18.67
C3D CLA PN . -83.60 -47.57 19.65
C4D CLA PN . -84.90 -47.66 18.97
CMD CLA PN . -81.25 -47.35 18.99
CAD CLA PN . -83.81 -47.66 21.06
OBD CLA PN . -82.99 -47.85 21.95
CBD CLA PN . -85.33 -47.48 21.28
CGD CLA PN . -85.87 -48.47 22.27
O1D CLA PN . -86.83 -49.23 22.14
O2D CLA PN . -85.20 -48.50 23.45
CED CLA PN . -85.36 -49.67 24.25
C1 CLA PN . -86.40 -43.44 17.79
C2 CLA PN . -86.71 -43.34 16.34
C3 CLA PN . -85.81 -42.98 15.42
C4 CLA PN . -84.42 -42.64 15.79
C5 CLA PN . -86.15 -42.90 13.98
C6 CLA PN . -87.64 -43.00 13.70
C7 CLA PN . -87.90 -43.04 12.20
C8 CLA PN . -89.36 -42.87 11.79
C9 CLA PN . -89.45 -41.73 10.81
C10 CLA PN . -90.32 -42.64 12.96
C11 CLA PN . -91.77 -42.75 12.52
MG CLA QN . -93.48 -43.23 21.08
CHA CLA QN . -90.86 -41.12 20.29
CHB CLA QN . -94.25 -41.28 23.75
CHC CLA QN . -96.00 -45.41 21.87
CHD CLA QN . -92.64 -45.23 18.29
NA CLA QN . -92.66 -41.48 21.86
C1A CLA QN . -91.57 -40.74 21.40
C2A CLA QN . -91.29 -39.52 22.28
C3A CLA QN . -92.35 -39.66 23.40
C4A CLA QN . -93.16 -40.88 22.99
CMA CLA QN . -91.71 -39.90 24.73
CAA CLA QN . -91.46 -38.20 21.57
CBA CLA QN . -92.90 -37.92 21.20
CGA CLA QN . -93.37 -36.54 21.60
O1A CLA QN . -94.50 -36.06 21.50
O2A CLA QN . -92.39 -35.77 22.16
NB CLA QN . -94.78 -43.38 22.60
C1B CLA QN . -95.05 -42.39 23.47
C2B CLA QN . -96.35 -42.64 24.15
C3B CLA QN . -96.85 -43.80 23.62
C4B CLA QN . -95.86 -44.29 22.63
CMB CLA QN . -96.91 -41.73 25.14
CAB CLA QN . -98.08 -44.49 23.89
CBB CLA QN . -98.39 -45.07 25.05
NC CLA QN . -94.18 -45.00 20.23
C1C CLA QN . -95.21 -45.74 20.74
C2C CLA QN . -95.41 -46.94 19.93
C3C CLA QN . -94.48 -46.87 18.90
C4C CLA QN . -93.71 -45.65 19.10
CMC CLA QN . -96.42 -47.95 20.17
CAC CLA QN . -94.31 -47.85 17.82
CBC CLA QN . -95.14 -47.49 16.62
ND CLA QN . -92.19 -43.16 19.53
C1D CLA QN . -91.93 -44.07 18.48
C2D CLA QN . -90.78 -43.57 17.70
C3D CLA QN . -90.34 -42.46 18.36
C4D CLA QN . -91.23 -42.25 19.51
CMD CLA QN . -90.24 -44.20 16.50
CAD CLA QN . -89.39 -41.38 18.37
OBD CLA QN . -88.53 -41.11 17.55
CBD CLA QN . -89.63 -40.55 19.66
CGD CLA QN . -88.45 -40.77 20.55
O1D CLA QN . -88.08 -41.84 21.02
O2D CLA QN . -87.73 -39.65 20.85
CED CLA QN . -86.32 -39.76 20.95
MG CLA RN . -71.54 -46.84 11.63
CHA CLA RN . -71.03 -44.16 13.71
CHB CLA RN . -74.90 -46.45 11.99
CHC CLA RN . -72.01 -49.10 9.12
CHD CLA RN . -68.05 -47.18 11.29
NA CLA RN . -72.74 -45.57 12.76
C1A CLA RN . -72.33 -44.48 13.52
C2A CLA RN . -73.54 -43.79 14.14
C3A CLA RN . -74.69 -44.75 13.82
C4A CLA RN . -74.09 -45.66 12.77
CMA CLA RN . -75.09 -45.52 15.04
CAA CLA RN . -73.77 -42.48 13.44
CBA CLA RN . -73.43 -42.51 11.97
CGA CLA RN . -73.90 -41.27 11.26
O1A CLA RN . -73.23 -40.41 10.71
O2A CLA RN . -75.26 -41.13 11.27
NB CLA RN . -73.15 -47.65 10.75
C1B CLA RN . -74.44 -47.32 10.99
C2B CLA RN . -75.33 -47.99 10.03
C3B CLA RN . -74.53 -48.74 9.21
C4B CLA RN . -73.12 -48.54 9.66
CMB CLA RN . -76.78 -47.83 10.01
CAB CLA RN . -74.88 -49.58 8.11
CBB CLA RN . -74.67 -50.90 8.08
NC CLA RN . -70.26 -47.99 10.48
C1C CLA RN . -70.67 -48.86 9.51
C2C CLA RN . -69.52 -49.45 8.86
C3C CLA RN . -68.40 -48.91 9.47
C4C CLA RN . -68.87 -47.98 10.48
CMC CLA RN . -69.59 -50.42 7.77
CAC CLA RN . -66.99 -49.20 9.17
CBC CLA RN . -66.45 -48.20 8.17
ND CLA RN . -69.88 -46.04 12.45
C1D CLA RN . -68.50 -46.25 12.18
C2D CLA RN . -67.72 -45.32 13.01
C3D CLA RN . -68.64 -44.48 13.59
C4D CLA RN . -69.97 -44.95 13.18
CMD CLA RN . -66.27 -45.30 13.09
CAD CLA RN . -68.86 -43.39 14.51
OBD CLA RN . -68.06 -42.80 15.23
CBD CLA RN . -70.37 -43.05 14.49
CGD CLA RN . -70.84 -42.92 15.89
O1D CLA RN . -70.66 -43.70 16.82
O2D CLA RN . -71.49 -41.77 16.14
CED CLA RN . -70.66 -40.73 16.66
C1 CLA RN . -75.81 -40.21 10.30
MG CLA SN . -67.01 -69.74 -6.75
CHA CLA SN . -65.81 -72.17 -8.89
CHB CLA SN . -65.36 -71.20 -4.18
CHC CLA SN . -68.09 -67.23 -4.71
CHD CLA SN . -68.76 -68.29 -9.44
NA CLA SN . -65.80 -71.42 -6.59
C1A CLA SN . -65.41 -72.30 -7.60
C2A CLA SN . -64.50 -73.38 -7.06
C3A CLA SN . -64.49 -73.12 -5.56
C4A CLA SN . -65.25 -71.81 -5.41
CMA CLA SN . -65.20 -74.22 -4.83
CAA CLA SN . -63.12 -73.08 -7.60
CBA CLA SN . -62.12 -74.18 -7.26
CGA CLA SN . -60.77 -73.82 -7.80
NB CLA SN . -66.76 -69.30 -4.82
C1B CLA SN . -66.05 -70.02 -3.93
C2B CLA SN . -66.14 -69.38 -2.59
C3B CLA SN . -66.89 -68.26 -2.74
C4B CLA SN . -67.32 -68.18 -4.15
CMB CLA SN . -65.47 -69.91 -1.42
CAB CLA SN . -67.27 -67.28 -1.77
CBB CLA SN . -66.42 -66.41 -1.25
NC CLA SN . -68.20 -68.07 -7.04
C1C CLA SN . -68.51 -67.18 -6.06
C2C CLA SN . -69.33 -66.13 -6.60
C3C CLA SN . -69.56 -66.44 -7.93
C4C CLA SN . -68.85 -67.66 -8.19
CMC CLA SN . -69.83 -65.01 -5.83
CAC CLA SN . -70.37 -65.68 -8.89
CBC CLA SN . -69.51 -64.76 -9.71
ND CLA SN . -67.29 -70.10 -8.71
C1D CLA SN . -68.03 -69.42 -9.71
C2D CLA SN . -67.87 -70.15 -10.98
C3D CLA SN . -67.01 -71.18 -10.72
C4D CLA SN . -66.68 -71.11 -9.30
CMD CLA SN . -68.48 -69.77 -12.24
CAD CLA SN . -66.33 -72.33 -11.27
OBD CLA SN . -66.34 -72.77 -12.40
CBD CLA SN . -65.54 -72.99 -10.11
CGD CLA SN . -66.06 -74.37 -9.90
O1D CLA SN . -67.19 -74.77 -10.13
O2D CLA SN . -65.14 -75.25 -9.42
CED CLA SN . -65.49 -76.63 -9.53
MG CHL TN . -86.60 -79.58 -11.76
CHA CHL TN . -89.93 -80.56 -11.83
CHB CHL TN . -85.91 -82.38 -9.98
CHC CHL TN . -83.26 -78.63 -11.65
CHD CHL TN . -87.40 -76.56 -13.52
NA CHL TN . -87.64 -81.13 -11.06
C1A CHL TN . -88.87 -81.37 -11.21
C2A CHL TN . -89.35 -82.66 -10.63
C3A CHL TN . -88.18 -83.08 -9.82
C4A CHL TN . -87.16 -82.14 -10.31
CMA CHL TN . -88.41 -82.87 -8.33
CAA CHL TN . -89.61 -83.67 -11.74
CBA CHL TN . -89.86 -85.06 -11.18
NB CHL TN . -84.88 -80.39 -10.96
C1B CHL TN . -84.75 -81.54 -10.25
C2B CHL TN . -83.41 -81.88 -9.78
C3B CHL TN . -82.65 -80.74 -10.28
C4B CHL TN . -83.63 -79.90 -10.99
CMB CHL TN . -82.93 -83.06 -8.98
CAB CHL TN . -81.20 -80.51 -10.14
CBB CHL TN . -80.49 -80.28 -11.22
NC CHL TN . -85.55 -77.95 -12.44
C1C CHL TN . -84.23 -77.76 -12.29
C2C CHL TN . -83.81 -76.46 -12.89
C3C CHL TN . -85.01 -75.85 -13.43
C4C CHL TN . -86.03 -76.87 -13.10
CMC CHL TN . -82.45 -75.87 -12.96
OMC CHL TN . -81.58 -76.19 -12.17
CAC CHL TN . -85.17 -74.55 -14.17
CBC CHL TN . -85.78 -73.51 -13.26
ND CHL TN . -88.23 -78.65 -12.56
C1D CHL TN . -88.47 -77.51 -13.20
C2D CHL TN . -89.90 -77.38 -13.51
C3D CHL TN . -90.49 -78.61 -12.95
C4D CHL TN . -89.42 -79.32 -12.40
CMD CHL TN . -90.80 -76.40 -14.20
CAD CHL TN . -91.74 -79.39 -12.75
OBD CHL TN . -92.89 -78.99 -13.16
CBD CHL TN . -91.38 -80.62 -12.03
CGD CHL TN . -92.02 -80.55 -10.69
O1D CHL TN . -91.76 -79.66 -9.90
O2D CHL TN . -92.99 -81.55 -10.28
CED CHL TN . -93.36 -81.62 -8.90
C1 LUT UN . -92.02 -52.76 15.23
C2 LUT UN . -91.43 -52.91 16.61
C3 LUT UN . -90.05 -52.32 16.82
C4 LUT UN . -89.15 -52.66 15.66
C5 LUT UN . -89.77 -52.14 14.42
C6 LUT UN . -91.05 -52.38 14.15
C7 LUT UN . -91.56 -52.24 12.77
C8 LUT UN . -91.28 -53.15 11.85
C9 LUT UN . -91.78 -53.07 10.47
C10 LUT UN . -91.76 -54.19 9.73
C11 LUT UN . -92.23 -54.35 8.36
C12 LUT UN . -92.03 -55.57 7.84
C13 LUT UN . -92.43 -56.04 6.51
C14 LUT UN . -92.29 -57.35 6.25
C15 LUT UN . -92.68 -57.96 4.99
C16 LUT UN . -93.07 -51.66 15.27
C17 LUT UN . -92.65 -54.08 14.85
C18 LUT UN . -88.94 -51.32 13.49
C19 LUT UN . -92.28 -51.77 9.91
C20 LUT UN . -92.98 -55.13 5.46
O3 LUT UN . -89.49 -52.92 17.98
C21 LUT UN . -96.95 -66.97 -2.81
C22 LUT UN . -97.68 -67.02 -4.14
C23 LUT UN . -96.78 -67.36 -5.31
C24 LUT UN . -95.46 -66.66 -5.20
C25 LUT UN . -94.91 -66.45 -4.02
C26 LUT UN . -95.76 -66.04 -2.88
C27 LUT UN . -95.00 -66.13 -1.58
C28 LUT UN . -94.76 -64.98 -0.97
C29 LUT UN . -94.04 -64.84 0.30
C30 LUT UN . -94.06 -63.64 0.87
C31 LUT UN . -93.44 -63.27 2.14
C32 LUT UN . -93.52 -61.98 2.43
C33 LUT UN . -93.02 -61.34 3.65
C34 LUT UN . -93.09 -60.01 3.74
C35 LUT UN . -92.65 -59.30 4.93
C36 LUT UN . -96.49 -68.36 -2.40
C37 LUT UN . -97.92 -66.48 -1.75
C38 LUT UN . -93.44 -66.67 -3.85
C39 LUT UN . -93.35 -66.02 0.91
C40 LUT UN . -92.49 -62.15 4.78
O23 LUT UN . -97.42 -66.89 -6.50
MG CLA VN . -69.16 -55.44 -8.82
CHA CLA VN . -70.57 -56.82 -11.65
CHB CLA VN . -70.00 -52.34 -9.90
CHC CLA VN . -67.45 -54.08 -6.15
CHD CLA VN . -68.04 -58.63 -7.87
NA CLA VN . -70.18 -54.72 -10.48
C1A CLA VN . -70.67 -55.44 -11.59
C2A CLA VN . -71.27 -54.48 -12.62
C3A CLA VN . -71.25 -53.11 -11.91
C4A CLA VN . -70.40 -53.39 -10.68
CMA CLA VN . -70.63 -52.03 -12.76
CAA CLA VN . -72.64 -54.80 -13.19
CBA CLA VN . -72.75 -54.21 -14.59
CGA CLA VN . -73.23 -55.24 -15.57
O1A CLA VN . -73.89 -56.26 -15.37
O2A CLA VN . -72.86 -54.99 -16.86
NB CLA VN . -68.75 -53.58 -8.19
C1B CLA VN . -69.24 -52.46 -8.74
C2B CLA VN . -68.91 -51.28 -7.89
C3B CLA VN . -68.19 -51.76 -6.83
C4B CLA VN . -68.09 -53.23 -7.00
CMB CLA VN . -69.32 -49.93 -8.21
CAB CLA VN . -67.62 -51.06 -5.74
CBB CLA VN . -66.30 -51.02 -5.49
NC CLA VN . -68.04 -56.24 -7.24
C1C CLA VN . -67.46 -55.50 -6.25
C2C CLA VN . -66.74 -56.37 -5.34
C3C CLA VN . -66.85 -57.66 -5.84
C4C CLA VN . -67.66 -57.56 -7.05
CMC CLA VN . -66.02 -55.91 -4.15
CAC CLA VN . -66.25 -58.87 -5.29
CBC CLA VN . -66.81 -59.30 -3.96
ND CLA VN . -69.46 -57.34 -9.40
C1D CLA VN . -68.87 -58.56 -8.96
C2D CLA VN . -69.30 -59.64 -9.86
C3D CLA VN . -70.02 -59.04 -10.87
C4D CLA VN . -70.01 -57.60 -10.59
CMD CLA VN . -69.01 -61.05 -9.65
CAD CLA VN . -70.77 -59.22 -12.08
OBD CLA VN . -71.18 -60.27 -12.57
CBD CLA VN . -70.99 -57.83 -12.69
CGD CLA VN . -70.18 -57.68 -13.94
O1D CLA VN . -69.12 -58.24 -14.22
O2D CLA VN . -70.75 -56.84 -14.85
CED CLA VN . -69.92 -56.30 -15.87
C1 CLA VN . -73.31 -55.94 -17.84
C1 BCR WN . -76.27 -82.41 -12.36
C2 BCR WN . -75.40 -82.48 -13.61
C3 BCR WN . -73.93 -82.23 -13.35
C4 BCR WN . -73.80 -80.97 -12.55
C5 BCR WN . -74.40 -81.31 -11.21
C6 BCR WN . -75.59 -81.88 -11.13
C7 BCR WN . -76.27 -82.01 -9.81
C8 BCR WN . -77.04 -81.01 -9.36
C9 BCR WN . -77.75 -81.01 -8.06
C10 BCR WN . -78.52 -79.95 -7.76
C11 BCR WN . -79.27 -79.78 -6.52
C33 BCR WN . -73.62 -81.05 -9.97
C31 BCR WN . -76.74 -83.81 -11.99
C32 BCR WN . -77.47 -81.52 -12.68
C34 BCR WN . -77.57 -82.16 -7.11
C12 BCR WN . -79.94 -78.65 -6.31
C13 BCR WN . -80.68 -78.41 -5.06
C14 BCR WN . -80.89 -77.17 -4.61
C15 BCR WN . -81.58 -76.91 -3.35
C16 BCR WN . -81.44 -75.70 -2.77
C17 BCR WN . -82.03 -75.36 -1.48
C18 BCR WN . -81.96 -74.12 -0.98
C19 BCR WN . -82.49 -73.80 0.36
C20 BCR WN . -82.48 -72.54 0.79
C21 BCR WN . -82.96 -72.23 2.14
C22 BCR WN . -84.00 -71.44 2.41
C23 BCR WN . -84.38 -71.17 3.80
C24 BCR WN . -84.70 -72.19 4.60
C25 BCR WN . -85.11 -72.03 6.02
C26 BCR WN . -84.20 -72.01 6.99
C27 BCR WN . -84.58 -72.33 8.41
C28 BCR WN . -85.97 -71.82 8.69
C29 BCR WN . -86.93 -72.41 7.67
C30 BCR WN . -86.59 -71.95 6.26
C35 BCR WN . -81.16 -79.59 -4.26
C36 BCR WN . -81.30 -73.03 -1.77
C37 BCR WN . -84.81 -70.83 1.29
C38 BCR WN . -82.77 -71.71 6.72
C39 BCR WN . -87.07 -70.53 6.03
C40 BCR WN . -87.27 -72.86 5.26
O1 LHG XN . -99.84 -38.72 -1.20
C1 LHG XN . -99.64 -40.13 -1.27
C2 LHG XN . -99.43 -40.55 -2.72
O2 LHG XN . -100.66 -40.40 -3.42
C3 LHG XN . -98.96 -41.99 -2.76
O3 LHG XN . -97.79 -42.14 -1.98
P LHG XN . -97.12 -43.59 -1.75
O4 LHG XN . -98.18 -44.50 -1.20
O5 LHG XN . -96.36 -43.97 -2.98
O6 LHG XN . -96.05 -43.36 -0.58
C4 LHG XN . -96.04 -44.32 0.46
C5 LHG XN . -94.70 -44.33 1.17
C6 LHG XN . -93.83 -45.44 0.56
O7 LHG XN . -94.03 -43.09 1.02
C7 LHG XN . -93.55 -42.64 2.31
O9 LHG XN . -93.86 -43.27 3.30
C8 LHG XN . -92.67 -41.42 2.42
C9 LHG XN . -91.95 -41.45 3.76
C10 LHG XN . -91.14 -40.18 3.93
O8 LHG XN . -92.62 -45.57 1.30
C23 LHG XN . -91.77 -46.71 1.02
O10 LHG XN . -92.24 -47.65 0.44
C24 LHG XN . -90.33 -46.69 1.44
C11 LHG XN . -89.78 -40.47 4.54
C12 LHG XN . -89.64 -39.71 5.85
C13 LHG XN . -88.19 -39.65 6.31
C14 LHG XN . -88.13 -39.21 7.76
C15 LHG XN . -86.70 -39.09 8.24
C16 LHG XN . -86.04 -37.83 7.67
C25 LHG XN . -90.26 -46.50 2.95
C26 LHG XN . -88.84 -46.67 3.43
C27 LHG XN . -88.57 -45.73 4.59
C28 LHG XN . -89.49 -46.04 5.77
C29 LHG XN . -90.12 -44.78 6.34
C30 LHG XN . -90.04 -44.76 7.86
C31 LHG XN . -91.18 -43.94 8.44
C32 LHG XN . -92.52 -44.61 8.11
C1 LUT YN . -80.59 -64.27 11.40
C2 LUT YN . -80.92 -64.92 12.74
C3 LUT YN . -82.35 -65.40 12.90
C4 LUT YN . -83.29 -64.39 12.30
C5 LUT YN . -82.97 -64.36 10.85
C6 LUT YN . -81.73 -64.12 10.46
C7 LUT YN . -81.43 -63.69 9.08
C8 LUT YN . -81.68 -62.45 8.70
C9 LUT YN . -81.38 -61.94 7.34
C10 LUT YN . -81.46 -60.63 7.12
C11 LUT YN . -81.16 -59.99 5.84
C12 LUT YN . -81.19 -58.66 5.82
C13 LUT YN . -80.87 -57.80 4.67
C14 LUT YN . -80.92 -56.47 4.86
C15 LUT YN . -80.59 -55.48 3.84
C16 LUT YN . -79.58 -65.13 10.67
C17 LUT YN . -80.02 -62.91 11.70
C18 LUT YN . -84.03 -64.63 9.84
C19 LUT YN . -80.99 -62.88 6.25
C20 LUT YN . -80.48 -58.36 3.35
O3 LUT YN . -82.64 -65.57 14.29
C21 LUT YN . -78.18 -43.99 -1.73
C22 LUT YN . -77.66 -43.39 -3.03
C23 LUT YN . -78.77 -43.18 -4.02
C24 LUT YN . -79.56 -44.44 -4.18
C25 LUT YN . -79.90 -45.11 -3.09
C26 LUT YN . -78.93 -45.29 -1.98
C27 LUT YN . -79.66 -45.73 -0.72
C28 LUT YN . -79.37 -46.93 -0.24
C29 LUT YN . -79.97 -47.51 0.97
C30 LUT YN . -79.77 -48.81 1.21
C31 LUT YN . -80.28 -49.58 2.35
C32 LUT YN . -80.03 -50.89 2.33
C33 LUT YN . -80.43 -51.84 3.37
C34 LUT YN . -80.33 -53.16 3.14
C35 LUT YN . -80.68 -54.17 4.13
C36 LUT YN . -79.08 -43.00 -1.04
C37 LUT YN . -76.99 -44.24 -0.83
C38 LUT YN . -81.26 -45.71 -3.00
C39 LUT YN . -80.80 -46.68 1.89
C40 LUT YN . -80.96 -51.37 4.67
O23 LUT YN . -78.20 -42.85 -5.29
C1 BCR ZN . -64.00 -78.27 15.29
C2 BCR ZN . -62.85 -79.26 15.50
C3 BCR ZN . -61.52 -78.56 15.70
C4 BCR ZN . -61.24 -77.76 14.45
C5 BCR ZN . -62.30 -76.71 14.38
C6 BCR ZN . -63.57 -76.98 14.67
C7 BCR ZN . -64.62 -75.97 14.42
C8 BCR ZN . -65.16 -75.66 13.25
C9 BCR ZN . -66.18 -74.60 13.31
C10 BCR ZN . -66.76 -74.07 12.23
C11 BCR ZN . -67.75 -73.03 12.48
C33 BCR ZN . -61.89 -75.32 14.02
C31 BCR ZN . -64.59 -77.94 16.65
C32 BCR ZN . -65.06 -78.92 14.42
C34 BCR ZN . -66.61 -74.10 14.66
C12 BCR ZN . -68.31 -72.31 11.52
C13 BCR ZN . -69.26 -71.29 11.98
C14 BCR ZN . -69.47 -70.17 11.28
C15 BCR ZN . -70.40 -69.14 11.74
C16 BCR ZN . -70.23 -67.95 11.18
C17 BCR ZN . -71.00 -66.72 11.43
C18 BCR ZN . -70.78 -65.76 10.54
C19 BCR ZN . -71.36 -64.42 10.55
C20 BCR ZN . -71.81 -63.83 9.45
C21 BCR ZN . -72.24 -62.49 9.75
C22 BCR ZN . -72.79 -61.50 9.06
C23 BCR ZN . -72.93 -60.32 9.93
C24 BCR ZN . -72.93 -59.06 9.56
C25 BCR ZN . -73.03 -58.10 10.67
C26 BCR ZN . -71.90 -57.64 11.20
C27 BCR ZN . -71.85 -56.79 12.43
C28 BCR ZN . -73.21 -56.71 13.07
C29 BCR ZN . -74.24 -56.44 11.99
C30 BCR ZN . -74.37 -57.67 11.14
C35 BCR ZN . -69.97 -71.53 13.26
C36 BCR ZN . -69.80 -65.99 9.45
C37 BCR ZN . -73.22 -61.53 7.63
C38 BCR ZN . -70.60 -57.94 10.54
C39 BCR ZN . -75.22 -57.38 9.92
C40 BCR ZN . -75.05 -58.76 11.94
MG CLA AO . -70.05 -77.72 -15.32
CHA CLA AO . -72.91 -76.28 -14.00
CHB CLA AO . -68.17 -75.79 -13.30
CHC CLA AO . -67.26 -79.26 -16.58
CHD CLA AO . -72.08 -79.71 -17.39
NA CLA AO . -70.50 -76.27 -13.88
C1A CLA AO . -71.74 -75.83 -13.46
C2A CLA AO . -71.63 -74.77 -12.39
C3A CLA AO . -70.12 -74.56 -12.26
C4A CLA AO . -69.52 -75.62 -13.19
CMA CLA AO . -69.74 -73.18 -12.71
CAA CLA AO . -72.18 -75.34 -11.10
CBA CLA AO . -71.52 -74.65 -9.94
CGA CLA AO . -71.17 -75.63 -8.87
O1A CLA AO . -70.18 -75.63 -8.14
O2A CLA AO . -72.08 -76.62 -8.72
NB CLA AO . -68.09 -77.59 -14.96
C1B CLA AO . -67.51 -76.70 -14.14
C2B CLA AO . -66.04 -76.80 -14.24
C3B CLA AO . -65.78 -77.77 -15.16
C4B CLA AO . -67.07 -78.30 -15.64
CMB CLA AO . -65.12 -75.96 -13.49
CAB CLA AO . -64.51 -78.22 -15.64
CBB CLA AO . -64.01 -79.41 -15.39
NC CLA AO . -69.73 -79.20 -16.74
C1C CLA AO . -68.51 -79.67 -17.11
C2C CLA AO . -68.68 -80.71 -18.14
C3C CLA AO . -70.04 -80.83 -18.35
C4C CLA AO . -70.70 -79.90 -17.46
CMC CLA AO . -67.60 -81.43 -18.79
CAC CLA AO . -70.72 -81.72 -19.29
CBC CLA AO . -71.14 -80.99 -20.54
ND CLA AO . -72.01 -77.92 -15.73
C1D CLA AO . -72.71 -78.81 -16.57
C2D CLA AO . -74.15 -78.55 -16.46
C3D CLA AO . -74.28 -77.56 -15.50
C4D CLA AO . -72.92 -77.24 -15.06
CMD CLA AO . -75.17 -79.23 -17.24
CAD CLA AO . -75.19 -76.69 -14.77
OBD CLA AO . -76.39 -76.50 -14.89
CBD CLA AO . -74.34 -75.93 -13.73
CGD CLA AO . -74.55 -74.46 -13.89
O1D CLA AO . -74.23 -73.57 -13.11
O2D CLA AO . -75.16 -74.11 -15.04
CED CLA AO . -75.18 -72.72 -15.30
C1 CLA AO . -72.35 -77.03 -7.36
C2 CLA AO . -71.78 -78.39 -7.18
C3 CLA AO . -72.54 -79.46 -6.87
C4 CLA AO . -74.00 -79.37 -6.70
C5 CLA AO . -71.92 -80.80 -6.71
C6 CLA AO . -72.52 -81.58 -5.56
C7 CLA AO . -71.78 -82.89 -5.36
C8 CLA AO . -71.15 -82.92 -3.98
C9 CLA AO . -69.71 -82.48 -4.06
C10 CLA AO . -71.22 -84.33 -3.41
C11 CLA AO . -72.61 -84.60 -2.92
C12 CLA AO . -73.08 -85.94 -3.42
C13 CLA AO . -72.74 -87.05 -2.45
C14 CLA AO . -72.91 -88.41 -3.10
C15 CLA AO . -73.58 -86.94 -1.19
C16 CLA AO . -75.05 -86.91 -1.51
C17 CLA AO . -75.87 -87.04 -0.24
C18 CLA AO . -77.27 -87.55 -0.53
C19 CLA AO . -77.24 -88.93 -1.15
C20 CLA AO . -78.02 -86.59 -1.43
MG CLA BO . -30.13 -96.22 -31.77
CHA CLA BO . -33.47 -96.30 -30.92
CHB CLA BO . -29.56 -93.93 -29.35
CHC CLA BO . -26.78 -96.35 -32.52
CHD CLA BO . -30.76 -98.55 -34.35
NA CLA BO . -31.35 -95.28 -30.37
C1A CLA BO . -32.71 -95.47 -30.16
C2A CLA BO . -33.22 -94.59 -29.02
C3A CLA BO . -31.98 -93.75 -28.67
C4A CLA BO . -30.86 -94.37 -29.49
CMA CLA BO . -32.17 -92.34 -29.12
CAA CLA BO . -33.65 -95.41 -27.83
CBA CLA BO . -32.66 -96.49 -27.44
CGA CLA BO . -32.59 -96.67 -25.95
O1A CLA BO . -32.21 -95.88 -25.09
O2A CLA BO . -33.00 -97.91 -25.54
NB CLA BO . -28.49 -95.33 -31.06
C1B CLA BO . -28.47 -94.39 -30.08
C2B CLA BO . -27.07 -93.90 -29.90
C3B CLA BO . -26.28 -94.58 -30.79
C4B CLA BO . -27.18 -95.50 -31.54
CMB CLA BO . -26.73 -92.88 -28.92
CAB CLA BO . -24.88 -94.48 -31.02
CBB CLA BO . -24.01 -95.46 -30.79
NC CLA BO . -28.99 -97.24 -33.18
C1C CLA BO . -27.64 -97.16 -33.30
C2C CLA BO . -27.17 -98.05 -34.35
C3C CLA BO . -28.30 -98.64 -34.90
C4C CLA BO . -29.44 -98.14 -34.16
CMC CLA BO . -25.78 -98.22 -34.73
CAC CLA BO . -28.36 -99.62 -35.98
CBC CLA BO . -28.49 -101.02 -35.45
ND CLA BO . -31.71 -97.19 -32.55
C1D CLA BO . -31.83 -98.13 -33.60
C2D CLA BO . -33.25 -98.51 -33.74
C3D CLA BO . -33.94 -97.82 -32.75
C4D CLA BO . -32.92 -97.03 -32.03
CMD CLA BO . -33.73 -99.42 -34.76
CAD CLA BO . -35.22 -97.51 -32.14
OBD CLA BO . -36.36 -97.83 -32.48
CBD CLA BO . -34.94 -96.60 -30.92
CGD CLA BO . -35.70 -95.34 -31.05
O1D CLA BO . -35.97 -94.54 -30.16
O2D CLA BO . -36.08 -95.06 -32.32
CED CLA BO . -36.60 -93.75 -32.53
C1 CLA BO . -32.88 -98.17 -24.13
C2 CLA BO . -31.96 -99.33 -24.01
C3 CLA BO . -32.32 -100.60 -24.26
C4 CLA BO . -33.69 -100.97 -24.69
C5 CLA BO . -31.33 -101.72 -24.13
C6 CLA BO . -30.71 -101.81 -22.75
C7 CLA BO . -29.69 -102.94 -22.69
C8 CLA BO . -29.10 -103.08 -21.30
C9 CLA BO . -28.40 -101.79 -20.94
C10 CLA BO . -28.14 -104.26 -21.17
C11 CLA BO . -28.57 -105.47 -21.98
C12 CLA BO . -29.09 -106.61 -21.12
C13 CLA BO . -28.05 -107.71 -20.97
C14 CLA BO . -27.41 -108.01 -22.31
C15 CLA BO . -28.63 -109.00 -20.41
C16 CLA BO . -29.88 -108.76 -19.59
C1 LMG CO . -65.14 -66.13 -16.38
O1 LMG CO . -64.39 -66.57 -15.26
C2 LMG CO . -64.30 -66.15 -17.65
O2 LMG CO . -63.38 -65.04 -17.67
C3 LMG CO . -65.16 -66.10 -18.91
O3 LMG CO . -64.89 -67.27 -19.70
C4 LMG CO . -66.68 -66.00 -18.72
O4 LMG CO . -67.31 -66.83 -19.69
C5 LMG CO . -67.21 -66.39 -17.35
O5 LMG CO . -67.85 -68.50 -18.21
C6 LMG CO . -68.36 -67.37 -17.52
O6 LMG CO . -66.22 -67.03 -16.56
C7 LMG CO . -65.23 -66.68 -14.11
C8 LMG CO . -64.58 -67.66 -13.14
C9 LMG CO . -65.24 -67.58 -11.77
O7 LMG CO . -64.75 -68.96 -13.67
C10 LMG CO . -63.69 -69.33 -14.59
O9 LMG CO . -63.85 -69.16 -15.79
C11 LMG CO . -62.41 -69.94 -14.07
C12 LMG CO . -62.62 -71.38 -13.66
C13 LMG CO . -62.03 -71.65 -12.29
C14 LMG CO . -60.68 -70.97 -12.14
C15 LMG CO . -59.54 -71.78 -12.73
C16 LMG CO . -58.32 -70.91 -12.97
C17 LMG CO . -57.09 -71.51 -12.31
C18 LMG CO . -55.82 -70.99 -12.99
C19 LMG CO . -54.55 -71.51 -12.33
C20 LMG CO . -53.32 -71.15 -13.15
C21 LMG CO . -52.11 -71.98 -12.72
O8 LMG CO . -64.46 -66.82 -10.86
C28 LMG CO . -63.88 -67.48 -9.70
O10 LMG CO . -63.28 -68.53 -9.86
C29 LMG CO . -64.01 -66.92 -8.31
C30 LMG CO . -63.21 -67.77 -7.34
C31 LMG CO . -63.62 -67.50 -5.90
C32 LMG CO . -62.49 -67.75 -4.92
C33 LMG CO . -61.97 -69.19 -4.97
C34 LMG CO . -60.71 -69.34 -4.12
C35 LMG CO . -60.04 -70.69 -4.31
C36 LMG CO . -60.54 -71.69 -3.28
MG CLA DO . -58.24 -80.94 -19.74
CHA CLA DO . -59.88 -79.36 -22.31
CHB CLA DO . -55.32 -80.63 -21.41
CHC CLA DO . -56.63 -82.32 -17.06
CHD CLA DO . -61.29 -81.09 -17.95
NA CLA DO . -57.72 -80.18 -21.61
C1A CLA DO . -58.55 -79.52 -22.53
C2A CLA DO . -57.75 -79.12 -23.77
C3A CLA DO . -56.33 -79.63 -23.47
C4A CLA DO . -56.44 -80.20 -22.07
CMA CLA DO . -55.91 -80.66 -24.48
CAA CLA DO . -57.71 -77.61 -24.00
CBA CLA DO . -57.46 -76.84 -22.72
CGA CLA DO . -56.02 -76.48 -22.59
O1A CLA DO . -55.29 -75.88 -23.37
O2A CLA DO . -55.50 -76.89 -21.40
NB CLA DO . -56.35 -81.48 -19.37
C1B CLA DO . -55.29 -81.16 -20.12
C2B CLA DO . -54.05 -81.44 -19.39
C3B CLA DO . -54.40 -81.91 -18.16
C4B CLA DO . -55.88 -81.95 -18.13
CMB CLA DO . -52.72 -81.19 -19.90
CAB CLA DO . -53.60 -82.30 -17.05
CBB CLA DO . -52.92 -83.43 -16.95
NC CLA DO . -58.86 -81.61 -17.87
C1C CLA DO . -58.03 -82.14 -16.93
C2C CLA DO . -58.79 -82.50 -15.75
C3C CLA DO . -60.09 -82.13 -15.99
C4C CLA DO . -60.13 -81.57 -17.32
CMC CLA DO . -58.24 -83.11 -14.55
CAC CLA DO . -61.23 -82.29 -15.09
CBC CLA DO . -61.35 -81.13 -14.14
ND CLA DO . -60.16 -80.42 -20.02
C1D CLA DO . -61.31 -80.55 -19.20
C2D CLA DO . -62.46 -80.00 -19.93
C3D CLA DO . -61.98 -79.54 -21.13
C4D CLA DO . -60.53 -79.81 -21.13
CMD CLA DO . -63.84 -79.98 -19.44
CAD CLA DO . -62.29 -78.92 -22.39
OBD CLA DO . -63.37 -78.58 -22.85
CBD CLA DO . -60.96 -78.73 -23.15
CGD CLA DO . -61.10 -79.48 -24.41
O1D CLA DO . -61.28 -80.69 -24.53
O2D CLA DO . -60.97 -78.73 -25.51
CED CLA DO . -60.05 -79.25 -26.47
C1 CLA DO . -54.09 -77.23 -21.36
C2 CLA DO . -53.84 -77.79 -20.03
C3 CLA DO . -52.75 -77.44 -19.32
C4 CLA DO . -51.79 -76.46 -19.84
C5 CLA DO . -52.46 -77.99 -17.97
C6 CLA DO . -52.47 -76.89 -16.93
C7 CLA DO . -51.90 -77.38 -15.62
C8 CLA DO . -51.81 -76.23 -14.63
C9 CLA DO . -50.73 -75.28 -15.09
C10 CLA DO . -51.53 -76.73 -13.23
C11 CLA DO . -52.34 -75.94 -12.22
C12 CLA DO . -53.64 -76.63 -11.87
C13 CLA DO . -54.03 -76.34 -10.43
C14 CLA DO . -53.03 -76.95 -9.47
C15 CLA DO . -55.43 -76.84 -10.11
C16 CLA DO . -55.42 -78.32 -9.76
C17 CLA DO . -56.82 -78.84 -9.56
C18 CLA DO . -57.03 -79.29 -8.13
C19 CLA DO . -56.03 -80.35 -7.74
C20 CLA DO . -58.44 -79.78 -7.94
MG CLA EO . -47.94 -83.82 -14.38
CHA CLA EO . -46.27 -82.97 -17.28
CHB CLA EO . -49.73 -80.95 -14.57
CHC CLA EO . -49.64 -84.76 -11.56
CHD CLA EO . -45.96 -86.73 -14.16
NA CLA EO . -47.96 -82.23 -15.72
C1A CLA EO . -47.20 -82.06 -16.87
C2A CLA EO . -47.54 -80.75 -17.57
C3A CLA EO . -48.54 -80.07 -16.61
C4A CLA EO . -48.78 -81.14 -15.55
CMA CLA EO . -47.97 -78.82 -16.00
CAA CLA EO . -48.24 -81.04 -18.87
CBA CLA EO . -48.40 -79.80 -19.70
CGA CLA EO . -47.33 -79.81 -20.73
O1A CLA EO . -46.90 -80.79 -21.35
O2A CLA EO . -46.81 -78.57 -21.00
NB CLA EO . -49.44 -83.03 -13.31
C1B CLA EO . -50.02 -81.84 -13.54
C2B CLA EO . -51.05 -81.58 -12.51
C3B CLA EO . -51.03 -82.65 -11.65
C4B CLA EO . -49.99 -83.59 -12.15
CMB CLA EO . -51.86 -80.38 -12.45
CAB CLA EO . -51.80 -82.88 -10.45
CBB CLA EO . -51.30 -82.84 -9.22
NC CLA EO . -47.82 -85.45 -13.11
C1C CLA EO . -48.60 -85.63 -12.02
C2C CLA EO . -48.24 -86.86 -11.35
C3C CLA EO . -47.21 -87.43 -12.08
C4C CLA EO . -46.94 -86.52 -13.17
CMC CLA EO . -48.88 -87.37 -10.14
CAC CLA EO . -46.48 -88.66 -11.80
CBC CLA EO . -46.98 -89.79 -12.68
ND CLA EO . -46.42 -84.68 -15.38
C1D CLA EO . -45.71 -85.88 -15.19
C2D CLA EO . -44.72 -86.03 -16.27
C3D CLA EO . -44.92 -84.96 -17.11
C4D CLA EO . -45.98 -84.14 -16.52
CMD CLA EO . -43.79 -87.15 -16.39
CAD CLA EO . -44.50 -84.28 -18.31
OBD CLA EO . -43.63 -84.60 -19.11
CBD CLA EO . -45.35 -83.01 -18.46
CGD CLA EO . -44.42 -81.85 -18.46
O1D CLA EO . -44.01 -81.20 -19.42
O2D CLA EO . -43.97 -81.52 -17.22
CED CLA EO . -43.41 -80.22 -17.04
C1 CLA EO . -45.71 -78.49 -21.94
MG CLA FO . -50.40 -102.95 -8.21
CHA CLA FO . -49.24 -104.82 -5.55
CHB CLA FO . -47.59 -101.06 -8.08
CHC CLA FO . -51.49 -101.27 -10.97
CHD CLA FO . -53.16 -105.10 -8.45
NA CLA FO . -48.74 -102.92 -6.96
C1A CLA FO . -48.44 -103.80 -5.92
C2A CLA FO . -47.10 -103.45 -5.31
C3A CLA FO . -46.68 -102.16 -6.02
C4A CLA FO . -47.72 -102.02 -7.10
CMA CLA FO . -46.73 -101.01 -5.05
CAA CLA FO . -46.11 -104.55 -5.62
CBA CLA FO . -46.16 -105.24 -6.98
CGA CLA FO . -45.30 -106.48 -6.98
O1A CLA FO . -44.43 -106.84 -6.19
O2A CLA FO . -45.54 -107.31 -8.04
NB CLA FO . -49.67 -101.46 -9.33
C1B CLA FO . -48.50 -100.82 -9.11
C2B CLA FO . -48.31 -99.78 -10.14
C3B CLA FO . -49.40 -99.82 -10.96
C4B CLA FO . -50.30 -100.88 -10.45
CMB CLA FO . -47.14 -98.90 -10.16
CAB CLA FO . -49.69 -99.01 -12.12
CBB CLA FO . -50.77 -98.26 -12.30
NC CLA FO . -52.07 -103.11 -9.42
C1C CLA FO . -52.33 -102.30 -10.49
C2C CLA FO . -53.58 -102.69 -11.12
C3C CLA FO . -54.04 -103.80 -10.43
C4C CLA FO . -53.08 -104.06 -9.38
CMC CLA FO . -54.21 -102.04 -12.27
CAC CLA FO . -55.26 -104.56 -10.69
CBC CLA FO . -54.97 -105.82 -11.46
ND CLA FO . -51.19 -104.46 -7.16
C1D CLA FO . -52.28 -105.30 -7.42
C2D CLA FO . -52.31 -106.38 -6.43
C3D CLA FO . -51.19 -106.21 -5.64
C4D CLA FO . -50.51 -105.03 -6.18
CMD CLA FO . -53.33 -107.39 -6.41
CAD CLA FO . -50.40 -106.72 -4.52
OBD CLA FO . -50.65 -107.59 -3.71
CBD CLA FO . -49.09 -105.90 -4.51
CGD CLA FO . -48.81 -105.30 -3.18
O1D CLA FO . -48.85 -104.11 -2.88
O2D CLA FO . -48.49 -106.20 -2.21
CED CLA FO . -48.07 -105.65 -0.97
C1 CLA FO . -44.49 -108.24 -8.41
C2 CLA FO . -44.33 -108.14 -9.89
C3 CLA FO . -44.72 -109.07 -10.79
C4 CLA FO . -45.38 -110.34 -10.43
C5 CLA FO . -44.51 -108.84 -12.25
C6 CLA FO . -45.82 -108.90 -13.02
C7 CLA FO . -45.73 -108.09 -14.30
C8 CLA FO . -46.93 -108.33 -15.22
C9 CLA FO . -47.13 -109.80 -15.50
C10 CLA FO . -46.76 -107.57 -16.53
C11 CLA FO . -48.06 -107.03 -17.09
C12 CLA FO . -47.82 -105.69 -17.76
C13 CLA FO . -49.08 -105.09 -18.36
C14 CLA FO . -49.61 -106.01 -19.45
C15 CLA FO . -48.85 -103.70 -18.92
C16 CLA FO . -50.04 -102.79 -18.68
C17 CLA FO . -49.69 -101.33 -18.85
C18 CLA FO . -49.97 -100.48 -17.61
C19 CLA FO . -51.16 -100.99 -16.83
C20 CLA FO . -50.19 -99.03 -17.95
MG CHL GO . -42.30 -102.01 -10.89
CHA CHL GO . -41.54 -105.18 -12.16
CHB CHL GO . -42.79 -100.98 -14.06
CHC CHL GO . -43.05 -98.84 -9.67
CHD CHL GO . -42.13 -103.26 -7.54
NA CHL GO . -42.07 -102.82 -12.72
C1A CHL GO . -41.76 -104.02 -13.03
C2A CHL GO . -41.60 -104.27 -14.49
C3A CHL GO . -41.74 -102.89 -15.07
C4A CHL GO . -42.22 -102.16 -13.87
CMA CHL GO . -40.39 -102.33 -15.46
CAA CHL GO . -42.68 -105.19 -15.07
CBA CHL GO . -42.18 -105.93 -16.31
CGA CHL GO . -43.26 -106.02 -17.38
O1A CHL GO . -44.30 -105.41 -17.24
O2A CHL GO . -43.07 -106.83 -18.58
NB CHL GO . -42.82 -100.21 -11.73
C1B CHL GO . -42.99 -99.94 -13.04
C2B CHL GO . -43.39 -98.55 -13.39
C3B CHL GO . -43.45 -97.95 -12.07
C4B CHL GO . -43.10 -99.02 -11.13
CMB CHL GO . -43.65 -97.90 -14.71
CAB CHL GO . -43.82 -96.52 -11.82
CBB CHL GO . -44.42 -96.13 -10.72
NC CHL GO . -42.54 -101.22 -9.01
C1C CHL GO . -42.83 -99.94 -8.74
C2C CHL GO . -42.94 -99.71 -7.28
C3C CHL GO . -42.67 -100.99 -6.66
C4C CHL GO . -42.43 -101.86 -7.82
CMC CHL GO . -43.25 -98.46 -6.54
OMC CHL GO . -43.71 -97.50 -7.12
CAC CHL GO . -42.64 -101.30 -5.20
CBC CHL GO . -41.23 -101.25 -4.67
ND CHL GO . -41.93 -103.77 -9.92
C1D CHL GO . -41.89 -104.18 -8.65
C2D CHL GO . -41.58 -105.61 -8.58
C3D CHL GO . -41.44 -106.00 -9.99
C4D CHL GO . -41.66 -104.85 -10.74
CMD CHL GO . -41.37 -106.65 -7.51
CAD CHL GO . -41.16 -107.13 -10.90
OBD CHL GO . -40.89 -108.32 -10.51
CBD CHL GO . -41.22 -106.61 -12.26
CGD CHL GO . -39.86 -106.79 -12.82
O1D CHL GO . -39.06 -105.88 -12.80
O2D CHL GO . -39.48 -108.08 -13.37
CED CHL GO . -38.50 -108.18 -14.39
C1 CHL GO . -44.18 -107.17 -19.40
C2 CHL GO . -44.39 -106.19 -20.53
C3 CHL GO . -45.18 -106.48 -21.58
C4 CHL GO . -45.89 -107.81 -21.65
C5 CHL GO . -45.37 -105.49 -22.70
C6 CHL GO . -46.31 -104.36 -22.28
C7 CHL GO . -47.78 -104.68 -22.50
MG CHL HO . -42.65 -94.48 -4.28
CHA CHL HO . -42.29 -93.84 -0.87
CHB CHL HO . -45.23 -92.35 -4.36
CHC CHL HO . -42.44 -94.47 -7.75
CHD CHL HO . -40.18 -97.05 -4.12
NA CHL HO . -43.53 -93.28 -2.96
C1A CHL HO . -43.25 -93.12 -1.72
C2A CHL HO . -44.09 -92.09 -1.02
C3A CHL HO . -45.04 -91.65 -2.08
C4A CHL HO . -44.57 -92.47 -3.22
CMA CHL HO . -46.45 -92.07 -1.76
CAA CHL HO . -43.31 -90.89 -0.48
CBA CHL HO . -42.29 -90.42 -1.48
CGA CHL HO . -41.75 -89.07 -1.06
O1A CHL HO . -41.87 -88.67 0.08
O2A CHL HO . -41.08 -88.23 -2.04
NB CHL HO . -43.68 -93.55 -5.79
C1B CHL HO . -44.70 -92.68 -5.68
C2B CHL HO . -45.27 -92.14 -6.93
C3B CHL HO . -44.41 -92.80 -7.91
C4B CHL HO . -43.47 -93.63 -7.13
CMB CHL HO . -46.40 -91.18 -7.16
CAB CHL HO . -44.49 -92.64 -9.38
CBB CHL HO . -43.41 -92.41 -10.09
NC CHL HO . -41.56 -95.54 -5.64
C1C CHL HO . -41.61 -95.38 -6.97
C2C CHL HO . -40.67 -96.30 -7.65
C3C CHL HO . -39.99 -97.06 -6.61
C4C CHL HO . -40.63 -96.50 -5.40
CMC CHL HO . -40.44 -96.42 -9.11
OMC CHL HO . -41.38 -96.26 -9.87
CAC CHL HO . -38.93 -98.14 -6.72
CBC CHL HO . -39.54 -99.43 -7.20
ND CHL HO . -41.45 -95.37 -2.89
C1D CHL HO . -40.51 -96.33 -2.90
C2D CHL HO . -39.96 -96.50 -1.56
C3D CHL HO . -40.67 -95.51 -0.74
C4D CHL HO . -41.54 -94.86 -1.61
CMD CHL HO . -38.93 -97.38 -0.90
CAD CHL HO . -40.82 -94.95 0.61
OBD CHL HO . -40.16 -95.32 1.64
CBD CHL HO . -41.82 -93.88 0.52
CGD CHL HO . -42.95 -94.15 1.46
O1D CHL HO . -43.94 -94.73 1.08
O2D CHL HO . -42.82 -93.69 2.82
CED CHL HO . -43.85 -92.90 3.41
C1 CHL HO . -39.92 -87.48 -1.67
C2 CHL HO . -38.70 -87.94 -2.44
C3 CHL HO . -38.50 -87.59 -3.72
C4 CHL HO . -39.50 -86.72 -4.42
C5 CHL HO . -37.28 -88.06 -4.46
C6 CHL HO . -37.31 -87.55 -5.90
C7 CHL HO . -37.59 -88.65 -6.91
MG CHL IO . -46.84 -97.57 -26.27
CHA CHL IO . -49.18 -96.29 -23.99
CHB CHL IO . -46.14 -99.98 -24.00
CHC CHL IO . -44.64 -98.98 -28.57
CHD CHL IO . -47.66 -94.99 -28.60
NA CHL IO . -47.45 -98.04 -24.42
C1A CHL IO . -48.38 -97.48 -23.76
C2A CHL IO . -48.83 -98.29 -22.59
C3A CHL IO . -47.63 -99.12 -22.32
C4A CHL IO . -47.00 -99.04 -23.67
CMA CHL IO . -46.71 -98.45 -21.32
CAA CHL IO . -49.97 -99.12 -23.15
CBA CHL IO . -50.17 -100.45 -22.45
CGA CHL IO . -51.28 -101.15 -23.19
O1A CHL IO . -51.32 -101.05 -24.41
O2A CHL IO . -52.31 -101.92 -22.52
NB CHL IO . -45.61 -99.20 -26.27
C1B CHL IO . -45.43 -100.09 -25.27
C2B CHL IO . -44.48 -101.20 -25.52
C3B CHL IO . -44.06 -100.86 -26.88
C4B CHL IO . -44.80 -99.64 -27.25
CMB CHL IO . -44.06 -102.33 -24.64
CAB CHL IO . -43.09 -101.63 -27.67
CBB CHL IO . -43.48 -102.16 -28.81
NC CHL IO . -46.28 -97.09 -28.18
C1C CHL IO . -45.40 -97.78 -28.92
C2C CHL IO . -45.25 -97.13 -30.26
C3C CHL IO . -46.12 -95.98 -30.28
C4C CHL IO . -46.72 -96.04 -28.93
CMC CHL IO . -44.42 -97.52 -31.39
OMC CHL IO . -43.24 -97.74 -31.18
CAC CHL IO . -46.34 -94.99 -31.39
CBC CHL IO . -47.31 -95.57 -32.40
ND CHL IO . -48.10 -95.95 -26.41
C1D CHL IO . -48.37 -95.02 -27.31
C2D CHL IO . -49.41 -94.11 -26.82
C3D CHL IO . -49.73 -94.62 -25.50
C4D CHL IO . -48.91 -95.73 -25.32
CMD CHL IO . -50.14 -92.87 -27.30
CAD CHL IO . -50.58 -94.41 -24.30
OBD CHL IO . -51.43 -93.47 -24.19
CBD CHL IO . -50.24 -95.49 -23.36
CGD CHL IO . -49.78 -94.89 -22.08
O1D CHL IO . -48.93 -94.03 -22.06
O2D CHL IO . -50.33 -95.35 -20.83
CED CHL IO . -49.45 -95.84 -19.83
C1 CHL IO . -53.23 -102.71 -23.28
C2 CHL IO . -52.97 -104.18 -23.03
C3 CHL IO . -53.34 -104.78 -21.88
C4 CHL IO . -54.02 -103.99 -20.80
C5 CHL IO . -53.07 -106.25 -21.67
MG CLA JO . -42.64 -90.12 -19.15
CHA CLA JO . -44.38 -87.60 -20.76
CHB CLA JO . -39.99 -89.58 -21.18
CHC CLA JO . -40.85 -92.39 -17.31
CHD CLA JO . -45.32 -90.46 -16.91
NA CLA JO . -42.29 -88.84 -20.76
C1A CLA JO . -43.13 -87.83 -21.25
C2A CLA JO . -42.47 -87.10 -22.42
C3A CLA JO . -41.13 -87.83 -22.59
C4A CLA JO . -41.12 -88.83 -21.43
CMA CLA JO . -41.04 -88.53 -23.91
CAA CLA JO . -42.24 -85.64 -22.10
CBA CLA JO . -41.00 -85.42 -21.27
CGA CLA JO . -41.05 -84.09 -20.60
O1A CLA JO . -41.43 -83.00 -21.07
O2A CLA JO . -40.62 -84.12 -19.31
NB CLA JO . -40.77 -90.84 -19.22
C1B CLA JO . -39.85 -90.52 -20.15
C2B CLA JO . -38.61 -91.29 -19.90
C3B CLA JO . -38.85 -92.08 -18.80
C4B CLA JO . -40.23 -91.81 -18.37
CMB CLA JO . -37.42 -91.17 -20.73
CAB CLA JO . -37.99 -93.03 -18.15
CBB CLA JO . -37.50 -92.89 -16.91
NC CLA JO . -43.05 -91.27 -17.47
C1C CLA JO . -42.18 -92.15 -16.90
C2C CLA JO . -42.77 -92.75 -15.72
C3C CLA JO . -44.04 -92.18 -15.58
C4C CLA JO . -44.19 -91.25 -16.69
CMC CLA JO . -42.06 -93.72 -14.90
CAC CLA JO . -45.05 -92.37 -14.52
CBC CLA JO . -45.41 -93.79 -14.14
ND CLA JO . -44.52 -89.41 -18.98
C1D CLA JO . -45.48 -89.61 -17.97
C2D CLA JO . -46.64 -88.75 -18.25
C3D CLA JO . -46.28 -87.98 -19.34
C4D CLA JO . -44.92 -88.39 -19.71
CMD CLA JO . -47.86 -88.77 -17.48
CAD CLA JO . -46.69 -86.96 -20.29
OBD CLA JO . -47.78 -86.47 -20.50
CBD CLA JO . -45.42 -86.57 -21.09
CGD CLA JO . -45.77 -86.50 -22.54
O1D CLA JO . -45.73 -87.38 -23.39
O2D CLA JO . -46.19 -85.26 -22.89
CED CLA JO . -47.22 -85.20 -23.87
C1 CLA JO . -39.82 -83.02 -18.83
C2 CLA JO . -38.95 -83.60 -17.78
C3 CLA JO . -39.31 -83.74 -16.49
C4 CLA JO . -40.63 -83.30 -15.98
C5 CLA JO . -38.36 -84.33 -15.50
MG CLA KO . -58.09 -96.87 -24.03
CHA CLA KO . -57.36 -97.26 -27.38
CHB CLA KO . -61.36 -96.27 -24.82
CHC CLA KO . -58.84 -96.81 -20.69
CHD CLA KO . -54.72 -97.66 -23.25
NA CLA KO . -59.15 -96.73 -25.82
C1A CLA KO . -58.68 -96.95 -27.11
C2A CLA KO . -59.79 -96.76 -28.13
C3A CLA KO . -60.99 -96.30 -27.30
C4A CLA KO . -60.49 -96.44 -25.87
CMA CLA KO . -61.41 -94.89 -27.60
CAA CLA KO . -60.15 -98.08 -28.80
CBA CLA KO . -60.11 -99.22 -27.79
CGA CLA KO . -61.45 -99.44 -27.18
O1A CLA KO . -62.53 -99.60 -27.75
O2A CLA KO . -61.43 -99.48 -25.81
NB CLA KO . -59.77 -96.59 -22.97
C1B CLA KO . -61.01 -96.38 -23.48
C2B CLA KO . -61.99 -96.25 -22.36
C3B CLA KO . -61.29 -96.39 -21.20
C4B CLA KO . -59.86 -96.62 -21.57
CMB CLA KO . -63.41 -96.00 -22.55
CAB CLA KO . -61.76 -96.37 -19.86
CBB CLA KO . -62.63 -97.25 -19.39
NC CLA KO . -56.96 -97.10 -22.30
C1C CLA KO . -57.48 -97.02 -21.04
C2C CLA KO . -56.41 -97.24 -20.07
C3C CLA KO . -55.26 -97.51 -20.78
C4C CLA KO . -55.61 -97.43 -22.19
CMC CLA KO . -56.59 -97.19 -18.63
CAC CLA KO . -53.94 -97.78 -20.23
CBC CLA KO . -53.75 -99.23 -19.95
ND CLA KO . -56.37 -97.19 -25.02
C1D CLA KO . -55.07 -97.57 -24.58
C2D CLA KO . -54.21 -97.79 -25.75
C3D CLA KO . -55.03 -97.65 -26.85
C4D CLA KO . -56.37 -97.34 -26.34
CMD CLA KO . -52.79 -98.09 -25.68
CAD CLA KO . -55.13 -97.64 -28.29
OBD CLA KO . -54.25 -97.63 -29.13
CBD CLA KO . -56.63 -97.57 -28.64
CGD CLA KO . -56.83 -96.50 -29.65
O1D CLA KO . -57.24 -95.37 -29.45
O2D CLA KO . -56.50 -96.87 -30.92
CED CLA KO . -57.55 -96.77 -31.87
C1 CLA KO . -62.67 -99.79 -25.11
C2 CLA KO . -62.31 -100.13 -23.71
C3 CLA KO . -63.13 -100.76 -22.86
C4 CLA KO . -64.49 -101.20 -23.25
C5 CLA KO . -62.69 -101.05 -21.47
C6 CLA KO . -63.39 -102.24 -20.82
C7 CLA KO . -63.45 -102.07 -19.33
C8 CLA KO . -62.08 -102.21 -18.67
C9 CLA KO . -61.43 -103.52 -19.09
C10 CLA KO . -62.20 -102.19 -17.15
C11 CLA KO . -60.89 -102.63 -16.50
C12 CLA KO . -61.07 -103.07 -15.06
C13 CLA KO . -59.80 -103.67 -14.48
C14 CLA KO . -59.28 -104.78 -15.39
C15 CLA KO . -60.02 -104.20 -13.07
MG CLA LO . -73.17 -88.98 -16.91
CHA CLA LO . -71.85 -90.71 -19.59
CHB CLA LO . -76.17 -88.88 -18.47
CHC CLA LO . -74.46 -87.38 -14.18
CHD CLA LO . -70.05 -89.24 -15.27
NA CLA LO . -73.87 -89.68 -18.74
C1A CLA LO . -73.16 -90.39 -19.72
C2A CLA LO . -74.05 -90.75 -20.90
C3A CLA LO . -75.39 -90.07 -20.55
C4A CLA LO . -75.15 -89.51 -19.15
CMA CLA LO . -75.69 -88.98 -21.53
CAA CLA LO . -74.27 -92.25 -20.99
CBA CLA LO . -74.64 -92.86 -19.65
CGA CLA LO . -74.76 -94.36 -19.71
O1A CLA LO . -75.32 -95.06 -20.56
O2A CLA LO . -74.17 -95.00 -18.65
NB CLA LO . -74.98 -88.27 -16.41
C1B CLA LO . -76.08 -88.29 -17.20
C2B CLA LO . -77.20 -87.57 -16.54
C3B CLA LO . -76.72 -87.15 -15.33
C4B CLA LO . -75.30 -87.59 -15.23
CMB CLA LO . -78.51 -87.41 -17.14
CAB CLA LO . -77.38 -86.41 -14.30
CBB CLA LO . -78.25 -86.92 -13.43
NC CLA LO . -72.38 -88.38 -15.08
C1C CLA LO . -73.08 -87.73 -14.11
C2C CLA LO . -72.23 -87.49 -12.97
C3C CLA LO . -70.99 -88.02 -13.26
C4C CLA LO . -71.10 -88.59 -14.59
CMC CLA LO . -72.66 -86.82 -11.74
CAC CLA LO . -69.79 -88.06 -12.42
CBC CLA LO . -69.00 -86.79 -12.52
ND CLA LO . -71.33 -89.72 -17.30
C1D CLA LO . -70.15 -89.78 -16.53
C2D CLA LO . -69.11 -90.47 -17.31
C3D CLA LO . -69.70 -90.82 -18.52
C4D CLA LO . -71.08 -90.35 -18.44
CMD CLA LO . -67.77 -90.69 -16.83
CAD CLA LO . -69.54 -91.48 -19.80
OBD CLA LO . -68.55 -92.01 -20.29
CBD CLA LO . -70.91 -91.42 -20.52
CGD CLA LO . -70.83 -90.63 -21.79
O1D CLA LO . -70.89 -89.41 -21.94
O2D CLA LO . -70.69 -91.38 -22.92
CED CLA LO . -70.96 -90.73 -24.15
C1 CLA LO . -75.01 -95.73 -17.73
C2 CLA LO . -74.31 -95.67 -16.41
C3 CLA LO . -73.71 -96.74 -15.87
C4 CLA LO . -73.70 -98.05 -16.56
C5 CLA LO . -73.02 -96.66 -14.55
C6 CLA LO . -72.00 -97.76 -14.33
C7 CLA LO . -70.59 -97.22 -14.41
C8 CLA LO . -69.63 -97.96 -13.49
C9 CLA LO . -69.66 -99.43 -13.78
C10 CLA LO . -69.96 -97.70 -12.03
MG CLA MO . -67.21 -95.92 -15.56
CHA CLA MO . -68.88 -96.14 -18.58
CHB CLA MO . -65.16 -98.41 -16.54
CHC CLA MO . -65.70 -95.75 -12.49
CHD CLA MO . -69.56 -93.48 -14.52
NA CLA MO . -67.03 -97.03 -17.31
C1A CLA MO . -67.81 -96.98 -18.46
C2A CLA MO . -67.33 -97.98 -19.50
C3A CLA MO . -66.13 -98.65 -18.82
C4A CLA MO . -66.07 -97.99 -17.46
CMA CLA MO . -66.40 -100.11 -18.68
CAA CLA MO . -66.85 -97.27 -20.75
CBA CLA MO . -66.65 -98.25 -21.88
CGA CLA MO . -67.98 -98.68 -22.40
O1A CLA MO . -69.02 -98.01 -22.43
O2A CLA MO . -67.97 -99.94 -22.92
NB CLA MO . -65.63 -96.81 -14.72
C1B CLA MO . -65.02 -97.91 -15.24
C2B CLA MO . -64.19 -98.58 -14.21
C3B CLA MO . -64.33 -97.85 -13.06
C4B CLA MO . -65.26 -96.72 -13.36
CMB CLA MO . -63.43 -99.79 -14.45
CAB CLA MO . -63.75 -98.12 -11.77
CBB CLA MO . -62.82 -97.39 -11.16
NC CLA MO . -67.52 -94.75 -13.87
C1C CLA MO . -66.75 -94.82 -12.74
C2C CLA MO . -67.23 -93.84 -11.78
C3C CLA MO . -68.37 -93.25 -12.32
C4C CLA MO . -68.54 -93.83 -13.63
CMC CLA MO . -66.66 -93.58 -10.46
CAC CLA MO . -69.20 -92.20 -11.72
CBC CLA MO . -70.42 -92.79 -11.03
ND CLA MO . -68.81 -94.95 -16.32
C1D CLA MO . -69.72 -94.02 -15.77
C2D CLA MO . -70.77 -93.73 -16.76
C3D CLA MO . -70.48 -94.49 -17.88
C4D CLA MO . -69.26 -95.24 -17.54
CMD CLA MO . -71.86 -92.81 -16.52
CAD CLA MO . -70.87 -94.86 -19.21
OBD CLA MO . -71.79 -94.44 -19.90
CBD CLA MO . -69.89 -95.97 -19.67
CGD CLA MO . -70.60 -97.27 -19.89
O1D CLA MO . -70.39 -98.34 -19.32
O2D CLA MO . -71.57 -97.23 -20.84
CED CLA MO . -72.25 -98.45 -21.11
C1 CLA MO . -68.81 -100.94 -22.32
C2 CLA MO . -67.95 -101.83 -21.49
C3 CLA MO . -68.23 -103.13 -21.22
C4 CLA MO . -67.34 -103.97 -20.39
C5 CLA MO . -69.45 -103.79 -21.77
C6 CLA MO . -70.25 -104.54 -20.73
C7 CLA MO . -70.50 -105.98 -21.13
MG CLA NO . -62.18 -85.78 -1.25
CHA CLA NO . -62.31 -86.12 2.20
CHB CLA NO . -64.91 -87.76 -1.56
CHC CLA NO . -62.13 -85.24 -4.65
CHD CLA NO . -59.33 -83.74 -0.88
NA CLA NO . -63.39 -86.77 0.12
C1A CLA NO . -63.30 -86.77 1.51
C2A CLA NO . -64.40 -87.60 2.13
C3A CLA NO . -65.17 -88.13 0.91
C4A CLA NO . -64.46 -87.51 -0.27
CMA CLA NO . -65.13 -89.64 0.82
CAA CLA NO . -65.27 -86.67 2.93
CBA CLA NO . -66.12 -85.82 2.00
CGA CLA NO . -65.48 -84.50 1.76
O1A CLA NO . -65.18 -83.63 2.58
O2A CLA NO . -65.23 -84.28 0.44
NB CLA NO . -63.23 -86.47 -2.82
C1B CLA NO . -64.36 -87.22 -2.73
C2B CLA NO . -64.99 -87.35 -4.07
C3B CLA NO . -64.21 -86.64 -4.95
C4B CLA NO . -63.10 -86.06 -4.16
CMB CLA NO . -66.23 -88.06 -4.32
CAB CLA NO . -64.42 -86.40 -6.34
CBB CLA NO . -63.63 -86.82 -7.34
NC CLA NO . -60.95 -84.69 -2.53
C1C CLA NO . -61.13 -84.59 -3.87
C2C CLA NO . -60.11 -83.72 -4.44
C3C CLA NO . -59.31 -83.31 -3.39
C4C CLA NO . -59.84 -83.91 -2.18
CMC CLA NO . -60.03 -83.39 -5.85
CAC CLA NO . -58.15 -82.41 -3.46
CBC CLA NO . -58.54 -80.97 -3.28
ND CLA NO . -61.09 -85.00 0.26
C1D CLA NO . -59.90 -84.23 0.28
C2D CLA NO . -59.44 -84.08 1.68
C3D CLA NO . -60.35 -84.76 2.45
C4D CLA NO . -61.34 -85.34 1.53
CMD CLA NO . -58.26 -83.35 2.10
CAD CLA NO . -60.71 -85.17 3.79
OBD CLA NO . -60.17 -84.93 4.84
CBD CLA NO . -61.96 -86.08 3.67
CGD CLA NO . -61.67 -87.42 4.26
O1D CLA NO . -60.95 -88.30 3.79
O2D CLA NO . -62.24 -87.67 5.45
CED CLA NO . -62.54 -89.03 5.71
C1 CLA NO . -64.24 -83.28 0.11
C2 CLA NO . -64.49 -82.87 -1.29
C3 CLA NO . -63.62 -82.09 -1.95
C4 CLA NO . -62.39 -81.62 -1.29
C5 CLA NO . -63.85 -81.66 -3.36
C6 CLA NO . -64.56 -82.66 -4.24
C7 CLA NO . -65.06 -81.98 -5.49
C8 CLA NO . -65.61 -82.96 -6.53
C9 CLA NO . -64.89 -82.77 -7.84
C10 CLA NO . -67.11 -82.77 -6.74
C11 CLA NO . -67.67 -83.70 -7.80
MG CLA OO . -71.13 -86.59 1.36
CHA CLA OO . -70.17 -83.29 0.94
CHB CLA OO . -73.26 -85.65 3.81
CHC CLA OO . -72.23 -89.81 1.57
CHD CLA OO . -68.92 -87.51 -1.24
NA CLA OO . -71.60 -84.76 2.23
C1A CLA OO . -71.11 -83.50 1.90
C2A CLA OO . -71.73 -82.43 2.77
C3A CLA OO . -72.51 -83.25 3.82
C4A CLA OO . -72.48 -84.65 3.25
CMA CLA OO . -71.78 -83.23 5.14
CAA CLA OO . -72.68 -81.62 1.92
CBA CLA OO . -73.57 -82.51 1.06
CGA CLA OO . -74.00 -81.76 -0.16
O1A CLA OO . -74.34 -82.17 -1.27
O2A CLA OO . -73.99 -80.40 0.05
NB CLA OO . -72.41 -87.57 2.55
C1B CLA OO . -73.30 -86.97 3.38
C2B CLA OO . -74.34 -87.94 3.79
C3B CLA OO . -74.05 -89.12 3.17
C4B CLA OO . -72.82 -88.89 2.37
CMB CLA OO . -75.43 -87.59 4.68
CAB CLA OO . -74.75 -90.37 3.20
CBB CLA OO . -75.05 -91.02 4.31
NC CLA OO . -70.61 -88.34 0.37
C1C CLA OO . -71.18 -89.56 0.64
C2C CLA OO . -70.59 -90.57 -0.22
C3C CLA OO . -69.67 -89.93 -1.04
C4C CLA OO . -69.69 -88.51 -0.65
CMC CLA OO . -70.95 -91.98 -0.22
CAC CLA OO . -68.83 -90.57 -2.06
CBC CLA OO . -69.50 -90.66 -3.40
ND CLA OO . -69.85 -85.68 0.10
C1D CLA OO . -68.99 -86.18 -0.90
C2D CLA OO . -68.23 -85.05 -1.47
C3D CLA OO . -68.65 -83.93 -0.81
C4D CLA OO . -69.66 -84.37 0.16
CMD CLA OO . -67.26 -85.15 -2.54
CAD CLA OO . -68.54 -82.50 -0.69
OBD CLA OO . -67.85 -81.74 -1.35
CBD CLA OO . -69.46 -82.06 0.47
CGD CLA OO . -68.61 -81.46 1.54
O1D CLA OO . -68.04 -82.05 2.46
O2D CLA OO . -68.45 -80.11 1.43
CED CLA OO . -67.15 -79.61 1.72
MG CLA PO . -62.49 -68.86 6.14
CHA CLA PO . -64.49 -66.35 7.36
CHB CLA PO . -64.63 -71.17 7.43
CHC CLA PO . -60.53 -71.33 4.82
CHD CLA PO . -60.24 -66.43 4.93
NA CLA PO . -64.27 -68.75 7.21
C1A CLA PO . -64.95 -67.60 7.60
C2A CLA PO . -66.22 -67.96 8.35
C3A CLA PO . -66.18 -69.49 8.45
C4A CLA PO . -64.95 -69.85 7.63
CMA CLA PO . -65.99 -69.94 9.87
CAA CLA PO . -67.38 -67.53 7.47
CBA CLA PO . -68.48 -68.55 7.45
CGA CLA PO . -69.60 -67.90 6.69
O1A CLA PO . -69.53 -67.08 5.79
O2A CLA PO . -70.84 -68.29 7.08
NB CLA PO . -62.59 -70.87 6.09
C1B CLA PO . -63.52 -71.62 6.72
C2B CLA PO . -63.21 -73.05 6.54
C3B CLA PO . -62.05 -73.12 5.80
C4B CLA PO . -61.64 -71.72 5.50
CMB CLA PO . -64.03 -74.12 7.10
CAB CLA PO . -61.33 -74.29 5.40
CBB CLA PO . -61.44 -74.91 4.22
NC CLA PO . -60.71 -68.88 5.06
C1C CLA PO . -60.09 -70.00 4.61
C2C CLA PO . -58.88 -69.64 3.89
C3C CLA PO . -58.78 -68.25 3.94
C4C CLA PO . -59.94 -67.77 4.67
CMC CLA PO . -57.95 -70.58 3.29
CAC CLA PO . -57.70 -67.44 3.37
CBC CLA PO . -58.12 -66.65 2.15
ND CLA PO . -62.32 -66.86 6.13
C1D CLA PO . -61.35 -65.98 5.61
C2D CLA PO . -61.73 -64.59 5.95
C3D CLA PO . -62.92 -64.68 6.61
C4D CLA PO . -63.25 -66.11 6.70
CMD CLA PO . -60.96 -63.41 5.61
CAD CLA PO . -63.96 -63.97 7.29
OBD CLA PO . -64.04 -62.77 7.52
CBD CLA PO . -65.02 -65.00 7.76
CGD CLA PO . -65.19 -64.99 9.24
O1D CLA PO . -64.49 -65.56 10.08
O2D CLA PO . -66.25 -64.28 9.68
CED CLA PO . -66.73 -64.64 10.96
C1 CLA PO . -71.86 -67.39 6.62
MG CLA QO . -32.31 -89.84 -22.15
CHA CLA QO . -29.90 -90.87 -24.40
CHB CLA QO . -30.42 -91.00 -19.59
CHC CLA QO . -34.65 -88.63 -19.98
CHD CLA QO . -34.29 -88.76 -24.88
NA CLA QO . -30.46 -90.81 -22.05
C1A CLA QO . -29.60 -91.12 -23.09
C2A CLA QO . -28.36 -91.83 -22.58
C3A CLA QO . -28.64 -91.99 -21.08
C4A CLA QO . -29.93 -91.21 -20.86
CMA CLA QO . -28.79 -93.44 -20.70
CAA CLA QO . -27.13 -90.97 -22.83
CBA CLA QO . -25.86 -91.75 -22.56
CGA CLA QO . -24.67 -90.98 -23.03
O1A CLA QO . -24.08 -90.04 -22.50
O2A CLA QO . -24.22 -91.44 -24.24
NB CLA QO . -32.54 -89.89 -20.17
C1B CLA QO . -31.60 -90.30 -19.29
C2B CLA QO . -31.99 -89.91 -17.91
C3B CLA QO . -33.18 -89.24 -18.01
C4B CLA QO . -33.54 -89.21 -19.45
CMB CLA QO . -31.19 -90.20 -16.74
CAB CLA QO . -33.97 -88.62 -17.00
CBB CLA QO . -34.93 -89.24 -16.32
NC CLA QO . -34.13 -88.89 -22.40
C1C CLA QO . -34.92 -88.47 -21.36
C2C CLA QO . -36.12 -87.85 -21.89
C3C CLA QO . -36.03 -87.89 -23.27
C4C CLA QO . -34.77 -88.55 -23.58
CMC CLA QO . -37.18 -87.28 -21.06
CAC CLA QO . -37.00 -87.42 -24.26
CBC CLA QO . -36.70 -86.03 -24.73
ND CLA QO . -32.17 -89.76 -24.16
C1D CLA QO . -33.08 -89.33 -25.17
C2D CLA QO . -32.47 -89.56 -26.49
C3D CLA QO . -31.24 -90.12 -26.26
C4D CLA QO . -31.11 -90.24 -24.80
CMD CLA QO . -33.09 -89.23 -27.77
CAD CLA QO . -30.04 -90.65 -26.83
OBD CLA QO . -29.70 -90.70 -28.00
CBD CLA QO . -29.15 -91.18 -25.67
CGD CLA QO . -28.98 -92.65 -25.82
O1D CLA QO . -29.78 -93.44 -26.33
O2D CLA QO . -27.81 -93.15 -25.36
CED CLA QO . -27.59 -94.53 -25.64
C1 CLA QO . -22.95 -90.94 -24.69
MG CHL RO . -43.35 -106.38 -31.81
CHA CHL RO . -45.68 -108.81 -32.75
CHB CHL RO . -41.61 -108.81 -30.25
CHC CHL RO . -41.17 -103.95 -30.55
CHD CHL RO . -45.06 -103.89 -33.72
NA CHL RO . -43.61 -108.33 -31.45
C1A CHL RO . -44.53 -109.10 -31.86
C2A CHL RO . -44.46 -110.52 -31.38
C3A CHL RO . -43.37 -110.43 -30.36
C4A CHL RO . -42.82 -109.09 -30.69
CMA CHL RO . -43.90 -110.48 -28.94
CAA CHL RO . -44.05 -111.46 -32.51
CBA CHL RO . -43.77 -112.87 -32.02
NB CHL RO . -41.68 -106.40 -30.61
C1B CHL RO . -41.08 -107.46 -30.03
C2B CHL RO . -39.89 -107.21 -29.21
C3B CHL RO . -39.80 -105.76 -29.32
C4B CHL RO . -40.91 -105.36 -30.19
CMB CHL RO . -39.01 -108.18 -28.45
CAB CHL RO . -38.78 -104.87 -28.71
CBB CHL RO . -38.03 -104.13 -29.49
NC CHL RO . -43.15 -104.35 -32.08
C1C CHL RO . -42.24 -103.57 -31.48
C2C CHL RO . -42.40 -102.15 -31.88
C3C CHL RO . -43.52 -102.11 -32.82
C4C CHL RO . -43.92 -103.54 -32.86
CMC CHL RO . -41.60 -100.96 -31.46
OMC CHL RO . -41.14 -100.89 -30.35
CAC CHL RO . -44.11 -100.93 -33.53
CBC CHL RO . -45.43 -100.60 -32.88
ND CHL RO . -45.00 -106.24 -33.01
C1D CHL RO . -45.61 -105.26 -33.70
C2D CHL RO . -46.80 -105.80 -34.38
C3D CHL RO . -46.82 -107.22 -34.00
C4D CHL RO . -45.71 -107.42 -33.17
CMD CHL RO . -47.89 -105.28 -35.28
CAD CHL RO . -47.55 -108.50 -34.13
OBD CHL RO . -48.62 -108.63 -34.83
CBD CHL RO . -46.82 -109.50 -33.34
CGD CHL RO . -47.72 -110.01 -32.26
O1D CHL RO . -47.85 -109.40 -31.21
O2D CHL RO . -48.44 -111.26 -32.44
CED CHL RO . -48.84 -112.02 -31.30
O1 LHG SO . -74.50 -82.94 -17.18
C1 LHG SO . -75.84 -83.46 -17.23
C2 LHG SO . -76.15 -83.84 -18.65
O2 LHG SO . -77.14 -84.87 -18.67
C3 LHG SO . -74.87 -84.38 -19.28
O3 LHG SO . -74.09 -84.97 -18.25
P LHG SO . -72.65 -85.57 -18.64
O4 LHG SO . -72.79 -87.03 -18.99
O5 LHG SO . -72.04 -84.62 -19.63
O6 LHG SO . -71.81 -85.47 -17.28
C4 LHG SO . -70.40 -85.54 -17.46
C5 LHG SO . -69.65 -85.42 -16.15
C6 LHG SO . -68.26 -86.00 -16.35
O7 LHG SO . -69.47 -84.06 -15.81
C7 LHG SO . -70.30 -83.71 -14.69
O9 LHG SO . -71.44 -84.16 -14.66
C8 LHG SO . -69.81 -82.84 -13.57
C9 LHG SO . -69.48 -81.45 -14.12
C10 LHG SO . -70.07 -80.36 -13.23
O8 LHG SO . -67.32 -84.94 -16.50
C23 LHG SO . -66.02 -85.09 -15.88
O10 LHG SO . -65.58 -86.21 -15.70
C24 LHG SO . -65.26 -83.88 -15.42
C11 LHG SO . -69.76 -80.60 -11.76
C12 LHG SO . -69.42 -79.31 -11.04
C13 LHG SO . -69.32 -79.62 -9.56
C14 LHG SO . -68.55 -78.58 -8.77
C15 LHG SO . -68.38 -79.07 -7.35
C16 LHG SO . -67.60 -78.09 -6.49
C17 LHG SO . -67.28 -78.74 -5.16
C18 LHG SO . -66.19 -77.98 -4.43
C19 LHG SO . -66.77 -77.25 -3.24
C20 LHG SO . -65.69 -77.11 -2.16
C21 LHG SO . -65.13 -78.47 -1.81
C22 LHG SO . -64.13 -78.36 -0.69
C25 LHG SO . -65.69 -83.57 -14.00
C26 LHG SO . -65.16 -82.22 -13.51
C27 LHG SO . -65.94 -81.82 -12.26
C28 LHG SO . -66.13 -80.32 -12.16
C29 LHG SO . -64.82 -79.63 -11.79
C30 LHG SO . -64.41 -80.02 -10.39
C31 LHG SO . -63.15 -79.28 -9.98
C32 LHG SO . -62.86 -79.55 -8.53
C33 LHG SO . -61.89 -78.53 -7.95
C34 LHG SO . -61.96 -78.55 -6.44
C35 LHG SO . -61.17 -77.40 -5.83
C36 LHG SO . -61.80 -76.91 -4.53
C37 LHG SO . -61.08 -75.67 -4.01
C38 LHG SO . -59.66 -76.01 -3.62
C1 LUT TO . -63.86 -93.06 -3.07
C2 LUT TO . -63.50 -92.91 -1.59
C3 LUT TO . -62.69 -91.68 -1.18
C4 LUT TO . -61.74 -91.28 -2.28
C5 LUT TO . -62.56 -91.02 -3.50
C6 LUT TO . -63.37 -91.95 -3.96
C7 LUT TO . -63.82 -91.93 -5.37
C8 LUT TO . -63.01 -92.34 -6.34
C9 LUT TO . -63.42 -92.35 -7.77
C10 LUT TO . -62.70 -93.09 -8.63
C11 LUT TO . -62.96 -93.22 -10.06
C12 LUT TO . -62.03 -93.86 -10.78
C13 LUT TO . -62.11 -94.12 -12.22
C14 LUT TO . -61.29 -95.03 -12.74
C15 LUT TO . -61.32 -95.39 -14.15
C16 LUT TO . -65.36 -93.08 -3.24
C17 LUT TO . -63.25 -94.36 -3.56
C18 LUT TO . -62.48 -89.69 -4.19
C19 LUT TO . -64.60 -91.53 -8.21
C20 LUT TO . -63.06 -93.39 -13.12
O3 LUT TO . -61.94 -91.97 -0.01
C21 LUT TO . -58.83 -103.64 -23.91
C22 LUT TO . -59.54 -103.75 -25.25
C23 LUT TO . -59.08 -102.77 -26.32
C24 LUT TO . -58.44 -101.51 -25.79
C25 LUT TO . -57.99 -101.44 -24.54
C26 LUT TO . -58.74 -102.18 -23.49
C27 LUT TO . -58.11 -102.02 -22.14
C28 LUT TO . -58.80 -101.21 -21.33
C29 LUT TO . -58.46 -100.87 -19.94
C30 LUT TO . -59.28 -100.00 -19.34
C31 LUT TO . -59.15 -99.56 -17.95
C32 LUT TO . -59.86 -98.50 -17.58
C33 LUT TO . -59.83 -98.01 -16.18
C34 LUT TO . -60.52 -96.90 -15.89
C35 LUT TO . -60.55 -96.42 -14.52
C36 LUT TO . -57.45 -104.29 -23.96
C37 LUT TO . -59.66 -104.40 -22.89
C38 LUT TO . -56.76 -100.65 -24.22
C39 LUT TO . -57.30 -101.50 -19.24
C40 LUT TO . -59.08 -98.75 -15.13
O23 LUT TO . -60.22 -102.42 -27.13
MG CLA UO . -56.91 -74.12 -0.42
CHA CLA UO . -56.76 -77.55 -0.25
CHB CLA UO . -53.73 -74.06 -1.59
CHC CLA UO . -57.15 -70.72 -0.68
CHD CLA UO . -60.18 -74.24 0.87
NA CLA UO . -55.50 -75.59 -0.84
C1A CLA UO . -55.64 -76.97 -0.71
C2A CLA UO . -54.35 -77.69 -1.10
C3A CLA UO . -53.40 -76.54 -1.45
C4A CLA UO . -54.26 -75.29 -1.30
CMA CLA UO . -52.25 -76.52 -0.47
CAA CLA UO . -54.55 -78.65 -2.26
CBA CLA UO . -54.24 -78.08 -3.62
CGA CLA UO . -54.13 -79.22 -4.59
O1A CLA UO . -54.75 -80.28 -4.60
O2A CLA UO . -53.19 -79.02 -5.56
NB CLA UO . -55.64 -72.65 -0.92
C1B CLA UO . -54.43 -72.85 -1.50
C2B CLA UO . -53.95 -71.58 -2.08
C3B CLA UO . -54.90 -70.64 -1.82
C4B CLA UO . -56.00 -71.31 -1.09
CMB CLA UO . -52.68 -71.48 -2.79
CAB CLA UO . -54.96 -69.26 -2.19
CBB CLA UO . -55.64 -68.81 -3.25
NC CLA UO . -58.39 -72.74 0.04
C1C CLA UO . -58.28 -71.40 -0.14
C2C CLA UO . -59.49 -70.73 0.27
C3C CLA UO . -60.36 -71.72 0.71
C4C CLA UO . -59.67 -72.99 0.56
CMC CLA UO . -59.72 -69.29 0.23
CAC CLA UO . -61.71 -71.52 1.24
CBC CLA UO . -62.78 -71.85 0.24
ND CLA UO . -58.25 -75.52 0.10
C1D CLA UO . -59.54 -75.44 0.67
C2D CLA UO . -60.03 -76.78 0.95
C3D CLA UO . -59.01 -77.64 0.59
C4D CLA UO . -57.92 -76.80 0.10
CMD CLA UO . -61.35 -77.07 1.49
CAD CLA UO . -58.57 -79.02 0.50
OBD CLA UO . -59.17 -80.04 0.74
CBD CLA UO . -57.09 -78.99 0.02
CGD CLA UO . -56.16 -79.54 1.05
O1D CLA UO . -54.98 -79.81 0.93
O2D CLA UO . -56.72 -79.72 2.27
CED CLA UO . -55.81 -80.03 3.32
C1 BCR VO . -33.05 -102.29 -31.24
C2 BCR VO . -32.16 -103.08 -32.19
C3 BCR VO . -32.18 -104.56 -31.84
C4 BCR VO . -31.54 -104.79 -30.49
C5 BCR VO . -31.94 -103.64 -29.61
C6 BCR VO . -33.07 -103.02 -29.93
C7 BCR VO . -34.27 -103.12 -29.07
C8 BCR VO . -34.27 -103.98 -28.05
C9 BCR VO . -35.36 -104.23 -27.09
C10 BCR VO . -36.23 -103.28 -26.68
C11 BCR VO . -37.27 -103.64 -25.71
C33 BCR VO . -31.06 -103.17 -28.49
C31 BCR VO . -34.44 -102.23 -31.84
C32 BCR VO . -32.49 -100.88 -31.06
C34 BCR VO . -35.48 -105.61 -26.52
C12 BCR VO . -38.40 -102.97 -25.50
C13 BCR VO . -39.32 -103.45 -24.45
C14 BCR VO . -40.21 -102.62 -23.87
C15 BCR VO . -41.08 -103.09 -22.79
C16 BCR VO . -41.67 -102.23 -21.96
C17 BCR VO . -42.48 -102.70 -20.85
C18 BCR VO . -43.28 -101.90 -20.12
C19 BCR VO . -44.02 -102.45 -18.97
C20 BCR VO . -44.82 -101.73 -18.18
C21 BCR VO . -45.43 -102.46 -17.07
C22 BCR VO . -46.22 -101.95 -16.12
C23 BCR VO . -46.69 -102.88 -15.08
C24 BCR VO . -47.28 -102.51 -13.95
C25 BCR VO . -47.69 -103.55 -12.98
C26 BCR VO . -46.86 -103.85 -11.98
C27 BCR VO . -47.08 -104.98 -11.01
C28 BCR VO . -48.33 -105.78 -11.33
C29 BCR VO . -49.44 -104.87 -11.85
C30 BCR VO . -49.03 -104.21 -13.15
C35 BCR VO . -39.25 -104.88 -24.02
C36 BCR VO . -43.40 -100.45 -20.47
C37 BCR VO . -46.59 -100.50 -16.08
C38 BCR VO . -45.65 -103.02 -11.77
C39 BCR VO . -50.04 -103.17 -13.58
C40 BCR VO . -48.95 -105.28 -14.22
C1 LUT WO . -47.96 -95.52 -6.49
C2 LUT WO . -47.95 -96.57 -5.39
C3 LUT WO . -48.86 -97.76 -5.59
C4 LUT WO . -50.14 -97.35 -6.26
C5 LUT WO . -49.81 -96.72 -7.57
C6 LUT WO . -48.87 -95.80 -7.66
C7 LUT WO . -48.70 -95.00 -8.90
C8 LUT WO . -49.52 -93.98 -9.15
C9 LUT WO . -49.44 -93.11 -10.34
C10 LUT WO . -50.29 -92.08 -10.41
C11 LUT WO . -50.36 -91.08 -11.48
C12 LUT WO . -51.26 -90.09 -11.28
C13 LUT WO . -51.49 -88.96 -12.20
C14 LUT WO . -52.26 -87.95 -11.76
C15 LUT WO . -52.54 -86.76 -12.55
C16 LUT WO . -46.54 -95.45 -7.04
C17 LUT WO . -48.31 -94.17 -5.91
C18 LUT WO . -50.55 -97.16 -8.79
C19 LUT WO . -48.44 -93.37 -11.43
C20 LUT WO . -50.88 -88.91 -13.56
O3 LUT WO . -49.19 -98.28 -4.30
C21 LUT WO . -56.85 -74.98 -16.04
C22 LUT WO . -56.78 -73.91 -17.13
C23 LUT WO . -57.81 -74.16 -18.22
C24 LUT WO . -57.70 -75.58 -18.68
C25 LUT WO . -57.53 -76.56 -17.79
C26 LUT WO . -56.67 -76.37 -16.59
C27 LUT WO . -57.02 -77.38 -15.53
C28 LUT WO . -56.11 -78.31 -15.26
C29 LUT WO . -56.27 -79.36 -14.24
C30 LUT WO . -55.37 -80.35 -14.21
C31 LUT WO . -55.40 -81.45 -13.24
C32 LUT WO . -54.55 -82.45 -13.45
C33 LUT WO . -54.46 -83.62 -12.56
C34 LUT WO . -53.57 -84.59 -12.85
C35 LUT WO . -53.34 -85.79 -12.07
C36 LUT WO . -58.19 -74.89 -15.34
C37 LUT WO . -55.76 -74.71 -15.03
C38 LUT WO . -58.22 -77.86 -18.00
C39 LUT WO . -57.39 -79.33 -13.26
C40 LUT WO . -55.33 -83.71 -11.36
O23 LUT WO . -57.52 -73.32 -19.33
MG CLA XO . -39.58 -78.36 0.19
CHA CLA XO . -42.39 -76.79 1.51
CHB CLA XO . -38.95 -79.77 3.21
CHC CLA XO . -36.87 -79.93 -1.18
CHD CLA XO . -40.35 -76.98 -2.97
NA CLA XO . -40.51 -78.25 2.05
C1A CLA XO . -41.66 -77.54 2.41
C2A CLA XO . -41.97 -77.76 3.88
C3A CLA XO . -40.83 -78.66 4.39
C4A CLA XO . -40.01 -78.91 3.14
CMA CLA XO . -40.02 -78.03 5.49
CAA CLA XO . -43.28 -78.49 4.05
CBA CLA XO . -43.26 -79.78 3.25
CGA CLA XO . -44.11 -79.57 2.04
O1A CLA XO . -45.02 -78.76 1.90
O2A CLA XO . -43.82 -80.42 1.00
NB CLA XO . -38.14 -79.55 0.89
C1B CLA XO . -38.12 -80.11 2.12
C2B CLA XO . -37.11 -81.19 2.18
C3B CLA XO . -36.52 -81.24 0.94
C4B CLA XO . -37.16 -80.20 0.11
CMB CLA XO . -36.86 -81.99 3.38
CAB CLA XO . -35.49 -82.09 0.44
CBB CLA XO . -35.69 -83.03 -0.48
NC CLA XO . -38.74 -78.39 -1.71
C1C CLA XO . -37.60 -79.07 -2.04
C2C CLA XO . -37.27 -78.83 -3.43
C3C CLA XO . -38.28 -78.05 -3.96
C4C CLA XO . -39.21 -77.77 -2.87
CMC CLA XO . -36.10 -79.37 -4.11
CAC CLA XO . -38.37 -77.55 -5.32
CBC CLA XO . -39.10 -78.52 -6.22
ND CLA XO . -40.99 -77.15 -0.60
C1D CLA XO . -41.21 -76.69 -1.93
C2D CLA XO . -42.42 -75.86 -1.95
C3D CLA XO . -42.90 -75.84 -0.66
C4D CLA XO . -41.99 -76.68 0.14
CMD CLA XO . -42.92 -75.19 -3.15
CAD CLA XO . -43.92 -75.35 0.24
OBD CLA XO . -44.82 -74.56 0.02
CBD CLA XO . -43.67 -76.00 1.63
CGD CLA XO . -43.68 -74.95 2.72
O1D CLA XO . -43.94 -75.10 3.91
O2D CLA XO . -43.38 -73.68 2.32
CED CLA XO . -44.04 -72.68 3.09
C1 CLA XO . -42.62 -80.20 0.25
C2 CLA XO . -42.99 -79.61 -1.06
C3 CLA XO . -42.92 -80.27 -2.22
C4 CLA XO . -43.30 -79.66 -3.50
C5 CLA XO . -42.45 -81.69 -2.27
C6 CLA XO . -41.38 -81.89 -3.33
C7 CLA XO . -40.03 -82.04 -2.66
C8 CLA XO . -39.22 -83.21 -3.21
C9 CLA XO . -38.68 -84.03 -2.07
C10 CLA XO . -38.06 -82.69 -4.05
C11 CLA XO . -37.30 -83.80 -4.71
C12 CLA XO . -36.52 -83.29 -5.92
C13 CLA XO . -35.05 -83.09 -5.58
C14 CLA XO . -34.32 -82.49 -6.77
C15 CLA XO . -34.40 -84.40 -5.16
MG CLA YO . -43.19 -46.85 -13.64
CHA CLA YO . -44.90 -45.22 -16.15
CHB CLA YO . -40.44 -46.94 -15.58
CHC CLA YO . -41.47 -48.23 -11.02
CHD CLA YO . -46.08 -46.69 -11.63
NA CLA YO . -42.77 -46.22 -15.58
C1A CLA YO . -43.60 -45.53 -16.47
C2A CLA YO . -42.89 -45.26 -17.79
C3A CLA YO . -41.54 -45.98 -17.61
C4A CLA YO . -41.56 -46.41 -16.15
CMA CLA YO . -41.43 -47.15 -18.53
CAA CLA YO . -42.66 -43.79 -18.04
CBA CLA YO . -42.20 -43.07 -16.80
CGA CLA YO . -40.71 -43.04 -16.76
O1A CLA YO . -39.94 -42.62 -17.61
O2A CLA YO . -40.19 -43.57 -15.61
NB CLA YO . -41.33 -47.56 -13.38
C1B CLA YO . -40.32 -47.36 -14.25
C2B CLA YO . -39.04 -47.64 -13.58
C3B CLA YO . -39.32 -48.01 -12.30
C4B CLA YO . -40.79 -47.96 -12.15
CMB CLA YO . -37.75 -47.52 -14.23
CAB CLA YO . -38.45 -48.35 -11.23
CBB CLA YO . -37.85 -49.52 -11.08
NC CLA YO . -43.71 -47.40 -11.70
C1C CLA YO . -42.86 -47.97 -10.81
C2C CLA YO . -43.53 -48.23 -9.57
C3C CLA YO . -44.83 -47.77 -9.72
C4C CLA YO . -44.93 -47.25 -11.07
CMC CLA YO . -42.94 -48.85 -8.40
CAC CLA YO . -45.90 -47.83 -8.74
CBC CLA YO . -46.03 -46.51 -8.01
ND CLA YO . -45.06 -46.17 -13.79
C1D CLA YO . -46.16 -46.19 -12.90
C2D CLA YO . -47.31 -45.57 -13.55
C3D CLA YO . -46.88 -45.18 -14.80
C4D CLA YO . -45.47 -45.57 -14.90
CMD CLA YO . -48.62 -45.41 -12.94
CAD CLA YO . -47.25 -44.57 -16.04
OBD CLA YO . -48.33 -44.16 -16.42
CBD CLA YO . -45.98 -44.52 -16.92
CGD CLA YO . -46.25 -45.20 -18.22
O1D CLA YO . -46.65 -44.71 -19.25
O2D CLA YO . -46.01 -46.52 -18.17
CED CLA YO . -45.58 -47.12 -19.38
C1 CLA YO . -38.78 -43.39 -15.39
C2 CLA YO . -38.54 -43.79 -13.98
C3 CLA YO . -37.33 -43.94 -13.45
C4 CLA YO . -36.10 -43.74 -14.24
C5 CLA YO . -37.14 -44.36 -12.03
C6 CLA YO . -36.31 -43.37 -11.24
C7 CLA YO . -36.29 -43.78 -9.79
C8 CLA YO . -36.23 -42.58 -8.85
C9 CLA YO . -35.16 -41.62 -9.30
C10 CLA YO . -35.97 -43.02 -7.42
C11 CLA YO . -36.98 -42.43 -6.46
C12 CLA YO . -38.08 -43.41 -6.14
C13 CLA YO . -39.08 -42.89 -5.12
C14 CLA YO . -39.30 -41.40 -5.28
C15 CLA YO . -38.67 -43.21 -3.70
C16 CLA YO . -38.26 -44.66 -3.55
C17 CLA YO . -36.87 -44.79 -2.97
C18 CLA YO . -36.90 -45.08 -1.48
C19 CLA YO . -36.70 -43.81 -0.68
C20 CLA YO . -35.79 -46.03 -1.15
MG CLA ZO . -32.76 -50.59 -8.91
CHA CLA ZO . -31.10 -49.86 -11.84
CHB CLA ZO . -34.34 -47.61 -9.08
CHC CLA ZO . -34.39 -51.40 -6.03
CHD CLA ZO . -30.99 -53.65 -8.74
NA CLA ZO . -32.75 -49.03 -10.28
C1A CLA ZO . -31.99 -48.92 -11.44
C2A CLA ZO . -32.29 -47.64 -12.18
C3A CLA ZO . -33.25 -46.91 -11.23
C4A CLA ZO . -33.50 -47.91 -10.12
CMA CLA ZO . -32.61 -45.67 -10.67
CAA CLA ZO . -33.09 -48.08 -13.38
CBA CLA ZO . -33.42 -46.94 -14.31
CGA CLA ZO . -32.25 -46.74 -15.20
O1A CLA ZO . -31.96 -45.75 -15.88
O2A CLA ZO . -31.41 -47.81 -15.22
NB CLA ZO . -34.14 -49.69 -7.79
C1B CLA ZO . -34.62 -48.45 -7.99
C2B CLA ZO . -35.48 -48.06 -6.85
C3B CLA ZO . -35.50 -49.12 -5.99
C4B CLA ZO . -34.64 -50.18 -6.57
CMB CLA ZO . -36.15 -46.77 -6.76
CAB CLA ZO . -36.19 -49.25 -4.74
CBB CLA ZO . -35.60 -49.43 -3.56
NC CLA ZO . -32.73 -52.25 -7.66
C1C CLA ZO . -33.51 -52.38 -6.55
C2C CLA ZO . -33.25 -53.66 -5.93
C3C CLA ZO . -32.26 -54.28 -6.66
C4C CLA ZO . -31.94 -53.40 -7.76
CMC CLA ZO . -33.90 -54.16 -4.72
CAC CLA ZO . -31.67 -55.59 -6.41
CBC CLA ZO . -32.29 -56.62 -7.32
ND CLA ZO . -31.41 -51.60 -10.01
C1D CLA ZO . -30.71 -52.80 -9.78
C2D CLA ZO . -29.73 -52.99 -10.86
C3D CLA ZO . -29.85 -51.91 -11.68
C4D CLA ZO . -30.90 -51.06 -11.10
CMD CLA ZO . -28.84 -54.14 -10.96
CAD CLA ZO . -29.39 -51.25 -12.87
OBD CLA ZO . -28.56 -51.61 -13.70
CBD CLA ZO . -30.13 -49.90 -12.98
CGD CLA ZO . -29.08 -48.86 -12.78
O1D CLA ZO . -27.97 -49.05 -12.30
O2D CLA ZO . -29.43 -47.62 -13.20
CED CLA ZO . -28.41 -46.62 -13.21
C1 CLA ZO . -30.38 -47.76 -16.22
MG CLA AP . -36.81 -69.01 -2.05
CHA CLA AP . -35.62 -71.18 0.32
CHB CLA AP . -33.92 -67.28 -1.89
CHC CLA AP . -37.95 -66.98 -4.58
CHD CLA AP . -39.81 -70.83 -2.16
NA CLA AP . -35.07 -69.21 -0.94
C1A CLA AP . -34.75 -70.19 -0.01
C2A CLA AP . -33.35 -69.96 0.55
C3A CLA AP . -32.92 -68.64 -0.09
C4A CLA AP . -34.04 -68.35 -1.06
CMA CLA AP . -32.90 -67.54 0.95
CAA CLA AP . -32.42 -71.05 0.11
CBA CLA AP . -32.54 -71.31 -1.38
CGA CLA AP . -32.11 -72.71 -1.64
O1A CLA AP . -31.30 -73.40 -1.01
O2A CLA AP . -32.73 -73.24 -2.73
NB CLA AP . -36.05 -67.46 -3.08
C1B CLA AP . -34.87 -66.88 -2.82
C2B CLA AP . -34.70 -65.69 -3.66
C3B CLA AP . -35.81 -65.58 -4.42
C4B CLA AP . -36.72 -66.70 -4.07
CMB CLA AP . -33.52 -64.83 -3.58
CAB CLA AP . -36.10 -64.56 -5.38
CBB CLA AP . -35.23 -64.08 -6.27
NC CLA AP . -38.58 -68.91 -3.14
C1C CLA AP . -38.82 -68.01 -4.13
C2C CLA AP . -40.13 -68.27 -4.70
C3C CLA AP . -40.67 -69.33 -4.01
C4C CLA AP . -39.69 -69.75 -3.04
CMC CLA AP . -40.74 -67.52 -5.79
CAC CLA AP . -41.97 -69.94 -4.24
CBC CLA AP . -41.83 -71.12 -5.17
ND CLA AP . -37.64 -70.56 -1.09
C1D CLA AP . -38.86 -71.23 -1.26
C2D CLA AP . -38.91 -72.36 -0.32
C3D CLA AP . -37.69 -72.38 0.32
C4D CLA AP . -36.93 -71.25 -0.22
CMD CLA AP . -40.05 -73.24 -0.17
CAD CLA AP . -36.87 -73.01 1.34
OBD CLA AP . -37.14 -73.88 2.15
CBD CLA AP . -35.47 -72.33 1.28
CGD CLA AP . -35.02 -71.87 2.64
O1D CLA AP . -35.34 -70.84 3.22
O2D CLA AP . -34.15 -72.71 3.25
CED CLA AP . -34.64 -73.53 4.30
C1 CLA AP . -32.04 -74.32 -3.39
C2 CLA AP . -32.26 -74.12 -4.84
C3 CLA AP . -31.71 -74.91 -5.79
C4 CLA AP . -30.83 -76.06 -5.47
C5 CLA AP . -31.98 -74.64 -7.22
C6 CLA AP . -33.46 -74.74 -7.54
C7 CLA AP . -33.76 -76.10 -8.12
C8 CLA AP . -35.24 -76.46 -8.07
C9 CLA AP . -35.38 -77.90 -7.60
C10 CLA AP . -35.90 -76.31 -9.43
C11 CLA AP . -36.32 -74.88 -9.70
MG CLA BP . -29.08 -67.81 -5.51
CHA CLA BP . -28.43 -70.81 -7.05
CHB CLA BP . -29.49 -66.37 -8.54
CHC CLA BP . -30.03 -64.92 -3.93
CHD CLA BP . -28.82 -69.40 -2.38
NA CLA BP . -28.89 -68.49 -7.47
C1A CLA BP . -28.64 -69.78 -7.91
C2A CLA BP . -28.61 -69.86 -9.43
C3A CLA BP . -28.75 -68.39 -9.85
C4A CLA BP . -29.06 -67.68 -8.54
CMA CLA BP . -27.49 -67.87 -10.46
CAA CLA BP . -29.82 -70.63 -9.90
CBA CLA BP . -29.60 -71.25 -11.26
NB CLA BP . -29.58 -65.96 -6.12
C1B CLA BP . -29.80 -65.62 -7.40
C2B CLA BP . -30.46 -64.28 -7.43
C3B CLA BP . -30.62 -63.87 -6.15
C4B CLA BP . -30.05 -64.93 -5.28
CMB CLA BP . -30.87 -63.60 -8.64
CAB CLA BP . -31.20 -62.67 -5.64
CBB CLA BP . -30.52 -61.68 -5.07
NC CLA BP . -29.30 -67.25 -3.52
C1C CLA BP . -29.66 -66.00 -3.11
C2C CLA BP . -29.69 -65.96 -1.66
C3C CLA BP . -29.40 -67.23 -1.21
C4C CLA BP . -29.15 -68.04 -2.39
CMC CLA BP . -30.03 -64.78 -0.87
CAC CLA BP . -29.33 -67.70 0.17
CBC CLA BP . -27.94 -67.53 0.71
ND CLA BP . -28.61 -69.62 -4.81
C1D CLA BP . -28.58 -70.15 -3.50
C2D CLA BP . -28.24 -71.58 -3.57
C3D CLA BP . -28.17 -71.88 -4.91
C4D CLA BP . -28.43 -70.63 -5.63
CMD CLA BP . -28.06 -72.44 -2.41
CAD CLA BP . -27.91 -72.91 -5.90
OBD CLA BP . -27.52 -74.05 -5.74
CBD CLA BP . -28.18 -72.28 -7.29
CGD CLA BP . -27.06 -72.52 -8.24
O1D CLA BP . -27.10 -72.53 -9.47
O2D CLA BP . -25.87 -72.76 -7.63
CED CLA BP . -25.11 -73.83 -8.20
MG CHL CP . -28.37 -61.14 1.68
CHA CHL CP . -27.50 -61.28 5.05
CHB CHL CP . -30.61 -58.75 2.43
CHC CHL CP . -28.86 -60.62 -1.72
CHD CHL CP . -26.42 -64.05 0.99
NA CHL CP . -28.86 -60.11 3.31
C1A CHL CP . -28.39 -60.24 4.50
C2A CHL CP . -28.89 -59.24 5.49
C3A CHL CP . -29.83 -58.41 4.67
C4A CHL CP . -29.76 -59.13 3.37
CMA CHL CP . -31.24 -58.50 5.22
CAA CHL CP . -27.81 -58.38 6.12
CBA CHL CP . -26.73 -57.97 5.14
CGA CHL CP . -25.80 -56.99 5.82
O1A CHL CP . -25.37 -57.25 6.93
O2A CHL CP . -25.43 -55.75 5.16
NB CHL CP . -29.54 -59.88 0.55
C1B CHL CP . -30.41 -58.96 1.00
C2B CHL CP . -31.13 -58.18 -0.02
C3B CHL CP . -30.59 -58.77 -1.24
C4B CHL CP . -29.63 -59.78 -0.79
CMB CHL CP . -32.15 -57.08 0.14
CAB CHL CP . -30.95 -58.37 -2.61
CBB CHL CP . -29.99 -58.09 -3.47
NC CHL CP . -27.77 -62.13 -0.02
C1C CHL CP . -28.06 -61.77 -1.27
C2C CHL CP . -27.46 -62.71 -2.24
C3C CHL CP . -26.75 -63.72 -1.48
C4C CHL CP . -27.01 -63.26 -0.09
CMC CHL CP . -27.54 -62.69 -3.73
OMC CHL CP . -27.54 -61.63 -4.33
CAC CHL CP . -25.97 -64.91 -1.97
CBC CHL CP . -24.64 -64.47 -2.52
ND CHL CP . -27.19 -62.46 2.68
C1D CHL CP . -26.47 -63.54 2.36
C2D CHL CP . -25.80 -64.07 3.56
C3D CHL CP . -26.23 -63.16 4.62
C4D CHL CP . -27.06 -62.21 4.02
CMD CHL CP . -24.89 -65.20 3.93
CAD CHL CP . -26.11 -62.86 6.07
OBD CHL CP . -25.43 -63.55 6.91
CBD CHL CP . -26.91 -61.67 6.33
CGD CHL CP . -28.00 -62.10 7.25
O1D CHL CP . -29.10 -62.40 6.82
O2D CHL CP . -27.73 -62.16 8.67
CED CHL CP . -28.74 -61.77 9.60
C1 CHL CP . -26.00 -54.52 5.60
C2 CHL CP . -25.01 -53.37 5.49
C3 CHL CP . -24.11 -53.10 6.44
C4 CHL CP . -24.03 -53.93 7.69
C5 CHL CP . -23.18 -51.93 6.26
C6 CHL CP . -23.96 -50.67 5.93
C7 CHL CP . -23.04 -49.47 5.83
C8 CHL CP . -23.67 -48.24 6.47
MG CLA DP . -33.30 -64.04 -20.51
CHA CLA DP . -35.44 -62.88 -18.08
CHB CLA DP . -32.34 -66.55 -18.46
CHC CLA DP . -31.33 -65.25 -23.03
CHD CLA DP . -34.45 -61.48 -22.65
NA CLA DP . -33.81 -64.59 -18.58
C1A CLA DP . -34.74 -63.99 -17.73
C2A CLA DP . -34.83 -64.73 -16.41
C3A CLA DP . -33.74 -65.81 -16.53
C4A CLA DP . -33.26 -65.66 -17.96
CMA CLA DP . -32.62 -65.56 -15.56
CAA CLA DP . -36.17 -65.41 -16.25
CBA CLA DP . -36.64 -66.10 -17.52
CGA CLA DP . -38.04 -66.59 -17.31
O1A CLA DP . -38.96 -66.01 -16.75
O2A CLA DP . -38.30 -67.83 -17.83
NB CLA DP . -32.04 -65.58 -20.71
C1B CLA DP . -31.81 -66.53 -19.76
C2B CLA DP . -30.89 -67.55 -20.29
C3B CLA DP . -30.60 -67.20 -21.58
C4B CLA DP . -31.32 -65.93 -21.86
CMB CLA DP . -30.45 -68.71 -19.54
CAB CLA DP . -29.77 -67.88 -22.52
CBB CLA DP . -28.64 -67.40 -23.03
NC CLA DP . -32.92 -63.44 -22.46
C1C CLA DP . -32.08 -64.08 -23.31
C2C CLA DP . -32.06 -63.40 -24.59
C3C CLA DP . -32.96 -62.36 -24.50
C4C CLA DP . -33.51 -62.39 -23.16
CMC CLA DP . -31.26 -63.78 -25.74
CAC CLA DP . -33.28 -61.38 -25.54
CBC CLA DP . -34.31 -61.91 -26.50
ND CLA DP . -34.58 -62.48 -20.43
C1D CLA DP . -34.97 -61.51 -21.38
C2D CLA DP . -35.93 -60.59 -20.75
C3D CLA DP . -36.12 -61.05 -19.47
C4D CLA DP . -35.28 -62.25 -19.34
CMD CLA DP . -36.50 -59.42 -21.40
CAD CLA DP . -36.78 -60.84 -18.22
OBD CLA DP . -37.48 -59.92 -17.85
CBD CLA DP . -36.43 -62.05 -17.31
CGD CLA DP . -35.82 -61.55 -16.05
O1D CLA DP . -34.63 -61.40 -15.79
O2D CLA DP . -36.72 -61.26 -15.10
CED CLA DP . -36.73 -62.12 -13.98
C1 CLA DP . -39.68 -68.26 -17.84
C2 CLA DP . -39.91 -69.05 -16.60
C3 CLA DP . -40.34 -70.32 -16.64
C4 CLA DP . -40.63 -71.03 -17.90
C5 CLA DP . -40.56 -71.09 -15.38
MG CLA EP . -28.25 -56.76 -14.14
CHA CLA EP . -30.11 -54.14 -15.45
CHB CLA EP . -25.93 -56.29 -16.55
CHC CLA EP . -26.27 -59.05 -12.56
CHD CLA EP . -30.66 -57.11 -11.61
NA CLA EP . -28.12 -55.46 -15.77
C1A CLA EP . -28.97 -54.42 -16.12
C2A CLA EP . -28.48 -53.72 -17.38
C3A CLA EP . -27.30 -54.60 -17.81
C4A CLA EP . -27.08 -55.52 -16.63
CMA CLA EP . -27.71 -55.43 -18.98
CAA CLA EP . -28.08 -52.27 -17.11
CBA CLA EP . -26.72 -52.13 -16.47
CGA CLA EP . -26.58 -50.76 -15.88
O1A CLA EP . -27.03 -49.70 -16.29
O2A CLA EP . -25.82 -50.77 -14.73
NB CLA EP . -26.43 -57.51 -14.47
C1B CLA EP . -25.63 -57.18 -15.51
C2B CLA EP . -24.36 -57.96 -15.42
C3B CLA EP . -24.46 -58.74 -14.30
C4B CLA EP . -25.78 -58.48 -13.68
CMB CLA EP . -23.30 -57.84 -16.40
CAB CLA EP . -23.53 -59.67 -13.76
CBB CLA EP . -22.20 -59.49 -13.67
NC CLA EP . -28.47 -57.94 -12.44
C1C CLA EP . -27.55 -58.81 -11.99
C2C CLA EP . -28.02 -59.44 -10.77
C3C CLA EP . -29.25 -58.86 -10.47
C4C CLA EP . -29.52 -57.91 -11.53
CMC CLA EP . -27.29 -60.44 -10.00
CAC CLA EP . -30.10 -59.14 -9.33
CBC CLA EP . -31.26 -60.03 -9.68
ND CLA EP . -30.08 -56.02 -13.72
C1D CLA EP . -30.94 -56.22 -12.62
C2D CLA EP . -32.08 -55.32 -12.75
C3D CLA EP . -31.81 -54.50 -13.81
C4D CLA EP . -30.54 -54.94 -14.36
CMD CLA EP . -33.23 -55.31 -11.85
CAD CLA EP . -32.28 -53.43 -14.65
OBD CLA EP . -33.36 -52.87 -14.67
CBD CLA EP . -31.16 -53.08 -15.63
CGD CLA EP . -31.74 -53.09 -17.00
O1D CLA EP . -32.13 -54.05 -17.66
O2D CLA EP . -31.87 -51.86 -17.54
CED CLA EP . -32.95 -51.69 -18.44
C1 CLA EP . -25.38 -49.50 -14.19
C2 CLA EP . -24.09 -49.75 -13.51
C3 CLA EP . -23.97 -50.14 -12.23
C4 CLA EP . -22.65 -50.38 -11.60
C5 CLA EP . -25.15 -50.38 -11.36
MG CLA FP . -44.83 -62.81 -17.73
CHA CLA FP . -44.19 -63.42 -21.04
CHB CLA FP . -48.06 -62.10 -18.51
CHC CLA FP . -45.55 -62.66 -14.41
CHD CLA FP . -41.48 -63.59 -16.97
NA CLA FP . -45.90 -62.72 -19.51
C1A CLA FP . -45.47 -63.07 -20.78
C2A CLA FP . -46.58 -62.88 -21.79
C3A CLA FP . -47.69 -62.19 -20.97
C4A CLA FP . -47.20 -62.36 -19.55
CMA CLA FP . -47.80 -60.73 -21.30
CAA CLA FP . -47.11 -64.24 -22.19
CBA CLA FP . -46.99 -65.28 -21.10
CGA CLA FP . -48.21 -65.23 -20.23
O1A CLA FP . -49.28 -64.71 -20.51
O2A CLA FP . -48.08 -65.83 -19.01
NB CLA FP . -46.49 -62.43 -16.66
C1B CLA FP . -47.72 -62.20 -17.17
C2B CLA FP . -48.69 -62.05 -16.07
C3B CLA FP . -48.01 -62.21 -14.91
C4B CLA FP . -46.59 -62.45 -15.26
CMB CLA FP . -50.10 -61.79 -16.28
CAB CLA FP . -48.55 -62.14 -13.59
CBB CLA FP . -48.49 -63.15 -12.72
NC CLA FP . -43.69 -62.99 -16.01
C1C CLA FP . -44.19 -62.88 -14.75
C2C CLA FP . -43.11 -63.11 -13.79
C3C CLA FP . -41.97 -63.39 -14.52
C4C CLA FP . -42.34 -63.33 -15.92
CMC CLA FP . -43.24 -63.05 -12.34
CAC CLA FP . -40.65 -63.67 -14.00
CBC CLA FP . -40.39 -65.14 -13.87
ND CLA FP . -43.14 -63.23 -18.72
C1D CLA FP . -41.84 -63.57 -18.29
C2D CLA FP . -41.01 -63.86 -19.47
C3D CLA FP . -41.87 -63.81 -20.54
C4D CLA FP . -43.18 -63.46 -20.02
CMD CLA FP . -39.58 -64.15 -19.44
CAD CLA FP . -41.99 -63.90 -21.96
OBD CLA FP . -41.11 -64.00 -22.79
CBD CLA FP . -43.49 -63.82 -22.30
CGD CLA FP . -43.65 -62.78 -23.34
O1D CLA FP . -43.32 -61.62 -23.26
O2D CLA FP . -44.21 -63.23 -24.48
CED CLA FP . -43.86 -62.50 -25.66
C1 CLA FP . -49.31 -66.19 -18.37
C2 CLA FP . -49.11 -66.17 -16.90
C3 CLA FP . -50.08 -66.49 -16.04
C4 CLA FP . -51.43 -66.89 -16.49
C5 CLA FP . -49.84 -66.45 -14.57
C6 CLA FP . -50.13 -67.75 -13.87
C7 CLA FP . -49.93 -67.54 -12.39
C8 CLA FP . -48.76 -68.35 -11.86
C9 CLA FP . -49.02 -69.82 -12.07
C10 CLA FP . -48.54 -68.05 -10.38
C11 CLA FP . -48.04 -69.22 -9.56
C12 CLA FP . -46.53 -69.30 -9.51
C13 CLA FP . -45.97 -68.86 -8.17
C14 CLA FP . -44.53 -69.27 -8.07
C15 CLA FP . -46.77 -69.44 -7.01
MG CLA GP . -58.39 -53.08 -10.59
CHA CLA GP . -57.34 -55.42 -12.90
CHB CLA GP . -61.25 -52.68 -12.35
CHC CLA GP . -59.56 -51.01 -8.11
CHD CLA GP . -55.45 -53.64 -8.75
NA CLA GP . -59.12 -53.89 -12.36
C1A CLA GP . -58.56 -54.88 -13.16
C2A CLA GP . -59.44 -55.21 -14.35
C3A CLA GP . -60.56 -54.17 -14.25
C4A CLA GP . -60.32 -53.54 -12.89
CMA CLA GP . -60.44 -53.14 -15.34
CAA CLA GP . -60.06 -56.57 -14.13
NB CLA GP . -60.07 -52.01 -10.31
C1B CLA GP . -61.15 -52.02 -11.12
C2B CLA GP . -62.23 -51.22 -10.52
C3B CLA GP . -61.77 -50.76 -9.33
C4B CLA GP . -60.38 -51.24 -9.17
CMB CLA GP . -63.53 -51.04 -11.16
CAB CLA GP . -62.44 -49.96 -8.37
CBB CLA GP . -62.75 -50.36 -7.14
NC CLA GP . -57.60 -52.38 -8.80
C1C CLA GP . -58.25 -51.54 -7.96
C2C CLA GP . -57.41 -51.30 -6.79
C3C CLA GP . -56.27 -52.06 -6.94
C4C CLA GP . -56.40 -52.74 -8.22
CMC CLA GP . -57.76 -50.44 -5.67
CAC CLA GP . -55.16 -52.17 -6.01
CBC CLA GP . -53.95 -51.40 -6.47
ND CLA GP . -56.70 -54.14 -10.79
C1D CLA GP . -55.59 -54.29 -9.95
C2D CLA GP . -54.65 -55.24 -10.56
C3D CLA GP . -55.27 -55.71 -11.70
C4D CLA GP . -56.56 -55.01 -11.78
CMD CLA GP . -53.38 -55.56 -9.96
CAD CLA GP . -55.18 -56.56 -12.87
OBD CLA GP . -54.25 -57.23 -13.29
CBD CLA GP . -56.53 -56.48 -13.61
CGD CLA GP . -56.26 -56.21 -15.04
O1D CLA GP . -55.22 -55.78 -15.51
O2D CLA GP . -57.30 -56.46 -15.88
CED CLA GP . -57.22 -55.94 -17.20
MG CLA HP . -53.01 -60.82 -8.30
CHA CLA HP . -54.88 -61.00 -11.19
CHB CLA HP . -51.17 -63.49 -9.30
CHC CLA HP . -51.35 -60.73 -5.30
CHD CLA HP . -54.99 -58.10 -7.26
NA CLA HP . -53.02 -62.00 -10.01
C1A CLA HP . -53.87 -61.93 -11.10
C2A CLA HP . -53.54 -63.00 -12.12
C3A CLA HP . -52.30 -63.70 -11.52
C4A CLA HP . -52.13 -63.02 -10.17
CMA CLA HP . -52.50 -65.17 -11.32
CAA CLA HP . -53.19 -62.41 -13.45
CBA CLA HP . -53.18 -63.49 -14.50
CGA CLA HP . -54.60 -63.93 -14.69
O1A CLA HP . -55.57 -63.24 -14.95
O2A CLA HP . -54.77 -65.28 -14.55
NB CLA HP . -51.50 -61.86 -7.49
C1B CLA HP . -50.93 -62.97 -8.03
C2B CLA HP . -49.98 -63.57 -7.06
C3B CLA HP . -50.04 -62.80 -5.94
C4B CLA HP . -51.00 -61.70 -6.19
CMB CLA HP . -49.21 -64.77 -7.31
CAB CLA HP . -49.34 -62.95 -4.70
CBB CLA HP . -49.89 -63.42 -3.58
NC CLA HP . -53.12 -59.61 -6.62
C1C CLA HP . -52.34 -59.75 -5.51
C2C CLA HP . -52.71 -58.76 -4.53
C3C CLA HP . -53.73 -58.00 -5.08
C4C CLA HP . -53.99 -58.55 -6.39
CMC CLA HP . -52.09 -58.62 -3.21
CAC CLA HP . -54.44 -56.89 -4.47
CBC CLA HP . -55.74 -57.33 -3.86
ND CLA HP . -54.54 -59.73 -9.01
C1D CLA HP . -55.26 -58.64 -8.48
C2D CLA HP . -56.32 -58.26 -9.41
C3D CLA HP . -56.24 -59.15 -10.46
C4D CLA HP . -55.11 -60.03 -10.17
CMD CLA HP . -57.27 -57.20 -9.20
CAD CLA HP . -56.79 -59.55 -11.72
OBD CLA HP . -57.77 -59.14 -12.33
CBD CLA HP . -55.93 -60.73 -12.23
CGD CLA HP . -56.83 -61.90 -12.45
O1D CLA HP . -56.93 -62.92 -11.76
O2D CLA HP . -57.61 -61.77 -13.55
CED CLA HP . -58.91 -62.34 -13.51
C1 CLA HP . -55.89 -65.72 -13.75
C2 CLA HP . -55.33 -66.70 -12.78
C3 CLA HP . -56.01 -67.22 -11.75
C4 CLA HP . -55.38 -68.20 -10.82
C5 CLA HP . -57.43 -66.84 -11.46
C6 CLA HP . -57.70 -66.58 -9.99
C7 CLA HP . -58.76 -67.50 -9.44
MG CLA IP . -47.26 -51.44 5.39
CHA CLA IP . -47.62 -51.53 8.83
CHB CLA IP . -49.87 -53.56 5.06
CHC CLA IP . -47.06 -51.05 2.00
CHD CLA IP . -44.67 -49.09 5.79
NA CLA IP . -48.48 -52.44 6.75
C1A CLA IP . -48.49 -52.31 8.14
C2A CLA IP . -49.57 -53.20 8.75
C3A CLA IP . -50.11 -53.98 7.52
C4A CLA IP . -49.46 -53.29 6.34
CMA CLA IP . -49.74 -55.44 7.59
CAA CLA IP . -50.62 -52.29 9.34
CBA CLA IP . -51.25 -51.39 8.31
CGA CLA IP . -50.61 -50.05 8.28
O1A CLA IP . -50.24 -49.36 9.23
O2A CLA IP . -50.44 -49.55 7.02
NB CLA IP . -48.22 -52.23 3.82
C1B CLA IP . -49.34 -52.97 3.90
C2B CLA IP . -49.96 -53.08 2.56
C3B CLA IP . -49.17 -52.38 1.70
C4B CLA IP . -48.05 -51.83 2.48
CMB CLA IP . -51.19 -53.81 2.28
CAB CLA IP . -49.34 -52.16 0.29
CBB CLA IP . -48.51 -52.59 -0.65
NC CLA IP . -46.03 -50.34 4.13
C1C CLA IP . -46.10 -50.36 2.78
C2C CLA IP . -45.09 -49.50 2.21
C3C CLA IP . -44.44 -48.90 3.28
C4C CLA IP . -45.04 -49.42 4.48
CMC CLA IP . -44.88 -49.30 0.78
CAC CLA IP . -43.34 -47.94 3.22
CBC CLA IP . -43.88 -46.55 3.02
ND CLA IP . -46.25 -50.58 6.90
C1D CLA IP . -45.23 -49.60 6.93
C2D CLA IP . -44.89 -49.31 8.33
C3D CLA IP . -45.75 -50.04 9.09
C4D CLA IP . -46.60 -50.79 8.16
CMD CLA IP . -43.84 -48.41 8.76
CAD CLA IP . -46.14 -50.44 10.42
OBD CLA IP . -45.58 -50.23 11.48
CBD CLA IP . -47.43 -51.27 10.30
CGD CLA IP . -47.27 -52.49 11.13
O1D CLA IP . -46.23 -53.07 11.42
O2D CLA IP . -48.43 -52.98 11.62
CED CLA IP . -48.32 -54.02 12.59
C1 CLA IP . -49.40 -48.56 6.89
C2 CLA IP . -48.99 -48.51 5.47
C3 CLA IP . -49.11 -47.39 4.74
C4 CLA IP . -49.66 -46.16 5.33
C5 CLA IP . -48.69 -47.34 3.32
C6 CLA IP . -49.85 -47.18 2.35
C7 CLA IP . -50.00 -48.46 1.55
C8 CLA IP . -50.00 -48.24 0.04
C9 CLA IP . -49.06 -47.13 -0.37
C10 CLA IP . -51.40 -47.96 -0.46
C11 CLA IP . -51.43 -47.93 -1.98
C12 CLA IP . -52.62 -48.71 -2.50
C13 CLA IP . -52.36 -50.20 -2.40
C14 CLA IP . -51.60 -50.69 -3.61
C15 CLA IP . -53.65 -50.99 -2.24
C16 CLA IP . -53.85 -51.47 -0.82
C17 CLA IP . -55.12 -52.28 -0.71
C18 CLA IP . -55.01 -53.59 -1.48
C19 CLA IP . -54.08 -54.55 -0.77
C20 CLA IP . -56.38 -54.21 -1.65
MG CLA JP . -56.60 -52.30 8.05
CHA CLA JP . -55.47 -49.06 7.95
CHB CLA JP . -59.01 -51.37 10.26
CHC CLA JP . -57.77 -55.51 8.01
CHD CLA JP . -54.21 -53.16 5.60
NA CLA JP . -57.09 -50.51 8.99
C1A CLA JP . -56.50 -49.25 8.81
C2A CLA JP . -57.17 -48.20 9.69
C3A CLA JP . -58.24 -49.00 10.46
C4A CLA JP . -58.11 -50.40 9.89
CMA CLA JP . -57.95 -48.99 11.93
CAA CLA JP . -57.83 -47.07 8.92
CBA CLA JP . -58.72 -47.58 7.81
CGA CLA JP . -59.20 -46.42 6.99
NB CLA JP . -58.15 -53.24 8.91
C1B CLA JP . -58.99 -52.70 9.81
C2B CLA JP . -59.94 -53.74 10.28
C3B CLA JP . -59.60 -54.90 9.66
C4B CLA JP . -58.43 -54.62 8.79
CMB CLA JP . -60.97 -53.45 11.27
CAB CLA JP . -60.14 -56.22 9.79
CBB CLA JP . -60.19 -56.90 10.93
NC CLA JP . -56.02 -54.03 7.06
C1C CLA JP . -56.63 -55.24 7.21
C2C CLA JP . -55.98 -56.23 6.38
C3C CLA JP . -55.01 -55.56 5.65
C4C CLA JP . -55.05 -54.18 6.08
CMC CLA JP . -56.34 -57.64 6.34
CAC CLA JP . -54.08 -56.14 4.68
CBC CLA JP . -54.45 -55.84 3.26
ND CLA JP . -55.00 -51.44 7.17
C1D CLA JP . -54.20 -51.88 6.08
C2D CLA JP . -53.33 -50.78 5.65
C3D CLA JP . -53.74 -49.68 6.39
C4D CLA JP . -54.84 -50.14 7.25
CMD CLA JP . -52.29 -50.91 4.65
CAD CLA JP . -53.51 -48.29 6.70
OBD CLA JP . -52.57 -47.57 6.44
CBD CLA JP . -54.76 -47.82 7.49
CGD CLA JP . -54.45 -46.85 8.57
O1D CLA JP . -54.97 -45.76 8.75
O2D CLA JP . -53.50 -47.23 9.46
CED CLA JP . -53.37 -46.37 10.60
MG CLA KP . -43.01 -40.43 8.49
CHA CLA KP . -41.50 -43.38 7.55
CHB CLA KP . -40.02 -39.26 9.61
CHC CLA KP . -44.55 -37.49 9.35
CHD CLA KP . -46.08 -41.66 7.28
NA CLA KP . -41.09 -41.23 8.56
C1A CLA KP . -40.65 -42.47 8.11
C2A CLA KP . -39.16 -42.65 8.34
C3A CLA KP . -38.75 -41.37 9.07
C4A CLA KP . -40.03 -40.54 9.08
CMA CLA KP . -38.31 -41.68 10.47
CAA CLA KP . -38.41 -42.76 7.02
CBA CLA KP . -36.95 -42.39 7.18
CGA CLA KP . -36.43 -41.73 5.94
O1A CLA KP . -36.09 -42.24 4.87
O2A CLA KP . -36.36 -40.37 6.06
NB CLA KP . -42.41 -38.71 9.32
C1B CLA KP . -41.13 -38.41 9.69
C2B CLA KP . -41.07 -37.04 10.22
C3B CLA KP . -42.34 -36.53 10.15
C4B CLA KP . -43.21 -37.59 9.59
CMB CLA KP . -39.85 -36.42 10.69
CAB CLA KP . -42.84 -35.24 10.53
CBB CLA KP . -43.22 -34.29 9.68
NC CLA KP . -44.95 -39.72 8.35
C1C CLA KP . -45.36 -38.48 8.77
C2C CLA KP . -46.78 -38.32 8.52
C3C CLA KP . -47.22 -39.49 7.92
C4C CLA KP . -46.06 -40.37 7.81
CMC CLA KP . -47.54 -37.12 8.84
CAC CLA KP . -48.58 -39.79 7.47
CBC CLA KP . -48.71 -39.56 5.98
ND CLA KP . -43.71 -42.10 7.64
C1D CLA KP . -44.99 -42.48 7.19
C2D CLA KP . -44.92 -43.85 6.66
C3D CLA KP . -43.61 -44.25 6.79
C4D CLA KP . -42.89 -43.12 7.39
CMD CLA KP . -46.06 -44.59 6.13
CAD CLA KP . -42.65 -45.30 6.59
OBD CLA KP . -42.83 -46.43 6.16
CBD CLA KP . -41.28 -44.78 7.04
CGD CLA KP . -40.79 -45.63 8.16
O1D CLA KP . -41.34 -45.79 9.25
O2D CLA KP . -39.64 -46.29 7.91
CED CLA KP . -38.87 -46.68 9.04
C1 CLA KP . -35.17 -39.72 5.55
C1 LUT LP . -49.27 -58.25 3.29
C2 LUT LP . -48.84 -58.22 4.75
C3 LUT LP . -47.65 -57.37 5.14
C4 LUT LP . -46.70 -57.15 3.99
C5 LUT LP . -47.51 -56.62 2.86
C6 LUT LP . -48.50 -57.35 2.38
C7 LUT LP . -48.86 -57.28 0.96
C8 LUT LP . -48.04 -57.77 0.04
C9 LUT LP . -48.39 -57.71 -1.38
C10 LUT LP . -47.84 -58.63 -2.20
C11 LUT LP . -48.08 -58.74 -3.64
C12 LUT LP . -47.38 -59.70 -4.26
C13 LUT LP . -47.47 -60.02 -5.69
C14 LUT LP . -46.86 -61.13 -6.11
C15 LUT LP . -46.91 -61.58 -7.51
C16 LUT LP . -50.71 -57.81 3.18
C17 LUT LP . -49.14 -59.67 2.77
C18 LUT LP . -47.24 -55.27 2.30
C19 LUT LP . -49.31 -56.66 -1.89
C20 LUT LP . -48.20 -59.13 -6.64
O3 LUT LP . -46.93 -58.05 6.17
C21 LUT LP . -46.01 -69.49 -17.65
C22 LUT LP . -46.47 -69.56 -19.10
C23 LUT LP . -45.46 -69.00 -20.09
C24 LUT LP . -44.77 -67.78 -19.56
C25 LUT LP . -44.54 -67.65 -18.26
C26 LUT LP . -45.57 -68.09 -17.28
C27 LUT LP . -44.99 -68.08 -15.89
C28 LUT LP . -45.47 -67.17 -15.06
C29 LUT LP . -45.03 -67.03 -13.67
C30 LUT LP . -45.63 -66.09 -12.92
C31 LUT LP . -45.35 -65.80 -11.52
C32 LUT LP . -46.01 -64.78 -11.00
C33 LUT LP . -45.86 -64.35 -9.60
C34 LUT LP . -46.43 -63.21 -9.22
C35 LUT LP . -46.35 -62.74 -7.83
C36 LUT LP . -44.86 -70.46 -17.39
C37 LUT LP . -47.19 -69.89 -16.78
C38 LUT LP . -43.24 -67.09 -17.80
C39 LUT LP . -43.94 -67.89 -13.12
C40 LUT LP . -45.09 -65.19 -8.63
O23 LUT LP . -46.17 -68.59 -21.25
C1 LUT MP . -34.25 -61.63 -0.37
C2 LUT MP . -33.87 -62.72 0.63
C3 LUT MP . -34.61 -64.03 0.50
C4 LUT MP . -36.05 -63.80 0.11
C5 LUT MP . -36.12 -63.00 -1.15
C6 LUT MP . -35.26 -62.04 -1.39
C7 LUT MP . -35.29 -61.30 -2.67
C8 LUT MP . -36.02 -60.19 -2.82
C9 LUT MP . -36.08 -59.42 -4.07
C10 LUT MP . -36.58 -58.18 -4.04
C11 LUT MP . -36.68 -57.29 -5.20
C12 LUT MP . -37.15 -56.06 -4.95
C13 LUT MP . -37.34 -54.98 -5.95
C14 LUT MP . -37.79 -53.81 -5.51
C15 LUT MP . -37.98 -52.65 -6.38
C16 LUT MP . -33.00 -61.24 -1.13
C17 LUT MP . -34.78 -60.43 0.39
C18 LUT MP . -37.18 -63.31 -2.15
C19 LUT MP . -35.58 -60.00 -5.34
C20 LUT MP . -37.02 -55.19 -7.39
O3 LUT MP . -34.60 -64.67 1.78
C21 LUT MP . -40.92 -40.69 -10.42
C22 LUT MP . -40.71 -39.80 -11.63
C23 LUT MP . -41.74 -40.07 -12.71
C24 LUT MP . -41.82 -41.55 -12.98
C25 LUT MP . -41.77 -42.41 -11.99
C26 LUT MP . -40.90 -42.16 -10.80
C27 LUT MP . -41.37 -43.00 -9.64
C28 LUT MP . -40.56 -44.00 -9.29
C29 LUT MP . -40.84 -44.91 -8.16
C30 LUT MP . -40.10 -46.02 -8.08
C31 LUT MP . -40.20 -47.04 -7.03
C32 LUT MP . -39.49 -48.14 -7.24
C33 LUT MP . -39.41 -49.29 -6.31
C34 LUT MP . -38.77 -50.38 -6.71
C35 LUT MP . -38.60 -51.58 -5.88
C36 LUT MP . -42.23 -40.33 -9.74
C37 LUT MP . -39.82 -40.43 -9.41
C38 LUT MP . -42.58 -43.66 -12.04
C39 LUT MP . -41.89 -44.56 -7.15
C40 LUT MP . -40.00 -49.20 -4.94
O23 LUT MP . -41.35 -39.42 -13.91
C1 BCR NP . -19.98 -71.34 -26.41
C2 BCR NP . -19.37 -70.02 -26.84
C3 BCR NP . -17.95 -69.91 -26.33
C4 BCR NP . -17.94 -69.95 -24.82
C5 BCR NP . -18.61 -71.22 -24.39
C6 BCR NP . -19.76 -71.58 -24.95
C7 BCR NP . -20.75 -72.25 -24.09
C8 BCR NP . -21.42 -71.50 -23.22
C9 BCR NP . -22.43 -72.05 -22.27
C10 BCR NP . -23.26 -71.19 -21.66
C11 BCR NP . -24.26 -71.60 -20.69
C33 BCR NP . -17.98 -72.09 -23.36
C31 BCR NP . -19.30 -72.45 -27.19
C32 BCR NP . -21.47 -71.31 -26.67
C34 BCR NP . -22.50 -73.52 -21.99
C12 BCR NP . -25.01 -70.64 -20.15
C13 BCR NP . -26.02 -70.92 -19.13
C14 BCR NP . -26.63 -69.90 -18.49
C15 BCR NP . -27.59 -70.16 -17.43
C16 BCR NP . -28.06 -69.14 -16.71
C17 BCR NP . -28.97 -69.39 -15.59
C18 BCR NP . -29.58 -68.40 -14.93
C19 BCR NP . -30.44 -68.74 -13.77
C20 BCR NP . -31.25 -67.91 -13.12
C21 BCR NP . -31.94 -68.53 -11.99
C22 BCR NP . -32.72 -67.90 -11.08
C23 BCR NP . -33.29 -68.71 -10.00
C24 BCR NP . -33.82 -68.21 -8.88
C25 BCR NP . -34.34 -69.09 -7.81
C26 BCR NP . -33.50 -69.52 -6.86
C27 BCR NP . -33.91 -70.51 -5.83
C28 BCR NP . -35.27 -70.05 -5.39
C29 BCR NP . -36.24 -70.20 -6.56
C30 BCR NP . -35.80 -69.46 -7.81
C35 BCR NP . -26.36 -72.33 -18.78
C36 BCR NP . -29.35 -66.98 -15.32
C37 BCR NP . -32.98 -66.43 -11.17
C38 BCR NP . -32.11 -69.01 -6.79
C39 BCR NP . -36.58 -68.17 -7.97
C40 BCR NP . -36.09 -70.36 -9.00
O1 LHG OP . -61.83 -47.26 -15.05
C1 LHG OP . -61.25 -47.63 -13.80
C2 LHG OP . -59.76 -47.84 -14.02
O2 LHG OP . -59.59 -48.35 -15.35
C3 LHG OP . -59.28 -48.85 -13.00
O3 LHG OP . -57.85 -48.88 -12.95
P LHG OP . -57.25 -49.97 -11.96
O4 LHG OP . -58.25 -50.12 -10.86
O5 LHG OP . -56.79 -51.17 -12.74
O6 LHG OP . -55.97 -49.28 -11.32
C4 LHG OP . -55.95 -49.35 -9.90
C5 LHG OP . -54.54 -49.28 -9.36
C6 LHG OP . -53.61 -50.11 -10.20
O7 LHG OP . -54.07 -47.94 -9.35
C7 LHG OP . -54.11 -47.40 -8.01
O9 LHG OP . -54.82 -47.94 -7.20
C8 LHG OP . -53.31 -46.19 -7.62
C9 LHG OP . -53.66 -45.86 -6.18
C10 LHG OP . -53.40 -44.40 -5.84
O8 LHG OP . -52.55 -50.49 -9.35
C23 LHG OP . -51.19 -50.33 -9.81
O10 LHG OP . -51.01 -50.11 -10.99
C24 LHG OP . -50.06 -50.43 -8.83
C11 LHG OP . -54.42 -43.89 -4.83
C12 LHG OP . -54.38 -44.73 -3.56
C13 LHG OP . -55.74 -44.82 -2.90
C14 LHG OP . -55.85 -46.02 -1.96
C15 LHG OP . -57.20 -46.02 -1.25
C25 LHG OP . -49.98 -49.10 -8.10
C26 LHG OP . -49.92 -49.30 -6.60
C27 LHG OP . -50.42 -48.05 -5.89
C28 LHG OP . -49.53 -46.84 -6.18
C29 LHG OP . -50.05 -45.58 -5.49
C30 LHG OP . -49.45 -45.38 -4.10
C31 LHG OP . -48.01 -44.91 -4.17
C32 LHG OP . -47.38 -44.90 -2.79
C33 LHG OP . -45.89 -44.59 -2.86
C1 LMG PP . -27.23 -46.71 -22.52
O1 LMG PP . -26.78 -47.49 -21.40
C2 LMG PP . -27.88 -47.63 -23.55
O2 LMG PP . -26.90 -48.55 -24.05
C3 LMG PP . -28.40 -46.81 -24.71
O3 LMG PP . -29.15 -47.65 -25.60
C4 LMG PP . -29.27 -45.66 -24.21
O4 LMG PP . -30.49 -46.17 -23.66
C5 LMG PP . -28.56 -44.87 -23.13
O5 LMG PP . -30.53 -44.37 -21.86
C6 LMG PP . -29.46 -43.77 -22.59
O6 LMG PP . -28.17 -45.73 -22.07
C7 LMG PP . -25.46 -47.11 -21.05
C8 LMG PP . -25.23 -47.41 -19.57
C9 LMG PP . -23.94 -48.21 -19.45
O7 LMG PP . -25.10 -46.20 -18.82
C10 LMG PP . -26.25 -45.32 -18.91
O9 LMG PP . -26.30 -44.49 -19.80
C11 LMG PP . -27.35 -45.38 -17.87
C12 LMG PP . -28.10 -44.06 -17.86
C13 LMG PP . -29.25 -44.04 -18.86
C14 LMG PP . -29.78 -42.62 -19.05
C15 LMG PP . -28.68 -41.70 -19.58
C16 LMG PP . -29.24 -40.31 -19.89
O8 LMG PP . -23.60 -48.42 -18.08
C28 LMG PP . -22.29 -48.96 -17.75
O10 LMG PP . -21.40 -48.88 -18.57
C29 LMG PP . -22.06 -49.65 -16.42
C30 LMG PP . -20.79 -50.49 -16.53
C31 LMG PP . -20.84 -51.71 -15.62
C32 LMG PP . -21.58 -52.88 -16.25
C33 LMG PP . -21.81 -54.01 -15.25
C34 LMG PP . -22.92 -53.64 -14.26
C35 LMG PP . -23.14 -54.75 -13.24
C36 LMG PP . -24.27 -54.41 -12.27
C1 LMG QP . -22.09 -60.57 4.40
O1 LMG QP . -23.10 -60.47 3.38
C2 LMG QP . -22.64 -60.30 5.79
O2 LMG QP . -22.22 -59.00 6.22
C3 LMG QP . -22.10 -61.32 6.79
O3 LMG QP . -22.77 -62.58 6.61
C4 LMG QP . -20.61 -61.54 6.59
O4 LMG QP . -20.16 -62.55 7.49
C5 LMG QP . -20.34 -61.98 5.16
O5 LMG QP . -20.66 -64.21 6.01
C6 LMG QP . -19.83 -63.42 5.15
O6 LMG QP . -21.52 -61.89 4.36
C7 LMG QP . -23.77 -59.21 3.41
C8 LMG QP . -23.95 -58.63 2.02
C9 LMG QP . -23.80 -59.73 0.98
O7 LMG QP . -25.22 -58.00 1.89
C10 LMG QP . -25.12 -56.61 1.44
O9 LMG QP . -24.21 -56.30 0.69
C11 LMG QP . -26.10 -55.55 1.88
C12 LMG QP . -27.53 -55.94 1.50
C13 LMG QP . -27.78 -55.83 0.01
C14 LMG QP . -27.97 -54.38 -0.42
C15 LMG QP . -28.64 -54.28 -1.79
C16 LMG QP . -29.77 -53.28 -1.76
C17 LMG QP . -29.73 -52.36 -2.96
C18 LMG QP . -30.66 -51.16 -2.79
C19 LMG QP . -30.50 -50.17 -3.93
C20 LMG QP . -31.28 -48.88 -3.67
O8 LMG QP . -25.08 -60.12 0.48
C28 LMG QP . -25.56 -59.52 -0.76
O10 LMG QP . -26.40 -58.64 -0.69
C29 LMG QP . -25.00 -59.92 -2.09
C30 LMG QP . -24.95 -58.70 -3.00
C31 LMG QP . -26.19 -58.56 -3.86
C32 LMG QP . -26.14 -57.29 -4.68
C33 LMG QP . -27.14 -57.35 -5.83
C1 BCR RP . -26.83 -82.19 -27.68
C2 BCR RP . -27.24 -82.17 -29.15
C3 BCR RP . -27.23 -80.77 -29.76
C4 BCR RP . -28.12 -79.87 -28.91
C5 BCR RP . -27.52 -79.80 -27.54
C6 BCR RP . -26.79 -80.81 -27.04
C7 BCR RP . -25.95 -80.61 -25.84
C8 BCR RP . -26.41 -80.83 -24.61
C9 BCR RP . -25.51 -80.61 -23.44
C10 BCR RP . -26.03 -80.64 -22.19
C11 BCR RP . -25.20 -80.42 -21.00
C33 BCR RP . -27.74 -78.57 -26.72
C31 BCR RP . -25.43 -82.80 -27.57
C32 BCR RP . -27.84 -83.03 -26.90
C34 BCR RP . -24.06 -80.37 -23.65
C12 BCR RP . -25.80 -80.35 -19.80
C13 BCR RP . -25.07 -80.14 -18.54
C14 BCR RP . -25.76 -79.70 -17.46
C15 BCR RP . -25.14 -79.44 -16.16
C16 BCR RP . -25.88 -78.99 -15.15
C17 BCR RP . -25.26 -78.72 -13.85
C18 BCR RP . -25.95 -78.31 -12.77
C19 BCR RP . -25.23 -78.07 -11.52
C20 BCR RP . -25.80 -77.77 -10.36
C21 BCR RP . -24.91 -77.56 -9.21
C22 BCR RP . -25.38 -77.31 -7.97
C23 BCR RP . -24.43 -77.11 -6.87
C24 BCR RP . -24.84 -77.10 -5.60
C25 BCR RP . -23.92 -76.89 -4.47
C26 BCR RP . -23.51 -75.66 -4.15
C27 BCR RP . -22.39 -75.45 -3.17
C28 BCR RP . -22.60 -76.42 -2.03
C29 BCR RP . -22.48 -77.82 -2.58
C30 BCR RP . -23.52 -78.10 -3.66
C35 BCR RP . -23.61 -80.42 -18.43
C36 BCR RP . -27.43 -78.09 -12.86
C37 BCR RP . -26.85 -77.25 -7.73
C38 BCR RP . -24.15 -74.46 -4.75
C39 BCR RP . -24.80 -78.61 -3.01
C40 BCR RP . -22.96 -79.16 -4.60
MG CLA SP . -17.09 -64.25 -26.36
CHA CLA SP . -20.35 -63.94 -25.26
CHB CLA SP . -16.11 -62.00 -24.03
CHC CLA SP . -13.87 -64.62 -27.47
CHD CLA SP . -18.20 -66.42 -28.91
NA CLA SP . -18.09 -63.16 -24.89
C1A CLA SP . -19.46 -63.16 -24.58
C2A CLA SP . -19.79 -62.20 -23.45
C3A CLA SP . -18.41 -61.57 -23.12
C4A CLA SP . -17.45 -62.29 -24.07
CMA CLA SP . -18.40 -60.09 -23.36
CAA CLA SP . -20.37 -62.88 -22.23
CBA CLA SP . -19.30 -63.62 -21.45
CGA CLA SP . -19.65 -63.68 -20.00
O1A CLA SP . -19.96 -62.76 -19.24
O2A CLA SP . -19.59 -64.94 -19.49
NB CLA SP . -15.34 -63.39 -25.90
C1B CLA SP . -15.13 -62.59 -24.84
C2B CLA SP . -13.66 -62.44 -24.60
C3B CLA SP . -13.04 -63.19 -25.57
C4B CLA SP . -14.08 -63.80 -26.40
CMB CLA SP . -13.09 -61.64 -23.53
CAB CLA SP . -11.64 -63.41 -25.78
CBB CLA SP . -10.99 -63.00 -26.87
NC CLA SP . -16.20 -65.35 -27.90
C1C CLA SP . -14.86 -65.36 -28.16
C2C CLA SP . -14.58 -66.20 -29.30
C3C CLA SP . -15.80 -66.70 -29.74
C4C CLA SP . -16.82 -66.14 -28.86
CMC CLA SP . -13.27 -66.46 -29.86
CAC CLA SP . -15.99 -67.57 -30.89
CBC CLA SP . -16.60 -68.90 -30.54
ND CLA SP . -18.81 -65.14 -26.91
C1D CLA SP . -19.14 -65.97 -28.01
C2D CLA SP . -20.57 -66.24 -27.99
C3D CLA SP . -21.08 -65.52 -26.92
C4D CLA SP . -19.95 -64.81 -26.33
CMD CLA SP . -21.24 -67.12 -28.93
CAD CLA SP . -22.26 -65.15 -26.17
OBD CLA SP . -23.40 -65.56 -26.28
CBD CLA SP . -21.83 -64.08 -25.14
CGD CLA SP . -22.51 -62.78 -25.40
O1D CLA SP . -22.59 -61.81 -24.65
O2D CLA SP . -23.07 -62.71 -26.63
CED CLA SP . -23.77 -61.50 -26.93
C1 CLA SP . -19.63 -65.05 -18.05
C2 CLA SP . -18.22 -65.16 -17.62
C3 CLA SP . -17.52 -66.30 -17.69
C4 CLA SP . -16.11 -66.36 -17.25
C5 CLA SP . -18.14 -67.56 -18.23
C6 CLA SP . -17.96 -68.75 -17.32
C7 CLA SP . -16.97 -69.77 -17.85
C8 CLA SP . -16.37 -70.61 -16.73
C9 CLA SP . -15.39 -69.77 -15.95
C10 CLA SP . -15.68 -71.85 -17.25
C11 CLA SP . -15.48 -72.88 -16.17
C12 CLA SP . -16.39 -74.08 -16.38
C13 CLA SP . -15.80 -75.35 -15.79
C14 CLA SP . -15.50 -76.38 -16.85
C15 CLA SP . -16.73 -75.96 -14.73
C16 CLA SP . -17.93 -76.69 -15.31
C17 CLA SP . -18.19 -77.99 -14.57
C18 CLA SP . -19.61 -78.52 -14.74
C19 CLA SP . -20.08 -78.42 -16.17
C20 CLA SP . -20.56 -77.80 -13.81
MG CLA TP . -4.69 -61.66 -30.28
CHA CLA TP . -6.84 -60.56 -32.74
CHB CLA TP . -2.21 -59.76 -31.61
CHC CLA TP . -2.64 -62.61 -27.70
CHD CLA TP . -7.32 -63.46 -28.83
NA CLA TP . -4.56 -60.41 -31.94
C1A CLA TP . -5.57 -60.06 -32.84
C2A CLA TP . -5.05 -59.10 -33.90
C3A CLA TP . -3.57 -58.96 -33.55
C4A CLA TP . -3.42 -59.76 -32.28
CMA CLA TP . -2.70 -59.50 -34.65
CAA CLA TP . -5.70 -57.74 -33.79
CBA CLA TP . -5.68 -57.26 -32.37
CGA CLA TP . -4.62 -56.23 -32.18
O1A CLA TP . -4.19 -55.42 -33.01
O2A CLA TP . -4.12 -56.22 -30.91
NB CLA TP . -2.81 -61.23 -29.74
C1B CLA TP . -1.95 -60.46 -30.44
C2B CLA TP . -0.63 -60.46 -29.77
C3B CLA TP . -0.75 -61.26 -28.67
C4B CLA TP . -2.13 -61.77 -28.63
CMB CLA TP . 0.51 -59.74 -30.28
CAB CLA TP . 0.22 -61.62 -27.68
CBB CLA TP . 0.89 -60.75 -26.94
NC CLA TP . -4.93 -62.88 -28.62
C1C CLA TP . -3.95 -63.14 -27.69
C2C CLA TP . -4.47 -64.00 -26.66
C3C CLA TP . -5.80 -64.23 -26.96
C4C CLA TP . -6.08 -63.51 -28.19
CMC CLA TP . -3.71 -64.48 -25.52
CAC CLA TP . -6.73 -65.02 -26.19
CBC CLA TP . -7.59 -64.12 -25.35
ND CLA TP . -6.58 -62.12 -30.74
C1D CLA TP . -7.57 -62.82 -30.01
C2D CLA TP . -8.84 -62.72 -30.72
C3D CLA TP . -8.60 -61.90 -31.79
C4D CLA TP . -7.20 -61.51 -31.73
CMD CLA TP . -10.07 -63.38 -30.33
CAD CLA TP . -9.16 -61.28 -32.97
OBD CLA TP . -10.24 -61.46 -33.48
CBD CLA TP . -8.10 -60.29 -33.51
CGD CLA TP . -7.95 -60.51 -34.97
O1D CLA TP . -8.76 -60.23 -35.86
O2D CLA TP . -6.80 -61.11 -35.33
CED CLA TP . -6.48 -61.05 -36.72
C1 CLA TP . -2.70 -56.09 -30.74
C2 CLA TP . -2.42 -56.66 -29.39
C3 CLA TP . -1.28 -56.47 -28.73
C4 CLA TP . -0.17 -55.66 -29.28
C5 CLA TP . -1.07 -57.07 -27.39
C6 CLA TP . -0.66 -56.07 -26.34
C7 CLA TP . -1.88 -55.50 -25.66
C8 CLA TP . -1.59 -55.01 -24.26
C9 CLA TP . -0.63 -53.85 -24.27
C10 CLA TP . -1.07 -56.13 -23.38
C11 CLA TP . -2.23 -56.93 -22.82
C12 CLA TP . -1.99 -57.37 -21.40
C13 CLA TP . -3.18 -58.17 -20.88
C14 CLA TP . -4.26 -57.24 -20.39
C15 CLA TP . -2.75 -59.12 -19.76
C16 CLA TP . -2.18 -58.33 -18.60
C17 CLA TP . -0.95 -58.98 -18.00
MG CLA UP . 6.06 -60.24 -24.55
CHA CLA UP . 7.12 -58.11 -27.04
CHB CLA UP . 3.10 -58.60 -24.41
CHC CLA UP . 5.04 -62.44 -22.12
CHD CLA UP . 9.23 -61.78 -24.58
NA CLA UP . 5.25 -58.65 -25.60
C1A CLA UP . 5.84 -57.89 -26.61
C2A CLA UP . 4.90 -56.82 -27.12
C3A CLA UP . 3.67 -56.96 -26.21
C4A CLA UP . 4.00 -58.17 -25.35
CMA CLA UP . 3.53 -55.74 -25.35
CAA CLA UP . 4.49 -57.20 -28.52
CBA CLA UP . 3.83 -56.05 -29.25
CGA CLA UP . 4.84 -55.30 -30.05
O1A CLA UP . 5.63 -55.72 -30.90
O2A CLA UP . 4.86 -53.97 -29.76
NB CLA UP . 4.38 -60.49 -23.48
C1B CLA UP . 3.30 -59.69 -23.55
C2B CLA UP . 2.32 -60.12 -22.53
C3B CLA UP . 2.85 -61.20 -21.88
C4B CLA UP . 4.18 -61.45 -22.48
CMB CLA UP . 1.04 -59.45 -22.33
CAB CLA UP . 2.29 -62.00 -20.83
CBB CLA UP . 2.81 -62.11 -19.61
NC CLA UP . 6.96 -61.85 -23.58
C1C CLA UP . 6.35 -62.62 -22.64
C2C CLA UP . 7.26 -63.66 -22.19
C3C CLA UP . 8.46 -63.45 -22.85
C4C CLA UP . 8.26 -62.31 -23.72
CMC CLA UP . 6.94 -64.68 -21.20
CAC CLA UP . 9.68 -64.23 -22.70
CBC CLA UP . 9.72 -65.39 -23.66
ND CLA UP . 7.78 -60.09 -25.58
C1D CLA UP . 9.03 -60.73 -25.45
C2D CLA UP . 9.98 -60.12 -26.39
C3D CLA UP . 9.28 -59.15 -27.05
C4D CLA UP . 7.93 -59.13 -26.48
CMD CLA UP . 11.36 -60.54 -26.56
CAD CLA UP . 9.33 -58.11 -28.06
OBD CLA UP . 10.22 -57.81 -28.82
CBD CLA UP . 7.97 -57.37 -28.02
CGD CLA UP . 8.20 -55.97 -27.54
O1D CLA UP . 8.82 -55.64 -26.54
O2D CLA UP . 7.65 -55.02 -28.32
CED CLA UP . 7.44 -53.74 -27.73
MG CLA VP . 12.58 -78.82 -20.83
CHA CLA VP . 14.63 -80.16 -18.42
CHB CLA VP . 13.94 -75.77 -20.29
CHC CLA VP . 10.60 -77.55 -23.32
CHD CLA VP . 11.15 -82.01 -21.33
NA CLA VP . 14.06 -78.11 -19.55
C1A CLA VP . 14.81 -78.84 -18.63
C2A CLA VP . 15.78 -77.93 -17.89
C3A CLA VP . 15.46 -76.53 -18.44
C4A CLA VP . 14.42 -76.80 -19.52
CMA CLA VP . 14.92 -75.63 -17.36
CAA CLA VP . 17.22 -78.29 -18.24
CBA CLA VP . 17.39 -78.38 -19.74
CGA CLA VP . 18.67 -79.09 -20.04
O1A CLA VP . 19.56 -79.45 -19.26
O2A CLA VP . 18.81 -79.34 -21.37
NB CLA VP . 12.24 -77.00 -21.58
C1B CLA VP . 13.00 -75.91 -21.31
C2B CLA VP . 12.71 -74.84 -22.29
C3B CLA VP . 11.76 -75.33 -23.14
C4B CLA VP . 11.46 -76.71 -22.70
CMB CLA VP . 13.36 -73.55 -22.27
CAB CLA VP . 11.16 -74.71 -24.27
CBB CLA VP . 11.84 -74.25 -25.32
NC CLA VP . 11.13 -79.64 -22.08
C1C CLA VP . 10.45 -78.94 -23.03
C2C CLA VP . 9.53 -79.81 -23.72
C3C CLA VP . 9.69 -81.07 -23.17
C4C CLA VP . 10.70 -80.96 -22.14
CMC CLA VP . 8.65 -79.39 -24.80
CAC CLA VP . 8.96 -82.27 -23.54
CBC CLA VP . 9.77 -83.06 -24.54
ND CLA VP . 12.85 -80.69 -20.15
C1D CLA VP . 12.15 -81.91 -20.39
C2D CLA VP . 12.69 -82.95 -19.51
C3D CLA VP . 13.66 -82.34 -18.74
C4D CLA VP . 13.69 -80.93 -19.17
CMD CLA VP . 12.25 -84.33 -19.49
CAD CLA VP . 14.65 -82.50 -17.71
OBD CLA VP . 15.01 -83.51 -17.13
CBD CLA VP . 15.25 -81.09 -17.43
CGD CLA VP . 14.88 -80.59 -16.09
O1D CLA VP . 13.75 -80.28 -15.70
O2D CLA VP . 15.92 -80.43 -15.24
CED CLA VP . 15.81 -79.35 -14.32
C1 CLA VP . 20.05 -78.94 -21.99
MG CLA WP . 19.01 -73.00 -22.62
CHA CLA WP . 21.53 -74.68 -24.28
CHB CLA WP . 18.10 -71.49 -25.52
CHC CLA WP . 16.37 -71.56 -20.97
CHD CLA WP . 19.95 -74.64 -19.64
NA CLA WP . 19.76 -73.05 -24.56
C1A CLA WP . 20.81 -73.82 -25.06
C2A CLA WP . 21.02 -73.57 -26.55
C3A CLA WP . 20.02 -72.44 -26.85
C4A CLA WP . 19.22 -72.30 -25.56
CMA CLA WP . 20.74 -71.17 -27.20
CAA CLA WP . 20.64 -74.80 -27.33
CBA CLA WP . 20.91 -74.62 -28.81
NB CLA WP . 17.56 -71.71 -23.13
C1B CLA WP . 17.30 -71.29 -24.39
C2B CLA WP . 16.01 -70.56 -24.43
C3B CLA WP . 15.51 -70.57 -23.15
C4B CLA WP . 16.49 -71.32 -22.30
CMB CLA WP . 15.45 -69.98 -25.64
CAB CLA WP . 14.30 -70.02 -22.64
CBB CLA WP . 14.22 -68.91 -21.91
NC CLA WP . 18.33 -73.06 -20.65
C1C CLA WP . 17.23 -72.38 -20.20
C2C CLA WP . 17.05 -72.64 -18.78
C3C CLA WP . 18.05 -73.53 -18.42
C4C CLA WP . 18.85 -73.78 -19.60
CMC CLA WP . 15.99 -72.09 -17.95
CAC CLA WP . 18.29 -74.10 -17.08
CBC CLA WP . 19.29 -73.28 -16.33
ND CLA WP . 20.42 -74.31 -22.02
C1D CLA WP . 20.68 -74.91 -20.77
C2D CLA WP . 21.84 -75.81 -20.92
C3D CLA WP . 22.19 -75.77 -22.25
C4D CLA WP . 21.27 -74.82 -22.89
CMD CLA WP . 22.43 -76.60 -19.84
CAD CLA WP . 23.11 -76.24 -23.25
OBD CLA WP . 24.05 -76.99 -23.12
CBD CLA WP . 22.68 -75.58 -24.59
CGD CLA WP . 23.79 -74.79 -25.21
O1D CLA WP . 24.64 -75.16 -26.03
O2D CLA WP . 23.81 -73.51 -24.78
CED CLA WP . 24.76 -73.18 -23.76
MG CHL XP . 14.88 -68.92 -14.53
CHA CHL XP . 15.49 -69.21 -11.09
CHB CHL XP . 11.67 -68.45 -13.84
CHC CHL XP . 14.45 -67.88 -17.81
CHD CHL XP . 18.16 -70.11 -15.29
NA CHL XP . 13.82 -68.69 -12.87
C1A CHL XP . 14.21 -68.73 -11.66
C2A CHL XP . 13.21 -68.26 -10.64
C3A CHL XP . 11.99 -68.06 -11.49
C4A CHL XP . 12.52 -68.42 -12.83
CMA CHL XP . 10.92 -69.05 -11.09
CAA CHL XP . 13.63 -66.97 -9.96
CBA CHL XP . 14.37 -66.04 -10.91
CGA CHL XP . 13.65 -64.72 -11.03
O1A CHL XP . 13.64 -63.93 -10.10
O2A CHL XP . 12.98 -64.40 -12.27
NB CHL XP . 13.30 -68.26 -15.65
C1B CHL XP . 12.02 -68.11 -15.22
C2B CHL XP . 11.04 -67.62 -16.23
C3B CHL XP . 11.91 -67.46 -17.39
C4B CHL XP . 13.26 -67.87 -16.95
CMB CHL XP . 9.57 -67.34 -16.11
CAB CHL XP . 11.46 -66.99 -18.71
CBB CHL XP . 12.25 -66.27 -19.48
NC CHL XP . 16.06 -68.99 -16.21
C1C CHL XP . 15.71 -68.51 -17.42
C2C CHL XP . 16.80 -68.70 -18.39
C3C CHL XP . 17.89 -69.36 -17.68
C4C CHL XP . 17.32 -69.48 -16.32
CMC CHL XP . 16.82 -68.33 -19.82
OMC CHL XP . 16.27 -67.31 -20.18
CAC CHL XP . 19.23 -69.80 -18.20
CBC CHL XP . 20.13 -68.60 -18.19
ND CHL XP . 16.55 -69.56 -13.53
C1D CHL XP . 17.77 -69.98 -13.88
C2D CHL XP . 18.53 -70.29 -12.66
C3D CHL XP . 17.61 -69.97 -11.56
C4D CHL XP . 16.44 -69.54 -12.16
CMD CHL XP . 19.91 -70.79 -12.31
CAD CHL XP . 17.44 -69.95 -10.10
OBD CHL XP . 18.45 -70.30 -9.40
CBD CHL XP . 16.08 -69.45 -9.77
CGD CHL XP . 15.19 -70.43 -9.08
O1D CHL XP . 14.80 -71.38 -9.72
O2D CHL XP . 14.69 -70.32 -7.71
CED CHL XP . 13.52 -71.03 -7.29
C1 CHL XP . 13.35 -63.23 -12.98
C2 CHL XP . 13.58 -63.57 -14.44
C3 CHL XP . 12.54 -63.69 -15.26
C4 CHL XP . 11.15 -63.48 -14.74
C5 CHL XP . 12.75 -64.01 -16.72
C6 CHL XP . 12.51 -62.76 -17.54
C7 CHL XP . 11.22 -62.88 -18.35
MG CLA YP . 14.08 -69.12 -38.07
CHA CLA YP . 11.52 -69.77 -35.86
CHB CLA YP . 16.19 -71.01 -36.22
CHC CLA YP . 16.58 -68.45 -40.33
CHD CLA YP . 11.84 -67.24 -40.04
NA CLA YP . 13.85 -70.20 -36.31
C1A CLA YP . 12.71 -70.35 -35.53
C2A CLA YP . 13.00 -71.25 -34.34
C3A CLA YP . 14.48 -71.63 -34.51
C4A CLA YP . 14.89 -70.90 -35.76
CMA CLA YP . 15.31 -71.16 -33.35
CAA CLA YP . 12.14 -72.49 -34.39
CBA CLA YP . 12.68 -73.55 -35.33
CGA CLA YP . 11.58 -74.52 -35.61
O1A CLA YP . 10.39 -74.45 -35.29
O2A CLA YP . 11.97 -75.61 -36.34
NB CLA YP . 16.02 -69.60 -38.23
C1B CLA YP . 16.71 -70.39 -37.37
C2B CLA YP . 18.12 -70.49 -37.81
C3B CLA YP . 18.23 -69.78 -38.96
C4B CLA YP . 16.90 -69.20 -39.26
CMB CLA YP . 19.11 -71.29 -37.10
CAB CLA YP . 19.36 -69.57 -39.82
CBB CLA YP . 19.46 -70.08 -41.05
NC CLA YP . 14.19 -68.03 -39.84
C1C CLA YP . 15.32 -67.90 -40.60
C2C CLA YP . 15.02 -67.09 -41.77
C3C CLA YP . 13.68 -66.75 -41.69
C4C CLA YP . 13.16 -67.35 -40.47
CMC CLA YP . 15.98 -66.74 -42.80
CAC CLA YP . 12.91 -65.95 -42.62
CBC CLA YP . 12.16 -66.83 -43.59
ND CLA YP . 12.15 -68.59 -38.02
C1D CLA YP . 11.35 -67.82 -38.90
C2D CLA YP . 9.98 -67.75 -38.36
C3D CLA YP . 10.00 -68.45 -37.19
C4D CLA YP . 11.37 -68.98 -37.03
CMD CLA YP . 8.89 -67.04 -38.99
CAD CLA YP . 9.23 -68.91 -36.07
OBD CLA YP . 8.06 -68.69 -35.80
CBD CLA YP . 10.16 -69.77 -35.19
CGD CLA YP . 10.24 -69.15 -33.84
O1D CLA YP . 11.03 -68.30 -33.45
O2D CLA YP . 9.32 -69.60 -32.97
CED CLA YP . 9.79 -69.84 -31.65
C1 CLA YP . 10.94 -76.60 -36.58
C2 CLA YP . 11.02 -77.59 -35.48
C3 CLA YP . 11.21 -78.90 -35.71
C4 CLA YP . 11.34 -79.43 -37.08
C5 CLA YP . 11.29 -79.88 -34.59
MG CLA ZP . 13.31 -61.71 -29.68
CHA CLA ZP . 10.42 -60.34 -31.00
CHB CLA ZP . 15.14 -59.53 -31.49
CHC CLA ZP . 16.11 -62.89 -28.10
CHD CLA ZP . 11.32 -63.89 -27.75
NA CLA ZP . 12.84 -60.23 -31.07
C1A CLA ZP . 11.57 -59.79 -31.46
C2A CLA ZP . 11.68 -58.68 -32.51
C3A CLA ZP . 13.20 -58.63 -32.78
C4A CLA ZP . 13.79 -59.51 -31.69
CMA CLA ZP . 13.48 -59.27 -34.10
CAA CLA ZP . 11.13 -57.35 -32.03
CBA CLA ZP . 12.14 -56.54 -31.25
CGA CLA ZP . 11.52 -55.24 -30.83
O1A CLA ZP . 11.64 -54.64 -29.76
O2A CLA ZP . 10.74 -54.68 -31.79
NB CLA ZP . 15.26 -61.30 -29.78
C1B CLA ZP . 15.81 -60.32 -30.54
C2B CLA ZP . 17.26 -60.22 -30.24
C3B CLA ZP . 17.55 -61.17 -29.29
C4B CLA ZP . 16.27 -61.87 -28.99
CMB CLA ZP . 18.14 -59.27 -30.90
CAB CLA ZP . 18.78 -61.50 -28.66
CBB CLA ZP . 19.61 -60.63 -28.11
NC CLA ZP . 13.65 -63.19 -28.26
C1C CLA ZP . 14.88 -63.54 -27.79
C2C CLA ZP . 14.76 -64.60 -26.83
C3C CLA ZP . 13.40 -64.85 -26.69
C4C CLA ZP . 12.71 -63.96 -27.58
CMC CLA ZP . 15.89 -65.23 -26.15
CAC CLA ZP . 12.77 -65.85 -25.82
CBC CLA ZP . 12.68 -67.19 -26.49
ND CLA ZP . 11.35 -62.19 -29.51
C1D CLA ZP . 10.67 -63.07 -28.64
C2D CLA ZP . 9.23 -62.92 -28.86
C3D CLA ZP . 9.07 -61.91 -29.78
C4D CLA ZP . 10.43 -61.47 -30.11
CMD CLA ZP . 8.22 -63.73 -28.20
CAD CLA ZP . 8.16 -61.14 -30.59
OBD CLA ZP . 6.96 -61.29 -30.78
CBD CLA ZP . 8.97 -60.03 -31.26
CGD CLA ZP . 8.71 -59.95 -32.73
O1D CLA ZP . 9.27 -60.55 -33.65
O2D CLA ZP . 7.72 -59.07 -33.04
CED CLA ZP . 7.10 -59.25 -34.31
C1 CLA ZP . 10.70 -53.24 -31.82
MG CLA AQ . 3.62 -74.72 -36.49
CHA CLA AQ . 4.61 -74.34 -39.75
CHB CLA AQ . 0.54 -75.68 -37.56
CHC CLA AQ . 2.83 -75.51 -33.27
CHD CLA AQ . 6.86 -73.83 -35.44
NA CLA AQ . 2.72 -74.89 -38.36
C1A CLA AQ . 3.32 -74.72 -39.61
C2A CLA AQ . 2.31 -74.96 -40.73
C3A CLA AQ . 0.99 -75.10 -39.98
C4A CLA AQ . 1.42 -75.25 -38.52
CMA CLA AQ . 0.18 -73.86 -40.19
CAA CLA AQ . 2.58 -76.27 -41.42
CBA CLA AQ . 3.18 -77.30 -40.50
CGA CLA AQ . 2.10 -78.16 -39.95
O1A CLA AQ . 1.12 -78.63 -40.54
O2A CLA AQ . 2.25 -78.45 -38.61
NB CLA AQ . 1.99 -75.46 -35.59
C1B CLA AQ . 0.84 -75.83 -36.20
C2B CLA AQ . -0.08 -76.40 -35.20
C3B CLA AQ . 0.55 -76.36 -34.00
C4B CLA AQ . 1.89 -75.75 -34.22
CMB CLA AQ . -1.41 -76.87 -35.54
CAB CLA AQ . 0.11 -76.76 -32.70
CBB CLA AQ . 0.01 -78.02 -32.30
NC CLA AQ . 4.63 -74.59 -34.68
C1C CLA AQ . 4.12 -74.94 -33.49
C2C CLA AQ . 5.10 -74.73 -32.43
C3C CLA AQ . 6.25 -74.28 -33.05
C4C CLA AQ . 5.94 -74.20 -34.46
CMC CLA AQ . 4.88 -74.99 -31.01
CAC CLA AQ . 7.51 -73.92 -32.41
CBC CLA AQ . 8.53 -75.04 -32.47
ND CLA AQ . 5.30 -74.00 -37.32
C1D CLA AQ . 6.59 -73.75 -36.78
C2D CLA AQ . 7.50 -73.39 -37.87
C3D CLA AQ . 6.79 -73.59 -39.02
C4D CLA AQ . 5.44 -74.01 -38.63
CMD CLA AQ . 8.88 -72.98 -37.70
CAD CLA AQ . 6.80 -73.48 -40.45
OBD CLA AQ . 7.65 -72.99 -41.17
CBD CLA AQ . 5.49 -74.14 -40.96
CGD CLA AQ . 4.84 -73.32 -42.02
O1D CLA AQ . 4.29 -72.23 -41.89
O2D CLA AQ . 4.91 -73.89 -43.23
CED CLA AQ . 4.58 -73.07 -44.35
C1 CLA AQ . 1.64 -79.69 -38.17
C2 CLA AQ . 1.82 -79.79 -36.70
C3 CLA AQ . 1.34 -80.82 -35.99
C4 CLA AQ . 0.59 -81.91 -36.64
C5 CLA AQ . 1.53 -80.92 -34.53
C6 CLA AQ . 2.00 -82.29 -34.07
C7 CLA AQ . 1.97 -82.33 -32.57
C8 CLA AQ . 3.29 -82.79 -31.98
C9 CLA AQ . 3.48 -84.24 -32.34
C10 CLA AQ . 3.31 -82.59 -30.48
C11 CLA AQ . 4.32 -83.49 -29.80
C12 CLA AQ . 5.63 -82.80 -29.52
C13 CLA AQ . 5.67 -82.23 -28.11
C14 CLA AQ . 6.98 -81.50 -27.90
C15 CLA AQ . 5.51 -83.30 -27.05
MG CLA BQ . -13.61 -75.73 -29.79
CHA CLA BQ . -11.49 -76.53 -32.41
CHB CLA BQ . -16.25 -76.60 -31.69
CHC CLA BQ . -15.65 -75.13 -27.08
CHD CLA BQ . -10.79 -74.90 -27.83
NA CLA BQ . -13.81 -76.39 -31.75
C1A CLA BQ . -12.81 -76.68 -32.68
C2A CLA BQ . -13.40 -77.15 -34.01
C3A CLA BQ . -14.91 -76.98 -33.78
C4A CLA BQ . -15.03 -76.64 -32.31
CMA CLA BQ . -15.44 -75.86 -34.64
CAA CLA BQ . -13.08 -78.60 -34.31
CBA CLA BQ . -13.11 -79.48 -33.08
CGA CLA BQ . -12.55 -80.82 -33.44
O1A CLA BQ . -12.18 -81.20 -34.55
O2A CLA BQ . -12.48 -81.68 -32.39
NB CLA BQ . -15.58 -75.81 -29.46
C1B CLA BQ . -16.48 -76.29 -30.33
C2B CLA BQ . -17.79 -76.43 -29.67
C3B CLA BQ . -17.63 -76.03 -28.37
C4B CLA BQ . -16.21 -75.61 -28.22
CMB CLA BQ . -18.99 -76.92 -30.35
CAB CLA BQ . -18.58 -75.95 -27.30
CBB CLA BQ . -18.58 -76.73 -26.22
NC CLA BQ . -13.27 -75.06 -27.85
C1C CLA BQ . -14.26 -74.85 -26.92
C2C CLA BQ . -13.68 -74.38 -25.68
C3C CLA BQ . -12.30 -74.35 -25.87
C4C CLA BQ . -12.06 -74.77 -27.24
CMC CLA BQ . -14.44 -74.05 -24.48
CAC CLA BQ . -11.28 -73.95 -24.91
CBC CLA BQ . -11.17 -72.45 -24.86
ND CLA BQ . -11.61 -75.60 -30.03
C1D CLA BQ . -10.57 -75.28 -29.12
C2D CLA BQ . -9.28 -75.49 -29.80
C3D CLA BQ . -9.57 -75.98 -31.05
C4D CLA BQ . -11.04 -76.03 -31.15
CMD CLA BQ . -7.99 -75.26 -29.17
CAD CLA BQ . -9.05 -76.47 -32.29
OBD CLA BQ . -7.90 -76.66 -32.63
CBD CLA BQ . -10.25 -76.84 -33.20
CGD CLA BQ . -10.13 -76.07 -34.46
O1D CLA BQ . -9.43 -75.08 -34.63
O2D CLA BQ . -10.86 -76.53 -35.51
CED CLA BQ . -10.21 -76.50 -36.78
C1 CLA BQ . -12.08 -83.04 -32.69
MG CLA CQ . -4.70 -79.66 -28.30
CHA CLA CQ . -5.98 -80.03 -31.47
CHB CLA CQ . -1.68 -80.70 -29.39
CHC CLA CQ . -3.50 -79.32 -25.11
CHD CLA CQ . -7.91 -78.70 -27.18
NA CLA CQ . -3.96 -80.23 -30.15
C1A CLA CQ . -4.65 -80.32 -31.36
C2A CLA CQ . -3.74 -80.81 -32.48
C3A CLA CQ . -2.39 -81.00 -31.77
C4A CLA CQ . -2.67 -80.61 -30.33
CMA CLA CQ . -1.92 -82.43 -31.83
CAA CLA CQ . -3.65 -79.78 -33.58
CBA CLA CQ . -2.94 -80.33 -34.80
CGA CLA CQ . -3.61 -81.60 -35.20
O1A CLA CQ . -4.75 -81.76 -35.62
O2A CLA CQ . -2.78 -82.68 -35.09
NB CLA CQ . -2.93 -79.94 -27.42
C1B CLA CQ . -1.80 -80.38 -28.03
C2B CLA CQ . -0.69 -80.45 -27.04
C3B CLA CQ . -1.20 -80.06 -25.84
C4B CLA CQ . -2.64 -79.73 -26.06
CMB CLA CQ . 0.65 -80.90 -27.37
CAB CLA CQ . -0.56 -79.96 -24.56
CBB CLA CQ . -0.90 -80.63 -23.46
NC CLA CQ . -5.56 -79.10 -26.48
C1C CLA CQ . -4.88 -79.03 -25.31
C2C CLA CQ . -5.79 -78.62 -24.25
C3C CLA CQ . -7.03 -78.44 -24.84
C4C CLA CQ . -6.87 -78.73 -26.25
CMC CLA CQ . -5.41 -78.46 -22.85
CAC CLA CQ . -8.26 -78.03 -24.17
CBC CLA CQ . -9.04 -79.21 -23.67
ND CLA CQ . -6.53 -79.35 -29.09
C1D CLA CQ . -7.77 -78.98 -28.52
C2D CLA CQ . -8.81 -78.99 -29.55
C3D CLA CQ . -8.18 -79.38 -30.72
C4D CLA CQ . -6.76 -79.60 -30.36
CMD CLA CQ . -10.20 -78.68 -29.29
CAD CLA CQ . -8.32 -79.68 -32.11
OBD CLA CQ . -9.31 -79.68 -32.81
CBD CLA CQ . -6.93 -80.11 -32.63
CGD CLA CQ . -7.04 -81.50 -33.12
O1D CLA CQ . -6.94 -82.53 -32.45
O2D CLA CQ . -7.29 -81.60 -34.45
CED CLA CQ . -8.13 -82.66 -34.87
C1 CLA CQ . -3.37 -83.96 -34.81
C2 CLA CQ . -2.24 -84.86 -34.45
C3 CLA CQ . -2.25 -85.67 -33.38
C4 CLA CQ . -1.10 -86.54 -33.05
C5 CLA CQ . -3.44 -85.73 -32.48
C6 CLA CQ . -3.77 -87.13 -32.00
C7 CLA CQ . -4.63 -87.11 -30.75
MG CLA DQ . -6.57 -70.74 -13.03
CHA CLA DQ . -7.15 -71.65 -9.75
CHB CLA DQ . -7.56 -73.81 -14.06
CHC CLA DQ . -6.16 -69.72 -16.29
CHD CLA DQ . -5.63 -67.53 -11.93
NA CLA DQ . -7.21 -72.46 -12.04
C1A CLA DQ . -7.40 -72.63 -10.67
C2A CLA DQ . -7.88 -74.03 -10.36
C3A CLA DQ . -7.90 -74.74 -11.73
C4A CLA DQ . -7.53 -73.60 -12.70
CMA CLA DQ . -6.94 -75.90 -11.75
CAA CLA DQ . -9.30 -73.94 -9.84
CBA CLA DQ . -10.20 -73.31 -10.87
CGA CLA DQ . -10.37 -71.86 -10.57
O1A CLA DQ . -10.26 -71.28 -9.50
O2A CLA DQ . -10.65 -71.13 -11.70
NB CLA DQ . -6.72 -71.62 -14.83
C1B CLA DQ . -7.26 -72.84 -15.03
C2B CLA DQ . -7.50 -73.04 -16.47
C3B CLA DQ . -7.12 -71.90 -17.11
C4B CLA DQ . -6.61 -70.98 -16.07
CMB CLA DQ . -8.08 -74.25 -17.02
CAB CLA DQ . -7.18 -71.57 -18.50
CBB CLA DQ . -6.12 -71.47 -19.29
NC CLA DQ . -5.97 -68.96 -13.93
C1C CLA DQ . -5.86 -68.78 -15.28
C2C CLA DQ . -5.42 -67.43 -15.54
C3C CLA DQ . -5.28 -66.80 -14.32
C4C CLA DQ . -5.63 -67.77 -13.30
CMC CLA DQ . -5.20 -66.87 -16.88
CAC CLA DQ . -4.88 -65.42 -14.08
CBC CLA DQ . -6.07 -64.50 -14.08
ND CLA DQ . -6.40 -69.76 -11.28
C1D CLA DQ . -5.99 -68.44 -10.97
C2D CLA DQ . -6.03 -68.27 -9.52
C3D CLA DQ . -6.47 -69.46 -9.00
C4D CLA DQ . -6.69 -70.35 -10.14
CMD CLA DQ . -5.67 -67.05 -8.81
CAD CLA DQ . -6.80 -70.20 -7.80
OBD CLA DQ . -6.76 -69.85 -6.64
CBD CLA DQ . -7.24 -71.62 -8.25
CGD CLA DQ . -6.37 -72.65 -7.62
O1D CLA DQ . -5.17 -72.82 -7.77
O2D CLA DQ . -7.03 -73.50 -6.79
CED CLA DQ . -6.30 -74.65 -6.39
C1 CLA DQ . -9.80 -70.00 -11.95
C2 CLA DQ . -10.26 -69.40 -13.23
C3 CLA DQ . -10.01 -68.12 -13.54
C4 CLA DQ . -9.27 -67.23 -12.63
C5 CLA DQ . -10.46 -67.51 -14.82
C6 CLA DQ . -10.29 -68.45 -16.00
C7 CLA DQ . -9.95 -67.69 -17.25
C8 CLA DQ . -10.27 -68.53 -18.47
C9 CLA DQ . -9.26 -68.29 -19.57
C10 CLA DQ . -11.66 -68.19 -18.99
C11 CLA DQ . -12.04 -69.09 -20.12
C12 CLA DQ . -12.23 -70.51 -19.62
C13 CLA DQ . -12.46 -71.50 -20.75
C14 CLA DQ . -13.30 -70.91 -21.86
C15 CLA DQ . -13.11 -72.76 -20.21
C16 CLA DQ . -12.10 -73.62 -19.49
C17 CLA DQ . -10.89 -73.88 -20.34
C18 CLA DQ . -10.58 -75.37 -20.43
C19 CLA DQ . -9.38 -75.60 -21.32
C20 CLA DQ . -11.77 -76.09 -21.00
MG CLA EQ . -14.13 -76.46 -12.33
CHA CLA EQ . -14.81 -73.12 -11.74
CHB CLA EQ . -16.67 -77.31 -10.25
CHC CLA EQ . -13.54 -79.75 -13.05
CHD CLA EQ . -11.55 -75.51 -14.50
NA CLA EQ . -15.48 -75.36 -11.17
C1A CLA EQ . -15.61 -73.97 -11.07
C2A CLA EQ . -16.71 -73.59 -10.12
C3A CLA EQ . -17.08 -74.94 -9.50
C4A CLA EQ . -16.39 -75.96 -10.37
CMA CLA EQ . -16.40 -74.99 -8.18
CAA CLA EQ . -17.90 -72.95 -10.81
CBA CLA EQ . -18.17 -73.53 -12.19
CGA CLA EQ . -19.30 -72.76 -12.81
O1A CLA EQ . -20.43 -72.57 -12.36
O2A CLA EQ . -18.99 -72.22 -14.02
NB CLA EQ . -14.97 -78.21 -11.78
C1B CLA EQ . -16.03 -78.35 -10.95
C2B CLA EQ . -16.37 -79.79 -10.83
C3B CLA EQ . -15.50 -80.48 -11.62
C4B CLA EQ . -14.58 -79.48 -12.22
CMB CLA EQ . -17.45 -80.31 -10.00
CAB CLA EQ . -15.40 -81.89 -11.84
CBB CLA EQ . -15.62 -82.49 -13.01
NC CLA EQ . -12.75 -77.44 -13.52
C1C CLA EQ . -12.66 -78.80 -13.64
C2C CLA EQ . -11.58 -79.14 -14.54
C3C CLA EQ . -11.03 -77.93 -14.98
C4C CLA EQ . -11.78 -76.87 -14.32
CMC CLA EQ . -11.20 -80.50 -14.90
CAC CLA EQ . -9.91 -77.74 -15.90
CBC CLA EQ . -10.38 -77.48 -17.31
ND CLA EQ . -13.25 -74.75 -12.91
C1D CLA EQ . -12.24 -74.50 -13.86
C2D CLA EQ . -12.07 -73.05 -14.00
C3D CLA EQ . -13.01 -72.47 -13.18
C4D CLA EQ . -13.74 -73.58 -12.56
CMD CLA EQ . -11.10 -72.40 -14.86
CAD CLA EQ . -13.58 -71.25 -12.69
OBD CLA EQ . -13.26 -70.10 -12.91
CBD CLA EQ . -14.78 -71.62 -11.79
CGD CLA EQ . -14.62 -71.09 -10.42
O1D CLA EQ . -14.27 -71.71 -9.42
O2D CLA EQ . -14.89 -69.76 -10.29
CED CLA EQ . -15.21 -69.34 -8.96
C1 CLA EQ . -20.09 -71.72 -14.80
C2 CLA EQ . -20.21 -72.63 -15.97
C3 CLA EQ . -20.61 -72.25 -17.18
C4 CLA EQ . -21.02 -70.86 -17.49
C5 CLA EQ . -20.71 -73.24 -18.28
C6 CLA EQ . -19.50 -73.23 -19.21
C7 CLA EQ . -19.00 -74.63 -19.45
C8 CLA EQ . -18.17 -74.76 -20.73
C9 CLA EQ . -19.01 -75.33 -21.85
C10 CLA EQ . -16.95 -75.65 -20.52
MG CLA FQ . -8.36 -59.44 -7.84
CHA CLA FQ . -5.59 -61.33 -8.69
CHB CLA FQ . -6.41 -57.48 -5.89
CHC CLA FQ . -11.12 -57.55 -7.11
CHD CLA FQ . -10.36 -61.59 -9.78
NA CLA FQ . -6.32 -59.43 -7.39
C1A CLA FQ . -5.33 -60.29 -7.86
C2A CLA FQ . -3.97 -59.93 -7.27
C3A CLA FQ . -4.30 -58.76 -6.32
C4A CLA FQ . -5.78 -58.50 -6.55
CMA CLA FQ . -4.05 -59.14 -4.89
CAA CLA FQ . -2.98 -59.50 -8.33
CBA CLA FQ . -1.70 -58.95 -7.73
CGA CLA FQ . -0.67 -60.03 -7.50
O1A CLA FQ . -0.16 -60.79 -8.32
O2A CLA FQ . -0.27 -60.13 -6.19
NB CLA FQ . -8.71 -57.83 -6.68
C1B CLA FQ . -7.77 -57.15 -6.00
C2B CLA FQ . -8.39 -55.95 -5.37
C3B CLA FQ . -9.72 -55.97 -5.71
C4B CLA FQ . -9.94 -57.17 -6.55
CMB CLA FQ . -7.64 -55.00 -4.55
CAB CLA FQ . -10.76 -55.05 -5.38
CBB CLA FQ . -11.34 -54.21 -6.23
NC CLA FQ . -10.37 -59.55 -8.35
C1C CLA FQ . -11.32 -58.67 -7.95
C2C CLA FQ . -12.61 -59.05 -8.51
C3C CLA FQ . -12.40 -60.21 -9.24
C4C CLA FQ . -10.98 -60.52 -9.14
CMC CLA FQ . -13.86 -58.34 -8.31
CAC CLA FQ . -13.41 -60.96 -9.99
CBC CLA FQ . -13.41 -60.55 -11.44
ND CLA FQ . -8.10 -61.05 -9.01
C1D CLA FQ . -9.02 -61.86 -9.73
C2D CLA FQ . -8.28 -62.95 -10.38
C3D CLA FQ . -6.97 -62.78 -10.03
C4D CLA FQ . -6.92 -61.61 -9.15
CMD CLA FQ . -8.87 -63.96 -11.23
CAD CLA FQ . -5.64 -63.30 -10.15
OBD CLA FQ . -5.26 -64.27 -10.77
CBD CLA FQ . -4.72 -62.41 -9.29
CGD CLA FQ . -4.05 -63.22 -8.23
O1D CLA FQ . -4.52 -64.17 -7.62
O2D CLA FQ . -2.77 -62.86 -7.96
CED CLA FQ . -1.98 -63.84 -7.31
C1 CLA FQ . 0.83 -61.02 -5.92
C1 LUT GQ . -4.24 -77.21 -16.03
C2 LUT GQ . -3.96 -77.19 -14.54
C3 LUT GQ . -3.87 -75.81 -13.90
C4 LUT GQ . -3.04 -74.89 -14.75
C5 LUT GQ . -3.70 -74.81 -16.09
C6 LUT GQ . -4.05 -75.91 -16.74
C7 LUT GQ . -4.31 -75.83 -18.19
C8 LUT GQ . -3.30 -75.81 -19.06
C9 LUT GQ . -3.55 -75.73 -20.50
C10 LUT GQ . -2.54 -75.94 -21.36
C11 LUT GQ . -2.63 -75.92 -22.81
C12 LUT GQ . -1.49 -76.16 -23.48
C13 LUT GQ . -1.32 -76.21 -24.94
C14 LUT GQ . -0.17 -76.71 -25.41
C15 LUT GQ . 0.10 -76.84 -26.83
C16 LUT GQ . -5.69 -77.58 -16.27
C17 LUT GQ . -3.35 -78.27 -16.67
C18 LUT GQ . -4.00 -73.48 -16.66
C19 LUT GQ . -4.93 -75.43 -20.98
C20 LUT GQ . -2.35 -75.72 -25.90
O3 LUT GQ . -3.22 -75.90 -12.62
C21 LUT GQ . 6.22 -80.94 -37.40
C22 LUT GQ . 6.01 -81.13 -38.89
C23 LUT GQ . 6.54 -79.98 -39.73
C24 LUT GQ . 6.22 -78.65 -39.11
C25 LUT GQ . 6.18 -78.50 -37.79
C26 LUT GQ . 5.65 -79.61 -36.93
C27 LUT GQ . 6.02 -79.41 -35.49
C28 LUT GQ . 5.03 -79.09 -34.66
C29 LUT GQ . 5.22 -78.88 -33.22
C30 LUT GQ . 4.13 -78.61 -32.49
C31 LUT GQ . 4.12 -78.41 -31.05
C32 LUT GQ . 2.93 -78.18 -30.52
C33 LUT GQ . 2.72 -77.98 -29.08
C34 LUT GQ . 1.56 -77.46 -28.66
C35 LUT GQ . 1.29 -77.29 -27.25
C36 LUT GQ . 7.70 -81.02 -37.07
C37 LUT GQ . 5.50 -82.05 -36.66
C38 LUT GQ . 6.67 -77.23 -37.18
C39 LUT GQ . 6.56 -78.99 -32.59
C40 LUT GQ . 3.77 -78.39 -28.11
O23 LUT GQ . 5.90 -80.01 -41.00
C1 LUT HQ . 10.80 -71.68 -17.93
C2 LUT HQ . 11.45 -72.66 -16.97
C3 LUT HQ . 11.54 -74.08 -17.47
C4 LUT HQ . 10.23 -74.47 -18.10
C5 LUT HQ . 10.03 -73.58 -19.28
C6 LUT HQ . 10.19 -72.28 -19.16
C7 LUT HQ . 9.80 -71.35 -20.26
C8 LUT HQ . 8.54 -71.00 -20.46
C9 LUT HQ . 8.19 -70.07 -21.55
C10 LUT HQ . 6.94 -69.55 -21.61
C11 LUT HQ . 6.47 -68.59 -22.61
C12 LUT HQ . 5.30 -68.04 -22.34
C13 LUT HQ . 4.61 -67.02 -23.16
C14 LUT HQ . 3.49 -66.44 -22.69
C15 LUT HQ . 2.77 -65.41 -23.42
C16 LUT HQ . 11.87 -70.74 -18.42
C17 LUT HQ . 9.72 -70.91 -17.19
C18 LUT HQ . 9.64 -74.18 -20.59
C19 LUT HQ . 9.21 -69.69 -22.57
C20 LUT HQ . 5.15 -66.62 -24.49
O3 LUT HQ . 11.77 -74.95 -16.36
C21 LUT HQ . -6.38 -56.35 -25.75
C22 LUT HQ . -6.61 -55.25 -26.77
C23 LUT HQ . -7.17 -55.76 -28.08
C24 LUT HQ . -6.47 -57.02 -28.54
C25 LUT HQ . -6.02 -57.90 -27.67
C26 LUT HQ . -5.50 -57.45 -26.33
C27 LUT HQ . -5.40 -58.63 -25.41
C28 LUT HQ . -4.18 -59.06 -25.16
C29 LUT HQ . -3.86 -60.19 -24.27
C30 LUT HQ . -2.65 -60.74 -24.38
C31 LUT HQ . -2.16 -61.86 -23.57
C32 LUT HQ . -0.93 -62.30 -23.86
C33 LUT HQ . -0.27 -63.39 -23.15
C34 LUT HQ . 0.95 -63.79 -23.54
C35 LUT HQ . 1.70 -64.85 -22.87
C36 LUT HQ . -7.71 -56.91 -25.27
C37 LUT HQ . -5.70 -55.77 -24.53
C38 LUT HQ . -6.02 -59.35 -28.02
C39 LUT HQ . -4.87 -60.68 -23.30
C40 LUT HQ . -0.97 -64.05 -22.01
O23 LUT HQ . -6.93 -54.79 -29.10
C1 BCR IQ . 29.12 -67.25 -42.25
C2 BCR IQ . 29.89 -66.22 -43.07
C3 BCR IQ . 30.46 -65.12 -42.20
C4 BCR IQ . 29.31 -64.50 -41.44
C5 BCR IQ . 28.84 -65.55 -40.48
C6 BCR IQ . 28.79 -66.82 -40.84
C7 BCR IQ . 28.41 -67.84 -39.84
C8 BCR IQ . 27.15 -68.26 -39.72
C9 BCR IQ . 26.77 -69.26 -38.71
C10 BCR IQ . 25.49 -69.34 -38.34
C11 BCR IQ . 25.01 -70.28 -37.33
C33 BCR IQ . 28.46 -65.13 -39.09
C31 BCR IQ . 29.93 -68.52 -42.11
C32 BCR IQ . 27.83 -67.58 -43.00
C34 BCR IQ . 27.81 -70.17 -38.12
C12 BCR IQ . 23.81 -70.03 -36.81
C13 BCR IQ . 23.21 -70.88 -35.76
C14 BCR IQ . 22.11 -70.46 -35.12
C15 BCR IQ . 21.53 -71.30 -34.07
C16 BCR IQ . 20.44 -70.94 -33.39
C17 BCR IQ . 19.98 -71.86 -32.35
C18 BCR IQ . 18.98 -71.55 -31.53
C19 BCR IQ . 18.58 -72.52 -30.50
C20 BCR IQ . 17.38 -72.60 -29.93
C21 BCR IQ . 17.29 -73.65 -28.92
C22 BCR IQ . 16.15 -74.10 -28.37
C23 BCR IQ . 16.29 -75.17 -27.35
C24 BCR IQ . 15.30 -75.59 -26.58
C25 BCR IQ . 15.60 -76.66 -25.59
C26 BCR IQ . 16.40 -76.41 -24.59
C27 BCR IQ . 17.31 -77.47 -24.04
C28 BCR IQ . 16.40 -78.63 -23.69
C29 BCR IQ . 15.64 -79.11 -24.92
C30 BCR IQ . 14.96 -78.02 -25.75
C35 BCR IQ . 23.83 -72.19 -35.42
C36 BCR IQ . 18.30 -70.22 -31.62
C37 BCR IQ . 14.82 -73.57 -28.78
C38 BCR IQ . 16.42 -75.05 -23.95
C39 BCR IQ . 13.51 -77.90 -25.36
C40 BCR IQ . 15.06 -78.42 -27.22
O1 LHG JQ . -18.94 -71.48 -30.63
C1 LHG JQ . -19.09 -71.84 -32.00
C2 LHG JQ . -18.12 -72.97 -32.30
O2 LHG JQ . -18.12 -73.85 -31.18
C3 LHG JQ . -16.74 -72.37 -32.46
O3 LHG JQ . -16.19 -72.14 -31.17
P LHG JQ . -14.62 -71.87 -31.04
O4 LHG JQ . -13.92 -73.18 -30.88
O5 LHG JQ . -14.22 -70.95 -32.16
O6 LHG JQ . -14.55 -71.10 -29.64
C4 LHG JQ . -14.35 -71.86 -28.46
C5 LHG JQ . -13.38 -71.11 -27.57
C6 LHG JQ . -12.04 -71.18 -28.26
O7 LHG JQ . -13.78 -69.74 -27.49
C7 LHG JQ . -14.03 -69.32 -26.12
O9 LHG JQ . -13.83 -70.10 -25.21
C8 LHG JQ . -14.54 -67.94 -25.84
C9 LHG JQ . -14.99 -67.81 -24.38
C10 LHG JQ . -15.90 -66.60 -24.23
O8 LHG JQ . -11.29 -70.04 -27.85
C23 LHG JQ . -9.87 -69.96 -28.15
O10 LHG JQ . -9.33 -70.87 -28.74
C24 LHG JQ . -9.10 -68.76 -27.71
C11 LHG JQ . -16.38 -66.41 -22.80
C12 LHG JQ . -15.29 -65.82 -21.92
C13 LHG JQ . -15.72 -64.51 -21.29
C14 LHG JQ . -14.83 -64.19 -20.10
C15 LHG JQ . -15.25 -62.90 -19.40
C16 LHG JQ . -14.69 -61.68 -20.11
C17 LHG JQ . -14.75 -60.44 -19.23
C18 LHG JQ . -14.01 -59.28 -19.88
C19 LHG JQ . -14.96 -58.15 -20.29
C20 LHG JQ . -14.45 -57.38 -21.51
C21 LHG JQ . -15.49 -56.35 -21.93
C22 LHG JQ . -15.27 -55.87 -23.35
C25 LHG JQ . -8.59 -69.01 -26.30
C26 LHG JQ . -9.70 -68.87 -25.26
C27 LHG JQ . -10.05 -67.42 -25.03
C28 LHG JQ . -10.79 -67.28 -23.71
C29 LHG JQ . -10.87 -65.83 -23.27
C30 LHG JQ . -11.00 -65.72 -21.76
C31 LHG JQ . -10.81 -64.27 -21.34
C32 LHG JQ . -10.69 -64.17 -19.82
C33 LHG JQ . -9.23 -64.12 -19.38
C34 LHG JQ . -8.80 -62.68 -19.13
C35 LHG JQ . -7.80 -62.19 -20.17
C36 LHG JQ . -8.02 -60.72 -20.45
C37 LHG JQ . -9.34 -60.48 -21.18
C38 LHG JQ . -9.68 -59.01 -21.26
MG CLA KQ . 49.12 6.13 -23.42
CHA CLA KQ . 50.49 7.35 -26.33
CHB CLA KQ . 47.45 3.78 -25.21
CHC CLA KQ . 47.90 4.86 -20.50
CHD CLA KQ . 50.80 8.63 -21.62
NA CLA KQ . 48.99 5.68 -25.44
C1A CLA KQ . 49.65 6.29 -26.50
C2A CLA KQ . 49.26 5.67 -27.84
C3A CLA KQ . 48.16 4.68 -27.44
C4A CLA KQ . 48.20 4.69 -25.92
CMA CLA KQ . 46.84 5.17 -27.93
CAA CLA KQ . 50.39 4.94 -28.50
CBA CLA KQ . 51.26 4.25 -27.49
CGA CLA KQ . 52.48 3.78 -28.21
O1A CLA KQ . 52.54 3.06 -29.21
O2A CLA KQ . 53.63 4.25 -27.67
NB CLA KQ . 47.80 4.67 -22.96
C1B CLA KQ . 47.38 3.72 -23.82
C2B CLA KQ . 46.81 2.58 -23.08
C3B CLA KQ . 46.93 2.87 -21.76
C4B CLA KQ . 47.57 4.21 -21.65
CMB CLA KQ . 46.29 1.40 -23.75
CAB CLA KQ . 46.57 2.09 -20.61
NC CLA KQ . 49.32 6.66 -21.43
C1C CLA KQ . 48.73 6.00 -20.39
C2C CLA KQ . 49.09 6.64 -19.14
C3C CLA KQ . 49.91 7.70 -19.45
C4C CLA KQ . 50.05 7.71 -20.90
CMC CLA KQ . 48.65 6.20 -17.83
CAC CLA KQ . 50.53 8.64 -18.52
CBC CLA KQ . 49.81 9.97 -18.52
ND CLA KQ . 50.44 7.60 -23.79
C1D CLA KQ . 50.98 8.60 -22.98
C2D CLA KQ . 51.79 9.51 -23.82
C3D CLA KQ . 51.67 9.05 -25.10
C4D CLA KQ . 50.78 7.89 -25.04
CMD CLA KQ . 52.55 10.63 -23.31
CAD CLA KQ . 52.03 9.22 -26.48
OBD CLA KQ . 52.83 9.99 -26.97
CBD CLA KQ . 51.21 8.21 -27.31
CGD CLA KQ . 50.16 8.99 -27.99
O1D CLA KQ . 49.10 9.34 -27.49
O2D CLA KQ . 50.44 9.32 -29.27
CED CLA KQ . 49.64 10.37 -29.82
C1 CLA KQ . 54.60 3.26 -27.24
C2 CLA KQ . 54.67 3.35 -25.76
C3 CLA KQ . 55.64 4.02 -25.12
C4 CLA KQ . 56.72 4.73 -25.84
C5 CLA KQ . 55.68 4.09 -23.63
C6 CLA KQ . 57.02 3.71 -23.04
C7 CLA KQ . 56.86 2.80 -21.84
C8 CLA KQ . 56.98 3.55 -20.53
C9 CLA KQ . 58.40 4.05 -20.35
C10 CLA KQ . 56.60 2.65 -19.35
MG CLA LQ . 73.39 -4.21 -35.35
CHA CLA LQ . 73.22 -7.67 -35.57
CHB CLA LQ . 70.95 -4.25 -33.01
CHC CLA LQ . 73.76 -0.81 -35.02
CHD CLA LQ . 75.98 -4.23 -37.76
NA CLA LQ . 72.24 -5.72 -34.49
C1A CLA LQ . 72.31 -7.10 -34.70
C2A CLA LQ . 71.27 -7.84 -33.86
C3A CLA LQ . 70.47 -6.71 -33.17
C4A CLA LQ . 71.25 -5.46 -33.58
CMA CLA LQ . 69.02 -6.65 -33.57
CAA CLA LQ . 71.94 -8.70 -32.81
CBA CLA LQ . 70.93 -9.45 -31.97
CGA CLA LQ . 71.41 -9.49 -30.55
O1A CLA LQ . 71.53 -8.56 -29.75
O2A CLA LQ . 71.72 -10.76 -30.13
NB CLA LQ . 72.41 -2.78 -34.35
C1B CLA LQ . 71.63 -3.04 -33.27
C2B CLA LQ . 71.60 -1.88 -32.35
C3B CLA LQ . 72.39 -0.91 -32.92
C4B CLA LQ . 72.90 -1.46 -34.19
CMB CLA LQ . 70.84 -1.88 -31.10
CAB CLA LQ . 72.75 0.40 -32.46
CBB CLA LQ . 73.95 0.69 -31.94
NC CLA LQ . 74.61 -2.79 -36.27
C1C CLA LQ . 74.56 -1.45 -36.00
C2C CLA LQ . 75.51 -0.74 -36.85
C3C CLA LQ . 76.17 -1.72 -37.59
C4C CLA LQ . 75.60 -3.00 -37.22
CMC CLA LQ . 75.71 0.70 -36.84
CAC CLA LQ . 77.23 -1.52 -38.59
CBC CLA LQ . 76.67 -1.46 -39.99
ND CLA LQ . 74.43 -5.58 -36.41
C1D CLA LQ . 75.44 -5.45 -37.39
C2D CLA LQ . 75.82 -6.79 -37.87
C3D CLA LQ . 75.03 -7.68 -37.17
C4D CLA LQ . 74.16 -6.88 -36.29
CMD CLA LQ . 76.86 -7.04 -38.87
CAD CLA LQ . 74.71 -9.08 -36.94
OBD CLA LQ . 75.24 -10.09 -37.40
CBD CLA LQ . 73.50 -9.11 -35.96
CGD CLA LQ . 72.33 -9.80 -36.59
O1D CLA LQ . 71.38 -10.35 -36.02
O2D CLA LQ . 72.37 -9.81 -37.94
CED CLA LQ . 72.44 -11.09 -38.59
C1 CLA LQ . 72.36 -10.88 -28.84
MG CLA MQ . 67.39 5.53 -30.24
CHA CLA MQ . 66.68 5.72 -33.60
CHB CLA MQ . 64.88 7.70 -29.61
CHC CLA MQ . 68.09 5.26 -26.90
CHD CLA MQ . 70.01 3.26 -30.95
NA CLA MQ . 66.01 6.53 -31.45
C1A CLA MQ . 65.86 6.47 -32.83
C2A CLA MQ . 64.73 7.37 -33.31
C3A CLA MQ . 64.24 8.03 -32.01
C4A CLA MQ . 65.08 7.39 -30.93
CMA CLA MQ . 64.51 9.50 -32.06
CAA CLA MQ . 63.59 6.60 -33.96
CBA CLA MQ . 63.13 5.41 -33.15
CGA CLA MQ . 61.99 5.77 -32.26
O1A CLA MQ . 61.09 6.60 -32.44
O2A CLA MQ . 62.00 5.04 -31.11
NB CLA MQ . 66.63 6.32 -28.57
C1B CLA MQ . 65.60 7.20 -28.52
C2B CLA MQ . 65.34 7.57 -27.11
C3B CLA MQ . 66.23 6.89 -26.34
C4B CLA MQ . 67.07 6.08 -27.26
CMB CLA MQ . 64.30 8.51 -26.72
CAB CLA MQ . 66.45 6.88 -24.92
CBB CLA MQ . 65.52 6.98 -23.99
NC CLA MQ . 68.79 4.46 -29.14
C1C CLA MQ . 68.90 4.51 -27.78
C2C CLA MQ . 69.97 3.64 -27.35
C3C CLA MQ . 70.51 3.06 -28.48
C4C CLA MQ . 69.77 3.58 -29.61
CMC CLA MQ . 70.36 3.43 -25.96
CAC CLA MQ . 71.61 2.09 -28.53
CBC CLA MQ . 71.10 0.69 -28.37
ND CLA MQ . 68.21 4.67 -31.86
C1D CLA MQ . 69.29 3.77 -32.01
C2D CLA MQ . 69.48 3.51 -33.45
C3D CLA MQ . 68.51 4.23 -34.11
C4D CLA MQ . 67.74 4.92 -33.07
CMD CLA MQ . 70.51 2.65 -34.02
CAD CLA MQ . 67.93 4.58 -35.38
OBD CLA MQ . 68.27 4.20 -36.50
CBD CLA MQ . 66.75 5.55 -35.09
CGD CLA MQ . 66.91 6.91 -35.68
O1D CLA MQ . 66.08 7.58 -36.27
O2D CLA MQ . 68.13 7.45 -35.49
CED CLA MQ . 68.21 8.88 -35.47
C1 CLA MQ . 61.24 5.51 -29.98
C2 CLA MQ . 62.04 5.18 -28.79
C3 CLA MQ . 61.56 5.12 -27.54
C4 CLA MQ . 60.13 5.37 -27.23
C5 CLA MQ . 62.44 4.77 -26.40
C6 CLA MQ . 61.69 4.09 -25.28
C7 CLA MQ . 62.44 2.86 -24.80
C8 CLA MQ . 61.57 1.63 -24.89
C9 CLA MQ . 60.13 2.01 -24.65
C10 CLA MQ . 62.00 0.60 -23.86
C11 CLA MQ . 63.40 0.09 -24.15
C12 CLA MQ . 63.75 -1.04 -23.23
C13 CLA MQ . 65.22 -1.39 -23.37
C14 CLA MQ . 65.37 -2.55 -24.32
C15 CLA MQ . 65.83 -1.72 -22.02
MG CLA NQ . 64.13 8.13 -19.05
CHA CLA NQ . 61.90 10.38 -20.42
CHB CLA NQ . 63.45 5.96 -21.57
CHC CLA NQ . 66.28 5.92 -17.61
CHD CLA NQ . 64.61 10.34 -16.33
NA CLA NQ . 62.91 8.21 -20.73
C1A CLA NQ . 62.07 9.25 -21.14
C2A CLA NQ . 61.35 8.89 -22.44
C3A CLA NQ . 61.85 7.48 -22.74
C4A CLA NQ . 62.83 7.19 -21.62
CMA CLA NQ . 60.70 6.52 -22.65
CAA CLA NQ . 61.80 9.80 -23.56
CBA CLA NQ . 61.10 9.43 -24.84
CGA CLA NQ . 59.71 10.00 -24.81
O1A CLA NQ . 59.35 11.15 -25.02
O2A CLA NQ . 58.76 9.08 -24.47
NB CLA NQ . 64.84 6.34 -19.57
C1B CLA NQ . 64.32 5.57 -20.55
C2B CLA NQ . 64.78 4.17 -20.41
C3B CLA NQ . 65.57 4.14 -19.31
C4B CLA NQ . 65.63 5.52 -18.74
CMB CLA NQ . 64.38 3.10 -21.30
CAB CLA NQ . 66.21 3.00 -18.73
CBB CLA NQ . 67.43 3.01 -18.22
NC CLA NQ . 65.29 8.17 -17.33
C1C CLA NQ . 66.13 7.16 -16.95
C2C CLA NQ . 66.81 7.53 -15.72
C3C CLA NQ . 66.29 8.76 -15.34
C4C CLA NQ . 65.35 9.14 -16.35
CMC CLA NQ . 67.79 6.72 -15.01
CAC CLA NQ . 66.67 9.53 -14.16
CBC CLA NQ . 67.85 10.40 -14.49
ND CLA NQ . 63.47 9.94 -18.46
C1D CLA NQ . 63.72 10.72 -17.31
C2D CLA NQ . 62.90 11.93 -17.37
C3D CLA NQ . 62.20 11.86 -18.55
C4D CLA NQ . 62.58 10.61 -19.19
CMD CLA NQ . 62.87 12.95 -16.33
CAD CLA NQ . 61.22 12.49 -19.39
OBD CLA NQ . 60.59 13.53 -19.23
CBD CLA NQ . 61.01 11.57 -20.62
CGD CLA NQ . 59.58 11.15 -20.66
O1D CLA NQ . 58.63 11.73 -21.21
O2D CLA NQ . 59.36 9.99 -19.99
CED CLA NQ . 58.20 9.91 -19.17
C1 CLA NQ . 57.49 9.63 -24.08
MG CLA OQ . 79.76 13.57 -8.05
CHA CLA OQ . 80.51 13.47 -4.67
CHB CLA OQ . 76.47 13.47 -7.34
CHC CLA OQ . 79.07 13.85 -11.41
CHD CLA OQ . 83.21 13.72 -8.76
NA CLA OQ . 78.69 13.47 -6.28
C1A CLA OQ . 79.18 13.45 -4.96
C2A CLA OQ . 78.02 13.38 -3.97
C3A CLA OQ . 76.76 13.35 -4.86
C4A CLA OQ . 77.33 13.44 -6.27
CMA CLA OQ . 75.98 12.08 -4.68
CAA CLA OQ . 77.97 14.58 -3.04
CBA CLA OQ . 77.89 15.88 -3.80
CGA CLA OQ . 79.21 16.57 -3.66
O1A CLA OQ . 79.67 17.13 -2.67
O2A CLA OQ . 79.94 16.53 -4.81
NB CLA OQ . 78.09 13.71 -9.15
C1B CLA OQ . 76.83 13.54 -8.68
C2B CLA OQ . 75.87 13.45 -9.82
C3B CLA OQ . 76.61 13.56 -10.97
C4B CLA OQ . 78.03 13.72 -10.57
CMB CLA OQ . 74.44 13.28 -9.67
CAB CLA OQ . 76.18 13.52 -12.32
CBB CLA OQ . 75.61 14.55 -12.93
NC CLA OQ . 80.94 13.72 -9.75
C1C CLA OQ . 80.44 13.84 -11.03
C2C CLA OQ . 81.53 13.97 -11.97
C3C CLA OQ . 82.71 13.91 -11.23
C4C CLA OQ . 82.33 13.77 -9.83
CMC CLA OQ . 81.36 14.11 -13.41
CAC CLA OQ . 84.08 14.01 -11.74
CBC CLA OQ . 84.56 15.43 -11.67
ND CLA OQ . 81.50 13.47 -7.03
C1D CLA OQ . 82.85 13.60 -7.44
C2D CLA OQ . 83.72 13.56 -6.26
C3D CLA OQ . 82.87 13.49 -5.17
C4D CLA OQ . 81.50 13.48 -5.70
CMD CLA OQ . 85.17 13.60 -6.27
CAD CLA OQ . 82.78 13.40 -3.74
OBD CLA OQ . 83.68 13.26 -2.91
CBD CLA OQ . 81.28 13.49 -3.36
CGD CLA OQ . 80.95 12.33 -2.48
O1D CLA OQ . 80.41 12.34 -1.37
O2D CLA OQ . 81.33 11.14 -3.00
CED CLA OQ . 80.37 10.08 -2.97
C1 CLA OQ . 81.20 17.23 -4.84
C2 CLA OQ . 81.06 18.30 -5.85
C3 CLA OQ . 81.09 18.05 -7.17
C4 CLA OQ . 81.27 16.70 -7.72
C5 CLA OQ . 80.95 19.15 -8.17
MG CHL PQ . 72.69 17.61 -5.45
CHA CHL PQ . 73.95 20.70 -4.41
CHB CHL PQ . 71.37 19.15 -8.15
CHC CHL PQ . 71.82 14.48 -6.71
CHD CHL PQ . 73.86 16.08 -2.44
NA CHL PQ . 72.65 19.48 -6.16
C1A CHL PQ . 73.23 20.52 -5.68
C2A CHL PQ . 73.08 21.77 -6.50
C3A CHL PQ . 72.06 21.35 -7.51
C4A CHL PQ . 72.00 19.89 -7.27
CMA CHL PQ . 70.71 21.96 -7.18
CAA CHL PQ . 74.39 22.16 -7.17
NB CHL PQ . 71.75 16.93 -7.15
C1B CHL PQ . 71.27 17.68 -8.15
C2B CHL PQ . 70.64 16.96 -9.28
C3B CHL PQ . 70.79 15.58 -8.84
C4B CHL PQ . 71.48 15.66 -7.53
CMB CHL PQ . 70.01 17.49 -10.54
CAB CHL PQ . 70.31 14.40 -9.59
CBB CHL PQ . 70.96 13.25 -9.57
NC CHL PQ . 72.81 15.69 -4.73
C1C CHL PQ . 72.41 14.60 -5.38
C2C CHL PQ . 72.64 13.38 -4.55
C3C CHL PQ . 73.23 13.84 -3.30
C4C CHL PQ . 73.28 15.29 -3.53
CMC CHL PQ . 72.35 11.97 -4.87
OMC CHL PQ . 71.50 11.69 -5.69
CAC CHL PQ . 73.66 13.05 -2.10
CBC CHL PQ . 72.55 13.08 -1.08
ND CHL PQ . 73.68 18.13 -3.74
C1D CHL PQ . 74.11 17.50 -2.64
C2D CHL PQ . 74.79 18.46 -1.75
C3D CHL PQ . 74.72 19.72 -2.46
C4D CHL PQ . 74.04 19.46 -3.65
CMD CHL PQ . 75.48 18.44 -0.41
CAD CHL PQ . 75.09 21.15 -2.41
OBD CHL PQ . 75.71 21.66 -1.42
CBD CHL PQ . 74.59 21.75 -3.65
CGD CHL PQ . 73.54 22.73 -3.25
O1D CHL PQ . 72.36 22.51 -3.46
O2D CHL PQ . 73.94 23.96 -2.59
CED CHL PQ . 73.63 25.22 -3.17
MG CHL QQ . 69.25 7.97 -4.52
CHA CHL QQ . 69.40 5.40 -2.17
CHB CHL QQ . 69.98 5.75 -6.90
CHC CHL QQ . 68.31 10.35 -6.86
CHD CHL QQ . 69.29 10.44 -1.95
NA CHL QQ . 69.46 5.99 -4.59
C1A CHL QQ . 69.37 5.16 -3.64
C2A CHL QQ . 69.32 3.72 -4.05
C3A CHL QQ . 69.74 3.80 -5.48
C4A CHL QQ . 69.73 5.27 -5.69
CMA CHL QQ . 71.16 3.28 -5.65
CAA CHL QQ . 67.92 3.18 -3.92
CBA CHL QQ . 67.85 1.71 -4.35
CGA CHL QQ . 66.57 1.16 -3.79
O1A CHL QQ . 66.54 0.62 -2.69
O2A CHL QQ . 65.34 1.27 -4.57
NB CHL QQ . 69.15 8.03 -6.56
C1B CHL QQ . 69.49 7.04 -7.41
C2B CHL QQ . 69.33 7.33 -8.86
C3B CHL QQ . 68.83 8.70 -8.81
C4B CHL QQ . 68.75 9.04 -7.37
CMB CHL QQ . 69.60 6.47 -10.06
CAB CHL QQ . 68.48 9.54 -9.97
CBB CHL QQ . 67.41 10.30 -9.98
NC CHL QQ . 68.88 9.99 -4.42
C1C CHL QQ . 68.52 10.75 -5.47
C2C CHL QQ . 68.34 12.16 -5.05
C3C CHL QQ . 68.62 12.21 -3.62
C4C CHL QQ . 68.95 10.79 -3.34
CMC CHL QQ . 67.95 13.31 -5.87
OMC CHL QQ . 68.30 13.37 -7.02
CAC CHL QQ . 68.59 13.39 -2.69
CBC CHL QQ . 67.35 13.36 -1.83
ND CHL QQ . 69.32 8.05 -2.49
C1D CHL QQ . 69.32 9.02 -1.57
C2D CHL QQ . 69.38 8.43 -0.22
C3D CHL QQ . 69.41 6.98 -0.47
C4D CHL QQ . 69.37 6.83 -1.86
CMD CHL QQ . 69.41 8.94 1.19
CAD CHL QQ . 69.45 5.65 0.16
OBD CHL QQ . 69.51 5.45 1.42
CBD CHL QQ . 69.45 4.66 -0.92
CGD CHL QQ . 70.75 3.92 -0.80
O1D CHL QQ . 71.80 4.50 -0.95
O2D CHL QQ . 70.74 2.51 -0.47
CED CHL QQ . 71.77 1.64 -0.90
C1 CHL QQ . 64.08 0.93 -3.98
C2 CHL QQ . 63.58 2.04 -3.09
C3 CHL QQ . 62.87 3.09 -3.56
C4 CHL QQ . 62.57 3.20 -5.01
C5 CHL QQ . 62.39 4.15 -2.60
MG CLA RQ . 63.32 17.03 -16.73
CHA CLA RQ . 62.92 15.76 -19.90
CHB CLA RQ . 60.70 19.12 -17.23
CHC CLA RQ . 63.62 18.10 -13.48
CHD CLA RQ . 65.95 14.73 -16.19
NA CLA RQ . 62.06 17.40 -18.34
C1A CLA RQ . 62.05 16.76 -19.58
C2A CLA RQ . 60.95 17.34 -20.46
C3A CLA RQ . 60.32 18.46 -19.61
C4A CLA RQ . 61.07 18.34 -18.30
CMA CLA RQ . 60.53 19.81 -20.21
CAA CLA RQ . 59.92 16.26 -20.76
CBA CLA RQ . 58.72 16.25 -19.84
CGA CLA RQ . 57.65 15.49 -20.56
O1A CLA RQ . 57.53 15.30 -21.77
O2A CLA RQ . 56.69 14.95 -19.74
NB CLA RQ . 62.33 18.33 -15.56
C1B CLA RQ . 61.31 19.12 -15.97
C2B CLA RQ . 60.90 20.03 -14.86
C3B CLA RQ . 61.72 19.75 -13.81
C4B CLA RQ . 62.65 18.67 -14.24
CMB CLA RQ . 59.83 21.00 -14.99
CAB CLA RQ . 61.75 20.36 -12.51
CBB CLA RQ . 61.34 19.75 -11.40
NC CLA RQ . 64.60 16.54 -15.16
C1C CLA RQ . 64.55 17.12 -13.92
C2C CLA RQ . 65.55 16.51 -13.06
C3C CLA RQ . 66.20 15.55 -13.81
C4C CLA RQ . 65.60 15.57 -15.13
CMC CLA RQ . 65.76 16.89 -11.67
CAC CLA RQ . 67.27 14.64 -13.37
CBC CLA RQ . 68.59 15.33 -13.19
ND CLA RQ . 64.36 15.68 -17.80
C1D CLA RQ . 65.39 14.77 -17.44
C2D CLA RQ . 65.66 13.90 -18.60
C3D CLA RQ . 64.74 14.23 -19.56
C4D CLA RQ . 63.94 15.33 -19.00
CMD CLA RQ . 66.68 12.87 -18.63
CAD CLA RQ . 64.24 13.95 -20.88
OBD CLA RQ . 64.63 13.10 -21.67
CBD CLA RQ . 63.03 14.89 -21.12
CGD CLA RQ . 63.19 15.74 -22.34
O1D CLA RQ . 63.61 16.90 -22.38
O2D CLA RQ . 62.82 15.13 -23.49
CED CLA RQ . 62.52 15.97 -24.61
C1 CLA RQ . 55.68 14.17 -20.39
C2 CLA RQ . 54.59 15.10 -20.80
C3 CLA RQ . 53.51 15.28 -20.03
C4 CLA RQ . 53.31 14.57 -18.75
C5 CLA RQ . 52.43 16.22 -20.46
MG CLA SQ . 76.81 18.72 -26.60
CHA CLA SQ . 75.44 21.37 -28.34
CHB CLA SQ . 78.59 17.82 -29.34
CHC CLA SQ . 78.17 16.13 -24.80
CHD CLA SQ . 74.95 19.69 -23.76
NA CLA SQ . 76.98 19.50 -28.53
C1A CLA SQ . 76.33 20.63 -29.06
C2A CLA SQ . 76.75 20.86 -30.50
C3A CLA SQ . 77.72 19.68 -30.79
C4A CLA SQ . 77.79 18.94 -29.46
CMA CLA SQ . 77.21 18.78 -31.89
CAA CLA SQ . 77.50 22.16 -30.61
CBA CLA SQ . 78.42 22.33 -29.42
CGA CLA SQ . 79.83 21.94 -29.75
O1A CLA SQ . 80.70 22.60 -30.31
O2A CLA SQ . 80.18 20.67 -29.33
NB CLA SQ . 78.14 17.27 -26.99
C1B CLA SQ . 78.73 17.04 -28.18
C2B CLA SQ . 79.57 15.81 -28.10
C3B CLA SQ . 79.45 15.34 -26.82
C4B CLA SQ . 78.54 16.26 -26.10
CMB CLA SQ . 80.34 15.27 -29.21
CAB CLA SQ . 80.04 14.18 -26.21
CBB CLA SQ . 81.35 14.02 -26.04
NC CLA SQ . 76.59 18.05 -24.64
C1C CLA SQ . 77.26 16.98 -24.11
C2C CLA SQ . 76.89 16.80 -22.73
C3C CLA SQ . 75.97 17.80 -22.43
C4C CLA SQ . 75.80 18.59 -23.64
CMC CLA SQ . 77.41 15.75 -21.87
CAC CLA SQ . 75.31 18.05 -21.15
CBC CLA SQ . 75.99 19.17 -20.39
ND CLA SQ . 75.49 20.16 -26.10
C1D CLA SQ . 74.79 20.44 -24.90
C2D CLA SQ . 73.91 21.60 -25.12
C3D CLA SQ . 74.12 22.00 -26.43
C4D CLA SQ . 75.11 21.07 -26.99
CMD CLA SQ . 73.03 22.16 -24.11
CAD CLA SQ . 73.77 22.92 -27.47
OBD CLA SQ . 72.97 23.85 -27.44
CBD CLA SQ . 74.59 22.54 -28.73
CGD CLA SQ . 73.68 22.14 -29.84
O1D CLA SQ . 73.39 20.99 -30.18
O2D CLA SQ . 73.11 23.18 -30.50
CED CLA SQ . 72.79 22.98 -31.88
C1 CLA SQ . 81.59 20.50 -29.13
C2 CLA SQ . 81.81 19.29 -28.30
C3 CLA SQ . 83.05 18.85 -28.01
C4 CLA SQ . 84.25 19.56 -28.50
C5 CLA SQ . 83.28 17.66 -27.16
C6 CLA SQ . 83.37 18.02 -25.69
C7 CLA SQ . 84.66 17.58 -25.03
C8 CLA SQ . 84.69 17.95 -23.55
C9 CLA SQ . 85.20 19.36 -23.35
C10 CLA SQ . 85.50 16.95 -22.71
C11 CLA SQ . 85.00 16.92 -21.27
C12 CLA SQ . 85.73 15.91 -20.40
C13 CLA SQ . 84.94 15.56 -19.14
C14 CLA SQ . 84.55 16.77 -18.33
C15 CLA SQ . 85.71 14.60 -18.24
MG CLA TQ . 78.59 -5.89 -18.43
CHA CLA TQ . 79.99 -8.21 -16.28
CHB CLA TQ . 81.68 -5.21 -19.70
CHC CLA TQ . 77.13 -3.69 -20.64
CHD CLA TQ . 75.41 -6.69 -17.13
NA CLA TQ . 80.51 -6.61 -18.04
C1A CLA TQ . 80.89 -7.58 -17.12
C2A CLA TQ . 82.40 -7.82 -17.17
C3A CLA TQ . 82.89 -6.83 -18.25
C4A CLA TQ . 81.61 -6.17 -18.72
CMA CLA TQ . 83.84 -5.83 -17.68
CAA CLA TQ . 82.70 -9.24 -17.63
CBA CLA TQ . 81.93 -9.56 -18.88
CGA CLA TQ . 80.75 -10.40 -18.54
O1A CLA TQ . 80.74 -11.55 -18.10
O2A CLA TQ . 79.56 -9.76 -18.75
NB CLA TQ . 79.27 -4.70 -19.91
C1B CLA TQ . 80.58 -4.52 -20.22
C2B CLA TQ . 80.70 -3.45 -21.24
C3B CLA TQ . 79.42 -3.01 -21.52
C4B CLA TQ . 78.50 -3.81 -20.68
CMB CLA TQ . 81.98 -3.02 -21.78
CAB CLA TQ . 78.99 -2.01 -22.44
CBB CLA TQ . 78.47 -0.84 -22.08
NC CLA TQ . 76.63 -5.29 -18.79
C1C CLA TQ . 76.26 -4.39 -19.76
C2C CLA TQ . 74.81 -4.24 -19.75
C3C CLA TQ . 74.33 -5.08 -18.75
C4C CLA TQ . 75.48 -5.74 -18.16
CMC CLA TQ . 74.05 -3.37 -20.64
CAC CLA TQ . 72.92 -5.26 -18.36
CBC CLA TQ . 72.34 -6.53 -18.93
ND CLA TQ . 77.82 -7.07 -17.00
C1D CLA TQ . 76.50 -7.33 -16.57
C2D CLA TQ . 76.52 -8.33 -15.48
C3D CLA TQ . 77.83 -8.68 -15.32
C4D CLA TQ . 78.60 -7.89 -16.30
CMD CLA TQ . 75.34 -8.80 -14.76
CAD CLA TQ . 78.77 -9.48 -14.58
OBD CLA TQ . 78.58 -10.21 -13.62
CBD CLA TQ . 80.17 -9.27 -15.22
CGD CLA TQ . 81.18 -8.85 -14.20
O1D CLA TQ . 81.11 -7.91 -13.43
O2D CLA TQ . 82.29 -9.62 -14.16
CED CLA TQ . 83.49 -8.97 -13.77
C1 CLA TQ . 78.68 -10.29 -19.75
C2 CLA TQ . 78.24 -9.14 -20.58
C3 CLA TQ . 77.00 -8.96 -21.02
C4 CLA TQ . 75.90 -9.91 -20.74
C5 CLA TQ . 76.65 -7.77 -21.84
MG CLA UQ . 85.82 -10.23 -22.64
CHA CLA UQ . 82.79 -11.83 -23.03
CHB CLA UQ . 87.41 -13.21 -22.97
CHC CLA UQ . 88.80 -8.59 -22.27
CHD CLA UQ . 84.10 -7.18 -22.20
NA CLA UQ . 85.18 -12.19 -22.96
C1A CLA UQ . 83.87 -12.66 -23.09
C2A CLA UQ . 83.84 -14.17 -23.30
C3A CLA UQ . 85.31 -14.58 -23.10
C4A CLA UQ . 86.04 -13.24 -23.02
CMA CLA UQ . 85.46 -15.33 -21.80
CAA CLA UQ . 83.34 -14.53 -24.69
CBA CLA UQ . 83.96 -13.70 -25.80
CGA CLA UQ . 83.08 -13.67 -27.02
O1A CLA UQ . 83.17 -12.96 -28.03
O2A CLA UQ . 82.05 -14.57 -26.97
NB CLA UQ . 87.73 -10.82 -22.50
C1B CLA UQ . 88.18 -12.05 -22.88
C2B CLA UQ . 89.64 -12.00 -23.13
C3B CLA UQ . 90.03 -10.71 -22.94
C4B CLA UQ . 88.83 -9.93 -22.54
CMB CLA UQ . 90.43 -13.16 -23.55
CAB CLA UQ . 91.33 -10.14 -23.07
CBB CLA UQ . 92.37 -10.47 -22.30
NC CLA UQ . 86.35 -8.24 -22.30
C1C CLA UQ . 87.63 -7.80 -22.16
C2C CLA UQ . 87.63 -6.37 -21.89
C3C CLA UQ . 86.30 -5.96 -21.88
C4C CLA UQ . 85.49 -7.14 -22.12
CMC CLA UQ . 88.84 -5.58 -21.71
CAC CLA UQ . 85.79 -4.60 -21.63
CBC CLA UQ . 85.54 -3.82 -22.90
ND CLA UQ . 83.92 -9.56 -22.77
C1D CLA UQ . 83.34 -8.29 -22.51
C2D CLA UQ . 81.86 -8.42 -22.62
C3D CLA UQ . 81.60 -9.75 -22.83
C4D CLA UQ . 82.92 -10.42 -22.87
CMD CLA UQ . 80.92 -7.31 -22.50
CAD CLA UQ . 80.59 -10.75 -23.06
OBD CLA UQ . 79.38 -10.62 -23.23
CBD CLA UQ . 81.32 -12.14 -23.06
CGD CLA UQ . 80.97 -12.98 -21.86
O1D CLA UQ . 81.26 -12.73 -20.69
O2D CLA UQ . 80.29 -14.13 -22.14
CED CLA UQ . 80.22 -15.11 -21.11
C1 LUT VQ . 83.77 -0.44 -18.20
C2 LUT VQ . 83.84 -1.56 -17.17
C3 LUT VQ . 82.52 -2.10 -16.64
C4 LUT VQ . 81.55 -0.97 -16.44
C5 LUT VQ . 81.34 -0.29 -17.76
C6 LUT VQ . 82.37 0.00 -18.56
C7 LUT VQ . 82.19 0.77 -19.80
C8 LUT VQ . 82.09 2.09 -19.74
C9 LUT VQ . 81.92 2.93 -20.95
C10 LUT VQ . 81.73 4.25 -20.76
C11 LUT VQ . 81.57 5.27 -21.79
C12 LUT VQ . 81.45 6.52 -21.35
C13 LUT VQ . 81.32 7.70 -22.22
C14 LUT VQ . 81.09 8.89 -21.64
C15 LUT VQ . 80.95 10.13 -22.40
C16 LUT VQ . 84.41 -0.92 -19.50
C17 LUT VQ . 84.52 0.78 -17.71
C18 LUT VQ . 79.93 0.02 -18.17
C19 LUT VQ . 82.00 2.31 -22.31
C20 LUT VQ . 81.48 7.60 -23.71
O3 LUT VQ . 82.74 -2.73 -15.38
C21 LUT VQ . 81.83 22.60 -25.15
C22 LUT VQ . 81.63 23.61 -26.27
C23 LUT VQ . 80.37 24.43 -26.09
C24 LUT VQ . 79.20 23.55 -25.72
C25 LUT VQ . 79.34 22.41 -25.06
C26 LUT VQ . 80.64 21.67 -25.03
C27 LUT VQ . 80.74 20.86 -23.75
C28 LUT VQ . 80.83 19.54 -23.86
C29 LUT VQ . 80.96 18.57 -22.75
C30 LUT VQ . 80.91 17.28 -23.06
C31 LUT VQ . 81.04 16.17 -22.10
C32 LUT VQ . 81.08 14.97 -22.64
C33 LUT VQ . 81.21 13.72 -21.86
C34 LUT VQ . 81.00 12.54 -22.48
C35 LUT VQ . 81.12 11.28 -21.76
C36 LUT VQ . 82.10 23.31 -23.84
C37 LUT VQ . 83.05 21.78 -25.51
C38 LUT VQ . 78.17 21.84 -24.33
C39 LUT VQ . 81.18 19.01 -21.33
C40 LUT VQ . 81.60 13.75 -20.43
O23 LUT VQ . 80.07 25.06 -27.34
C1 LUT WQ . 73.59 8.95 -8.74
C2 LUT WQ . 74.52 8.89 -7.53
C3 LUT WQ . 76.00 9.07 -7.80
C4 LUT WQ . 76.39 8.38 -9.09
C5 LUT WQ . 75.58 8.93 -10.21
C6 LUT WQ . 74.28 9.19 -10.05
C7 LUT WQ . 73.47 9.73 -11.16
C8 LUT WQ . 72.97 8.93 -12.10
C9 LUT WQ . 72.15 9.43 -13.22
C10 LUT WQ . 71.89 8.59 -14.23
C11 LUT WQ . 71.08 8.88 -15.41
C12 LUT WQ . 71.04 7.87 -16.29
C13 LUT WQ . 70.28 7.83 -17.55
C14 LUT WQ . 70.07 6.62 -18.09
C15 LUT WQ . 69.30 6.43 -19.31
C16 LUT WQ . 72.62 10.09 -8.56
C17 LUT WQ . 72.83 7.64 -8.82
C18 LUT WQ . 76.28 9.18 -11.51
C19 LUT WQ . 71.59 10.82 -13.23
C20 LUT WQ . 69.74 9.06 -18.21
O3 LUT WQ . 76.73 8.42 -6.74
C21 LUT WQ . 63.52 -0.05 -29.09
C22 LUT WQ . 62.43 0.15 -30.13
C23 LUT WQ . 62.84 0.94 -31.37
C24 LUT WQ . 63.93 1.94 -31.11
C25 LUT WQ . 64.77 1.77 -30.10
C26 LUT WQ . 64.25 1.24 -28.80
C27 LUT WQ . 65.38 1.00 -27.82
C28 LUT WQ . 65.49 1.87 -26.82
C29 LUT WQ . 66.52 1.78 -25.77
C30 LUT WQ . 66.61 2.76 -24.88
C31 LUT WQ . 67.56 2.77 -23.77
C32 LUT WQ . 67.55 3.82 -22.96
C33 LUT WQ . 68.44 3.93 -21.80
C34 LUT WQ . 68.48 5.07 -21.12
C35 LUT WQ . 69.31 5.26 -19.93
C36 LUT WQ . 64.51 -1.11 -29.56
C37 LUT WQ . 62.86 -0.56 -27.82
C38 LUT WQ . 66.22 2.08 -30.28
C39 LUT WQ . 67.42 0.57 -25.67
C40 LUT WQ . 69.30 2.77 -21.40
O23 LUT WQ . 61.70 1.66 -31.84
MG CLA XQ . 23.66 -86.35 -49.23
CHA CLA XQ . 21.65 -86.24 -52.05
CHB CLA XQ . 24.82 -83.25 -49.95
CHC CLA XQ . 25.57 -86.49 -46.39
CHD CLA XQ . 22.46 -89.62 -48.57
NA CLA XQ . 23.28 -84.99 -50.76
C1A CLA XQ . 22.42 -85.12 -51.85
C2A CLA XQ . 22.46 -83.90 -52.75
C3A CLA XQ . 23.56 -83.04 -52.11
C4A CLA XQ . 23.92 -83.79 -50.84
CMA CLA XQ . 24.74 -82.94 -53.03
CAA CLA XQ . 21.16 -83.11 -52.78
CBA CLA XQ . 20.59 -82.96 -51.38
CGA CLA XQ . 21.03 -81.67 -50.75
O1A CLA XQ . 20.66 -80.52 -51.00
O2A CLA XQ . 21.93 -81.86 -49.76
NB CLA XQ . 25.05 -85.16 -48.41
C1B CLA XQ . 25.23 -83.86 -48.76
C2B CLA XQ . 25.95 -83.15 -47.67
C3B CLA XQ . 26.15 -84.04 -46.68
C4B CLA XQ . 25.59 -85.34 -47.12
CMB CLA XQ . 26.29 -81.74 -47.74
CAB CLA XQ . 26.78 -83.85 -45.40
CBB CLA XQ . 28.04 -84.16 -45.13
NC CLA XQ . 23.94 -87.79 -47.75
C1C CLA XQ . 24.78 -87.64 -46.68
C2C CLA XQ . 24.73 -88.84 -45.85
C3C CLA XQ . 23.86 -89.72 -46.46
C4C CLA XQ . 23.37 -89.07 -47.66
CMC CLA XQ . 25.45 -89.05 -44.61
CAC CLA XQ . 23.51 -91.05 -45.97
CBC CLA XQ . 22.38 -90.99 -44.98
ND CLA XQ . 22.27 -87.60 -49.97
C1D CLA XQ . 21.94 -88.95 -49.65
C2D CLA XQ . 20.95 -89.45 -50.63
C3D CLA XQ . 20.80 -88.44 -51.57
C4D CLA XQ . 21.67 -87.34 -51.13
CMD CLA XQ . 20.34 -90.76 -50.56
CAD CLA XQ . 20.13 -88.01 -52.77
OBD CLA XQ . 19.24 -88.56 -53.41
CBD CLA XQ . 20.75 -86.65 -53.18
CGD CLA XQ . 21.59 -86.84 -54.40
O1D CLA XQ . 21.29 -86.70 -55.58
O2D CLA XQ . 22.85 -87.24 -54.11
CED CLA XQ . 23.90 -86.48 -54.68
C1 CLA XQ . 22.15 -80.76 -48.84
C2 CLA XQ . 22.52 -81.39 -47.55
C3 CLA XQ . 22.73 -80.71 -46.41
C4 CLA XQ . 22.62 -79.24 -46.35
C5 CLA XQ . 23.08 -81.43 -45.16
C6 CLA XQ . 23.49 -80.51 -44.04
C7 CLA XQ . 23.26 -81.22 -42.71
C8 CLA XQ . 21.88 -80.93 -42.16
C9 CLA XQ . 21.55 -79.48 -42.36
C10 CLA XQ . 21.84 -81.26 -40.67
C11 CLA XQ . 21.85 -82.75 -40.40
C12 CLA XQ . 21.82 -83.02 -38.91
C13 CLA XQ . 21.73 -84.49 -38.57
C14 CLA XQ . 20.43 -85.07 -39.07
C15 CLA XQ . 21.87 -84.68 -37.06
C16 CLA XQ . 21.89 -86.14 -36.65
C17 CLA XQ . 22.20 -86.29 -35.16
C18 CLA XQ . 21.80 -87.65 -34.60
C19 CLA XQ . 20.36 -88.01 -34.91
C20 CLA XQ . 22.05 -87.67 -33.10
MG CLA YQ . 30.85 -80.48 -41.47
CHA CLA YQ . 31.00 -77.97 -43.83
CHB CLA YQ . 27.51 -80.77 -42.01
CHC CLA YQ . 30.81 -83.15 -39.31
CHD CLA YQ . 34.32 -80.10 -40.91
NA CLA YQ . 29.50 -79.50 -42.71
C1A CLA YQ . 29.76 -78.50 -43.65
C2A CLA YQ . 28.48 -78.06 -44.35
C3A CLA YQ . 27.39 -78.86 -43.62
C4A CLA YQ . 28.16 -79.79 -42.72
CMA CLA YQ . 26.54 -77.94 -42.78
CAA CLA YQ . 28.50 -78.43 -45.81
CBA CLA YQ . 27.34 -77.82 -46.54
CGA CLA YQ . 27.57 -76.35 -46.65
O1A CLA YQ . 28.14 -75.73 -47.55
O2A CLA YQ . 27.08 -75.66 -45.58
NB CLA YQ . 29.44 -81.75 -40.82
C1B CLA YQ . 28.12 -81.67 -41.11
C2B CLA YQ . 27.37 -82.69 -40.33
C3B CLA YQ . 28.29 -83.36 -39.57
C4B CLA YQ . 29.62 -82.78 -39.87
CMB CLA YQ . 25.92 -82.84 -40.42
CAB CLA YQ . 28.10 -84.42 -38.63
CBB CLA YQ . 28.21 -84.30 -37.31
NC CLA YQ . 32.30 -81.43 -40.31
C1C CLA YQ . 32.06 -82.51 -39.51
C2C CLA YQ . 33.30 -82.94 -38.87
C3C CLA YQ . 34.29 -82.07 -39.30
C4C CLA YQ . 33.67 -81.12 -40.22
CMC CLA YQ . 33.42 -84.05 -37.95
CAC CLA YQ . 35.70 -82.13 -38.92
CBC CLA YQ . 36.47 -83.01 -39.86
ND CLA YQ . 32.33 -79.25 -42.07
C1D CLA YQ . 33.73 -79.22 -41.78
C2D CLA YQ . 34.34 -78.13 -42.56
C3D CLA YQ . 33.34 -77.62 -43.37
C4D CLA YQ . 32.12 -78.38 -43.05
CMD CLA YQ . 35.74 -77.74 -42.47
CAD CLA YQ . 32.98 -76.62 -44.36
OBD CLA YQ . 33.64 -75.70 -44.82
CBD CLA YQ . 31.51 -76.90 -44.75
CGD CLA YQ . 30.69 -75.66 -44.64
O1D CLA YQ . 30.19 -75.02 -45.57
O2D CLA YQ . 30.51 -75.28 -43.35
CED CLA YQ . 29.96 -73.99 -43.09
C1 CLA YQ . 26.16 -74.58 -45.83
C2 CLA YQ . 26.63 -73.47 -44.97
C3 CLA YQ . 26.06 -73.15 -43.80
C4 CLA YQ . 26.58 -72.02 -42.98
C5 CLA YQ . 24.90 -73.91 -43.26
C6 CLA YQ . 24.77 -73.78 -41.76
C7 CLA YQ . 23.75 -74.78 -41.28
C8 CLA YQ . 23.41 -74.64 -39.80
C9 CLA YQ . 22.90 -73.24 -39.52
C10 CLA YQ . 24.64 -74.95 -38.96
C11 CLA YQ . 24.32 -75.07 -37.49
C12 CLA YQ . 25.58 -75.06 -36.64
MG CLA ZQ . 45.73 -92.79 -37.60
CHA CLA ZQ . 47.64 -93.44 -34.79
CHB CLA ZQ . 45.39 -89.58 -36.60
CHC CLA ZQ . 44.07 -92.12 -40.52
CHD CLA ZQ . 45.95 -96.16 -38.48
NA CLA ZQ . 46.42 -91.71 -35.96
C1A CLA ZQ . 47.24 -92.15 -34.92
C2A CLA ZQ . 47.53 -91.03 -33.94
C3A CLA ZQ . 46.72 -89.87 -34.50
C4A CLA ZQ . 46.14 -90.40 -35.79
CMA CLA ZQ . 45.61 -89.57 -33.55
CAA CLA ZQ . 48.98 -90.62 -34.07
CBA CLA ZQ . 49.27 -90.00 -35.44
CGA CLA ZQ . 50.53 -90.51 -36.02
O1A CLA ZQ . 51.56 -90.83 -35.30
O2A CLA ZQ . 50.61 -90.75 -37.42
NB CLA ZQ . 45.07 -91.11 -38.50
C1B CLA ZQ . 44.78 -90.00 -37.77
C2B CLA ZQ . 43.62 -89.29 -38.34
C3B CLA ZQ . 43.25 -90.00 -39.45
C4B CLA ZQ . 44.16 -91.15 -39.57
CMB CLA ZQ . 43.11 -88.06 -37.76
CAB CLA ZQ . 42.18 -89.77 -40.40
CBB CLA ZQ . 42.15 -88.75 -41.26
NC CLA ZQ . 45.16 -93.94 -39.23
C1C CLA ZQ . 44.55 -93.45 -40.34
C2C CLA ZQ . 44.40 -94.51 -41.32
C3C CLA ZQ . 44.85 -95.67 -40.72
C4C CLA ZQ . 45.34 -95.30 -39.40
CMC CLA ZQ . 43.81 -94.34 -42.65
CAC CLA ZQ . 44.91 -97.01 -41.31
CBC CLA ZQ . 46.20 -97.22 -42.06
ND CLA ZQ . 46.44 -94.47 -36.79
C1D CLA ZQ . 46.44 -95.79 -37.25
C2D CLA ZQ . 47.10 -96.63 -36.24
C3D CLA ZQ . 47.66 -95.78 -35.31
C4D CLA ZQ . 47.22 -94.44 -35.71
CMD CLA ZQ . 47.16 -98.07 -36.31
CAD CLA ZQ . 48.37 -95.65 -34.07
OBD CLA ZQ . 48.87 -96.52 -33.36
CBD CLA ZQ . 48.45 -94.13 -33.73
CGD CLA ZQ . 47.92 -93.87 -32.35
O1D CLA ZQ . 46.95 -93.18 -32.04
O2D CLA ZQ . 48.63 -94.45 -31.36
CED CLA ZQ . 47.90 -95.03 -30.28
C1 CLA ZQ . 50.75 -89.76 -38.57
C2 CLA ZQ . 51.68 -89.63 -39.84
C3 CLA ZQ . 52.94 -89.55 -40.55
C4 CLA ZQ . 54.44 -89.86 -40.57
C5 CLA ZQ . 52.84 -89.08 -41.92
C6 CLA ZQ . 53.51 -90.15 -42.72
C7 CLA ZQ . 53.57 -89.52 -44.05
C8 CLA ZQ . 52.38 -90.20 -44.63
C9 CLA ZQ . 52.76 -91.64 -44.92
C10 CLA ZQ . 52.02 -89.39 -45.84
C11 CLA ZQ . 50.64 -89.77 -46.31
C12 CLA ZQ . 50.33 -89.01 -47.58
MG CLA AR . 48.16 -85.49 -36.79
CHA CLA AR . 51.46 -85.89 -37.75
CHB CLA AR . 47.44 -84.23 -39.84
CHC CLA AR . 44.91 -85.16 -35.79
CHD CLA AR . 48.98 -86.79 -33.62
NA CLA AR . 49.31 -85.10 -38.49
C1A CLA AR . 50.67 -85.34 -38.70
C2A CLA AR . 51.11 -84.90 -40.09
C3A CLA AR . 49.83 -84.29 -40.68
C4A CLA AR . 48.77 -84.55 -39.61
CMA CLA AR . 49.99 -82.82 -40.96
CAA CLA AR . 51.54 -86.08 -40.92
CBA CLA AR . 52.14 -85.65 -42.24
CGA CLA AR . 53.53 -85.14 -41.98
O1A CLA AR . 54.12 -85.07 -40.91
O2A CLA AR . 54.17 -84.71 -43.11
NB CLA AR . 46.49 -84.77 -37.64
C1B CLA AR . 46.39 -84.40 -38.93
C2B CLA AR . 44.96 -84.15 -39.27
C3B CLA AR . 44.22 -84.39 -38.14
C4B CLA AR . 45.20 -84.80 -37.07
CMB CLA AR . 44.50 -83.72 -40.58
CAB CLA AR . 42.80 -84.27 -37.98
CBB CLA AR . 42.01 -84.86 -37.07
NC CLA AR . 47.14 -85.92 -35.03
C1C CLA AR . 45.81 -85.68 -34.83
C2C CLA AR . 45.43 -86.07 -33.47
C3C CLA AR . 46.58 -86.53 -32.86
C4C CLA AR . 47.65 -86.42 -33.84
CMC CLA AR . 44.09 -85.99 -32.90
CAC CLA AR . 46.72 -87.03 -31.49
CBC CLA AR . 47.02 -85.89 -30.54
ND CLA AR . 49.78 -86.23 -35.85
C1D CLA AR . 49.99 -86.71 -34.54
C2D CLA AR . 51.40 -87.09 -34.38
C3D CLA AR . 52.01 -86.81 -35.59
C4D CLA AR . 50.97 -86.25 -36.46
CMD CLA AR . 51.98 -87.65 -33.17
CAD CLA AR . 53.25 -86.82 -36.34
OBD CLA AR . 54.36 -87.22 -36.02
CBD CLA AR . 52.93 -86.20 -37.73
CGD CLA AR . 53.69 -84.93 -37.96
O1D CLA AR . 53.22 -83.79 -38.00
O2D CLA AR . 55.03 -85.09 -38.12
CED CLA AR . 55.85 -83.92 -38.11
C1 CLA AR . 55.35 -83.91 -42.93
C2 CLA AR . 54.91 -82.49 -42.81
C3 CLA AR . 55.01 -81.61 -43.81
C4 CLA AR . 55.56 -81.98 -45.14
C5 CLA AR . 54.55 -80.20 -43.65
C6 CLA AR . 55.58 -79.19 -44.15
C7 CLA AR . 54.95 -78.23 -45.13
MG CHL BR . 40.45 -83.98 -30.68
CHA CHL BR . 39.77 -84.34 -27.31
CHB CHL BR . 37.55 -85.45 -31.33
CHC CHL BR . 40.76 -82.79 -33.89
CHD CHL BR . 43.92 -83.47 -30.05
NA CHL BR . 38.87 -84.52 -29.60
C1A CHL BR . 38.73 -84.44 -28.34
C2A CHL BR . 37.31 -84.54 -27.86
C3A CHL BR . 36.58 -84.94 -29.13
C4A CHL BR . 37.72 -84.98 -30.10
CMA CHL BR . 35.95 -86.32 -28.99
CAA CHL BR . 36.79 -83.22 -27.32
CBA CHL BR . 37.20 -82.04 -28.20
CGA CHL BR . 37.75 -80.92 -27.35
O1A CHL BR . 37.07 -80.41 -26.48
O2A CHL BR . 39.11 -80.42 -27.56
NB CHL BR . 39.30 -84.10 -32.37
C1B CHL BR . 38.12 -84.75 -32.48
C2B CHL BR . 37.48 -84.69 -33.83
C3B CHL BR . 38.46 -83.89 -34.55
C4B CHL BR . 39.54 -83.58 -33.59
CMB CHL BR . 36.19 -85.28 -34.31
CAB CHL BR . 38.38 -83.50 -35.97
CBB CHL BR . 38.68 -84.39 -36.88
NC CHL BR . 42.03 -83.28 -31.76
C1C CHL BR . 41.95 -82.84 -33.03
C2C CHL BR . 43.28 -82.39 -33.51
C3C CHL BR . 44.20 -82.59 -32.40
C4C CHL BR . 43.31 -83.14 -31.36
CMC CHL BR . 43.64 -81.85 -34.83
OMC CHL BR . 42.82 -81.27 -35.52
CAC CHL BR . 45.69 -82.30 -32.32
CBC CHL BR . 45.87 -80.93 -31.70
ND CHL BR . 41.72 -83.90 -29.08
C1D CHL BR . 43.03 -83.70 -28.89
C2D CHL BR . 43.34 -83.76 -27.45
C3D CHL BR . 42.03 -84.02 -26.82
C4D CHL BR . 41.10 -84.09 -27.86
CMD CHL BR . 44.56 -83.63 -26.58
CAD CHL BR . 41.32 -84.23 -25.54
OBD CHL BR . 41.88 -84.23 -24.39
CBD CHL BR . 39.90 -84.43 -25.86
CGD CHL BR . 39.51 -85.81 -25.45
O1D CHL BR . 39.73 -86.75 -26.18
O2D CHL BR . 38.83 -85.98 -24.18
CED CHL BR . 37.42 -85.86 -24.13
C1 CHL BR . 39.74 -79.61 -26.58
C2 CHL BR . 41.06 -80.23 -26.16
MG CLA CR . 45.05 -82.01 -52.71
CHA CLA CR . 42.76 -84.23 -51.37
CHB CLA CR . 47.27 -82.85 -50.28
CHC CLA CR . 47.32 -79.88 -54.14
CHD CLA CR . 42.68 -81.15 -55.18
NA CLA CR . 44.99 -83.32 -51.08
C1A CLA CR . 43.95 -84.17 -50.70
C2A CLA CR . 44.33 -84.97 -49.47
C3A CLA CR . 45.72 -84.42 -49.09
C4A CLA CR . 46.05 -83.47 -50.23
CMA CLA CR . 45.69 -83.67 -47.79
CAA CLA CR . 44.42 -86.44 -49.82
CBA CLA CR . 45.17 -86.66 -51.12
CGA CLA CR . 45.48 -88.11 -51.24
O1A CLA CR . 45.79 -88.91 -50.35
O2A CLA CR . 45.40 -88.58 -52.52
NB CLA CR . 46.95 -81.49 -52.31
C1B CLA CR . 47.69 -81.92 -51.26
C2B CLA CR . 49.00 -81.24 -51.25
C3B CLA CR . 49.02 -80.41 -52.35
C4B CLA CR . 47.71 -80.54 -53.02
CMB CLA CR . 50.02 -81.49 -50.24
CAB CLA CR . 50.06 -79.51 -52.78
CBB CLA CR . 50.76 -79.62 -53.91
NC CLA CR . 45.00 -80.75 -54.35
C1C CLA CR . 46.05 -79.97 -54.77
C2C CLA CR . 45.66 -79.26 -55.98
C3C CLA CR . 44.34 -79.58 -56.25
C4C CLA CR . 43.93 -80.53 -55.22
CMC CLA CR . 46.49 -78.35 -56.76
CAC CLA CR . 43.53 -79.10 -57.36
CBC CLA CR . 43.58 -80.00 -58.56
ND CLA CR . 43.14 -82.48 -53.17
C1D CLA CR . 42.30 -82.08 -54.24
C2D CLA CR . 41.01 -82.79 -54.12
C3D CLA CR . 41.13 -83.61 -53.03
C4D CLA CR . 42.48 -83.39 -52.49
CMD CLA CR . 39.87 -82.61 -55.02
CAD CLA CR . 40.48 -84.56 -52.18
OBD CLA CR . 39.31 -84.95 -52.21
CBD CLA CR . 41.53 -85.04 -51.13
CGD CLA CR . 41.01 -84.87 -49.73
O1D CLA CR . 40.92 -83.83 -49.07
O2D CLA CR . 40.61 -86.02 -49.17
CED CLA CR . 41.21 -86.39 -47.93
C1 CLA CR . 46.03 -89.85 -52.75
C2 CLA CR . 47.49 -89.60 -52.83
C3 CLA CR . 48.17 -89.83 -53.96
C4 CLA CR . 47.48 -90.33 -55.17
C5 CLA CR . 49.63 -89.59 -54.08
C6 CLA CR . 50.16 -88.57 -53.09
C7 CLA CR . 50.03 -87.17 -53.66
C8 CLA CR . 50.63 -86.09 -52.75
C9 CLA CR . 50.27 -86.36 -51.30
C10 CLA CR . 50.18 -84.71 -53.16
C11 CLA CR . 50.61 -84.34 -54.57
C12 CLA CR . 50.18 -82.93 -54.90
C13 CLA CR . 50.19 -82.66 -56.40
C14 CLA CR . 51.60 -82.74 -56.94
C15 CLA CR . 49.56 -81.29 -56.68
C16 CLA CR . 49.59 -80.92 -58.15
C17 CLA CR . 48.22 -81.03 -58.80
C18 CLA CR . 48.09 -80.14 -60.04
C19 CLA CR . 46.70 -80.24 -60.64
C20 CLA CR . 49.14 -80.48 -61.07
MG CLA DR . 39.05 -77.45 -44.84
CHA CLA DR . 36.20 -77.51 -46.79
CHB CLA DR . 39.89 -74.45 -46.21
CHC CLA DR . 41.69 -77.28 -42.66
CHD CLA DR . 38.07 -80.52 -43.39
NA CLA DR . 38.21 -76.24 -46.32
C1A CLA DR . 36.99 -76.43 -46.99
C2A CLA DR . 36.72 -75.29 -47.97
C3A CLA DR . 38.02 -74.47 -47.91
C4A CLA DR . 38.78 -75.07 -46.73
CMA CLA DR . 38.79 -74.62 -49.20
CAA CLA DR . 35.55 -74.47 -47.49
CBA CLA DR . 35.97 -73.07 -47.14
CGA CLA DR . 34.99 -72.44 -46.21
O1A CLA DR . 34.35 -71.40 -46.38
O2A CLA DR . 34.82 -73.11 -45.04
NB CLA DR . 40.51 -76.12 -44.49
C1B CLA DR . 40.66 -74.94 -45.14
C2B CLA DR . 41.80 -74.20 -44.55
C3B CLA DR . 42.32 -74.99 -43.55
C4B CLA DR . 41.51 -76.23 -43.51
CMB CLA DR . 42.24 -72.90 -45.03
CAB CLA DR . 43.45 -74.74 -42.70
CBB CLA DR . 43.43 -74.72 -41.36
NC CLA DR . 39.78 -78.71 -43.35
C1C CLA DR . 40.89 -78.45 -42.59
C2C CLA DR . 41.10 -79.54 -41.64
C3C CLA DR . 40.06 -80.44 -41.83
C4C CLA DR . 39.24 -79.92 -42.91
CMC CLA DR . 42.17 -79.62 -40.66
CAC CLA DR . 39.85 -81.69 -41.09
CBC CLA DR . 40.74 -82.80 -41.60
ND CLA DR . 37.61 -78.83 -45.11
C1D CLA DR . 37.30 -80.02 -44.41
C2D CLA DR . 36.04 -80.57 -44.94
C3D CLA DR . 35.58 -79.66 -45.87
C4D CLA DR . 36.57 -78.58 -45.91
CMD CLA DR . 35.47 -81.83 -44.48
CAD CLA DR . 34.56 -79.33 -46.83
OBD CLA DR . 33.59 -79.97 -47.23
CBD CLA DR . 34.86 -77.91 -47.36
CGD CLA DR . 34.90 -77.91 -48.85
O1D CLA DR . 35.86 -78.21 -49.57
O2D CLA DR . 33.72 -77.54 -49.43
CED CLA DR . 33.78 -76.76 -50.62
C1 CLA DR . 34.41 -72.30 -43.91
C2 CLA DR . 34.19 -73.26 -42.81
C3 CLA DR . 34.04 -72.93 -41.52
C4 CLA DR . 34.11 -71.56 -41.00
C5 CLA DR . 33.83 -73.99 -40.50
C6 CLA DR . 32.58 -74.82 -40.69
C7 CLA DR . 32.29 -75.57 -39.42
C8 CLA DR . 31.28 -76.69 -39.59
C9 CLA DR . 30.03 -76.16 -40.24
C10 CLA DR . 30.94 -77.32 -38.26
C11 CLA DR . 30.87 -78.83 -38.35
C12 CLA DR . 30.43 -79.47 -37.06
C13 CLA DR . 31.52 -79.46 -36.00
C14 CLA DR . 32.83 -80.00 -36.54
C15 CLA DR . 31.13 -80.23 -34.74
C16 CLA DR . 31.19 -81.73 -34.96
C17 CLA DR . 31.29 -82.47 -33.62
C18 CLA DR . 31.74 -83.91 -33.79
C19 CLA DR . 30.77 -84.70 -34.63
C20 CLA DR . 31.93 -84.56 -32.45
MG CLA ER . 38.71 -91.65 -54.20
CHA CLA ER . 39.88 -90.48 -57.26
CHB CLA ER . 36.83 -93.88 -55.84
CHC CLA ER . 38.21 -93.38 -51.29
CHD CLA ER . 40.84 -89.44 -52.61
NA CLA ER . 38.28 -91.93 -56.17
C1A CLA ER . 38.92 -91.44 -57.30
C2A CLA ER . 38.30 -91.97 -58.56
C3A CLA ER . 37.08 -92.78 -58.05
C4A CLA ER . 37.33 -92.81 -56.53
CMA CLA ER . 35.78 -92.24 -58.62
CAA CLA ER . 39.26 -92.97 -59.22
CBA CLA ER . 40.22 -93.65 -58.26
CGA CLA ER . 39.84 -95.08 -58.02
O1A CLA ER . 39.40 -95.89 -58.83
O2A CLA ER . 40.00 -95.52 -56.72
NB CLA ER . 37.71 -93.31 -53.67
C1B CLA ER . 37.03 -94.13 -54.51
C2B CLA ER . 36.56 -95.36 -53.82
C3B CLA ER . 36.95 -95.22 -52.51
C4B CLA ER . 37.67 -93.92 -52.40
CMB CLA ER . 35.79 -96.41 -54.48
CAB CLA ER . 36.74 -96.06 -51.37
CBB CLA ER . 36.59 -97.39 -51.32
NC CLA ER . 39.30 -91.35 -52.25
C1C CLA ER . 38.93 -92.15 -51.23
C2C CLA ER . 39.51 -91.64 -50.02
C3C CLA ER . 40.31 -90.56 -50.37
C4C CLA ER . 40.17 -90.38 -51.81
CMC CLA ER . 39.27 -92.26 -48.74
CAC CLA ER . 41.08 -89.71 -49.46
CBC CLA ER . 42.51 -90.16 -49.30
ND CLA ER . 39.79 -90.04 -54.74
C1D CLA ER . 40.71 -89.29 -53.98
C2D CLA ER . 41.43 -88.38 -54.88
C3D CLA ER . 41.14 -88.79 -56.16
C4D CLA ER . 40.18 -89.88 -56.01
CMD CLA ER . 42.33 -87.34 -54.41
CAD CLA ER . 41.30 -88.56 -57.59
OBD CLA ER . 41.78 -87.61 -58.18
CBD CLA ER . 40.69 -89.78 -58.32
CGD CLA ER . 39.84 -89.35 -59.50
O1D CLA ER . 38.63 -89.21 -59.57
O2D CLA ER . 40.56 -89.09 -60.64
CED CLA ER . 39.83 -89.04 -61.87
C1 CLA ER . 39.89 -96.95 -56.53
C2 CLA ER . 39.85 -97.25 -55.07
C3 CLA ER . 40.20 -98.45 -54.56
C4 CLA ER . 40.66 -99.57 -55.41
C5 CLA ER . 40.15 -98.73 -53.09
C6 CLA ER . 41.47 -99.21 -52.52
C7 CLA ER . 41.32 -99.56 -51.06
C8 CLA ER . 42.62 -99.44 -50.27
C9 CLA ER . 43.82 -99.34 -51.19
C10 CLA ER . 42.80 -100.61 -49.32
C11 CLA ER . 42.32 -100.32 -47.91
C12 CLA ER . 43.36 -99.58 -47.10
C13 CLA ER . 42.79 -99.15 -45.76
C14 CLA ER . 43.84 -98.41 -44.95
C15 CLA ER . 42.26 -100.34 -44.98
MG CLA FR . 24.38 -102.94 -51.93
CHA CLA FR . 26.76 -101.87 -54.18
CHB CLA FR . 22.93 -104.80 -54.38
CHC CLA FR . 22.10 -104.06 -49.63
CHD CLA FR . 25.89 -100.94 -49.44
NA CLA FR . 24.81 -103.27 -53.95
C1A CLA FR . 25.85 -102.73 -54.70
C2A CLA FR . 25.81 -103.26 -56.14
C3A CLA FR . 24.54 -104.13 -56.18
C4A CLA FR . 24.05 -104.10 -54.73
CMA CLA FR . 23.51 -103.57 -57.12
CAA CLA FR . 27.03 -104.11 -56.44
CBA CLA FR . 27.43 -105.01 -55.29
CGA CLA FR . 28.49 -105.97 -55.76
O1A CLA FR . 28.54 -106.61 -56.81
O2A CLA FR . 29.51 -106.12 -54.86
NB CLA FR . 22.84 -104.23 -51.98
C1B CLA FR . 22.36 -104.84 -53.10
C2B CLA FR . 21.09 -105.54 -52.79
C3B CLA FR . 20.85 -105.35 -51.45
C4B CLA FR . 21.96 -104.50 -50.91
CMB CLA FR . 20.33 -106.29 -53.79
CAB CLA FR . 19.75 -105.82 -50.66
CBB CLA FR . 19.86 -106.43 -49.47
NC CLA FR . 24.07 -102.56 -49.90
C1C CLA FR . 23.08 -103.14 -49.16
C2C CLA FR . 23.18 -102.69 -47.78
C3C CLA FR . 24.24 -101.78 -47.72
C4C CLA FR . 24.79 -101.71 -49.07
CMC CLA FR . 22.29 -103.12 -46.70
CAC CLA FR . 24.74 -101.07 -46.53
CBC CLA FR . 23.79 -100.02 -46.00
ND CLA FR . 25.92 -101.66 -51.78
C1D CLA FR . 26.43 -100.88 -50.71
C2D CLA FR . 27.61 -100.14 -51.18
C3D CLA FR . 27.80 -100.49 -52.49
C4D CLA FR . 26.71 -101.43 -52.83
CMD CLA FR . 28.40 -99.24 -50.34
CAD CLA FR . 28.62 -100.35 -53.68
OBD CLA FR . 29.68 -99.78 -53.82
CBD CLA FR . 27.92 -101.15 -54.81
CGD CLA FR . 27.37 -100.24 -55.86
O1D CLA FR . 26.36 -99.55 -55.78
O2D CLA FR . 28.10 -100.20 -57.01
CED CLA FR . 27.44 -100.60 -58.20
C1 CLA FR . 29.33 -107.03 -53.75
C2 CLA FR . 30.62 -107.07 -53.01
C3 CLA FR . 30.70 -107.26 -51.68
C4 CLA FR . 29.51 -107.45 -50.82
C5 CLA FR . 32.03 -107.29 -51.00
C6 CLA FR . 32.41 -105.96 -50.37
C7 CLA FR . 33.22 -106.17 -49.11
C8 CLA FR . 34.45 -105.29 -49.03
C9 CLA FR . 35.32 -105.46 -50.25
C10 CLA FR . 35.26 -105.61 -47.77
C11 CLA FR . 34.49 -105.21 -46.53
C12 CLA FR . 34.98 -105.92 -45.28
C13 CLA FR . 34.28 -105.39 -44.03
C14 CLA FR . 35.30 -105.04 -42.97
C15 CLA FR . 33.26 -106.38 -43.49
C16 CLA FR . 32.54 -105.83 -42.27
C17 CLA FR . 31.84 -106.94 -41.50
C18 CLA FR . 30.98 -106.39 -40.37
C19 CLA FR . 30.72 -107.45 -39.32
C20 CLA FR . 29.70 -105.82 -40.92
MG CLA GR . 33.57 -101.65 -49.02
CHA CLA GR . 32.99 -102.03 -52.41
CHB CLA GR . 36.79 -100.82 -49.67
CHC CLA GR . 34.11 -101.40 -45.64
CHD CLA GR . 30.22 -102.68 -48.38
NA CLA GR . 34.66 -101.42 -50.77
C1A CLA GR . 34.25 -101.62 -52.09
C2A CLA GR . 35.38 -101.35 -53.08
C3A CLA GR . 36.54 -100.90 -52.17
C4A CLA GR . 35.98 -101.04 -50.76
CMA CLA GR . 37.74 -101.78 -52.37
CAA CLA GR . 35.05 -100.25 -54.07
CBA CLA GR . 34.97 -100.79 -55.48
CGA CLA GR . 36.32 -101.12 -55.99
O1A CLA GR . 37.12 -100.38 -56.57
O2A CLA GR . 36.68 -102.42 -55.78
NB CLA GR . 35.13 -101.11 -47.87
C1B CLA GR . 36.39 -100.93 -48.32
C2B CLA GR . 37.34 -100.90 -47.18
C3B CLA GR . 36.59 -101.06 -46.04
C4B CLA GR . 35.18 -101.19 -46.46
CMB CLA GR . 38.78 -100.73 -47.34
CAB CLA GR . 37.03 -101.12 -44.67
CBB CLA GR . 36.72 -100.25 -43.72
NC CLA GR . 32.37 -101.94 -47.34
C1C CLA GR . 32.79 -101.75 -46.05
C2C CLA GR . 31.69 -102.01 -45.13
C3C CLA GR . 30.61 -102.41 -45.90
C4C CLA GR . 31.03 -102.36 -47.29
CMC CLA GR . 31.80 -101.90 -43.67
CAC CLA GR . 29.28 -102.80 -45.44
CBC CLA GR . 29.19 -104.27 -45.16
ND CLA GR . 31.95 -102.22 -50.08
C1D CLA GR . 30.64 -102.63 -49.69
C2D CLA GR . 29.88 -102.96 -50.91
C3D CLA GR . 30.72 -102.76 -51.97
C4D CLA GR . 32.00 -102.30 -51.40
CMD CLA GR . 28.51 -103.45 -50.88
CAD CLA GR . 30.88 -102.83 -53.41
OBD CLA GR . 30.10 -103.19 -54.26
CBD CLA GR . 32.33 -102.37 -53.72
CGD CLA GR . 33.09 -103.49 -54.37
O1D CLA GR . 33.72 -104.39 -53.80
O2D CLA GR . 33.03 -103.48 -55.73
CED CLA GR . 33.05 -104.75 -56.38
C1 CLA GR . 37.46 -103.06 -56.80
C2 CLA GR . 37.39 -104.53 -56.56
C3 CLA GR . 38.27 -105.20 -55.79
C4 CLA GR . 38.15 -106.65 -55.56
C5 CLA GR . 39.39 -104.48 -55.13
C6 CLA GR . 39.42 -104.73 -53.64
C7 CLA GR . 40.67 -104.15 -53.01
MG CLA HR . 25.07 -98.00 -33.36
CHA CLA HR . 24.81 -99.36 -30.17
CHB CLA HR . 26.07 -100.99 -34.59
CHC CLA HR . 25.04 -96.66 -36.53
CHD CLA HR . 24.02 -94.90 -32.06
NA CLA HR . 25.43 -99.85 -32.48
C1A CLA HR . 25.26 -100.22 -31.14
C2A CLA HR . 25.61 -101.69 -30.95
C3A CLA HR . 26.10 -102.14 -32.35
C4A CLA HR . 25.86 -100.92 -33.23
CMA CLA HR . 27.55 -102.55 -32.36
CAA CLA HR . 24.37 -102.46 -30.59
CBA CLA HR . 23.36 -102.48 -31.73
CGA CLA HR . 22.39 -101.33 -31.56
O1A CLA HR . 22.13 -100.74 -30.52
O2A CLA HR . 21.76 -100.92 -32.71
NB CLA HR . 25.52 -98.68 -35.20
C1B CLA HR . 25.87 -99.95 -35.51
C2B CLA HR . 26.01 -100.08 -36.99
C3B CLA HR . 25.71 -98.86 -37.53
C4B CLA HR . 25.39 -97.95 -36.41
CMB CLA HR . 26.36 -101.33 -37.66
CAB CLA HR . 25.65 -98.43 -38.91
CBB CLA HR . 26.66 -98.54 -39.77
NC CLA HR . 24.64 -96.12 -34.14
C1C CLA HR . 24.69 -95.80 -35.45
C2C CLA HR . 24.29 -94.42 -35.65
C3C CLA HR . 24.03 -93.91 -34.38
C4C CLA HR . 24.25 -94.99 -33.44
CMC CLA HR . 24.20 -93.75 -36.93
CAC CLA HR . 23.57 -92.55 -34.06
CBC CLA HR . 22.06 -92.48 -34.05
ND CLA HR . 24.56 -97.24 -31.57
C1D CLA HR . 24.17 -95.93 -31.17
C2D CLA HR . 23.89 -95.93 -29.73
C3D CLA HR . 24.03 -97.23 -29.31
C4D CLA HR . 24.49 -98.00 -30.49
CMD CLA HR . 23.44 -94.76 -28.98
CAD CLA HR . 23.90 -98.14 -28.19
OBD CLA HR . 23.32 -97.92 -27.12
CBD CLA HR . 24.51 -99.51 -28.70
CGD CLA HR . 25.74 -100.03 -27.97
O1D CLA HR . 26.88 -99.57 -27.95
O2D CLA HR . 25.53 -101.17 -27.27
CED CLA HR . 25.89 -101.14 -25.90
C1 CLA HR . 21.59 -99.50 -32.82
C2 CLA HR . 20.86 -99.18 -34.06
C3 CLA HR . 20.62 -97.92 -34.43
C4 CLA HR . 21.09 -96.78 -33.62
C5 CLA HR . 19.88 -97.58 -35.68
C6 CLA HR . 20.48 -98.23 -36.91
C7 CLA HR . 20.30 -97.35 -38.13
C8 CLA HR . 21.34 -97.64 -39.21
C9 CLA HR . 22.46 -96.62 -39.15
C10 CLA HR . 20.73 -97.64 -40.61
C11 CLA HR . 21.64 -98.32 -41.62
C12 CLA HR . 21.94 -99.76 -41.25
C13 CLA HR . 21.61 -100.70 -42.40
C14 CLA HR . 20.25 -100.37 -42.99
C15 CLA HR . 21.67 -102.16 -41.95
C16 CLA HR . 23.07 -102.51 -41.47
C17 CLA HR . 24.04 -102.58 -42.62
C18 CLA HR . 25.42 -103.05 -42.16
C19 CLA HR . 26.52 -102.41 -42.99
C20 CLA HR . 25.53 -104.55 -42.27
MG CLA IR . 22.18 -107.20 -34.22
CHA CLA IR . 19.58 -105.04 -33.58
CHB CLA IR . 20.48 -109.69 -32.63
CHC CLA IR . 24.76 -109.33 -34.94
CHD CLA IR . 23.90 -104.56 -35.86
NA CLA IR . 20.31 -107.32 -33.29
C1A CLA IR . 19.38 -106.31 -33.13
C2A CLA IR . 18.13 -106.81 -32.43
C3A CLA IR . 18.49 -108.25 -32.06
C4A CLA IR . 19.85 -108.47 -32.72
CMA CLA IR . 18.63 -108.38 -30.57
CAA CLA IR . 16.95 -106.81 -33.39
CBA CLA IR . 17.30 -107.36 -34.76
CGA CLA IR . 16.37 -106.82 -35.83
O1A CLA IR . 15.82 -107.43 -36.75
O2A CLA IR . 16.15 -105.47 -35.72
NB CLA IR . 22.58 -109.12 -33.80
C1B CLA IR . 21.72 -109.98 -33.20
C2B CLA IR . 22.31 -111.35 -33.22
C3B CLA IR . 23.51 -111.26 -33.86
C4B CLA IR . 23.70 -109.83 -34.25
CMB CLA IR . 21.63 -112.51 -32.65
CAB CLA IR . 24.47 -112.28 -34.17
CBB CLA IR . 24.36 -113.12 -35.20
NC CLA IR . 23.99 -106.97 -35.21
C1C CLA IR . 24.90 -107.98 -35.39
C2C CLA IR . 26.06 -107.49 -36.13
C3C CLA IR . 25.81 -106.15 -36.39
C4C CLA IR . 24.51 -105.83 -35.82
CMC CLA IR . 27.22 -108.29 -36.49
CAC CLA IR . 26.68 -105.22 -37.12
CBC CLA IR . 27.54 -104.40 -36.18
ND CLA IR . 21.84 -105.27 -34.72
C1D CLA IR . 22.66 -104.28 -35.34
C2D CLA IR . 21.93 -102.99 -35.32
C3D CLA IR . 20.74 -103.22 -34.65
C4D CLA IR . 20.75 -104.65 -34.29
CMD CLA IR . 22.44 -101.76 -35.90
CAD CLA IR . 19.50 -102.68 -34.18
OBD CLA IR . 19.04 -101.55 -34.31
CBD CLA IR . 18.73 -103.80 -33.43
CGD CLA IR . 18.42 -103.49 -32.00
O1D CLA IR . 19.06 -103.76 -30.95
O2D CLA IR . 17.26 -102.81 -31.89
CED CLA IR . 16.40 -103.09 -30.78
C1 CLA IR . 16.06 -104.69 -36.94
C2 CLA IR . 17.41 -104.70 -37.57
C3 CLA IR . 18.06 -103.59 -37.94
C4 CLA IR . 17.50 -102.24 -37.74
C5 CLA IR . 19.40 -103.68 -38.57
C6 CLA IR . 20.21 -104.83 -38.00
C7 CLA IR . 21.19 -105.34 -39.03
C8 CLA IR . 21.92 -106.56 -38.52
C9 CLA IR . 22.93 -107.05 -39.54
C10 CLA IR . 20.93 -107.66 -38.19
C11 CLA IR . 21.63 -108.85 -37.55
C12 CLA IR . 20.76 -110.09 -37.64
C13 CLA IR . 21.60 -111.35 -37.55
C14 CLA IR . 22.82 -111.28 -38.44
C15 CLA IR . 20.77 -112.58 -37.91
C16 CLA IR . 21.38 -113.85 -37.36
C17 CLA IR . 20.54 -115.06 -37.70
C18 CLA IR . 20.47 -116.07 -36.56
C19 CLA IR . 20.06 -117.43 -37.06
C20 CLA IR . 19.49 -115.62 -35.51
MG CLA JR . 16.51 -90.75 -28.36
CHA CLA JR . 19.93 -90.39 -28.82
CHB CLA JR . 16.52 -88.11 -26.24
CHC CLA JR . 13.11 -91.12 -28.01
CHD CLA JR . 16.57 -93.57 -30.51
NA CLA JR . 18.00 -89.47 -27.67
C1A CLA JR . 19.36 -89.48 -27.98
C2A CLA JR . 20.10 -88.36 -27.26
C3A CLA JR . 19.00 -87.73 -26.37
C4A CLA JR . 17.73 -88.46 -26.79
CMA CLA JR . 19.31 -87.93 -24.91
CAA CLA JR . 20.60 -87.32 -28.25
CBA CLA JR . 21.24 -86.14 -27.56
CGA CLA JR . 22.46 -86.57 -26.81
O1A CLA JR . 22.56 -87.01 -25.66
O2A CLA JR . 23.60 -86.45 -27.56
NB CLA JR . 15.09 -89.81 -27.30
C1B CLA JR . 15.28 -88.72 -26.52
C2B CLA JR . 13.97 -88.26 -25.98
C3B CLA JR . 13.02 -89.12 -26.49
C4B CLA JR . 13.72 -90.11 -27.34
CMB CLA JR . 13.83 -87.11 -25.10
CAB CLA JR . 11.59 -89.14 -26.31
CBB CLA JR . 10.72 -88.91 -27.29
NC CLA JR . 15.11 -92.10 -29.12
C1C CLA JR . 13.77 -92.06 -28.84
C2C CLA JR . 13.10 -93.14 -29.54
C3C CLA JR . 14.07 -93.84 -30.24
C4C CLA JR . 15.34 -93.18 -29.97
CMC CLA JR . 11.66 -93.38 -29.48
CAC CLA JR . 13.87 -95.02 -31.10
CBC CLA JR . 13.63 -94.63 -32.53
ND CLA JR . 17.87 -91.75 -29.46
C1D CLA JR . 17.76 -92.90 -30.28
C2D CLA JR . 19.10 -93.24 -30.81
C3D CLA JR . 19.96 -92.30 -30.29
C4D CLA JR . 19.15 -91.41 -29.45
CMD CLA JR . 19.35 -94.35 -31.71
CAD CLA JR . 21.31 -91.82 -30.24
OBD CLA JR . 22.31 -92.24 -30.82
CBD CLA JR . 21.35 -90.62 -29.25
CGD CLA JR . 22.21 -90.99 -28.09
O1D CLA JR . 22.41 -92.12 -27.63
O2D CLA JR . 22.82 -89.93 -27.49
CED CLA JR . 23.46 -90.17 -26.24
C1 CLA JR . 24.86 -86.60 -26.88
C1 LUT KR . 31.27 -101.84 -36.80
C2 LUT KR . 31.18 -102.11 -35.30
C3 LUT KR . 30.41 -101.13 -34.44
C4 LUT KR . 30.57 -99.72 -34.95
C5 LUT KR . 30.12 -99.70 -36.37
C6 LUT KR . 30.57 -100.59 -37.24
C7 LUT KR . 30.37 -100.37 -38.69
C8 LUT KR . 31.25 -99.61 -39.34
C9 LUT KR . 31.15 -99.31 -40.79
C10 LUT KR . 32.22 -98.79 -41.39
C11 LUT KR . 32.26 -98.44 -42.80
C12 LUT KR . 33.45 -98.03 -43.23
C13 LUT KR . 33.78 -97.67 -44.61
C14 LUT KR . 35.07 -97.62 -44.92
C15 LUT KR . 35.56 -97.28 -46.25
C16 LUT KR . 30.66 -102.98 -37.60
C17 LUT KR . 32.75 -101.73 -37.16
C18 LUT KR . 29.16 -98.63 -36.79
C19 LUT KR . 29.90 -99.57 -41.57
C20 LUT KR . 32.73 -97.36 -45.62
O3 LUT KR . 30.97 -101.17 -33.13
C21 LUT KR . 44.66 -95.31 -55.07
C22 LUT KR . 44.76 -95.29 -56.58
C23 LUT KR . 44.68 -93.89 -57.17
C24 LUT KR . 43.73 -92.98 -56.44
C25 LUT KR . 43.40 -93.19 -55.15
C26 LUT KR . 43.42 -94.57 -54.60
C27 LUT KR . 43.40 -94.55 -53.10
C28 LUT KR . 42.28 -94.97 -52.53
C29 LUT KR . 42.07 -95.06 -51.08
C30 LUT KR . 40.91 -95.53 -50.65
C31 LUT KR . 40.56 -95.71 -49.25
C32 LUT KR . 39.35 -96.21 -49.08
C33 LUT KR . 38.78 -96.50 -47.75
C34 LUT KR . 37.48 -96.79 -47.67
C35 LUT KR . 36.87 -97.11 -46.38
C36 LUT KR . 45.91 -94.71 -54.43
C37 LUT KR . 44.56 -96.76 -54.61
C38 LUT KR . 43.01 -92.04 -54.28
C39 LUT KR . 43.15 -94.67 -50.10
C40 LUT KR . 39.66 -96.50 -46.53
O23 LUT KR . 44.24 -94.00 -58.52
C1 LUT LR . 40.19 -88.58 -34.72
C2 LUT LR . 41.01 -89.31 -33.66
C3 LUT LR . 41.88 -90.49 -34.07
C4 LUT LR . 41.51 -91.05 -35.44
C5 LUT LR . 41.45 -89.88 -36.37
C6 LUT LR . 40.45 -89.03 -36.13
C7 LUT LR . 39.66 -88.44 -37.24
C8 LUT LR . 38.52 -88.93 -37.72
C9 LUT LR . 37.83 -88.22 -38.82
C10 LUT LR . 36.50 -88.33 -38.94
C11 LUT LR . 35.75 -87.63 -40.00
C12 LUT LR . 34.42 -87.68 -39.91
C13 LUT LR . 33.45 -87.04 -40.84
C14 LUT LR . 32.15 -87.15 -40.51
C15 LUT LR . 31.06 -86.56 -41.28
C16 LUT LR . 40.55 -87.10 -34.69
C17 LUT LR . 38.73 -88.75 -34.36
C18 LUT LR . 42.50 -89.69 -37.45
C19 LUT LR . 38.61 -87.39 -39.77
C20 LUT LR . 33.87 -86.32 -42.07
O3 LUT LR . 41.77 -91.52 -33.09
C21 LUT LR . 18.71 -83.96 -44.69
C22 LUT LR . 17.88 -83.14 -45.66
C23 LUT LR . 17.78 -83.81 -47.00
C24 LUT LR . 19.16 -84.13 -47.50
C25 LUT LR . 20.08 -84.61 -46.68
C26 LUT LR . 20.11 -84.20 -45.23
C27 LUT LR . 20.83 -85.25 -44.40
C28 LUT LR . 22.05 -84.96 -43.96
C29 LUT LR . 22.86 -85.86 -43.13
C30 LUT LR . 24.16 -85.59 -43.00
C31 LUT LR . 25.07 -86.40 -42.19
C32 LUT LR . 26.34 -86.02 -42.22
C33 LUT LR . 27.42 -86.68 -41.46
C34 LUT LR . 28.68 -86.27 -41.64
C35 LUT LR . 29.81 -86.84 -40.91
C36 LUT LR . 18.02 -85.28 -44.40
C37 LUT LR . 18.81 -83.18 -43.38
C38 LUT LR . 21.09 -85.56 -47.19
C39 LUT LR . 22.24 -87.04 -42.44
C40 LUT LR . 27.09 -87.76 -40.48
O23 LUT LR . 17.20 -82.89 -47.93
C1 LUT MR . 48.24 -91.50 -42.02
C2 LUT MR . 48.97 -92.62 -41.28
C3 LUT MR . 48.80 -92.80 -39.77
C4 LUT MR . 48.20 -91.59 -39.06
C5 LUT MR . 47.33 -90.73 -39.92
C6 LUT MR . 47.77 -90.38 -41.13
C7 LUT MR . 47.75 -88.96 -41.60
C8 LUT MR . 47.21 -88.58 -42.77
C9 LUT MR . 47.23 -87.18 -43.21
C10 LUT MR . 48.28 -86.76 -43.93
C11 LUT MR . 48.42 -85.39 -44.43
C12 LUT MR . 49.55 -85.07 -45.05
C13 LUT MR . 49.76 -83.70 -45.59
C14 LUT MR . 50.94 -83.34 -46.09
C15 LUT MR . 51.09 -81.98 -46.61
C16 LUT MR . 47.03 -92.06 -42.74
C17 LUT MR . 49.23 -91.04 -43.08
C18 LUT MR . 45.98 -90.39 -39.34
C19 LUT MR . 46.10 -86.25 -42.88
C20 LUT MR . 48.63 -82.73 -45.58
O3 LUT MR . 50.10 -93.08 -39.22
C21 LUT MR . 53.74 -73.32 -54.82
C22 LUT MR . 53.84 -73.12 -56.32
C23 LUT MR . 55.07 -72.40 -56.86
C24 LUT MR . 56.30 -72.71 -56.05
C25 LUT MR . 56.24 -73.60 -55.06
C26 LUT MR . 55.08 -73.60 -54.11
C27 LUT MR . 55.04 -74.95 -53.41
C28 LUT MR . 55.09 -75.07 -52.07
C29 LUT MR . 55.03 -76.43 -51.52
C30 LUT MR . 54.33 -76.69 -50.40
C31 LUT MR . 54.28 -78.06 -49.88
C32 LUT MR . 53.30 -78.44 -49.07
C33 LUT MR . 53.23 -79.83 -48.57
C34 LUT MR . 52.24 -80.20 -47.75
C35 LUT MR . 52.18 -81.58 -47.25
C36 LUT MR . 52.76 -74.46 -54.58
C37 LUT MR . 53.16 -72.04 -54.21
C38 LUT MR . 57.34 -74.62 -54.90
C39 LUT MR . 55.76 -77.54 -52.22
C40 LUT MR . 54.28 -80.83 -48.97
O23 LUT MR . 54.85 -70.99 -56.87
O1 LHG NR . 18.02 -101.24 -56.77
C1 LHG NR . 17.48 -101.94 -55.66
C2 LHG NR . 18.62 -102.70 -55.00
O2 LHG NR . 18.23 -103.10 -53.67
C3 LHG NR . 19.83 -101.78 -54.90
O3 LHG NR . 20.06 -101.39 -53.55
P LHG NR . 21.35 -100.50 -53.19
O4 LHG NR . 22.59 -101.26 -53.59
O5 LHG NR . 21.12 -99.10 -53.70
O6 LHG NR . 21.34 -100.44 -51.59
C4 LHG NR . 22.42 -99.76 -50.97
C5 LHG NR . 22.01 -99.35 -49.57
C6 LHG NR . 23.05 -98.40 -48.99
O7 LHG NR . 20.78 -98.66 -49.62
C7 LHG NR . 19.91 -99.14 -48.58
O9 LHG NR . 20.25 -100.13 -47.95
C8 LHG NR . 18.63 -98.41 -48.27
C9 LHG NR . 18.90 -97.37 -47.22
C10 LHG NR . 18.21 -97.77 -45.92
O8 LHG NR . 23.15 -97.22 -49.79
C23 LHG NR . 23.53 -96.00 -49.11
O10 LHG NR . 23.08 -94.93 -49.49
C24 LHG NR . 24.41 -96.07 -47.90
C11 LHG NR . 16.74 -97.38 -46.02
C12 LHG NR . 16.04 -97.63 -44.69
C13 LHG NR . 16.25 -96.46 -43.77
C14 LHG NR . 16.00 -96.89 -42.34
C15 LHG NR . 16.04 -95.68 -41.43
C16 LHG NR . 15.02 -94.66 -41.92
C17 LHG NR . 14.85 -93.55 -40.88
C18 LHG NR . 13.90 -92.48 -41.40
C19 LHG NR . 13.86 -91.31 -40.42
C20 LHG NR . 13.38 -91.79 -39.06
C25 LHG NR . 23.75 -95.22 -46.83
C26 LHG NR . 22.87 -96.06 -45.91
C27 LHG NR . 21.65 -95.23 -45.51
C28 LHG NR . 21.26 -95.42 -44.05
C29 LHG NR . 19.96 -94.68 -43.79
C30 LHG NR . 19.57 -94.66 -42.32
C31 LHG NR . 20.20 -93.47 -41.60
C32 LHG NR . 19.65 -93.36 -40.19
C33 LHG NR . 20.44 -92.34 -39.38
C34 LHG NR . 20.31 -90.94 -39.98
#